data_8HRB
#
_entry.id   8HRB
#
_cell.length_a   1.00
_cell.length_b   1.00
_cell.length_c   1.00
_cell.angle_alpha   90.00
_cell.angle_beta   90.00
_cell.angle_gamma   90.00
#
_symmetry.space_group_name_H-M   'P 1'
#
loop_
_entity.id
_entity.type
_entity.pdbx_description
1 polymer 'Archaeal ATPase'
2 polymer "RNA (5'-R(*GP*UP*CP*CP*AP*GP*CP*GP*UP*CP*AP*UP*CP*GP*CP*UP*GP*GP*AP*C)-3')"
3 non-polymer "ADENOSINE-5'-TRIPHOSPHATE"
#
loop_
_entity_poly.entity_id
_entity_poly.type
_entity_poly.pdbx_seq_one_letter_code
_entity_poly.pdbx_strand_id
1 'polypeptide(L)'
;MTDSVQTETTEGKIIINLFAPNLPGSTKEDDLIQKSLRDQLVESIRNSIAYPDTDKFAGLTRFIDESGRNVFFVDGTRGA
GKTTFINSVVKSLNSDQDDVKVNIKCLPTIDPTKLPRHEPILVTVTARLNKMVSDKLKGYWASNDYRKQKEQWQNHLAQL
QRGLHLLTDKEYKPEYFSDALKLDAQLDYSIGGQDLSEIFEELVKRACEILDCKAILITFDDIDTQFDAGWDVLESIRKF
FNSRKLVVVATGDLRLYSQLIRGKQYENYSKTLLEQEKESVRLAERGYMVEHLEQQYLLKLFPVQKRIQLKTMLQLVGEK
GKAGKEEIKVKTEPGMQDIDAIDVRQAIGDAVREGLNLREGSDADMYVNELLKQPVRLLMQVLQDFYTKKYHATSVKLDG
KQSRNERPNELSVPNLLRNALYGSMLSSIYRAGLNYEQHRFGMDSLCKDIFTYVKQDRDFNTGFYLRPQSESEALRNCSI
YLASQVSENCQGSLSKFLQMLLVGCGSVSIFNQFVTELARAENDREKFEQLISEYVAYMSVGRIESASHWANRCCAVVAN
SPNDEKIGVFLGMVQLNRKSRQHMPGGYKKFNIDTENGLAKAAMASSLSTVASNNLMDFCSVFNLIGAIADISACRCERS
AITNAFNKVIAQTTCIVPPWSEAAVRAEMKGSSKSADNDAAVLDVDLDPKDDGVIDESQQDDATEFSDAITKVEQWLKNV
NEIEIGIRPSALLIGKVWSRFYFNLNNVADQHKTRLYRNAEHGRMASQSNAAKIMRFNVLAFLHAVLVEESLYHSVSDRE
YIGEGLRLNPVTSVDEFEKKIKIIGEKLKADNKTWKNTHPLFFLLISCPILHPFIFPVGGINCSVKALNKETSFNKLIDE
IVGDKLLSDEEWDYLTKNNDQKTNTRQQIFQNTITSLNSSTIVGASYDKDTPARKTKSPLLGDSEEK
;
F,K,L,M,P,Q,R,A,B,C,D,E,G,H
2 'polyribonucleotide' GUCCAGCGUCAUCGCUGGAC V,Z,X,W,Y,a
#
loop_
_chem_comp.id
_chem_comp.type
_chem_comp.name
_chem_comp.formula
A RNA linking ADENOSINE-5'-MONOPHOSPHATE 'C10 H14 N5 O7 P'
ATP non-polymer ADENOSINE-5'-TRIPHOSPHATE 'C10 H16 N5 O13 P3'
C RNA linking CYTIDINE-5'-MONOPHOSPHATE 'C9 H14 N3 O8 P'
G RNA linking GUANOSINE-5'-MONOPHOSPHATE 'C10 H14 N5 O8 P'
U RNA linking URIDINE-5'-MONOPHOSPHATE 'C9 H13 N2 O9 P'
#
# COMPACT_ATOMS: atom_id res chain seq x y z
N LYS A 13 22.47 62.24 -46.05
CA LYS A 13 23.43 63.13 -45.42
C LYS A 13 23.62 62.76 -43.94
N ILE A 14 24.85 62.39 -43.59
CA ILE A 14 25.17 61.96 -42.23
C ILE A 14 26.64 62.26 -41.96
N ILE A 15 26.95 62.55 -40.70
CA ILE A 15 28.31 62.79 -40.25
C ILE A 15 28.56 61.97 -38.99
N ILE A 16 29.77 61.42 -38.88
CA ILE A 16 30.15 60.59 -37.75
C ILE A 16 31.48 61.09 -37.21
N ASN A 17 31.54 61.27 -35.89
CA ASN A 17 32.73 61.80 -35.24
C ASN A 17 33.59 60.66 -34.69
N LEU A 18 34.74 61.03 -34.14
CA LEU A 18 35.66 60.10 -33.49
C LEU A 18 35.90 60.42 -32.03
N PHE A 19 35.77 61.69 -31.62
CA PHE A 19 35.93 62.09 -30.23
C PHE A 19 34.55 62.24 -29.61
N ALA A 20 34.29 61.46 -28.56
CA ALA A 20 33.02 61.51 -27.83
C ALA A 20 33.31 61.45 -26.35
N PRO A 21 32.45 62.05 -25.52
CA PRO A 21 32.71 62.06 -24.07
C PRO A 21 32.80 60.68 -23.45
N ASN A 22 32.03 59.71 -23.95
CA ASN A 22 32.01 58.38 -23.37
C ASN A 22 33.23 57.54 -23.75
N LEU A 23 34.07 58.01 -24.67
CA LEU A 23 35.15 57.23 -25.26
C LEU A 23 34.61 55.89 -25.78
N PRO A 24 33.71 55.93 -26.76
CA PRO A 24 33.04 54.69 -27.18
C PRO A 24 33.97 53.82 -28.02
N GLY A 25 34.06 52.56 -27.63
CA GLY A 25 34.84 51.60 -28.41
C GLY A 25 34.31 51.44 -29.82
N SER A 26 35.21 51.55 -30.79
CA SER A 26 34.94 51.27 -32.21
C SER A 26 34.07 52.34 -32.86
N THR A 27 33.57 53.30 -32.08
CA THR A 27 32.83 54.46 -32.58
C THR A 27 31.74 54.05 -33.58
N LYS A 28 30.78 53.27 -33.09
CA LYS A 28 29.65 52.84 -33.91
C LYS A 28 28.48 53.81 -33.89
N GLU A 29 28.57 54.88 -33.11
CA GLU A 29 27.48 55.84 -32.94
C GLU A 29 26.23 55.16 -32.40
N ASP A 30 25.10 55.85 -32.44
CA ASP A 30 23.83 55.32 -31.93
C ASP A 30 23.02 54.80 -33.11
N ASP A 31 22.59 53.54 -33.02
CA ASP A 31 21.84 52.86 -34.08
C ASP A 31 22.63 52.78 -35.39
N LEU A 32 23.95 52.84 -35.28
CA LEU A 32 24.89 52.67 -36.39
C LEU A 32 24.51 53.62 -37.53
N ILE A 33 24.75 53.20 -38.77
CA ILE A 33 24.54 54.03 -39.95
C ILE A 33 23.47 53.49 -40.88
N GLN A 34 22.90 52.32 -40.58
CA GLN A 34 21.91 51.70 -41.47
C GLN A 34 20.49 52.13 -41.14
N LYS A 35 20.27 53.44 -41.05
CA LYS A 35 18.91 53.93 -40.81
C LYS A 35 18.04 53.75 -42.03
N SER A 36 18.59 53.98 -43.22
CA SER A 36 17.82 53.77 -44.45
C SER A 36 17.42 52.30 -44.60
N LEU A 37 18.35 51.39 -44.31
CA LEU A 37 18.03 49.97 -44.36
C LEU A 37 17.00 49.60 -43.30
N ARG A 38 17.19 50.11 -42.08
CA ARG A 38 16.27 49.76 -40.99
C ARG A 38 14.86 50.28 -41.26
N ASP A 39 14.75 51.53 -41.70
CA ASP A 39 13.43 52.10 -41.96
C ASP A 39 12.71 51.38 -43.08
N GLN A 40 13.45 50.93 -44.10
CA GLN A 40 12.86 50.11 -45.15
C GLN A 40 12.37 48.77 -44.57
N LEU A 41 13.17 48.18 -43.68
CA LEU A 41 12.74 46.94 -43.03
C LEU A 41 11.53 47.15 -42.14
N VAL A 42 11.53 48.24 -41.37
CA VAL A 42 10.42 48.51 -40.45
C VAL A 42 9.13 48.74 -41.24
N GLU A 43 9.20 49.51 -42.32
CA GLU A 43 8.01 49.78 -43.11
C GLU A 43 7.44 48.50 -43.71
N SER A 44 8.32 47.61 -44.18
CA SER A 44 7.85 46.33 -44.72
C SER A 44 7.14 45.51 -43.66
N ILE A 45 7.70 45.48 -42.44
CA ILE A 45 7.04 44.76 -41.35
C ILE A 45 5.68 45.38 -41.06
N ARG A 46 5.64 46.71 -40.94
CA ARG A 46 4.39 47.40 -40.66
C ARG A 46 3.38 47.20 -41.78
N ASN A 47 3.84 47.25 -43.04
CA ASN A 47 2.95 47.03 -44.17
C ASN A 47 2.50 45.58 -44.26
N SER A 48 3.27 44.64 -43.69
CA SER A 48 2.94 43.22 -43.79
C SER A 48 1.72 42.83 -42.96
N ILE A 49 1.34 43.64 -41.99
CA ILE A 49 0.20 43.34 -41.14
C ILE A 49 -1.03 44.14 -41.55
N ALA A 50 -1.08 44.63 -42.79
CA ALA A 50 -2.20 45.41 -43.30
C ALA A 50 -3.14 44.56 -44.12
N TYR A 51 -3.33 43.31 -43.71
CA TYR A 51 -4.22 42.41 -44.45
C TYR A 51 -5.65 42.93 -44.52
N PRO A 52 -6.29 43.37 -43.41
CA PRO A 52 -7.65 43.89 -43.58
C PRO A 52 -7.67 45.25 -44.28
N ARG A 69 2.56 34.25 -44.00
CA ARG A 69 3.99 33.97 -43.98
C ARG A 69 4.80 35.23 -43.69
N ASN A 70 4.82 35.64 -42.42
CA ASN A 70 5.60 36.79 -42.00
C ASN A 70 6.95 36.36 -41.43
N VAL A 71 7.76 35.76 -42.30
CA VAL A 71 9.08 35.26 -41.95
C VAL A 71 10.11 36.10 -42.69
N PHE A 72 11.06 36.66 -41.94
CA PHE A 72 12.10 37.51 -42.50
C PHE A 72 13.46 36.90 -42.24
N PHE A 73 14.45 37.31 -43.04
CA PHE A 73 15.81 36.84 -42.90
C PHE A 73 16.77 38.03 -42.92
N VAL A 74 17.90 37.87 -42.24
CA VAL A 74 18.94 38.89 -42.17
C VAL A 74 20.26 38.19 -42.45
N ASP A 75 20.74 38.30 -43.68
CA ASP A 75 21.98 37.63 -44.07
C ASP A 75 23.17 38.21 -43.34
N GLY A 76 24.09 37.34 -42.93
CA GLY A 76 25.31 37.77 -42.29
C GLY A 76 26.26 36.61 -42.16
N THR A 77 27.54 36.93 -41.95
CA THR A 77 28.57 35.92 -41.87
C THR A 77 29.73 36.44 -41.02
N ARG A 78 30.33 35.53 -40.25
CA ARG A 78 31.55 35.80 -39.49
C ARG A 78 31.36 36.94 -38.49
N GLY A 79 30.18 37.00 -37.86
CA GLY A 79 29.93 38.01 -36.85
C GLY A 79 30.02 39.43 -37.40
N ALA A 80 29.35 39.68 -38.52
CA ALA A 80 29.42 40.96 -39.21
C ALA A 80 28.55 42.05 -38.56
N GLY A 81 28.17 41.87 -37.31
CA GLY A 81 27.32 42.84 -36.64
C GLY A 81 25.85 42.57 -36.74
N LYS A 82 25.44 41.34 -37.02
CA LYS A 82 24.02 41.02 -37.16
C LYS A 82 23.28 41.25 -35.85
N THR A 83 23.88 40.86 -34.73
CA THR A 83 23.20 40.97 -33.44
C THR A 83 22.92 42.43 -33.08
N THR A 84 23.80 43.35 -33.46
CA THR A 84 23.53 44.76 -33.20
C THR A 84 22.37 45.27 -34.05
N PHE A 85 22.28 44.81 -35.29
CA PHE A 85 21.21 45.28 -36.18
C PHE A 85 19.84 44.80 -35.69
N ILE A 86 19.73 43.53 -35.29
CA ILE A 86 18.44 43.03 -34.84
C ILE A 86 18.01 43.73 -33.55
N ASN A 87 18.96 44.07 -32.68
CA ASN A 87 18.61 44.86 -31.50
C ASN A 87 18.21 46.27 -31.88
N SER A 88 18.79 46.82 -32.94
CA SER A 88 18.46 48.18 -33.35
C SER A 88 17.00 48.30 -33.77
N VAL A 89 16.50 47.32 -34.53
CA VAL A 89 15.09 47.35 -34.92
C VAL A 89 14.19 47.06 -33.74
N VAL A 90 14.70 46.38 -32.70
CA VAL A 90 13.90 46.15 -31.50
C VAL A 90 13.64 47.46 -30.77
N LYS A 91 14.69 48.27 -30.59
CA LYS A 91 14.55 49.55 -29.91
C LYS A 91 13.73 50.55 -30.71
N SER A 92 13.58 50.32 -32.01
CA SER A 92 12.75 51.19 -32.85
C SER A 92 11.31 50.72 -32.95
N LEU A 93 10.96 49.64 -32.26
CA LEU A 93 9.59 49.13 -32.23
C LEU A 93 9.00 49.03 -30.84
N ASN A 94 9.83 48.85 -29.81
CA ASN A 94 9.39 48.87 -28.43
C ASN A 94 9.48 50.26 -27.80
N SER A 95 9.89 51.27 -28.57
CA SER A 95 9.98 52.64 -28.10
C SER A 95 9.25 53.58 -29.07
N ASP A 96 8.13 53.11 -29.61
CA ASP A 96 7.34 53.93 -30.51
C ASP A 96 6.60 55.03 -29.75
N GLN A 97 6.32 56.13 -30.43
CA GLN A 97 5.64 57.27 -29.85
C GLN A 97 4.11 57.15 -29.92
N ASP A 98 3.59 55.94 -30.12
CA ASP A 98 2.14 55.71 -30.19
C ASP A 98 1.50 56.57 -31.28
N ASP A 99 2.20 56.68 -32.43
CA ASP A 99 1.73 57.53 -33.51
C ASP A 99 0.54 56.92 -34.25
N VAL A 100 0.57 55.61 -34.49
CA VAL A 100 -0.42 54.94 -35.31
C VAL A 100 -1.03 53.79 -34.52
N LYS A 101 -2.27 53.43 -34.88
CA LYS A 101 -3.01 52.42 -34.14
C LYS A 101 -2.36 51.04 -34.25
N VAL A 102 -1.89 50.68 -35.45
CA VAL A 102 -1.17 49.42 -35.60
C VAL A 102 0.15 49.52 -34.84
N ASN A 103 0.45 48.48 -34.06
CA ASN A 103 1.62 48.54 -33.18
C ASN A 103 2.30 47.19 -33.16
N ILE A 104 3.59 47.21 -32.83
CA ILE A 104 4.43 46.02 -32.75
C ILE A 104 4.95 45.90 -31.33
N LYS A 105 4.75 44.73 -30.71
CA LYS A 105 5.32 44.41 -29.42
C LYS A 105 6.34 43.30 -29.61
N CYS A 106 7.57 43.54 -29.18
CA CYS A 106 8.68 42.64 -29.45
C CYS A 106 9.04 41.86 -28.19
N LEU A 107 9.05 40.54 -28.30
CA LEU A 107 9.51 39.69 -27.23
C LEU A 107 11.02 39.80 -27.09
N PRO A 108 11.57 39.46 -25.92
CA PRO A 108 13.03 39.43 -25.77
C PRO A 108 13.66 38.43 -26.73
N THR A 109 14.88 38.74 -27.16
CA THR A 109 15.57 37.90 -28.13
C THR A 109 15.78 36.50 -27.60
N ILE A 110 15.49 35.50 -28.43
CA ILE A 110 15.63 34.10 -28.06
C ILE A 110 16.90 33.55 -28.70
N ASP A 111 17.73 32.90 -27.89
CA ASP A 111 18.97 32.30 -28.38
C ASP A 111 18.85 30.79 -28.31
N PRO A 112 18.74 30.09 -29.44
CA PRO A 112 18.62 28.63 -29.40
C PRO A 112 19.82 27.94 -28.76
N THR A 113 21.02 28.48 -28.93
CA THR A 113 22.22 27.83 -28.41
C THR A 113 22.24 27.86 -26.89
N LYS A 114 21.99 29.01 -26.28
CA LYS A 114 22.00 29.14 -24.83
C LYS A 114 20.76 28.55 -24.18
N LEU A 115 19.74 28.22 -24.96
CA LEU A 115 18.53 27.64 -24.41
C LEU A 115 18.80 26.26 -23.84
N PRO A 116 18.22 25.92 -22.69
CA PRO A 116 18.45 24.58 -22.11
C PRO A 116 17.83 23.50 -22.97
N ARG A 117 18.62 22.48 -23.30
CA ARG A 117 18.19 21.45 -24.22
C ARG A 117 17.02 20.66 -23.65
N HIS A 118 16.38 19.88 -24.52
CA HIS A 118 15.18 19.11 -24.18
C HIS A 118 14.07 20.04 -23.67
N GLU A 119 13.95 21.21 -24.28
CA GLU A 119 12.89 22.15 -23.97
C GLU A 119 12.32 22.68 -25.27
N PRO A 120 11.05 22.40 -25.58
CA PRO A 120 10.49 22.87 -26.85
C PRO A 120 10.48 24.39 -26.93
N ILE A 121 10.65 24.88 -28.15
CA ILE A 121 10.66 26.33 -28.38
C ILE A 121 9.31 26.93 -27.99
N LEU A 122 8.23 26.22 -28.27
CA LEU A 122 6.90 26.73 -27.94
C LEU A 122 6.75 27.00 -26.45
N VAL A 123 7.42 26.21 -25.61
CA VAL A 123 7.36 26.46 -24.17
C VAL A 123 8.13 27.74 -23.82
N THR A 124 9.31 27.92 -24.41
CA THR A 124 10.10 29.10 -24.12
C THR A 124 9.39 30.38 -24.58
N VAL A 125 8.76 30.32 -25.76
CA VAL A 125 8.05 31.49 -26.27
C VAL A 125 6.91 31.86 -25.34
N THR A 126 6.13 30.87 -24.90
CA THR A 126 5.01 31.14 -24.02
C THR A 126 5.48 31.70 -22.68
N ALA A 127 6.58 31.19 -22.15
CA ALA A 127 7.10 31.69 -20.88
C ALA A 127 7.51 33.15 -20.99
N ARG A 128 8.19 33.52 -22.08
CA ARG A 128 8.55 34.92 -22.27
C ARG A 128 7.34 35.78 -22.60
N LEU A 129 6.37 35.23 -23.34
CA LEU A 129 5.14 35.96 -23.60
C LEU A 129 4.35 36.20 -22.32
N ASN A 130 4.42 35.26 -21.38
CA ASN A 130 3.68 35.40 -20.12
C ASN A 130 4.14 36.62 -19.35
N LYS A 131 5.46 36.87 -19.32
CA LYS A 131 5.98 37.99 -18.54
C LYS A 131 5.45 39.32 -19.03
N MET A 132 5.37 39.51 -20.35
CA MET A 132 4.85 40.77 -20.88
C MET A 132 3.38 40.96 -20.54
N VAL A 133 2.57 39.92 -20.74
CA VAL A 133 1.14 40.03 -20.44
C VAL A 133 0.91 40.18 -18.95
N SER A 134 1.59 39.38 -18.14
CA SER A 134 1.37 39.43 -16.68
C SER A 134 1.76 40.79 -16.12
N ASP A 135 2.89 41.35 -16.57
CA ASP A 135 3.31 42.66 -16.09
C ASP A 135 2.33 43.74 -16.55
N LYS A 136 1.83 43.64 -17.78
CA LYS A 136 0.85 44.62 -18.25
C LYS A 136 -0.49 44.42 -17.56
N LEU A 137 -0.85 43.18 -17.23
CA LEU A 137 -2.07 42.93 -16.46
C LEU A 137 -1.98 43.60 -15.09
N LYS A 138 -0.81 43.54 -14.46
CA LYS A 138 -0.60 44.23 -13.19
C LYS A 138 -0.70 45.74 -13.32
N GLY A 139 -0.46 46.27 -14.52
CA GLY A 139 -0.46 47.71 -14.73
C GLY A 139 -1.82 48.36 -14.92
N TYR A 140 -2.90 47.59 -14.96
CA TYR A 140 -4.23 48.17 -15.11
C TYR A 140 -4.57 49.04 -13.91
N TRP A 141 -5.54 49.93 -14.13
CA TRP A 141 -6.11 50.76 -13.08
C TRP A 141 -7.56 50.41 -12.76
N ALA A 142 -8.35 50.00 -13.74
CA ALA A 142 -9.73 49.60 -13.50
C ALA A 142 -9.76 48.21 -12.89
N SER A 143 -10.30 48.11 -11.67
CA SER A 143 -10.32 46.82 -10.98
C SER A 143 -11.18 45.81 -11.72
N ASN A 144 -12.32 46.24 -12.25
CA ASN A 144 -13.21 45.30 -12.94
C ASN A 144 -12.56 44.73 -14.19
N ASP A 145 -11.85 45.56 -14.95
CA ASP A 145 -11.18 45.09 -16.16
C ASP A 145 -10.09 44.08 -15.83
N TYR A 146 -9.30 44.35 -14.78
CA TYR A 146 -8.20 43.46 -14.44
C TYR A 146 -8.70 42.08 -14.05
N ARG A 147 -9.78 42.02 -13.27
CA ARG A 147 -10.29 40.73 -12.82
C ARG A 147 -10.90 39.92 -13.96
N LYS A 148 -11.49 40.61 -14.95
CA LYS A 148 -12.11 39.89 -16.06
C LYS A 148 -11.06 39.28 -16.98
N GLN A 149 -10.02 40.04 -17.32
CA GLN A 149 -8.99 39.52 -18.22
C GLN A 149 -8.18 38.41 -17.57
N LYS A 150 -7.86 38.57 -16.28
CA LYS A 150 -7.04 37.58 -15.59
C LYS A 150 -7.73 36.22 -15.57
N GLU A 151 -9.04 36.19 -15.36
CA GLU A 151 -9.77 34.93 -15.36
C GLU A 151 -9.71 34.27 -16.74
N GLN A 152 -9.87 35.06 -17.80
CA GLN A 152 -9.87 34.48 -19.14
C GLN A 152 -8.47 34.10 -19.59
N TRP A 153 -7.47 34.95 -19.34
CA TRP A 153 -6.11 34.65 -19.77
C TRP A 153 -5.56 33.42 -19.07
N GLN A 154 -5.79 33.30 -17.75
CA GLN A 154 -5.34 32.13 -17.03
C GLN A 154 -6.05 30.86 -17.47
N ASN A 155 -7.23 30.99 -18.10
CA ASN A 155 -7.93 29.81 -18.59
C ASN A 155 -7.23 29.23 -19.81
N HIS A 156 -6.73 30.09 -20.71
CA HIS A 156 -6.09 29.60 -21.92
C HIS A 156 -4.79 28.86 -21.59
N LEU A 157 -4.03 29.34 -20.61
CA LEU A 157 -2.80 28.66 -20.22
C LEU A 157 -3.09 27.26 -19.68
N ALA A 158 -4.15 27.13 -18.89
CA ALA A 158 -4.52 25.81 -18.39
C ALA A 158 -4.94 24.87 -19.51
N GLN A 159 -5.48 25.42 -20.60
CA GLN A 159 -5.83 24.59 -21.74
C GLN A 159 -4.59 24.10 -22.48
N LEU A 160 -3.57 24.96 -22.59
CA LEU A 160 -2.36 24.58 -23.31
C LEU A 160 -1.60 23.46 -22.61
N GLN A 161 -1.48 23.55 -21.28
CA GLN A 161 -0.69 22.57 -20.55
C GLN A 161 -1.27 21.17 -20.68
N ARG A 162 -2.60 21.06 -20.78
CA ARG A 162 -3.21 19.75 -20.98
C ARG A 162 -2.76 19.12 -22.29
N GLY A 163 -2.66 19.93 -23.34
CA GLY A 163 -2.23 19.44 -24.64
C GLY A 163 -0.74 19.37 -24.84
N LEU A 164 0.06 19.89 -23.90
CA LEU A 164 1.52 19.86 -24.04
C LEU A 164 2.07 18.45 -23.95
N HIS A 165 1.36 17.54 -23.30
CA HIS A 165 1.80 16.15 -23.26
C HIS A 165 1.88 15.56 -24.66
N LEU A 166 0.99 15.98 -25.55
CA LEU A 166 0.93 15.48 -26.91
C LEU A 166 2.13 15.91 -27.75
N LEU A 167 2.95 16.84 -27.26
CA LEU A 167 4.03 17.37 -28.07
C LEU A 167 5.29 16.50 -27.98
N THR A 168 5.56 15.92 -26.81
CA THR A 168 6.75 15.08 -26.60
C THR A 168 6.29 13.75 -26.01
N ASP A 169 6.02 12.77 -26.87
CA ASP A 169 5.60 11.45 -26.43
C ASP A 169 6.34 10.40 -27.25
N LYS A 170 6.55 9.24 -26.63
CA LYS A 170 7.14 8.09 -27.29
C LYS A 170 6.12 7.00 -27.62
N GLU A 171 4.88 7.18 -27.20
CA GLU A 171 3.83 6.20 -27.47
C GLU A 171 2.47 6.86 -27.32
N TYR A 172 1.47 6.28 -27.96
CA TYR A 172 0.09 6.69 -27.73
C TYR A 172 -0.47 5.94 -26.52
N LYS A 173 -1.62 6.42 -26.04
CA LYS A 173 -2.28 5.80 -24.90
C LYS A 173 -3.78 5.89 -25.12
N PRO A 174 -4.51 4.78 -24.96
CA PRO A 174 -5.95 4.79 -25.28
C PRO A 174 -6.76 5.72 -24.41
N GLU A 175 -6.27 6.13 -23.24
CA GLU A 175 -7.02 7.05 -22.41
C GLU A 175 -6.86 8.50 -22.83
N TYR A 176 -5.98 8.80 -23.80
CA TYR A 176 -5.97 10.12 -24.40
C TYR A 176 -7.17 10.36 -25.30
N PHE A 177 -7.84 9.29 -25.72
CA PHE A 177 -9.00 9.45 -26.60
C PHE A 177 -10.14 10.17 -25.89
N SER A 178 -10.31 9.93 -24.58
CA SER A 178 -11.36 10.60 -23.84
C SER A 178 -11.17 12.11 -23.85
N ASP A 179 -9.92 12.57 -23.71
CA ASP A 179 -9.65 14.00 -23.74
C ASP A 179 -9.76 14.58 -25.15
N ALA A 180 -9.71 13.73 -26.18
CA ALA A 180 -9.85 14.24 -27.55
C ALA A 180 -11.30 14.59 -27.86
N LEU A 181 -12.26 13.94 -27.20
CA LEU A 181 -13.67 14.21 -27.41
C LEU A 181 -14.22 15.25 -26.45
N LYS A 182 -13.41 15.77 -25.54
CA LYS A 182 -13.86 16.75 -24.56
C LYS A 182 -14.03 18.10 -25.27
N LEU A 183 -15.28 18.46 -25.56
CA LEU A 183 -15.56 19.70 -26.25
C LEU A 183 -15.25 20.90 -25.36
N ASP A 184 -14.68 21.94 -25.96
CA ASP A 184 -14.26 23.11 -25.21
C ASP A 184 -15.47 23.87 -24.67
N ALA A 185 -15.31 24.43 -23.48
CA ALA A 185 -16.33 25.25 -22.85
C ALA A 185 -15.97 26.72 -23.02
N GLN A 186 -17.00 27.56 -23.24
CA GLN A 186 -16.88 29.01 -23.43
C GLN A 186 -15.88 29.38 -24.51
N LEU A 187 -15.50 28.40 -25.34
CA LEU A 187 -14.59 28.62 -26.45
C LEU A 187 -15.04 27.78 -27.63
N ASP A 188 -14.99 28.37 -28.82
CA ASP A 188 -15.44 27.72 -30.05
C ASP A 188 -14.23 27.48 -30.94
N TYR A 189 -13.89 26.22 -31.14
CA TYR A 189 -12.83 25.81 -32.07
C TYR A 189 -13.48 25.18 -33.29
N SER A 190 -13.10 25.69 -34.47
CA SER A 190 -13.72 25.23 -35.70
C SER A 190 -13.42 23.76 -36.00
N ILE A 191 -12.36 23.20 -35.42
CA ILE A 191 -11.96 21.83 -35.65
C ILE A 191 -11.86 21.10 -34.32
N GLY A 192 -12.42 19.90 -34.26
CA GLY A 192 -12.37 19.11 -33.05
C GLY A 192 -10.97 18.60 -32.75
N GLY A 193 -10.92 17.65 -31.82
CA GLY A 193 -9.65 17.09 -31.41
C GLY A 193 -8.87 18.04 -30.52
N GLN A 194 -7.59 17.70 -30.34
CA GLN A 194 -6.72 18.54 -29.53
C GLN A 194 -6.22 19.74 -30.33
N ASP A 195 -5.50 19.49 -31.42
CA ASP A 195 -5.07 20.53 -32.35
C ASP A 195 -4.27 21.63 -31.62
N LEU A 196 -3.12 21.21 -31.10
CA LEU A 196 -2.30 22.11 -30.30
C LEU A 196 -1.93 23.38 -31.04
N SER A 197 -1.88 23.35 -32.38
CA SER A 197 -1.66 24.58 -33.14
C SER A 197 -2.81 25.56 -32.93
N GLU A 198 -4.04 25.06 -32.90
CA GLU A 198 -5.19 25.93 -32.67
C GLU A 198 -5.17 26.52 -31.26
N ILE A 199 -4.76 25.73 -30.27
CA ILE A 199 -4.74 26.21 -28.89
C ILE A 199 -3.80 27.39 -28.75
N PHE A 200 -2.62 27.30 -29.35
CA PHE A 200 -1.69 28.43 -29.32
C PHE A 200 -2.18 29.58 -30.18
N GLU A 201 -2.89 29.29 -31.26
CA GLU A 201 -3.38 30.36 -32.12
C GLU A 201 -4.38 31.23 -31.39
N GLU A 202 -5.28 30.63 -30.61
CA GLU A 202 -6.22 31.41 -29.83
C GLU A 202 -5.57 32.01 -28.59
N LEU A 203 -4.41 31.50 -28.17
CA LEU A 203 -3.72 32.10 -27.03
C LEU A 203 -3.07 33.42 -27.40
N VAL A 204 -2.45 33.50 -28.58
CA VAL A 204 -1.82 34.75 -29.00
C VAL A 204 -2.85 35.79 -29.38
N LYS A 205 -4.04 35.38 -29.85
CA LYS A 205 -5.08 36.34 -30.15
C LYS A 205 -5.50 37.12 -28.90
N ARG A 206 -5.65 36.41 -27.78
CA ARG A 206 -5.99 37.08 -26.53
C ARG A 206 -4.85 37.96 -26.04
N ALA A 207 -3.61 37.51 -26.21
CA ALA A 207 -2.47 38.29 -25.75
C ALA A 207 -2.38 39.64 -26.46
N CYS A 208 -2.83 39.70 -27.70
CA CYS A 208 -2.88 40.98 -28.40
C CYS A 208 -4.01 41.86 -27.87
N GLU A 209 -5.14 41.24 -27.49
CA GLU A 209 -6.25 42.02 -26.92
C GLU A 209 -5.83 42.68 -25.61
N ILE A 210 -5.13 41.95 -24.74
CA ILE A 210 -4.67 42.52 -23.49
C ILE A 210 -3.65 43.62 -23.75
N LEU A 211 -2.68 43.36 -24.64
CA LEU A 211 -1.63 44.32 -24.93
C LEU A 211 -2.07 45.43 -25.87
N ASP A 212 -3.27 45.32 -26.44
CA ASP A 212 -3.87 46.34 -27.30
C ASP A 212 -3.05 46.59 -28.56
N CYS A 213 -2.19 45.65 -28.95
CA CYS A 213 -1.40 45.76 -30.16
C CYS A 213 -2.11 45.00 -31.29
N LYS A 214 -1.43 44.88 -32.43
CA LYS A 214 -1.97 44.16 -33.57
C LYS A 214 -1.07 43.05 -34.08
N ALA A 215 0.19 42.99 -33.65
CA ALA A 215 1.10 41.95 -34.07
C ALA A 215 2.20 41.79 -33.04
N ILE A 216 2.78 40.59 -32.99
CA ILE A 216 3.82 40.25 -32.04
C ILE A 216 5.06 39.82 -32.82
N LEU A 217 6.21 40.36 -32.45
CA LEU A 217 7.47 40.11 -33.13
C LEU A 217 8.34 39.19 -32.29
N ILE A 218 8.84 38.12 -32.91
CA ILE A 218 9.74 37.17 -32.26
C ILE A 218 11.07 37.22 -32.99
N THR A 219 12.14 37.51 -32.26
CA THR A 219 13.47 37.64 -32.83
C THR A 219 14.33 36.46 -32.41
N PHE A 220 14.82 35.70 -33.39
CA PHE A 220 15.70 34.59 -33.14
C PHE A 220 17.15 35.05 -33.30
N ASP A 221 18.08 34.11 -33.13
CA ASP A 221 19.51 34.42 -33.18
C ASP A 221 20.21 33.34 -34.00
N ASP A 222 21.54 33.37 -33.99
CA ASP A 222 22.32 32.46 -34.80
C ASP A 222 22.40 31.08 -34.16
N ILE A 223 22.80 30.10 -34.98
CA ILE A 223 22.99 28.73 -34.52
C ILE A 223 24.39 28.27 -34.92
N ASP A 224 25.30 29.22 -35.09
CA ASP A 224 26.65 28.89 -35.54
C ASP A 224 27.41 28.04 -34.53
N THR A 225 27.00 28.03 -33.26
CA THR A 225 27.67 27.20 -32.28
C THR A 225 27.14 25.77 -32.31
N GLN A 226 25.83 25.59 -32.14
CA GLN A 226 25.19 24.29 -32.20
C GLN A 226 24.53 24.13 -33.56
N PHE A 227 25.09 23.25 -34.38
CA PHE A 227 24.61 23.08 -35.75
C PHE A 227 23.16 22.59 -35.79
N ASP A 228 22.80 21.63 -34.94
CA ASP A 228 21.49 21.00 -35.02
C ASP A 228 20.46 21.64 -34.10
N ALA A 229 20.82 22.70 -33.37
CA ALA A 229 19.85 23.38 -32.53
C ALA A 229 18.74 24.04 -33.32
N GLY A 230 18.98 24.32 -34.60
CA GLY A 230 18.01 25.01 -35.42
C GLY A 230 16.91 24.14 -36.00
N TRP A 231 17.02 22.82 -35.90
CA TRP A 231 15.98 21.97 -36.46
C TRP A 231 14.67 22.12 -35.71
N ASP A 232 14.73 22.29 -34.39
CA ASP A 232 13.50 22.57 -33.63
C ASP A 232 12.92 23.92 -33.98
N VAL A 233 13.78 24.90 -34.29
CA VAL A 233 13.30 26.22 -34.69
C VAL A 233 12.54 26.13 -36.00
N LEU A 234 13.10 25.42 -36.99
CA LEU A 234 12.48 25.33 -38.30
C LEU A 234 11.15 24.60 -38.24
N GLU A 235 11.08 23.52 -37.48
CA GLU A 235 9.82 22.78 -37.37
C GLU A 235 8.75 23.60 -36.66
N SER A 236 9.13 24.31 -35.60
CA SER A 236 8.16 25.10 -34.86
C SER A 236 7.63 26.26 -35.69
N ILE A 237 8.48 26.87 -36.51
CA ILE A 237 8.07 28.03 -37.29
C ILE A 237 6.95 27.66 -38.27
N ARG A 238 7.11 26.53 -38.96
CA ARG A 238 6.12 26.13 -39.95
C ARG A 238 4.91 25.44 -39.36
N LYS A 239 4.95 25.08 -38.08
CA LYS A 239 3.86 24.34 -37.45
C LYS A 239 2.97 25.20 -36.57
N PHE A 240 3.55 26.08 -35.76
CA PHE A 240 2.80 26.82 -34.77
C PHE A 240 2.77 28.33 -34.98
N PHE A 241 3.73 28.89 -35.71
CA PHE A 241 3.80 30.33 -35.94
C PHE A 241 3.25 30.72 -37.30
N ASN A 242 2.22 30.02 -37.77
CA ASN A 242 1.60 30.29 -39.07
C ASN A 242 0.22 30.89 -38.80
N SER A 243 0.18 32.22 -38.69
CA SER A 243 -1.08 32.93 -38.45
C SER A 243 -0.90 34.36 -38.94
N ARG A 244 -1.86 35.22 -38.60
CA ARG A 244 -1.83 36.62 -39.02
C ARG A 244 -1.31 37.56 -37.95
N LYS A 245 -1.51 37.22 -36.67
CA LYS A 245 -1.10 38.09 -35.58
C LYS A 245 0.39 37.98 -35.24
N LEU A 246 1.11 37.06 -35.87
CA LEU A 246 2.49 36.78 -35.53
C LEU A 246 3.42 37.14 -36.70
N VAL A 247 4.55 37.76 -36.36
CA VAL A 247 5.61 38.05 -37.32
C VAL A 247 6.94 37.64 -36.69
N VAL A 248 7.77 36.95 -37.46
CA VAL A 248 9.02 36.38 -36.96
C VAL A 248 10.17 36.83 -37.87
N VAL A 249 11.25 37.27 -37.25
CA VAL A 249 12.48 37.61 -37.96
C VAL A 249 13.60 36.72 -37.43
N ALA A 250 14.32 36.07 -38.34
CA ALA A 250 15.36 35.12 -37.97
C ALA A 250 16.62 35.41 -38.75
N THR A 251 17.75 35.42 -38.06
CA THR A 251 19.05 35.60 -38.69
C THR A 251 19.83 34.30 -38.69
N GLY A 252 20.72 34.15 -39.66
CA GLY A 252 21.52 32.95 -39.75
C GLY A 252 22.22 32.87 -41.09
N ASP A 253 22.87 31.72 -41.30
CA ASP A 253 23.56 31.43 -42.56
C ASP A 253 22.83 30.30 -43.27
N LEU A 254 22.51 30.50 -44.55
CA LEU A 254 21.72 29.52 -45.28
C LEU A 254 22.49 28.24 -45.56
N ARG A 255 23.83 28.25 -45.52
CA ARG A 255 24.55 26.97 -45.52
C ARG A 255 24.19 26.15 -44.31
N LEU A 256 24.19 26.78 -43.13
CA LEU A 256 23.92 26.06 -41.89
C LEU A 256 22.50 25.51 -41.89
N TYR A 257 21.57 26.26 -42.47
CA TYR A 257 20.17 25.88 -42.50
C TYR A 257 19.83 24.93 -43.64
N SER A 258 20.73 24.76 -44.61
CA SER A 258 20.44 23.87 -45.73
C SER A 258 20.93 22.45 -45.51
N GLN A 259 22.11 22.29 -44.90
CA GLN A 259 22.59 20.94 -44.62
C GLN A 259 21.73 20.26 -43.56
N LEU A 260 21.08 21.03 -42.69
CA LEU A 260 20.13 20.45 -41.74
C LEU A 260 18.95 19.82 -42.48
N ILE A 261 18.39 20.53 -43.45
CA ILE A 261 17.21 20.04 -44.16
C ILE A 261 17.57 18.86 -45.04
N ARG A 262 18.69 18.96 -45.78
CA ARG A 262 19.09 17.86 -46.65
C ARG A 262 19.42 16.61 -45.86
N GLY A 263 20.08 16.76 -44.72
CA GLY A 263 20.38 15.61 -43.88
C GLY A 263 19.14 14.96 -43.33
N LYS A 264 18.17 15.76 -42.87
CA LYS A 264 16.95 15.21 -42.31
C LYS A 264 16.06 14.57 -43.39
N GLN A 265 16.30 14.87 -44.66
CA GLN A 265 15.57 14.19 -45.72
C GLN A 265 16.10 12.78 -45.94
N TYR A 266 17.41 12.57 -45.79
CA TYR A 266 17.96 11.23 -45.95
C TYR A 266 17.54 10.31 -44.82
N GLU A 267 17.42 10.85 -43.61
CA GLU A 267 16.95 10.07 -42.47
C GLU A 267 15.48 9.69 -42.60
N ASN A 268 14.84 10.03 -43.70
CA ASN A 268 13.41 9.78 -43.90
C ASN A 268 13.18 8.64 -44.89
N TYR A 269 14.20 7.82 -45.14
CA TYR A 269 14.11 6.70 -46.06
C TYR A 269 14.11 5.38 -45.30
N SER A 270 13.63 4.33 -45.98
CA SER A 270 13.73 2.99 -45.43
C SER A 270 15.18 2.53 -45.45
N LYS A 271 15.68 2.10 -44.30
CA LYS A 271 17.10 1.75 -44.20
C LYS A 271 17.45 0.53 -45.07
N THR A 272 16.56 -0.46 -45.10
CA THR A 272 16.83 -1.66 -45.89
C THR A 272 16.89 -1.34 -47.37
N LEU A 273 15.99 -0.47 -47.86
CA LEU A 273 16.01 -0.09 -49.27
C LEU A 273 17.33 0.58 -49.64
N LEU A 274 17.89 1.38 -48.73
CA LEU A 274 19.16 2.04 -48.98
C LEU A 274 20.33 1.07 -49.04
N GLU A 275 20.12 -0.20 -48.65
CA GLU A 275 21.17 -1.20 -48.73
C GLU A 275 21.01 -2.17 -49.89
N GLN A 276 19.79 -2.34 -50.41
CA GLN A 276 19.56 -3.25 -51.52
C GLN A 276 19.69 -2.54 -52.87
N GLU A 277 18.97 -1.42 -53.01
CA GLU A 277 19.00 -0.62 -54.27
C GLU A 277 20.12 0.42 -54.19
N LYS A 278 21.31 0.06 -54.66
CA LYS A 278 22.49 0.95 -54.68
C LYS A 278 23.29 0.62 -55.95
N GLU A 279 22.57 0.31 -57.02
CA GLU A 279 23.17 -0.07 -58.30
C GLU A 279 23.67 1.13 -59.11
N SER A 280 23.84 2.29 -58.47
CA SER A 280 24.46 3.47 -59.07
C SER A 280 23.62 4.10 -60.17
N VAL A 281 22.50 3.48 -60.53
CA VAL A 281 21.51 4.07 -61.40
C VAL A 281 20.21 4.34 -60.66
N ARG A 282 19.84 3.48 -59.71
CA ARG A 282 18.78 3.81 -58.77
C ARG A 282 19.21 4.96 -57.85
N LEU A 283 20.49 4.97 -57.47
CA LEU A 283 21.00 6.05 -56.64
C LEU A 283 20.98 7.39 -57.36
N ALA A 284 20.92 7.38 -58.70
CA ALA A 284 20.94 8.63 -59.44
C ALA A 284 19.73 9.50 -59.11
N GLU A 285 18.54 8.89 -59.04
CA GLU A 285 17.34 9.62 -58.67
C GLU A 285 17.18 9.74 -57.16
N ARG A 286 18.01 9.06 -56.38
CA ARG A 286 17.98 9.26 -54.92
C ARG A 286 18.51 10.64 -54.56
N GLY A 287 19.65 11.02 -55.11
CA GLY A 287 20.19 12.35 -54.84
C GLY A 287 19.34 13.45 -55.46
N TYR A 288 18.83 13.21 -56.67
CA TYR A 288 18.00 14.22 -57.34
C TYR A 288 16.73 14.50 -56.55
N MET A 289 16.09 13.45 -56.04
CA MET A 289 14.81 13.64 -55.35
C MET A 289 14.97 14.38 -54.03
N VAL A 290 16.12 14.20 -53.37
CA VAL A 290 16.34 14.88 -52.09
C VAL A 290 16.51 16.38 -52.32
N GLU A 291 17.29 16.76 -53.34
CA GLU A 291 17.51 18.18 -53.61
C GLU A 291 16.22 18.88 -54.01
N HIS A 292 15.38 18.21 -54.81
CA HIS A 292 14.11 18.81 -55.20
C HIS A 292 13.20 19.02 -53.99
N LEU A 293 13.16 18.05 -53.09
CA LEU A 293 12.41 18.23 -51.84
C LEU A 293 13.02 19.32 -50.98
N GLU A 294 14.36 19.35 -50.88
CA GLU A 294 15.01 20.33 -50.02
C GLU A 294 14.88 21.74 -50.58
N GLN A 295 14.98 21.90 -51.90
CA GLN A 295 14.91 23.24 -52.49
C GLN A 295 13.53 23.85 -52.26
N GLN A 296 12.47 23.07 -52.46
CA GLN A 296 11.12 23.60 -52.26
C GLN A 296 10.84 23.89 -50.79
N TYR A 297 11.49 23.16 -49.88
CA TYR A 297 11.28 23.39 -48.46
C TYR A 297 11.78 24.77 -48.04
N LEU A 298 12.94 25.19 -48.57
CA LEU A 298 13.53 26.45 -48.15
C LEU A 298 12.73 27.64 -48.65
N LEU A 299 12.21 27.56 -49.88
CA LEU A 299 11.43 28.67 -50.42
C LEU A 299 10.14 28.87 -49.63
N LYS A 300 9.50 27.77 -49.21
CA LYS A 300 8.26 27.88 -48.45
C LYS A 300 8.48 28.58 -47.11
N LEU A 301 9.60 28.29 -46.44
CA LEU A 301 9.83 28.87 -45.13
C LEU A 301 10.25 30.33 -45.25
N PHE A 302 11.33 30.60 -45.98
CA PHE A 302 11.82 31.96 -46.15
C PHE A 302 11.64 32.40 -47.60
N PRO A 303 10.62 33.20 -47.91
CA PRO A 303 10.46 33.68 -49.28
C PRO A 303 11.59 34.62 -49.67
N VAL A 304 11.84 34.68 -50.98
CA VAL A 304 12.96 35.48 -51.48
C VAL A 304 12.72 36.96 -51.25
N GLN A 305 11.46 37.41 -51.35
CA GLN A 305 11.14 38.82 -51.19
C GLN A 305 11.10 39.25 -49.73
N LYS A 306 11.57 38.41 -48.82
CA LYS A 306 11.62 38.73 -47.40
C LYS A 306 13.01 38.51 -46.84
N ARG A 307 14.05 38.73 -47.66
CA ARG A 307 15.43 38.54 -47.25
C ARG A 307 16.15 39.88 -47.31
N ILE A 308 16.88 40.21 -46.25
CA ILE A 308 17.57 41.49 -46.11
C ILE A 308 19.04 41.22 -45.87
N GLN A 309 19.90 41.93 -46.62
CA GLN A 309 21.34 41.78 -46.51
C GLN A 309 21.95 43.10 -46.08
N LEU A 310 22.86 43.04 -45.11
CA LEU A 310 23.60 44.22 -44.69
C LEU A 310 24.55 44.66 -45.79
N LYS A 311 24.74 45.97 -45.90
CA LYS A 311 25.59 46.56 -46.93
C LYS A 311 26.81 47.18 -46.29
N THR A 312 28.00 46.81 -46.76
CA THR A 312 29.20 47.48 -46.31
C THR A 312 29.27 48.88 -46.92
N MET A 313 30.13 49.71 -46.33
CA MET A 313 30.17 51.12 -46.70
C MET A 313 30.67 51.34 -48.12
N LEU A 314 31.27 50.33 -48.76
CA LEU A 314 31.76 50.52 -50.12
C LEU A 314 30.62 50.61 -51.12
N GLN A 315 29.62 49.71 -51.01
CA GLN A 315 28.52 49.76 -51.96
C GLN A 315 27.58 50.94 -51.71
N LEU A 316 27.74 51.63 -50.58
CA LEU A 316 26.98 52.87 -50.37
C LEU A 316 27.66 54.03 -51.07
N VAL A 317 28.96 54.22 -50.85
CA VAL A 317 29.70 55.32 -51.45
C VAL A 317 31.18 54.94 -51.44
N GLY A 318 31.92 55.42 -52.43
CA GLY A 318 33.36 55.21 -52.46
C GLY A 318 33.93 54.92 -53.83
N GLU A 319 33.15 54.28 -54.70
CA GLU A 319 33.62 53.99 -56.04
C GLU A 319 33.80 55.28 -56.83
N LYS A 320 34.93 55.40 -57.52
CA LYS A 320 35.23 56.62 -58.25
C LYS A 320 34.32 56.77 -59.46
N GLY A 321 33.95 58.01 -59.76
CA GLY A 321 33.14 58.31 -60.93
C GLY A 321 31.66 58.05 -60.78
N LYS A 322 31.20 57.60 -59.61
CA LYS A 322 29.80 57.32 -59.37
C LYS A 322 29.35 58.06 -58.12
N ALA A 323 28.23 58.78 -58.23
CA ALA A 323 27.67 59.50 -57.09
C ALA A 323 26.84 58.52 -56.27
N GLY A 324 27.41 58.07 -55.15
CA GLY A 324 26.71 57.10 -54.31
C GLY A 324 25.42 57.67 -53.74
N LYS A 325 24.46 56.78 -53.49
CA LYS A 325 23.15 57.19 -53.00
C LYS A 325 23.21 57.79 -51.60
N GLU A 326 24.31 57.60 -50.86
CA GLU A 326 24.48 58.18 -49.55
C GLU A 326 25.87 58.76 -49.44
N GLU A 327 26.03 59.72 -48.53
CA GLU A 327 27.31 60.36 -48.27
C GLU A 327 27.64 60.23 -46.79
N ILE A 328 28.86 59.80 -46.50
CA ILE A 328 29.33 59.61 -45.13
C ILE A 328 30.45 60.62 -44.88
N LYS A 329 30.32 61.38 -43.80
CA LYS A 329 31.27 62.43 -43.47
C LYS A 329 31.95 62.11 -42.15
N VAL A 330 33.28 62.25 -42.12
CA VAL A 330 34.08 61.87 -40.96
C VAL A 330 34.93 63.06 -40.55
N LYS A 331 34.88 63.41 -39.26
CA LYS A 331 35.71 64.46 -38.69
C LYS A 331 36.78 63.83 -37.82
N THR A 332 38.04 64.23 -38.04
CA THR A 332 39.18 63.62 -37.38
C THR A 332 39.65 64.42 -36.18
N GLU A 333 39.98 65.70 -36.38
CA GLU A 333 40.46 66.53 -35.30
C GLU A 333 39.35 66.76 -34.27
N PRO A 334 39.71 66.90 -33.00
CA PRO A 334 38.69 67.04 -31.95
C PRO A 334 37.94 68.37 -32.05
N GLY A 335 36.62 68.28 -32.14
CA GLY A 335 35.78 69.45 -32.00
C GLY A 335 35.63 70.32 -33.23
N MET A 336 35.80 69.77 -34.43
CA MET A 336 35.53 70.56 -35.63
C MET A 336 34.02 70.68 -35.85
N GLN A 337 33.66 71.59 -36.76
CA GLN A 337 32.26 71.77 -37.10
C GLN A 337 31.75 70.60 -37.95
N ASP A 338 30.43 70.47 -38.02
CA ASP A 338 29.80 69.45 -38.84
C ASP A 338 29.75 69.83 -40.32
N ILE A 339 30.50 70.86 -40.73
CA ILE A 339 30.49 71.31 -42.11
C ILE A 339 31.87 71.24 -42.77
N ASP A 340 32.96 71.25 -42.00
CA ASP A 340 34.30 71.22 -42.55
C ASP A 340 34.95 69.84 -42.46
N ALA A 341 34.19 68.81 -42.10
CA ALA A 341 34.75 67.48 -41.99
C ALA A 341 35.05 66.89 -43.37
N ILE A 342 35.97 65.94 -43.39
CA ILE A 342 36.47 65.34 -44.63
C ILE A 342 35.64 64.13 -44.98
N ASP A 343 35.60 63.81 -46.26
CA ASP A 343 34.82 62.68 -46.76
C ASP A 343 35.38 61.36 -46.26
N VAL A 344 34.52 60.34 -46.22
CA VAL A 344 34.94 59.04 -45.72
C VAL A 344 35.98 58.41 -46.63
N ARG A 345 35.81 58.53 -47.95
CA ARG A 345 36.76 57.96 -48.88
C ARG A 345 38.14 58.59 -48.72
N GLN A 346 38.20 59.90 -48.53
CA GLN A 346 39.46 60.58 -48.28
C GLN A 346 39.88 60.53 -46.82
N ALA A 347 39.00 60.13 -45.91
CA ALA A 347 39.39 59.94 -44.51
C ALA A 347 40.38 58.81 -44.35
N ILE A 348 40.41 57.87 -45.29
CA ILE A 348 41.35 56.77 -45.26
C ILE A 348 42.50 56.97 -46.25
N GLY A 349 42.25 57.63 -47.38
CA GLY A 349 43.29 57.79 -48.39
C GLY A 349 44.51 58.53 -47.86
N ASP A 350 44.29 59.58 -47.07
CA ASP A 350 45.42 60.29 -46.48
C ASP A 350 46.16 59.43 -45.47
N ALA A 351 45.43 58.55 -44.77
CA ALA A 351 46.08 57.63 -43.84
C ALA A 351 46.89 56.57 -44.58
N VAL A 352 46.29 55.96 -45.61
CA VAL A 352 46.94 54.86 -46.31
C VAL A 352 48.13 55.37 -47.12
N ARG A 353 47.94 56.45 -47.87
CA ARG A 353 48.96 56.90 -48.82
C ARG A 353 50.26 57.25 -48.11
N GLU A 354 50.18 57.99 -47.00
CA GLU A 354 51.39 58.40 -46.30
C GLU A 354 51.79 57.40 -45.22
N GLY A 355 50.85 56.57 -44.75
CA GLY A 355 51.20 55.51 -43.82
C GLY A 355 51.95 54.37 -44.46
N LEU A 356 51.83 54.20 -45.78
CA LEU A 356 52.55 53.18 -46.52
C LEU A 356 53.49 53.76 -47.56
N ASN A 357 53.68 55.09 -47.56
CA ASN A 357 54.57 55.78 -48.50
C ASN A 357 54.15 55.57 -49.95
N LEU A 358 52.85 55.43 -50.19
CA LEU A 358 52.31 55.41 -51.54
C LEU A 358 51.92 56.83 -51.96
N ARG A 359 51.68 57.02 -53.25
CA ARG A 359 51.43 58.35 -53.77
C ARG A 359 50.00 58.53 -54.29
N GLU A 360 49.60 57.78 -55.30
CA GLU A 360 48.25 57.88 -55.88
C GLU A 360 48.17 56.87 -57.03
N GLY A 361 46.94 56.48 -57.36
CA GLY A 361 46.71 55.68 -58.55
C GLY A 361 46.27 54.26 -58.25
N SER A 362 46.58 53.33 -59.15
CA SER A 362 46.24 51.94 -58.95
C SER A 362 47.03 51.32 -57.79
N ASP A 363 48.09 51.97 -57.34
CA ASP A 363 48.88 51.43 -56.24
C ASP A 363 48.17 51.59 -54.90
N ALA A 364 47.50 52.71 -54.68
CA ALA A 364 46.90 53.00 -53.39
C ALA A 364 45.38 52.87 -53.37
N ASP A 365 44.73 52.77 -54.53
CA ASP A 365 43.29 52.60 -54.53
C ASP A 365 42.87 51.19 -54.13
N MET A 366 43.71 50.20 -54.41
CA MET A 366 43.38 48.82 -54.05
C MET A 366 43.32 48.65 -52.55
N TYR A 367 44.28 49.22 -51.82
CA TYR A 367 44.30 49.11 -50.37
C TYR A 367 43.07 49.75 -49.75
N VAL A 368 42.68 50.94 -50.23
CA VAL A 368 41.50 51.59 -49.70
C VAL A 368 40.21 50.98 -50.24
N ASN A 369 40.27 50.29 -51.38
CA ASN A 369 39.09 49.57 -51.86
C ASN A 369 38.80 48.36 -50.98
N GLU A 370 39.84 47.61 -50.59
CA GLU A 370 39.61 46.44 -49.76
C GLU A 370 39.17 46.81 -48.36
N LEU A 371 39.71 47.91 -47.82
CA LEU A 371 39.34 48.33 -46.47
C LEU A 371 37.89 48.77 -46.37
N LEU A 372 37.28 49.20 -47.46
CA LEU A 372 35.87 49.62 -47.43
C LEU A 372 34.91 48.45 -47.52
N LYS A 373 35.37 47.25 -47.90
CA LYS A 373 34.52 46.07 -47.91
C LYS A 373 34.39 45.46 -46.53
N GLN A 374 35.25 45.82 -45.60
CA GLN A 374 35.20 45.28 -44.25
C GLN A 374 33.98 45.82 -43.50
N PRO A 375 33.55 45.13 -42.45
CA PRO A 375 32.37 45.60 -41.70
C PRO A 375 32.59 46.98 -41.08
N VAL A 376 31.50 47.74 -40.98
CA VAL A 376 31.57 49.10 -40.47
C VAL A 376 32.05 49.11 -39.03
N ARG A 377 31.68 48.08 -38.25
CA ARG A 377 32.13 48.00 -36.87
C ARG A 377 33.65 47.96 -36.78
N LEU A 378 34.30 47.16 -37.63
CA LEU A 378 35.74 46.96 -37.50
C LEU A 378 36.52 48.18 -37.98
N LEU A 379 36.12 48.77 -39.12
CA LEU A 379 36.92 49.84 -39.70
C LEU A 379 36.92 51.08 -38.83
N MET A 380 35.77 51.46 -38.28
CA MET A 380 35.69 52.67 -37.47
C MET A 380 36.56 52.57 -36.22
N GLN A 381 36.83 51.36 -35.74
CA GLN A 381 37.71 51.19 -34.59
C GLN A 381 39.13 51.59 -34.93
N VAL A 382 39.68 51.06 -36.03
CA VAL A 382 41.05 51.38 -36.38
C VAL A 382 41.18 52.84 -36.81
N LEU A 383 40.15 53.39 -37.46
CA LEU A 383 40.17 54.82 -37.76
C LEU A 383 40.19 55.66 -36.49
N GLN A 384 39.41 55.25 -35.49
CA GLN A 384 39.43 55.96 -34.21
C GLN A 384 40.81 55.87 -33.56
N ASP A 385 41.44 54.71 -33.62
CA ASP A 385 42.74 54.54 -32.97
C ASP A 385 43.81 55.36 -33.66
N PHE A 386 43.82 55.37 -35.00
CA PHE A 386 44.87 56.07 -35.73
C PHE A 386 44.77 57.58 -35.54
N TYR A 387 43.57 58.13 -35.78
CA TYR A 387 43.32 59.59 -35.70
C TYR A 387 43.51 60.12 -34.28
N THR A 388 43.09 59.35 -33.27
CA THR A 388 43.26 59.78 -31.88
C THR A 388 44.73 59.91 -31.51
N LYS A 389 45.54 58.94 -31.92
CA LYS A 389 46.97 58.99 -31.62
C LYS A 389 47.71 60.00 -32.47
N LYS A 390 47.22 60.26 -33.69
CA LYS A 390 47.89 61.20 -34.58
C LYS A 390 47.83 62.62 -34.04
N TYR A 391 46.63 63.06 -33.63
CA TYR A 391 46.47 64.40 -33.09
C TYR A 391 47.24 64.57 -31.78
N HIS A 392 47.21 63.54 -30.93
CA HIS A 392 47.92 63.61 -29.65
C HIS A 392 49.43 63.65 -29.83
N ALA A 393 49.93 63.09 -30.94
CA ALA A 393 51.37 63.03 -31.19
C ALA A 393 51.92 64.30 -31.82
N THR A 394 51.19 65.41 -31.74
CA THR A 394 51.66 66.68 -32.30
C THR A 394 51.49 67.81 -31.29
N SER A 412 57.08 58.54 -36.12
CA SER A 412 56.79 57.83 -37.36
C SER A 412 55.29 57.59 -37.51
N VAL A 413 54.78 57.84 -38.71
CA VAL A 413 53.35 57.64 -39.00
C VAL A 413 53.06 56.16 -39.23
N PRO A 414 53.83 55.41 -40.04
CA PRO A 414 53.53 53.98 -40.18
C PRO A 414 53.56 53.22 -38.86
N ASN A 415 54.40 53.64 -37.92
CA ASN A 415 54.37 53.02 -36.59
C ASN A 415 53.00 53.17 -35.95
N LEU A 416 52.32 54.28 -36.20
CA LEU A 416 50.96 54.45 -35.71
C LEU A 416 49.94 53.67 -36.52
N LEU A 417 50.29 53.28 -37.76
CA LEU A 417 49.37 52.49 -38.55
C LEU A 417 49.44 51.00 -38.20
N ARG A 418 50.65 50.50 -37.92
CA ARG A 418 50.79 49.11 -37.50
C ARG A 418 50.13 48.87 -36.15
N ASN A 419 50.40 49.76 -35.19
CA ASN A 419 49.83 49.59 -33.86
C ASN A 419 48.32 49.67 -33.88
N ALA A 420 47.76 50.59 -34.68
CA ALA A 420 46.32 50.68 -34.82
C ALA A 420 45.75 49.42 -35.48
N LEU A 421 46.44 48.89 -36.49
CA LEU A 421 45.95 47.70 -37.17
C LEU A 421 46.21 46.44 -36.36
N TYR A 422 47.27 46.42 -35.54
CA TYR A 422 47.56 45.23 -34.74
C TYR A 422 46.42 44.92 -33.77
N GLY A 423 45.86 45.94 -33.13
CA GLY A 423 44.78 45.77 -32.19
C GLY A 423 43.41 45.62 -32.80
N SER A 424 43.31 45.50 -34.13
CA SER A 424 42.03 45.31 -34.79
C SER A 424 42.02 44.13 -35.76
N MET A 425 43.16 43.57 -36.12
CA MET A 425 43.20 42.39 -36.98
C MET A 425 44.11 41.30 -36.43
N LEU A 426 44.23 41.21 -35.10
CA LEU A 426 45.04 40.15 -34.51
C LEU A 426 44.43 38.77 -34.74
N SER A 427 43.14 38.69 -35.03
CA SER A 427 42.51 37.40 -35.30
C SER A 427 43.12 36.73 -36.52
N SER A 428 43.24 37.47 -37.62
CA SER A 428 43.73 36.87 -38.86
C SER A 428 45.22 36.57 -38.78
N ILE A 429 45.98 37.37 -38.03
CA ILE A 429 47.41 37.09 -37.86
C ILE A 429 47.61 35.78 -37.13
N TYR A 430 46.83 35.54 -36.07
CA TYR A 430 46.92 34.29 -35.34
C TYR A 430 46.50 33.10 -36.21
N ARG A 431 45.45 33.28 -37.01
CA ARG A 431 44.96 32.18 -37.84
C ARG A 431 45.90 31.88 -38.99
N ALA A 432 46.62 32.89 -39.49
CA ALA A 432 47.50 32.71 -40.64
C ALA A 432 48.89 32.23 -40.27
N GLY A 433 49.19 32.10 -38.97
CA GLY A 433 50.47 31.58 -38.55
C GLY A 433 51.63 32.55 -38.63
N LEU A 434 51.37 33.85 -38.77
CA LEU A 434 52.43 34.84 -38.83
C LEU A 434 52.96 35.10 -37.43
N ASN A 435 53.83 36.11 -37.28
CA ASN A 435 54.39 36.47 -35.99
C ASN A 435 53.44 37.45 -35.32
N TYR A 436 52.56 36.92 -34.47
CA TYR A 436 51.58 37.73 -33.76
C TYR A 436 52.12 38.32 -32.46
N GLU A 437 53.44 38.37 -32.31
CA GLU A 437 54.02 38.97 -31.12
C GLU A 437 53.73 40.46 -31.06
N GLN A 438 53.39 40.94 -29.87
CA GLN A 438 53.11 42.36 -29.70
C GLN A 438 54.39 43.19 -29.82
N HIS A 439 55.51 42.65 -29.36
CA HIS A 439 56.79 43.35 -29.38
C HIS A 439 57.86 42.33 -29.78
N ARG A 440 59.13 42.69 -29.55
CA ARG A 440 60.28 41.92 -30.00
C ARG A 440 60.29 41.83 -31.54
N PHE A 441 60.34 43.01 -32.15
CA PHE A 441 60.31 43.13 -33.60
C PHE A 441 61.70 43.41 -34.15
N GLY A 442 61.85 43.18 -35.46
CA GLY A 442 63.11 43.41 -36.13
C GLY A 442 63.00 43.01 -37.57
N MET A 443 64.10 43.21 -38.31
CA MET A 443 64.11 42.87 -39.72
C MET A 443 64.20 41.36 -39.94
N ASP A 444 64.99 40.66 -39.11
CA ASP A 444 65.12 39.21 -39.28
C ASP A 444 63.77 38.52 -39.13
N SER A 445 62.98 38.91 -38.12
CA SER A 445 61.66 38.33 -37.95
C SER A 445 60.73 38.68 -39.11
N LEU A 446 61.01 39.77 -39.83
CA LEU A 446 60.16 40.16 -40.95
C LEU A 446 60.40 39.27 -42.17
N CYS A 447 61.62 38.77 -42.36
CA CYS A 447 61.92 37.97 -43.54
C CYS A 447 61.06 36.71 -43.59
N LYS A 448 60.91 36.02 -42.46
CA LYS A 448 60.03 34.86 -42.42
C LYS A 448 58.59 35.25 -42.72
N ASP A 449 58.14 36.38 -42.17
CA ASP A 449 56.76 36.81 -42.40
C ASP A 449 56.47 36.99 -43.87
N ILE A 450 57.41 37.59 -44.61
CA ILE A 450 57.27 37.69 -46.06
C ILE A 450 57.25 36.31 -46.69
N PHE A 451 58.17 35.44 -46.26
CA PHE A 451 58.29 34.13 -46.88
C PHE A 451 57.15 33.22 -46.45
N THR A 452 56.76 33.27 -45.18
CA THR A 452 55.66 32.42 -44.72
C THR A 452 54.31 32.87 -45.24
N TYR A 453 54.20 34.09 -45.78
CA TYR A 453 52.95 34.54 -46.36
C TYR A 453 52.81 34.10 -47.82
N VAL A 454 53.87 34.23 -48.61
CA VAL A 454 53.82 33.85 -50.01
C VAL A 454 53.60 32.35 -50.16
N LYS A 455 54.17 31.55 -49.25
CA LYS A 455 53.98 30.11 -49.30
C LYS A 455 52.51 29.74 -49.13
N GLN A 456 51.82 30.40 -48.18
CA GLN A 456 50.40 30.15 -48.01
C GLN A 456 49.59 30.63 -49.20
N ASP A 457 50.02 31.71 -49.84
CA ASP A 457 49.35 32.22 -51.03
C ASP A 457 49.69 31.43 -52.29
N ARG A 458 50.69 30.55 -52.21
CA ARG A 458 51.20 29.75 -53.33
C ARG A 458 51.22 30.54 -54.64
N ASP A 459 51.92 31.67 -54.59
CA ASP A 459 52.17 32.49 -55.76
C ASP A 459 53.54 33.15 -55.58
N PHE A 460 54.57 32.48 -56.10
CA PHE A 460 55.94 32.91 -55.87
C PHE A 460 56.41 33.98 -56.85
N ASN A 461 55.67 34.23 -57.92
CA ASN A 461 56.09 35.24 -58.89
C ASN A 461 55.88 36.65 -58.36
N THR A 462 54.73 36.90 -57.72
CA THR A 462 54.37 38.21 -57.23
C THR A 462 54.11 38.21 -55.73
N GLY A 463 54.76 37.30 -55.01
CA GLY A 463 54.57 37.24 -53.57
C GLY A 463 55.09 38.47 -52.86
N PHE A 464 56.23 38.99 -53.31
CA PHE A 464 56.87 40.14 -52.71
C PHE A 464 56.25 41.48 -53.12
N TYR A 465 55.05 41.47 -53.71
CA TYR A 465 54.29 42.69 -53.92
C TYR A 465 53.35 42.99 -52.76
N LEU A 466 52.92 41.97 -52.01
CA LEU A 466 52.04 42.10 -50.86
C LEU A 466 50.71 42.77 -51.21
N ARG A 467 50.29 42.67 -52.47
CA ARG A 467 49.01 43.25 -52.86
C ARG A 467 47.89 42.26 -52.61
N PRO A 468 46.84 42.66 -51.89
CA PRO A 468 45.82 41.69 -51.46
C PRO A 468 44.89 41.25 -52.57
N GLN A 469 45.32 40.27 -53.36
CA GLN A 469 44.52 39.73 -54.43
C GLN A 469 44.07 38.29 -54.19
N SER A 470 44.35 37.73 -53.01
CA SER A 470 43.99 36.35 -52.73
C SER A 470 42.46 36.20 -52.65
N GLU A 471 42.02 34.95 -52.70
CA GLU A 471 40.60 34.63 -52.70
C GLU A 471 40.08 34.23 -51.33
N SER A 472 40.88 34.40 -50.27
CA SER A 472 40.48 34.07 -48.91
C SER A 472 40.54 35.31 -48.05
N GLU A 473 39.50 35.52 -47.25
CA GLU A 473 39.43 36.71 -46.40
C GLU A 473 40.44 36.68 -45.26
N ALA A 474 40.97 35.50 -44.92
CA ALA A 474 41.95 35.40 -43.85
C ALA A 474 43.32 35.94 -44.26
N LEU A 475 43.62 35.97 -45.55
CA LEU A 475 44.90 36.46 -46.03
C LEU A 475 44.84 37.87 -46.59
N ARG A 476 43.67 38.31 -47.05
CA ARG A 476 43.54 39.68 -47.54
C ARG A 476 43.64 40.71 -46.42
N ASN A 477 43.55 40.29 -45.16
CA ASN A 477 43.67 41.19 -44.02
C ASN A 477 45.03 41.10 -43.35
N CYS A 478 45.94 40.27 -43.86
CA CYS A 478 47.29 40.19 -43.32
C CYS A 478 48.35 40.80 -44.22
N SER A 479 48.07 40.96 -45.51
CA SER A 479 48.99 41.67 -46.39
C SER A 479 49.10 43.14 -45.98
N ILE A 480 47.98 43.74 -45.58
CA ILE A 480 47.98 45.13 -45.15
C ILE A 480 48.87 45.31 -43.93
N TYR A 481 48.78 44.38 -42.97
CA TYR A 481 49.65 44.44 -41.80
C TYR A 481 51.11 44.26 -42.20
N LEU A 482 51.38 43.36 -43.14
CA LEU A 482 52.75 43.16 -43.59
C LEU A 482 53.27 44.38 -44.34
N ALA A 483 52.43 44.96 -45.20
CA ALA A 483 52.84 46.16 -45.93
C ALA A 483 53.09 47.34 -44.99
N SER A 484 52.49 47.34 -43.81
CA SER A 484 52.74 48.38 -42.83
C SER A 484 54.08 48.20 -42.14
N GLN A 485 54.52 46.96 -41.94
CA GLN A 485 55.77 46.72 -41.24
C GLN A 485 56.97 46.99 -42.13
N VAL A 486 56.88 46.72 -43.42
CA VAL A 486 58.00 47.00 -44.32
C VAL A 486 58.24 48.50 -44.43
N SER A 487 57.18 49.30 -44.39
CA SER A 487 57.34 50.75 -44.41
C SER A 487 57.98 51.25 -43.13
N GLU A 488 57.52 50.74 -41.99
CA GLU A 488 58.04 51.21 -40.70
C GLU A 488 59.51 50.85 -40.52
N ASN A 489 59.91 49.64 -40.91
CA ASN A 489 61.27 49.20 -40.65
C ASN A 489 62.27 49.88 -41.57
N CYS A 490 61.91 50.05 -42.84
CA CYS A 490 62.83 50.56 -43.84
C CYS A 490 62.81 52.08 -43.98
N GLN A 491 61.95 52.77 -43.24
CA GLN A 491 61.83 54.23 -43.36
C GLN A 491 63.00 54.87 -42.62
N GLY A 492 63.87 55.54 -43.36
CA GLY A 492 64.96 56.27 -42.74
C GLY A 492 66.18 55.41 -42.47
N SER A 493 66.66 54.70 -43.49
CA SER A 493 67.90 53.94 -43.41
C SER A 493 68.25 53.44 -44.80
N LEU A 494 69.52 53.07 -44.98
CA LEU A 494 70.01 52.49 -46.22
C LEU A 494 70.39 51.02 -46.06
N SER A 495 71.11 50.69 -45.00
CA SER A 495 71.42 49.29 -44.73
C SER A 495 70.14 48.50 -44.48
N LYS A 496 69.20 49.07 -43.74
CA LYS A 496 67.91 48.44 -43.51
C LYS A 496 67.10 48.32 -44.80
N PHE A 497 67.44 49.09 -45.83
CA PHE A 497 66.75 48.98 -47.11
C PHE A 497 67.33 47.90 -48.00
N LEU A 498 68.67 47.83 -48.08
CA LEU A 498 69.31 46.81 -48.92
C LEU A 498 69.11 45.42 -48.33
N GLN A 499 69.18 45.29 -47.00
CA GLN A 499 69.10 43.98 -46.37
C GLN A 499 67.76 43.32 -46.65
N MET A 500 66.66 44.06 -46.54
CA MET A 500 65.35 43.46 -46.76
C MET A 500 65.14 43.14 -48.23
N LEU A 501 65.64 43.99 -49.13
CA LEU A 501 65.56 43.70 -50.56
C LEU A 501 66.41 42.50 -50.92
N LEU A 502 67.67 42.49 -50.47
CA LEU A 502 68.59 41.43 -50.87
C LEU A 502 68.17 40.07 -50.29
N VAL A 503 67.72 40.05 -49.04
CA VAL A 503 67.43 38.79 -48.36
C VAL A 503 65.95 38.44 -48.48
N GLY A 504 65.09 39.28 -47.92
CA GLY A 504 63.67 38.96 -47.89
C GLY A 504 63.03 38.97 -49.26
N CYS A 505 63.33 39.97 -50.08
CA CYS A 505 62.66 40.12 -51.38
C CYS A 505 63.20 39.14 -52.41
N GLY A 506 64.51 38.86 -52.37
CA GLY A 506 65.11 38.02 -53.39
C GLY A 506 64.84 36.54 -53.22
N SER A 507 64.66 36.08 -51.98
CA SER A 507 64.52 34.66 -51.73
C SER A 507 63.26 34.08 -52.38
N VAL A 508 62.21 34.88 -52.51
CA VAL A 508 60.99 34.39 -53.13
C VAL A 508 61.19 34.17 -54.64
N SER A 509 62.16 34.84 -55.24
CA SER A 509 62.40 34.72 -56.68
C SER A 509 63.43 33.64 -56.99
N ILE A 510 64.53 33.59 -56.24
CA ILE A 510 65.56 32.58 -56.46
C ILE A 510 65.00 31.18 -56.21
N PHE A 511 64.23 31.03 -55.13
CA PHE A 511 63.64 29.73 -54.82
C PHE A 511 62.71 29.25 -55.93
N ASN A 512 62.06 30.17 -56.63
CA ASN A 512 61.20 29.77 -57.74
C ASN A 512 61.97 29.18 -58.91
N GLN A 513 63.29 29.37 -58.95
CA GLN A 513 64.11 28.77 -59.99
C GLN A 513 64.47 27.32 -59.68
N PHE A 514 64.26 26.85 -58.46
CA PHE A 514 64.61 25.50 -58.07
C PHE A 514 63.44 24.69 -57.52
N VAL A 515 62.27 25.32 -57.36
CA VAL A 515 61.07 24.56 -57.03
C VAL A 515 60.62 23.73 -58.22
N THR A 516 60.68 24.31 -59.42
CA THR A 516 60.21 23.62 -60.61
C THR A 516 60.99 22.32 -60.85
N GLU A 517 62.26 22.30 -60.49
CA GLU A 517 63.09 21.11 -60.72
C GLU A 517 62.83 20.05 -59.65
N LEU A 518 63.09 20.39 -58.40
CA LEU A 518 63.04 19.44 -57.30
C LEU A 518 61.73 19.57 -56.52
N ALA A 519 61.17 18.43 -56.13
CA ALA A 519 60.00 18.37 -55.25
C ALA A 519 58.82 19.13 -55.84
N ARG A 520 58.31 18.58 -56.94
CA ARG A 520 57.12 19.14 -57.58
C ARG A 520 55.99 19.30 -56.57
N ALA A 521 55.36 20.47 -56.58
CA ALA A 521 54.46 20.87 -55.50
C ALA A 521 53.26 19.94 -55.41
N GLU A 522 52.43 19.91 -56.46
CA GLU A 522 51.13 19.25 -56.37
C GLU A 522 51.24 17.73 -56.32
N ASN A 523 52.30 17.15 -56.87
CA ASN A 523 52.41 15.69 -56.89
C ASN A 523 52.52 15.12 -55.49
N ASP A 524 53.34 15.75 -54.64
CA ASP A 524 53.53 15.29 -53.27
C ASP A 524 53.79 16.48 -52.36
N ARG A 525 52.86 16.73 -51.43
CA ARG A 525 53.01 17.86 -50.52
C ARG A 525 54.07 17.60 -49.46
N GLU A 526 54.25 16.34 -49.06
CA GLU A 526 55.19 16.04 -47.97
C GLU A 526 56.62 16.37 -48.37
N LYS A 527 57.01 16.05 -49.60
CA LYS A 527 58.38 16.34 -50.04
C LYS A 527 58.53 17.82 -50.37
N PHE A 528 57.51 18.43 -50.97
CA PHE A 528 57.59 19.85 -51.31
C PHE A 528 57.70 20.71 -50.05
N GLU A 529 56.92 20.38 -49.02
CA GLU A 529 56.98 21.15 -47.78
C GLU A 529 58.29 20.94 -47.05
N GLN A 530 58.90 19.75 -47.18
CA GLN A 530 60.20 19.51 -46.54
C GLN A 530 61.30 20.30 -47.20
N LEU A 531 61.25 20.47 -48.53
CA LEU A 531 62.29 21.21 -49.24
C LEU A 531 62.32 22.67 -48.79
N ILE A 532 61.16 23.26 -48.54
CA ILE A 532 61.10 24.64 -48.07
C ILE A 532 61.76 24.76 -46.70
N SER A 533 61.53 23.79 -45.82
CA SER A 533 62.11 23.84 -44.48
C SER A 533 63.64 23.82 -44.53
N GLU A 534 64.22 22.98 -45.41
CA GLU A 534 65.67 23.00 -45.57
C GLU A 534 66.13 24.31 -46.19
N TYR A 535 65.38 24.82 -47.17
CA TYR A 535 65.78 26.04 -47.87
C TYR A 535 65.83 27.23 -46.91
N VAL A 536 64.81 27.35 -46.05
CA VAL A 536 64.75 28.52 -45.17
C VAL A 536 65.78 28.39 -44.05
N ALA A 537 66.18 27.18 -43.70
CA ALA A 537 67.15 26.97 -42.64
C ALA A 537 68.59 26.91 -43.14
N TYR A 538 68.81 26.78 -44.44
CA TYR A 538 70.18 26.74 -44.96
C TYR A 538 70.80 28.13 -44.95
N MET A 539 70.26 29.03 -45.77
CA MET A 539 70.74 30.41 -45.80
C MET A 539 70.17 31.25 -44.67
N SER A 540 69.53 30.59 -43.69
CA SER A 540 69.08 31.25 -42.45
C SER A 540 68.16 32.44 -42.74
N VAL A 541 67.18 32.22 -43.62
CA VAL A 541 66.16 33.24 -43.83
C VAL A 541 65.36 33.42 -42.55
N GLY A 542 65.23 34.66 -42.11
CA GLY A 542 64.55 34.97 -40.87
C GLY A 542 65.45 35.14 -39.66
N ARG A 543 66.72 34.75 -39.77
CA ARG A 543 67.71 35.04 -38.73
C ARG A 543 69.04 35.19 -39.46
N ILE A 544 69.40 36.44 -39.73
CA ILE A 544 70.55 36.75 -40.59
C ILE A 544 71.71 37.20 -39.71
N GLU A 545 72.92 36.79 -40.12
CA GLU A 545 74.14 37.24 -39.46
C GLU A 545 74.85 38.35 -40.20
N SER A 546 74.69 38.40 -41.53
CA SER A 546 75.26 39.45 -42.37
C SER A 546 74.66 39.33 -43.75
N ALA A 547 74.30 40.48 -44.35
CA ALA A 547 73.82 40.47 -45.72
C ALA A 547 74.90 39.97 -46.69
N SER A 548 76.17 40.23 -46.37
CA SER A 548 77.26 39.68 -47.16
C SER A 548 77.30 38.16 -47.05
N HIS A 549 77.03 37.63 -45.85
CA HIS A 549 77.00 36.18 -45.66
C HIS A 549 75.90 35.55 -46.50
N TRP A 550 74.76 36.22 -46.63
CA TRP A 550 73.69 35.73 -47.50
C TRP A 550 74.14 35.67 -48.95
N ALA A 551 75.07 36.54 -49.35
CA ALA A 551 75.62 36.47 -50.70
C ALA A 551 76.58 35.30 -50.87
N ASN A 552 77.41 35.06 -49.85
CA ASN A 552 78.37 33.96 -49.92
C ASN A 552 77.68 32.60 -49.99
N ARG A 553 76.43 32.51 -49.57
CA ARG A 553 75.66 31.28 -49.68
C ARG A 553 74.73 31.27 -50.89
N CYS A 554 74.29 32.44 -51.35
CA CYS A 554 73.40 32.50 -52.51
C CYS A 554 74.10 32.00 -53.77
N CYS A 555 75.41 32.20 -53.87
CA CYS A 555 76.13 31.79 -55.07
C CYS A 555 76.09 30.28 -55.25
N ALA A 556 76.29 29.53 -54.17
CA ALA A 556 76.28 28.07 -54.26
C ALA A 556 74.92 27.54 -54.66
N VAL A 557 73.84 28.17 -54.19
CA VAL A 557 72.50 27.67 -54.45
C VAL A 557 72.18 27.73 -55.93
N VAL A 558 72.63 28.79 -56.62
CA VAL A 558 72.34 28.92 -58.05
C VAL A 558 73.42 28.28 -58.91
N ALA A 559 74.60 27.99 -58.36
CA ALA A 559 75.67 27.37 -59.12
C ALA A 559 75.38 25.93 -59.49
N ASN A 560 74.37 25.31 -58.88
CA ASN A 560 74.05 23.90 -59.11
C ASN A 560 73.05 23.71 -60.25
N SER A 561 72.94 24.66 -61.17
CA SER A 561 72.04 24.56 -62.32
C SER A 561 72.79 24.95 -63.58
N PRO A 562 73.74 24.12 -64.02
CA PRO A 562 74.44 24.41 -65.28
C PRO A 562 73.53 24.22 -66.48
N ASN A 563 73.78 25.00 -67.53
CA ASN A 563 73.02 24.91 -68.76
C ASN A 563 73.62 23.83 -69.65
N ASP A 564 73.15 23.76 -70.90
CA ASP A 564 73.62 22.73 -71.81
C ASP A 564 75.10 22.90 -72.15
N GLU A 565 75.55 24.13 -72.36
CA GLU A 565 76.93 24.37 -72.77
C GLU A 565 77.91 24.36 -71.62
N LYS A 566 77.44 24.39 -70.37
CA LYS A 566 78.30 24.31 -69.19
C LYS A 566 79.34 25.43 -69.17
N ILE A 567 78.94 26.61 -69.58
CA ILE A 567 79.83 27.77 -69.54
C ILE A 567 79.83 28.36 -68.14
N GLY A 568 80.98 28.91 -67.74
CA GLY A 568 81.13 29.43 -66.40
C GLY A 568 80.53 30.81 -66.18
N VAL A 569 79.33 31.03 -66.70
CA VAL A 569 78.57 32.25 -66.47
C VAL A 569 77.20 31.87 -65.94
N PHE A 570 76.78 32.51 -64.86
CA PHE A 570 75.49 32.28 -64.24
C PHE A 570 74.78 33.61 -64.04
N LEU A 571 73.57 33.56 -63.51
CA LEU A 571 72.76 34.76 -63.34
C LEU A 571 73.41 35.70 -62.33
N GLY A 572 73.98 36.79 -62.84
CA GLY A 572 74.60 37.78 -61.98
C GLY A 572 75.99 37.43 -61.49
N MET A 573 76.71 36.57 -62.21
CA MET A 573 78.03 36.16 -61.77
C MET A 573 78.76 35.47 -62.92
N VAL A 574 80.07 35.30 -62.75
CA VAL A 574 80.91 34.59 -63.71
C VAL A 574 81.87 33.71 -62.94
N GLN A 575 82.05 32.48 -63.41
CA GLN A 575 82.97 31.54 -62.77
C GLN A 575 84.39 31.77 -63.29
N LEU A 576 85.34 31.92 -62.37
CA LEU A 576 86.71 32.22 -62.72
C LEU A 576 87.61 31.01 -62.44
N ASN A 577 88.55 30.76 -63.34
CA ASN A 577 89.52 29.70 -63.12
C ASN A 577 90.40 29.99 -61.93
N ARG A 578 90.76 28.94 -61.20
CA ARG A 578 91.70 29.04 -60.09
C ARG A 578 93.05 28.43 -60.39
N LYS A 579 93.12 27.47 -61.31
CA LYS A 579 94.36 26.84 -61.72
C LYS A 579 94.66 27.21 -63.15
N SER A 580 95.92 27.58 -63.42
CA SER A 580 96.31 27.98 -64.76
C SER A 580 96.20 26.82 -65.73
N ARG A 581 95.64 27.08 -66.91
CA ARG A 581 95.50 26.06 -67.94
C ARG A 581 96.82 25.88 -68.67
N GLN A 582 96.87 24.87 -69.55
CA GLN A 582 98.11 24.53 -70.23
C GLN A 582 98.41 25.48 -71.39
N HIS A 583 97.39 25.81 -72.19
CA HIS A 583 97.56 26.65 -73.36
C HIS A 583 96.70 27.91 -73.25
N MET A 584 97.27 29.03 -73.65
CA MET A 584 96.59 30.32 -73.60
C MET A 584 96.55 30.93 -75.00
N PRO A 585 95.39 30.97 -75.66
CA PRO A 585 95.35 31.48 -77.05
C PRO A 585 95.83 32.91 -77.19
N GLY A 586 95.56 33.77 -76.22
CA GLY A 586 95.99 35.15 -76.29
C GLY A 586 96.80 35.58 -75.08
N GLY A 587 96.36 36.64 -74.41
CA GLY A 587 97.01 37.09 -73.20
C GLY A 587 96.33 36.56 -71.96
N TYR A 588 95.51 35.52 -72.12
CA TYR A 588 94.75 34.97 -71.02
C TYR A 588 95.67 34.33 -69.99
N LYS A 589 95.22 34.35 -68.74
CA LYS A 589 95.94 33.71 -67.63
C LYS A 589 94.98 33.61 -66.45
N LYS A 590 95.47 33.06 -65.35
CA LYS A 590 94.67 33.02 -64.14
C LYS A 590 94.46 34.44 -63.60
N PHE A 591 93.55 34.55 -62.63
CA PHE A 591 93.14 35.87 -62.16
C PHE A 591 94.30 36.65 -61.55
N ASN A 592 95.04 36.01 -60.65
CA ASN A 592 96.23 36.60 -60.02
C ASN A 592 95.88 37.93 -59.34
N ILE A 593 95.04 37.82 -58.31
CA ILE A 593 94.52 38.97 -57.57
C ILE A 593 95.62 39.93 -57.15
N ASP A 594 96.83 39.42 -56.92
CA ASP A 594 97.93 40.30 -56.49
C ASP A 594 98.32 41.33 -57.55
N THR A 595 97.88 41.16 -58.80
CA THR A 595 98.17 42.15 -59.83
C THR A 595 97.54 43.50 -59.49
N GLU A 596 96.30 43.49 -58.98
CA GLU A 596 95.61 44.72 -58.67
C GLU A 596 96.28 45.46 -57.52
N ASN A 597 95.95 46.74 -57.39
CA ASN A 597 96.52 47.58 -56.35
C ASN A 597 95.54 48.70 -56.03
N GLY A 598 95.73 49.30 -54.85
CA GLY A 598 94.91 50.41 -54.43
C GLY A 598 93.48 50.00 -54.12
N LEU A 599 92.57 50.98 -54.25
CA LEU A 599 91.16 50.73 -53.98
C LEU A 599 90.55 49.76 -54.97
N ALA A 600 91.14 49.61 -56.16
CA ALA A 600 90.66 48.60 -57.10
C ALA A 600 90.83 47.20 -56.52
N LYS A 601 91.95 46.95 -55.84
CA LYS A 601 92.13 45.68 -55.16
C LYS A 601 91.11 45.49 -54.05
N ALA A 602 90.78 46.57 -53.32
CA ALA A 602 89.75 46.50 -52.30
C ALA A 602 88.36 46.22 -52.87
N ALA A 603 88.18 46.39 -54.18
CA ALA A 603 86.92 46.08 -54.84
C ALA A 603 86.88 44.68 -55.43
N MET A 604 88.04 44.01 -55.52
CA MET A 604 88.08 42.64 -55.99
C MET A 604 87.95 41.66 -54.84
N ALA A 605 88.69 41.89 -53.75
CA ALA A 605 88.61 41.01 -52.59
C ALA A 605 87.22 40.99 -51.98
N SER A 606 86.49 42.09 -52.10
CA SER A 606 85.13 42.20 -51.58
C SER A 606 84.09 41.75 -52.60
N SER A 607 84.49 41.00 -53.63
CA SER A 607 83.56 40.54 -54.65
C SER A 607 83.82 39.10 -55.06
N LEU A 608 84.57 38.34 -54.29
CA LEU A 608 84.93 36.97 -54.62
C LEU A 608 84.42 36.02 -53.55
N SER A 609 83.80 34.93 -53.98
CA SER A 609 83.32 33.88 -53.09
C SER A 609 83.87 32.54 -53.55
N THR A 610 84.26 31.71 -52.58
CA THR A 610 84.88 30.41 -52.86
C THR A 610 83.92 29.31 -52.41
N VAL A 611 83.11 28.84 -53.34
CA VAL A 611 82.21 27.73 -53.06
C VAL A 611 82.99 26.43 -53.02
N ALA A 612 82.85 25.68 -51.92
CA ALA A 612 83.63 24.46 -51.71
C ALA A 612 82.78 23.26 -52.13
N SER A 613 82.73 23.04 -53.44
CA SER A 613 82.05 21.87 -53.99
C SER A 613 82.99 20.67 -53.98
N ASN A 614 82.63 19.62 -54.72
CA ASN A 614 83.53 18.48 -54.87
C ASN A 614 84.89 18.91 -55.38
N ASN A 615 84.94 19.97 -56.17
CA ASN A 615 86.17 20.67 -56.51
C ASN A 615 85.96 22.16 -56.26
N LEU A 616 86.98 22.81 -55.70
CA LEU A 616 86.85 24.20 -55.27
C LEU A 616 86.50 25.10 -56.44
N MET A 617 85.50 25.96 -56.24
CA MET A 617 85.02 26.88 -57.26
C MET A 617 85.19 28.30 -56.77
N ASP A 618 85.62 29.19 -57.67
CA ASP A 618 85.81 30.59 -57.37
C ASP A 618 84.82 31.42 -58.19
N PHE A 619 84.16 32.35 -57.53
CA PHE A 619 83.07 33.10 -58.14
C PHE A 619 83.29 34.60 -58.00
N CYS A 620 82.74 35.35 -58.95
CA CYS A 620 82.66 36.80 -58.88
C CYS A 620 81.22 37.20 -59.17
N SER A 621 80.56 37.78 -58.18
CA SER A 621 79.11 37.97 -58.24
C SER A 621 78.74 39.42 -57.92
N VAL A 622 77.64 39.86 -58.53
CA VAL A 622 77.10 41.18 -58.22
C VAL A 622 76.46 41.20 -56.84
N PHE A 623 75.87 40.07 -56.43
CA PHE A 623 75.14 40.03 -55.16
C PHE A 623 76.06 40.26 -53.97
N ASN A 624 77.33 39.90 -54.10
CA ASN A 624 78.27 40.17 -53.01
C ASN A 624 78.48 41.66 -52.81
N LEU A 625 78.37 42.46 -53.87
CA LEU A 625 78.57 43.90 -53.75
C LEU A 625 77.47 44.53 -52.93
N ILE A 626 76.21 44.23 -53.25
CA ILE A 626 75.09 44.75 -52.47
C ILE A 626 75.21 44.32 -51.01
N GLY A 627 75.64 43.09 -50.77
CA GLY A 627 75.91 42.66 -49.42
C GLY A 627 77.08 43.40 -48.80
N ALA A 628 78.13 43.65 -49.59
CA ALA A 628 79.28 44.40 -49.08
C ALA A 628 78.90 45.83 -48.73
N ILE A 629 78.09 46.47 -49.58
CA ILE A 629 77.64 47.82 -49.30
C ILE A 629 76.77 47.86 -48.06
N ALA A 630 75.83 46.91 -47.95
CA ALA A 630 74.87 46.91 -46.85
C ALA A 630 75.51 46.64 -45.50
N ASP A 631 76.76 46.19 -45.46
CA ASP A 631 77.44 45.94 -44.19
C ASP A 631 78.18 47.18 -43.69
N ILE A 632 79.04 47.76 -44.53
CA ILE A 632 79.81 48.93 -44.12
C ILE A 632 78.90 50.14 -43.92
N SER A 633 77.76 50.18 -44.59
CA SER A 633 76.84 51.30 -44.50
C SER A 633 76.09 51.37 -43.18
N ALA A 634 76.40 50.53 -42.20
CA ALA A 634 75.68 50.55 -40.93
C ALA A 634 76.62 50.69 -39.73
N CYS A 635 77.89 51.01 -39.95
CA CYS A 635 78.82 51.17 -38.83
C CYS A 635 78.45 52.37 -37.98
N ARG A 636 78.26 53.53 -38.60
CA ARG A 636 77.85 54.76 -37.93
C ARG A 636 78.77 55.06 -36.72
N CYS A 637 80.06 55.11 -36.98
CA CYS A 637 81.03 55.38 -35.93
C CYS A 637 82.21 56.14 -36.54
N GLU A 638 83.31 56.21 -35.78
CA GLU A 638 84.47 56.99 -36.17
C GLU A 638 85.35 56.20 -37.12
N ARG A 639 86.54 56.73 -37.42
CA ARG A 639 87.46 56.04 -38.31
C ARG A 639 87.96 54.73 -37.71
N SER A 640 88.21 54.72 -36.40
CA SER A 640 88.78 53.52 -35.76
C SER A 640 87.87 52.32 -35.97
N ALA A 641 86.55 52.50 -35.86
CA ALA A 641 85.64 51.39 -36.09
C ALA A 641 85.68 50.92 -37.54
N ILE A 642 85.74 51.86 -38.49
CA ILE A 642 85.77 51.48 -39.90
C ILE A 642 87.15 51.09 -40.38
N THR A 643 88.15 51.07 -39.50
CA THR A 643 89.39 50.37 -39.82
C THR A 643 89.20 48.86 -39.73
N ASN A 644 88.41 48.41 -38.75
CA ASN A 644 88.10 46.99 -38.62
C ASN A 644 86.86 46.62 -39.43
N ALA A 645 85.86 47.51 -39.47
CA ALA A 645 84.66 47.22 -40.23
C ALA A 645 84.96 47.07 -41.72
N PHE A 646 85.82 47.94 -42.26
CA PHE A 646 86.26 47.78 -43.63
C PHE A 646 87.09 46.51 -43.79
N ASN A 647 87.94 46.20 -42.80
CA ASN A 647 88.80 45.03 -42.89
C ASN A 647 88.00 43.74 -42.90
N LYS A 648 86.94 43.66 -42.09
CA LYS A 648 86.19 42.41 -41.99
C LYS A 648 85.43 42.10 -43.28
N VAL A 649 85.04 43.13 -44.03
CA VAL A 649 84.35 42.89 -45.30
C VAL A 649 85.30 42.25 -46.31
N ILE A 650 86.55 42.70 -46.33
CA ILE A 650 87.56 42.15 -47.25
C ILE A 650 88.22 40.98 -46.53
N ALA A 651 87.60 39.80 -46.64
CA ALA A 651 88.14 38.60 -46.01
C ALA A 651 87.66 37.40 -46.79
N GLN A 652 88.52 36.39 -46.88
CA GLN A 652 88.19 35.15 -47.59
C GLN A 652 87.15 34.37 -46.79
N THR A 653 86.09 33.95 -47.48
CA THR A 653 85.02 33.18 -46.86
C THR A 653 84.79 31.88 -47.62
N THR A 654 84.38 30.85 -46.91
CA THR A 654 84.13 29.53 -47.48
C THR A 654 82.72 29.10 -47.10
N CYS A 655 81.97 28.63 -48.09
CA CYS A 655 80.60 28.18 -47.89
C CYS A 655 80.43 26.77 -48.44
N ILE A 656 79.49 26.04 -47.84
CA ILE A 656 79.26 24.63 -48.15
C ILE A 656 78.11 24.51 -49.13
N VAL A 657 78.22 23.52 -50.02
CA VAL A 657 77.18 23.24 -51.01
C VAL A 657 75.88 22.92 -50.28
N PRO A 658 74.72 23.35 -50.79
CA PRO A 658 73.47 23.08 -50.07
C PRO A 658 73.23 21.60 -49.92
N PRO A 659 72.55 21.19 -48.85
CA PRO A 659 72.33 19.75 -48.61
C PRO A 659 71.57 19.06 -49.73
N TRP A 660 70.68 19.75 -50.43
CA TRP A 660 69.92 19.09 -51.49
C TRP A 660 70.75 18.99 -52.77
N SER A 661 71.98 18.50 -52.66
CA SER A 661 72.88 18.41 -53.80
C SER A 661 73.77 17.19 -53.63
N GLU A 662 74.32 16.73 -54.76
CA GLU A 662 75.08 15.49 -54.77
C GLU A 662 76.35 15.59 -53.94
N ALA A 663 77.09 16.69 -54.08
CA ALA A 663 78.39 16.84 -53.43
C ALA A 663 78.29 17.22 -51.96
N ALA A 664 77.12 17.05 -51.34
CA ALA A 664 76.97 17.43 -49.94
C ALA A 664 77.79 16.54 -49.02
N VAL A 665 78.08 15.31 -49.43
CA VAL A 665 78.78 14.37 -48.56
C VAL A 665 80.27 14.32 -48.84
N ARG A 666 80.67 14.34 -50.11
CA ARG A 666 82.09 14.25 -50.44
C ARG A 666 82.84 15.56 -50.21
N ALA A 667 82.13 16.69 -50.19
CA ALA A 667 82.78 17.96 -49.89
C ALA A 667 83.32 17.97 -48.47
N GLU A 668 82.56 17.40 -47.52
CA GLU A 668 82.99 17.37 -46.13
C GLU A 668 84.27 16.58 -45.97
N MET A 669 84.38 15.44 -46.66
CA MET A 669 85.58 14.62 -46.54
C MET A 669 86.82 15.37 -47.04
N LYS A 670 86.70 16.07 -48.15
CA LYS A 670 87.85 16.80 -48.70
C LYS A 670 88.22 17.98 -47.81
N GLY A 671 87.23 18.77 -47.40
CA GLY A 671 87.46 19.94 -46.57
C GLY A 671 87.92 19.59 -45.16
N THR A 704 100.33 48.74 -45.74
CA THR A 704 99.20 49.51 -45.24
C THR A 704 98.70 50.50 -46.30
N GLU A 705 98.81 50.11 -47.56
CA GLU A 705 98.38 50.97 -48.65
C GLU A 705 96.88 51.22 -48.65
N PHE A 706 96.11 50.41 -47.93
CA PHE A 706 94.67 50.57 -47.87
C PHE A 706 94.23 51.80 -47.10
N SER A 707 95.15 52.48 -46.42
CA SER A 707 94.78 53.65 -45.63
C SER A 707 94.16 54.74 -46.51
N ASP A 708 94.70 54.93 -47.71
CA ASP A 708 94.11 55.90 -48.64
C ASP A 708 92.70 55.46 -49.04
N ALA A 709 92.51 54.17 -49.31
CA ALA A 709 91.18 53.69 -49.68
C ALA A 709 90.19 53.85 -48.54
N ILE A 710 90.62 53.56 -47.31
CA ILE A 710 89.75 53.74 -46.15
C ILE A 710 89.34 55.20 -46.00
N THR A 711 90.28 56.11 -46.23
CA THR A 711 89.98 57.53 -46.13
C THR A 711 88.93 57.95 -47.14
N LYS A 712 88.98 57.39 -48.35
CA LYS A 712 87.99 57.72 -49.37
C LYS A 712 86.59 57.30 -48.94
N VAL A 713 86.47 56.14 -48.27
CA VAL A 713 85.17 55.67 -47.84
C VAL A 713 84.62 56.55 -46.71
N GLU A 714 85.49 57.01 -45.81
CA GLU A 714 85.03 57.71 -44.63
C GLU A 714 84.31 59.01 -44.97
N GLN A 715 84.68 59.65 -46.09
CA GLN A 715 83.94 60.83 -46.52
C GLN A 715 82.54 60.47 -47.01
N TRP A 716 82.38 59.30 -47.62
CA TRP A 716 81.06 58.88 -48.09
C TRP A 716 80.09 58.72 -46.92
N LEU A 717 80.54 58.11 -45.83
CA LEU A 717 79.68 57.96 -44.67
C LEU A 717 79.29 59.30 -44.08
N LYS A 718 80.12 60.33 -44.28
CA LYS A 718 79.82 61.65 -43.73
C LYS A 718 78.59 62.26 -44.39
N ASN A 719 78.51 62.21 -45.71
CA ASN A 719 77.39 62.83 -46.42
C ASN A 719 76.27 61.87 -46.76
N VAL A 720 76.39 60.60 -46.36
CA VAL A 720 75.25 59.69 -46.47
C VAL A 720 74.18 60.05 -45.44
N ASN A 721 74.58 60.36 -44.21
CA ASN A 721 73.64 60.49 -43.11
C ASN A 721 72.60 61.57 -43.39
N GLU A 722 73.02 62.70 -43.98
CA GLU A 722 72.06 63.74 -44.31
C GLU A 722 71.02 63.26 -45.31
N ILE A 723 71.47 62.56 -46.35
CA ILE A 723 70.53 61.97 -47.31
C ILE A 723 69.81 60.78 -46.69
N GLU A 724 70.51 60.03 -45.83
CA GLU A 724 69.94 58.83 -45.22
C GLU A 724 68.66 59.13 -44.44
N ILE A 725 68.57 60.32 -43.82
CA ILE A 725 67.40 60.64 -43.00
C ILE A 725 66.14 60.72 -43.87
N GLY A 726 66.26 61.36 -45.04
CA GLY A 726 65.09 61.64 -45.85
C GLY A 726 64.55 60.50 -46.69
N ILE A 727 65.19 59.33 -46.67
CA ILE A 727 64.72 58.21 -47.47
C ILE A 727 63.43 57.66 -46.89
N ARG A 728 62.49 57.29 -47.76
CA ARG A 728 61.19 56.77 -47.34
C ARG A 728 60.71 55.76 -48.38
N PRO A 729 61.19 54.53 -48.30
CA PRO A 729 60.75 53.49 -49.24
C PRO A 729 59.35 53.00 -48.92
N SER A 730 58.75 52.34 -49.91
CA SER A 730 57.41 51.80 -49.81
C SER A 730 57.42 50.33 -50.22
N ALA A 731 56.32 49.63 -49.91
CA ALA A 731 56.24 48.21 -50.20
C ALA A 731 56.33 47.95 -51.70
N LEU A 732 55.63 48.76 -52.50
CA LEU A 732 55.63 48.55 -53.95
C LEU A 732 56.95 48.94 -54.59
N LEU A 733 57.73 49.83 -53.97
CA LEU A 733 58.99 50.27 -54.57
C LEU A 733 59.96 49.11 -54.72
N ILE A 734 60.20 48.37 -53.64
CA ILE A 734 61.12 47.24 -53.71
C ILE A 734 60.58 46.15 -54.62
N GLY A 735 59.27 45.95 -54.65
CA GLY A 735 58.70 44.97 -55.55
C GLY A 735 58.99 45.27 -57.01
N LYS A 736 59.02 46.54 -57.38
CA LYS A 736 59.36 46.91 -58.75
C LYS A 736 60.85 47.09 -58.96
N VAL A 737 61.63 47.32 -57.91
CA VAL A 737 63.07 47.44 -58.06
C VAL A 737 63.67 46.09 -58.43
N TRP A 738 63.28 45.03 -57.71
CA TRP A 738 63.86 43.71 -57.97
C TRP A 738 63.32 43.10 -59.25
N SER A 739 62.04 43.36 -59.58
CA SER A 739 61.46 42.78 -60.78
C SER A 739 62.21 43.23 -62.03
N ARG A 740 62.54 44.52 -62.10
CA ARG A 740 63.39 44.99 -63.19
C ARG A 740 64.82 44.51 -63.03
N PHE A 741 65.31 44.46 -61.79
CA PHE A 741 66.66 43.99 -61.53
C PHE A 741 66.82 42.52 -61.95
N TYR A 742 65.83 41.69 -61.62
CA TYR A 742 65.92 40.27 -61.95
C TYR A 742 65.88 40.05 -63.45
N PHE A 743 64.94 40.67 -64.15
CA PHE A 743 64.81 40.46 -65.58
C PHE A 743 66.02 40.99 -66.33
N ASN A 744 66.48 42.19 -65.99
CA ASN A 744 67.64 42.76 -66.66
C ASN A 744 68.90 41.93 -66.43
N LEU A 745 69.13 41.52 -65.18
CA LEU A 745 70.32 40.75 -64.87
C LEU A 745 70.28 39.38 -65.54
N ASN A 746 69.08 38.80 -65.64
CA ASN A 746 68.93 37.53 -66.35
C ASN A 746 69.23 37.70 -67.84
N ASN A 747 68.77 38.81 -68.42
CA ASN A 747 68.95 39.05 -69.85
C ASN A 747 70.38 39.42 -70.23
N VAL A 748 71.22 39.75 -69.25
CA VAL A 748 72.63 40.03 -69.55
C VAL A 748 73.40 38.74 -69.84
N ALA A 749 73.12 37.69 -69.07
CA ALA A 749 73.95 36.48 -69.13
C ALA A 749 73.85 35.79 -70.47
N ASP A 750 72.64 35.62 -71.00
CA ASP A 750 72.46 34.85 -72.23
C ASP A 750 73.12 35.54 -73.42
N GLN A 751 72.99 36.87 -73.50
CA GLN A 751 73.63 37.59 -74.61
C GLN A 751 75.15 37.53 -74.52
N HIS A 752 75.70 37.65 -73.32
CA HIS A 752 77.15 37.70 -73.15
C HIS A 752 77.79 36.32 -73.08
N LYS A 753 77.02 35.25 -73.11
CA LYS A 753 77.60 33.91 -73.08
C LYS A 753 77.81 33.34 -74.47
N THR A 754 76.98 33.74 -75.44
CA THR A 754 77.14 33.24 -76.81
C THR A 754 78.32 33.89 -77.50
N ARG A 755 78.52 35.19 -77.29
CA ARG A 755 79.51 35.97 -78.02
C ARG A 755 80.77 36.09 -77.18
N LEU A 756 81.70 35.16 -77.39
CA LEU A 756 83.00 35.17 -76.72
C LEU A 756 83.94 34.29 -77.54
N TYR A 757 85.05 34.87 -77.99
CA TYR A 757 85.94 34.19 -78.93
C TYR A 757 87.38 34.30 -78.45
N ARG A 758 88.29 33.69 -79.22
CA ARG A 758 89.70 33.67 -78.83
C ARG A 758 90.30 35.06 -78.81
N ASN A 759 89.97 35.88 -79.81
CA ASN A 759 90.46 37.26 -79.88
C ASN A 759 89.36 38.26 -79.54
N ALA A 760 88.49 37.92 -78.59
CA ALA A 760 87.39 38.77 -78.19
C ALA A 760 87.72 39.69 -77.04
N GLU A 761 88.96 39.66 -76.54
CA GLU A 761 89.34 40.52 -75.43
C GLU A 761 89.39 41.98 -75.88
N HIS A 762 89.43 42.87 -74.89
CA HIS A 762 89.53 44.32 -75.07
C HIS A 762 88.25 44.92 -75.67
N GLY A 763 87.29 44.08 -76.05
CA GLY A 763 86.04 44.56 -76.58
C GLY A 763 86.17 45.34 -77.87
N ARG A 764 86.01 46.67 -77.77
CA ARG A 764 86.18 47.62 -78.86
C ARG A 764 85.07 47.52 -79.90
N MET A 765 84.20 46.52 -79.77
CA MET A 765 82.98 46.45 -80.56
C MET A 765 81.87 45.90 -79.66
N ALA A 766 80.73 45.58 -80.27
CA ALA A 766 79.59 45.08 -79.51
C ALA A 766 79.59 43.56 -79.39
N SER A 767 80.00 42.85 -80.45
CA SER A 767 79.99 41.39 -80.40
C SER A 767 81.04 40.86 -79.43
N GLN A 768 82.23 41.44 -79.43
CA GLN A 768 83.30 40.98 -78.55
C GLN A 768 82.93 41.22 -77.10
N SER A 769 83.17 40.22 -76.26
CA SER A 769 82.87 40.29 -74.84
C SER A 769 84.07 39.79 -74.04
N ASN A 770 84.04 40.08 -72.74
CA ASN A 770 85.17 39.77 -71.87
C ASN A 770 84.64 39.60 -70.45
N ALA A 771 85.47 39.00 -69.60
CA ALA A 771 85.09 38.80 -68.20
C ALA A 771 84.83 40.14 -67.51
N ALA A 772 85.67 41.15 -67.79
CA ALA A 772 85.44 42.47 -67.23
C ALA A 772 84.14 43.08 -67.76
N LYS A 773 83.87 42.90 -69.05
CA LYS A 773 82.67 43.50 -69.64
C LYS A 773 81.40 42.94 -69.02
N ILE A 774 81.34 41.61 -68.82
CA ILE A 774 80.18 41.03 -68.15
C ILE A 774 80.13 41.45 -66.69
N MET A 775 81.28 41.59 -66.04
CA MET A 775 81.30 42.03 -64.65
C MET A 775 80.81 43.47 -64.52
N ARG A 776 81.35 44.37 -65.34
CA ARG A 776 80.96 45.78 -65.25
C ARG A 776 79.49 45.97 -65.61
N PHE A 777 78.92 45.07 -66.40
CA PHE A 777 77.59 45.29 -66.94
C PHE A 777 76.50 44.82 -66.00
N ASN A 778 76.84 43.99 -65.01
CA ASN A 778 75.85 43.57 -64.03
C ASN A 778 75.48 44.72 -63.09
N VAL A 779 76.49 45.41 -62.55
CA VAL A 779 76.21 46.53 -61.66
C VAL A 779 75.54 47.66 -62.41
N LEU A 780 75.97 47.94 -63.64
CA LEU A 780 75.31 48.92 -64.46
C LEU A 780 73.88 48.51 -64.78
N ALA A 781 73.59 47.21 -64.81
CA ALA A 781 72.22 46.72 -64.95
C ALA A 781 71.43 46.84 -63.66
N PHE A 782 72.10 47.12 -62.54
CA PHE A 782 71.44 47.30 -61.25
C PHE A 782 71.12 48.77 -60.98
N LEU A 783 72.07 49.66 -61.22
CA LEU A 783 71.83 51.08 -61.00
C LEU A 783 70.77 51.63 -61.93
N HIS A 784 70.67 51.08 -63.15
CA HIS A 784 69.58 51.49 -64.04
C HIS A 784 68.22 51.09 -63.49
N ALA A 785 68.15 49.97 -62.77
CA ALA A 785 66.88 49.51 -62.23
C ALA A 785 66.39 50.43 -61.11
N VAL A 786 67.28 50.77 -60.17
CA VAL A 786 66.88 51.65 -59.08
C VAL A 786 66.58 53.05 -59.59
N LEU A 787 67.31 53.51 -60.61
CA LEU A 787 67.11 54.86 -61.13
C LEU A 787 65.71 55.03 -61.71
N VAL A 788 65.28 54.09 -62.54
CA VAL A 788 64.00 54.25 -63.23
C VAL A 788 62.84 54.17 -62.25
N GLU A 789 62.88 53.19 -61.34
CA GLU A 789 61.74 52.98 -60.45
C GLU A 789 61.66 54.07 -59.38
N GLU A 790 62.81 54.54 -58.88
CA GLU A 790 62.80 55.53 -57.81
C GLU A 790 62.12 56.82 -58.24
N SER A 791 62.45 57.31 -59.44
CA SER A 791 61.83 58.54 -59.93
C SER A 791 60.35 58.35 -60.23
N LEU A 792 59.86 57.12 -60.28
CA LEU A 792 58.48 56.86 -60.63
C LEU A 792 57.63 56.42 -59.46
N TYR A 793 58.23 55.86 -58.40
CA TYR A 793 57.47 55.34 -57.28
C TYR A 793 57.89 55.84 -55.91
N HIS A 794 59.13 56.30 -55.73
CA HIS A 794 59.57 56.75 -54.42
C HIS A 794 58.81 58.02 -54.04
N SER A 795 58.37 58.09 -52.79
CA SER A 795 57.29 58.98 -52.40
C SER A 795 57.71 60.42 -52.12
N VAL A 796 59.00 60.75 -52.18
CA VAL A 796 59.40 62.13 -51.90
C VAL A 796 58.89 63.08 -52.98
N SER A 797 58.86 62.63 -54.23
CA SER A 797 58.38 63.44 -55.33
C SER A 797 56.92 63.11 -55.64
N ASP A 798 56.31 63.95 -56.49
CA ASP A 798 54.93 63.73 -56.89
C ASP A 798 54.76 63.78 -58.41
N ARG A 799 55.84 63.59 -59.17
CA ARG A 799 55.76 63.58 -60.63
C ARG A 799 56.94 62.79 -61.17
N GLU A 800 56.83 62.38 -62.43
CA GLU A 800 57.82 61.52 -63.08
C GLU A 800 58.70 62.36 -63.99
N TYR A 801 60.00 62.37 -63.72
CA TYR A 801 60.96 63.09 -64.55
C TYR A 801 61.58 62.19 -65.61
N ILE A 802 60.73 61.50 -66.37
CA ILE A 802 61.21 60.59 -67.41
C ILE A 802 60.62 60.99 -68.75
N GLY A 803 59.44 61.61 -68.71
CA GLY A 803 58.76 62.01 -69.93
C GLY A 803 57.62 61.09 -70.29
N GLU A 804 57.32 60.97 -71.58
CA GLU A 804 56.23 60.13 -72.08
C GLU A 804 56.72 59.23 -73.20
N GLY A 805 57.88 58.60 -73.00
CA GLY A 805 58.43 57.66 -73.93
C GLY A 805 58.37 56.24 -73.41
N LEU A 806 59.17 55.37 -74.05
CA LEU A 806 59.33 54.00 -73.61
C LEU A 806 60.72 53.78 -73.07
N ARG A 807 60.87 52.76 -72.22
CA ARG A 807 62.10 52.48 -71.52
C ARG A 807 62.46 51.02 -71.65
N LEU A 808 63.76 50.75 -71.83
CA LEU A 808 64.27 49.39 -71.78
C LEU A 808 65.46 49.30 -70.84
N ASN A 809 66.14 48.16 -70.84
CA ASN A 809 67.30 47.94 -69.99
C ASN A 809 68.55 47.81 -70.84
N PRO A 810 69.72 48.19 -70.32
CA PRO A 810 70.97 47.95 -71.04
C PRO A 810 71.26 46.47 -71.10
N VAL A 811 71.47 45.96 -72.33
CA VAL A 811 71.77 44.55 -72.55
C VAL A 811 73.19 44.37 -73.06
N THR A 812 73.64 45.24 -73.97
CA THR A 812 75.03 45.22 -74.43
C THR A 812 75.65 46.61 -74.54
N SER A 813 74.87 47.68 -74.42
CA SER A 813 75.38 49.03 -74.59
C SER A 813 74.96 49.90 -73.41
N VAL A 814 75.70 50.98 -73.21
CA VAL A 814 75.44 51.93 -72.13
C VAL A 814 74.52 53.03 -72.66
N ASP A 815 73.94 52.79 -73.84
CA ASP A 815 73.09 53.79 -74.48
C ASP A 815 71.88 54.13 -73.62
N GLU A 816 71.16 53.10 -73.16
CA GLU A 816 69.91 53.33 -72.44
C GLU A 816 70.13 53.85 -71.02
N PHE A 817 71.33 53.69 -70.47
CA PHE A 817 71.64 54.27 -69.17
C PHE A 817 72.16 55.69 -69.27
N GLU A 818 72.42 56.18 -70.49
CA GLU A 818 72.84 57.56 -70.71
C GLU A 818 71.70 58.44 -71.20
N LYS A 819 70.81 57.90 -72.03
CA LYS A 819 69.68 58.68 -72.51
C LYS A 819 68.75 59.07 -71.36
N LYS A 820 68.48 58.13 -70.45
CA LYS A 820 67.52 58.41 -69.38
C LYS A 820 68.06 59.41 -68.38
N ILE A 821 69.34 59.28 -68.00
CA ILE A 821 69.90 60.17 -67.00
C ILE A 821 69.98 61.59 -67.52
N LYS A 822 70.25 61.75 -68.81
CA LYS A 822 70.32 63.09 -69.40
C LYS A 822 68.95 63.77 -69.39
N ILE A 823 67.89 63.02 -69.67
CA ILE A 823 66.54 63.59 -69.69
C ILE A 823 66.17 64.10 -68.30
N ILE A 824 66.51 63.34 -67.25
CA ILE A 824 66.28 63.82 -65.90
C ILE A 824 67.12 65.05 -65.62
N GLY A 825 68.32 65.13 -66.18
CA GLY A 825 69.16 66.29 -65.98
C GLY A 825 68.55 67.57 -66.51
N GLU A 826 67.77 67.49 -67.59
CA GLU A 826 67.16 68.66 -68.20
C GLU A 826 65.77 68.95 -67.64
N LYS A 827 64.90 67.92 -67.61
CA LYS A 827 63.52 68.14 -67.17
C LYS A 827 63.44 68.49 -65.69
N LEU A 828 64.47 68.23 -64.91
CA LEU A 828 64.50 68.58 -63.50
C LEU A 828 65.23 69.89 -63.22
N LYS A 829 66.22 70.24 -64.05
CA LYS A 829 66.91 71.51 -63.87
C LYS A 829 66.00 72.69 -64.15
N ALA A 830 64.98 72.51 -65.01
CA ALA A 830 64.05 73.58 -65.31
C ALA A 830 63.07 73.85 -64.18
N ASP A 831 63.04 73.01 -63.14
CA ASP A 831 62.16 73.20 -62.00
C ASP A 831 62.92 73.62 -60.75
N ASN A 832 64.21 73.97 -60.88
CA ASN A 832 65.02 74.48 -59.77
C ASN A 832 65.08 73.48 -58.61
N LYS A 833 65.68 72.32 -58.88
CA LYS A 833 65.83 71.29 -57.87
C LYS A 833 67.13 70.54 -58.10
N THR A 834 67.55 69.80 -57.09
CA THR A 834 68.78 69.01 -57.14
C THR A 834 68.44 67.52 -57.09
N TRP A 835 69.47 66.69 -57.02
CA TRP A 835 69.32 65.24 -57.01
C TRP A 835 69.21 64.66 -55.61
N LYS A 836 69.23 65.48 -54.57
CA LYS A 836 69.17 64.99 -53.20
C LYS A 836 67.98 65.51 -52.41
N ASN A 837 67.46 66.69 -52.74
CA ASN A 837 66.21 67.12 -52.12
C ASN A 837 65.05 66.24 -52.57
N THR A 838 65.07 65.80 -53.82
CA THR A 838 64.15 64.81 -54.35
C THR A 838 64.96 63.74 -55.07
N HIS A 839 64.38 62.54 -55.14
CA HIS A 839 65.02 61.39 -55.78
C HIS A 839 66.38 61.13 -55.11
N PRO A 840 66.39 60.84 -53.79
CA PRO A 840 67.66 60.81 -53.07
C PRO A 840 68.42 59.50 -53.18
N LEU A 841 67.71 58.37 -53.28
CA LEU A 841 68.35 57.06 -53.14
C LEU A 841 69.37 56.81 -54.23
N PHE A 842 69.04 57.16 -55.48
CA PHE A 842 69.96 56.93 -56.58
C PHE A 842 71.25 57.72 -56.40
N PHE A 843 71.18 58.89 -55.77
CA PHE A 843 72.38 59.67 -55.55
C PHE A 843 73.37 58.95 -54.64
N LEU A 844 72.88 58.31 -53.58
CA LEU A 844 73.76 57.57 -52.69
C LEU A 844 74.40 56.38 -53.38
N LEU A 845 73.63 55.64 -54.18
CA LEU A 845 74.17 54.45 -54.84
C LEU A 845 75.16 54.82 -55.93
N ILE A 846 74.84 55.85 -56.73
CA ILE A 846 75.69 56.22 -57.84
C ILE A 846 77.03 56.77 -57.38
N SER A 847 77.11 57.28 -56.16
CA SER A 847 78.32 57.90 -55.62
C SER A 847 78.78 57.11 -54.40
N CYS A 848 79.60 56.09 -54.62
CA CYS A 848 80.18 55.31 -53.54
C CYS A 848 81.54 54.80 -54.00
N PRO A 849 82.56 54.87 -53.14
CA PRO A 849 83.91 54.48 -53.58
C PRO A 849 84.03 53.03 -54.00
N ILE A 850 83.28 52.12 -53.37
CA ILE A 850 83.44 50.70 -53.66
C ILE A 850 83.03 50.39 -55.10
N LEU A 851 81.89 50.92 -55.53
CA LEU A 851 81.35 50.59 -56.85
C LEU A 851 82.02 51.37 -57.97
N HIS A 852 82.80 52.39 -57.66
CA HIS A 852 83.39 53.22 -58.71
C HIS A 852 84.30 52.45 -59.66
N PRO A 853 85.24 51.62 -59.20
CA PRO A 853 86.09 50.90 -60.17
C PRO A 853 85.31 49.98 -61.09
N PHE A 854 84.11 49.55 -60.69
CA PHE A 854 83.37 48.61 -61.53
C PHE A 854 82.78 49.29 -62.76
N ILE A 855 82.48 50.59 -62.67
CA ILE A 855 81.74 51.26 -63.74
C ILE A 855 82.57 51.31 -65.01
N PHE A 856 83.85 51.66 -64.90
CA PHE A 856 84.72 51.85 -66.06
C PHE A 856 85.99 51.04 -65.87
N PRO A 857 85.98 49.77 -66.25
CA PRO A 857 87.19 48.94 -66.18
C PRO A 857 88.02 49.06 -67.46
N VAL A 858 89.17 48.38 -67.43
CA VAL A 858 90.13 48.53 -68.51
C VAL A 858 89.62 47.89 -69.81
N GLY A 859 88.92 46.77 -69.71
CA GLY A 859 88.58 46.01 -70.90
C GLY A 859 87.10 45.99 -71.28
N GLY A 860 86.27 46.68 -70.50
CA GLY A 860 84.84 46.64 -70.76
C GLY A 860 84.29 47.87 -71.46
N ILE A 861 85.16 48.69 -72.03
CA ILE A 861 84.76 49.95 -72.64
C ILE A 861 84.66 49.75 -74.15
N ASN A 862 83.48 50.05 -74.70
CA ASN A 862 83.30 50.00 -76.14
C ASN A 862 84.11 51.12 -76.80
N CYS A 863 84.72 50.81 -77.95
CA CYS A 863 85.57 51.75 -78.67
C CYS A 863 85.11 51.81 -80.13
N SER A 864 84.14 52.66 -80.41
CA SER A 864 83.65 52.87 -81.77
C SER A 864 83.27 54.34 -81.93
N VAL A 865 83.55 54.89 -83.10
CA VAL A 865 83.33 56.31 -83.34
C VAL A 865 81.85 56.65 -83.19
N LYS A 866 80.96 55.75 -83.63
CA LYS A 866 79.53 55.99 -83.50
C LYS A 866 79.07 55.94 -82.04
N ALA A 867 79.76 55.19 -81.18
CA ALA A 867 79.33 55.00 -79.80
C ALA A 867 80.30 55.54 -78.76
N LEU A 868 81.48 56.02 -79.15
CA LEU A 868 82.39 56.59 -78.18
C LEU A 868 81.83 57.86 -77.55
N ASN A 869 81.15 58.69 -78.36
CA ASN A 869 80.61 59.94 -77.84
C ASN A 869 79.53 59.69 -76.80
N LYS A 870 78.71 58.65 -77.01
CA LYS A 870 77.67 58.32 -76.04
C LYS A 870 78.27 57.98 -74.69
N GLU A 871 79.34 57.20 -74.67
CA GLU A 871 80.02 56.89 -73.41
C GLU A 871 80.86 58.06 -72.93
N THR A 872 81.48 58.82 -73.83
CA THR A 872 82.26 59.98 -73.43
C THR A 872 81.38 61.02 -72.75
N SER A 873 80.20 61.28 -73.31
CA SER A 873 79.25 62.17 -72.66
C SER A 873 78.72 61.56 -71.36
N PHE A 874 78.65 60.22 -71.31
CA PHE A 874 78.18 59.56 -70.09
C PHE A 874 79.15 59.76 -68.93
N ASN A 875 80.45 59.89 -69.22
CA ASN A 875 81.42 60.12 -68.15
C ASN A 875 81.16 61.44 -67.45
N LYS A 876 80.89 62.51 -68.21
CA LYS A 876 80.59 63.80 -67.60
C LYS A 876 79.28 63.77 -66.84
N LEU A 877 78.26 63.09 -67.38
CA LEU A 877 76.96 63.04 -66.72
C LEU A 877 77.08 62.35 -65.36
N ILE A 878 77.81 61.24 -65.29
CA ILE A 878 78.06 60.59 -64.01
C ILE A 878 78.86 61.52 -63.10
N ASP A 879 79.85 62.20 -63.67
CA ASP A 879 80.64 63.16 -62.89
C ASP A 879 79.78 64.30 -62.38
N GLU A 880 78.79 64.72 -63.18
CA GLU A 880 77.96 65.85 -62.79
C GLU A 880 77.13 65.54 -61.55
N ILE A 881 76.55 64.34 -61.47
CA ILE A 881 75.67 64.02 -60.36
C ILE A 881 76.45 63.92 -59.06
N VAL A 882 77.58 63.21 -59.07
CA VAL A 882 78.41 63.12 -57.87
C VAL A 882 79.04 64.47 -57.55
N GLY A 883 79.41 65.23 -58.58
CA GLY A 883 80.03 66.52 -58.37
C GLY A 883 81.50 66.48 -58.07
N ASP A 884 82.20 65.43 -58.49
CA ASP A 884 83.64 65.32 -58.26
C ASP A 884 84.26 64.50 -59.38
N LYS A 885 85.52 64.82 -59.70
CA LYS A 885 86.23 64.08 -60.74
C LYS A 885 86.50 62.66 -60.29
N LEU A 886 86.40 61.72 -61.23
CA LEU A 886 86.61 60.31 -60.91
C LEU A 886 87.66 59.68 -61.82
N LEU A 887 87.81 60.22 -63.02
CA LEU A 887 88.75 59.68 -64.00
C LEU A 887 89.54 60.82 -64.61
N SER A 888 90.86 60.77 -64.46
CA SER A 888 91.73 61.76 -65.08
C SER A 888 91.70 61.61 -66.60
N ASP A 889 91.94 62.72 -67.30
CA ASP A 889 91.89 62.70 -68.75
C ASP A 889 92.99 61.83 -69.34
N GLU A 890 94.15 61.75 -68.66
CA GLU A 890 95.20 60.85 -69.11
C GLU A 890 94.74 59.40 -69.06
N GLU A 891 94.08 59.02 -67.96
CA GLU A 891 93.61 57.64 -67.84
C GLU A 891 92.41 57.39 -68.75
N TRP A 892 91.52 58.37 -68.86
CA TRP A 892 90.34 58.19 -69.71
C TRP A 892 90.74 57.99 -71.18
N ASP A 893 91.73 58.74 -71.65
CA ASP A 893 92.20 58.54 -73.01
C ASP A 893 92.86 57.19 -73.18
N TYR A 894 93.65 56.75 -72.19
CA TYR A 894 94.37 55.50 -72.31
C TYR A 894 93.42 54.31 -72.46
N LEU A 895 92.32 54.32 -71.71
CA LEU A 895 91.35 53.24 -71.82
C LEU A 895 90.74 53.18 -73.21
N THR A 896 90.49 54.34 -73.82
CA THR A 896 89.92 54.39 -75.15
C THR A 896 90.96 54.46 -76.26
N LYS A 897 92.25 54.41 -75.93
CA LYS A 897 93.28 54.32 -76.95
C LYS A 897 93.21 52.99 -77.67
N ASN A 898 93.38 53.03 -79.00
CA ASN A 898 93.36 51.83 -79.82
C ASN A 898 94.76 51.26 -80.07
N ASN A 899 95.79 51.87 -79.50
CA ASN A 899 97.16 51.42 -79.73
C ASN A 899 97.46 50.15 -78.95
N ASP A 900 98.42 49.38 -79.44
CA ASP A 900 98.87 48.17 -78.76
C ASP A 900 100.26 47.77 -79.25
N GLN A 907 103.23 50.58 -67.78
CA GLN A 907 104.03 50.81 -66.58
C GLN A 907 103.33 51.79 -65.65
N GLN A 908 102.23 52.36 -66.12
CA GLN A 908 101.47 53.31 -65.31
C GLN A 908 100.69 52.59 -64.21
N ILE A 909 100.33 53.34 -63.18
CA ILE A 909 99.66 52.81 -62.00
C ILE A 909 98.25 53.37 -61.94
N PHE A 910 97.29 52.51 -61.59
CA PHE A 910 95.90 52.91 -61.43
C PHE A 910 95.44 52.54 -60.03
N GLN A 911 94.84 53.49 -59.32
CA GLN A 911 94.34 53.27 -57.98
C GLN A 911 92.83 53.39 -57.88
N ASN A 912 92.13 53.61 -58.99
CA ASN A 912 90.68 53.73 -59.00
C ASN A 912 90.03 52.89 -60.09
N THR A 913 90.79 52.07 -60.80
CA THR A 913 90.22 51.19 -61.81
C THR A 913 91.02 49.89 -61.85
N ILE A 914 90.38 48.85 -62.33
CA ILE A 914 90.92 47.50 -62.28
C ILE A 914 91.66 47.20 -63.59
N THR A 915 92.69 46.36 -63.50
CA THR A 915 93.48 46.00 -64.66
C THR A 915 93.65 44.50 -64.85
N SER A 916 92.97 43.68 -64.05
CA SER A 916 93.15 42.23 -64.08
C SER A 916 92.11 41.50 -64.92
N LEU A 917 90.84 41.90 -64.82
CA LEU A 917 89.78 41.20 -65.54
C LEU A 917 89.81 41.45 -67.05
N ASN A 918 90.80 42.20 -67.55
CA ASN A 918 90.91 42.41 -68.99
C ASN A 918 91.17 41.10 -69.73
N SER A 919 92.02 40.24 -69.16
CA SER A 919 92.41 38.99 -69.82
C SER A 919 92.32 37.80 -68.88
N SER A 920 91.43 37.83 -67.89
CA SER A 920 91.29 36.71 -66.99
C SER A 920 90.62 35.53 -67.70
N THR A 921 90.80 34.35 -67.13
CA THR A 921 90.29 33.12 -67.73
C THR A 921 88.90 32.82 -67.21
N ILE A 922 88.04 32.33 -68.10
CA ILE A 922 86.64 32.02 -67.79
C ILE A 922 86.46 30.51 -67.87
N VAL A 923 85.74 29.95 -66.90
CA VAL A 923 85.54 28.51 -66.85
C VAL A 923 84.64 28.08 -68.00
N GLY A 924 84.98 26.93 -68.60
CA GLY A 924 84.15 26.35 -69.63
C GLY A 924 84.20 27.04 -70.98
N ALA A 925 85.23 27.83 -71.24
CA ALA A 925 85.38 28.49 -72.54
C ALA A 925 85.71 27.46 -73.59
N SER A 926 84.69 27.04 -74.36
CA SER A 926 84.84 26.02 -75.38
C SER A 926 84.59 26.57 -76.78
N TYR A 927 84.92 27.85 -77.00
CA TYR A 927 84.75 28.50 -78.29
C TYR A 927 86.14 28.81 -78.85
N ASP A 928 86.62 27.96 -79.75
CA ASP A 928 87.92 28.17 -80.37
C ASP A 928 87.86 29.04 -81.62
N LYS A 929 86.66 29.25 -82.18
CA LYS A 929 86.54 30.15 -83.32
C LYS A 929 86.76 31.60 -82.88
N ASP A 930 87.22 32.41 -83.82
CA ASP A 930 87.55 33.80 -83.55
C ASP A 930 86.35 34.69 -83.89
N THR A 931 86.57 36.00 -83.84
CA THR A 931 85.50 36.96 -84.10
C THR A 931 85.06 36.85 -85.56
N PRO A 932 83.76 36.67 -85.83
CA PRO A 932 83.32 36.53 -87.22
C PRO A 932 83.08 37.87 -87.89
N ALA A 933 83.74 38.10 -89.03
CA ALA A 933 83.54 39.33 -89.78
C ALA A 933 82.15 39.35 -90.40
N ARG A 934 81.50 40.51 -90.33
CA ARG A 934 80.15 40.71 -90.87
C ARG A 934 79.16 39.67 -90.35
N LYS B 13 68.12 35.88 -12.12
CA LYS B 13 68.66 34.98 -11.10
C LYS B 13 67.59 33.99 -10.64
N ILE B 14 67.58 32.81 -11.25
CA ILE B 14 66.63 31.75 -10.92
C ILE B 14 67.46 30.51 -10.60
N ILE B 15 67.74 30.28 -9.33
CA ILE B 15 68.47 29.10 -8.90
C ILE B 15 67.50 27.94 -8.74
N ILE B 16 67.97 26.74 -9.04
CA ILE B 16 67.16 25.53 -8.94
C ILE B 16 67.95 24.48 -8.18
N ASN B 17 67.24 23.61 -7.47
CA ASN B 17 67.83 22.57 -6.65
C ASN B 17 67.51 21.22 -7.25
N LEU B 18 68.55 20.42 -7.51
CA LEU B 18 68.40 19.08 -8.05
C LEU B 18 68.39 18.02 -6.95
N PHE B 19 68.43 18.43 -5.68
CA PHE B 19 68.32 17.49 -4.57
C PHE B 19 66.97 17.53 -3.88
N ALA B 20 66.17 18.56 -4.12
CA ALA B 20 64.80 18.59 -3.63
C ALA B 20 63.94 17.64 -4.45
N PRO B 21 62.78 17.25 -3.93
CA PRO B 21 61.89 16.37 -4.72
C PRO B 21 61.43 16.98 -6.03
N ASN B 22 61.52 18.31 -6.18
CA ASN B 22 61.14 19.01 -7.40
C ASN B 22 59.66 18.80 -7.74
N LEU B 23 58.83 18.62 -6.72
CA LEU B 23 57.40 18.48 -6.93
C LEU B 23 56.76 19.86 -7.16
N PRO B 24 55.64 19.91 -7.88
CA PRO B 24 54.96 21.21 -8.06
C PRO B 24 54.54 21.87 -6.77
N GLY B 25 54.15 21.08 -5.77
CA GLY B 25 53.70 21.66 -4.51
C GLY B 25 54.82 22.35 -3.76
N SER B 26 56.02 21.77 -3.78
CA SER B 26 57.14 22.30 -3.01
C SER B 26 57.82 23.49 -3.68
N THR B 27 57.42 23.84 -4.90
CA THR B 27 58.03 24.94 -5.63
C THR B 27 57.84 26.27 -4.90
N LYS B 28 58.93 26.83 -4.40
CA LYS B 28 58.88 28.10 -3.68
C LYS B 28 59.09 29.26 -4.65
N GLU B 29 59.25 30.46 -4.11
CA GLU B 29 59.45 31.64 -4.96
C GLU B 29 60.86 31.67 -5.55
N ASP B 30 61.85 31.21 -4.80
CA ASP B 30 63.23 31.24 -5.30
C ASP B 30 63.43 30.29 -6.48
N ASP B 31 62.85 29.09 -6.39
CA ASP B 31 63.07 28.08 -7.41
C ASP B 31 62.10 28.18 -8.59
N LEU B 32 61.11 29.07 -8.52
CA LEU B 32 60.18 29.23 -9.63
C LEU B 32 60.90 29.81 -10.85
N ILE B 33 60.61 29.25 -12.02
CA ILE B 33 61.33 29.61 -13.24
C ILE B 33 60.54 30.56 -14.14
N GLN B 34 59.31 30.90 -13.78
CA GLN B 34 58.48 31.73 -14.65
C GLN B 34 58.09 33.03 -13.96
N LYS B 35 59.06 33.70 -13.33
CA LYS B 35 58.77 34.93 -12.61
C LYS B 35 58.26 36.01 -13.54
N SER B 36 58.88 36.15 -14.71
CA SER B 36 58.53 37.25 -15.60
C SER B 36 57.13 37.10 -16.18
N LEU B 37 56.80 35.91 -16.67
CA LEU B 37 55.51 35.72 -17.32
C LEU B 37 54.36 35.80 -16.32
N ARG B 38 54.58 35.34 -15.09
CA ARG B 38 53.55 35.44 -14.06
C ARG B 38 53.21 36.89 -13.75
N ASP B 39 54.23 37.75 -13.63
CA ASP B 39 53.99 39.15 -13.33
C ASP B 39 53.21 39.83 -14.46
N GLN B 40 53.50 39.48 -15.71
CA GLN B 40 52.77 40.03 -16.84
C GLN B 40 51.27 39.73 -16.74
N LEU B 41 50.89 38.64 -16.09
CA LEU B 41 49.49 38.27 -15.95
C LEU B 41 48.87 38.74 -14.64
N VAL B 42 49.64 38.76 -13.56
CA VAL B 42 49.12 39.26 -12.28
C VAL B 42 48.66 40.70 -12.41
N GLU B 43 49.48 41.54 -13.03
CA GLU B 43 49.12 42.93 -13.27
C GLU B 43 48.31 43.12 -14.55
N SER B 44 47.72 42.04 -15.09
CA SER B 44 46.85 42.14 -16.24
C SER B 44 45.39 41.86 -15.91
N ILE B 45 45.12 41.02 -14.91
CA ILE B 45 43.75 40.79 -14.49
C ILE B 45 43.18 42.02 -13.80
N ARG B 46 44.00 42.67 -12.96
CA ARG B 46 43.53 43.83 -12.20
C ARG B 46 43.11 44.97 -13.13
N ASN B 47 43.89 45.20 -14.20
CA ASN B 47 43.58 46.27 -15.13
C ASN B 47 42.34 46.00 -15.96
N SER B 48 41.80 44.78 -15.93
CA SER B 48 40.67 44.43 -16.80
C SER B 48 39.36 44.97 -16.25
N ILE B 49 38.97 44.53 -15.06
CA ILE B 49 37.66 44.89 -14.51
C ILE B 49 37.63 46.32 -14.00
N ALA B 50 38.79 46.95 -13.80
CA ALA B 50 38.82 48.31 -13.27
C ALA B 50 38.18 49.31 -14.22
N TYR B 51 38.06 48.99 -15.50
CA TYR B 51 37.48 49.89 -16.47
C TYR B 51 36.33 49.23 -17.22
N ARG B 69 34.82 38.86 -23.27
CA ARG B 69 34.18 37.96 -22.32
C ARG B 69 34.97 37.92 -21.01
N ASN B 70 36.11 38.59 -21.01
CA ASN B 70 37.00 38.67 -19.84
C ASN B 70 37.39 37.28 -19.33
N VAL B 71 37.77 36.41 -20.27
CA VAL B 71 38.27 35.07 -19.97
C VAL B 71 39.68 34.94 -20.52
N PHE B 72 40.59 34.48 -19.68
CA PHE B 72 41.99 34.36 -20.04
C PHE B 72 42.33 32.90 -20.35
N PHE B 73 43.52 32.69 -20.91
CA PHE B 73 43.92 31.35 -21.34
C PHE B 73 45.45 31.29 -21.36
N VAL B 74 46.03 30.63 -20.37
CA VAL B 74 47.44 30.29 -20.43
C VAL B 74 47.61 29.07 -21.32
N ASP B 75 48.74 29.01 -22.03
CA ASP B 75 48.95 27.94 -22.99
C ASP B 75 50.39 27.45 -22.90
N GLY B 76 50.55 26.13 -22.97
CA GLY B 76 51.86 25.52 -22.96
C GLY B 76 51.75 24.07 -23.34
N THR B 77 52.87 23.52 -23.81
CA THR B 77 52.90 22.13 -24.25
C THR B 77 52.80 21.19 -23.05
N ARG B 78 52.68 19.90 -23.34
CA ARG B 78 52.71 18.88 -22.30
C ARG B 78 54.03 18.94 -21.55
N GLY B 79 53.95 18.82 -20.21
CA GLY B 79 55.14 18.90 -19.40
C GLY B 79 55.83 20.23 -19.46
N ALA B 80 55.08 21.33 -19.45
CA ALA B 80 55.65 22.67 -19.45
C ALA B 80 55.55 23.37 -18.11
N GLY B 81 54.90 22.77 -17.13
CA GLY B 81 54.78 23.37 -15.81
C GLY B 81 53.58 24.27 -15.66
N LYS B 82 52.44 23.85 -16.23
CA LYS B 82 51.23 24.67 -16.16
C LYS B 82 50.67 24.70 -14.75
N THR B 83 50.56 23.54 -14.11
CA THR B 83 49.95 23.47 -12.78
C THR B 83 50.78 24.23 -11.75
N THR B 84 52.10 24.09 -11.80
CA THR B 84 52.95 24.84 -10.89
C THR B 84 53.00 26.33 -11.22
N PHE B 85 52.49 26.72 -12.39
CA PHE B 85 52.40 28.13 -12.74
C PHE B 85 51.07 28.75 -12.32
N ILE B 86 49.98 28.00 -12.44
CA ILE B 86 48.67 28.50 -12.01
C ILE B 86 48.69 28.77 -10.51
N ASN B 87 49.26 27.85 -9.73
CA ASN B 87 49.29 28.03 -8.28
C ASN B 87 50.12 29.24 -7.87
N SER B 88 51.05 29.69 -8.72
CA SER B 88 51.81 30.89 -8.41
C SER B 88 50.95 32.14 -8.60
N VAL B 89 50.14 32.16 -9.67
CA VAL B 89 49.28 33.31 -9.92
C VAL B 89 48.23 33.44 -8.82
N VAL B 90 47.59 32.32 -8.46
CA VAL B 90 46.54 32.36 -7.45
C VAL B 90 47.10 32.78 -6.11
N LYS B 91 48.27 32.25 -5.73
CA LYS B 91 48.88 32.62 -4.46
C LYS B 91 49.25 34.09 -4.44
N SER B 92 49.78 34.61 -5.56
CA SER B 92 50.16 36.01 -5.61
C SER B 92 48.95 36.92 -5.45
N LEU B 93 47.84 36.58 -6.12
CA LEU B 93 46.64 37.39 -6.03
C LEU B 93 46.00 37.34 -4.65
N ASN B 94 46.24 36.27 -3.89
CA ASN B 94 45.66 36.19 -2.55
C ASN B 94 46.26 37.25 -1.62
N SER B 95 47.57 37.44 -1.69
CA SER B 95 48.24 38.43 -0.84
C SER B 95 48.09 39.83 -1.40
N VAL B 102 39.00 46.57 -7.61
CA VAL B 102 40.25 46.87 -6.96
C VAL B 102 40.70 45.68 -6.11
N ASN B 103 39.73 44.96 -5.55
CA ASN B 103 39.99 43.78 -4.73
C ASN B 103 39.25 42.60 -5.33
N ILE B 104 39.96 41.48 -5.53
CA ILE B 104 39.40 40.27 -6.11
C ILE B 104 39.76 39.09 -5.21
N LYS B 105 38.79 38.21 -5.00
CA LYS B 105 39.01 36.98 -4.25
C LYS B 105 39.10 35.80 -5.22
N CYS B 106 39.95 34.84 -4.89
CA CYS B 106 40.22 33.69 -5.75
C CYS B 106 39.72 32.42 -5.10
N LEU B 107 38.91 31.65 -5.83
CA LEU B 107 38.47 30.35 -5.37
C LEU B 107 39.66 29.38 -5.40
N PRO B 108 39.59 28.31 -4.59
CA PRO B 108 40.58 27.24 -4.72
C PRO B 108 40.52 26.64 -6.11
N THR B 109 41.68 26.27 -6.63
CA THR B 109 41.75 25.77 -8.00
C THR B 109 40.99 24.46 -8.14
N ILE B 110 40.41 24.24 -9.32
CA ILE B 110 39.60 23.07 -9.61
C ILE B 110 40.29 22.27 -10.70
N ASP B 111 40.40 20.96 -10.50
CA ASP B 111 40.94 20.05 -11.52
C ASP B 111 39.80 19.21 -12.07
N PRO B 112 39.36 19.45 -13.31
CA PRO B 112 38.17 18.75 -13.81
C PRO B 112 38.34 17.25 -13.95
N THR B 113 39.57 16.74 -14.02
CA THR B 113 39.76 15.30 -14.21
C THR B 113 39.41 14.53 -12.93
N LYS B 114 39.87 15.01 -11.78
CA LYS B 114 39.68 14.30 -10.52
C LYS B 114 38.24 14.31 -10.03
N LEU B 115 37.38 15.14 -10.61
CA LEU B 115 36.01 15.24 -10.17
C LEU B 115 35.22 13.99 -10.57
N PRO B 116 34.10 13.72 -9.90
CA PRO B 116 33.26 12.59 -10.28
C PRO B 116 32.78 12.72 -11.72
N ARG B 117 32.58 11.57 -12.36
CA ARG B 117 32.34 11.53 -13.80
C ARG B 117 31.04 12.24 -14.18
N HIS B 118 30.03 12.24 -13.30
CA HIS B 118 28.72 12.76 -13.63
C HIS B 118 28.35 14.03 -12.87
N GLU B 119 29.31 14.63 -12.15
CA GLU B 119 29.01 15.86 -11.41
C GLU B 119 29.14 17.06 -12.33
N PRO B 120 28.09 17.88 -12.46
CA PRO B 120 28.22 19.08 -13.28
C PRO B 120 29.21 20.07 -12.69
N ILE B 121 29.81 20.86 -13.57
CA ILE B 121 30.78 21.87 -13.12
C ILE B 121 30.10 22.92 -12.27
N LEU B 122 28.90 23.34 -12.65
CA LEU B 122 28.19 24.39 -11.91
C LEU B 122 27.94 23.98 -10.47
N VAL B 123 27.68 22.70 -10.23
CA VAL B 123 27.45 22.24 -8.86
C VAL B 123 28.72 22.40 -8.03
N THR B 124 29.88 22.09 -8.62
CA THR B 124 31.14 22.19 -7.88
C THR B 124 31.46 23.64 -7.52
N VAL B 125 31.29 24.56 -8.46
CA VAL B 125 31.64 25.95 -8.20
C VAL B 125 30.78 26.53 -7.09
N THR B 126 29.49 26.19 -7.07
CA THR B 126 28.60 26.68 -6.03
C THR B 126 29.06 26.20 -4.64
N ALA B 127 29.45 24.93 -4.54
CA ALA B 127 29.93 24.41 -3.27
C ALA B 127 31.19 25.14 -2.81
N ARG B 128 32.12 25.39 -3.73
CA ARG B 128 33.33 26.13 -3.38
C ARG B 128 33.00 27.55 -2.94
N LEU B 129 32.08 28.20 -3.66
CA LEU B 129 31.68 29.56 -3.29
C LEU B 129 30.96 29.58 -1.94
N ASN B 130 30.09 28.59 -1.71
CA ASN B 130 29.36 28.53 -0.45
C ASN B 130 30.28 28.34 0.75
N LYS B 131 31.45 27.72 0.55
CA LYS B 131 32.36 27.51 1.67
C LYS B 131 32.89 28.82 2.22
N MET B 132 33.34 29.72 1.34
CA MET B 132 33.89 30.99 1.81
C MET B 132 32.81 32.02 2.09
N VAL B 133 31.64 31.90 1.48
CA VAL B 133 30.52 32.77 1.84
C VAL B 133 30.01 32.44 3.23
N SER B 134 29.84 31.16 3.52
CA SER B 134 29.42 30.70 4.84
C SER B 134 30.56 30.68 5.84
N ASP B 135 31.71 31.26 5.50
CA ASP B 135 32.80 31.47 6.44
C ASP B 135 33.04 32.93 6.75
N LYS B 136 32.67 33.83 5.83
CA LYS B 136 32.73 35.26 6.12
C LYS B 136 31.57 35.70 7.01
N LEU B 137 30.40 35.06 6.87
CA LEU B 137 29.26 35.40 7.71
C LEU B 137 29.58 35.18 9.18
N LYS B 138 30.29 34.11 9.50
CA LYS B 138 30.70 33.89 10.88
C LYS B 138 31.74 34.91 11.35
N GLY B 139 32.28 35.72 10.44
CA GLY B 139 33.24 36.74 10.80
C GLY B 139 32.61 38.09 11.12
N TYR B 140 31.34 38.28 10.76
CA TYR B 140 30.65 39.52 11.12
C TYR B 140 30.52 39.68 12.62
N TRP B 141 30.64 40.92 13.08
CA TRP B 141 30.50 41.28 14.48
C TRP B 141 29.14 41.87 14.82
N ALA B 142 28.43 42.42 13.85
CA ALA B 142 27.14 43.06 14.09
C ALA B 142 26.04 42.03 14.00
N SER B 143 25.29 41.86 15.09
CA SER B 143 24.19 40.91 15.11
C SER B 143 23.10 41.31 14.12
N ASN B 144 22.84 42.61 13.99
CA ASN B 144 21.82 43.07 13.05
C ASN B 144 22.19 42.72 11.62
N ASP B 145 23.45 42.93 11.24
CA ASP B 145 23.90 42.60 9.89
C ASP B 145 24.44 41.17 9.82
N TYR B 146 23.68 40.23 10.37
CA TYR B 146 23.96 38.81 10.21
C TYR B 146 22.79 38.06 9.62
N ARG B 147 21.61 38.18 10.22
CA ARG B 147 20.46 37.39 9.80
C ARG B 147 19.82 37.92 8.52
N LYS B 148 19.91 39.22 8.27
CA LYS B 148 19.31 39.78 7.05
C LYS B 148 20.03 39.27 5.81
N GLN B 149 21.36 39.31 5.82
CA GLN B 149 22.12 38.85 4.65
C GLN B 149 22.12 37.33 4.56
N LYS B 150 22.27 36.63 5.69
CA LYS B 150 22.31 35.18 5.66
C LYS B 150 21.01 34.60 5.12
N GLU B 151 19.88 35.11 5.59
CA GLU B 151 18.59 34.66 5.06
C GLU B 151 18.45 35.04 3.59
N GLN B 152 18.93 36.23 3.22
CA GLN B 152 18.90 36.63 1.82
C GLN B 152 19.77 35.71 0.97
N TRP B 153 20.95 35.36 1.46
CA TRP B 153 21.81 34.42 0.75
C TRP B 153 21.19 33.03 0.74
N GLN B 154 20.58 32.62 1.86
CA GLN B 154 19.98 31.29 1.94
C GLN B 154 18.85 31.11 0.94
N ASN B 155 18.12 32.18 0.64
CA ASN B 155 17.04 32.10 -0.33
C ASN B 155 17.58 31.80 -1.72
N HIS B 156 18.71 32.39 -2.08
CA HIS B 156 19.26 32.20 -3.42
C HIS B 156 19.67 30.75 -3.66
N LEU B 157 20.32 30.12 -2.67
CA LEU B 157 20.73 28.73 -2.83
C LEU B 157 19.53 27.82 -3.04
N ALA B 158 18.49 28.00 -2.23
CA ALA B 158 17.27 27.23 -2.43
C ALA B 158 16.63 27.54 -3.77
N GLN B 159 16.74 28.79 -4.24
CA GLN B 159 16.23 29.14 -5.55
C GLN B 159 16.97 28.39 -6.65
N LEU B 160 18.30 28.30 -6.54
CA LEU B 160 19.10 27.59 -7.54
C LEU B 160 18.97 26.08 -7.39
N GLN B 161 18.80 25.58 -6.17
CA GLN B 161 18.69 24.14 -5.97
C GLN B 161 17.49 23.56 -6.71
N ARG B 162 16.45 24.36 -6.94
CA ARG B 162 15.30 23.91 -7.69
C ARG B 162 15.51 24.01 -9.20
N GLY B 163 16.63 24.58 -9.64
CA GLY B 163 16.89 24.74 -11.05
C GLY B 163 17.82 23.68 -11.64
N LEU B 164 18.30 22.78 -10.80
CA LEU B 164 19.19 21.71 -11.26
C LEU B 164 18.45 20.66 -12.07
N HIS B 165 17.12 20.73 -12.14
CA HIS B 165 16.36 19.83 -13.00
C HIS B 165 16.82 19.94 -14.45
N LEU B 166 17.02 21.15 -14.94
CA LEU B 166 17.32 21.36 -16.35
C LEU B 166 18.70 20.84 -16.70
N LEU B 167 19.67 20.96 -15.79
CA LEU B 167 21.05 20.61 -16.11
C LEU B 167 21.20 19.12 -16.39
N THR B 168 20.66 18.27 -15.51
CA THR B 168 20.80 16.83 -15.61
C THR B 168 19.42 16.22 -15.83
N ASP B 169 19.04 16.07 -17.09
CA ASP B 169 17.78 15.43 -17.42
C ASP B 169 17.86 14.93 -18.86
N LYS B 170 16.96 14.00 -19.19
CA LYS B 170 16.97 13.36 -20.50
C LYS B 170 15.74 13.67 -21.34
N GLU B 171 14.62 14.04 -20.72
CA GLU B 171 13.42 14.38 -21.47
C GLU B 171 12.63 15.42 -20.69
N TYR B 172 11.84 16.20 -21.41
CA TYR B 172 11.02 17.22 -20.79
C TYR B 172 9.86 16.58 -20.03
N LYS B 173 9.35 17.31 -19.05
CA LYS B 173 8.23 16.83 -18.24
C LYS B 173 7.22 17.96 -18.04
N PRO B 174 5.96 17.75 -18.42
CA PRO B 174 4.94 18.80 -18.26
C PRO B 174 4.69 19.19 -16.81
N GLU B 175 5.06 18.34 -15.85
CA GLU B 175 4.83 18.67 -14.44
C GLU B 175 5.57 19.92 -14.01
N TYR B 176 6.67 20.27 -14.69
CA TYR B 176 7.43 21.46 -14.37
C TYR B 176 7.09 22.65 -15.26
N PHE B 177 6.12 22.49 -16.17
CA PHE B 177 5.72 23.61 -17.02
C PHE B 177 5.14 24.75 -16.17
N SER B 178 4.30 24.41 -15.20
CA SER B 178 3.69 25.43 -14.35
C SER B 178 4.73 26.15 -13.52
N ASP B 179 5.81 25.46 -13.15
CA ASP B 179 6.88 26.11 -12.38
C ASP B 179 7.60 27.18 -13.19
N ALA B 180 7.79 26.95 -14.49
CA ALA B 180 8.43 27.96 -15.33
C ALA B 180 7.57 29.21 -15.44
N LEU B 181 6.25 29.03 -15.59
CA LEU B 181 5.32 30.16 -15.70
C LEU B 181 4.94 30.59 -14.28
N LYS B 182 5.88 31.25 -13.62
CA LYS B 182 5.67 31.72 -12.25
C LYS B 182 6.21 33.13 -12.11
N LEU B 183 5.43 33.99 -11.48
CA LEU B 183 5.87 35.35 -11.17
C LEU B 183 6.59 35.35 -9.83
N ASP B 184 7.69 36.10 -9.76
CA ASP B 184 8.52 36.15 -8.57
C ASP B 184 8.72 37.61 -8.15
N ALA B 185 8.78 37.81 -6.83
CA ALA B 185 9.10 39.11 -6.26
C ALA B 185 10.60 39.36 -6.15
N GLN B 186 11.43 38.39 -6.54
CA GLN B 186 12.88 38.53 -6.48
C GLN B 186 13.37 39.08 -7.81
N LEU B 187 13.71 40.37 -7.81
CA LEU B 187 14.34 41.05 -8.94
C LEU B 187 13.38 41.20 -10.12
N ASP B 188 12.19 40.61 -10.04
CA ASP B 188 11.19 40.66 -11.10
C ASP B 188 11.81 40.27 -12.45
N TYR B 189 12.24 39.01 -12.52
CA TYR B 189 13.02 38.50 -13.66
C TYR B 189 12.39 38.89 -14.98
N SER B 190 13.16 39.63 -15.79
CA SER B 190 12.67 40.06 -17.09
C SER B 190 12.40 38.88 -18.01
N ILE B 191 13.30 37.91 -18.02
CA ILE B 191 13.15 36.73 -18.86
C ILE B 191 12.34 35.68 -18.11
N GLY B 192 11.31 35.15 -18.75
CA GLY B 192 10.47 34.16 -18.14
C GLY B 192 11.14 32.79 -18.08
N GLY B 193 10.41 31.84 -17.49
CA GLY B 193 10.96 30.52 -17.33
C GLY B 193 11.99 30.47 -16.21
N GLN B 194 12.77 29.39 -16.20
CA GLN B 194 13.80 29.24 -15.19
C GLN B 194 15.05 30.04 -15.55
N ASP B 195 15.67 29.71 -16.68
CA ASP B 195 16.83 30.45 -17.21
C ASP B 195 17.96 30.47 -16.18
N LEU B 196 18.51 29.28 -15.93
CA LEU B 196 19.56 29.10 -14.92
C LEU B 196 20.69 30.11 -15.07
N SER B 197 20.90 30.68 -16.25
CA SER B 197 21.95 31.67 -16.42
C SER B 197 21.73 32.90 -15.54
N GLU B 198 20.49 33.40 -15.50
CA GLU B 198 20.20 34.58 -14.69
C GLU B 198 20.10 34.25 -13.21
N ILE B 199 19.67 33.02 -12.87
CA ILE B 199 19.60 32.63 -11.46
C ILE B 199 21.00 32.61 -10.86
N PHE B 200 21.97 32.08 -11.60
CA PHE B 200 23.35 32.06 -11.10
C PHE B 200 23.98 33.44 -11.15
N GLU B 201 23.52 34.31 -12.06
CA GLU B 201 24.13 35.62 -12.20
C GLU B 201 23.96 36.46 -10.94
N GLU B 202 22.74 36.54 -10.42
CA GLU B 202 22.50 37.31 -9.21
C GLU B 202 23.15 36.66 -7.99
N LEU B 203 23.41 35.36 -8.03
CA LEU B 203 24.10 34.71 -6.92
C LEU B 203 25.51 35.24 -6.76
N VAL B 204 26.20 35.50 -7.87
CA VAL B 204 27.54 36.07 -7.80
C VAL B 204 27.49 37.49 -7.28
N LYS B 205 26.46 38.25 -7.66
CA LYS B 205 26.32 39.62 -7.17
C LYS B 205 26.16 39.65 -5.66
N ARG B 206 25.34 38.74 -5.13
CA ARG B 206 25.17 38.66 -3.67
C ARG B 206 26.47 38.26 -2.99
N ALA B 207 27.20 37.31 -3.58
CA ALA B 207 28.44 36.85 -2.96
C ALA B 207 29.49 37.95 -2.91
N CYS B 208 29.50 38.85 -3.89
CA CYS B 208 30.46 39.95 -3.87
C CYS B 208 30.17 40.91 -2.71
N GLU B 209 28.89 41.16 -2.41
CA GLU B 209 28.57 42.04 -1.30
C GLU B 209 29.02 41.45 0.03
N ILE B 210 28.79 40.15 0.24
CA ILE B 210 29.20 39.51 1.49
C ILE B 210 30.72 39.47 1.58
N LEU B 211 31.41 39.13 0.49
CA LEU B 211 32.85 39.03 0.50
C LEU B 211 33.54 40.38 0.34
N ASP B 212 32.82 41.42 -0.07
CA ASP B 212 33.36 42.77 -0.22
C ASP B 212 34.51 42.79 -1.22
N CYS B 213 34.21 42.40 -2.45
CA CYS B 213 35.20 42.40 -3.52
C CYS B 213 34.51 42.73 -4.84
N LYS B 214 35.30 43.31 -5.76
CA LYS B 214 34.74 43.74 -7.04
C LYS B 214 34.36 42.56 -7.92
N ALA B 215 35.17 41.51 -7.94
CA ALA B 215 34.91 40.37 -8.79
C ALA B 215 35.58 39.14 -8.21
N ILE B 216 35.12 37.97 -8.66
CA ILE B 216 35.60 36.68 -8.17
C ILE B 216 36.10 35.88 -9.37
N LEU B 217 37.30 35.33 -9.26
CA LEU B 217 37.92 34.59 -10.35
C LEU B 217 37.72 33.10 -10.15
N ILE B 218 37.37 32.40 -11.23
CA ILE B 218 37.27 30.95 -11.26
C ILE B 218 38.42 30.44 -12.11
N THR B 219 39.26 29.59 -11.54
CA THR B 219 40.45 29.10 -12.23
C THR B 219 40.32 27.59 -12.45
N PHE B 220 40.43 27.17 -13.70
CA PHE B 220 40.34 25.76 -14.06
C PHE B 220 41.74 25.22 -14.37
N ASP B 221 41.97 23.96 -14.04
CA ASP B 221 43.23 23.31 -14.33
C ASP B 221 43.12 22.55 -15.66
N ASP B 222 44.24 21.96 -16.08
CA ASP B 222 44.30 21.35 -17.40
C ASP B 222 43.48 20.07 -17.46
N ILE B 223 43.08 19.71 -18.68
CA ILE B 223 42.40 18.45 -18.97
C ILE B 223 43.33 17.48 -19.68
N ASP B 224 44.64 17.69 -19.57
CA ASP B 224 45.63 17.06 -20.44
C ASP B 224 45.63 15.53 -20.37
N THR B 225 44.83 14.95 -19.48
CA THR B 225 44.69 13.51 -19.40
C THR B 225 43.29 13.02 -19.75
N GLN B 226 42.40 13.89 -20.20
CA GLN B 226 41.02 13.51 -20.48
C GLN B 226 40.48 14.35 -21.62
N PHE B 227 39.46 13.81 -22.30
CA PHE B 227 38.75 14.52 -23.35
C PHE B 227 37.27 14.68 -23.07
N ASP B 228 36.81 14.34 -21.87
CA ASP B 228 35.44 14.60 -21.47
C ASP B 228 35.32 15.66 -20.38
N ALA B 229 36.36 15.84 -19.58
CA ALA B 229 36.36 16.94 -18.62
C ALA B 229 36.43 18.29 -19.32
N GLY B 230 37.10 18.34 -20.48
CA GLY B 230 37.21 19.60 -21.20
C GLY B 230 35.88 20.08 -21.76
N TRP B 231 35.06 19.16 -22.27
CA TRP B 231 33.82 19.57 -22.92
C TRP B 231 32.86 20.23 -21.94
N ASP B 232 32.76 19.71 -20.72
CA ASP B 232 31.89 20.33 -19.73
C ASP B 232 32.45 21.67 -19.28
N VAL B 233 33.78 21.78 -19.18
CA VAL B 233 34.39 23.06 -18.85
C VAL B 233 34.13 24.08 -19.95
N LEU B 234 34.29 23.68 -21.21
CA LEU B 234 34.09 24.59 -22.32
C LEU B 234 32.64 25.05 -22.41
N GLU B 235 31.69 24.15 -22.20
CA GLU B 235 30.28 24.50 -22.34
C GLU B 235 29.83 25.43 -21.21
N SER B 236 30.29 25.18 -19.99
CA SER B 236 29.88 26.00 -18.86
C SER B 236 30.35 27.45 -19.03
N ILE B 237 31.58 27.63 -19.50
CA ILE B 237 32.11 28.98 -19.71
C ILE B 237 31.27 29.72 -20.74
N ARG B 238 30.84 29.02 -21.79
CA ARG B 238 30.08 29.66 -22.85
C ARG B 238 28.73 30.17 -22.37
N LYS B 239 28.06 29.41 -21.51
CA LYS B 239 26.67 29.69 -21.16
C LYS B 239 26.51 30.48 -19.87
N PHE B 240 27.23 30.11 -18.81
CA PHE B 240 26.94 30.62 -17.47
C PHE B 240 27.85 31.78 -17.07
N PHE B 241 29.17 31.56 -17.10
CA PHE B 241 30.12 32.56 -16.61
C PHE B 241 30.26 33.67 -17.65
N ASN B 242 29.26 34.55 -17.67
CA ASN B 242 29.23 35.67 -18.61
C ASN B 242 29.20 37.04 -17.95
N SER B 243 28.90 37.13 -16.66
CA SER B 243 28.78 38.42 -16.01
C SER B 243 30.14 39.11 -15.90
N ARG B 244 30.09 40.40 -15.55
CA ARG B 244 31.30 41.19 -15.37
C ARG B 244 31.98 40.94 -14.02
N LYS B 245 31.35 40.19 -13.13
CA LYS B 245 31.90 39.91 -11.82
C LYS B 245 32.75 38.65 -11.79
N LEU B 246 32.94 37.99 -12.93
CA LEU B 246 33.70 36.75 -13.02
C LEU B 246 34.80 36.88 -14.06
N VAL B 247 35.98 36.39 -13.72
CA VAL B 247 37.10 36.29 -14.64
C VAL B 247 37.64 34.86 -14.56
N VAL B 248 37.72 34.20 -15.70
CA VAL B 248 38.08 32.78 -15.77
C VAL B 248 39.45 32.65 -16.40
N VAL B 249 40.29 31.81 -15.81
CA VAL B 249 41.66 31.60 -16.28
C VAL B 249 41.80 30.11 -16.56
N ALA B 250 41.60 29.72 -17.81
CA ALA B 250 41.72 28.33 -18.20
C ALA B 250 43.19 27.92 -18.25
N THR B 251 43.45 26.68 -18.64
CA THR B 251 44.81 26.15 -18.68
C THR B 251 44.84 24.90 -19.55
N GLY B 252 45.83 24.83 -20.42
CA GLY B 252 45.98 23.67 -21.30
C GLY B 252 46.74 24.07 -22.56
N ASP B 253 46.53 23.27 -23.60
CA ASP B 253 47.12 23.53 -24.91
C ASP B 253 46.05 23.40 -25.98
N LEU B 254 46.15 24.25 -27.00
CA LEU B 254 45.10 24.34 -28.01
C LEU B 254 44.94 23.05 -28.80
N ARG B 255 45.99 22.23 -28.91
CA ARG B 255 45.92 21.04 -29.75
C ARG B 255 44.86 20.07 -29.24
N LEU B 256 44.79 19.86 -27.92
CA LEU B 256 43.74 19.03 -27.37
C LEU B 256 42.37 19.68 -27.54
N TYR B 257 42.29 20.98 -27.22
CA TYR B 257 41.01 21.68 -27.33
C TYR B 257 40.53 21.73 -28.77
N SER B 258 41.44 22.00 -29.71
CA SER B 258 41.07 22.01 -31.12
C SER B 258 40.58 20.63 -31.57
N GLN B 259 41.28 19.58 -31.15
CA GLN B 259 40.85 18.23 -31.51
C GLN B 259 39.52 17.88 -30.87
N LEU B 260 39.25 18.42 -29.68
CA LEU B 260 38.01 18.07 -28.98
C LEU B 260 36.80 18.71 -29.65
N ILE B 261 36.91 19.98 -30.03
CA ILE B 261 35.77 20.69 -30.59
C ILE B 261 35.39 20.11 -31.95
N ARG B 262 36.38 19.84 -32.80
CA ARG B 262 36.10 19.32 -34.13
C ARG B 262 35.38 17.99 -34.08
N GLY B 263 35.72 17.15 -33.10
CA GLY B 263 34.99 15.90 -32.92
C GLY B 263 33.54 16.14 -32.53
N LYS B 264 33.28 17.17 -31.73
CA LYS B 264 31.92 17.45 -31.30
C LYS B 264 31.08 18.07 -32.40
N GLN B 265 31.70 18.77 -33.34
CA GLN B 265 30.95 19.39 -34.43
C GLN B 265 30.44 18.36 -35.43
N TYR B 266 31.20 17.29 -35.65
CA TYR B 266 30.73 16.24 -36.54
C TYR B 266 29.50 15.54 -36.00
N GLU B 267 29.31 15.54 -34.68
CA GLU B 267 28.16 14.87 -34.10
C GLU B 267 26.85 15.49 -34.57
N ASN B 268 26.85 16.79 -34.87
CA ASN B 268 25.62 17.46 -35.26
C ASN B 268 25.10 16.98 -36.61
N TYR B 269 26.00 16.61 -37.51
CA TYR B 269 25.58 16.06 -38.80
C TYR B 269 24.77 14.79 -38.58
N SER B 270 23.65 14.67 -39.30
CA SER B 270 22.83 13.47 -39.20
C SER B 270 23.62 12.26 -39.69
N LYS B 271 23.52 11.16 -38.95
CA LYS B 271 24.36 10.00 -39.24
C LYS B 271 24.05 9.43 -40.62
N THR B 272 22.76 9.33 -40.98
CA THR B 272 22.39 8.77 -42.28
C THR B 272 22.96 9.59 -43.43
N LEU B 273 23.14 10.89 -43.23
CA LEU B 273 23.71 11.73 -44.28
C LEU B 273 25.14 11.33 -44.62
N LEU B 274 25.87 10.75 -43.66
CA LEU B 274 27.29 10.55 -43.84
C LEU B 274 27.66 9.27 -44.60
N GLU B 275 26.73 8.31 -44.73
CA GLU B 275 27.02 7.16 -45.59
C GLU B 275 26.84 7.51 -47.06
N GLN B 276 25.64 7.93 -47.43
CA GLN B 276 25.44 8.46 -48.77
C GLN B 276 26.15 9.81 -48.89
N GLU B 277 26.35 10.23 -50.14
CA GLU B 277 27.05 11.50 -50.49
C GLU B 277 28.46 11.51 -49.90
N LYS B 278 29.28 10.53 -50.30
CA LYS B 278 30.68 10.38 -49.80
C LYS B 278 31.69 10.79 -50.87
N GLU B 279 31.25 11.43 -51.95
CA GLU B 279 32.13 11.84 -53.09
C GLU B 279 33.25 12.81 -52.64
N SER B 280 34.40 12.74 -53.32
CA SER B 280 35.54 13.58 -53.00
C SER B 280 35.16 15.06 -52.96
N VAL B 281 34.33 15.51 -53.90
CA VAL B 281 33.91 16.90 -53.90
C VAL B 281 33.00 17.20 -52.71
N ARG B 282 32.14 16.25 -52.34
CA ARG B 282 31.25 16.47 -51.21
C ARG B 282 31.98 16.37 -49.88
N LEU B 283 32.91 15.42 -49.76
CA LEU B 283 33.64 15.26 -48.50
C LEU B 283 34.47 16.49 -48.19
N ALA B 284 35.12 17.07 -49.21
CA ALA B 284 35.92 18.26 -48.98
C ALA B 284 35.06 19.50 -48.74
N GLU B 285 33.80 19.47 -49.13
CA GLU B 285 32.93 20.62 -48.90
C GLU B 285 32.62 20.79 -47.41
N ARG B 286 32.24 19.71 -46.74
CA ARG B 286 31.97 19.78 -45.32
C ARG B 286 33.25 19.81 -44.49
N GLY B 287 34.35 19.29 -45.04
CA GLY B 287 35.61 19.32 -44.33
C GLY B 287 36.09 20.72 -44.02
N TYR B 288 35.86 21.66 -44.94
CA TYR B 288 36.19 23.06 -44.67
C TYR B 288 35.19 23.69 -43.71
N MET B 289 33.90 23.39 -43.87
CA MET B 289 32.88 24.04 -43.06
C MET B 289 33.04 23.69 -41.58
N VAL B 290 33.35 22.43 -41.28
CA VAL B 290 33.58 22.04 -39.89
C VAL B 290 34.77 22.78 -39.32
N GLU B 291 35.87 22.83 -40.08
CA GLU B 291 37.05 23.57 -39.65
C GLU B 291 36.78 25.07 -39.53
N HIS B 292 35.79 25.58 -40.28
CA HIS B 292 35.42 26.98 -40.11
C HIS B 292 34.68 27.19 -38.80
N LEU B 293 33.75 26.29 -38.47
CA LEU B 293 33.09 26.37 -37.17
C LEU B 293 34.06 26.05 -36.03
N GLU B 294 35.11 25.29 -36.33
CA GLU B 294 36.12 25.00 -35.32
C GLU B 294 36.82 26.26 -34.84
N GLN B 295 37.26 27.09 -35.79
CA GLN B 295 38.05 28.27 -35.44
C GLN B 295 37.18 29.41 -34.90
N GLN B 296 35.96 29.54 -35.41
CA GLN B 296 35.08 30.61 -34.93
C GLN B 296 34.69 30.38 -33.48
N TYR B 297 34.25 29.17 -33.14
CA TYR B 297 33.85 28.86 -31.77
C TYR B 297 35.02 29.02 -30.83
N LEU B 298 36.19 28.51 -31.21
CA LEU B 298 37.36 28.58 -30.33
C LEU B 298 37.80 30.02 -30.13
N LEU B 299 37.79 30.83 -31.19
CA LEU B 299 38.20 32.22 -31.07
C LEU B 299 37.17 33.02 -30.26
N LYS B 300 35.89 32.72 -30.44
CA LYS B 300 34.85 33.42 -29.69
C LYS B 300 34.97 33.15 -28.20
N LEU B 301 35.28 31.91 -27.82
CA LEU B 301 35.40 31.58 -26.41
C LEU B 301 36.63 32.24 -25.79
N PHE B 302 37.81 31.89 -26.28
CA PHE B 302 39.04 32.49 -25.77
C PHE B 302 39.49 33.58 -26.73
N PRO B 303 39.45 34.85 -26.34
CA PRO B 303 39.88 35.92 -27.25
C PRO B 303 41.37 35.82 -27.56
N VAL B 304 41.73 36.29 -28.76
CA VAL B 304 43.11 36.18 -29.21
C VAL B 304 44.01 37.11 -28.39
N GLN B 305 43.52 38.29 -28.03
CA GLN B 305 44.31 39.29 -27.33
C GLN B 305 44.54 38.96 -25.86
N LYS B 306 44.19 37.75 -25.42
CA LYS B 306 44.40 37.35 -24.04
C LYS B 306 45.18 36.05 -23.87
N ARG B 307 45.31 35.24 -24.92
CA ARG B 307 46.05 33.99 -24.79
C ARG B 307 47.52 34.26 -24.48
N ILE B 308 48.10 33.42 -23.64
CA ILE B 308 49.50 33.53 -23.24
C ILE B 308 50.18 32.20 -23.52
N GLN B 309 51.26 32.23 -24.30
CA GLN B 309 52.05 31.05 -24.56
C GLN B 309 53.19 30.97 -23.56
N LEU B 310 53.35 29.81 -22.93
CA LEU B 310 54.36 29.63 -21.91
C LEU B 310 55.70 29.28 -22.56
N LYS B 311 56.75 30.02 -22.21
CA LYS B 311 58.03 29.85 -22.85
C LYS B 311 58.67 28.51 -22.45
N THR B 312 59.29 27.86 -23.43
CA THR B 312 60.01 26.62 -23.16
C THR B 312 61.42 26.93 -22.64
N MET B 313 62.20 25.88 -22.42
CA MET B 313 63.53 26.05 -21.84
C MET B 313 64.47 26.83 -22.75
N LEU B 314 64.22 26.84 -24.06
CA LEU B 314 65.15 27.47 -24.98
C LEU B 314 65.06 28.99 -24.90
N GLN B 315 63.85 29.54 -25.00
CA GLN B 315 63.70 31.00 -24.97
C GLN B 315 64.16 31.58 -23.65
N LEU B 316 64.01 30.84 -22.55
CA LEU B 316 64.49 31.32 -21.27
C LEU B 316 66.00 31.50 -21.27
N VAL B 317 66.72 30.56 -21.86
CA VAL B 317 68.18 30.57 -21.86
C VAL B 317 68.74 31.25 -23.11
N GLY B 318 68.27 30.84 -24.29
CA GLY B 318 68.82 31.35 -25.53
C GLY B 318 70.12 30.67 -25.89
N GLU B 319 70.67 31.08 -27.03
CA GLU B 319 71.92 30.49 -27.51
C GLU B 319 73.10 31.01 -26.69
N LYS B 320 74.23 30.31 -26.85
CA LYS B 320 75.44 30.70 -26.11
C LYS B 320 75.92 32.09 -26.52
N GLY B 321 75.86 32.41 -27.80
CA GLY B 321 76.27 33.71 -28.27
C GLY B 321 75.15 34.72 -28.29
N LYS B 322 73.92 34.25 -28.44
CA LYS B 322 72.76 35.14 -28.46
C LYS B 322 72.41 35.58 -27.04
N ALA B 323 71.39 36.42 -26.95
CA ALA B 323 70.93 36.97 -25.68
C ALA B 323 69.56 36.41 -25.34
N GLY B 324 69.44 35.82 -24.15
CA GLY B 324 68.17 35.36 -23.61
C GLY B 324 67.81 36.19 -22.39
N LYS B 325 66.53 36.50 -22.25
CA LYS B 325 66.11 37.45 -21.20
C LYS B 325 65.77 36.75 -19.89
N GLU B 326 66.67 35.88 -19.44
CA GLU B 326 66.64 35.26 -18.11
C GLU B 326 68.04 34.72 -17.83
N GLU B 327 68.19 34.06 -16.69
CA GLU B 327 69.45 33.40 -16.33
C GLU B 327 69.15 32.36 -15.28
N ILE B 328 69.51 31.11 -15.56
CA ILE B 328 69.19 29.98 -14.68
C ILE B 328 70.49 29.24 -14.34
N LYS B 329 70.67 28.93 -13.06
CA LYS B 329 71.80 28.14 -12.59
C LYS B 329 71.27 26.98 -11.77
N VAL B 330 72.00 25.86 -11.81
CA VAL B 330 71.55 24.63 -11.18
C VAL B 330 72.45 24.27 -10.00
N LYS B 331 72.08 23.20 -9.30
CA LYS B 331 72.87 22.69 -8.18
C LYS B 331 73.27 21.25 -8.45
N THR B 332 74.52 20.92 -8.10
CA THR B 332 75.04 19.57 -8.24
C THR B 332 75.68 19.10 -6.94
N GLU B 333 75.23 19.63 -5.81
CA GLU B 333 75.81 19.35 -4.51
C GLU B 333 74.88 19.84 -3.41
N PRO B 334 74.68 19.08 -2.34
CA PRO B 334 73.89 19.60 -1.22
C PRO B 334 74.62 20.74 -0.52
N GLY B 335 73.87 21.78 -0.18
CA GLY B 335 74.48 22.95 0.40
C GLY B 335 75.49 23.65 -0.47
N MET B 336 75.40 23.45 -1.79
CA MET B 336 76.34 24.07 -2.71
C MET B 336 76.15 25.59 -2.72
N GLN B 337 77.26 26.32 -2.65
CA GLN B 337 77.18 27.77 -2.62
C GLN B 337 76.68 28.31 -3.95
N ASP B 338 75.87 29.36 -3.89
CA ASP B 338 75.26 29.93 -5.09
C ASP B 338 76.29 30.46 -6.07
N ILE B 339 77.47 30.83 -5.59
CA ILE B 339 78.54 31.24 -6.50
C ILE B 339 79.02 30.05 -7.32
N ASP B 340 79.03 28.86 -6.73
CA ASP B 340 79.46 27.67 -7.45
C ASP B 340 78.49 27.24 -8.53
N ALA B 341 77.23 27.71 -8.47
CA ALA B 341 76.24 27.30 -9.44
C ALA B 341 76.63 27.74 -10.84
N ILE B 342 76.33 26.89 -11.82
CA ILE B 342 76.79 27.07 -13.20
C ILE B 342 75.57 27.03 -14.11
N ASP B 343 75.72 27.66 -15.28
CA ASP B 343 74.63 27.77 -16.23
C ASP B 343 74.16 26.39 -16.71
N VAL B 344 72.89 26.32 -17.09
CA VAL B 344 72.29 25.04 -17.50
C VAL B 344 72.95 24.50 -18.77
N ARG B 345 73.48 25.38 -19.62
CA ARG B 345 74.19 24.90 -20.81
C ARG B 345 75.41 24.09 -20.44
N GLN B 346 76.18 24.56 -19.45
CA GLN B 346 77.31 23.77 -18.96
C GLN B 346 76.84 22.59 -18.14
N ALA B 347 75.65 22.67 -17.53
CA ALA B 347 75.11 21.55 -16.78
C ALA B 347 74.67 20.42 -17.70
N ILE B 348 74.35 20.72 -18.95
CA ILE B 348 74.01 19.70 -19.93
C ILE B 348 75.16 19.45 -20.91
N GLY B 349 75.96 20.47 -21.22
CA GLY B 349 77.10 20.27 -22.11
C GLY B 349 78.14 19.33 -21.51
N ASP B 350 78.44 19.48 -20.22
CA ASP B 350 79.40 18.60 -19.58
C ASP B 350 78.89 17.17 -19.55
N ALA B 351 77.59 16.98 -19.30
CA ALA B 351 77.01 15.63 -19.32
C ALA B 351 77.05 15.03 -20.71
N VAL B 352 76.72 15.82 -21.73
CA VAL B 352 76.74 15.31 -23.10
C VAL B 352 78.17 15.07 -23.56
N ARG B 353 79.08 16.01 -23.27
CA ARG B 353 80.47 15.86 -23.70
C ARG B 353 81.11 14.64 -23.02
N GLU B 354 81.01 14.56 -21.69
CA GLU B 354 81.64 13.46 -20.97
C GLU B 354 80.87 12.17 -21.15
N GLY B 355 79.53 12.23 -21.06
CA GLY B 355 78.74 11.01 -21.13
C GLY B 355 78.81 10.34 -22.49
N LEU B 356 78.67 11.12 -23.56
CA LEU B 356 78.69 10.57 -24.90
C LEU B 356 80.08 10.55 -25.52
N ASN B 357 81.06 11.20 -24.91
CA ASN B 357 82.45 11.20 -25.36
C ASN B 357 82.58 11.83 -26.75
N LEU B 358 82.13 13.08 -26.86
CA LEU B 358 82.28 13.85 -28.08
C LEU B 358 83.17 15.06 -27.82
N ARG B 359 83.75 15.59 -28.90
CA ARG B 359 84.60 16.76 -28.81
C ARG B 359 83.79 17.99 -28.43
N GLU B 360 84.47 18.97 -27.85
CA GLU B 360 83.85 20.26 -27.59
C GLU B 360 83.70 21.01 -28.90
N GLY B 361 82.56 20.86 -29.56
CA GLY B 361 82.37 21.47 -30.86
C GLY B 361 80.92 21.49 -31.26
N SER B 362 80.70 21.76 -32.54
CA SER B 362 79.33 21.88 -33.05
C SER B 362 78.56 20.57 -32.94
N ASP B 363 79.25 19.43 -33.05
CA ASP B 363 78.57 18.14 -32.95
C ASP B 363 77.95 17.96 -31.57
N ALA B 364 78.67 18.33 -30.51
CA ALA B 364 78.11 18.27 -29.17
C ALA B 364 77.15 19.42 -28.89
N ASP B 365 77.20 20.47 -29.69
CA ASP B 365 76.25 21.57 -29.54
C ASP B 365 74.87 21.21 -30.09
N MET B 366 74.80 20.31 -31.07
CA MET B 366 73.51 19.90 -31.60
C MET B 366 72.72 19.09 -30.57
N TYR B 367 73.42 18.28 -29.77
CA TYR B 367 72.72 17.44 -28.80
C TYR B 367 72.13 18.26 -27.67
N VAL B 368 72.89 19.19 -27.11
CA VAL B 368 72.38 20.01 -26.02
C VAL B 368 71.27 20.93 -26.50
N ASN B 369 71.41 21.47 -27.71
CA ASN B 369 70.38 22.34 -28.27
C ASN B 369 69.08 21.57 -28.45
N GLU B 370 69.15 20.38 -29.03
CA GLU B 370 67.96 19.56 -29.18
C GLU B 370 67.41 19.13 -27.83
N LEU B 371 68.29 18.77 -26.90
CA LEU B 371 67.83 18.30 -25.59
C LEU B 371 67.10 19.39 -24.82
N LEU B 372 67.40 20.66 -25.10
CA LEU B 372 66.68 21.75 -24.44
C LEU B 372 65.25 21.84 -24.94
N LYS B 373 65.02 21.55 -26.22
CA LYS B 373 63.68 21.63 -26.81
C LYS B 373 62.85 20.41 -26.44
N GLN B 374 62.70 20.16 -25.15
CA GLN B 374 61.94 19.05 -24.61
C GLN B 374 61.07 19.56 -23.47
N PRO B 375 60.00 18.82 -23.13
CA PRO B 375 59.17 19.24 -21.99
C PRO B 375 60.01 19.38 -20.72
N VAL B 376 59.70 20.41 -19.94
CA VAL B 376 60.53 20.74 -18.78
C VAL B 376 60.42 19.65 -17.72
N ARG B 377 59.32 18.89 -17.72
CA ARG B 377 59.22 17.74 -16.82
C ARG B 377 60.31 16.72 -17.13
N LEU B 378 60.52 16.44 -18.42
CA LEU B 378 61.50 15.43 -18.81
C LEU B 378 62.92 15.92 -18.62
N LEU B 379 63.13 17.24 -18.65
CA LEU B 379 64.49 17.78 -18.63
C LEU B 379 65.19 17.47 -17.32
N MET B 380 64.55 17.77 -16.19
CA MET B 380 65.18 17.47 -14.91
C MET B 380 65.31 15.97 -14.68
N GLN B 381 64.28 15.20 -15.03
CA GLN B 381 64.32 13.76 -14.75
C GLN B 381 65.50 13.09 -15.46
N VAL B 382 65.88 13.60 -16.63
CA VAL B 382 67.16 13.20 -17.20
C VAL B 382 68.31 13.81 -16.40
N LEU B 383 68.19 15.12 -16.09
CA LEU B 383 69.29 15.83 -15.44
C LEU B 383 69.44 15.42 -13.98
N GLN B 384 68.33 15.34 -13.24
CA GLN B 384 68.40 15.01 -11.83
C GLN B 384 68.91 13.58 -11.63
N ASP B 385 68.42 12.63 -12.44
CA ASP B 385 68.81 11.24 -12.28
C ASP B 385 70.31 11.06 -12.51
N PHE B 386 70.84 11.69 -13.56
CA PHE B 386 72.24 11.51 -13.90
C PHE B 386 73.16 12.01 -12.79
N TYR B 387 72.86 13.18 -12.23
CA TYR B 387 73.73 13.76 -11.21
C TYR B 387 73.55 13.09 -9.85
N THR B 388 72.34 12.64 -9.52
CA THR B 388 72.14 11.97 -8.24
C THR B 388 72.92 10.67 -8.18
N LYS B 389 72.94 9.91 -9.27
CA LYS B 389 73.74 8.68 -9.31
C LYS B 389 75.23 9.00 -9.22
N LYS B 390 75.66 10.11 -9.83
CA LYS B 390 77.08 10.46 -9.82
C LYS B 390 77.58 10.73 -8.41
N TYR B 391 76.75 11.38 -7.58
CA TYR B 391 77.16 11.67 -6.21
C TYR B 391 77.42 10.38 -5.43
N HIS B 392 76.53 9.40 -5.56
CA HIS B 392 76.70 8.13 -4.87
C HIS B 392 77.63 7.18 -5.59
N ALA B 393 77.99 7.46 -6.85
CA ALA B 393 79.00 6.67 -7.53
C ALA B 393 80.35 6.81 -6.86
N THR B 394 80.72 8.05 -6.50
CA THR B 394 81.99 8.26 -5.81
C THR B 394 81.96 7.67 -4.41
N SER B 395 80.85 7.84 -3.69
CA SER B 395 80.69 7.33 -2.34
C SER B 395 81.79 7.82 -1.40
N LEU B 411 85.01 5.13 -13.19
CA LEU B 411 83.67 5.45 -12.72
C LEU B 411 82.63 5.06 -13.77
N SER B 412 83.08 4.94 -15.02
CA SER B 412 82.23 4.56 -16.15
C SER B 412 81.04 5.52 -16.27
N VAL B 413 81.35 6.78 -16.49
CA VAL B 413 80.35 7.85 -16.61
C VAL B 413 79.31 7.52 -17.67
N PRO B 414 79.66 6.98 -18.85
CA PRO B 414 78.62 6.69 -19.84
C PRO B 414 77.53 5.73 -19.35
N ASN B 415 77.84 4.77 -18.48
CA ASN B 415 76.79 3.88 -18.01
C ASN B 415 75.87 4.58 -17.01
N LEU B 416 76.38 5.61 -16.32
CA LEU B 416 75.52 6.43 -15.47
C LEU B 416 74.45 7.12 -16.31
N LEU B 417 74.86 7.74 -17.42
CA LEU B 417 73.89 8.38 -18.30
C LEU B 417 73.03 7.35 -19.02
N ARG B 418 73.61 6.20 -19.37
CA ARG B 418 72.85 5.16 -20.05
C ARG B 418 71.70 4.67 -19.19
N ASN B 419 71.95 4.41 -17.91
CA ASN B 419 70.88 3.99 -17.01
C ASN B 419 69.86 5.11 -16.81
N ALA B 420 70.33 6.35 -16.67
CA ALA B 420 69.43 7.46 -16.41
C ALA B 420 68.56 7.78 -17.62
N LEU B 421 69.16 7.81 -18.82
CA LEU B 421 68.42 8.19 -20.01
C LEU B 421 67.49 7.09 -20.49
N TYR B 422 67.82 5.83 -20.21
CA TYR B 422 66.98 4.73 -20.67
C TYR B 422 65.58 4.82 -20.09
N GLY B 423 65.48 5.07 -18.77
CA GLY B 423 64.18 5.17 -18.15
C GLY B 423 63.37 6.33 -18.68
N SER B 424 64.01 7.49 -18.86
CA SER B 424 63.31 8.68 -19.34
C SER B 424 62.75 8.46 -20.73
N MET B 425 63.62 8.22 -21.71
CA MET B 425 63.21 8.01 -23.09
C MET B 425 62.90 6.54 -23.35
N LEU B 426 62.03 5.96 -22.52
CA LEU B 426 61.66 4.56 -22.66
C LEU B 426 60.44 4.37 -23.54
N SER B 427 59.49 5.31 -23.53
CA SER B 427 58.31 5.17 -24.38
C SER B 427 58.64 5.37 -25.85
N SER B 428 59.62 6.23 -26.16
CA SER B 428 60.01 6.43 -27.55
C SER B 428 60.77 5.24 -28.10
N ILE B 429 61.41 4.46 -27.22
CA ILE B 429 62.16 3.29 -27.66
C ILE B 429 61.23 2.26 -28.30
N TYR B 430 60.07 2.02 -27.67
CA TYR B 430 59.16 0.98 -28.16
C TYR B 430 58.62 1.31 -29.54
N ARG B 431 58.54 2.60 -29.89
CA ARG B 431 58.03 2.97 -31.20
C ARG B 431 58.95 2.55 -32.33
N ALA B 432 60.25 2.44 -32.08
CA ALA B 432 61.20 2.00 -33.08
C ALA B 432 61.63 0.55 -32.87
N GLY B 433 61.04 -0.16 -31.92
CA GLY B 433 61.29 -1.58 -31.77
C GLY B 433 62.70 -1.97 -31.41
N LEU B 434 63.29 -1.29 -30.43
CA LEU B 434 64.62 -1.61 -29.95
C LEU B 434 64.55 -2.62 -28.81
N ASN B 435 65.73 -3.07 -28.37
CA ASN B 435 65.81 -4.04 -27.27
C ASN B 435 65.36 -3.39 -25.97
N TYR B 436 64.72 -4.19 -25.11
CA TYR B 436 64.19 -3.70 -23.85
C TYR B 436 64.79 -4.37 -22.62
N GLU B 437 65.42 -5.54 -22.77
CA GLU B 437 66.02 -6.21 -21.63
C GLU B 437 67.24 -5.45 -21.14
N GLN B 438 67.31 -5.23 -19.82
CA GLN B 438 68.41 -4.46 -19.24
C GLN B 438 69.59 -5.34 -18.87
N HIS B 439 69.34 -6.56 -18.38
CA HIS B 439 70.43 -7.47 -18.06
C HIS B 439 71.13 -8.01 -19.29
N ARG B 440 70.58 -7.79 -20.48
CA ARG B 440 71.19 -8.21 -21.74
C ARG B 440 71.64 -7.03 -22.59
N PHE B 441 72.21 -6.01 -21.95
CA PHE B 441 72.85 -4.91 -22.67
C PHE B 441 74.23 -5.36 -23.18
N GLY B 442 74.21 -6.42 -23.98
CA GLY B 442 75.43 -6.98 -24.50
C GLY B 442 76.02 -6.16 -25.63
N MET B 443 77.29 -6.45 -25.91
CA MET B 443 77.99 -5.79 -27.01
C MET B 443 77.29 -6.08 -28.33
N ASP B 444 76.97 -7.34 -28.60
CA ASP B 444 76.34 -7.70 -29.86
C ASP B 444 74.89 -7.25 -29.94
N SER B 445 74.26 -6.99 -28.79
CA SER B 445 72.89 -6.48 -28.80
C SER B 445 72.82 -5.12 -29.47
N LEU B 446 73.84 -4.28 -29.25
CA LEU B 446 73.86 -2.96 -29.86
C LEU B 446 73.92 -3.05 -31.38
N CYS B 447 74.70 -3.99 -31.91
CA CYS B 447 74.86 -4.10 -33.36
C CYS B 447 73.52 -4.32 -34.05
N LYS B 448 72.62 -5.08 -33.42
CA LYS B 448 71.28 -5.23 -33.96
C LYS B 448 70.51 -3.91 -33.89
N ASP B 449 70.68 -3.16 -32.80
CA ASP B 449 69.90 -1.94 -32.61
C ASP B 449 70.22 -0.88 -33.65
N ILE B 450 71.50 -0.66 -33.94
CA ILE B 450 71.88 0.36 -34.92
C ILE B 450 71.34 0.01 -36.30
N PHE B 451 71.45 -1.25 -36.68
CA PHE B 451 71.00 -1.67 -38.02
C PHE B 451 69.50 -1.46 -38.19
N THR B 452 68.72 -1.82 -37.17
CA THR B 452 67.27 -1.65 -37.29
C THR B 452 66.86 -0.18 -37.15
N TYR B 453 67.68 0.62 -36.47
CA TYR B 453 67.37 2.04 -36.35
C TYR B 453 67.55 2.76 -37.67
N VAL B 454 68.68 2.53 -38.34
CA VAL B 454 68.93 3.21 -39.62
C VAL B 454 67.97 2.70 -40.69
N LYS B 455 67.53 1.45 -40.58
CA LYS B 455 66.50 0.94 -41.50
C LYS B 455 65.20 1.72 -41.33
N GLN B 456 64.83 2.00 -40.08
CA GLN B 456 63.62 2.79 -39.83
C GLN B 456 63.81 4.25 -40.22
N ASP B 457 65.02 4.79 -40.05
CA ASP B 457 65.28 6.19 -40.33
C ASP B 457 65.23 6.53 -41.81
N ARG B 458 65.20 5.53 -42.69
CA ARG B 458 65.11 5.74 -44.14
C ARG B 458 66.29 6.55 -44.67
N ASP B 459 67.49 6.27 -44.14
CA ASP B 459 68.69 6.96 -44.59
C ASP B 459 69.90 6.09 -44.26
N PHE B 460 70.60 5.62 -45.29
CA PHE B 460 71.81 4.83 -45.12
C PHE B 460 73.09 5.65 -45.23
N ASN B 461 73.03 6.82 -45.87
CA ASN B 461 74.22 7.63 -46.06
C ASN B 461 74.66 8.33 -44.77
N THR B 462 73.71 8.71 -43.93
CA THR B 462 73.99 9.45 -42.71
C THR B 462 73.59 8.69 -41.44
N GLY B 463 72.84 7.60 -41.58
CA GLY B 463 72.27 6.94 -40.42
C GLY B 463 73.30 6.52 -39.38
N PHE B 464 74.43 5.99 -39.84
CA PHE B 464 75.43 5.52 -38.87
C PHE B 464 76.10 6.66 -38.12
N TYR B 465 75.93 7.91 -38.56
CA TYR B 465 76.43 9.04 -37.79
C TYR B 465 75.66 9.26 -36.50
N LEU B 466 74.45 8.69 -36.39
CA LEU B 466 73.58 8.89 -35.23
C LEU B 466 73.32 10.38 -34.99
N ARG B 467 72.98 11.07 -36.07
CA ARG B 467 72.70 12.50 -36.02
C ARG B 467 71.21 12.74 -35.78
N PRO B 468 70.83 13.50 -34.76
CA PRO B 468 69.41 13.72 -34.49
C PRO B 468 68.78 14.70 -35.47
N GLN B 469 68.79 14.35 -36.76
CA GLN B 469 68.17 15.15 -37.79
C GLN B 469 66.90 14.51 -38.35
N SER B 470 66.45 13.42 -37.75
CA SER B 470 65.23 12.76 -38.22
C SER B 470 64.03 13.67 -38.00
N GLU B 471 63.15 13.71 -39.01
CA GLU B 471 61.99 14.58 -38.94
C GLU B 471 61.03 14.16 -37.83
N SER B 472 60.83 12.84 -37.67
CA SER B 472 59.98 12.35 -36.60
C SER B 472 60.59 12.63 -35.24
N GLU B 473 59.73 13.03 -34.29
CA GLU B 473 60.22 13.32 -32.95
C GLU B 473 60.60 12.05 -32.19
N ALA B 474 59.92 10.94 -32.48
CA ALA B 474 60.24 9.68 -31.82
C ALA B 474 61.65 9.22 -32.16
N LEU B 475 62.06 9.37 -33.42
CA LEU B 475 63.39 8.95 -33.83
C LEU B 475 64.48 9.87 -33.28
N ARG B 476 64.14 11.13 -33.02
CA ARG B 476 65.10 12.03 -32.38
C ARG B 476 65.45 11.56 -30.98
N ASN B 477 64.44 11.10 -30.24
CA ASN B 477 64.66 10.69 -28.85
C ASN B 477 65.60 9.49 -28.76
N CYS B 478 65.37 8.48 -29.61
CA CYS B 478 66.17 7.26 -29.54
C CYS B 478 67.57 7.45 -30.13
N SER B 479 67.78 8.47 -30.95
CA SER B 479 69.08 8.70 -31.55
C SER B 479 70.14 8.99 -30.51
N ILE B 480 69.82 9.86 -29.55
CA ILE B 480 70.78 10.20 -28.50
C ILE B 480 71.03 9.00 -27.59
N TYR B 481 70.01 8.19 -27.34
CA TYR B 481 70.18 7.00 -26.51
C TYR B 481 71.17 6.03 -27.15
N LEU B 482 71.05 5.82 -28.46
CA LEU B 482 71.99 4.93 -29.14
C LEU B 482 73.40 5.48 -29.08
N ALA B 483 73.56 6.80 -29.20
CA ALA B 483 74.88 7.40 -29.05
C ALA B 483 75.44 7.16 -27.67
N SER B 484 74.58 7.02 -26.67
CA SER B 484 75.04 6.69 -25.33
C SER B 484 75.42 5.22 -25.19
N GLN B 485 74.69 4.34 -25.88
CA GLN B 485 75.01 2.92 -25.82
C GLN B 485 76.37 2.63 -26.45
N VAL B 486 76.66 3.28 -27.58
CA VAL B 486 77.91 3.01 -28.30
C VAL B 486 79.11 3.43 -27.46
N SER B 487 79.04 4.63 -26.87
CA SER B 487 80.15 5.11 -26.05
C SER B 487 80.27 4.34 -24.74
N GLU B 488 79.18 3.75 -24.25
CA GLU B 488 79.24 3.02 -22.99
C GLU B 488 79.95 1.67 -23.16
N ASN B 489 79.65 0.96 -24.24
CA ASN B 489 80.23 -0.37 -24.42
C ASN B 489 81.73 -0.33 -24.61
N CYS B 490 82.24 0.67 -25.33
CA CYS B 490 83.68 0.75 -25.55
C CYS B 490 84.42 0.94 -24.23
N GLN B 491 84.25 2.11 -23.60
CA GLN B 491 84.89 2.40 -22.32
C GLN B 491 86.37 2.00 -22.34
N GLY B 492 87.05 2.38 -23.41
CA GLY B 492 88.42 1.94 -23.62
C GLY B 492 88.50 0.45 -23.88
N SER B 493 87.62 -0.06 -24.74
CA SER B 493 87.55 -1.49 -24.99
C SER B 493 88.81 -2.01 -25.65
N LEU B 494 89.23 -3.22 -25.25
CA LEU B 494 90.42 -3.86 -25.79
C LEU B 494 90.13 -4.34 -27.21
N SER B 495 90.26 -3.42 -28.16
CA SER B 495 90.07 -3.66 -29.58
C SER B 495 88.65 -4.10 -29.94
N LYS B 496 87.71 -4.01 -28.99
CA LYS B 496 86.31 -4.23 -29.34
C LYS B 496 85.81 -3.10 -30.24
N PHE B 497 86.43 -1.92 -30.15
CA PHE B 497 86.16 -0.85 -31.10
C PHE B 497 86.42 -1.30 -32.53
N LEU B 498 87.55 -1.99 -32.73
CA LEU B 498 87.83 -2.57 -34.05
C LEU B 498 86.74 -3.55 -34.45
N GLN B 499 86.35 -4.43 -33.54
CA GLN B 499 85.26 -5.35 -33.81
C GLN B 499 83.94 -4.60 -34.03
N MET B 500 83.62 -3.67 -33.13
CA MET B 500 82.37 -2.94 -33.23
C MET B 500 82.33 -2.03 -34.46
N LEU B 501 83.49 -1.61 -34.96
CA LEU B 501 83.51 -0.81 -36.18
C LEU B 501 82.98 -1.60 -37.36
N LEU B 502 83.36 -2.87 -37.47
CA LEU B 502 82.94 -3.68 -38.61
C LEU B 502 81.46 -4.04 -38.52
N VAL B 503 81.07 -4.73 -37.47
CA VAL B 503 79.69 -5.18 -37.35
C VAL B 503 78.74 -3.99 -37.13
N GLY B 504 79.18 -2.98 -36.40
CA GLY B 504 78.29 -1.87 -36.10
C GLY B 504 77.90 -1.05 -37.31
N CYS B 505 78.88 -0.73 -38.17
CA CYS B 505 78.64 0.12 -39.32
C CYS B 505 78.82 -0.58 -40.66
N GLY B 506 79.76 -1.53 -40.74
CA GLY B 506 79.94 -2.24 -42.00
C GLY B 506 78.72 -3.04 -42.40
N SER B 507 78.04 -3.64 -41.43
CA SER B 507 76.83 -4.41 -41.73
C SER B 507 75.74 -3.55 -42.34
N VAL B 508 75.82 -2.23 -42.18
CA VAL B 508 74.81 -1.31 -42.70
C VAL B 508 75.14 -0.94 -44.13
N SER B 509 76.33 -0.39 -44.35
CA SER B 509 76.68 0.16 -45.65
C SER B 509 76.93 -0.92 -46.70
N ILE B 510 77.28 -2.14 -46.30
CA ILE B 510 77.38 -3.22 -47.27
C ILE B 510 76.01 -3.53 -47.88
N PHE B 511 74.96 -3.41 -47.07
CA PHE B 511 73.61 -3.59 -47.58
C PHE B 511 73.22 -2.56 -48.63
N ASN B 512 73.95 -1.43 -48.71
CA ASN B 512 73.69 -0.46 -49.75
C ASN B 512 73.86 -1.04 -51.16
N GLN B 513 74.64 -2.12 -51.29
CA GLN B 513 74.80 -2.76 -52.59
C GLN B 513 73.46 -3.26 -53.11
N PHE B 514 72.66 -3.90 -52.25
CA PHE B 514 71.32 -4.31 -52.64
C PHE B 514 70.37 -3.12 -52.73
N VAL B 515 70.63 -2.05 -51.98
CA VAL B 515 69.82 -0.85 -52.06
C VAL B 515 69.95 -0.20 -53.43
N THR B 516 71.14 -0.28 -54.04
CA THR B 516 71.39 0.42 -55.30
C THR B 516 70.46 -0.07 -56.40
N GLU B 517 70.34 -1.38 -56.56
CA GLU B 517 69.56 -1.97 -57.65
C GLU B 517 68.16 -2.40 -57.21
N LEU B 518 67.75 -2.08 -55.98
CA LEU B 518 66.43 -2.46 -55.51
C LEU B 518 65.72 -1.29 -54.85
N ASP B 524 57.38 -2.89 -55.15
CA ASP B 524 58.69 -3.29 -54.66
C ASP B 524 58.78 -3.12 -53.15
N ARG B 525 57.68 -3.38 -52.46
CA ARG B 525 57.61 -3.24 -51.00
C ARG B 525 57.70 -4.57 -50.27
N GLU B 526 57.13 -5.63 -50.81
CA GLU B 526 57.19 -6.94 -50.18
C GLU B 526 58.62 -7.46 -50.08
N LYS B 527 59.49 -7.11 -51.03
CA LYS B 527 60.86 -7.61 -51.02
C LYS B 527 61.72 -6.96 -49.95
N PHE B 528 61.35 -5.78 -49.46
CA PHE B 528 62.19 -5.07 -48.49
C PHE B 528 62.33 -5.88 -47.21
N GLU B 529 61.22 -6.33 -46.63
CA GLU B 529 61.30 -7.18 -45.46
C GLU B 529 61.73 -8.59 -45.81
N GLN B 530 61.64 -8.98 -47.08
CA GLN B 530 62.10 -10.30 -47.49
C GLN B 530 63.62 -10.41 -47.36
N LEU B 531 64.35 -9.40 -47.83
CA LEU B 531 65.81 -9.44 -47.76
C LEU B 531 66.33 -8.99 -46.40
N ILE B 532 65.78 -7.89 -45.88
CA ILE B 532 66.34 -7.28 -44.68
C ILE B 532 66.30 -8.22 -43.48
N SER B 533 65.41 -9.23 -43.52
CA SER B 533 65.29 -10.16 -42.42
C SER B 533 66.32 -11.29 -42.52
N GLU B 534 66.31 -12.01 -43.64
CA GLU B 534 67.20 -13.17 -43.76
C GLU B 534 68.65 -12.74 -43.96
N TYR B 535 68.88 -11.54 -44.50
CA TYR B 535 70.24 -11.03 -44.58
C TYR B 535 70.84 -10.85 -43.20
N VAL B 536 70.03 -10.41 -42.24
CA VAL B 536 70.44 -10.42 -40.84
C VAL B 536 70.74 -11.84 -40.40
N ALA B 537 69.91 -12.79 -40.79
CA ALA B 537 70.12 -14.18 -40.39
C ALA B 537 71.37 -14.77 -41.05
N TYR B 538 71.52 -14.57 -42.36
CA TYR B 538 72.68 -15.13 -43.06
C TYR B 538 73.97 -14.49 -42.60
N MET B 539 74.01 -13.15 -42.56
CA MET B 539 75.22 -12.46 -42.12
C MET B 539 75.41 -12.56 -40.62
N SER B 540 74.34 -12.89 -39.88
CA SER B 540 74.41 -13.15 -38.44
C SER B 540 74.93 -11.94 -37.67
N VAL B 541 74.15 -10.87 -37.71
CA VAL B 541 74.36 -9.70 -36.85
C VAL B 541 73.41 -9.83 -35.66
N GLY B 542 73.94 -9.59 -34.46
CA GLY B 542 73.25 -9.90 -33.24
C GLY B 542 73.57 -11.26 -32.66
N ARG B 543 74.12 -12.16 -33.49
CA ARG B 543 74.60 -13.47 -33.03
C ARG B 543 75.86 -13.78 -33.84
N ILE B 544 76.99 -13.90 -33.14
CA ILE B 544 78.28 -14.06 -33.80
C ILE B 544 79.29 -14.58 -32.79
N GLU B 545 80.35 -15.20 -33.28
CA GLU B 545 81.40 -15.75 -32.43
C GLU B 545 82.74 -15.04 -32.57
N SER B 546 83.03 -14.43 -33.72
CA SER B 546 84.29 -13.73 -33.92
C SER B 546 84.12 -12.70 -35.02
N ALA B 547 85.02 -11.72 -35.03
CA ALA B 547 84.98 -10.68 -36.05
C ALA B 547 85.27 -11.26 -37.43
N SER B 548 86.30 -12.11 -37.53
CA SER B 548 86.63 -12.74 -38.81
C SER B 548 85.54 -13.69 -39.28
N HIS B 549 84.71 -14.20 -38.37
CA HIS B 549 83.58 -15.02 -38.78
C HIS B 549 82.60 -14.20 -39.62
N TRP B 550 82.35 -12.95 -39.22
CA TRP B 550 81.54 -12.06 -40.05
C TRP B 550 82.23 -11.79 -41.38
N ALA B 551 83.53 -11.50 -41.35
CA ALA B 551 84.26 -11.18 -42.57
C ALA B 551 84.29 -12.36 -43.53
N ASN B 552 84.24 -13.58 -43.00
CA ASN B 552 84.17 -14.75 -43.87
C ASN B 552 82.86 -14.76 -44.66
N ARG B 553 81.75 -14.41 -44.02
CA ARG B 553 80.47 -14.34 -44.71
C ARG B 553 80.37 -13.11 -45.60
N CYS B 554 81.21 -12.09 -45.37
CA CYS B 554 81.18 -10.90 -46.20
C CYS B 554 81.68 -11.19 -47.60
N CYS B 555 82.62 -12.13 -47.75
CA CYS B 555 83.19 -12.42 -49.06
C CYS B 555 82.13 -12.88 -50.04
N ALA B 556 81.25 -13.77 -49.60
CA ALA B 556 80.15 -14.20 -50.46
C ALA B 556 79.24 -13.04 -50.81
N VAL B 557 79.01 -12.14 -49.85
CA VAL B 557 78.19 -10.96 -50.11
C VAL B 557 78.85 -10.08 -51.16
N VAL B 558 80.17 -9.91 -51.07
CA VAL B 558 80.89 -9.10 -52.04
C VAL B 558 80.88 -9.78 -53.41
N ALA B 559 81.10 -11.08 -53.45
CA ALA B 559 81.29 -11.81 -54.71
C ALA B 559 79.98 -12.26 -55.35
N ASN B 560 78.83 -11.99 -54.74
CA ASN B 560 77.56 -12.40 -55.33
C ASN B 560 77.33 -11.70 -56.67
N SER B 561 77.65 -10.42 -56.75
CA SER B 561 77.56 -9.66 -57.99
C SER B 561 78.90 -8.97 -58.21
N PRO B 562 79.64 -9.32 -59.26
CA PRO B 562 80.98 -8.75 -59.43
C PRO B 562 80.97 -7.43 -60.18
N ASN B 563 82.16 -6.87 -60.40
CA ASN B 563 82.29 -5.67 -61.21
C ASN B 563 81.95 -5.99 -62.66
N ASP B 564 81.53 -4.96 -63.39
CA ASP B 564 81.04 -5.16 -64.75
C ASP B 564 82.10 -5.70 -65.69
N GLU B 565 83.37 -5.54 -65.35
CA GLU B 565 84.47 -6.08 -66.16
C GLU B 565 84.91 -7.47 -65.71
N LYS B 566 84.27 -8.03 -64.69
CA LYS B 566 84.53 -9.39 -64.23
C LYS B 566 85.99 -9.57 -63.83
N ILE B 567 86.42 -8.70 -62.91
CA ILE B 567 87.80 -8.66 -62.44
C ILE B 567 87.81 -8.96 -60.95
N GLY B 568 88.88 -9.59 -60.48
CA GLY B 568 89.00 -10.01 -59.10
C GLY B 568 89.16 -8.90 -58.08
N VAL B 569 89.29 -7.66 -58.52
CA VAL B 569 89.32 -6.53 -57.59
C VAL B 569 87.89 -6.20 -57.19
N PHE B 570 87.68 -5.97 -55.89
CA PHE B 570 86.37 -5.64 -55.37
C PHE B 570 86.54 -4.60 -54.26
N LEU B 571 85.46 -4.35 -53.52
CA LEU B 571 85.51 -3.43 -52.39
C LEU B 571 86.31 -4.07 -51.27
N GLY B 572 87.59 -3.72 -51.17
CA GLY B 572 88.44 -4.32 -50.15
C GLY B 572 88.60 -5.82 -50.31
N MET B 573 88.68 -6.30 -51.55
CA MET B 573 88.73 -7.72 -51.82
C MET B 573 89.66 -7.96 -53.00
N VAL B 574 90.49 -8.99 -52.89
CA VAL B 574 91.37 -9.43 -53.97
C VAL B 574 91.25 -10.94 -54.08
N GLN B 575 91.08 -11.43 -55.32
CA GLN B 575 90.99 -12.86 -55.56
C GLN B 575 92.33 -13.39 -56.05
N LEU B 576 92.80 -14.47 -55.44
CA LEU B 576 94.03 -15.14 -55.84
C LEU B 576 93.66 -16.49 -56.43
N ASN B 577 93.98 -16.69 -57.70
CA ASN B 577 93.55 -17.89 -58.41
C ASN B 577 94.22 -19.13 -57.82
N ARG B 578 93.47 -20.24 -57.79
CA ARG B 578 93.98 -21.51 -57.33
C ARG B 578 94.05 -22.57 -58.41
N LYS B 579 93.22 -22.46 -59.45
CA LYS B 579 93.29 -23.35 -60.60
C LYS B 579 94.33 -22.80 -61.58
N SER B 580 95.29 -23.65 -61.94
CA SER B 580 96.40 -23.22 -62.80
C SER B 580 95.86 -22.88 -64.19
N ARG B 581 95.82 -21.59 -64.51
CA ARG B 581 95.42 -21.17 -65.83
C ARG B 581 96.52 -21.51 -66.84
N GLN B 582 96.10 -21.63 -68.11
CA GLN B 582 96.95 -22.18 -69.15
C GLN B 582 97.65 -21.07 -69.92
N HIS B 583 98.96 -21.26 -70.13
CA HIS B 583 99.78 -20.35 -70.94
C HIS B 583 99.76 -18.93 -70.39
N MET B 584 100.30 -18.79 -69.18
CA MET B 584 100.42 -17.47 -68.56
C MET B 584 101.53 -16.67 -69.24
N PRO B 585 101.24 -15.52 -69.83
CA PRO B 585 102.31 -14.67 -70.35
C PRO B 585 103.16 -14.10 -69.22
N GLY B 586 104.44 -13.88 -69.53
CA GLY B 586 105.32 -13.31 -68.55
C GLY B 586 105.69 -14.29 -67.44
N GLY B 587 106.22 -13.73 -66.36
CA GLY B 587 106.66 -14.49 -65.22
C GLY B 587 105.60 -14.83 -64.19
N TYR B 588 104.34 -14.49 -64.46
CA TYR B 588 103.27 -14.79 -63.51
C TYR B 588 103.07 -16.30 -63.42
N LYS B 589 102.88 -16.79 -62.20
CA LYS B 589 102.64 -18.20 -61.92
C LYS B 589 101.37 -18.33 -61.09
N LYS B 590 100.87 -19.57 -61.00
CA LYS B 590 99.69 -19.83 -60.19
C LYS B 590 100.00 -19.62 -58.72
N PHE B 591 99.04 -19.08 -57.99
CA PHE B 591 99.22 -18.80 -56.57
C PHE B 591 99.27 -20.10 -55.79
N ASN B 592 100.48 -20.48 -55.38
CA ASN B 592 100.69 -21.70 -54.60
C ASN B 592 100.84 -21.34 -53.13
N ILE B 593 100.14 -22.08 -52.27
CA ILE B 593 100.06 -21.76 -50.85
C ILE B 593 101.38 -21.99 -50.13
N ASP B 594 102.32 -22.70 -50.74
CA ASP B 594 103.52 -23.18 -50.06
C ASP B 594 104.66 -22.17 -50.05
N THR B 595 104.84 -21.41 -51.13
CA THR B 595 106.03 -20.58 -51.28
C THR B 595 106.11 -19.46 -50.25
N GLU B 596 105.00 -19.17 -49.55
CA GLU B 596 104.99 -18.09 -48.58
C GLU B 596 106.03 -18.33 -47.48
N ASN B 597 106.76 -17.27 -47.14
CA ASN B 597 107.87 -17.36 -46.20
C ASN B 597 107.37 -17.45 -44.77
N GLY B 598 108.30 -17.78 -43.86
CA GLY B 598 107.96 -17.89 -42.46
C GLY B 598 107.91 -16.55 -41.75
N LEU B 599 107.18 -16.54 -40.63
CA LEU B 599 106.99 -15.38 -39.75
C LEU B 599 106.08 -14.34 -40.42
N ALA B 600 105.78 -14.57 -41.70
CA ALA B 600 104.80 -13.77 -42.43
C ALA B 600 103.69 -14.62 -43.02
N LYS B 601 103.84 -15.95 -43.00
CA LYS B 601 102.75 -16.82 -43.44
C LYS B 601 101.52 -16.65 -42.55
N ALA B 602 101.74 -16.46 -41.24
CA ALA B 602 100.63 -16.27 -40.32
C ALA B 602 99.80 -15.04 -40.71
N ALA B 603 100.48 -13.93 -41.04
CA ALA B 603 99.77 -12.78 -41.56
C ALA B 603 99.11 -13.12 -42.89
N MET B 604 99.80 -13.86 -43.76
CA MET B 604 99.18 -14.31 -45.00
C MET B 604 98.07 -15.32 -44.74
N ALA B 605 98.21 -16.14 -43.70
CA ALA B 605 97.19 -17.14 -43.40
C ALA B 605 95.86 -16.48 -43.05
N SER B 606 95.89 -15.39 -42.29
CA SER B 606 94.66 -14.70 -41.92
C SER B 606 93.97 -14.08 -43.12
N SER B 607 94.74 -13.61 -44.11
CA SER B 607 94.17 -12.93 -45.27
C SER B 607 93.45 -13.87 -46.23
N LEU B 608 93.29 -15.15 -45.93
CA LEU B 608 92.64 -16.10 -46.83
C LEU B 608 91.20 -16.33 -46.40
N SER B 609 90.31 -16.42 -47.39
CA SER B 609 88.89 -16.64 -47.12
C SER B 609 88.30 -17.40 -48.31
N THR B 610 88.17 -18.71 -48.17
CA THR B 610 87.61 -19.55 -49.23
C THR B 610 86.09 -19.50 -49.19
N VAL B 611 85.48 -19.35 -50.37
CA VAL B 611 84.04 -19.26 -50.52
C VAL B 611 83.57 -20.39 -51.43
N ALA B 612 82.64 -21.20 -50.93
CA ALA B 612 82.06 -22.29 -51.70
C ALA B 612 80.86 -21.75 -52.47
N SER B 613 81.07 -21.42 -53.74
CA SER B 613 80.05 -20.87 -54.62
C SER B 613 80.07 -21.59 -55.97
N ASN B 614 80.02 -22.92 -55.91
CA ASN B 614 80.18 -23.89 -56.99
C ASN B 614 81.65 -24.08 -57.35
N ASN B 615 82.56 -23.29 -56.78
CA ASN B 615 83.99 -23.44 -57.04
C ASN B 615 84.73 -22.75 -55.92
N LEU B 616 85.51 -23.50 -55.15
CA LEU B 616 86.26 -22.93 -54.04
C LEU B 616 87.27 -21.91 -54.55
N MET B 617 87.02 -20.63 -54.28
CA MET B 617 87.92 -19.55 -54.67
C MET B 617 88.34 -18.79 -53.43
N ASP B 618 89.65 -18.59 -53.27
CA ASP B 618 90.18 -17.87 -52.12
C ASP B 618 90.18 -16.38 -52.41
N PHE B 619 89.75 -15.60 -51.43
CA PHE B 619 89.68 -14.14 -51.53
C PHE B 619 90.62 -13.53 -50.51
N CYS B 620 91.56 -12.72 -50.99
CA CYS B 620 92.38 -11.94 -50.08
C CYS B 620 91.60 -10.71 -49.63
N SER B 621 91.44 -10.57 -48.31
CA SER B 621 90.54 -9.55 -47.76
C SER B 621 91.23 -8.79 -46.64
N VAL B 622 91.08 -7.47 -46.67
CA VAL B 622 91.48 -6.66 -45.53
C VAL B 622 90.53 -6.91 -44.35
N PHE B 623 89.27 -7.26 -44.63
CA PHE B 623 88.32 -7.51 -43.55
C PHE B 623 88.76 -8.66 -42.67
N ASN B 624 89.25 -9.75 -43.28
CA ASN B 624 89.80 -10.83 -42.48
C ASN B 624 91.03 -10.37 -41.69
N LEU B 625 91.85 -9.52 -42.30
CA LEU B 625 93.01 -8.98 -41.58
C LEU B 625 92.58 -8.20 -40.36
N ILE B 626 91.70 -7.22 -40.54
CA ILE B 626 91.25 -6.39 -39.43
C ILE B 626 90.31 -7.17 -38.52
N GLY B 627 89.52 -8.08 -39.10
CA GLY B 627 88.68 -8.93 -38.28
C GLY B 627 89.49 -9.81 -37.34
N ALA B 628 90.65 -10.28 -37.81
CA ALA B 628 91.49 -11.11 -36.96
C ALA B 628 92.05 -10.35 -35.77
N ILE B 629 92.33 -9.06 -35.94
CA ILE B 629 92.98 -8.30 -34.87
C ILE B 629 92.10 -8.25 -33.63
N ALA B 630 90.78 -8.32 -33.82
CA ALA B 630 89.88 -8.42 -32.67
C ALA B 630 90.13 -9.71 -31.91
N ASP B 631 90.41 -10.80 -32.62
CA ASP B 631 90.54 -12.10 -31.98
C ASP B 631 91.76 -12.16 -31.07
N ILE B 632 92.93 -11.74 -31.57
CA ILE B 632 94.14 -11.81 -30.76
C ILE B 632 94.06 -10.87 -29.56
N SER B 633 93.54 -9.66 -29.76
CA SER B 633 93.48 -8.65 -28.72
C SER B 633 92.24 -8.77 -27.83
N ALA B 634 91.53 -9.90 -27.91
CA ALA B 634 90.36 -10.09 -27.06
C ALA B 634 90.76 -10.17 -25.59
N CYS B 635 91.55 -11.18 -25.23
CA CYS B 635 91.96 -11.39 -23.84
C CYS B 635 93.33 -12.03 -23.81
N ARG B 636 94.17 -11.59 -22.88
CA ARG B 636 95.53 -12.10 -22.73
C ARG B 636 95.70 -12.66 -21.33
N CYS B 637 95.79 -13.98 -21.23
CA CYS B 637 96.11 -14.63 -19.96
C CYS B 637 97.26 -15.62 -20.15
N GLU B 638 97.33 -16.23 -21.34
CA GLU B 638 98.39 -17.17 -21.66
C GLU B 638 98.72 -17.04 -23.14
N ARG B 639 99.92 -17.51 -23.49
CA ARG B 639 100.36 -17.53 -24.88
C ARG B 639 100.01 -18.83 -25.57
N SER B 640 98.74 -19.23 -25.49
CA SER B 640 98.25 -20.46 -26.09
C SER B 640 97.23 -20.20 -27.19
N ALA B 641 96.21 -19.40 -26.90
CA ALA B 641 95.21 -19.05 -27.91
C ALA B 641 95.68 -17.97 -28.86
N ILE B 642 96.85 -17.38 -28.60
CA ILE B 642 97.38 -16.35 -29.48
C ILE B 642 97.63 -16.90 -30.88
N THR B 643 98.09 -18.15 -30.97
CA THR B 643 98.30 -18.78 -32.26
C THR B 643 97.05 -19.48 -32.78
N ASN B 644 96.02 -19.65 -31.95
CA ASN B 644 94.80 -20.32 -32.41
C ASN B 644 94.11 -19.51 -33.49
N ALA B 645 93.96 -18.20 -33.27
CA ALA B 645 93.24 -17.35 -34.21
C ALA B 645 93.90 -17.30 -35.58
N PHE B 646 95.21 -17.60 -35.66
CA PHE B 646 95.88 -17.61 -36.95
C PHE B 646 95.30 -18.68 -37.87
N ASN B 647 94.79 -19.77 -37.30
CA ASN B 647 94.20 -20.85 -38.08
C ASN B 647 92.80 -21.21 -37.59
N LYS B 648 92.17 -20.35 -36.79
CA LYS B 648 90.80 -20.58 -36.39
C LYS B 648 89.81 -20.46 -37.55
N VAL B 649 90.25 -19.92 -38.69
CA VAL B 649 89.38 -19.69 -39.84
C VAL B 649 89.84 -20.44 -41.08
N ILE B 650 90.85 -21.30 -40.97
CA ILE B 650 91.42 -21.98 -42.11
C ILE B 650 91.11 -23.46 -42.02
N ALA B 651 90.83 -24.08 -43.18
CA ALA B 651 90.68 -25.53 -43.31
C ALA B 651 89.45 -26.05 -42.59
N GLN B 652 88.69 -25.17 -41.95
CA GLN B 652 87.45 -25.56 -41.28
C GLN B 652 86.27 -24.64 -41.56
N THR B 653 86.49 -23.37 -41.88
CA THR B 653 85.42 -22.42 -42.09
C THR B 653 85.03 -22.41 -43.57
N THR B 654 83.88 -22.99 -43.88
CA THR B 654 83.35 -23.00 -45.24
C THR B 654 82.17 -22.06 -45.33
N CYS B 655 82.12 -21.26 -46.39
CA CYS B 655 81.04 -20.32 -46.62
C CYS B 655 80.24 -20.75 -47.85
N ILE B 656 78.92 -20.75 -47.73
CA ILE B 656 78.04 -21.22 -48.78
C ILE B 656 77.46 -20.01 -49.50
N VAL B 657 76.88 -20.27 -50.68
CA VAL B 657 76.33 -19.18 -51.50
C VAL B 657 75.18 -18.52 -50.75
N PRO B 658 75.08 -17.19 -50.74
CA PRO B 658 73.97 -16.54 -50.05
C PRO B 658 72.65 -16.93 -50.68
N PRO B 659 71.58 -16.99 -49.89
CA PRO B 659 70.26 -17.34 -50.45
C PRO B 659 69.77 -16.37 -51.51
N TRP B 660 70.14 -15.10 -51.42
CA TRP B 660 69.66 -14.08 -52.35
C TRP B 660 70.48 -14.03 -53.64
N SER B 661 71.22 -15.10 -53.96
CA SER B 661 72.02 -15.10 -55.17
C SER B 661 71.15 -14.97 -56.41
N GLU B 662 70.04 -15.71 -56.45
CA GLU B 662 69.06 -15.67 -57.55
C GLU B 662 69.69 -15.93 -58.90
N ALA B 663 70.87 -16.54 -58.94
CA ALA B 663 71.58 -16.81 -60.18
C ALA B 663 72.58 -17.94 -60.01
N GLN B 700 114.50 -25.88 -40.54
CA GLN B 700 114.18 -26.10 -39.13
C GLN B 700 113.03 -27.09 -38.99
N ASP B 701 112.64 -27.37 -37.74
CA ASP B 701 111.52 -28.24 -37.47
C ASP B 701 110.18 -27.63 -37.88
N ASP B 702 110.15 -26.32 -38.14
CA ASP B 702 108.95 -25.60 -38.57
C ASP B 702 107.85 -25.62 -37.52
N ALA B 703 108.13 -26.19 -36.35
CA ALA B 703 107.23 -26.12 -35.21
C ALA B 703 107.52 -24.93 -34.30
N THR B 704 108.62 -24.22 -34.55
CA THR B 704 108.99 -23.05 -33.78
C THR B 704 109.21 -21.81 -34.65
N GLU B 705 109.02 -21.91 -35.96
CA GLU B 705 109.14 -20.74 -36.81
C GLU B 705 108.09 -19.70 -36.48
N PHE B 706 106.87 -20.16 -36.15
CA PHE B 706 105.84 -19.22 -35.72
C PHE B 706 106.20 -18.56 -34.39
N SER B 707 106.86 -19.29 -33.49
CA SER B 707 107.18 -18.77 -32.17
C SER B 707 108.07 -17.52 -32.24
N ASP B 708 108.80 -17.33 -33.34
CA ASP B 708 109.58 -16.11 -33.49
C ASP B 708 108.68 -14.87 -33.51
N ALA B 709 107.54 -14.97 -34.20
CA ALA B 709 106.61 -13.85 -34.26
C ALA B 709 105.69 -13.79 -33.05
N ILE B 710 105.46 -14.94 -32.39
CA ILE B 710 104.50 -14.98 -31.29
C ILE B 710 104.95 -14.08 -30.15
N THR B 711 106.25 -14.12 -29.81
CA THR B 711 106.74 -13.25 -28.75
C THR B 711 106.56 -11.77 -29.09
N LYS B 712 106.62 -11.42 -30.37
CA LYS B 712 106.38 -10.04 -30.77
C LYS B 712 104.91 -9.68 -30.62
N VAL B 713 104.01 -10.58 -31.03
CA VAL B 713 102.58 -10.35 -30.84
C VAL B 713 102.24 -10.31 -29.36
N GLU B 714 102.90 -11.16 -28.56
CA GLU B 714 102.69 -11.12 -27.12
C GLU B 714 103.11 -9.79 -26.53
N GLN B 715 104.27 -9.27 -26.95
CA GLN B 715 104.71 -7.96 -26.48
C GLN B 715 103.81 -6.85 -27.00
N TRP B 716 103.23 -7.03 -28.19
CA TRP B 716 102.29 -6.04 -28.71
C TRP B 716 101.04 -5.96 -27.83
N LEU B 717 100.56 -7.10 -27.33
CA LEU B 717 99.42 -7.08 -26.42
C LEU B 717 99.77 -6.42 -25.09
N LYS B 718 101.06 -6.44 -24.72
CA LYS B 718 101.47 -5.75 -23.50
C LYS B 718 101.24 -4.25 -23.61
N ASN B 719 101.56 -3.67 -24.78
CA ASN B 719 101.24 -2.27 -25.01
C ASN B 719 99.74 -2.08 -25.19
N VAL B 720 99.06 -3.08 -25.77
CA VAL B 720 97.62 -3.00 -25.95
C VAL B 720 96.91 -2.95 -24.61
N ASN B 721 97.33 -3.82 -23.68
CA ASN B 721 96.71 -3.90 -22.37
C ASN B 721 97.30 -2.89 -21.39
N GLU B 722 97.91 -1.81 -21.88
CA GLU B 722 98.41 -0.74 -21.03
C GLU B 722 97.91 0.63 -21.44
N ILE B 723 97.61 0.85 -22.71
CA ILE B 723 97.16 2.14 -23.21
C ILE B 723 95.69 2.11 -23.60
N GLU B 724 95.22 1.00 -24.17
CA GLU B 724 93.86 0.92 -24.67
C GLU B 724 92.83 1.02 -23.56
N ILE B 725 93.21 0.70 -22.32
CA ILE B 725 92.32 0.95 -21.19
C ILE B 725 92.09 2.44 -21.02
N GLY B 726 93.11 3.25 -21.29
CA GLY B 726 93.06 4.68 -21.09
C GLY B 726 92.44 5.51 -22.20
N ILE B 727 91.88 4.89 -23.24
CA ILE B 727 91.28 5.63 -24.32
C ILE B 727 89.78 5.75 -24.07
N ARG B 728 89.14 6.67 -24.78
CA ARG B 728 87.70 6.92 -24.65
C ARG B 728 87.10 6.97 -26.05
N PRO B 729 86.83 5.81 -26.66
CA PRO B 729 86.24 5.80 -28.00
C PRO B 729 84.86 6.45 -28.00
N SER B 730 84.49 6.96 -29.17
CA SER B 730 83.30 7.79 -29.32
C SER B 730 82.29 7.10 -30.21
N ALA B 731 81.11 7.72 -30.32
CA ALA B 731 80.03 7.24 -31.18
C ALA B 731 80.05 7.88 -32.56
N LEU B 732 80.98 8.80 -32.82
CA LEU B 732 81.09 9.46 -34.11
C LEU B 732 82.27 8.99 -34.93
N LEU B 733 83.35 8.53 -34.28
CA LEU B 733 84.48 7.96 -35.01
C LEU B 733 84.04 6.78 -35.85
N ILE B 734 83.32 5.84 -35.24
CA ILE B 734 82.88 4.64 -35.94
C ILE B 734 81.97 5.00 -37.11
N GLY B 735 81.17 6.06 -36.96
CA GLY B 735 80.39 6.54 -38.08
C GLY B 735 81.20 7.28 -39.14
N LYS B 736 82.39 7.76 -38.76
CA LYS B 736 83.22 8.55 -39.67
C LYS B 736 84.41 7.78 -40.21
N VAL B 737 85.00 6.87 -39.43
CA VAL B 737 86.11 6.06 -39.95
C VAL B 737 85.64 5.23 -41.14
N TRP B 738 84.46 4.63 -41.03
CA TRP B 738 83.94 3.83 -42.13
C TRP B 738 83.66 4.68 -43.36
N SER B 739 83.14 5.90 -43.17
CA SER B 739 82.77 6.72 -44.32
C SER B 739 83.98 7.05 -45.18
N ARG B 740 85.11 7.37 -44.56
CA ARG B 740 86.35 7.51 -45.31
C ARG B 740 86.76 6.19 -45.95
N PHE B 741 86.66 5.10 -45.19
CA PHE B 741 87.11 3.80 -45.68
C PHE B 741 86.26 3.31 -46.85
N TYR B 742 84.93 3.49 -46.76
CA TYR B 742 84.07 2.99 -47.83
C TYR B 742 84.32 3.73 -49.14
N PHE B 743 84.48 5.05 -49.09
CA PHE B 743 84.74 5.80 -50.31
C PHE B 743 86.12 5.50 -50.86
N ASN B 744 87.11 5.32 -49.96
CA ASN B 744 88.46 5.04 -50.40
C ASN B 744 88.54 3.75 -51.21
N LEU B 745 87.93 2.68 -50.70
CA LEU B 745 87.95 1.40 -51.40
C LEU B 745 87.21 1.48 -52.72
N ASN B 746 86.06 2.17 -52.74
CA ASN B 746 85.30 2.29 -53.98
C ASN B 746 86.08 3.01 -55.07
N ASN B 747 87.04 3.86 -54.68
CA ASN B 747 87.88 4.52 -55.68
C ASN B 747 88.87 3.54 -56.29
N VAL B 748 89.44 2.65 -55.48
CA VAL B 748 90.38 1.65 -56.00
C VAL B 748 89.67 0.66 -56.92
N ALA B 749 88.41 0.34 -56.62
CA ALA B 749 87.71 -0.69 -57.39
C ALA B 749 87.54 -0.29 -58.85
N ASP B 750 87.19 0.96 -59.12
CA ASP B 750 86.98 1.43 -60.48
C ASP B 750 88.19 2.15 -61.05
N GLN B 751 89.33 2.11 -60.37
CA GLN B 751 90.56 2.73 -60.86
C GLN B 751 91.58 1.72 -61.37
N HIS B 752 91.49 0.45 -60.95
CA HIS B 752 92.45 -0.57 -61.35
C HIS B 752 91.82 -1.65 -62.23
N LYS B 753 90.71 -1.33 -62.90
CA LYS B 753 90.04 -2.33 -63.73
C LYS B 753 90.78 -2.55 -65.05
N THR B 754 90.92 -1.51 -65.85
CA THR B 754 91.52 -1.62 -67.17
C THR B 754 93.05 -1.56 -67.14
N ARG B 755 93.65 -1.38 -65.97
CA ARG B 755 95.08 -1.21 -65.85
C ARG B 755 95.80 -2.50 -65.42
N LEU B 756 95.26 -3.65 -65.83
CA LEU B 756 95.87 -4.95 -65.53
C LEU B 756 96.56 -5.44 -66.80
N TYR B 757 97.89 -5.54 -66.75
CA TYR B 757 98.70 -5.84 -67.92
C TYR B 757 100.10 -6.28 -67.48
N ARG B 758 100.83 -6.86 -68.42
CA ARG B 758 102.11 -7.47 -68.13
C ARG B 758 103.17 -6.40 -67.88
N ASN B 759 104.42 -6.84 -67.74
CA ASN B 759 105.56 -5.99 -67.39
C ASN B 759 105.37 -5.32 -66.04
N ALA B 760 104.49 -5.86 -65.21
CA ALA B 760 104.21 -5.34 -63.87
C ALA B 760 104.57 -6.35 -62.78
N GLU B 761 105.27 -7.43 -63.13
CA GLU B 761 105.65 -8.45 -62.16
C GLU B 761 106.62 -7.93 -61.11
N HIS B 762 107.25 -6.77 -61.33
CA HIS B 762 108.14 -6.18 -60.36
C HIS B 762 107.65 -4.85 -59.80
N GLY B 763 106.64 -4.23 -60.42
CA GLY B 763 106.06 -3.01 -59.88
C GLY B 763 107.03 -1.84 -59.76
N ARG B 764 107.78 -1.57 -60.82
CA ARG B 764 108.74 -0.47 -60.77
C ARG B 764 108.06 0.87 -60.60
N MET B 765 107.06 1.15 -61.44
CA MET B 765 106.44 2.45 -61.52
C MET B 765 104.94 2.33 -61.31
N ALA B 766 104.27 3.48 -61.26
CA ALA B 766 102.83 3.52 -61.11
C ALA B 766 102.15 3.11 -62.42
N SER B 767 100.81 3.21 -62.43
CA SER B 767 99.99 2.86 -63.58
C SER B 767 100.06 1.36 -63.87
N GLN B 768 100.79 0.62 -63.04
CA GLN B 768 100.92 -0.83 -63.14
C GLN B 768 100.20 -1.45 -61.93
N SER B 769 99.25 -2.34 -62.19
CA SER B 769 98.43 -2.92 -61.14
C SER B 769 98.77 -4.39 -60.97
N ASN B 770 99.42 -4.72 -59.86
CA ASN B 770 99.66 -6.10 -59.48
C ASN B 770 98.83 -6.44 -58.25
N ALA B 771 98.67 -7.74 -58.00
CA ALA B 771 97.83 -8.19 -56.89
C ALA B 771 98.39 -7.72 -55.55
N ALA B 772 99.71 -7.76 -55.38
CA ALA B 772 100.32 -7.37 -54.12
C ALA B 772 100.24 -5.87 -53.88
N LYS B 773 99.96 -5.07 -54.91
CA LYS B 773 99.77 -3.64 -54.73
C LYS B 773 98.31 -3.27 -54.50
N ILE B 774 97.38 -3.95 -55.17
CA ILE B 774 95.97 -3.69 -54.96
C ILE B 774 95.59 -3.99 -53.52
N MET B 775 96.07 -5.11 -52.98
CA MET B 775 95.86 -5.40 -51.57
C MET B 775 96.62 -4.42 -50.68
N ARG B 776 97.77 -3.94 -51.15
CA ARG B 776 98.53 -2.97 -50.37
C ARG B 776 97.75 -1.67 -50.18
N PHE B 777 96.91 -1.31 -51.15
CA PHE B 777 96.12 -0.09 -51.03
C PHE B 777 95.04 -0.23 -49.97
N ASN B 778 94.35 -1.38 -49.98
CA ASN B 778 93.25 -1.59 -49.04
C ASN B 778 93.75 -1.59 -47.60
N VAL B 779 94.87 -2.26 -47.34
CA VAL B 779 95.43 -2.20 -45.99
C VAL B 779 95.96 -0.80 -45.68
N LEU B 780 96.41 -0.07 -46.71
CA LEU B 780 96.83 1.31 -46.51
C LEU B 780 95.63 2.22 -46.31
N ALA B 781 94.50 1.94 -46.97
CA ALA B 781 93.30 2.75 -46.77
C ALA B 781 92.79 2.64 -45.35
N PHE B 782 92.84 1.44 -44.77
CA PHE B 782 92.41 1.27 -43.38
C PHE B 782 93.30 2.06 -42.43
N LEU B 783 94.62 2.02 -42.65
CA LEU B 783 95.54 2.81 -41.85
C LEU B 783 95.40 4.30 -42.13
N HIS B 784 94.76 4.68 -43.23
CA HIS B 784 94.61 6.09 -43.58
C HIS B 784 93.37 6.71 -42.93
N ALA B 785 92.22 6.03 -43.03
CA ALA B 785 91.00 6.58 -42.46
C ALA B 785 91.11 6.71 -40.94
N VAL B 786 91.83 5.79 -40.29
CA VAL B 786 91.97 5.86 -38.84
C VAL B 786 92.75 7.10 -38.43
N LEU B 787 93.77 7.47 -39.22
CA LEU B 787 94.60 8.62 -38.87
C LEU B 787 93.81 9.91 -38.89
N VAL B 788 93.07 10.16 -39.97
CA VAL B 788 92.38 11.44 -40.11
C VAL B 788 91.26 11.57 -39.10
N GLU B 789 90.54 10.49 -38.82
CA GLU B 789 89.37 10.57 -37.94
C GLU B 789 89.79 10.72 -36.48
N GLU B 790 90.83 9.98 -36.07
CA GLU B 790 91.29 10.09 -34.68
C GLU B 790 91.77 11.50 -34.37
N SER B 791 92.49 12.11 -35.31
CA SER B 791 92.96 13.48 -35.11
C SER B 791 91.80 14.46 -35.02
N LEU B 792 90.77 14.26 -35.85
CA LEU B 792 89.64 15.17 -35.87
C LEU B 792 88.76 15.00 -34.63
N TYR B 793 88.23 13.79 -34.43
CA TYR B 793 87.30 13.52 -33.35
C TYR B 793 87.92 12.51 -32.40
N HIS B 794 87.94 12.85 -31.11
CA HIS B 794 88.44 12.00 -30.03
C HIS B 794 88.10 12.69 -28.72
N SER B 795 88.58 12.13 -27.60
CA SER B 795 88.41 12.75 -26.30
C SER B 795 89.71 13.30 -25.74
N VAL B 796 90.79 12.51 -25.79
CA VAL B 796 92.08 12.96 -25.28
C VAL B 796 92.60 14.12 -26.13
N SER B 797 92.45 14.02 -27.44
CA SER B 797 92.90 15.07 -28.36
C SER B 797 91.90 16.22 -28.26
N ASP B 798 92.13 17.11 -27.30
CA ASP B 798 91.26 18.27 -27.13
C ASP B 798 91.29 19.17 -28.36
N ARG B 799 92.47 19.40 -28.91
CA ARG B 799 92.64 20.21 -30.11
C ARG B 799 93.40 19.38 -31.14
N GLU B 800 92.95 19.44 -32.40
CA GLU B 800 93.47 18.55 -33.43
C GLU B 800 94.93 18.86 -33.75
N TYR B 801 95.59 17.88 -34.34
CA TYR B 801 96.99 18.01 -34.78
C TYR B 801 97.06 17.56 -36.24
N ILE B 802 96.82 18.50 -37.15
CA ILE B 802 96.87 18.23 -38.58
C ILE B 802 96.97 19.57 -39.29
N GLY B 803 97.45 19.54 -40.54
CA GLY B 803 97.60 20.76 -41.30
C GLY B 803 96.28 21.35 -41.72
N GLU B 804 96.31 22.64 -42.05
CA GLU B 804 95.13 23.37 -42.50
C GLU B 804 95.11 23.36 -44.02
N GLY B 805 94.71 22.22 -44.58
CA GLY B 805 94.67 22.06 -46.02
C GLY B 805 93.69 21.00 -46.47
N LEU B 806 93.76 20.64 -47.75
CA LEU B 806 92.87 19.62 -48.29
C LEU B 806 93.16 18.26 -47.66
N ARG B 807 92.10 17.48 -47.50
CA ARG B 807 92.19 16.13 -46.92
C ARG B 807 91.81 15.14 -48.01
N LEU B 808 92.79 14.35 -48.47
CA LEU B 808 92.57 13.40 -49.55
C LEU B 808 92.99 12.00 -49.11
N ASN B 809 92.66 11.03 -49.96
CA ASN B 809 92.89 9.63 -49.70
C ASN B 809 93.87 9.06 -50.72
N PRO B 810 94.91 8.35 -50.29
CA PRO B 810 95.81 7.69 -51.26
C PRO B 810 95.07 6.56 -51.97
N VAL B 811 95.01 6.66 -53.30
CA VAL B 811 94.35 5.66 -54.13
C VAL B 811 95.33 4.93 -55.03
N THR B 812 96.29 5.66 -55.61
CA THR B 812 97.30 5.07 -56.48
C THR B 812 98.72 5.29 -55.98
N SER B 813 98.96 6.29 -55.13
CA SER B 813 100.28 6.60 -54.63
C SER B 813 100.29 6.47 -53.11
N VAL B 814 101.40 6.90 -52.49
CA VAL B 814 101.56 6.88 -51.04
C VAL B 814 101.87 8.26 -50.49
N ASP B 815 102.03 9.27 -51.35
CA ASP B 815 102.42 10.59 -50.88
C ASP B 815 101.35 11.24 -50.01
N GLU B 816 100.08 10.93 -50.25
CA GLU B 816 99.02 11.52 -49.45
C GLU B 816 99.11 11.09 -48.00
N PHE B 817 99.46 9.83 -47.75
CA PHE B 817 99.60 9.35 -46.38
C PHE B 817 100.80 9.97 -45.68
N GLU B 818 101.93 10.04 -46.36
CA GLU B 818 103.17 10.46 -45.70
C GLU B 818 103.11 11.92 -45.27
N LYS B 819 102.53 12.80 -46.09
CA LYS B 819 102.50 14.22 -45.76
C LYS B 819 101.68 14.46 -44.50
N LYS B 820 100.59 13.70 -44.32
CA LYS B 820 99.82 13.79 -43.09
C LYS B 820 100.66 13.37 -41.88
N ILE B 821 101.52 12.37 -42.06
CA ILE B 821 102.44 11.98 -41.00
C ILE B 821 103.42 13.11 -40.71
N LYS B 822 103.93 13.75 -41.76
CA LYS B 822 104.94 14.79 -41.57
C LYS B 822 104.39 15.97 -40.77
N ILE B 823 103.22 16.47 -41.16
CA ILE B 823 102.64 17.62 -40.45
C ILE B 823 102.28 17.24 -39.03
N ILE B 824 101.90 15.98 -38.79
CA ILE B 824 101.66 15.52 -37.43
C ILE B 824 102.95 15.52 -36.63
N GLY B 825 104.05 15.09 -37.25
CA GLY B 825 105.33 14.92 -36.59
C GLY B 825 105.81 16.09 -35.77
N GLU B 826 106.10 17.22 -36.44
CA GLU B 826 106.62 18.38 -35.72
C GLU B 826 105.59 18.97 -34.76
N LYS B 827 104.30 18.91 -35.11
CA LYS B 827 103.28 19.55 -34.28
C LYS B 827 103.21 18.91 -32.90
N LEU B 828 103.26 17.58 -32.84
CA LEU B 828 103.29 16.91 -31.54
C LEU B 828 104.59 17.20 -30.80
N LYS B 829 105.72 17.20 -31.52
CA LYS B 829 107.00 17.51 -30.88
C LYS B 829 107.08 18.97 -30.47
N ALA B 830 106.46 19.88 -31.23
CA ALA B 830 106.47 21.28 -30.86
C ALA B 830 105.76 21.51 -29.53
N ASP B 831 104.65 20.82 -29.30
CA ASP B 831 103.92 20.90 -28.05
C ASP B 831 104.47 19.96 -26.98
N ASN B 832 105.55 19.23 -27.29
CA ASN B 832 106.13 18.25 -26.37
C ASN B 832 105.11 17.20 -25.97
N LYS B 833 104.29 16.77 -26.93
CA LYS B 833 103.28 15.76 -26.72
C LYS B 833 103.66 14.50 -27.47
N THR B 834 103.65 13.37 -26.76
CA THR B 834 103.98 12.09 -27.36
C THR B 834 102.82 11.58 -28.21
N TRP B 835 103.12 10.62 -29.08
CA TRP B 835 102.10 10.03 -29.93
C TRP B 835 101.17 9.11 -29.14
N LYS B 836 101.69 8.44 -28.11
CA LYS B 836 100.92 7.43 -27.40
C LYS B 836 99.75 8.04 -26.64
N ASN B 837 99.86 9.30 -26.22
CA ASN B 837 98.80 9.94 -25.44
C ASN B 837 97.90 10.81 -26.29
N THR B 838 98.47 11.63 -27.18
CA THR B 838 97.65 12.51 -28.01
C THR B 838 96.91 11.73 -29.09
N HIS B 839 97.56 10.72 -29.67
CA HIS B 839 96.98 9.90 -30.73
C HIS B 839 97.12 8.43 -30.37
N PRO B 840 96.36 7.96 -29.38
CA PRO B 840 96.55 6.57 -28.92
C PRO B 840 96.00 5.54 -29.88
N LEU B 841 94.86 5.82 -30.52
CA LEU B 841 94.21 4.80 -31.35
C LEU B 841 95.08 4.40 -32.52
N PHE B 842 95.76 5.36 -33.14
CA PHE B 842 96.65 5.02 -34.25
C PHE B 842 97.91 4.32 -33.77
N PHE B 843 98.43 4.73 -32.61
CA PHE B 843 99.74 4.25 -32.15
C PHE B 843 99.75 2.74 -31.97
N LEU B 844 98.74 2.19 -31.29
CA LEU B 844 98.74 0.76 -30.99
C LEU B 844 98.62 -0.07 -32.27
N LEU B 845 97.75 0.34 -33.20
CA LEU B 845 97.52 -0.48 -34.38
C LEU B 845 98.65 -0.38 -35.39
N ILE B 846 99.43 0.70 -35.37
CA ILE B 846 100.59 0.81 -36.26
C ILE B 846 101.60 -0.30 -35.95
N SER B 847 101.91 -0.49 -34.67
CA SER B 847 102.87 -1.52 -34.28
C SER B 847 102.19 -2.87 -34.15
N CYS B 848 101.45 -3.27 -35.19
CA CYS B 848 100.78 -4.57 -35.20
C CYS B 848 101.60 -5.55 -36.01
N PRO B 849 102.09 -6.63 -35.43
CA PRO B 849 102.90 -7.58 -36.22
C PRO B 849 102.14 -8.20 -37.38
N ILE B 850 100.81 -8.25 -37.33
CA ILE B 850 100.05 -8.84 -38.43
C ILE B 850 100.14 -7.97 -39.67
N LEU B 851 100.06 -6.65 -39.51
CA LEU B 851 100.01 -5.74 -40.65
C LEU B 851 101.38 -5.25 -41.10
N HIS B 852 102.45 -5.57 -40.37
CA HIS B 852 103.78 -5.17 -40.81
C HIS B 852 104.19 -5.77 -42.16
N PRO B 853 104.00 -7.07 -42.43
CA PRO B 853 104.45 -7.62 -43.71
C PRO B 853 103.54 -7.35 -44.89
N PHE B 854 102.55 -6.47 -44.76
CA PHE B 854 101.69 -6.07 -45.87
C PHE B 854 101.81 -4.59 -46.20
N ILE B 855 102.51 -3.82 -45.39
CA ILE B 855 102.68 -2.40 -45.70
C ILE B 855 103.73 -2.21 -46.81
N PHE B 856 104.66 -3.14 -46.96
CA PHE B 856 105.72 -3.06 -47.95
C PHE B 856 105.87 -4.39 -48.67
N PRO B 857 104.96 -4.72 -49.59
CA PRO B 857 105.18 -5.87 -50.46
C PRO B 857 106.45 -5.70 -51.28
N VAL B 858 107.17 -6.79 -51.48
CA VAL B 858 108.50 -6.71 -52.08
C VAL B 858 108.42 -6.23 -53.52
N GLY B 859 107.46 -6.72 -54.29
CA GLY B 859 107.33 -6.33 -55.68
C GLY B 859 106.23 -5.31 -55.92
N GLY B 860 105.46 -5.02 -54.88
CA GLY B 860 104.38 -4.06 -54.99
C GLY B 860 104.85 -2.64 -54.78
N ILE B 861 105.98 -2.47 -54.09
CA ILE B 861 106.51 -1.15 -53.84
C ILE B 861 107.08 -0.57 -55.13
N ASN B 862 106.68 0.65 -55.46
CA ASN B 862 107.15 1.29 -56.68
C ASN B 862 108.64 1.62 -56.57
N CYS B 863 109.40 1.28 -57.60
CA CYS B 863 110.79 1.74 -57.66
C CYS B 863 110.84 3.25 -57.69
N SER B 864 110.29 3.86 -58.74
CA SER B 864 109.90 5.27 -58.76
C SER B 864 111.08 6.17 -58.38
N VAL B 865 112.09 6.18 -59.26
CA VAL B 865 113.31 6.93 -58.99
C VAL B 865 113.00 8.37 -58.60
N LYS B 866 111.94 8.94 -59.18
CA LYS B 866 111.49 10.25 -58.73
C LYS B 866 110.81 10.16 -57.36
N ALA B 867 109.94 9.17 -57.18
CA ALA B 867 109.14 9.04 -55.97
C ALA B 867 109.77 8.10 -54.95
N LEU B 868 110.97 7.58 -55.21
CA LEU B 868 111.67 6.81 -54.20
C LEU B 868 111.97 7.65 -52.97
N ASN B 869 112.05 8.98 -53.13
CA ASN B 869 112.19 9.86 -51.99
C ASN B 869 110.99 9.74 -51.04
N LYS B 870 109.80 9.53 -51.61
CA LYS B 870 108.60 9.39 -50.79
C LYS B 870 108.68 8.17 -49.88
N GLU B 871 108.88 6.99 -50.48
CA GLU B 871 108.84 5.75 -49.70
C GLU B 871 109.97 5.70 -48.67
N THR B 872 111.16 6.18 -49.03
CA THR B 872 112.24 6.26 -48.05
C THR B 872 111.86 7.19 -46.91
N SER B 873 111.25 8.33 -47.22
CA SER B 873 110.75 9.21 -46.17
C SER B 873 109.49 8.64 -45.54
N PHE B 874 108.67 7.91 -46.30
CA PHE B 874 107.51 7.26 -45.74
C PHE B 874 107.89 6.22 -44.68
N ASN B 875 108.94 5.45 -44.94
CA ASN B 875 109.32 4.39 -44.01
C ASN B 875 110.15 4.94 -42.86
N LYS B 876 111.04 5.89 -43.14
CA LYS B 876 111.90 6.42 -42.08
C LYS B 876 111.10 7.11 -40.99
N LEU B 877 109.94 7.67 -41.34
CA LEU B 877 109.06 8.25 -40.32
C LEU B 877 108.49 7.16 -39.41
N ILE B 878 108.13 6.02 -39.99
CA ILE B 878 107.62 4.89 -39.21
C ILE B 878 108.68 4.37 -38.25
N ASP B 879 109.95 4.59 -38.55
CA ASP B 879 111.02 4.16 -37.66
C ASP B 879 110.99 4.88 -36.32
N GLU B 880 110.26 5.99 -36.22
CA GLU B 880 110.11 6.71 -34.96
C GLU B 880 108.81 6.38 -34.25
N ILE B 881 107.72 6.16 -34.99
CA ILE B 881 106.47 5.76 -34.36
C ILE B 881 106.60 4.39 -33.72
N VAL B 882 107.39 3.50 -34.31
CA VAL B 882 107.73 2.21 -33.71
C VAL B 882 109.23 2.23 -33.45
N GLY B 883 109.63 2.09 -32.19
CA GLY B 883 111.02 2.19 -31.83
C GLY B 883 111.88 0.99 -32.19
N ASP B 884 111.26 -0.11 -32.63
CA ASP B 884 112.03 -1.30 -32.94
C ASP B 884 112.95 -1.09 -34.13
N LYS B 885 112.41 -0.57 -35.24
CA LYS B 885 113.14 -0.43 -36.49
C LYS B 885 113.78 -1.77 -36.91
N LEU B 886 112.91 -2.74 -37.10
CA LEU B 886 113.31 -4.11 -37.41
C LEU B 886 113.68 -4.33 -38.86
N LEU B 887 113.78 -3.26 -39.66
CA LEU B 887 114.00 -3.42 -41.09
C LEU B 887 115.40 -3.90 -41.42
N SER B 888 116.39 -3.57 -40.58
CA SER B 888 117.79 -3.97 -40.73
C SER B 888 118.48 -3.37 -41.95
N ASP B 889 117.78 -2.51 -42.70
CA ASP B 889 118.31 -1.72 -43.82
C ASP B 889 118.70 -2.56 -45.03
N GLU B 890 118.63 -3.89 -44.93
CA GLU B 890 119.02 -4.77 -46.03
C GLU B 890 117.84 -5.25 -46.85
N GLU B 891 116.64 -5.29 -46.27
CA GLU B 891 115.47 -5.74 -47.01
C GLU B 891 115.00 -4.69 -48.01
N TRP B 892 115.42 -3.43 -47.83
CA TRP B 892 115.17 -2.42 -48.87
C TRP B 892 115.82 -2.80 -50.19
N ASP B 893 117.05 -3.30 -50.14
CA ASP B 893 117.87 -3.40 -51.35
C ASP B 893 117.22 -4.28 -52.41
N TYR B 894 116.66 -5.42 -52.00
CA TYR B 894 116.07 -6.33 -52.98
C TYR B 894 114.83 -5.71 -53.63
N LEU B 895 114.03 -4.98 -52.85
CA LEU B 895 112.80 -4.40 -53.34
C LEU B 895 112.95 -2.99 -53.90
N THR B 896 114.12 -2.37 -53.76
CA THR B 896 114.35 -1.03 -54.30
C THR B 896 115.34 -0.99 -55.45
N LYS B 897 115.90 -2.13 -55.85
CA LYS B 897 116.81 -2.18 -56.98
C LYS B 897 116.12 -2.58 -58.28
N ASN B 898 114.80 -2.77 -58.25
CA ASN B 898 114.05 -3.14 -59.44
C ASN B 898 112.59 -2.74 -59.31
N GLN B 907 120.17 -14.11 -54.28
CA GLN B 907 118.89 -14.11 -53.58
C GLN B 907 119.04 -13.52 -52.18
N GLN B 908 117.90 -13.21 -51.56
CA GLN B 908 117.87 -12.60 -50.23
C GLN B 908 116.86 -13.33 -49.36
N ILE B 909 117.04 -13.19 -48.04
CA ILE B 909 116.19 -13.83 -47.06
C ILE B 909 115.24 -12.79 -46.47
N PHE B 910 113.94 -13.08 -46.50
CA PHE B 910 112.92 -12.16 -46.03
C PHE B 910 112.11 -12.83 -44.92
N GLN B 911 111.80 -12.05 -43.89
CA GLN B 911 110.98 -12.52 -42.78
C GLN B 911 109.69 -11.72 -42.62
N ASN B 912 109.78 -10.39 -42.65
CA ASN B 912 108.62 -9.52 -42.49
C ASN B 912 108.14 -8.96 -43.83
N THR B 913 108.25 -9.74 -44.90
CA THR B 913 107.79 -9.30 -46.21
C THR B 913 107.39 -10.51 -47.03
N ILE B 914 106.23 -10.43 -47.68
CA ILE B 914 105.74 -11.51 -48.53
C ILE B 914 106.37 -11.39 -49.91
N THR B 915 106.92 -12.49 -50.41
CA THR B 915 107.62 -12.52 -51.68
C THR B 915 106.96 -13.49 -52.67
N SER B 916 105.64 -13.65 -52.58
CA SER B 916 104.95 -14.57 -53.48
C SER B 916 103.65 -14.02 -54.07
N LEU B 917 103.13 -12.89 -53.60
CA LEU B 917 101.87 -12.37 -54.14
C LEU B 917 102.05 -11.70 -55.50
N ASN B 918 103.25 -11.19 -55.80
CA ASN B 918 103.44 -10.45 -57.04
C ASN B 918 103.18 -11.31 -58.26
N SER B 919 103.66 -12.55 -58.26
CA SER B 919 103.48 -13.44 -59.39
C SER B 919 102.10 -14.07 -59.46
N SER B 920 101.29 -13.92 -58.41
CA SER B 920 99.94 -14.48 -58.43
C SER B 920 99.08 -13.77 -59.47
N THR B 921 98.10 -14.49 -60.00
CA THR B 921 97.23 -13.99 -61.05
C THR B 921 95.83 -13.72 -60.50
N ILE B 922 95.04 -13.04 -61.32
CA ILE B 922 93.69 -12.62 -60.96
C ILE B 922 92.75 -13.01 -62.09
N VAL B 923 91.54 -13.47 -61.74
CA VAL B 923 90.60 -13.93 -62.74
C VAL B 923 90.25 -12.80 -63.70
N GLY B 924 90.05 -13.15 -64.97
CA GLY B 924 89.68 -12.18 -65.98
C GLY B 924 90.78 -11.26 -66.43
N ALA B 925 92.04 -11.54 -66.06
CA ALA B 925 93.15 -10.64 -66.37
C ALA B 925 93.69 -10.93 -67.77
N SER B 926 92.94 -10.46 -68.77
CA SER B 926 93.43 -10.50 -70.14
C SER B 926 94.68 -9.63 -70.27
N TYR B 927 95.59 -10.06 -71.13
CA TYR B 927 96.92 -9.45 -71.23
C TYR B 927 97.19 -8.99 -72.65
N ASP B 928 96.24 -8.27 -73.24
CA ASP B 928 96.42 -7.76 -74.60
C ASP B 928 97.50 -6.68 -74.65
N LYS B 929 97.29 -5.57 -73.96
CA LYS B 929 98.16 -4.41 -74.06
C LYS B 929 99.23 -4.43 -72.96
N ASP B 930 100.19 -3.53 -73.11
CA ASP B 930 101.29 -3.41 -72.16
C ASP B 930 101.46 -1.96 -71.71
N THR B 931 102.59 -1.64 -71.09
CA THR B 931 102.78 -0.34 -70.46
C THR B 931 102.75 0.78 -71.51
N PRO B 932 101.93 1.80 -71.31
CA PRO B 932 102.02 2.99 -72.17
C PRO B 932 103.35 3.70 -71.97
N ALA B 933 103.83 4.34 -73.03
CA ALA B 933 105.13 4.99 -72.98
C ALA B 933 105.10 6.22 -72.10
N ARG B 934 106.16 6.40 -71.30
CA ARG B 934 106.25 7.55 -70.42
C ARG B 934 107.66 8.14 -70.44
N LYS C 13 82.15 -10.86 3.03
CA LYS C 13 81.86 -11.96 2.13
C LYS C 13 80.54 -12.64 2.50
N ILE C 14 79.70 -12.89 1.50
CA ILE C 14 78.40 -13.51 1.71
C ILE C 14 78.64 -15.02 1.85
N ILE C 15 78.68 -15.50 3.09
CA ILE C 15 78.84 -16.93 3.32
C ILE C 15 77.50 -17.62 3.11
N ILE C 16 77.50 -18.66 2.29
CA ILE C 16 76.29 -19.39 1.95
C ILE C 16 76.51 -20.87 2.23
N ASN C 17 75.61 -21.46 2.99
CA ASN C 17 75.63 -22.89 3.28
C ASN C 17 74.73 -23.63 2.29
N LEU C 18 75.09 -24.89 2.02
CA LEU C 18 74.33 -25.73 1.12
C LEU C 18 73.68 -26.91 1.81
N PHE C 19 74.42 -27.62 2.67
CA PHE C 19 73.87 -28.73 3.44
C PHE C 19 73.27 -28.19 4.75
N ALA C 20 72.15 -27.49 4.59
CA ALA C 20 71.46 -26.94 5.75
C ALA C 20 70.92 -28.05 6.64
N PRO C 21 70.83 -27.81 7.96
CA PRO C 21 70.32 -28.86 8.85
C PRO C 21 68.92 -29.33 8.49
N ASN C 22 68.05 -28.42 8.05
CA ASN C 22 66.73 -28.81 7.58
C ASN C 22 66.71 -29.12 6.09
N LEU C 23 67.76 -28.71 5.35
CA LEU C 23 67.89 -28.90 3.92
C LEU C 23 66.65 -28.41 3.17
N PRO C 24 66.35 -27.12 3.17
CA PRO C 24 65.22 -26.62 2.38
C PRO C 24 65.50 -26.71 0.89
N GLY C 25 64.42 -26.74 0.12
CA GLY C 25 64.53 -26.70 -1.33
C GLY C 25 65.19 -25.43 -1.80
N SER C 26 66.28 -25.56 -2.57
CA SER C 26 67.08 -24.47 -3.13
C SER C 26 67.86 -23.70 -2.06
N THR C 27 67.70 -24.04 -0.78
CA THR C 27 68.40 -23.39 0.32
C THR C 27 68.22 -21.87 0.29
N LYS C 28 66.99 -21.43 0.04
CA LYS C 28 66.64 -20.03 0.10
C LYS C 28 66.07 -19.72 1.48
N GLU C 29 66.77 -18.90 2.26
CA GLU C 29 66.40 -18.66 3.65
C GLU C 29 65.87 -17.25 3.89
N ASP C 30 66.66 -16.21 3.59
CA ASP C 30 66.22 -14.83 3.70
C ASP C 30 67.31 -13.92 3.14
N ASP C 31 66.89 -12.87 2.42
CA ASP C 31 67.80 -11.90 1.80
C ASP C 31 68.96 -12.62 1.12
N LEU C 32 68.59 -13.59 0.28
CA LEU C 32 69.52 -14.50 -0.38
C LEU C 32 70.74 -13.81 -0.98
N ILE C 33 70.54 -12.95 -1.97
CA ILE C 33 71.61 -12.06 -2.45
C ILE C 33 71.14 -10.62 -2.62
N GLN C 34 69.84 -10.36 -2.71
CA GLN C 34 69.27 -9.03 -2.87
C GLN C 34 69.46 -8.13 -1.66
N LYS C 35 70.21 -8.57 -0.65
CA LYS C 35 70.38 -7.79 0.58
C LYS C 35 70.94 -6.40 0.28
N SER C 36 71.94 -6.33 -0.59
CA SER C 36 72.50 -5.03 -0.97
C SER C 36 71.47 -4.16 -1.66
N LEU C 37 70.65 -4.75 -2.53
CA LEU C 37 69.62 -3.99 -3.23
C LEU C 37 68.49 -3.58 -2.28
N ARG C 38 68.10 -4.47 -1.37
CA ARG C 38 67.03 -4.14 -0.43
C ARG C 38 67.42 -2.98 0.47
N ASP C 39 68.66 -2.99 0.98
CA ASP C 39 69.11 -1.89 1.83
C ASP C 39 69.10 -0.57 1.08
N GLN C 40 69.43 -0.59 -0.21
CA GLN C 40 69.37 0.61 -1.02
C GLN C 40 67.94 1.14 -1.12
N LEU C 41 66.97 0.24 -1.33
CA LEU C 41 65.58 0.66 -1.42
C LEU C 41 65.06 1.15 -0.07
N VAL C 42 65.38 0.43 1.01
CA VAL C 42 64.86 0.78 2.33
C VAL C 42 65.37 2.15 2.75
N GLU C 43 66.65 2.41 2.55
CA GLU C 43 67.22 3.70 2.94
C GLU C 43 66.56 4.85 2.20
N SER C 44 66.27 4.65 0.92
CA SER C 44 65.60 5.70 0.15
C SER C 44 64.23 6.03 0.71
N ILE C 45 63.48 5.00 1.13
CA ILE C 45 62.17 5.22 1.73
C ILE C 45 62.29 6.02 3.01
N ARG C 46 63.25 5.66 3.87
CA ARG C 46 63.45 6.40 5.12
C ARG C 46 63.81 7.85 4.85
N ASN C 47 64.71 8.09 3.89
CA ASN C 47 65.10 9.44 3.54
C ASN C 47 63.98 10.20 2.84
N SER C 48 63.04 9.49 2.22
CA SER C 48 61.96 10.16 1.49
C SER C 48 61.07 10.98 2.42
N ILE C 49 60.76 10.44 3.60
CA ILE C 49 59.85 11.12 4.51
C ILE C 49 60.50 12.37 5.10
N ALA C 50 61.78 12.28 5.44
CA ALA C 50 62.50 13.40 6.04
C ALA C 50 62.62 14.57 5.06
N GLY C 68 52.81 15.69 -3.68
CA GLY C 68 54.08 15.05 -3.39
C GLY C 68 54.07 13.56 -3.66
N ARG C 69 54.51 13.18 -4.87
CA ARG C 69 54.53 11.77 -5.24
C ARG C 69 55.60 11.03 -4.46
N ASN C 70 55.27 9.81 -4.04
CA ASN C 70 56.23 8.96 -3.32
C ASN C 70 56.21 7.52 -3.81
N VAL C 71 55.63 7.27 -4.98
CA VAL C 71 55.50 5.91 -5.49
C VAL C 71 56.84 5.46 -6.08
N PHE C 72 57.24 4.24 -5.74
CA PHE C 72 58.41 3.61 -6.32
C PHE C 72 57.96 2.61 -7.38
N PHE C 73 58.91 1.86 -7.93
CA PHE C 73 58.57 0.86 -8.93
C PHE C 73 59.62 -0.24 -8.94
N VAL C 74 59.19 -1.46 -9.22
CA VAL C 74 60.07 -2.62 -9.34
C VAL C 74 59.74 -3.28 -10.66
N ASP C 75 60.64 -3.16 -11.64
CA ASP C 75 60.38 -3.65 -12.98
C ASP C 75 60.44 -5.17 -13.02
N GLY C 76 59.63 -5.76 -13.92
CA GLY C 76 59.62 -7.18 -14.11
C GLY C 76 60.85 -7.69 -14.85
N THR C 77 61.63 -8.55 -14.21
CA THR C 77 62.91 -9.01 -14.73
C THR C 77 62.83 -10.48 -15.10
N ARG C 78 63.18 -10.79 -16.35
CA ARG C 78 63.28 -12.15 -16.87
C ARG C 78 61.97 -12.92 -16.79
N GLY C 79 60.86 -12.24 -16.50
CA GLY C 79 59.60 -12.92 -16.28
C GLY C 79 59.48 -13.57 -14.92
N ALA C 80 60.35 -13.22 -13.98
CA ALA C 80 60.33 -13.83 -12.66
C ALA C 80 59.04 -13.46 -11.93
N GLY C 81 58.60 -14.35 -11.03
CA GLY C 81 57.39 -14.10 -10.28
C GLY C 81 57.47 -12.84 -9.44
N LYS C 82 58.64 -12.60 -8.82
CA LYS C 82 59.03 -11.36 -8.14
C LYS C 82 58.06 -10.97 -7.03
N THR C 83 57.06 -11.81 -6.76
CA THR C 83 56.21 -11.57 -5.60
C THR C 83 56.95 -11.80 -4.31
N THR C 84 57.95 -12.69 -4.32
CA THR C 84 58.76 -12.93 -3.13
C THR C 84 59.62 -11.72 -2.76
N PHE C 85 59.85 -10.80 -3.71
CA PHE C 85 60.62 -9.60 -3.38
C PHE C 85 59.81 -8.66 -2.49
N ILE C 86 58.53 -8.45 -2.82
CA ILE C 86 57.69 -7.58 -2.02
C ILE C 86 57.57 -8.12 -0.60
N ASN C 87 57.30 -9.42 -0.48
CA ASN C 87 57.19 -10.05 0.83
C ASN C 87 58.48 -9.92 1.62
N SER C 88 59.62 -10.01 0.93
CA SER C 88 60.90 -9.83 1.61
C SER C 88 61.05 -8.42 2.14
N VAL C 89 60.65 -7.42 1.35
CA VAL C 89 60.82 -6.02 1.77
C VAL C 89 59.90 -5.69 2.94
N VAL C 90 58.64 -6.11 2.86
CA VAL C 90 57.65 -5.70 3.85
C VAL C 90 58.00 -6.28 5.23
N LYS C 91 58.54 -7.50 5.27
CA LYS C 91 58.84 -8.12 6.55
C LYS C 91 59.94 -7.37 7.29
N SER C 92 61.00 -6.97 6.59
CA SER C 92 62.13 -6.32 7.24
C SER C 92 61.73 -4.97 7.81
N LEU C 93 60.92 -4.21 7.07
CA LEU C 93 60.53 -2.88 7.52
C LEU C 93 59.61 -2.96 8.74
N ASN C 94 58.67 -3.89 8.72
CA ASN C 94 57.74 -4.02 9.85
C ASN C 94 58.43 -4.56 11.09
N SER C 95 59.40 -5.46 10.91
CA SER C 95 60.03 -6.12 12.05
C SER C 95 60.77 -5.12 12.94
N ASP C 96 61.50 -4.19 12.33
CA ASP C 96 62.32 -3.25 13.08
C ASP C 96 61.56 -1.95 13.29
N GLN C 97 61.14 -1.71 14.53
CA GLN C 97 60.46 -0.47 14.90
C GLN C 97 61.20 0.31 15.97
N ASP C 98 61.68 -0.36 17.02
CA ASP C 98 62.27 0.34 18.14
C ASP C 98 63.65 0.91 17.80
N ASP C 99 64.48 0.13 17.10
CA ASP C 99 65.85 0.57 16.82
C ASP C 99 65.87 1.83 15.97
N VAL C 100 65.05 1.87 14.93
CA VAL C 100 65.00 3.03 14.05
C VAL C 100 64.14 4.11 14.68
N LYS C 101 64.63 5.36 14.62
CA LYS C 101 63.86 6.48 15.16
C LYS C 101 62.56 6.68 14.38
N VAL C 102 62.62 6.55 13.05
CA VAL C 102 61.46 6.72 12.19
C VAL C 102 61.05 5.36 11.66
N ASN C 103 59.83 4.94 11.98
CA ASN C 103 59.30 3.66 11.52
C ASN C 103 57.95 3.91 10.85
N ILE C 104 57.64 3.03 9.89
CA ILE C 104 56.40 3.15 9.12
C ILE C 104 55.73 1.78 9.08
N LYS C 105 54.44 1.74 9.40
CA LYS C 105 53.69 0.50 9.33
C LYS C 105 53.39 0.15 7.87
N CYS C 106 53.24 -1.14 7.61
CA CYS C 106 53.04 -1.64 6.26
C CYS C 106 51.75 -2.46 6.21
N LEU C 107 50.89 -2.14 5.25
CA LEU C 107 49.67 -2.89 5.05
C LEU C 107 49.99 -4.24 4.41
N PRO C 108 49.10 -5.22 4.58
CA PRO C 108 49.26 -6.48 3.84
C PRO C 108 49.24 -6.23 2.34
N THR C 109 50.03 -7.01 1.61
CA THR C 109 50.16 -6.82 0.18
C THR C 109 48.82 -7.03 -0.53
N ILE C 110 48.48 -6.10 -1.39
CA ILE C 110 47.22 -6.15 -2.13
C ILE C 110 47.45 -6.78 -3.49
N ASP C 111 46.61 -7.74 -3.86
CA ASP C 111 46.70 -8.41 -5.15
C ASP C 111 45.48 -8.09 -6.01
N PRO C 112 45.62 -7.22 -7.01
CA PRO C 112 44.45 -6.80 -7.79
C PRO C 112 43.78 -7.92 -8.57
N THR C 113 44.52 -8.98 -8.92
CA THR C 113 43.98 -9.98 -9.84
C THR C 113 42.86 -10.79 -9.20
N LYS C 114 43.00 -11.17 -7.94
CA LYS C 114 42.04 -12.02 -7.27
C LYS C 114 40.93 -11.25 -6.56
N LEU C 115 40.96 -9.92 -6.61
CA LEU C 115 39.96 -9.13 -5.93
C LEU C 115 38.59 -9.31 -6.58
N PRO C 116 37.50 -9.16 -5.82
CA PRO C 116 36.17 -9.34 -6.40
C PRO C 116 35.90 -8.29 -7.49
N ARG C 117 35.12 -8.71 -8.48
CA ARG C 117 34.76 -7.82 -9.57
C ARG C 117 33.87 -6.69 -9.06
N HIS C 118 34.05 -5.51 -9.66
CA HIS C 118 33.31 -4.30 -9.30
C HIS C 118 33.50 -3.96 -7.82
N GLU C 119 34.74 -3.66 -7.46
CA GLU C 119 35.06 -3.21 -6.12
C GLU C 119 36.15 -2.15 -6.18
N PRO C 120 35.88 -0.93 -5.70
CA PRO C 120 36.91 0.11 -5.72
C PRO C 120 38.10 -0.27 -4.86
N ILE C 121 39.29 0.12 -5.32
CA ILE C 121 40.51 -0.12 -4.53
C ILE C 121 40.46 0.64 -3.22
N LEU C 122 39.75 1.78 -3.20
CA LEU C 122 39.65 2.57 -1.98
C LEU C 122 38.97 1.79 -0.86
N VAL C 123 37.92 1.03 -1.20
CA VAL C 123 37.22 0.24 -0.18
C VAL C 123 38.15 -0.82 0.40
N THR C 124 38.88 -1.53 -0.47
CA THR C 124 39.77 -2.59 -0.01
C THR C 124 40.89 -2.03 0.86
N VAL C 125 41.47 -0.91 0.45
CA VAL C 125 42.55 -0.32 1.24
C VAL C 125 42.04 0.11 2.61
N THR C 126 40.87 0.74 2.66
CA THR C 126 40.31 1.18 3.94
C THR C 126 39.99 -0.01 4.84
N ALA C 127 39.46 -1.09 4.28
CA ALA C 127 39.10 -2.24 5.09
C ALA C 127 40.32 -2.84 5.79
N ARG C 128 41.45 -2.93 5.08
CA ARG C 128 42.67 -3.42 5.71
C ARG C 128 43.24 -2.40 6.68
N LEU C 129 43.06 -1.11 6.39
CA LEU C 129 43.50 -0.08 7.34
C LEU C 129 42.68 -0.13 8.62
N ASN C 130 41.37 -0.39 8.49
CA ASN C 130 40.51 -0.50 9.68
C ASN C 130 40.97 -1.64 10.57
N LYS C 131 41.31 -2.78 9.99
CA LYS C 131 41.67 -3.96 10.78
C LYS C 131 42.92 -3.71 11.61
N MET C 132 43.93 -3.05 11.03
CA MET C 132 45.16 -2.79 11.77
C MET C 132 44.90 -1.84 12.93
N VAL C 133 44.12 -0.79 12.70
CA VAL C 133 43.86 0.19 13.76
C VAL C 133 43.00 -0.41 14.85
N SER C 134 42.00 -1.22 14.47
CA SER C 134 41.11 -1.82 15.46
C SER C 134 41.89 -2.71 16.42
N ASP C 135 42.84 -3.49 15.91
CA ASP C 135 43.69 -4.29 16.79
C ASP C 135 44.57 -3.40 17.67
N LYS C 136 44.92 -2.21 17.19
CA LYS C 136 45.67 -1.28 18.04
C LYS C 136 44.79 -0.68 19.11
N LEU C 137 43.47 -0.62 18.89
CA LEU C 137 42.57 -0.07 19.90
C LEU C 137 42.48 -0.97 21.12
N LYS C 138 42.57 -2.29 20.93
CA LYS C 138 42.55 -3.20 22.07
C LYS C 138 43.76 -2.98 22.97
N GLY C 139 44.93 -2.73 22.40
CA GLY C 139 46.15 -2.63 23.17
C GLY C 139 46.39 -1.27 23.80
N TYR C 140 45.42 -0.76 24.54
CA TYR C 140 45.56 0.47 25.29
C TYR C 140 45.30 0.21 26.77
N TRP C 141 45.83 1.09 27.61
CA TRP C 141 45.66 1.01 29.06
C TRP C 141 44.79 2.11 29.62
N ALA C 142 45.09 3.36 29.31
CA ALA C 142 44.33 4.49 29.83
C ALA C 142 42.93 4.47 29.26
N SER C 143 41.92 4.50 30.14
CA SER C 143 40.54 4.47 29.68
C SER C 143 40.18 5.71 28.88
N ASN C 144 40.66 6.88 29.32
CA ASN C 144 40.38 8.11 28.58
C ASN C 144 41.04 8.11 27.21
N ASP C 145 42.23 7.53 27.11
CA ASP C 145 42.89 7.43 25.81
C ASP C 145 42.08 6.57 24.84
N TYR C 146 41.55 5.44 25.32
CA TYR C 146 40.76 4.58 24.47
C TYR C 146 39.49 5.27 23.98
N ARG C 147 38.80 5.96 24.88
CA ARG C 147 37.49 6.52 24.53
C ARG C 147 37.62 7.67 23.54
N LYS C 148 38.53 8.61 23.79
CA LYS C 148 38.62 9.80 22.97
C LYS C 148 39.31 9.56 21.63
N GLN C 149 39.64 8.30 21.31
CA GLN C 149 40.22 7.95 20.02
C GLN C 149 39.30 7.12 19.16
N LYS C 150 38.61 6.12 19.74
CA LYS C 150 37.73 5.28 18.96
C LYS C 150 36.58 6.07 18.35
N GLU C 151 35.99 6.97 19.13
CA GLU C 151 34.85 7.74 18.63
C GLU C 151 35.24 8.68 17.49
N GLN C 152 36.45 9.23 17.54
CA GLN C 152 36.93 10.04 16.42
C GLN C 152 37.15 9.19 15.18
N TRP C 153 37.81 8.04 15.34
CA TRP C 153 38.03 7.15 14.21
C TRP C 153 36.71 6.60 13.68
N GLN C 154 35.78 6.26 14.58
CA GLN C 154 34.47 5.79 14.14
C GLN C 154 33.72 6.88 13.38
N ASN C 155 33.97 8.15 13.72
CA ASN C 155 33.32 9.25 13.03
C ASN C 155 33.75 9.33 11.57
N HIS C 156 35.05 9.12 11.31
CA HIS C 156 35.57 9.28 9.96
C HIS C 156 35.02 8.23 9.01
N LEU C 157 34.87 6.99 9.48
CA LEU C 157 34.32 5.93 8.62
C LEU C 157 32.91 6.26 8.18
N ALA C 158 32.09 6.81 9.09
CA ALA C 158 30.73 7.19 8.72
C ALA C 158 30.75 8.30 7.66
N GLN C 159 31.67 9.26 7.80
CA GLN C 159 31.77 10.33 6.81
C GLN C 159 32.18 9.78 5.45
N LEU C 160 33.18 8.89 5.43
CA LEU C 160 33.61 8.31 4.16
C LEU C 160 32.51 7.45 3.55
N GLN C 161 31.83 6.65 4.38
CA GLN C 161 30.72 5.85 3.88
C GLN C 161 29.58 6.74 3.40
N ARG C 162 29.48 7.95 3.94
CA ARG C 162 28.45 8.88 3.49
C ARG C 162 28.65 9.29 2.04
N GLY C 163 29.90 9.55 1.66
CA GLY C 163 30.20 10.03 0.32
C GLY C 163 30.94 9.03 -0.55
N LEU C 164 30.57 7.76 -0.46
CA LEU C 164 31.19 6.72 -1.28
C LEU C 164 30.39 6.39 -2.53
N HIS C 165 29.13 6.83 -2.61
CA HIS C 165 28.32 6.57 -3.79
C HIS C 165 28.86 7.28 -5.03
N LEU C 166 29.71 8.30 -4.85
CA LEU C 166 30.24 9.02 -6.00
C LEU C 166 31.13 8.13 -6.86
N LEU C 167 31.84 7.20 -6.23
CA LEU C 167 32.80 6.38 -6.96
C LEU C 167 32.12 5.52 -8.01
N THR C 168 30.99 4.90 -7.68
CA THR C 168 30.29 3.96 -8.56
C THR C 168 28.82 4.38 -8.64
N ASP C 169 28.51 5.28 -9.57
CA ASP C 169 27.13 5.67 -9.80
C ASP C 169 27.02 6.32 -11.17
N LYS C 170 25.79 6.35 -11.69
CA LYS C 170 25.46 7.04 -12.91
C LYS C 170 24.24 7.92 -12.66
N GLU C 171 23.98 8.83 -13.60
CA GLU C 171 22.79 9.67 -13.58
C GLU C 171 22.68 10.45 -12.27
N TYR C 172 23.63 11.38 -12.12
CA TYR C 172 23.65 12.30 -10.97
C TYR C 172 22.25 12.82 -10.66
N LYS C 173 21.91 12.84 -9.38
CA LYS C 173 20.57 13.19 -8.92
C LYS C 173 20.62 14.44 -8.05
N PRO C 174 19.56 15.26 -8.09
CA PRO C 174 19.59 16.52 -7.33
C PRO C 174 19.62 16.33 -5.82
N GLU C 175 19.23 15.17 -5.31
CA GLU C 175 19.20 14.97 -3.86
C GLU C 175 20.61 15.06 -3.26
N TYR C 176 21.63 14.67 -4.02
CA TYR C 176 22.99 14.72 -3.50
C TYR C 176 23.50 16.16 -3.34
N PHE C 177 22.90 17.11 -4.05
CA PHE C 177 23.35 18.50 -3.93
C PHE C 177 23.10 19.04 -2.53
N SER C 178 21.96 18.67 -1.93
CA SER C 178 21.65 19.13 -0.58
C SER C 178 22.73 18.68 0.41
N ASP C 179 23.25 17.48 0.22
CA ASP C 179 24.34 17.00 1.07
C ASP C 179 25.67 17.66 0.71
N ALA C 180 25.89 17.96 -0.57
CA ALA C 180 27.14 18.58 -0.99
C ALA C 180 27.31 19.96 -0.36
N LEU C 181 26.26 20.77 -0.39
CA LEU C 181 26.30 22.08 0.23
C LEU C 181 26.14 22.03 1.75
N LYS C 182 25.82 20.86 2.30
CA LYS C 182 25.62 20.73 3.73
C LYS C 182 26.95 20.87 4.45
N LEU C 183 27.29 22.09 4.86
CA LEU C 183 28.58 22.35 5.47
C LEU C 183 28.65 21.73 6.86
N ASP C 184 29.86 21.29 7.22
CA ASP C 184 30.14 20.77 8.56
C ASP C 184 31.32 21.56 9.13
N ALA C 185 31.06 22.34 10.19
CA ALA C 185 32.09 23.18 10.78
C ALA C 185 33.19 22.38 11.45
N GLN C 186 32.99 21.09 11.68
CA GLN C 186 33.99 20.25 12.32
C GLN C 186 34.93 19.65 11.29
N LEU C 187 36.06 19.14 11.78
CA LEU C 187 37.07 18.44 10.99
C LEU C 187 37.70 19.33 9.92
N ASP C 188 37.53 20.65 10.06
CA ASP C 188 38.26 21.69 9.33
C ASP C 188 38.57 21.31 7.87
N TYR C 189 37.53 20.84 7.18
CA TYR C 189 37.68 20.59 5.75
C TYR C 189 37.94 21.90 5.01
N SER C 190 39.00 21.93 4.22
CA SER C 190 39.44 23.18 3.61
C SER C 190 38.67 23.51 2.33
N ILE C 191 38.77 22.63 1.33
CA ILE C 191 38.22 22.94 0.02
C ILE C 191 36.70 23.07 0.08
N GLY C 192 36.03 22.14 0.75
CA GLY C 192 34.59 22.14 0.84
C GLY C 192 33.95 21.17 -0.14
N GLY C 193 32.65 21.00 0.00
CA GLY C 193 31.93 20.02 -0.79
C GLY C 193 32.16 18.61 -0.28
N GLN C 194 31.87 17.64 -1.15
CA GLN C 194 32.14 16.25 -0.80
C GLN C 194 33.63 15.95 -0.91
N ASP C 195 34.17 16.03 -2.13
CA ASP C 195 35.61 16.00 -2.37
C ASP C 195 36.27 14.81 -1.67
N LEU C 196 35.92 13.61 -2.15
CA LEU C 196 36.44 12.38 -1.57
C LEU C 196 37.95 12.32 -1.55
N SER C 197 38.64 13.19 -2.29
CA SER C 197 40.11 13.19 -2.26
C SER C 197 40.64 13.62 -0.90
N GLU C 198 39.91 14.43 -0.16
CA GLU C 198 40.36 14.92 1.13
C GLU C 198 39.73 14.18 2.31
N ILE C 199 38.58 13.54 2.11
CA ILE C 199 37.99 12.74 3.18
C ILE C 199 38.91 11.58 3.54
N PHE C 200 39.46 10.91 2.53
CA PHE C 200 40.42 9.85 2.78
C PHE C 200 41.75 10.40 3.30
N GLU C 201 42.04 11.67 3.01
CA GLU C 201 43.30 12.25 3.46
C GLU C 201 43.33 12.38 4.98
N GLU C 202 42.26 12.92 5.56
CA GLU C 202 42.22 13.06 7.03
C GLU C 202 42.15 11.71 7.71
N LEU C 203 41.53 10.72 7.07
CA LEU C 203 41.44 9.39 7.66
C LEU C 203 42.83 8.78 7.87
N VAL C 204 43.71 8.96 6.89
CA VAL C 204 45.08 8.48 7.03
C VAL C 204 45.81 9.25 8.13
N LYS C 205 45.61 10.58 8.18
CA LYS C 205 46.27 11.38 9.19
C LYS C 205 45.87 10.96 10.60
N ARG C 206 44.58 10.67 10.80
CA ARG C 206 44.14 10.21 12.11
C ARG C 206 44.74 8.85 12.44
N ALA C 207 44.80 7.93 11.47
CA ALA C 207 45.36 6.62 11.70
C ALA C 207 46.86 6.66 12.00
N CYS C 208 47.56 7.71 11.55
CA CYS C 208 48.99 7.79 11.79
C CYS C 208 49.29 8.00 13.27
N GLU C 209 48.56 8.90 13.92
CA GLU C 209 48.82 9.18 15.34
C GLU C 209 48.33 8.04 16.23
N ILE C 210 47.26 7.34 15.83
CA ILE C 210 46.78 6.21 16.59
C ILE C 210 47.84 5.11 16.63
N LEU C 211 48.41 4.80 15.47
CA LEU C 211 49.45 3.77 15.38
C LEU C 211 50.83 4.28 15.74
N ASP C 212 50.98 5.59 15.96
CA ASP C 212 52.25 6.21 16.34
C ASP C 212 53.36 5.85 15.33
N CYS C 213 53.16 6.35 14.12
CA CYS C 213 54.12 6.15 13.04
C CYS C 213 54.30 7.48 12.33
N LYS C 214 55.00 7.44 11.19
CA LYS C 214 55.25 8.63 10.39
C LYS C 214 54.71 8.55 8.97
N ALA C 215 54.48 7.35 8.44
CA ALA C 215 53.87 7.18 7.13
C ALA C 215 53.29 5.79 7.04
N ILE C 216 52.39 5.61 6.08
CA ILE C 216 51.73 4.33 5.82
C ILE C 216 52.21 3.82 4.48
N LEU C 217 52.66 2.57 4.44
CA LEU C 217 53.25 1.97 3.26
C LEU C 217 52.28 0.97 2.66
N ILE C 218 52.06 1.06 1.35
CA ILE C 218 51.16 0.18 0.62
C ILE C 218 51.94 -0.52 -0.48
N THR C 219 51.68 -1.81 -0.66
CA THR C 219 52.33 -2.60 -1.69
C THR C 219 51.27 -3.22 -2.59
N PHE C 220 51.47 -3.10 -3.90
CA PHE C 220 50.58 -3.69 -4.90
C PHE C 220 51.31 -4.82 -5.61
N ASP C 221 50.62 -5.94 -5.78
CA ASP C 221 51.21 -7.07 -6.48
C ASP C 221 51.15 -6.86 -7.99
N ASP C 222 51.88 -7.70 -8.72
CA ASP C 222 51.92 -7.59 -10.17
C ASP C 222 50.61 -8.08 -10.76
N ILE C 223 50.41 -7.76 -12.05
CA ILE C 223 49.20 -8.15 -12.78
C ILE C 223 49.65 -8.76 -14.11
N ASP C 224 49.49 -10.07 -14.24
CA ASP C 224 49.71 -10.72 -15.53
C ASP C 224 48.57 -11.66 -15.86
N THR C 225 47.93 -12.24 -14.83
CA THR C 225 46.80 -13.12 -15.07
C THR C 225 45.60 -12.35 -15.61
N GLN C 226 45.33 -11.16 -15.07
CA GLN C 226 44.25 -10.31 -15.54
C GLN C 226 44.85 -8.96 -15.95
N PHE C 227 44.86 -8.71 -17.26
CA PHE C 227 45.44 -7.49 -17.81
C PHE C 227 44.69 -6.24 -17.36
N ASP C 228 43.40 -6.33 -17.08
CA ASP C 228 42.56 -5.16 -16.87
C ASP C 228 42.59 -4.64 -15.44
N ALA C 229 43.22 -5.36 -14.51
CA ALA C 229 43.20 -4.95 -13.11
C ALA C 229 44.01 -3.69 -12.84
N GLY C 230 44.86 -3.26 -13.78
CA GLY C 230 45.74 -2.13 -13.53
C GLY C 230 45.10 -0.77 -13.67
N TRP C 231 43.97 -0.68 -14.37
CA TRP C 231 43.36 0.63 -14.61
C TRP C 231 42.86 1.24 -13.31
N ASP C 232 42.26 0.43 -12.43
CA ASP C 232 41.82 0.94 -11.14
C ASP C 232 42.99 1.32 -10.25
N VAL C 233 44.10 0.59 -10.35
CA VAL C 233 45.27 0.88 -9.52
C VAL C 233 45.85 2.24 -9.88
N LEU C 234 46.00 2.51 -11.19
CA LEU C 234 46.63 3.76 -11.62
C LEU C 234 45.76 4.97 -11.28
N GLU C 235 44.45 4.86 -11.50
CA GLU C 235 43.56 5.98 -11.20
C GLU C 235 43.55 6.30 -9.71
N SER C 236 43.51 5.27 -8.86
CA SER C 236 43.48 5.49 -7.42
C SER C 236 44.78 6.12 -6.94
N ILE C 237 45.91 5.74 -7.53
CA ILE C 237 47.21 6.22 -7.07
C ILE C 237 47.31 7.74 -7.27
N ARG C 238 46.91 8.22 -8.44
CA ARG C 238 47.00 9.65 -8.72
C ARG C 238 45.90 10.44 -8.04
N LYS C 239 44.73 9.83 -7.81
CA LYS C 239 43.60 10.56 -7.26
C LYS C 239 43.68 10.66 -5.74
N PHE C 240 43.85 9.53 -5.06
CA PHE C 240 43.69 9.47 -3.61
C PHE C 240 45.04 9.39 -2.88
N PHE C 241 45.88 8.43 -3.23
CA PHE C 241 47.16 8.24 -2.54
C PHE C 241 48.18 9.30 -2.99
N ASN C 242 47.82 10.55 -2.77
CA ASN C 242 48.63 11.71 -3.13
C ASN C 242 48.93 12.57 -1.92
N SER C 243 49.32 11.94 -0.82
CA SER C 243 49.58 12.61 0.44
C SER C 243 51.05 12.52 0.80
N ARG C 244 51.45 13.33 1.78
CA ARG C 244 52.80 13.32 2.29
C ARG C 244 53.02 12.29 3.37
N LYS C 245 51.98 11.55 3.77
CA LYS C 245 52.08 10.51 4.78
C LYS C 245 51.90 9.12 4.20
N LEU C 246 51.98 8.96 2.87
CA LEU C 246 51.78 7.69 2.22
C LEU C 246 52.93 7.41 1.26
N VAL C 247 53.38 6.16 1.25
CA VAL C 247 54.35 5.68 0.27
C VAL C 247 53.83 4.37 -0.28
N VAL C 248 53.81 4.23 -1.60
CA VAL C 248 53.27 3.05 -2.27
C VAL C 248 54.31 2.47 -3.20
N VAL C 249 54.35 1.14 -3.27
CA VAL C 249 55.30 0.43 -4.10
C VAL C 249 54.53 -0.57 -4.96
N ALA C 250 54.74 -0.52 -6.27
CA ALA C 250 54.08 -1.41 -7.21
C ALA C 250 55.11 -2.04 -8.14
N THR C 251 54.80 -3.24 -8.63
CA THR C 251 55.69 -3.98 -9.50
C THR C 251 54.96 -4.40 -10.76
N GLY C 252 55.73 -4.62 -11.82
CA GLY C 252 55.18 -5.04 -13.08
C GLY C 252 56.18 -4.80 -14.20
N ASP C 253 55.65 -4.78 -15.42
CA ASP C 253 56.44 -4.49 -16.61
C ASP C 253 55.81 -3.34 -17.37
N LEU C 254 56.66 -2.44 -17.88
CA LEU C 254 56.16 -1.23 -18.51
C LEU C 254 55.52 -1.48 -19.86
N ARG C 255 55.90 -2.54 -20.56
CA ARG C 255 55.29 -2.83 -21.85
C ARG C 255 53.80 -3.11 -21.69
N LEU C 256 53.43 -3.87 -20.67
CA LEU C 256 52.02 -4.19 -20.46
C LEU C 256 51.23 -2.94 -20.10
N TYR C 257 51.80 -2.08 -19.24
CA TYR C 257 51.13 -0.83 -18.89
C TYR C 257 51.01 0.10 -20.09
N SER C 258 52.07 0.23 -20.88
CA SER C 258 52.03 1.14 -22.01
C SER C 258 51.03 0.72 -23.07
N GLN C 259 50.61 -0.55 -23.07
CA GLN C 259 49.53 -1.00 -23.93
C GLN C 259 48.18 -0.92 -23.25
N LEU C 260 48.14 -0.50 -21.99
CA LEU C 260 46.91 -0.28 -21.24
C LEU C 260 46.53 1.19 -21.16
N ILE C 261 47.50 2.06 -20.85
CA ILE C 261 47.22 3.49 -20.84
C ILE C 261 46.85 3.96 -22.25
N ARG C 262 47.59 3.52 -23.25
CA ARG C 262 47.32 3.93 -24.63
C ARG C 262 45.94 3.48 -25.09
N GLY C 263 45.52 2.29 -24.68
CA GLY C 263 44.21 1.79 -25.06
C GLY C 263 43.08 2.65 -24.55
N LYS C 264 43.24 3.24 -23.36
CA LYS C 264 42.21 4.10 -22.81
C LYS C 264 42.16 5.46 -23.51
N GLN C 265 43.29 5.93 -24.03
CA GLN C 265 43.32 7.24 -24.66
C GLN C 265 42.50 7.27 -25.94
N TYR C 266 42.54 6.18 -26.72
CA TYR C 266 41.74 6.14 -27.94
C TYR C 266 40.24 6.14 -27.65
N GLU C 267 39.83 5.78 -26.43
CA GLU C 267 38.43 5.87 -26.06
C GLU C 267 38.00 7.30 -25.78
N ASN C 268 38.95 8.23 -25.61
CA ASN C 268 38.62 9.63 -25.39
C ASN C 268 38.21 10.34 -26.67
N TYR C 269 38.66 9.85 -27.83
CA TYR C 269 38.31 10.49 -29.09
C TYR C 269 36.85 10.21 -29.44
N SER C 270 36.29 11.09 -30.25
CA SER C 270 34.92 10.91 -30.72
C SER C 270 34.84 9.72 -31.68
N LYS C 271 33.71 9.01 -31.62
CA LYS C 271 33.52 7.86 -32.49
C LYS C 271 33.34 8.28 -33.95
N THR C 272 32.63 9.38 -34.18
CA THR C 272 32.39 9.85 -35.54
C THR C 272 33.63 10.49 -36.14
N LEU C 273 34.44 11.18 -35.33
CA LEU C 273 35.65 11.82 -35.85
C LEU C 273 36.63 10.78 -36.38
N LEU C 274 36.79 9.67 -35.65
CA LEU C 274 37.71 8.62 -36.10
C LEU C 274 37.25 8.00 -37.41
N GLU C 275 35.93 7.95 -37.65
CA GLU C 275 35.43 7.34 -38.88
C GLU C 275 35.65 8.25 -40.08
N GLN C 276 35.46 9.55 -39.92
CA GLN C 276 35.53 10.47 -41.05
C GLN C 276 36.98 10.78 -41.42
N GLU C 277 37.73 11.36 -40.49
CA GLU C 277 39.12 11.77 -40.75
C GLU C 277 40.05 10.56 -40.60
N LYS C 278 39.94 9.66 -41.58
CA LYS C 278 40.76 8.41 -41.58
C LYS C 278 41.89 8.52 -42.61
N GLU C 279 42.06 9.70 -43.23
CA GLU C 279 43.13 9.86 -44.20
C GLU C 279 44.49 9.87 -43.49
N SER C 280 45.53 9.50 -44.24
CA SER C 280 46.85 9.30 -43.64
C SER C 280 47.51 10.61 -43.25
N VAL C 281 47.12 11.74 -43.83
CA VAL C 281 47.71 13.01 -43.44
C VAL C 281 47.29 13.37 -42.02
N ARG C 282 46.06 13.02 -41.62
CA ARG C 282 45.58 13.27 -40.27
C ARG C 282 45.74 12.07 -39.36
N LEU C 283 45.68 10.85 -39.90
CA LEU C 283 45.87 9.66 -39.07
C LEU C 283 47.24 9.63 -38.43
N ALA C 284 48.26 10.18 -39.12
CA ALA C 284 49.59 10.25 -38.52
C ALA C 284 49.62 11.25 -37.37
N GLU C 285 48.80 12.31 -37.45
CA GLU C 285 48.78 13.29 -36.36
C GLU C 285 48.30 12.67 -35.06
N ARG C 286 47.28 11.81 -35.13
CA ARG C 286 46.83 11.11 -33.94
C ARG C 286 47.92 10.20 -33.38
N GLY C 287 48.63 9.51 -34.26
CA GLY C 287 49.75 8.69 -33.83
C GLY C 287 50.87 9.46 -33.18
N TYR C 288 51.12 10.69 -33.64
CA TYR C 288 52.13 11.54 -33.02
C TYR C 288 51.63 12.25 -31.78
N MET C 289 50.35 12.10 -31.43
CA MET C 289 49.78 12.79 -30.28
C MET C 289 49.47 11.88 -29.11
N VAL C 290 48.86 10.71 -29.36
CA VAL C 290 48.50 9.81 -28.26
C VAL C 290 49.76 9.35 -27.53
N GLU C 291 50.79 8.96 -28.27
CA GLU C 291 52.02 8.50 -27.64
C GLU C 291 52.68 9.63 -26.85
N HIS C 292 52.68 10.84 -27.39
CA HIS C 292 53.17 11.98 -26.63
C HIS C 292 52.30 12.26 -25.42
N LEU C 293 50.99 12.15 -25.56
CA LEU C 293 50.09 12.30 -24.42
C LEU C 293 50.33 11.17 -23.41
N GLU C 294 50.49 9.94 -23.89
CA GLU C 294 50.71 8.80 -23.02
C GLU C 294 52.07 8.84 -22.33
N GLN C 295 53.10 9.33 -23.00
CA GLN C 295 54.42 9.38 -22.38
C GLN C 295 54.43 10.23 -21.13
N GLN C 296 53.79 11.40 -21.19
CA GLN C 296 53.75 12.27 -20.02
C GLN C 296 52.95 11.66 -18.88
N TYR C 297 51.95 10.84 -19.20
CA TYR C 297 51.19 10.17 -18.15
C TYR C 297 52.09 9.25 -17.32
N LEU C 298 52.96 8.49 -17.99
CA LEU C 298 53.82 7.55 -17.29
C LEU C 298 54.83 8.28 -16.41
N LEU C 299 55.41 9.37 -16.92
CA LEU C 299 56.43 10.09 -16.15
C LEU C 299 55.83 10.71 -14.89
N LYS C 300 54.61 11.23 -14.97
CA LYS C 300 53.98 11.84 -13.81
C LYS C 300 53.74 10.81 -12.71
N LEU C 301 53.27 9.61 -13.08
CA LEU C 301 52.99 8.60 -12.08
C LEU C 301 54.27 8.01 -11.52
N PHE C 302 55.06 7.34 -12.35
CA PHE C 302 56.28 6.69 -11.89
C PHE C 302 57.48 7.51 -12.34
N PRO C 303 58.11 8.29 -11.47
CA PRO C 303 59.31 9.02 -11.88
C PRO C 303 60.46 8.07 -12.19
N VAL C 304 61.32 8.51 -13.11
CA VAL C 304 62.45 7.68 -13.52
C VAL C 304 63.44 7.53 -12.36
N GLN C 305 63.63 8.60 -11.58
CA GLN C 305 64.57 8.57 -10.47
C GLN C 305 64.13 7.65 -9.34
N LYS C 306 62.99 6.98 -9.47
CA LYS C 306 62.49 6.08 -8.43
C LYS C 306 62.50 4.61 -8.82
N ARG C 307 62.43 4.30 -10.12
CA ARG C 307 62.42 2.91 -10.56
C ARG C 307 63.74 2.22 -10.21
N ILE C 308 63.65 0.94 -9.87
CA ILE C 308 64.82 0.14 -9.55
C ILE C 308 64.88 -1.05 -10.50
N GLN C 309 66.03 -1.72 -10.51
CA GLN C 309 66.29 -2.84 -11.39
C GLN C 309 66.80 -4.01 -10.56
N LEU C 310 66.23 -5.19 -10.77
CA LEU C 310 66.64 -6.38 -10.04
C LEU C 310 67.88 -6.96 -10.71
N LYS C 311 69.01 -6.92 -10.01
CA LYS C 311 70.28 -7.32 -10.58
C LYS C 311 70.44 -8.84 -10.54
N THR C 312 70.97 -9.40 -11.62
CA THR C 312 71.30 -10.82 -11.65
C THR C 312 72.55 -11.09 -10.82
N MET C 313 72.85 -12.37 -10.64
CA MET C 313 74.02 -12.75 -9.86
C MET C 313 75.30 -12.30 -10.55
N LEU C 314 75.34 -12.38 -11.89
CA LEU C 314 76.55 -12.03 -12.62
C LEU C 314 76.94 -10.58 -12.42
N GLN C 315 75.95 -9.68 -12.43
CA GLN C 315 76.24 -8.24 -12.31
C GLN C 315 76.73 -7.85 -10.94
N LEU C 316 76.65 -8.73 -9.95
CA LEU C 316 77.14 -8.45 -8.60
C LEU C 316 78.39 -9.23 -8.25
N VAL C 317 78.50 -10.49 -8.67
CA VAL C 317 79.71 -11.26 -8.41
C VAL C 317 80.89 -10.70 -9.19
N GLY C 318 80.65 -10.15 -10.37
CA GLY C 318 81.70 -9.60 -11.20
C GLY C 318 82.22 -10.60 -12.21
N GLU C 319 82.84 -10.06 -13.26
CA GLU C 319 83.40 -10.89 -14.31
C GLU C 319 84.67 -11.60 -13.84
N LYS C 320 85.06 -12.63 -14.58
CA LYS C 320 86.27 -13.36 -14.26
C LYS C 320 87.49 -12.45 -14.33
N GLY C 321 88.35 -12.52 -13.32
CA GLY C 321 89.51 -11.67 -13.25
C GLY C 321 89.24 -10.26 -12.77
N LYS C 322 88.00 -9.95 -12.40
CA LYS C 322 87.63 -8.62 -11.93
C LYS C 322 87.17 -8.74 -10.47
N ALA C 323 87.70 -7.88 -9.61
CA ALA C 323 87.32 -7.91 -8.21
C ALA C 323 85.84 -7.62 -8.02
N GLY C 324 85.32 -6.62 -8.72
CA GLY C 324 83.90 -6.29 -8.64
C GLY C 324 83.50 -5.87 -7.24
N LYS C 325 82.28 -6.25 -6.88
CA LYS C 325 81.73 -5.97 -5.56
C LYS C 325 82.10 -7.10 -4.61
N GLU C 326 81.44 -7.16 -3.45
CA GLU C 326 81.75 -8.17 -2.45
C GLU C 326 81.59 -9.57 -3.03
N GLU C 327 82.64 -10.36 -2.92
CA GLU C 327 82.63 -11.71 -3.47
C GLU C 327 81.67 -12.60 -2.68
N ILE C 328 81.15 -13.62 -3.36
CA ILE C 328 80.17 -14.53 -2.80
C ILE C 328 80.79 -15.92 -2.70
N LYS C 329 80.73 -16.50 -1.51
CA LYS C 329 81.24 -17.84 -1.27
C LYS C 329 80.10 -18.85 -1.26
N VAL C 330 80.47 -20.13 -1.19
CA VAL C 330 79.51 -21.22 -1.15
C VAL C 330 80.17 -22.41 -0.48
N LYS C 331 79.36 -23.23 0.20
CA LYS C 331 79.85 -24.38 0.95
C LYS C 331 79.53 -25.63 0.15
N THR C 332 80.56 -26.24 -0.43
CA THR C 332 80.36 -27.41 -1.29
C THR C 332 80.08 -28.69 -0.51
N GLU C 333 80.55 -28.79 0.73
CA GLU C 333 80.44 -30.00 1.52
C GLU C 333 79.91 -29.67 2.91
N PRO C 334 79.27 -30.63 3.57
CA PRO C 334 78.74 -30.36 4.91
C PRO C 334 79.82 -30.41 5.98
N GLY C 335 79.72 -29.49 6.95
CA GLY C 335 80.58 -29.49 8.12
C GLY C 335 81.91 -28.80 7.95
N MET C 336 82.25 -28.35 6.74
CA MET C 336 83.53 -27.68 6.54
C MET C 336 83.47 -26.25 7.10
N GLN C 337 84.65 -25.72 7.41
CA GLN C 337 84.74 -24.41 8.04
C GLN C 337 84.40 -23.31 7.04
N ASP C 338 84.14 -22.12 7.59
CA ASP C 338 83.77 -20.99 6.75
C ASP C 338 84.91 -20.56 5.84
N ILE C 339 86.16 -20.73 6.29
CA ILE C 339 87.29 -20.41 5.43
C ILE C 339 87.36 -21.36 4.24
N ASP C 340 86.98 -22.63 4.46
CA ASP C 340 87.04 -23.62 3.39
C ASP C 340 86.06 -23.33 2.26
N ALA C 341 85.08 -22.46 2.48
CA ALA C 341 84.11 -22.15 1.45
C ALA C 341 84.80 -21.58 0.22
N ILE C 342 84.41 -22.07 -0.95
CA ILE C 342 85.06 -21.72 -2.21
C ILE C 342 84.25 -20.63 -2.90
N ASP C 343 84.88 -19.97 -3.87
CA ASP C 343 84.21 -18.93 -4.63
C ASP C 343 83.11 -19.53 -5.51
N VAL C 344 82.00 -18.80 -5.63
CA VAL C 344 80.85 -19.32 -6.38
C VAL C 344 81.20 -19.49 -7.86
N ARG C 345 81.93 -18.53 -8.42
CA ARG C 345 82.31 -18.62 -9.83
C ARG C 345 83.19 -19.85 -10.07
N GLN C 346 84.13 -20.11 -9.16
CA GLN C 346 84.93 -21.33 -9.26
C GLN C 346 84.08 -22.57 -9.04
N ALA C 347 83.13 -22.50 -8.10
CA ALA C 347 82.32 -23.68 -7.78
C ALA C 347 81.48 -24.11 -8.96
N ILE C 348 80.84 -23.16 -9.65
CA ILE C 348 80.02 -23.50 -10.80
C ILE C 348 80.88 -24.01 -11.95
N GLY C 349 82.08 -23.43 -12.11
CA GLY C 349 82.97 -23.89 -13.16
C GLY C 349 83.36 -25.34 -12.98
N ASP C 350 83.55 -25.78 -11.73
CA ASP C 350 83.85 -27.18 -11.47
C ASP C 350 82.70 -28.08 -11.89
N ALA C 351 81.46 -27.64 -11.63
CA ALA C 351 80.30 -28.44 -12.01
C ALA C 351 80.18 -28.57 -13.52
N VAL C 352 80.47 -27.51 -14.26
CA VAL C 352 80.25 -27.51 -15.71
C VAL C 352 81.45 -28.08 -16.46
N ARG C 353 82.67 -27.87 -15.97
CA ARG C 353 83.84 -28.41 -16.66
C ARG C 353 83.89 -29.93 -16.53
N GLU C 354 83.64 -30.45 -15.33
CA GLU C 354 83.63 -31.88 -15.12
C GLU C 354 82.42 -32.53 -15.78
N GLY C 355 81.26 -31.86 -15.72
CA GLY C 355 80.04 -32.44 -16.28
C GLY C 355 79.97 -32.39 -17.78
N LEU C 356 80.53 -31.35 -18.40
CA LEU C 356 80.45 -31.18 -19.85
C LEU C 356 81.77 -31.44 -20.55
N ASN C 357 82.82 -31.86 -19.83
CA ASN C 357 84.09 -32.28 -20.41
C ASN C 357 84.73 -31.13 -21.21
N LEU C 358 85.14 -30.12 -20.46
CA LEU C 358 85.80 -28.94 -21.01
C LEU C 358 87.04 -28.62 -20.18
N ARG C 359 88.05 -28.02 -20.82
CA ARG C 359 89.25 -27.62 -20.11
C ARG C 359 89.07 -26.26 -19.45
N GLU C 360 90.19 -25.75 -18.93
CA GLU C 360 90.27 -24.40 -18.35
C GLU C 360 90.73 -23.45 -19.45
N GLY C 361 89.79 -22.85 -20.16
CA GLY C 361 90.13 -21.97 -21.26
C GLY C 361 89.21 -20.78 -21.40
N SER C 362 88.73 -20.53 -22.62
CA SER C 362 87.81 -19.42 -22.90
C SER C 362 86.40 -19.88 -23.22
N ASP C 363 86.25 -21.02 -23.91
CA ASP C 363 84.91 -21.50 -24.25
C ASP C 363 84.19 -22.07 -23.04
N ALA C 364 84.94 -22.60 -22.07
CA ALA C 364 84.31 -23.13 -20.85
C ALA C 364 83.61 -22.01 -20.08
N ASP C 365 84.26 -20.85 -19.96
CA ASP C 365 83.64 -19.72 -19.28
C ASP C 365 82.47 -19.14 -20.06
N MET C 366 82.38 -19.45 -21.36
CA MET C 366 81.26 -18.95 -22.15
C MET C 366 79.95 -19.60 -21.74
N TYR C 367 79.99 -20.84 -21.25
CA TYR C 367 78.78 -21.48 -20.75
C TYR C 367 78.36 -20.92 -19.39
N VAL C 368 79.32 -20.70 -18.48
CA VAL C 368 78.96 -20.19 -17.16
C VAL C 368 78.51 -18.74 -17.24
N ASN C 369 79.06 -17.97 -18.18
CA ASN C 369 78.61 -16.59 -18.34
C ASN C 369 77.14 -16.52 -18.71
N GLU C 370 76.65 -17.49 -19.49
CA GLU C 370 75.24 -17.60 -19.79
C GLU C 370 74.46 -18.28 -18.66
N LEU C 371 75.16 -18.84 -17.68
CA LEU C 371 74.54 -19.53 -16.56
C LEU C 371 74.27 -18.63 -15.36
N LEU C 372 75.04 -17.54 -15.22
CA LEU C 372 74.84 -16.63 -14.10
C LEU C 372 73.75 -15.60 -14.35
N LYS C 373 73.26 -15.48 -15.60
CA LYS C 373 72.18 -14.56 -15.90
C LYS C 373 70.80 -15.13 -15.55
N GLN C 374 70.71 -16.42 -15.27
CA GLN C 374 69.44 -17.04 -14.96
C GLN C 374 68.93 -16.55 -13.60
N PRO C 375 67.62 -16.68 -13.35
CA PRO C 375 67.06 -16.21 -12.07
C PRO C 375 67.77 -16.83 -10.87
N VAL C 376 68.00 -16.01 -9.85
CA VAL C 376 68.81 -16.42 -8.71
C VAL C 376 68.05 -17.34 -7.76
N ARG C 377 66.73 -17.27 -7.73
CA ARG C 377 65.95 -18.16 -6.86
C ARG C 377 66.13 -19.62 -7.27
N LEU C 378 66.14 -19.91 -8.56
CA LEU C 378 66.28 -21.27 -9.07
C LEU C 378 67.73 -21.72 -9.22
N LEU C 379 68.67 -20.77 -9.32
CA LEU C 379 70.07 -21.13 -9.55
C LEU C 379 70.63 -21.93 -8.39
N MET C 380 70.35 -21.50 -7.16
CA MET C 380 70.97 -22.14 -6.01
C MET C 380 70.48 -23.57 -5.81
N GLN C 381 69.27 -23.88 -6.31
CA GLN C 381 68.82 -25.27 -6.29
C GLN C 381 69.71 -26.15 -7.15
N VAL C 382 70.12 -25.64 -8.32
CA VAL C 382 71.08 -26.37 -9.14
C VAL C 382 72.41 -26.53 -8.40
N LEU C 383 72.87 -25.47 -7.75
CA LEU C 383 74.08 -25.57 -6.93
C LEU C 383 73.88 -26.57 -5.79
N GLN C 384 72.68 -26.61 -5.21
CA GLN C 384 72.43 -27.49 -4.08
C GLN C 384 72.27 -28.94 -4.53
N ASP C 385 71.35 -29.20 -5.45
CA ASP C 385 71.01 -30.58 -5.79
C ASP C 385 72.20 -31.31 -6.39
N PHE C 386 72.97 -30.62 -7.25
CA PHE C 386 74.12 -31.26 -7.87
C PHE C 386 75.17 -31.66 -6.83
N TYR C 387 75.43 -30.78 -5.86
CA TYR C 387 76.46 -31.06 -4.87
C TYR C 387 75.98 -32.05 -3.82
N THR C 388 74.72 -31.98 -3.41
CA THR C 388 74.25 -32.87 -2.35
C THR C 388 74.05 -34.29 -2.86
N LYS C 389 73.76 -34.46 -4.15
CA LYS C 389 73.61 -35.81 -4.70
C LYS C 389 74.96 -36.49 -4.88
N LYS C 390 75.98 -35.73 -5.28
CA LYS C 390 77.31 -36.29 -5.46
C LYS C 390 77.90 -36.78 -4.15
N TYR C 391 77.75 -35.99 -3.08
CA TYR C 391 78.32 -36.36 -1.79
C TYR C 391 77.68 -37.62 -1.24
N HIS C 392 76.35 -37.72 -1.34
CA HIS C 392 75.66 -38.91 -0.86
C HIS C 392 76.08 -40.16 -1.64
N ALA C 393 76.22 -40.02 -2.96
CA ALA C 393 76.63 -41.15 -3.79
C ALA C 393 78.13 -41.44 -3.70
N THR C 394 78.90 -40.57 -3.06
CA THR C 394 80.34 -40.79 -2.92
C THR C 394 80.74 -40.81 -1.45
N VAL C 413 79.68 -38.54 -13.88
CA VAL C 413 78.97 -37.36 -13.40
C VAL C 413 77.85 -36.81 -14.32
N PRO C 414 77.95 -36.95 -15.66
CA PRO C 414 76.87 -36.41 -16.50
C PRO C 414 75.53 -37.10 -16.29
N ASN C 415 75.52 -38.33 -15.76
CA ASN C 415 74.26 -38.94 -15.35
C ASN C 415 73.62 -38.15 -14.22
N LEU C 416 74.43 -37.70 -13.26
CA LEU C 416 73.90 -36.93 -12.14
C LEU C 416 73.57 -35.50 -12.55
N LEU C 417 74.40 -34.88 -13.39
CA LEU C 417 74.20 -33.47 -13.74
C LEU C 417 72.89 -33.29 -14.50
N ARG C 418 72.58 -34.20 -15.44
CA ARG C 418 71.33 -34.10 -16.18
C ARG C 418 70.14 -34.17 -15.25
N ASN C 419 70.18 -35.10 -14.27
CA ASN C 419 69.12 -35.16 -13.26
C ASN C 419 69.07 -33.88 -12.45
N ALA C 420 70.24 -33.32 -12.13
CA ALA C 420 70.27 -32.06 -11.39
C ALA C 420 69.62 -30.93 -12.17
N LEU C 421 69.87 -30.87 -13.48
CA LEU C 421 69.28 -29.85 -14.32
C LEU C 421 67.88 -30.20 -14.81
N TYR C 422 67.50 -31.48 -14.75
CA TYR C 422 66.17 -31.88 -15.21
C TYR C 422 65.07 -31.25 -14.37
N GLY C 423 65.00 -31.61 -13.09
CA GLY C 423 64.00 -31.03 -12.22
C GLY C 423 64.17 -29.55 -11.96
N SER C 424 65.31 -28.98 -12.35
CA SER C 424 65.57 -27.55 -12.19
C SER C 424 64.59 -26.72 -13.02
N MET C 425 64.67 -26.85 -14.34
CA MET C 425 63.88 -26.00 -15.25
C MET C 425 63.33 -26.90 -16.36
N LEU C 426 62.11 -27.39 -16.16
CA LEU C 426 61.46 -28.27 -17.12
C LEU C 426 60.64 -27.51 -18.16
N SER C 427 60.58 -26.18 -18.07
CA SER C 427 59.75 -25.41 -18.98
C SER C 427 60.28 -25.49 -20.41
N SER C 428 61.57 -25.22 -20.59
CA SER C 428 62.13 -25.15 -21.95
C SER C 428 62.07 -26.51 -22.64
N ILE C 429 62.49 -27.57 -21.95
CA ILE C 429 62.48 -28.90 -22.52
C ILE C 429 61.06 -29.34 -22.88
N TYR C 430 60.06 -28.70 -22.31
CA TYR C 430 58.66 -28.97 -22.65
C TYR C 430 58.08 -27.94 -23.61
N ARG C 431 58.47 -26.67 -23.48
CA ARG C 431 57.93 -25.60 -24.31
C ARG C 431 58.80 -25.27 -25.52
N ALA C 432 59.75 -26.14 -25.86
CA ALA C 432 60.57 -25.93 -27.05
C ALA C 432 60.55 -27.10 -28.02
N GLY C 433 59.83 -28.18 -27.72
CA GLY C 433 59.71 -29.29 -28.64
C GLY C 433 60.67 -30.43 -28.41
N LEU C 434 61.51 -30.36 -27.38
CA LEU C 434 62.45 -31.43 -27.09
C LEU C 434 61.75 -32.58 -26.38
N ASN C 435 62.52 -33.53 -25.86
CA ASN C 435 61.98 -34.69 -25.18
C ASN C 435 62.09 -34.47 -23.67
N TYR C 436 60.95 -34.55 -22.97
CA TYR C 436 60.83 -34.04 -21.61
C TYR C 436 60.46 -35.12 -20.59
N GLU C 437 60.90 -36.35 -20.82
CA GLU C 437 60.75 -37.38 -19.81
C GLU C 437 62.03 -37.48 -18.96
N GLN C 438 61.97 -38.31 -17.91
CA GLN C 438 63.12 -38.53 -17.05
C GLN C 438 63.98 -39.69 -17.52
N HIS C 439 63.36 -40.80 -17.88
CA HIS C 439 64.05 -42.00 -18.32
C HIS C 439 63.99 -42.09 -19.85
N ARG C 440 64.42 -43.23 -20.39
CA ARG C 440 64.36 -43.54 -21.82
C ARG C 440 65.14 -42.51 -22.63
N PHE C 441 66.45 -42.49 -22.39
CA PHE C 441 67.36 -41.60 -23.08
C PHE C 441 68.51 -42.40 -23.67
N GLY C 442 68.80 -42.15 -24.95
CA GLY C 442 69.87 -42.85 -25.64
C GLY C 442 70.15 -42.27 -27.02
N MET C 443 70.45 -43.13 -27.98
CA MET C 443 70.75 -42.67 -29.33
C MET C 443 69.49 -42.28 -30.10
N ASP C 444 68.36 -42.96 -29.87
CA ASP C 444 67.15 -42.66 -30.60
C ASP C 444 66.61 -41.27 -30.26
N SER C 445 66.65 -40.90 -28.98
CA SER C 445 66.11 -39.62 -28.56
C SER C 445 67.06 -38.45 -28.81
N LEU C 446 68.35 -38.63 -28.49
CA LEU C 446 69.30 -37.53 -28.65
C LEU C 446 69.45 -37.13 -30.10
N CYS C 447 69.47 -38.11 -31.01
CA CYS C 447 69.61 -37.81 -32.44
C CYS C 447 68.42 -37.01 -32.94
N LYS C 448 67.23 -37.25 -32.38
CA LYS C 448 66.06 -36.48 -32.79
C LYS C 448 66.06 -35.09 -32.14
N ASP C 449 66.53 -34.99 -30.89
CA ASP C 449 66.43 -33.73 -30.16
C ASP C 449 67.36 -32.68 -30.75
N ILE C 450 68.50 -33.07 -31.31
CA ILE C 450 69.40 -32.09 -31.93
C ILE C 450 68.75 -31.50 -33.17
N PHE C 451 68.02 -32.31 -33.94
CA PHE C 451 67.39 -31.80 -35.16
C PHE C 451 66.26 -30.83 -34.83
N THR C 452 65.42 -31.18 -33.85
CA THR C 452 64.30 -30.31 -33.50
C THR C 452 64.75 -29.04 -32.77
N TYR C 453 66.01 -28.95 -32.38
CA TYR C 453 66.55 -27.76 -31.74
C TYR C 453 67.39 -26.91 -32.67
N VAL C 454 68.07 -27.52 -33.64
CA VAL C 454 68.86 -26.75 -34.59
C VAL C 454 67.95 -25.94 -35.50
N LYS C 455 66.82 -26.51 -35.92
CA LYS C 455 65.87 -25.76 -36.73
C LYS C 455 65.16 -24.69 -35.91
N GLN C 456 64.87 -25.00 -34.64
CA GLN C 456 64.23 -24.02 -33.78
C GLN C 456 65.13 -22.81 -33.56
N ASP C 457 66.44 -23.03 -33.43
CA ASP C 457 67.41 -21.95 -33.35
C ASP C 457 67.71 -21.35 -34.72
N ARG C 458 67.28 -22.00 -35.80
CA ARG C 458 67.41 -21.47 -37.17
C ARG C 458 68.87 -21.19 -37.53
N ASP C 459 69.78 -22.08 -37.10
CA ASP C 459 71.19 -21.99 -37.46
C ASP C 459 71.62 -23.37 -37.97
N PHE C 460 71.41 -23.61 -39.26
CA PHE C 460 71.71 -24.90 -39.85
C PHE C 460 73.21 -25.13 -40.06
N ASN C 461 74.05 -24.11 -39.87
CA ASN C 461 75.48 -24.24 -40.07
C ASN C 461 76.22 -24.53 -38.77
N THR C 462 76.03 -23.69 -37.75
CA THR C 462 76.70 -23.83 -36.48
C THR C 462 75.84 -24.52 -35.43
N GLY C 463 74.72 -25.10 -35.83
CA GLY C 463 73.81 -25.69 -34.85
C GLY C 463 74.39 -26.91 -34.16
N PHE C 464 75.11 -27.75 -34.89
CA PHE C 464 75.60 -28.99 -34.31
C PHE C 464 76.74 -28.78 -33.32
N TYR C 465 77.25 -27.56 -33.19
CA TYR C 465 78.24 -27.25 -32.16
C TYR C 465 77.61 -27.11 -30.78
N LEU C 466 76.28 -27.02 -30.69
CA LEU C 466 75.56 -26.87 -29.43
C LEU C 466 76.04 -25.64 -28.66
N ARG C 467 75.85 -24.47 -29.29
CA ARG C 467 76.21 -23.18 -28.72
C ARG C 467 74.99 -22.51 -28.12
N PRO C 468 75.06 -22.03 -26.88
CA PRO C 468 73.88 -21.45 -26.24
C PRO C 468 73.48 -20.08 -26.76
N GLN C 469 74.23 -19.51 -27.70
CA GLN C 469 73.87 -18.19 -28.21
C GLN C 469 72.54 -18.24 -28.95
N SER C 470 71.61 -17.39 -28.51
CA SER C 470 70.26 -17.34 -29.07
C SER C 470 69.61 -16.05 -28.61
N GLU C 471 68.30 -15.93 -28.84
CA GLU C 471 67.57 -14.71 -28.49
C GLU C 471 66.36 -14.96 -27.60
N SER C 472 66.08 -16.20 -27.20
CA SER C 472 64.94 -16.50 -26.37
C SER C 472 65.36 -17.41 -25.22
N GLU C 473 64.73 -17.21 -24.06
CA GLU C 473 65.06 -18.02 -22.89
C GLU C 473 64.64 -19.48 -23.08
N ALA C 474 63.63 -19.73 -23.91
CA ALA C 474 63.24 -21.10 -24.22
C ALA C 474 64.24 -21.80 -25.12
N LEU C 475 65.17 -21.07 -25.73
CA LEU C 475 66.19 -21.65 -26.59
C LEU C 475 67.60 -21.50 -26.04
N ARG C 476 67.82 -20.66 -25.03
CA ARG C 476 69.13 -20.47 -24.43
C ARG C 476 69.39 -21.43 -23.27
N ASN C 477 68.43 -22.28 -22.92
CA ASN C 477 68.61 -23.27 -21.87
C ASN C 477 68.53 -24.70 -22.39
N CYS C 478 68.12 -24.89 -23.65
CA CYS C 478 68.10 -26.23 -24.22
C CYS C 478 69.48 -26.72 -24.57
N SER C 479 70.39 -25.80 -24.93
CA SER C 479 71.72 -26.20 -25.37
C SER C 479 72.48 -26.93 -24.26
N ILE C 480 72.42 -26.41 -23.04
CA ILE C 480 73.14 -27.04 -21.93
C ILE C 480 72.56 -28.42 -21.63
N TYR C 481 71.24 -28.56 -21.72
CA TYR C 481 70.61 -29.86 -21.52
C TYR C 481 71.08 -30.87 -22.56
N LEU C 482 71.13 -30.46 -23.82
CA LEU C 482 71.65 -31.34 -24.87
C LEU C 482 73.15 -31.58 -24.69
N ALA C 483 73.89 -30.52 -24.36
CA ALA C 483 75.34 -30.67 -24.18
C ALA C 483 75.66 -31.64 -23.04
N SER C 484 74.90 -31.55 -21.95
CA SER C 484 75.07 -32.52 -20.87
C SER C 484 74.62 -33.91 -21.30
N GLN C 485 73.60 -33.98 -22.16
CA GLN C 485 73.12 -35.28 -22.61
C GLN C 485 74.07 -35.94 -23.59
N VAL C 486 74.68 -35.15 -24.49
CA VAL C 486 75.63 -35.71 -25.44
C VAL C 486 76.85 -36.26 -24.71
N SER C 487 77.35 -35.52 -23.72
CA SER C 487 78.50 -35.97 -22.94
C SER C 487 78.15 -37.13 -22.01
N GLU C 488 76.88 -37.47 -21.87
CA GLU C 488 76.45 -38.51 -20.94
C GLU C 488 76.29 -39.87 -21.59
N ASN C 489 75.72 -39.93 -22.80
CA ASN C 489 75.37 -41.20 -23.41
C ASN C 489 76.56 -41.89 -24.06
N CYS C 490 77.51 -41.12 -24.58
CA CYS C 490 78.57 -41.65 -25.43
C CYS C 490 79.92 -41.74 -24.73
N GLN C 491 79.94 -42.08 -23.43
CA GLN C 491 81.19 -42.23 -22.71
C GLN C 491 81.61 -43.69 -22.68
N GLY C 492 82.90 -43.94 -22.93
CA GLY C 492 83.44 -45.28 -22.84
C GLY C 492 83.02 -46.21 -23.96
N SER C 493 82.58 -45.69 -25.10
CA SER C 493 82.15 -46.50 -26.21
C SER C 493 82.54 -45.85 -27.52
N LEU C 494 82.85 -46.67 -28.52
CA LEU C 494 83.18 -46.20 -29.85
C LEU C 494 82.01 -46.31 -30.82
N SER C 495 81.08 -47.24 -30.59
CA SER C 495 79.91 -47.35 -31.46
C SER C 495 79.00 -46.13 -31.30
N LYS C 496 78.76 -45.70 -30.06
CA LYS C 496 77.93 -44.53 -29.83
C LYS C 496 78.66 -43.24 -30.19
N PHE C 497 79.97 -43.20 -30.00
CA PHE C 497 80.75 -42.01 -30.37
C PHE C 497 80.65 -41.75 -31.87
N LEU C 498 80.80 -42.79 -32.68
CA LEU C 498 80.67 -42.64 -34.12
C LEU C 498 79.22 -42.53 -34.57
N GLN C 499 78.27 -42.91 -33.71
CA GLN C 499 76.86 -42.74 -34.03
C GLN C 499 76.41 -41.29 -33.85
N MET C 500 77.26 -40.43 -33.28
CA MET C 500 77.00 -39.00 -33.21
C MET C 500 77.82 -38.20 -34.20
N LEU C 501 78.78 -38.84 -34.89
CA LEU C 501 79.60 -38.14 -35.87
C LEU C 501 79.05 -38.20 -37.27
N LEU C 502 78.30 -39.25 -37.60
CA LEU C 502 77.76 -39.42 -38.94
C LEU C 502 76.24 -39.53 -38.97
N VAL C 503 75.58 -39.44 -37.82
CA VAL C 503 74.12 -39.45 -37.74
C VAL C 503 73.59 -38.14 -37.15
N GLY C 504 74.03 -37.79 -35.95
CA GLY C 504 73.61 -36.55 -35.34
C GLY C 504 74.21 -35.32 -35.99
N CYS C 505 75.53 -35.15 -35.86
CA CYS C 505 76.18 -33.99 -36.45
C CYS C 505 76.21 -34.05 -37.97
N GLY C 506 76.29 -35.25 -38.54
CA GLY C 506 76.44 -35.38 -39.98
C GLY C 506 75.20 -35.09 -40.79
N SER C 507 74.02 -35.16 -40.18
CA SER C 507 72.78 -34.97 -40.91
C SER C 507 72.32 -33.52 -40.98
N VAL C 508 73.08 -32.59 -40.39
CA VAL C 508 72.75 -31.18 -40.47
C VAL C 508 73.65 -30.43 -41.45
N SER C 509 74.85 -30.94 -41.74
CA SER C 509 75.69 -30.34 -42.76
C SER C 509 75.36 -30.85 -44.16
N ILE C 510 74.87 -32.09 -44.27
CA ILE C 510 74.43 -32.60 -45.56
C ILE C 510 73.14 -31.90 -46.00
N PHE C 511 72.22 -31.69 -45.04
CA PHE C 511 70.95 -31.05 -45.37
C PHE C 511 71.15 -29.62 -45.85
N ASN C 512 72.05 -28.87 -45.22
CA ASN C 512 72.22 -27.45 -45.52
C ASN C 512 72.90 -27.20 -46.85
N GLN C 513 73.44 -28.22 -47.51
CA GLN C 513 74.17 -28.02 -48.75
C GLN C 513 73.56 -28.73 -49.95
N PHE C 514 72.79 -29.80 -49.75
CA PHE C 514 72.25 -30.58 -50.85
C PHE C 514 70.73 -30.67 -50.88
N VAL C 515 70.03 -30.13 -49.88
CA VAL C 515 68.58 -30.24 -49.79
C VAL C 515 67.91 -28.87 -49.74
N THR C 516 68.44 -27.97 -48.91
CA THR C 516 67.81 -26.67 -48.71
C THR C 516 67.83 -25.81 -49.97
N GLU C 517 68.64 -26.16 -50.97
CA GLU C 517 68.66 -25.41 -52.21
C GLU C 517 67.37 -25.53 -53.01
N LEU C 518 66.51 -26.50 -52.67
CA LEU C 518 65.29 -26.72 -53.42
C LEU C 518 64.11 -25.92 -52.89
N ALA C 519 64.01 -25.75 -51.57
CA ALA C 519 62.90 -25.01 -50.99
C ALA C 519 63.41 -24.33 -49.71
N ARG C 520 63.80 -23.06 -49.85
CA ARG C 520 64.25 -22.29 -48.71
C ARG C 520 63.07 -21.88 -47.84
N ALA C 521 63.31 -21.80 -46.53
CA ALA C 521 62.24 -21.56 -45.58
C ALA C 521 61.62 -20.18 -45.76
N GLU C 522 62.47 -19.15 -45.80
CA GLU C 522 61.97 -17.77 -45.79
C GLU C 522 61.21 -17.38 -47.05
N ASN C 523 61.28 -18.19 -48.11
CA ASN C 523 60.58 -17.88 -49.36
C ASN C 523 59.22 -18.56 -49.43
N ASP C 524 59.19 -19.89 -49.27
CA ASP C 524 57.95 -20.67 -49.36
C ASP C 524 57.92 -21.61 -48.15
N ARG C 525 57.23 -21.17 -47.09
CA ARG C 525 57.28 -21.87 -45.81
C ARG C 525 56.48 -23.16 -45.79
N GLU C 526 55.44 -23.29 -46.62
CA GLU C 526 54.61 -24.49 -46.57
C GLU C 526 55.41 -25.74 -46.96
N LYS C 527 56.26 -25.63 -47.98
CA LYS C 527 57.05 -26.77 -48.42
C LYS C 527 58.28 -26.99 -47.54
N PHE C 528 58.75 -25.96 -46.83
CA PHE C 528 59.94 -26.11 -46.00
C PHE C 528 59.70 -27.12 -44.88
N GLU C 529 58.57 -27.01 -44.19
CA GLU C 529 58.27 -27.95 -43.12
C GLU C 529 58.01 -29.35 -43.65
N GLN C 530 57.40 -29.47 -44.84
CA GLN C 530 57.21 -30.79 -45.44
C GLN C 530 58.54 -31.45 -45.74
N LEU C 531 59.56 -30.66 -46.06
CA LEU C 531 60.90 -31.21 -46.25
C LEU C 531 61.62 -31.47 -44.94
N ILE C 532 61.15 -30.91 -43.84
CA ILE C 532 61.74 -31.22 -42.54
C ILE C 532 61.39 -32.64 -42.13
N SER C 533 60.13 -33.04 -42.28
CA SER C 533 59.71 -34.38 -41.89
C SER C 533 60.16 -35.44 -42.87
N GLU C 534 60.17 -35.12 -44.17
CA GLU C 534 60.55 -36.11 -45.17
C GLU C 534 62.05 -36.40 -45.13
N TYR C 535 62.86 -35.38 -44.82
CA TYR C 535 64.29 -35.60 -44.66
C TYR C 535 64.56 -36.53 -43.49
N VAL C 536 63.83 -36.36 -42.39
CA VAL C 536 63.97 -37.26 -41.24
C VAL C 536 63.55 -38.67 -41.62
N ALA C 537 62.45 -38.80 -42.36
CA ALA C 537 61.95 -40.12 -42.73
C ALA C 537 62.89 -40.86 -43.67
N TYR C 538 63.81 -40.16 -44.33
CA TYR C 538 64.75 -40.78 -45.24
C TYR C 538 66.09 -41.10 -44.57
N MET C 539 66.70 -40.10 -43.92
CA MET C 539 67.95 -40.33 -43.20
C MET C 539 67.76 -41.15 -41.93
N SER C 540 66.52 -41.39 -41.51
CA SER C 540 66.20 -42.19 -40.33
C SER C 540 66.80 -41.60 -39.06
N VAL C 541 67.00 -40.28 -39.04
CA VAL C 541 67.60 -39.63 -37.88
C VAL C 541 66.64 -39.71 -36.71
N GLY C 542 67.17 -40.09 -35.55
CA GLY C 542 66.35 -40.29 -34.36
C GLY C 542 65.63 -41.62 -34.29
N ARG C 543 65.64 -42.40 -35.37
CA ARG C 543 65.05 -43.74 -35.41
C ARG C 543 66.19 -44.67 -35.84
N ILE C 544 66.96 -45.13 -34.87
CA ILE C 544 68.22 -45.82 -35.15
C ILE C 544 67.92 -47.25 -35.59
N GLU C 545 68.22 -47.54 -36.85
CA GLU C 545 68.17 -48.90 -37.39
C GLU C 545 69.51 -49.18 -38.03
N SER C 546 70.36 -49.95 -37.33
CA SER C 546 71.73 -50.22 -37.74
C SER C 546 72.52 -48.93 -37.91
N ALA C 547 73.73 -49.04 -38.47
CA ALA C 547 74.57 -47.87 -38.73
C ALA C 547 75.06 -47.78 -40.16
N SER C 548 75.02 -48.86 -40.93
CA SER C 548 75.39 -48.83 -42.33
C SER C 548 74.22 -48.51 -43.25
N HIS C 549 73.00 -48.47 -42.71
CA HIS C 549 71.87 -48.02 -43.52
C HIS C 549 71.87 -46.51 -43.71
N TRP C 550 72.58 -45.78 -42.86
CA TRP C 550 72.77 -44.35 -43.09
C TRP C 550 73.57 -44.10 -44.36
N ALA C 551 74.72 -44.75 -44.49
CA ALA C 551 75.57 -44.55 -45.66
C ALA C 551 74.89 -45.06 -46.93
N ASN C 552 74.18 -46.19 -46.83
CA ASN C 552 73.48 -46.72 -47.99
C ASN C 552 72.47 -45.71 -48.53
N ARG C 553 71.72 -45.06 -47.63
CA ARG C 553 70.82 -44.01 -48.05
C ARG C 553 71.57 -42.71 -48.35
N CYS C 554 72.72 -42.48 -47.71
CA CYS C 554 73.45 -41.23 -47.91
C CYS C 554 74.13 -41.14 -49.27
N CYS C 555 74.41 -42.28 -49.91
CA CYS C 555 75.06 -42.21 -51.21
C CYS C 555 74.11 -41.76 -52.31
N ALA C 556 72.79 -41.83 -52.09
CA ALA C 556 71.83 -41.48 -53.13
C ALA C 556 71.64 -39.97 -53.25
N VAL C 557 71.63 -39.25 -52.12
CA VAL C 557 71.29 -37.83 -52.16
C VAL C 557 72.34 -37.04 -52.93
N VAL C 558 73.62 -37.32 -52.70
CA VAL C 558 74.67 -36.57 -53.36
C VAL C 558 74.73 -36.89 -54.85
N ALA C 559 74.21 -38.04 -55.26
CA ALA C 559 74.28 -38.50 -56.64
C ALA C 559 73.32 -37.77 -57.58
N ASN C 560 72.68 -36.68 -57.13
CA ASN C 560 71.79 -35.94 -58.00
C ASN C 560 72.57 -35.11 -59.02
N SER C 561 73.39 -34.17 -58.53
CA SER C 561 74.25 -33.36 -59.38
C SER C 561 75.70 -33.70 -59.06
N PRO C 562 76.37 -34.52 -59.87
CA PRO C 562 77.73 -34.95 -59.53
C PRO C 562 78.73 -33.82 -59.41
N ASN C 563 78.93 -33.06 -60.49
CA ASN C 563 79.90 -31.99 -60.53
C ASN C 563 79.52 -31.04 -61.67
N ASP C 564 80.30 -29.98 -61.82
CA ASP C 564 80.07 -29.01 -62.88
C ASP C 564 80.48 -29.53 -64.26
N GLU C 565 81.17 -30.67 -64.34
CA GLU C 565 81.55 -31.24 -65.61
C GLU C 565 81.10 -32.69 -65.79
N LYS C 566 80.18 -33.16 -64.94
CA LYS C 566 79.48 -34.44 -65.01
C LYS C 566 80.34 -35.64 -64.58
N ILE C 567 81.64 -35.45 -64.30
CA ILE C 567 82.46 -36.57 -63.86
C ILE C 567 81.98 -37.06 -62.50
N GLY C 568 81.89 -38.38 -62.36
CA GLY C 568 81.40 -38.99 -61.14
C GLY C 568 82.40 -39.02 -59.99
N VAL C 569 82.77 -37.85 -59.50
CA VAL C 569 83.62 -37.73 -58.32
C VAL C 569 82.92 -36.76 -57.36
N PHE C 570 82.32 -37.30 -56.30
CA PHE C 570 81.48 -36.51 -55.41
C PHE C 570 82.31 -35.94 -54.26
N LEU C 571 81.65 -35.12 -53.44
CA LEU C 571 82.33 -34.33 -52.42
C LEU C 571 82.86 -35.17 -51.25
N GLY C 572 82.46 -36.44 -51.16
CA GLY C 572 82.99 -37.30 -50.11
C GLY C 572 83.19 -38.72 -50.59
N MET C 573 83.11 -38.92 -51.91
CA MET C 573 83.08 -40.26 -52.47
C MET C 573 83.36 -40.18 -53.97
N VAL C 574 83.56 -41.35 -54.57
CA VAL C 574 83.79 -41.47 -56.00
C VAL C 574 82.81 -42.48 -56.57
N GLN C 575 82.53 -42.34 -57.86
CA GLN C 575 81.58 -43.20 -58.56
C GLN C 575 82.33 -44.13 -59.48
N LEU C 576 82.02 -45.42 -59.40
CA LEU C 576 82.69 -46.45 -60.19
C LEU C 576 81.77 -46.97 -61.28
N ASN C 577 82.30 -47.08 -62.49
CA ASN C 577 81.54 -47.58 -63.63
C ASN C 577 81.22 -49.06 -63.40
N ARG C 578 79.93 -49.36 -63.17
CA ARG C 578 79.54 -50.73 -62.87
C ARG C 578 79.83 -51.66 -64.04
N LYS C 579 79.55 -51.22 -65.25
CA LYS C 579 79.86 -51.98 -66.46
C LYS C 579 80.94 -51.27 -67.24
N SER C 580 81.99 -52.01 -67.62
CA SER C 580 83.13 -51.41 -68.30
C SER C 580 82.71 -50.82 -69.65
N ARG C 581 83.36 -49.72 -70.01
CA ARG C 581 83.02 -49.01 -71.23
C ARG C 581 83.43 -49.82 -72.45
N GLN C 582 82.79 -49.49 -73.59
CA GLN C 582 83.06 -50.15 -74.86
C GLN C 582 84.11 -49.41 -75.68
N HIS C 583 83.86 -48.14 -75.99
CA HIS C 583 84.82 -47.31 -76.73
C HIS C 583 85.84 -46.79 -75.73
N MET C 584 86.83 -47.63 -75.42
CA MET C 584 87.81 -47.35 -74.38
C MET C 584 89.20 -47.34 -74.98
N PRO C 585 89.70 -46.19 -75.41
CA PRO C 585 91.10 -46.12 -75.86
C PRO C 585 92.10 -46.44 -74.77
N GLY C 586 91.81 -46.11 -73.52
CA GLY C 586 92.73 -46.36 -72.43
C GLY C 586 92.75 -47.80 -71.99
N GLY C 587 93.70 -48.11 -71.10
CA GLY C 587 93.90 -49.44 -70.59
C GLY C 587 93.14 -49.79 -69.32
N TYR C 588 92.29 -48.88 -68.83
CA TYR C 588 91.52 -49.18 -67.63
C TYR C 588 90.47 -50.25 -67.93
N LYS C 589 90.04 -50.93 -66.87
CA LYS C 589 89.06 -52.01 -66.98
C LYS C 589 88.02 -51.85 -65.88
N LYS C 590 87.16 -52.86 -65.74
CA LYS C 590 86.03 -52.79 -64.82
C LYS C 590 86.50 -52.90 -63.37
N PHE C 591 85.55 -52.72 -62.45
CA PHE C 591 85.83 -52.79 -61.02
C PHE C 591 86.33 -54.19 -60.64
N ASN C 592 85.47 -55.20 -60.79
CA ASN C 592 85.83 -56.60 -60.59
C ASN C 592 86.41 -56.83 -59.20
N ILE C 593 85.55 -56.68 -58.21
CA ILE C 593 85.93 -56.88 -56.81
C ILE C 593 86.48 -58.28 -56.56
N ASP C 594 86.13 -59.26 -57.40
CA ASP C 594 86.62 -60.62 -57.21
C ASP C 594 88.15 -60.67 -57.34
N THR C 595 88.71 -59.90 -58.28
CA THR C 595 90.14 -59.97 -58.54
C THR C 595 91.00 -59.45 -57.39
N GLU C 596 90.40 -58.81 -56.39
CA GLU C 596 91.15 -58.32 -55.26
C GLU C 596 91.68 -59.48 -54.42
N ASN C 597 92.48 -59.16 -53.41
CA ASN C 597 93.09 -60.15 -52.54
C ASN C 597 92.08 -60.61 -51.49
N GLY C 598 92.56 -61.30 -50.46
CA GLY C 598 91.69 -61.80 -49.41
C GLY C 598 91.25 -60.77 -48.39
N LEU C 599 92.21 -60.25 -47.60
CA LEU C 599 91.84 -59.39 -46.47
C LEU C 599 91.35 -58.03 -46.96
N ALA C 600 92.07 -57.42 -47.90
CA ALA C 600 91.69 -56.07 -48.35
C ALA C 600 90.35 -56.06 -49.08
N LYS C 601 89.88 -57.22 -49.53
CA LYS C 601 88.55 -57.29 -50.14
C LYS C 601 87.45 -57.04 -49.12
N ALA C 602 87.67 -57.46 -47.87
CA ALA C 602 86.66 -57.26 -46.84
C ALA C 602 86.41 -55.78 -46.59
N ALA C 603 87.48 -54.98 -46.54
CA ALA C 603 87.32 -53.54 -46.33
C ALA C 603 86.72 -52.86 -47.55
N MET C 604 86.83 -53.49 -48.72
CA MET C 604 86.34 -52.90 -49.96
C MET C 604 84.93 -53.36 -50.30
N ALA C 605 84.67 -54.67 -50.15
CA ALA C 605 83.33 -55.19 -50.41
C ALA C 605 82.31 -54.61 -49.45
N SER C 606 82.67 -54.52 -48.16
CA SER C 606 81.76 -53.94 -47.18
C SER C 606 81.48 -52.47 -47.46
N SER C 607 82.35 -51.80 -48.21
CA SER C 607 82.17 -50.41 -48.60
C SER C 607 81.55 -50.27 -49.98
N LEU C 608 80.70 -51.21 -50.37
CA LEU C 608 79.99 -51.17 -51.65
C LEU C 608 78.54 -50.80 -51.41
N SER C 609 78.07 -49.77 -52.11
CA SER C 609 76.71 -49.29 -51.94
C SER C 609 76.12 -48.93 -53.30
N THR C 610 74.89 -49.37 -53.55
CA THR C 610 74.15 -49.03 -54.75
C THR C 610 72.74 -48.63 -54.38
N VAL C 611 72.19 -47.69 -55.14
CA VAL C 611 70.83 -47.19 -54.92
C VAL C 611 70.09 -47.22 -56.25
N ALA C 612 68.88 -47.78 -56.24
CA ALA C 612 68.07 -47.83 -57.45
C ALA C 612 67.66 -46.43 -57.87
N SER C 613 67.79 -46.15 -59.16
CA SER C 613 67.46 -44.85 -59.72
C SER C 613 67.03 -45.06 -61.16
N ASN C 614 67.05 -43.98 -61.95
CA ASN C 614 66.85 -44.12 -63.39
C ASN C 614 67.85 -45.10 -64.00
N ASN C 615 69.06 -45.17 -63.42
CA ASN C 615 70.04 -46.18 -63.77
C ASN C 615 70.74 -46.62 -62.48
N LEU C 616 71.02 -47.91 -62.38
CA LEU C 616 71.76 -48.42 -61.24
C LEU C 616 73.17 -47.83 -61.22
N MET C 617 73.62 -47.41 -60.05
CA MET C 617 74.92 -46.76 -59.92
C MET C 617 75.65 -47.33 -58.70
N ASP C 618 76.98 -47.26 -58.76
CA ASP C 618 77.85 -47.74 -57.70
C ASP C 618 78.72 -46.60 -57.20
N PHE C 619 78.89 -46.53 -55.88
CA PHE C 619 79.66 -45.46 -55.25
C PHE C 619 80.61 -46.07 -54.23
N CYS C 620 81.69 -45.32 -53.94
CA CYS C 620 82.66 -45.72 -52.94
C CYS C 620 82.90 -44.53 -52.01
N SER C 621 82.51 -44.67 -50.75
CA SER C 621 82.51 -43.56 -49.81
C SER C 621 83.21 -43.97 -48.52
N VAL C 622 83.70 -42.95 -47.81
CA VAL C 622 84.24 -43.17 -46.47
C VAL C 622 83.11 -43.55 -45.51
N PHE C 623 81.89 -43.08 -45.77
CA PHE C 623 80.78 -43.34 -44.86
C PHE C 623 80.47 -44.83 -44.78
N ASN C 624 80.49 -45.53 -45.91
CA ASN C 624 80.26 -46.98 -45.89
C ASN C 624 81.34 -47.69 -45.09
N LEU C 625 82.60 -47.28 -45.26
CA LEU C 625 83.69 -47.91 -44.54
C LEU C 625 83.59 -47.64 -43.03
N ILE C 626 83.37 -46.38 -42.64
CA ILE C 626 83.22 -46.07 -41.23
C ILE C 626 81.91 -46.66 -40.70
N GLY C 627 80.89 -46.78 -41.57
CA GLY C 627 79.65 -47.40 -41.14
C GLY C 627 79.84 -48.84 -40.71
N ALA C 628 80.70 -49.58 -41.43
CA ALA C 628 81.02 -50.95 -41.03
C ALA C 628 81.92 -51.00 -39.81
N ILE C 629 82.45 -49.86 -39.37
CA ILE C 629 83.31 -49.85 -38.18
C ILE C 629 82.49 -49.68 -36.92
N ALA C 630 81.42 -48.88 -36.98
CA ALA C 630 80.63 -48.61 -35.78
C ALA C 630 79.92 -49.86 -35.28
N ASP C 631 79.25 -50.59 -36.18
CA ASP C 631 78.51 -51.77 -35.75
C ASP C 631 79.42 -52.90 -35.30
N ILE C 632 80.61 -53.02 -35.91
CA ILE C 632 81.56 -54.04 -35.48
C ILE C 632 82.00 -53.78 -34.05
N SER C 633 82.29 -52.53 -33.71
CA SER C 633 82.63 -52.18 -32.33
C SER C 633 81.45 -52.35 -31.39
N ALA C 634 80.24 -52.46 -31.92
CA ALA C 634 79.04 -52.66 -31.11
C ALA C 634 78.71 -54.12 -30.90
N CYS C 635 79.55 -55.04 -31.39
CA CYS C 635 79.26 -56.46 -31.24
C CYS C 635 79.25 -56.87 -29.77
N ARG C 636 80.31 -56.54 -29.04
CA ARG C 636 80.43 -56.86 -27.61
C ARG C 636 80.20 -58.36 -27.36
N CYS C 637 80.78 -59.18 -28.22
CA CYS C 637 80.59 -60.63 -28.15
C CYS C 637 81.92 -61.30 -28.45
N GLU C 638 81.89 -62.63 -28.53
CA GLU C 638 83.08 -63.43 -28.81
C GLU C 638 83.13 -63.79 -30.28
N ARG C 639 84.14 -64.59 -30.65
CA ARG C 639 84.36 -64.91 -32.06
C ARG C 639 83.22 -65.75 -32.63
N SER C 640 82.40 -66.36 -31.77
CA SER C 640 81.31 -67.20 -32.25
C SER C 640 80.33 -66.40 -33.08
N ALA C 641 79.99 -65.19 -32.65
CA ALA C 641 79.09 -64.32 -33.39
C ALA C 641 79.82 -63.26 -34.22
N ILE C 642 81.14 -63.17 -34.10
CA ILE C 642 81.89 -62.22 -34.92
C ILE C 642 81.77 -62.59 -36.40
N THR C 643 81.86 -63.89 -36.70
CA THR C 643 81.71 -64.32 -38.09
C THR C 643 80.34 -63.97 -38.65
N ASN C 644 79.32 -63.90 -37.79
CA ASN C 644 78.00 -63.45 -38.25
C ASN C 644 78.02 -61.97 -38.60
N ALA C 645 78.56 -61.14 -37.70
CA ALA C 645 78.64 -59.71 -37.95
C ALA C 645 79.57 -59.40 -39.11
N PHE C 646 80.70 -60.11 -39.19
CA PHE C 646 81.64 -59.88 -40.29
C PHE C 646 81.00 -60.22 -41.62
N ASN C 647 80.23 -61.29 -41.68
CA ASN C 647 79.47 -61.61 -42.88
C ASN C 647 78.21 -60.77 -43.02
N LYS C 648 77.78 -60.10 -41.96
CA LYS C 648 76.63 -59.21 -42.05
C LYS C 648 77.00 -57.91 -42.76
N VAL C 649 78.18 -57.36 -42.46
CA VAL C 649 78.59 -56.08 -43.04
C VAL C 649 78.97 -56.21 -44.50
N ILE C 650 79.05 -57.42 -45.04
CA ILE C 650 79.43 -57.62 -46.43
C ILE C 650 78.25 -58.21 -47.20
N ALA C 651 77.04 -57.90 -46.76
CA ALA C 651 75.83 -58.38 -47.41
C ALA C 651 75.45 -57.44 -48.56
N GLN C 652 74.29 -57.68 -49.16
CA GLN C 652 73.79 -56.85 -50.26
C GLN C 652 72.39 -56.39 -49.95
N THR C 653 72.15 -55.08 -50.03
CA THR C 653 70.83 -54.51 -49.84
C THR C 653 70.79 -53.17 -50.58
N THR C 654 69.62 -52.86 -51.14
CA THR C 654 69.43 -51.64 -51.92
C THR C 654 68.55 -50.66 -51.15
N CYS C 655 68.52 -49.43 -51.65
CA CYS C 655 67.70 -48.36 -51.08
C CYS C 655 67.03 -47.59 -52.19
N ILE C 656 65.90 -46.97 -51.87
CA ILE C 656 65.14 -46.21 -52.85
C ILE C 656 65.78 -44.85 -53.05
N VAL C 657 65.46 -44.20 -54.16
CA VAL C 657 65.95 -42.85 -54.45
C VAL C 657 65.13 -41.88 -53.58
N PRO C 658 65.69 -40.75 -53.17
CA PRO C 658 64.91 -39.81 -52.36
C PRO C 658 63.69 -39.32 -53.12
N PRO C 659 62.60 -39.01 -52.42
CA PRO C 659 61.38 -38.52 -53.09
C PRO C 659 61.60 -37.23 -53.88
N TRP C 660 62.50 -36.36 -53.43
CA TRP C 660 62.67 -35.07 -54.10
C TRP C 660 63.58 -35.16 -55.33
N SER C 661 64.10 -36.33 -55.65
CA SER C 661 64.84 -36.51 -56.88
C SER C 661 63.89 -36.48 -58.08
N GLU C 662 64.46 -36.26 -59.26
CA GLU C 662 63.66 -36.22 -60.49
C GLU C 662 63.10 -37.58 -60.87
N ALA C 663 63.69 -38.67 -60.36
CA ALA C 663 63.33 -40.02 -60.76
C ALA C 663 62.83 -40.84 -59.58
N ALA C 664 61.96 -40.25 -58.76
CA ALA C 664 61.38 -41.00 -57.65
C ALA C 664 60.53 -42.16 -58.14
N VAL C 665 59.71 -41.92 -59.17
CA VAL C 665 58.87 -42.97 -59.72
C VAL C 665 59.70 -44.02 -60.45
N ARG C 666 60.78 -43.60 -61.12
CA ARG C 666 61.59 -44.52 -61.91
C ARG C 666 62.29 -45.56 -61.05
N ALA C 667 62.42 -45.34 -59.74
CA ALA C 667 63.16 -46.26 -58.89
C ALA C 667 62.46 -47.62 -58.80
N GLU C 668 61.15 -47.61 -58.60
CA GLU C 668 60.41 -48.85 -58.37
C GLU C 668 59.86 -49.47 -59.65
N MET C 669 60.02 -48.81 -60.80
CA MET C 669 59.59 -49.40 -62.06
C MET C 669 60.61 -50.38 -62.63
N LYS C 670 61.84 -50.37 -62.12
CA LYS C 670 62.87 -51.32 -62.51
C LYS C 670 63.32 -52.22 -61.37
N GLY C 671 63.38 -51.69 -60.16
CA GLY C 671 63.73 -52.50 -59.00
C GLY C 671 65.17 -53.00 -59.03
N SER C 672 65.39 -54.07 -58.28
CA SER C 672 66.69 -54.72 -58.22
C SER C 672 66.51 -56.22 -58.31
N SER C 673 67.39 -56.88 -59.06
CA SER C 673 67.30 -58.32 -59.26
C SER C 673 68.71 -58.88 -59.42
N LYS C 674 69.12 -59.72 -58.48
CA LYS C 674 70.45 -60.32 -58.51
C LYS C 674 70.54 -61.40 -59.58
N ASP C 702 81.88 -67.04 -48.69
CA ASP C 702 82.81 -65.92 -48.74
C ASP C 702 83.90 -66.07 -47.68
N ALA C 703 83.49 -66.50 -46.49
CA ALA C 703 84.36 -66.56 -45.31
C ALA C 703 85.42 -67.65 -45.38
N THR C 704 85.61 -68.34 -46.51
CA THR C 704 86.66 -69.35 -46.60
C THR C 704 88.04 -68.74 -46.41
N GLU C 705 88.29 -67.58 -47.05
CA GLU C 705 89.56 -66.89 -46.92
C GLU C 705 89.58 -65.84 -45.83
N PHE C 706 88.44 -65.58 -45.18
CA PHE C 706 88.38 -64.61 -44.10
C PHE C 706 88.54 -65.24 -42.72
N SER C 707 88.98 -66.50 -42.65
CA SER C 707 89.21 -67.12 -41.35
C SER C 707 90.27 -66.36 -40.57
N ASP C 708 91.35 -65.95 -41.24
CA ASP C 708 92.35 -65.10 -40.59
C ASP C 708 91.85 -63.67 -40.47
N ALA C 709 91.08 -63.21 -41.45
CA ALA C 709 90.54 -61.84 -41.40
C ALA C 709 89.58 -61.68 -40.22
N ILE C 710 88.74 -62.69 -39.97
CA ILE C 710 87.87 -62.66 -38.80
C ILE C 710 88.71 -62.63 -37.52
N THR C 711 89.82 -63.38 -37.51
CA THR C 711 90.73 -63.32 -36.38
C THR C 711 91.38 -61.95 -36.25
N LYS C 712 91.61 -61.27 -37.38
CA LYS C 712 92.26 -59.97 -37.34
C LYS C 712 91.44 -58.96 -36.56
N VAL C 713 90.16 -58.82 -36.89
CA VAL C 713 89.30 -57.91 -36.13
C VAL C 713 89.08 -58.43 -34.72
N GLU C 714 89.00 -59.76 -34.56
CA GLU C 714 88.86 -60.33 -33.23
C GLU C 714 90.06 -60.00 -32.36
N GLN C 715 91.26 -60.08 -32.93
CA GLN C 715 92.47 -59.69 -32.20
C GLN C 715 92.53 -58.20 -31.92
N TRP C 716 91.65 -57.39 -32.54
CA TRP C 716 91.58 -55.96 -32.28
C TRP C 716 90.39 -55.59 -31.41
N LEU C 717 89.25 -56.29 -31.56
CA LEU C 717 88.08 -56.00 -30.74
C LEU C 717 88.30 -56.35 -29.27
N LYS C 718 89.34 -57.12 -28.96
CA LYS C 718 89.71 -57.34 -27.57
C LYS C 718 90.55 -56.20 -27.00
N ASN C 719 90.95 -55.25 -27.84
CA ASN C 719 91.75 -54.10 -27.40
C ASN C 719 90.93 -52.83 -27.25
N VAL C 720 89.82 -52.70 -27.98
CA VAL C 720 89.03 -51.47 -27.93
C VAL C 720 88.46 -51.28 -26.53
N ASN C 721 87.91 -52.34 -25.94
CA ASN C 721 87.35 -52.23 -24.59
C ASN C 721 88.41 -51.92 -23.54
N GLU C 722 89.67 -52.26 -23.81
CA GLU C 722 90.74 -51.92 -22.89
C GLU C 722 91.14 -50.45 -22.98
N ILE C 723 90.95 -49.83 -24.13
CA ILE C 723 91.38 -48.45 -24.35
C ILE C 723 90.19 -47.49 -24.35
N GLU C 724 89.07 -47.88 -24.97
CA GLU C 724 87.93 -46.97 -25.06
C GLU C 724 87.33 -46.64 -23.71
N ILE C 725 87.62 -47.43 -22.68
CA ILE C 725 87.21 -47.10 -21.31
C ILE C 725 88.20 -46.04 -20.81
N GLY C 726 87.80 -44.78 -20.89
CA GLY C 726 88.68 -43.70 -20.50
C GLY C 726 88.53 -42.46 -21.36
N ILE C 727 87.75 -42.55 -22.44
CA ILE C 727 87.55 -41.43 -23.35
C ILE C 727 86.44 -40.54 -22.81
N ARG C 728 86.66 -39.23 -22.89
CA ARG C 728 85.65 -38.24 -22.52
C ARG C 728 85.30 -37.37 -23.73
N PRO C 729 84.18 -37.62 -24.40
CA PRO C 729 83.74 -36.73 -25.48
C PRO C 729 83.09 -35.48 -24.91
N SER C 730 82.90 -34.50 -25.80
CA SER C 730 82.25 -33.25 -25.45
C SER C 730 81.21 -32.91 -26.51
N ALA C 731 80.33 -31.96 -26.17
CA ALA C 731 79.30 -31.54 -27.12
C ALA C 731 79.92 -30.89 -28.35
N LEU C 732 80.92 -30.03 -28.16
CA LEU C 732 81.61 -29.41 -29.28
C LEU C 732 82.67 -30.31 -29.88
N LEU C 733 83.12 -31.33 -29.14
CA LEU C 733 84.17 -32.22 -29.64
C LEU C 733 83.70 -32.96 -30.89
N ILE C 734 82.48 -33.50 -30.85
CA ILE C 734 81.96 -34.21 -32.02
C ILE C 734 81.74 -33.24 -33.18
N GLY C 735 81.29 -32.02 -32.88
CA GLY C 735 81.07 -31.05 -33.94
C GLY C 735 82.36 -30.58 -34.59
N LYS C 736 83.42 -30.38 -33.79
CA LYS C 736 84.68 -29.92 -34.34
C LYS C 736 85.31 -30.98 -35.25
N VAL C 737 85.22 -32.26 -34.85
CA VAL C 737 85.80 -33.32 -35.68
C VAL C 737 85.12 -33.37 -37.04
N TRP C 738 83.79 -33.31 -37.05
CA TRP C 738 83.06 -33.31 -38.32
C TRP C 738 83.27 -32.02 -39.09
N SER C 739 83.72 -30.95 -38.44
CA SER C 739 83.95 -29.69 -39.13
C SER C 739 85.11 -29.81 -40.11
N ARG C 740 86.31 -30.08 -39.59
CA ARG C 740 87.47 -30.24 -40.47
C ARG C 740 87.31 -31.46 -41.37
N PHE C 741 86.64 -32.50 -40.90
CA PHE C 741 86.44 -33.70 -41.70
C PHE C 741 85.56 -33.45 -42.91
N TYR C 742 84.80 -32.36 -42.93
CA TYR C 742 83.96 -32.05 -44.09
C TYR C 742 84.65 -31.11 -45.08
N PHE C 743 85.32 -30.07 -44.61
CA PHE C 743 86.04 -29.19 -45.51
C PHE C 743 87.18 -29.91 -46.20
N ASN C 744 87.89 -30.77 -45.45
CA ASN C 744 88.99 -31.54 -46.04
C ASN C 744 88.46 -32.47 -47.13
N LEU C 745 87.36 -33.16 -46.87
CA LEU C 745 86.77 -34.03 -47.89
C LEU C 745 86.23 -33.22 -49.06
N ASN C 746 85.84 -31.96 -48.82
CA ASN C 746 85.44 -31.11 -49.93
C ASN C 746 86.62 -30.66 -50.77
N ASN C 747 87.80 -30.60 -50.17
CA ASN C 747 89.00 -30.20 -50.92
C ASN C 747 89.44 -31.31 -51.88
N VAL C 748 89.41 -32.56 -51.44
CA VAL C 748 89.92 -33.65 -52.26
C VAL C 748 89.07 -33.83 -53.52
N ALA C 749 87.76 -33.59 -53.42
CA ALA C 749 86.91 -33.67 -54.59
C ALA C 749 87.14 -32.51 -55.55
N ASP C 750 87.76 -31.43 -55.09
CA ASP C 750 88.07 -30.29 -55.94
C ASP C 750 89.41 -30.45 -56.64
N GLN C 751 90.40 -31.03 -55.97
CA GLN C 751 91.74 -31.16 -56.53
C GLN C 751 91.90 -32.48 -57.28
N HIS C 752 91.73 -33.61 -56.57
CA HIS C 752 92.02 -34.91 -57.18
C HIS C 752 91.08 -35.24 -58.33
N LYS C 753 89.94 -34.56 -58.43
CA LYS C 753 89.04 -34.79 -59.56
C LYS C 753 89.66 -34.27 -60.86
N THR C 754 90.19 -33.04 -60.83
CA THR C 754 90.79 -32.47 -62.03
C THR C 754 92.20 -32.98 -62.29
N ARG C 755 92.87 -33.55 -61.29
CA ARG C 755 94.18 -34.15 -61.52
C ARG C 755 94.08 -35.42 -62.35
N LEU C 756 92.89 -36.01 -62.48
CA LEU C 756 92.69 -37.15 -63.36
C LEU C 756 92.70 -36.63 -64.79
N TYR C 757 93.88 -36.23 -65.27
CA TYR C 757 94.00 -35.63 -66.59
C TYR C 757 93.61 -36.63 -67.67
N ARG C 758 94.39 -37.69 -67.80
CA ARG C 758 94.20 -38.69 -68.84
C ARG C 758 94.70 -40.03 -68.29
N ASN C 759 94.96 -40.97 -69.21
CA ASN C 759 95.39 -42.31 -68.84
C ASN C 759 96.58 -42.28 -67.90
N ALA C 760 96.37 -42.69 -66.65
CA ALA C 760 97.44 -42.79 -65.65
C ALA C 760 97.06 -43.91 -64.70
N GLU C 761 97.56 -45.11 -64.98
CA GLU C 761 97.24 -46.29 -64.19
C GLU C 761 98.22 -46.52 -63.05
N HIS C 762 99.20 -45.63 -62.88
CA HIS C 762 100.21 -45.78 -61.84
C HIS C 762 100.42 -44.53 -61.01
N GLY C 763 100.00 -43.35 -61.46
CA GLY C 763 100.24 -42.13 -60.74
C GLY C 763 101.71 -41.77 -60.69
N ARG C 764 102.32 -41.89 -59.51
CA ARG C 764 103.76 -41.65 -59.32
C ARG C 764 104.16 -40.24 -59.74
N MET C 765 103.23 -39.29 -59.64
CA MET C 765 103.50 -37.90 -59.96
C MET C 765 102.51 -37.03 -59.21
N ALA C 766 102.97 -35.88 -58.74
CA ALA C 766 102.13 -35.00 -57.94
C ALA C 766 100.95 -34.46 -58.73
N SER C 767 101.17 -34.09 -59.98
CA SER C 767 100.16 -33.42 -60.78
C SER C 767 99.28 -34.37 -61.57
N GLN C 768 99.14 -35.62 -61.10
CA GLN C 768 98.23 -36.56 -61.74
C GLN C 768 97.74 -37.55 -60.69
N SER C 769 96.53 -38.06 -60.88
CA SER C 769 95.94 -38.99 -59.93
C SER C 769 94.83 -39.78 -60.61
N ASN C 770 94.50 -40.92 -60.00
CA ASN C 770 93.40 -41.77 -60.45
C ASN C 770 92.47 -42.04 -59.27
N ALA C 771 91.53 -42.97 -59.44
CA ALA C 771 90.61 -43.32 -58.38
C ALA C 771 91.29 -43.92 -57.16
N ALA C 772 92.61 -44.12 -57.20
CA ALA C 772 93.35 -44.68 -56.08
C ALA C 772 93.79 -43.62 -55.08
N LYS C 773 94.43 -42.55 -55.56
CA LYS C 773 94.92 -41.50 -54.67
C LYS C 773 93.79 -40.76 -53.97
N ILE C 774 92.59 -40.76 -54.55
CA ILE C 774 91.45 -40.12 -53.90
C ILE C 774 91.09 -40.87 -52.61
N MET C 775 91.18 -42.19 -52.64
CA MET C 775 90.75 -42.99 -51.49
C MET C 775 91.65 -42.81 -50.28
N ARG C 776 92.95 -42.58 -50.48
CA ARG C 776 93.84 -42.39 -49.35
C ARG C 776 93.43 -41.18 -48.52
N PHE C 777 93.27 -40.03 -49.17
CA PHE C 777 92.86 -38.83 -48.46
C PHE C 777 91.38 -38.83 -48.13
N ASN C 778 90.58 -39.66 -48.82
CA ASN C 778 89.24 -39.94 -48.34
C ASN C 778 89.27 -40.61 -46.98
N VAL C 779 90.38 -41.26 -46.63
CA VAL C 779 90.56 -41.85 -45.31
C VAL C 779 91.61 -41.09 -44.50
N LEU C 780 92.65 -40.55 -45.14
CA LEU C 780 93.66 -39.82 -44.39
C LEU C 780 93.08 -38.60 -43.69
N ALA C 781 92.18 -37.88 -44.37
CA ALA C 781 91.56 -36.71 -43.76
C ALA C 781 90.75 -37.08 -42.53
N PHE C 782 90.20 -38.30 -42.50
CA PHE C 782 89.48 -38.76 -41.32
C PHE C 782 90.41 -38.85 -40.12
N LEU C 783 91.54 -39.55 -40.28
CA LEU C 783 92.46 -39.72 -39.15
C LEU C 783 93.20 -38.42 -38.84
N HIS C 784 93.50 -37.62 -39.86
CA HIS C 784 94.23 -36.37 -39.63
C HIS C 784 93.41 -35.40 -38.79
N ALA C 785 92.11 -35.29 -39.08
CA ALA C 785 91.27 -34.34 -38.35
C ALA C 785 91.19 -34.69 -36.87
N VAL C 786 91.06 -35.98 -36.55
CA VAL C 786 90.94 -36.40 -35.16
C VAL C 786 92.22 -36.05 -34.39
N LEU C 787 93.38 -36.35 -34.97
CA LEU C 787 94.65 -36.10 -34.28
C LEU C 787 94.86 -34.62 -34.03
N VAL C 788 94.49 -33.77 -35.00
CA VAL C 788 94.70 -32.34 -34.86
C VAL C 788 93.92 -31.79 -33.67
N GLU C 789 92.72 -32.31 -33.45
CA GLU C 789 91.79 -31.73 -32.48
C GLU C 789 91.75 -32.46 -31.15
N GLU C 790 92.08 -33.75 -31.10
CA GLU C 790 91.98 -34.48 -29.85
C GLU C 790 92.97 -33.96 -28.82
N SER C 791 94.16 -33.57 -29.26
CA SER C 791 95.11 -32.93 -28.35
C SER C 791 94.54 -31.63 -27.82
N LEU C 792 93.92 -30.83 -28.69
CA LEU C 792 93.30 -29.59 -28.24
C LEU C 792 92.01 -29.86 -27.48
N TYR C 793 91.18 -30.77 -27.98
CA TYR C 793 89.84 -31.02 -27.45
C TYR C 793 89.68 -32.51 -27.14
N HIS C 794 90.01 -32.90 -25.92
CA HIS C 794 89.63 -34.18 -25.35
C HIS C 794 89.97 -34.12 -23.87
N SER C 795 89.04 -34.55 -23.04
CA SER C 795 89.18 -34.38 -21.59
C SER C 795 89.99 -35.51 -20.96
N VAL C 796 91.16 -35.80 -21.55
CA VAL C 796 92.11 -36.75 -21.00
C VAL C 796 93.49 -36.10 -20.81
N SER C 797 93.92 -35.33 -21.80
CA SER C 797 95.21 -34.64 -21.74
C SER C 797 95.00 -33.20 -21.26
N ASP C 798 95.82 -32.78 -20.29
CA ASP C 798 95.68 -31.43 -19.74
C ASP C 798 95.99 -30.35 -20.78
N ARG C 799 97.04 -30.54 -21.57
CA ARG C 799 97.47 -29.56 -22.55
C ARG C 799 97.54 -30.20 -23.93
N GLU C 800 97.98 -29.40 -24.90
CA GLU C 800 98.10 -29.85 -26.29
C GLU C 800 99.55 -30.13 -26.63
N TYR C 801 99.75 -30.80 -27.77
CA TYR C 801 101.09 -31.16 -28.23
C TYR C 801 101.32 -30.89 -29.70
N ILE C 802 100.36 -30.31 -30.43
CA ILE C 802 100.54 -30.07 -31.85
C ILE C 802 101.71 -29.12 -32.10
N GLY C 803 101.78 -28.05 -31.33
CA GLY C 803 102.86 -27.10 -31.47
C GLY C 803 102.41 -25.82 -32.14
N GLU C 804 103.22 -24.78 -31.96
CA GLU C 804 102.93 -23.45 -32.49
C GLU C 804 103.21 -23.44 -33.99
N GLY C 805 102.23 -23.89 -34.75
CA GLY C 805 102.37 -23.96 -36.19
C GLY C 805 101.03 -23.98 -36.88
N LEU C 806 101.03 -23.58 -38.16
CA LEU C 806 99.81 -23.58 -38.94
C LEU C 806 99.34 -25.01 -39.22
N ARG C 807 98.02 -25.20 -39.24
CA ARG C 807 97.43 -26.50 -39.54
C ARG C 807 96.63 -26.40 -40.84
N LEU C 808 96.90 -27.32 -41.76
CA LEU C 808 96.20 -27.35 -43.04
C LEU C 808 95.66 -28.75 -43.33
N ASN C 809 95.16 -28.97 -44.53
CA ASN C 809 94.53 -30.23 -44.90
C ASN C 809 95.45 -31.05 -45.78
N PRO C 810 95.61 -32.35 -45.52
CA PRO C 810 96.33 -33.25 -46.45
C PRO C 810 95.43 -33.67 -47.61
N VAL C 811 95.34 -32.79 -48.60
CA VAL C 811 94.43 -33.02 -49.73
C VAL C 811 95.09 -33.80 -50.85
N THR C 812 96.34 -33.49 -51.19
CA THR C 812 97.02 -34.14 -52.30
C THR C 812 98.33 -34.79 -51.91
N SER C 813 98.81 -34.60 -50.68
CA SER C 813 100.07 -35.18 -50.25
C SER C 813 100.01 -35.46 -48.75
N VAL C 814 100.90 -36.33 -48.29
CA VAL C 814 100.97 -36.68 -46.89
C VAL C 814 102.03 -35.82 -46.22
N ASP C 815 102.62 -34.89 -46.98
CA ASP C 815 103.73 -34.10 -46.48
C ASP C 815 103.35 -33.30 -45.24
N GLU C 816 102.20 -32.63 -45.28
CA GLU C 816 101.80 -31.81 -44.15
C GLU C 816 101.28 -32.64 -42.98
N PHE C 817 100.90 -33.90 -43.24
CA PHE C 817 100.53 -34.78 -42.14
C PHE C 817 101.76 -35.34 -41.42
N GLU C 818 102.85 -35.58 -42.15
CA GLU C 818 104.04 -36.15 -41.52
C GLU C 818 104.58 -35.24 -40.44
N LYS C 819 104.53 -33.93 -40.66
CA LYS C 819 105.00 -32.99 -39.65
C LYS C 819 104.20 -33.11 -38.36
N LYS C 820 102.91 -33.44 -38.46
CA LYS C 820 102.07 -33.51 -37.27
C LYS C 820 102.37 -34.78 -36.47
N ILE C 821 102.59 -35.90 -37.14
CA ILE C 821 102.93 -37.14 -36.43
C ILE C 821 104.27 -36.99 -35.72
N LYS C 822 105.25 -36.39 -36.39
CA LYS C 822 106.58 -36.23 -35.80
C LYS C 822 106.54 -35.35 -34.55
N ILE C 823 105.83 -34.23 -34.61
CA ILE C 823 105.87 -33.26 -33.52
C ILE C 823 105.16 -33.82 -32.29
N ILE C 824 104.06 -34.57 -32.49
CA ILE C 824 103.35 -35.15 -31.35
C ILE C 824 104.24 -36.14 -30.62
N GLY C 825 104.92 -37.00 -31.37
CA GLY C 825 105.76 -38.02 -30.75
C GLY C 825 106.93 -37.43 -29.97
N GLU C 826 107.54 -36.37 -30.50
CA GLU C 826 108.69 -35.77 -29.85
C GLU C 826 108.34 -35.25 -28.46
N LYS C 827 107.27 -34.47 -28.35
CA LYS C 827 106.86 -33.95 -27.06
C LYS C 827 106.31 -35.05 -26.16
N LEU C 828 105.54 -35.98 -26.74
CA LEU C 828 104.98 -37.07 -25.96
C LEU C 828 106.09 -37.96 -25.39
N LYS C 829 107.12 -38.24 -26.19
CA LYS C 829 108.27 -38.96 -25.68
C LYS C 829 108.99 -38.16 -24.60
N ALA C 830 109.14 -36.85 -24.81
CA ALA C 830 109.82 -36.00 -23.83
C ALA C 830 109.00 -35.85 -22.56
N ASP C 831 107.67 -35.99 -22.66
CA ASP C 831 106.79 -35.87 -21.49
C ASP C 831 106.68 -37.20 -20.75
N ASN C 832 107.21 -38.28 -21.31
CA ASN C 832 107.16 -39.62 -20.71
C ASN C 832 105.70 -40.02 -20.50
N LYS C 833 105.02 -40.20 -21.63
CA LYS C 833 103.64 -40.66 -21.67
C LYS C 833 103.54 -41.74 -22.73
N THR C 834 102.30 -42.11 -23.09
CA THR C 834 102.05 -43.09 -24.12
C THR C 834 101.07 -42.51 -25.14
N TRP C 835 101.14 -43.03 -26.37
CA TRP C 835 100.15 -42.70 -27.39
C TRP C 835 98.79 -43.31 -27.09
N LYS C 836 98.69 -44.22 -26.12
CA LYS C 836 97.45 -44.91 -25.83
C LYS C 836 96.63 -44.23 -24.75
N ASN C 837 97.25 -43.40 -23.92
CA ASN C 837 96.58 -42.75 -22.79
C ASN C 837 96.18 -41.31 -23.11
N THR C 838 97.15 -40.48 -23.50
CA THR C 838 96.86 -39.08 -23.77
C THR C 838 96.04 -38.90 -25.05
N HIS C 839 96.20 -39.79 -26.02
CA HIS C 839 95.48 -39.72 -27.28
C HIS C 839 94.81 -41.07 -27.54
N PRO C 840 93.75 -41.38 -26.81
CA PRO C 840 93.13 -42.71 -26.91
C PRO C 840 92.52 -43.00 -28.27
N LEU C 841 91.65 -42.11 -28.76
CA LEU C 841 90.93 -42.39 -29.99
C LEU C 841 91.82 -42.37 -31.22
N PHE C 842 92.99 -41.73 -31.14
CA PHE C 842 93.94 -41.83 -32.24
C PHE C 842 94.44 -43.26 -32.40
N PHE C 843 94.74 -43.93 -31.28
CA PHE C 843 95.18 -45.32 -31.35
C PHE C 843 94.07 -46.24 -31.80
N LEU C 844 92.86 -46.04 -31.29
CA LEU C 844 91.76 -46.96 -31.57
C LEU C 844 91.27 -46.88 -33.00
N LEU C 845 91.70 -45.89 -33.78
CA LEU C 845 91.34 -45.79 -35.18
C LEU C 845 92.51 -46.07 -36.12
N ILE C 846 93.72 -45.63 -35.77
CA ILE C 846 94.87 -45.89 -36.62
C ILE C 846 95.30 -47.36 -36.55
N SER C 847 94.89 -48.07 -35.50
CA SER C 847 95.21 -49.48 -35.35
C SER C 847 94.14 -50.40 -35.90
N CYS C 848 93.11 -49.85 -36.52
CA CYS C 848 92.02 -50.67 -37.04
C CYS C 848 92.50 -51.49 -38.22
N PRO C 849 92.40 -52.83 -38.17
CA PRO C 849 92.85 -53.64 -39.32
C PRO C 849 92.07 -53.38 -40.59
N ILE C 850 90.84 -52.86 -40.50
CA ILE C 850 90.05 -52.60 -41.69
C ILE C 850 90.67 -51.47 -42.51
N LEU C 851 91.15 -50.42 -41.84
CA LEU C 851 91.65 -49.23 -42.53
C LEU C 851 93.07 -49.38 -43.04
N HIS C 852 93.82 -50.38 -42.57
CA HIS C 852 95.23 -50.49 -42.96
C HIS C 852 95.45 -50.63 -44.45
N PRO C 853 94.71 -51.48 -45.20
CA PRO C 853 94.95 -51.53 -46.66
C PRO C 853 94.74 -50.20 -47.36
N PHE C 854 93.78 -49.40 -46.91
CA PHE C 854 93.49 -48.13 -47.56
C PHE C 854 94.58 -47.09 -47.32
N ILE C 855 95.36 -47.22 -46.25
CA ILE C 855 96.42 -46.25 -46.00
C ILE C 855 97.52 -46.37 -47.05
N PHE C 856 97.84 -47.59 -47.46
CA PHE C 856 98.92 -47.84 -48.42
C PHE C 856 98.42 -48.73 -49.55
N PRO C 857 97.66 -48.17 -50.49
CA PRO C 857 97.28 -48.91 -51.69
C PRO C 857 98.41 -48.96 -52.71
N VAL C 858 98.13 -49.53 -53.89
CA VAL C 858 99.17 -49.64 -54.92
C VAL C 858 99.34 -48.32 -55.66
N GLY C 859 98.25 -47.75 -56.15
CA GLY C 859 98.34 -46.55 -56.97
C GLY C 859 98.32 -45.26 -56.18
N GLY C 860 97.81 -45.32 -54.95
CA GLY C 860 97.70 -44.12 -54.14
C GLY C 860 99.02 -43.59 -53.63
N ILE C 861 100.05 -44.43 -53.55
CA ILE C 861 101.35 -44.02 -53.04
C ILE C 861 102.12 -43.36 -54.18
N ASN C 862 102.33 -42.05 -54.08
CA ASN C 862 103.11 -41.34 -55.09
C ASN C 862 104.57 -41.76 -55.03
N CYS C 863 105.16 -42.00 -56.20
CA CYS C 863 106.54 -42.46 -56.31
C CYS C 863 107.45 -41.37 -56.86
N SER C 864 107.19 -40.12 -56.47
CA SER C 864 108.06 -39.04 -56.88
C SER C 864 109.40 -39.11 -56.15
N VAL C 865 110.41 -38.46 -56.72
CA VAL C 865 111.75 -38.49 -56.14
C VAL C 865 111.76 -37.80 -54.78
N LYS C 866 111.04 -36.69 -54.65
CA LYS C 866 110.98 -35.93 -53.41
C LYS C 866 109.81 -36.34 -52.52
N ALA C 867 109.06 -37.37 -52.89
CA ALA C 867 107.91 -37.83 -52.12
C ALA C 867 108.17 -39.12 -51.37
N LEU C 868 108.93 -40.05 -51.96
CA LEU C 868 109.16 -41.35 -51.35
C LEU C 868 109.98 -41.25 -50.07
N ASN C 869 110.73 -40.17 -49.88
CA ASN C 869 111.49 -40.00 -48.65
C ASN C 869 110.57 -39.91 -47.44
N LYS C 870 109.46 -39.17 -47.56
CA LYS C 870 108.49 -39.10 -46.49
C LYS C 870 107.46 -40.22 -46.56
N GLU C 871 107.20 -40.74 -47.76
CA GLU C 871 106.26 -41.85 -47.89
C GLU C 871 106.76 -43.08 -47.15
N THR C 872 108.05 -43.40 -47.30
CA THR C 872 108.62 -44.51 -46.55
C THR C 872 108.60 -44.25 -45.05
N SER C 873 108.94 -43.03 -44.65
CA SER C 873 108.91 -42.67 -43.24
C SER C 873 107.51 -42.69 -42.67
N PHE C 874 106.48 -42.51 -43.50
CA PHE C 874 105.11 -42.61 -43.03
C PHE C 874 104.81 -44.01 -42.53
N ASN C 875 105.29 -45.03 -43.23
CA ASN C 875 105.05 -46.40 -42.81
C ASN C 875 105.78 -46.75 -41.51
N LYS C 876 106.94 -46.15 -41.28
CA LYS C 876 107.68 -46.44 -40.05
C LYS C 876 107.09 -45.75 -38.84
N LEU C 877 106.46 -44.58 -39.02
CA LEU C 877 105.81 -43.91 -37.89
C LEU C 877 104.53 -44.63 -37.48
N ILE C 878 103.70 -45.03 -38.45
CA ILE C 878 102.48 -45.75 -38.13
C ILE C 878 102.79 -47.13 -37.57
N ASP C 879 103.93 -47.70 -37.94
CA ASP C 879 104.30 -49.02 -37.44
C ASP C 879 104.56 -49.00 -35.95
N GLU C 880 105.30 -48.00 -35.47
CA GLU C 880 105.64 -47.96 -34.04
C GLU C 880 104.46 -47.54 -33.19
N ILE C 881 103.54 -46.73 -33.75
CA ILE C 881 102.37 -46.30 -32.98
C ILE C 881 101.46 -47.50 -32.70
N VAL C 882 101.16 -48.29 -33.74
CA VAL C 882 100.32 -49.46 -33.55
C VAL C 882 101.08 -50.54 -32.78
N GLY C 883 102.40 -50.61 -32.95
CA GLY C 883 103.22 -51.62 -32.30
C GLY C 883 103.33 -52.93 -33.04
N ASP C 884 102.66 -53.08 -34.17
CA ASP C 884 102.69 -54.30 -34.96
C ASP C 884 103.07 -53.98 -36.40
N LYS C 885 103.69 -54.95 -37.06
CA LYS C 885 104.09 -54.77 -38.45
C LYS C 885 102.86 -54.62 -39.33
N LEU C 886 102.95 -53.72 -40.32
CA LEU C 886 101.84 -53.43 -41.22
C LEU C 886 102.15 -53.86 -42.65
N LEU C 887 103.23 -53.36 -43.24
CA LEU C 887 103.64 -53.74 -44.58
C LEU C 887 105.07 -54.25 -44.55
N SER C 888 105.30 -55.40 -45.16
CA SER C 888 106.65 -55.93 -45.28
C SER C 888 107.45 -55.13 -46.30
N ASP C 889 108.78 -55.14 -46.13
CA ASP C 889 109.64 -54.38 -47.02
C ASP C 889 109.57 -54.91 -48.45
N GLU C 890 109.50 -56.23 -48.61
CA GLU C 890 109.36 -56.80 -49.95
C GLU C 890 108.06 -56.36 -50.61
N GLU C 891 106.96 -56.35 -49.85
CA GLU C 891 105.71 -55.83 -50.37
C GLU C 891 105.79 -54.33 -50.60
N TRP C 892 106.50 -53.62 -49.71
CA TRP C 892 106.66 -52.17 -49.87
C TRP C 892 107.45 -51.82 -51.12
N ASP C 893 108.50 -52.61 -51.42
CA ASP C 893 109.34 -52.30 -52.56
C ASP C 893 108.58 -52.41 -53.87
N TYR C 894 107.57 -53.29 -53.94
CA TYR C 894 106.76 -53.39 -55.14
C TYR C 894 106.01 -52.10 -55.41
N LEU C 895 105.48 -51.46 -54.36
CA LEU C 895 104.74 -50.22 -54.53
C LEU C 895 105.64 -49.11 -55.06
N THR C 896 106.88 -49.03 -54.57
CA THR C 896 107.81 -48.02 -55.05
C THR C 896 108.16 -48.25 -56.52
N LYS C 897 108.36 -49.51 -56.91
CA LYS C 897 108.69 -49.84 -58.29
C LYS C 897 107.46 -50.30 -59.06
N GLN C 907 103.64 -61.08 -61.43
CA GLN C 907 102.52 -60.69 -60.58
C GLN C 907 102.72 -61.18 -59.15
N GLN C 908 102.41 -60.32 -58.18
CA GLN C 908 102.53 -60.67 -56.77
C GLN C 908 101.43 -59.92 -56.02
N ILE C 909 100.32 -60.59 -55.77
CA ILE C 909 99.21 -60.01 -55.03
C ILE C 909 99.56 -59.94 -53.55
N PHE C 910 99.03 -58.94 -52.86
CA PHE C 910 99.26 -58.74 -51.44
C PHE C 910 97.92 -58.79 -50.71
N GLN C 911 97.81 -59.70 -49.73
CA GLN C 911 96.59 -59.81 -48.96
C GLN C 911 96.33 -58.59 -48.09
N ASN C 912 97.36 -57.81 -47.78
CA ASN C 912 97.24 -56.66 -46.89
C ASN C 912 97.26 -55.34 -47.65
N THR C 913 96.89 -55.37 -48.93
CA THR C 913 96.90 -54.16 -49.75
C THR C 913 96.07 -54.35 -51.00
N ILE C 914 95.18 -53.41 -51.30
CA ILE C 914 94.39 -53.46 -52.53
C ILE C 914 95.32 -53.31 -53.73
N THR C 915 95.16 -54.19 -54.71
CA THR C 915 96.11 -54.28 -55.82
C THR C 915 95.56 -53.84 -57.16
N SER C 916 94.28 -54.06 -57.43
CA SER C 916 93.71 -53.84 -58.76
C SER C 916 92.72 -52.68 -58.80
N LEU C 917 92.76 -51.79 -57.82
CA LEU C 917 91.85 -50.64 -57.82
C LEU C 917 92.28 -49.56 -58.80
N ASN C 918 93.55 -49.55 -59.19
CA ASN C 918 94.06 -48.50 -60.07
C ASN C 918 93.39 -48.54 -61.45
N SER C 919 93.19 -49.74 -61.99
CA SER C 919 92.69 -49.90 -63.35
C SER C 919 91.18 -49.72 -63.46
N SER C 920 90.52 -49.22 -62.42
CA SER C 920 89.08 -49.03 -62.46
C SER C 920 88.72 -47.90 -63.42
N THR C 921 87.41 -47.77 -63.68
CA THR C 921 86.88 -46.75 -64.58
C THR C 921 85.88 -45.88 -63.85
N ILE C 922 85.93 -44.57 -64.09
CA ILE C 922 85.03 -43.59 -63.51
C ILE C 922 84.08 -43.10 -64.58
N VAL C 923 82.80 -43.02 -64.25
CA VAL C 923 81.78 -42.60 -65.23
C VAL C 923 82.00 -41.14 -65.61
N GLY C 924 81.57 -40.80 -66.82
CA GLY C 924 81.57 -39.43 -67.27
C GLY C 924 82.92 -38.84 -67.61
N ALA C 925 84.00 -39.61 -67.51
CA ALA C 925 85.33 -39.10 -67.78
C ALA C 925 85.57 -39.03 -69.29
N SER C 926 86.63 -38.31 -69.67
CA SER C 926 87.03 -38.17 -71.06
C SER C 926 88.49 -38.59 -71.21
N TYR C 927 88.83 -39.05 -72.42
CA TYR C 927 90.18 -39.51 -72.72
C TYR C 927 90.62 -39.01 -74.08
N ASP C 928 90.37 -37.74 -74.36
CA ASP C 928 90.71 -37.14 -75.66
C ASP C 928 92.08 -36.49 -75.66
N LYS C 929 92.35 -35.63 -74.67
CA LYS C 929 93.62 -34.90 -74.61
C LYS C 929 94.73 -35.76 -74.05
N ASP C 930 95.83 -35.14 -73.62
CA ASP C 930 96.91 -35.85 -72.96
C ASP C 930 97.44 -35.00 -71.82
N THR C 931 98.13 -35.66 -70.89
CA THR C 931 98.68 -34.97 -69.73
C THR C 931 99.79 -34.02 -70.16
N PRO C 932 99.94 -32.89 -69.47
CA PRO C 932 101.01 -31.94 -69.83
C PRO C 932 102.39 -32.54 -69.59
N ALA C 933 103.34 -32.11 -70.41
CA ALA C 933 104.70 -32.61 -70.28
C ALA C 933 105.38 -31.96 -69.08
N ARG C 934 105.90 -32.80 -68.18
CA ARG C 934 106.55 -32.35 -66.95
C ARG C 934 105.63 -31.43 -66.14
N LYS D 13 -23.70 -26.32 -72.56
CA LYS D 13 -24.18 -25.14 -73.28
C LYS D 13 -24.34 -23.96 -72.33
N ILE D 14 -23.45 -22.98 -72.45
CA ILE D 14 -23.54 -21.74 -71.68
C ILE D 14 -23.94 -20.64 -72.65
N ILE D 15 -25.13 -20.08 -72.45
CA ILE D 15 -25.64 -19.00 -73.27
C ILE D 15 -25.67 -17.74 -72.41
N ILE D 16 -24.90 -16.73 -72.82
CA ILE D 16 -24.71 -15.52 -72.05
C ILE D 16 -25.34 -14.36 -72.81
N ASN D 17 -26.22 -13.61 -72.14
CA ASN D 17 -26.85 -12.43 -72.71
C ASN D 17 -26.11 -11.19 -72.22
N LEU D 18 -25.46 -10.49 -73.16
CA LEU D 18 -24.69 -9.30 -72.79
C LEU D 18 -25.60 -8.19 -72.28
N PHE D 19 -26.76 -8.00 -72.91
CA PHE D 19 -27.72 -6.98 -72.49
C PHE D 19 -28.59 -7.57 -71.38
N ALA D 20 -28.43 -7.05 -70.17
CA ALA D 20 -29.19 -7.50 -69.02
C ALA D 20 -29.74 -6.31 -68.26
N PRO D 21 -30.92 -6.45 -67.64
CA PRO D 21 -31.48 -5.33 -66.87
C PRO D 21 -30.60 -4.89 -65.72
N ASN D 22 -29.87 -5.82 -65.10
CA ASN D 22 -29.02 -5.48 -63.96
C ASN D 22 -27.71 -4.82 -64.39
N LEU D 23 -27.35 -4.93 -65.66
CA LEU D 23 -26.05 -4.47 -66.16
C LEU D 23 -24.92 -5.01 -65.30
N PRO D 24 -24.75 -6.34 -65.24
CA PRO D 24 -23.81 -6.92 -64.27
C PRO D 24 -22.38 -6.48 -64.53
N GLY D 25 -21.65 -6.26 -63.43
CA GLY D 25 -20.23 -5.98 -63.53
C GLY D 25 -19.49 -7.15 -64.13
N SER D 26 -18.71 -6.91 -65.17
CA SER D 26 -17.99 -7.90 -65.96
C SER D 26 -18.91 -8.81 -66.75
N THR D 27 -20.24 -8.63 -66.64
CA THR D 27 -21.22 -9.39 -67.41
C THR D 27 -21.01 -10.90 -67.20
N LYS D 28 -20.77 -11.29 -65.96
CA LYS D 28 -20.53 -12.69 -65.62
C LYS D 28 -21.81 -13.46 -65.36
N GLU D 29 -22.97 -12.80 -65.40
CA GLU D 29 -24.27 -13.41 -65.10
C GLU D 29 -24.22 -13.92 -63.66
N ASP D 30 -25.00 -14.95 -63.34
CA ASP D 30 -24.93 -15.58 -62.03
C ASP D 30 -24.04 -16.81 -62.02
N ASP D 31 -23.96 -17.53 -63.13
CA ASP D 31 -23.13 -18.74 -63.25
C ASP D 31 -21.81 -18.37 -63.91
N LEU D 32 -20.71 -18.54 -63.17
CA LEU D 32 -19.39 -18.31 -63.74
C LEU D 32 -19.07 -19.42 -64.75
N ILE D 33 -18.24 -19.08 -65.74
CA ILE D 33 -17.95 -20.00 -66.83
C ILE D 33 -17.28 -21.28 -66.36
N GLN D 34 -16.77 -21.31 -65.14
CA GLN D 34 -16.05 -22.46 -64.59
C GLN D 34 -16.93 -23.35 -63.73
N LYS D 35 -18.20 -23.51 -64.12
CA LYS D 35 -19.11 -24.36 -63.33
C LYS D 35 -18.58 -25.79 -63.23
N SER D 36 -18.06 -26.33 -64.33
CA SER D 36 -17.51 -27.68 -64.30
C SER D 36 -16.33 -27.77 -63.33
N LEU D 37 -15.47 -26.77 -63.33
CA LEU D 37 -14.36 -26.74 -62.38
C LEU D 37 -14.87 -26.67 -60.95
N ARG D 38 -15.88 -25.83 -60.70
CA ARG D 38 -16.48 -25.77 -59.36
C ARG D 38 -17.12 -27.10 -59.00
N ASP D 39 -17.78 -27.74 -59.97
CA ASP D 39 -18.44 -29.01 -59.70
C ASP D 39 -17.44 -30.08 -59.27
N GLN D 40 -16.37 -30.25 -60.05
CA GLN D 40 -15.38 -31.29 -59.74
C GLN D 40 -14.66 -31.02 -58.43
N LEU D 41 -14.69 -29.79 -57.94
CA LEU D 41 -14.10 -29.49 -56.64
C LEU D 41 -15.00 -29.94 -55.49
N VAL D 42 -16.32 -29.88 -55.68
CA VAL D 42 -17.24 -30.13 -54.57
C VAL D 42 -17.16 -31.59 -54.13
N GLU D 43 -17.43 -32.52 -55.04
CA GLU D 43 -17.39 -33.93 -54.68
C GLU D 43 -15.99 -34.38 -54.29
N SER D 44 -14.95 -33.69 -54.76
CA SER D 44 -13.60 -34.00 -54.29
C SER D 44 -13.47 -33.72 -52.80
N ILE D 45 -14.03 -32.60 -52.33
CA ILE D 45 -14.05 -32.32 -50.90
C ILE D 45 -14.88 -33.36 -50.16
N ARG D 46 -16.05 -33.68 -50.72
CA ARG D 46 -16.95 -34.61 -50.04
C ARG D 46 -16.35 -36.00 -49.94
N ASN D 47 -15.65 -36.44 -50.99
CA ASN D 47 -14.99 -37.74 -50.92
C ASN D 47 -13.84 -37.73 -49.92
N SER D 48 -13.25 -36.56 -49.68
CA SER D 48 -12.15 -36.48 -48.73
C SER D 48 -12.61 -36.77 -47.31
N ILE D 49 -13.81 -36.29 -46.94
CA ILE D 49 -14.31 -36.46 -45.59
C ILE D 49 -15.19 -37.70 -45.43
N ALA D 50 -15.52 -38.38 -46.52
CA ALA D 50 -16.36 -39.58 -46.44
C ALA D 50 -15.71 -40.75 -47.17
N ASN D 70 -6.22 -32.62 -45.25
CA ASN D 70 -6.83 -32.09 -46.47
C ASN D 70 -6.60 -30.59 -46.58
N VAL D 71 -5.68 -30.18 -47.45
CA VAL D 71 -5.37 -28.78 -47.69
C VAL D 71 -5.41 -28.56 -49.20
N PHE D 72 -6.54 -28.04 -49.70
CA PHE D 72 -6.67 -27.76 -51.11
C PHE D 72 -5.89 -26.51 -51.47
N PHE D 73 -5.95 -26.13 -52.75
CA PHE D 73 -5.20 -24.97 -53.21
C PHE D 73 -5.80 -24.50 -54.53
N VAL D 74 -5.83 -23.19 -54.71
CA VAL D 74 -6.29 -22.55 -55.95
C VAL D 74 -5.28 -21.46 -56.25
N ASP D 75 -4.39 -21.71 -57.21
CA ASP D 75 -3.33 -20.75 -57.51
C ASP D 75 -3.91 -19.47 -58.09
N GLY D 76 -3.42 -18.33 -57.61
CA GLY D 76 -3.93 -17.04 -58.01
C GLY D 76 -2.87 -16.08 -58.49
N THR D 77 -1.86 -16.59 -59.20
CA THR D 77 -0.83 -15.73 -59.76
C THR D 77 -1.42 -14.69 -60.70
N ARG D 78 -2.45 -15.08 -61.46
CA ARG D 78 -3.19 -14.17 -62.33
C ARG D 78 -4.52 -13.76 -61.70
N GLY D 79 -4.49 -13.49 -60.40
CA GLY D 79 -5.70 -13.24 -59.62
C GLY D 79 -6.61 -12.16 -60.16
N ALA D 80 -7.76 -12.56 -60.66
CA ALA D 80 -8.83 -11.68 -61.09
C ALA D 80 -10.17 -12.09 -60.52
N GLY D 81 -10.44 -13.38 -60.39
CA GLY D 81 -11.67 -13.88 -59.82
C GLY D 81 -11.44 -15.02 -58.87
N LYS D 82 -10.18 -15.20 -58.44
CA LYS D 82 -9.86 -16.25 -57.49
C LYS D 82 -10.62 -16.06 -56.18
N THR D 83 -10.65 -14.83 -55.68
CA THR D 83 -11.48 -14.54 -54.51
C THR D 83 -12.96 -14.75 -54.81
N THR D 84 -13.38 -14.40 -56.03
CA THR D 84 -14.76 -14.65 -56.42
C THR D 84 -15.02 -16.16 -56.55
N PHE D 85 -14.05 -16.90 -57.09
CA PHE D 85 -14.25 -18.33 -57.31
C PHE D 85 -14.45 -19.06 -55.99
N ILE D 86 -13.62 -18.76 -54.99
CA ILE D 86 -13.80 -19.41 -53.69
C ILE D 86 -15.11 -18.97 -53.05
N ASN D 87 -15.51 -17.71 -53.27
CA ASN D 87 -16.81 -17.25 -52.79
C ASN D 87 -17.95 -17.98 -53.49
N SER D 88 -17.73 -18.40 -54.74
CA SER D 88 -18.73 -19.23 -55.42
C SER D 88 -18.83 -20.60 -54.76
N VAL D 89 -17.70 -21.15 -54.32
CA VAL D 89 -17.70 -22.48 -53.71
C VAL D 89 -18.43 -22.44 -52.36
N VAL D 90 -18.09 -21.45 -51.53
CA VAL D 90 -18.69 -21.38 -50.19
C VAL D 90 -20.20 -21.14 -50.28
N LYS D 91 -20.62 -20.32 -51.25
CA LYS D 91 -22.05 -20.10 -51.44
C LYS D 91 -22.74 -21.38 -51.89
N SER D 92 -22.10 -22.14 -52.79
CA SER D 92 -22.70 -23.37 -53.30
C SER D 92 -22.84 -24.41 -52.20
N LEU D 93 -21.84 -24.51 -51.32
CA LEU D 93 -21.88 -25.52 -50.27
C LEU D 93 -23.03 -25.28 -49.30
N ASN D 94 -23.25 -24.03 -48.91
CA ASN D 94 -24.32 -23.72 -47.95
C ASN D 94 -25.69 -24.03 -48.52
N SER D 95 -25.93 -23.69 -49.79
CA SER D 95 -27.26 -23.84 -50.37
C SER D 95 -27.63 -25.30 -50.56
N ASP D 96 -26.63 -26.19 -50.55
CA ASP D 96 -26.87 -27.62 -50.71
C ASP D 96 -27.83 -28.15 -49.65
N GLN D 97 -27.43 -28.03 -48.38
CA GLN D 97 -28.29 -28.33 -47.24
C GLN D 97 -28.83 -29.76 -47.27
N ASP D 98 -30.14 -29.90 -47.08
CA ASP D 98 -30.77 -31.19 -46.81
C ASP D 98 -30.69 -32.16 -47.99
N ASP D 99 -30.58 -31.63 -49.21
CA ASP D 99 -30.57 -32.48 -50.39
C ASP D 99 -29.38 -33.43 -50.37
N VAL D 100 -28.21 -32.94 -49.96
CA VAL D 100 -27.00 -33.77 -49.93
C VAL D 100 -27.02 -34.65 -48.70
N LYS D 101 -26.36 -35.81 -48.80
CA LYS D 101 -26.30 -36.75 -47.69
C LYS D 101 -25.62 -36.14 -46.47
N VAL D 102 -24.50 -35.46 -46.68
CA VAL D 102 -23.68 -34.91 -45.61
C VAL D 102 -23.55 -33.40 -45.81
N ASN D 103 -23.77 -32.64 -44.74
CA ASN D 103 -23.65 -31.19 -44.82
C ASN D 103 -22.22 -30.74 -44.58
N ILE D 104 -21.91 -29.54 -45.08
CA ILE D 104 -20.63 -28.89 -44.81
C ILE D 104 -20.92 -27.44 -44.43
N LYS D 105 -20.49 -27.03 -43.24
CA LYS D 105 -20.67 -25.67 -42.76
C LYS D 105 -19.38 -24.90 -42.96
N CYS D 106 -19.49 -23.69 -43.51
CA CYS D 106 -18.34 -22.93 -43.96
C CYS D 106 -18.26 -21.60 -43.21
N LEU D 107 -17.09 -21.30 -42.65
CA LEU D 107 -16.83 -20.03 -42.01
C LEU D 107 -16.72 -18.92 -43.04
N PRO D 108 -16.93 -17.67 -42.63
CA PRO D 108 -16.63 -16.54 -43.54
C PRO D 108 -15.16 -16.53 -43.92
N THR D 109 -14.90 -16.04 -45.13
CA THR D 109 -13.53 -15.99 -45.64
C THR D 109 -12.66 -15.11 -44.77
N ILE D 110 -11.44 -15.57 -44.50
CA ILE D 110 -10.49 -14.87 -43.65
C ILE D 110 -9.43 -14.22 -44.54
N ASP D 111 -9.22 -12.92 -44.35
CA ASP D 111 -8.20 -12.19 -45.09
C ASP D 111 -7.01 -11.94 -44.17
N PRO D 112 -5.89 -12.61 -44.38
CA PRO D 112 -4.77 -12.47 -43.44
C PRO D 112 -4.22 -11.06 -43.31
N THR D 113 -4.23 -10.28 -44.40
CA THR D 113 -3.63 -8.96 -44.36
C THR D 113 -4.42 -8.01 -43.46
N LYS D 114 -5.74 -8.02 -43.57
CA LYS D 114 -6.59 -7.09 -42.83
C LYS D 114 -6.70 -7.42 -41.35
N LEU D 115 -6.23 -8.59 -40.92
CA LEU D 115 -6.34 -8.98 -39.53
C LEU D 115 -5.46 -8.08 -38.65
N PRO D 116 -5.89 -7.83 -37.42
CA PRO D 116 -5.10 -6.98 -36.52
C PRO D 116 -3.73 -7.57 -36.26
N ARG D 117 -2.74 -6.69 -36.15
CA ARG D 117 -1.38 -7.13 -35.84
C ARG D 117 -1.31 -7.66 -34.42
N HIS D 118 -0.41 -8.63 -34.20
CA HIS D 118 -0.26 -9.30 -32.93
C HIS D 118 -1.56 -9.99 -32.51
N GLU D 119 -2.03 -10.87 -33.37
CA GLU D 119 -3.24 -11.66 -33.11
C GLU D 119 -3.11 -12.98 -33.84
N PRO D 120 -2.86 -14.07 -33.12
CA PRO D 120 -2.67 -15.36 -33.78
C PRO D 120 -3.92 -15.80 -34.53
N ILE D 121 -3.71 -16.52 -35.64
CA ILE D 121 -4.81 -16.96 -36.48
C ILE D 121 -5.76 -17.87 -35.71
N LEU D 122 -5.25 -18.56 -34.69
CA LEU D 122 -6.11 -19.44 -33.91
C LEU D 122 -7.20 -18.66 -33.18
N VAL D 123 -6.85 -17.48 -32.66
CA VAL D 123 -7.85 -16.64 -31.98
C VAL D 123 -8.93 -16.21 -32.96
N THR D 124 -8.54 -15.78 -34.15
CA THR D 124 -9.50 -15.31 -35.14
C THR D 124 -10.44 -16.44 -35.56
N VAL D 125 -9.91 -17.64 -35.77
CA VAL D 125 -10.75 -18.76 -36.20
C VAL D 125 -11.78 -19.09 -35.12
N THR D 126 -11.35 -19.12 -33.85
CA THR D 126 -12.26 -19.46 -32.76
C THR D 126 -13.37 -18.41 -32.63
N ALA D 127 -13.04 -17.13 -32.80
CA ALA D 127 -14.04 -16.08 -32.68
C ALA D 127 -15.12 -16.23 -33.75
N ARG D 128 -14.72 -16.52 -35.00
CA ARG D 128 -15.71 -16.74 -36.05
C ARG D 128 -16.50 -18.02 -35.79
N LEU D 129 -15.84 -19.05 -35.26
CA LEU D 129 -16.53 -20.31 -34.97
C LEU D 129 -17.56 -20.12 -33.85
N ASN D 130 -17.25 -19.28 -32.87
CA ASN D 130 -18.18 -19.06 -31.76
C ASN D 130 -19.47 -18.41 -32.25
N LYS D 131 -19.38 -17.48 -33.19
CA LYS D 131 -20.57 -16.79 -33.67
C LYS D 131 -21.53 -17.75 -34.34
N MET D 132 -21.02 -18.69 -35.13
CA MET D 132 -21.89 -19.65 -35.80
C MET D 132 -22.62 -20.54 -34.80
N VAL D 133 -21.92 -20.98 -33.76
CA VAL D 133 -22.55 -21.83 -32.75
C VAL D 133 -23.55 -21.02 -31.92
N SER D 134 -23.20 -19.78 -31.58
CA SER D 134 -24.08 -18.96 -30.76
C SER D 134 -25.41 -18.70 -31.46
N ASP D 135 -25.38 -18.45 -32.77
CA ASP D 135 -26.59 -18.20 -33.52
C ASP D 135 -27.34 -19.48 -33.89
N LYS D 136 -26.77 -20.65 -33.58
CA LYS D 136 -27.47 -21.91 -33.78
C LYS D 136 -28.18 -22.38 -32.51
N LEU D 137 -27.60 -22.12 -31.34
CA LEU D 137 -28.24 -22.50 -30.09
C LEU D 137 -29.57 -21.76 -29.91
N LYS D 138 -29.62 -20.49 -30.29
CA LYS D 138 -30.87 -19.74 -30.21
C LYS D 138 -31.95 -20.32 -31.12
N GLY D 139 -31.57 -21.07 -32.15
CA GLY D 139 -32.51 -21.73 -33.01
C GLY D 139 -33.08 -23.03 -32.47
N TYR D 140 -32.58 -23.49 -31.32
CA TYR D 140 -33.09 -24.70 -30.71
C TYR D 140 -34.51 -24.50 -30.22
N TRP D 141 -35.33 -25.54 -30.34
CA TRP D 141 -36.70 -25.51 -29.85
C TRP D 141 -36.92 -26.37 -28.63
N ALA D 142 -35.97 -27.25 -28.29
CA ALA D 142 -36.05 -28.05 -27.08
C ALA D 142 -35.25 -27.36 -25.98
N SER D 143 -35.91 -27.07 -24.85
CA SER D 143 -35.25 -26.37 -23.77
C SER D 143 -34.09 -27.18 -23.19
N ASN D 144 -34.29 -28.49 -23.02
CA ASN D 144 -33.25 -29.32 -22.44
C ASN D 144 -32.02 -29.40 -23.33
N ASP D 145 -32.22 -29.54 -24.64
CA ASP D 145 -31.09 -29.60 -25.56
C ASP D 145 -30.32 -28.30 -25.55
N TYR D 146 -31.02 -27.17 -25.52
CA TYR D 146 -30.35 -25.87 -25.53
C TYR D 146 -29.48 -25.69 -24.30
N ARG D 147 -29.97 -26.11 -23.13
CA ARG D 147 -29.20 -25.94 -21.89
C ARG D 147 -28.08 -26.96 -21.78
N LYS D 148 -28.31 -28.20 -22.23
CA LYS D 148 -27.31 -29.24 -22.06
C LYS D 148 -26.09 -28.99 -22.94
N GLN D 149 -26.32 -28.70 -24.22
CA GLN D 149 -25.20 -28.53 -25.15
C GLN D 149 -24.42 -27.25 -24.84
N LYS D 150 -25.12 -26.20 -24.41
CA LYS D 150 -24.45 -24.92 -24.15
C LYS D 150 -23.40 -25.06 -23.06
N GLU D 151 -23.72 -25.76 -21.97
CA GLU D 151 -22.78 -25.88 -20.87
C GLU D 151 -21.46 -26.50 -21.31
N GLN D 152 -21.49 -27.39 -22.30
CA GLN D 152 -20.26 -27.93 -22.85
C GLN D 152 -19.45 -26.85 -23.55
N TRP D 153 -20.13 -25.93 -24.24
CA TRP D 153 -19.44 -24.98 -25.10
C TRP D 153 -18.52 -24.06 -24.29
N GLN D 154 -19.06 -23.42 -23.25
CA GLN D 154 -18.20 -22.56 -22.43
C GLN D 154 -17.18 -23.38 -21.65
N ASN D 155 -17.48 -24.63 -21.34
CA ASN D 155 -16.50 -25.48 -20.67
C ASN D 155 -15.30 -25.72 -21.57
N HIS D 156 -15.54 -26.00 -22.86
CA HIS D 156 -14.43 -26.18 -23.80
C HIS D 156 -13.67 -24.87 -23.99
N LEU D 157 -14.39 -23.75 -24.11
CA LEU D 157 -13.74 -22.46 -24.33
C LEU D 157 -12.91 -22.05 -23.12
N ALA D 158 -13.36 -22.39 -21.92
CA ALA D 158 -12.60 -22.03 -20.72
C ALA D 158 -11.23 -22.70 -20.71
N GLN D 159 -11.17 -23.98 -21.10
CA GLN D 159 -9.88 -24.67 -21.18
C GLN D 159 -8.99 -24.04 -22.24
N LEU D 160 -9.57 -23.68 -23.39
CA LEU D 160 -8.78 -23.04 -24.43
C LEU D 160 -8.24 -21.69 -23.97
N GLN D 161 -9.07 -20.91 -23.29
CA GLN D 161 -8.66 -19.56 -22.87
C GLN D 161 -7.42 -19.62 -22.00
N ARG D 162 -7.31 -20.64 -21.14
CA ARG D 162 -6.12 -20.80 -20.33
C ARG D 162 -4.92 -21.27 -21.14
N GLY D 163 -5.14 -21.72 -22.37
CA GLY D 163 -4.06 -22.27 -23.17
C GLY D 163 -3.44 -21.29 -24.16
N LEU D 164 -4.09 -20.14 -24.38
CA LEU D 164 -3.51 -19.15 -25.29
C LEU D 164 -2.24 -18.53 -24.73
N HIS D 165 -1.97 -18.68 -23.43
CA HIS D 165 -0.72 -18.19 -22.88
C HIS D 165 0.47 -18.91 -23.49
N LEU D 166 0.38 -20.22 -23.65
CA LEU D 166 1.49 -21.00 -24.20
C LEU D 166 1.72 -20.69 -25.66
N LEU D 167 0.69 -20.25 -26.39
CA LEU D 167 0.84 -20.02 -27.82
C LEU D 167 1.85 -18.91 -28.10
N THR D 168 1.81 -17.83 -27.33
CA THR D 168 2.76 -16.73 -27.46
C THR D 168 3.28 -16.37 -26.08
N ASP D 169 4.60 -16.44 -25.91
CA ASP D 169 5.24 -16.15 -24.64
C ASP D 169 6.72 -15.92 -24.88
N LYS D 170 7.38 -15.29 -23.90
CA LYS D 170 8.79 -14.98 -23.99
C LYS D 170 9.65 -15.99 -23.22
N GLU D 171 9.35 -16.18 -21.94
CA GLU D 171 10.14 -17.07 -21.08
C GLU D 171 9.24 -18.00 -20.30
N TYR D 172 9.63 -19.27 -20.24
CA TYR D 172 8.94 -20.23 -19.39
C TYR D 172 9.09 -19.86 -17.93
N LYS D 173 8.06 -20.14 -17.14
CA LYS D 173 8.12 -19.90 -15.70
C LYS D 173 7.76 -21.18 -14.96
N PRO D 174 8.32 -21.40 -13.78
CA PRO D 174 8.03 -22.64 -13.04
C PRO D 174 6.59 -22.79 -12.64
N GLU D 175 5.80 -21.71 -12.63
CA GLU D 175 4.43 -21.78 -12.14
C GLU D 175 3.57 -22.67 -13.04
N TYR D 176 3.75 -22.61 -14.35
CA TYR D 176 2.90 -23.38 -15.25
C TYR D 176 3.09 -24.89 -15.13
N PHE D 177 4.16 -25.34 -14.47
CA PHE D 177 4.38 -26.77 -14.34
C PHE D 177 3.25 -27.43 -13.58
N SER D 178 2.73 -26.75 -12.55
CA SER D 178 1.56 -27.28 -11.83
C SER D 178 0.34 -27.34 -12.72
N ASP D 179 0.20 -26.40 -13.67
CA ASP D 179 -0.93 -26.43 -14.59
C ASP D 179 -0.90 -27.68 -15.46
N ALA D 180 0.28 -28.08 -15.91
CA ALA D 180 0.40 -29.29 -16.72
C ALA D 180 0.24 -30.56 -15.90
N LEU D 181 0.49 -30.49 -14.59
CA LEU D 181 0.42 -31.67 -13.73
C LEU D 181 -0.93 -31.85 -13.07
N LYS D 182 -1.90 -31.00 -13.34
CA LYS D 182 -3.28 -31.20 -12.89
C LYS D 182 -4.08 -31.81 -14.03
N LEU D 183 -4.78 -32.90 -13.72
CA LEU D 183 -5.53 -33.66 -14.73
C LEU D 183 -7.01 -33.40 -14.54
N ASP D 184 -7.61 -32.67 -15.49
CA ASP D 184 -9.05 -32.47 -15.49
C ASP D 184 -9.76 -33.79 -15.68
N ALA D 185 -10.91 -33.94 -15.04
CA ALA D 185 -11.67 -35.18 -15.04
C ALA D 185 -12.69 -35.25 -16.17
N GLN D 186 -12.69 -34.27 -17.07
CA GLN D 186 -13.70 -34.18 -18.12
C GLN D 186 -13.05 -34.23 -19.50
N LEU D 187 -13.77 -34.84 -20.43
CA LEU D 187 -13.51 -34.94 -21.87
C LEU D 187 -12.41 -35.95 -22.20
N ASP D 188 -11.69 -36.49 -21.22
CA ASP D 188 -10.77 -37.61 -21.42
C ASP D 188 -9.78 -37.33 -22.56
N TYR D 189 -8.93 -36.33 -22.35
CA TYR D 189 -7.87 -36.06 -23.31
C TYR D 189 -6.90 -37.24 -23.38
N SER D 190 -6.51 -37.61 -24.59
CA SER D 190 -5.74 -38.83 -24.80
C SER D 190 -4.37 -38.75 -24.13
N ILE D 191 -3.71 -37.60 -24.23
CA ILE D 191 -2.34 -37.46 -23.77
C ILE D 191 -2.26 -36.31 -22.78
N GLY D 192 -1.28 -36.38 -21.89
CA GLY D 192 -1.12 -35.39 -20.84
C GLY D 192 -0.50 -34.10 -21.34
N GLY D 193 -0.32 -33.17 -20.40
CA GLY D 193 0.20 -31.87 -20.72
C GLY D 193 -0.88 -30.93 -21.24
N GLN D 194 -0.45 -29.71 -21.57
CA GLN D 194 -1.38 -28.73 -22.13
C GLN D 194 -1.81 -29.15 -23.52
N ASP D 195 -0.86 -29.21 -24.46
CA ASP D 195 -1.05 -29.75 -25.80
C ASP D 195 -2.25 -29.07 -26.48
N LEU D 196 -2.05 -27.77 -26.77
CA LEU D 196 -3.09 -26.97 -27.41
C LEU D 196 -3.51 -27.54 -28.75
N SER D 197 -2.71 -28.42 -29.35
CA SER D 197 -3.08 -29.01 -30.63
C SER D 197 -4.35 -29.83 -30.51
N GLU D 198 -4.52 -30.57 -29.42
CA GLU D 198 -5.70 -31.40 -29.24
C GLU D 198 -6.78 -30.75 -28.40
N ILE D 199 -6.47 -29.66 -27.67
CA ILE D 199 -7.51 -28.90 -27.00
C ILE D 199 -8.46 -28.28 -28.02
N PHE D 200 -7.88 -27.71 -29.08
CA PHE D 200 -8.71 -27.23 -30.19
C PHE D 200 -9.42 -28.38 -30.88
N GLU D 201 -8.81 -29.57 -30.86
CA GLU D 201 -9.40 -30.71 -31.54
C GLU D 201 -10.74 -31.08 -30.92
N GLU D 202 -10.82 -31.10 -29.59
CA GLU D 202 -12.10 -31.38 -28.94
C GLU D 202 -13.10 -30.26 -29.16
N LEU D 203 -12.62 -29.02 -29.31
CA LEU D 203 -13.52 -27.90 -29.53
C LEU D 203 -14.27 -28.05 -30.85
N VAL D 204 -13.58 -28.46 -31.90
CA VAL D 204 -14.25 -28.60 -33.19
C VAL D 204 -15.10 -29.87 -33.23
N LYS D 205 -14.76 -30.88 -32.43
CA LYS D 205 -15.58 -32.08 -32.37
C LYS D 205 -16.95 -31.76 -31.77
N ARG D 206 -16.99 -30.92 -30.73
CA ARG D 206 -18.27 -30.51 -30.18
C ARG D 206 -18.99 -29.54 -31.12
N ALA D 207 -18.22 -28.73 -31.85
CA ALA D 207 -18.84 -27.71 -32.71
C ALA D 207 -19.62 -28.32 -33.86
N CYS D 208 -19.20 -29.49 -34.35
CA CYS D 208 -19.94 -30.11 -35.45
C CYS D 208 -21.23 -30.77 -34.96
N GLU D 209 -21.26 -31.26 -33.73
CA GLU D 209 -22.48 -31.84 -33.20
C GLU D 209 -23.59 -30.82 -33.09
N ILE D 210 -23.26 -29.61 -32.64
CA ILE D 210 -24.27 -28.56 -32.50
C ILE D 210 -24.84 -28.19 -33.88
N LEU D 211 -23.98 -28.05 -34.88
CA LEU D 211 -24.40 -27.70 -36.22
C LEU D 211 -24.83 -28.91 -37.04
N ASP D 212 -24.63 -30.12 -36.52
CA ASP D 212 -25.01 -31.35 -37.21
C ASP D 212 -24.38 -31.45 -38.59
N CYS D 213 -23.10 -31.10 -38.70
CA CYS D 213 -22.37 -31.18 -39.94
C CYS D 213 -21.21 -32.16 -39.80
N LYS D 214 -20.89 -32.86 -40.89
CA LYS D 214 -19.82 -33.84 -40.85
C LYS D 214 -18.45 -33.18 -40.80
N ALA D 215 -18.28 -32.07 -41.51
CA ALA D 215 -16.99 -31.39 -41.54
C ALA D 215 -17.23 -29.89 -41.69
N ILE D 216 -16.24 -29.12 -41.25
CA ILE D 216 -16.29 -27.66 -41.28
C ILE D 216 -15.18 -27.15 -42.18
N LEU D 217 -15.49 -26.15 -43.00
CA LEU D 217 -14.60 -25.68 -44.05
C LEU D 217 -14.10 -24.28 -43.73
N ILE D 218 -12.78 -24.11 -43.73
CA ILE D 218 -12.15 -22.81 -43.58
C ILE D 218 -11.72 -22.32 -44.95
N THR D 219 -11.56 -21.01 -45.08
CA THR D 219 -11.16 -20.40 -46.35
C THR D 219 -10.23 -19.24 -46.07
N PHE D 220 -8.99 -19.34 -46.53
CA PHE D 220 -8.02 -18.27 -46.40
C PHE D 220 -8.07 -17.41 -47.67
N ASP D 221 -7.13 -16.48 -47.81
CA ASP D 221 -7.15 -15.56 -48.93
C ASP D 221 -5.72 -15.21 -49.31
N ASP D 222 -5.58 -14.21 -50.20
CA ASP D 222 -4.30 -13.82 -50.75
C ASP D 222 -3.47 -13.05 -49.72
N ILE D 223 -2.15 -13.10 -49.90
CA ILE D 223 -1.22 -12.38 -49.03
C ILE D 223 -0.30 -11.52 -49.88
N ASP D 224 -0.78 -11.08 -51.05
CA ASP D 224 0.04 -10.29 -51.95
C ASP D 224 0.41 -8.94 -51.33
N THR D 225 -0.54 -8.30 -50.64
CA THR D 225 -0.29 -6.98 -50.07
C THR D 225 0.82 -7.03 -49.04
N GLN D 226 0.63 -7.81 -47.97
CA GLN D 226 1.65 -7.99 -46.95
C GLN D 226 2.29 -9.37 -47.17
N PHE D 227 3.52 -9.36 -47.67
CA PHE D 227 4.17 -10.61 -48.07
C PHE D 227 4.49 -11.51 -46.88
N ASP D 228 4.85 -10.92 -45.74
CA ASP D 228 5.29 -11.69 -44.59
C ASP D 228 4.15 -12.14 -43.69
N ALA D 229 2.92 -11.67 -43.92
CA ALA D 229 1.81 -12.05 -43.06
C ALA D 229 1.40 -13.51 -43.24
N GLY D 230 1.87 -14.17 -44.29
CA GLY D 230 1.47 -15.55 -44.56
C GLY D 230 2.24 -16.60 -43.79
N TRP D 231 3.31 -16.22 -43.09
CA TRP D 231 4.08 -17.20 -42.33
C TRP D 231 3.27 -17.75 -41.16
N ASP D 232 2.40 -16.94 -40.57
CA ASP D 232 1.57 -17.42 -39.48
C ASP D 232 0.46 -18.32 -39.99
N VAL D 233 0.03 -18.13 -41.24
CA VAL D 233 -1.00 -19.00 -41.82
C VAL D 233 -0.44 -20.39 -42.08
N LEU D 234 0.77 -20.47 -42.65
CA LEU D 234 1.38 -21.76 -42.92
C LEU D 234 1.68 -22.52 -41.64
N GLU D 235 2.17 -21.83 -40.61
CA GLU D 235 2.48 -22.50 -39.35
C GLU D 235 1.23 -22.96 -38.64
N SER D 236 0.14 -22.22 -38.72
CA SER D 236 -1.10 -22.58 -38.07
C SER D 236 -1.95 -23.53 -38.88
N ILE D 237 -1.51 -23.90 -40.10
CA ILE D 237 -2.25 -24.85 -40.92
C ILE D 237 -1.72 -26.27 -40.77
N ARG D 238 -0.55 -26.46 -40.17
CA ARG D 238 -0.02 -27.79 -39.89
C ARG D 238 0.06 -28.11 -38.40
N LYS D 239 0.32 -27.10 -37.56
CA LYS D 239 0.37 -27.34 -36.12
C LYS D 239 -1.00 -27.70 -35.57
N PHE D 240 -2.05 -27.03 -36.05
CA PHE D 240 -3.39 -27.15 -35.48
C PHE D 240 -4.38 -27.83 -36.39
N PHE D 241 -4.52 -27.36 -37.64
CA PHE D 241 -5.57 -27.84 -38.54
C PHE D 241 -5.14 -29.14 -39.23
N ASN D 242 -4.97 -30.17 -38.41
CA ASN D 242 -4.56 -31.48 -38.90
C ASN D 242 -5.57 -32.55 -38.52
N SER D 243 -6.86 -32.26 -38.74
CA SER D 243 -7.93 -33.14 -38.32
C SER D 243 -8.67 -33.71 -39.53
N ARG D 244 -9.46 -34.76 -39.28
CA ARG D 244 -10.33 -35.33 -40.30
C ARG D 244 -11.61 -34.54 -40.50
N LYS D 245 -11.97 -33.68 -39.54
CA LYS D 245 -13.21 -32.92 -39.60
C LYS D 245 -13.01 -31.51 -40.12
N LEU D 246 -11.77 -31.11 -40.42
CA LEU D 246 -11.47 -29.77 -40.89
C LEU D 246 -10.89 -29.85 -42.30
N VAL D 247 -11.48 -29.07 -43.21
CA VAL D 247 -10.97 -28.93 -44.56
C VAL D 247 -10.69 -27.45 -44.82
N VAL D 248 -9.52 -27.15 -45.36
CA VAL D 248 -9.05 -25.78 -45.52
C VAL D 248 -8.73 -25.54 -47.00
N VAL D 249 -9.19 -24.42 -47.52
CA VAL D 249 -8.91 -24.00 -48.89
C VAL D 249 -8.09 -22.72 -48.82
N ALA D 250 -6.90 -22.75 -49.40
CA ALA D 250 -5.98 -21.61 -49.38
C ALA D 250 -5.63 -21.21 -50.79
N THR D 251 -5.47 -19.91 -51.01
CA THR D 251 -5.13 -19.36 -52.31
C THR D 251 -4.02 -18.33 -52.17
N GLY D 252 -3.28 -18.14 -53.25
CA GLY D 252 -2.20 -17.17 -53.24
C GLY D 252 -1.26 -17.41 -54.42
N ASP D 253 0.00 -17.06 -54.20
CA ASP D 253 1.04 -17.18 -55.21
C ASP D 253 2.12 -18.12 -54.69
N LEU D 254 2.43 -19.17 -55.47
CA LEU D 254 3.39 -20.17 -55.01
C LEU D 254 4.82 -19.65 -55.00
N ARG D 255 5.14 -18.65 -55.84
CA ARG D 255 6.47 -18.06 -55.79
C ARG D 255 6.71 -17.36 -54.46
N LEU D 256 5.73 -16.58 -54.00
CA LEU D 256 5.87 -15.87 -52.73
C LEU D 256 5.95 -16.83 -51.55
N TYR D 257 5.15 -17.89 -51.57
CA TYR D 257 5.20 -18.89 -50.51
C TYR D 257 6.58 -19.53 -50.43
N SER D 258 7.16 -19.86 -51.58
CA SER D 258 8.51 -20.41 -51.59
C SER D 258 9.53 -19.41 -51.07
N GLN D 259 9.29 -18.12 -51.31
CA GLN D 259 10.20 -17.10 -50.79
C GLN D 259 10.16 -17.04 -49.27
N LEU D 260 8.98 -17.20 -48.68
CA LEU D 260 8.86 -17.20 -47.23
C LEU D 260 9.58 -18.40 -46.62
N ILE D 261 9.32 -19.60 -47.16
CA ILE D 261 9.88 -20.81 -46.58
C ILE D 261 11.40 -20.80 -46.68
N ARG D 262 11.94 -20.40 -47.84
CA ARG D 262 13.39 -20.35 -47.99
C ARG D 262 14.00 -19.33 -47.05
N GLY D 263 13.34 -18.19 -46.86
CA GLY D 263 13.87 -17.18 -45.95
C GLY D 263 13.90 -17.64 -44.51
N LYS D 264 12.86 -18.35 -44.08
CA LYS D 264 12.79 -18.79 -42.69
C LYS D 264 13.81 -19.89 -42.39
N GLN D 265 14.20 -20.66 -43.40
CA GLN D 265 15.12 -21.76 -43.16
C GLN D 265 16.52 -21.25 -42.80
N TYR D 266 16.95 -20.14 -43.41
CA TYR D 266 18.28 -19.62 -43.14
C TYR D 266 18.44 -19.15 -41.71
N GLU D 267 17.35 -18.84 -41.02
CA GLU D 267 17.44 -18.40 -39.63
C GLU D 267 17.92 -19.51 -38.71
N ASN D 268 17.76 -20.77 -39.11
CA ASN D 268 18.15 -21.88 -38.24
C ASN D 268 19.66 -21.93 -38.04
N TYR D 269 20.43 -21.65 -39.08
CA TYR D 269 21.88 -21.65 -38.97
C TYR D 269 22.34 -20.56 -38.01
N SER D 270 23.32 -20.89 -37.16
CA SER D 270 23.84 -19.92 -36.21
C SER D 270 24.62 -18.82 -36.93
N LYS D 271 24.63 -17.63 -36.31
CA LYS D 271 25.33 -16.50 -36.92
C LYS D 271 26.82 -16.76 -37.04
N THR D 272 27.43 -17.33 -36.01
CA THR D 272 28.88 -17.54 -36.03
C THR D 272 29.28 -18.52 -37.13
N LEU D 273 28.52 -19.61 -37.28
CA LEU D 273 28.80 -20.57 -38.34
C LEU D 273 28.62 -19.94 -39.72
N LEU D 274 27.57 -19.15 -39.89
CA LEU D 274 27.29 -18.53 -41.18
C LEU D 274 28.33 -17.50 -41.57
N GLU D 275 29.21 -17.09 -40.66
CA GLU D 275 30.25 -16.10 -40.95
C GLU D 275 31.64 -16.68 -40.99
N GLN D 276 31.95 -17.65 -40.11
CA GLN D 276 33.28 -18.25 -40.08
C GLN D 276 33.44 -19.38 -41.07
N GLU D 277 32.40 -19.72 -41.82
CA GLU D 277 32.43 -20.87 -42.73
C GLU D 277 32.03 -20.45 -44.14
N LYS D 278 32.68 -19.40 -44.63
CA LYS D 278 32.44 -18.91 -46.02
C LYS D 278 33.70 -19.18 -46.84
N GLU D 279 33.65 -20.18 -47.72
CA GLU D 279 34.81 -20.56 -48.52
C GLU D 279 34.45 -20.82 -49.98
N SER D 280 33.25 -20.42 -50.42
CA SER D 280 32.71 -20.62 -51.77
C SER D 280 32.41 -22.09 -52.07
N VAL D 281 32.76 -23.01 -51.17
CA VAL D 281 32.36 -24.40 -51.29
C VAL D 281 31.33 -24.77 -50.22
N ARG D 282 31.44 -24.18 -49.03
CA ARG D 282 30.41 -24.35 -48.02
C ARG D 282 29.11 -23.69 -48.45
N LEU D 283 29.19 -22.54 -49.10
CA LEU D 283 27.99 -21.88 -49.60
C LEU D 283 27.24 -22.76 -50.60
N ALA D 284 27.96 -23.63 -51.31
CA ALA D 284 27.30 -24.56 -52.23
C ALA D 284 26.59 -25.68 -51.49
N GLU D 285 27.19 -26.18 -50.41
CA GLU D 285 26.57 -27.27 -49.66
C GLU D 285 25.41 -26.79 -48.80
N ARG D 286 25.44 -25.54 -48.34
CA ARG D 286 24.31 -24.99 -47.61
C ARG D 286 23.16 -24.64 -48.55
N GLY D 287 23.47 -24.17 -49.76
CA GLY D 287 22.44 -23.84 -50.71
C GLY D 287 21.60 -25.03 -51.13
N TYR D 288 22.23 -26.21 -51.23
CA TYR D 288 21.48 -27.41 -51.57
C TYR D 288 20.62 -27.89 -50.41
N MET D 289 21.15 -27.79 -49.19
CA MET D 289 20.39 -28.23 -48.02
C MET D 289 19.10 -27.44 -47.86
N VAL D 290 19.17 -26.12 -48.01
CA VAL D 290 17.99 -25.29 -47.88
C VAL D 290 16.98 -25.60 -48.97
N GLU D 291 17.46 -25.75 -50.21
CA GLU D 291 16.55 -26.05 -51.32
C GLU D 291 15.84 -27.38 -51.11
N HIS D 292 16.56 -28.38 -50.61
CA HIS D 292 15.92 -29.66 -50.34
C HIS D 292 14.88 -29.55 -49.23
N LEU D 293 15.06 -28.59 -48.30
CA LEU D 293 14.12 -28.43 -47.22
C LEU D 293 12.83 -27.74 -47.67
N GLU D 294 12.94 -26.77 -48.58
CA GLU D 294 11.74 -26.02 -48.95
C GLU D 294 10.79 -26.85 -49.80
N GLN D 295 11.31 -27.75 -50.65
CA GLN D 295 10.44 -28.54 -51.49
C GLN D 295 9.73 -29.63 -50.70
N GLN D 296 10.38 -30.19 -49.68
CA GLN D 296 9.70 -31.15 -48.82
C GLN D 296 8.65 -30.48 -47.96
N TYR D 297 8.89 -29.24 -47.54
CA TYR D 297 7.89 -28.49 -46.80
C TYR D 297 6.67 -28.19 -47.68
N LEU D 298 6.90 -27.81 -48.93
CA LEU D 298 5.80 -27.41 -49.81
C LEU D 298 4.88 -28.58 -50.13
N LEU D 299 5.46 -29.74 -50.44
CA LEU D 299 4.63 -30.91 -50.72
C LEU D 299 3.89 -31.37 -49.48
N LYS D 300 4.43 -31.11 -48.30
CA LYS D 300 3.76 -31.51 -47.06
C LYS D 300 2.45 -30.76 -46.88
N LEU D 301 2.43 -29.46 -47.15
CA LEU D 301 1.23 -28.67 -46.91
C LEU D 301 0.24 -28.78 -48.07
N PHE D 302 0.71 -28.56 -49.29
CA PHE D 302 -0.15 -28.58 -50.47
C PHE D 302 0.22 -29.78 -51.33
N PRO D 303 -0.51 -30.89 -51.22
CA PRO D 303 -0.20 -32.06 -52.05
C PRO D 303 -0.42 -31.76 -53.53
N VAL D 304 0.36 -32.43 -54.37
CA VAL D 304 0.31 -32.19 -55.81
C VAL D 304 -1.07 -32.53 -56.36
N GLN D 305 -1.64 -33.66 -55.93
CA GLN D 305 -2.94 -34.07 -56.46
C GLN D 305 -4.09 -33.25 -55.91
N LYS D 306 -3.84 -32.18 -55.15
CA LYS D 306 -4.89 -31.33 -54.63
C LYS D 306 -4.90 -29.93 -55.23
N ARG D 307 -3.81 -29.49 -55.86
CA ARG D 307 -3.76 -28.15 -56.43
C ARG D 307 -4.74 -28.05 -57.59
N ILE D 308 -5.55 -27.00 -57.59
CA ILE D 308 -6.56 -26.77 -58.62
C ILE D 308 -6.24 -25.45 -59.31
N GLN D 309 -6.20 -25.47 -60.63
CA GLN D 309 -5.90 -24.30 -61.43
C GLN D 309 -7.05 -24.03 -62.40
N LEU D 310 -7.45 -22.76 -62.50
CA LEU D 310 -8.49 -22.38 -63.44
C LEU D 310 -7.96 -22.49 -64.87
N LYS D 311 -8.90 -22.43 -65.82
CA LYS D 311 -8.59 -22.56 -67.23
C LYS D 311 -8.99 -21.29 -67.97
N THR D 312 -8.17 -20.86 -68.91
CA THR D 312 -8.44 -19.66 -69.68
C THR D 312 -9.62 -19.91 -70.63
N MET D 313 -10.12 -18.82 -71.20
CA MET D 313 -11.27 -18.90 -72.10
C MET D 313 -10.95 -19.72 -73.34
N LEU D 314 -9.69 -19.69 -73.78
CA LEU D 314 -9.31 -20.43 -74.99
C LEU D 314 -9.45 -21.94 -74.80
N GLN D 315 -9.05 -22.44 -73.62
CA GLN D 315 -9.07 -23.88 -73.40
C GLN D 315 -10.49 -24.45 -73.45
N LEU D 316 -11.45 -23.74 -72.85
CA LEU D 316 -12.83 -24.22 -72.85
C LEU D 316 -13.41 -24.24 -74.26
N VAL D 317 -13.21 -23.16 -75.01
CA VAL D 317 -13.81 -23.04 -76.35
C VAL D 317 -13.05 -23.80 -77.42
N GLY D 318 -11.85 -24.30 -77.10
CA GLY D 318 -11.04 -24.96 -78.10
C GLY D 318 -10.33 -23.96 -78.99
N GLU D 319 -9.56 -24.50 -79.94
CA GLU D 319 -8.76 -23.65 -80.81
C GLU D 319 -8.39 -24.43 -82.07
N LYS D 320 -7.93 -23.70 -83.08
CA LYS D 320 -7.50 -24.27 -84.36
C LYS D 320 -8.61 -25.09 -85.02
N GLY D 321 -9.85 -24.62 -84.91
CA GLY D 321 -10.96 -25.32 -85.52
C GLY D 321 -11.24 -26.67 -84.92
N LYS D 322 -10.90 -26.89 -83.65
CA LYS D 322 -11.14 -28.14 -82.96
C LYS D 322 -12.25 -27.95 -81.93
N ALA D 323 -13.03 -29.02 -81.72
CA ALA D 323 -14.08 -28.97 -80.71
C ALA D 323 -13.50 -28.73 -79.32
N GLY D 324 -12.42 -29.44 -78.99
CA GLY D 324 -11.75 -29.22 -77.72
C GLY D 324 -12.66 -29.52 -76.54
N LYS D 325 -12.78 -28.54 -75.64
CA LYS D 325 -13.57 -28.69 -74.43
C LYS D 325 -15.01 -28.25 -74.77
N GLU D 326 -15.86 -28.11 -73.75
CA GLU D 326 -17.26 -27.80 -73.97
C GLU D 326 -17.43 -26.42 -74.61
N GLU D 327 -18.37 -26.32 -75.53
CA GLU D 327 -18.57 -25.12 -76.35
C GLU D 327 -19.26 -24.02 -75.55
N ILE D 328 -19.05 -22.78 -76.00
CA ILE D 328 -19.61 -21.59 -75.38
C ILE D 328 -20.21 -20.71 -76.46
N LYS D 329 -21.43 -20.23 -76.23
CA LYS D 329 -22.13 -19.36 -77.17
C LYS D 329 -22.44 -18.02 -76.52
N VAL D 330 -22.61 -17.00 -77.36
CA VAL D 330 -22.77 -15.62 -76.90
C VAL D 330 -23.96 -15.00 -77.60
N LYS D 331 -24.79 -14.28 -76.84
CA LYS D 331 -25.92 -13.54 -77.38
C LYS D 331 -25.49 -12.10 -77.66
N THR D 332 -25.68 -11.67 -78.91
CA THR D 332 -25.22 -10.34 -79.32
C THR D 332 -26.21 -9.25 -78.94
N GLU D 333 -27.42 -9.31 -79.52
CA GLU D 333 -28.41 -8.26 -79.31
C GLU D 333 -29.45 -8.70 -78.29
N PRO D 334 -30.10 -7.76 -77.60
CA PRO D 334 -30.97 -8.14 -76.48
C PRO D 334 -32.16 -8.97 -76.92
N GLY D 335 -32.48 -9.98 -76.12
CA GLY D 335 -33.72 -10.73 -76.25
C GLY D 335 -33.95 -11.43 -77.57
N MET D 336 -32.95 -12.16 -78.07
CA MET D 336 -33.13 -12.97 -79.27
C MET D 336 -33.29 -14.44 -78.89
N GLN D 337 -33.56 -15.25 -79.91
CA GLN D 337 -33.77 -16.68 -79.68
C GLN D 337 -32.47 -17.36 -79.28
N ASP D 338 -32.60 -18.39 -78.43
CA ASP D 338 -31.43 -19.13 -77.97
C ASP D 338 -30.72 -19.83 -79.13
N ILE D 339 -31.48 -20.25 -80.15
CA ILE D 339 -30.86 -20.87 -81.32
C ILE D 339 -30.02 -19.87 -82.10
N ASP D 340 -30.24 -18.58 -81.91
CA ASP D 340 -29.48 -17.55 -82.59
C ASP D 340 -28.21 -17.15 -81.84
N ALA D 341 -27.98 -17.72 -80.65
CA ALA D 341 -26.76 -17.44 -79.90
C ALA D 341 -25.55 -17.92 -80.68
N ILE D 342 -24.71 -16.98 -81.11
CA ILE D 342 -23.58 -17.30 -81.97
C ILE D 342 -22.35 -17.57 -81.12
N ASP D 343 -21.40 -18.31 -81.68
CA ASP D 343 -20.22 -18.72 -80.94
C ASP D 343 -19.38 -17.51 -80.53
N VAL D 344 -18.68 -17.66 -79.41
CA VAL D 344 -17.86 -16.56 -78.90
C VAL D 344 -16.69 -16.28 -79.84
N ARG D 345 -16.13 -17.32 -80.46
CA ARG D 345 -15.02 -17.12 -81.39
C ARG D 345 -15.47 -16.30 -82.59
N GLN D 346 -16.65 -16.60 -83.14
CA GLN D 346 -17.19 -15.78 -84.22
C GLN D 346 -17.53 -14.38 -83.71
N ALA D 347 -18.11 -14.29 -82.51
CA ALA D 347 -18.43 -12.98 -81.95
C ALA D 347 -17.18 -12.17 -81.69
N ILE D 348 -16.14 -12.81 -81.15
CA ILE D 348 -14.87 -12.12 -80.93
C ILE D 348 -14.06 -12.00 -82.22
N GLY D 349 -14.35 -12.84 -83.20
CA GLY D 349 -13.70 -12.79 -84.50
C GLY D 349 -14.36 -11.90 -85.51
N ASP D 350 -15.43 -11.19 -85.13
CA ASP D 350 -16.09 -10.23 -86.00
C ASP D 350 -15.76 -8.79 -85.60
N ALA D 351 -15.81 -8.49 -84.30
CA ALA D 351 -15.41 -7.17 -83.84
C ALA D 351 -13.93 -6.92 -84.13
N VAL D 352 -13.08 -7.91 -83.88
CA VAL D 352 -11.66 -7.77 -84.15
C VAL D 352 -11.40 -7.65 -85.64
N ARG D 353 -12.08 -8.47 -86.45
CA ARG D 353 -11.82 -8.49 -87.88
C ARG D 353 -12.21 -7.17 -88.53
N GLU D 354 -13.39 -6.64 -88.21
CA GLU D 354 -13.87 -5.43 -88.87
C GLU D 354 -13.41 -4.17 -88.14
N GLY D 355 -13.36 -4.20 -86.81
CA GLY D 355 -12.93 -3.03 -86.06
C GLY D 355 -11.49 -2.65 -86.37
N LEU D 356 -10.63 -3.64 -86.56
CA LEU D 356 -9.25 -3.40 -86.94
C LEU D 356 -9.05 -3.35 -88.44
N ASN D 357 -10.10 -3.63 -89.23
CA ASN D 357 -10.03 -3.61 -90.69
C ASN D 357 -8.93 -4.53 -91.21
N LEU D 358 -8.88 -5.73 -90.66
CA LEU D 358 -7.88 -6.72 -91.04
C LEU D 358 -8.49 -7.77 -91.96
N ARG D 359 -7.60 -8.51 -92.63
CA ARG D 359 -8.02 -9.55 -93.55
C ARG D 359 -8.66 -10.71 -92.78
N GLU D 360 -9.46 -11.51 -93.50
CA GLU D 360 -10.22 -12.58 -92.87
C GLU D 360 -9.30 -13.63 -92.24
N GLY D 361 -8.26 -14.04 -92.95
CA GLY D 361 -7.46 -15.19 -92.57
C GLY D 361 -6.01 -14.84 -92.33
N SER D 362 -5.36 -15.67 -91.50
CA SER D 362 -3.91 -15.71 -91.31
C SER D 362 -3.38 -14.50 -90.53
N ASP D 363 -4.22 -13.51 -90.28
CA ASP D 363 -3.76 -12.37 -89.51
C ASP D 363 -4.68 -11.99 -88.37
N ALA D 364 -6.00 -12.11 -88.55
CA ALA D 364 -6.93 -11.80 -87.48
C ALA D 364 -6.93 -12.86 -86.40
N ASP D 365 -6.58 -14.10 -86.74
CA ASP D 365 -6.57 -15.19 -85.78
C ASP D 365 -5.57 -14.93 -84.65
N MET D 366 -4.47 -14.22 -84.95
CA MET D 366 -3.46 -13.97 -83.94
C MET D 366 -4.01 -13.13 -82.80
N TYR D 367 -4.81 -12.10 -83.12
CA TYR D 367 -5.36 -11.25 -82.08
C TYR D 367 -6.37 -11.98 -81.22
N VAL D 368 -7.33 -12.68 -81.86
CA VAL D 368 -8.36 -13.36 -81.09
C VAL D 368 -7.78 -14.50 -80.27
N ASN D 369 -6.75 -15.18 -80.80
CA ASN D 369 -6.10 -16.23 -80.02
C ASN D 369 -5.48 -15.66 -78.75
N GLU D 370 -4.84 -14.49 -78.86
CA GLU D 370 -4.33 -13.81 -77.67
C GLU D 370 -5.47 -13.21 -76.85
N LEU D 371 -6.50 -12.68 -77.53
CA LEU D 371 -7.60 -12.04 -76.82
C LEU D 371 -8.39 -13.03 -75.97
N LEU D 372 -8.31 -14.32 -76.28
CA LEU D 372 -8.97 -15.33 -75.47
C LEU D 372 -8.16 -15.74 -74.26
N LYS D 373 -6.90 -15.31 -74.15
CA LYS D 373 -6.10 -15.61 -72.97
C LYS D 373 -6.46 -14.72 -71.80
N GLN D 374 -7.19 -13.63 -72.04
CA GLN D 374 -7.59 -12.75 -70.95
C GLN D 374 -8.58 -13.47 -70.03
N PRO D 375 -8.60 -13.12 -68.75
CA PRO D 375 -9.58 -13.72 -67.84
C PRO D 375 -10.99 -13.40 -68.29
N VAL D 376 -11.90 -14.36 -68.06
CA VAL D 376 -13.30 -14.20 -68.48
C VAL D 376 -13.94 -12.99 -67.82
N ARG D 377 -13.34 -12.48 -66.74
CA ARG D 377 -13.87 -11.28 -66.10
C ARG D 377 -13.67 -10.04 -66.96
N LEU D 378 -12.64 -10.01 -67.79
CA LEU D 378 -12.27 -8.80 -68.51
C LEU D 378 -12.92 -8.74 -69.90
N LEU D 379 -12.64 -9.75 -70.73
CA LEU D 379 -13.07 -9.67 -72.14
C LEU D 379 -14.58 -9.68 -72.28
N MET D 380 -15.29 -10.28 -71.32
CA MET D 380 -16.75 -10.30 -71.40
C MET D 380 -17.31 -8.89 -71.28
N GLN D 381 -16.76 -8.08 -70.37
CA GLN D 381 -17.17 -6.69 -70.27
C GLN D 381 -16.82 -5.91 -71.52
N VAL D 382 -15.68 -6.21 -72.14
CA VAL D 382 -15.31 -5.56 -73.40
C VAL D 382 -16.36 -5.81 -74.46
N LEU D 383 -16.84 -7.06 -74.56
CA LEU D 383 -17.86 -7.39 -75.54
C LEU D 383 -19.16 -6.62 -75.26
N GLN D 384 -19.55 -6.53 -73.99
CA GLN D 384 -20.82 -5.87 -73.67
C GLN D 384 -20.79 -4.41 -74.06
N ASP D 385 -19.75 -3.68 -73.64
CA ASP D 385 -19.68 -2.26 -73.96
C ASP D 385 -19.49 -2.02 -75.45
N PHE D 386 -18.84 -2.95 -76.15
CA PHE D 386 -18.69 -2.82 -77.59
C PHE D 386 -20.03 -2.88 -78.29
N TYR D 387 -20.84 -3.90 -77.98
CA TYR D 387 -22.12 -4.06 -78.66
C TYR D 387 -23.15 -3.05 -78.16
N THR D 388 -23.07 -2.64 -76.89
CA THR D 388 -24.01 -1.66 -76.37
C THR D 388 -23.88 -0.33 -77.11
N LYS D 389 -22.64 0.13 -77.30
CA LYS D 389 -22.43 1.34 -78.10
C LYS D 389 -22.81 1.11 -79.56
N LYS D 390 -22.49 -0.07 -80.10
CA LYS D 390 -22.80 -0.37 -81.49
C LYS D 390 -24.30 -0.46 -81.71
N TYR D 391 -25.02 -1.13 -80.80
CA TYR D 391 -26.47 -1.26 -80.96
C TYR D 391 -27.17 0.07 -80.79
N HIS D 392 -26.76 0.87 -79.80
CA HIS D 392 -27.41 2.14 -79.55
C HIS D 392 -27.16 3.14 -80.68
N ALA D 393 -26.00 3.07 -81.32
CA ALA D 393 -25.68 3.98 -82.42
C ALA D 393 -26.56 3.74 -83.64
N THR D 394 -27.20 2.58 -83.74
CA THR D 394 -28.07 2.28 -84.87
C THR D 394 -29.37 3.07 -84.79
N SER D 412 -17.21 4.29 -88.56
CA SER D 412 -16.95 4.79 -87.21
C SER D 412 -16.79 3.63 -86.23
N VAL D 413 -16.87 2.41 -86.76
CA VAL D 413 -16.72 1.23 -85.90
C VAL D 413 -15.36 1.16 -85.22
N PRO D 414 -14.23 1.42 -85.90
CA PRO D 414 -12.95 1.39 -85.18
C PRO D 414 -12.89 2.37 -84.02
N ASN D 415 -13.63 3.47 -84.08
CA ASN D 415 -13.72 4.36 -82.93
C ASN D 415 -14.39 3.66 -81.76
N LEU D 416 -15.41 2.85 -82.03
CA LEU D 416 -16.10 2.13 -80.97
C LEU D 416 -15.19 1.12 -80.29
N LEU D 417 -14.35 0.42 -81.08
CA LEU D 417 -13.50 -0.61 -80.50
C LEU D 417 -12.48 -0.02 -79.55
N ARG D 418 -11.88 1.12 -79.90
CA ARG D 418 -10.90 1.74 -79.00
C ARG D 418 -11.56 2.16 -77.69
N ASN D 419 -12.75 2.76 -77.77
CA ASN D 419 -13.46 3.16 -76.56
C ASN D 419 -13.78 1.94 -75.69
N ALA D 420 -14.19 0.84 -76.32
CA ALA D 420 -14.40 -0.40 -75.58
C ALA D 420 -13.09 -0.90 -74.96
N LEU D 421 -12.00 -0.83 -75.72
CA LEU D 421 -10.70 -1.28 -75.22
C LEU D 421 -10.07 -0.29 -74.27
N TYR D 422 -10.49 0.97 -74.28
CA TYR D 422 -9.83 2.00 -73.47
C TYR D 422 -10.07 1.76 -71.99
N GLY D 423 -11.33 1.77 -71.56
CA GLY D 423 -11.65 1.66 -70.14
C GLY D 423 -11.33 0.32 -69.52
N SER D 424 -10.97 -0.68 -70.32
CA SER D 424 -10.66 -2.01 -69.82
C SER D 424 -9.16 -2.17 -69.56
N MET D 425 -8.33 -1.88 -70.56
CA MET D 425 -6.88 -2.03 -70.45
C MET D 425 -6.18 -0.73 -70.12
N LEU D 426 -6.86 0.17 -69.38
CA LEU D 426 -6.24 1.45 -69.05
C LEU D 426 -5.04 1.30 -68.12
N SER D 427 -5.04 0.24 -67.29
CA SER D 427 -3.91 0.04 -66.38
C SER D 427 -2.62 -0.21 -67.14
N SER D 428 -2.67 -1.01 -68.20
CA SER D 428 -1.47 -1.30 -68.97
C SER D 428 -1.03 -0.09 -69.79
N ILE D 429 -1.99 0.67 -70.32
CA ILE D 429 -1.65 1.85 -71.12
C ILE D 429 -0.92 2.88 -70.26
N TYR D 430 -1.42 3.10 -69.04
CA TYR D 430 -0.76 4.04 -68.13
C TYR D 430 0.64 3.55 -67.76
N ARG D 431 0.78 2.25 -67.52
CA ARG D 431 2.07 1.71 -67.09
C ARG D 431 3.08 1.69 -68.23
N ALA D 432 2.62 1.61 -69.47
CA ALA D 432 3.51 1.48 -70.62
C ALA D 432 4.07 2.82 -71.10
N GLY D 433 3.66 3.94 -70.51
CA GLY D 433 4.15 5.22 -70.92
C GLY D 433 3.49 5.79 -72.16
N LEU D 434 2.35 5.25 -72.57
CA LEU D 434 1.63 5.72 -73.74
C LEU D 434 0.71 6.88 -73.35
N ASN D 435 -0.07 7.36 -74.32
CA ASN D 435 -1.05 8.41 -74.06
C ASN D 435 -2.28 7.80 -73.42
N TYR D 436 -2.58 8.22 -72.19
CA TYR D 436 -3.62 7.59 -71.39
C TYR D 436 -4.85 8.44 -71.14
N GLU D 437 -4.83 9.72 -71.53
CA GLU D 437 -6.03 10.53 -71.42
C GLU D 437 -7.13 9.97 -72.32
N GLN D 438 -8.39 10.09 -71.86
CA GLN D 438 -9.48 9.41 -72.56
C GLN D 438 -9.67 9.93 -73.97
N HIS D 439 -9.63 11.24 -74.16
CA HIS D 439 -9.89 11.85 -75.45
C HIS D 439 -8.66 12.61 -75.94
N ARG D 440 -8.84 13.37 -77.02
CA ARG D 440 -7.79 14.18 -77.62
C ARG D 440 -6.62 13.31 -78.09
N PHE D 441 -6.93 12.39 -79.00
CA PHE D 441 -5.94 11.66 -79.77
C PHE D 441 -5.90 12.22 -81.19
N GLY D 442 -4.69 12.52 -81.67
CA GLY D 442 -4.53 13.10 -82.99
C GLY D 442 -3.45 12.37 -83.78
N MET D 443 -3.47 12.62 -85.08
CA MET D 443 -2.44 12.07 -85.97
C MET D 443 -1.05 12.48 -85.52
N ASP D 444 -0.91 13.67 -84.93
CA ASP D 444 0.38 14.12 -84.45
C ASP D 444 0.84 13.35 -83.21
N SER D 445 -0.10 12.96 -82.35
CA SER D 445 0.27 12.27 -81.12
C SER D 445 0.43 10.76 -81.33
N LEU D 446 -0.30 10.19 -82.29
CA LEU D 446 -0.24 8.74 -82.49
C LEU D 446 1.15 8.29 -82.90
N CYS D 447 1.82 9.07 -83.75
CA CYS D 447 3.16 8.69 -84.19
C CYS D 447 4.14 8.67 -83.02
N LYS D 448 3.90 9.49 -81.99
CA LYS D 448 4.76 9.46 -80.82
C LYS D 448 4.56 8.19 -80.02
N ASP D 449 3.32 7.71 -79.92
CA ASP D 449 3.04 6.50 -79.16
C ASP D 449 3.68 5.27 -79.80
N ILE D 450 3.67 5.21 -81.13
CA ILE D 450 4.27 4.06 -81.82
C ILE D 450 5.77 4.00 -81.54
N PHE D 451 6.45 5.14 -81.59
CA PHE D 451 7.90 5.14 -81.37
C PHE D 451 8.24 4.76 -79.93
N THR D 452 7.48 5.26 -78.96
CA THR D 452 7.77 4.94 -77.57
C THR D 452 7.36 3.52 -77.19
N TYR D 453 6.53 2.87 -78.00
CA TYR D 453 6.21 1.47 -77.77
C TYR D 453 7.24 0.55 -78.42
N VAL D 454 7.78 0.96 -79.58
CA VAL D 454 8.79 0.16 -80.26
C VAL D 454 10.07 0.08 -79.42
N LYS D 455 10.45 1.19 -78.79
CA LYS D 455 11.69 1.21 -78.01
C LYS D 455 11.62 0.21 -76.86
N GLN D 456 10.49 0.17 -76.15
CA GLN D 456 10.34 -0.80 -75.06
C GLN D 456 10.34 -2.23 -75.59
N ASP D 457 9.69 -2.46 -76.73
CA ASP D 457 9.71 -3.79 -77.34
C ASP D 457 11.11 -4.17 -77.82
N ARG D 458 11.97 -3.18 -78.10
CA ARG D 458 13.36 -3.41 -78.50
C ARG D 458 13.46 -4.22 -79.79
N ASP D 459 12.44 -4.13 -80.64
CA ASP D 459 12.43 -4.81 -81.94
C ASP D 459 12.11 -3.78 -83.01
N PHE D 460 13.14 -3.30 -83.69
CA PHE D 460 13.01 -2.26 -84.71
C PHE D 460 12.57 -2.80 -86.07
N ASN D 461 12.09 -4.04 -86.12
CA ASN D 461 11.61 -4.62 -87.38
C ASN D 461 10.15 -5.05 -87.33
N THR D 462 9.67 -5.56 -86.19
CA THR D 462 8.27 -5.91 -86.04
C THR D 462 7.42 -4.78 -85.48
N GLY D 463 8.04 -3.65 -85.14
CA GLY D 463 7.33 -2.53 -84.56
C GLY D 463 6.17 -2.04 -85.38
N PHE D 464 6.45 -1.51 -86.57
CA PHE D 464 5.38 -0.98 -87.42
C PHE D 464 4.41 -2.07 -87.86
N TYR D 465 4.82 -3.33 -87.86
CA TYR D 465 3.90 -4.42 -88.13
C TYR D 465 2.82 -4.50 -87.06
N LEU D 466 3.20 -4.24 -85.80
CA LEU D 466 2.26 -4.08 -84.69
C LEU D 466 1.49 -5.38 -84.43
N ARG D 467 2.23 -6.43 -84.14
CA ARG D 467 1.74 -7.72 -83.69
C ARG D 467 1.93 -7.83 -82.19
N PRO D 468 1.16 -8.70 -81.49
CA PRO D 468 1.31 -8.81 -80.04
C PRO D 468 2.73 -9.19 -79.64
N GLN D 469 3.17 -10.38 -80.04
CA GLN D 469 4.57 -10.77 -80.16
C GLN D 469 5.45 -10.16 -79.07
N SER D 470 5.12 -10.46 -77.82
CA SER D 470 5.89 -9.91 -76.72
C SER D 470 5.79 -10.83 -75.51
N GLU D 471 6.71 -10.65 -74.57
CA GLU D 471 6.79 -11.42 -73.34
C GLU D 471 6.53 -10.55 -72.13
N SER D 472 5.56 -9.64 -72.25
CA SER D 472 5.17 -8.78 -71.15
C SER D 472 3.70 -8.42 -71.34
N GLU D 473 2.86 -8.81 -70.38
CA GLU D 473 1.42 -8.60 -70.53
C GLU D 473 1.06 -7.12 -70.62
N ALA D 474 1.89 -6.24 -70.08
CA ALA D 474 1.67 -4.80 -70.28
C ALA D 474 1.88 -4.43 -71.74
N LEU D 475 3.02 -4.83 -72.32
CA LEU D 475 3.29 -4.51 -73.71
C LEU D 475 2.37 -5.29 -74.65
N ARG D 476 2.05 -6.53 -74.29
CA ARG D 476 1.19 -7.34 -75.15
C ARG D 476 -0.21 -6.78 -75.23
N ASN D 477 -0.75 -6.30 -74.11
CA ASN D 477 -2.13 -5.82 -74.09
C ASN D 477 -2.30 -4.52 -74.88
N CYS D 478 -1.29 -3.65 -74.86
CA CYS D 478 -1.39 -2.38 -75.57
C CYS D 478 -1.14 -2.51 -77.07
N SER D 479 -0.64 -3.67 -77.53
CA SER D 479 -0.36 -3.83 -78.95
C SER D 479 -1.63 -3.74 -79.78
N ILE D 480 -2.72 -4.37 -79.32
CA ILE D 480 -3.98 -4.29 -80.04
C ILE D 480 -4.55 -2.89 -79.96
N TYR D 481 -4.29 -2.17 -78.87
CA TYR D 481 -4.82 -0.81 -78.71
C TYR D 481 -4.28 0.12 -79.78
N LEU D 482 -2.97 0.05 -80.06
CA LEU D 482 -2.38 0.91 -81.07
C LEU D 482 -2.96 0.63 -82.45
N ALA D 483 -3.16 -0.65 -82.78
CA ALA D 483 -3.70 -1.00 -84.09
C ALA D 483 -5.13 -0.49 -84.26
N SER D 484 -5.93 -0.51 -83.19
CA SER D 484 -7.26 0.07 -83.26
C SER D 484 -7.19 1.57 -83.47
N GLN D 485 -6.27 2.24 -82.77
CA GLN D 485 -6.12 3.68 -82.93
C GLN D 485 -5.59 4.04 -84.31
N VAL D 486 -4.66 3.25 -84.84
CA VAL D 486 -4.11 3.52 -86.16
C VAL D 486 -5.20 3.41 -87.22
N SER D 487 -6.05 2.39 -87.12
CA SER D 487 -7.11 2.19 -88.10
C SER D 487 -8.15 3.30 -88.04
N GLU D 488 -8.49 3.77 -86.85
CA GLU D 488 -9.56 4.75 -86.72
C GLU D 488 -9.16 6.13 -87.25
N ASN D 489 -7.89 6.52 -87.05
CA ASN D 489 -7.43 7.80 -87.56
C ASN D 489 -7.06 7.73 -89.03
N CYS D 490 -6.31 6.70 -89.42
CA CYS D 490 -5.89 6.52 -90.81
C CYS D 490 -6.96 5.76 -91.60
N GLN D 491 -8.10 6.43 -91.76
CA GLN D 491 -9.21 5.86 -92.51
C GLN D 491 -9.96 6.99 -93.21
N GLY D 492 -10.17 6.84 -94.52
CA GLY D 492 -10.88 7.86 -95.26
C GLY D 492 -10.09 9.12 -95.51
N SER D 493 -8.78 9.12 -95.26
CA SER D 493 -7.96 10.31 -95.42
C SER D 493 -6.60 9.91 -95.95
N LEU D 494 -6.35 10.18 -97.23
CA LEU D 494 -5.05 9.87 -97.81
C LEU D 494 -3.96 10.76 -97.24
N SER D 495 -4.31 11.96 -96.77
CA SER D 495 -3.32 12.85 -96.18
C SER D 495 -2.70 12.22 -94.93
N LYS D 496 -3.53 11.63 -94.07
CA LYS D 496 -3.01 10.98 -92.88
C LYS D 496 -2.35 9.65 -93.22
N PHE D 497 -2.93 8.91 -94.18
CA PHE D 497 -2.35 7.63 -94.58
C PHE D 497 -0.92 7.82 -95.09
N LEU D 498 -0.73 8.73 -96.04
CA LEU D 498 0.61 9.02 -96.54
C LEU D 498 1.47 9.62 -95.44
N GLN D 499 0.86 10.27 -94.45
CA GLN D 499 1.62 10.73 -93.29
C GLN D 499 1.97 9.55 -92.37
N MET D 500 1.04 8.60 -92.21
CA MET D 500 1.33 7.40 -91.44
C MET D 500 2.42 6.58 -92.12
N LEU D 501 2.34 6.44 -93.44
CA LEU D 501 3.29 5.61 -94.18
C LEU D 501 4.70 6.17 -94.13
N LEU D 502 4.85 7.47 -93.88
CA LEU D 502 6.15 8.13 -93.96
C LEU D 502 6.74 8.52 -92.61
N VAL D 503 5.90 8.84 -91.63
CA VAL D 503 6.36 9.33 -90.33
C VAL D 503 6.24 8.26 -89.25
N GLY D 504 5.08 7.59 -89.18
CA GLY D 504 4.88 6.59 -88.15
C GLY D 504 5.80 5.39 -88.30
N CYS D 505 5.96 4.91 -89.53
CA CYS D 505 6.84 3.77 -89.80
C CYS D 505 8.19 4.16 -90.39
N GLY D 506 8.25 5.24 -91.16
CA GLY D 506 9.52 5.64 -91.75
C GLY D 506 10.55 6.04 -90.72
N SER D 507 10.11 6.69 -89.63
CA SER D 507 11.05 7.17 -88.63
C SER D 507 11.80 6.03 -87.93
N VAL D 508 11.26 4.82 -87.97
CA VAL D 508 11.91 3.69 -87.31
C VAL D 508 12.98 3.08 -88.21
N SER D 509 12.63 2.79 -89.46
CA SER D 509 13.56 2.14 -90.37
C SER D 509 14.77 3.02 -90.64
N ILE D 510 14.56 4.32 -90.80
CA ILE D 510 15.68 5.24 -91.01
C ILE D 510 16.59 5.25 -89.79
N PHE D 511 16.01 5.28 -88.60
CA PHE D 511 16.81 5.31 -87.37
C PHE D 511 17.63 4.03 -87.22
N ASN D 512 17.03 2.89 -87.53
CA ASN D 512 17.71 1.61 -87.29
C ASN D 512 18.95 1.47 -88.16
N GLN D 513 18.82 1.71 -89.46
CA GLN D 513 19.93 1.45 -90.37
C GLN D 513 21.02 2.51 -90.27
N PHE D 514 20.65 3.75 -89.95
CA PHE D 514 21.58 4.88 -90.08
C PHE D 514 22.11 5.41 -88.77
N VAL D 515 21.40 5.22 -87.65
CA VAL D 515 21.76 5.87 -86.40
C VAL D 515 22.16 4.87 -85.31
N THR D 516 21.61 3.65 -85.33
CA THR D 516 21.83 2.72 -84.23
C THR D 516 23.31 2.35 -84.08
N GLU D 517 24.00 2.15 -85.21
CA GLU D 517 25.39 1.71 -85.15
C GLU D 517 26.32 2.75 -84.54
N LEU D 518 25.85 3.98 -84.37
CA LEU D 518 26.67 5.00 -83.74
C LEU D 518 27.02 4.62 -82.31
N ALA D 519 26.04 4.12 -81.56
CA ALA D 519 26.27 3.66 -80.20
C ALA D 519 25.34 2.48 -79.94
N ARG D 520 25.91 1.30 -79.72
CA ARG D 520 25.12 0.10 -79.53
C ARG D 520 24.40 0.14 -78.18
N ALA D 521 23.39 -0.73 -78.04
CA ALA D 521 22.54 -0.70 -76.87
C ALA D 521 23.29 -1.21 -75.63
N GLU D 522 23.79 -2.44 -75.67
CA GLU D 522 24.40 -3.04 -74.49
C GLU D 522 25.72 -2.38 -74.12
N ASN D 523 26.34 -1.62 -75.03
CA ASN D 523 27.54 -0.88 -74.67
C ASN D 523 27.25 0.18 -73.62
N ASP D 524 26.12 0.89 -73.78
CA ASP D 524 25.70 1.91 -72.83
C ASP D 524 24.20 2.05 -72.93
N ARG D 525 23.47 1.77 -71.84
CA ARG D 525 22.03 1.95 -71.84
C ARG D 525 21.60 3.37 -71.53
N GLU D 526 22.54 4.26 -71.22
CA GLU D 526 22.24 5.67 -71.02
C GLU D 526 22.59 6.52 -72.24
N LYS D 527 23.59 6.12 -73.02
CA LYS D 527 23.91 6.82 -74.24
C LYS D 527 22.91 6.50 -75.35
N PHE D 528 22.43 5.25 -75.40
CA PHE D 528 21.45 4.87 -76.41
C PHE D 528 20.15 5.64 -76.23
N GLU D 529 19.64 5.69 -74.99
CA GLU D 529 18.39 6.40 -74.74
C GLU D 529 18.55 7.89 -75.00
N GLN D 530 19.68 8.47 -74.60
CA GLN D 530 19.92 9.90 -74.82
C GLN D 530 19.89 10.23 -76.31
N LEU D 531 20.39 9.32 -77.14
CA LEU D 531 20.33 9.53 -78.59
C LEU D 531 18.88 9.63 -79.06
N ILE D 532 18.00 8.80 -78.52
CA ILE D 532 16.59 8.85 -78.88
C ILE D 532 15.98 10.19 -78.50
N SER D 533 16.41 10.77 -77.38
CA SER D 533 15.91 12.08 -76.98
C SER D 533 16.32 13.15 -77.97
N GLU D 534 17.54 13.09 -78.50
CA GLU D 534 17.97 14.06 -79.49
C GLU D 534 17.33 13.78 -80.85
N TYR D 535 17.17 12.50 -81.20
CA TYR D 535 16.65 12.16 -82.52
C TYR D 535 15.22 12.66 -82.69
N VAL D 536 14.38 12.51 -81.68
CA VAL D 536 12.98 12.92 -81.80
C VAL D 536 12.87 14.44 -81.93
N ALA D 537 13.74 15.18 -81.23
CA ALA D 537 13.69 16.63 -81.32
C ALA D 537 14.14 17.12 -82.69
N TYR D 538 15.28 16.60 -83.17
CA TYR D 538 15.78 17.02 -84.48
C TYR D 538 14.86 16.58 -85.60
N MET D 539 14.36 15.34 -85.54
CA MET D 539 13.53 14.82 -86.62
C MET D 539 12.07 15.27 -86.49
N SER D 540 11.71 15.93 -85.39
CA SER D 540 10.39 16.52 -85.20
C SER D 540 9.28 15.48 -85.29
N VAL D 541 9.54 14.29 -84.77
CA VAL D 541 8.54 13.23 -84.74
C VAL D 541 7.68 13.38 -83.48
N GLY D 542 6.37 13.19 -83.63
CA GLY D 542 5.45 13.38 -82.54
C GLY D 542 4.93 14.79 -82.38
N ARG D 543 5.57 15.77 -83.01
CA ARG D 543 5.13 17.17 -83.01
C ARG D 543 5.18 17.73 -84.42
N ILE D 544 4.91 16.87 -85.41
CA ILE D 544 5.05 17.25 -86.81
C ILE D 544 4.10 18.41 -87.15
N GLU D 545 4.46 19.14 -88.20
CA GLU D 545 3.66 20.26 -88.66
C GLU D 545 3.37 20.14 -90.15
N SER D 546 4.22 19.42 -90.87
CA SER D 546 4.07 19.23 -92.31
C SER D 546 4.83 17.99 -92.73
N ALA D 547 4.20 17.18 -93.59
CA ALA D 547 4.86 15.98 -94.09
C ALA D 547 6.06 16.33 -94.95
N SER D 548 5.96 17.42 -95.74
CA SER D 548 7.06 17.80 -96.61
C SER D 548 8.31 18.17 -95.80
N HIS D 549 8.13 18.87 -94.68
CA HIS D 549 9.27 19.21 -93.84
C HIS D 549 9.94 17.96 -93.29
N TRP D 550 9.15 16.93 -92.99
CA TRP D 550 9.73 15.66 -92.57
C TRP D 550 10.64 15.08 -93.65
N ALA D 551 10.16 15.05 -94.90
CA ALA D 551 10.94 14.50 -95.98
C ALA D 551 12.21 15.31 -96.23
N ASN D 552 12.17 16.61 -95.96
CA ASN D 552 13.37 17.42 -96.08
C ASN D 552 14.40 17.05 -95.02
N ARG D 553 13.95 16.68 -93.83
CA ARG D 553 14.87 16.35 -92.74
C ARG D 553 15.55 15.00 -92.95
N CYS D 554 14.79 14.00 -93.40
CA CYS D 554 15.38 12.67 -93.57
C CYS D 554 16.44 12.64 -94.66
N CYS D 555 16.43 13.61 -95.56
CA CYS D 555 17.49 13.69 -96.57
C CYS D 555 18.84 13.93 -95.91
N ALA D 556 18.88 14.84 -94.92
CA ALA D 556 20.15 15.17 -94.27
C ALA D 556 20.71 13.99 -93.50
N VAL D 557 19.86 13.30 -92.73
CA VAL D 557 20.34 12.22 -91.87
C VAL D 557 20.88 11.06 -92.69
N VAL D 558 20.35 10.85 -93.90
CA VAL D 558 20.85 9.79 -94.77
C VAL D 558 22.30 10.04 -95.15
N ALA D 559 22.62 11.29 -95.48
CA ALA D 559 23.96 11.63 -95.96
C ALA D 559 25.00 11.67 -94.84
N ASN D 560 24.61 11.52 -93.58
CA ASN D 560 25.56 11.59 -92.48
C ASN D 560 26.59 10.46 -92.52
N SER D 561 26.30 9.36 -93.22
CA SER D 561 27.20 8.22 -93.31
C SER D 561 27.41 7.89 -94.78
N PRO D 562 28.30 8.62 -95.46
CA PRO D 562 28.57 8.32 -96.87
C PRO D 562 29.19 6.94 -97.03
N ASN D 563 28.82 6.27 -98.11
CA ASN D 563 29.35 4.95 -98.39
C ASN D 563 30.83 5.01 -98.73
N ASP D 564 31.52 3.87 -98.54
CA ASP D 564 32.96 3.83 -98.74
C ASP D 564 33.34 4.13 -100.18
N GLU D 565 32.45 3.83 -101.13
CA GLU D 565 32.73 4.14 -102.53
C GLU D 565 32.77 5.64 -102.80
N LYS D 566 32.20 6.45 -101.91
CA LYS D 566 32.17 7.90 -102.04
C LYS D 566 31.52 8.32 -103.37
N ILE D 567 30.23 8.00 -103.48
CA ILE D 567 29.44 8.35 -104.66
C ILE D 567 28.22 9.14 -104.19
N GLY D 568 27.68 9.96 -105.08
CA GLY D 568 26.55 10.80 -104.76
C GLY D 568 25.21 10.12 -104.79
N VAL D 569 25.16 8.83 -105.10
CA VAL D 569 23.91 8.06 -105.08
C VAL D 569 23.72 7.47 -103.69
N PHE D 570 22.47 7.45 -103.23
CA PHE D 570 22.15 7.00 -101.88
C PHE D 570 20.89 6.15 -101.93
N LEU D 571 20.29 5.92 -100.76
CA LEU D 571 19.16 5.01 -100.62
C LEU D 571 18.04 5.35 -101.61
N GLY D 572 17.48 6.55 -101.48
CA GLY D 572 16.40 6.96 -102.36
C GLY D 572 16.66 8.31 -102.99
N MET D 573 17.90 8.77 -102.93
CA MET D 573 18.26 10.10 -103.39
C MET D 573 19.55 10.03 -104.19
N VAL D 574 19.72 10.99 -105.10
CA VAL D 574 20.95 11.20 -105.84
C VAL D 574 21.35 12.66 -105.70
N GLN D 575 22.61 12.91 -105.35
CA GLN D 575 23.08 14.26 -105.07
C GLN D 575 23.58 14.89 -106.36
N LEU D 576 22.84 15.86 -106.88
CA LEU D 576 23.30 16.62 -108.03
C LEU D 576 24.43 17.55 -107.62
N ASN D 577 25.17 18.03 -108.61
CA ASN D 577 26.30 18.94 -108.38
C ASN D 577 25.83 20.37 -108.54
N ARG D 578 25.97 21.16 -107.48
CA ARG D 578 25.51 22.55 -107.50
C ARG D 578 26.41 23.45 -108.33
N LYS D 579 27.71 23.16 -108.34
CA LYS D 579 28.69 23.97 -109.07
C LYS D 579 29.25 23.15 -110.23
N SER D 580 29.32 23.78 -111.40
CA SER D 580 29.82 23.09 -112.58
C SER D 580 31.29 22.70 -112.40
N ARG D 581 31.63 21.49 -112.82
CA ARG D 581 33.00 21.01 -112.72
C ARG D 581 33.82 21.50 -113.91
N GLN D 582 35.08 21.09 -113.95
CA GLN D 582 36.01 21.60 -114.96
C GLN D 582 35.84 20.89 -116.30
N HIS D 583 36.09 19.58 -116.32
CA HIS D 583 36.13 18.81 -117.56
C HIS D 583 35.06 17.73 -117.51
N MET D 584 34.06 17.83 -118.39
CA MET D 584 33.03 16.81 -118.51
C MET D 584 33.33 15.97 -119.75
N PRO D 585 33.66 14.69 -119.60
CA PRO D 585 33.95 13.87 -120.79
C PRO D 585 32.77 13.79 -121.76
N GLY D 586 31.54 13.85 -121.26
CA GLY D 586 30.36 13.84 -122.10
C GLY D 586 29.65 15.18 -122.11
N GLY D 587 28.45 15.17 -122.66
CA GLY D 587 27.64 16.37 -122.72
C GLY D 587 26.90 16.66 -121.43
N TYR D 588 27.64 16.74 -120.32
CA TYR D 588 27.07 16.99 -119.01
C TYR D 588 27.27 18.44 -118.60
N LYS D 589 26.44 18.88 -117.65
CA LYS D 589 26.43 20.28 -117.24
C LYS D 589 25.80 20.38 -115.86
N LYS D 590 25.71 21.60 -115.34
CA LYS D 590 25.03 21.84 -114.08
C LYS D 590 23.52 21.67 -114.26
N PHE D 591 22.82 21.57 -113.12
CA PHE D 591 21.42 21.18 -113.15
C PHE D 591 20.56 22.23 -113.85
N ASN D 592 20.69 23.50 -113.44
CA ASN D 592 19.98 24.61 -114.07
C ASN D 592 18.47 24.40 -114.02
N ILE D 593 17.96 24.48 -112.78
CA ILE D 593 16.56 24.20 -112.44
C ILE D 593 15.55 24.82 -113.40
N ASP D 594 15.86 26.00 -113.94
CA ASP D 594 14.89 26.72 -114.77
C ASP D 594 14.77 26.15 -116.18
N THR D 595 15.61 25.18 -116.55
CA THR D 595 15.61 24.68 -117.93
C THR D 595 14.30 23.99 -118.29
N GLU D 596 13.64 23.37 -117.32
CA GLU D 596 12.48 22.54 -117.59
C GLU D 596 11.27 23.41 -117.93
N ASN D 597 10.11 22.76 -118.11
CA ASN D 597 8.87 23.42 -118.46
C ASN D 597 7.95 23.46 -117.23
N GLY D 598 6.80 24.11 -117.40
CA GLY D 598 5.87 24.34 -116.32
C GLY D 598 5.53 23.14 -115.45
N LEU D 599 4.90 22.13 -116.03
CA LEU D 599 4.53 20.95 -115.25
C LEU D 599 5.77 20.23 -114.73
N ALA D 600 6.82 20.14 -115.55
CA ALA D 600 8.06 19.51 -115.10
C ALA D 600 8.68 20.29 -113.95
N LYS D 601 8.65 21.63 -114.03
CA LYS D 601 9.19 22.45 -112.95
C LYS D 601 8.40 22.27 -111.66
N ALA D 602 7.11 22.01 -111.77
CA ALA D 602 6.28 21.82 -110.58
C ALA D 602 6.74 20.61 -109.79
N ALA D 603 6.99 19.49 -110.47
CA ALA D 603 7.44 18.29 -109.78
C ALA D 603 8.90 18.42 -109.36
N MET D 604 9.75 18.95 -110.23
CA MET D 604 11.18 19.02 -109.93
C MET D 604 11.46 19.92 -108.75
N ALA D 605 10.79 21.08 -108.68
CA ALA D 605 11.04 22.00 -107.58
C ALA D 605 10.73 21.37 -106.24
N SER D 606 9.66 20.58 -106.17
CA SER D 606 9.34 19.86 -104.94
C SER D 606 10.44 18.88 -104.58
N SER D 607 10.99 18.18 -105.57
CA SER D 607 12.05 17.21 -105.32
C SER D 607 13.30 17.90 -104.77
N LEU D 608 13.64 19.06 -105.31
CA LEU D 608 14.88 19.73 -104.95
C LEU D 608 14.90 20.08 -103.46
N SER D 609 16.05 19.83 -102.83
CA SER D 609 16.24 20.14 -101.43
C SER D 609 17.71 20.45 -101.19
N THR D 610 17.98 21.15 -100.09
CA THR D 610 19.32 21.60 -99.76
C THR D 610 19.61 21.34 -98.29
N VAL D 611 20.82 20.88 -98.00
CA VAL D 611 21.27 20.59 -96.64
C VAL D 611 22.49 21.45 -96.34
N ALA D 612 22.44 22.18 -95.22
CA ALA D 612 23.53 23.07 -94.83
C ALA D 612 24.59 22.27 -94.10
N SER D 613 25.70 22.01 -94.78
CA SER D 613 26.85 21.27 -94.24
C SER D 613 28.08 22.17 -94.32
N ASN D 614 29.25 21.57 -94.12
CA ASN D 614 30.53 22.26 -94.33
C ASN D 614 30.51 23.04 -95.64
N ASN D 615 30.01 22.39 -96.70
CA ASN D 615 29.72 23.06 -97.95
C ASN D 615 28.33 22.64 -98.39
N LEU D 616 27.59 23.59 -98.97
CA LEU D 616 26.22 23.33 -99.38
C LEU D 616 26.17 22.19 -100.39
N MET D 617 25.26 21.24 -100.15
CA MET D 617 25.00 20.17 -101.11
C MET D 617 23.51 20.11 -101.39
N ASP D 618 23.19 19.66 -102.60
CA ASP D 618 21.81 19.54 -103.05
C ASP D 618 21.41 18.08 -103.11
N PHE D 619 20.12 17.82 -102.90
CA PHE D 619 19.60 16.46 -102.89
C PHE D 619 18.28 16.41 -103.63
N CYS D 620 17.98 15.25 -104.20
CA CYS D 620 16.72 15.00 -104.90
C CYS D 620 16.25 13.61 -104.50
N SER D 621 15.18 13.54 -103.71
CA SER D 621 14.72 12.29 -103.14
C SER D 621 13.25 12.07 -103.47
N VAL D 622 12.87 10.79 -103.55
CA VAL D 622 11.47 10.43 -103.75
C VAL D 622 10.63 10.79 -102.53
N PHE D 623 11.25 10.94 -101.36
CA PHE D 623 10.50 11.27 -100.15
C PHE D 623 9.80 12.61 -100.29
N ASN D 624 10.45 13.58 -100.92
CA ASN D 624 9.82 14.88 -101.12
C ASN D 624 8.58 14.75 -101.99
N LEU D 625 8.64 13.91 -103.03
CA LEU D 625 7.46 13.68 -103.86
C LEU D 625 6.32 13.07 -103.04
N ILE D 626 6.64 12.11 -102.17
CA ILE D 626 5.64 11.58 -101.25
C ILE D 626 5.13 12.68 -100.33
N GLY D 627 6.05 13.50 -99.82
CA GLY D 627 5.64 14.64 -99.01
C GLY D 627 4.84 15.67 -99.80
N ALA D 628 5.17 15.84 -101.09
CA ALA D 628 4.44 16.80 -101.91
C ALA D 628 2.99 16.41 -102.07
N ILE D 629 2.71 15.12 -102.28
CA ILE D 629 1.34 14.68 -102.43
C ILE D 629 0.57 14.82 -101.12
N ALA D 630 1.25 14.60 -99.99
CA ALA D 630 0.58 14.67 -98.69
C ALA D 630 0.06 16.07 -98.41
N ASP D 631 0.88 17.09 -98.66
CA ASP D 631 0.45 18.47 -98.38
C ASP D 631 -0.69 18.88 -99.29
N ILE D 632 -0.64 18.51 -100.57
CA ILE D 632 -1.69 18.89 -101.50
C ILE D 632 -3.01 18.26 -101.10
N SER D 633 -2.98 16.99 -100.71
CA SER D 633 -4.19 16.25 -100.37
C SER D 633 -4.83 16.87 -99.13
N ALA D 634 -5.94 17.58 -99.33
CA ALA D 634 -6.68 18.20 -98.24
C ALA D 634 -8.11 18.46 -98.71
N CYS D 635 -8.99 18.69 -97.75
CA CYS D 635 -10.40 18.94 -98.05
C CYS D 635 -10.61 20.42 -98.36
N ARG D 636 -11.82 20.72 -98.82
CA ARG D 636 -12.24 22.09 -99.16
C ARG D 636 -11.31 22.71 -100.21
N CYS D 637 -11.30 22.11 -101.40
CA CYS D 637 -10.49 22.61 -102.48
C CYS D 637 -11.10 23.89 -103.06
N GLU D 638 -10.25 24.89 -103.26
CA GLU D 638 -10.67 26.16 -103.84
C GLU D 638 -9.54 26.70 -104.71
N ARG D 639 -9.90 27.57 -105.66
CA ARG D 639 -8.92 28.09 -106.60
C ARG D 639 -7.81 28.84 -105.89
N SER D 640 -8.16 29.68 -104.91
CA SER D 640 -7.14 30.37 -104.14
C SER D 640 -6.42 29.41 -103.21
N ALA D 641 -7.13 28.43 -102.65
CA ALA D 641 -6.50 27.48 -101.74
C ALA D 641 -5.45 26.63 -102.44
N ILE D 642 -5.78 26.11 -103.62
CA ILE D 642 -4.81 25.31 -104.37
C ILE D 642 -3.64 26.16 -104.81
N THR D 643 -3.90 27.38 -105.27
CA THR D 643 -2.83 28.25 -105.76
C THR D 643 -1.82 28.54 -104.66
N ASN D 644 -2.30 28.87 -103.46
CA ASN D 644 -1.39 29.17 -102.36
C ASN D 644 -0.69 27.90 -101.88
N ALA D 645 -1.43 26.81 -101.74
CA ALA D 645 -0.84 25.55 -101.28
C ALA D 645 0.19 25.04 -102.28
N PHE D 646 -0.13 25.08 -103.57
CA PHE D 646 0.82 24.61 -104.58
C PHE D 646 2.08 25.46 -104.58
N ASN D 647 1.92 26.79 -104.50
CA ASN D 647 3.09 27.67 -104.46
C ASN D 647 3.93 27.42 -103.22
N LYS D 648 3.30 27.01 -102.11
CA LYS D 648 4.06 26.61 -100.94
C LYS D 648 4.79 25.30 -101.17
N VAL D 649 4.20 24.39 -101.94
CA VAL D 649 4.86 23.12 -102.24
C VAL D 649 6.13 23.36 -103.04
N ILE D 650 6.05 24.22 -104.07
CA ILE D 650 7.23 24.54 -104.86
C ILE D 650 8.00 25.66 -104.16
N ALA D 651 8.88 25.29 -103.24
CA ALA D 651 9.65 26.25 -102.48
C ALA D 651 11.00 25.64 -102.15
N GLN D 652 11.95 26.51 -101.83
CA GLN D 652 13.32 26.10 -101.51
C GLN D 652 13.54 26.26 -100.02
N THR D 653 13.80 25.16 -99.34
CA THR D 653 14.03 25.15 -97.90
C THR D 653 15.38 24.51 -97.59
N THR D 654 16.01 25.00 -96.54
CA THR D 654 17.30 24.50 -96.09
C THR D 654 17.15 23.82 -94.74
N CYS D 655 17.88 22.73 -94.54
CA CYS D 655 17.83 21.96 -93.31
C CYS D 655 19.23 21.80 -92.75
N ILE D 656 19.40 22.15 -91.47
CA ILE D 656 20.69 22.01 -90.82
C ILE D 656 20.97 20.54 -90.54
N VAL D 657 22.26 20.18 -90.54
CA VAL D 657 22.69 18.81 -90.27
C VAL D 657 22.35 18.45 -88.82
N PRO D 658 22.22 17.17 -88.49
CA PRO D 658 21.83 16.81 -87.13
C PRO D 658 22.89 17.24 -86.13
N PRO D 659 22.49 17.51 -84.89
CA PRO D 659 23.47 17.93 -83.88
C PRO D 659 24.53 16.89 -83.57
N TRP D 660 24.27 15.61 -83.87
CA TRP D 660 25.24 14.56 -83.64
C TRP D 660 26.18 14.36 -84.82
N SER D 661 26.07 15.19 -85.86
CA SER D 661 26.97 15.10 -87.00
C SER D 661 28.35 15.63 -86.63
N GLU D 662 29.34 15.18 -87.39
CA GLU D 662 30.71 15.64 -87.19
C GLU D 662 30.92 17.08 -87.63
N ALA D 663 29.96 17.67 -88.34
CA ALA D 663 30.04 19.03 -88.85
C ALA D 663 28.76 19.80 -88.53
N ALA D 664 28.30 19.71 -87.29
CA ALA D 664 27.12 20.42 -86.85
C ALA D 664 27.43 21.80 -86.31
N VAL D 665 28.69 22.21 -86.30
CA VAL D 665 29.09 23.51 -85.79
C VAL D 665 29.57 24.43 -86.91
N ARG D 666 30.28 23.88 -87.91
CA ARG D 666 30.76 24.71 -89.01
C ARG D 666 29.61 25.20 -89.87
N ALA D 667 28.58 24.39 -90.07
CA ALA D 667 27.42 24.81 -90.83
C ALA D 667 26.59 25.86 -90.11
N GLU D 668 26.83 26.06 -88.82
CA GLU D 668 26.16 27.12 -88.07
C GLU D 668 26.83 28.48 -88.26
N MET D 669 28.15 28.49 -88.46
CA MET D 669 28.86 29.75 -88.68
C MET D 669 28.53 30.33 -90.04
N LYS D 670 28.59 29.50 -91.09
CA LYS D 670 28.36 29.99 -92.44
C LYS D 670 26.93 30.50 -92.63
N GLY D 671 25.95 29.78 -92.09
CA GLY D 671 24.57 30.20 -92.18
C GLY D 671 23.92 29.77 -93.48
N SER D 672 22.61 30.01 -93.54
CA SER D 672 21.82 29.63 -94.71
C SER D 672 21.93 30.67 -95.82
N ASP D 701 3.19 32.91 -120.10
CA ASP D 701 3.62 33.47 -118.83
C ASP D 701 3.71 32.37 -117.76
N ASP D 702 4.46 32.66 -116.69
CA ASP D 702 4.65 31.67 -115.63
C ASP D 702 3.32 31.30 -114.99
N ALA D 703 2.45 32.28 -114.76
CA ALA D 703 1.12 31.99 -114.21
C ALA D 703 0.32 31.12 -115.17
N THR D 704 0.42 31.40 -116.48
CA THR D 704 -0.24 30.54 -117.46
C THR D 704 0.34 29.14 -117.46
N GLU D 705 1.67 29.02 -117.31
CA GLU D 705 2.29 27.71 -117.20
C GLU D 705 1.78 26.96 -115.99
N PHE D 706 1.68 27.63 -114.84
CA PHE D 706 1.15 27.00 -113.65
C PHE D 706 -0.37 26.93 -113.67
N SER D 707 -1.03 27.69 -114.55
CA SER D 707 -2.48 27.53 -114.72
C SER D 707 -2.82 26.15 -115.23
N ASP D 708 -2.03 25.64 -116.19
CA ASP D 708 -2.21 24.27 -116.65
C ASP D 708 -1.96 23.27 -115.53
N ALA D 709 -0.91 23.50 -114.73
CA ALA D 709 -0.61 22.60 -113.62
C ALA D 709 -1.71 22.62 -112.58
N ILE D 710 -2.25 23.80 -112.26
CA ILE D 710 -3.30 23.90 -111.27
C ILE D 710 -4.56 23.18 -111.73
N THR D 711 -4.93 23.35 -113.01
CA THR D 711 -6.12 22.68 -113.53
C THR D 711 -5.98 21.17 -113.44
N LYS D 712 -4.80 20.64 -113.74
CA LYS D 712 -4.57 19.21 -113.57
C LYS D 712 -4.70 18.80 -112.11
N VAL D 713 -4.12 19.59 -111.21
CA VAL D 713 -4.21 19.28 -109.79
C VAL D 713 -5.65 19.39 -109.30
N GLU D 714 -6.35 20.45 -109.71
CA GLU D 714 -7.74 20.62 -109.28
C GLU D 714 -8.63 19.52 -109.85
N GLN D 715 -8.40 19.12 -111.09
CA GLN D 715 -9.15 18.02 -111.67
C GLN D 715 -8.90 16.73 -110.91
N TRP D 716 -7.64 16.47 -110.54
CA TRP D 716 -7.31 15.27 -109.78
C TRP D 716 -7.97 15.29 -108.41
N LEU D 717 -7.86 16.40 -107.70
CA LEU D 717 -8.43 16.48 -106.35
C LEU D 717 -9.94 16.44 -106.35
N LYS D 718 -10.58 16.81 -107.45
CA LYS D 718 -12.04 16.66 -107.53
C LYS D 718 -12.44 15.20 -107.46
N ASN D 719 -11.68 14.32 -108.14
CA ASN D 719 -11.98 12.90 -108.09
C ASN D 719 -11.55 12.29 -106.76
N VAL D 720 -10.56 12.88 -106.09
CA VAL D 720 -10.09 12.34 -104.82
C VAL D 720 -11.19 12.40 -103.77
N ASN D 721 -11.92 13.51 -103.70
CA ASN D 721 -12.89 13.71 -102.63
C ASN D 721 -14.05 12.71 -102.70
N GLU D 722 -14.28 12.07 -103.84
CA GLU D 722 -15.34 11.09 -103.96
C GLU D 722 -14.86 9.65 -103.90
N ILE D 723 -13.55 9.42 -103.95
CA ILE D 723 -12.98 8.07 -103.87
C ILE D 723 -12.34 7.88 -102.50
N GLU D 724 -11.76 8.96 -101.96
CA GLU D 724 -11.04 8.87 -100.69
C GLU D 724 -11.95 8.47 -99.54
N ILE D 725 -13.27 8.60 -99.70
CA ILE D 725 -14.18 8.18 -98.64
C ILE D 725 -14.13 6.68 -98.44
N GLY D 726 -13.97 5.91 -99.51
CA GLY D 726 -14.07 4.46 -99.43
C GLY D 726 -12.81 3.73 -98.99
N ILE D 727 -11.68 4.43 -98.88
CA ILE D 727 -10.44 3.76 -98.51
C ILE D 727 -10.51 3.36 -97.04
N ARG D 728 -10.10 2.12 -96.74
CA ARG D 728 -10.14 1.56 -95.40
C ARG D 728 -8.80 0.91 -95.08
N PRO D 729 -7.77 1.72 -94.79
CA PRO D 729 -6.46 1.14 -94.48
C PRO D 729 -6.43 0.41 -93.14
N SER D 730 -5.27 -0.11 -92.77
CA SER D 730 -5.13 -0.85 -91.52
C SER D 730 -3.68 -0.74 -91.05
N ALA D 731 -3.47 -1.05 -89.77
CA ALA D 731 -2.14 -1.02 -89.20
C ALA D 731 -1.21 -2.07 -89.81
N LEU D 732 -1.76 -3.06 -90.49
CA LEU D 732 -0.95 -4.08 -91.16
C LEU D 732 -0.63 -3.69 -92.60
N LEU D 733 -1.55 -3.01 -93.27
CA LEU D 733 -1.31 -2.58 -94.65
C LEU D 733 -0.11 -1.64 -94.73
N ILE D 734 -0.03 -0.68 -93.81
CA ILE D 734 1.04 0.30 -93.86
C ILE D 734 2.39 -0.36 -93.60
N GLY D 735 2.43 -1.35 -92.71
CA GLY D 735 3.68 -2.03 -92.43
C GLY D 735 4.20 -2.83 -93.62
N LYS D 736 3.28 -3.45 -94.37
CA LYS D 736 3.70 -4.23 -95.53
C LYS D 736 4.16 -3.34 -96.67
N VAL D 737 3.45 -2.23 -96.91
CA VAL D 737 3.80 -1.35 -98.03
C VAL D 737 5.19 -0.76 -97.84
N TRP D 738 5.47 -0.27 -96.64
CA TRP D 738 6.76 0.36 -96.39
C TRP D 738 7.91 -0.63 -96.48
N SER D 739 7.73 -1.83 -95.94
CA SER D 739 8.82 -2.81 -95.92
C SER D 739 9.23 -3.21 -97.33
N ARG D 740 8.25 -3.45 -98.21
CA ARG D 740 8.56 -3.73 -99.60
C ARG D 740 9.19 -2.50 -100.27
N PHE D 741 8.64 -1.32 -100.00
CA PHE D 741 9.20 -0.10 -100.56
C PHE D 741 10.58 0.21 -100.00
N TYR D 742 10.88 -0.26 -98.78
CA TYR D 742 12.20 -0.05 -98.20
C TYR D 742 13.25 -0.92 -98.87
N PHE D 743 12.89 -2.18 -99.16
CA PHE D 743 13.84 -3.07 -99.81
C PHE D 743 14.11 -2.67 -101.25
N ASN D 744 13.09 -2.15 -101.96
CA ASN D 744 13.27 -1.78 -103.35
C ASN D 744 14.28 -0.65 -103.50
N LEU D 745 14.16 0.39 -102.67
CA LEU D 745 15.10 1.51 -102.77
C LEU D 745 16.52 1.08 -102.46
N ASN D 746 16.70 0.25 -101.42
CA ASN D 746 18.02 -0.26 -101.11
C ASN D 746 18.54 -1.16 -102.24
N ASN D 747 17.64 -1.94 -102.85
CA ASN D 747 18.06 -2.82 -103.94
C ASN D 747 18.46 -2.02 -105.17
N VAL D 748 17.69 -0.99 -105.52
CA VAL D 748 17.98 -0.21 -106.72
C VAL D 748 19.29 0.54 -106.57
N ALA D 749 19.56 1.11 -105.39
CA ALA D 749 20.74 1.93 -105.20
C ALA D 749 22.02 1.14 -105.43
N ASP D 750 22.06 -0.11 -104.98
CA ASP D 750 23.29 -0.89 -105.09
C ASP D 750 23.59 -1.29 -106.52
N GLN D 751 22.57 -1.50 -107.35
CA GLN D 751 22.80 -1.82 -108.75
C GLN D 751 23.35 -0.63 -109.51
N HIS D 752 22.83 0.57 -109.22
CA HIS D 752 23.22 1.78 -109.93
C HIS D 752 24.35 2.52 -109.25
N LYS D 753 24.96 1.93 -108.21
CA LYS D 753 26.21 2.47 -107.69
C LYS D 753 27.27 2.46 -108.77
N THR D 754 27.39 1.34 -109.48
CA THR D 754 28.21 1.22 -110.68
C THR D 754 27.33 1.52 -111.89
N ARG D 755 27.81 1.17 -113.09
CA ARG D 755 27.09 1.35 -114.35
C ARG D 755 26.93 2.81 -114.74
N LEU D 756 27.76 3.70 -114.21
CA LEU D 756 27.79 5.10 -114.62
C LEU D 756 28.95 5.28 -115.60
N TYR D 757 28.74 4.80 -116.82
CA TYR D 757 29.77 4.83 -117.84
C TYR D 757 29.91 6.24 -118.43
N ARG D 758 30.98 6.43 -119.19
CA ARG D 758 31.25 7.74 -119.79
C ARG D 758 30.14 8.13 -120.77
N ASN D 759 29.69 7.18 -121.58
CA ASN D 759 28.62 7.42 -122.56
C ASN D 759 27.28 6.89 -122.07
N ALA D 760 27.08 6.80 -120.76
CA ALA D 760 25.85 6.24 -120.20
C ALA D 760 24.64 7.13 -120.43
N GLU D 761 24.83 8.38 -120.88
CA GLU D 761 23.72 9.27 -121.11
C GLU D 761 22.79 8.73 -122.21
N HIS D 762 21.63 9.34 -122.33
CA HIS D 762 20.54 9.00 -123.24
C HIS D 762 19.88 7.67 -122.90
N GLY D 763 20.37 6.94 -121.89
CA GLY D 763 19.81 5.65 -121.57
C GLY D 763 19.97 4.69 -122.74
N ARG D 764 18.86 4.09 -123.16
CA ARG D 764 18.74 3.23 -124.33
C ARG D 764 19.50 1.92 -124.18
N MET D 765 20.17 1.68 -123.06
CA MET D 765 20.89 0.43 -122.82
C MET D 765 20.57 -0.05 -121.41
N ALA D 766 20.38 -1.37 -121.28
CA ALA D 766 20.03 -1.93 -119.99
C ALA D 766 21.12 -1.69 -118.95
N SER D 767 22.39 -1.87 -119.35
CA SER D 767 23.48 -1.64 -118.41
C SER D 767 23.72 -0.16 -118.17
N GLN D 768 23.43 0.69 -119.16
CA GLN D 768 23.66 2.11 -119.02
C GLN D 768 22.63 2.73 -118.09
N SER D 769 23.10 3.55 -117.14
CA SER D 769 22.22 4.19 -116.17
C SER D 769 22.65 5.63 -115.98
N ASN D 770 21.68 6.49 -115.71
CA ASN D 770 21.92 7.91 -115.49
C ASN D 770 21.01 8.39 -114.36
N ALA D 771 21.03 9.70 -114.10
CA ALA D 771 20.20 10.27 -113.05
C ALA D 771 18.72 10.10 -113.36
N ALA D 772 18.34 10.31 -114.63
CA ALA D 772 16.93 10.21 -114.99
C ALA D 772 16.39 8.81 -114.78
N LYS D 773 17.18 7.79 -115.14
CA LYS D 773 16.74 6.41 -114.94
C LYS D 773 16.60 6.08 -113.45
N ILE D 774 17.54 6.57 -112.64
CA ILE D 774 17.46 6.32 -111.20
C ILE D 774 16.21 6.94 -110.61
N MET D 775 15.89 8.17 -111.02
CA MET D 775 14.66 8.81 -110.56
C MET D 775 13.43 8.03 -111.02
N ARG D 776 13.45 7.55 -112.27
CA ARG D 776 12.29 6.83 -112.80
C ARG D 776 12.03 5.55 -112.01
N PHE D 777 13.08 4.78 -111.73
CA PHE D 777 12.91 3.52 -111.01
C PHE D 777 12.44 3.77 -109.57
N ASN D 778 12.98 4.79 -108.91
CA ASN D 778 12.61 5.04 -107.53
C ASN D 778 11.13 5.39 -107.40
N VAL D 779 10.60 6.19 -108.34
CA VAL D 779 9.18 6.48 -108.33
C VAL D 779 8.38 5.24 -108.69
N LEU D 780 8.87 4.45 -109.64
CA LEU D 780 8.18 3.20 -109.99
C LEU D 780 8.14 2.23 -108.83
N ALA D 781 9.18 2.24 -107.99
CA ALA D 781 9.19 1.36 -106.82
C ALA D 781 8.05 1.69 -105.86
N PHE D 782 7.82 2.99 -105.62
CA PHE D 782 6.74 3.38 -104.72
C PHE D 782 5.37 2.99 -105.28
N LEU D 783 5.16 3.20 -106.58
CA LEU D 783 3.88 2.83 -107.18
C LEU D 783 3.67 1.33 -107.19
N HIS D 784 4.73 0.56 -107.48
CA HIS D 784 4.61 -0.89 -107.52
C HIS D 784 4.32 -1.47 -106.14
N ALA D 785 5.00 -0.95 -105.12
CA ALA D 785 4.85 -1.50 -103.77
C ALA D 785 3.41 -1.35 -103.28
N VAL D 786 2.76 -0.23 -103.61
CA VAL D 786 1.38 -0.04 -103.19
C VAL D 786 0.47 -1.06 -103.87
N LEU D 787 0.68 -1.30 -105.16
CA LEU D 787 -0.23 -2.15 -105.92
C LEU D 787 -0.28 -3.57 -105.39
N VAL D 788 0.89 -4.15 -105.07
CA VAL D 788 0.93 -5.54 -104.63
C VAL D 788 0.23 -5.69 -103.28
N GLU D 789 0.53 -4.81 -102.33
CA GLU D 789 0.01 -4.97 -100.98
C GLU D 789 -1.48 -4.69 -100.92
N GLU D 790 -1.95 -3.64 -101.59
CA GLU D 790 -3.36 -3.28 -101.50
C GLU D 790 -4.27 -4.35 -102.07
N SER D 791 -3.79 -5.16 -103.01
CA SER D 791 -4.59 -6.27 -103.51
C SER D 791 -4.64 -7.42 -102.51
N LEU D 792 -3.58 -7.60 -101.71
CA LEU D 792 -3.54 -8.70 -100.75
C LEU D 792 -4.28 -8.32 -99.47
N TYR D 793 -3.86 -7.25 -98.82
CA TYR D 793 -4.34 -6.87 -97.50
C TYR D 793 -5.16 -5.59 -97.62
N HIS D 794 -6.47 -5.74 -97.84
CA HIS D 794 -7.37 -4.59 -97.84
C HIS D 794 -8.78 -5.10 -97.59
N SER D 795 -9.57 -4.30 -96.90
CA SER D 795 -10.89 -4.71 -96.43
C SER D 795 -12.01 -4.41 -97.43
N VAL D 796 -11.69 -4.26 -98.72
CA VAL D 796 -12.70 -4.05 -99.74
C VAL D 796 -12.92 -5.30 -100.58
N SER D 797 -11.87 -6.05 -100.86
CA SER D 797 -11.93 -7.26 -101.67
C SER D 797 -11.45 -8.44 -100.84
N ASP D 798 -12.28 -9.49 -100.76
CA ASP D 798 -11.92 -10.68 -100.00
C ASP D 798 -11.03 -11.64 -100.76
N ARG D 799 -10.76 -11.37 -102.04
CA ARG D 799 -9.92 -12.23 -102.87
C ARG D 799 -8.74 -11.43 -103.40
N GLU D 800 -7.75 -12.16 -103.93
CA GLU D 800 -6.56 -11.57 -104.52
C GLU D 800 -6.57 -11.81 -106.02
N TYR D 801 -6.36 -10.74 -106.79
CA TYR D 801 -6.35 -10.83 -108.24
C TYR D 801 -4.96 -11.00 -108.82
N ILE D 802 -3.93 -11.11 -107.97
CA ILE D 802 -2.56 -11.30 -108.46
C ILE D 802 -2.43 -12.64 -109.18
N GLY D 803 -3.01 -13.69 -108.60
CA GLY D 803 -2.87 -15.02 -109.17
C GLY D 803 -1.78 -15.83 -108.52
N GLU D 804 -1.12 -16.69 -109.29
CA GLU D 804 -0.03 -17.51 -108.80
C GLU D 804 1.26 -17.09 -109.49
N GLY D 805 2.28 -16.77 -108.71
CA GLY D 805 3.55 -16.38 -109.28
C GLY D 805 4.50 -15.95 -108.18
N LEU D 806 5.78 -15.87 -108.56
CA LEU D 806 6.85 -15.43 -107.67
C LEU D 806 7.03 -13.93 -107.86
N ARG D 807 6.72 -13.16 -106.81
CA ARG D 807 6.74 -11.71 -106.91
C ARG D 807 8.15 -11.17 -106.68
N LEU D 808 8.59 -10.30 -107.59
CA LEU D 808 9.90 -9.66 -107.47
C LEU D 808 9.77 -8.15 -107.58
N ASN D 809 10.90 -7.44 -107.67
CA ASN D 809 10.90 -6.00 -107.70
C ASN D 809 11.44 -5.50 -109.03
N PRO D 810 10.79 -4.52 -109.68
CA PRO D 810 11.36 -3.93 -110.89
C PRO D 810 12.57 -3.06 -110.58
N VAL D 811 13.71 -3.70 -110.33
CA VAL D 811 14.90 -2.95 -109.92
C VAL D 811 15.54 -2.25 -111.11
N THR D 812 15.94 -3.02 -112.12
CA THR D 812 16.65 -2.47 -113.27
C THR D 812 15.89 -2.75 -114.57
N SER D 813 14.57 -2.86 -114.49
CA SER D 813 13.76 -3.13 -115.68
C SER D 813 12.34 -2.64 -115.42
N VAL D 814 11.50 -2.77 -116.44
CA VAL D 814 10.09 -2.42 -116.34
C VAL D 814 9.19 -3.64 -116.47
N ASP D 815 9.73 -4.79 -116.85
CA ASP D 815 8.90 -5.98 -117.09
C ASP D 815 8.12 -6.38 -115.85
N GLU D 816 8.76 -6.34 -114.68
CA GLU D 816 8.12 -6.85 -113.47
C GLU D 816 6.84 -6.09 -113.14
N PHE D 817 6.87 -4.76 -113.27
CA PHE D 817 5.69 -3.98 -112.91
C PHE D 817 4.57 -4.15 -113.92
N GLU D 818 4.90 -4.12 -115.22
CA GLU D 818 3.85 -4.07 -116.23
C GLU D 818 3.10 -5.40 -116.34
N LYS D 819 3.79 -6.53 -116.11
CA LYS D 819 3.12 -7.82 -116.22
C LYS D 819 2.04 -7.97 -115.14
N LYS D 820 2.33 -7.50 -113.92
CA LYS D 820 1.34 -7.59 -112.85
C LYS D 820 0.11 -6.76 -113.17
N ILE D 821 0.30 -5.55 -113.69
CA ILE D 821 -0.84 -4.71 -114.06
C ILE D 821 -1.66 -5.38 -115.16
N LYS D 822 -0.99 -6.06 -116.09
CA LYS D 822 -1.72 -6.73 -117.17
C LYS D 822 -2.61 -7.85 -116.62
N ILE D 823 -2.11 -8.61 -115.65
CA ILE D 823 -2.86 -9.75 -115.13
C ILE D 823 -4.15 -9.29 -114.47
N ILE D 824 -4.10 -8.18 -113.73
CA ILE D 824 -5.27 -7.68 -113.02
C ILE D 824 -6.38 -7.34 -113.99
N GLY D 825 -6.02 -6.99 -115.23
CA GLY D 825 -7.03 -6.57 -116.20
C GLY D 825 -8.04 -7.67 -116.53
N GLU D 826 -7.54 -8.88 -116.80
CA GLU D 826 -8.45 -9.96 -117.19
C GLU D 826 -9.36 -10.37 -116.05
N LYS D 827 -8.83 -10.45 -114.83
CA LYS D 827 -9.64 -10.86 -113.69
C LYS D 827 -10.77 -9.88 -113.44
N LEU D 828 -10.47 -8.58 -113.53
CA LEU D 828 -11.51 -7.57 -113.36
C LEU D 828 -12.55 -7.65 -114.48
N LYS D 829 -12.10 -7.81 -115.72
CA LYS D 829 -13.03 -7.87 -116.84
C LYS D 829 -13.89 -9.13 -116.76
N ALA D 830 -13.28 -10.27 -116.42
CA ALA D 830 -14.05 -11.51 -116.30
C ALA D 830 -15.07 -11.42 -115.17
N ASP D 831 -14.70 -10.81 -114.06
CA ASP D 831 -15.58 -10.64 -112.90
C ASP D 831 -16.29 -9.29 -112.92
N ASN D 832 -16.31 -8.60 -114.06
CA ASN D 832 -16.99 -7.34 -114.35
C ASN D 832 -17.05 -6.39 -113.15
N LYS D 833 -15.90 -6.18 -112.50
CA LYS D 833 -15.76 -5.16 -111.46
C LYS D 833 -14.99 -3.97 -112.03
N THR D 834 -14.68 -3.00 -111.17
CA THR D 834 -13.99 -1.79 -111.58
C THR D 834 -12.67 -1.66 -110.82
N TRP D 835 -11.73 -0.96 -111.46
CA TRP D 835 -10.43 -0.73 -110.83
C TRP D 835 -10.58 0.10 -109.56
N LYS D 836 -11.41 1.14 -109.60
CA LYS D 836 -11.51 2.06 -108.48
C LYS D 836 -12.14 1.40 -107.26
N ASN D 837 -13.25 0.69 -107.45
CA ASN D 837 -13.95 0.09 -106.32
C ASN D 837 -13.17 -1.08 -105.70
N THR D 838 -12.23 -1.66 -106.45
CA THR D 838 -11.44 -2.78 -105.95
C THR D 838 -10.04 -2.36 -105.52
N HIS D 839 -9.43 -1.40 -106.22
CA HIS D 839 -8.09 -0.92 -105.91
C HIS D 839 -8.11 0.60 -105.88
N PRO D 840 -8.72 1.19 -104.84
CA PRO D 840 -8.83 2.65 -104.82
C PRO D 840 -7.52 3.35 -104.49
N LEU D 841 -6.71 2.78 -103.59
CA LEU D 841 -5.48 3.44 -103.17
C LEU D 841 -4.50 3.58 -104.33
N PHE D 842 -4.31 2.51 -105.11
CA PHE D 842 -3.37 2.58 -106.23
C PHE D 842 -3.91 3.44 -107.36
N PHE D 843 -5.24 3.45 -107.56
CA PHE D 843 -5.82 4.24 -108.64
C PHE D 843 -5.57 5.72 -108.44
N LEU D 844 -5.74 6.21 -107.19
CA LEU D 844 -5.49 7.62 -106.93
C LEU D 844 -4.01 7.96 -107.08
N LEU D 845 -3.12 7.07 -106.62
CA LEU D 845 -1.69 7.35 -106.69
C LEU D 845 -1.14 7.24 -108.11
N ILE D 846 -1.89 6.65 -109.05
CA ILE D 846 -1.45 6.59 -110.44
C ILE D 846 -2.05 7.70 -111.28
N SER D 847 -3.11 8.36 -110.81
CA SER D 847 -3.69 9.50 -111.49
C SER D 847 -3.11 10.83 -111.01
N CYS D 848 -2.12 10.80 -110.14
CA CYS D 848 -1.53 12.03 -109.64
C CYS D 848 -0.71 12.69 -110.74
N PRO D 849 -0.98 13.96 -111.07
CA PRO D 849 -0.25 14.59 -112.18
C PRO D 849 1.20 14.91 -111.85
N ILE D 850 1.52 15.16 -110.57
CA ILE D 850 2.88 15.55 -110.23
C ILE D 850 3.86 14.41 -110.45
N LEU D 851 3.40 13.16 -110.33
CA LEU D 851 4.26 12.00 -110.51
C LEU D 851 4.43 11.60 -111.97
N HIS D 852 3.61 12.12 -112.87
CA HIS D 852 3.70 11.74 -114.27
C HIS D 852 5.05 12.04 -114.92
N PRO D 853 5.66 13.21 -114.74
CA PRO D 853 6.96 13.45 -115.41
C PRO D 853 8.05 12.44 -115.05
N PHE D 854 8.09 11.98 -113.80
CA PHE D 854 9.09 11.00 -113.41
C PHE D 854 8.85 9.62 -114.02
N ILE D 855 7.66 9.36 -114.56
CA ILE D 855 7.37 8.04 -115.10
C ILE D 855 8.16 7.79 -116.38
N PHE D 856 8.26 8.78 -117.26
CA PHE D 856 8.92 8.65 -118.56
C PHE D 856 9.89 9.79 -118.79
N PRO D 857 11.08 9.73 -118.20
CA PRO D 857 12.13 10.69 -118.55
C PRO D 857 12.73 10.36 -119.91
N VAL D 858 13.40 11.36 -120.49
CA VAL D 858 13.97 11.18 -121.82
C VAL D 858 15.12 10.17 -121.78
N GLY D 859 15.93 10.21 -120.73
CA GLY D 859 17.10 9.35 -120.66
C GLY D 859 16.91 8.15 -119.75
N GLY D 860 15.67 7.83 -119.42
CA GLY D 860 15.39 6.73 -118.52
C GLY D 860 14.65 5.59 -119.20
N ILE D 861 14.35 5.74 -120.48
CA ILE D 861 13.61 4.74 -121.24
C ILE D 861 14.57 4.06 -122.20
N ASN D 862 14.64 2.74 -122.14
CA ASN D 862 15.49 1.97 -123.04
C ASN D 862 14.79 1.73 -124.36
N CYS D 863 15.55 1.84 -125.45
CA CYS D 863 15.02 1.64 -126.80
C CYS D 863 15.38 0.29 -127.38
N SER D 864 15.85 -0.65 -126.55
CA SER D 864 16.19 -1.98 -127.05
C SER D 864 14.96 -2.66 -127.64
N VAL D 865 15.18 -3.40 -128.73
CA VAL D 865 14.07 -3.94 -129.51
C VAL D 865 13.20 -4.87 -128.66
N LYS D 866 13.84 -5.73 -127.86
CA LYS D 866 13.07 -6.64 -127.00
C LYS D 866 12.43 -5.88 -125.84
N ALA D 867 13.17 -4.93 -125.25
CA ALA D 867 12.68 -4.25 -124.06
C ALA D 867 11.60 -3.22 -124.40
N LEU D 868 11.65 -2.64 -125.60
CA LEU D 868 10.72 -1.56 -125.93
C LEU D 868 9.28 -2.08 -126.02
N ASN D 869 9.09 -3.35 -126.35
CA ASN D 869 7.73 -3.88 -126.49
C ASN D 869 6.99 -3.82 -125.16
N LYS D 870 7.67 -4.15 -124.05
CA LYS D 870 7.03 -4.02 -122.75
C LYS D 870 6.80 -2.55 -122.39
N GLU D 871 7.70 -1.66 -122.79
CA GLU D 871 7.51 -0.24 -122.54
C GLU D 871 6.26 0.27 -123.25
N THR D 872 6.04 -0.17 -124.50
CA THR D 872 4.83 0.22 -125.22
C THR D 872 3.58 -0.27 -124.50
N SER D 873 3.61 -1.52 -124.01
CA SER D 873 2.49 -2.04 -123.25
C SER D 873 2.31 -1.26 -121.95
N PHE D 874 3.41 -0.96 -121.26
CA PHE D 874 3.32 -0.22 -120.01
C PHE D 874 2.66 1.14 -120.23
N ASN D 875 3.02 1.83 -121.32
CA ASN D 875 2.34 3.07 -121.67
C ASN D 875 0.88 2.81 -122.01
N LYS D 876 0.59 1.70 -122.69
CA LYS D 876 -0.77 1.44 -123.15
C LYS D 876 -1.71 1.13 -121.99
N LEU D 877 -1.29 0.24 -121.09
CA LEU D 877 -2.18 -0.19 -120.02
C LEU D 877 -2.54 0.95 -119.07
N ILE D 878 -1.58 1.81 -118.73
CA ILE D 878 -1.86 2.91 -117.81
C ILE D 878 -2.89 3.86 -118.41
N ASP D 879 -2.96 3.94 -119.74
CA ASP D 879 -3.92 4.85 -120.39
C ASP D 879 -5.35 4.49 -120.03
N GLU D 880 -5.69 3.20 -120.04
CA GLU D 880 -7.04 2.79 -119.67
C GLU D 880 -7.28 2.90 -118.17
N ILE D 881 -6.22 2.88 -117.36
CA ILE D 881 -6.39 3.02 -115.92
C ILE D 881 -6.87 4.43 -115.57
N VAL D 882 -6.24 5.44 -116.15
CA VAL D 882 -6.58 6.83 -115.87
C VAL D 882 -7.68 7.33 -116.80
N GLY D 883 -7.56 7.03 -118.08
CA GLY D 883 -8.51 7.49 -119.08
C GLY D 883 -8.01 8.63 -119.94
N ASP D 884 -6.89 9.24 -119.59
CA ASP D 884 -6.30 10.34 -120.35
C ASP D 884 -4.88 9.98 -120.76
N LYS D 885 -4.55 10.26 -122.02
CA LYS D 885 -3.22 9.93 -122.53
C LYS D 885 -2.18 10.83 -121.87
N LEU D 886 -1.27 10.22 -121.12
CA LEU D 886 -0.21 10.99 -120.48
C LEU D 886 0.85 11.46 -121.48
N LEU D 887 0.96 10.80 -122.63
CA LEU D 887 1.84 11.25 -123.70
C LEU D 887 1.11 11.13 -125.03
N SER D 888 1.44 12.02 -125.95
CA SER D 888 0.86 11.97 -127.28
C SER D 888 1.61 10.96 -128.14
N ASP D 889 0.97 10.58 -129.26
CA ASP D 889 1.58 9.62 -130.17
C ASP D 889 2.87 10.17 -130.77
N GLU D 890 2.88 11.45 -131.15
CA GLU D 890 4.10 12.06 -131.67
C GLU D 890 5.17 12.15 -130.59
N GLU D 891 4.77 12.46 -129.36
CA GLU D 891 5.74 12.63 -128.28
C GLU D 891 6.48 11.34 -128.00
N TRP D 892 5.78 10.20 -128.01
CA TRP D 892 6.40 8.92 -127.69
C TRP D 892 7.48 8.55 -128.71
N ASP D 893 7.37 9.06 -129.93
CA ASP D 893 8.32 8.67 -130.98
C ASP D 893 9.73 9.14 -130.64
N TYR D 894 9.88 10.38 -130.18
CA TYR D 894 11.21 10.93 -129.95
C TYR D 894 11.96 10.21 -128.85
N LEU D 895 11.25 9.74 -127.81
CA LEU D 895 11.90 9.15 -126.66
C LEU D 895 12.60 7.83 -126.97
N THR D 896 12.35 7.22 -128.12
CA THR D 896 12.96 5.94 -128.47
C THR D 896 13.74 6.00 -129.77
N LYS D 897 13.98 7.18 -130.32
CA LYS D 897 14.74 7.30 -131.56
C LYS D 897 16.23 7.11 -131.32
N GLN D 907 13.64 22.60 -130.90
CA GLN D 907 12.76 21.73 -131.66
C GLN D 907 11.44 21.49 -130.92
N GLN D 908 11.15 20.22 -130.64
CA GLN D 908 9.93 19.87 -129.93
C GLN D 908 9.97 20.39 -128.49
N ILE D 909 8.85 20.97 -128.06
CA ILE D 909 8.70 21.45 -126.68
C ILE D 909 7.97 20.38 -125.89
N PHE D 910 8.37 20.19 -124.64
CA PHE D 910 7.84 19.14 -123.78
C PHE D 910 7.05 19.77 -122.65
N GLN D 911 5.80 19.34 -122.50
CA GLN D 911 4.91 19.92 -121.50
C GLN D 911 4.54 18.97 -120.36
N ASN D 912 4.66 17.65 -120.57
CA ASN D 912 4.26 16.66 -119.58
C ASN D 912 5.38 15.66 -119.33
N THR D 913 6.62 16.13 -119.36
CA THR D 913 7.77 15.27 -119.10
C THR D 913 8.98 16.15 -118.82
N ILE D 914 10.14 15.51 -118.67
CA ILE D 914 11.38 16.16 -118.26
C ILE D 914 12.43 15.92 -119.32
N THR D 915 13.20 16.95 -119.65
CA THR D 915 14.18 16.90 -120.73
C THR D 915 15.62 16.92 -120.25
N SER D 916 15.99 17.87 -119.40
CA SER D 916 17.38 18.10 -119.02
C SER D 916 17.70 17.54 -117.64
N LEU D 917 17.13 16.39 -117.28
CA LEU D 917 17.42 15.76 -116.00
C LEU D 917 18.65 14.84 -116.10
N ASN D 918 18.74 14.05 -117.15
CA ASN D 918 19.84 13.10 -117.29
C ASN D 918 21.18 13.80 -117.50
N SER D 919 21.17 14.99 -118.11
CA SER D 919 22.42 15.67 -118.42
C SER D 919 23.18 16.07 -117.16
N SER D 920 22.48 16.22 -116.04
CA SER D 920 23.12 16.63 -114.80
C SER D 920 24.10 15.57 -114.32
N THR D 921 25.14 16.01 -113.62
CA THR D 921 26.20 15.14 -113.13
C THR D 921 26.00 14.83 -111.65
N ILE D 922 26.48 13.66 -111.24
CA ILE D 922 26.39 13.19 -109.86
C ILE D 922 27.77 13.32 -109.22
N VAL D 923 27.80 13.91 -108.02
CA VAL D 923 29.08 14.16 -107.36
C VAL D 923 29.81 12.85 -107.08
N GLY D 924 31.13 12.90 -107.16
CA GLY D 924 31.96 11.74 -106.87
C GLY D 924 31.98 10.67 -107.93
N ALA D 925 31.46 10.97 -109.12
CA ALA D 925 31.40 10.00 -110.22
C ALA D 925 32.33 10.45 -111.33
N SER D 926 33.44 9.73 -111.52
CA SER D 926 34.35 9.96 -112.63
C SER D 926 34.04 8.98 -113.74
N TYR D 927 33.83 9.50 -114.95
CA TYR D 927 33.35 8.70 -116.07
C TYR D 927 34.55 8.20 -116.90
N ASP D 928 35.24 7.22 -116.33
CA ASP D 928 36.40 6.60 -116.97
C ASP D 928 36.14 5.13 -117.28
N LYS D 929 34.92 4.81 -117.71
CA LYS D 929 34.57 3.43 -118.03
C LYS D 929 33.47 3.43 -119.09
N ASP D 930 33.32 2.28 -119.76
CA ASP D 930 32.32 2.15 -120.81
C ASP D 930 31.78 0.72 -120.80
N THR D 931 30.63 0.56 -121.43
CA THR D 931 29.99 -0.74 -121.48
C THR D 931 30.86 -1.71 -122.28
N PRO D 932 31.05 -2.94 -121.80
CA PRO D 932 31.85 -3.91 -122.54
C PRO D 932 31.21 -4.27 -123.87
N ALA D 933 32.05 -4.63 -124.84
CA ALA D 933 31.56 -5.03 -126.16
C ALA D 933 30.95 -6.41 -126.06
N ARG D 934 29.64 -6.49 -126.29
CA ARG D 934 28.89 -7.75 -126.24
C ARG D 934 29.05 -8.44 -124.89
N LYS E 13 -10.92 33.81 -67.84
CA LYS E 13 -10.28 35.05 -67.45
C LYS E 13 -9.60 34.92 -66.09
N ILE E 14 -8.27 34.98 -66.08
CA ILE E 14 -7.48 34.87 -64.87
C ILE E 14 -6.56 36.07 -64.79
N ILE E 15 -6.58 36.77 -63.67
CA ILE E 15 -5.72 37.93 -63.43
C ILE E 15 -4.99 37.69 -62.12
N ILE E 16 -3.67 37.57 -62.18
CA ILE E 16 -2.85 37.25 -61.02
C ILE E 16 -2.06 38.50 -60.66
N ASN E 17 -2.52 39.21 -59.64
CA ASN E 17 -1.79 40.38 -59.17
C ASN E 17 -0.57 39.95 -58.35
N LEU E 18 0.48 40.75 -58.43
CA LEU E 18 1.75 40.44 -57.77
C LEU E 18 1.93 41.21 -56.46
N PHE E 19 0.88 41.85 -55.96
CA PHE E 19 1.00 42.64 -54.73
C PHE E 19 0.02 42.14 -53.68
N ALA E 20 -0.04 40.83 -53.52
CA ALA E 20 -0.85 40.16 -52.52
C ALA E 20 0.01 39.09 -51.85
N PRO E 21 -0.39 38.62 -50.66
CA PRO E 21 0.38 37.53 -50.05
C PRO E 21 0.45 36.29 -50.91
N ASN E 22 -0.56 36.03 -51.73
CA ASN E 22 -0.58 34.93 -52.70
C ASN E 22 -0.46 33.57 -52.03
N LEU E 23 -0.74 33.49 -50.74
CA LEU E 23 -0.73 32.21 -50.03
C LEU E 23 -1.96 31.39 -50.44
N PRO E 24 -1.92 30.07 -50.23
CA PRO E 24 -3.09 29.25 -50.56
C PRO E 24 -4.34 29.67 -49.82
N GLY E 25 -4.21 30.25 -48.63
CA GLY E 25 -5.36 30.74 -47.89
C GLY E 25 -5.64 32.20 -48.13
N SER E 26 -5.05 32.76 -49.19
CA SER E 26 -5.20 34.18 -49.51
C SER E 26 -5.63 34.42 -50.95
N THR E 27 -6.17 33.42 -51.63
CA THR E 27 -6.58 33.54 -53.02
C THR E 27 -8.10 33.62 -53.11
N LYS E 28 -8.56 34.34 -54.13
CA LYS E 28 -9.99 34.52 -54.38
C LYS E 28 -10.42 33.59 -55.52
N GLU E 29 -11.68 33.72 -55.93
CA GLU E 29 -12.20 32.90 -57.02
C GLU E 29 -11.54 33.19 -58.35
N ASP E 30 -11.03 34.40 -58.54
CA ASP E 30 -10.42 34.79 -59.81
C ASP E 30 -8.96 34.38 -59.90
N ASP E 31 -8.24 34.34 -58.79
CA ASP E 31 -6.81 34.00 -58.82
C ASP E 31 -6.57 32.52 -59.07
N LEU E 32 -7.60 31.68 -59.04
CA LEU E 32 -7.42 30.26 -59.26
C LEU E 32 -6.96 30.00 -60.70
N ILE E 33 -6.00 29.09 -60.84
CA ILE E 33 -5.41 28.80 -62.15
C ILE E 33 -6.14 27.67 -62.85
N GLN E 34 -6.38 26.56 -62.17
CA GLN E 34 -7.00 25.38 -62.77
C GLN E 34 -8.51 25.40 -62.58
N LYS E 35 -9.14 26.45 -63.13
CA LYS E 35 -10.59 26.58 -63.03
C LYS E 35 -11.31 25.48 -63.80
N SER E 36 -10.81 25.14 -65.00
CA SER E 36 -11.47 24.12 -65.81
C SER E 36 -11.36 22.75 -65.16
N LEU E 37 -10.19 22.44 -64.58
CA LEU E 37 -10.01 21.13 -63.95
C LEU E 37 -10.88 21.00 -62.71
N ARG E 38 -11.02 22.07 -61.93
CA ARG E 38 -11.80 22.02 -60.70
C ARG E 38 -13.26 21.70 -60.99
N ASP E 39 -13.83 22.31 -62.02
CA ASP E 39 -15.23 22.06 -62.33
C ASP E 39 -15.45 20.65 -62.85
N GLN E 40 -14.43 20.03 -63.44
CA GLN E 40 -14.57 18.68 -63.93
C GLN E 40 -14.58 17.66 -62.79
N LEU E 41 -13.67 17.83 -61.82
CA LEU E 41 -13.57 16.87 -60.72
C LEU E 41 -14.79 16.95 -59.82
N VAL E 42 -15.25 18.16 -59.51
CA VAL E 42 -16.39 18.33 -58.62
C VAL E 42 -17.63 17.69 -59.23
N GLU E 43 -17.85 17.87 -60.53
CA GLU E 43 -18.94 17.18 -61.20
C GLU E 43 -18.73 15.67 -61.17
N SER E 44 -17.48 15.22 -61.30
CA SER E 44 -17.20 13.79 -61.33
C SER E 44 -17.50 13.13 -59.99
N ILE E 45 -17.25 13.85 -58.89
CA ILE E 45 -17.49 13.27 -57.56
C ILE E 45 -18.97 12.98 -57.37
N ARG E 46 -19.83 13.94 -57.74
CA ARG E 46 -21.26 13.77 -57.51
C ARG E 46 -21.84 12.65 -58.36
N ASN E 47 -21.24 12.37 -59.51
CA ASN E 47 -21.72 11.26 -60.35
C ASN E 47 -21.55 9.92 -59.65
N SER E 48 -20.40 9.71 -58.99
CA SER E 48 -20.12 8.42 -58.38
C SER E 48 -21.09 8.12 -57.24
N ILE E 49 -21.33 9.10 -56.37
CA ILE E 49 -22.19 8.88 -55.21
C ILE E 49 -23.62 8.61 -55.65
N ALA E 50 -24.13 9.40 -56.60
CA ALA E 50 -25.53 9.26 -57.01
C ALA E 50 -25.80 7.90 -57.63
N TYR E 51 -25.00 7.50 -58.61
CA TYR E 51 -25.20 6.24 -59.30
C TYR E 51 -24.04 5.27 -59.04
N ASN E 70 -13.22 3.55 -54.40
CA ASN E 70 -13.85 4.88 -54.44
C ASN E 70 -12.91 5.94 -53.88
N VAL E 71 -11.69 6.00 -54.42
CA VAL E 71 -10.68 6.95 -53.98
C VAL E 71 -10.18 7.71 -55.20
N PHE E 72 -10.18 9.03 -55.11
CA PHE E 72 -9.65 9.88 -56.17
C PHE E 72 -8.21 10.26 -55.86
N PHE E 73 -7.58 10.94 -56.83
CA PHE E 73 -6.19 11.34 -56.68
C PHE E 73 -5.91 12.53 -57.57
N VAL E 74 -5.23 13.54 -57.02
CA VAL E 74 -4.72 14.66 -57.80
C VAL E 74 -3.22 14.76 -57.53
N ASP E 75 -2.43 14.71 -58.59
CA ASP E 75 -0.99 14.59 -58.46
C ASP E 75 -0.27 15.67 -59.28
N GLY E 76 0.98 15.90 -58.92
CA GLY E 76 1.81 16.88 -59.60
C GLY E 76 3.09 17.08 -58.84
N THR E 77 4.02 17.78 -59.48
CA THR E 77 5.31 18.06 -58.86
C THR E 77 5.13 19.00 -57.67
N ARG E 78 6.23 19.23 -56.95
CA ARG E 78 6.20 20.12 -55.81
C ARG E 78 5.91 21.55 -56.25
N GLY E 79 5.14 22.27 -55.44
CA GLY E 79 4.81 23.63 -55.77
C GLY E 79 3.96 23.81 -57.00
N ALA E 80 3.25 22.78 -57.42
CA ALA E 80 2.37 22.86 -58.58
C ALA E 80 0.97 23.34 -58.23
N GLY E 81 0.72 23.66 -56.96
CA GLY E 81 -0.59 24.12 -56.55
C GLY E 81 -1.45 23.01 -55.97
N LYS E 82 -0.87 22.23 -55.06
CA LYS E 82 -1.62 21.12 -54.48
C LYS E 82 -2.56 21.59 -53.37
N THR E 83 -2.02 22.31 -52.39
CA THR E 83 -2.86 22.80 -51.29
C THR E 83 -3.90 23.79 -51.80
N THR E 84 -3.51 24.68 -52.72
CA THR E 84 -4.44 25.66 -53.25
C THR E 84 -5.60 24.98 -53.98
N PHE E 85 -5.29 23.96 -54.79
CA PHE E 85 -6.34 23.28 -55.55
C PHE E 85 -7.31 22.56 -54.63
N ILE E 86 -6.80 21.83 -53.64
CA ILE E 86 -7.67 21.04 -52.77
C ILE E 86 -8.54 21.95 -51.90
N ASN E 87 -8.02 23.12 -51.52
CA ASN E 87 -8.85 24.06 -50.78
C ASN E 87 -9.96 24.65 -51.65
N SER E 88 -9.75 24.71 -52.96
CA SER E 88 -10.80 25.15 -53.86
C SER E 88 -11.94 24.14 -53.93
N VAL E 89 -11.62 22.85 -53.92
CA VAL E 89 -12.64 21.82 -54.05
C VAL E 89 -13.55 21.81 -52.82
N VAL E 90 -12.95 21.88 -51.63
CA VAL E 90 -13.73 21.77 -50.40
C VAL E 90 -14.67 22.96 -50.25
N LYS E 91 -14.22 24.16 -50.63
CA LYS E 91 -15.08 25.33 -50.56
C LYS E 91 -16.23 25.24 -51.55
N SER E 92 -15.98 24.68 -52.74
CA SER E 92 -17.03 24.60 -53.75
C SER E 92 -18.15 23.65 -53.33
N LEU E 93 -17.80 22.54 -52.67
CA LEU E 93 -18.82 21.57 -52.28
C LEU E 93 -19.76 22.13 -51.23
N ASN E 94 -19.29 23.04 -50.38
CA ASN E 94 -20.13 23.59 -49.32
C ASN E 94 -21.19 24.54 -49.85
N SER E 95 -21.07 25.01 -51.08
CA SER E 95 -22.05 25.93 -51.65
C SER E 95 -23.29 25.18 -52.13
N VAL E 102 -28.28 15.51 -54.54
CA VAL E 102 -27.28 14.85 -53.72
C VAL E 102 -26.55 15.88 -52.85
N ASN E 103 -26.45 15.58 -51.55
CA ASN E 103 -25.75 16.44 -50.60
C ASN E 103 -24.56 15.69 -50.05
N ILE E 104 -23.39 16.34 -50.10
CA ILE E 104 -22.14 15.77 -49.61
C ILE E 104 -21.55 16.72 -48.58
N LYS E 105 -21.26 16.18 -47.39
CA LYS E 105 -20.65 16.95 -46.32
C LYS E 105 -19.16 16.64 -46.27
N CYS E 106 -18.34 17.69 -46.16
CA CYS E 106 -16.90 17.56 -46.24
C CYS E 106 -16.25 17.92 -44.91
N LEU E 107 -15.38 17.04 -44.43
CA LEU E 107 -14.63 17.30 -43.21
C LEU E 107 -13.53 18.33 -43.48
N PRO E 108 -13.05 19.01 -42.44
CA PRO E 108 -11.91 19.91 -42.62
C PRO E 108 -10.69 19.16 -43.14
N THR E 109 -9.95 19.82 -44.02
CA THR E 109 -8.77 19.20 -44.63
C THR E 109 -7.71 18.92 -43.57
N ILE E 110 -7.08 17.75 -43.68
CA ILE E 110 -6.07 17.32 -42.72
C ILE E 110 -4.80 16.94 -43.48
N ASP E 111 -3.66 17.09 -42.80
CA ASP E 111 -2.39 16.63 -43.33
C ASP E 111 -1.64 15.83 -42.27
N PRO E 112 -0.85 14.83 -42.70
CA PRO E 112 -0.10 14.03 -41.72
C PRO E 112 1.09 14.75 -41.14
N THR E 113 1.60 15.80 -41.80
CA THR E 113 2.80 16.47 -41.30
C THR E 113 2.53 17.23 -40.02
N LYS E 114 1.44 17.99 -39.97
CA LYS E 114 1.10 18.80 -38.80
C LYS E 114 0.25 18.02 -37.80
N LEU E 115 0.72 16.84 -37.44
CA LEU E 115 0.04 15.95 -36.52
C LEU E 115 1.05 15.35 -35.57
N PRO E 116 0.62 14.87 -34.40
CA PRO E 116 1.54 14.17 -33.51
C PRO E 116 2.15 12.94 -34.18
N ARG E 117 3.40 12.65 -33.84
CA ARG E 117 4.14 11.59 -34.50
C ARG E 117 3.60 10.20 -34.19
N HIS E 118 2.71 10.06 -33.21
CA HIS E 118 2.18 8.76 -32.82
C HIS E 118 0.67 8.65 -32.88
N GLU E 119 -0.04 9.74 -33.12
CA GLU E 119 -1.50 9.72 -33.12
C GLU E 119 -2.02 8.99 -34.36
N PRO E 120 -2.83 7.95 -34.21
CA PRO E 120 -3.37 7.26 -35.37
C PRO E 120 -4.33 8.14 -36.15
N ILE E 121 -4.46 7.85 -37.45
CA ILE E 121 -5.34 8.64 -38.31
C ILE E 121 -6.80 8.43 -37.89
N LEU E 122 -7.15 7.21 -37.48
CA LEU E 122 -8.54 6.93 -37.11
C LEU E 122 -9.01 7.81 -35.96
N VAL E 123 -8.11 8.09 -35.00
CA VAL E 123 -8.45 9.01 -33.92
C VAL E 123 -8.69 10.41 -34.46
N THR E 124 -7.83 10.85 -35.38
CA THR E 124 -7.95 12.21 -35.93
C THR E 124 -9.25 12.37 -36.71
N VAL E 125 -9.61 11.39 -37.53
CA VAL E 125 -10.84 11.48 -38.31
C VAL E 125 -12.06 11.45 -37.40
N THR E 126 -12.05 10.56 -36.40
CA THR E 126 -13.20 10.44 -35.50
C THR E 126 -13.41 11.73 -34.71
N ALA E 127 -12.33 12.35 -34.24
CA ALA E 127 -12.47 13.57 -33.44
C ALA E 127 -13.12 14.69 -34.24
N ARG E 128 -12.74 14.83 -35.51
CA ARG E 128 -13.38 15.85 -36.35
C ARG E 128 -14.82 15.49 -36.68
N LEU E 129 -15.11 14.20 -36.87
CA LEU E 129 -16.48 13.78 -37.11
C LEU E 129 -17.36 14.02 -35.89
N ASN E 130 -16.79 13.93 -34.68
CA ASN E 130 -17.56 14.21 -33.48
C ASN E 130 -17.99 15.67 -33.43
N LYS E 131 -17.10 16.59 -33.81
CA LYS E 131 -17.41 18.01 -33.74
C LYS E 131 -18.55 18.38 -34.68
N MET E 132 -18.55 17.82 -35.90
CA MET E 132 -19.63 18.12 -36.83
C MET E 132 -20.96 17.60 -36.33
N VAL E 133 -20.98 16.39 -35.77
CA VAL E 133 -22.22 15.82 -35.27
C VAL E 133 -22.75 16.61 -34.09
N SER E 134 -21.86 17.01 -33.17
CA SER E 134 -22.29 17.72 -31.98
C SER E 134 -22.93 19.05 -32.33
N ASP E 135 -22.36 19.78 -33.29
CA ASP E 135 -22.94 21.06 -33.68
C ASP E 135 -24.31 20.87 -34.31
N LYS E 136 -24.46 19.88 -35.18
CA LYS E 136 -25.77 19.59 -35.76
C LYS E 136 -26.73 19.05 -34.71
N LEU E 137 -26.22 18.34 -33.71
CA LEU E 137 -27.08 17.78 -32.68
C LEU E 137 -27.69 18.87 -31.81
N LYS E 138 -26.96 19.97 -31.60
CA LYS E 138 -27.49 21.10 -30.85
C LYS E 138 -28.50 21.90 -31.66
N GLY E 139 -28.48 21.78 -32.98
CA GLY E 139 -29.37 22.53 -33.84
C GLY E 139 -30.76 21.96 -34.02
N TYR E 140 -31.04 20.82 -33.39
CA TYR E 140 -32.36 20.23 -33.50
C TYR E 140 -33.39 21.08 -32.76
N TRP E 141 -34.66 20.82 -33.05
CA TRP E 141 -35.77 21.49 -32.40
C TRP E 141 -36.67 20.55 -31.61
N ALA E 142 -36.89 19.34 -32.11
CA ALA E 142 -37.72 18.38 -31.41
C ALA E 142 -36.97 17.81 -30.21
N SER E 143 -37.58 17.93 -29.03
CA SER E 143 -36.94 17.42 -27.82
C SER E 143 -36.81 15.90 -27.86
N ASN E 144 -37.81 15.21 -28.42
CA ASN E 144 -37.77 13.75 -28.45
C ASN E 144 -36.63 13.25 -29.32
N ASP E 145 -36.39 13.88 -30.46
CA ASP E 145 -35.35 13.40 -31.37
C ASP E 145 -33.96 13.64 -30.79
N TYR E 146 -33.70 14.85 -30.31
CA TYR E 146 -32.37 15.17 -29.78
C TYR E 146 -32.06 14.33 -28.55
N ARG E 147 -33.04 14.16 -27.66
CA ARG E 147 -32.83 13.36 -26.45
C ARG E 147 -32.69 11.87 -26.75
N LYS E 148 -33.00 11.44 -27.97
CA LYS E 148 -32.89 10.04 -28.36
C LYS E 148 -31.71 9.75 -29.26
N GLN E 149 -31.42 10.63 -30.21
CA GLN E 149 -30.30 10.41 -31.12
C GLN E 149 -28.96 10.52 -30.41
N LYS E 150 -28.87 11.37 -29.39
CA LYS E 150 -27.58 11.62 -28.73
C LYS E 150 -27.05 10.36 -28.07
N GLU E 151 -27.91 9.63 -27.34
CA GLU E 151 -27.46 8.40 -26.72
C GLU E 151 -27.17 7.32 -27.75
N GLN E 152 -27.95 7.28 -28.83
CA GLN E 152 -27.67 6.33 -29.90
C GLN E 152 -26.32 6.58 -30.53
N TRP E 153 -25.98 7.85 -30.76
CA TRP E 153 -24.66 8.17 -31.29
C TRP E 153 -23.57 7.95 -30.26
N GLN E 154 -23.82 8.33 -29.01
CA GLN E 154 -22.82 8.16 -27.96
C GLN E 154 -22.52 6.70 -27.70
N ASN E 155 -23.52 5.82 -27.88
CA ASN E 155 -23.29 4.39 -27.69
C ASN E 155 -22.28 3.86 -28.69
N HIS E 156 -22.39 4.27 -29.96
CA HIS E 156 -21.42 3.85 -30.95
C HIS E 156 -20.03 4.40 -30.64
N LEU E 157 -19.96 5.67 -30.25
CA LEU E 157 -18.67 6.30 -29.99
C LEU E 157 -17.95 5.64 -28.83
N ALA E 158 -18.68 5.31 -27.77
CA ALA E 158 -18.06 4.64 -26.61
C ALA E 158 -17.64 3.22 -26.95
N GLN E 159 -18.25 2.60 -27.95
CA GLN E 159 -17.87 1.23 -28.32
C GLN E 159 -16.53 1.22 -29.05
N LEU E 160 -16.30 2.21 -29.91
CA LEU E 160 -15.03 2.29 -30.63
C LEU E 160 -13.87 2.55 -29.68
N GLN E 161 -14.12 3.27 -28.59
CA GLN E 161 -13.05 3.56 -27.63
C GLN E 161 -12.50 2.30 -26.99
N ARG E 162 -13.35 1.29 -26.78
CA ARG E 162 -12.89 0.04 -26.17
C ARG E 162 -11.89 -0.67 -27.07
N GLY E 163 -12.17 -0.73 -28.37
CA GLY E 163 -11.32 -1.43 -29.31
C GLY E 163 -10.13 -0.66 -29.83
N LEU E 164 -9.90 0.54 -29.32
CA LEU E 164 -8.78 1.34 -29.81
C LEU E 164 -7.44 0.77 -29.36
N HIS E 165 -7.42 0.05 -28.24
CA HIS E 165 -6.17 -0.55 -27.76
C HIS E 165 -5.61 -1.56 -28.75
N LEU E 166 -6.44 -2.06 -29.66
CA LEU E 166 -6.00 -3.04 -30.65
C LEU E 166 -5.09 -2.44 -31.70
N LEU E 167 -5.02 -1.11 -31.80
CA LEU E 167 -4.19 -0.43 -32.79
C LEU E 167 -2.83 -0.01 -32.24
N THR E 168 -2.81 0.57 -31.03
CA THR E 168 -1.58 1.05 -30.42
C THR E 168 -0.91 0.01 -29.52
N ASP E 169 -1.16 -1.26 -29.77
CA ASP E 169 -0.63 -2.33 -28.93
C ASP E 169 0.75 -2.77 -29.42
N LYS E 170 1.45 -3.50 -28.55
CA LYS E 170 2.78 -4.02 -28.85
C LYS E 170 2.84 -5.54 -28.85
N GLU E 171 2.12 -6.18 -27.93
CA GLU E 171 2.12 -7.64 -27.83
C GLU E 171 0.74 -8.10 -27.40
N TYR E 172 0.28 -9.21 -27.98
CA TYR E 172 -1.03 -9.75 -27.66
C TYR E 172 -1.11 -10.17 -26.19
N LYS E 173 -1.89 -9.45 -25.40
CA LYS E 173 -2.15 -9.83 -24.02
C LYS E 173 -3.42 -10.65 -23.96
N PRO E 174 -3.35 -11.91 -23.53
CA PRO E 174 -4.50 -12.82 -23.71
C PRO E 174 -5.68 -12.54 -22.80
N GLU E 175 -5.59 -11.58 -21.87
CA GLU E 175 -6.74 -11.28 -21.04
C GLU E 175 -7.87 -10.61 -21.80
N TYR E 176 -7.62 -10.15 -23.03
CA TYR E 176 -8.67 -9.59 -23.87
C TYR E 176 -9.41 -10.63 -24.69
N PHE E 177 -8.95 -11.88 -24.71
CA PHE E 177 -9.67 -12.92 -25.42
C PHE E 177 -11.04 -13.15 -24.81
N SER E 178 -11.12 -13.11 -23.48
CA SER E 178 -12.41 -13.26 -22.81
C SER E 178 -13.36 -12.13 -23.19
N ASP E 179 -12.87 -10.90 -23.22
CA ASP E 179 -13.71 -9.76 -23.57
C ASP E 179 -13.95 -9.64 -25.07
N ALA E 180 -13.27 -10.44 -25.89
CA ALA E 180 -13.51 -10.47 -27.33
C ALA E 180 -14.52 -11.53 -27.74
N LEU E 181 -15.07 -12.28 -26.79
CA LEU E 181 -16.04 -13.32 -27.08
C LEU E 181 -17.43 -13.00 -26.57
N LYS E 182 -17.62 -11.85 -25.90
CA LYS E 182 -18.95 -11.39 -25.52
C LYS E 182 -19.58 -10.69 -26.71
N LEU E 183 -20.19 -11.50 -27.58
CA LEU E 183 -20.86 -10.99 -28.78
C LEU E 183 -22.20 -10.38 -28.39
N ASP E 184 -22.33 -9.07 -28.57
CA ASP E 184 -23.60 -8.42 -28.28
C ASP E 184 -24.63 -8.77 -29.35
N ALA E 185 -25.87 -8.98 -28.91
CA ALA E 185 -26.93 -9.31 -29.85
C ALA E 185 -27.38 -8.10 -30.67
N GLN E 186 -27.09 -6.89 -30.21
CA GLN E 186 -27.51 -5.68 -30.90
C GLN E 186 -26.45 -5.23 -31.90
N LEU E 187 -26.78 -4.17 -32.64
CA LEU E 187 -25.90 -3.49 -33.60
C LEU E 187 -25.68 -4.33 -34.86
N ASP E 188 -26.17 -5.56 -34.87
CA ASP E 188 -26.09 -6.45 -36.03
C ASP E 188 -24.65 -6.57 -36.54
N TYR E 189 -23.79 -7.12 -35.70
CA TYR E 189 -22.40 -7.37 -36.08
C TYR E 189 -22.34 -8.71 -36.80
N SER E 190 -22.14 -8.67 -38.11
CA SER E 190 -22.19 -9.88 -38.92
C SER E 190 -21.08 -10.86 -38.54
N ILE E 191 -19.87 -10.36 -38.28
CA ILE E 191 -18.73 -11.20 -37.93
C ILE E 191 -18.34 -10.91 -36.49
N GLY E 192 -17.77 -11.92 -35.84
CA GLY E 192 -17.38 -11.81 -34.46
C GLY E 192 -16.04 -11.10 -34.28
N GLY E 193 -15.54 -11.18 -33.05
CA GLY E 193 -14.28 -10.54 -32.72
C GLY E 193 -14.43 -9.05 -32.55
N GLN E 194 -13.28 -8.37 -32.47
CA GLN E 194 -13.30 -6.92 -32.35
C GLN E 194 -13.71 -6.26 -33.65
N ASP E 195 -13.20 -6.78 -34.78
CA ASP E 195 -13.54 -6.36 -36.14
C ASP E 195 -13.74 -4.84 -36.23
N LEU E 196 -12.68 -4.12 -35.87
CA LEU E 196 -12.73 -2.66 -35.85
C LEU E 196 -13.05 -2.06 -37.22
N SER E 197 -12.80 -2.81 -38.30
CA SER E 197 -13.15 -2.33 -39.62
C SER E 197 -14.66 -2.14 -39.77
N GLU E 198 -15.45 -2.89 -39.01
CA GLU E 198 -16.90 -2.77 -39.09
C GLU E 198 -17.48 -1.79 -38.07
N ILE E 199 -16.74 -1.51 -36.99
CA ILE E 199 -17.22 -0.52 -36.03
C ILE E 199 -17.25 0.87 -36.66
N PHE E 200 -16.26 1.17 -37.51
CA PHE E 200 -16.29 2.44 -38.24
C PHE E 200 -17.40 2.45 -39.29
N GLU E 201 -17.71 1.29 -39.87
CA GLU E 201 -18.79 1.23 -40.86
C GLU E 201 -20.13 1.59 -40.23
N GLU E 202 -20.41 1.09 -39.03
CA GLU E 202 -21.64 1.43 -38.35
C GLU E 202 -21.62 2.89 -37.89
N LEU E 203 -20.46 3.36 -37.43
CA LEU E 203 -20.36 4.72 -36.91
C LEU E 203 -20.67 5.75 -38.00
N VAL E 204 -20.11 5.57 -39.19
CA VAL E 204 -20.33 6.53 -40.26
C VAL E 204 -21.77 6.49 -40.74
N LYS E 205 -22.41 5.31 -40.69
CA LYS E 205 -23.82 5.22 -41.08
C LYS E 205 -24.70 6.04 -40.14
N ARG E 206 -24.41 5.99 -38.84
CA ARG E 206 -25.19 6.78 -37.89
C ARG E 206 -24.95 8.27 -38.08
N ALA E 207 -23.71 8.66 -38.38
CA ALA E 207 -23.41 10.08 -38.57
C ALA E 207 -24.07 10.64 -39.82
N CYS E 208 -24.17 9.84 -40.88
CA CYS E 208 -24.85 10.31 -42.08
C CYS E 208 -26.34 10.52 -41.83
N GLU E 209 -26.95 9.66 -41.01
CA GLU E 209 -28.36 9.81 -40.70
C GLU E 209 -28.63 11.11 -39.94
N ILE E 210 -27.74 11.46 -39.01
CA ILE E 210 -27.92 12.69 -38.25
C ILE E 210 -27.79 13.90 -39.17
N LEU E 211 -26.74 13.93 -39.99
CA LEU E 211 -26.51 15.07 -40.87
C LEU E 211 -27.39 15.07 -42.10
N ASP E 212 -28.06 13.95 -42.38
CA ASP E 212 -28.96 13.82 -43.54
C ASP E 212 -28.22 14.10 -44.84
N CYS E 213 -27.11 13.40 -45.05
CA CYS E 213 -26.33 13.51 -46.26
C CYS E 213 -26.04 12.11 -46.81
N LYS E 214 -25.98 12.01 -48.14
CA LYS E 214 -25.78 10.72 -48.78
C LYS E 214 -24.35 10.21 -48.65
N ALA E 215 -23.38 11.11 -48.45
CA ALA E 215 -21.99 10.69 -48.41
C ALA E 215 -21.18 11.68 -47.59
N ILE E 216 -20.00 11.25 -47.18
CA ILE E 216 -19.07 12.06 -46.41
C ILE E 216 -17.74 12.09 -47.15
N LEU E 217 -17.18 13.29 -47.33
CA LEU E 217 -15.98 13.49 -48.11
C LEU E 217 -14.82 13.83 -47.18
N ILE E 218 -13.70 13.13 -47.37
CA ILE E 218 -12.49 13.31 -46.56
C ILE E 218 -11.36 13.76 -47.47
N THR E 219 -10.69 14.84 -47.11
CA THR E 219 -9.58 15.39 -47.88
C THR E 219 -8.28 15.26 -47.10
N PHE E 220 -7.29 14.61 -47.71
CA PHE E 220 -5.94 14.59 -47.19
C PHE E 220 -5.08 15.60 -47.94
N ASP E 221 -3.81 15.66 -47.57
CA ASP E 221 -2.88 16.59 -48.19
C ASP E 221 -1.57 15.87 -48.50
N ASP E 222 -0.61 16.63 -49.03
CA ASP E 222 0.63 16.05 -49.50
C ASP E 222 1.52 15.61 -48.34
N ILE E 223 2.30 14.56 -48.58
CA ILE E 223 3.29 14.10 -47.62
C ILE E 223 4.70 14.53 -48.03
N ASP E 224 4.81 15.61 -48.80
CA ASP E 224 6.11 16.02 -49.35
C ASP E 224 7.09 16.38 -48.24
N THR E 225 6.63 17.10 -47.22
CA THR E 225 7.51 17.47 -46.13
C THR E 225 7.94 16.26 -45.32
N GLN E 226 6.98 15.42 -44.91
CA GLN E 226 7.25 14.22 -44.12
C GLN E 226 7.02 12.99 -45.00
N PHE E 227 8.11 12.43 -45.51
CA PHE E 227 8.02 11.26 -46.38
C PHE E 227 7.40 10.06 -45.67
N ASP E 228 7.77 9.83 -44.41
CA ASP E 228 7.37 8.59 -43.74
C ASP E 228 5.90 8.60 -43.37
N ALA E 229 5.33 9.78 -43.12
CA ALA E 229 3.96 9.87 -42.63
C ALA E 229 2.94 9.29 -43.59
N GLY E 230 3.28 9.14 -44.87
CA GLY E 230 2.33 8.65 -45.85
C GLY E 230 1.98 7.19 -45.71
N TRP E 231 2.82 6.39 -45.05
CA TRP E 231 2.53 4.96 -44.93
C TRP E 231 1.30 4.72 -44.06
N ASP E 232 1.17 5.45 -42.95
CA ASP E 232 0.01 5.25 -42.07
C ASP E 232 -1.28 5.66 -42.75
N VAL E 233 -1.25 6.74 -43.55
CA VAL E 233 -2.43 7.16 -44.28
C VAL E 233 -2.83 6.10 -45.30
N LEU E 234 -1.85 5.56 -46.03
CA LEU E 234 -2.15 4.58 -47.06
C LEU E 234 -2.74 3.31 -46.48
N GLU E 235 -2.18 2.82 -45.37
CA GLU E 235 -2.67 1.57 -44.79
C GLU E 235 -4.07 1.74 -44.22
N SER E 236 -4.36 2.90 -43.63
CA SER E 236 -5.70 3.13 -43.08
C SER E 236 -6.75 3.20 -44.18
N ILE E 237 -6.38 3.73 -45.34
CA ILE E 237 -7.35 3.91 -46.42
C ILE E 237 -7.86 2.57 -46.91
N ARG E 238 -6.96 1.60 -47.11
CA ARG E 238 -7.36 0.31 -47.64
C ARG E 238 -8.06 -0.56 -46.61
N LYS E 239 -7.81 -0.34 -45.32
CA LYS E 239 -8.37 -1.20 -44.28
C LYS E 239 -9.74 -0.71 -43.80
N PHE E 240 -9.84 0.55 -43.40
CA PHE E 240 -11.03 1.07 -42.75
C PHE E 240 -11.98 1.78 -43.71
N PHE E 241 -11.48 2.73 -44.50
CA PHE E 241 -12.33 3.54 -45.36
C PHE E 241 -12.68 2.77 -46.63
N ASN E 242 -13.51 1.74 -46.46
CA ASN E 242 -14.01 0.95 -47.58
C ASN E 242 -15.53 1.02 -47.70
N SER E 243 -16.17 1.95 -47.00
CA SER E 243 -17.62 2.03 -47.01
C SER E 243 -18.12 2.65 -48.32
N ARG E 244 -19.41 2.43 -48.59
CA ARG E 244 -20.05 3.08 -49.72
C ARG E 244 -20.47 4.51 -49.41
N LYS E 245 -20.49 4.89 -48.13
CA LYS E 245 -20.87 6.22 -47.71
C LYS E 245 -19.70 7.19 -47.66
N LEU E 246 -18.49 6.74 -47.95
CA LEU E 246 -17.30 7.56 -47.85
C LEU E 246 -16.67 7.76 -49.22
N VAL E 247 -16.13 8.96 -49.43
CA VAL E 247 -15.32 9.27 -50.60
C VAL E 247 -14.07 9.99 -50.12
N VAL E 248 -12.93 9.60 -50.68
CA VAL E 248 -11.63 10.08 -50.23
C VAL E 248 -10.90 10.71 -51.40
N VAL E 249 -10.27 11.87 -51.15
CA VAL E 249 -9.44 12.55 -52.12
C VAL E 249 -8.07 12.73 -51.52
N ALA E 250 -7.05 12.24 -52.22
CA ALA E 250 -5.66 12.31 -51.74
C ALA E 250 -4.83 13.12 -52.72
N THR E 251 -3.83 13.82 -52.19
CA THR E 251 -2.98 14.70 -52.99
C THR E 251 -1.52 14.37 -52.71
N GLY E 252 -0.72 14.38 -53.78
CA GLY E 252 0.69 14.08 -53.68
C GLY E 252 1.32 13.95 -55.05
N ASP E 253 2.22 12.98 -55.22
CA ASP E 253 2.79 12.68 -56.52
C ASP E 253 3.21 11.22 -56.53
N LEU E 254 2.77 10.47 -57.55
CA LEU E 254 3.04 9.04 -57.60
C LEU E 254 4.53 8.73 -57.69
N ARG E 255 5.34 9.71 -58.08
CA ARG E 255 6.79 9.51 -58.12
C ARG E 255 7.39 9.31 -56.73
N LEU E 256 6.70 9.73 -55.68
CA LEU E 256 7.18 9.60 -54.31
C LEU E 256 6.52 8.46 -53.55
N TYR E 257 5.22 8.23 -53.78
CA TYR E 257 4.57 7.07 -53.17
C TYR E 257 5.19 5.77 -53.64
N SER E 258 5.55 5.68 -54.92
CA SER E 258 6.16 4.46 -55.43
C SER E 258 7.48 4.17 -54.72
N GLN E 259 8.29 5.20 -54.50
CA GLN E 259 9.57 5.00 -53.83
C GLN E 259 9.40 4.75 -52.34
N LEU E 260 8.21 5.03 -51.80
CA LEU E 260 7.90 4.71 -50.41
C LEU E 260 7.37 3.28 -50.26
N ILE E 261 6.38 2.91 -51.08
CA ILE E 261 5.79 1.58 -50.99
C ILE E 261 6.84 0.52 -51.31
N ARG E 262 7.62 0.74 -52.37
CA ARG E 262 8.69 -0.20 -52.72
C ARG E 262 9.72 -0.30 -51.61
N GLY E 263 9.93 0.78 -50.86
CA GLY E 263 10.85 0.73 -49.75
C GLY E 263 10.35 -0.10 -48.59
N LYS E 264 9.03 -0.27 -48.50
CA LYS E 264 8.42 -1.07 -47.44
C LYS E 264 8.29 -2.55 -47.79
N GLN E 265 8.42 -2.92 -49.07
CA GLN E 265 8.32 -4.32 -49.45
C GLN E 265 9.57 -5.10 -49.07
N TYR E 266 10.71 -4.43 -48.97
CA TYR E 266 11.95 -5.14 -48.66
C TYR E 266 11.98 -5.63 -47.22
N GLU E 267 11.30 -4.95 -46.30
CA GLU E 267 11.22 -5.42 -44.93
C GLU E 267 10.50 -6.75 -44.82
N ASN E 268 9.67 -7.10 -45.81
CA ASN E 268 8.97 -8.38 -45.79
C ASN E 268 9.89 -9.56 -46.04
N TYR E 269 11.11 -9.32 -46.52
CA TYR E 269 12.09 -10.38 -46.71
C TYR E 269 12.92 -10.55 -45.44
N SER E 270 13.23 -11.81 -45.11
CA SER E 270 14.07 -12.08 -43.96
C SER E 270 15.45 -11.47 -44.17
N LYS E 271 16.02 -10.91 -43.10
CA LYS E 271 17.32 -10.25 -43.21
C LYS E 271 18.41 -11.25 -43.56
N THR E 272 18.32 -12.47 -43.03
CA THR E 272 19.35 -13.47 -43.29
C THR E 272 19.39 -13.85 -44.77
N LEU E 273 18.22 -14.02 -45.38
CA LEU E 273 18.18 -14.40 -46.80
C LEU E 273 18.74 -13.28 -47.68
N LEU E 274 18.43 -12.03 -47.35
CA LEU E 274 18.91 -10.91 -48.15
C LEU E 274 20.42 -10.81 -48.16
N GLU E 275 21.07 -11.25 -47.09
CA GLU E 275 22.52 -11.12 -46.97
C GLU E 275 23.26 -12.34 -47.51
N GLN E 276 22.62 -13.51 -47.49
CA GLN E 276 23.30 -14.72 -47.95
C GLN E 276 23.29 -14.82 -49.48
N GLU E 277 22.11 -14.89 -50.08
CA GLU E 277 22.01 -15.00 -51.53
C GLU E 277 22.35 -13.66 -52.17
N LYS E 278 23.55 -13.57 -52.75
CA LYS E 278 24.02 -12.26 -53.31
C LYS E 278 24.39 -12.34 -54.80
N GLU E 279 24.39 -13.52 -55.41
CA GLU E 279 24.72 -13.59 -56.84
C GLU E 279 23.68 -12.84 -57.67
N SER E 280 24.16 -12.21 -58.74
CA SER E 280 23.35 -11.24 -59.48
C SER E 280 22.13 -11.87 -60.15
N VAL E 281 22.13 -13.18 -60.36
CA VAL E 281 20.96 -13.81 -60.99
C VAL E 281 19.78 -13.81 -60.02
N ARG E 282 20.04 -14.07 -58.74
CA ARG E 282 18.96 -14.04 -57.75
C ARG E 282 18.57 -12.62 -57.38
N LEU E 283 19.56 -11.73 -57.27
CA LEU E 283 19.27 -10.34 -56.93
C LEU E 283 18.41 -9.68 -58.00
N ALA E 284 18.56 -10.10 -59.26
CA ALA E 284 17.72 -9.54 -60.32
C ALA E 284 16.29 -10.08 -60.22
N GLU E 285 16.14 -11.37 -59.97
CA GLU E 285 14.81 -11.95 -59.82
C GLU E 285 14.11 -11.38 -58.58
N ARG E 286 14.85 -11.25 -57.47
CA ARG E 286 14.28 -10.63 -56.28
C ARG E 286 13.97 -9.16 -56.52
N GLY E 287 14.83 -8.47 -57.28
CA GLY E 287 14.61 -7.08 -57.61
C GLY E 287 13.42 -6.82 -58.51
N TYR E 288 12.83 -7.87 -59.07
CA TYR E 288 11.63 -7.73 -59.88
C TYR E 288 10.35 -8.10 -59.13
N MET E 289 10.43 -9.07 -58.21
CA MET E 289 9.26 -9.42 -57.42
C MET E 289 8.80 -8.24 -56.57
N VAL E 290 9.75 -7.48 -56.03
CA VAL E 290 9.41 -6.29 -55.26
C VAL E 290 8.70 -5.27 -56.14
N GLU E 291 9.24 -5.04 -57.34
CA GLU E 291 8.67 -4.04 -58.23
C GLU E 291 7.26 -4.40 -58.66
N HIS E 292 7.04 -5.68 -59.01
CA HIS E 292 5.71 -6.09 -59.43
C HIS E 292 4.70 -6.00 -58.29
N LEU E 293 5.12 -6.35 -57.07
CA LEU E 293 4.24 -6.22 -55.92
C LEU E 293 3.87 -4.77 -55.67
N GLU E 294 4.83 -3.85 -55.86
CA GLU E 294 4.56 -2.44 -55.66
C GLU E 294 3.50 -1.93 -56.62
N GLN E 295 3.60 -2.29 -57.89
CA GLN E 295 2.63 -1.82 -58.88
C GLN E 295 1.23 -2.35 -58.58
N GLN E 296 1.13 -3.63 -58.22
CA GLN E 296 -0.19 -4.21 -57.93
C GLN E 296 -0.81 -3.57 -56.69
N TYR E 297 -0.03 -3.35 -55.64
CA TYR E 297 -0.56 -2.74 -54.42
C TYR E 297 -1.07 -1.33 -54.68
N LEU E 298 -0.29 -0.53 -55.42
CA LEU E 298 -0.71 0.83 -55.72
C LEU E 298 -1.90 0.85 -56.66
N LEU E 299 -1.94 -0.06 -57.62
CA LEU E 299 -3.02 -0.05 -58.61
C LEU E 299 -4.36 -0.43 -57.98
N LYS E 300 -4.34 -1.20 -56.89
CA LYS E 300 -5.57 -1.58 -56.22
C LYS E 300 -6.07 -0.50 -55.26
N LEU E 301 -5.22 0.47 -54.92
CA LEU E 301 -5.62 1.53 -53.98
C LEU E 301 -6.16 2.75 -54.72
N PHE E 302 -5.36 3.34 -55.60
CA PHE E 302 -5.79 4.47 -56.41
C PHE E 302 -6.11 3.98 -57.81
N PRO E 303 -7.38 3.84 -58.19
CA PRO E 303 -7.70 3.39 -59.54
C PRO E 303 -7.18 4.36 -60.58
N VAL E 304 -6.73 3.81 -61.72
CA VAL E 304 -6.13 4.65 -62.77
C VAL E 304 -7.17 5.56 -63.39
N GLN E 305 -8.42 5.10 -63.54
CA GLN E 305 -9.46 5.91 -64.15
C GLN E 305 -10.00 6.98 -63.22
N LYS E 306 -9.39 7.17 -62.05
CA LYS E 306 -9.81 8.20 -61.11
C LYS E 306 -8.79 9.31 -60.93
N ARG E 307 -7.54 9.10 -61.37
CA ARG E 307 -6.49 10.07 -61.14
C ARG E 307 -6.71 11.34 -61.96
N ILE E 308 -6.24 12.46 -61.42
CA ILE E 308 -6.29 13.75 -62.10
C ILE E 308 -4.89 14.36 -62.00
N GLN E 309 -4.39 14.90 -63.11
CA GLN E 309 -3.05 15.44 -63.17
C GLN E 309 -3.08 16.95 -63.25
N LEU E 310 -2.19 17.61 -62.51
CA LEU E 310 -2.07 19.05 -62.49
C LEU E 310 -1.07 19.49 -63.56
N LYS E 311 -1.56 20.16 -64.59
CA LYS E 311 -0.69 20.64 -65.66
C LYS E 311 0.05 21.89 -65.21
N THR E 312 1.34 21.96 -65.51
CA THR E 312 2.13 23.13 -65.15
C THR E 312 1.85 24.27 -66.13
N MET E 313 2.43 25.43 -65.83
CA MET E 313 2.11 26.66 -66.56
C MET E 313 2.38 26.52 -68.05
N LEU E 314 3.39 25.75 -68.44
CA LEU E 314 3.76 25.67 -69.85
C LEU E 314 2.64 25.05 -70.68
N GLN E 315 1.98 24.02 -70.17
CA GLN E 315 0.92 23.37 -70.94
C GLN E 315 -0.35 24.21 -71.00
N LEU E 316 -0.53 25.15 -70.07
CA LEU E 316 -1.72 26.00 -70.10
C LEU E 316 -1.57 27.12 -71.11
N VAL E 317 -0.55 27.97 -70.95
CA VAL E 317 -0.35 29.07 -71.87
C VAL E 317 0.02 28.60 -73.26
N GLY E 318 0.52 27.37 -73.39
CA GLY E 318 0.90 26.85 -74.69
C GLY E 318 2.25 27.36 -75.16
N GLU E 319 2.44 27.29 -76.47
CA GLU E 319 3.68 27.73 -77.11
C GLU E 319 3.50 29.14 -77.66
N LYS E 320 4.61 29.72 -78.11
CA LYS E 320 4.58 31.07 -78.67
C LYS E 320 3.66 31.15 -79.88
N GLY E 321 3.78 30.18 -80.79
CA GLY E 321 2.99 30.18 -82.01
C GLY E 321 1.59 29.63 -81.83
N LYS E 322 1.49 28.39 -81.37
CA LYS E 322 0.20 27.73 -81.18
C LYS E 322 -0.48 28.31 -79.95
N ALA E 323 -1.46 29.18 -80.19
CA ALA E 323 -2.21 29.77 -79.08
C ALA E 323 -2.99 28.69 -78.34
N GLY E 324 -2.95 28.74 -77.01
CA GLY E 324 -3.59 27.74 -76.20
C GLY E 324 -5.09 27.93 -76.10
N LYS E 325 -5.74 26.99 -75.41
CA LYS E 325 -7.18 27.03 -75.19
C LYS E 325 -7.57 27.96 -74.05
N GLU E 326 -6.61 28.51 -73.31
CA GLU E 326 -6.90 29.41 -72.21
C GLU E 326 -5.77 30.42 -72.10
N GLU E 327 -6.07 31.56 -71.48
CA GLU E 327 -5.13 32.67 -71.37
C GLU E 327 -5.01 33.11 -69.92
N ILE E 328 -3.79 33.52 -69.55
CA ILE E 328 -3.50 34.01 -68.21
C ILE E 328 -2.80 35.35 -68.33
N LYS E 329 -3.21 36.31 -67.51
CA LYS E 329 -2.60 37.63 -67.47
C LYS E 329 -2.28 38.01 -66.04
N VAL E 330 -1.28 38.87 -65.87
CA VAL E 330 -0.80 39.27 -64.55
C VAL E 330 -0.74 40.78 -64.47
N LYS E 331 -0.70 41.28 -63.23
CA LYS E 331 -0.50 42.69 -62.95
C LYS E 331 0.96 42.95 -62.64
N THR E 332 1.41 44.18 -62.92
CA THR E 332 2.81 44.54 -62.80
C THR E 332 3.09 45.59 -61.74
N GLU E 333 2.30 46.65 -61.66
CA GLU E 333 2.45 47.70 -60.67
C GLU E 333 1.11 47.95 -60.00
N PRO E 334 1.12 48.48 -58.78
CA PRO E 334 -0.16 48.72 -58.09
C PRO E 334 -1.01 49.74 -58.83
N GLY E 335 -2.33 49.57 -58.71
CA GLY E 335 -3.27 50.46 -59.37
C GLY E 335 -3.62 50.08 -60.79
N MET E 336 -3.00 49.05 -61.35
CA MET E 336 -3.33 48.59 -62.70
C MET E 336 -4.75 48.05 -62.73
N GLN E 337 -5.66 48.74 -63.42
CA GLN E 337 -7.00 48.20 -63.58
C GLN E 337 -6.94 47.00 -64.52
N ASP E 338 -7.94 46.13 -64.40
CA ASP E 338 -7.85 44.78 -64.96
C ASP E 338 -7.76 44.75 -66.48
N ILE E 339 -8.08 45.85 -67.17
CA ILE E 339 -8.15 45.79 -68.63
C ILE E 339 -6.77 45.62 -69.25
N ASP E 340 -5.78 46.36 -68.77
CA ASP E 340 -4.46 46.40 -69.41
C ASP E 340 -3.47 45.43 -68.77
N ALA E 341 -3.88 44.17 -68.61
CA ALA E 341 -3.02 43.17 -68.01
C ALA E 341 -2.26 42.44 -69.11
N ILE E 342 -0.94 42.32 -68.94
CA ILE E 342 -0.08 41.72 -69.95
C ILE E 342 -0.05 40.21 -69.75
N ASP E 343 0.21 39.49 -70.84
CA ASP E 343 0.27 38.04 -70.79
C ASP E 343 1.48 37.58 -69.99
N VAL E 344 1.35 36.41 -69.36
CA VAL E 344 2.43 35.88 -68.52
C VAL E 344 3.66 35.61 -69.36
N ARG E 345 3.48 35.00 -70.54
CA ARG E 345 4.63 34.74 -71.41
C ARG E 345 5.32 36.03 -71.81
N GLN E 346 4.53 37.06 -72.14
CA GLN E 346 5.11 38.37 -72.45
C GLN E 346 5.74 38.98 -71.21
N ALA E 347 5.15 38.76 -70.04
CA ALA E 347 5.71 39.31 -68.80
C ALA E 347 7.06 38.70 -68.50
N ILE E 348 7.21 37.39 -68.73
CA ILE E 348 8.51 36.74 -68.52
C ILE E 348 9.53 37.28 -69.53
N GLY E 349 9.11 37.45 -70.78
CA GLY E 349 10.04 37.91 -71.81
C GLY E 349 10.60 39.29 -71.54
N ASP E 350 9.73 40.20 -71.09
CA ASP E 350 10.19 41.55 -70.77
C ASP E 350 11.20 41.57 -69.64
N ALA E 351 11.20 40.55 -68.78
CA ALA E 351 12.20 40.41 -67.73
C ALA E 351 13.41 39.62 -68.19
N VAL E 352 13.38 39.07 -69.41
CA VAL E 352 14.48 38.29 -69.96
C VAL E 352 15.19 39.05 -71.07
N ARG E 353 14.43 39.60 -72.02
CA ARG E 353 15.03 40.41 -73.08
C ARG E 353 15.78 41.60 -72.51
N GLU E 354 15.14 42.34 -71.61
CA GLU E 354 15.79 43.47 -70.97
C GLU E 354 16.76 43.03 -69.88
N GLY E 355 16.43 41.95 -69.17
CA GLY E 355 17.27 41.51 -68.08
C GLY E 355 18.63 41.02 -68.54
N LEU E 356 18.66 40.21 -69.60
CA LEU E 356 19.90 39.65 -70.11
C LEU E 356 20.46 40.45 -71.30
N ASN E 357 19.84 41.58 -71.64
CA ASN E 357 20.23 42.38 -72.79
C ASN E 357 20.25 41.55 -74.06
N LEU E 358 19.26 40.66 -74.19
CA LEU E 358 19.18 39.72 -75.29
C LEU E 358 18.10 40.17 -76.27
N ARG E 359 18.45 40.26 -77.54
CA ARG E 359 17.49 40.66 -78.56
C ARG E 359 16.40 39.60 -78.67
N GLU E 360 15.17 40.06 -78.95
CA GLU E 360 14.05 39.15 -79.12
C GLU E 360 14.31 38.22 -80.30
N GLY E 361 14.07 36.92 -80.08
CA GLY E 361 14.33 35.94 -81.11
C GLY E 361 14.15 34.53 -80.58
N SER E 362 14.74 33.57 -81.31
CA SER E 362 14.61 32.18 -80.92
C SER E 362 15.27 31.92 -79.56
N ASP E 363 16.44 32.51 -79.33
CA ASP E 363 17.15 32.28 -78.07
C ASP E 363 16.36 32.82 -76.89
N ALA E 364 15.75 34.00 -77.04
CA ALA E 364 14.93 34.55 -75.96
C ALA E 364 13.76 33.63 -75.64
N ASP E 365 13.14 33.05 -76.67
CA ASP E 365 12.05 32.11 -76.46
C ASP E 365 12.52 30.85 -75.73
N MET E 366 13.82 30.52 -75.81
CA MET E 366 14.31 29.34 -75.12
C MET E 366 14.37 29.55 -73.62
N TYR E 367 14.86 30.72 -73.19
CA TYR E 367 14.97 30.99 -71.75
C TYR E 367 13.60 31.04 -71.09
N VAL E 368 12.62 31.68 -71.73
CA VAL E 368 11.29 31.79 -71.14
C VAL E 368 10.60 30.43 -71.12
N ASN E 369 10.79 29.63 -72.16
CA ASN E 369 10.19 28.29 -72.17
C ASN E 369 10.80 27.39 -71.12
N GLU E 370 12.06 27.61 -70.76
CA GLU E 370 12.65 26.86 -69.65
C GLU E 370 12.11 27.34 -68.31
N LEU E 371 11.90 28.65 -68.17
CA LEU E 371 11.40 29.18 -66.91
C LEU E 371 9.97 28.74 -66.63
N LEU E 372 9.17 28.52 -67.66
CA LEU E 372 7.80 28.06 -67.46
C LEU E 372 7.77 26.65 -66.88
N LYS E 373 8.73 25.81 -67.28
CA LYS E 373 8.79 24.44 -66.78
C LYS E 373 9.12 24.37 -65.29
N GLN E 374 9.59 25.46 -64.69
CA GLN E 374 9.85 25.49 -63.27
C GLN E 374 8.54 25.39 -62.50
N PRO E 375 8.58 24.91 -61.26
CA PRO E 375 7.36 24.82 -60.46
C PRO E 375 6.73 26.19 -60.24
N VAL E 376 5.41 26.21 -60.11
CA VAL E 376 4.67 27.45 -59.93
C VAL E 376 5.13 28.19 -58.69
N ARG E 377 5.56 27.42 -57.68
CA ARG E 377 6.04 28.03 -56.40
C ARG E 377 7.31 28.85 -56.65
N LEU E 378 8.04 28.55 -57.73
CA LEU E 378 9.25 29.28 -58.07
C LEU E 378 9.06 30.26 -59.22
N LEU E 379 8.13 29.96 -60.14
CA LEU E 379 7.83 30.92 -61.21
C LEU E 379 7.24 32.20 -60.63
N MET E 380 6.25 32.07 -59.76
CA MET E 380 5.66 33.22 -59.09
C MET E 380 6.57 33.79 -58.00
N GLN E 381 7.72 33.16 -57.75
CA GLN E 381 8.64 33.65 -56.74
C GLN E 381 9.63 34.64 -57.32
N VAL E 382 10.07 34.42 -58.56
CA VAL E 382 10.94 35.38 -59.22
C VAL E 382 10.17 36.64 -59.60
N LEU E 383 8.94 36.48 -60.10
CA LEU E 383 8.15 37.63 -60.55
C LEU E 383 7.84 38.57 -59.40
N GLN E 384 7.47 38.04 -58.24
CA GLN E 384 7.13 38.88 -57.10
C GLN E 384 8.33 39.67 -56.57
N ASP E 385 9.55 39.31 -56.97
CA ASP E 385 10.73 40.03 -56.54
C ASP E 385 11.27 40.99 -57.60
N PHE E 386 11.21 40.60 -58.87
CA PHE E 386 11.72 41.48 -59.93
C PHE E 386 10.83 42.71 -60.09
N TYR E 387 9.52 42.51 -60.18
CA TYR E 387 8.62 43.63 -60.44
C TYR E 387 8.46 44.52 -59.22
N THR E 388 8.41 43.93 -58.03
CA THR E 388 8.30 44.74 -56.81
C THR E 388 9.53 45.63 -56.63
N LYS E 389 10.72 45.08 -56.84
CA LYS E 389 11.93 45.91 -56.79
C LYS E 389 12.02 46.85 -57.98
N LYS E 390 11.29 46.56 -59.07
CA LYS E 390 11.27 47.48 -60.21
C LYS E 390 10.43 48.70 -59.91
N TYR E 391 9.31 48.52 -59.22
CA TYR E 391 8.43 49.64 -58.92
C TYR E 391 9.09 50.61 -57.95
N HIS E 392 9.72 50.09 -56.89
CA HIS E 392 10.35 50.97 -55.90
C HIS E 392 11.60 51.63 -56.46
N ALA E 393 12.33 50.95 -57.35
CA ALA E 393 13.47 51.60 -58.00
C ALA E 393 13.01 52.75 -58.88
N THR E 394 11.93 52.54 -59.65
CA THR E 394 11.37 53.62 -60.44
C THR E 394 10.72 54.67 -59.56
N SER E 395 9.90 54.23 -58.59
CA SER E 395 9.18 55.11 -57.68
C SER E 395 8.38 56.18 -58.42
N LEU E 411 19.49 52.87 -63.99
CA LEU E 411 18.63 51.90 -63.32
C LEU E 411 19.33 50.54 -63.18
N SER E 412 19.99 50.11 -64.26
CA SER E 412 20.69 48.83 -64.30
C SER E 412 19.73 47.67 -63.99
N VAL E 413 18.78 47.49 -64.90
CA VAL E 413 17.75 46.45 -64.80
C VAL E 413 18.37 45.07 -64.53
N PRO E 414 19.48 44.68 -65.18
CA PRO E 414 20.08 43.38 -64.83
C PRO E 414 20.45 43.26 -63.36
N ASN E 415 20.71 44.37 -62.68
CA ASN E 415 20.94 44.29 -61.24
C ASN E 415 19.70 43.83 -60.50
N LEU E 416 18.51 44.20 -61.00
CA LEU E 416 17.28 43.70 -60.40
C LEU E 416 17.06 42.23 -60.72
N LEU E 417 17.35 41.83 -61.96
CA LEU E 417 17.13 40.44 -62.36
C LEU E 417 18.08 39.49 -61.65
N ARG E 418 19.36 39.87 -61.52
CA ARG E 418 20.32 39.01 -60.84
C ARG E 418 19.91 38.76 -59.41
N ASN E 419 19.50 39.81 -58.69
CA ASN E 419 19.11 39.67 -57.30
C ASN E 419 17.87 38.80 -57.14
N ALA E 420 17.08 38.65 -58.20
CA ALA E 420 15.90 37.78 -58.14
C ALA E 420 16.29 36.33 -58.40
N LEU E 421 17.01 36.07 -59.50
CA LEU E 421 17.37 34.71 -59.84
C LEU E 421 18.32 34.10 -58.81
N TYR E 422 19.26 34.90 -58.30
CA TYR E 422 20.23 34.36 -57.34
C TYR E 422 19.53 33.87 -56.07
N GLY E 423 18.57 34.63 -55.56
CA GLY E 423 17.84 34.17 -54.38
C GLY E 423 16.94 32.98 -54.68
N SER E 424 16.25 33.01 -55.82
CA SER E 424 15.28 31.97 -56.12
C SER E 424 15.96 30.63 -56.41
N MET E 425 16.98 30.64 -57.28
CA MET E 425 17.69 29.43 -57.66
C MET E 425 18.79 29.07 -56.66
N LEU E 426 18.75 29.63 -55.45
CA LEU E 426 19.91 29.66 -54.58
C LEU E 426 20.45 28.26 -54.27
N SER E 427 19.55 27.29 -54.09
CA SER E 427 19.99 25.94 -53.73
C SER E 427 20.84 25.32 -54.82
N SER E 428 20.52 25.62 -56.09
CA SER E 428 21.25 25.00 -57.19
C SER E 428 22.70 25.47 -57.26
N ILE E 429 22.99 26.69 -56.81
CA ILE E 429 24.37 27.18 -56.83
C ILE E 429 25.24 26.36 -55.89
N TYR E 430 24.74 26.04 -54.70
CA TYR E 430 25.53 25.28 -53.74
C TYR E 430 25.90 23.91 -54.28
N ARG E 431 24.96 23.21 -54.92
CA ARG E 431 25.26 21.90 -55.49
C ARG E 431 26.29 22.02 -56.60
N ALA E 432 26.19 23.06 -57.42
CA ALA E 432 27.11 23.25 -58.53
C ALA E 432 28.53 23.59 -58.08
N GLY E 433 28.73 23.91 -56.82
CA GLY E 433 30.03 24.32 -56.34
C GLY E 433 30.41 25.73 -56.69
N LEU E 434 29.48 26.51 -57.24
CA LEU E 434 29.78 27.84 -57.73
C LEU E 434 30.05 28.79 -56.56
N ASN E 435 30.39 30.02 -56.90
CA ASN E 435 30.65 31.02 -55.88
C ASN E 435 29.34 31.51 -55.27
N TYR E 436 29.41 31.97 -54.02
CA TYR E 436 28.22 32.32 -53.27
C TYR E 436 28.31 33.64 -52.53
N GLU E 437 29.50 34.19 -52.35
CA GLU E 437 29.67 35.31 -51.45
C GLU E 437 29.04 36.56 -52.06
N GLN E 438 28.56 37.47 -51.21
CA GLN E 438 27.76 38.59 -51.69
C GLN E 438 28.57 39.82 -52.05
N HIS E 439 29.64 40.12 -51.30
CA HIS E 439 30.40 41.33 -51.56
C HIS E 439 31.72 41.04 -52.29
N ARG E 440 31.73 40.05 -53.16
CA ARG E 440 32.89 39.75 -53.99
C ARG E 440 32.56 39.68 -55.47
N PHE E 441 31.36 40.09 -55.88
CA PHE E 441 30.99 40.04 -57.28
C PHE E 441 31.86 40.98 -58.11
N GLY E 442 32.26 40.53 -59.29
CA GLY E 442 33.10 41.34 -60.16
C GLY E 442 33.78 40.50 -61.21
N MET E 443 34.86 41.06 -61.78
CA MET E 443 35.63 40.36 -62.79
C MET E 443 36.27 39.09 -62.24
N ASP E 444 36.84 39.16 -61.04
CA ASP E 444 37.63 38.03 -60.52
C ASP E 444 36.76 36.79 -60.34
N SER E 445 35.55 36.96 -59.81
CA SER E 445 34.69 35.80 -59.57
C SER E 445 34.19 35.20 -60.88
N LEU E 446 33.69 36.05 -61.79
CA LEU E 446 33.01 35.55 -62.98
C LEU E 446 33.96 34.77 -63.89
N CYS E 447 35.22 35.20 -63.99
CA CYS E 447 36.18 34.46 -64.81
C CYS E 447 36.45 33.09 -64.22
N LYS E 448 36.62 33.01 -62.90
CA LYS E 448 36.72 31.71 -62.24
C LYS E 448 35.36 31.00 -62.25
N ASP E 449 34.27 31.76 -62.14
CA ASP E 449 32.94 31.17 -62.13
C ASP E 449 32.62 30.48 -63.46
N ILE E 450 33.00 31.11 -64.58
CA ILE E 450 32.68 30.55 -65.88
C ILE E 450 33.46 29.27 -66.15
N PHE E 451 34.60 29.08 -65.50
CA PHE E 451 35.38 27.86 -65.72
C PHE E 451 34.78 26.66 -65.01
N THR E 452 34.07 26.89 -63.90
CA THR E 452 33.49 25.78 -63.15
C THR E 452 32.28 25.18 -63.86
N TYR E 453 31.41 26.03 -64.41
CA TYR E 453 30.19 25.54 -65.05
C TYR E 453 30.50 24.66 -66.25
N VAL E 454 31.45 25.08 -67.08
CA VAL E 454 31.83 24.25 -68.22
C VAL E 454 32.53 22.98 -67.76
N LYS E 455 33.27 23.04 -66.65
CA LYS E 455 33.95 21.87 -66.13
C LYS E 455 32.96 20.78 -65.75
N GLN E 456 31.87 21.16 -65.09
CA GLN E 456 30.87 20.19 -64.66
C GLN E 456 29.94 19.76 -65.78
N ASP E 457 29.90 20.50 -66.88
CA ASP E 457 29.04 20.16 -68.01
C ASP E 457 29.70 19.23 -69.01
N ARG E 458 30.98 18.92 -68.82
CA ARG E 458 31.74 18.04 -69.73
C ARG E 458 31.68 18.53 -71.17
N ASP E 459 31.72 19.85 -71.36
CA ASP E 459 31.69 20.43 -72.69
C ASP E 459 32.61 21.64 -72.72
N PHE E 460 33.29 21.85 -73.86
CA PHE E 460 34.20 22.97 -74.01
C PHE E 460 33.88 23.76 -75.27
N ASN E 461 33.34 23.10 -76.29
CA ASN E 461 33.07 23.77 -77.55
C ASN E 461 31.95 24.79 -77.40
N THR E 462 30.75 24.33 -77.06
CA THR E 462 29.58 25.18 -76.90
C THR E 462 29.31 25.51 -75.44
N GLY E 463 30.20 25.08 -74.54
CA GLY E 463 29.93 25.23 -73.11
C GLY E 463 29.83 26.68 -72.68
N PHE E 464 30.71 27.54 -73.19
CA PHE E 464 30.76 28.93 -72.73
C PHE E 464 29.70 29.82 -73.39
N TYR E 465 28.69 29.24 -74.04
CA TYR E 465 27.55 30.02 -74.50
C TYR E 465 26.49 30.21 -73.42
N LEU E 466 26.63 29.53 -72.28
CA LEU E 466 25.65 29.60 -71.20
C LEU E 466 24.25 29.26 -71.69
N ARG E 467 24.16 28.26 -72.56
CA ARG E 467 22.87 27.78 -73.03
C ARG E 467 22.17 26.99 -71.93
N PRO E 468 20.84 26.99 -71.90
CA PRO E 468 20.11 26.19 -70.92
C PRO E 468 19.86 24.76 -71.39
N GLN E 469 20.57 24.34 -72.44
CA GLN E 469 20.31 23.07 -73.10
C GLN E 469 21.05 21.90 -72.46
N SER E 470 21.37 21.99 -71.17
CA SER E 470 21.96 20.86 -70.47
C SER E 470 20.88 19.82 -70.15
N GLU E 471 21.27 18.77 -69.44
CA GLU E 471 20.34 17.70 -69.09
C GLU E 471 20.03 17.61 -67.61
N SER E 472 20.95 18.04 -66.74
CA SER E 472 20.71 17.99 -65.32
C SER E 472 19.98 19.25 -64.86
N GLU E 473 19.04 19.08 -63.92
CA GLU E 473 18.30 20.21 -63.39
C GLU E 473 19.21 21.15 -62.61
N ALA E 474 20.18 20.62 -61.87
CA ALA E 474 21.08 21.45 -61.09
C ALA E 474 21.98 22.32 -61.96
N LEU E 475 22.07 22.05 -63.26
CA LEU E 475 22.85 22.88 -64.17
C LEU E 475 21.99 23.68 -65.14
N ARG E 476 20.68 23.45 -65.16
CA ARG E 476 19.76 24.31 -65.89
C ARG E 476 19.31 25.51 -65.08
N ASN E 477 19.61 25.53 -63.78
CA ASN E 477 19.34 26.68 -62.94
C ASN E 477 20.56 27.58 -62.78
N CYS E 478 21.76 27.05 -62.99
CA CYS E 478 22.99 27.82 -62.89
C CYS E 478 23.45 28.38 -64.23
N SER E 479 22.72 28.11 -65.30
CA SER E 479 23.05 28.68 -66.61
C SER E 479 22.32 30.00 -66.83
N ILE E 480 21.02 30.03 -66.54
CA ILE E 480 20.25 31.27 -66.69
C ILE E 480 20.72 32.31 -65.69
N TYR E 481 21.08 31.89 -64.47
CA TYR E 481 21.60 32.83 -63.49
C TYR E 481 22.94 33.39 -63.93
N LEU E 482 23.80 32.53 -64.50
CA LEU E 482 25.10 33.00 -64.99
C LEU E 482 24.93 33.93 -66.18
N ALA E 483 23.97 33.65 -67.06
CA ALA E 483 23.71 34.56 -68.17
C ALA E 483 23.28 35.93 -67.66
N SER E 484 22.58 35.97 -66.53
CA SER E 484 22.21 37.25 -65.92
C SER E 484 23.39 37.90 -65.21
N GLN E 485 24.28 37.10 -64.62
CA GLN E 485 25.43 37.68 -63.93
C GLN E 485 26.36 38.41 -64.89
N VAL E 486 26.62 37.81 -66.06
CA VAL E 486 27.52 38.45 -67.01
C VAL E 486 26.85 39.64 -67.68
N SER E 487 25.53 39.56 -67.90
CA SER E 487 24.83 40.67 -68.55
C SER E 487 24.90 41.93 -67.71
N GLU E 488 24.77 41.80 -66.39
CA GLU E 488 24.95 42.94 -65.48
C GLU E 488 26.37 43.48 -65.53
N ASN E 489 27.34 42.60 -65.28
CA ASN E 489 28.65 43.07 -64.83
C ASN E 489 29.42 43.73 -65.97
N CYS E 490 29.35 43.16 -67.16
CA CYS E 490 29.96 43.75 -68.35
C CYS E 490 28.90 44.49 -69.16
N GLN E 491 28.42 45.59 -68.59
CA GLN E 491 27.39 46.41 -69.23
C GLN E 491 27.82 47.86 -69.18
N GLY E 492 27.68 48.56 -70.29
CA GLY E 492 28.04 49.97 -70.35
C GLY E 492 29.50 50.24 -70.13
N SER E 493 30.37 49.37 -70.63
CA SER E 493 31.81 49.57 -70.50
C SER E 493 32.50 48.73 -71.58
N LEU E 494 33.73 49.14 -71.88
CA LEU E 494 34.53 48.45 -72.90
C LEU E 494 35.72 47.69 -72.33
N SER E 495 36.31 48.18 -71.24
CA SER E 495 37.41 47.45 -70.61
C SER E 495 36.94 46.10 -70.08
N LYS E 496 35.74 46.06 -69.50
CA LYS E 496 35.21 44.79 -69.00
C LYS E 496 34.74 43.87 -70.11
N PHE E 497 34.23 44.44 -71.21
CA PHE E 497 33.74 43.61 -72.31
C PHE E 497 34.86 42.81 -72.94
N LEU E 498 36.05 43.40 -73.05
CA LEU E 498 37.17 42.70 -73.65
C LEU E 498 37.86 41.73 -72.70
N GLN E 499 37.59 41.82 -71.39
CA GLN E 499 38.22 40.91 -70.46
C GLN E 499 37.61 39.51 -70.52
N MET E 500 36.28 39.43 -70.62
CA MET E 500 35.64 38.13 -70.78
C MET E 500 36.01 37.49 -72.12
N LEU E 501 36.01 38.30 -73.19
CA LEU E 501 36.37 37.77 -74.50
C LEU E 501 37.78 37.20 -74.52
N LEU E 502 38.68 37.75 -73.70
CA LEU E 502 40.05 37.26 -73.67
C LEU E 502 40.28 36.22 -72.56
N VAL E 503 39.62 36.37 -71.42
CA VAL E 503 39.83 35.51 -70.26
C VAL E 503 38.63 34.61 -69.99
N GLY E 504 37.43 35.18 -69.96
CA GLY E 504 36.26 34.40 -69.61
C GLY E 504 35.94 33.33 -70.63
N CYS E 505 35.79 33.72 -71.89
CA CYS E 505 35.48 32.78 -72.96
C CYS E 505 36.73 32.28 -73.67
N GLY E 506 37.91 32.70 -73.24
CA GLY E 506 39.13 32.29 -73.89
C GLY E 506 39.83 31.13 -73.20
N SER E 507 39.84 31.16 -71.87
CA SER E 507 40.51 30.12 -71.10
C SER E 507 39.86 28.75 -71.28
N VAL E 508 38.60 28.70 -71.70
CA VAL E 508 37.93 27.42 -71.92
C VAL E 508 38.53 26.69 -73.12
N SER E 509 38.71 27.41 -74.23
CA SER E 509 39.19 26.77 -75.45
C SER E 509 40.68 26.45 -75.39
N ILE E 510 41.47 27.31 -74.74
CA ILE E 510 42.92 27.07 -74.65
C ILE E 510 43.19 25.76 -73.93
N PHE E 511 42.50 25.52 -72.82
CA PHE E 511 42.66 24.26 -72.10
C PHE E 511 42.23 23.07 -72.95
N ASN E 512 41.14 23.22 -73.69
CA ASN E 512 40.60 22.13 -74.50
C ASN E 512 41.47 21.78 -75.69
N GLN E 513 42.46 22.59 -76.03
CA GLN E 513 43.25 22.35 -77.22
C GLN E 513 44.74 22.17 -76.97
N PHE E 514 45.29 22.75 -75.90
CA PHE E 514 46.74 22.76 -75.72
C PHE E 514 47.22 22.07 -74.45
N VAL E 515 46.34 21.75 -73.50
CA VAL E 515 46.78 21.14 -72.25
C VAL E 515 46.06 19.82 -72.01
N THR E 516 44.86 19.67 -72.57
CA THR E 516 44.05 18.50 -72.27
C THR E 516 44.56 17.23 -72.93
N GLU E 517 45.53 17.32 -73.84
CA GLU E 517 46.06 16.16 -74.54
C GLU E 517 47.18 15.47 -73.77
N LEU E 518 47.23 15.64 -72.46
CA LEU E 518 48.24 14.98 -71.63
C LEU E 518 47.69 13.71 -71.01
N ASP E 524 42.07 7.59 -65.43
CA ASP E 524 43.03 8.64 -65.11
C ASP E 524 42.32 9.93 -64.72
N ARG E 525 41.13 9.78 -64.12
CA ARG E 525 40.35 10.94 -63.74
C ARG E 525 41.00 11.76 -62.63
N GLU E 526 41.93 11.17 -61.88
CA GLU E 526 42.65 11.95 -60.88
C GLU E 526 43.71 12.85 -61.51
N LYS E 527 44.29 12.41 -62.63
CA LYS E 527 45.26 13.25 -63.33
C LYS E 527 44.57 14.38 -64.08
N PHE E 528 43.38 14.12 -64.62
CA PHE E 528 42.60 15.16 -65.28
C PHE E 528 42.25 16.27 -64.30
N GLU E 529 41.90 15.91 -63.07
CA GLU E 529 41.70 16.92 -62.04
C GLU E 529 43.02 17.50 -61.56
N GLN E 530 44.08 16.69 -61.55
CA GLN E 530 45.41 17.21 -61.23
C GLN E 530 45.85 18.24 -62.26
N LEU E 531 45.57 17.99 -63.54
CA LEU E 531 45.92 18.95 -64.59
C LEU E 531 45.17 20.26 -64.42
N ILE E 532 43.88 20.17 -64.08
CA ILE E 532 43.08 21.38 -63.91
C ILE E 532 43.59 22.21 -62.73
N SER E 533 43.98 21.55 -61.64
CA SER E 533 44.47 22.26 -60.47
C SER E 533 45.78 22.99 -60.74
N GLU E 534 46.47 22.65 -61.83
CA GLU E 534 47.68 23.35 -62.24
C GLU E 534 47.42 24.44 -63.27
N TYR E 535 46.51 24.20 -64.21
CA TYR E 535 46.21 25.21 -65.22
C TYR E 535 45.60 26.45 -64.59
N VAL E 536 44.71 26.27 -63.62
CA VAL E 536 44.10 27.41 -62.94
C VAL E 536 45.16 28.17 -62.13
N ALA E 537 45.99 27.43 -61.39
CA ALA E 537 47.01 28.06 -60.55
C ALA E 537 48.11 28.72 -61.37
N TYR E 538 48.24 28.39 -62.66
CA TYR E 538 49.24 29.02 -63.52
C TYR E 538 48.65 30.20 -64.29
N MET E 539 47.56 29.98 -65.02
CA MET E 539 46.91 31.06 -65.75
C MET E 539 46.30 32.10 -64.83
N SER E 540 46.11 31.78 -63.56
CA SER E 540 45.54 32.69 -62.57
C SER E 540 44.18 33.21 -63.03
N VAL E 541 43.23 32.28 -63.18
CA VAL E 541 41.87 32.66 -63.53
C VAL E 541 41.29 33.57 -62.45
N GLY E 542 41.47 33.21 -61.19
CA GLY E 542 41.31 34.16 -60.10
C GLY E 542 42.63 34.81 -59.75
N ARG E 543 42.55 35.82 -58.89
CA ARG E 543 43.73 36.58 -58.46
C ARG E 543 44.44 37.18 -59.69
N ILE E 544 43.66 37.60 -60.68
CA ILE E 544 44.22 38.14 -61.90
C ILE E 544 44.71 39.56 -61.65
N GLU E 545 45.77 39.95 -62.37
CA GLU E 545 46.34 41.28 -62.25
C GLU E 545 45.91 42.20 -63.38
N SER E 546 46.04 41.74 -64.63
CA SER E 546 45.67 42.55 -65.78
C SER E 546 45.52 41.65 -66.99
N ALA E 547 44.71 42.10 -67.96
CA ALA E 547 44.54 41.34 -69.18
C ALA E 547 45.84 41.24 -69.97
N SER E 548 46.76 42.19 -69.79
CA SER E 548 48.06 42.11 -70.45
C SER E 548 48.92 41.01 -69.83
N HIS E 549 48.94 40.94 -68.49
CA HIS E 549 49.72 39.89 -67.83
C HIS E 549 49.16 38.50 -68.14
N TRP E 550 47.85 38.39 -68.34
CA TRP E 550 47.26 37.12 -68.71
C TRP E 550 47.76 36.65 -70.08
N ALA E 551 47.89 37.58 -71.02
CA ALA E 551 48.33 37.21 -72.37
C ALA E 551 49.77 36.71 -72.37
N ASN E 552 50.63 37.32 -71.55
CA ASN E 552 52.03 36.88 -71.49
C ASN E 552 52.13 35.45 -70.98
N ARG E 553 51.36 35.11 -69.94
CA ARG E 553 51.35 33.73 -69.47
C ARG E 553 50.65 32.80 -70.46
N CYS E 554 49.60 33.29 -71.12
CA CYS E 554 48.94 32.48 -72.14
C CYS E 554 49.88 32.18 -73.31
N CYS E 555 50.85 33.06 -73.55
CA CYS E 555 51.81 32.83 -74.63
C CYS E 555 52.68 31.61 -74.36
N ALA E 556 53.07 31.41 -73.10
CA ALA E 556 53.91 30.27 -72.76
C ALA E 556 53.16 28.95 -72.95
N VAL E 557 51.88 28.92 -72.56
CA VAL E 557 51.10 27.68 -72.65
C VAL E 557 50.90 27.29 -74.11
N VAL E 558 50.48 28.24 -74.94
CA VAL E 558 50.22 27.94 -76.35
C VAL E 558 51.48 27.55 -77.09
N ALA E 559 52.65 28.02 -76.64
CA ALA E 559 53.91 27.69 -77.29
C ALA E 559 54.53 26.39 -76.78
N ASN E 560 53.97 25.78 -75.73
CA ASN E 560 54.54 24.55 -75.20
C ASN E 560 54.26 23.37 -76.11
N SER E 561 53.06 23.30 -76.68
CA SER E 561 52.71 22.18 -77.56
C SER E 561 53.56 22.24 -78.82
N PRO E 562 54.08 21.10 -79.28
CA PRO E 562 54.94 21.13 -80.48
C PRO E 562 54.15 21.43 -81.74
N ASN E 563 54.86 22.00 -82.72
CA ASN E 563 54.29 22.29 -84.03
C ASN E 563 55.04 21.47 -85.08
N ASP E 564 54.32 21.09 -86.14
CA ASP E 564 54.91 20.25 -87.17
C ASP E 564 56.04 20.99 -87.88
N GLU E 565 57.04 20.23 -88.31
CA GLU E 565 58.25 20.71 -88.98
C GLU E 565 58.88 21.91 -88.27
N LYS E 566 58.63 22.05 -86.97
CA LYS E 566 59.32 23.00 -86.09
C LYS E 566 59.35 24.41 -86.69
N ILE E 567 58.18 24.87 -87.14
CA ILE E 567 58.02 26.22 -87.68
C ILE E 567 57.44 27.11 -86.59
N GLY E 568 58.11 28.22 -86.32
CA GLY E 568 57.77 29.07 -85.19
C GLY E 568 56.57 29.98 -85.37
N VAL E 569 55.45 29.43 -85.84
CA VAL E 569 54.18 30.15 -85.90
C VAL E 569 53.12 29.30 -85.22
N PHE E 570 52.34 29.92 -84.35
CA PHE E 570 51.30 29.20 -83.62
C PHE E 570 49.95 29.91 -83.76
N LEU E 571 48.96 29.48 -82.99
CA LEU E 571 47.63 30.06 -83.04
C LEU E 571 47.67 31.49 -82.51
N GLY E 572 47.45 32.45 -83.40
CA GLY E 572 47.38 33.85 -82.98
C GLY E 572 48.67 34.41 -82.42
N MET E 573 49.80 34.09 -83.04
CA MET E 573 51.09 34.56 -82.58
C MET E 573 52.15 34.17 -83.60
N VAL E 574 53.26 34.89 -83.58
CA VAL E 574 54.41 34.63 -84.44
C VAL E 574 55.66 34.75 -83.60
N GLN E 575 56.56 33.78 -83.71
CA GLN E 575 57.82 33.80 -82.98
C GLN E 575 58.92 34.36 -83.89
N LEU E 576 59.65 35.34 -83.38
CA LEU E 576 60.71 35.99 -84.13
C LEU E 576 62.07 35.60 -83.56
N ASN E 577 63.06 35.55 -84.45
CA ASN E 577 64.40 35.14 -84.04
C ASN E 577 64.99 36.16 -83.07
N ARG E 578 65.76 35.64 -82.11
CA ARG E 578 66.45 36.47 -81.12
C ARG E 578 67.90 36.71 -81.46
N LYS E 579 68.60 35.70 -81.97
CA LYS E 579 69.99 35.84 -82.39
C LYS E 579 70.04 36.07 -83.90
N SER E 580 71.24 36.08 -84.46
CA SER E 580 71.45 36.28 -85.88
C SER E 580 72.08 35.04 -86.50
N ARG E 581 71.62 34.68 -87.70
CA ARG E 581 72.08 33.49 -88.39
C ARG E 581 72.95 33.88 -89.58
N GLN E 582 74.12 33.26 -89.68
CA GLN E 582 75.05 33.57 -90.75
C GLN E 582 74.50 33.09 -92.10
N HIS E 583 74.85 33.83 -93.16
CA HIS E 583 74.50 33.48 -94.53
C HIS E 583 72.99 33.37 -94.71
N MET E 584 72.31 34.47 -94.42
CA MET E 584 70.85 34.51 -94.52
C MET E 584 70.43 34.64 -95.99
N PRO E 585 69.62 33.72 -96.51
CA PRO E 585 69.18 33.84 -97.91
C PRO E 585 68.17 34.95 -98.10
N GLY E 586 68.60 36.05 -98.70
CA GLY E 586 67.74 37.19 -98.94
C GLY E 586 68.15 38.39 -98.11
N GLY E 587 67.17 39.27 -97.91
CA GLY E 587 67.40 40.48 -97.14
C GLY E 587 66.90 40.41 -95.71
N TYR E 588 66.67 39.20 -95.22
CA TYR E 588 66.20 39.03 -93.85
C TYR E 588 67.31 39.39 -92.87
N LYS E 589 66.89 39.78 -91.66
CA LYS E 589 67.84 40.19 -90.63
C LYS E 589 67.18 40.05 -89.27
N LYS E 590 67.97 40.30 -88.23
CA LYS E 590 67.48 40.26 -86.87
C LYS E 590 66.44 41.34 -86.63
N PHE E 591 65.38 40.99 -85.92
CA PHE E 591 64.39 41.99 -85.53
C PHE E 591 64.98 42.96 -84.52
N ASN E 592 64.71 44.24 -84.71
CA ASN E 592 65.20 45.29 -83.83
C ASN E 592 64.08 46.25 -83.49
N ILE E 593 64.01 46.64 -82.20
CA ILE E 593 62.97 47.55 -81.76
C ILE E 593 63.26 49.00 -82.14
N ASP E 594 64.50 49.30 -82.55
CA ASP E 594 64.91 50.67 -82.83
C ASP E 594 64.69 51.07 -84.28
N THR E 595 63.65 50.53 -84.93
CA THR E 595 63.35 50.87 -86.33
C THR E 595 62.14 51.79 -86.44
N GLU E 596 61.00 51.38 -85.89
CA GLU E 596 59.80 52.20 -85.97
C GLU E 596 59.94 53.44 -85.08
N ASN E 597 59.31 54.54 -85.53
CA ASN E 597 59.50 55.84 -84.91
C ASN E 597 58.44 56.16 -83.86
N GLY E 598 57.17 56.24 -84.28
CA GLY E 598 56.13 56.71 -83.38
C GLY E 598 55.05 55.70 -83.06
N LEU E 599 53.84 55.93 -83.59
CA LEU E 599 52.74 55.02 -83.31
C LEU E 599 53.00 53.62 -83.82
N ALA E 600 53.80 53.49 -84.88
CA ALA E 600 54.18 52.16 -85.34
C ALA E 600 54.98 51.42 -84.29
N LYS E 601 55.86 52.14 -83.59
CA LYS E 601 56.64 51.52 -82.51
C LYS E 601 55.78 51.28 -81.28
N ALA E 602 54.90 52.23 -80.94
CA ALA E 602 54.06 52.08 -79.77
C ALA E 602 53.08 50.92 -79.93
N ALA E 603 52.43 50.83 -81.09
CA ALA E 603 51.46 49.77 -81.34
C ALA E 603 52.11 48.41 -81.55
N MET E 604 53.44 48.35 -81.65
CA MET E 604 54.15 47.09 -81.85
C MET E 604 55.00 46.70 -80.67
N ALA E 605 55.51 47.67 -79.89
CA ALA E 605 56.26 47.34 -78.68
C ALA E 605 55.36 46.82 -77.57
N SER E 606 54.03 47.00 -77.69
CA SER E 606 53.09 46.49 -76.71
C SER E 606 52.59 45.10 -77.06
N SER E 607 53.10 44.49 -78.12
CA SER E 607 52.68 43.17 -78.56
C SER E 607 53.85 42.20 -78.56
N LEU E 608 54.67 42.25 -77.52
CA LEU E 608 55.82 41.36 -77.37
C LEU E 608 55.64 40.47 -76.16
N SER E 609 56.49 39.44 -76.08
CA SER E 609 56.46 38.50 -74.97
C SER E 609 57.86 37.98 -74.74
N THR E 610 58.09 37.46 -73.53
CA THR E 610 59.40 36.94 -73.16
C THR E 610 59.23 35.84 -72.12
N VAL E 611 59.68 34.64 -72.45
CA VAL E 611 59.64 33.51 -71.54
C VAL E 611 61.06 33.26 -71.03
N ALA E 612 61.18 32.36 -70.06
CA ALA E 612 62.43 32.13 -69.33
C ALA E 612 62.82 30.66 -69.38
N SER E 613 62.83 30.09 -70.59
CA SER E 613 63.24 28.70 -70.77
C SER E 613 64.76 28.59 -70.75
N ASN E 614 65.29 27.45 -71.20
CA ASN E 614 66.74 27.27 -71.28
C ASN E 614 67.38 28.43 -72.04
N ASN E 615 66.81 28.78 -73.18
CA ASN E 615 67.08 30.04 -73.87
C ASN E 615 65.78 30.80 -74.02
N LEU E 616 65.87 32.12 -73.99
CA LEU E 616 64.67 32.94 -74.05
C LEU E 616 64.13 33.01 -75.48
N MET E 617 62.84 32.75 -75.63
CA MET E 617 62.15 32.97 -76.90
C MET E 617 61.44 34.32 -76.85
N ASP E 618 61.62 35.12 -77.89
CA ASP E 618 60.96 36.41 -78.03
C ASP E 618 59.75 36.23 -78.94
N PHE E 619 58.56 36.22 -78.34
CA PHE E 619 57.34 36.01 -79.10
C PHE E 619 56.73 37.34 -79.53
N CYS E 620 55.64 37.26 -80.29
CA CYS E 620 54.88 38.43 -80.70
C CYS E 620 53.45 37.96 -80.91
N SER E 621 52.55 38.37 -80.03
CA SER E 621 51.21 37.78 -79.94
C SER E 621 50.15 38.83 -80.15
N VAL E 622 49.12 38.49 -80.95
CA VAL E 622 47.97 39.36 -81.10
C VAL E 622 47.19 39.45 -79.79
N PHE E 623 47.25 38.40 -78.97
CA PHE E 623 46.55 38.43 -77.68
C PHE E 623 47.08 39.53 -76.78
N ASN E 624 48.41 39.74 -76.80
CA ASN E 624 48.98 40.84 -76.02
C ASN E 624 48.48 42.19 -76.51
N LEU E 625 48.18 42.30 -77.80
CA LEU E 625 47.60 43.54 -78.33
C LEU E 625 46.21 43.78 -77.74
N ILE E 626 45.41 42.73 -77.60
CA ILE E 626 44.05 42.89 -77.08
C ILE E 626 44.09 43.32 -75.62
N GLY E 627 45.04 42.81 -74.84
CA GLY E 627 45.15 43.22 -73.45
C GLY E 627 45.47 44.68 -73.29
N ALA E 628 46.24 45.25 -74.22
CA ALA E 628 46.57 46.67 -74.16
C ALA E 628 45.33 47.54 -74.32
N ILE E 629 44.40 47.14 -75.18
CA ILE E 629 43.18 47.93 -75.39
C ILE E 629 42.36 47.99 -74.11
N ALA E 630 42.13 46.85 -73.49
CA ALA E 630 41.34 46.81 -72.26
C ALA E 630 42.07 47.47 -71.10
N ASP E 631 43.40 47.45 -71.10
CA ASP E 631 44.15 48.11 -70.03
C ASP E 631 44.12 49.63 -70.20
N ILE E 632 44.25 50.10 -71.44
CA ILE E 632 44.27 51.55 -71.68
C ILE E 632 42.90 52.16 -71.39
N SER E 633 41.84 51.56 -71.91
CA SER E 633 40.50 52.13 -71.80
C SER E 633 39.84 51.74 -70.48
N ALA E 634 40.55 51.96 -69.37
CA ALA E 634 40.02 51.66 -68.04
C ALA E 634 39.87 52.91 -67.18
N CYS E 635 40.92 53.71 -67.05
CA CYS E 635 40.90 54.93 -66.26
C CYS E 635 40.76 56.12 -67.19
N ARG E 636 39.65 56.87 -67.05
CA ARG E 636 39.45 58.05 -67.87
C ARG E 636 40.38 59.18 -67.47
N CYS E 637 40.70 59.24 -66.17
CA CYS E 637 41.51 60.35 -65.57
C CYS E 637 42.98 60.25 -65.94
N GLU E 638 43.68 61.40 -65.85
CA GLU E 638 45.14 61.60 -66.10
C GLU E 638 45.52 61.40 -67.58
N ARG E 639 46.83 61.33 -67.84
CA ARG E 639 47.35 61.10 -69.18
C ARG E 639 48.60 60.23 -69.12
N SER E 640 49.30 60.26 -67.99
CA SER E 640 50.49 59.43 -67.83
C SER E 640 50.15 57.94 -67.81
N ALA E 641 48.91 57.58 -67.48
CA ALA E 641 48.53 56.18 -67.43
C ALA E 641 48.59 55.53 -68.81
N ILE E 642 48.33 56.31 -69.86
CA ILE E 642 48.42 55.77 -71.22
C ILE E 642 49.85 55.33 -71.53
N THR E 643 50.83 56.10 -71.06
CA THR E 643 52.22 55.71 -71.25
C THR E 643 52.53 54.41 -70.52
N ASN E 644 52.03 54.26 -69.30
CA ASN E 644 52.35 53.08 -68.49
C ASN E 644 51.87 51.80 -69.17
N ALA E 645 50.65 51.81 -69.70
CA ALA E 645 50.10 50.61 -70.33
C ALA E 645 50.91 50.17 -71.54
N PHE E 646 51.64 51.08 -72.18
CA PHE E 646 52.49 50.71 -73.30
C PHE E 646 53.76 50.01 -72.86
N ASN E 647 54.28 50.34 -71.66
CA ASN E 647 55.55 49.79 -71.19
C ASN E 647 55.43 49.33 -69.74
N LYS E 648 54.38 48.55 -69.45
CA LYS E 648 54.19 47.99 -68.11
C LYS E 648 54.69 46.57 -67.98
N VAL E 649 54.87 45.85 -69.08
CA VAL E 649 55.17 44.42 -69.04
C VAL E 649 56.35 44.11 -69.95
N ILE E 650 56.71 45.08 -70.80
CA ILE E 650 57.64 44.80 -71.89
C ILE E 650 59.01 44.39 -71.36
N ALA E 651 59.52 45.09 -70.37
CA ALA E 651 60.88 44.83 -69.87
C ALA E 651 60.93 44.87 -68.36
N GLN E 652 59.91 44.30 -67.71
CA GLN E 652 59.89 44.27 -66.25
C GLN E 652 59.56 42.88 -65.72
N THR E 653 58.86 42.08 -66.51
CA THR E 653 58.29 40.81 -66.05
C THR E 653 58.98 39.65 -66.75
N THR E 654 59.33 38.63 -65.97
CA THR E 654 59.81 37.36 -66.50
C THR E 654 58.77 36.28 -66.21
N CYS E 655 58.42 35.50 -67.23
CA CYS E 655 57.41 34.46 -67.11
C CYS E 655 58.10 33.11 -67.25
N ILE E 656 58.25 32.41 -66.12
CA ILE E 656 58.91 31.11 -66.13
C ILE E 656 58.04 30.09 -66.87
N VAL E 657 58.66 28.98 -67.23
CA VAL E 657 58.00 27.92 -67.99
C VAL E 657 56.91 27.27 -67.14
N PRO E 658 55.87 26.71 -67.76
CA PRO E 658 54.84 26.04 -66.96
C PRO E 658 55.42 24.83 -66.26
N PRO E 659 54.86 24.45 -65.11
CA PRO E 659 55.46 23.34 -64.34
C PRO E 659 55.25 21.97 -64.96
N TRP E 660 54.28 21.82 -65.86
CA TRP E 660 54.10 20.56 -66.58
C TRP E 660 54.80 20.54 -67.93
N SER E 661 55.77 21.43 -68.14
CA SER E 661 56.50 21.50 -69.40
C SER E 661 57.33 20.24 -69.56
N GLU E 662 56.96 19.40 -70.54
CA GLU E 662 57.71 18.17 -70.80
C GLU E 662 59.12 18.50 -71.28
N ALA E 663 59.27 19.50 -72.13
CA ALA E 663 60.57 19.88 -72.66
C ALA E 663 61.43 20.52 -71.57
N GLN E 700 66.23 63.99 -82.75
CA GLN E 700 64.94 63.50 -82.26
C GLN E 700 64.76 63.82 -80.78
N ASP E 701 63.52 63.99 -80.36
CA ASP E 701 63.18 64.31 -78.97
C ASP E 701 62.42 63.13 -78.37
N ASP E 702 62.85 62.72 -77.18
CA ASP E 702 62.21 61.58 -76.51
C ASP E 702 60.76 61.88 -76.18
N ALA E 703 60.46 63.11 -75.75
CA ALA E 703 59.09 63.46 -75.40
C ALA E 703 58.18 63.44 -76.62
N THR E 704 58.70 63.75 -77.80
CA THR E 704 57.92 63.75 -79.02
C THR E 704 57.81 62.37 -79.66
N GLU E 705 58.46 61.35 -79.08
CA GLU E 705 58.34 60.00 -79.63
C GLU E 705 56.91 59.50 -79.56
N PHE E 706 56.23 59.75 -78.45
CA PHE E 706 54.85 59.30 -78.26
C PHE E 706 53.87 60.44 -78.10
N SER E 707 54.33 61.71 -78.09
CA SER E 707 53.42 62.82 -77.82
C SER E 707 52.29 62.88 -78.85
N ASP E 708 52.62 62.69 -80.13
CA ASP E 708 51.57 62.57 -81.13
C ASP E 708 50.75 61.31 -80.93
N ALA E 709 51.41 60.20 -80.56
CA ALA E 709 50.70 58.95 -80.35
C ALA E 709 49.84 59.01 -79.10
N ILE E 710 50.36 59.57 -78.01
CA ILE E 710 49.61 59.64 -76.77
C ILE E 710 48.35 60.48 -76.94
N THR E 711 48.47 61.61 -77.63
CA THR E 711 47.31 62.46 -77.87
C THR E 711 46.22 61.71 -78.64
N LYS E 712 46.61 60.99 -79.70
CA LYS E 712 45.64 60.27 -80.53
C LYS E 712 44.78 59.34 -79.68
N VAL E 713 45.38 58.68 -78.69
CA VAL E 713 44.61 57.83 -77.78
C VAL E 713 43.65 58.68 -76.96
N GLU E 714 44.10 59.85 -76.51
CA GLU E 714 43.28 60.69 -75.64
C GLU E 714 42.00 61.15 -76.34
N GLN E 715 42.12 61.61 -77.58
CA GLN E 715 40.91 61.99 -78.32
C GLN E 715 40.06 60.77 -78.65
N TRP E 716 40.69 59.60 -78.83
CA TRP E 716 39.93 58.37 -79.04
C TRP E 716 39.16 57.99 -77.79
N LEU E 717 39.75 58.22 -76.61
CA LEU E 717 39.09 57.84 -75.36
C LEU E 717 37.79 58.60 -75.17
N LYS E 718 37.79 59.90 -75.50
CA LYS E 718 36.57 60.69 -75.35
C LYS E 718 35.43 60.14 -76.21
N ASN E 719 35.75 59.61 -77.39
CA ASN E 719 34.74 58.95 -78.19
C ASN E 719 34.23 57.70 -77.49
N VAL E 720 35.13 56.94 -76.86
CA VAL E 720 34.73 55.73 -76.13
C VAL E 720 33.85 56.10 -74.94
N ASN E 721 34.28 57.09 -74.16
CA ASN E 721 33.56 57.47 -72.95
C ASN E 721 32.18 58.05 -73.22
N GLU E 722 31.88 58.41 -74.48
CA GLU E 722 30.59 58.97 -74.82
C GLU E 722 29.64 57.98 -75.48
N ILE E 723 30.17 56.88 -76.02
CA ILE E 723 29.35 55.89 -76.71
C ILE E 723 29.30 54.55 -75.98
N GLU E 724 30.29 54.23 -75.14
CA GLU E 724 30.30 52.95 -74.45
C GLU E 724 29.11 52.80 -73.50
N ILE E 725 28.45 53.90 -73.13
CA ILE E 725 27.27 53.81 -72.29
C ILE E 725 26.14 53.09 -73.02
N GLY E 726 26.03 53.31 -74.33
CA GLY E 726 24.95 52.76 -75.12
C GLY E 726 25.09 51.32 -75.56
N ILE E 727 26.19 50.65 -75.23
CA ILE E 727 26.38 49.26 -75.65
C ILE E 727 25.73 48.35 -74.62
N ARG E 728 25.17 47.24 -75.11
CA ARG E 728 24.47 46.26 -74.27
C ARG E 728 24.98 44.87 -74.63
N PRO E 729 26.12 44.46 -74.07
CA PRO E 729 26.62 43.11 -74.32
C PRO E 729 25.72 42.05 -73.70
N SER E 730 25.98 40.80 -74.05
CA SER E 730 25.19 39.69 -73.57
C SER E 730 26.07 38.45 -73.51
N ALA E 731 25.58 37.42 -72.81
CA ALA E 731 26.32 36.16 -72.72
C ALA E 731 26.52 35.54 -74.09
N LEU E 732 25.50 35.57 -74.94
CA LEU E 732 25.63 35.03 -76.29
C LEU E 732 26.67 35.81 -77.09
N LEU E 733 26.66 37.14 -76.97
CA LEU E 733 27.55 37.95 -77.80
C LEU E 733 29.02 37.67 -77.50
N ILE E 734 29.41 37.74 -76.22
CA ILE E 734 30.80 37.53 -75.86
C ILE E 734 31.25 36.09 -76.11
N GLY E 735 30.33 35.18 -76.37
CA GLY E 735 30.70 33.81 -76.69
C GLY E 735 30.73 33.55 -78.18
N LYS E 736 29.75 34.08 -78.90
CA LYS E 736 29.70 33.86 -80.35
C LYS E 736 30.87 34.52 -81.06
N VAL E 737 31.24 35.73 -80.64
CA VAL E 737 32.37 36.41 -81.28
C VAL E 737 33.66 35.64 -81.04
N TRP E 738 33.76 34.90 -79.93
CA TRP E 738 34.97 34.13 -79.67
C TRP E 738 35.05 32.87 -80.52
N SER E 739 33.91 32.30 -80.90
CA SER E 739 33.92 31.14 -81.77
C SER E 739 34.46 31.52 -83.15
N ARG E 740 33.94 32.60 -83.72
CA ARG E 740 34.43 33.05 -85.03
C ARG E 740 35.89 33.48 -84.95
N PHE E 741 36.27 34.19 -83.88
CA PHE E 741 37.65 34.64 -83.72
C PHE E 741 38.61 33.49 -83.47
N TYR E 742 38.11 32.30 -83.13
CA TYR E 742 38.99 31.16 -82.87
C TYR E 742 39.23 30.34 -84.13
N PHE E 743 38.16 29.87 -84.78
CA PHE E 743 38.31 29.03 -85.96
C PHE E 743 38.96 29.81 -87.10
N ASN E 744 38.58 31.08 -87.26
CA ASN E 744 39.24 31.92 -88.26
C ASN E 744 40.73 32.06 -87.97
N LEU E 745 41.07 32.30 -86.71
CA LEU E 745 42.48 32.42 -86.33
C LEU E 745 43.20 31.08 -86.44
N ASN E 746 42.47 29.97 -86.36
CA ASN E 746 43.10 28.66 -86.50
C ASN E 746 43.56 28.43 -87.94
N ASN E 747 42.74 28.82 -88.91
CA ASN E 747 43.08 28.60 -90.31
C ASN E 747 44.28 29.45 -90.73
N VAL E 748 44.38 30.66 -90.19
CA VAL E 748 45.48 31.55 -90.57
C VAL E 748 46.83 30.94 -90.18
N ALA E 749 46.92 30.39 -88.96
CA ALA E 749 48.16 29.77 -88.52
C ALA E 749 48.49 28.50 -89.28
N ASP E 750 47.56 27.94 -90.04
CA ASP E 750 47.77 26.71 -90.78
C ASP E 750 48.01 26.95 -92.27
N GLN E 751 47.15 27.73 -92.92
CA GLN E 751 47.30 27.96 -94.35
C GLN E 751 48.57 28.74 -94.66
N HIS E 752 48.90 29.72 -93.82
CA HIS E 752 50.07 30.56 -94.04
C HIS E 752 51.36 29.95 -93.48
N LYS E 753 51.38 28.64 -93.26
CA LYS E 753 52.58 27.96 -92.77
C LYS E 753 53.37 27.28 -93.88
N THR E 754 52.76 27.04 -95.04
CA THR E 754 53.43 26.42 -96.17
C THR E 754 53.86 27.44 -97.22
N ARG E 755 53.74 28.73 -96.93
CA ARG E 755 54.05 29.77 -97.92
C ARG E 755 55.18 30.66 -97.42
N LEU E 756 56.25 30.04 -96.94
CA LEU E 756 57.42 30.74 -96.41
C LEU E 756 58.58 30.72 -97.39
N TYR E 757 58.31 30.90 -98.68
CA TYR E 757 59.34 30.84 -99.71
C TYR E 757 60.41 31.92 -99.47
N ARG E 758 61.52 31.78 -100.20
CA ARG E 758 62.62 32.72 -100.09
C ARG E 758 62.29 34.08 -100.70
N ASN E 759 61.19 34.20 -101.44
CA ASN E 759 60.72 35.48 -101.96
C ASN E 759 59.65 36.08 -101.08
N ALA E 760 59.77 35.90 -99.76
CA ALA E 760 58.75 36.42 -98.84
C ALA E 760 58.98 37.89 -98.51
N GLU E 761 60.23 38.28 -98.30
CA GLU E 761 60.53 39.67 -97.98
C GLU E 761 60.06 40.58 -99.11
N HIS E 762 59.40 41.68 -98.74
CA HIS E 762 58.75 42.59 -99.67
C HIS E 762 57.72 41.88 -100.54
N GLY E 763 57.32 40.67 -100.18
CA GLY E 763 56.41 39.90 -101.01
C GLY E 763 55.02 40.50 -101.01
N ARG E 764 54.42 40.58 -102.20
CA ARG E 764 53.06 41.08 -102.33
C ARG E 764 52.22 40.21 -103.27
N MET E 765 52.62 38.96 -103.48
CA MET E 765 51.84 38.02 -104.26
C MET E 765 50.91 37.24 -103.34
N ALA E 766 49.78 36.79 -103.90
CA ALA E 766 48.79 36.08 -103.09
C ALA E 766 49.37 34.80 -102.49
N SER E 767 50.14 34.05 -103.27
CA SER E 767 50.74 32.82 -102.77
C SER E 767 51.91 33.11 -101.83
N GLN E 768 52.46 34.32 -101.86
CA GLN E 768 53.53 34.68 -100.95
C GLN E 768 52.98 34.95 -99.55
N SER E 769 53.84 34.78 -98.55
CA SER E 769 53.44 35.01 -97.17
C SER E 769 54.68 35.22 -96.32
N ASN E 770 54.55 36.11 -95.34
CA ASN E 770 55.63 36.40 -94.41
C ASN E 770 55.01 36.79 -93.07
N ALA E 771 55.83 37.34 -92.17
CA ALA E 771 55.34 37.75 -90.86
C ALA E 771 54.31 38.87 -91.00
N ALA E 772 54.57 39.84 -91.88
CA ALA E 772 53.66 40.97 -92.02
C ALA E 772 52.29 40.53 -92.54
N LYS E 773 52.27 39.60 -93.49
CA LYS E 773 50.98 39.13 -94.02
C LYS E 773 50.21 38.34 -92.98
N ILE E 774 50.91 37.56 -92.14
CA ILE E 774 50.24 36.76 -91.14
C ILE E 774 49.57 37.64 -90.09
N MET E 775 50.31 38.63 -89.57
CA MET E 775 49.76 39.48 -88.52
C MET E 775 48.71 40.44 -89.05
N ARG E 776 48.82 40.82 -90.33
CA ARG E 776 47.81 41.70 -90.91
C ARG E 776 46.43 41.04 -90.88
N PHE E 777 46.38 39.71 -90.85
CA PHE E 777 45.12 38.99 -90.82
C PHE E 777 44.66 38.66 -89.41
N ASN E 778 45.59 38.44 -88.49
CA ASN E 778 45.21 38.13 -87.11
C ASN E 778 44.42 39.28 -86.48
N VAL E 779 44.98 40.50 -86.55
CA VAL E 779 44.27 41.65 -86.00
C VAL E 779 43.06 42.00 -86.86
N LEU E 780 43.03 41.59 -88.12
CA LEU E 780 41.85 41.80 -88.94
C LEU E 780 40.79 40.74 -88.70
N ALA E 781 41.20 39.53 -88.33
CA ALA E 781 40.22 38.51 -87.96
C ALA E 781 39.42 38.94 -86.75
N PHE E 782 40.08 39.56 -85.78
CA PHE E 782 39.38 40.08 -84.61
C PHE E 782 38.37 41.15 -85.01
N LEU E 783 38.78 42.09 -85.86
CA LEU E 783 37.88 43.14 -86.29
C LEU E 783 36.73 42.57 -87.12
N HIS E 784 37.01 41.59 -87.97
CA HIS E 784 35.96 40.98 -88.77
C HIS E 784 34.94 40.25 -87.89
N ALA E 785 35.42 39.56 -86.85
CA ALA E 785 34.52 38.80 -86.00
C ALA E 785 33.51 39.69 -85.29
N VAL E 786 33.96 40.83 -84.77
CA VAL E 786 33.06 41.73 -84.07
C VAL E 786 32.01 42.28 -85.02
N LEU E 787 32.40 42.56 -86.26
CA LEU E 787 31.47 43.16 -87.22
C LEU E 787 30.32 42.22 -87.54
N VAL E 788 30.62 40.94 -87.76
CA VAL E 788 29.59 40.00 -88.19
C VAL E 788 28.56 39.77 -87.09
N GLU E 789 29.03 39.51 -85.87
CA GLU E 789 28.11 39.15 -84.80
C GLU E 789 27.32 40.34 -84.28
N GLU E 790 27.90 41.55 -84.36
CA GLU E 790 27.19 42.73 -83.87
C GLU E 790 25.88 42.94 -84.63
N SER E 791 25.90 42.74 -85.94
CA SER E 791 24.68 42.84 -86.73
C SER E 791 23.72 41.68 -86.47
N LEU E 792 24.18 40.62 -85.80
CA LEU E 792 23.37 39.43 -85.57
C LEU E 792 22.72 39.44 -84.19
N TYR E 793 23.53 39.56 -83.12
CA TYR E 793 23.05 39.46 -81.75
C TYR E 793 23.54 40.69 -80.98
N HIS E 794 22.71 41.73 -80.92
CA HIS E 794 23.00 42.90 -80.10
C HIS E 794 21.70 43.57 -79.73
N SER E 795 21.64 44.09 -78.50
CA SER E 795 20.38 44.62 -77.98
C SER E 795 20.01 45.96 -78.61
N VAL E 796 21.00 46.85 -78.78
CA VAL E 796 20.70 48.21 -79.22
C VAL E 796 20.11 48.22 -80.62
N SER E 797 20.42 47.21 -81.43
CA SER E 797 19.88 47.15 -82.78
C SER E 797 18.44 46.64 -82.75
N ASP E 798 17.82 46.62 -83.92
CA ASP E 798 16.47 46.10 -84.09
C ASP E 798 16.37 44.93 -85.05
N ARG E 799 17.30 44.82 -86.00
CA ARG E 799 17.28 43.73 -86.97
C ARG E 799 18.70 43.58 -87.52
N GLU E 800 18.86 42.64 -88.44
CA GLU E 800 20.15 42.36 -89.04
C GLU E 800 20.30 43.10 -90.37
N TYR E 801 21.47 43.69 -90.58
CA TYR E 801 21.77 44.41 -91.80
C TYR E 801 22.69 43.64 -92.74
N ILE E 802 23.10 42.43 -92.36
CA ILE E 802 23.93 41.61 -93.25
C ILE E 802 23.16 41.27 -94.51
N GLY E 803 21.89 40.90 -94.37
CA GLY E 803 21.11 40.45 -95.50
C GLY E 803 21.34 38.98 -95.80
N GLU E 804 20.59 38.48 -96.77
CA GLU E 804 20.73 37.08 -97.17
C GLU E 804 22.05 36.85 -97.87
N GLY E 805 22.80 35.85 -97.43
CA GLY E 805 24.09 35.56 -98.02
C GLY E 805 24.84 34.54 -97.19
N LEU E 806 26.11 34.37 -97.54
CA LEU E 806 27.00 33.43 -96.86
C LEU E 806 28.08 34.19 -96.12
N ARG E 807 28.24 33.89 -94.84
CA ARG E 807 29.23 34.55 -93.99
C ARG E 807 30.51 33.73 -94.01
N LEU E 808 31.57 34.31 -94.54
CA LEU E 808 32.86 33.64 -94.69
C LEU E 808 33.91 34.33 -93.83
N ASN E 809 35.15 33.88 -93.98
CA ASN E 809 36.25 34.32 -93.13
C ASN E 809 37.45 34.73 -93.97
N PRO E 810 38.00 35.93 -93.77
CA PRO E 810 39.19 36.34 -94.52
C PRO E 810 40.47 35.70 -93.99
N VAL E 811 40.79 34.49 -94.44
CA VAL E 811 41.97 33.79 -93.96
C VAL E 811 43.20 34.07 -94.83
N THR E 812 43.05 34.08 -96.16
CA THR E 812 44.18 34.29 -97.06
C THR E 812 44.16 35.66 -97.72
N SER E 813 42.99 36.21 -98.01
CA SER E 813 42.89 37.54 -98.59
C SER E 813 41.85 38.37 -97.82
N VAL E 814 41.50 39.54 -98.36
CA VAL E 814 40.50 40.39 -97.74
C VAL E 814 39.44 40.74 -98.78
N ASP E 815 39.17 39.82 -99.69
CA ASP E 815 38.27 40.13 -100.80
C ASP E 815 36.84 40.40 -100.32
N GLU E 816 36.37 39.63 -99.33
CA GLU E 816 34.99 39.75 -98.90
C GLU E 816 34.81 40.57 -97.63
N PHE E 817 35.88 40.98 -96.97
CA PHE E 817 35.74 41.72 -95.72
C PHE E 817 35.05 43.06 -95.96
N GLU E 818 35.58 43.87 -96.88
CA GLU E 818 34.92 45.12 -97.22
C GLU E 818 33.64 44.89 -97.99
N LYS E 819 33.49 43.72 -98.64
CA LYS E 819 32.21 43.37 -99.23
C LYS E 819 31.12 43.37 -98.18
N LYS E 820 31.44 42.88 -96.97
CA LYS E 820 30.51 43.01 -95.86
C LYS E 820 30.31 44.47 -95.48
N ILE E 821 31.41 45.21 -95.32
CA ILE E 821 31.31 46.60 -94.87
C ILE E 821 30.56 47.44 -95.91
N LYS E 822 30.86 47.24 -97.18
CA LYS E 822 30.17 47.99 -98.24
C LYS E 822 28.68 47.66 -98.25
N ILE E 823 28.34 46.38 -98.12
CA ILE E 823 26.94 45.97 -98.13
C ILE E 823 26.20 46.56 -96.92
N ILE E 824 26.80 46.49 -95.74
CA ILE E 824 26.16 47.03 -94.55
C ILE E 824 25.99 48.53 -94.67
N GLY E 825 27.00 49.23 -95.20
CA GLY E 825 26.90 50.67 -95.35
C GLY E 825 25.75 51.09 -96.24
N GLU E 826 25.45 50.30 -97.26
CA GLU E 826 24.30 50.59 -98.11
C GLU E 826 22.99 50.52 -97.33
N LYS E 827 22.87 49.54 -96.43
CA LYS E 827 21.61 49.35 -95.71
C LYS E 827 21.29 50.54 -94.81
N LEU E 828 22.29 51.05 -94.10
CA LEU E 828 22.03 52.18 -93.21
C LEU E 828 21.73 53.46 -93.98
N LYS E 829 22.28 53.59 -95.19
CA LYS E 829 21.97 54.75 -96.02
C LYS E 829 20.50 54.76 -96.43
N ALA E 830 19.96 53.61 -96.79
CA ALA E 830 18.56 53.54 -97.21
C ALA E 830 17.62 53.78 -96.03
N ASP E 831 17.96 53.23 -94.86
CA ASP E 831 17.12 53.34 -93.68
C ASP E 831 17.32 54.63 -92.91
N ASN E 832 18.21 55.51 -93.37
CA ASN E 832 18.51 56.77 -92.69
C ASN E 832 18.95 56.54 -91.25
N LYS E 833 19.77 55.51 -91.04
CA LYS E 833 20.29 55.16 -89.74
C LYS E 833 21.77 55.51 -89.67
N THR E 834 22.16 56.24 -88.63
CA THR E 834 23.56 56.60 -88.46
C THR E 834 24.40 55.36 -88.14
N TRP E 835 25.67 55.40 -88.54
CA TRP E 835 26.53 54.23 -88.42
C TRP E 835 26.95 53.98 -86.98
N LYS E 836 27.30 55.05 -86.25
CA LYS E 836 27.88 54.88 -84.92
C LYS E 836 26.87 54.27 -83.94
N ASN E 837 25.62 54.72 -83.98
CA ASN E 837 24.64 54.27 -82.99
C ASN E 837 24.29 52.80 -83.17
N THR E 838 24.14 52.36 -84.42
CA THR E 838 23.65 51.00 -84.66
C THR E 838 24.70 49.95 -84.33
N HIS E 839 25.97 50.27 -84.56
CA HIS E 839 27.07 49.34 -84.31
C HIS E 839 28.12 49.98 -83.41
N PRO E 840 27.75 50.27 -82.15
CA PRO E 840 28.69 51.00 -81.28
C PRO E 840 29.97 50.25 -80.98
N LEU E 841 29.91 48.92 -80.83
CA LEU E 841 31.12 48.17 -80.49
C LEU E 841 32.09 48.13 -81.67
N PHE E 842 31.58 48.00 -82.89
CA PHE E 842 32.45 48.03 -84.07
C PHE E 842 33.10 49.39 -84.25
N PHE E 843 32.34 50.46 -84.00
CA PHE E 843 32.86 51.81 -84.24
C PHE E 843 34.04 52.12 -83.33
N LEU E 844 33.96 51.74 -82.05
CA LEU E 844 35.03 52.05 -81.11
C LEU E 844 36.26 51.18 -81.31
N LEU E 845 36.16 50.09 -82.06
CA LEU E 845 37.31 49.22 -82.32
C LEU E 845 38.02 49.56 -83.63
N ILE E 846 37.25 49.79 -84.71
CA ILE E 846 37.86 50.16 -85.97
C ILE E 846 38.53 51.53 -85.89
N SER E 847 38.09 52.38 -84.97
CA SER E 847 38.67 53.69 -84.76
C SER E 847 39.84 53.67 -83.78
N CYS E 848 40.22 52.51 -83.28
CA CYS E 848 41.29 52.43 -82.31
C CYS E 848 42.63 52.79 -82.95
N PRO E 849 43.36 53.77 -82.43
CA PRO E 849 44.66 54.11 -83.02
C PRO E 849 45.66 52.98 -82.99
N ILE E 850 45.59 52.09 -81.99
CA ILE E 850 46.59 51.04 -81.85
C ILE E 850 46.55 50.08 -83.03
N LEU E 851 45.35 49.69 -83.46
CA LEU E 851 45.20 48.74 -84.56
C LEU E 851 45.45 49.37 -85.93
N HIS E 852 45.48 50.70 -86.02
CA HIS E 852 45.66 51.33 -87.33
C HIS E 852 46.98 50.96 -88.00
N PRO E 853 48.13 50.98 -87.32
CA PRO E 853 49.37 50.56 -88.01
C PRO E 853 49.34 49.13 -88.51
N PHE E 854 48.59 48.25 -87.86
CA PHE E 854 48.56 46.84 -88.25
C PHE E 854 47.56 46.54 -89.35
N ILE E 855 46.73 47.51 -89.75
CA ILE E 855 45.80 47.28 -90.83
C ILE E 855 46.53 47.16 -92.17
N PHE E 856 47.49 48.05 -92.42
CA PHE E 856 48.23 48.08 -93.68
C PHE E 856 49.73 48.12 -93.40
N PRO E 857 50.32 46.99 -93.01
CA PRO E 857 51.78 46.96 -92.86
C PRO E 857 52.48 46.94 -94.22
N VAL E 858 53.81 46.93 -94.22
CA VAL E 858 54.54 47.00 -95.48
C VAL E 858 54.39 45.70 -96.26
N GLY E 859 54.82 44.58 -95.66
CA GLY E 859 54.80 43.32 -96.37
C GLY E 859 53.43 42.73 -96.58
N GLY E 860 52.44 43.15 -95.79
CA GLY E 860 51.11 42.59 -95.91
C GLY E 860 50.35 43.02 -97.14
N ILE E 861 50.75 44.16 -97.74
CA ILE E 861 50.06 44.64 -98.92
C ILE E 861 50.28 43.66 -100.08
N ASN E 862 49.24 43.50 -100.91
CA ASN E 862 49.30 42.64 -102.09
C ASN E 862 49.29 43.51 -103.34
N CYS E 863 50.22 43.24 -104.26
CA CYS E 863 50.31 43.99 -105.52
C CYS E 863 49.77 43.09 -106.65
N SER E 864 48.61 43.46 -107.17
CA SER E 864 48.02 42.81 -108.33
C SER E 864 46.95 43.72 -108.88
N VAL E 865 46.63 43.55 -110.16
CA VAL E 865 45.62 44.39 -110.79
C VAL E 865 44.26 44.19 -110.12
N LYS E 866 43.90 42.94 -109.83
CA LYS E 866 42.65 42.68 -109.12
C LYS E 866 42.79 42.98 -107.63
N ALA E 867 43.93 42.64 -107.03
CA ALA E 867 44.12 42.86 -105.60
C ALA E 867 44.10 44.34 -105.27
N LEU E 868 44.71 45.17 -106.11
CA LEU E 868 44.73 46.60 -105.86
C LEU E 868 43.33 47.19 -105.87
N ASN E 869 42.43 46.66 -106.70
CA ASN E 869 41.06 47.14 -106.71
C ASN E 869 40.38 46.91 -105.38
N LYS E 870 40.60 45.73 -104.78
CA LYS E 870 40.02 45.45 -103.48
C LYS E 870 40.73 46.22 -102.37
N GLU E 871 42.07 46.28 -102.44
CA GLU E 871 42.82 46.99 -101.41
C GLU E 871 42.49 48.48 -101.40
N THR E 872 42.36 49.08 -102.59
CA THR E 872 41.97 50.49 -102.66
C THR E 872 40.57 50.70 -102.10
N SER E 873 39.63 49.82 -102.45
CA SER E 873 38.27 49.93 -101.94
C SER E 873 38.25 49.77 -100.42
N PHE E 874 39.09 48.88 -99.89
CA PHE E 874 39.18 48.70 -98.44
C PHE E 874 39.64 49.99 -97.76
N ASN E 875 40.64 50.67 -98.35
CA ASN E 875 41.13 51.91 -97.77
C ASN E 875 40.06 52.99 -97.81
N LYS E 876 39.30 53.07 -98.90
CA LYS E 876 38.30 54.12 -99.04
C LYS E 876 37.20 53.99 -98.00
N LEU E 877 36.71 52.77 -97.76
CA LEU E 877 35.58 52.59 -96.86
C LEU E 877 35.96 52.87 -95.40
N ILE E 878 37.15 52.44 -94.98
CA ILE E 878 37.57 52.70 -93.62
C ILE E 878 37.76 54.20 -93.36
N ASP E 879 38.10 54.95 -94.41
CA ASP E 879 38.21 56.41 -94.28
C ASP E 879 36.88 57.02 -93.84
N GLU E 880 35.79 56.57 -94.45
CA GLU E 880 34.48 57.14 -94.12
C GLU E 880 34.03 56.75 -92.72
N ILE E 881 34.26 55.50 -92.33
CA ILE E 881 33.77 55.02 -91.05
C ILE E 881 34.49 55.73 -89.90
N VAL E 882 35.82 55.78 -89.96
CA VAL E 882 36.58 56.42 -88.89
C VAL E 882 36.36 57.93 -88.89
N GLY E 883 36.32 58.53 -90.07
CA GLY E 883 36.24 59.96 -90.21
C GLY E 883 37.57 60.67 -90.29
N ASP E 884 38.68 59.96 -90.10
CA ASP E 884 40.01 60.50 -90.23
C ASP E 884 40.79 59.65 -91.22
N LYS E 885 41.57 60.31 -92.07
CA LYS E 885 42.34 59.59 -93.08
C LYS E 885 43.43 58.76 -92.41
N LEU E 886 43.42 57.45 -92.65
CA LEU E 886 44.41 56.57 -92.05
C LEU E 886 45.82 56.92 -92.53
N LEU E 887 46.06 56.77 -93.83
CA LEU E 887 47.37 57.05 -94.42
C LEU E 887 47.18 58.00 -95.59
N SER E 888 48.15 58.89 -95.79
CA SER E 888 48.07 59.87 -96.84
C SER E 888 48.28 59.22 -98.21
N ASP E 889 47.79 59.91 -99.24
CA ASP E 889 47.90 59.39 -100.60
C ASP E 889 49.36 59.30 -101.04
N GLU E 890 50.18 60.27 -100.65
CA GLU E 890 51.59 60.25 -101.02
C GLU E 890 52.31 59.06 -100.38
N GLU E 891 51.99 58.76 -99.12
CA GLU E 891 52.59 57.61 -98.46
C GLU E 891 52.01 56.30 -99.00
N TRP E 892 50.72 56.30 -99.34
CA TRP E 892 50.08 55.08 -99.81
C TRP E 892 50.65 54.62 -101.14
N ASP E 893 50.93 55.56 -102.05
CA ASP E 893 51.42 55.19 -103.37
C ASP E 893 52.78 54.51 -103.28
N TYR E 894 53.61 54.89 -102.31
CA TYR E 894 54.91 54.25 -102.15
C TYR E 894 54.76 52.78 -101.78
N LEU E 895 53.83 52.46 -100.88
CA LEU E 895 53.66 51.09 -100.42
C LEU E 895 53.20 50.18 -101.56
N THR E 896 52.24 50.64 -102.37
CA THR E 896 51.64 49.78 -103.37
C THR E 896 52.61 49.50 -104.51
N LYS E 897 53.31 50.52 -104.99
CA LYS E 897 54.21 50.40 -106.14
C LYS E 897 55.65 50.58 -105.68
N ASN E 898 56.27 49.47 -105.28
CA ASN E 898 57.67 49.47 -104.83
C ASN E 898 57.91 50.45 -103.70
N GLN E 907 65.72 57.07 -97.23
CA GLN E 907 64.36 56.89 -97.72
C GLN E 907 63.37 57.74 -96.93
N GLN E 908 62.15 57.23 -96.77
CA GLN E 908 61.08 57.94 -96.09
C GLN E 908 60.77 57.28 -94.76
N ILE E 909 60.63 58.09 -93.72
CA ILE E 909 60.27 57.61 -92.39
C ILE E 909 58.75 57.57 -92.28
N PHE E 910 58.25 56.70 -91.41
CA PHE E 910 56.82 56.50 -91.23
C PHE E 910 56.43 56.71 -89.77
N GLN E 911 55.17 57.11 -89.56
CA GLN E 911 54.64 57.31 -88.22
C GLN E 911 53.36 56.52 -87.95
N ASN E 912 52.77 55.87 -88.96
CA ASN E 912 51.52 55.14 -88.78
C ASN E 912 51.54 53.80 -89.50
N THR E 913 52.71 53.17 -89.62
CA THR E 913 52.83 51.88 -90.29
C THR E 913 54.14 51.23 -89.90
N ILE E 914 54.08 49.95 -89.52
CA ILE E 914 55.29 49.21 -89.20
C ILE E 914 56.09 48.98 -90.48
N THR E 915 57.40 49.24 -90.41
CA THR E 915 58.25 49.21 -91.59
C THR E 915 59.03 47.92 -91.75
N SER E 916 59.79 47.51 -90.72
CA SER E 916 60.73 46.41 -90.83
C SER E 916 60.30 45.18 -90.04
N LEU E 917 59.00 44.84 -90.10
CA LEU E 917 58.55 43.61 -89.48
C LEU E 917 58.61 42.43 -90.45
N ASN E 918 58.31 42.68 -91.73
CA ASN E 918 58.39 41.61 -92.72
C ASN E 918 59.83 41.11 -92.88
N SER E 919 60.79 42.04 -92.84
CA SER E 919 62.19 41.66 -92.98
C SER E 919 62.66 40.76 -91.85
N SER E 920 61.96 40.76 -90.71
CA SER E 920 62.33 39.88 -89.62
C SER E 920 62.05 38.43 -89.99
N THR E 921 62.82 37.52 -89.40
CA THR E 921 62.76 36.11 -89.73
C THR E 921 62.17 35.30 -88.59
N ILE E 922 61.35 34.31 -88.94
CA ILE E 922 60.80 33.38 -87.95
C ILE E 922 61.88 32.36 -87.60
N VAL E 923 62.12 32.19 -86.30
CA VAL E 923 63.12 31.22 -85.87
C VAL E 923 62.60 29.81 -86.11
N GLY E 924 63.52 28.89 -86.41
CA GLY E 924 63.16 27.54 -86.74
C GLY E 924 62.75 27.31 -88.17
N ALA E 925 62.90 28.31 -89.03
CA ALA E 925 62.54 28.20 -90.44
C ALA E 925 63.76 28.41 -91.32
N SER E 926 63.91 27.56 -92.33
CA SER E 926 64.98 27.67 -93.30
C SER E 926 64.38 28.02 -94.66
N TYR E 927 64.98 29.00 -95.33
CA TYR E 927 64.42 29.57 -96.55
C TYR E 927 65.09 29.02 -97.80
N ASP E 928 65.47 27.74 -97.79
CA ASP E 928 66.08 27.14 -98.99
C ASP E 928 65.10 27.13 -100.15
N LYS E 929 63.85 26.77 -99.90
CA LYS E 929 62.86 26.70 -100.96
C LYS E 929 62.51 28.09 -101.48
N ASP E 930 62.15 28.17 -102.75
CA ASP E 930 61.75 29.40 -103.41
C ASP E 930 60.27 29.34 -103.78
N THR E 931 59.77 30.44 -104.34
CA THR E 931 58.36 30.52 -104.73
C THR E 931 58.11 29.72 -106.01
N PRO E 932 57.20 28.76 -106.00
CA PRO E 932 56.83 28.10 -107.26
C PRO E 932 56.17 29.08 -108.23
N ALA E 933 56.41 28.85 -109.52
CA ALA E 933 55.90 29.73 -110.57
C ALA E 933 54.65 29.10 -111.18
N ARG E 934 53.56 29.85 -111.18
CA ARG E 934 52.30 29.39 -111.75
C ARG E 934 51.38 30.55 -112.08
N LYS F 13 4.66 -59.83 -49.10
CA LYS F 13 3.90 -59.21 -50.17
C LYS F 13 3.41 -57.82 -49.74
N ILE F 14 3.58 -56.85 -50.62
CA ILE F 14 3.15 -55.47 -50.39
C ILE F 14 2.20 -55.06 -51.50
N ILE F 15 1.02 -54.58 -51.11
CA ILE F 15 0.02 -54.10 -52.06
C ILE F 15 -0.25 -52.64 -51.72
N ILE F 16 0.14 -51.75 -52.62
CA ILE F 16 0.00 -50.31 -52.40
C ILE F 16 -1.25 -49.83 -53.11
N ASN F 17 -2.16 -49.22 -52.36
CA ASN F 17 -3.38 -48.65 -52.92
C ASN F 17 -3.12 -47.18 -53.24
N LEU F 18 -3.15 -46.83 -54.54
CA LEU F 18 -2.94 -45.45 -54.93
C LEU F 18 -4.12 -44.57 -54.60
N PHE F 19 -5.31 -45.13 -54.45
CA PHE F 19 -6.50 -44.37 -54.08
C PHE F 19 -6.70 -44.36 -52.57
N ALA F 20 -5.65 -44.00 -51.85
CA ALA F 20 -5.65 -43.92 -50.39
C ALA F 20 -4.87 -42.69 -49.97
N PRO F 21 -5.19 -42.10 -48.82
CA PRO F 21 -4.45 -40.91 -48.38
C PRO F 21 -2.98 -41.18 -48.11
N ASN F 22 -2.61 -42.43 -47.82
CA ASN F 22 -1.22 -42.84 -47.58
C ASN F 22 -0.58 -42.07 -46.43
N LEU F 23 -1.40 -41.49 -45.55
CA LEU F 23 -0.89 -40.77 -44.40
C LEU F 23 -0.36 -41.76 -43.36
N PRO F 24 0.51 -41.30 -42.45
CA PRO F 24 0.98 -42.20 -41.38
C PRO F 24 -0.12 -42.81 -40.55
N GLY F 25 -1.22 -42.07 -40.32
CA GLY F 25 -2.32 -42.62 -39.56
C GLY F 25 -3.16 -43.63 -40.32
N SER F 26 -3.15 -43.57 -41.65
CA SER F 26 -3.95 -44.44 -42.50
C SER F 26 -3.13 -45.58 -43.09
N THR F 27 -2.14 -46.08 -42.35
CA THR F 27 -1.34 -47.21 -42.81
C THR F 27 -1.96 -48.52 -42.33
N LYS F 28 -1.39 -49.63 -42.81
CA LYS F 28 -1.89 -50.96 -42.48
C LYS F 28 -0.70 -51.85 -42.12
N GLU F 29 -1.01 -53.13 -41.87
CA GLU F 29 0.01 -54.11 -41.53
C GLU F 29 0.70 -54.70 -42.76
N ASP F 30 0.13 -54.52 -43.95
CA ASP F 30 0.70 -55.06 -45.18
C ASP F 30 1.17 -54.01 -46.16
N ASP F 31 0.72 -52.76 -46.03
CA ASP F 31 1.10 -51.70 -46.94
C ASP F 31 2.43 -51.04 -46.58
N LEU F 32 3.04 -51.45 -45.46
CA LEU F 32 4.34 -50.90 -45.09
C LEU F 32 5.40 -51.29 -46.12
N ILE F 33 6.10 -50.29 -46.64
CA ILE F 33 7.14 -50.56 -47.62
C ILE F 33 8.32 -51.27 -46.96
N GLN F 34 8.73 -50.80 -45.78
CA GLN F 34 9.85 -51.36 -45.04
C GLN F 34 9.31 -52.14 -43.85
N LYS F 35 9.53 -53.45 -43.85
CA LYS F 35 9.11 -54.31 -42.75
C LYS F 35 10.26 -55.08 -42.11
N SER F 36 11.29 -55.46 -42.89
CA SER F 36 12.40 -56.19 -42.31
C SER F 36 13.13 -55.36 -41.26
N LEU F 37 13.33 -54.07 -41.54
CA LEU F 37 13.97 -53.21 -40.56
C LEU F 37 13.10 -53.06 -39.30
N ARG F 38 11.79 -52.95 -39.48
CA ARG F 38 10.89 -52.86 -38.34
C ARG F 38 11.01 -54.09 -37.46
N ASP F 39 10.96 -55.28 -38.06
CA ASP F 39 11.08 -56.50 -37.28
C ASP F 39 12.48 -56.63 -36.67
N GLN F 40 13.52 -56.34 -37.46
CA GLN F 40 14.89 -56.56 -36.99
C GLN F 40 15.22 -55.70 -35.78
N LEU F 41 14.80 -54.43 -35.80
CA LEU F 41 15.11 -53.52 -34.71
C LEU F 41 14.43 -53.93 -33.41
N VAL F 42 13.27 -54.59 -33.51
CA VAL F 42 12.46 -54.86 -32.32
C VAL F 42 13.21 -55.76 -31.34
N GLU F 43 13.83 -56.83 -31.83
CA GLU F 43 14.54 -57.72 -30.92
C GLU F 43 15.80 -57.06 -30.37
N SER F 44 16.40 -56.13 -31.12
CA SER F 44 17.66 -55.54 -30.68
C SER F 44 17.50 -54.79 -29.36
N ILE F 45 16.42 -54.01 -29.23
CA ILE F 45 16.19 -53.28 -27.99
C ILE F 45 15.86 -54.25 -26.86
N ARG F 46 15.10 -55.31 -27.15
CA ARG F 46 14.77 -56.29 -26.12
C ARG F 46 16.01 -56.99 -25.61
N ASN F 47 16.92 -57.39 -26.51
CA ASN F 47 18.16 -58.02 -26.07
C ASN F 47 19.04 -57.05 -25.30
N SER F 48 18.99 -55.76 -25.64
CA SER F 48 19.77 -54.77 -24.90
C SER F 48 19.29 -54.66 -23.47
N ILE F 49 17.97 -54.71 -23.26
CA ILE F 49 17.40 -54.61 -21.91
C ILE F 49 17.31 -55.96 -21.21
N ALA F 50 17.47 -57.07 -21.93
CA ALA F 50 17.43 -58.37 -21.29
C ALA F 50 18.54 -58.52 -20.26
N TYR F 51 19.75 -58.06 -20.60
CA TYR F 51 20.87 -58.11 -19.67
C TYR F 51 21.83 -56.95 -19.93
N ARG F 69 24.57 -46.21 -21.68
CA ARG F 69 23.96 -45.16 -22.50
C ARG F 69 22.66 -45.65 -23.10
N ASN F 70 22.76 -46.62 -24.00
CA ASN F 70 21.59 -47.27 -24.61
C ASN F 70 20.69 -46.26 -25.32
N VAL F 71 21.25 -45.64 -26.35
CA VAL F 71 20.53 -44.67 -27.18
C VAL F 71 20.56 -45.17 -28.61
N PHE F 72 19.40 -45.54 -29.14
CA PHE F 72 19.31 -45.96 -30.53
C PHE F 72 19.14 -44.73 -31.43
N PHE F 73 19.27 -44.96 -32.73
CA PHE F 73 19.14 -43.86 -33.69
C PHE F 73 18.88 -44.45 -35.07
N VAL F 74 17.72 -44.15 -35.63
CA VAL F 74 17.44 -44.47 -37.03
C VAL F 74 17.92 -43.31 -37.90
N ASP F 75 18.47 -43.65 -39.06
CA ASP F 75 18.97 -42.65 -40.00
C ASP F 75 18.12 -42.72 -41.26
N GLY F 76 17.52 -41.61 -41.63
CA GLY F 76 16.61 -41.61 -42.76
C GLY F 76 16.87 -40.53 -43.78
N THR F 77 17.01 -40.92 -45.04
CA THR F 77 17.07 -39.95 -46.12
C THR F 77 15.79 -39.14 -46.15
N ARG F 78 15.88 -37.86 -46.53
CA ARG F 78 14.67 -36.99 -46.59
C ARG F 78 13.60 -37.62 -47.50
N GLY F 79 12.43 -37.94 -46.93
CA GLY F 79 11.29 -38.52 -47.67
C GLY F 79 11.29 -40.05 -47.74
N ALA F 80 12.25 -40.71 -47.09
CA ALA F 80 12.33 -42.20 -47.10
C ALA F 80 11.08 -42.81 -46.43
N GLY F 81 10.65 -42.19 -45.33
CA GLY F 81 9.55 -42.68 -44.49
C GLY F 81 10.06 -42.83 -43.07
N LYS F 82 9.81 -41.82 -42.23
CA LYS F 82 10.34 -41.82 -40.84
C LYS F 82 9.19 -41.80 -39.84
N THR F 83 8.34 -40.77 -39.87
CA THR F 83 7.27 -40.73 -38.86
C THR F 83 6.38 -41.96 -38.97
N THR F 84 6.11 -42.41 -40.20
CA THR F 84 5.32 -43.63 -40.38
C THR F 84 6.06 -44.84 -39.83
N PHE F 85 7.37 -44.90 -40.04
CA PHE F 85 8.16 -46.04 -39.55
C PHE F 85 8.24 -46.04 -38.03
N ILE F 86 8.55 -44.89 -37.44
CA ILE F 86 8.72 -44.82 -35.98
C ILE F 86 7.40 -45.07 -35.25
N ASN F 87 6.27 -44.90 -35.93
CA ASN F 87 4.99 -45.27 -35.33
C ASN F 87 4.79 -46.78 -35.31
N SER F 88 5.29 -47.48 -36.33
CA SER F 88 5.10 -48.93 -36.41
C SER F 88 5.84 -49.64 -35.28
N VAL F 89 7.07 -49.21 -34.97
CA VAL F 89 7.84 -49.89 -33.93
C VAL F 89 7.16 -49.74 -32.57
N VAL F 90 6.59 -48.55 -32.30
CA VAL F 90 5.83 -48.35 -31.07
C VAL F 90 4.63 -49.28 -31.03
N LYS F 91 3.98 -49.48 -32.18
CA LYS F 91 2.87 -50.42 -32.26
C LYS F 91 3.32 -51.84 -31.91
N SER F 92 4.50 -52.23 -32.41
CA SER F 92 5.02 -53.56 -32.09
C SER F 92 5.32 -53.69 -30.60
N LEU F 93 5.90 -52.66 -29.99
CA LEU F 93 6.20 -52.69 -28.57
C LEU F 93 4.97 -52.50 -27.70
N ASN F 94 3.84 -52.13 -28.29
CA ASN F 94 2.64 -51.87 -27.50
C ASN F 94 1.93 -53.16 -27.11
N SER F 95 1.67 -54.02 -28.09
CA SER F 95 0.97 -55.28 -27.83
C SER F 95 1.91 -56.31 -27.21
N VAL F 102 10.15 -60.41 -20.89
CA VAL F 102 10.45 -58.99 -20.80
C VAL F 102 9.23 -58.19 -21.25
N ASN F 103 9.05 -57.00 -20.66
CA ASN F 103 7.93 -56.14 -21.00
C ASN F 103 8.40 -54.69 -20.95
N ILE F 104 8.23 -53.97 -22.05
CA ILE F 104 8.67 -52.59 -22.17
C ILE F 104 7.45 -51.71 -22.40
N LYS F 105 7.34 -50.64 -21.63
CA LYS F 105 6.26 -49.67 -21.77
C LYS F 105 6.74 -48.49 -22.61
N CYS F 106 5.92 -48.08 -23.57
CA CYS F 106 6.30 -47.08 -24.55
C CYS F 106 5.47 -45.81 -24.35
N LEU F 107 6.16 -44.68 -24.24
CA LEU F 107 5.50 -43.37 -24.20
C LEU F 107 5.03 -42.97 -25.58
N PRO F 108 4.02 -42.11 -25.67
CA PRO F 108 3.59 -41.60 -26.98
C PRO F 108 4.70 -40.79 -27.64
N THR F 109 4.73 -40.83 -28.96
CA THR F 109 5.76 -40.12 -29.72
C THR F 109 5.62 -38.61 -29.53
N ILE F 110 6.74 -37.94 -29.33
CA ILE F 110 6.78 -36.50 -29.11
C ILE F 110 7.44 -35.85 -30.32
N ASP F 111 6.85 -34.75 -30.79
CA ASP F 111 7.36 -34.04 -31.95
C ASP F 111 8.02 -32.74 -31.50
N PRO F 112 9.34 -32.61 -31.61
CA PRO F 112 9.99 -31.36 -31.17
C PRO F 112 9.51 -30.13 -31.90
N THR F 113 9.17 -30.24 -33.18
CA THR F 113 8.72 -29.07 -33.94
C THR F 113 7.38 -28.56 -33.43
N LYS F 114 6.42 -29.46 -33.24
CA LYS F 114 5.08 -29.07 -32.80
C LYS F 114 5.00 -28.93 -31.29
N LEU F 115 5.91 -28.13 -30.72
CA LEU F 115 5.94 -27.92 -29.28
C LEU F 115 6.01 -26.42 -28.99
N PRO F 116 5.49 -25.99 -27.84
CA PRO F 116 5.57 -24.57 -27.50
C PRO F 116 7.02 -24.13 -27.30
N ARG F 117 7.37 -23.01 -27.93
CA ARG F 117 8.71 -22.47 -27.78
C ARG F 117 8.95 -22.01 -26.34
N HIS F 118 10.21 -22.06 -25.91
CA HIS F 118 10.59 -21.80 -24.53
C HIS F 118 9.87 -22.77 -23.57
N GLU F 119 10.17 -24.05 -23.76
CA GLU F 119 9.64 -25.10 -22.90
C GLU F 119 10.66 -26.21 -22.78
N PRO F 120 11.20 -26.45 -21.58
CA PRO F 120 12.15 -27.55 -21.41
C PRO F 120 11.51 -28.89 -21.77
N ILE F 121 12.26 -29.71 -22.50
CA ILE F 121 11.74 -31.00 -22.94
C ILE F 121 11.66 -32.00 -21.81
N LEU F 122 12.33 -31.74 -20.69
CA LEU F 122 12.16 -32.56 -19.51
C LEU F 122 10.74 -32.45 -18.96
N VAL F 123 10.10 -31.30 -19.14
CA VAL F 123 8.76 -31.10 -18.63
C VAL F 123 7.75 -31.95 -19.40
N THR F 124 7.83 -31.92 -20.73
CA THR F 124 6.83 -32.62 -21.54
C THR F 124 6.96 -34.13 -21.41
N VAL F 125 8.17 -34.63 -21.13
CA VAL F 125 8.31 -36.06 -20.88
C VAL F 125 7.68 -36.44 -19.55
N THR F 126 7.91 -35.63 -18.52
CA THR F 126 7.33 -35.91 -17.21
C THR F 126 5.81 -35.84 -17.25
N ALA F 127 5.26 -34.84 -17.93
CA ALA F 127 3.81 -34.72 -18.02
C ALA F 127 3.20 -35.92 -18.74
N ARG F 128 3.82 -36.36 -19.84
CA ARG F 128 3.32 -37.54 -20.53
C ARG F 128 3.47 -38.79 -19.67
N LEU F 129 4.58 -38.91 -18.95
CA LEU F 129 4.77 -40.04 -18.07
C LEU F 129 3.74 -40.07 -16.95
N ASN F 130 3.39 -38.89 -16.43
CA ASN F 130 2.44 -38.82 -15.31
C ASN F 130 1.07 -39.32 -15.72
N LYS F 131 0.68 -39.10 -16.97
CA LYS F 131 -0.67 -39.47 -17.40
C LYS F 131 -0.89 -40.98 -17.31
N MET F 132 0.03 -41.77 -17.85
CA MET F 132 -0.17 -43.21 -17.83
C MET F 132 0.04 -43.79 -16.44
N VAL F 133 0.89 -43.18 -15.62
CA VAL F 133 1.02 -43.60 -14.24
C VAL F 133 -0.26 -43.29 -13.46
N SER F 134 -0.81 -42.09 -13.66
CA SER F 134 -2.08 -41.75 -13.02
C SER F 134 -3.22 -42.62 -13.51
N ASP F 135 -3.11 -43.16 -14.73
CA ASP F 135 -4.11 -44.12 -15.18
C ASP F 135 -3.94 -45.47 -14.50
N LYS F 136 -2.72 -45.79 -14.09
CA LYS F 136 -2.48 -47.08 -13.43
C LYS F 136 -3.00 -47.07 -12.01
N LEU F 137 -2.87 -45.96 -11.30
CA LEU F 137 -3.25 -45.90 -9.89
C LEU F 137 -4.74 -46.18 -9.72
N LYS F 138 -5.58 -45.59 -10.55
CA LYS F 138 -7.01 -45.82 -10.47
C LYS F 138 -7.44 -47.10 -11.20
N GLY F 139 -6.50 -47.98 -11.52
CA GLY F 139 -6.82 -49.20 -12.23
C GLY F 139 -7.04 -50.40 -11.35
N TYR F 140 -6.07 -50.71 -10.49
CA TYR F 140 -6.12 -51.96 -9.75
C TYR F 140 -7.03 -51.83 -8.52
N TRP F 141 -7.33 -52.99 -7.92
CA TRP F 141 -8.41 -53.14 -6.95
C TRP F 141 -7.97 -52.93 -5.51
N ALA F 142 -6.75 -53.31 -5.16
CA ALA F 142 -6.30 -53.19 -3.78
C ALA F 142 -6.23 -51.73 -3.36
N SER F 143 -6.63 -51.45 -2.11
CA SER F 143 -6.68 -50.10 -1.59
C SER F 143 -5.52 -49.74 -0.68
N ASN F 144 -4.97 -50.72 0.04
CA ASN F 144 -3.87 -50.42 0.95
C ASN F 144 -2.63 -49.96 0.20
N ASP F 145 -2.30 -50.61 -0.92
CA ASP F 145 -1.14 -50.21 -1.71
C ASP F 145 -1.42 -48.93 -2.49
N TYR F 146 -2.64 -48.77 -3.02
CA TYR F 146 -2.95 -47.60 -3.81
C TYR F 146 -2.82 -46.31 -3.00
N ARG F 147 -3.28 -46.34 -1.75
CA ARG F 147 -3.15 -45.17 -0.89
C ARG F 147 -1.70 -44.88 -0.57
N LYS F 148 -0.84 -45.91 -0.55
CA LYS F 148 0.57 -45.71 -0.27
C LYS F 148 1.38 -45.42 -1.53
N GLN F 149 1.06 -46.10 -2.64
CA GLN F 149 1.81 -45.88 -3.87
C GLN F 149 1.61 -44.47 -4.39
N LYS F 150 0.38 -43.95 -4.32
CA LYS F 150 0.12 -42.59 -4.79
C LYS F 150 0.94 -41.57 -4.02
N GLU F 151 1.01 -41.73 -2.71
CA GLU F 151 1.77 -40.78 -1.89
C GLU F 151 3.25 -40.80 -2.26
N GLN F 152 3.79 -41.99 -2.55
CA GLN F 152 5.20 -42.07 -2.95
C GLN F 152 5.43 -41.39 -4.29
N TRP F 153 4.49 -41.54 -5.23
CA TRP F 153 4.65 -40.91 -6.55
C TRP F 153 4.63 -39.40 -6.44
N GLN F 154 3.76 -38.84 -5.61
CA GLN F 154 3.66 -37.39 -5.48
C GLN F 154 4.81 -36.80 -4.68
N ASN F 155 5.54 -37.62 -3.91
CA ASN F 155 6.69 -37.11 -3.17
C ASN F 155 7.79 -36.65 -4.12
N HIS F 156 8.03 -37.40 -5.18
CA HIS F 156 9.06 -37.02 -6.14
C HIS F 156 8.63 -35.89 -7.05
N LEU F 157 7.34 -35.84 -7.40
CA LEU F 157 6.85 -34.78 -8.28
C LEU F 157 7.05 -33.42 -7.65
N ALA F 158 6.73 -33.28 -6.36
CA ALA F 158 6.98 -32.03 -5.67
C ALA F 158 8.48 -31.72 -5.59
N GLN F 159 9.30 -32.75 -5.43
CA GLN F 159 10.74 -32.55 -5.43
C GLN F 159 11.24 -32.03 -6.76
N LEU F 160 10.73 -32.58 -7.86
CA LEU F 160 11.14 -32.13 -9.19
C LEU F 160 10.64 -30.71 -9.47
N GLN F 161 9.42 -30.40 -9.04
CA GLN F 161 8.83 -29.10 -9.36
C GLN F 161 9.63 -27.95 -8.73
N ARG F 162 10.06 -28.12 -7.48
CA ARG F 162 10.77 -27.05 -6.81
C ARG F 162 12.18 -26.86 -7.35
N GLY F 163 12.74 -27.85 -8.03
CA GLY F 163 14.05 -27.75 -8.63
C GLY F 163 14.06 -27.44 -10.11
N LEU F 164 12.92 -27.09 -10.70
CA LEU F 164 12.83 -26.83 -12.12
C LEU F 164 13.33 -25.46 -12.53
N HIS F 165 13.56 -24.56 -11.57
CA HIS F 165 13.99 -23.21 -11.90
C HIS F 165 15.39 -23.17 -12.50
N LEU F 166 16.21 -24.20 -12.25
CA LEU F 166 17.56 -24.20 -12.79
C LEU F 166 17.57 -24.29 -14.30
N LEU F 167 16.56 -24.92 -14.90
CA LEU F 167 16.53 -25.11 -16.34
C LEU F 167 16.16 -23.83 -17.09
N THR F 168 15.55 -22.85 -16.42
CA THR F 168 15.06 -21.66 -17.09
C THR F 168 15.71 -20.36 -16.65
N ASP F 169 16.29 -20.30 -15.46
CA ASP F 169 16.87 -19.07 -14.97
C ASP F 169 18.08 -18.65 -15.81
N LYS F 170 18.30 -17.34 -15.89
CA LYS F 170 19.44 -16.78 -16.60
C LYS F 170 20.56 -16.35 -15.69
N GLU F 171 20.33 -16.28 -14.38
CA GLU F 171 21.36 -15.82 -13.45
C GLU F 171 21.18 -16.55 -12.12
N TYR F 172 22.25 -16.62 -11.36
CA TYR F 172 22.23 -17.31 -10.08
C TYR F 172 21.61 -16.44 -9.00
N LYS F 173 20.82 -17.06 -8.13
CA LYS F 173 20.21 -16.40 -7.00
C LYS F 173 20.90 -16.84 -5.73
N PRO F 174 21.54 -15.95 -4.98
CA PRO F 174 22.21 -16.36 -3.74
C PRO F 174 21.27 -16.93 -2.69
N GLU F 175 19.97 -16.65 -2.81
CA GLU F 175 19.00 -17.21 -1.86
C GLU F 175 18.95 -18.73 -1.96
N TYR F 176 19.05 -19.27 -3.18
CA TYR F 176 18.88 -20.70 -3.39
C TYR F 176 20.02 -21.53 -2.80
N PHE F 177 21.10 -20.89 -2.36
CA PHE F 177 22.18 -21.65 -1.73
C PHE F 177 21.70 -22.37 -0.48
N SER F 178 20.88 -21.70 0.32
CA SER F 178 20.32 -22.33 1.52
C SER F 178 19.33 -23.43 1.20
N ASP F 179 18.84 -23.52 -0.03
CA ASP F 179 17.95 -24.59 -0.44
C ASP F 179 18.70 -25.85 -0.83
N ALA F 180 19.85 -25.70 -1.49
CA ALA F 180 20.67 -26.86 -1.82
C ALA F 180 21.26 -27.49 -0.57
N LEU F 181 21.58 -26.69 0.45
CA LEU F 181 22.12 -27.23 1.69
C LEU F 181 21.09 -28.07 2.43
N LYS F 182 19.81 -27.74 2.30
CA LYS F 182 18.76 -28.42 3.04
C LYS F 182 18.55 -29.82 2.46
N LEU F 183 18.92 -30.84 3.23
CA LEU F 183 18.73 -32.23 2.82
C LEU F 183 17.35 -32.70 3.21
N ASP F 184 16.72 -33.49 2.33
CA ASP F 184 15.39 -34.01 2.57
C ASP F 184 15.48 -35.22 3.50
N ALA F 185 14.37 -35.94 3.65
CA ALA F 185 14.30 -37.12 4.50
C ALA F 185 13.64 -38.26 3.74
N GLN F 186 13.91 -39.48 4.21
CA GLN F 186 13.35 -40.74 3.72
C GLN F 186 13.88 -41.10 2.33
N LEU F 187 14.66 -40.24 1.70
CA LEU F 187 15.21 -40.48 0.36
C LEU F 187 16.71 -40.30 0.39
N ASP F 188 17.43 -41.27 -0.18
CA ASP F 188 18.88 -41.21 -0.21
C ASP F 188 19.39 -40.56 -1.50
N TYR F 189 20.23 -39.54 -1.33
CA TYR F 189 20.88 -38.86 -2.45
C TYR F 189 22.38 -38.98 -2.26
N SER F 190 23.03 -39.78 -3.13
CA SER F 190 24.47 -39.95 -3.03
C SER F 190 25.23 -38.66 -3.31
N ILE F 191 24.59 -37.69 -3.97
CA ILE F 191 25.23 -36.43 -4.32
C ILE F 191 24.38 -35.28 -3.77
N GLY F 192 25.01 -34.36 -3.05
CA GLY F 192 24.32 -33.22 -2.51
C GLY F 192 23.98 -32.20 -3.58
N GLY F 193 23.17 -31.22 -3.19
CA GLY F 193 22.72 -30.19 -4.10
C GLY F 193 21.41 -30.54 -4.78
N GLN F 194 21.11 -29.79 -5.83
CA GLN F 194 19.88 -30.03 -6.57
C GLN F 194 20.01 -31.23 -7.49
N ASP F 195 20.96 -31.20 -8.42
CA ASP F 195 21.32 -32.32 -9.29
C ASP F 195 20.09 -33.03 -9.86
N LEU F 196 19.35 -32.30 -10.70
CA LEU F 196 18.14 -32.81 -11.31
C LEU F 196 18.34 -34.14 -12.02
N SER F 197 19.58 -34.51 -12.34
CA SER F 197 19.83 -35.78 -13.03
C SER F 197 19.38 -36.97 -12.19
N GLU F 198 19.68 -36.95 -10.88
CA GLU F 198 19.27 -38.07 -10.03
C GLU F 198 17.79 -38.00 -9.69
N ILE F 199 17.25 -36.79 -9.55
CA ILE F 199 15.84 -36.66 -9.19
C ILE F 199 14.96 -37.29 -10.27
N PHE F 200 15.26 -37.01 -11.54
CA PHE F 200 14.53 -37.67 -12.62
C PHE F 200 14.87 -39.16 -12.66
N GLU F 201 16.12 -39.52 -12.39
CA GLU F 201 16.50 -40.91 -12.36
C GLU F 201 15.76 -41.68 -11.28
N GLU F 202 15.60 -41.07 -10.10
CA GLU F 202 14.78 -41.68 -9.06
C GLU F 202 13.31 -41.66 -9.44
N LEU F 203 12.88 -40.64 -10.17
CA LEU F 203 11.47 -40.54 -10.56
C LEU F 203 11.07 -41.67 -11.48
N VAL F 204 11.91 -42.00 -12.47
CA VAL F 204 11.56 -43.06 -13.41
C VAL F 204 11.63 -44.42 -12.73
N LYS F 205 12.53 -44.59 -11.76
CA LYS F 205 12.62 -45.87 -11.05
C LYS F 205 11.32 -46.17 -10.31
N ARG F 206 10.79 -45.20 -9.59
CA ARG F 206 9.50 -45.38 -8.93
C ARG F 206 8.37 -45.51 -9.95
N ALA F 207 8.52 -44.85 -11.10
CA ALA F 207 7.50 -44.97 -12.15
C ALA F 207 7.47 -46.37 -12.73
N CYS F 208 8.59 -47.10 -12.68
CA CYS F 208 8.62 -48.46 -13.19
C CYS F 208 7.93 -49.44 -12.26
N GLU F 209 8.05 -49.23 -10.94
CA GLU F 209 7.40 -50.13 -9.99
C GLU F 209 5.89 -50.10 -10.13
N ILE F 210 5.31 -48.91 -10.31
CA ILE F 210 3.86 -48.80 -10.46
C ILE F 210 3.41 -49.44 -11.76
N LEU F 211 4.25 -49.44 -12.78
CA LEU F 211 3.91 -49.99 -14.08
C LEU F 211 4.44 -51.40 -14.29
N ASP F 212 4.98 -52.02 -13.24
CA ASP F 212 5.53 -53.39 -13.24
C ASP F 212 6.27 -53.75 -14.53
N CYS F 213 7.09 -52.82 -15.02
CA CYS F 213 7.80 -52.97 -16.27
C CYS F 213 9.30 -53.06 -16.01
N LYS F 214 10.04 -53.38 -17.07
CA LYS F 214 11.50 -53.49 -16.98
C LYS F 214 12.19 -52.20 -17.41
N ALA F 215 11.65 -51.51 -18.42
CA ALA F 215 12.23 -50.27 -18.89
C ALA F 215 11.17 -49.45 -19.62
N ILE F 216 11.41 -48.15 -19.69
CA ILE F 216 10.51 -47.21 -20.35
C ILE F 216 11.10 -46.83 -21.70
N LEU F 217 10.28 -46.88 -22.74
CA LEU F 217 10.71 -46.53 -24.09
C LEU F 217 10.35 -45.07 -24.37
N ILE F 218 11.36 -44.27 -24.66
CA ILE F 218 11.18 -42.86 -25.03
C ILE F 218 11.51 -42.75 -26.51
N THR F 219 10.56 -42.28 -27.30
CA THR F 219 10.74 -42.13 -28.74
C THR F 219 10.55 -40.68 -29.15
N PHE F 220 11.43 -40.22 -30.04
CA PHE F 220 11.37 -38.88 -30.59
C PHE F 220 10.88 -38.94 -32.03
N ASP F 221 10.86 -37.78 -32.69
CA ASP F 221 10.40 -37.68 -34.07
C ASP F 221 11.37 -36.79 -34.84
N ASP F 222 11.19 -36.78 -36.16
CA ASP F 222 12.11 -36.04 -37.03
C ASP F 222 11.99 -34.54 -36.79
N ILE F 223 13.09 -33.83 -37.06
CA ILE F 223 13.15 -32.39 -36.88
C ILE F 223 13.49 -31.72 -38.21
N ASP F 224 13.01 -32.32 -39.30
CA ASP F 224 13.28 -31.77 -40.63
C ASP F 224 12.66 -30.38 -40.81
N THR F 225 11.45 -30.18 -40.29
CA THR F 225 10.74 -28.92 -40.51
C THR F 225 11.48 -27.75 -39.88
N GLN F 226 12.03 -27.93 -38.69
CA GLN F 226 12.76 -26.86 -38.01
C GLN F 226 13.81 -27.53 -37.13
N PHE F 227 15.03 -27.63 -37.67
CA PHE F 227 16.09 -28.37 -36.99
C PHE F 227 16.81 -27.55 -35.92
N ASP F 228 16.46 -26.28 -35.75
CA ASP F 228 16.97 -25.54 -34.60
C ASP F 228 16.37 -26.10 -33.31
N ALA F 229 15.09 -26.48 -33.35
CA ALA F 229 14.42 -27.04 -32.18
C ALA F 229 15.05 -28.34 -31.71
N GLY F 230 15.81 -29.01 -32.57
CA GLY F 230 16.44 -30.26 -32.19
C GLY F 230 17.68 -30.13 -31.34
N TRP F 231 18.13 -28.90 -31.07
CA TRP F 231 19.32 -28.72 -30.22
C TRP F 231 19.01 -29.08 -28.78
N ASP F 232 17.80 -28.78 -28.31
CA ASP F 232 17.45 -29.10 -26.93
C ASP F 232 17.27 -30.60 -26.75
N VAL F 233 16.91 -31.32 -27.80
CA VAL F 233 16.79 -32.77 -27.70
C VAL F 233 18.15 -33.40 -27.42
N LEU F 234 19.17 -33.00 -28.18
CA LEU F 234 20.51 -33.55 -27.97
C LEU F 234 21.07 -33.16 -26.62
N GLU F 235 20.86 -31.91 -26.20
CA GLU F 235 21.39 -31.45 -24.93
C GLU F 235 20.77 -32.21 -23.77
N SER F 236 19.46 -32.48 -23.83
CA SER F 236 18.79 -33.14 -22.72
C SER F 236 19.13 -34.63 -22.66
N ILE F 237 19.27 -35.28 -23.81
CA ILE F 237 19.49 -36.72 -23.84
C ILE F 237 20.80 -37.08 -23.15
N ARG F 238 21.87 -36.34 -23.44
CA ARG F 238 23.17 -36.65 -22.88
C ARG F 238 23.27 -36.28 -21.40
N LYS F 239 22.32 -35.53 -20.87
CA LYS F 239 22.39 -35.03 -19.50
C LYS F 239 21.48 -35.78 -18.53
N PHE F 240 20.22 -36.00 -18.90
CA PHE F 240 19.23 -36.52 -17.97
C PHE F 240 18.82 -37.96 -18.22
N PHE F 241 18.86 -38.42 -19.47
CA PHE F 241 18.47 -39.80 -19.79
C PHE F 241 19.69 -40.71 -19.80
N ASN F 242 20.37 -40.73 -18.65
CA ASN F 242 21.56 -41.53 -18.45
C ASN F 242 21.31 -42.77 -17.59
N SER F 243 20.05 -43.11 -17.34
CA SER F 243 19.71 -44.24 -16.48
C SER F 243 19.83 -45.54 -17.26
N ARG F 244 19.40 -46.65 -16.63
CA ARG F 244 19.42 -47.95 -17.26
C ARG F 244 18.06 -48.43 -17.72
N LYS F 245 16.98 -47.90 -17.16
CA LYS F 245 15.62 -48.30 -17.51
C LYS F 245 15.00 -47.39 -18.56
N LEU F 246 15.80 -46.52 -19.18
CA LEU F 246 15.33 -45.64 -20.24
C LEU F 246 16.04 -46.01 -21.53
N VAL F 247 15.27 -46.29 -22.57
CA VAL F 247 15.80 -46.55 -23.91
C VAL F 247 15.25 -45.48 -24.85
N VAL F 248 16.14 -44.85 -25.60
CA VAL F 248 15.80 -43.69 -26.43
C VAL F 248 15.99 -44.07 -27.89
N VAL F 249 14.99 -43.73 -28.71
CA VAL F 249 15.02 -44.02 -30.14
C VAL F 249 14.83 -42.70 -30.87
N ALA F 250 15.93 -42.06 -31.25
CA ALA F 250 15.87 -40.80 -31.97
C ALA F 250 15.52 -41.04 -33.43
N THR F 251 15.33 -39.94 -34.17
CA THR F 251 15.00 -40.01 -35.59
C THR F 251 15.30 -38.67 -36.23
N GLY F 252 15.95 -38.70 -37.38
CA GLY F 252 16.26 -37.46 -38.08
C GLY F 252 17.22 -37.71 -39.22
N ASP F 253 17.69 -36.61 -39.80
CA ASP F 253 18.66 -36.65 -40.89
C ASP F 253 20.04 -36.42 -40.33
N LEU F 254 20.93 -37.40 -40.51
CA LEU F 254 22.24 -37.33 -39.88
C LEU F 254 23.09 -36.21 -40.46
N ARG F 255 23.01 -35.98 -41.77
CA ARG F 255 23.79 -34.93 -42.39
C ARG F 255 23.34 -33.54 -41.98
N LEU F 256 22.17 -33.42 -41.37
CA LEU F 256 21.68 -32.13 -40.88
C LEU F 256 22.06 -31.89 -39.43
N TYR F 257 22.18 -32.94 -38.63
CA TYR F 257 22.62 -32.78 -37.24
C TYR F 257 24.04 -32.23 -37.18
N SER F 258 24.90 -32.64 -38.11
CA SER F 258 26.29 -32.20 -38.09
C SER F 258 26.39 -30.69 -38.23
N GLN F 259 25.61 -30.11 -39.13
CA GLN F 259 25.62 -28.66 -39.28
C GLN F 259 25.04 -27.95 -38.06
N LEU F 260 24.18 -28.62 -37.30
CA LEU F 260 23.65 -28.02 -36.08
C LEU F 260 24.71 -27.98 -34.98
N ILE F 261 25.44 -29.09 -34.80
CA ILE F 261 26.44 -29.16 -33.74
C ILE F 261 27.63 -28.26 -34.05
N ARG F 262 28.05 -28.23 -35.32
CA ARG F 262 29.21 -27.42 -35.68
C ARG F 262 28.94 -25.95 -35.41
N GLY F 263 27.73 -25.48 -35.68
CA GLY F 263 27.40 -24.09 -35.38
C GLY F 263 27.46 -23.77 -33.90
N LYS F 264 27.11 -24.74 -33.05
CA LYS F 264 27.16 -24.53 -31.61
C LYS F 264 28.57 -24.62 -31.06
N GLN F 265 29.50 -25.23 -31.80
CA GLN F 265 30.88 -25.29 -31.34
C GLN F 265 31.58 -23.94 -31.49
N TYR F 266 31.30 -23.22 -32.57
CA TYR F 266 31.93 -21.92 -32.79
C TYR F 266 31.52 -20.90 -31.74
N GLU F 267 30.36 -21.07 -31.10
CA GLU F 267 29.91 -20.12 -30.10
C GLU F 267 30.81 -20.11 -28.88
N ASN F 268 31.64 -21.13 -28.70
CA ASN F 268 32.53 -21.17 -27.55
C ASN F 268 33.69 -20.19 -27.69
N TYR F 269 34.19 -20.02 -28.91
CA TYR F 269 35.30 -19.11 -29.13
C TYR F 269 34.88 -17.67 -28.86
N SER F 270 35.75 -16.92 -28.21
CA SER F 270 35.51 -15.51 -28.00
C SER F 270 35.52 -14.76 -29.33
N LYS F 271 34.56 -13.85 -29.50
CA LYS F 271 34.41 -13.17 -30.78
C LYS F 271 35.64 -12.34 -31.13
N THR F 272 36.38 -11.87 -30.13
CA THR F 272 37.59 -11.11 -30.40
C THR F 272 38.68 -12.01 -30.97
N LEU F 273 38.83 -13.21 -30.43
CA LEU F 273 39.80 -14.16 -30.97
C LEU F 273 39.44 -14.57 -32.39
N LEU F 274 38.14 -14.77 -32.65
CA LEU F 274 37.68 -15.17 -33.97
C LEU F 274 37.92 -14.09 -35.02
N GLU F 275 38.20 -12.85 -34.62
CA GLU F 275 38.45 -11.75 -35.54
C GLU F 275 39.91 -11.32 -35.58
N GLN F 276 40.60 -11.32 -34.44
CA GLN F 276 41.97 -10.83 -34.42
C GLN F 276 42.91 -11.76 -35.19
N GLU F 277 42.75 -13.07 -35.05
CA GLU F 277 43.62 -14.04 -35.69
C GLU F 277 42.89 -14.61 -36.90
N LYS F 278 43.05 -13.94 -38.06
CA LYS F 278 42.36 -14.39 -39.30
C LYS F 278 43.36 -15.08 -40.23
N GLU F 279 44.60 -15.34 -39.78
CA GLU F 279 45.57 -15.99 -40.63
C GLU F 279 45.08 -17.36 -41.06
N SER F 280 45.34 -17.72 -42.32
CA SER F 280 44.91 -19.01 -42.84
C SER F 280 45.63 -20.16 -42.14
N VAL F 281 46.86 -19.94 -41.68
CA VAL F 281 47.56 -20.98 -40.94
C VAL F 281 46.84 -21.30 -39.64
N ARG F 282 46.37 -20.27 -38.93
CA ARG F 282 45.60 -20.49 -37.72
C ARG F 282 44.16 -20.87 -38.03
N LEU F 283 43.60 -20.33 -39.12
CA LEU F 283 42.23 -20.70 -39.49
C LEU F 283 42.11 -22.16 -39.85
N ALA F 284 43.17 -22.73 -40.44
CA ALA F 284 43.13 -24.15 -40.80
C ALA F 284 43.07 -25.04 -39.57
N GLU F 285 43.89 -24.75 -38.56
CA GLU F 285 43.89 -25.58 -37.36
C GLU F 285 42.65 -25.35 -36.52
N ARG F 286 42.11 -24.13 -36.54
CA ARG F 286 40.86 -23.88 -35.82
C ARG F 286 39.71 -24.68 -36.41
N GLY F 287 39.61 -24.71 -37.74
CA GLY F 287 38.57 -25.49 -38.37
C GLY F 287 38.72 -26.98 -38.14
N TYR F 288 39.96 -27.47 -38.06
CA TYR F 288 40.18 -28.89 -37.79
C TYR F 288 39.74 -29.25 -36.37
N MET F 289 40.02 -28.37 -35.41
CA MET F 289 39.63 -28.64 -34.02
C MET F 289 38.13 -28.74 -33.88
N VAL F 290 37.39 -27.84 -34.54
CA VAL F 290 35.93 -27.89 -34.48
C VAL F 290 35.41 -29.19 -35.08
N GLU F 291 35.96 -29.56 -36.24
CA GLU F 291 35.56 -30.82 -36.87
C GLU F 291 35.96 -32.00 -35.99
N HIS F 292 37.15 -31.97 -35.41
CA HIS F 292 37.61 -33.05 -34.56
C HIS F 292 36.79 -33.16 -33.27
N LEU F 293 36.16 -32.07 -32.84
CA LEU F 293 35.38 -32.11 -31.61
C LEU F 293 34.00 -32.72 -31.84
N GLU F 294 33.23 -32.15 -32.76
CA GLU F 294 31.86 -32.62 -32.98
C GLU F 294 31.82 -34.00 -33.62
N GLN F 295 32.91 -34.43 -34.26
CA GLN F 295 32.96 -35.80 -34.77
C GLN F 295 32.87 -36.81 -33.64
N GLN F 296 33.62 -36.58 -32.55
CA GLN F 296 33.54 -37.46 -31.40
C GLN F 296 32.31 -37.19 -30.56
N TYR F 297 31.82 -35.95 -30.54
CA TYR F 297 30.63 -35.63 -29.75
C TYR F 297 29.44 -36.45 -30.21
N LEU F 298 29.23 -36.57 -31.52
CA LEU F 298 28.13 -37.37 -32.03
C LEU F 298 28.27 -38.84 -31.70
N LEU F 299 29.50 -39.32 -31.46
CA LEU F 299 29.68 -40.71 -31.08
C LEU F 299 29.26 -40.95 -29.64
N LYS F 300 29.39 -39.95 -28.77
CA LYS F 300 28.91 -40.08 -27.40
C LYS F 300 27.40 -40.26 -27.35
N LEU F 301 26.67 -39.50 -28.18
CA LEU F 301 25.22 -39.56 -28.17
C LEU F 301 24.71 -40.83 -28.84
N PHE F 302 25.04 -41.01 -30.12
CA PHE F 302 24.54 -42.15 -30.88
C PHE F 302 25.69 -43.10 -31.20
N PRO F 303 25.77 -44.26 -30.56
CA PRO F 303 26.84 -45.22 -30.89
C PRO F 303 26.70 -45.75 -32.31
N VAL F 304 27.84 -46.08 -32.90
CA VAL F 304 27.85 -46.49 -34.30
C VAL F 304 27.09 -47.79 -34.51
N GLN F 305 27.30 -48.78 -33.63
CA GLN F 305 26.64 -50.07 -33.78
C GLN F 305 25.14 -50.00 -33.58
N LYS F 306 24.63 -48.91 -33.01
CA LYS F 306 23.19 -48.76 -32.81
C LYS F 306 22.52 -48.10 -34.00
N ARG F 307 23.25 -47.33 -34.80
CA ARG F 307 22.65 -46.64 -35.93
C ARG F 307 22.14 -47.63 -36.97
N ILE F 308 20.92 -47.39 -37.45
CA ILE F 308 20.34 -48.13 -38.56
C ILE F 308 19.83 -47.12 -39.58
N GLN F 309 19.72 -47.57 -40.82
CA GLN F 309 19.30 -46.69 -41.91
C GLN F 309 18.07 -47.26 -42.59
N LEU F 310 17.29 -46.36 -43.19
CA LEU F 310 16.13 -46.73 -43.98
C LEU F 310 16.53 -46.80 -45.44
N LYS F 311 16.41 -47.98 -46.03
CA LYS F 311 16.82 -48.16 -47.41
C LYS F 311 15.90 -47.37 -48.34
N THR F 312 16.50 -46.80 -49.39
CA THR F 312 15.74 -46.00 -50.35
C THR F 312 14.89 -46.91 -51.23
N MET F 313 14.09 -46.30 -52.10
CA MET F 313 13.23 -47.07 -52.98
C MET F 313 14.03 -47.94 -53.94
N LEU F 314 15.24 -47.51 -54.29
CA LEU F 314 16.08 -48.32 -55.18
C LEU F 314 16.63 -49.54 -54.47
N GLN F 315 17.12 -49.37 -53.24
CA GLN F 315 17.78 -50.45 -52.54
C GLN F 315 16.85 -51.59 -52.15
N LEU F 316 15.53 -51.37 -52.23
CA LEU F 316 14.57 -52.40 -51.87
C LEU F 316 14.21 -53.27 -53.07
N VAL F 317 13.74 -52.66 -54.16
CA VAL F 317 13.37 -53.42 -55.34
C VAL F 317 14.61 -53.99 -56.03
N GLY F 318 15.68 -53.19 -56.11
CA GLY F 318 16.88 -53.61 -56.80
C GLY F 318 16.84 -53.31 -58.28
N GLU F 319 18.02 -53.36 -58.89
CA GLU F 319 18.14 -53.04 -60.30
C GLU F 319 17.59 -54.18 -61.16
N LYS F 320 17.61 -53.98 -62.47
CA LYS F 320 17.11 -55.00 -63.39
C LYS F 320 17.97 -56.25 -63.34
N GLY F 321 19.29 -56.09 -63.31
CA GLY F 321 20.17 -57.24 -63.36
C GLY F 321 20.07 -58.12 -62.14
N LYS F 322 20.01 -57.53 -60.95
CA LYS F 322 20.01 -58.31 -59.73
C LYS F 322 18.59 -58.74 -59.36
N ALA F 323 18.52 -59.73 -58.47
CA ALA F 323 17.24 -60.22 -58.00
C ALA F 323 16.58 -59.21 -57.05
N GLY F 324 15.26 -59.30 -56.95
CA GLY F 324 14.51 -58.41 -56.09
C GLY F 324 14.56 -58.86 -54.64
N LYS F 325 15.00 -57.97 -53.75
CA LYS F 325 15.05 -58.29 -52.33
C LYS F 325 13.65 -58.36 -51.74
N GLU F 326 12.91 -57.25 -51.81
CA GLU F 326 11.54 -57.18 -51.30
C GLU F 326 10.70 -56.48 -52.35
N GLU F 327 9.95 -57.26 -53.13
CA GLU F 327 9.17 -56.69 -54.22
C GLU F 327 8.00 -55.87 -53.69
N ILE F 328 7.56 -54.91 -54.51
CA ILE F 328 6.42 -54.06 -54.18
C ILE F 328 5.45 -54.09 -55.36
N LYS F 329 4.18 -54.31 -55.06
CA LYS F 329 3.13 -54.30 -56.07
C LYS F 329 2.12 -53.22 -55.73
N VAL F 330 1.67 -52.50 -56.75
CA VAL F 330 0.81 -51.34 -56.57
C VAL F 330 -0.51 -51.55 -57.28
N LYS F 331 -1.53 -50.83 -56.82
CA LYS F 331 -2.87 -50.85 -57.42
C LYS F 331 -3.01 -49.62 -58.29
N THR F 332 -2.90 -49.79 -59.60
CA THR F 332 -3.00 -48.66 -60.52
C THR F 332 -4.44 -48.18 -60.67
N GLU F 333 -5.29 -49.03 -61.20
CA GLU F 333 -6.71 -48.71 -61.35
C GLU F 333 -7.43 -48.91 -60.02
N PRO F 334 -8.58 -48.27 -59.83
CA PRO F 334 -9.36 -48.50 -58.62
C PRO F 334 -10.28 -49.70 -58.74
N GLY F 335 -10.54 -50.33 -57.60
CA GLY F 335 -11.43 -51.47 -57.54
C GLY F 335 -10.94 -52.67 -58.32
N MET F 336 -9.67 -53.03 -58.16
CA MET F 336 -9.10 -54.21 -58.78
C MET F 336 -8.92 -55.33 -57.77
N GLN F 337 -9.01 -56.56 -58.25
CA GLN F 337 -8.69 -57.70 -57.41
C GLN F 337 -7.21 -57.70 -57.06
N ASP F 338 -6.88 -58.31 -55.92
CA ASP F 338 -5.50 -58.34 -55.47
C ASP F 338 -4.61 -59.22 -56.32
N ILE F 339 -5.19 -60.05 -57.20
CA ILE F 339 -4.37 -60.97 -57.99
C ILE F 339 -3.55 -60.21 -59.02
N ASP F 340 -4.18 -59.29 -59.75
CA ASP F 340 -3.52 -58.57 -60.83
C ASP F 340 -2.98 -57.23 -60.35
N ALA F 341 -2.01 -57.30 -59.44
CA ALA F 341 -1.28 -56.13 -58.97
C ALA F 341 0.03 -56.02 -59.71
N ILE F 342 0.33 -54.84 -60.24
CA ILE F 342 1.48 -54.63 -61.10
C ILE F 342 2.67 -54.21 -60.25
N ASP F 343 3.86 -54.60 -60.71
CA ASP F 343 5.10 -54.25 -60.02
C ASP F 343 5.34 -52.74 -60.10
N VAL F 344 6.18 -52.25 -59.18
CA VAL F 344 6.44 -50.83 -59.11
C VAL F 344 7.24 -50.36 -60.32
N ARG F 345 8.24 -51.15 -60.76
CA ARG F 345 9.02 -50.76 -61.92
C ARG F 345 8.15 -50.74 -63.18
N GLN F 346 7.29 -51.73 -63.34
CA GLN F 346 6.34 -51.71 -64.45
C GLN F 346 5.31 -50.60 -64.31
N ALA F 347 5.08 -50.12 -63.08
CA ALA F 347 4.17 -48.99 -62.86
C ALA F 347 4.81 -47.67 -63.23
N ILE F 348 6.14 -47.59 -63.28
CA ILE F 348 6.83 -46.39 -63.74
C ILE F 348 7.18 -46.49 -65.22
N GLY F 349 7.55 -47.69 -65.67
CA GLY F 349 7.74 -47.90 -67.10
C GLY F 349 6.46 -47.75 -67.89
N ASP F 350 5.31 -47.93 -67.25
CA ASP F 350 4.03 -47.62 -67.90
C ASP F 350 3.92 -46.14 -68.21
N ALA F 351 4.53 -45.29 -67.39
CA ALA F 351 4.46 -43.84 -67.57
C ALA F 351 5.65 -43.30 -68.36
N VAL F 352 6.87 -43.68 -67.98
CA VAL F 352 8.06 -43.12 -68.61
C VAL F 352 8.12 -43.50 -70.09
N ARG F 353 7.87 -44.77 -70.39
CA ARG F 353 7.96 -45.23 -71.77
C ARG F 353 6.83 -44.65 -72.63
N GLU F 354 5.64 -44.53 -72.05
CA GLU F 354 4.48 -44.08 -72.81
C GLU F 354 4.28 -42.57 -72.73
N GLY F 355 4.52 -41.97 -71.57
CA GLY F 355 4.35 -40.53 -71.44
C GLY F 355 5.39 -39.72 -72.17
N LEU F 356 6.54 -40.30 -72.47
CA LEU F 356 7.58 -39.63 -73.25
C LEU F 356 7.72 -40.20 -74.65
N ASN F 357 6.95 -41.23 -74.99
CA ASN F 357 7.06 -41.91 -76.29
C ASN F 357 8.48 -42.40 -76.54
N LEU F 358 9.13 -42.90 -75.49
CA LEU F 358 10.49 -43.39 -75.56
C LEU F 358 10.47 -44.91 -75.76
N ARG F 359 11.21 -45.38 -76.74
CA ARG F 359 11.19 -46.80 -77.09
C ARG F 359 11.78 -47.64 -75.97
N GLU F 360 11.26 -48.87 -75.84
CA GLU F 360 11.74 -49.83 -74.86
C GLU F 360 13.22 -50.12 -75.05
N GLY F 361 14.03 -49.74 -74.07
CA GLY F 361 15.46 -49.98 -74.18
C GLY F 361 16.17 -49.51 -72.92
N SER F 362 17.50 -49.52 -73.00
CA SER F 362 18.30 -49.12 -71.85
C SER F 362 18.17 -47.62 -71.57
N ASP F 363 17.94 -46.82 -72.61
CA ASP F 363 17.80 -45.38 -72.41
C ASP F 363 16.55 -45.05 -71.60
N ALA F 364 15.45 -45.78 -71.83
CA ALA F 364 14.26 -45.60 -71.01
C ALA F 364 14.51 -45.98 -69.57
N ASP F 365 15.41 -46.95 -69.34
CA ASP F 365 15.75 -47.35 -67.97
C ASP F 365 16.52 -46.26 -67.23
N MET F 366 17.07 -45.28 -67.94
CA MET F 366 17.77 -44.19 -67.28
C MET F 366 16.82 -43.35 -66.43
N TYR F 367 15.63 -43.07 -66.96
CA TYR F 367 14.68 -42.23 -66.24
C TYR F 367 14.11 -42.95 -65.01
N VAL F 368 13.70 -44.20 -65.18
CA VAL F 368 13.08 -44.93 -64.07
C VAL F 368 14.09 -45.15 -62.95
N ASN F 369 15.35 -45.38 -63.30
CA ASN F 369 16.39 -45.52 -62.28
C ASN F 369 16.54 -44.21 -61.50
N GLU F 370 16.54 -43.08 -62.20
CA GLU F 370 16.62 -41.79 -61.52
C GLU F 370 15.39 -41.54 -60.67
N LEU F 371 14.21 -41.89 -61.16
CA LEU F 371 12.99 -41.66 -60.41
C LEU F 371 12.94 -42.49 -59.14
N LEU F 372 13.49 -43.70 -59.16
CA LEU F 372 13.54 -44.53 -57.96
C LEU F 372 14.40 -43.88 -56.88
N LYS F 373 15.51 -43.26 -57.26
CA LYS F 373 16.39 -42.63 -56.30
C LYS F 373 15.78 -41.41 -55.62
N GLN F 374 14.67 -40.89 -56.15
CA GLN F 374 14.01 -39.77 -55.53
C GLN F 374 13.34 -40.19 -54.22
N PRO F 375 13.10 -39.25 -53.32
CA PRO F 375 12.43 -39.60 -52.06
C PRO F 375 11.05 -40.17 -52.30
N VAL F 376 10.64 -41.05 -51.37
CA VAL F 376 9.37 -41.78 -51.53
C VAL F 376 8.20 -40.81 -51.59
N ARG F 377 8.25 -39.74 -50.79
CA ARG F 377 7.13 -38.79 -50.78
C ARG F 377 6.93 -38.16 -52.14
N LEU F 378 8.02 -37.77 -52.81
CA LEU F 378 7.91 -37.21 -54.15
C LEU F 378 7.45 -38.26 -55.15
N LEU F 379 8.02 -39.46 -55.08
CA LEU F 379 7.68 -40.50 -56.06
C LEU F 379 6.22 -40.91 -55.95
N MET F 380 5.71 -41.04 -54.72
CA MET F 380 4.32 -41.45 -54.55
C MET F 380 3.36 -40.39 -55.10
N GLN F 381 3.66 -39.11 -54.87
CA GLN F 381 2.76 -38.06 -55.32
C GLN F 381 2.75 -37.94 -56.84
N VAL F 382 3.88 -38.19 -57.49
CA VAL F 382 3.89 -38.26 -58.95
C VAL F 382 3.06 -39.44 -59.42
N LEU F 383 3.24 -40.59 -58.78
CA LEU F 383 2.49 -41.78 -59.19
C LEU F 383 1.00 -41.63 -58.89
N GLN F 384 0.67 -41.03 -57.74
CA GLN F 384 -0.74 -40.90 -57.38
C GLN F 384 -1.50 -40.01 -58.36
N ASP F 385 -0.89 -38.89 -58.77
CA ASP F 385 -1.61 -37.94 -59.61
C ASP F 385 -1.78 -38.47 -61.03
N PHE F 386 -0.72 -39.04 -61.60
CA PHE F 386 -0.78 -39.47 -62.99
C PHE F 386 -1.82 -40.57 -63.19
N TYR F 387 -1.85 -41.56 -62.30
CA TYR F 387 -2.77 -42.67 -62.48
C TYR F 387 -4.21 -42.27 -62.13
N THR F 388 -4.39 -41.35 -61.20
CA THR F 388 -5.74 -40.88 -60.88
C THR F 388 -6.38 -40.18 -62.07
N LYS F 389 -5.60 -39.36 -62.79
CA LYS F 389 -6.15 -38.62 -63.92
C LYS F 389 -6.35 -39.52 -65.13
N LYS F 390 -5.46 -40.50 -65.34
CA LYS F 390 -5.61 -41.41 -66.47
C LYS F 390 -6.89 -42.23 -66.34
N TYR F 391 -7.18 -42.73 -65.15
CA TYR F 391 -8.44 -43.43 -64.93
C TYR F 391 -9.63 -42.49 -65.11
N HIS F 392 -9.51 -41.27 -64.58
CA HIS F 392 -10.60 -40.31 -64.72
C HIS F 392 -10.85 -39.96 -66.18
N ALA F 393 -9.78 -39.78 -66.95
CA ALA F 393 -9.93 -39.49 -68.38
C ALA F 393 -10.58 -40.66 -69.11
N THR F 394 -10.17 -41.89 -68.77
CA THR F 394 -10.77 -43.07 -69.38
C THR F 394 -12.26 -43.17 -69.02
N SER F 395 -12.59 -42.93 -67.76
CA SER F 395 -13.97 -43.00 -67.27
C SER F 395 -14.60 -44.36 -67.56
N LEU F 411 -7.20 -37.16 -73.77
CA LEU F 411 -6.88 -38.57 -73.99
C LEU F 411 -5.43 -38.73 -74.43
N SER F 412 -4.62 -37.70 -74.19
CA SER F 412 -3.20 -37.73 -74.52
C SER F 412 -2.41 -38.06 -73.26
N VAL F 413 -1.71 -39.20 -73.29
CA VAL F 413 -0.93 -39.62 -72.12
C VAL F 413 0.14 -38.60 -71.75
N PRO F 414 0.96 -38.07 -72.67
CA PRO F 414 1.95 -37.06 -72.26
C PRO F 414 1.32 -35.82 -71.66
N ASN F 415 0.10 -35.47 -72.06
CA ASN F 415 -0.58 -34.32 -71.48
C ASN F 415 -0.83 -34.53 -69.99
N LEU F 416 -1.26 -35.74 -69.61
CA LEU F 416 -1.52 -36.03 -68.21
C LEU F 416 -0.23 -36.12 -67.41
N LEU F 417 0.87 -36.59 -68.02
CA LEU F 417 2.12 -36.71 -67.30
C LEU F 417 2.76 -35.35 -67.08
N ARG F 418 2.61 -34.43 -68.04
CA ARG F 418 3.23 -33.12 -67.91
C ARG F 418 2.66 -32.35 -66.72
N ASN F 419 1.35 -32.44 -66.51
CA ASN F 419 0.73 -31.77 -65.37
C ASN F 419 1.26 -32.33 -64.06
N ALA F 420 1.49 -33.65 -64.00
CA ALA F 420 2.02 -34.26 -62.79
C ALA F 420 3.44 -33.81 -62.51
N LEU F 421 4.26 -33.69 -63.54
CA LEU F 421 5.66 -33.32 -63.33
C LEU F 421 5.80 -31.84 -63.00
N TYR F 422 4.90 -31.00 -63.50
CA TYR F 422 5.02 -29.57 -63.25
C TYR F 422 4.91 -29.26 -61.77
N GLY F 423 3.90 -29.82 -61.10
CA GLY F 423 3.73 -29.56 -59.68
C GLY F 423 4.83 -30.18 -58.83
N SER F 424 5.28 -31.39 -59.21
CA SER F 424 6.21 -32.13 -58.36
C SER F 424 7.55 -31.41 -58.22
N MET F 425 8.16 -31.04 -59.35
CA MET F 425 9.44 -30.33 -59.35
C MET F 425 9.27 -28.85 -59.65
N LEU F 426 8.21 -28.24 -59.10
CA LEU F 426 8.04 -26.79 -59.22
C LEU F 426 9.18 -26.05 -58.54
N SER F 427 9.70 -26.60 -57.44
CA SER F 427 10.78 -25.94 -56.72
C SER F 427 12.04 -25.85 -57.57
N SER F 428 12.38 -26.90 -58.30
CA SER F 428 13.56 -26.87 -59.15
C SER F 428 13.35 -26.02 -60.40
N ILE F 429 12.10 -25.84 -60.82
CA ILE F 429 11.83 -24.96 -61.96
C ILE F 429 12.16 -23.51 -61.60
N TYR F 430 11.70 -23.07 -60.42
CA TYR F 430 11.98 -21.70 -60.00
C TYR F 430 13.47 -21.49 -59.77
N ARG F 431 14.16 -22.50 -59.24
CA ARG F 431 15.59 -22.37 -58.99
C ARG F 431 16.35 -22.17 -60.30
N ALA F 432 15.95 -22.87 -61.35
CA ALA F 432 16.61 -22.74 -62.66
C ALA F 432 16.05 -21.61 -63.50
N GLY F 433 14.96 -20.98 -63.07
CA GLY F 433 14.44 -19.83 -63.77
C GLY F 433 13.72 -20.12 -65.08
N LEU F 434 13.24 -21.34 -65.27
CA LEU F 434 12.52 -21.67 -66.48
C LEU F 434 11.14 -20.99 -66.50
N ASN F 435 10.55 -20.93 -67.70
CA ASN F 435 9.21 -20.37 -67.83
C ASN F 435 8.22 -21.20 -67.03
N TYR F 436 7.33 -20.51 -66.32
CA TYR F 436 6.47 -21.17 -65.33
C TYR F 436 5.01 -20.73 -65.40
N GLU F 437 4.62 -19.92 -66.37
CA GLU F 437 3.23 -19.50 -66.47
C GLU F 437 2.43 -20.59 -67.18
N GLN F 438 1.28 -20.94 -66.61
CA GLN F 438 0.58 -22.16 -67.02
C GLN F 438 0.09 -22.08 -68.45
N HIS F 439 -0.62 -21.01 -68.81
CA HIS F 439 -1.27 -20.95 -70.10
C HIS F 439 -0.41 -20.35 -71.19
N ARG F 440 0.85 -20.00 -70.89
CA ARG F 440 1.79 -19.53 -71.90
C ARG F 440 2.63 -20.65 -72.49
N PHE F 441 2.11 -21.87 -72.50
CA PHE F 441 2.83 -22.99 -73.07
C PHE F 441 2.81 -22.91 -74.60
N GLY F 442 3.81 -23.53 -75.21
CA GLY F 442 3.92 -23.54 -76.66
C GLY F 442 5.36 -23.71 -77.07
N MET F 443 5.54 -23.92 -78.38
CA MET F 443 6.90 -24.10 -78.91
C MET F 443 7.73 -22.84 -78.78
N ASP F 444 7.09 -21.67 -78.83
CA ASP F 444 7.84 -20.43 -78.66
C ASP F 444 8.49 -20.34 -77.28
N SER F 445 7.75 -20.74 -76.24
CA SER F 445 8.32 -20.76 -74.89
C SER F 445 9.26 -21.93 -74.70
N LEU F 446 8.92 -23.10 -75.26
CA LEU F 446 9.72 -24.29 -75.04
C LEU F 446 11.11 -24.14 -75.66
N CYS F 447 11.19 -23.54 -76.85
CA CYS F 447 12.50 -23.33 -77.47
C CYS F 447 13.36 -22.37 -76.66
N LYS F 448 12.74 -21.42 -75.97
CA LYS F 448 13.50 -20.58 -75.06
C LYS F 448 13.91 -21.35 -73.80
N ASP F 449 13.04 -22.25 -73.33
CA ASP F 449 13.32 -23.01 -72.12
C ASP F 449 14.55 -23.90 -72.31
N ILE F 450 14.63 -24.58 -73.45
CA ILE F 450 15.76 -25.48 -73.69
C ILE F 450 17.06 -24.69 -73.81
N PHE F 451 16.98 -23.43 -74.24
CA PHE F 451 18.18 -22.60 -74.29
C PHE F 451 18.67 -22.24 -72.90
N THR F 452 17.74 -21.94 -71.99
CA THR F 452 18.13 -21.64 -70.61
C THR F 452 18.78 -22.83 -69.94
N TYR F 453 18.26 -24.03 -70.17
CA TYR F 453 18.79 -25.23 -69.53
C TYR F 453 20.23 -25.50 -69.97
N VAL F 454 20.52 -25.33 -71.27
CA VAL F 454 21.84 -25.66 -71.78
C VAL F 454 22.91 -24.76 -71.17
N LYS F 455 22.63 -23.46 -71.07
CA LYS F 455 23.59 -22.55 -70.45
C LYS F 455 23.84 -22.92 -69.00
N GLN F 456 22.78 -23.31 -68.29
CA GLN F 456 22.94 -23.77 -66.91
C GLN F 456 23.80 -25.02 -66.84
N ASP F 457 23.58 -25.96 -67.76
CA ASP F 457 24.31 -27.22 -67.75
C ASP F 457 25.73 -27.09 -68.29
N ARG F 458 26.03 -26.01 -69.02
CA ARG F 458 27.36 -25.76 -69.56
C ARG F 458 27.84 -26.93 -70.42
N ASP F 459 26.95 -27.46 -71.26
CA ASP F 459 27.28 -28.54 -72.18
C ASP F 459 26.52 -28.32 -73.46
N PHE F 460 27.22 -27.88 -74.51
CA PHE F 460 26.61 -27.62 -75.80
C PHE F 460 26.63 -28.83 -76.73
N ASN F 461 27.30 -29.92 -76.35
CA ASN F 461 27.36 -31.10 -77.20
C ASN F 461 26.12 -31.96 -77.02
N THR F 462 25.89 -32.44 -75.80
CA THR F 462 24.73 -33.26 -75.47
C THR F 462 23.65 -32.49 -74.73
N GLY F 463 23.70 -31.16 -74.77
CA GLY F 463 22.74 -30.37 -74.01
C GLY F 463 21.31 -30.59 -74.45
N PHE F 464 21.09 -30.66 -75.76
CA PHE F 464 19.74 -30.84 -76.28
C PHE F 464 19.28 -32.30 -76.27
N TYR F 465 20.14 -33.24 -75.86
CA TYR F 465 19.68 -34.59 -75.63
C TYR F 465 18.77 -34.67 -74.40
N LEU F 466 18.91 -33.72 -73.47
CA LEU F 466 18.20 -33.72 -72.20
C LEU F 466 18.46 -35.01 -71.43
N ARG F 467 19.75 -35.24 -71.17
CA ARG F 467 20.17 -36.42 -70.43
C ARG F 467 20.23 -36.10 -68.94
N PRO F 468 19.51 -36.82 -68.09
CA PRO F 468 19.54 -36.53 -66.65
C PRO F 468 20.84 -36.96 -66.00
N GLN F 469 21.95 -36.29 -66.35
CA GLN F 469 23.27 -36.66 -65.83
C GLN F 469 24.00 -35.46 -65.23
N SER F 470 23.28 -34.41 -64.86
CA SER F 470 23.91 -33.22 -64.31
C SER F 470 24.40 -33.48 -62.89
N GLU F 471 25.22 -32.56 -62.39
CA GLU F 471 25.78 -32.67 -61.05
C GLU F 471 24.84 -32.14 -59.98
N SER F 472 24.22 -30.99 -60.20
CA SER F 472 23.29 -30.43 -59.24
C SER F 472 21.92 -31.10 -59.36
N GLU F 473 21.30 -31.34 -58.20
CA GLU F 473 20.01 -32.04 -58.19
C GLU F 473 18.93 -31.25 -58.91
N ALA F 474 19.01 -29.92 -58.87
CA ALA F 474 17.98 -29.09 -59.50
C ALA F 474 17.95 -29.31 -61.01
N LEU F 475 19.13 -29.39 -61.65
CA LEU F 475 19.17 -29.55 -63.09
C LEU F 475 18.66 -30.92 -63.52
N ARG F 476 18.89 -31.96 -62.70
CA ARG F 476 18.37 -33.28 -63.03
C ARG F 476 16.85 -33.28 -63.07
N ASN F 477 16.22 -32.60 -62.13
CA ASN F 477 14.76 -32.49 -62.13
C ASN F 477 14.26 -31.70 -63.34
N CYS F 478 14.98 -30.63 -63.71
CA CYS F 478 14.59 -29.85 -64.87
C CYS F 478 14.72 -30.64 -66.16
N SER F 479 15.75 -31.50 -66.26
CA SER F 479 15.97 -32.25 -67.50
C SER F 479 14.83 -33.20 -67.79
N ILE F 480 14.38 -33.95 -66.77
CA ILE F 480 13.28 -34.89 -66.98
C ILE F 480 11.99 -34.14 -67.25
N TYR F 481 11.79 -33.00 -66.59
CA TYR F 481 10.56 -32.23 -66.81
C TYR F 481 10.50 -31.70 -68.24
N LEU F 482 11.62 -31.18 -68.76
CA LEU F 482 11.63 -30.63 -70.10
C LEU F 482 11.33 -31.70 -71.14
N ALA F 483 11.89 -32.89 -70.97
CA ALA F 483 11.63 -33.98 -71.91
C ALA F 483 10.14 -34.32 -71.97
N SER F 484 9.42 -34.16 -70.86
CA SER F 484 7.98 -34.39 -70.87
C SER F 484 7.28 -33.36 -71.76
N GLN F 485 7.70 -32.10 -71.67
CA GLN F 485 7.05 -31.06 -72.47
C GLN F 485 7.42 -31.16 -73.94
N VAL F 486 8.62 -31.67 -74.24
CA VAL F 486 9.03 -31.82 -75.64
C VAL F 486 8.10 -32.78 -76.36
N SER F 487 7.74 -33.88 -75.72
CA SER F 487 6.91 -34.91 -76.33
C SER F 487 5.42 -34.61 -76.23
N GLU F 488 5.03 -33.49 -75.64
CA GLU F 488 3.62 -33.16 -75.50
C GLU F 488 3.12 -32.33 -76.69
N ASN F 489 3.82 -31.23 -77.00
CA ASN F 489 3.42 -30.41 -78.13
C ASN F 489 3.80 -31.05 -79.47
N CYS F 490 4.97 -31.69 -79.53
CA CYS F 490 5.43 -32.30 -80.77
C CYS F 490 4.60 -33.51 -81.17
N GLN F 491 3.87 -34.10 -80.23
CA GLN F 491 3.12 -35.32 -80.54
C GLN F 491 2.02 -35.06 -81.56
N GLY F 492 1.94 -35.92 -82.56
CA GLY F 492 0.88 -35.83 -83.54
C GLY F 492 0.92 -34.61 -84.43
N SER F 493 2.11 -34.17 -84.84
CA SER F 493 2.22 -33.02 -85.73
C SER F 493 3.59 -33.04 -86.40
N LEU F 494 3.61 -32.74 -87.71
CA LEU F 494 4.85 -32.69 -88.46
C LEU F 494 5.45 -31.29 -88.47
N SER F 495 4.62 -30.26 -88.68
CA SER F 495 5.13 -28.90 -88.69
C SER F 495 5.74 -28.53 -87.33
N LYS F 496 5.10 -28.95 -86.25
CA LYS F 496 5.65 -28.70 -84.92
C LYS F 496 6.97 -29.44 -84.72
N PHE F 497 7.12 -30.60 -85.35
CA PHE F 497 8.34 -31.39 -85.18
C PHE F 497 9.55 -30.65 -85.75
N LEU F 498 9.44 -30.13 -86.97
CA LEU F 498 10.57 -29.45 -87.60
C LEU F 498 10.95 -28.19 -86.85
N GLN F 499 9.96 -27.45 -86.35
CA GLN F 499 10.26 -26.23 -85.60
C GLN F 499 11.10 -26.53 -84.37
N MET F 500 10.76 -27.60 -83.63
CA MET F 500 11.56 -28.00 -82.50
C MET F 500 12.97 -28.37 -82.93
N LEU F 501 13.10 -29.09 -84.04
CA LEU F 501 14.42 -29.46 -84.53
C LEU F 501 15.21 -28.24 -84.99
N LEU F 502 14.57 -27.35 -85.76
CA LEU F 502 15.30 -26.28 -86.42
C LEU F 502 15.69 -25.18 -85.43
N VAL F 503 14.70 -24.52 -84.83
CA VAL F 503 14.98 -23.38 -83.98
C VAL F 503 15.25 -23.76 -82.53
N GLY F 504 14.78 -24.92 -82.09
CA GLY F 504 15.06 -25.37 -80.74
C GLY F 504 16.44 -25.97 -80.59
N CYS F 505 16.68 -27.08 -81.29
CA CYS F 505 17.98 -27.74 -81.19
C CYS F 505 19.06 -26.96 -81.94
N GLY F 506 18.72 -26.41 -83.10
CA GLY F 506 19.72 -25.76 -83.93
C GLY F 506 20.32 -24.53 -83.28
N SER F 507 19.50 -23.77 -82.55
CA SER F 507 19.97 -22.51 -81.98
C SER F 507 21.10 -22.71 -80.96
N VAL F 508 21.27 -23.92 -80.44
CA VAL F 508 22.34 -24.18 -79.48
C VAL F 508 23.64 -24.50 -80.21
N SER F 509 23.56 -25.30 -81.27
CA SER F 509 24.78 -25.70 -81.98
C SER F 509 25.48 -24.51 -82.63
N ILE F 510 24.71 -23.59 -83.22
CA ILE F 510 25.31 -22.46 -83.92
C ILE F 510 26.11 -21.59 -82.96
N PHE F 511 25.54 -21.32 -81.78
CA PHE F 511 26.24 -20.50 -80.80
C PHE F 511 27.52 -21.18 -80.32
N ASN F 512 27.53 -22.51 -80.26
CA ASN F 512 28.67 -23.23 -79.68
C ASN F 512 29.92 -23.02 -80.52
N GLN F 513 29.79 -23.05 -81.84
CA GLN F 513 30.95 -23.08 -82.73
C GLN F 513 31.31 -21.71 -83.30
N PHE F 514 30.33 -20.83 -83.49
CA PHE F 514 30.57 -19.59 -84.24
C PHE F 514 30.52 -18.33 -83.41
N VAL F 515 29.95 -18.37 -82.20
CA VAL F 515 29.82 -17.17 -81.39
C VAL F 515 30.57 -17.34 -80.07
N THR F 516 30.70 -18.59 -79.61
CA THR F 516 31.34 -18.84 -78.32
C THR F 516 32.83 -18.48 -78.36
N GLU F 517 33.47 -18.71 -79.50
CA GLU F 517 34.90 -18.43 -79.62
C GLU F 517 35.23 -16.96 -79.50
N LEU F 518 34.25 -16.07 -79.62
CA LEU F 518 34.48 -14.64 -79.47
C LEU F 518 34.91 -14.31 -78.04
N ASP F 524 36.30 -13.37 -67.32
CA ASP F 524 36.17 -13.56 -68.75
C ASP F 524 34.76 -13.98 -69.16
N ARG F 525 34.08 -14.70 -68.26
CA ARG F 525 32.73 -15.15 -68.55
C ARG F 525 31.73 -14.00 -68.54
N GLU F 526 32.05 -12.91 -67.84
CA GLU F 526 31.14 -11.78 -67.76
C GLU F 526 30.93 -11.16 -69.14
N LYS F 527 31.99 -11.06 -69.94
CA LYS F 527 31.84 -10.64 -71.32
C LYS F 527 31.03 -11.65 -72.12
N PHE F 528 31.22 -12.95 -71.84
CA PHE F 528 30.43 -13.99 -72.49
C PHE F 528 28.95 -13.91 -72.11
N GLU F 529 28.63 -13.28 -70.97
CA GLU F 529 27.24 -13.23 -70.52
C GLU F 529 26.39 -12.35 -71.44
N GLN F 530 26.87 -11.16 -71.77
CA GLN F 530 26.07 -10.26 -72.60
C GLN F 530 25.95 -10.74 -74.03
N LEU F 531 26.87 -11.60 -74.50
CA LEU F 531 26.76 -12.15 -75.84
C LEU F 531 25.48 -12.97 -75.98
N ILE F 532 25.17 -13.79 -74.97
CA ILE F 532 23.91 -14.54 -74.98
C ILE F 532 22.72 -13.59 -74.95
N SER F 533 22.85 -12.52 -74.15
CA SER F 533 21.73 -11.59 -73.98
C SER F 533 21.33 -10.93 -75.28
N GLU F 534 22.31 -10.52 -76.10
CA GLU F 534 21.97 -9.86 -77.35
C GLU F 534 21.72 -10.86 -78.46
N TYR F 535 22.34 -12.05 -78.40
CA TYR F 535 22.12 -13.05 -79.42
C TYR F 535 20.67 -13.54 -79.41
N VAL F 536 20.14 -13.80 -78.21
CA VAL F 536 18.75 -14.23 -78.11
C VAL F 536 17.81 -13.12 -78.56
N ALA F 537 18.23 -11.86 -78.40
CA ALA F 537 17.42 -10.75 -78.91
C ALA F 537 17.53 -10.64 -80.42
N TYR F 538 18.73 -10.85 -80.97
CA TYR F 538 18.91 -10.73 -82.42
C TYR F 538 18.11 -11.79 -83.16
N MET F 539 18.41 -13.06 -82.92
CA MET F 539 17.71 -14.15 -83.60
C MET F 539 16.29 -14.35 -83.08
N SER F 540 15.96 -13.76 -81.92
CA SER F 540 14.61 -13.78 -81.36
C SER F 540 14.15 -15.22 -81.07
N VAL F 541 14.89 -15.89 -80.19
CA VAL F 541 14.50 -17.23 -79.78
C VAL F 541 13.21 -17.21 -78.98
N GLY F 542 12.96 -16.13 -78.23
CA GLY F 542 11.75 -16.05 -77.45
C GLY F 542 10.49 -16.00 -78.29
N ARG F 543 10.55 -15.35 -79.45
CA ARG F 543 9.40 -15.24 -80.33
C ARG F 543 9.89 -15.29 -81.77
N ILE F 544 9.41 -16.26 -82.53
CA ILE F 544 9.81 -16.44 -83.92
C ILE F 544 8.57 -16.27 -84.81
N GLU F 545 8.66 -15.36 -85.77
CA GLU F 545 7.52 -15.10 -86.64
C GLU F 545 7.32 -16.23 -87.65
N SER F 546 8.39 -16.86 -88.12
CA SER F 546 8.28 -17.95 -89.08
C SER F 546 9.56 -18.76 -89.07
N ALA F 547 9.43 -20.05 -89.39
CA ALA F 547 10.59 -20.93 -89.43
C ALA F 547 11.59 -20.47 -90.49
N SER F 548 11.08 -20.03 -91.64
CA SER F 548 11.97 -19.55 -92.71
C SER F 548 12.75 -18.32 -92.27
N HIS F 549 12.12 -17.45 -91.48
CA HIS F 549 12.79 -16.24 -91.02
C HIS F 549 13.97 -16.56 -90.10
N TRP F 550 13.89 -17.66 -89.35
CA TRP F 550 15.03 -18.06 -88.54
C TRP F 550 16.22 -18.44 -89.42
N ALA F 551 15.97 -19.22 -90.47
CA ALA F 551 17.03 -19.54 -91.41
C ALA F 551 17.57 -18.29 -92.08
N ASN F 552 16.66 -17.38 -92.46
CA ASN F 552 17.09 -16.09 -93.01
C ASN F 552 17.92 -15.30 -92.02
N ARG F 553 17.77 -15.57 -90.72
CA ARG F 553 18.64 -14.98 -89.71
C ARG F 553 19.83 -15.87 -89.37
N CYS F 554 19.70 -17.18 -89.55
CA CYS F 554 20.81 -18.09 -89.28
C CYS F 554 21.97 -17.84 -90.23
N CYS F 555 21.67 -17.58 -91.51
CA CYS F 555 22.73 -17.35 -92.48
C CYS F 555 23.56 -16.13 -92.13
N ALA F 556 22.90 -15.05 -91.70
CA ALA F 556 23.62 -13.83 -91.35
C ALA F 556 24.55 -14.06 -90.16
N VAL F 557 24.12 -14.88 -89.21
CA VAL F 557 24.95 -15.14 -88.02
C VAL F 557 26.22 -15.86 -88.42
N VAL F 558 26.12 -16.86 -89.29
CA VAL F 558 27.28 -17.67 -89.67
C VAL F 558 28.10 -17.04 -90.80
N ALA F 559 27.51 -16.10 -91.55
CA ALA F 559 28.24 -15.49 -92.66
C ALA F 559 29.43 -14.67 -92.16
N ASN F 560 29.30 -14.05 -90.99
CA ASN F 560 30.37 -13.23 -90.43
C ASN F 560 31.43 -14.09 -89.75
N SER F 561 31.91 -15.11 -90.46
CA SER F 561 32.95 -16.00 -89.94
C SER F 561 33.71 -16.56 -91.12
N PRO F 562 34.70 -15.82 -91.62
CA PRO F 562 35.39 -16.24 -92.85
C PRO F 562 36.26 -17.46 -92.65
N ASN F 563 36.82 -17.98 -93.74
CA ASN F 563 37.63 -19.18 -93.71
C ASN F 563 38.89 -18.96 -94.56
N ASP F 564 39.80 -19.92 -94.50
CA ASP F 564 41.03 -19.84 -95.28
C ASP F 564 40.71 -19.87 -96.76
N GLU F 565 41.38 -19.01 -97.53
CA GLU F 565 41.21 -18.80 -98.96
C GLU F 565 39.84 -18.23 -99.30
N LYS F 566 39.01 -17.91 -98.31
CA LYS F 566 37.75 -17.16 -98.46
C LYS F 566 36.86 -17.73 -99.56
N ILE F 567 36.71 -19.06 -99.57
CA ILE F 567 35.78 -19.68 -100.50
C ILE F 567 34.36 -19.42 -100.01
N GLY F 568 33.47 -19.08 -100.93
CA GLY F 568 32.12 -18.70 -100.57
C GLY F 568 31.18 -19.85 -100.28
N VAL F 569 31.70 -20.96 -99.77
CA VAL F 569 30.90 -22.09 -99.33
C VAL F 569 30.97 -22.18 -97.82
N PHE F 570 29.81 -22.32 -97.18
CA PHE F 570 29.76 -22.36 -95.72
C PHE F 570 29.04 -23.60 -95.24
N LEU F 571 28.75 -23.67 -93.94
CA LEU F 571 28.11 -24.84 -93.36
C LEU F 571 26.68 -24.92 -93.87
N GLY F 572 26.47 -25.74 -94.90
CA GLY F 572 25.15 -25.94 -95.46
C GLY F 572 24.71 -24.90 -96.46
N MET F 573 25.56 -23.93 -96.80
CA MET F 573 25.15 -22.87 -97.72
C MET F 573 26.29 -22.53 -98.67
N VAL F 574 25.93 -22.01 -99.82
CA VAL F 574 26.88 -21.49 -100.80
C VAL F 574 26.49 -20.06 -101.13
N GLN F 575 27.47 -19.27 -101.56
CA GLN F 575 27.28 -17.85 -101.83
C GLN F 575 27.30 -17.64 -103.34
N LEU F 576 26.13 -17.73 -103.97
CA LEU F 576 26.02 -17.42 -105.39
C LEU F 576 26.37 -15.94 -105.62
N ASN F 577 27.19 -15.70 -106.64
CA ASN F 577 27.62 -14.34 -106.95
C ASN F 577 26.46 -13.56 -107.55
N ARG F 578 26.21 -12.37 -107.02
CA ARG F 578 25.11 -11.56 -107.53
C ARG F 578 25.50 -10.74 -108.76
N LYS F 579 26.79 -10.60 -109.04
CA LYS F 579 27.26 -9.86 -110.20
C LYS F 579 28.04 -10.80 -111.12
N SER F 580 28.62 -10.22 -112.16
CA SER F 580 29.40 -10.97 -113.15
C SER F 580 30.84 -10.51 -113.10
N ARG F 581 31.76 -11.46 -112.94
CA ARG F 581 33.18 -11.17 -112.94
C ARG F 581 33.72 -11.26 -114.36
N GLN F 582 34.64 -10.37 -114.70
CA GLN F 582 35.14 -10.28 -116.06
C GLN F 582 35.95 -11.52 -116.43
N HIS F 583 35.74 -12.00 -117.65
CA HIS F 583 36.52 -13.09 -118.24
C HIS F 583 36.42 -14.38 -117.42
N MET F 584 35.19 -14.89 -117.32
CA MET F 584 35.04 -16.16 -116.63
C MET F 584 35.18 -17.33 -117.61
N PRO F 585 35.94 -18.36 -117.24
CA PRO F 585 36.14 -19.49 -118.16
C PRO F 585 34.90 -20.36 -118.28
N GLY F 586 34.83 -21.09 -119.38
CA GLY F 586 33.76 -22.03 -119.62
C GLY F 586 32.42 -21.35 -119.73
N GLY F 587 31.37 -22.08 -119.35
CA GLY F 587 30.01 -21.59 -119.37
C GLY F 587 29.53 -20.96 -118.09
N TYR F 588 30.43 -20.69 -117.14
CA TYR F 588 30.04 -20.06 -115.88
C TYR F 588 29.53 -18.65 -116.13
N LYS F 589 28.54 -18.26 -115.35
CA LYS F 589 27.88 -16.97 -115.53
C LYS F 589 27.27 -16.54 -114.19
N LYS F 590 26.45 -15.50 -114.25
CA LYS F 590 25.74 -15.00 -113.08
C LYS F 590 24.41 -15.74 -112.92
N PHE F 591 24.08 -16.09 -111.68
CA PHE F 591 22.86 -16.82 -111.41
C PHE F 591 21.64 -15.99 -111.77
N ASN F 592 20.67 -16.63 -112.42
CA ASN F 592 19.42 -15.98 -112.81
C ASN F 592 18.26 -16.91 -112.50
N ILE F 593 17.29 -16.40 -111.74
CA ILE F 593 16.15 -17.22 -111.33
C ILE F 593 15.26 -17.54 -112.53
N ASP F 594 15.13 -16.58 -113.46
CA ASP F 594 14.20 -16.75 -114.57
C ASP F 594 14.60 -17.87 -115.53
N THR F 595 15.84 -18.36 -115.45
CA THR F 595 16.25 -19.46 -116.30
C THR F 595 15.45 -20.72 -116.02
N GLU F 596 15.23 -21.02 -114.73
CA GLU F 596 14.46 -22.20 -114.36
C GLU F 596 12.98 -21.98 -114.63
N ASN F 597 12.23 -23.09 -114.62
CA ASN F 597 10.80 -23.06 -114.90
C ASN F 597 10.09 -24.07 -114.03
N GLY F 598 8.80 -23.80 -113.79
CA GLY F 598 7.97 -24.75 -113.05
C GLY F 598 8.45 -24.92 -111.62
N LEU F 599 8.48 -26.17 -111.17
CA LEU F 599 8.85 -26.47 -109.79
C LEU F 599 10.29 -26.05 -109.48
N ALA F 600 11.15 -25.99 -110.49
CA ALA F 600 12.53 -25.60 -110.26
C ALA F 600 12.61 -24.17 -109.72
N LYS F 601 11.83 -23.26 -110.30
CA LYS F 601 11.82 -21.88 -109.79
C LYS F 601 11.23 -21.82 -108.38
N ALA F 602 10.14 -22.56 -108.14
CA ALA F 602 9.51 -22.53 -106.82
C ALA F 602 10.45 -23.06 -105.75
N ALA F 603 11.14 -24.17 -106.04
CA ALA F 603 12.12 -24.69 -105.09
C ALA F 603 13.28 -23.72 -104.90
N MET F 604 13.74 -23.11 -105.99
CA MET F 604 14.83 -22.16 -105.89
C MET F 604 14.41 -20.88 -105.18
N ALA F 605 13.14 -20.49 -105.31
CA ALA F 605 12.66 -19.30 -104.62
C ALA F 605 12.72 -19.48 -103.10
N SER F 606 12.35 -20.66 -102.61
CA SER F 606 12.40 -20.91 -101.17
C SER F 606 13.82 -20.91 -100.65
N SER F 607 14.75 -21.51 -101.40
CA SER F 607 16.14 -21.63 -100.96
C SER F 607 16.96 -20.40 -101.34
N LEU F 608 16.56 -19.27 -100.78
CA LEU F 608 17.26 -18.01 -101.01
C LEU F 608 17.18 -17.15 -99.76
N SER F 609 18.17 -16.26 -99.61
CA SER F 609 18.25 -15.35 -98.48
C SER F 609 19.32 -14.31 -98.77
N THR F 610 19.08 -13.08 -98.33
CA THR F 610 19.98 -11.97 -98.60
C THR F 610 20.36 -11.28 -97.30
N VAL F 611 21.58 -10.75 -97.27
CA VAL F 611 22.13 -10.06 -96.11
C VAL F 611 22.70 -8.72 -96.57
N ALA F 612 22.31 -7.64 -95.90
CA ALA F 612 22.79 -6.30 -96.22
C ALA F 612 24.02 -6.00 -95.37
N SER F 613 25.18 -5.90 -96.02
CA SER F 613 26.45 -5.67 -95.33
C SER F 613 27.27 -4.61 -96.07
N ASN F 614 26.64 -3.48 -96.39
CA ASN F 614 27.13 -2.42 -97.26
C ASN F 614 27.21 -2.85 -98.71
N ASN F 615 26.93 -4.13 -99.00
CA ASN F 615 26.79 -4.63 -100.36
C ASN F 615 25.97 -5.91 -100.28
N LEU F 616 24.79 -5.90 -100.87
CA LEU F 616 23.83 -6.97 -100.61
C LEU F 616 24.36 -8.30 -101.13
N MET F 617 24.37 -9.30 -100.24
CA MET F 617 24.90 -10.61 -100.54
C MET F 617 23.76 -11.61 -100.68
N ASP F 618 23.88 -12.48 -101.68
CA ASP F 618 22.88 -13.50 -101.95
C ASP F 618 23.38 -14.83 -101.39
N PHE F 619 22.43 -15.66 -100.94
CA PHE F 619 22.76 -16.94 -100.32
C PHE F 619 21.80 -18.02 -100.80
N CYS F 620 22.34 -19.19 -101.08
CA CYS F 620 21.56 -20.39 -101.32
C CYS F 620 21.73 -21.32 -100.12
N SER F 621 20.61 -21.78 -99.56
CA SER F 621 20.62 -22.43 -98.27
C SER F 621 19.78 -23.69 -98.27
N VAL F 622 20.08 -24.57 -97.31
CA VAL F 622 19.31 -25.77 -97.07
C VAL F 622 18.38 -25.53 -95.88
N PHE F 623 18.80 -24.64 -94.98
CA PHE F 623 17.99 -24.34 -93.81
C PHE F 623 16.65 -23.71 -94.20
N ASN F 624 16.66 -22.84 -95.21
CA ASN F 624 15.41 -22.25 -95.69
C ASN F 624 14.46 -23.32 -96.21
N LEU F 625 14.99 -24.29 -96.95
CA LEU F 625 14.16 -25.37 -97.45
C LEU F 625 13.58 -26.20 -96.31
N ILE F 626 14.37 -26.44 -95.27
CA ILE F 626 13.87 -27.14 -94.08
C ILE F 626 12.78 -26.32 -93.40
N GLY F 627 13.03 -25.01 -93.25
CA GLY F 627 12.05 -24.15 -92.60
C GLY F 627 10.79 -23.98 -93.42
N ALA F 628 10.92 -23.87 -94.74
CA ALA F 628 9.76 -23.62 -95.58
C ALA F 628 8.76 -24.76 -95.50
N ILE F 629 9.25 -26.00 -95.45
CA ILE F 629 8.36 -27.14 -95.32
C ILE F 629 7.57 -27.08 -94.02
N ALA F 630 8.22 -26.61 -92.94
CA ALA F 630 7.53 -26.46 -91.66
C ALA F 630 6.46 -25.38 -91.70
N ASP F 631 6.43 -24.55 -92.73
CA ASP F 631 5.40 -23.52 -92.88
C ASP F 631 4.30 -23.92 -93.86
N ILE F 632 4.66 -24.65 -94.92
CA ILE F 632 3.65 -25.11 -95.87
C ILE F 632 2.74 -26.13 -95.24
N SER F 633 3.28 -26.99 -94.37
CA SER F 633 2.52 -28.06 -93.72
C SER F 633 1.83 -27.60 -92.44
N ALA F 634 1.61 -26.28 -92.29
CA ALA F 634 1.01 -25.77 -91.06
C ALA F 634 -0.51 -25.92 -91.07
N CYS F 635 -1.18 -25.29 -92.03
CA CYS F 635 -2.63 -25.24 -92.07
C CYS F 635 -3.12 -25.51 -93.48
N ARG F 636 -4.12 -26.37 -93.60
CA ARG F 636 -4.68 -26.73 -94.90
C ARG F 636 -5.99 -26.04 -95.22
N CYS F 637 -6.46 -25.15 -94.36
CA CYS F 637 -7.78 -24.57 -94.57
C CYS F 637 -7.78 -23.51 -95.67
N GLU F 638 -6.63 -23.08 -96.15
CA GLU F 638 -6.57 -22.12 -97.24
C GLU F 638 -5.62 -22.63 -98.32
N ARG F 639 -5.90 -22.23 -99.55
CA ARG F 639 -5.09 -22.62 -100.70
C ARG F 639 -3.98 -21.62 -100.99
N SER F 640 -4.31 -20.32 -101.03
CA SER F 640 -3.32 -19.31 -101.37
C SER F 640 -2.23 -19.15 -100.32
N ALA F 641 -2.40 -19.76 -99.13
CA ALA F 641 -1.39 -19.63 -98.09
C ALA F 641 -0.07 -20.26 -98.52
N ILE F 642 -0.13 -21.41 -99.19
CA ILE F 642 1.11 -22.06 -99.62
C ILE F 642 1.81 -21.22 -100.68
N THR F 643 1.04 -20.54 -101.54
CA THR F 643 1.64 -19.62 -102.51
C THR F 643 2.35 -18.47 -101.80
N ASN F 644 1.74 -17.95 -100.73
CA ASN F 644 2.40 -16.93 -99.93
C ASN F 644 3.66 -17.47 -99.29
N ALA F 645 3.64 -18.73 -98.86
CA ALA F 645 4.82 -19.34 -98.26
C ALA F 645 5.96 -19.46 -99.25
N PHE F 646 5.64 -19.57 -100.55
CA PHE F 646 6.68 -19.65 -101.56
C PHE F 646 7.48 -18.35 -101.64
N ASN F 647 6.81 -17.21 -101.55
CA ASN F 647 7.43 -15.89 -101.67
C ASN F 647 7.29 -15.09 -100.39
N LYS F 648 7.35 -15.77 -99.23
CA LYS F 648 7.21 -15.08 -97.96
C LYS F 648 8.40 -14.20 -97.66
N VAL F 649 9.60 -14.65 -98.00
CA VAL F 649 10.83 -13.94 -97.64
C VAL F 649 11.57 -13.39 -98.86
N ILE F 650 11.21 -13.82 -100.06
CA ILE F 650 11.95 -13.41 -101.25
C ILE F 650 11.83 -11.91 -101.50
N ALA F 651 10.75 -11.28 -101.02
CA ALA F 651 10.50 -9.87 -101.31
C ALA F 651 10.91 -8.95 -100.17
N GLN F 652 10.48 -9.22 -98.94
CA GLN F 652 10.78 -8.37 -97.79
C GLN F 652 11.73 -9.13 -96.87
N THR F 653 13.03 -9.06 -97.20
CA THR F 653 14.06 -9.70 -96.38
C THR F 653 14.78 -8.70 -95.49
N THR F 654 15.39 -7.68 -96.10
CA THR F 654 16.07 -6.56 -95.44
C THR F 654 16.84 -6.99 -94.18
N CYS F 655 17.53 -8.12 -94.26
CA CYS F 655 18.31 -8.59 -93.11
C CYS F 655 19.47 -7.64 -92.83
N ILE F 656 19.91 -7.62 -91.58
CA ILE F 656 20.94 -6.70 -91.13
C ILE F 656 22.04 -7.49 -90.45
N VAL F 657 23.28 -6.97 -90.54
CA VAL F 657 24.41 -7.65 -89.91
C VAL F 657 24.24 -7.68 -88.41
N PRO F 658 24.67 -8.73 -87.71
CA PRO F 658 24.50 -8.77 -86.27
C PRO F 658 25.36 -7.73 -85.58
N PRO F 659 24.94 -7.23 -84.41
CA PRO F 659 25.74 -6.21 -83.71
C PRO F 659 27.13 -6.68 -83.32
N TRP F 660 27.31 -7.95 -82.98
CA TRP F 660 28.61 -8.42 -82.50
C TRP F 660 29.66 -8.43 -83.60
N SER F 661 29.25 -8.38 -84.87
CA SER F 661 30.17 -8.38 -85.99
C SER F 661 30.22 -6.98 -86.59
N GLU F 662 31.44 -6.46 -86.78
CA GLU F 662 31.60 -5.12 -87.34
C GLU F 662 31.08 -5.06 -88.77
N ALA F 663 31.35 -6.09 -89.57
CA ALA F 663 30.92 -6.13 -90.97
C ALA F 663 30.97 -7.56 -91.49
N GLN F 700 5.31 -21.44 -119.73
CA GLN F 700 3.94 -21.22 -120.14
C GLN F 700 3.47 -19.82 -119.74
N ASP F 701 2.15 -19.65 -119.63
CA ASP F 701 1.60 -18.36 -119.24
C ASP F 701 1.96 -18.02 -117.81
N ASP F 702 2.22 -16.74 -117.55
CA ASP F 702 2.58 -16.31 -116.21
C ASP F 702 1.40 -16.34 -115.25
N ALA F 703 0.17 -16.37 -115.77
CA ALA F 703 -1.00 -16.44 -114.90
C ALA F 703 -1.06 -17.76 -114.15
N THR F 704 -0.74 -18.86 -114.84
CA THR F 704 -0.78 -20.21 -114.27
C THR F 704 0.61 -20.82 -114.24
N GLU F 705 1.62 -20.01 -113.95
CA GLU F 705 3.00 -20.50 -113.94
C GLU F 705 3.20 -21.53 -112.83
N PHE F 706 2.68 -21.27 -111.64
CA PHE F 706 2.79 -22.19 -110.51
C PHE F 706 1.52 -22.99 -110.26
N SER F 707 0.58 -22.99 -111.21
CA SER F 707 -0.67 -23.71 -111.02
C SER F 707 -0.43 -25.21 -110.84
N ASP F 708 0.44 -25.78 -111.67
CA ASP F 708 0.76 -27.19 -111.53
C ASP F 708 1.51 -27.48 -110.24
N ALA F 709 2.37 -26.54 -109.82
CA ALA F 709 3.12 -26.72 -108.57
C ALA F 709 2.19 -26.80 -107.38
N ILE F 710 1.13 -25.97 -107.37
CA ILE F 710 0.20 -25.97 -106.25
C ILE F 710 -0.51 -27.30 -106.13
N THR F 711 -0.91 -27.89 -107.26
CA THR F 711 -1.61 -29.16 -107.23
C THR F 711 -0.77 -30.26 -106.59
N LYS F 712 0.52 -30.32 -106.95
CA LYS F 712 1.40 -31.32 -106.35
C LYS F 712 1.53 -31.12 -104.86
N VAL F 713 1.65 -29.87 -104.42
CA VAL F 713 1.71 -29.59 -102.99
C VAL F 713 0.37 -29.89 -102.33
N GLU F 714 -0.73 -29.54 -102.99
CA GLU F 714 -2.06 -29.79 -102.43
C GLU F 714 -2.30 -31.29 -102.26
N GLN F 715 -1.85 -32.10 -103.23
CA GLN F 715 -1.96 -33.55 -103.09
C GLN F 715 -1.13 -34.04 -101.92
N TRP F 716 0.03 -33.42 -101.69
CA TRP F 716 0.86 -33.80 -100.55
C TRP F 716 0.18 -33.47 -99.23
N LEU F 717 -0.70 -32.47 -99.22
CA LEU F 717 -1.41 -32.12 -97.98
C LEU F 717 -2.32 -33.25 -97.52
N LYS F 718 -3.01 -33.90 -98.45
CA LYS F 718 -3.88 -35.01 -98.09
C LYS F 718 -3.06 -36.18 -97.54
N ASN F 719 -1.87 -36.40 -98.09
CA ASN F 719 -1.04 -37.51 -97.67
C ASN F 719 -0.54 -37.32 -96.24
N VAL F 720 -0.07 -36.12 -95.92
CA VAL F 720 0.48 -35.88 -94.58
C VAL F 720 -0.63 -35.85 -93.54
N ASN F 721 -1.77 -35.24 -93.86
CA ASN F 721 -2.82 -35.06 -92.86
C ASN F 721 -3.40 -36.39 -92.40
N GLU F 722 -3.38 -37.42 -93.25
CA GLU F 722 -3.84 -38.73 -92.86
C GLU F 722 -2.81 -39.51 -92.05
N ILE F 723 -1.57 -39.02 -91.99
CA ILE F 723 -0.50 -39.69 -91.26
C ILE F 723 -0.03 -38.90 -90.05
N GLU F 724 -0.46 -37.65 -89.91
CA GLU F 724 -0.01 -36.82 -88.80
C GLU F 724 -0.33 -37.44 -87.44
N ILE F 725 -1.37 -38.27 -87.38
CA ILE F 725 -1.70 -38.93 -86.11
C ILE F 725 -0.62 -39.92 -85.72
N GLY F 726 -0.02 -40.61 -86.68
CA GLY F 726 0.91 -41.68 -86.36
C GLY F 726 2.19 -41.22 -85.68
N ILE F 727 2.71 -40.05 -86.09
CA ILE F 727 4.03 -39.63 -85.63
C ILE F 727 4.00 -39.38 -84.12
N ARG F 728 4.99 -39.93 -83.43
CA ARG F 728 5.12 -39.78 -81.98
C ARG F 728 6.58 -39.48 -81.65
N PRO F 729 7.04 -38.28 -81.93
CA PRO F 729 8.45 -37.94 -81.67
C PRO F 729 8.75 -37.92 -80.18
N SER F 730 10.00 -38.27 -79.86
CA SER F 730 10.48 -38.29 -78.49
C SER F 730 11.45 -37.13 -78.27
N ALA F 731 11.89 -36.98 -77.02
CA ALA F 731 12.86 -35.94 -76.68
C ALA F 731 14.29 -36.34 -77.03
N LEU F 732 14.53 -37.63 -77.27
CA LEU F 732 15.85 -38.10 -77.67
C LEU F 732 15.98 -38.27 -79.18
N LEU F 733 14.87 -38.49 -79.88
CA LEU F 733 14.91 -38.62 -81.33
C LEU F 733 15.41 -37.34 -81.99
N ILE F 734 14.81 -36.21 -81.62
CA ILE F 734 15.16 -34.94 -82.26
C ILE F 734 16.60 -34.57 -81.98
N GLY F 735 17.06 -34.77 -80.74
CA GLY F 735 18.44 -34.49 -80.42
C GLY F 735 19.42 -35.35 -81.20
N LYS F 736 19.11 -36.65 -81.32
CA LYS F 736 19.99 -37.55 -82.05
C LYS F 736 20.00 -37.26 -83.54
N VAL F 737 18.85 -36.89 -84.10
CA VAL F 737 18.78 -36.58 -85.52
C VAL F 737 19.66 -35.39 -85.85
N TRP F 738 19.58 -34.33 -85.03
CA TRP F 738 20.35 -33.12 -85.31
C TRP F 738 21.85 -33.37 -85.23
N SER F 739 22.29 -34.16 -84.24
CA SER F 739 23.72 -34.40 -84.08
C SER F 739 24.30 -35.10 -85.30
N ARG F 740 23.59 -36.08 -85.85
CA ARG F 740 24.03 -36.71 -87.09
C ARG F 740 24.01 -35.71 -88.24
N PHE F 741 23.01 -34.83 -88.27
CA PHE F 741 22.95 -33.79 -89.29
C PHE F 741 24.16 -32.87 -89.20
N TYR F 742 24.54 -32.47 -87.98
CA TYR F 742 25.64 -31.52 -87.82
C TYR F 742 26.95 -32.09 -88.32
N PHE F 743 27.22 -33.37 -88.03
CA PHE F 743 28.46 -33.98 -88.48
C PHE F 743 28.44 -34.24 -89.98
N ASN F 744 27.32 -34.74 -90.50
CA ASN F 744 27.22 -35.00 -91.93
C ASN F 744 27.34 -33.71 -92.73
N LEU F 745 26.67 -32.64 -92.28
CA LEU F 745 26.71 -31.39 -93.03
C LEU F 745 28.08 -30.72 -92.94
N ASN F 746 28.77 -30.88 -91.81
CA ASN F 746 30.09 -30.29 -91.67
C ASN F 746 31.11 -30.93 -92.59
N ASN F 747 30.95 -32.23 -92.88
CA ASN F 747 31.88 -32.91 -93.78
C ASN F 747 31.73 -32.43 -95.21
N VAL F 748 30.48 -32.30 -95.67
CA VAL F 748 30.23 -31.92 -97.06
C VAL F 748 30.78 -30.53 -97.33
N ALA F 749 30.54 -29.59 -96.42
CA ALA F 749 31.01 -28.22 -96.61
C ALA F 749 32.52 -28.09 -96.56
N ASP F 750 33.23 -29.11 -96.10
CA ASP F 750 34.68 -29.06 -96.00
C ASP F 750 35.39 -29.77 -97.14
N GLN F 751 34.92 -30.96 -97.52
CA GLN F 751 35.57 -31.69 -98.60
C GLN F 751 35.37 -31.01 -99.95
N HIS F 752 34.13 -30.60 -100.24
CA HIS F 752 33.84 -29.94 -101.51
C HIS F 752 34.16 -28.45 -101.43
N LYS F 753 35.37 -28.11 -101.00
CA LYS F 753 35.83 -26.73 -100.91
C LYS F 753 36.98 -26.43 -101.86
N THR F 754 37.97 -27.32 -101.95
CA THR F 754 39.05 -27.19 -102.90
C THR F 754 38.76 -27.92 -104.21
N ARG F 755 37.62 -28.57 -104.33
CA ARG F 755 37.27 -29.35 -105.52
C ARG F 755 36.51 -28.49 -106.53
N LEU F 756 37.20 -27.45 -107.01
CA LEU F 756 36.66 -26.57 -108.06
C LEU F 756 37.83 -26.26 -109.00
N TYR F 757 37.95 -27.03 -110.08
CA TYR F 757 39.13 -27.02 -110.93
C TYR F 757 38.76 -26.75 -112.38
N ARG F 758 37.87 -25.79 -112.61
CA ARG F 758 37.46 -25.29 -113.92
C ARG F 758 36.66 -26.31 -114.73
N ASN F 759 36.50 -27.54 -114.23
CA ASN F 759 35.67 -28.54 -114.90
C ASN F 759 34.46 -28.92 -114.06
N ALA F 760 34.11 -28.11 -113.07
CA ALA F 760 32.95 -28.42 -112.23
C ALA F 760 31.66 -28.42 -113.04
N GLU F 761 31.53 -27.51 -113.99
CA GLU F 761 30.38 -27.48 -114.87
C GLU F 761 30.28 -28.78 -115.65
N HIS F 762 29.05 -29.28 -115.81
CA HIS F 762 28.79 -30.56 -116.47
C HIS F 762 29.54 -31.70 -115.79
N GLY F 763 29.61 -31.65 -114.47
CA GLY F 763 30.28 -32.68 -113.69
C GLY F 763 29.65 -34.04 -113.82
N ARG F 764 30.45 -35.05 -114.11
CA ARG F 764 29.97 -36.42 -114.19
C ARG F 764 30.78 -37.39 -113.33
N MET F 765 32.09 -37.19 -113.22
CA MET F 765 32.89 -38.03 -112.34
C MET F 765 32.82 -37.52 -110.91
N ALA F 766 33.06 -38.43 -109.96
CA ALA F 766 32.93 -38.09 -108.55
C ALA F 766 33.92 -37.00 -108.14
N SER F 767 35.07 -36.91 -108.82
CA SER F 767 36.04 -35.87 -108.49
C SER F 767 35.50 -34.48 -108.83
N GLN F 768 34.70 -34.36 -109.90
CA GLN F 768 34.10 -33.09 -110.24
C GLN F 768 33.09 -32.68 -109.18
N SER F 769 33.03 -31.38 -108.88
CA SER F 769 32.12 -30.88 -107.85
C SER F 769 31.83 -29.41 -108.14
N ASN F 770 30.59 -29.12 -108.49
CA ASN F 770 30.11 -27.76 -108.71
C ASN F 770 29.19 -27.33 -107.57
N ALA F 771 28.63 -26.13 -107.70
CA ALA F 771 27.75 -25.61 -106.66
C ALA F 771 26.50 -26.48 -106.52
N ALA F 772 25.91 -26.91 -107.63
CA ALA F 772 24.72 -27.74 -107.57
C ALA F 772 25.00 -29.12 -106.99
N LYS F 773 26.24 -29.59 -107.05
CA LYS F 773 26.57 -30.89 -106.47
C LYS F 773 26.47 -30.84 -104.94
N ILE F 774 26.91 -29.74 -104.34
CA ILE F 774 26.86 -29.61 -102.88
C ILE F 774 25.40 -29.61 -102.40
N MET F 775 24.54 -28.86 -103.09
CA MET F 775 23.15 -28.75 -102.66
C MET F 775 22.40 -30.06 -102.80
N ARG F 776 22.76 -30.89 -103.79
CA ARG F 776 22.15 -32.21 -103.90
C ARG F 776 22.52 -33.08 -102.72
N PHE F 777 23.76 -32.98 -102.24
CA PHE F 777 24.20 -33.81 -101.13
C PHE F 777 23.66 -33.31 -99.80
N ASN F 778 23.53 -31.99 -99.64
CA ASN F 778 23.00 -31.44 -98.39
C ASN F 778 21.57 -31.90 -98.15
N VAL F 779 20.74 -31.89 -99.20
CA VAL F 779 19.38 -32.43 -99.08
C VAL F 779 19.44 -33.92 -98.75
N LEU F 780 20.36 -34.65 -99.39
CA LEU F 780 20.57 -36.04 -99.05
C LEU F 780 21.09 -36.19 -97.63
N ALA F 781 21.96 -35.27 -97.20
CA ALA F 781 22.49 -35.31 -95.84
C ALA F 781 21.37 -35.14 -94.81
N PHE F 782 20.34 -34.36 -95.13
CA PHE F 782 19.20 -34.23 -94.24
C PHE F 782 18.40 -35.53 -94.19
N LEU F 783 18.08 -36.09 -95.36
CA LEU F 783 17.23 -37.27 -95.40
C LEU F 783 17.96 -38.51 -94.91
N HIS F 784 19.26 -38.62 -95.17
CA HIS F 784 20.03 -39.76 -94.65
C HIS F 784 20.11 -39.71 -93.13
N ALA F 785 20.29 -38.52 -92.56
CA ALA F 785 20.37 -38.39 -91.11
C ALA F 785 19.07 -38.83 -90.44
N VAL F 786 17.93 -38.49 -91.04
CA VAL F 786 16.66 -38.93 -90.51
C VAL F 786 16.53 -40.44 -90.59
N LEU F 787 16.98 -41.03 -91.70
CA LEU F 787 16.79 -42.46 -91.92
C LEU F 787 17.46 -43.30 -90.84
N VAL F 788 18.68 -42.94 -90.46
CA VAL F 788 19.42 -43.72 -89.48
C VAL F 788 18.74 -43.68 -88.11
N GLU F 789 18.39 -42.47 -87.65
CA GLU F 789 17.85 -42.31 -86.31
C GLU F 789 16.37 -42.60 -86.21
N GLU F 790 15.62 -42.48 -87.31
CA GLU F 790 14.19 -42.78 -87.24
C GLU F 790 13.95 -44.24 -86.90
N SER F 791 14.71 -45.15 -87.52
CA SER F 791 14.57 -46.57 -87.20
C SER F 791 15.24 -46.91 -85.87
N LEU F 792 16.37 -46.27 -85.57
CA LEU F 792 17.09 -46.59 -84.34
C LEU F 792 16.29 -46.22 -83.11
N TYR F 793 15.64 -45.05 -83.12
CA TYR F 793 14.84 -44.59 -81.98
C TYR F 793 13.49 -44.12 -82.51
N HIS F 794 12.42 -44.79 -82.08
CA HIS F 794 11.06 -44.40 -82.40
C HIS F 794 10.12 -45.28 -81.58
N SER F 795 8.95 -44.73 -81.26
CA SER F 795 8.00 -45.45 -80.43
C SER F 795 7.09 -46.40 -81.21
N VAL F 796 7.07 -46.30 -82.54
CA VAL F 796 6.18 -47.16 -83.32
C VAL F 796 6.83 -48.47 -83.74
N SER F 797 8.13 -48.64 -83.51
CA SER F 797 8.84 -49.85 -83.92
C SER F 797 9.54 -50.45 -82.72
N ASP F 798 9.30 -51.74 -82.49
CA ASP F 798 9.95 -52.42 -81.37
C ASP F 798 11.43 -52.67 -81.65
N ARG F 799 11.76 -53.00 -82.89
CA ARG F 799 13.14 -53.27 -83.28
C ARG F 799 13.47 -52.51 -84.56
N GLU F 800 14.73 -52.10 -84.66
CA GLU F 800 15.18 -51.37 -85.84
C GLU F 800 15.29 -52.33 -87.03
N TYR F 801 15.35 -51.74 -88.23
CA TYR F 801 15.47 -52.51 -89.46
C TYR F 801 16.71 -52.13 -90.26
N ILE F 802 17.59 -51.30 -89.69
CA ILE F 802 18.90 -51.07 -90.30
C ILE F 802 19.70 -52.36 -90.33
N GLY F 803 19.67 -53.11 -89.24
CA GLY F 803 20.39 -54.36 -89.16
C GLY F 803 21.83 -54.18 -88.72
N GLU F 804 22.49 -55.31 -88.46
CA GLU F 804 23.88 -55.30 -88.01
C GLU F 804 24.78 -54.85 -89.15
N GLY F 805 25.29 -53.63 -89.06
CA GLY F 805 26.17 -53.11 -90.08
C GLY F 805 26.67 -51.70 -89.77
N LEU F 806 27.89 -51.40 -90.20
CA LEU F 806 28.46 -50.08 -89.97
C LEU F 806 27.73 -49.03 -90.81
N ARG F 807 27.62 -47.82 -90.27
CA ARG F 807 26.93 -46.72 -90.92
C ARG F 807 27.89 -45.55 -91.10
N LEU F 808 27.76 -44.87 -92.23
CA LEU F 808 28.54 -43.66 -92.50
C LEU F 808 27.62 -42.62 -93.11
N ASN F 809 28.20 -41.51 -93.56
CA ASN F 809 27.43 -40.42 -94.14
C ASN F 809 27.90 -40.16 -95.57
N PRO F 810 26.97 -39.88 -96.49
CA PRO F 810 27.34 -39.70 -97.90
C PRO F 810 27.97 -38.34 -98.18
N VAL F 811 29.26 -38.23 -97.84
CA VAL F 811 29.98 -36.99 -98.08
C VAL F 811 30.22 -36.78 -99.57
N THR F 812 30.58 -37.84 -100.28
CA THR F 812 30.89 -37.74 -101.70
C THR F 812 30.15 -38.78 -102.52
N SER F 813 29.87 -39.94 -101.92
CA SER F 813 29.30 -41.06 -102.64
C SER F 813 27.93 -41.42 -102.05
N VAL F 814 26.94 -41.57 -102.93
CA VAL F 814 25.60 -41.97 -102.51
C VAL F 814 25.45 -43.49 -102.43
N ASP F 815 26.52 -44.23 -102.71
CA ASP F 815 26.43 -45.69 -102.76
C ASP F 815 26.03 -46.28 -101.42
N GLU F 816 26.63 -45.79 -100.33
CA GLU F 816 26.31 -46.34 -99.02
C GLU F 816 24.89 -45.97 -98.59
N PHE F 817 24.41 -44.80 -99.00
CA PHE F 817 23.02 -44.45 -98.76
C PHE F 817 22.07 -45.29 -99.59
N GLU F 818 22.55 -45.82 -100.73
CA GLU F 818 21.72 -46.67 -101.57
C GLU F 818 21.47 -48.02 -100.92
N LYS F 819 22.49 -48.61 -100.31
CA LYS F 819 22.34 -49.95 -99.74
C LYS F 819 21.45 -49.94 -98.50
N LYS F 820 21.45 -48.84 -97.74
CA LYS F 820 20.62 -48.78 -96.54
C LYS F 820 19.14 -48.89 -96.90
N ILE F 821 18.71 -48.18 -97.95
CA ILE F 821 17.32 -48.29 -98.39
C ILE F 821 17.04 -49.68 -98.94
N LYS F 822 18.00 -50.25 -99.67
CA LYS F 822 17.81 -51.57 -100.26
C LYS F 822 17.67 -52.64 -99.19
N ILE F 823 18.55 -52.61 -98.17
CA ILE F 823 18.49 -53.61 -97.12
C ILE F 823 17.19 -53.49 -96.33
N ILE F 824 16.80 -52.26 -96.00
CA ILE F 824 15.54 -52.05 -95.28
C ILE F 824 14.37 -52.54 -96.11
N GLY F 825 14.40 -52.31 -97.42
CA GLY F 825 13.34 -52.80 -98.28
C GLY F 825 13.21 -54.31 -98.23
N GLU F 826 14.34 -55.01 -98.13
CA GLU F 826 14.29 -56.47 -98.01
C GLU F 826 13.67 -56.91 -96.70
N LYS F 827 14.12 -56.32 -95.59
CA LYS F 827 13.65 -56.76 -94.28
C LYS F 827 12.15 -56.52 -94.10
N LEU F 828 11.66 -55.36 -94.53
CA LEU F 828 10.24 -55.08 -94.38
C LEU F 828 9.40 -56.02 -95.23
N LYS F 829 9.92 -56.48 -96.36
CA LYS F 829 9.18 -57.41 -97.20
C LYS F 829 8.94 -58.74 -96.49
N ALA F 830 9.95 -59.24 -95.78
CA ALA F 830 9.82 -60.51 -95.08
C ALA F 830 8.74 -60.44 -94.00
N ASP F 831 8.73 -59.35 -93.23
CA ASP F 831 7.73 -59.18 -92.17
C ASP F 831 6.35 -58.85 -92.70
N ASN F 832 6.21 -58.61 -94.00
CA ASN F 832 4.95 -58.22 -94.61
C ASN F 832 4.41 -56.92 -93.98
N LYS F 833 5.22 -55.89 -94.08
CA LYS F 833 4.90 -54.58 -93.52
C LYS F 833 5.05 -53.52 -94.61
N THR F 834 4.22 -52.49 -94.53
CA THR F 834 4.26 -51.38 -95.48
C THR F 834 5.36 -50.41 -95.07
N TRP F 835 5.40 -49.25 -95.73
CA TRP F 835 6.38 -48.22 -95.43
C TRP F 835 5.85 -47.14 -94.49
N LYS F 836 4.55 -46.87 -94.52
CA LYS F 836 4.00 -45.78 -93.72
C LYS F 836 4.02 -46.10 -92.24
N ASN F 837 3.61 -47.29 -91.86
CA ASN F 837 3.46 -47.65 -90.45
C ASN F 837 4.78 -48.00 -89.77
N THR F 838 5.91 -47.78 -90.43
CA THR F 838 7.21 -48.06 -89.84
C THR F 838 8.12 -46.84 -89.78
N HIS F 839 8.18 -46.05 -90.85
CA HIS F 839 9.03 -44.86 -90.90
C HIS F 839 8.20 -43.68 -91.38
N PRO F 840 7.30 -43.18 -90.53
CA PRO F 840 6.43 -42.06 -90.95
C PRO F 840 7.20 -40.79 -91.30
N LEU F 841 8.30 -40.50 -90.63
CA LEU F 841 9.05 -39.28 -90.91
C LEU F 841 9.75 -39.37 -92.26
N PHE F 842 10.45 -40.48 -92.51
CA PHE F 842 11.20 -40.62 -93.76
C PHE F 842 10.28 -40.65 -94.96
N PHE F 843 9.14 -41.34 -94.85
CA PHE F 843 8.23 -41.47 -95.97
C PHE F 843 7.63 -40.12 -96.36
N LEU F 844 7.24 -39.32 -95.38
CA LEU F 844 6.59 -38.04 -95.67
C LEU F 844 7.55 -37.06 -96.32
N LEU F 845 8.77 -36.96 -95.80
CA LEU F 845 9.74 -36.03 -96.37
C LEU F 845 10.14 -36.41 -97.78
N ILE F 846 10.29 -37.71 -98.05
CA ILE F 846 10.70 -38.16 -99.37
C ILE F 846 9.61 -37.95 -100.40
N SER F 847 8.36 -37.77 -99.98
CA SER F 847 7.25 -37.55 -100.89
C SER F 847 6.92 -36.08 -101.10
N CYS F 848 7.65 -35.18 -100.48
CA CYS F 848 7.37 -33.75 -100.61
C CYS F 848 7.78 -33.26 -102.00
N PRO F 849 6.88 -32.65 -102.75
CA PRO F 849 7.25 -32.17 -104.09
C PRO F 849 8.36 -31.13 -104.08
N ILE F 850 8.51 -30.37 -102.99
CA ILE F 850 9.51 -29.32 -102.94
C ILE F 850 10.92 -29.91 -102.93
N LEU F 851 11.11 -31.04 -102.23
CA LEU F 851 12.42 -31.66 -102.15
C LEU F 851 12.77 -32.49 -103.37
N HIS F 852 11.80 -32.76 -104.24
CA HIS F 852 12.06 -33.62 -105.41
C HIS F 852 13.10 -33.05 -106.37
N PRO F 853 13.02 -31.79 -106.82
CA PRO F 853 14.00 -31.32 -107.80
C PRO F 853 15.43 -31.32 -107.30
N PHE F 854 15.66 -31.08 -106.01
CA PHE F 854 17.01 -30.99 -105.49
C PHE F 854 17.72 -32.34 -105.43
N ILE F 855 16.96 -33.44 -105.53
CA ILE F 855 17.58 -34.77 -105.45
C ILE F 855 18.42 -35.04 -106.69
N PHE F 856 17.90 -34.69 -107.87
CA PHE F 856 18.54 -35.00 -109.15
C PHE F 856 18.70 -33.72 -109.97
N PRO F 857 19.73 -32.93 -109.67
CA PRO F 857 20.01 -31.74 -110.49
C PRO F 857 20.72 -32.15 -111.78
N VAL F 858 20.92 -31.17 -112.65
CA VAL F 858 21.56 -31.44 -113.94
C VAL F 858 23.06 -31.63 -113.77
N GLY F 859 23.73 -30.66 -113.15
CA GLY F 859 25.17 -30.67 -113.03
C GLY F 859 25.73 -31.36 -111.81
N GLY F 860 24.90 -32.00 -110.99
CA GLY F 860 25.37 -32.63 -109.77
C GLY F 860 25.31 -34.14 -109.80
N ILE F 861 24.70 -34.72 -110.83
CA ILE F 861 24.56 -36.16 -110.90
C ILE F 861 25.88 -36.79 -111.32
N ASN F 862 26.35 -37.75 -110.53
CA ASN F 862 27.58 -38.47 -110.85
C ASN F 862 27.32 -39.47 -111.98
N CYS F 863 28.18 -39.46 -112.99
CA CYS F 863 28.07 -40.36 -114.13
C CYS F 863 29.43 -40.98 -114.41
N SER F 864 29.53 -42.29 -114.24
CA SER F 864 30.77 -43.01 -114.49
C SER F 864 30.43 -44.48 -114.74
N VAL F 865 31.46 -45.32 -114.82
CA VAL F 865 31.24 -46.74 -115.09
C VAL F 865 30.58 -47.42 -113.90
N LYS F 866 31.04 -47.11 -112.69
CA LYS F 866 30.46 -47.67 -111.47
C LYS F 866 29.50 -46.71 -110.78
N ALA F 867 29.58 -45.42 -111.08
CA ALA F 867 28.62 -44.47 -110.51
C ALA F 867 27.20 -44.79 -110.93
N LEU F 868 27.00 -45.13 -112.20
CA LEU F 868 25.67 -45.49 -112.67
C LEU F 868 25.15 -46.74 -111.98
N ASN F 869 26.04 -47.72 -111.74
CA ASN F 869 25.62 -49.00 -111.18
C ASN F 869 24.87 -48.80 -109.86
N LYS F 870 25.42 -48.00 -108.96
CA LYS F 870 24.71 -47.72 -107.72
C LYS F 870 23.59 -46.72 -107.92
N GLU F 871 23.79 -45.74 -108.82
CA GLU F 871 22.79 -44.68 -108.99
C GLU F 871 21.53 -45.20 -109.64
N THR F 872 21.64 -46.11 -110.61
CA THR F 872 20.44 -46.59 -111.30
C THR F 872 19.52 -47.33 -110.32
N SER F 873 20.09 -48.16 -109.45
CA SER F 873 19.28 -48.78 -108.40
C SER F 873 18.74 -47.73 -107.43
N PHE F 874 19.56 -46.72 -107.12
CA PHE F 874 19.12 -45.66 -106.22
C PHE F 874 17.95 -44.89 -106.80
N ASN F 875 17.98 -44.62 -108.11
CA ASN F 875 16.87 -43.93 -108.75
C ASN F 875 15.58 -44.73 -108.67
N LYS F 876 15.67 -46.04 -108.91
CA LYS F 876 14.47 -46.88 -108.80
C LYS F 876 14.09 -47.13 -107.35
N LEU F 877 15.05 -47.06 -106.43
CA LEU F 877 14.73 -47.23 -105.01
C LEU F 877 13.83 -46.11 -104.51
N ILE F 878 14.14 -44.87 -104.88
CA ILE F 878 13.29 -43.74 -104.49
C ILE F 878 11.91 -43.87 -105.10
N ASP F 879 11.84 -44.37 -106.35
CA ASP F 879 10.55 -44.60 -106.98
C ASP F 879 9.74 -45.64 -106.22
N GLU F 880 10.40 -46.62 -105.60
CA GLU F 880 9.68 -47.66 -104.87
C GLU F 880 8.93 -47.08 -103.68
N ILE F 881 9.56 -46.16 -102.95
CA ILE F 881 8.93 -45.60 -101.75
C ILE F 881 7.70 -44.79 -102.13
N VAL F 882 7.85 -43.90 -103.11
CA VAL F 882 6.73 -43.08 -103.55
C VAL F 882 5.74 -43.95 -104.33
N GLY F 883 4.45 -43.61 -104.22
CA GLY F 883 3.43 -44.42 -104.88
C GLY F 883 3.57 -44.44 -106.39
N ASP F 884 3.80 -43.28 -106.99
CA ASP F 884 3.87 -43.14 -108.44
C ASP F 884 5.30 -42.88 -108.87
N LYS F 885 5.50 -42.84 -110.20
CA LYS F 885 6.82 -42.63 -110.76
C LYS F 885 7.31 -41.22 -110.48
N LEU F 886 8.60 -41.10 -110.19
CA LEU F 886 9.16 -39.80 -109.80
C LEU F 886 9.25 -38.87 -111.00
N LEU F 887 10.00 -39.27 -112.03
CA LEU F 887 10.20 -38.45 -113.22
C LEU F 887 10.05 -39.32 -114.46
N SER F 888 9.90 -38.65 -115.61
CA SER F 888 9.83 -39.36 -116.87
C SER F 888 11.16 -40.03 -117.18
N ASP F 889 11.09 -41.17 -117.87
CA ASP F 889 12.31 -41.93 -118.17
C ASP F 889 13.24 -41.15 -119.09
N GLU F 890 12.69 -40.42 -120.06
CA GLU F 890 13.53 -39.66 -120.97
C GLU F 890 14.32 -38.59 -120.25
N GLU F 891 13.69 -37.90 -119.29
CA GLU F 891 14.38 -36.86 -118.54
C GLU F 891 15.57 -37.43 -117.77
N TRP F 892 15.39 -38.59 -117.13
CA TRP F 892 16.49 -39.24 -116.42
C TRP F 892 17.55 -39.73 -117.40
N ASP F 893 17.15 -40.11 -118.61
CA ASP F 893 18.11 -40.57 -119.61
C ASP F 893 19.07 -39.45 -120.01
N TYR F 894 18.56 -38.23 -120.16
CA TYR F 894 19.41 -37.11 -120.57
C TYR F 894 20.48 -36.82 -119.54
N LEU F 895 20.13 -36.95 -118.25
CA LEU F 895 21.12 -36.72 -117.20
C LEU F 895 22.22 -37.77 -117.23
N THR F 896 21.88 -39.01 -117.60
CA THR F 896 22.88 -40.08 -117.64
C THR F 896 23.91 -39.83 -118.73
N LYS F 897 23.45 -39.53 -119.95
CA LYS F 897 24.37 -39.37 -121.07
C LYS F 897 25.20 -38.09 -120.92
N ASN F 898 24.53 -36.94 -120.89
CA ASN F 898 25.22 -35.66 -120.78
C ASN F 898 24.42 -34.69 -119.90
N GLN F 907 17.55 -30.87 -127.09
CA GLN F 907 17.10 -29.93 -126.07
C GLN F 907 15.74 -30.34 -125.52
N GLN F 908 15.52 -30.06 -124.23
CA GLN F 908 14.26 -30.38 -123.58
C GLN F 908 14.11 -29.51 -122.35
N ILE F 909 12.87 -29.18 -122.02
CA ILE F 909 12.56 -28.31 -120.88
C ILE F 909 12.36 -29.17 -119.65
N PHE F 910 12.97 -28.77 -118.54
CA PHE F 910 12.94 -29.53 -117.29
C PHE F 910 11.99 -28.84 -116.32
N GLN F 911 10.95 -29.56 -115.90
CA GLN F 911 9.99 -29.02 -114.95
C GLN F 911 10.41 -29.27 -113.50
N ASN F 912 10.74 -30.52 -113.17
CA ASN F 912 11.11 -30.89 -111.81
C ASN F 912 12.62 -31.10 -111.67
N THR F 913 13.42 -30.29 -112.37
CA THR F 913 14.87 -30.41 -112.28
C THR F 913 15.48 -29.03 -112.48
N ILE F 914 16.43 -28.67 -111.61
CA ILE F 914 17.12 -27.40 -111.74
C ILE F 914 18.04 -27.45 -112.95
N THR F 915 17.99 -26.39 -113.77
CA THR F 915 18.68 -26.40 -115.06
C THR F 915 19.91 -25.50 -115.11
N SER F 916 20.05 -24.53 -114.21
CA SER F 916 21.11 -23.54 -114.35
C SER F 916 21.90 -23.24 -113.09
N LEU F 917 21.56 -23.85 -111.94
CA LEU F 917 22.32 -23.58 -110.73
C LEU F 917 23.74 -24.14 -110.84
N ASN F 918 23.93 -25.19 -111.64
CA ASN F 918 25.24 -25.80 -111.77
C ASN F 918 26.27 -24.83 -112.33
N SER F 919 25.89 -24.06 -113.35
CA SER F 919 26.81 -23.14 -114.00
C SER F 919 27.10 -21.89 -113.18
N SER F 920 26.35 -21.64 -112.11
CA SER F 920 26.57 -20.45 -111.31
C SER F 920 27.90 -20.51 -110.58
N THR F 921 28.52 -19.33 -110.43
CA THR F 921 29.83 -19.23 -109.80
C THR F 921 29.68 -19.06 -108.28
N ILE F 922 30.81 -18.92 -107.61
CA ILE F 922 30.86 -18.76 -106.16
C ILE F 922 31.86 -17.66 -105.82
N VAL F 923 31.48 -16.76 -104.92
CA VAL F 923 32.37 -15.67 -104.53
C VAL F 923 33.62 -16.23 -103.88
N GLY F 924 34.78 -15.81 -104.38
CA GLY F 924 36.05 -16.31 -103.90
C GLY F 924 36.52 -17.59 -104.58
N ALA F 925 35.69 -18.19 -105.43
CA ALA F 925 36.06 -19.42 -106.13
C ALA F 925 36.59 -19.10 -107.53
N SER F 926 37.74 -18.42 -107.56
CA SER F 926 38.40 -18.09 -108.81
C SER F 926 38.88 -19.37 -109.49
N TYR F 927 38.24 -19.71 -110.61
CA TYR F 927 38.54 -20.95 -111.32
C TYR F 927 39.92 -20.83 -111.98
N ASP F 928 40.92 -21.40 -111.33
CA ASP F 928 42.31 -21.30 -111.81
C ASP F 928 42.91 -22.65 -112.16
N LYS F 929 42.84 -23.62 -111.26
CA LYS F 929 43.51 -24.89 -111.47
C LYS F 929 42.68 -25.79 -112.38
N ASP F 930 43.22 -26.98 -112.65
CA ASP F 930 42.58 -27.95 -113.53
C ASP F 930 42.47 -29.29 -112.81
N THR F 931 41.48 -30.08 -113.22
CA THR F 931 41.21 -31.35 -112.55
C THR F 931 42.36 -32.33 -112.79
N PRO F 932 43.00 -32.84 -111.73
CA PRO F 932 44.03 -33.87 -111.91
C PRO F 932 43.39 -35.25 -112.03
N ALA F 933 43.65 -35.93 -113.14
CA ALA F 933 43.07 -37.24 -113.41
C ALA F 933 44.17 -38.22 -113.74
N ARG F 934 43.94 -39.48 -113.37
CA ARG F 934 44.91 -40.55 -113.61
C ARG F 934 44.21 -41.81 -114.11
N LYS G 13 46.85 -60.72 -19.60
CA LYS G 13 45.50 -60.89 -19.08
C LYS G 13 44.62 -59.70 -19.43
N ILE G 14 45.08 -58.88 -20.37
CA ILE G 14 44.35 -57.71 -20.82
C ILE G 14 43.52 -58.14 -22.03
N ILE G 15 42.26 -58.45 -21.81
CA ILE G 15 41.36 -58.93 -22.85
C ILE G 15 40.31 -57.87 -23.11
N ILE G 16 40.21 -57.42 -24.36
CA ILE G 16 39.23 -56.41 -24.75
C ILE G 16 37.94 -57.13 -25.12
N ASN G 17 36.92 -56.97 -24.28
CA ASN G 17 35.62 -57.62 -24.50
C ASN G 17 34.80 -56.76 -25.45
N LEU G 18 34.87 -57.07 -26.74
CA LEU G 18 34.12 -56.30 -27.74
C LEU G 18 32.61 -56.46 -27.53
N PHE G 19 32.15 -57.68 -27.26
CA PHE G 19 30.72 -57.94 -27.18
C PHE G 19 30.09 -57.26 -25.97
N ALA G 20 30.82 -57.19 -24.86
CA ALA G 20 30.34 -56.42 -23.72
C ALA G 20 30.31 -54.93 -24.09
N PRO G 21 29.41 -54.16 -23.48
CA PRO G 21 29.34 -52.72 -23.82
C PRO G 21 30.64 -51.99 -23.56
N ASN G 22 31.43 -52.44 -22.59
CA ASN G 22 32.74 -51.85 -22.28
C ASN G 22 32.61 -50.37 -21.93
N LEU G 23 31.47 -49.99 -21.37
CA LEU G 23 31.17 -48.61 -21.07
C LEU G 23 31.92 -48.14 -19.83
N PRO G 24 32.11 -46.83 -19.67
CA PRO G 24 32.74 -46.33 -18.43
C PRO G 24 31.99 -46.71 -17.17
N GLY G 25 30.68 -46.84 -17.24
CA GLY G 25 29.89 -47.26 -16.10
C GLY G 25 29.85 -48.74 -15.85
N SER G 26 30.54 -49.53 -16.67
CA SER G 26 30.58 -50.98 -16.50
C SER G 26 31.97 -51.58 -16.59
N THR G 27 32.98 -50.81 -17.00
CA THR G 27 34.32 -51.34 -17.12
C THR G 27 34.90 -51.63 -15.73
N LYS G 28 35.63 -52.75 -15.63
CA LYS G 28 36.29 -53.16 -14.41
C LYS G 28 37.77 -52.78 -14.46
N GLU G 29 38.40 -52.80 -13.28
CA GLU G 29 39.82 -52.46 -13.20
C GLU G 29 40.68 -53.46 -13.97
N ASP G 30 40.26 -54.74 -14.00
CA ASP G 30 40.98 -55.74 -14.76
C ASP G 30 40.84 -55.56 -16.27
N ASP G 31 39.94 -54.68 -16.71
CA ASP G 31 39.70 -54.46 -18.13
C ASP G 31 40.31 -53.15 -18.65
N LEU G 32 40.64 -52.21 -17.77
CA LEU G 32 41.23 -50.96 -18.23
C LEU G 32 42.66 -51.21 -18.72
N ILE G 33 42.98 -50.65 -19.88
CA ILE G 33 44.26 -50.95 -20.53
C ILE G 33 45.42 -50.32 -19.77
N GLN G 34 45.27 -49.06 -19.35
CA GLN G 34 46.37 -48.32 -18.73
C GLN G 34 46.46 -48.64 -17.24
N LYS G 35 46.82 -49.89 -16.96
CA LYS G 35 46.94 -50.34 -15.58
C LYS G 35 48.22 -49.85 -14.92
N SER G 36 49.29 -49.68 -15.70
CA SER G 36 50.60 -49.35 -15.13
C SER G 36 50.79 -47.86 -14.88
N LEU G 37 49.82 -47.02 -15.21
CA LEU G 37 49.92 -45.59 -14.95
C LEU G 37 49.11 -45.14 -13.75
N ARG G 38 48.03 -45.85 -13.42
CA ARG G 38 47.21 -45.46 -12.28
C ARG G 38 47.99 -45.57 -10.97
N ASP G 39 48.77 -46.65 -10.81
CA ASP G 39 49.49 -46.85 -9.56
C ASP G 39 50.56 -45.77 -9.34
N GLN G 40 51.15 -45.25 -10.42
CA GLN G 40 52.17 -44.22 -10.27
C GLN G 40 51.60 -42.96 -9.63
N LEU G 41 50.38 -42.56 -10.03
CA LEU G 41 49.81 -41.32 -9.53
C LEU G 41 49.38 -41.45 -8.07
N VAL G 42 48.75 -42.57 -7.71
CA VAL G 42 48.17 -42.71 -6.38
C VAL G 42 49.26 -42.72 -5.30
N GLU G 43 50.45 -43.25 -5.62
CA GLU G 43 51.53 -43.22 -4.64
C GLU G 43 52.18 -41.85 -4.57
N SER G 44 52.25 -41.13 -5.69
CA SER G 44 52.90 -39.83 -5.71
C SER G 44 52.05 -38.77 -5.00
N ILE G 45 50.73 -38.84 -5.15
CA ILE G 45 49.86 -37.86 -4.50
C ILE G 45 49.95 -37.99 -2.98
N ARG G 46 50.03 -39.23 -2.48
CA ARG G 46 50.21 -39.43 -1.05
C ARG G 46 51.55 -38.86 -0.58
N ASN G 47 52.61 -39.09 -1.36
CA ASN G 47 53.91 -38.54 -1.01
C ASN G 47 53.91 -37.01 -1.12
N SER G 48 53.06 -36.46 -1.97
CA SER G 48 53.00 -35.01 -2.12
C SER G 48 52.54 -34.33 -0.84
N ILE G 49 51.54 -34.91 -0.17
CA ILE G 49 51.03 -34.31 1.05
C ILE G 49 51.69 -34.89 2.30
N ALA G 50 52.41 -36.00 2.19
CA ALA G 50 53.10 -36.59 3.34
C ALA G 50 54.22 -35.71 3.86
N TYR G 51 54.67 -34.72 3.09
CA TYR G 51 55.75 -33.85 3.52
C TYR G 51 55.29 -32.39 3.57
N ARG G 69 51.70 -25.41 -6.02
CA ARG G 69 50.26 -25.20 -5.99
C ARG G 69 49.53 -26.50 -5.65
N ASN G 70 50.26 -27.61 -5.73
CA ASN G 70 49.72 -28.94 -5.44
C ASN G 70 48.55 -29.28 -6.35
N VAL G 71 48.82 -29.26 -7.65
CA VAL G 71 47.84 -29.59 -8.68
C VAL G 71 48.45 -30.63 -9.62
N PHE G 72 47.66 -31.65 -9.95
CA PHE G 72 48.06 -32.68 -10.89
C PHE G 72 47.12 -32.65 -12.09
N PHE G 73 47.69 -32.70 -13.29
CA PHE G 73 46.92 -32.63 -14.53
C PHE G 73 47.20 -33.88 -15.36
N VAL G 74 46.25 -34.81 -15.36
CA VAL G 74 46.37 -36.03 -16.16
C VAL G 74 45.93 -35.71 -17.58
N ASP G 75 46.89 -35.65 -18.50
CA ASP G 75 46.60 -35.31 -19.89
C ASP G 75 46.09 -36.55 -20.63
N GLY G 76 45.70 -36.34 -21.89
CA GLY G 76 45.23 -37.44 -22.72
C GLY G 76 44.78 -36.90 -24.06
N THR G 77 44.49 -37.84 -24.95
CA THR G 77 43.97 -37.51 -26.27
C THR G 77 42.44 -37.39 -26.20
N ARG G 78 41.80 -37.33 -27.35
CA ARG G 78 40.35 -37.23 -27.41
C ARG G 78 39.73 -38.62 -27.48
N GLY G 79 38.79 -38.89 -26.57
CA GLY G 79 38.18 -40.21 -26.52
C GLY G 79 39.16 -41.32 -26.18
N ALA G 80 40.02 -41.08 -25.20
CA ALA G 80 41.05 -42.05 -24.81
C ALA G 80 40.66 -42.87 -23.59
N GLY G 81 39.39 -42.84 -23.19
CA GLY G 81 38.97 -43.53 -21.99
C GLY G 81 39.53 -42.92 -20.72
N LYS G 82 39.61 -41.59 -20.66
CA LYS G 82 40.11 -40.93 -19.46
C LYS G 82 39.10 -41.02 -18.32
N THR G 83 37.81 -41.00 -18.62
CA THR G 83 36.79 -41.08 -17.58
C THR G 83 36.86 -42.41 -16.83
N THR G 84 37.19 -43.50 -17.54
CA THR G 84 37.45 -44.75 -16.87
C THR G 84 38.70 -44.66 -16.00
N PHE G 85 39.73 -43.96 -16.50
CA PHE G 85 40.97 -43.83 -15.75
C PHE G 85 40.77 -43.04 -14.46
N ILE G 86 40.10 -41.88 -14.55
CA ILE G 86 39.95 -41.03 -13.38
C ILE G 86 39.05 -41.70 -12.34
N ASN G 87 38.03 -42.42 -12.79
CA ASN G 87 37.17 -43.15 -11.85
C ASN G 87 37.95 -44.26 -11.16
N SER G 88 38.84 -44.94 -11.89
CA SER G 88 39.66 -45.97 -11.27
C SER G 88 40.62 -45.39 -10.24
N VAL G 89 41.12 -44.18 -10.49
CA VAL G 89 42.08 -43.56 -9.57
C VAL G 89 41.42 -43.34 -8.20
N VAL G 90 40.20 -42.79 -8.20
CA VAL G 90 39.56 -42.46 -6.93
C VAL G 90 39.16 -43.73 -6.18
N LYS G 91 38.84 -44.80 -6.89
CA LYS G 91 38.49 -46.06 -6.22
C LYS G 91 39.68 -46.62 -5.46
N SER G 92 40.87 -46.55 -6.05
CA SER G 92 42.07 -47.06 -5.37
C SER G 92 42.39 -46.27 -4.11
N LEU G 93 42.04 -44.98 -4.08
CA LEU G 93 42.27 -44.17 -2.90
C LEU G 93 41.46 -44.66 -1.71
N ASN G 94 40.22 -45.06 -1.94
CA ASN G 94 39.31 -45.45 -0.86
C ASN G 94 39.59 -46.83 -0.30
N SER G 95 40.40 -47.64 -0.99
CA SER G 95 40.68 -49.00 -0.53
C SER G 95 41.50 -48.99 0.75
N VAL G 102 48.66 -41.49 5.73
CA VAL G 102 47.73 -40.41 6.01
C VAL G 102 46.46 -40.57 5.17
N ASN G 103 45.31 -40.58 5.84
CA ASN G 103 44.04 -40.71 5.13
C ASN G 103 43.75 -39.46 4.32
N ILE G 104 43.28 -39.65 3.09
CA ILE G 104 42.96 -38.56 2.17
C ILE G 104 41.52 -38.79 1.71
N LYS G 105 40.57 -38.16 2.39
CA LYS G 105 39.17 -38.28 2.00
C LYS G 105 38.96 -37.62 0.64
N CYS G 106 38.24 -38.31 -0.24
CA CYS G 106 38.08 -37.90 -1.63
C CYS G 106 36.62 -37.59 -1.92
N LEU G 107 36.38 -36.42 -2.51
CA LEU G 107 35.04 -36.03 -2.89
C LEU G 107 34.61 -36.77 -4.15
N PRO G 108 33.30 -36.92 -4.37
CA PRO G 108 32.83 -37.50 -5.64
C PRO G 108 33.25 -36.63 -6.82
N THR G 109 33.54 -37.29 -7.94
CA THR G 109 33.96 -36.58 -9.13
C THR G 109 32.81 -35.75 -9.68
N ILE G 110 33.13 -34.58 -10.24
CA ILE G 110 32.14 -33.67 -10.79
C ILE G 110 32.38 -33.53 -12.29
N ASP G 111 31.30 -33.37 -13.04
CA ASP G 111 31.38 -33.15 -14.47
C ASP G 111 30.98 -31.71 -14.78
N PRO G 112 31.92 -30.84 -15.14
CA PRO G 112 31.57 -29.43 -15.33
C PRO G 112 30.82 -29.15 -16.62
N THR G 113 30.36 -30.20 -17.30
CA THR G 113 29.55 -30.05 -18.50
C THR G 113 28.06 -30.20 -18.23
N LYS G 114 27.68 -31.18 -17.41
CA LYS G 114 26.28 -31.37 -17.03
C LYS G 114 26.03 -30.74 -15.66
N LEU G 115 25.97 -29.42 -15.66
CA LEU G 115 25.80 -28.61 -14.47
C LEU G 115 24.76 -27.54 -14.75
N PRO G 116 24.19 -26.92 -13.71
CA PRO G 116 23.31 -25.78 -13.93
C PRO G 116 24.02 -24.68 -14.70
N ARG G 117 23.27 -23.99 -15.55
CA ARG G 117 23.86 -23.07 -16.52
C ARG G 117 24.63 -21.94 -15.84
N HIS G 118 24.32 -21.63 -14.59
CA HIS G 118 24.97 -20.50 -13.93
C HIS G 118 25.32 -20.81 -12.47
N GLU G 119 25.59 -22.08 -12.16
CA GLU G 119 25.99 -22.45 -10.81
C GLU G 119 27.50 -22.33 -10.66
N PRO G 120 28.01 -21.51 -9.77
CA PRO G 120 29.46 -21.41 -9.59
C PRO G 120 30.02 -22.72 -9.07
N ILE G 121 31.29 -22.97 -9.42
CA ILE G 121 31.96 -24.19 -8.97
C ILE G 121 32.09 -24.19 -7.45
N LEU G 122 32.36 -23.02 -6.85
CA LEU G 122 32.53 -22.95 -5.40
C LEU G 122 31.29 -23.40 -4.67
N VAL G 123 30.10 -23.09 -5.19
CA VAL G 123 28.87 -23.55 -4.56
C VAL G 123 28.73 -25.06 -4.66
N THR G 124 29.03 -25.62 -5.84
CA THR G 124 28.86 -27.06 -6.04
C THR G 124 29.80 -27.84 -5.14
N VAL G 125 31.06 -27.40 -5.02
CA VAL G 125 32.03 -28.13 -4.20
C VAL G 125 31.58 -28.15 -2.74
N THR G 126 31.11 -27.02 -2.23
CA THR G 126 30.65 -26.96 -0.85
C THR G 126 29.45 -27.88 -0.63
N ALA G 127 28.55 -27.96 -1.61
CA ALA G 127 27.41 -28.87 -1.50
C ALA G 127 27.87 -30.33 -1.43
N ARG G 128 28.85 -30.70 -2.25
CA ARG G 128 29.39 -32.06 -2.17
C ARG G 128 30.06 -32.31 -0.83
N LEU G 129 30.82 -31.33 -0.34
CA LEU G 129 31.54 -31.50 0.92
C LEU G 129 30.59 -31.57 2.10
N ASN G 130 29.46 -30.84 2.04
CA ASN G 130 28.51 -30.85 3.14
C ASN G 130 27.91 -32.24 3.34
N LYS G 131 27.45 -32.87 2.25
CA LYS G 131 26.86 -34.20 2.37
C LYS G 131 27.87 -35.22 2.88
N MET G 132 29.15 -35.06 2.53
CA MET G 132 30.17 -35.97 3.03
C MET G 132 30.51 -35.69 4.49
N VAL G 133 30.37 -34.45 4.94
CA VAL G 133 30.64 -34.12 6.34
C VAL G 133 29.41 -34.33 7.20
N SER G 134 28.22 -33.90 6.73
CA SER G 134 27.01 -34.07 7.51
C SER G 134 26.66 -35.53 7.74
N ASP G 135 27.12 -36.43 6.87
CA ASP G 135 26.90 -37.85 7.10
C ASP G 135 27.78 -38.40 8.21
N LYS G 136 28.96 -37.83 8.41
CA LYS G 136 29.82 -38.24 9.51
C LYS G 136 29.19 -37.91 10.86
N LEU G 137 28.54 -36.75 10.95
CA LEU G 137 27.91 -36.34 12.21
C LEU G 137 26.73 -37.24 12.58
N LYS G 138 26.22 -38.04 11.63
CA LYS G 138 25.10 -38.90 11.93
C LYS G 138 25.48 -40.03 12.88
N GLY G 139 26.71 -40.54 12.78
CA GLY G 139 27.15 -41.62 13.63
C GLY G 139 28.41 -41.30 14.42
N TYR G 140 28.50 -40.07 14.94
CA TYR G 140 29.71 -39.66 15.63
C TYR G 140 29.93 -40.46 16.91
N TRP G 141 28.85 -40.99 17.49
CA TRP G 141 28.80 -41.93 18.61
C TRP G 141 29.08 -41.26 19.96
N ALA G 142 29.48 -40.00 20.00
CA ALA G 142 29.80 -39.32 21.26
C ALA G 142 28.96 -38.04 21.35
N SER G 143 27.86 -38.10 22.10
CA SER G 143 26.95 -36.97 22.19
C SER G 143 27.60 -35.77 22.86
N ASN G 144 28.54 -36.00 23.78
CA ASN G 144 29.18 -34.88 24.47
C ASN G 144 29.96 -34.01 23.48
N ASP G 145 30.83 -34.61 22.69
CA ASP G 145 31.57 -33.87 21.67
C ASP G 145 30.89 -33.96 20.31
N TYR G 146 29.57 -33.74 20.29
CA TYR G 146 28.80 -33.71 19.06
C TYR G 146 28.19 -32.35 18.80
N ARG G 147 27.48 -31.78 19.77
CA ARG G 147 26.99 -30.43 19.64
C ARG G 147 28.13 -29.41 19.61
N LYS G 148 29.29 -29.77 20.15
CA LYS G 148 30.43 -28.86 20.14
C LYS G 148 30.97 -28.66 18.73
N GLN G 149 30.91 -29.70 17.88
CA GLN G 149 31.39 -29.61 16.51
C GLN G 149 30.32 -29.14 15.55
N LYS G 150 29.08 -29.61 15.73
CA LYS G 150 28.03 -29.32 14.76
C LYS G 150 27.74 -27.82 14.70
N GLU G 151 27.69 -27.15 15.85
CA GLU G 151 27.44 -25.71 15.83
C GLU G 151 28.61 -24.96 15.20
N GLN G 152 29.83 -25.43 15.44
CA GLN G 152 30.99 -24.84 14.77
C GLN G 152 30.89 -25.00 13.26
N TRP G 153 30.50 -26.19 12.80
CA TRP G 153 30.36 -26.42 11.37
C TRP G 153 29.25 -25.57 10.78
N GLN G 154 28.12 -25.47 11.48
CA GLN G 154 27.00 -24.66 10.99
C GLN G 154 27.37 -23.19 10.92
N ASN G 155 28.26 -22.73 11.80
CA ASN G 155 28.68 -21.34 11.78
C ASN G 155 29.43 -20.99 10.50
N HIS G 156 30.28 -21.90 10.03
CA HIS G 156 31.10 -21.61 8.85
C HIS G 156 30.23 -21.45 7.60
N LEU G 157 29.22 -22.31 7.43
CA LEU G 157 28.36 -22.21 6.26
C LEU G 157 27.56 -20.91 6.26
N ALA G 158 27.17 -20.43 7.44
CA ALA G 158 26.45 -19.16 7.52
C ALA G 158 27.33 -18.01 7.04
N GLN G 159 28.62 -18.03 7.40
CA GLN G 159 29.53 -16.97 6.95
C GLN G 159 29.68 -16.97 5.44
N LEU G 160 29.80 -18.15 4.83
CA LEU G 160 29.96 -18.25 3.39
C LEU G 160 28.72 -17.74 2.66
N GLN G 161 27.54 -18.04 3.18
CA GLN G 161 26.30 -17.66 2.50
C GLN G 161 26.15 -16.14 2.42
N ARG G 162 26.59 -15.42 3.45
CA ARG G 162 26.52 -13.96 3.42
C ARG G 162 27.41 -13.39 2.32
N GLY G 163 28.62 -13.91 2.17
CA GLY G 163 29.57 -13.43 1.20
C GLY G 163 29.50 -14.08 -0.16
N LEU G 164 28.47 -14.87 -0.43
CA LEU G 164 28.35 -15.54 -1.72
C LEU G 164 27.93 -14.59 -2.83
N HIS G 165 27.27 -13.48 -2.49
CA HIS G 165 26.76 -12.57 -3.50
C HIS G 165 27.87 -11.88 -4.29
N LEU G 166 29.08 -11.80 -3.73
CA LEU G 166 30.16 -11.10 -4.42
C LEU G 166 30.52 -11.77 -5.75
N LEU G 167 30.50 -13.11 -5.78
CA LEU G 167 30.83 -13.82 -7.01
C LEU G 167 29.80 -13.55 -8.10
N THR G 168 28.52 -13.53 -7.73
CA THR G 168 27.44 -13.41 -8.70
C THR G 168 27.04 -11.96 -8.99
N ASP G 169 27.55 -11.00 -8.23
CA ASP G 169 27.17 -9.61 -8.44
C ASP G 169 27.84 -9.05 -9.71
N LYS G 170 27.23 -8.01 -10.26
CA LYS G 170 27.75 -7.32 -11.42
C LYS G 170 27.92 -5.83 -11.24
N GLU G 171 27.49 -5.28 -10.09
CA GLU G 171 27.63 -3.85 -9.83
C GLU G 171 27.70 -3.66 -8.32
N TYR G 172 28.64 -2.81 -7.89
CA TYR G 172 28.84 -2.58 -6.47
C TYR G 172 27.71 -1.73 -5.89
N LYS G 173 27.18 -2.18 -4.75
CA LYS G 173 26.19 -1.42 -4.01
C LYS G 173 26.83 -0.90 -2.73
N PRO G 174 26.83 0.42 -2.50
CA PRO G 174 27.62 0.97 -1.39
C PRO G 174 27.20 0.49 -0.01
N GLU G 175 25.98 -0.02 0.16
CA GLU G 175 25.56 -0.45 1.48
C GLU G 175 26.24 -1.73 1.94
N TYR G 176 26.94 -2.43 1.05
CA TYR G 176 27.74 -3.57 1.48
C TYR G 176 28.93 -3.15 2.35
N PHE G 177 29.28 -1.85 2.33
CA PHE G 177 30.41 -1.39 3.14
C PHE G 177 30.15 -1.59 4.62
N SER G 178 28.94 -1.27 5.08
CA SER G 178 28.60 -1.51 6.48
C SER G 178 28.62 -2.99 6.80
N ASP G 179 28.12 -3.83 5.87
CA ASP G 179 28.21 -5.28 6.06
C ASP G 179 29.66 -5.75 6.04
N ALA G 180 30.52 -5.04 5.33
CA ALA G 180 31.95 -5.32 5.37
C ALA G 180 32.56 -4.67 6.61
N LEU G 181 33.88 -4.84 6.76
CA LEU G 181 34.65 -4.32 7.90
C LEU G 181 33.99 -4.66 9.24
N LYS G 182 33.20 -5.74 9.26
CA LYS G 182 32.61 -6.24 10.50
C LYS G 182 33.58 -7.25 11.10
N LEU G 183 34.24 -6.85 12.18
CA LEU G 183 35.27 -7.70 12.77
C LEU G 183 34.64 -8.90 13.45
N ASP G 184 35.03 -10.09 13.01
CA ASP G 184 34.55 -11.35 13.57
C ASP G 184 35.66 -11.96 14.40
N ALA G 185 35.39 -12.18 15.69
CA ALA G 185 36.41 -12.70 16.59
C ALA G 185 36.69 -14.18 16.35
N GLN G 186 35.73 -14.91 15.78
CA GLN G 186 35.93 -16.33 15.54
C GLN G 186 36.96 -16.56 14.43
N LEU G 187 37.79 -17.57 14.62
CA LEU G 187 38.75 -18.11 13.65
C LEU G 187 39.94 -17.19 13.40
N ASP G 188 39.97 -16.00 13.99
CA ASP G 188 41.12 -15.10 13.92
C ASP G 188 41.47 -14.76 12.47
N TYR G 189 40.54 -14.07 11.81
CA TYR G 189 40.73 -13.64 10.44
C TYR G 189 41.90 -12.67 10.35
N SER G 190 42.99 -13.10 9.71
CA SER G 190 44.20 -12.29 9.68
C SER G 190 44.00 -10.99 8.92
N ILE G 191 43.33 -11.04 7.77
CA ILE G 191 43.11 -9.88 6.92
C ILE G 191 41.63 -9.55 6.92
N GLY G 192 41.30 -8.31 7.26
CA GLY G 192 39.92 -7.88 7.26
C GLY G 192 39.34 -7.79 5.86
N GLY G 193 38.02 -7.90 5.79
CA GLY G 193 37.28 -7.84 4.55
C GLY G 193 36.31 -8.98 4.45
N GLN G 194 35.69 -9.13 3.29
CA GLN G 194 34.73 -10.18 3.05
C GLN G 194 35.17 -11.06 1.88
N ASP G 195 36.45 -11.40 1.85
CA ASP G 195 37.00 -12.21 0.77
C ASP G 195 36.87 -13.69 1.08
N LEU G 196 36.48 -14.46 0.06
CA LEU G 196 36.23 -15.89 0.22
C LEU G 196 37.51 -16.72 0.22
N SER G 197 38.66 -16.11 -0.11
CA SER G 197 39.90 -16.88 -0.09
C SER G 197 40.25 -17.34 1.31
N GLU G 198 40.04 -16.49 2.31
CA GLU G 198 40.33 -16.86 3.69
C GLU G 198 39.17 -17.56 4.37
N ILE G 199 37.93 -17.30 3.94
CA ILE G 199 36.78 -17.98 4.54
C ILE G 199 36.78 -19.46 4.16
N PHE G 200 37.00 -19.75 2.88
CA PHE G 200 37.03 -21.14 2.44
C PHE G 200 38.20 -21.90 3.04
N GLU G 201 39.30 -21.20 3.35
CA GLU G 201 40.42 -21.85 4.01
C GLU G 201 40.01 -22.36 5.39
N GLU G 202 39.23 -21.57 6.12
CA GLU G 202 38.74 -22.01 7.43
C GLU G 202 37.76 -23.18 7.29
N LEU G 203 36.89 -23.13 6.29
CA LEU G 203 35.88 -24.17 6.13
C LEU G 203 36.52 -25.52 5.86
N VAL G 204 37.53 -25.56 4.99
CA VAL G 204 38.20 -26.83 4.70
C VAL G 204 38.99 -27.31 5.91
N LYS G 205 39.50 -26.39 6.72
CA LYS G 205 40.22 -26.79 7.94
C LYS G 205 39.29 -27.48 8.92
N ARG G 206 38.06 -26.96 9.08
CA ARG G 206 37.11 -27.58 9.98
C ARG G 206 36.70 -28.97 9.47
N ALA G 207 36.50 -29.12 8.17
CA ALA G 207 36.14 -30.42 7.62
C ALA G 207 37.27 -31.42 7.80
N CYS G 208 38.52 -30.97 7.83
CA CYS G 208 39.64 -31.87 8.07
C CYS G 208 39.57 -32.48 9.46
N GLU G 209 39.20 -31.67 10.46
CA GLU G 209 39.15 -32.18 11.83
C GLU G 209 37.97 -33.11 12.03
N ILE G 210 36.84 -32.81 11.40
CA ILE G 210 35.65 -33.65 11.56
C ILE G 210 35.88 -35.02 10.94
N LEU G 211 36.44 -35.06 9.73
CA LEU G 211 36.74 -36.33 9.07
C LEU G 211 38.06 -36.95 9.53
N ASP G 212 38.88 -36.20 10.25
CA ASP G 212 40.20 -36.66 10.71
C ASP G 212 41.06 -37.13 9.54
N CYS G 213 41.32 -36.19 8.62
CA CYS G 213 42.18 -36.45 7.47
C CYS G 213 42.90 -35.16 7.13
N LYS G 214 44.14 -35.30 6.66
CA LYS G 214 45.00 -34.14 6.43
C LYS G 214 44.86 -33.54 5.05
N ALA G 215 44.10 -34.16 4.15
CA ALA G 215 43.95 -33.62 2.81
C ALA G 215 42.63 -34.10 2.21
N ILE G 216 42.07 -33.28 1.31
CA ILE G 216 40.85 -33.60 0.59
C ILE G 216 41.15 -33.53 -0.89
N LEU G 217 40.67 -34.54 -1.63
CA LEU G 217 40.94 -34.65 -3.06
C LEU G 217 39.71 -34.20 -3.85
N ILE G 218 39.91 -33.22 -4.72
CA ILE G 218 38.86 -32.74 -5.61
C ILE G 218 39.25 -33.14 -7.03
N THR G 219 38.37 -33.87 -7.70
CA THR G 219 38.64 -34.39 -9.04
C THR G 219 37.68 -33.75 -10.04
N PHE G 220 38.24 -33.16 -11.08
CA PHE G 220 37.47 -32.59 -12.18
C PHE G 220 37.46 -33.55 -13.36
N ASP G 221 36.60 -33.25 -14.33
CA ASP G 221 36.36 -34.13 -15.47
C ASP G 221 36.70 -33.41 -16.77
N ASP G 222 36.65 -34.17 -17.87
CA ASP G 222 37.02 -33.65 -19.18
C ASP G 222 35.98 -32.62 -19.63
N ILE G 223 36.45 -31.64 -20.42
CA ILE G 223 35.61 -30.55 -20.87
C ILE G 223 35.64 -30.39 -22.38
N ASP G 224 35.91 -31.49 -23.10
CA ASP G 224 35.99 -31.40 -24.56
C ASP G 224 34.64 -31.05 -25.19
N THR G 225 33.54 -31.18 -24.44
CA THR G 225 32.23 -30.85 -25.00
C THR G 225 32.05 -29.34 -25.13
N GLN G 226 32.48 -28.58 -24.11
CA GLN G 226 32.23 -27.14 -24.08
C GLN G 226 33.47 -26.42 -23.57
N PHE G 227 33.77 -25.27 -24.18
CA PHE G 227 34.93 -24.48 -23.77
C PHE G 227 34.62 -23.64 -22.54
N ASP G 228 33.59 -22.79 -22.63
CA ASP G 228 33.35 -21.78 -21.60
C ASP G 228 33.12 -22.42 -20.24
N ALA G 229 32.66 -23.66 -20.19
CA ALA G 229 32.51 -24.36 -18.92
C ALA G 229 33.85 -24.59 -18.23
N GLY G 230 34.95 -24.51 -18.98
CA GLY G 230 36.26 -24.73 -18.39
C GLY G 230 36.89 -23.47 -17.82
N TRP G 231 36.39 -22.30 -18.24
CA TRP G 231 36.96 -21.06 -17.73
C TRP G 231 36.69 -20.89 -16.25
N ASP G 232 35.48 -21.22 -15.80
CA ASP G 232 35.19 -21.15 -14.38
C ASP G 232 35.99 -22.16 -13.57
N VAL G 233 36.28 -23.33 -14.18
CA VAL G 233 37.13 -24.30 -13.51
C VAL G 233 38.54 -23.74 -13.32
N LEU G 234 39.07 -23.08 -14.36
CA LEU G 234 40.43 -22.57 -14.28
C LEU G 234 40.53 -21.38 -13.34
N GLU G 235 39.58 -20.45 -13.41
CA GLU G 235 39.64 -19.25 -12.58
C GLU G 235 39.48 -19.60 -11.09
N SER G 236 38.57 -20.53 -10.78
CA SER G 236 38.33 -20.86 -9.39
C SER G 236 39.52 -21.57 -8.76
N ILE G 237 40.25 -22.38 -9.53
CA ILE G 237 41.37 -23.15 -8.97
C ILE G 237 42.45 -22.22 -8.45
N ARG G 238 42.79 -21.18 -9.22
CA ARG G 238 43.90 -20.32 -8.85
C ARG G 238 43.54 -19.30 -7.78
N LYS G 239 42.26 -19.15 -7.45
CA LYS G 239 41.83 -18.15 -6.46
C LYS G 239 41.41 -18.75 -5.13
N PHE G 240 40.77 -19.92 -5.13
CA PHE G 240 40.24 -20.52 -3.92
C PHE G 240 41.10 -21.66 -3.39
N PHE G 241 41.48 -22.59 -4.24
CA PHE G 241 42.20 -23.80 -3.81
C PHE G 241 43.70 -23.50 -3.74
N ASN G 242 44.06 -22.67 -2.76
CA ASN G 242 45.44 -22.27 -2.54
C ASN G 242 45.90 -22.56 -1.10
N SER G 243 45.30 -23.55 -0.46
CA SER G 243 45.68 -23.94 0.88
C SER G 243 46.61 -25.15 0.82
N ARG G 244 47.01 -25.64 2.00
CA ARG G 244 47.88 -26.80 2.12
C ARG G 244 47.13 -28.09 2.35
N LYS G 245 45.79 -28.05 2.36
CA LYS G 245 44.99 -29.23 2.66
C LYS G 245 44.12 -29.68 1.49
N LEU G 246 44.25 -29.06 0.33
CA LEU G 246 43.44 -29.40 -0.84
C LEU G 246 44.35 -29.86 -1.97
N VAL G 247 43.99 -30.99 -2.60
CA VAL G 247 44.72 -31.52 -3.74
C VAL G 247 43.73 -31.70 -4.87
N VAL G 248 44.09 -31.19 -6.05
CA VAL G 248 43.19 -31.16 -7.20
C VAL G 248 43.76 -32.02 -8.32
N VAL G 249 42.89 -32.80 -8.96
CA VAL G 249 43.25 -33.61 -10.12
C VAL G 249 42.37 -33.18 -11.28
N ALA G 250 43.00 -32.78 -12.38
CA ALA G 250 42.29 -32.30 -13.56
C ALA G 250 42.56 -33.21 -14.75
N THR G 251 41.62 -33.22 -15.68
CA THR G 251 41.72 -34.08 -16.86
C THR G 251 41.10 -33.37 -18.05
N GLY G 252 41.84 -33.27 -19.14
CA GLY G 252 41.32 -32.64 -20.34
C GLY G 252 42.43 -32.52 -21.37
N ASP G 253 42.02 -32.08 -22.56
CA ASP G 253 42.96 -31.87 -23.67
C ASP G 253 43.67 -30.54 -23.45
N LEU G 254 44.98 -30.59 -23.25
CA LEU G 254 45.73 -29.39 -22.91
C LEU G 254 45.74 -28.37 -24.04
N ARG G 255 45.61 -28.81 -25.30
CA ARG G 255 45.57 -27.85 -26.40
C ARG G 255 44.33 -26.97 -26.32
N LEU G 256 43.20 -27.52 -25.89
CA LEU G 256 41.99 -26.73 -25.76
C LEU G 256 42.14 -25.65 -24.70
N TYR G 257 42.80 -25.98 -23.58
CA TYR G 257 42.97 -24.99 -22.52
C TYR G 257 43.80 -23.81 -23.00
N SER G 258 44.82 -24.06 -23.82
CA SER G 258 45.59 -22.97 -24.39
C SER G 258 44.73 -22.14 -25.34
N GLN G 259 43.86 -22.79 -26.10
CA GLN G 259 42.94 -22.05 -26.97
C GLN G 259 41.96 -21.21 -26.16
N LEU G 260 41.51 -21.73 -25.01
CA LEU G 260 40.56 -20.98 -24.18
C LEU G 260 41.25 -19.80 -23.52
N ILE G 261 42.46 -19.99 -23.01
CA ILE G 261 43.19 -18.90 -22.37
C ILE G 261 43.52 -17.81 -23.38
N ARG G 262 43.85 -18.20 -24.61
CA ARG G 262 44.12 -17.22 -25.66
C ARG G 262 42.89 -16.35 -25.91
N GLY G 263 41.70 -16.95 -25.95
CA GLY G 263 40.50 -16.17 -26.18
C GLY G 263 40.23 -15.15 -25.11
N LYS G 264 40.58 -15.45 -23.86
CA LYS G 264 40.32 -14.55 -22.75
C LYS G 264 41.39 -13.49 -22.58
N GLN G 265 42.44 -13.50 -23.40
CA GLN G 265 43.45 -12.45 -23.39
C GLN G 265 43.22 -11.40 -24.47
N TYR G 266 42.77 -11.82 -25.65
CA TYR G 266 42.38 -10.85 -26.68
C TYR G 266 41.18 -10.03 -26.23
N GLU G 267 40.24 -10.65 -25.54
CA GLU G 267 39.07 -9.94 -25.05
C GLU G 267 39.45 -8.84 -24.06
N ASN G 268 40.65 -8.89 -23.51
CA ASN G 268 41.05 -8.00 -22.43
C ASN G 268 41.83 -6.80 -22.97
N TYR G 269 41.95 -6.66 -24.28
CA TYR G 269 42.48 -5.46 -24.91
C TYR G 269 41.37 -4.45 -25.12
N SER G 270 41.76 -3.18 -25.26
CA SER G 270 40.79 -2.14 -25.58
C SER G 270 40.21 -2.39 -26.96
N LYS G 271 38.88 -2.33 -27.06
CA LYS G 271 38.22 -2.62 -28.33
C LYS G 271 38.58 -1.59 -29.39
N THR G 272 38.63 -0.31 -29.02
CA THR G 272 38.97 0.73 -29.98
C THR G 272 40.43 0.62 -30.41
N LEU G 273 41.31 0.13 -29.54
CA LEU G 273 42.71 -0.05 -29.92
C LEU G 273 42.86 -1.09 -31.01
N LEU G 274 42.07 -2.17 -30.94
CA LEU G 274 42.15 -3.25 -31.91
C LEU G 274 41.75 -2.83 -33.32
N GLU G 275 41.07 -1.70 -33.48
CA GLU G 275 40.62 -1.25 -34.79
C GLU G 275 41.43 -0.10 -35.36
N GLN G 276 42.06 0.72 -34.52
CA GLN G 276 42.84 1.85 -35.00
C GLN G 276 44.29 1.50 -35.29
N GLU G 277 44.74 0.29 -34.95
CA GLU G 277 46.13 -0.12 -35.15
C GLU G 277 46.12 -1.42 -35.96
N LYS G 278 46.17 -1.29 -37.28
CA LYS G 278 46.19 -2.47 -38.18
C LYS G 278 47.58 -2.61 -38.79
N GLU G 279 48.57 -1.86 -38.29
CA GLU G 279 49.92 -1.95 -38.82
C GLU G 279 50.52 -3.33 -38.54
N SER G 280 51.28 -3.84 -39.50
CA SER G 280 51.86 -5.17 -39.37
C SER G 280 52.82 -5.25 -38.18
N VAL G 281 53.64 -4.22 -37.99
CA VAL G 281 54.57 -4.21 -36.86
C VAL G 281 53.81 -4.14 -35.54
N ARG G 282 52.64 -3.49 -35.53
CA ARG G 282 51.86 -3.41 -34.29
C ARG G 282 51.28 -4.76 -33.91
N LEU G 283 50.77 -5.51 -34.89
CA LEU G 283 50.22 -6.83 -34.61
C LEU G 283 51.29 -7.78 -34.08
N ALA G 284 52.54 -7.63 -34.53
CA ALA G 284 53.61 -8.49 -34.04
C ALA G 284 53.87 -8.26 -32.56
N GLU G 285 53.84 -7.01 -32.11
CA GLU G 285 54.05 -6.73 -30.69
C GLU G 285 52.92 -7.30 -29.84
N ARG G 286 51.67 -7.15 -30.28
CA ARG G 286 50.56 -7.68 -29.52
C ARG G 286 50.43 -9.19 -29.67
N GLY G 287 50.76 -9.72 -30.84
CA GLY G 287 50.73 -11.17 -31.01
C GLY G 287 51.76 -11.88 -30.14
N TYR G 288 52.92 -11.26 -29.93
CA TYR G 288 53.92 -11.83 -29.04
C TYR G 288 53.53 -11.69 -27.58
N MET G 289 52.87 -10.59 -27.22
CA MET G 289 52.55 -10.35 -25.82
C MET G 289 51.57 -11.38 -25.27
N VAL G 290 50.64 -11.85 -26.10
CA VAL G 290 49.67 -12.85 -25.65
C VAL G 290 50.35 -14.19 -25.42
N GLU G 291 51.24 -14.59 -26.33
CA GLU G 291 51.92 -15.87 -26.18
C GLU G 291 52.78 -15.90 -24.94
N HIS G 292 53.43 -14.79 -24.61
CA HIS G 292 54.20 -14.71 -23.38
C HIS G 292 53.32 -14.76 -22.14
N LEU G 293 52.01 -14.58 -22.29
CA LEU G 293 51.08 -14.65 -21.17
C LEU G 293 50.39 -16.00 -21.04
N GLU G 294 50.20 -16.72 -22.15
CA GLU G 294 49.63 -18.06 -22.07
C GLU G 294 50.53 -19.00 -21.30
N GLN G 295 51.81 -19.05 -21.67
CA GLN G 295 52.73 -20.01 -21.07
C GLN G 295 52.93 -19.73 -19.58
N GLN G 296 53.05 -18.46 -19.21
CA GLN G 296 53.18 -18.13 -17.79
C GLN G 296 51.93 -18.51 -17.02
N TYR G 297 50.76 -18.28 -17.60
CA TYR G 297 49.51 -18.64 -16.94
C TYR G 297 49.36 -20.15 -16.83
N LEU G 298 49.57 -20.87 -17.95
CA LEU G 298 49.38 -22.31 -17.95
C LEU G 298 50.41 -23.02 -17.07
N LEU G 299 51.66 -22.58 -17.11
CA LEU G 299 52.68 -23.19 -16.27
C LEU G 299 52.40 -22.94 -14.79
N LYS G 300 51.91 -21.74 -14.46
CA LYS G 300 51.59 -21.43 -13.08
C LYS G 300 50.43 -22.28 -12.57
N LEU G 301 49.47 -22.59 -13.43
CA LEU G 301 48.28 -23.32 -12.98
C LEU G 301 48.60 -24.80 -12.79
N PHE G 302 49.07 -25.47 -13.85
CA PHE G 302 49.50 -26.86 -13.76
C PHE G 302 51.03 -26.93 -13.79
N PRO G 303 51.69 -27.28 -12.70
CA PRO G 303 53.16 -27.38 -12.73
C PRO G 303 53.61 -28.48 -13.69
N VAL G 304 54.79 -28.28 -14.26
CA VAL G 304 55.27 -29.17 -15.31
C VAL G 304 55.52 -30.57 -14.77
N GLN G 305 56.21 -30.67 -13.63
CA GLN G 305 56.60 -31.98 -13.12
C GLN G 305 55.40 -32.81 -12.66
N LYS G 306 54.27 -32.17 -12.34
CA LYS G 306 53.11 -32.90 -11.87
C LYS G 306 52.30 -33.52 -13.00
N ARG G 307 52.51 -33.09 -14.24
CA ARG G 307 51.68 -33.56 -15.34
C ARG G 307 51.89 -35.04 -15.62
N ILE G 308 50.84 -35.68 -16.11
CA ILE G 308 50.87 -37.09 -16.50
C ILE G 308 50.33 -37.19 -17.91
N GLN G 309 51.05 -37.91 -18.77
CA GLN G 309 50.68 -38.06 -20.18
C GLN G 309 50.05 -39.43 -20.40
N LEU G 310 48.93 -39.45 -21.11
CA LEU G 310 48.25 -40.69 -21.47
C LEU G 310 48.73 -41.10 -22.86
N LYS G 311 49.45 -42.22 -22.93
CA LYS G 311 50.03 -42.65 -24.20
C LYS G 311 48.96 -43.22 -25.12
N THR G 312 49.23 -43.16 -26.43
CA THR G 312 48.31 -43.61 -27.44
C THR G 312 48.28 -45.14 -27.49
N MET G 313 47.39 -45.68 -28.35
CA MET G 313 47.27 -47.13 -28.47
C MET G 313 48.54 -47.75 -29.04
N LEU G 314 49.17 -47.09 -30.01
CA LEU G 314 50.40 -47.63 -30.59
C LEU G 314 51.50 -47.70 -29.55
N GLN G 315 51.60 -46.69 -28.69
CA GLN G 315 52.62 -46.70 -27.64
C GLN G 315 52.34 -47.71 -26.55
N LEU G 316 51.24 -48.46 -26.63
CA LEU G 316 50.95 -49.57 -25.74
C LEU G 316 51.19 -50.91 -26.42
N VAL G 317 50.71 -51.06 -27.66
CA VAL G 317 50.85 -52.33 -28.38
C VAL G 317 52.31 -52.57 -28.77
N GLY G 318 52.96 -51.55 -29.32
CA GLY G 318 54.29 -51.70 -29.87
C GLY G 318 54.27 -52.10 -31.33
N GLU G 319 55.44 -51.99 -31.95
CA GLU G 319 55.57 -52.28 -33.38
C GLU G 319 55.93 -53.75 -33.58
N LYS G 320 56.09 -54.14 -34.85
CA LYS G 320 56.42 -55.52 -35.18
C LYS G 320 57.81 -55.90 -34.68
N GLY G 321 58.77 -55.00 -34.83
CA GLY G 321 60.13 -55.27 -34.42
C GLY G 321 60.31 -55.35 -32.91
N LYS G 322 60.12 -54.22 -32.24
CA LYS G 322 60.29 -54.14 -30.79
C LYS G 322 58.92 -54.20 -30.12
N ALA G 323 58.85 -54.92 -28.99
CA ALA G 323 57.62 -55.06 -28.23
C ALA G 323 57.98 -54.98 -26.75
N GLY G 324 57.03 -55.38 -25.90
CA GLY G 324 57.23 -55.37 -24.47
C GLY G 324 56.55 -54.23 -23.74
N LYS G 325 55.99 -53.25 -24.46
CA LYS G 325 55.28 -52.16 -23.80
C LYS G 325 54.08 -52.69 -23.04
N GLU G 326 53.10 -53.23 -23.76
CA GLU G 326 51.91 -53.84 -23.15
C GLU G 326 51.42 -54.94 -24.07
N GLU G 327 50.65 -55.86 -23.49
CA GLU G 327 50.01 -56.94 -24.23
C GLU G 327 48.50 -56.70 -24.26
N ILE G 328 47.92 -56.76 -25.45
CA ILE G 328 46.50 -56.56 -25.65
C ILE G 328 45.97 -57.67 -26.55
N LYS G 329 44.90 -58.33 -26.09
CA LYS G 329 44.25 -59.39 -26.86
C LYS G 329 42.75 -59.18 -26.79
N VAL G 330 42.04 -59.75 -27.77
CA VAL G 330 40.60 -59.59 -27.87
C VAL G 330 39.94 -60.95 -27.98
N LYS G 331 38.65 -60.98 -27.64
CA LYS G 331 37.84 -62.19 -27.78
C LYS G 331 37.14 -62.14 -29.13
N THR G 332 37.51 -63.06 -30.02
CA THR G 332 37.02 -63.00 -31.40
C THR G 332 35.53 -63.34 -31.49
N GLU G 333 35.09 -64.36 -30.77
CA GLU G 333 33.72 -64.82 -30.83
C GLU G 333 33.10 -64.86 -29.45
N PRO G 334 31.77 -64.76 -29.34
CA PRO G 334 31.15 -64.80 -28.02
C PRO G 334 31.44 -66.08 -27.25
N GLY G 335 31.60 -67.20 -27.94
CA GLY G 335 31.96 -68.46 -27.33
C GLY G 335 33.46 -68.72 -27.24
N MET G 336 34.29 -67.72 -27.49
CA MET G 336 35.72 -67.91 -27.48
C MET G 336 36.20 -68.29 -26.08
N GLN G 337 37.04 -69.32 -26.02
CA GLN G 337 37.64 -69.73 -24.76
C GLN G 337 38.57 -68.62 -24.25
N ASP G 338 38.65 -68.51 -22.92
CA ASP G 338 39.46 -67.46 -22.30
C ASP G 338 40.95 -67.77 -22.35
N ILE G 339 41.37 -68.75 -23.16
CA ILE G 339 42.78 -69.08 -23.32
C ILE G 339 43.25 -68.99 -24.76
N ASP G 340 42.33 -68.91 -25.72
CA ASP G 340 42.67 -68.92 -27.14
C ASP G 340 42.61 -67.53 -27.78
N ALA G 341 42.90 -66.48 -27.00
CA ALA G 341 42.90 -65.14 -27.54
C ALA G 341 44.05 -64.94 -28.52
N ILE G 342 43.79 -64.14 -29.55
CA ILE G 342 44.78 -63.88 -30.59
C ILE G 342 45.34 -62.48 -30.40
N ASP G 343 46.39 -62.16 -31.17
CA ASP G 343 47.13 -60.93 -31.01
C ASP G 343 46.27 -59.73 -31.42
N VAL G 344 46.78 -58.53 -31.12
CA VAL G 344 46.04 -57.30 -31.38
C VAL G 344 46.28 -56.77 -32.79
N ARG G 345 47.53 -56.79 -33.27
CA ARG G 345 47.77 -56.47 -34.67
C ARG G 345 47.18 -57.53 -35.58
N GLN G 346 47.10 -58.78 -35.08
CA GLN G 346 46.38 -59.82 -35.80
C GLN G 346 44.87 -59.58 -35.77
N ALA G 347 44.38 -58.77 -34.84
CA ALA G 347 42.98 -58.37 -34.80
C ALA G 347 42.69 -57.18 -35.71
N ILE G 348 43.72 -56.52 -36.23
CA ILE G 348 43.56 -55.48 -37.24
C ILE G 348 44.02 -56.07 -38.56
N GLY G 349 44.90 -57.08 -38.49
CA GLY G 349 45.31 -57.76 -39.70
C GLY G 349 44.15 -58.44 -40.42
N ASP G 350 43.27 -59.09 -39.67
CA ASP G 350 42.05 -59.64 -40.23
C ASP G 350 41.00 -58.56 -40.48
N ALA G 351 41.37 -57.29 -40.43
CA ALA G 351 40.46 -56.18 -40.66
C ALA G 351 40.82 -55.31 -41.85
N VAL G 352 42.06 -55.36 -42.33
CA VAL G 352 42.50 -54.59 -43.48
C VAL G 352 42.95 -55.48 -44.63
N ARG G 353 43.61 -56.61 -44.33
CA ARG G 353 44.13 -57.46 -45.39
C ARG G 353 43.01 -57.97 -46.30
N GLU G 354 41.90 -58.39 -45.71
CA GLU G 354 40.73 -58.77 -46.49
C GLU G 354 39.69 -57.68 -46.61
N GLY G 355 39.67 -56.74 -45.65
CA GLY G 355 38.78 -55.59 -45.78
C GLY G 355 39.15 -54.70 -46.94
N LEU G 356 40.45 -54.61 -47.26
CA LEU G 356 40.93 -53.80 -48.37
C LEU G 356 41.57 -54.65 -49.47
N ASN G 357 41.47 -55.97 -49.37
CA ASN G 357 42.06 -56.90 -50.34
C ASN G 357 43.56 -56.63 -50.51
N LEU G 358 44.28 -56.77 -49.41
CA LEU G 358 45.72 -56.55 -49.37
C LEU G 358 46.42 -57.82 -48.91
N ARG G 359 47.62 -58.05 -49.46
CA ARG G 359 48.46 -59.16 -49.04
C ARG G 359 49.49 -58.67 -48.03
N GLU G 360 50.24 -59.62 -47.47
CA GLU G 360 51.28 -59.31 -46.50
C GLU G 360 52.32 -58.37 -47.10
N GLY G 361 52.39 -57.14 -46.60
CA GLY G 361 53.31 -56.16 -47.14
C GLY G 361 53.19 -54.85 -46.41
N SER G 362 53.86 -53.83 -46.96
CA SER G 362 53.86 -52.52 -46.33
C SER G 362 52.47 -51.92 -46.29
N ASP G 363 51.71 -52.04 -47.39
CA ASP G 363 50.38 -51.43 -47.46
C ASP G 363 49.45 -52.00 -46.40
N ALA G 364 49.46 -53.33 -46.23
CA ALA G 364 48.66 -53.94 -45.19
C ALA G 364 49.15 -53.54 -43.80
N ASP G 365 50.47 -53.42 -43.63
CA ASP G 365 51.01 -53.02 -42.34
C ASP G 365 50.83 -51.53 -42.09
N MET G 366 50.90 -50.71 -43.14
CA MET G 366 50.65 -49.28 -42.97
C MET G 366 49.22 -49.02 -42.56
N TYR G 367 48.26 -49.75 -43.15
CA TYR G 367 46.86 -49.54 -42.82
C TYR G 367 46.54 -49.94 -41.39
N VAL G 368 47.23 -50.97 -40.86
CA VAL G 368 47.11 -51.27 -39.45
C VAL G 368 47.63 -50.10 -38.62
N ASN G 369 48.77 -49.53 -39.03
CA ASN G 369 49.31 -48.37 -38.33
C ASN G 369 48.36 -47.18 -38.41
N GLU G 370 47.80 -46.93 -39.59
CA GLU G 370 46.84 -45.83 -39.74
C GLU G 370 45.51 -46.12 -39.07
N LEU G 371 45.21 -47.39 -38.82
CA LEU G 371 44.10 -47.74 -37.94
C LEU G 371 44.51 -47.78 -36.48
N LEU G 372 45.81 -47.66 -36.19
CA LEU G 372 46.31 -47.58 -34.82
C LEU G 372 46.52 -46.15 -34.35
N LYS G 373 46.85 -45.23 -35.26
CA LYS G 373 46.93 -43.82 -34.90
C LYS G 373 45.55 -43.24 -34.57
N GLN G 374 44.48 -43.96 -34.92
CA GLN G 374 43.15 -43.51 -34.59
C GLN G 374 42.94 -43.54 -33.07
N PRO G 375 42.07 -42.68 -32.55
CA PRO G 375 41.75 -42.74 -31.12
C PRO G 375 41.10 -44.07 -30.77
N VAL G 376 41.32 -44.50 -29.51
CA VAL G 376 40.84 -45.81 -29.08
C VAL G 376 39.32 -45.89 -29.14
N ARG G 377 38.63 -44.77 -28.92
CA ARG G 377 37.18 -44.77 -29.05
C ARG G 377 36.76 -45.06 -30.49
N LEU G 378 37.44 -44.47 -31.47
CA LEU G 378 37.13 -44.74 -32.86
C LEU G 378 37.68 -46.09 -33.33
N LEU G 379 38.69 -46.62 -32.64
CA LEU G 379 39.25 -47.91 -33.03
C LEU G 379 38.32 -49.05 -32.63
N MET G 380 37.68 -48.95 -31.46
CA MET G 380 36.74 -49.98 -31.03
C MET G 380 35.57 -50.11 -32.00
N GLN G 381 34.93 -48.98 -32.33
CA GLN G 381 33.67 -49.04 -33.07
C GLN G 381 33.85 -49.66 -34.45
N VAL G 382 34.93 -49.30 -35.16
CA VAL G 382 35.18 -49.90 -36.46
C VAL G 382 35.55 -51.37 -36.30
N LEU G 383 36.33 -51.69 -35.27
CA LEU G 383 36.68 -53.09 -35.02
C LEU G 383 35.47 -53.89 -34.53
N GLN G 384 34.70 -53.30 -33.61
CA GLN G 384 33.53 -54.00 -33.08
C GLN G 384 32.50 -54.29 -34.16
N ASP G 385 32.40 -53.41 -35.16
CA ASP G 385 31.42 -53.62 -36.23
C ASP G 385 31.72 -54.88 -37.02
N PHE G 386 33.00 -55.22 -37.19
CA PHE G 386 33.39 -56.42 -37.92
C PHE G 386 32.86 -57.68 -37.24
N TYR G 387 33.38 -57.98 -36.05
CA TYR G 387 33.08 -59.26 -35.42
C TYR G 387 31.62 -59.39 -35.03
N THR G 388 30.95 -58.27 -34.75
CA THR G 388 29.52 -58.32 -34.48
C THR G 388 28.74 -58.69 -35.74
N LYS G 389 29.03 -58.00 -36.85
CA LYS G 389 28.29 -58.25 -38.08
C LYS G 389 28.71 -59.55 -38.75
N LYS G 390 30.01 -59.84 -38.80
CA LYS G 390 30.46 -61.05 -39.47
C LYS G 390 30.04 -62.32 -38.73
N TYR G 391 29.81 -62.24 -37.43
CA TYR G 391 29.23 -63.37 -36.71
C TYR G 391 27.80 -63.63 -37.18
N HIS G 392 27.03 -62.57 -37.41
CA HIS G 392 25.70 -62.73 -37.99
C HIS G 392 25.79 -63.30 -39.40
N ALA G 393 26.76 -62.83 -40.19
CA ALA G 393 26.92 -63.35 -41.54
C ALA G 393 27.29 -64.82 -41.53
N THR G 394 28.22 -65.22 -40.64
CA THR G 394 28.60 -66.62 -40.53
C THR G 394 27.59 -67.43 -39.73
N SER G 395 26.73 -66.79 -38.95
CA SER G 395 25.71 -67.46 -38.16
C SER G 395 26.30 -68.53 -37.24
N LEU G 411 28.82 -62.52 -48.44
CA LEU G 411 29.78 -62.17 -47.41
C LEU G 411 30.07 -60.67 -47.42
N SER G 412 30.59 -60.19 -48.54
CA SER G 412 30.90 -58.77 -48.74
C SER G 412 31.82 -58.25 -47.63
N VAL G 413 32.91 -58.99 -47.39
CA VAL G 413 33.86 -58.60 -46.34
C VAL G 413 34.48 -57.23 -46.61
N PRO G 414 35.00 -56.93 -47.81
CA PRO G 414 35.46 -55.54 -48.06
C PRO G 414 34.34 -54.52 -47.98
N ASN G 415 33.11 -54.88 -48.36
CA ASN G 415 31.99 -53.98 -48.17
C ASN G 415 31.62 -53.85 -46.70
N LEU G 416 31.80 -54.93 -45.92
CA LEU G 416 31.56 -54.85 -44.48
C LEU G 416 32.48 -53.83 -43.83
N LEU G 417 33.72 -53.74 -44.31
CA LEU G 417 34.62 -52.70 -43.83
C LEU G 417 34.08 -51.31 -44.17
N ARG G 418 33.64 -51.12 -45.41
CA ARG G 418 33.07 -49.84 -45.80
C ARG G 418 31.82 -49.51 -45.00
N ASN G 419 31.08 -50.54 -44.59
CA ASN G 419 29.96 -50.31 -43.68
C ASN G 419 30.45 -49.76 -42.34
N ALA G 420 31.55 -50.31 -41.83
CA ALA G 420 32.09 -49.82 -40.57
C ALA G 420 32.71 -48.44 -40.73
N LEU G 421 33.41 -48.20 -41.84
CA LEU G 421 34.05 -46.91 -42.05
C LEU G 421 33.03 -45.80 -42.20
N TYR G 422 31.89 -46.08 -42.83
CA TYR G 422 30.90 -45.04 -43.08
C TYR G 422 30.45 -44.40 -41.77
N GLY G 423 30.20 -45.22 -40.75
CA GLY G 423 29.91 -44.70 -39.44
C GLY G 423 31.12 -44.33 -38.61
N SER G 424 32.32 -44.50 -39.13
CA SER G 424 33.55 -44.24 -38.38
C SER G 424 34.07 -42.83 -38.58
N MET G 425 34.37 -42.47 -39.83
CA MET G 425 34.85 -41.11 -40.13
C MET G 425 33.87 -40.37 -41.03
N LEU G 426 32.57 -40.46 -40.71
CA LEU G 426 31.54 -39.83 -41.53
C LEU G 426 31.71 -38.32 -41.60
N SER G 427 31.99 -37.69 -40.47
CA SER G 427 31.95 -36.22 -40.42
C SER G 427 33.08 -35.59 -41.22
N SER G 428 34.24 -36.26 -41.31
CA SER G 428 35.37 -35.69 -42.04
C SER G 428 35.09 -35.62 -43.55
N ILE G 429 34.09 -36.33 -44.04
CA ILE G 429 33.74 -36.26 -45.46
C ILE G 429 33.26 -34.86 -45.82
N TYR G 430 32.51 -34.22 -44.92
CA TYR G 430 32.00 -32.88 -45.19
C TYR G 430 33.12 -31.86 -45.32
N ARG G 431 34.26 -32.09 -44.66
CA ARG G 431 35.38 -31.17 -44.77
C ARG G 431 35.94 -31.13 -46.18
N ALA G 432 36.08 -32.29 -46.83
CA ALA G 432 36.67 -32.36 -48.15
C ALA G 432 35.65 -32.22 -49.27
N GLY G 433 34.35 -32.18 -48.95
CA GLY G 433 33.33 -31.94 -49.95
C GLY G 433 32.94 -33.15 -50.78
N LEU G 434 33.29 -34.35 -50.37
CA LEU G 434 32.91 -35.54 -51.13
C LEU G 434 31.42 -35.80 -50.99
N ASN G 435 30.91 -36.65 -51.89
CA ASN G 435 29.51 -37.06 -51.83
C ASN G 435 29.26 -37.90 -50.58
N TYR G 436 28.22 -37.55 -49.84
CA TYR G 436 27.85 -38.25 -48.60
C TYR G 436 26.47 -38.87 -48.70
N GLU G 437 25.89 -38.95 -49.89
CA GLU G 437 24.55 -39.48 -50.07
C GLU G 437 24.62 -40.94 -50.49
N GLN G 438 23.87 -41.80 -49.79
CA GLN G 438 23.93 -43.23 -50.06
C GLN G 438 23.38 -43.57 -51.45
N HIS G 439 22.32 -42.89 -51.87
CA HIS G 439 21.65 -43.26 -53.12
C HIS G 439 22.54 -43.01 -54.33
N ARG G 440 23.36 -41.96 -54.31
CA ARG G 440 24.20 -41.60 -55.44
C ARG G 440 25.54 -42.33 -55.46
N PHE G 441 25.64 -43.47 -54.76
CA PHE G 441 26.85 -44.28 -54.86
C PHE G 441 26.88 -45.01 -56.20
N GLY G 442 27.32 -44.30 -57.24
CA GLY G 442 27.29 -44.84 -58.58
C GLY G 442 28.64 -44.90 -59.24
N MET G 443 28.64 -45.11 -60.57
CA MET G 443 29.88 -45.32 -61.31
C MET G 443 30.81 -44.11 -61.30
N ASP G 444 30.38 -43.01 -61.94
CA ASP G 444 31.27 -41.86 -62.10
C ASP G 444 31.25 -40.93 -60.90
N SER G 445 30.34 -41.15 -59.94
CA SER G 445 30.39 -40.39 -58.70
C SER G 445 31.70 -40.65 -57.96
N LEU G 446 32.16 -41.89 -57.96
CA LEU G 446 33.44 -42.21 -57.37
C LEU G 446 34.60 -41.63 -58.17
N CYS G 447 34.43 -41.49 -59.49
CA CYS G 447 35.51 -40.97 -60.32
C CYS G 447 35.90 -39.55 -59.91
N LYS G 448 34.90 -38.69 -59.68
CA LYS G 448 35.20 -37.36 -59.16
C LYS G 448 35.55 -37.39 -57.68
N ASP G 449 35.12 -38.42 -56.96
CA ASP G 449 35.61 -38.59 -55.59
C ASP G 449 37.12 -38.79 -55.58
N ILE G 450 37.63 -39.57 -56.55
CA ILE G 450 39.07 -39.62 -56.76
C ILE G 450 39.60 -38.25 -57.15
N PHE G 451 38.90 -37.58 -58.07
CA PHE G 451 39.34 -36.28 -58.55
C PHE G 451 39.21 -35.20 -57.48
N THR G 452 38.22 -35.33 -56.58
CA THR G 452 38.09 -34.37 -55.50
C THR G 452 39.29 -34.43 -54.57
N TYR G 453 39.73 -35.64 -54.22
CA TYR G 453 40.94 -35.77 -53.42
C TYR G 453 42.14 -35.19 -54.16
N VAL G 454 42.20 -35.40 -55.48
CA VAL G 454 43.26 -34.79 -56.29
C VAL G 454 43.17 -33.28 -56.22
N LYS G 455 41.95 -32.73 -56.15
CA LYS G 455 41.79 -31.30 -56.00
C LYS G 455 42.32 -30.82 -54.64
N GLN G 456 42.18 -31.63 -53.60
CA GLN G 456 42.51 -31.22 -52.25
C GLN G 456 43.88 -31.69 -51.76
N ASP G 457 44.55 -32.59 -52.49
CA ASP G 457 45.79 -33.17 -52.00
C ASP G 457 47.03 -32.39 -52.44
N ARG G 458 46.88 -31.35 -53.26
CA ARG G 458 47.96 -30.45 -53.67
C ARG G 458 48.97 -31.14 -54.58
N ASP G 459 48.87 -32.44 -54.78
CA ASP G 459 49.84 -33.19 -55.59
C ASP G 459 49.10 -34.13 -56.53
N PHE G 460 49.33 -33.96 -57.82
CA PHE G 460 48.67 -34.74 -58.86
C PHE G 460 49.48 -35.96 -59.30
N ASN G 461 50.64 -36.20 -58.68
CA ASN G 461 51.55 -37.24 -59.17
C ASN G 461 51.05 -38.63 -58.81
N THR G 462 50.94 -38.92 -57.51
CA THR G 462 50.57 -40.25 -57.03
C THR G 462 49.20 -40.23 -56.34
N GLY G 463 48.27 -39.42 -56.84
CA GLY G 463 46.96 -39.34 -56.22
C GLY G 463 46.17 -40.63 -56.35
N PHE G 464 46.26 -41.28 -57.51
CA PHE G 464 45.46 -42.48 -57.76
C PHE G 464 45.89 -43.67 -56.93
N TYR G 465 47.04 -43.60 -56.26
CA TYR G 465 47.45 -44.68 -55.37
C TYR G 465 46.53 -44.80 -54.15
N LEU G 466 45.91 -43.69 -53.74
CA LEU G 466 45.13 -43.63 -52.51
C LEU G 466 45.98 -44.03 -51.30
N ARG G 467 47.19 -43.49 -51.25
CA ARG G 467 48.08 -43.77 -50.12
C ARG G 467 47.61 -43.00 -48.89
N PRO G 468 47.37 -43.68 -47.77
CA PRO G 468 46.99 -42.96 -46.54
C PRO G 468 48.16 -42.24 -45.90
N GLN G 469 48.78 -41.31 -46.64
CA GLN G 469 49.96 -40.61 -46.11
C GLN G 469 49.89 -39.11 -46.31
N SER G 470 48.70 -38.54 -46.47
CA SER G 470 48.58 -37.09 -46.55
C SER G 470 48.87 -36.45 -45.20
N GLU G 471 49.43 -35.25 -45.23
CA GLU G 471 49.74 -34.55 -43.99
C GLU G 471 48.48 -34.17 -43.23
N SER G 472 47.45 -33.71 -43.95
CA SER G 472 46.19 -33.36 -43.31
C SER G 472 45.49 -34.61 -42.80
N GLU G 473 45.00 -34.56 -41.57
CA GLU G 473 44.34 -35.72 -40.97
C GLU G 473 42.97 -35.98 -41.57
N ALA G 474 42.32 -34.94 -42.10
CA ALA G 474 40.99 -35.13 -42.71
C ALA G 474 41.07 -36.03 -43.94
N LEU G 475 42.07 -35.82 -44.79
CA LEU G 475 42.21 -36.63 -46.00
C LEU G 475 42.70 -38.03 -45.70
N ARG G 476 43.40 -38.22 -44.58
CA ARG G 476 43.87 -39.55 -44.21
C ARG G 476 42.70 -40.49 -43.98
N ASN G 477 41.67 -40.02 -43.26
CA ASN G 477 40.46 -40.81 -43.13
C ASN G 477 39.76 -40.97 -44.46
N CYS G 478 39.69 -39.90 -45.26
CA CYS G 478 39.03 -39.97 -46.56
C CYS G 478 39.73 -40.96 -47.49
N SER G 479 41.07 -40.91 -47.53
CA SER G 479 41.81 -41.84 -48.37
C SER G 479 41.63 -43.28 -47.89
N ILE G 480 41.64 -43.48 -46.56
CA ILE G 480 41.40 -44.81 -46.01
C ILE G 480 39.99 -45.28 -46.37
N TYR G 481 39.00 -44.41 -46.19
CA TYR G 481 37.63 -44.76 -46.52
C TYR G 481 37.48 -44.97 -48.03
N LEU G 482 38.11 -44.12 -48.83
CA LEU G 482 37.99 -44.24 -50.29
C LEU G 482 38.65 -45.52 -50.80
N ALA G 483 39.62 -46.06 -50.06
CA ALA G 483 40.27 -47.29 -50.49
C ALA G 483 39.30 -48.46 -50.49
N SER G 484 38.39 -48.51 -49.50
CA SER G 484 37.38 -49.55 -49.48
C SER G 484 36.40 -49.40 -50.64
N GLN G 485 36.17 -48.16 -51.11
CA GLN G 485 35.27 -47.94 -52.23
C GLN G 485 35.77 -48.64 -53.50
N VAL G 486 37.02 -48.38 -53.86
CA VAL G 486 37.57 -48.96 -55.08
C VAL G 486 37.70 -50.48 -54.95
N SER G 487 37.99 -50.96 -53.73
CA SER G 487 38.01 -52.40 -53.51
C SER G 487 36.62 -53.01 -53.64
N GLU G 488 35.57 -52.22 -53.51
CA GLU G 488 34.20 -52.66 -53.76
C GLU G 488 33.63 -52.20 -55.08
N ASN G 489 34.19 -51.16 -55.68
CA ASN G 489 33.76 -50.69 -56.99
C ASN G 489 34.68 -51.18 -58.10
N CYS G 490 35.49 -52.20 -57.83
CA CYS G 490 36.28 -52.85 -58.87
C CYS G 490 36.34 -54.36 -58.69
N GLN G 491 35.59 -54.93 -57.74
CA GLN G 491 35.62 -56.36 -57.49
C GLN G 491 34.54 -57.07 -58.29
N GLY G 492 34.88 -58.29 -58.73
CA GLY G 492 33.91 -59.13 -59.41
C GLY G 492 33.41 -58.58 -60.73
N SER G 493 34.16 -57.67 -61.35
CA SER G 493 33.74 -57.08 -62.61
C SER G 493 34.97 -56.74 -63.44
N LEU G 494 34.76 -56.61 -64.75
CA LEU G 494 35.82 -56.21 -65.66
C LEU G 494 35.49 -54.95 -66.45
N SER G 495 34.22 -54.78 -66.85
CA SER G 495 33.82 -53.55 -67.53
C SER G 495 33.95 -52.35 -66.59
N LYS G 496 33.35 -52.44 -65.41
CA LYS G 496 33.51 -51.39 -64.42
C LYS G 496 34.96 -51.26 -63.97
N PHE G 497 35.66 -52.41 -63.88
CA PHE G 497 37.07 -52.40 -63.50
C PHE G 497 37.90 -51.48 -64.40
N LEU G 498 37.92 -51.76 -65.70
CA LEU G 498 38.86 -51.08 -66.59
C LEU G 498 38.57 -49.59 -66.67
N GLN G 499 37.30 -49.22 -66.77
CA GLN G 499 36.96 -47.79 -66.84
C GLN G 499 37.12 -47.08 -65.50
N MET G 500 37.19 -47.82 -64.39
CA MET G 500 37.62 -47.20 -63.14
C MET G 500 39.10 -46.85 -63.19
N LEU G 501 39.92 -47.74 -63.74
CA LEU G 501 41.34 -47.45 -63.90
C LEU G 501 41.56 -46.29 -64.85
N LEU G 502 40.93 -46.33 -66.02
CA LEU G 502 41.15 -45.30 -67.03
C LEU G 502 40.68 -43.93 -66.55
N VAL G 503 39.43 -43.85 -66.10
CA VAL G 503 38.90 -42.56 -65.67
C VAL G 503 39.53 -42.13 -64.35
N GLY G 504 39.68 -43.06 -63.40
CA GLY G 504 40.21 -42.72 -62.10
C GLY G 504 41.66 -42.32 -62.10
N CYS G 505 42.44 -42.78 -63.09
CA CYS G 505 43.85 -42.46 -63.18
C CYS G 505 44.20 -41.62 -64.40
N GLY G 506 43.42 -41.71 -65.48
CA GLY G 506 43.71 -40.86 -66.64
C GLY G 506 43.48 -39.39 -66.35
N SER G 507 42.38 -39.07 -65.67
CA SER G 507 42.04 -37.66 -65.45
C SER G 507 43.10 -36.96 -64.61
N VAL G 508 43.57 -37.61 -63.54
CA VAL G 508 44.63 -37.04 -62.73
C VAL G 508 45.94 -36.95 -63.52
N SER G 509 46.21 -37.95 -64.37
CA SER G 509 47.44 -37.94 -65.13
C SER G 509 47.40 -36.89 -66.24
N ILE G 510 46.28 -36.82 -66.97
CA ILE G 510 46.17 -35.85 -68.06
C ILE G 510 46.19 -34.43 -67.52
N PHE G 511 45.46 -34.17 -66.44
CA PHE G 511 45.41 -32.82 -65.88
C PHE G 511 46.78 -32.37 -65.38
N ASN G 512 47.58 -33.31 -64.88
CA ASN G 512 48.91 -32.96 -64.39
C ASN G 512 49.83 -32.47 -65.50
N GLN G 513 49.53 -32.81 -66.76
CA GLN G 513 50.36 -32.31 -67.86
C GLN G 513 50.30 -30.80 -67.96
N PHE G 514 49.11 -30.22 -67.82
CA PHE G 514 48.92 -28.78 -68.01
C PHE G 514 49.26 -27.97 -66.77
N VAL G 515 49.08 -28.55 -65.57
CA VAL G 515 49.41 -27.82 -64.35
C VAL G 515 50.91 -27.68 -64.20
N THR G 516 51.66 -28.76 -64.46
CA THR G 516 53.11 -28.71 -64.31
C THR G 516 53.74 -27.75 -65.30
N GLU G 517 53.27 -27.74 -66.54
CA GLU G 517 53.80 -26.84 -67.56
C GLU G 517 53.41 -25.39 -67.28
N ASP G 524 49.74 -16.03 -60.39
CA ASP G 524 48.28 -15.96 -60.41
C ASP G 524 47.68 -17.32 -60.04
N ARG G 525 47.38 -17.48 -58.74
CA ARG G 525 46.81 -18.74 -58.29
C ARG G 525 45.38 -18.92 -58.77
N GLU G 526 44.62 -17.82 -58.88
CA GLU G 526 43.25 -17.91 -59.38
C GLU G 526 43.22 -18.39 -60.82
N LYS G 527 44.18 -17.92 -61.63
CA LYS G 527 44.27 -18.41 -63.01
C LYS G 527 44.51 -19.91 -63.04
N PHE G 528 45.39 -20.40 -62.17
CA PHE G 528 45.58 -21.85 -62.05
C PHE G 528 44.32 -22.52 -61.52
N GLU G 529 43.66 -21.90 -60.53
CA GLU G 529 42.46 -22.49 -59.95
C GLU G 529 41.33 -22.60 -60.98
N GLN G 530 41.19 -21.59 -61.84
CA GLN G 530 40.10 -21.60 -62.81
C GLN G 530 40.21 -22.77 -63.78
N LEU G 531 41.44 -23.25 -64.03
CA LEU G 531 41.62 -24.37 -64.95
C LEU G 531 40.90 -25.61 -64.45
N ILE G 532 41.02 -25.92 -63.16
CA ILE G 532 40.32 -27.07 -62.60
C ILE G 532 38.82 -26.87 -62.68
N SER G 533 38.34 -25.67 -62.34
CA SER G 533 36.90 -25.41 -62.34
C SER G 533 36.31 -25.31 -63.74
N GLU G 534 37.15 -25.15 -64.77
CA GLU G 534 36.66 -24.99 -66.14
C GLU G 534 36.94 -26.19 -67.03
N TYR G 535 38.09 -26.86 -66.87
CA TYR G 535 38.44 -27.94 -67.78
C TYR G 535 37.57 -29.17 -67.57
N VAL G 536 36.90 -29.28 -66.42
CA VAL G 536 36.06 -30.44 -66.16
C VAL G 536 34.84 -30.47 -67.09
N ALA G 537 34.30 -29.29 -67.43
CA ALA G 537 33.07 -29.25 -68.21
C ALA G 537 33.30 -29.60 -69.67
N TYR G 538 34.47 -29.31 -70.21
CA TYR G 538 34.69 -29.51 -71.65
C TYR G 538 34.65 -30.98 -72.03
N MET G 539 35.40 -31.82 -71.31
CA MET G 539 35.46 -33.25 -71.62
C MET G 539 34.24 -34.02 -71.11
N SER G 540 33.24 -33.32 -70.60
CA SER G 540 32.06 -33.94 -69.98
C SER G 540 32.44 -34.83 -68.81
N VAL G 541 33.65 -34.68 -68.28
CA VAL G 541 34.06 -35.46 -67.13
C VAL G 541 33.38 -34.91 -65.88
N GLY G 542 32.97 -35.80 -64.99
CA GLY G 542 32.04 -35.49 -63.93
C GLY G 542 30.63 -35.96 -64.22
N ARG G 543 30.31 -36.25 -65.49
CA ARG G 543 29.07 -36.87 -65.89
C ARG G 543 29.28 -38.38 -65.97
N ILE G 544 28.17 -39.12 -66.02
CA ILE G 544 28.22 -40.58 -66.13
C ILE G 544 28.17 -40.94 -67.61
N GLU G 545 29.34 -40.99 -68.23
CA GLU G 545 29.50 -41.43 -69.61
C GLU G 545 30.43 -42.64 -69.65
N SER G 546 30.73 -43.09 -70.86
CA SER G 546 31.64 -44.20 -71.08
C SER G 546 33.05 -43.69 -71.38
N ALA G 547 34.02 -44.60 -71.27
CA ALA G 547 35.40 -44.23 -71.53
C ALA G 547 35.60 -43.85 -72.99
N SER G 548 34.91 -44.53 -73.91
CA SER G 548 35.08 -44.26 -75.33
C SER G 548 34.70 -42.82 -75.68
N HIS G 549 33.56 -42.35 -75.18
CA HIS G 549 33.18 -40.96 -75.41
C HIS G 549 34.18 -40.00 -74.77
N TRP G 550 34.62 -40.32 -73.55
CA TRP G 550 35.65 -39.52 -72.91
C TRP G 550 36.99 -39.65 -73.61
N ALA G 551 37.25 -40.80 -74.25
CA ALA G 551 38.47 -40.97 -75.00
C ALA G 551 38.52 -40.01 -76.20
N ASN G 552 37.39 -39.81 -76.86
CA ASN G 552 37.33 -38.85 -77.96
C ASN G 552 37.70 -37.45 -77.48
N ARG G 553 37.26 -37.09 -76.28
CA ARG G 553 37.69 -35.82 -75.69
C ARG G 553 39.18 -35.83 -75.39
N CYS G 554 39.71 -36.97 -74.95
CA CYS G 554 41.15 -37.06 -74.69
C CYS G 554 41.96 -36.82 -75.95
N CYS G 555 41.50 -37.34 -77.09
CA CYS G 555 42.19 -37.09 -78.35
C CYS G 555 42.15 -35.61 -78.70
N ALA G 556 40.99 -34.96 -78.50
CA ALA G 556 40.87 -33.55 -78.84
C ALA G 556 41.68 -32.67 -77.90
N VAL G 557 41.74 -33.04 -76.61
CA VAL G 557 42.45 -32.22 -75.63
C VAL G 557 43.95 -32.22 -75.94
N VAL G 558 44.52 -33.40 -76.16
CA VAL G 558 45.94 -33.50 -76.47
C VAL G 558 46.23 -32.98 -77.88
N ALA G 559 45.21 -32.89 -78.73
CA ALA G 559 45.42 -32.35 -80.07
C ALA G 559 45.88 -30.89 -80.00
N ASN G 560 45.31 -30.12 -79.09
CA ASN G 560 45.72 -28.72 -78.93
C ASN G 560 47.12 -28.58 -78.35
N SER G 561 47.67 -29.64 -77.76
CA SER G 561 49.00 -29.57 -77.22
C SER G 561 50.01 -29.46 -78.36
N PRO G 562 50.88 -28.44 -78.35
CA PRO G 562 51.83 -28.26 -79.46
C PRO G 562 52.96 -29.28 -79.38
N ASN G 563 52.97 -30.20 -80.35
CA ASN G 563 54.01 -31.22 -80.43
C ASN G 563 55.26 -30.62 -81.04
N ASP G 564 56.23 -31.46 -81.39
CA ASP G 564 57.49 -31.02 -81.98
C ASP G 564 57.50 -31.28 -83.47
N GLU G 565 57.98 -30.30 -84.23
CA GLU G 565 58.15 -30.34 -85.69
C GLU G 565 57.00 -31.03 -86.42
N LYS G 566 55.77 -30.72 -86.04
CA LYS G 566 54.55 -31.05 -86.79
C LYS G 566 54.31 -32.56 -86.92
N ILE G 567 55.12 -33.39 -86.25
CA ILE G 567 54.98 -34.84 -86.39
C ILE G 567 53.63 -35.27 -85.83
N GLY G 568 52.87 -36.03 -86.63
CA GLY G 568 51.53 -36.42 -86.25
C GLY G 568 51.47 -37.64 -85.35
N VAL G 569 52.21 -37.61 -84.26
CA VAL G 569 52.17 -38.66 -83.24
C VAL G 569 52.01 -38.01 -81.88
N PHE G 570 51.22 -38.64 -81.02
CA PHE G 570 50.96 -38.13 -79.68
C PHE G 570 51.08 -39.29 -78.71
N LEU G 571 50.72 -39.05 -77.45
CA LEU G 571 50.81 -40.08 -76.42
C LEU G 571 49.75 -41.14 -76.70
N GLY G 572 50.17 -42.23 -77.34
CA GLY G 572 49.24 -43.26 -77.73
C GLY G 572 48.36 -42.92 -78.90
N MET G 573 48.63 -41.82 -79.60
CA MET G 573 47.80 -41.37 -80.71
C MET G 573 48.68 -41.05 -81.91
N VAL G 574 48.13 -41.27 -83.10
CA VAL G 574 48.76 -40.90 -84.35
C VAL G 574 47.75 -40.12 -85.18
N GLN G 575 48.16 -38.94 -85.66
CA GLN G 575 47.26 -38.09 -86.43
C GLN G 575 47.20 -38.58 -87.88
N LEU G 576 45.98 -38.60 -88.42
CA LEU G 576 45.73 -39.06 -89.78
C LEU G 576 45.23 -37.91 -90.63
N ASN G 577 45.65 -37.88 -91.89
CA ASN G 577 45.23 -36.86 -92.84
C ASN G 577 44.08 -37.39 -93.69
N ARG G 578 43.04 -36.57 -93.84
CA ARG G 578 41.89 -36.94 -94.65
C ARG G 578 42.15 -36.79 -96.14
N LYS G 579 43.22 -36.11 -96.53
CA LYS G 579 43.55 -35.88 -97.93
C LYS G 579 44.81 -36.65 -98.29
N SER G 580 44.76 -37.36 -99.42
CA SER G 580 45.93 -38.06 -99.92
C SER G 580 46.96 -37.04 -100.40
N ARG G 581 48.14 -37.06 -99.78
CA ARG G 581 49.16 -36.08 -100.10
C ARG G 581 49.75 -36.36 -101.50
N GLN G 582 50.46 -35.38 -102.03
CA GLN G 582 50.98 -35.44 -103.39
C GLN G 582 52.41 -35.95 -103.39
N HIS G 583 52.72 -36.81 -104.37
CA HIS G 583 54.06 -37.35 -104.58
C HIS G 583 54.54 -38.14 -103.36
N MET G 584 53.78 -39.18 -103.02
CA MET G 584 54.14 -40.05 -101.91
C MET G 584 54.86 -41.28 -102.44
N PRO G 585 56.09 -41.54 -102.01
CA PRO G 585 56.81 -42.72 -102.50
C PRO G 585 56.22 -44.00 -101.93
N GLY G 586 56.52 -45.10 -102.62
CA GLY G 586 56.05 -46.39 -102.16
C GLY G 586 54.56 -46.58 -102.35
N GLY G 587 53.97 -47.39 -101.48
CA GLY G 587 52.55 -47.70 -101.56
C GLY G 587 51.70 -46.83 -100.67
N TYR G 588 52.22 -45.68 -100.26
CA TYR G 588 51.47 -44.78 -99.40
C TYR G 588 50.25 -44.23 -100.14
N LYS G 589 49.13 -44.16 -99.43
CA LYS G 589 47.87 -43.71 -99.99
C LYS G 589 46.98 -43.19 -98.87
N LYS G 590 45.77 -42.80 -99.22
CA LYS G 590 44.81 -42.33 -98.22
C LYS G 590 44.44 -43.45 -97.27
N PHE G 591 44.22 -43.09 -96.01
CA PHE G 591 43.87 -44.05 -94.96
C PHE G 591 42.42 -44.48 -95.15
N ASN G 592 42.23 -45.53 -95.94
CA ASN G 592 40.90 -46.06 -96.21
C ASN G 592 40.68 -47.34 -95.41
N ILE G 593 39.42 -47.56 -95.02
CA ILE G 593 39.09 -48.63 -94.09
C ILE G 593 37.99 -49.55 -94.59
N ASP G 594 37.17 -49.13 -95.55
CA ASP G 594 35.97 -49.86 -95.94
C ASP G 594 36.25 -51.05 -96.86
N THR G 595 37.50 -51.52 -96.94
CA THR G 595 37.85 -52.64 -97.79
C THR G 595 38.56 -53.77 -97.05
N GLU G 596 38.59 -53.71 -95.72
CA GLU G 596 39.30 -54.70 -94.92
C GLU G 596 38.32 -55.75 -94.37
N ASN G 597 38.82 -56.62 -93.51
CA ASN G 597 38.02 -57.71 -92.96
C ASN G 597 37.13 -57.18 -91.84
N GLY G 598 36.43 -58.08 -91.16
CA GLY G 598 35.46 -57.70 -90.15
C GLY G 598 36.04 -57.16 -88.86
N LEU G 599 36.72 -58.02 -88.10
CA LEU G 599 37.19 -57.63 -86.77
C LEU G 599 38.21 -56.50 -86.84
N ALA G 600 39.14 -56.57 -87.79
CA ALA G 600 40.20 -55.57 -87.87
C ALA G 600 39.64 -54.19 -88.21
N LYS G 601 38.71 -54.12 -89.16
CA LYS G 601 38.14 -52.83 -89.56
C LYS G 601 37.32 -52.21 -88.43
N ALA G 602 36.51 -53.02 -87.74
CA ALA G 602 35.71 -52.50 -86.64
C ALA G 602 36.58 -52.08 -85.46
N ALA G 603 37.68 -52.81 -85.23
CA ALA G 603 38.54 -52.52 -84.09
C ALA G 603 39.12 -51.11 -84.19
N MET G 604 39.59 -50.72 -85.39
CA MET G 604 40.06 -49.35 -85.57
C MET G 604 38.92 -48.36 -85.68
N ALA G 605 37.73 -48.81 -86.12
CA ALA G 605 36.62 -47.89 -86.32
C ALA G 605 36.21 -47.21 -85.02
N SER G 606 36.16 -47.97 -83.92
CA SER G 606 35.88 -47.37 -82.62
C SER G 606 36.97 -46.38 -82.24
N SER G 607 38.23 -46.73 -82.46
CA SER G 607 39.33 -45.82 -82.17
C SER G 607 39.38 -44.64 -83.14
N LEU G 608 38.80 -44.79 -84.34
CA LEU G 608 38.78 -43.70 -85.31
C LEU G 608 37.83 -42.62 -84.83
N SER G 609 38.37 -41.58 -84.23
CA SER G 609 37.59 -40.46 -83.72
C SER G 609 37.88 -39.21 -84.54
N THR G 610 36.83 -38.54 -84.98
CA THR G 610 36.95 -37.34 -85.80
C THR G 610 36.62 -36.12 -84.96
N VAL G 611 37.52 -35.15 -84.94
CA VAL G 611 37.33 -33.90 -84.22
C VAL G 611 36.66 -32.91 -85.17
N ALA G 612 35.42 -32.55 -84.89
CA ALA G 612 34.65 -31.65 -85.74
C ALA G 612 35.05 -30.22 -85.43
N SER G 613 35.70 -29.56 -86.38
CA SER G 613 36.14 -28.18 -86.23
C SER G 613 36.13 -27.53 -87.60
N ASN G 614 36.82 -26.40 -87.74
CA ASN G 614 36.95 -25.76 -89.04
C ASN G 614 37.58 -26.69 -90.06
N ASN G 615 38.44 -27.61 -89.60
CA ASN G 615 38.98 -28.68 -90.43
C ASN G 615 38.68 -30.02 -89.77
N LEU G 616 38.36 -31.01 -90.59
CA LEU G 616 38.04 -32.34 -90.08
C LEU G 616 39.33 -33.05 -89.70
N MET G 617 39.55 -33.24 -88.41
CA MET G 617 40.75 -33.88 -87.88
C MET G 617 40.37 -35.21 -87.26
N ASP G 618 41.07 -36.27 -87.64
CA ASP G 618 40.78 -37.61 -87.19
C ASP G 618 41.97 -38.19 -86.45
N PHE G 619 41.69 -38.93 -85.38
CA PHE G 619 42.73 -39.51 -84.54
C PHE G 619 42.42 -40.98 -84.27
N CYS G 620 43.49 -41.75 -84.08
CA CYS G 620 43.40 -43.13 -83.60
C CYS G 620 44.21 -43.24 -82.33
N SER G 621 43.58 -43.74 -81.26
CA SER G 621 44.21 -43.75 -79.95
C SER G 621 44.02 -45.12 -79.30
N VAL G 622 44.99 -45.48 -78.44
CA VAL G 622 44.91 -46.74 -77.70
C VAL G 622 43.84 -46.66 -76.62
N PHE G 623 43.54 -45.46 -76.13
CA PHE G 623 42.54 -45.32 -75.07
C PHE G 623 41.17 -45.78 -75.54
N ASN G 624 40.81 -45.45 -76.78
CA ASN G 624 39.53 -45.91 -77.31
C ASN G 624 39.47 -47.43 -77.43
N LEU G 625 40.63 -48.06 -77.67
CA LEU G 625 40.70 -49.52 -77.55
C LEU G 625 40.43 -49.96 -76.12
N ILE G 626 41.02 -49.26 -75.14
CA ILE G 626 40.71 -49.52 -73.74
C ILE G 626 39.25 -49.18 -73.46
N GLY G 627 38.76 -48.08 -74.01
CA GLY G 627 37.38 -47.68 -73.80
C GLY G 627 36.37 -48.54 -74.54
N ALA G 628 36.84 -49.38 -75.46
CA ALA G 628 35.93 -50.29 -76.14
C ALA G 628 35.66 -51.54 -75.31
N ILE G 629 36.72 -52.22 -74.89
CA ILE G 629 36.56 -53.43 -74.08
C ILE G 629 35.93 -53.11 -72.74
N ALA G 630 36.24 -51.94 -72.18
CA ALA G 630 35.71 -51.56 -70.87
C ALA G 630 34.20 -51.36 -70.89
N ASP G 631 33.57 -51.28 -72.07
CA ASP G 631 32.13 -51.13 -72.15
C ASP G 631 31.43 -52.35 -72.72
N ILE G 632 32.16 -53.29 -73.34
CA ILE G 632 31.53 -54.49 -73.88
C ILE G 632 30.92 -55.33 -72.75
N SER G 633 31.69 -55.54 -71.69
CA SER G 633 31.24 -56.40 -70.60
C SER G 633 30.15 -55.77 -69.74
N ALA G 634 29.85 -54.48 -69.96
CA ALA G 634 28.86 -53.81 -69.12
C ALA G 634 27.46 -54.40 -69.32
N CYS G 635 27.05 -54.54 -70.59
CA CYS G 635 25.70 -55.04 -70.88
C CYS G 635 25.66 -56.57 -70.92
N ARG G 636 26.59 -57.20 -71.64
CA ARG G 636 26.84 -58.63 -71.67
C ARG G 636 25.76 -59.41 -72.44
N CYS G 637 24.68 -58.78 -72.86
CA CYS G 637 23.58 -59.52 -73.48
C CYS G 637 22.90 -58.63 -74.52
N GLU G 638 21.77 -59.13 -75.04
CA GLU G 638 20.85 -58.41 -75.92
C GLU G 638 21.41 -58.22 -77.33
N ARG G 639 22.68 -58.55 -77.55
CA ARG G 639 23.35 -58.43 -78.84
C ARG G 639 23.16 -57.04 -79.46
N SER G 640 22.93 -56.02 -78.63
CA SER G 640 22.69 -54.66 -79.10
C SER G 640 23.79 -53.70 -78.69
N ALA G 641 24.13 -53.66 -77.40
CA ALA G 641 25.20 -52.79 -76.94
C ALA G 641 26.54 -53.19 -77.55
N ILE G 642 26.80 -54.49 -77.64
CA ILE G 642 28.05 -54.95 -78.26
C ILE G 642 28.07 -54.59 -79.74
N THR G 643 26.94 -54.75 -80.44
CA THR G 643 26.88 -54.38 -81.85
C THR G 643 26.98 -52.88 -82.03
N ASN G 644 26.23 -52.11 -81.22
CA ASN G 644 26.29 -50.66 -81.30
C ASN G 644 27.61 -50.11 -80.78
N ALA G 645 28.38 -50.92 -80.04
CA ALA G 645 29.70 -50.47 -79.60
C ALA G 645 30.64 -50.28 -80.77
N PHE G 646 30.51 -51.11 -81.81
CA PHE G 646 31.38 -50.99 -82.97
C PHE G 646 31.19 -49.66 -83.70
N ASN G 647 30.06 -48.97 -83.47
CA ASN G 647 29.81 -47.65 -84.05
C ASN G 647 29.26 -46.73 -82.96
N LYS G 648 30.16 -46.09 -82.21
CA LYS G 648 29.78 -45.14 -81.17
C LYS G 648 30.43 -43.78 -81.33
N VAL G 649 31.31 -43.60 -82.32
CA VAL G 649 31.93 -42.31 -82.61
C VAL G 649 31.76 -41.90 -84.06
N ILE G 650 31.15 -42.77 -84.89
CA ILE G 650 31.07 -42.52 -86.32
C ILE G 650 30.36 -41.20 -86.61
N ALA G 651 29.21 -40.98 -86.00
CA ALA G 651 28.48 -39.73 -86.17
C ALA G 651 27.84 -39.21 -84.89
N GLN G 652 28.04 -39.87 -83.76
CA GLN G 652 27.39 -39.51 -82.51
C GLN G 652 28.35 -38.90 -81.51
N THR G 653 29.59 -38.61 -81.92
CA THR G 653 30.57 -37.97 -81.04
C THR G 653 31.40 -37.02 -81.90
N THR G 654 31.02 -35.74 -81.90
CA THR G 654 31.69 -34.71 -82.69
C THR G 654 32.30 -33.70 -81.71
N CYS G 655 33.53 -33.96 -81.31
CA CYS G 655 34.20 -33.10 -80.33
C CYS G 655 34.78 -31.87 -81.02
N ILE G 656 34.47 -30.71 -80.47
CA ILE G 656 35.02 -29.44 -80.94
C ILE G 656 36.16 -29.07 -80.02
N VAL G 657 37.14 -28.33 -80.54
CA VAL G 657 38.26 -27.86 -79.74
C VAL G 657 37.71 -26.95 -78.65
N PRO G 658 38.31 -26.96 -77.45
CA PRO G 658 37.74 -26.17 -76.36
C PRO G 658 37.84 -24.69 -76.63
N PRO G 659 36.93 -23.88 -76.07
CA PRO G 659 37.00 -22.43 -76.30
C PRO G 659 38.29 -21.80 -75.78
N TRP G 660 38.92 -22.38 -74.76
CA TRP G 660 40.15 -21.81 -74.23
C TRP G 660 41.35 -22.03 -75.13
N SER G 661 41.24 -22.92 -76.11
CA SER G 661 42.36 -23.20 -77.01
C SER G 661 42.46 -22.11 -78.08
N GLU G 662 43.42 -22.27 -78.99
CA GLU G 662 43.66 -21.31 -80.06
C GLU G 662 43.08 -21.78 -81.39
N ALA G 663 41.93 -22.44 -81.36
CA ALA G 663 41.28 -22.90 -82.58
C ALA G 663 39.76 -22.80 -82.48
N GLN G 700 32.72 -56.79 -102.68
CA GLN G 700 32.68 -57.57 -101.45
C GLN G 700 31.43 -57.23 -100.63
N ASP G 701 31.05 -58.14 -99.75
CA ASP G 701 29.87 -57.97 -98.89
C ASP G 701 30.30 -57.98 -97.44
N ASP G 702 29.88 -56.97 -96.69
CA ASP G 702 30.17 -56.86 -95.27
C ASP G 702 29.05 -57.41 -94.39
N ALA G 703 27.99 -57.97 -94.99
CA ALA G 703 26.85 -58.44 -94.20
C ALA G 703 27.22 -59.67 -93.39
N THR G 704 27.88 -60.64 -94.02
CA THR G 704 28.23 -61.88 -93.30
C THR G 704 29.40 -61.65 -92.35
N GLU G 705 30.28 -60.70 -92.65
CA GLU G 705 31.42 -60.43 -91.79
C GLU G 705 31.04 -59.66 -90.54
N PHE G 706 29.94 -58.90 -90.58
CA PHE G 706 29.51 -58.15 -89.41
C PHE G 706 28.95 -59.07 -88.34
N SER G 707 28.09 -60.01 -88.72
CA SER G 707 27.57 -60.99 -87.77
C SER G 707 28.63 -62.01 -87.37
N ASP G 708 29.67 -62.18 -88.18
CA ASP G 708 30.74 -63.11 -87.83
C ASP G 708 31.61 -62.52 -86.72
N ALA G 709 31.91 -61.22 -86.81
CA ALA G 709 32.79 -60.60 -85.83
C ALA G 709 32.12 -60.45 -84.47
N ILE G 710 30.79 -60.34 -84.44
CA ILE G 710 30.10 -60.13 -83.17
C ILE G 710 30.25 -61.32 -82.25
N THR G 711 30.11 -62.54 -82.78
CA THR G 711 30.15 -63.73 -81.95
C THR G 711 31.54 -63.97 -81.34
N LYS G 712 32.59 -63.39 -81.93
CA LYS G 712 33.92 -63.54 -81.35
C LYS G 712 34.02 -62.88 -79.98
N VAL G 713 33.45 -61.68 -79.84
CA VAL G 713 33.43 -61.06 -78.53
C VAL G 713 32.38 -61.73 -77.64
N GLU G 714 31.33 -62.30 -78.25
CA GLU G 714 30.42 -63.16 -77.50
C GLU G 714 31.12 -64.43 -77.05
N GLN G 715 32.00 -64.96 -77.88
CA GLN G 715 32.87 -66.05 -77.46
C GLN G 715 33.78 -65.62 -76.31
N TRP G 716 34.28 -64.38 -76.38
CA TRP G 716 35.20 -63.88 -75.35
C TRP G 716 34.51 -63.78 -74.00
N LEU G 717 33.26 -63.32 -73.97
CA LEU G 717 32.61 -63.01 -72.69
C LEU G 717 32.34 -64.26 -71.87
N LYS G 718 31.86 -65.34 -72.50
CA LYS G 718 31.49 -66.52 -71.72
C LYS G 718 32.73 -67.22 -71.17
N ASN G 719 33.86 -67.12 -71.87
CA ASN G 719 35.10 -67.70 -71.35
C ASN G 719 35.68 -66.85 -70.22
N VAL G 720 35.53 -65.53 -70.30
CA VAL G 720 36.05 -64.67 -69.25
C VAL G 720 35.22 -64.80 -67.98
N ASN G 721 33.90 -64.90 -68.12
CA ASN G 721 33.00 -64.87 -66.97
C ASN G 721 33.18 -66.08 -66.05
N GLU G 722 33.87 -67.12 -66.49
CA GLU G 722 34.08 -68.30 -65.65
C GLU G 722 35.24 -68.13 -64.67
N ILE G 723 36.09 -67.12 -64.85
CA ILE G 723 37.21 -66.88 -63.95
C ILE G 723 37.22 -65.47 -63.36
N GLU G 724 36.52 -64.50 -63.98
CA GLU G 724 36.66 -63.10 -63.58
C GLU G 724 36.15 -62.83 -62.18
N ILE G 725 35.41 -63.76 -61.56
CA ILE G 725 34.91 -63.54 -60.21
C ILE G 725 35.98 -63.84 -59.18
N GLY G 726 36.81 -64.85 -59.41
CA GLY G 726 37.79 -65.27 -58.43
C GLY G 726 38.91 -64.28 -58.17
N ILE G 727 39.10 -63.31 -59.06
CA ILE G 727 40.15 -62.31 -58.92
C ILE G 727 39.60 -61.12 -58.13
N ARG G 728 40.45 -60.54 -57.29
CA ARG G 728 40.06 -59.43 -56.43
C ARG G 728 41.12 -58.34 -56.47
N PRO G 729 40.82 -57.17 -57.04
CA PRO G 729 41.80 -56.07 -57.04
C PRO G 729 41.67 -55.20 -55.80
N SER G 730 42.44 -54.13 -55.73
CA SER G 730 42.37 -53.20 -54.60
C SER G 730 42.86 -51.83 -55.06
N ALA G 731 43.03 -50.91 -54.11
CA ALA G 731 43.41 -49.54 -54.44
C ALA G 731 44.84 -49.46 -54.97
N LEU G 732 45.78 -50.10 -54.28
CA LEU G 732 47.19 -49.91 -54.59
C LEU G 732 47.54 -50.51 -55.95
N LEU G 733 47.33 -51.80 -56.12
CA LEU G 733 47.82 -52.53 -57.28
C LEU G 733 46.98 -52.30 -58.54
N ILE G 734 46.08 -51.33 -58.53
CA ILE G 734 45.39 -50.91 -59.74
C ILE G 734 45.83 -49.52 -60.19
N GLY G 735 46.11 -48.61 -59.26
CA GLY G 735 46.76 -47.37 -59.64
C GLY G 735 48.18 -47.59 -60.14
N LYS G 736 48.88 -48.57 -59.54
CA LYS G 736 50.28 -48.81 -59.89
C LYS G 736 50.42 -49.22 -61.35
N VAL G 737 49.54 -50.09 -61.85
CA VAL G 737 49.67 -50.57 -63.22
C VAL G 737 49.42 -49.46 -64.22
N TRP G 738 48.63 -48.44 -63.84
CA TRP G 738 48.44 -47.31 -64.73
C TRP G 738 49.73 -46.53 -64.93
N SER G 739 50.49 -46.31 -63.85
CA SER G 739 51.79 -45.67 -63.98
C SER G 739 52.71 -46.48 -64.87
N ARG G 740 52.63 -47.81 -64.78
CA ARG G 740 53.32 -48.66 -65.73
C ARG G 740 52.82 -48.41 -67.15
N PHE G 741 51.50 -48.27 -67.30
CA PHE G 741 50.92 -48.07 -68.63
C PHE G 741 51.18 -46.67 -69.15
N TYR G 742 51.03 -45.65 -68.30
CA TYR G 742 51.15 -44.27 -68.75
C TYR G 742 52.58 -43.96 -69.23
N PHE G 743 53.58 -44.44 -68.48
CA PHE G 743 54.96 -44.17 -68.86
C PHE G 743 55.37 -44.97 -70.09
N ASN G 744 54.80 -46.16 -70.29
CA ASN G 744 55.09 -46.92 -71.49
C ASN G 744 54.61 -46.20 -72.74
N LEU G 745 53.45 -45.55 -72.66
CA LEU G 745 52.94 -44.79 -73.79
C LEU G 745 53.85 -43.62 -74.14
N ASN G 746 54.37 -42.93 -73.11
CA ASN G 746 55.23 -41.78 -73.36
C ASN G 746 56.52 -42.20 -74.08
N ASN G 747 57.14 -43.29 -73.63
CA ASN G 747 58.39 -43.71 -74.23
C ASN G 747 58.18 -44.24 -75.66
N VAL G 748 57.09 -44.96 -75.89
CA VAL G 748 56.81 -45.47 -77.23
C VAL G 748 56.56 -44.32 -78.20
N ALA G 749 55.76 -43.34 -77.78
CA ALA G 749 55.48 -42.19 -78.63
C ALA G 749 56.74 -41.37 -78.90
N ASP G 750 57.57 -41.18 -77.88
CA ASP G 750 58.75 -40.34 -78.02
C ASP G 750 59.77 -40.98 -78.97
N GLN G 751 60.03 -42.27 -78.79
CA GLN G 751 61.07 -42.92 -79.58
C GLN G 751 60.65 -43.08 -81.04
N HIS G 752 59.43 -43.55 -81.28
CA HIS G 752 58.95 -43.80 -82.63
C HIS G 752 58.56 -42.53 -83.38
N LYS G 753 58.61 -41.38 -82.72
CA LYS G 753 58.23 -40.13 -83.38
C LYS G 753 59.18 -39.81 -84.54
N THR G 754 60.48 -40.04 -84.35
CA THR G 754 61.50 -39.69 -85.35
C THR G 754 62.07 -40.92 -86.05
N ARG G 755 61.37 -42.06 -85.99
CA ARG G 755 61.83 -43.29 -86.61
C ARG G 755 61.08 -43.59 -87.90
N LEU G 756 60.76 -42.56 -88.69
CA LEU G 756 60.05 -42.72 -89.94
C LEU G 756 60.96 -42.33 -91.10
N TYR G 757 60.88 -43.09 -92.20
CA TYR G 757 61.70 -42.86 -93.37
C TYR G 757 60.84 -43.02 -94.62
N ARG G 758 61.44 -42.78 -95.78
CA ARG G 758 60.72 -42.89 -97.05
C ARG G 758 60.51 -44.34 -97.47
N ASN G 759 61.29 -45.27 -96.93
CA ASN G 759 61.18 -46.68 -97.28
C ASN G 759 60.86 -47.55 -96.08
N ALA G 760 60.35 -46.95 -95.00
CA ALA G 760 60.05 -47.70 -93.78
C ALA G 760 58.71 -48.42 -93.83
N GLU G 761 57.93 -48.24 -94.89
CA GLU G 761 56.66 -48.94 -95.00
C GLU G 761 56.88 -50.44 -95.02
N HIS G 762 56.16 -51.15 -94.15
CA HIS G 762 56.39 -52.57 -93.85
C HIS G 762 57.89 -52.89 -93.81
N GLY G 763 58.62 -52.04 -93.09
CA GLY G 763 60.07 -52.16 -93.05
C GLY G 763 60.50 -53.32 -92.18
N ARG G 764 61.48 -54.08 -92.69
CA ARG G 764 62.00 -55.24 -92.00
C ARG G 764 63.26 -54.93 -91.19
N MET G 765 63.73 -53.69 -91.22
CA MET G 765 64.89 -53.30 -90.43
C MET G 765 64.49 -53.07 -88.98
N ALA G 766 65.41 -53.42 -88.08
CA ALA G 766 65.17 -53.28 -86.65
C ALA G 766 64.98 -51.84 -86.20
N SER G 767 65.37 -50.87 -87.03
CA SER G 767 65.21 -49.46 -86.70
C SER G 767 64.09 -48.78 -87.46
N GLN G 768 63.74 -49.26 -88.65
CA GLN G 768 62.65 -48.67 -89.41
C GLN G 768 61.32 -48.83 -88.67
N SER G 769 60.49 -47.79 -88.72
CA SER G 769 59.18 -47.81 -88.09
C SER G 769 58.20 -47.03 -88.95
N ASN G 770 56.93 -47.38 -88.81
CA ASN G 770 55.85 -46.72 -89.53
C ASN G 770 54.69 -46.52 -88.55
N ALA G 771 53.53 -46.13 -89.10
CA ALA G 771 52.34 -45.97 -88.26
C ALA G 771 51.94 -47.29 -87.62
N ALA G 772 52.03 -48.39 -88.38
CA ALA G 772 51.68 -49.69 -87.82
C ALA G 772 52.63 -50.11 -86.72
N LYS G 773 53.91 -49.74 -86.82
CA LYS G 773 54.86 -50.09 -85.77
C LYS G 773 54.58 -49.32 -84.49
N ILE G 774 54.03 -48.11 -84.59
CA ILE G 774 53.63 -47.36 -83.39
C ILE G 774 52.51 -48.11 -82.67
N MET G 775 51.52 -48.60 -83.41
CA MET G 775 50.43 -49.35 -82.81
C MET G 775 50.84 -50.75 -82.36
N ARG G 776 52.05 -51.19 -82.71
CA ARG G 776 52.54 -52.48 -82.22
C ARG G 776 52.62 -52.49 -80.70
N PHE G 777 53.11 -51.40 -80.11
CA PHE G 777 53.54 -51.42 -78.73
C PHE G 777 52.49 -50.88 -77.76
N ASN G 778 51.49 -50.14 -78.24
CA ASN G 778 50.48 -49.59 -77.35
C ASN G 778 49.66 -50.70 -76.72
N VAL G 779 49.18 -51.65 -77.52
CA VAL G 779 48.44 -52.78 -76.97
C VAL G 779 49.35 -53.69 -76.16
N LEU G 780 50.59 -53.86 -76.63
CA LEU G 780 51.55 -54.68 -75.88
C LEU G 780 51.87 -54.07 -74.52
N ALA G 781 51.98 -52.74 -74.46
CA ALA G 781 52.19 -52.08 -73.19
C ALA G 781 51.03 -52.34 -72.23
N PHE G 782 49.80 -52.34 -72.76
CA PHE G 782 48.64 -52.67 -71.93
C PHE G 782 48.71 -54.10 -71.42
N LEU G 783 49.41 -54.98 -72.14
CA LEU G 783 49.51 -56.37 -71.73
C LEU G 783 50.69 -56.63 -70.81
N HIS G 784 51.79 -55.89 -70.96
CA HIS G 784 52.93 -56.08 -70.07
C HIS G 784 52.67 -55.49 -68.69
N ALA G 785 52.03 -54.32 -68.64
CA ALA G 785 51.83 -53.63 -67.37
C ALA G 785 50.98 -54.43 -66.42
N VAL G 786 49.92 -55.06 -66.91
CA VAL G 786 49.02 -55.83 -66.06
C VAL G 786 49.69 -57.10 -65.55
N LEU G 787 50.68 -57.61 -66.28
CA LEU G 787 51.28 -58.89 -65.95
C LEU G 787 52.18 -58.82 -64.72
N VAL G 788 52.99 -57.75 -64.62
CA VAL G 788 54.06 -57.74 -63.63
C VAL G 788 53.50 -57.79 -62.20
N GLU G 789 52.45 -57.02 -61.94
CA GLU G 789 51.90 -56.89 -60.59
C GLU G 789 51.07 -58.09 -60.17
N GLU G 790 50.85 -59.07 -61.05
CA GLU G 790 50.01 -60.21 -60.71
C GLU G 790 50.59 -61.06 -59.59
N SER G 791 51.91 -61.01 -59.38
CA SER G 791 52.52 -61.61 -58.21
C SER G 791 53.06 -60.59 -57.23
N LEU G 792 53.15 -59.32 -57.63
CA LEU G 792 53.70 -58.30 -56.76
C LEU G 792 52.77 -57.99 -55.59
N TYR G 793 51.47 -57.88 -55.84
CA TYR G 793 50.55 -57.36 -54.84
C TYR G 793 49.26 -58.14 -54.65
N HIS G 794 48.80 -58.92 -55.64
CA HIS G 794 47.55 -59.65 -55.46
C HIS G 794 47.62 -60.61 -54.27
N SER G 795 46.43 -61.05 -53.85
CA SER G 795 46.29 -61.99 -52.75
C SER G 795 45.89 -63.39 -53.20
N VAL G 796 45.78 -63.61 -54.51
CA VAL G 796 45.49 -64.94 -55.05
C VAL G 796 46.80 -65.72 -55.14
N SER G 797 47.89 -65.10 -54.68
CA SER G 797 49.19 -65.73 -54.64
C SER G 797 50.01 -65.07 -53.54
N ASP G 798 51.09 -65.76 -53.13
CA ASP G 798 51.93 -65.22 -52.07
C ASP G 798 53.42 -65.41 -52.36
N ARG G 799 53.81 -65.54 -53.63
CA ARG G 799 55.21 -65.78 -54.00
C ARG G 799 55.50 -64.98 -55.26
N GLU G 800 56.64 -65.24 -55.87
CA GLU G 800 57.06 -64.57 -57.09
C GLU G 800 56.98 -65.52 -58.27
N TYR G 801 56.64 -64.97 -59.44
CA TYR G 801 56.35 -65.77 -60.63
C TYR G 801 57.22 -65.44 -61.83
N ILE G 802 58.08 -64.42 -61.75
CA ILE G 802 58.85 -63.99 -62.90
C ILE G 802 60.34 -64.29 -62.75
N GLY G 803 60.86 -64.39 -61.53
CA GLY G 803 62.27 -64.61 -61.32
C GLY G 803 63.03 -63.31 -61.12
N GLU G 804 64.30 -63.45 -60.75
CA GLU G 804 65.16 -62.30 -60.44
C GLU G 804 65.65 -61.64 -61.73
N GLY G 805 64.70 -61.13 -62.50
CA GLY G 805 65.00 -60.36 -63.69
C GLY G 805 64.45 -58.95 -63.54
N LEU G 806 65.21 -57.97 -64.04
CA LEU G 806 64.79 -56.59 -63.95
C LEU G 806 63.54 -56.35 -64.79
N ARG G 807 62.60 -55.59 -64.23
CA ARG G 807 61.32 -55.32 -64.87
C ARG G 807 61.47 -54.12 -65.79
N LEU G 808 61.64 -54.39 -67.09
CA LEU G 808 61.82 -53.35 -68.10
C LEU G 808 60.66 -53.39 -69.08
N ASN G 809 60.07 -52.23 -69.33
CA ASN G 809 58.96 -52.13 -70.26
C ASN G 809 59.46 -52.25 -71.70
N PRO G 810 58.86 -53.11 -72.52
CA PRO G 810 59.28 -53.21 -73.93
C PRO G 810 58.88 -51.97 -74.73
N VAL G 811 59.87 -51.14 -75.08
CA VAL G 811 59.60 -49.88 -75.76
C VAL G 811 59.91 -50.00 -77.26
N THR G 812 60.92 -50.80 -77.59
CA THR G 812 61.38 -50.94 -78.97
C THR G 812 61.25 -52.36 -79.49
N SER G 813 61.19 -53.36 -78.62
CA SER G 813 61.14 -54.76 -79.03
C SER G 813 60.14 -55.47 -78.13
N VAL G 814 60.18 -56.80 -78.14
CA VAL G 814 59.38 -57.62 -77.25
C VAL G 814 60.27 -58.51 -76.38
N ASP G 815 61.56 -58.18 -76.29
CA ASP G 815 62.52 -59.06 -75.62
C ASP G 815 62.19 -59.21 -74.13
N GLU G 816 62.00 -58.09 -73.43
CA GLU G 816 61.75 -58.16 -71.99
C GLU G 816 60.39 -58.80 -71.71
N PHE G 817 59.35 -58.41 -72.47
CA PHE G 817 58.05 -59.04 -72.28
C PHE G 817 58.07 -60.49 -72.71
N GLU G 818 59.01 -60.87 -73.59
CA GLU G 818 59.23 -62.29 -73.87
C GLU G 818 59.81 -63.00 -72.66
N LYS G 819 60.68 -62.33 -71.91
CA LYS G 819 61.33 -62.96 -70.76
C LYS G 819 60.32 -63.28 -69.66
N LYS G 820 59.42 -62.34 -69.36
CA LYS G 820 58.51 -62.53 -68.23
C LYS G 820 57.56 -63.69 -68.46
N ILE G 821 56.99 -63.79 -69.67
CA ILE G 821 56.17 -64.96 -69.99
C ILE G 821 57.02 -66.23 -69.99
N LYS G 822 58.28 -66.13 -70.43
CA LYS G 822 59.11 -67.31 -70.55
C LYS G 822 59.33 -68.01 -69.21
N ILE G 823 59.63 -67.23 -68.17
CA ILE G 823 59.99 -67.83 -66.89
C ILE G 823 58.76 -68.24 -66.07
N ILE G 824 57.57 -67.77 -66.44
CA ILE G 824 56.36 -68.23 -65.77
C ILE G 824 56.14 -69.72 -66.05
N GLY G 825 56.49 -70.17 -67.25
CA GLY G 825 56.24 -71.55 -67.63
C GLY G 825 56.95 -72.55 -66.75
N GLU G 826 58.23 -72.29 -66.45
CA GLU G 826 58.97 -73.23 -65.59
C GLU G 826 58.45 -73.25 -64.17
N LYS G 827 57.65 -72.26 -63.77
CA LYS G 827 57.00 -72.27 -62.47
C LYS G 827 55.66 -72.99 -62.49
N LEU G 828 55.28 -73.56 -63.63
CA LEU G 828 54.06 -74.34 -63.75
C LEU G 828 54.29 -75.82 -63.49
N LYS G 829 55.46 -76.35 -63.87
CA LYS G 829 55.77 -77.75 -63.69
C LYS G 829 56.47 -78.02 -62.36
N ALA G 830 57.50 -77.23 -62.05
CA ALA G 830 58.21 -77.40 -60.78
C ALA G 830 57.29 -77.14 -59.59
N ASP G 831 56.48 -76.08 -59.68
CA ASP G 831 55.49 -75.76 -58.67
C ASP G 831 54.13 -76.22 -59.17
N ASN G 832 53.50 -77.14 -58.44
CA ASN G 832 52.24 -77.75 -58.87
C ASN G 832 51.06 -76.79 -58.67
N LYS G 833 51.13 -75.66 -59.37
CA LYS G 833 50.09 -74.65 -59.35
C LYS G 833 49.55 -74.47 -60.77
N THR G 834 48.24 -74.56 -60.91
CA THR G 834 47.62 -74.44 -62.22
C THR G 834 47.84 -73.04 -62.80
N TRP G 835 48.09 -72.98 -64.12
CA TRP G 835 48.39 -71.71 -64.75
C TRP G 835 47.21 -70.76 -64.74
N LYS G 836 45.98 -71.30 -64.79
CA LYS G 836 44.79 -70.43 -64.82
C LYS G 836 44.65 -69.64 -63.53
N ASN G 837 44.87 -70.28 -62.38
CA ASN G 837 44.73 -69.60 -61.10
C ASN G 837 45.89 -68.67 -60.79
N THR G 838 47.02 -68.81 -61.49
CA THR G 838 48.18 -67.98 -61.20
C THR G 838 47.97 -66.54 -61.64
N HIS G 839 47.46 -66.33 -62.85
CA HIS G 839 47.20 -65.00 -63.40
C HIS G 839 45.78 -64.97 -63.95
N PRO G 840 44.77 -64.96 -63.08
CA PRO G 840 43.37 -64.98 -63.58
C PRO G 840 43.05 -63.84 -64.51
N LEU G 841 43.59 -62.65 -64.25
CA LEU G 841 43.31 -61.50 -65.11
C LEU G 841 43.97 -61.65 -66.48
N PHE G 842 45.25 -62.05 -66.50
CA PHE G 842 46.03 -61.93 -67.73
C PHE G 842 45.61 -62.96 -68.77
N PHE G 843 45.42 -64.22 -68.36
CA PHE G 843 45.13 -65.25 -69.35
C PHE G 843 43.76 -65.07 -70.01
N LEU G 844 42.90 -64.23 -69.43
CA LEU G 844 41.66 -63.84 -70.08
C LEU G 844 41.78 -62.52 -70.83
N LEU G 845 42.76 -61.69 -70.47
CA LEU G 845 42.97 -60.43 -71.18
C LEU G 845 43.57 -60.66 -72.56
N ILE G 846 44.37 -61.72 -72.71
CA ILE G 846 45.07 -61.96 -73.97
C ILE G 846 44.09 -62.35 -75.08
N SER G 847 43.09 -63.16 -74.75
CA SER G 847 42.17 -63.68 -75.76
C SER G 847 41.01 -62.71 -76.02
N CYS G 848 41.33 -61.45 -76.29
CA CYS G 848 40.33 -60.44 -76.58
C CYS G 848 40.30 -60.15 -78.07
N PRO G 849 39.19 -60.40 -78.77
CA PRO G 849 39.18 -60.22 -80.22
C PRO G 849 39.50 -58.81 -80.67
N ILE G 850 39.12 -57.79 -79.90
CA ILE G 850 39.31 -56.41 -80.34
C ILE G 850 40.79 -56.06 -80.40
N LEU G 851 41.56 -56.49 -79.40
CA LEU G 851 42.97 -56.12 -79.29
C LEU G 851 43.90 -57.06 -80.05
N HIS G 852 43.38 -58.15 -80.61
CA HIS G 852 44.23 -59.10 -81.33
C HIS G 852 44.87 -58.51 -82.58
N PRO G 853 44.16 -57.82 -83.49
CA PRO G 853 44.80 -57.36 -84.73
C PRO G 853 45.97 -56.42 -84.51
N PHE G 854 45.92 -55.57 -83.48
CA PHE G 854 46.99 -54.62 -83.22
C PHE G 854 48.21 -55.26 -82.57
N ILE G 855 48.14 -56.55 -82.23
CA ILE G 855 49.31 -57.23 -81.67
C ILE G 855 50.42 -57.32 -82.71
N PHE G 856 50.09 -57.75 -83.93
CA PHE G 856 51.08 -57.98 -84.99
C PHE G 856 50.59 -57.37 -86.30
N PRO G 857 50.64 -56.04 -86.43
CA PRO G 857 50.42 -55.43 -87.76
C PRO G 857 51.53 -55.80 -88.72
N VAL G 858 51.24 -55.60 -90.02
CA VAL G 858 52.18 -55.97 -91.06
C VAL G 858 53.45 -55.13 -91.01
N GLY G 859 53.33 -53.84 -90.65
CA GLY G 859 54.46 -52.93 -90.74
C GLY G 859 55.50 -53.11 -89.66
N GLY G 860 55.15 -53.76 -88.56
CA GLY G 860 56.07 -53.86 -87.43
C GLY G 860 56.91 -55.12 -87.42
N ILE G 861 57.03 -55.78 -88.56
CA ILE G 861 57.75 -57.04 -88.65
C ILE G 861 59.18 -56.79 -89.11
N ASN G 862 60.15 -57.23 -88.30
CA ASN G 862 61.56 -57.10 -88.61
C ASN G 862 62.17 -58.50 -88.63
N CYS G 863 62.63 -58.94 -89.79
CA CYS G 863 63.20 -60.28 -89.95
C CYS G 863 64.73 -60.18 -89.85
N SER G 864 65.28 -60.65 -88.74
CA SER G 864 66.71 -60.79 -88.56
C SER G 864 66.98 -62.09 -87.82
N VAL G 865 68.19 -62.62 -87.99
CA VAL G 865 68.51 -63.93 -87.43
C VAL G 865 68.32 -63.94 -85.93
N LYS G 866 68.79 -62.89 -85.24
CA LYS G 866 68.52 -62.77 -83.81
C LYS G 866 67.09 -62.33 -83.55
N ALA G 867 66.56 -61.44 -84.39
CA ALA G 867 65.20 -60.93 -84.17
C ALA G 867 64.15 -62.00 -84.42
N LEU G 868 64.33 -62.81 -85.46
CA LEU G 868 63.32 -63.82 -85.78
C LEU G 868 63.23 -64.88 -84.68
N ASN G 869 64.34 -65.16 -84.00
CA ASN G 869 64.29 -66.09 -82.88
C ASN G 869 63.44 -65.53 -81.73
N LYS G 870 63.56 -64.22 -81.48
CA LYS G 870 62.82 -63.62 -80.38
C LYS G 870 61.32 -63.59 -80.66
N GLU G 871 60.93 -63.12 -81.85
CA GLU G 871 59.51 -62.99 -82.17
C GLU G 871 58.84 -64.36 -82.25
N THR G 872 59.49 -65.33 -82.89
CA THR G 872 58.86 -66.63 -83.11
C THR G 872 58.71 -67.41 -81.81
N SER G 873 59.78 -67.49 -81.01
CA SER G 873 59.74 -68.27 -79.79
C SER G 873 58.74 -67.73 -78.77
N PHE G 874 58.41 -66.44 -78.85
CA PHE G 874 57.44 -65.87 -77.92
C PHE G 874 56.02 -66.31 -78.25
N ASN G 875 55.66 -66.29 -79.54
CA ASN G 875 54.28 -66.56 -79.93
C ASN G 875 53.90 -68.03 -79.74
N LYS G 876 54.89 -68.93 -79.76
CA LYS G 876 54.60 -70.34 -79.53
C LYS G 876 54.16 -70.60 -78.10
N LEU G 877 54.76 -69.88 -77.13
CA LEU G 877 54.35 -70.04 -75.74
C LEU G 877 52.99 -69.40 -75.48
N ILE G 878 52.68 -68.30 -76.16
CA ILE G 878 51.37 -67.66 -76.00
C ILE G 878 50.27 -68.60 -76.47
N ASP G 879 50.46 -69.27 -77.61
CA ASP G 879 49.48 -70.20 -78.12
C ASP G 879 49.38 -71.45 -77.25
N GLU G 880 50.36 -71.71 -76.39
CA GLU G 880 50.30 -72.87 -75.51
C GLU G 880 49.26 -72.68 -74.41
N ILE G 881 49.25 -71.50 -73.79
CA ILE G 881 48.34 -71.26 -72.67
C ILE G 881 46.89 -71.25 -73.16
N VAL G 882 46.61 -70.50 -74.23
CA VAL G 882 45.25 -70.43 -74.74
C VAL G 882 44.84 -71.75 -75.40
N GLY G 883 45.78 -72.41 -76.09
CA GLY G 883 45.51 -73.64 -76.79
C GLY G 883 45.16 -73.47 -78.26
N ASP G 884 44.77 -72.27 -78.67
CA ASP G 884 44.45 -71.98 -80.05
C ASP G 884 45.63 -71.30 -80.73
N LYS G 885 45.43 -70.91 -81.99
CA LYS G 885 46.40 -70.12 -82.74
C LYS G 885 45.63 -68.98 -83.40
N LEU G 886 45.67 -67.81 -82.78
CA LEU G 886 44.90 -66.67 -83.27
C LEU G 886 45.34 -66.22 -84.65
N LEU G 887 46.61 -66.45 -84.99
CA LEU G 887 47.14 -66.13 -86.30
C LEU G 887 47.50 -67.43 -87.02
N SER G 888 46.90 -67.64 -88.20
CA SER G 888 47.25 -68.79 -89.01
C SER G 888 48.69 -68.64 -89.52
N ASP G 889 49.43 -69.75 -89.51
CA ASP G 889 50.84 -69.72 -89.90
C ASP G 889 51.03 -69.44 -91.39
N GLU G 890 49.98 -69.53 -92.19
CA GLU G 890 50.10 -69.20 -93.61
C GLU G 890 50.42 -67.71 -93.80
N GLU G 891 49.78 -66.85 -93.01
CA GLU G 891 49.99 -65.41 -93.13
C GLU G 891 51.01 -64.87 -92.14
N TRP G 892 51.21 -65.52 -90.99
CA TRP G 892 52.23 -65.07 -90.06
C TRP G 892 53.62 -65.15 -90.67
N ASP G 893 53.89 -66.24 -91.40
CA ASP G 893 55.15 -66.34 -92.13
C ASP G 893 55.21 -65.39 -93.32
N TYR G 894 54.05 -64.92 -93.79
CA TYR G 894 54.05 -63.99 -94.92
C TYR G 894 54.54 -62.60 -94.48
N LEU G 895 54.23 -62.20 -93.26
CA LEU G 895 54.71 -60.91 -92.75
C LEU G 895 56.23 -60.89 -92.67
N THR G 896 56.84 -62.00 -92.24
CA THR G 896 58.29 -62.09 -92.17
C THR G 896 58.91 -62.00 -93.57
N LYS G 897 58.26 -62.60 -94.56
CA LYS G 897 58.82 -62.64 -95.91
C LYS G 897 58.98 -61.24 -96.49
N ASN G 898 57.99 -60.37 -96.29
CA ASN G 898 58.05 -59.01 -96.82
C ASN G 898 57.24 -58.04 -95.97
N GLN G 907 45.80 -60.70 -104.00
CA GLN G 907 46.58 -60.80 -102.78
C GLN G 907 46.01 -61.86 -101.85
N GLN G 908 46.56 -61.95 -100.64
CA GLN G 908 46.10 -62.88 -99.63
C GLN G 908 45.26 -62.14 -98.59
N ILE G 909 44.08 -62.67 -98.29
CA ILE G 909 43.19 -62.02 -97.33
C ILE G 909 43.74 -62.20 -95.93
N PHE G 910 43.86 -61.10 -95.20
CA PHE G 910 44.34 -61.12 -93.81
C PHE G 910 43.13 -60.95 -92.89
N GLN G 911 42.50 -62.09 -92.57
CA GLN G 911 41.30 -62.04 -91.74
C GLN G 911 41.59 -61.67 -90.30
N ASN G 912 42.84 -61.75 -89.86
CA ASN G 912 43.22 -61.40 -88.49
C ASN G 912 44.50 -60.59 -88.47
N THR G 913 44.64 -59.65 -89.42
CA THR G 913 45.84 -58.84 -89.51
C THR G 913 45.48 -57.47 -90.06
N ILE G 914 45.79 -56.42 -89.30
CA ILE G 914 45.60 -55.06 -89.78
C ILE G 914 46.64 -54.76 -90.86
N THR G 915 46.17 -54.24 -91.99
CA THR G 915 47.03 -54.05 -93.16
C THR G 915 47.18 -52.59 -93.56
N SER G 916 46.07 -51.87 -93.76
CA SER G 916 46.11 -50.58 -94.44
C SER G 916 46.74 -49.47 -93.60
N LEU G 917 46.79 -49.63 -92.27
CA LEU G 917 47.26 -48.54 -91.42
C LEU G 917 48.73 -48.23 -91.62
N ASN G 918 49.52 -49.18 -92.12
CA ASN G 918 50.93 -48.92 -92.38
C ASN G 918 51.12 -47.87 -93.46
N SER G 919 50.17 -47.73 -94.37
CA SER G 919 50.22 -46.72 -95.43
C SER G 919 49.38 -45.49 -95.10
N SER G 920 49.28 -45.13 -93.83
CA SER G 920 48.46 -44.00 -93.44
C SER G 920 49.10 -42.68 -93.86
N THR G 921 48.25 -41.68 -94.09
CA THR G 921 48.70 -40.32 -94.42
C THR G 921 49.07 -39.59 -93.13
N ILE G 922 50.24 -39.94 -92.60
CA ILE G 922 50.70 -39.35 -91.35
C ILE G 922 51.06 -37.89 -91.59
N VAL G 923 50.50 -37.00 -90.77
CA VAL G 923 50.69 -35.56 -90.95
C VAL G 923 52.06 -35.17 -90.42
N GLY G 924 52.83 -34.46 -91.25
CA GLY G 924 54.13 -33.95 -90.86
C GLY G 924 55.30 -34.86 -91.17
N ALA G 925 55.05 -36.10 -91.59
CA ALA G 925 56.15 -37.02 -91.90
C ALA G 925 56.88 -36.58 -93.16
N SER G 926 56.15 -36.30 -94.23
CA SER G 926 56.65 -35.78 -95.50
C SER G 926 57.46 -36.83 -96.26
N TYR G 927 57.75 -37.96 -95.62
CA TYR G 927 58.41 -39.12 -96.23
C TYR G 927 59.52 -38.71 -97.20
N ASP G 928 60.47 -37.93 -96.68
CA ASP G 928 61.57 -37.41 -97.49
C ASP G 928 62.89 -38.15 -97.25
N LYS G 929 63.34 -38.22 -96.00
CA LYS G 929 64.63 -38.83 -95.69
C LYS G 929 64.51 -40.35 -95.71
N ASP G 930 65.68 -41.01 -95.67
CA ASP G 930 65.76 -42.45 -95.68
C ASP G 930 66.58 -42.94 -94.48
N THR G 931 66.45 -44.23 -94.20
CA THR G 931 67.13 -44.81 -93.06
C THR G 931 68.64 -44.86 -93.29
N PRO G 932 69.44 -44.66 -92.24
CA PRO G 932 70.88 -44.91 -92.36
C PRO G 932 71.15 -46.40 -92.53
N ALA G 933 72.27 -46.70 -93.21
CA ALA G 933 72.65 -48.07 -93.49
C ALA G 933 73.61 -48.55 -92.42
N ARG G 934 73.32 -49.72 -91.86
CA ARG G 934 74.16 -50.32 -90.83
C ARG G 934 73.91 -51.82 -90.70
N LYS H 13 -78.19 20.16 -0.66
CA LYS H 13 -79.03 19.09 -1.19
C LYS H 13 -78.17 17.98 -1.78
N ILE H 14 -78.33 16.77 -1.26
CA ILE H 14 -77.53 15.62 -1.68
C ILE H 14 -78.33 14.35 -1.42
N ILE H 15 -78.14 13.34 -2.26
CA ILE H 15 -78.79 12.05 -2.12
C ILE H 15 -77.74 10.96 -2.29
N ILE H 16 -77.88 9.90 -1.50
CA ILE H 16 -76.95 8.77 -1.51
C ILE H 16 -77.76 7.48 -1.61
N ASN H 17 -77.38 6.61 -2.54
CA ASN H 17 -78.08 5.36 -2.76
C ASN H 17 -77.38 4.22 -2.05
N LEU H 18 -77.95 3.03 -2.16
CA LEU H 18 -77.39 1.79 -1.63
C LEU H 18 -77.09 0.76 -2.70
N PHE H 19 -77.99 0.57 -3.66
CA PHE H 19 -77.75 -0.36 -4.76
C PHE H 19 -76.92 0.32 -5.84
N ALA H 20 -75.73 -0.21 -6.11
CA ALA H 20 -74.85 0.32 -7.12
C ALA H 20 -74.27 -0.84 -7.93
N PRO H 21 -73.95 -0.61 -9.20
CA PRO H 21 -73.45 -1.72 -10.04
C PRO H 21 -72.16 -2.34 -9.53
N ASN H 22 -71.29 -1.57 -8.90
CA ASN H 22 -70.00 -2.09 -8.44
C ASN H 22 -70.11 -2.86 -7.13
N LEU H 23 -71.27 -2.85 -6.48
CA LEU H 23 -71.43 -3.40 -5.14
C LEU H 23 -70.38 -2.83 -4.19
N PRO H 24 -70.40 -1.52 -3.95
CA PRO H 24 -69.32 -0.90 -3.17
C PRO H 24 -69.45 -1.21 -1.69
N GLY H 25 -68.36 -1.73 -1.12
CA GLY H 25 -68.32 -1.97 0.30
C GLY H 25 -68.48 -0.70 1.11
N SER H 26 -69.38 -0.74 2.10
CA SER H 26 -69.60 0.34 3.06
C SER H 26 -70.29 1.55 2.43
N THR H 27 -70.48 1.54 1.11
CA THR H 27 -71.24 2.55 0.37
C THR H 27 -70.83 3.97 0.77
N LYS H 28 -69.57 4.31 0.48
CA LYS H 28 -69.04 5.63 0.78
C LYS H 28 -69.27 6.63 -0.34
N GLU H 29 -69.82 6.20 -1.49
CA GLU H 29 -69.98 7.05 -2.66
C GLU H 29 -68.63 7.58 -3.13
N ASP H 30 -68.63 8.55 -4.04
CA ASP H 30 -67.40 9.14 -4.57
C ASP H 30 -67.12 10.44 -3.84
N ASP H 31 -65.91 10.55 -3.28
CA ASP H 31 -65.48 11.70 -2.50
C ASP H 31 -66.36 11.92 -1.26
N LEU H 32 -66.97 10.85 -0.78
CA LEU H 32 -67.76 10.84 0.46
C LEU H 32 -68.82 11.94 0.39
N ILE H 33 -69.16 12.51 1.55
CA ILE H 33 -70.21 13.52 1.66
C ILE H 33 -69.69 14.86 2.15
N GLN H 34 -68.41 14.96 2.47
CA GLN H 34 -67.84 16.20 2.99
C GLN H 34 -67.35 17.11 1.88
N LYS H 35 -68.20 17.36 0.88
CA LYS H 35 -67.83 18.28 -0.18
C LYS H 35 -67.80 19.72 0.29
N SER H 36 -68.73 20.09 1.19
CA SER H 36 -68.72 21.44 1.75
C SER H 36 -67.47 21.68 2.56
N LEU H 37 -67.07 20.71 3.38
CA LEU H 37 -65.86 20.84 4.16
C LEU H 37 -64.62 20.89 3.27
N ARG H 38 -64.56 20.03 2.26
CA ARG H 38 -63.39 19.98 1.39
C ARG H 38 -63.21 21.29 0.62
N ASP H 39 -64.30 21.84 0.10
CA ASP H 39 -64.21 23.08 -0.67
C ASP H 39 -63.79 24.24 0.22
N GLN H 40 -64.26 24.26 1.47
CA GLN H 40 -63.80 25.28 2.41
C GLN H 40 -62.31 25.12 2.70
N LEU H 41 -61.85 23.88 2.87
CA LEU H 41 -60.43 23.64 3.07
C LEU H 41 -59.62 24.00 1.83
N VAL H 42 -60.14 23.64 0.64
CA VAL H 42 -59.42 23.92 -0.60
C VAL H 42 -59.28 25.43 -0.81
N GLU H 43 -60.36 26.17 -0.58
CA GLU H 43 -60.30 27.62 -0.78
C GLU H 43 -59.31 28.26 0.18
N SER H 44 -59.27 27.80 1.43
CA SER H 44 -58.31 28.33 2.38
C SER H 44 -56.87 28.10 1.93
N ILE H 45 -56.59 26.90 1.41
CA ILE H 45 -55.26 26.62 0.87
C ILE H 45 -54.95 27.55 -0.30
N ARG H 46 -55.90 27.68 -1.22
CA ARG H 46 -55.68 28.53 -2.39
C ARG H 46 -55.55 30.00 -1.99
N ASN H 47 -56.34 30.43 -1.01
CA ASN H 47 -56.23 31.81 -0.54
C ASN H 47 -54.92 32.05 0.19
N SER H 48 -54.40 31.02 0.87
CA SER H 48 -53.19 31.19 1.67
C SER H 48 -51.98 31.50 0.80
N ILE H 49 -51.84 30.84 -0.34
CA ILE H 49 -50.66 31.01 -1.18
C ILE H 49 -50.67 32.35 -1.91
N ALA H 50 -51.81 33.04 -1.95
CA ALA H 50 -51.92 34.32 -2.65
C ALA H 50 -51.34 35.43 -1.77
N TYR H 51 -50.05 35.32 -1.51
CA TYR H 51 -49.36 36.33 -0.71
C TYR H 51 -49.37 37.70 -1.39
N PRO H 52 -48.97 37.85 -2.67
CA PRO H 52 -49.02 39.20 -3.23
C PRO H 52 -50.35 39.52 -3.89
N ARG H 69 -46.23 30.39 7.34
CA ARG H 69 -46.70 29.25 8.12
C ARG H 69 -47.94 28.62 7.49
N ASN H 70 -47.71 27.85 6.42
CA ASN H 70 -48.78 27.13 5.75
C ASN H 70 -48.87 25.69 6.26
N VAL H 71 -49.17 25.56 7.54
CA VAL H 71 -49.29 24.26 8.21
C VAL H 71 -50.75 24.05 8.58
N PHE H 72 -51.31 22.93 8.15
CA PHE H 72 -52.70 22.61 8.41
C PHE H 72 -52.78 21.31 9.22
N PHE H 73 -53.90 21.15 9.92
CA PHE H 73 -54.14 19.96 10.72
C PHE H 73 -55.52 19.41 10.42
N VAL H 74 -55.67 18.09 10.55
CA VAL H 74 -56.93 17.39 10.30
C VAL H 74 -57.15 16.48 11.49
N ASP H 75 -58.01 16.89 12.42
CA ASP H 75 -58.26 16.11 13.62
C ASP H 75 -58.97 14.81 13.28
N GLY H 76 -58.53 13.72 13.91
CA GLY H 76 -59.17 12.42 13.73
C GLY H 76 -58.70 11.47 14.81
N THR H 77 -59.51 10.44 15.04
CA THR H 77 -59.22 9.47 16.09
C THR H 77 -59.84 8.13 15.74
N ARG H 78 -59.12 7.07 16.08
CA ARG H 78 -59.63 5.69 15.98
C ARG H 78 -60.00 5.32 14.54
N GLY H 79 -59.19 5.77 13.59
CA GLY H 79 -59.41 5.43 12.19
C GLY H 79 -60.74 5.91 11.67
N ALA H 80 -61.05 7.19 11.90
CA ALA H 80 -62.33 7.77 11.54
C ALA H 80 -62.43 8.16 10.07
N GLY H 81 -61.60 7.57 9.21
CA GLY H 81 -61.63 7.90 7.80
C GLY H 81 -60.78 9.08 7.41
N LYS H 82 -59.78 9.43 8.22
CA LYS H 82 -58.93 10.57 7.91
C LYS H 82 -58.14 10.33 6.63
N THR H 83 -57.66 9.11 6.42
CA THR H 83 -56.84 8.81 5.25
C THR H 83 -57.63 8.97 3.95
N THR H 84 -58.94 8.69 3.98
CA THR H 84 -59.75 8.90 2.79
C THR H 84 -59.95 10.39 2.51
N PHE H 85 -60.10 11.19 3.56
CA PHE H 85 -60.31 12.63 3.37
C PHE H 85 -59.07 13.30 2.78
N ILE H 86 -57.88 12.97 3.30
CA ILE H 86 -56.67 13.59 2.79
C ILE H 86 -56.43 13.19 1.34
N ASN H 87 -56.79 11.97 0.96
CA ASN H 87 -56.71 11.59 -0.44
C ASN H 87 -57.76 12.32 -1.28
N SER H 88 -58.92 12.62 -0.69
CA SER H 88 -59.98 13.29 -1.43
C SER H 88 -59.55 14.68 -1.89
N VAL H 89 -58.87 15.43 -1.02
CA VAL H 89 -58.39 16.75 -1.41
C VAL H 89 -57.22 16.64 -2.38
N VAL H 90 -56.53 15.51 -2.42
CA VAL H 90 -55.43 15.34 -3.36
C VAL H 90 -55.96 15.31 -4.79
N LYS H 91 -57.01 14.53 -5.04
CA LYS H 91 -57.58 14.47 -6.38
C LYS H 91 -58.28 15.75 -6.79
N SER H 92 -58.71 16.56 -5.81
CA SER H 92 -59.32 17.85 -6.11
C SER H 92 -58.29 18.93 -6.41
N LEU H 93 -57.00 18.63 -6.25
CA LEU H 93 -55.93 19.56 -6.55
C LEU H 93 -54.97 19.05 -7.62
N ASN H 94 -54.79 17.74 -7.73
CA ASN H 94 -53.95 17.16 -8.77
C ASN H 94 -54.71 16.88 -10.06
N SER H 95 -56.01 17.18 -10.10
CA SER H 95 -56.84 17.00 -11.29
C SER H 95 -57.67 18.26 -11.54
N ASP H 96 -57.02 19.41 -11.46
CA ASP H 96 -57.69 20.67 -11.70
C ASP H 96 -57.94 20.87 -13.20
N GLN H 97 -58.85 21.78 -13.50
CA GLN H 97 -59.21 22.10 -14.88
C GLN H 97 -58.25 23.08 -15.53
N ASP H 98 -57.25 23.58 -14.80
CA ASP H 98 -56.26 24.51 -15.32
C ASP H 98 -56.91 25.77 -15.88
N ASP H 99 -57.61 26.49 -14.99
CA ASP H 99 -58.29 27.72 -15.35
C ASP H 99 -58.05 28.82 -14.33
N VAL H 100 -57.00 28.70 -13.51
CA VAL H 100 -56.71 29.64 -12.45
C VAL H 100 -55.25 30.05 -12.51
N LYS H 101 -54.95 31.22 -11.93
CA LYS H 101 -53.57 31.72 -11.92
C LYS H 101 -52.71 30.92 -10.94
N VAL H 102 -53.23 30.66 -9.74
CA VAL H 102 -52.47 29.96 -8.71
C VAL H 102 -52.75 28.47 -8.83
N ASN H 103 -51.70 27.68 -9.02
CA ASN H 103 -51.83 26.25 -9.23
C ASN H 103 -51.16 25.50 -8.08
N ILE H 104 -51.70 24.32 -7.77
CA ILE H 104 -51.22 23.50 -6.67
C ILE H 104 -50.82 22.13 -7.22
N LYS H 105 -49.60 21.72 -6.92
CA LYS H 105 -49.10 20.40 -7.27
C LYS H 105 -48.84 19.62 -5.99
N CYS H 106 -49.37 18.41 -5.92
CA CYS H 106 -49.35 17.61 -4.70
C CYS H 106 -48.38 16.44 -4.85
N LEU H 107 -47.46 16.33 -3.90
CA LEU H 107 -46.57 15.17 -3.85
C LEU H 107 -47.33 13.95 -3.35
N PRO H 108 -46.83 12.75 -3.64
CA PRO H 108 -47.46 11.54 -3.10
C PRO H 108 -47.40 11.54 -1.58
N THR H 109 -48.40 10.89 -0.98
CA THR H 109 -48.52 10.87 0.48
C THR H 109 -47.31 10.19 1.11
N ILE H 110 -46.79 10.79 2.17
CA ILE H 110 -45.63 10.28 2.89
C ILE H 110 -46.09 9.66 4.19
N ASP H 111 -45.67 8.43 4.45
CA ASP H 111 -46.02 7.73 5.68
C ASP H 111 -44.78 7.58 6.55
N PRO H 112 -44.68 8.31 7.66
CA PRO H 112 -43.49 8.18 8.52
C PRO H 112 -43.28 6.78 9.08
N THR H 113 -44.35 6.05 9.36
CA THR H 113 -44.20 4.72 9.96
C THR H 113 -43.56 3.73 8.98
N LYS H 114 -44.06 3.68 7.75
CA LYS H 114 -43.54 2.76 6.76
C LYS H 114 -42.20 3.20 6.18
N LEU H 115 -41.80 4.45 6.44
CA LEU H 115 -40.53 4.94 5.91
C LEU H 115 -39.37 4.22 6.56
N PRO H 116 -38.34 3.85 5.80
CA PRO H 116 -37.19 3.13 6.38
C PRO H 116 -36.43 4.02 7.35
N ARG H 117 -36.19 3.51 8.56
CA ARG H 117 -35.60 4.29 9.61
C ARG H 117 -34.17 4.72 9.24
N HIS H 118 -33.64 5.64 10.04
CA HIS H 118 -32.32 6.24 9.79
C HIS H 118 -32.25 6.88 8.41
N GLU H 119 -33.35 7.50 8.00
CA GLU H 119 -33.42 8.23 6.74
C GLU H 119 -34.11 9.56 6.99
N PRO H 120 -33.44 10.69 6.81
CA PRO H 120 -34.07 11.98 7.09
C PRO H 120 -35.28 12.21 6.18
N ILE H 121 -36.28 12.91 6.73
CA ILE H 121 -37.47 13.22 5.95
C ILE H 121 -37.11 14.07 4.74
N LEU H 122 -36.17 15.00 4.91
CA LEU H 122 -35.79 15.87 3.81
C LEU H 122 -35.26 15.10 2.61
N VAL H 123 -34.60 13.96 2.85
CA VAL H 123 -34.15 13.13 1.74
C VAL H 123 -35.33 12.49 1.03
N THR H 124 -36.30 11.98 1.80
CA THR H 124 -37.47 11.34 1.19
C THR H 124 -38.28 12.33 0.38
N VAL H 125 -38.44 13.55 0.89
CA VAL H 125 -39.19 14.57 0.15
C VAL H 125 -38.51 14.89 -1.17
N THR H 126 -37.19 15.07 -1.14
CA THR H 126 -36.45 15.39 -2.36
C THR H 126 -36.53 14.26 -3.38
N ALA H 127 -36.45 13.02 -2.91
CA ALA H 127 -36.54 11.88 -3.83
C ALA H 127 -37.91 11.83 -4.50
N ARG H 128 -38.98 12.07 -3.74
CA ARG H 128 -40.31 12.08 -4.34
C ARG H 128 -40.50 13.31 -5.21
N LEU H 129 -39.91 14.45 -4.82
CA LEU H 129 -39.97 15.65 -5.65
C LEU H 129 -39.23 15.44 -6.96
N ASN H 130 -38.14 14.67 -6.93
CA ASN H 130 -37.35 14.43 -8.13
C ASN H 130 -38.17 13.75 -9.21
N LYS H 131 -39.00 12.77 -8.82
CA LYS H 131 -39.77 12.01 -9.81
C LYS H 131 -40.73 12.91 -10.58
N MET H 132 -41.39 13.84 -9.89
CA MET H 132 -42.33 14.72 -10.58
C MET H 132 -41.61 15.66 -11.54
N VAL H 133 -40.50 16.26 -11.09
CA VAL H 133 -39.77 17.19 -11.95
C VAL H 133 -39.12 16.44 -13.11
N SER H 134 -38.49 15.30 -12.83
CA SER H 134 -37.80 14.56 -13.88
C SER H 134 -38.79 14.08 -14.95
N ASP H 135 -39.95 13.61 -14.54
CA ASP H 135 -40.95 13.17 -15.51
C ASP H 135 -41.43 14.33 -16.37
N LYS H 136 -41.68 15.50 -15.75
CA LYS H 136 -42.11 16.65 -16.53
C LYS H 136 -40.98 17.21 -17.38
N LEU H 137 -39.74 17.10 -16.90
CA LEU H 137 -38.60 17.50 -17.73
C LEU H 137 -38.51 16.62 -18.96
N LYS H 138 -38.83 15.34 -18.82
CA LYS H 138 -38.85 14.43 -19.97
C LYS H 138 -39.98 14.76 -20.93
N GLY H 139 -41.05 15.38 -20.42
CA GLY H 139 -42.23 15.66 -21.21
C GLY H 139 -42.21 16.90 -22.07
N TYR H 140 -41.13 17.67 -22.06
CA TYR H 140 -41.04 18.85 -22.89
C TYR H 140 -41.10 18.49 -24.38
N TRP H 141 -41.44 19.50 -25.19
CA TRP H 141 -41.46 19.38 -26.64
C TRP H 141 -40.39 20.23 -27.31
N ALA H 142 -39.96 21.31 -26.69
CA ALA H 142 -38.90 22.16 -27.22
C ALA H 142 -37.56 21.65 -26.72
N SER H 143 -36.66 21.32 -27.65
CA SER H 143 -35.36 20.76 -27.26
C SER H 143 -34.52 21.76 -26.48
N ASN H 144 -34.56 23.04 -26.86
CA ASN H 144 -33.72 24.03 -26.20
C ASN H 144 -34.10 24.21 -24.74
N ASP H 145 -35.40 24.23 -24.43
CA ASP H 145 -35.84 24.37 -23.05
C ASP H 145 -35.40 23.19 -22.20
N TYR H 146 -35.53 21.97 -22.75
CA TYR H 146 -35.19 20.78 -21.97
C TYR H 146 -33.72 20.76 -21.57
N ARG H 147 -32.83 21.17 -22.48
CA ARG H 147 -31.42 21.13 -22.18
C ARG H 147 -31.02 22.21 -21.18
N LYS H 148 -31.66 23.38 -21.23
CA LYS H 148 -31.30 24.46 -20.31
C LYS H 148 -31.76 24.16 -18.89
N GLN H 149 -33.00 23.69 -18.72
CA GLN H 149 -33.50 23.41 -17.38
C GLN H 149 -32.77 22.23 -16.75
N LYS H 150 -32.51 21.18 -17.53
CA LYS H 150 -31.83 20.01 -17.00
C LYS H 150 -30.44 20.35 -16.48
N GLU H 151 -29.72 21.21 -17.21
CA GLU H 151 -28.40 21.62 -16.76
C GLU H 151 -28.48 22.39 -15.44
N GLN H 152 -29.54 23.17 -15.25
CA GLN H 152 -29.66 23.98 -14.04
C GLN H 152 -30.26 23.18 -12.89
N TRP H 153 -31.28 22.37 -13.17
CA TRP H 153 -31.91 21.59 -12.10
C TRP H 153 -30.95 20.57 -11.53
N GLN H 154 -30.18 19.89 -12.38
CA GLN H 154 -29.18 18.95 -11.89
C GLN H 154 -28.09 19.64 -11.08
N ASN H 155 -27.84 20.93 -11.34
CA ASN H 155 -26.84 21.65 -10.57
C ASN H 155 -27.27 21.81 -9.11
N HIS H 156 -28.55 22.10 -8.88
CA HIS H 156 -29.03 22.31 -7.53
C HIS H 156 -28.93 21.03 -6.70
N LEU H 157 -29.24 19.88 -7.30
CA LEU H 157 -29.15 18.62 -6.58
C LEU H 157 -27.71 18.33 -6.17
N ALA H 158 -26.76 18.61 -7.04
CA ALA H 158 -25.35 18.39 -6.69
C ALA H 158 -24.90 19.31 -5.55
N GLN H 159 -25.55 20.46 -5.41
CA GLN H 159 -25.20 21.36 -4.31
C GLN H 159 -25.73 20.83 -2.98
N LEU H 160 -26.94 20.28 -2.99
CA LEU H 160 -27.54 19.78 -1.75
C LEU H 160 -26.76 18.59 -1.19
N GLN H 161 -26.37 17.65 -2.06
CA GLN H 161 -25.69 16.45 -1.60
C GLN H 161 -24.36 16.77 -0.94
N ARG H 162 -23.70 17.84 -1.37
CA ARG H 162 -22.42 18.20 -0.78
C ARG H 162 -22.58 18.52 0.71
N GLY H 163 -23.64 19.24 1.07
CA GLY H 163 -23.90 19.59 2.45
C GLY H 163 -24.78 18.64 3.22
N LEU H 164 -25.17 17.51 2.62
CA LEU H 164 -26.08 16.59 3.31
C LEU H 164 -25.41 15.92 4.50
N HIS H 165 -24.10 15.73 4.46
CA HIS H 165 -23.40 15.14 5.60
C HIS H 165 -23.55 16.01 6.84
N LEU H 166 -23.66 17.33 6.67
CA LEU H 166 -23.83 18.23 7.79
C LEU H 166 -25.13 17.97 8.55
N LEU H 167 -26.09 17.29 7.94
CA LEU H 167 -27.37 17.03 8.58
C LEU H 167 -27.27 15.93 9.62
N THR H 168 -26.38 14.95 9.43
CA THR H 168 -26.22 13.82 10.35
C THR H 168 -24.73 13.58 10.58
N ASP H 169 -24.18 14.21 11.62
CA ASP H 169 -22.80 14.02 12.00
C ASP H 169 -22.69 13.88 13.52
N LYS H 170 -21.71 13.10 13.95
CA LYS H 170 -21.41 12.94 15.37
C LYS H 170 -20.21 13.77 15.80
N GLU H 171 -19.59 14.50 14.88
CA GLU H 171 -18.42 15.31 15.20
C GLU H 171 -18.23 16.35 14.10
N TYR H 172 -17.51 17.40 14.44
CA TYR H 172 -17.07 18.38 13.46
C TYR H 172 -15.71 17.98 12.90
N LYS H 173 -15.31 18.64 11.82
CA LYS H 173 -14.03 18.37 11.18
C LYS H 173 -13.48 19.68 10.64
N PRO H 174 -12.22 20.02 10.97
CA PRO H 174 -11.65 21.27 10.49
C PRO H 174 -11.58 21.39 8.98
N GLU H 175 -11.65 20.28 8.24
CA GLU H 175 -11.66 20.35 6.79
C GLU H 175 -13.01 20.72 6.21
N TYR H 176 -14.06 20.76 7.03
CA TYR H 176 -15.34 21.29 6.57
C TYR H 176 -15.32 22.81 6.46
N PHE H 177 -14.35 23.46 7.10
CA PHE H 177 -14.30 24.92 7.06
C PHE H 177 -14.01 25.43 5.66
N SER H 178 -13.16 24.72 4.91
CA SER H 178 -12.84 25.14 3.55
C SER H 178 -14.09 25.16 2.67
N ASP H 179 -14.97 24.17 2.83
CA ASP H 179 -16.20 24.14 2.06
C ASP H 179 -17.19 25.21 2.52
N ALA H 180 -17.05 25.70 3.75
CA ALA H 180 -17.94 26.76 4.23
C ALA H 180 -17.60 28.11 3.62
N LEU H 181 -16.37 28.31 3.16
CA LEU H 181 -15.96 29.55 2.55
C LEU H 181 -16.07 29.52 1.03
N LYS H 182 -16.53 28.42 0.45
CA LYS H 182 -16.65 28.30 -1.00
C LYS H 182 -17.89 29.08 -1.45
N LEU H 183 -17.67 30.26 -2.00
CA LEU H 183 -18.78 31.09 -2.47
C LEU H 183 -19.47 30.45 -3.67
N ASP H 184 -20.79 30.50 -3.68
CA ASP H 184 -21.55 29.86 -4.73
C ASP H 184 -21.36 30.58 -6.07
N ALA H 185 -21.24 29.79 -7.13
CA ALA H 185 -21.13 30.31 -8.48
C ALA H 185 -22.44 30.11 -9.22
N GLN H 186 -22.82 31.11 -10.02
CA GLN H 186 -24.04 31.10 -10.83
C GLN H 186 -25.28 31.21 -9.94
N LEU H 187 -25.09 31.21 -8.62
CA LEU H 187 -26.16 31.34 -7.66
C LEU H 187 -25.76 32.34 -6.59
N ASP H 188 -26.71 33.19 -6.20
CA ASP H 188 -26.48 34.22 -5.20
C ASP H 188 -27.27 33.88 -3.94
N TYR H 189 -26.56 33.62 -2.85
CA TYR H 189 -27.18 33.37 -1.54
C TYR H 189 -26.94 34.58 -0.65
N SER H 190 -28.01 35.11 -0.07
CA SER H 190 -27.90 36.33 0.73
C SER H 190 -27.07 36.12 1.99
N ILE H 191 -26.90 34.89 2.45
CA ILE H 191 -26.16 34.58 3.67
C ILE H 191 -25.07 33.58 3.32
N GLY H 192 -23.86 33.82 3.82
CA GLY H 192 -22.75 32.95 3.58
C GLY H 192 -22.90 31.61 4.30
N GLY H 193 -21.80 30.87 4.32
CA GLY H 193 -21.79 29.57 4.97
C GLY H 193 -22.53 28.53 4.14
N GLN H 194 -22.79 27.40 4.79
CA GLN H 194 -23.52 26.32 4.13
C GLN H 194 -25.01 26.61 4.09
N ASP H 195 -25.65 26.73 5.26
CA ASP H 195 -27.06 27.08 5.38
C ASP H 195 -27.93 26.15 4.54
N LEU H 196 -27.96 24.89 4.97
CA LEU H 196 -28.69 23.86 4.24
C LEU H 196 -30.16 24.21 4.06
N SER H 197 -30.71 25.02 4.96
CA SER H 197 -32.09 25.48 4.78
C SER H 197 -32.23 26.34 3.53
N GLU H 198 -31.25 27.20 3.27
CA GLU H 198 -31.28 28.03 2.07
C GLU H 198 -31.12 27.19 0.80
N ILE H 199 -30.28 26.15 0.85
CA ILE H 199 -30.06 25.32 -0.31
C ILE H 199 -31.35 24.64 -0.76
N PHE H 200 -32.12 24.11 0.20
CA PHE H 200 -33.39 23.52 -0.15
C PHE H 200 -34.43 24.57 -0.54
N GLU H 201 -34.34 25.76 0.05
CA GLU H 201 -35.30 26.82 -0.29
C GLU H 201 -35.16 27.23 -1.75
N GLU H 202 -33.92 27.36 -2.23
CA GLU H 202 -33.71 27.67 -3.64
C GLU H 202 -33.96 26.48 -4.55
N LEU H 203 -33.97 25.26 -3.99
CA LEU H 203 -34.24 24.09 -4.81
C LEU H 203 -35.72 23.99 -5.16
N VAL H 204 -36.60 24.27 -4.19
CA VAL H 204 -38.03 24.21 -4.46
C VAL H 204 -38.48 25.35 -5.35
N LYS H 205 -37.79 26.49 -5.32
CA LYS H 205 -38.13 27.58 -6.22
C LYS H 205 -37.96 27.18 -7.67
N ARG H 206 -36.87 26.48 -7.98
CA ARG H 206 -36.66 25.99 -9.34
C ARG H 206 -37.70 24.93 -9.71
N ALA H 207 -38.06 24.07 -8.76
CA ALA H 207 -39.04 23.02 -9.05
C ALA H 207 -40.39 23.60 -9.43
N CYS H 208 -40.75 24.75 -8.86
CA CYS H 208 -41.99 25.41 -9.26
C CYS H 208 -41.85 26.06 -10.63
N GLU H 209 -40.68 26.58 -10.97
CA GLU H 209 -40.46 27.16 -12.29
C GLU H 209 -40.61 26.11 -13.38
N ILE H 210 -40.05 24.92 -13.17
CA ILE H 210 -40.18 23.85 -14.14
C ILE H 210 -41.63 23.38 -14.24
N LEU H 211 -42.26 23.14 -13.09
CA LEU H 211 -43.63 22.64 -13.06
C LEU H 211 -44.65 23.72 -13.37
N ASP H 212 -44.23 25.00 -13.43
CA ASP H 212 -45.10 26.12 -13.79
C ASP H 212 -46.23 26.33 -12.79
N CYS H 213 -46.10 25.80 -11.58
CA CYS H 213 -47.09 26.01 -10.54
C CYS H 213 -46.65 27.16 -9.64
N LYS H 214 -47.37 27.39 -8.55
CA LYS H 214 -47.03 28.44 -7.61
C LYS H 214 -46.80 27.94 -6.19
N ALA H 215 -47.18 26.72 -5.87
CA ALA H 215 -46.94 26.15 -4.54
C ALA H 215 -46.97 24.64 -4.63
N ILE H 216 -46.35 24.00 -3.64
CA ILE H 216 -46.21 22.55 -3.57
C ILE H 216 -46.85 22.08 -2.27
N LEU H 217 -47.68 21.03 -2.37
CA LEU H 217 -48.38 20.49 -1.22
C LEU H 217 -47.75 19.17 -0.80
N ILE H 218 -47.45 19.04 0.49
CA ILE H 218 -46.90 17.82 1.07
C ILE H 218 -47.91 17.29 2.08
N THR H 219 -48.30 16.03 1.91
CA THR H 219 -49.30 15.40 2.76
C THR H 219 -48.63 14.34 3.61
N PHE H 220 -48.75 14.47 4.93
CA PHE H 220 -48.22 13.50 5.87
C PHE H 220 -49.34 12.55 6.31
N ASP H 221 -49.00 11.63 7.20
CA ASP H 221 -49.94 10.61 7.65
C ASP H 221 -49.81 10.49 9.17
N ASP H 222 -50.46 9.48 9.73
CA ASP H 222 -50.49 9.30 11.17
C ASP H 222 -49.20 8.68 11.68
N ILE H 223 -49.00 8.75 13.00
CA ILE H 223 -47.86 8.15 13.67
C ILE H 223 -48.37 7.27 14.80
N ASP H 224 -49.62 6.80 14.68
CA ASP H 224 -50.23 6.01 15.73
C ASP H 224 -49.53 4.68 15.96
N THR H 225 -48.76 4.20 14.98
CA THR H 225 -48.04 2.94 15.15
C THR H 225 -46.70 3.17 15.86
N GLN H 226 -45.86 4.04 15.28
CA GLN H 226 -44.58 4.40 15.89
C GLN H 226 -44.74 5.74 16.58
N PHE H 227 -44.71 5.72 17.91
CA PHE H 227 -44.96 6.93 18.69
C PHE H 227 -43.91 8.00 18.44
N ASP H 228 -42.63 7.62 18.36
CA ASP H 228 -41.56 8.61 18.26
C ASP H 228 -41.14 8.89 16.82
N ALA H 229 -41.79 8.29 15.83
CA ALA H 229 -41.44 8.56 14.44
C ALA H 229 -41.75 10.00 14.04
N GLY H 230 -42.63 10.67 14.78
CA GLY H 230 -43.02 12.02 14.43
C GLY H 230 -42.09 13.12 14.87
N TRP H 231 -41.09 12.81 15.70
CA TRP H 231 -40.18 13.84 16.15
C TRP H 231 -39.32 14.39 15.02
N ASP H 232 -38.94 13.53 14.07
CA ASP H 232 -38.22 14.00 12.90
C ASP H 232 -39.12 14.84 12.00
N VAL H 233 -40.40 14.52 11.95
CA VAL H 233 -41.34 15.30 11.16
C VAL H 233 -41.47 16.71 11.72
N LEU H 234 -41.63 16.82 13.04
CA LEU H 234 -41.83 18.12 13.67
C LEU H 234 -40.59 19.00 13.52
N GLU H 235 -39.40 18.42 13.70
CA GLU H 235 -38.18 19.20 13.56
C GLU H 235 -37.98 19.67 12.13
N SER H 236 -38.24 18.79 11.16
CA SER H 236 -38.04 19.15 9.76
C SER H 236 -39.04 20.22 9.32
N ILE H 237 -40.27 20.17 9.83
CA ILE H 237 -41.30 21.11 9.40
C ILE H 237 -40.90 22.54 9.77
N ARG H 238 -40.40 22.74 10.99
CA ARG H 238 -40.06 24.08 11.44
C ARG H 238 -38.68 24.53 10.98
N LYS H 239 -37.88 23.65 10.39
CA LYS H 239 -36.52 23.99 10.01
C LYS H 239 -36.35 24.20 8.50
N PHE H 240 -36.95 23.34 7.69
CA PHE H 240 -36.73 23.38 6.25
C PHE H 240 -37.97 23.74 5.44
N PHE H 241 -39.17 23.53 5.96
CA PHE H 241 -40.40 23.81 5.23
C PHE H 241 -41.02 25.14 5.62
N ASN H 242 -40.19 26.14 5.93
CA ASN H 242 -40.64 27.47 6.33
C ASN H 242 -40.31 28.42 5.17
N SER H 243 -41.23 28.55 4.24
CA SER H 243 -41.06 29.44 3.08
C SER H 243 -42.44 29.79 2.55
N ARG H 244 -42.48 30.44 1.39
CA ARG H 244 -43.73 30.86 0.79
C ARG H 244 -44.22 29.91 -0.28
N LYS H 245 -43.34 29.18 -0.94
CA LYS H 245 -43.72 28.28 -2.02
C LYS H 245 -44.21 26.92 -1.53
N LEU H 246 -44.16 26.66 -0.23
CA LEU H 246 -44.48 25.36 0.32
C LEU H 246 -45.70 25.44 1.23
N VAL H 247 -46.58 24.45 1.09
CA VAL H 247 -47.73 24.29 1.98
C VAL H 247 -47.79 22.83 2.41
N VAL H 248 -48.01 22.60 3.70
CA VAL H 248 -47.97 21.26 4.29
C VAL H 248 -49.26 21.02 5.06
N VAL H 249 -49.86 19.85 4.86
CA VAL H 249 -51.02 19.42 5.62
C VAL H 249 -50.67 18.12 6.33
N ALA H 250 -50.88 18.09 7.64
CA ALA H 250 -50.50 16.95 8.47
C ALA H 250 -51.68 16.52 9.33
N THR H 251 -51.96 15.22 9.34
CA THR H 251 -53.00 14.65 10.17
C THR H 251 -52.37 13.88 11.33
N GLY H 252 -53.10 13.80 12.43
CA GLY H 252 -52.62 13.09 13.59
C GLY H 252 -53.46 13.39 14.81
N ASP H 253 -52.97 12.92 15.95
CA ASP H 253 -53.63 13.13 17.23
C ASP H 253 -52.77 14.04 18.09
N LEU H 254 -53.38 15.11 18.62
CA LEU H 254 -52.62 16.08 19.40
C LEU H 254 -52.23 15.54 20.78
N ARG H 255 -52.81 14.43 21.21
CA ARG H 255 -52.27 13.71 22.36
C ARG H 255 -50.81 13.34 22.11
N LEU H 256 -50.57 12.55 21.07
CA LEU H 256 -49.24 12.02 20.81
C LEU H 256 -48.25 13.15 20.52
N TYR H 257 -48.65 14.13 19.73
CA TYR H 257 -47.74 15.22 19.36
C TYR H 257 -47.37 16.12 20.53
N SER H 258 -48.10 16.03 21.65
CA SER H 258 -47.77 16.84 22.81
C SER H 258 -46.78 16.13 23.74
N GLN H 259 -46.97 14.82 23.95
CA GLN H 259 -46.07 14.09 24.84
C GLN H 259 -44.70 13.89 24.21
N LEU H 260 -44.61 13.91 22.87
CA LEU H 260 -43.31 13.94 22.23
C LEU H 260 -42.56 15.21 22.60
N ILE H 261 -43.24 16.35 22.55
CA ILE H 261 -42.59 17.62 22.82
C ILE H 261 -42.24 17.75 24.30
N ARG H 262 -43.17 17.39 25.17
CA ARG H 262 -42.91 17.49 26.60
C ARG H 262 -41.78 16.57 27.04
N GLY H 263 -41.75 15.35 26.48
CA GLY H 263 -40.66 14.44 26.81
C GLY H 263 -39.31 14.95 26.34
N LYS H 264 -39.26 15.49 25.12
CA LYS H 264 -38.00 16.00 24.59
C LYS H 264 -37.54 17.27 25.30
N GLN H 265 -38.43 17.94 26.02
CA GLN H 265 -38.01 19.09 26.82
C GLN H 265 -37.27 18.65 28.08
N TYR H 266 -37.69 17.53 28.68
CA TYR H 266 -37.03 17.04 29.89
C TYR H 266 -35.64 16.51 29.56
N GLU H 267 -35.48 15.87 28.41
CA GLU H 267 -34.16 15.37 27.98
C GLU H 267 -33.20 16.48 27.65
N ASN H 268 -33.61 17.73 27.86
CA ASN H 268 -32.80 18.89 27.53
C ASN H 268 -32.30 19.60 28.78
N TYR H 269 -32.29 18.91 29.92
CA TYR H 269 -31.80 19.43 31.19
C TYR H 269 -30.46 18.83 31.54
N SER H 270 -29.76 19.50 32.46
CA SER H 270 -28.55 18.93 33.02
C SER H 270 -28.90 17.78 33.96
N LYS H 271 -28.32 16.61 33.71
CA LYS H 271 -28.69 15.43 34.48
C LYS H 271 -28.31 15.56 35.95
N THR H 272 -27.13 16.14 36.23
CA THR H 272 -26.69 16.28 37.61
C THR H 272 -27.60 17.22 38.39
N LEU H 273 -28.04 18.31 37.75
CA LEU H 273 -28.94 19.25 38.41
C LEU H 273 -30.25 18.57 38.79
N LEU H 274 -30.74 17.66 37.93
CA LEU H 274 -31.97 16.94 38.22
C LEU H 274 -31.82 15.97 39.38
N GLU H 275 -30.59 15.71 39.85
CA GLU H 275 -30.37 14.84 41.00
C GLU H 275 -30.04 15.59 42.29
N GLN H 276 -29.58 16.83 42.19
CA GLN H 276 -29.26 17.61 43.38
C GLN H 276 -30.44 18.44 43.87
N GLU H 277 -31.05 19.20 42.97
CA GLU H 277 -32.18 20.07 43.33
C GLU H 277 -33.48 19.31 43.08
N LYS H 278 -33.92 18.61 44.12
CA LYS H 278 -35.21 17.88 44.08
C LYS H 278 -35.86 18.05 45.46
N GLU H 279 -35.81 19.27 45.97
CA GLU H 279 -36.35 19.58 47.29
C GLU H 279 -37.85 19.81 47.30
N SER H 280 -38.56 19.41 46.23
CA SER H 280 -40.01 19.48 46.08
C SER H 280 -40.53 20.92 45.99
N VAL H 281 -39.68 21.92 46.19
CA VAL H 281 -40.06 23.30 45.91
C VAL H 281 -39.30 23.86 44.71
N ARG H 282 -38.04 23.49 44.53
CA ARG H 282 -37.36 23.78 43.26
C ARG H 282 -38.00 22.98 42.14
N LEU H 283 -38.46 21.76 42.42
CA LEU H 283 -39.15 20.95 41.42
C LEU H 283 -40.47 21.58 40.99
N ALA H 284 -41.03 22.48 41.81
CA ALA H 284 -42.34 23.05 41.49
C ALA H 284 -42.28 23.86 40.19
N GLU H 285 -41.25 24.70 40.02
CA GLU H 285 -41.12 25.46 38.79
C GLU H 285 -40.46 24.68 37.67
N ARG H 286 -39.96 23.47 37.95
CA ARG H 286 -39.44 22.63 36.89
C ARG H 286 -40.58 22.15 35.98
N GLY H 287 -41.65 21.63 36.57
CA GLY H 287 -42.79 21.20 35.78
C GLY H 287 -43.52 22.37 35.12
N TYR H 288 -43.63 23.49 35.84
CA TYR H 288 -44.33 24.64 35.29
C TYR H 288 -43.58 25.25 34.10
N MET H 289 -42.26 25.25 34.14
CA MET H 289 -41.49 25.83 33.04
C MET H 289 -41.58 24.95 31.80
N VAL H 290 -41.60 23.64 31.97
CA VAL H 290 -41.66 22.73 30.83
C VAL H 290 -42.98 22.91 30.08
N GLU H 291 -44.10 23.00 30.81
CA GLU H 291 -45.39 23.16 30.17
C GLU H 291 -45.49 24.49 29.43
N HIS H 292 -44.93 25.55 30.02
CA HIS H 292 -44.99 26.86 29.37
C HIS H 292 -44.18 26.87 28.08
N LEU H 293 -43.09 26.11 28.02
CA LEU H 293 -42.36 25.97 26.77
C LEU H 293 -43.09 25.07 25.79
N GLU H 294 -43.67 23.97 26.29
CA GLU H 294 -44.36 23.03 25.41
C GLU H 294 -45.61 23.63 24.82
N GLN H 295 -46.36 24.39 25.62
CA GLN H 295 -47.59 25.00 25.12
C GLN H 295 -47.31 25.99 23.99
N GLN H 296 -46.28 26.83 24.16
CA GLN H 296 -45.97 27.80 23.12
C GLN H 296 -45.39 27.14 21.87
N TYR H 297 -44.71 26.00 22.04
CA TYR H 297 -44.16 25.29 20.89
C TYR H 297 -45.26 24.80 19.97
N LEU H 298 -46.35 24.26 20.53
CA LEU H 298 -47.42 23.71 19.70
C LEU H 298 -48.15 24.80 18.93
N LEU H 299 -48.34 25.96 19.56
CA LEU H 299 -49.05 27.04 18.88
C LEU H 299 -48.26 27.55 17.68
N LYS H 300 -46.93 27.63 17.80
CA LYS H 300 -46.12 28.11 16.69
C LYS H 300 -46.20 27.18 15.49
N LEU H 301 -46.18 25.87 15.72
CA LEU H 301 -46.20 24.93 14.61
C LEU H 301 -47.56 24.87 13.94
N PHE H 302 -48.61 24.54 14.70
CA PHE H 302 -49.96 24.44 14.17
C PHE H 302 -50.82 25.56 14.75
N PRO H 303 -51.06 26.64 14.02
CA PRO H 303 -51.95 27.70 14.52
C PRO H 303 -53.37 27.20 14.65
N VAL H 304 -54.13 27.84 15.54
CA VAL H 304 -55.48 27.40 15.83
C VAL H 304 -56.39 27.62 14.61
N GLN H 305 -56.18 28.70 13.87
CA GLN H 305 -57.02 29.01 12.72
C GLN H 305 -56.69 28.17 11.50
N LYS H 306 -55.88 27.12 11.66
CA LYS H 306 -55.53 26.22 10.56
C LYS H 306 -55.80 24.77 10.94
N ARG H 307 -56.79 24.54 11.78
CA ARG H 307 -57.16 23.20 12.24
C ARG H 307 -58.54 22.86 11.74
N ILE H 308 -58.69 21.68 11.16
CA ILE H 308 -59.95 21.24 10.55
C ILE H 308 -60.36 19.93 11.21
N GLN H 309 -61.64 19.85 11.59
CA GLN H 309 -62.19 18.67 12.25
C GLN H 309 -63.30 18.08 11.40
N LEU H 310 -63.26 16.77 11.19
CA LEU H 310 -64.34 16.09 10.49
C LEU H 310 -65.61 16.12 11.33
N LYS H 311 -66.75 16.22 10.65
CA LYS H 311 -68.05 16.30 11.29
C LYS H 311 -68.85 15.04 10.99
N THR H 312 -69.34 14.39 12.04
CA THR H 312 -70.24 13.27 11.86
C THR H 312 -71.61 13.78 11.40
N MET H 313 -72.40 12.86 10.84
CA MET H 313 -73.67 13.23 10.24
C MET H 313 -74.68 13.77 11.24
N LEU H 314 -74.47 13.59 12.54
CA LEU H 314 -75.44 14.09 13.51
C LEU H 314 -75.37 15.61 13.61
N GLN H 315 -74.17 16.19 13.65
CA GLN H 315 -74.09 17.65 13.75
C GLN H 315 -74.43 18.35 12.45
N LEU H 316 -74.55 17.61 11.35
CA LEU H 316 -75.03 18.20 10.11
C LEU H 316 -76.55 18.28 10.09
N VAL H 317 -77.22 17.17 10.36
CA VAL H 317 -78.67 17.11 10.37
C VAL H 317 -79.11 15.94 11.24
N GLY H 318 -80.26 16.09 11.89
CA GLY H 318 -80.82 15.01 12.67
C GLY H 318 -81.45 15.42 13.98
N GLU H 319 -80.95 16.49 14.59
CA GLU H 319 -81.53 16.97 15.84
C GLU H 319 -82.93 17.50 15.60
N LYS H 320 -83.87 17.10 16.46
CA LYS H 320 -85.26 17.49 16.28
C LYS H 320 -85.45 18.98 16.56
N GLY H 321 -86.35 19.59 15.80
CA GLY H 321 -86.69 20.99 15.98
C GLY H 321 -85.71 21.98 15.41
N LYS H 322 -84.64 21.52 14.77
CA LYS H 322 -83.64 22.41 14.18
C LYS H 322 -83.45 22.03 12.71
N ALA H 323 -83.49 23.04 11.84
CA ALA H 323 -83.28 22.83 10.41
C ALA H 323 -81.78 22.80 10.16
N GLY H 324 -81.23 21.60 9.97
CA GLY H 324 -79.81 21.47 9.75
C GLY H 324 -79.37 22.15 8.48
N LYS H 325 -78.11 22.61 8.48
CA LYS H 325 -77.56 23.33 7.33
C LYS H 325 -77.45 22.47 6.09
N GLU H 326 -77.53 21.15 6.21
CA GLU H 326 -77.49 20.26 5.07
C GLU H 326 -78.56 19.19 5.24
N GLU H 327 -78.98 18.62 4.12
CA GLU H 327 -79.98 17.56 4.10
C GLU H 327 -79.41 16.34 3.38
N ILE H 328 -79.54 15.18 4.00
CA ILE H 328 -79.05 13.92 3.44
C ILE H 328 -80.25 13.04 3.12
N LYS H 329 -80.31 12.54 1.90
CA LYS H 329 -81.43 11.74 1.43
C LYS H 329 -80.93 10.35 1.07
N VAL H 330 -81.65 9.33 1.55
CA VAL H 330 -81.25 7.93 1.39
C VAL H 330 -82.39 7.17 0.74
N LYS H 331 -82.06 6.42 -0.32
CA LYS H 331 -83.03 5.56 -1.00
C LYS H 331 -82.71 4.11 -0.70
N THR H 332 -83.72 3.35 -0.29
CA THR H 332 -83.53 1.97 0.15
C THR H 332 -83.87 0.97 -0.94
N GLU H 333 -85.08 1.00 -1.46
CA GLU H 333 -85.48 0.04 -2.48
C GLU H 333 -84.70 0.26 -3.76
N PRO H 334 -84.41 -0.81 -4.50
CA PRO H 334 -83.55 -0.68 -5.69
C PRO H 334 -84.24 0.11 -6.80
N GLY H 335 -83.59 1.18 -7.23
CA GLY H 335 -84.05 1.91 -8.40
C GLY H 335 -85.14 2.93 -8.19
N MET H 336 -85.24 3.50 -6.98
CA MET H 336 -86.21 4.57 -6.80
C MET H 336 -85.70 5.85 -7.44
N GLN H 337 -86.61 6.81 -7.61
CA GLN H 337 -86.25 8.11 -8.13
C GLN H 337 -85.48 8.91 -7.07
N ASP H 338 -84.74 9.90 -7.52
CA ASP H 338 -84.01 10.79 -6.63
C ASP H 338 -84.91 11.82 -5.96
N ILE H 339 -86.22 11.67 -6.08
CA ILE H 339 -87.16 12.63 -5.49
C ILE H 339 -88.08 12.00 -4.45
N ASP H 340 -88.25 10.68 -4.43
CA ASP H 340 -89.12 10.01 -3.47
C ASP H 340 -88.35 9.26 -2.40
N ALA H 341 -87.05 9.50 -2.27
CA ALA H 341 -86.26 8.83 -1.25
C ALA H 341 -86.56 9.39 0.13
N ILE H 342 -86.31 8.58 1.14
CA ILE H 342 -86.63 8.91 2.52
C ILE H 342 -85.45 9.61 3.17
N ASP H 343 -85.75 10.42 4.20
CA ASP H 343 -84.73 11.18 4.89
C ASP H 343 -83.80 10.26 5.66
N VAL H 344 -82.57 10.76 5.90
CA VAL H 344 -81.56 9.95 6.59
C VAL H 344 -81.98 9.66 8.02
N ARG H 345 -82.56 10.65 8.71
CA ARG H 345 -82.99 10.44 10.09
C ARG H 345 -84.06 9.36 10.18
N GLN H 346 -85.00 9.37 9.24
CA GLN H 346 -86.03 8.34 9.19
C GLN H 346 -85.55 7.08 8.48
N ALA H 347 -84.43 7.13 7.78
CA ALA H 347 -83.88 5.93 7.15
C ALA H 347 -83.45 4.90 8.18
N ILE H 348 -83.08 5.33 9.38
CA ILE H 348 -82.71 4.42 10.45
C ILE H 348 -83.82 4.27 11.49
N GLY H 349 -84.65 5.29 11.67
CA GLY H 349 -85.71 5.21 12.67
C GLY H 349 -86.68 4.07 12.40
N ASP H 350 -87.05 3.87 11.14
CA ASP H 350 -87.91 2.74 10.81
C ASP H 350 -87.19 1.42 11.01
N ALA H 351 -85.87 1.40 10.80
CA ALA H 351 -85.09 0.18 11.04
C ALA H 351 -85.01 -0.13 12.53
N VAL H 352 -84.69 0.88 13.34
CA VAL H 352 -84.49 0.65 14.77
C VAL H 352 -85.80 0.33 15.46
N ARG H 353 -86.86 1.09 15.16
CA ARG H 353 -88.10 0.98 15.90
C ARG H 353 -88.70 -0.42 15.79
N GLU H 354 -88.77 -0.95 14.58
CA GLU H 354 -89.34 -2.28 14.39
C GLU H 354 -88.30 -3.39 14.49
N GLY H 355 -87.01 -3.06 14.36
CA GLY H 355 -85.97 -4.04 14.61
C GLY H 355 -85.73 -4.33 16.08
N LEU H 356 -86.14 -3.41 16.96
CA LEU H 356 -86.00 -3.59 18.40
C LEU H 356 -87.35 -3.60 19.11
N ASN H 357 -88.46 -3.60 18.37
CA ASN H 357 -89.81 -3.59 18.93
C ASN H 357 -90.06 -2.36 19.79
N LEU H 358 -89.44 -1.24 19.45
CA LEU H 358 -89.74 0.03 20.08
C LEU H 358 -90.82 0.76 19.28
N ARG H 359 -91.42 1.78 19.90
CA ARG H 359 -92.54 2.48 19.27
C ARG H 359 -92.20 3.91 18.89
N GLU H 360 -91.87 4.76 19.85
CA GLU H 360 -91.54 6.17 19.62
C GLU H 360 -91.24 6.79 20.97
N GLY H 361 -90.52 7.91 20.94
CA GLY H 361 -90.28 8.70 22.14
C GLY H 361 -88.86 8.69 22.61
N SER H 362 -88.65 8.86 23.91
CA SER H 362 -87.31 8.83 24.47
C SER H 362 -86.65 7.47 24.34
N ASP H 363 -87.45 6.41 24.14
CA ASP H 363 -86.88 5.08 24.04
C ASP H 363 -86.15 4.87 22.71
N ALA H 364 -86.71 5.38 21.61
CA ALA H 364 -86.16 5.09 20.29
C ALA H 364 -85.24 6.18 19.78
N ASP H 365 -85.44 7.43 20.20
CA ASP H 365 -84.58 8.51 19.71
C ASP H 365 -83.18 8.43 20.28
N MET H 366 -83.04 7.90 21.50
CA MET H 366 -81.71 7.77 22.10
C MET H 366 -80.83 6.82 21.31
N TYR H 367 -81.39 5.67 20.91
CA TYR H 367 -80.60 4.69 20.16
C TYR H 367 -80.17 5.25 18.82
N VAL H 368 -81.06 5.94 18.11
CA VAL H 368 -80.71 6.52 16.82
C VAL H 368 -79.86 7.77 16.98
N ASN H 369 -79.90 8.43 18.13
CA ASN H 369 -78.99 9.55 18.37
C ASN H 369 -77.55 9.08 18.44
N GLU H 370 -77.31 7.95 19.11
CA GLU H 370 -75.94 7.44 19.22
C GLU H 370 -75.44 6.95 17.87
N LEU H 371 -76.30 6.32 17.07
CA LEU H 371 -75.88 5.78 15.79
C LEU H 371 -75.47 6.87 14.81
N LEU H 372 -75.98 8.09 14.97
CA LEU H 372 -75.60 9.18 14.08
C LEU H 372 -74.29 9.85 14.48
N LYS H 373 -73.77 9.57 15.69
CA LYS H 373 -72.48 10.10 16.09
C LYS H 373 -71.33 9.26 15.56
N GLN H 374 -71.61 8.05 15.07
CA GLN H 374 -70.59 7.16 14.57
C GLN H 374 -70.04 7.68 13.24
N PRO H 375 -68.84 7.24 12.84
CA PRO H 375 -68.27 7.71 11.57
C PRO H 375 -69.16 7.35 10.39
N VAL H 376 -69.11 8.22 9.37
CA VAL H 376 -70.02 8.09 8.23
C VAL H 376 -69.77 6.79 7.48
N ARG H 377 -68.51 6.36 7.40
CA ARG H 377 -68.19 5.15 6.64
C ARG H 377 -68.84 3.92 7.24
N LEU H 378 -68.82 3.81 8.58
CA LEU H 378 -69.29 2.58 9.21
C LEU H 378 -70.81 2.45 9.15
N LEU H 379 -71.53 3.54 9.39
CA LEU H 379 -72.99 3.47 9.45
C LEU H 379 -73.57 3.09 8.09
N MET H 380 -73.03 3.65 7.01
CA MET H 380 -73.56 3.33 5.69
C MET H 380 -73.36 1.86 5.35
N GLN H 381 -72.37 1.20 5.95
CA GLN H 381 -72.18 -0.23 5.70
C GLN H 381 -73.32 -1.04 6.30
N VAL H 382 -73.64 -0.80 7.57
CA VAL H 382 -74.72 -1.55 8.20
C VAL H 382 -76.07 -1.16 7.62
N LEU H 383 -76.22 0.11 7.20
CA LEU H 383 -77.44 0.50 6.50
C LEU H 383 -77.57 -0.24 5.18
N GLN H 384 -76.45 -0.40 4.46
CA GLN H 384 -76.48 -1.15 3.21
C GLN H 384 -76.85 -2.60 3.45
N ASP H 385 -76.28 -3.21 4.49
CA ASP H 385 -76.51 -4.64 4.72
C ASP H 385 -77.96 -4.91 5.10
N PHE H 386 -78.54 -4.06 5.95
CA PHE H 386 -79.90 -4.30 6.42
C PHE H 386 -80.91 -4.16 5.28
N TYR H 387 -80.84 -3.03 4.56
CA TYR H 387 -81.80 -2.74 3.48
C TYR H 387 -81.65 -3.70 2.30
N THR H 388 -80.42 -4.12 1.98
CA THR H 388 -80.22 -5.07 0.89
C THR H 388 -80.87 -6.41 1.20
N LYS H 389 -80.71 -6.89 2.44
CA LYS H 389 -81.30 -8.17 2.82
C LYS H 389 -82.81 -8.07 3.03
N LYS H 390 -83.30 -6.89 3.43
CA LYS H 390 -84.72 -6.73 3.70
C LYS H 390 -85.53 -6.83 2.41
N TYR H 391 -85.10 -6.13 1.36
CA TYR H 391 -85.81 -6.18 0.09
C TYR H 391 -85.74 -7.57 -0.53
N HIS H 392 -84.58 -8.23 -0.43
CA HIS H 392 -84.43 -9.56 -0.99
C HIS H 392 -85.27 -10.58 -0.23
N ALA H 393 -85.57 -10.33 1.04
CA ALA H 393 -86.32 -11.26 1.87
C ALA H 393 -87.83 -11.15 1.67
N THR H 394 -88.28 -10.49 0.60
CA THR H 394 -89.71 -10.36 0.34
C THR H 394 -90.03 -10.71 -1.11
N SER H 412 -87.71 -13.05 10.29
CA SER H 412 -87.62 -12.13 11.41
C SER H 412 -86.81 -10.89 11.03
N VAL H 413 -87.29 -9.73 11.45
CA VAL H 413 -86.62 -8.46 11.16
C VAL H 413 -85.44 -8.25 12.12
N PRO H 414 -85.60 -8.43 13.44
CA PRO H 414 -84.43 -8.27 14.31
C PRO H 414 -83.29 -9.22 13.97
N ASN H 415 -83.60 -10.42 13.46
CA ASN H 415 -82.54 -11.32 13.02
C ASN H 415 -81.69 -10.67 11.93
N LEU H 416 -82.30 -9.84 11.08
CA LEU H 416 -81.53 -9.09 10.11
C LEU H 416 -80.79 -7.91 10.72
N LEU H 417 -81.26 -7.40 11.87
CA LEU H 417 -80.55 -6.31 12.54
C LEU H 417 -79.29 -6.81 13.23
N ARG H 418 -79.36 -7.99 13.86
CA ARG H 418 -78.19 -8.55 14.52
C ARG H 418 -77.11 -8.92 13.51
N ASN H 419 -77.49 -9.62 12.45
CA ASN H 419 -76.50 -10.04 11.46
C ASN H 419 -75.85 -8.85 10.79
N ALA H 420 -76.64 -7.81 10.48
CA ALA H 420 -76.07 -6.60 9.90
C ALA H 420 -75.12 -5.92 10.88
N LEU H 421 -75.46 -5.89 12.16
CA LEU H 421 -74.62 -5.24 13.15
C LEU H 421 -73.43 -6.11 13.54
N TYR H 422 -73.58 -7.43 13.51
CA TYR H 422 -72.48 -8.31 13.89
C TYR H 422 -71.29 -8.15 12.94
N GLY H 423 -71.56 -8.01 11.65
CA GLY H 423 -70.50 -7.84 10.67
C GLY H 423 -69.90 -6.45 10.62
N SER H 424 -70.32 -5.56 11.52
CA SER H 424 -69.79 -4.22 11.57
C SER H 424 -69.37 -3.77 12.97
N MET H 425 -69.73 -4.51 14.02
CA MET H 425 -69.37 -4.16 15.39
C MET H 425 -68.55 -5.25 16.06
N LEU H 426 -67.95 -6.15 15.27
CA LEU H 426 -67.19 -7.26 15.84
C LEU H 426 -65.95 -6.79 16.59
N SER H 427 -65.44 -5.59 16.29
CA SER H 427 -64.27 -5.09 16.99
C SER H 427 -64.59 -4.86 18.47
N SER H 428 -65.70 -4.18 18.75
CA SER H 428 -66.03 -3.87 20.14
C SER H 428 -66.49 -5.10 20.91
N ILE H 429 -67.16 -6.04 20.24
CA ILE H 429 -67.58 -7.27 20.91
C ILE H 429 -66.38 -8.08 21.36
N TYR H 430 -65.37 -8.19 20.50
CA TYR H 430 -64.15 -8.92 20.86
C TYR H 430 -63.42 -8.23 22.00
N ARG H 431 -63.37 -6.89 21.99
CA ARG H 431 -62.63 -6.14 23.00
C ARG H 431 -63.41 -5.97 24.29
N ALA H 432 -64.70 -6.30 24.32
CA ALA H 432 -65.51 -6.17 25.53
C ALA H 432 -65.69 -7.50 26.26
N GLY H 433 -65.12 -8.59 25.74
CA GLY H 433 -65.21 -9.87 26.42
C GLY H 433 -66.54 -10.58 26.28
N LEU H 434 -67.42 -10.12 25.39
CA LEU H 434 -68.72 -10.75 25.21
C LEU H 434 -68.55 -12.02 24.38
N ASN H 435 -69.68 -12.63 23.99
CA ASN H 435 -69.66 -13.84 23.17
C ASN H 435 -69.66 -13.42 21.72
N TYR H 436 -68.46 -13.34 21.14
CA TYR H 436 -68.28 -12.96 19.74
C TYR H 436 -68.44 -14.13 18.78
N GLU H 437 -69.06 -15.22 19.22
CA GLU H 437 -69.29 -16.35 18.34
C GLU H 437 -70.26 -15.98 17.22
N GLN H 438 -69.95 -16.41 16.01
CA GLN H 438 -70.82 -16.13 14.87
C GLN H 438 -72.12 -16.93 14.95
N HIS H 439 -72.06 -18.14 15.49
CA HIS H 439 -73.22 -19.02 15.60
C HIS H 439 -73.16 -19.70 16.97
N ARG H 440 -73.94 -20.77 17.12
CA ARG H 440 -74.13 -21.45 18.41
C ARG H 440 -74.72 -20.49 19.44
N PHE H 441 -75.92 -20.01 19.12
CA PHE H 441 -76.62 -19.04 19.96
C PHE H 441 -77.76 -19.72 20.72
N GLY H 442 -78.18 -19.05 21.78
CA GLY H 442 -79.27 -19.54 22.60
C GLY H 442 -79.54 -18.58 23.74
N MET H 443 -80.58 -18.88 24.51
CA MET H 443 -80.94 -18.02 25.61
C MET H 443 -80.02 -18.19 26.81
N ASP H 444 -79.53 -19.40 27.06
CA ASP H 444 -78.61 -19.59 28.18
C ASP H 444 -77.35 -18.74 28.02
N SER H 445 -76.79 -18.72 26.80
CA SER H 445 -75.64 -17.86 26.56
C SER H 445 -76.00 -16.38 26.66
N LEU H 446 -77.25 -16.02 26.35
CA LEU H 446 -77.66 -14.62 26.42
C LEU H 446 -77.63 -14.09 27.84
N CYS H 447 -78.05 -14.90 28.81
CA CYS H 447 -78.11 -14.43 30.19
C CYS H 447 -76.73 -14.02 30.70
N LYS H 448 -75.71 -14.81 30.39
CA LYS H 448 -74.35 -14.47 30.82
C LYS H 448 -73.87 -13.19 30.14
N ASP H 449 -74.25 -12.98 28.88
CA ASP H 449 -73.86 -11.75 28.19
C ASP H 449 -74.45 -10.53 28.88
N ILE H 450 -75.70 -10.62 29.33
CA ILE H 450 -76.31 -9.52 30.08
C ILE H 450 -75.54 -9.27 31.38
N PHE H 451 -75.19 -10.35 32.08
CA PHE H 451 -74.52 -10.19 33.37
C PHE H 451 -73.07 -9.75 33.17
N THR H 452 -72.40 -10.26 32.14
CA THR H 452 -71.02 -9.86 31.91
C THR H 452 -70.89 -8.46 31.35
N TYR H 453 -72.00 -7.87 30.89
CA TYR H 453 -71.97 -6.49 30.42
C TYR H 453 -72.22 -5.50 31.56
N VAL H 454 -73.17 -5.81 32.44
CA VAL H 454 -73.47 -4.92 33.55
C VAL H 454 -72.28 -4.83 34.51
N LYS H 455 -71.54 -5.92 34.68
CA LYS H 455 -70.37 -5.89 35.55
C LYS H 455 -69.31 -4.93 35.03
N GLN H 456 -69.08 -4.93 33.72
CA GLN H 456 -68.13 -3.99 33.14
C GLN H 456 -68.63 -2.55 33.24
N ASP H 457 -69.94 -2.34 33.14
CA ASP H 457 -70.51 -1.02 33.27
C ASP H 457 -70.61 -0.55 34.72
N ARG H 458 -70.38 -1.45 35.67
CA ARG H 458 -70.49 -1.20 37.11
C ARG H 458 -71.67 -0.29 37.45
N ASP H 459 -72.85 -0.73 37.02
CA ASP H 459 -74.11 -0.05 37.36
C ASP H 459 -75.19 -1.14 37.42
N PHE H 460 -75.40 -1.66 38.63
CA PHE H 460 -76.29 -2.80 38.82
C PHE H 460 -77.75 -2.41 38.99
N ASN H 461 -78.06 -1.11 39.09
CA ASN H 461 -79.45 -0.69 39.24
C ASN H 461 -80.18 -0.71 37.91
N THR H 462 -79.59 -0.12 36.88
CA THR H 462 -80.22 -0.01 35.56
C THR H 462 -79.45 -0.78 34.49
N GLY H 463 -78.71 -1.81 34.89
CA GLY H 463 -77.95 -2.58 33.93
C GLY H 463 -78.82 -3.32 32.95
N PHE H 464 -79.94 -3.86 33.42
CA PHE H 464 -80.86 -4.63 32.59
C PHE H 464 -81.77 -3.74 31.72
N TYR H 465 -81.44 -2.46 31.57
CA TYR H 465 -82.09 -1.61 30.57
C TYR H 465 -81.36 -1.63 29.23
N LEU H 466 -80.06 -1.91 29.25
CA LEU H 466 -79.24 -1.96 28.03
C LEU H 466 -79.26 -0.66 27.25
N ARG H 467 -79.52 0.44 27.94
CA ARG H 467 -79.55 1.76 27.29
C ARG H 467 -78.15 2.36 27.29
N PRO H 468 -77.64 2.78 26.14
CA PRO H 468 -76.22 3.19 26.01
C PRO H 468 -75.92 4.56 26.62
N GLN H 469 -75.67 4.56 27.93
CA GLN H 469 -75.30 5.77 28.66
C GLN H 469 -73.86 5.76 29.12
N SER H 470 -73.11 4.69 28.86
CA SER H 470 -71.75 4.58 29.37
C SER H 470 -70.86 5.67 28.78
N GLU H 471 -69.74 5.92 29.46
CA GLU H 471 -68.81 6.98 29.10
C GLU H 471 -67.66 6.48 28.24
N SER H 472 -67.70 5.23 27.80
CA SER H 472 -66.66 4.67 26.95
C SER H 472 -67.27 4.22 25.63
N GLU H 473 -66.57 4.54 24.54
CA GLU H 473 -67.06 4.20 23.21
C GLU H 473 -67.04 2.70 22.93
N ALA H 474 -66.25 1.94 23.71
CA ALA H 474 -66.19 0.50 23.50
C ALA H 474 -67.43 -0.23 23.98
N LEU H 475 -68.19 0.39 24.89
CA LEU H 475 -69.40 -0.22 25.42
C LEU H 475 -70.68 0.35 24.85
N ARG H 476 -70.65 1.59 24.35
CA ARG H 476 -71.84 2.17 23.74
C ARG H 476 -72.20 1.50 22.42
N ASN H 477 -71.28 0.72 21.85
CA ASN H 477 -71.55 0.01 20.60
C ASN H 477 -71.84 -1.47 20.82
N CYS H 478 -71.89 -1.94 22.07
CA CYS H 478 -72.24 -3.32 22.35
C CYS H 478 -73.59 -3.48 23.02
N SER H 479 -74.13 -2.43 23.64
CA SER H 479 -75.48 -2.50 24.17
C SER H 479 -76.49 -2.67 23.04
N ILE H 480 -76.29 -1.96 21.93
CA ILE H 480 -77.19 -2.09 20.79
C ILE H 480 -77.19 -3.51 20.26
N TYR H 481 -76.01 -4.13 20.18
CA TYR H 481 -75.95 -5.52 19.76
C TYR H 481 -76.69 -6.42 20.75
N LEU H 482 -76.56 -6.16 22.04
CA LEU H 482 -77.28 -6.94 23.03
C LEU H 482 -78.78 -6.68 22.96
N ALA H 483 -79.17 -5.42 22.78
CA ALA H 483 -80.58 -5.09 22.64
C ALA H 483 -81.20 -5.72 21.39
N SER H 484 -80.38 -6.03 20.38
CA SER H 484 -80.88 -6.72 19.21
C SER H 484 -81.10 -8.21 19.47
N GLN H 485 -80.27 -8.81 20.32
CA GLN H 485 -80.40 -10.24 20.58
C GLN H 485 -81.59 -10.56 21.48
N VAL H 486 -81.90 -9.67 22.43
CA VAL H 486 -83.05 -9.93 23.30
C VAL H 486 -84.35 -9.87 22.51
N SER H 487 -84.44 -8.96 21.53
CA SER H 487 -85.63 -8.90 20.69
C SER H 487 -85.75 -10.15 19.82
N GLU H 488 -84.64 -10.57 19.19
CA GLU H 488 -84.68 -11.71 18.30
C GLU H 488 -85.01 -13.00 19.04
N ASN H 489 -84.44 -13.18 20.23
CA ASN H 489 -84.62 -14.44 20.95
C ASN H 489 -86.02 -14.54 21.55
N CYS H 490 -86.54 -13.45 22.08
CA CYS H 490 -87.81 -13.48 22.82
C CYS H 490 -89.02 -13.17 21.94
N GLN H 491 -88.83 -12.89 20.66
CA GLN H 491 -89.95 -12.56 19.79
C GLN H 491 -90.67 -13.83 19.38
N GLY H 492 -91.92 -13.96 19.84
CA GLY H 492 -92.73 -15.11 19.46
C GLY H 492 -92.55 -16.31 20.38
N SER H 493 -92.67 -16.09 21.68
CA SER H 493 -92.65 -17.17 22.66
C SER H 493 -93.07 -16.61 24.01
N LEU H 494 -93.49 -17.51 24.89
CA LEU H 494 -93.81 -17.17 26.28
C LEU H 494 -92.84 -17.80 27.27
N SER H 495 -92.53 -19.09 27.10
CA SER H 495 -91.52 -19.72 27.93
C SER H 495 -90.18 -19.02 27.75
N LYS H 496 -89.82 -18.70 26.51
CA LYS H 496 -88.59 -17.96 26.25
C LYS H 496 -88.67 -16.52 26.76
N PHE H 497 -89.86 -16.01 27.05
CA PHE H 497 -89.99 -14.68 27.60
C PHE H 497 -89.83 -14.66 29.11
N LEU H 498 -90.48 -15.59 29.82
CA LEU H 498 -90.36 -15.64 31.27
C LEU H 498 -88.96 -16.04 31.69
N GLN H 499 -88.33 -16.97 30.96
CA GLN H 499 -87.02 -17.47 31.35
C GLN H 499 -85.98 -16.36 31.37
N MET H 500 -85.97 -15.51 30.35
CA MET H 500 -84.98 -14.44 30.29
C MET H 500 -85.27 -13.37 31.34
N LEU H 501 -86.55 -13.08 31.58
CA LEU H 501 -86.90 -12.14 32.65
C LEU H 501 -86.55 -12.71 34.02
N LEU H 502 -86.96 -13.96 34.28
CA LEU H 502 -86.76 -14.53 35.61
C LEU H 502 -85.29 -14.74 35.92
N VAL H 503 -84.51 -15.19 34.94
CA VAL H 503 -83.12 -15.57 35.19
C VAL H 503 -82.19 -14.41 34.85
N GLY H 504 -82.16 -14.01 33.58
CA GLY H 504 -81.22 -12.98 33.15
C GLY H 504 -81.51 -11.62 33.75
N CYS H 505 -82.77 -11.21 33.74
CA CYS H 505 -83.12 -9.86 34.19
C CYS H 505 -83.11 -9.73 35.71
N GLY H 506 -83.52 -10.79 36.42
CA GLY H 506 -83.63 -10.69 37.86
C GLY H 506 -82.32 -10.82 38.60
N SER H 507 -81.34 -11.51 38.01
CA SER H 507 -80.09 -11.79 38.72
C SER H 507 -79.31 -10.52 39.02
N VAL H 508 -79.43 -9.50 38.16
CA VAL H 508 -78.72 -8.25 38.41
C VAL H 508 -79.30 -7.53 39.62
N SER H 509 -80.62 -7.57 39.78
CA SER H 509 -81.26 -6.88 40.90
C SER H 509 -81.01 -7.60 42.22
N ILE H 510 -81.17 -8.93 42.22
CA ILE H 510 -80.98 -9.69 43.46
C ILE H 510 -79.53 -9.60 43.94
N PHE H 511 -78.58 -9.75 43.01
CA PHE H 511 -77.17 -9.68 43.38
C PHE H 511 -76.80 -8.33 43.99
N ASN H 512 -77.50 -7.27 43.61
CA ASN H 512 -77.25 -5.96 44.20
C ASN H 512 -77.68 -5.89 45.66
N GLN H 513 -78.48 -6.84 46.14
CA GLN H 513 -78.88 -6.88 47.54
C GLN H 513 -77.82 -7.51 48.43
N PHE H 514 -76.83 -8.19 47.86
CA PHE H 514 -75.80 -8.87 48.62
C PHE H 514 -74.39 -8.41 48.29
N VAL H 515 -74.23 -7.50 47.33
CA VAL H 515 -72.93 -6.87 47.11
C VAL H 515 -72.60 -5.94 48.25
N THR H 516 -73.59 -5.14 48.69
CA THR H 516 -73.35 -4.15 49.73
C THR H 516 -72.83 -4.78 51.02
N GLU H 517 -73.29 -5.99 51.34
CA GLU H 517 -72.87 -6.64 52.58
C GLU H 517 -71.48 -7.26 52.43
N LEU H 518 -71.33 -8.18 51.49
CA LEU H 518 -70.11 -8.96 51.35
C LEU H 518 -69.26 -8.45 50.21
N ALA H 519 -67.94 -8.39 50.43
CA ALA H 519 -66.96 -8.08 49.40
C ALA H 519 -67.23 -6.70 48.79
N ARG H 520 -67.02 -5.68 49.61
CA ARG H 520 -67.15 -4.30 49.17
C ARG H 520 -66.30 -4.06 47.93
N ALA H 521 -66.89 -3.40 46.93
CA ALA H 521 -66.29 -3.35 45.59
C ALA H 521 -64.96 -2.62 45.60
N GLU H 522 -64.98 -1.33 45.95
CA GLU H 522 -63.79 -0.50 45.74
C GLU H 522 -62.67 -0.80 46.72
N ASN H 523 -62.97 -1.33 47.91
CA ASN H 523 -61.93 -1.59 48.89
C ASN H 523 -60.95 -2.65 48.39
N ASP H 524 -61.47 -3.74 47.82
CA ASP H 524 -60.62 -4.82 47.33
C ASP H 524 -61.26 -5.42 46.09
N ARG H 525 -60.60 -5.28 44.94
CA ARG H 525 -61.13 -5.82 43.70
C ARG H 525 -60.99 -7.34 43.64
N GLU H 526 -59.95 -7.89 44.26
CA GLU H 526 -59.72 -9.34 44.17
C GLU H 526 -60.84 -10.13 44.84
N LYS H 527 -61.31 -9.67 45.99
CA LYS H 527 -62.39 -10.37 46.67
C LYS H 527 -63.73 -10.11 46.01
N PHE H 528 -63.97 -8.87 45.57
CA PHE H 528 -65.22 -8.54 44.91
C PHE H 528 -65.38 -9.33 43.61
N GLU H 529 -64.30 -9.42 42.82
CA GLU H 529 -64.38 -10.16 41.56
C GLU H 529 -64.54 -11.66 41.80
N GLN H 530 -63.97 -12.18 42.88
CA GLN H 530 -64.13 -13.60 43.19
C GLN H 530 -65.55 -13.93 43.62
N LEU H 531 -66.21 -13.02 44.34
CA LEU H 531 -67.58 -13.27 44.78
C LEU H 531 -68.52 -13.41 43.59
N ILE H 532 -68.32 -12.60 42.56
CA ILE H 532 -69.14 -12.70 41.36
C ILE H 532 -68.96 -14.05 40.70
N SER H 533 -67.71 -14.55 40.64
CA SER H 533 -67.46 -15.84 39.99
C SER H 533 -68.17 -16.97 40.70
N GLU H 534 -68.18 -16.96 42.04
CA GLU H 534 -68.93 -17.97 42.78
C GLU H 534 -70.42 -17.82 42.54
N TYR H 535 -70.92 -16.59 42.52
CA TYR H 535 -72.35 -16.36 42.36
C TYR H 535 -72.84 -16.85 41.00
N VAL H 536 -72.15 -16.46 39.93
CA VAL H 536 -72.60 -16.79 38.58
C VAL H 536 -72.58 -18.30 38.34
N ALA H 537 -71.74 -19.03 39.07
CA ALA H 537 -71.66 -20.47 38.91
C ALA H 537 -72.48 -21.23 39.95
N TYR H 538 -73.12 -20.53 40.90
CA TYR H 538 -73.94 -21.23 41.88
C TYR H 538 -75.29 -21.62 41.29
N MET H 539 -76.09 -20.62 40.90
CA MET H 539 -77.35 -20.88 40.21
C MET H 539 -77.17 -21.01 38.70
N SER H 540 -75.93 -21.17 38.25
CA SER H 540 -75.61 -21.46 36.85
C SER H 540 -76.18 -20.41 35.91
N VAL H 541 -76.01 -19.13 36.26
CA VAL H 541 -76.35 -18.05 35.34
C VAL H 541 -75.46 -18.16 34.12
N GLY H 542 -76.08 -18.15 32.93
CA GLY H 542 -75.39 -18.34 31.69
C GLY H 542 -75.45 -19.75 31.15
N ARG H 543 -75.83 -20.72 31.98
CA ARG H 543 -76.05 -22.09 31.53
C ARG H 543 -77.16 -22.67 32.42
N ILE H 544 -78.39 -22.55 31.97
CA ILE H 544 -79.56 -22.84 32.80
C ILE H 544 -80.09 -24.22 32.47
N GLU H 545 -80.60 -24.91 33.49
CA GLU H 545 -81.21 -26.22 33.32
C GLU H 545 -82.73 -26.15 33.35
N SER H 546 -83.31 -25.26 34.15
CA SER H 546 -84.75 -25.07 34.25
C SER H 546 -85.02 -23.78 35.00
N ALA H 547 -86.02 -23.03 34.54
CA ALA H 547 -86.40 -21.82 35.25
C ALA H 547 -86.94 -22.14 36.64
N SER H 548 -87.59 -23.30 36.79
CA SER H 548 -88.03 -23.74 38.11
C SER H 548 -86.84 -24.02 39.02
N HIS H 549 -85.78 -24.61 38.46
CA HIS H 549 -84.57 -24.86 39.24
C HIS H 549 -83.95 -23.56 39.72
N TRP H 550 -83.96 -22.52 38.87
CA TRP H 550 -83.46 -21.22 39.30
C TRP H 550 -84.28 -20.65 40.45
N ALA H 551 -85.56 -21.02 40.53
CA ALA H 551 -86.38 -20.57 41.66
C ALA H 551 -86.03 -21.34 42.92
N ASN H 552 -85.80 -22.65 42.80
CA ASN H 552 -85.46 -23.46 43.97
C ASN H 552 -84.14 -23.04 44.60
N ARG H 553 -83.26 -22.37 43.85
CA ARG H 553 -82.00 -21.87 44.38
C ARG H 553 -82.06 -20.40 44.75
N CYS H 554 -82.91 -19.61 44.08
CA CYS H 554 -83.02 -18.20 44.40
C CYS H 554 -83.55 -17.98 45.81
N CYS H 555 -84.40 -18.88 46.30
CA CYS H 555 -84.97 -18.72 47.63
C CYS H 555 -83.88 -18.80 48.70
N ALA H 556 -82.96 -19.74 48.57
CA ALA H 556 -81.89 -19.88 49.56
C ALA H 556 -80.97 -18.67 49.56
N VAL H 557 -80.72 -18.07 48.41
CA VAL H 557 -79.80 -16.94 48.33
C VAL H 557 -80.32 -15.75 49.11
N VAL H 558 -81.64 -15.50 49.04
CA VAL H 558 -82.22 -14.37 49.75
C VAL H 558 -82.62 -14.72 51.18
N ALA H 559 -82.69 -16.01 51.52
CA ALA H 559 -83.08 -16.42 52.87
C ALA H 559 -82.00 -16.13 53.91
N ASN H 560 -80.78 -15.81 53.48
CA ASN H 560 -79.67 -15.59 54.40
C ASN H 560 -79.52 -14.12 54.81
N SER H 561 -80.59 -13.35 54.74
CA SER H 561 -80.58 -11.95 55.15
C SER H 561 -81.78 -11.66 56.05
N PRO H 562 -81.80 -12.20 57.26
CA PRO H 562 -82.89 -11.90 58.18
C PRO H 562 -82.82 -10.47 58.68
N ASN H 563 -83.98 -9.90 58.96
CA ASN H 563 -84.07 -8.54 59.47
C ASN H 563 -83.93 -8.56 61.00
N ASP H 564 -84.19 -7.42 61.63
CA ASP H 564 -84.04 -7.32 63.09
C ASP H 564 -85.03 -8.22 63.82
N GLU H 565 -86.27 -8.28 63.36
CA GLU H 565 -87.30 -9.03 64.06
C GLU H 565 -87.29 -10.52 63.75
N LYS H 566 -86.53 -10.94 62.73
CA LYS H 566 -86.38 -12.36 62.40
C LYS H 566 -87.73 -13.03 62.13
N ILE H 567 -88.63 -12.31 61.45
CA ILE H 567 -89.91 -12.86 61.07
C ILE H 567 -89.76 -13.68 59.80
N GLY H 568 -90.56 -14.74 59.68
CA GLY H 568 -90.46 -15.64 58.56
C GLY H 568 -91.10 -15.15 57.28
N VAL H 569 -90.91 -13.87 56.96
CA VAL H 569 -91.36 -13.30 55.70
C VAL H 569 -90.18 -12.63 55.01
N PHE H 570 -89.98 -12.93 53.74
CA PHE H 570 -88.91 -12.36 52.95
C PHE H 570 -89.50 -11.78 51.66
N LEU H 571 -88.64 -11.20 50.84
CA LEU H 571 -89.08 -10.55 49.61
C LEU H 571 -89.68 -11.57 48.65
N GLY H 572 -91.00 -11.56 48.52
CA GLY H 572 -91.68 -12.46 47.62
C GLY H 572 -91.87 -13.87 48.13
N MET H 573 -91.86 -14.07 49.44
CA MET H 573 -92.00 -15.42 50.00
C MET H 573 -92.32 -15.31 51.48
N VAL H 574 -92.76 -16.42 52.05
CA VAL H 574 -93.07 -16.53 53.47
C VAL H 574 -92.57 -17.88 53.97
N GLN H 575 -91.93 -17.87 55.14
CA GLN H 575 -91.39 -19.09 55.71
C GLN H 575 -92.45 -19.84 56.49
N LEU H 576 -92.63 -21.12 56.19
CA LEU H 576 -93.65 -21.95 56.81
C LEU H 576 -93.00 -22.98 57.72
N ASN H 577 -93.54 -23.10 58.94
CA ASN H 577 -93.05 -24.12 59.87
C ASN H 577 -93.33 -25.52 59.36
N ARG H 578 -92.42 -26.44 59.68
CA ARG H 578 -92.57 -27.83 59.32
C ARG H 578 -92.91 -28.73 60.50
N LYS H 579 -92.62 -28.28 61.72
CA LYS H 579 -92.93 -29.03 62.94
C LYS H 579 -93.98 -28.28 63.74
N SER H 580 -94.96 -29.01 64.23
CA SER H 580 -96.05 -28.40 64.99
C SER H 580 -95.53 -27.86 66.31
N ARG H 581 -95.94 -26.63 66.64
CA ARG H 581 -95.55 -26.00 67.89
C ARG H 581 -96.40 -26.55 69.04
N GLN H 582 -95.97 -26.27 70.27
CA GLN H 582 -96.64 -26.82 71.45
C GLN H 582 -97.98 -26.13 71.71
N HIS H 583 -98.04 -24.81 71.54
CA HIS H 583 -99.23 -24.04 71.84
C HIS H 583 -99.70 -23.29 70.59
N MET H 584 -101.02 -23.27 70.39
CA MET H 584 -101.61 -22.58 69.25
C MET H 584 -102.64 -21.58 69.74
N PRO H 585 -102.38 -20.27 69.58
CA PRO H 585 -103.32 -19.27 70.13
C PRO H 585 -104.72 -19.37 69.56
N GLY H 586 -104.87 -19.74 68.29
CA GLY H 586 -106.18 -19.87 67.69
C GLY H 586 -106.39 -21.21 67.02
N GLY H 587 -106.75 -21.18 65.73
CA GLY H 587 -106.91 -22.40 64.97
C GLY H 587 -105.65 -22.74 64.19
N TYR H 588 -104.53 -22.14 64.59
CA TYR H 588 -103.28 -22.35 63.88
C TYR H 588 -102.80 -23.79 64.02
N LYS H 589 -102.09 -24.25 63.01
CA LYS H 589 -101.47 -25.57 63.00
C LYS H 589 -100.40 -25.60 61.91
N LYS H 590 -99.76 -26.74 61.77
CA LYS H 590 -98.80 -26.91 60.68
C LYS H 590 -99.54 -26.91 59.33
N PHE H 591 -98.75 -26.86 58.26
CA PHE H 591 -99.35 -26.70 56.93
C PHE H 591 -100.24 -27.87 56.57
N ASN H 592 -99.74 -29.10 56.70
CA ASN H 592 -100.51 -30.32 56.43
C ASN H 592 -101.06 -30.31 54.99
N ILE H 593 -100.11 -30.36 54.05
CA ILE H 593 -100.43 -30.26 52.63
C ILE H 593 -101.50 -31.25 52.20
N ASP H 594 -101.60 -32.39 52.89
CA ASP H 594 -102.61 -33.38 52.54
C ASP H 594 -104.03 -32.89 52.74
N THR H 595 -104.23 -31.78 53.47
CA THR H 595 -105.57 -31.22 53.63
C THR H 595 -106.14 -30.76 52.30
N GLU H 596 -105.32 -30.15 51.45
CA GLU H 596 -105.79 -29.65 50.16
C GLU H 596 -106.17 -30.80 49.24
N ASN H 597 -106.94 -30.47 48.22
CA ASN H 597 -107.40 -31.46 47.25
C ASN H 597 -107.63 -30.77 45.91
N GLY H 598 -107.68 -31.59 44.86
CA GLY H 598 -107.95 -31.09 43.53
C GLY H 598 -106.81 -30.26 42.97
N LEU H 599 -107.17 -29.36 42.04
CA LEU H 599 -106.18 -28.52 41.39
C LEU H 599 -105.54 -27.53 42.36
N ALA H 600 -106.20 -27.22 43.48
CA ALA H 600 -105.58 -26.38 44.49
C ALA H 600 -104.34 -27.05 45.08
N LYS H 601 -104.42 -28.36 45.32
CA LYS H 601 -103.24 -29.09 45.77
C LYS H 601 -102.17 -29.13 44.69
N ALA H 602 -102.57 -29.32 43.44
CA ALA H 602 -101.61 -29.35 42.33
C ALA H 602 -100.90 -28.02 42.15
N ALA H 603 -101.56 -26.90 42.45
CA ALA H 603 -100.94 -25.59 42.39
C ALA H 603 -100.25 -25.20 43.70
N MET H 604 -100.42 -25.99 44.76
CA MET H 604 -99.75 -25.72 46.02
C MET H 604 -98.42 -26.44 46.13
N ALA H 605 -98.39 -27.73 45.76
CA ALA H 605 -97.14 -28.48 45.77
C ALA H 605 -96.13 -27.92 44.78
N SER H 606 -96.59 -27.22 43.75
CA SER H 606 -95.71 -26.55 42.79
C SER H 606 -95.27 -25.17 43.25
N SER H 607 -95.36 -24.88 44.54
CA SER H 607 -94.97 -23.58 45.06
C SER H 607 -94.17 -23.69 46.36
N LEU H 608 -93.66 -24.87 46.68
CA LEU H 608 -92.94 -25.10 47.93
C LEU H 608 -91.51 -25.53 47.64
N SER H 609 -90.56 -24.88 48.31
CA SER H 609 -89.15 -25.20 48.20
C SER H 609 -88.58 -25.49 49.58
N THR H 610 -87.73 -26.52 49.67
CA THR H 610 -87.18 -26.98 50.94
C THR H 610 -85.69 -26.69 50.95
N VAL H 611 -85.33 -25.54 51.53
CA VAL H 611 -83.92 -25.17 51.67
C VAL H 611 -83.30 -25.96 52.81
N ALA H 612 -82.18 -26.62 52.53
CA ALA H 612 -81.51 -27.48 53.51
C ALA H 612 -80.37 -26.71 54.15
N SER H 613 -80.71 -25.92 55.15
CA SER H 613 -79.73 -25.19 55.95
C SER H 613 -79.26 -26.09 57.10
N ASN H 614 -78.60 -25.50 58.10
CA ASN H 614 -78.23 -26.27 59.29
C ASN H 614 -79.47 -26.88 59.94
N ASN H 615 -80.62 -26.27 59.74
CA ASN H 615 -81.91 -26.88 60.02
C ASN H 615 -82.82 -26.69 58.82
N LEU H 616 -83.63 -27.71 58.53
CA LEU H 616 -84.43 -27.69 57.31
C LEU H 616 -85.45 -26.54 57.35
N MET H 617 -85.55 -25.83 56.23
CA MET H 617 -86.46 -24.71 56.09
C MET H 617 -87.40 -24.95 54.92
N ASP H 618 -88.67 -24.63 55.10
CA ASP H 618 -89.69 -24.79 54.08
C ASP H 618 -90.20 -23.41 53.66
N PHE H 619 -90.32 -23.21 52.35
CA PHE H 619 -90.62 -21.90 51.79
C PHE H 619 -91.81 -21.99 50.85
N CYS H 620 -92.54 -20.87 50.75
CA CYS H 620 -93.57 -20.68 49.74
C CYS H 620 -93.28 -19.35 49.05
N SER H 621 -93.00 -19.40 47.75
CA SER H 621 -92.46 -18.25 47.04
C SER H 621 -93.25 -17.98 45.76
N VAL H 622 -93.32 -16.70 45.40
CA VAL H 622 -93.93 -16.31 44.13
C VAL H 622 -93.04 -16.72 42.97
N PHE H 623 -91.71 -16.66 43.15
CA PHE H 623 -90.79 -16.94 42.06
C PHE H 623 -90.92 -18.36 41.56
N ASN H 624 -91.34 -19.29 42.42
CA ASN H 624 -91.53 -20.66 41.97
C ASN H 624 -92.71 -20.78 41.01
N LEU H 625 -93.72 -19.92 41.17
CA LEU H 625 -94.87 -19.94 40.25
C LEU H 625 -94.44 -19.56 38.84
N ILE H 626 -93.69 -18.47 38.70
CA ILE H 626 -93.22 -18.05 37.39
C ILE H 626 -92.34 -19.14 36.77
N GLY H 627 -91.50 -19.77 37.60
CA GLY H 627 -90.70 -20.88 37.12
C GLY H 627 -91.55 -22.06 36.72
N ALA H 628 -92.60 -22.35 37.48
CA ALA H 628 -93.49 -23.47 37.14
C ALA H 628 -94.22 -23.21 35.84
N ILE H 629 -94.67 -21.97 35.63
CA ILE H 629 -95.36 -21.63 34.38
C ILE H 629 -94.41 -21.75 33.20
N ALA H 630 -93.19 -21.24 33.33
CA ALA H 630 -92.24 -21.22 32.23
C ALA H 630 -91.77 -22.61 31.82
N ASP H 631 -92.04 -23.64 32.61
CA ASP H 631 -91.61 -25.00 32.27
C ASP H 631 -92.69 -25.74 31.48
N ILE H 632 -93.91 -25.80 32.02
CA ILE H 632 -94.98 -26.53 31.35
C ILE H 632 -95.37 -25.85 30.05
N SER H 633 -95.20 -24.54 29.95
CA SER H 633 -95.60 -23.79 28.76
C SER H 633 -94.76 -24.12 27.54
N ALA H 634 -93.63 -24.81 27.71
CA ALA H 634 -92.74 -25.13 26.60
C ALA H 634 -92.82 -26.58 26.16
N CYS H 635 -93.80 -27.34 26.65
CA CYS H 635 -93.91 -28.74 26.27
C CYS H 635 -94.20 -28.89 24.78
N ARG H 636 -95.24 -28.22 24.29
CA ARG H 636 -95.61 -28.22 22.88
C ARG H 636 -95.75 -29.64 22.33
N CYS H 637 -96.53 -30.45 23.04
CA CYS H 637 -96.75 -31.84 22.65
C CYS H 637 -98.19 -32.22 22.99
N GLU H 638 -98.48 -33.52 22.92
CA GLU H 638 -99.82 -34.02 23.13
C GLU H 638 -100.10 -34.18 24.62
N ARG H 639 -101.23 -34.80 24.95
CA ARG H 639 -101.58 -35.02 26.36
C ARG H 639 -100.60 -35.96 27.03
N SER H 640 -100.17 -37.02 26.33
CA SER H 640 -99.31 -38.02 26.94
C SER H 640 -98.03 -37.40 27.48
N ALA H 641 -97.42 -36.49 26.71
CA ALA H 641 -96.22 -35.80 27.19
C ALA H 641 -96.54 -34.92 28.38
N ILE H 642 -97.68 -34.21 28.38
CA ILE H 642 -98.02 -33.33 29.48
C ILE H 642 -98.58 -34.07 30.68
N THR H 643 -98.80 -35.38 30.58
CA THR H 643 -99.03 -36.17 31.78
C THR H 643 -97.75 -36.28 32.60
N ASN H 644 -96.62 -36.58 31.93
CA ASN H 644 -95.34 -36.61 32.61
C ASN H 644 -94.84 -35.20 32.90
N ALA H 645 -95.00 -34.28 31.94
CA ALA H 645 -94.49 -32.92 32.13
C ALA H 645 -95.14 -32.23 33.32
N PHE H 646 -96.47 -32.38 33.45
CA PHE H 646 -97.15 -31.85 34.62
C PHE H 646 -96.67 -32.56 35.89
N ASN H 647 -96.48 -33.87 35.80
CA ASN H 647 -96.01 -34.63 36.97
C ASN H 647 -94.60 -34.22 37.37
N LYS H 648 -93.72 -33.98 36.39
CA LYS H 648 -92.35 -33.61 36.73
C LYS H 648 -92.26 -32.25 37.40
N VAL H 649 -93.12 -31.30 37.02
CA VAL H 649 -93.10 -29.99 37.64
C VAL H 649 -93.44 -30.09 39.12
N ILE H 650 -94.43 -30.91 39.46
CA ILE H 650 -94.83 -31.10 40.85
C ILE H 650 -93.94 -32.19 41.46
N ALA H 651 -92.96 -31.78 42.24
CA ALA H 651 -92.05 -32.71 42.88
C ALA H 651 -91.39 -32.02 44.06
N GLN H 652 -90.86 -32.82 44.98
CA GLN H 652 -90.16 -32.33 46.15
C GLN H 652 -88.67 -32.39 45.90
N THR H 653 -88.00 -31.24 45.98
CA THR H 653 -86.58 -31.14 45.72
C THR H 653 -85.92 -30.32 46.82
N THR H 654 -84.62 -30.54 47.00
CA THR H 654 -83.83 -29.88 48.03
C THR H 654 -82.66 -29.15 47.37
N CYS H 655 -82.37 -27.94 47.86
CA CYS H 655 -81.29 -27.12 47.34
C CYS H 655 -80.33 -26.77 48.48
N ILE H 656 -79.04 -26.73 48.15
CA ILE H 656 -77.99 -26.52 49.14
C ILE H 656 -77.79 -25.03 49.36
N VAL H 657 -77.48 -24.66 50.60
CA VAL H 657 -77.20 -23.28 50.97
C VAL H 657 -76.01 -22.77 50.16
N PRO H 658 -75.99 -21.52 49.71
CA PRO H 658 -74.89 -21.05 48.89
C PRO H 658 -73.57 -21.15 49.65
N PRO H 659 -72.46 -21.36 48.92
CA PRO H 659 -71.17 -21.52 49.61
C PRO H 659 -70.75 -20.32 50.45
N TRP H 660 -71.14 -19.11 50.07
CA TRP H 660 -70.74 -17.94 50.84
C TRP H 660 -71.63 -17.76 52.07
N SER H 661 -71.81 -18.84 52.83
CA SER H 661 -72.67 -18.82 54.00
C SER H 661 -72.10 -19.75 55.07
N GLU H 662 -72.49 -19.47 56.32
CA GLU H 662 -71.90 -20.20 57.45
C GLU H 662 -72.26 -21.68 57.41
N ALA H 663 -73.51 -22.01 57.11
CA ALA H 663 -73.98 -23.39 57.17
C ALA H 663 -73.59 -24.21 55.95
N ALA H 664 -72.64 -23.74 55.15
CA ALA H 664 -72.25 -24.48 53.95
C ALA H 664 -71.56 -25.79 54.28
N VAL H 665 -70.95 -25.90 55.46
CA VAL H 665 -70.18 -27.09 55.80
C VAL H 665 -71.01 -28.09 56.62
N ARG H 666 -71.80 -27.61 57.59
CA ARG H 666 -72.57 -28.51 58.42
C ARG H 666 -73.81 -29.05 57.74
N ALA H 667 -74.32 -28.37 56.71
CA ALA H 667 -75.45 -28.89 55.97
C ALA H 667 -75.10 -30.20 55.27
N GLU H 668 -73.89 -30.29 54.72
CA GLU H 668 -73.46 -31.51 54.05
C GLU H 668 -73.41 -32.68 55.02
N MET H 669 -72.91 -32.44 56.25
CA MET H 669 -72.81 -33.51 57.23
C MET H 669 -74.19 -34.06 57.60
N LYS H 670 -75.16 -33.18 57.82
CA LYS H 670 -76.49 -33.62 58.20
C LYS H 670 -77.20 -34.31 57.04
N GLY H 671 -77.15 -33.73 55.86
CA GLY H 671 -77.80 -34.29 54.69
C GLY H 671 -77.15 -35.57 54.20
N THR H 704 -105.58 -40.92 41.50
CA THR H 704 -105.37 -40.32 40.19
C THR H 704 -106.36 -39.17 39.96
N GLU H 705 -106.69 -38.45 41.04
CA GLU H 705 -107.62 -37.33 40.94
C GLU H 705 -107.06 -36.18 40.12
N PHE H 706 -105.75 -36.16 39.87
CA PHE H 706 -105.13 -35.09 39.10
C PHE H 706 -105.51 -35.12 37.62
N SER H 707 -106.19 -36.17 37.16
CA SER H 707 -106.56 -36.26 35.75
C SER H 707 -107.46 -35.10 35.35
N ASP H 708 -108.40 -34.72 36.22
CA ASP H 708 -109.23 -33.56 35.95
C ASP H 708 -108.40 -32.28 35.89
N ALA H 709 -107.44 -32.14 36.81
CA ALA H 709 -106.59 -30.95 36.80
C ALA H 709 -105.74 -30.90 35.54
N ILE H 710 -105.20 -32.04 35.11
CA ILE H 710 -104.40 -32.07 33.88
C ILE H 710 -105.26 -31.68 32.69
N THR H 711 -106.51 -32.14 32.67
CA THR H 711 -107.41 -31.80 31.56
C THR H 711 -107.65 -30.29 31.49
N LYS H 712 -107.78 -29.64 32.64
CA LYS H 712 -107.98 -28.19 32.65
C LYS H 712 -106.80 -27.45 32.05
N VAL H 713 -105.58 -27.94 32.31
CA VAL H 713 -104.40 -27.27 31.78
C VAL H 713 -104.31 -27.43 30.27
N GLU H 714 -104.68 -28.60 29.74
CA GLU H 714 -104.43 -28.90 28.33
C GLU H 714 -105.21 -27.95 27.42
N GLN H 715 -106.39 -27.49 27.85
CA GLN H 715 -107.13 -26.53 27.04
C GLN H 715 -106.40 -25.19 26.97
N TRP H 716 -105.68 -24.83 28.04
CA TRP H 716 -104.94 -23.57 28.01
C TRP H 716 -103.86 -23.58 26.94
N LEU H 717 -103.15 -24.70 26.80
CA LEU H 717 -102.09 -24.77 25.80
C LEU H 717 -102.66 -24.61 24.39
N LYS H 718 -103.89 -25.06 24.16
CA LYS H 718 -104.48 -24.96 22.83
C LYS H 718 -104.69 -23.50 22.43
N ASN H 719 -105.20 -22.67 23.34
CA ASN H 719 -105.48 -21.27 23.01
C ASN H 719 -104.30 -20.35 23.30
N VAL H 720 -103.22 -20.87 23.89
CA VAL H 720 -102.01 -20.06 24.03
C VAL H 720 -101.35 -19.84 22.66
N ASN H 721 -101.30 -20.90 21.84
CA ASN H 721 -100.47 -20.86 20.64
C ASN H 721 -100.89 -19.75 19.68
N GLU H 722 -102.19 -19.53 19.52
CA GLU H 722 -102.65 -18.44 18.66
C GLU H 722 -102.19 -17.09 19.21
N ILE H 723 -102.32 -16.88 20.52
CA ILE H 723 -101.81 -15.67 21.14
C ILE H 723 -100.28 -15.70 21.17
N GLU H 724 -99.71 -16.89 21.30
CA GLU H 724 -98.25 -17.05 21.38
C GLU H 724 -97.53 -16.49 20.17
N ILE H 725 -98.14 -16.61 18.98
CA ILE H 725 -97.47 -16.17 17.76
C ILE H 725 -97.27 -14.67 17.75
N GLY H 726 -98.28 -13.92 18.18
CA GLY H 726 -98.25 -12.47 18.05
C GLY H 726 -97.48 -11.71 19.10
N ILE H 727 -96.90 -12.39 20.09
CA ILE H 727 -96.16 -11.68 21.13
C ILE H 727 -94.86 -11.15 20.57
N ARG H 728 -94.51 -9.91 20.94
CA ARG H 728 -93.30 -9.25 20.45
C ARG H 728 -92.74 -8.35 21.54
N PRO H 729 -92.01 -8.92 22.49
CA PRO H 729 -91.42 -8.10 23.55
C PRO H 729 -90.22 -7.30 23.06
N SER H 730 -89.86 -6.29 23.84
CA SER H 730 -88.76 -5.40 23.53
C SER H 730 -87.81 -5.33 24.72
N ALA H 731 -86.63 -4.77 24.48
CA ALA H 731 -85.63 -4.68 25.53
C ALA H 731 -86.12 -3.83 26.70
N LEU H 732 -86.76 -2.70 26.40
CA LEU H 732 -87.23 -1.82 27.46
C LEU H 732 -88.45 -2.37 28.20
N LEU H 733 -89.21 -3.27 27.57
CA LEU H 733 -90.41 -3.80 28.21
C LEU H 733 -90.06 -4.59 29.46
N ILE H 734 -89.14 -5.56 29.34
CA ILE H 734 -88.76 -6.36 30.49
C ILE H 734 -88.06 -5.52 31.54
N GLY H 735 -87.28 -4.54 31.11
CA GLY H 735 -86.64 -3.65 32.07
C GLY H 735 -87.63 -2.90 32.93
N LYS H 736 -88.76 -2.51 32.35
CA LYS H 736 -89.79 -1.83 33.11
C LYS H 736 -90.76 -2.77 33.81
N VAL H 737 -90.88 -4.01 33.33
CA VAL H 737 -91.75 -4.98 34.00
C VAL H 737 -91.17 -5.37 35.35
N TRP H 738 -89.87 -5.69 35.40
CA TRP H 738 -89.26 -6.12 36.65
C TRP H 738 -89.08 -4.95 37.62
N SER H 739 -88.80 -3.75 37.10
CA SER H 739 -88.59 -2.61 37.99
C SER H 739 -89.83 -2.32 38.82
N ARG H 740 -91.02 -2.37 38.20
CA ARG H 740 -92.25 -2.25 38.96
C ARG H 740 -92.52 -3.51 39.78
N PHE H 741 -92.18 -4.68 39.22
CA PHE H 741 -92.37 -5.93 39.95
C PHE H 741 -91.51 -5.97 41.21
N TYR H 742 -90.26 -5.51 41.11
CA TYR H 742 -89.36 -5.57 42.26
C TYR H 742 -89.83 -4.61 43.36
N PHE H 743 -90.13 -3.36 43.00
CA PHE H 743 -90.52 -2.37 44.00
C PHE H 743 -91.83 -2.75 44.67
N ASN H 744 -92.83 -3.16 43.88
CA ASN H 744 -94.12 -3.53 44.45
C ASN H 744 -94.00 -4.75 45.36
N LEU H 745 -93.26 -5.77 44.92
CA LEU H 745 -93.11 -6.97 45.75
C LEU H 745 -92.34 -6.66 47.02
N ASN H 746 -91.36 -5.77 46.94
CA ASN H 746 -90.64 -5.36 48.14
C ASN H 746 -91.55 -4.62 49.10
N ASN H 747 -92.44 -3.77 48.58
CA ASN H 747 -93.33 -2.97 49.42
C ASN H 747 -94.45 -3.77 50.05
N VAL H 748 -94.71 -5.00 49.56
CA VAL H 748 -95.72 -5.84 50.18
C VAL H 748 -95.23 -6.37 51.52
N ALA H 749 -93.96 -6.77 51.58
CA ALA H 749 -93.45 -7.51 52.74
C ALA H 749 -93.47 -6.65 54.01
N ASP H 750 -92.98 -5.42 53.93
CA ASP H 750 -92.86 -4.60 55.14
C ASP H 750 -94.23 -4.27 55.72
N GLN H 751 -95.19 -3.93 54.88
CA GLN H 751 -96.52 -3.62 55.38
C GLN H 751 -97.19 -4.84 56.02
N HIS H 752 -97.03 -6.01 55.41
CA HIS H 752 -97.70 -7.22 55.87
C HIS H 752 -96.96 -7.94 56.98
N LYS H 753 -95.77 -7.47 57.37
CA LYS H 753 -95.03 -8.11 58.45
C LYS H 753 -95.29 -7.45 59.80
N THR H 754 -95.62 -6.15 59.81
CA THR H 754 -95.89 -5.46 61.07
C THR H 754 -97.26 -5.83 61.62
N ARG H 755 -98.25 -6.00 60.74
CA ARG H 755 -99.64 -6.19 61.15
C ARG H 755 -99.99 -7.67 61.07
N LEU H 756 -99.83 -8.36 62.20
CA LEU H 756 -100.18 -9.78 62.28
C LEU H 756 -100.33 -10.12 63.75
N TYR H 757 -101.51 -10.61 64.13
CA TYR H 757 -101.87 -10.85 65.53
C TYR H 757 -102.49 -12.23 65.69
N ARG H 758 -102.79 -12.58 66.94
CA ARG H 758 -103.36 -13.89 67.23
C ARG H 758 -104.73 -14.07 66.59
N ASN H 759 -105.57 -13.04 66.67
CA ASN H 759 -106.90 -13.07 66.08
C ASN H 759 -106.95 -12.34 64.74
N ALA H 760 -105.82 -12.28 64.04
CA ALA H 760 -105.74 -11.60 62.75
C ALA H 760 -106.10 -12.49 61.58
N GLU H 761 -106.43 -13.76 61.83
CA GLU H 761 -106.79 -14.66 60.75
C GLU H 761 -108.13 -14.27 60.14
N HIS H 762 -108.44 -14.86 58.99
CA HIS H 762 -109.67 -14.65 58.24
C HIS H 762 -109.75 -13.24 57.65
N GLY H 763 -108.78 -12.39 57.97
CA GLY H 763 -108.76 -11.04 57.44
C GLY H 763 -109.96 -10.20 57.86
N ARG H 764 -110.85 -9.96 56.90
CA ARG H 764 -112.11 -9.24 57.11
C ARG H 764 -111.90 -7.75 57.38
N MET H 765 -110.64 -7.33 57.53
CA MET H 765 -110.30 -5.92 57.66
C MET H 765 -109.06 -5.65 56.81
N ALA H 766 -108.49 -4.47 56.97
CA ALA H 766 -107.25 -4.12 56.29
C ALA H 766 -106.03 -4.38 57.16
N SER H 767 -106.13 -4.11 58.46
CA SER H 767 -104.99 -4.33 59.35
C SER H 767 -104.71 -5.81 59.55
N GLN H 768 -105.75 -6.61 59.73
CA GLN H 768 -105.56 -8.05 59.93
C GLN H 768 -104.94 -8.68 58.69
N SER H 769 -103.92 -9.51 58.90
CA SER H 769 -103.23 -10.20 57.83
C SER H 769 -103.12 -11.68 58.15
N ASN H 770 -102.75 -12.46 57.15
CA ASN H 770 -102.69 -13.91 57.28
C ASN H 770 -101.63 -14.42 56.31
N ALA H 771 -101.24 -15.68 56.49
CA ALA H 771 -100.27 -16.29 55.60
C ALA H 771 -100.79 -16.31 54.17
N ALA H 772 -102.07 -16.65 53.98
CA ALA H 772 -102.65 -16.66 52.64
C ALA H 772 -102.72 -15.25 52.06
N LYS H 773 -103.09 -14.26 52.88
CA LYS H 773 -103.23 -12.89 52.37
C LYS H 773 -101.90 -12.36 51.85
N ILE H 774 -100.82 -12.58 52.60
CA ILE H 774 -99.50 -12.19 52.11
C ILE H 774 -99.13 -13.05 50.90
N MET H 775 -99.52 -14.32 50.91
CA MET H 775 -99.21 -15.21 49.80
C MET H 775 -99.96 -14.79 48.54
N ARG H 776 -101.27 -14.54 48.65
CA ARG H 776 -102.05 -14.18 47.48
C ARG H 776 -101.62 -12.83 46.92
N PHE H 777 -101.18 -11.92 47.79
CA PHE H 777 -100.98 -10.54 47.37
C PHE H 777 -99.71 -10.38 46.55
N ASN H 778 -98.73 -11.26 46.74
CA ASN H 778 -97.53 -11.24 45.90
C ASN H 778 -97.88 -11.54 44.45
N VAL H 779 -98.72 -12.55 44.22
CA VAL H 779 -99.13 -12.89 42.87
C VAL H 779 -99.88 -11.73 42.22
N LEU H 780 -100.82 -11.15 42.96
CA LEU H 780 -101.56 -10.00 42.46
C LEU H 780 -100.65 -8.79 42.26
N ALA H 781 -99.56 -8.69 43.02
CA ALA H 781 -98.58 -7.64 42.79
C ALA H 781 -97.77 -7.88 41.52
N PHE H 782 -97.81 -9.08 40.97
CA PHE H 782 -97.07 -9.38 39.75
C PHE H 782 -97.93 -9.10 38.51
N LEU H 783 -99.18 -9.53 38.52
CA LEU H 783 -100.06 -9.32 37.37
C LEU H 783 -100.35 -7.85 37.15
N HIS H 784 -100.41 -7.06 38.21
CA HIS H 784 -100.57 -5.62 38.05
C HIS H 784 -99.37 -5.00 37.36
N ALA H 785 -98.18 -5.53 37.61
CA ALA H 785 -96.97 -4.96 37.01
C ALA H 785 -96.93 -5.19 35.51
N VAL H 786 -97.23 -6.42 35.07
CA VAL H 786 -97.19 -6.71 33.65
C VAL H 786 -98.32 -5.98 32.91
N LEU H 787 -99.48 -5.83 33.56
CA LEU H 787 -100.62 -5.21 32.89
C LEU H 787 -100.35 -3.74 32.57
N VAL H 788 -99.84 -2.99 33.55
CA VAL H 788 -99.64 -1.55 33.36
C VAL H 788 -98.59 -1.28 32.29
N GLU H 789 -97.47 -1.99 32.35
CA GLU H 789 -96.37 -1.70 31.43
C GLU H 789 -96.68 -2.19 30.02
N GLU H 790 -97.32 -3.35 29.89
CA GLU H 790 -97.58 -3.93 28.57
C GLU H 790 -98.49 -3.03 27.74
N SER H 791 -99.53 -2.48 28.36
CA SER H 791 -100.39 -1.54 27.64
C SER H 791 -99.69 -0.25 27.29
N LEU H 792 -98.53 0.02 27.89
CA LEU H 792 -97.81 1.26 27.65
C LEU H 792 -96.55 1.10 26.82
N TYR H 793 -95.94 -0.08 26.80
CA TYR H 793 -94.67 -0.28 26.11
C TYR H 793 -94.65 -1.42 25.10
N HIS H 794 -95.62 -2.32 25.10
CA HIS H 794 -95.65 -3.36 24.08
C HIS H 794 -95.91 -2.74 22.71
N SER H 795 -95.23 -3.24 21.69
CA SER H 795 -95.25 -2.61 20.38
C SER H 795 -96.49 -2.94 19.56
N VAL H 796 -97.34 -3.87 20.01
CA VAL H 796 -98.52 -4.21 19.25
C VAL H 796 -99.51 -3.05 19.21
N SER H 797 -99.61 -2.27 20.27
CA SER H 797 -100.50 -1.13 20.35
C SER H 797 -99.71 0.16 20.23
N ASP H 798 -100.29 1.14 19.53
CA ASP H 798 -99.65 2.44 19.32
C ASP H 798 -100.25 3.54 20.18
N ARG H 799 -101.01 3.19 21.21
CA ARG H 799 -101.57 4.18 22.11
C ARG H 799 -101.79 3.53 23.48
N GLU H 800 -101.93 4.38 24.50
CA GLU H 800 -102.03 3.95 25.87
C GLU H 800 -103.49 3.97 26.31
N TYR H 801 -104.02 2.81 26.68
CA TYR H 801 -105.39 2.69 27.17
C TYR H 801 -105.47 2.78 28.68
N ILE H 802 -104.88 3.82 29.26
CA ILE H 802 -104.87 3.99 30.70
C ILE H 802 -105.45 5.36 31.04
N GLY H 803 -105.33 6.31 30.12
CA GLY H 803 -105.82 7.66 30.35
C GLY H 803 -104.72 8.62 30.71
N GLU H 804 -105.06 9.66 31.47
CA GLU H 804 -104.11 10.69 31.87
C GLU H 804 -104.16 10.91 33.38
N GLY H 805 -104.23 9.80 34.12
CA GLY H 805 -104.25 9.85 35.57
C GLY H 805 -102.92 9.47 36.18
N LEU H 806 -102.98 9.04 37.44
CA LEU H 806 -101.81 8.56 38.16
C LEU H 806 -102.01 7.09 38.53
N ARG H 807 -100.90 6.36 38.56
CA ARG H 807 -100.91 4.92 38.78
C ARG H 807 -100.00 4.57 39.94
N LEU H 808 -100.49 3.74 40.86
CA LEU H 808 -99.67 3.16 41.92
C LEU H 808 -99.80 1.65 41.93
N ASN H 809 -99.26 1.01 42.95
CA ASN H 809 -99.28 -0.42 43.08
C ASN H 809 -100.17 -0.84 44.25
N PRO H 810 -100.78 -2.02 44.18
CA PRO H 810 -101.54 -2.52 45.34
C PRO H 810 -100.58 -2.89 46.47
N VAL H 811 -100.85 -2.37 47.66
CA VAL H 811 -100.04 -2.63 48.84
C VAL H 811 -100.80 -3.44 49.89
N THR H 812 -102.07 -3.10 50.11
CA THR H 812 -102.92 -3.88 51.00
C THR H 812 -104.32 -4.12 50.46
N SER H 813 -104.71 -3.47 49.35
CA SER H 813 -106.06 -3.58 48.82
C SER H 813 -106.01 -3.92 47.34
N VAL H 814 -107.12 -4.47 46.85
CA VAL H 814 -107.26 -4.85 45.45
C VAL H 814 -107.86 -3.67 44.69
N ASP H 815 -107.91 -2.51 45.34
CA ASP H 815 -108.53 -1.33 44.74
C ASP H 815 -107.83 -0.92 43.45
N GLU H 816 -106.50 -0.80 43.50
CA GLU H 816 -105.77 -0.28 42.35
C GLU H 816 -105.66 -1.28 41.21
N PHE H 817 -105.88 -2.57 41.46
CA PHE H 817 -105.90 -3.55 40.39
C PHE H 817 -107.29 -3.71 39.79
N GLU H 818 -108.32 -3.08 40.36
CA GLU H 818 -109.66 -3.09 39.80
C GLU H 818 -109.99 -1.79 39.07
N LYS H 819 -109.50 -0.65 39.56
CA LYS H 819 -109.75 0.62 38.89
C LYS H 819 -109.10 0.64 37.50
N LYS H 820 -107.87 0.14 37.41
CA LYS H 820 -107.15 0.20 36.14
C LYS H 820 -107.76 -0.74 35.11
N ILE H 821 -108.11 -1.96 35.52
CA ILE H 821 -108.62 -2.93 34.56
C ILE H 821 -109.98 -2.49 34.02
N LYS H 822 -110.79 -1.84 34.86
CA LYS H 822 -112.09 -1.35 34.40
C LYS H 822 -111.92 -0.22 33.39
N ILE H 823 -110.96 0.68 33.62
CA ILE H 823 -110.75 1.80 32.73
C ILE H 823 -110.33 1.32 31.34
N ILE H 824 -109.48 0.29 31.29
CA ILE H 824 -109.08 -0.26 30.00
C ILE H 824 -110.29 -0.85 29.28
N GLY H 825 -111.16 -1.53 30.01
CA GLY H 825 -112.32 -2.14 29.37
C GLY H 825 -113.23 -1.12 28.70
N GLU H 826 -113.47 0.01 29.36
CA GLU H 826 -114.33 1.03 28.78
C GLU H 826 -113.65 1.74 27.62
N LYS H 827 -112.38 2.11 27.78
CA LYS H 827 -111.66 2.84 26.74
C LYS H 827 -111.25 1.98 25.56
N LEU H 828 -111.32 0.65 25.69
CA LEU H 828 -111.01 -0.25 24.59
C LEU H 828 -112.27 -0.73 23.86
N LYS H 829 -113.38 -0.92 24.57
CA LYS H 829 -114.61 -1.34 23.93
C LYS H 829 -115.15 -0.26 22.99
N ALA H 830 -114.91 1.01 23.32
CA ALA H 830 -115.34 2.11 22.47
C ALA H 830 -114.56 2.21 21.17
N ASP H 831 -113.47 1.47 21.02
CA ASP H 831 -112.70 1.45 19.79
C ASP H 831 -112.79 0.12 19.05
N ASN H 832 -113.71 -0.75 19.46
CA ASN H 832 -113.97 -2.03 18.79
C ASN H 832 -112.71 -2.89 18.71
N LYS H 833 -112.21 -3.28 19.88
CA LYS H 833 -111.05 -4.15 19.97
C LYS H 833 -111.19 -5.05 21.18
N THR H 834 -110.49 -6.18 21.13
CA THR H 834 -110.51 -7.18 22.19
C THR H 834 -109.18 -7.16 22.94
N TRP H 835 -109.02 -8.10 23.87
CA TRP H 835 -107.84 -8.19 24.71
C TRP H 835 -106.76 -9.08 24.13
N LYS H 836 -106.97 -9.65 22.94
CA LYS H 836 -105.98 -10.53 22.33
C LYS H 836 -105.46 -10.06 20.99
N ASN H 837 -106.25 -9.31 20.22
CA ASN H 837 -105.72 -8.69 19.01
C ASN H 837 -104.67 -7.62 19.36
N THR H 838 -104.88 -6.91 20.47
CA THR H 838 -103.90 -6.00 21.02
C THR H 838 -103.79 -6.27 22.52
N HIS H 839 -102.64 -5.93 23.08
CA HIS H 839 -102.35 -6.16 24.50
C HIS H 839 -102.54 -7.63 24.82
N PRO H 840 -101.77 -8.53 24.19
CA PRO H 840 -102.06 -9.97 24.30
C PRO H 840 -101.44 -10.66 25.50
N LEU H 841 -100.30 -10.14 25.99
CA LEU H 841 -99.53 -10.86 27.00
C LEU H 841 -100.30 -10.98 28.31
N PHE H 842 -100.95 -9.90 28.74
CA PHE H 842 -101.69 -9.94 30.00
C PHE H 842 -102.85 -10.92 29.94
N PHE H 843 -103.44 -11.10 28.76
CA PHE H 843 -104.52 -12.07 28.61
C PHE H 843 -104.05 -13.48 28.91
N LEU H 844 -102.86 -13.84 28.44
CA LEU H 844 -102.34 -15.18 28.67
C LEU H 844 -102.04 -15.41 30.15
N LEU H 845 -101.44 -14.43 30.81
CA LEU H 845 -101.08 -14.60 32.22
C LEU H 845 -102.31 -14.62 33.12
N ILE H 846 -103.28 -13.73 32.85
CA ILE H 846 -104.46 -13.64 33.71
C ILE H 846 -105.33 -14.88 33.61
N SER H 847 -105.21 -15.66 32.53
CA SER H 847 -106.05 -16.84 32.31
C SER H 847 -105.14 -18.06 32.23
N CYS H 848 -104.88 -18.68 33.38
CA CYS H 848 -104.11 -19.91 33.43
C CYS H 848 -104.59 -20.72 34.64
N PRO H 849 -104.78 -22.02 34.48
CA PRO H 849 -105.35 -22.82 35.58
C PRO H 849 -104.50 -22.84 36.84
N ILE H 850 -103.17 -22.80 36.70
CA ILE H 850 -102.29 -22.92 37.87
C ILE H 850 -102.49 -21.73 38.81
N LEU H 851 -102.53 -20.52 38.26
CA LEU H 851 -102.60 -19.32 39.07
C LEU H 851 -104.00 -19.02 39.58
N HIS H 852 -105.03 -19.69 39.08
CA HIS H 852 -106.40 -19.34 39.46
C HIS H 852 -106.68 -19.53 40.95
N PRO H 853 -106.33 -20.65 41.59
CA PRO H 853 -106.57 -20.75 43.03
C PRO H 853 -105.79 -19.73 43.84
N PHE H 854 -104.71 -19.19 43.27
CA PHE H 854 -103.88 -18.23 43.97
C PHE H 854 -104.55 -16.87 44.10
N ILE H 855 -105.49 -16.55 43.22
CA ILE H 855 -106.07 -15.21 43.18
C ILE H 855 -107.02 -15.00 44.35
N PHE H 856 -107.90 -15.96 44.58
CA PHE H 856 -108.96 -15.84 45.60
C PHE H 856 -108.87 -17.01 46.57
N PRO H 857 -108.07 -16.90 47.62
CA PRO H 857 -108.02 -17.94 48.63
C PRO H 857 -109.08 -17.73 49.71
N VAL H 858 -109.15 -18.70 50.62
CA VAL H 858 -110.23 -18.73 51.61
C VAL H 858 -110.07 -17.58 52.61
N GLY H 859 -108.84 -17.26 52.99
CA GLY H 859 -108.63 -16.32 54.07
C GLY H 859 -108.05 -14.98 53.70
N GLY H 860 -107.81 -14.76 52.40
CA GLY H 860 -107.19 -13.53 51.97
C GLY H 860 -108.13 -12.49 51.39
N ILE H 861 -109.42 -12.63 51.66
CA ILE H 861 -110.44 -11.76 51.07
C ILE H 861 -110.90 -10.77 52.14
N ASN H 862 -110.81 -9.48 51.82
CA ASN H 862 -111.34 -8.45 52.70
C ASN H 862 -112.85 -8.53 52.75
N CYS H 863 -113.42 -8.30 53.94
CA CYS H 863 -114.86 -8.38 54.16
C CYS H 863 -115.31 -7.08 54.84
N SER H 864 -115.62 -6.08 54.04
CA SER H 864 -116.14 -4.82 54.55
C SER H 864 -117.12 -4.25 53.53
N VAL H 865 -118.19 -3.64 54.05
CA VAL H 865 -119.25 -3.15 53.18
C VAL H 865 -118.73 -2.07 52.23
N LYS H 866 -117.83 -1.21 52.72
CA LYS H 866 -117.26 -0.18 51.87
C LYS H 866 -116.35 -0.74 50.78
N ALA H 867 -115.73 -1.90 51.01
CA ALA H 867 -114.77 -2.45 50.07
C ALA H 867 -115.21 -3.76 49.43
N LEU H 868 -116.34 -4.35 49.86
CA LEU H 868 -116.79 -5.58 49.23
C LEU H 868 -117.22 -5.35 47.79
N ASN H 869 -117.83 -4.18 47.52
CA ASN H 869 -118.27 -3.89 46.16
C ASN H 869 -117.10 -3.82 45.20
N LYS H 870 -115.98 -3.24 45.62
CA LYS H 870 -114.77 -3.25 44.80
C LYS H 870 -114.32 -4.68 44.52
N GLU H 871 -114.32 -5.53 45.56
CA GLU H 871 -113.97 -6.93 45.36
C GLU H 871 -115.02 -7.66 44.54
N THR H 872 -116.31 -7.41 44.81
CA THR H 872 -117.37 -8.09 44.08
C THR H 872 -117.34 -7.73 42.60
N SER H 873 -117.16 -6.44 42.28
CA SER H 873 -117.06 -6.02 40.90
C SER H 873 -115.79 -6.56 40.24
N PHE H 874 -114.72 -6.75 41.04
CA PHE H 874 -113.48 -7.28 40.49
C PHE H 874 -113.62 -8.71 40.01
N ASN H 875 -114.47 -9.51 40.67
CA ASN H 875 -114.66 -10.89 40.25
C ASN H 875 -115.25 -10.96 38.85
N LYS H 876 -116.25 -10.12 38.56
CA LYS H 876 -116.84 -10.12 37.22
C LYS H 876 -115.85 -9.63 36.18
N LEU H 877 -115.06 -8.59 36.52
CA LEU H 877 -114.09 -8.06 35.56
C LEU H 877 -113.06 -9.11 35.18
N ILE H 878 -112.54 -9.84 36.15
CA ILE H 878 -111.62 -10.94 35.85
C ILE H 878 -112.32 -12.00 35.03
N ASP H 879 -113.56 -12.31 35.36
CA ASP H 879 -114.34 -13.28 34.58
C ASP H 879 -114.55 -12.80 33.16
N GLU H 880 -114.71 -11.48 32.98
CA GLU H 880 -115.01 -10.95 31.65
C GLU H 880 -113.85 -11.17 30.68
N ILE H 881 -112.61 -10.93 31.13
CA ILE H 881 -111.46 -11.03 30.25
C ILE H 881 -111.22 -12.48 29.85
N VAL H 882 -111.24 -13.38 30.82
CA VAL H 882 -111.06 -14.80 30.50
C VAL H 882 -112.26 -15.33 29.72
N GLY H 883 -113.46 -14.81 30.01
CA GLY H 883 -114.64 -15.26 29.32
C GLY H 883 -115.21 -16.58 29.79
N ASP H 884 -114.90 -16.99 31.02
CA ASP H 884 -115.42 -18.23 31.57
C ASP H 884 -115.59 -18.10 33.07
N LYS H 885 -116.58 -18.81 33.61
CA LYS H 885 -116.83 -18.79 35.04
C LYS H 885 -115.68 -19.44 35.78
N LEU H 886 -115.36 -18.92 36.97
CA LEU H 886 -114.25 -19.45 37.75
C LEU H 886 -114.68 -19.73 39.19
N LEU H 887 -115.70 -19.02 39.66
CA LEU H 887 -116.16 -19.16 41.04
C LEU H 887 -117.68 -19.19 41.06
N SER H 888 -118.24 -20.31 41.49
CA SER H 888 -119.68 -20.41 41.65
C SER H 888 -120.16 -19.48 42.75
N ASP H 889 -121.41 -19.03 42.62
CA ASP H 889 -121.95 -18.09 43.60
C ASP H 889 -122.08 -18.73 44.98
N GLU H 890 -122.31 -20.03 45.04
CA GLU H 890 -122.34 -20.73 46.33
C GLU H 890 -121.00 -20.64 47.02
N GLU H 891 -119.91 -20.89 46.29
CA GLU H 891 -118.58 -20.78 46.87
C GLU H 891 -118.21 -19.33 47.12
N TRP H 892 -118.59 -18.44 46.20
CA TRP H 892 -118.26 -17.03 46.36
C TRP H 892 -118.94 -16.44 47.60
N ASP H 893 -120.22 -16.77 47.81
CA ASP H 893 -120.92 -16.28 48.99
C ASP H 893 -120.32 -16.86 50.27
N TYR H 894 -119.90 -18.13 50.23
CA TYR H 894 -119.31 -18.74 51.42
C TYR H 894 -118.01 -18.05 51.81
N LEU H 895 -117.21 -17.64 50.83
CA LEU H 895 -115.95 -16.97 51.14
C LEU H 895 -116.19 -15.65 51.85
N THR H 896 -117.09 -14.82 51.32
CA THR H 896 -117.39 -13.51 51.90
C THR H 896 -118.63 -13.57 52.79
N LYS H 897 -118.59 -14.43 53.80
CA LYS H 897 -119.65 -14.50 54.79
C LYS H 897 -119.04 -14.58 56.17
N ASN H 898 -119.81 -14.14 57.17
CA ASN H 898 -119.35 -14.06 58.55
C ASN H 898 -119.84 -15.22 59.41
N ASN H 899 -120.40 -16.26 58.80
CA ASN H 899 -120.89 -17.39 59.58
C ASN H 899 -119.73 -18.17 60.21
N ASP H 900 -119.86 -18.49 61.48
CA ASP H 900 -118.85 -19.27 62.20
C ASP H 900 -119.45 -19.89 63.46
N GLN H 907 -117.85 -28.88 55.48
CA GLN H 907 -117.90 -30.21 54.90
C GLN H 907 -117.90 -30.15 53.37
N GLN H 908 -117.99 -28.92 52.85
CA GLN H 908 -117.99 -28.72 51.41
C GLN H 908 -116.60 -28.95 50.83
N ILE H 909 -116.57 -29.27 49.53
CA ILE H 909 -115.34 -29.59 48.82
C ILE H 909 -115.06 -28.49 47.80
N PHE H 910 -113.79 -28.08 47.72
CA PHE H 910 -113.35 -27.08 46.77
C PHE H 910 -112.21 -27.66 45.95
N GLN H 911 -112.33 -27.56 44.62
CA GLN H 911 -111.33 -28.07 43.70
C GLN H 911 -110.63 -26.97 42.93
N ASN H 912 -110.94 -25.70 43.22
CA ASN H 912 -110.35 -24.58 42.51
C ASN H 912 -109.84 -23.49 43.45
N THR H 913 -109.83 -23.73 44.76
CA THR H 913 -109.31 -22.76 45.70
C THR H 913 -108.69 -23.50 46.89
N ILE H 914 -107.78 -22.82 47.56
CA ILE H 914 -107.02 -23.40 48.65
C ILE H 914 -107.75 -23.16 49.97
N THR H 915 -107.62 -24.12 50.89
CA THR H 915 -108.27 -24.05 52.19
C THR H 915 -107.32 -24.22 53.36
N SER H 916 -106.02 -24.37 53.11
CA SER H 916 -105.06 -24.68 54.17
C SER H 916 -104.40 -23.43 54.75
N LEU H 917 -103.97 -22.50 53.89
CA LEU H 917 -103.27 -21.31 54.36
C LEU H 917 -104.15 -20.34 55.12
N ASN H 918 -105.41 -20.68 55.38
CA ASN H 918 -106.26 -19.81 56.19
C ASN H 918 -105.72 -19.69 57.61
N SER H 919 -105.22 -20.79 58.17
CA SER H 919 -104.74 -20.80 59.56
C SER H 919 -103.38 -21.48 59.68
N SER H 920 -102.57 -21.49 58.61
CA SER H 920 -101.25 -22.07 58.71
C SER H 920 -100.35 -21.21 59.58
N THR H 921 -99.34 -21.85 60.17
CA THR H 921 -98.45 -21.19 61.11
C THR H 921 -97.27 -20.59 60.37
N ILE H 922 -96.83 -19.41 60.82
CA ILE H 922 -95.77 -18.65 60.18
C ILE H 922 -94.55 -18.66 61.10
N VAL H 923 -93.37 -18.82 60.51
CA VAL H 923 -92.15 -18.93 61.30
C VAL H 923 -91.82 -17.59 61.93
N GLY H 924 -91.38 -17.64 63.20
CA GLY H 924 -90.92 -16.45 63.88
C GLY H 924 -91.99 -15.49 64.31
N ALA H 925 -93.24 -15.94 64.40
CA ALA H 925 -94.32 -15.06 64.84
C ALA H 925 -94.15 -14.79 66.33
N SER H 926 -93.56 -13.64 66.65
CA SER H 926 -93.30 -13.24 68.03
C SER H 926 -94.28 -12.17 68.50
N TYR H 927 -95.50 -12.20 67.98
CA TYR H 927 -96.54 -11.24 68.33
C TYR H 927 -97.64 -11.95 69.10
N ASP H 928 -97.93 -11.46 70.31
CA ASP H 928 -99.01 -12.00 71.12
C ASP H 928 -100.11 -10.98 71.38
N LYS H 929 -99.86 -9.70 71.13
CA LYS H 929 -100.93 -8.72 71.22
C LYS H 929 -101.96 -8.96 70.12
N ASP H 930 -103.21 -8.66 70.43
CA ASP H 930 -104.32 -8.92 69.53
C ASP H 930 -104.58 -7.69 68.65
N THR H 931 -105.65 -7.74 67.87
CA THR H 931 -105.95 -6.66 66.95
C THR H 931 -106.29 -5.40 67.74
N PRO H 932 -105.62 -4.27 67.47
CA PRO H 932 -105.90 -3.06 68.25
C PRO H 932 -107.10 -2.28 67.73
N ALA H 933 -108.08 -2.05 68.60
CA ALA H 933 -109.25 -1.28 68.21
C ALA H 933 -108.87 0.18 68.01
N ARG H 934 -109.40 0.77 66.94
CA ARG H 934 -109.13 2.17 66.59
C ARG H 934 -107.63 2.45 66.48
N LYS I 13 -65.63 -39.57 14.19
CA LYS I 13 -64.77 -40.73 14.35
C LYS I 13 -63.30 -40.34 14.24
N ILE I 14 -62.67 -40.09 15.37
CA ILE I 14 -61.25 -39.71 15.44
C ILE I 14 -60.58 -40.71 16.39
N ILE I 15 -60.00 -41.76 15.84
CA ILE I 15 -59.28 -42.74 16.64
C ILE I 15 -57.86 -42.24 16.86
N ILE I 16 -57.30 -42.56 18.02
CA ILE I 16 -55.95 -42.16 18.39
C ILE I 16 -55.20 -43.38 18.89
N ASN I 17 -53.89 -43.38 18.68
CA ASN I 17 -53.03 -44.50 19.07
C ASN I 17 -52.10 -44.04 20.18
N LEU I 18 -52.12 -44.77 21.30
CA LEU I 18 -51.25 -44.49 22.42
C LEU I 18 -49.97 -45.30 22.40
N PHE I 19 -49.74 -46.10 21.36
CA PHE I 19 -48.50 -46.84 21.21
C PHE I 19 -47.57 -46.24 20.17
N ALA I 20 -48.07 -45.36 19.31
CA ALA I 20 -47.22 -44.62 18.40
C ALA I 20 -46.43 -43.57 19.15
N PRO I 21 -45.34 -43.06 18.56
CA PRO I 21 -44.59 -41.99 19.24
C PRO I 21 -45.38 -40.73 19.49
N ASN I 22 -46.50 -40.53 18.78
CA ASN I 22 -47.38 -39.37 18.95
C ASN I 22 -46.64 -38.06 18.67
N LEU I 23 -45.68 -38.10 17.76
CA LEU I 23 -44.96 -36.90 17.37
C LEU I 23 -45.79 -36.10 16.36
N PRO I 24 -45.60 -34.78 16.31
CA PRO I 24 -46.32 -33.98 15.31
C PRO I 24 -46.06 -34.40 13.87
N GLY I 25 -44.83 -34.84 13.57
CA GLY I 25 -44.52 -35.23 12.21
C GLY I 25 -45.25 -36.48 11.76
N SER I 26 -45.41 -37.45 12.67
CA SER I 26 -46.03 -38.73 12.32
C SER I 26 -47.55 -38.66 12.28
N THR I 27 -48.15 -37.54 12.67
CA THR I 27 -49.60 -37.41 12.69
C THR I 27 -50.19 -37.57 11.30
N LYS I 28 -50.96 -38.64 11.09
CA LYS I 28 -51.59 -38.90 9.80
C LYS I 28 -52.98 -38.28 9.77
N GLU I 29 -53.75 -38.60 8.72
CA GLU I 29 -55.10 -38.07 8.61
C GLU I 29 -56.06 -38.75 9.57
N ASP I 30 -55.87 -40.05 9.83
CA ASP I 30 -56.79 -40.76 10.71
C ASP I 30 -56.68 -40.29 12.15
N ASP I 31 -55.45 -40.04 12.63
CA ASP I 31 -55.23 -39.68 14.01
C ASP I 31 -55.35 -38.18 14.28
N LEU I 32 -55.53 -37.36 13.25
CA LEU I 32 -55.67 -35.93 13.46
C LEU I 32 -56.97 -35.63 14.19
N ILE I 33 -56.88 -34.72 15.18
CA ILE I 33 -58.01 -34.43 16.06
C ILE I 33 -58.77 -33.18 15.66
N GLN I 34 -58.27 -32.41 14.69
CA GLN I 34 -58.88 -31.13 14.34
C GLN I 34 -59.37 -31.12 12.89
N LYS I 35 -60.07 -32.19 12.49
CA LYS I 35 -60.55 -32.28 11.11
C LYS I 35 -61.53 -31.16 10.79
N SER I 36 -62.44 -30.85 11.72
CA SER I 36 -63.50 -29.89 11.43
C SER I 36 -62.94 -28.48 11.29
N LEU I 37 -62.09 -28.05 12.22
CA LEU I 37 -61.59 -26.69 12.19
C LEU I 37 -60.66 -26.45 11.01
N ARG I 38 -59.88 -27.47 10.62
CA ARG I 38 -59.01 -27.33 9.46
C ARG I 38 -59.81 -27.07 8.19
N ASP I 39 -60.90 -27.81 8.00
CA ASP I 39 -61.72 -27.64 6.80
C ASP I 39 -62.33 -26.25 6.75
N GLN I 40 -62.73 -25.71 7.91
CA GLN I 40 -63.31 -24.37 7.95
C GLN I 40 -62.33 -23.33 7.43
N LEU I 41 -61.02 -23.58 7.55
CA LEU I 41 -60.01 -22.66 7.08
C LEU I 41 -59.51 -22.97 5.67
N VAL I 42 -59.46 -24.24 5.29
CA VAL I 42 -59.05 -24.60 3.93
C VAL I 42 -60.01 -23.99 2.91
N GLU I 43 -61.31 -24.12 3.15
CA GLU I 43 -62.33 -23.53 2.30
C GLU I 43 -62.63 -22.08 2.65
N SER I 44 -61.73 -21.41 3.38
CA SER I 44 -61.87 -19.99 3.67
C SER I 44 -60.77 -19.14 3.05
N ILE I 45 -59.57 -19.69 2.87
CA ILE I 45 -58.51 -18.96 2.19
C ILE I 45 -58.84 -18.82 0.70
N ARG I 46 -59.37 -19.88 0.10
CA ARG I 46 -59.68 -19.86 -1.33
C ARG I 46 -60.73 -18.81 -1.65
N ASN I 47 -61.75 -18.67 -0.81
CA ASN I 47 -62.82 -17.71 -1.05
C ASN I 47 -62.35 -16.26 -0.90
N SER I 48 -61.16 -16.03 -0.36
CA SER I 48 -60.72 -14.66 -0.12
C SER I 48 -60.23 -13.99 -1.39
N ILE I 49 -59.20 -14.56 -2.04
CA ILE I 49 -58.59 -13.92 -3.20
C ILE I 49 -59.46 -14.02 -4.44
N ALA I 50 -60.44 -14.92 -4.45
CA ALA I 50 -61.29 -15.09 -5.63
C ALA I 50 -62.12 -13.85 -5.93
N TYR I 51 -62.35 -12.98 -4.95
CA TYR I 51 -63.16 -11.79 -5.15
C TYR I 51 -62.39 -10.54 -4.74
N ARG I 69 -56.49 -6.76 5.07
CA ARG I 69 -55.09 -6.99 4.76
C ARG I 69 -54.88 -8.43 4.30
N ASN I 70 -55.95 -9.22 4.36
CA ASN I 70 -55.94 -10.62 3.95
C ASN I 70 -54.87 -11.42 4.68
N VAL I 71 -54.76 -11.20 5.99
CA VAL I 71 -53.85 -11.94 6.85
C VAL I 71 -54.68 -12.67 7.91
N PHE I 72 -54.44 -13.97 8.04
CA PHE I 72 -55.19 -14.81 8.96
C PHE I 72 -54.39 -15.03 10.24
N PHE I 73 -55.04 -15.65 11.22
CA PHE I 73 -54.41 -15.86 12.53
C PHE I 73 -55.11 -17.01 13.22
N VAL I 74 -54.42 -18.14 13.34
CA VAL I 74 -54.91 -19.23 14.19
C VAL I 74 -54.44 -18.97 15.61
N ASP I 75 -55.25 -19.38 16.58
CA ASP I 75 -54.97 -19.08 17.98
C ASP I 75 -55.28 -20.29 18.84
N GLY I 76 -54.41 -20.53 19.81
CA GLY I 76 -54.61 -21.61 20.76
C GLY I 76 -53.62 -21.50 21.89
N THR I 77 -53.96 -22.14 23.01
CA THR I 77 -53.10 -22.10 24.18
C THR I 77 -51.84 -22.94 23.93
N ARG I 78 -50.92 -22.87 24.88
CA ARG I 78 -49.70 -23.66 24.81
C ARG I 78 -50.02 -25.15 24.82
N GLY I 79 -49.28 -25.91 24.01
CA GLY I 79 -49.49 -27.34 23.92
C GLY I 79 -50.85 -27.73 23.40
N ALA I 80 -51.41 -26.96 22.47
CA ALA I 80 -52.70 -27.26 21.87
C ALA I 80 -52.59 -27.89 20.49
N GLY I 81 -51.36 -28.10 19.99
CA GLY I 81 -51.18 -28.70 18.69
C GLY I 81 -51.20 -27.71 17.55
N LYS I 82 -50.60 -26.54 17.76
CA LYS I 82 -50.57 -25.51 16.72
C LYS I 82 -49.73 -25.95 15.53
N THR I 83 -48.53 -26.49 15.80
CA THR I 83 -47.63 -26.85 14.71
C THR I 83 -48.22 -27.99 13.87
N THR I 84 -48.76 -29.01 14.53
CA THR I 84 -49.36 -30.11 13.78
C THR I 84 -50.64 -29.68 13.06
N PHE I 85 -51.27 -28.60 13.51
CA PHE I 85 -52.44 -28.07 12.81
C PHE I 85 -52.04 -27.36 11.52
N ILE I 86 -50.97 -26.56 11.58
CA ILE I 86 -50.53 -25.82 10.40
C ILE I 86 -50.09 -26.79 9.30
N ASN I 87 -49.33 -27.83 9.66
CA ASN I 87 -48.86 -28.78 8.66
C ASN I 87 -50.01 -29.50 7.99
N SER I 88 -51.17 -29.60 8.63
CA SER I 88 -52.33 -30.20 7.97
C SER I 88 -52.92 -29.25 6.94
N VAL I 89 -53.00 -27.96 7.27
CA VAL I 89 -53.55 -26.98 6.33
C VAL I 89 -52.66 -26.85 5.10
N VAL I 90 -51.35 -26.73 5.32
CA VAL I 90 -50.42 -26.57 4.20
C VAL I 90 -50.45 -27.79 3.30
N LYS I 91 -50.45 -28.99 3.89
CA LYS I 91 -50.49 -30.20 3.09
C LYS I 91 -51.79 -30.30 2.31
N SER I 92 -52.92 -29.91 2.92
CA SER I 92 -54.20 -29.98 2.23
C SER I 92 -54.23 -29.07 1.01
N LEU I 93 -53.70 -27.84 1.15
CA LEU I 93 -53.71 -26.91 0.03
C LEU I 93 -52.74 -27.33 -1.08
N ASN I 94 -51.73 -28.12 -0.76
CA ASN I 94 -50.79 -28.57 -1.78
C ASN I 94 -51.48 -29.48 -2.79
N SER I 95 -52.31 -30.41 -2.31
CA SER I 95 -53.00 -31.35 -3.18
C SER I 95 -54.26 -30.71 -3.78
N VAL I 102 -57.49 -18.95 -8.19
CA VAL I 102 -58.13 -20.25 -8.14
C VAL I 102 -57.11 -21.32 -7.74
N ASN I 103 -55.83 -21.03 -7.98
CA ASN I 103 -54.74 -21.92 -7.63
C ASN I 103 -53.77 -21.18 -6.72
N ILE I 104 -53.42 -21.80 -5.60
CA ILE I 104 -52.53 -21.20 -4.61
C ILE I 104 -51.37 -22.14 -4.36
N LYS I 105 -50.14 -21.61 -4.42
CA LYS I 105 -48.95 -22.34 -4.06
C LYS I 105 -48.47 -21.91 -2.68
N CYS I 106 -47.99 -22.87 -1.90
CA CYS I 106 -47.61 -22.66 -0.51
C CYS I 106 -46.12 -22.88 -0.33
N LEU I 107 -45.45 -21.91 0.28
CA LEU I 107 -44.05 -22.07 0.64
C LEU I 107 -43.92 -23.06 1.78
N PRO I 108 -42.75 -23.68 1.92
CA PRO I 108 -42.48 -24.48 3.12
C PRO I 108 -42.58 -23.61 4.37
N THR I 109 -43.09 -24.19 5.45
CA THR I 109 -43.35 -23.42 6.66
C THR I 109 -42.04 -22.91 7.25
N ILE I 110 -42.11 -21.76 7.90
CA ILE I 110 -40.96 -21.10 8.50
C ILE I 110 -41.15 -21.04 10.01
N ASP I 111 -40.11 -21.39 10.75
CA ASP I 111 -40.12 -21.28 12.20
C ASP I 111 -39.16 -20.16 12.60
N PRO I 112 -39.66 -19.01 13.05
CA PRO I 112 -38.77 -17.86 13.31
C PRO I 112 -37.77 -18.09 14.42
N THR I 113 -38.00 -19.04 15.32
CA THR I 113 -37.08 -19.24 16.44
C THR I 113 -35.78 -19.88 15.97
N LYS I 114 -35.88 -20.92 15.12
CA LYS I 114 -34.70 -21.66 14.70
C LYS I 114 -33.80 -20.87 13.75
N LEU I 115 -34.27 -19.75 13.22
CA LEU I 115 -33.48 -18.97 12.27
C LEU I 115 -32.33 -18.28 12.99
N PRO I 116 -31.29 -17.90 12.25
CA PRO I 116 -30.18 -17.15 12.86
C PRO I 116 -30.66 -15.86 13.49
N ARG I 117 -29.97 -15.44 14.55
CA ARG I 117 -30.44 -14.34 15.38
C ARG I 117 -30.52 -13.03 14.61
N HIS I 118 -29.64 -12.83 13.63
CA HIS I 118 -29.53 -11.55 12.94
C HIS I 118 -29.98 -11.60 11.48
N GLU I 119 -30.62 -12.69 11.05
CA GLU I 119 -31.08 -12.79 9.68
C GLU I 119 -32.46 -12.16 9.54
N PRO I 120 -32.63 -11.17 8.67
CA PRO I 120 -33.97 -10.58 8.48
C PRO I 120 -34.94 -11.59 7.89
N ILE I 121 -36.23 -11.40 8.20
CA ILE I 121 -37.25 -12.29 7.68
C ILE I 121 -37.35 -12.18 6.17
N LEU I 122 -37.23 -10.95 5.64
CA LEU I 122 -37.35 -10.75 4.20
C LEU I 122 -36.31 -11.54 3.42
N VAL I 123 -35.11 -11.69 3.97
CA VAL I 123 -34.07 -12.46 3.30
C VAL I 123 -34.48 -13.93 3.20
N THR I 124 -35.05 -14.49 4.27
CA THR I 124 -35.41 -15.89 4.27
C THR I 124 -36.53 -16.19 3.27
N VAL I 125 -37.55 -15.33 3.22
CA VAL I 125 -38.67 -15.58 2.31
C VAL I 125 -38.20 -15.57 0.87
N THR I 126 -37.31 -14.63 0.52
CA THR I 126 -36.80 -14.57 -0.84
C THR I 126 -36.06 -15.85 -1.22
N ALA I 127 -35.24 -16.37 -0.31
CA ALA I 127 -34.52 -17.62 -0.59
C ALA I 127 -35.47 -18.78 -0.79
N ARG I 128 -36.53 -18.87 0.04
CA ARG I 128 -37.51 -19.94 -0.15
C ARG I 128 -38.24 -19.78 -1.48
N LEU I 129 -38.60 -18.54 -1.83
CA LEU I 129 -39.28 -18.30 -3.10
C LEU I 129 -38.37 -18.59 -4.28
N ASN I 130 -37.09 -18.21 -4.17
CA ASN I 130 -36.15 -18.45 -5.27
C ASN I 130 -35.94 -19.94 -5.51
N LYS I 131 -36.13 -20.76 -4.49
CA LYS I 131 -35.92 -22.20 -4.66
C LYS I 131 -36.94 -22.80 -5.61
N MET I 132 -38.23 -22.48 -5.43
CA MET I 132 -39.24 -23.03 -6.30
C MET I 132 -39.38 -22.27 -7.60
N VAL I 133 -38.97 -21.00 -7.65
CA VAL I 133 -38.95 -20.28 -8.91
C VAL I 133 -37.84 -20.81 -9.81
N SER I 134 -36.65 -21.03 -9.25
CA SER I 134 -35.54 -21.61 -9.99
C SER I 134 -35.63 -23.12 -10.14
N ASP I 135 -36.76 -23.71 -9.75
CA ASP I 135 -37.04 -25.11 -10.01
C ASP I 135 -38.14 -25.32 -11.02
N LYS I 136 -39.04 -24.35 -11.18
CA LYS I 136 -40.04 -24.40 -12.24
C LYS I 136 -39.44 -24.03 -13.59
N LEU I 137 -38.44 -23.14 -13.60
CA LEU I 137 -37.81 -22.75 -14.85
C LEU I 137 -37.16 -23.94 -15.54
N LYS I 138 -36.52 -24.82 -14.76
CA LYS I 138 -35.97 -26.04 -15.33
C LYS I 138 -37.04 -26.99 -15.85
N GLY I 139 -38.30 -26.75 -15.51
CA GLY I 139 -39.41 -27.54 -16.01
C GLY I 139 -39.99 -27.09 -17.34
N TYR I 140 -39.64 -25.90 -17.82
CA TYR I 140 -40.09 -25.47 -19.14
C TYR I 140 -39.54 -26.35 -20.24
N TRP I 141 -40.36 -26.54 -21.28
CA TRP I 141 -39.97 -27.24 -22.49
C TRP I 141 -39.66 -26.30 -23.64
N ALA I 142 -40.21 -25.09 -23.63
CA ALA I 142 -39.98 -24.12 -24.70
C ALA I 142 -38.69 -23.36 -24.46
N SER I 143 -37.78 -23.41 -25.44
CA SER I 143 -36.50 -22.73 -25.30
C SER I 143 -36.68 -21.21 -25.20
N ASN I 144 -37.59 -20.65 -25.99
CA ASN I 144 -37.79 -19.20 -25.99
C ASN I 144 -38.27 -18.70 -24.64
N ASP I 145 -39.21 -19.44 -24.02
CA ASP I 145 -39.75 -19.00 -22.74
C ASP I 145 -38.69 -19.00 -21.65
N TYR I 146 -37.80 -20.01 -21.66
CA TYR I 146 -36.80 -20.13 -20.61
C TYR I 146 -35.87 -18.92 -20.57
N ARG I 147 -35.30 -18.55 -21.72
CA ARG I 147 -34.28 -17.51 -21.74
C ARG I 147 -34.86 -16.16 -21.36
N LYS I 148 -36.04 -15.82 -21.88
CA LYS I 148 -36.59 -14.48 -21.67
C LYS I 148 -36.98 -14.27 -20.21
N GLN I 149 -37.70 -15.22 -19.62
CA GLN I 149 -38.22 -15.01 -18.26
C GLN I 149 -37.11 -15.15 -17.23
N LYS I 150 -36.18 -16.07 -17.43
CA LYS I 150 -35.11 -16.26 -16.45
C LYS I 150 -34.27 -14.99 -16.29
N GLU I 151 -33.92 -14.36 -17.42
CA GLU I 151 -33.18 -13.11 -17.35
C GLU I 151 -34.04 -12.01 -16.72
N GLN I 152 -35.34 -12.01 -17.04
CA GLN I 152 -36.24 -11.03 -16.44
C GLN I 152 -36.33 -11.24 -14.93
N TRP I 153 -36.44 -12.49 -14.49
CA TRP I 153 -36.45 -12.79 -13.06
C TRP I 153 -35.09 -12.45 -12.43
N GLN I 154 -34.01 -12.76 -13.14
CA GLN I 154 -32.66 -12.51 -12.59
C GLN I 154 -32.42 -11.03 -12.33
N ASN I 155 -33.00 -10.16 -13.16
CA ASN I 155 -32.84 -8.73 -12.95
C ASN I 155 -33.47 -8.28 -11.64
N HIS I 156 -34.64 -8.85 -11.30
CA HIS I 156 -35.33 -8.44 -10.08
C HIS I 156 -34.53 -8.78 -8.84
N LEU I 157 -33.94 -9.98 -8.79
CA LEU I 157 -33.17 -10.38 -7.62
C LEU I 157 -31.97 -9.46 -7.42
N ALA I 158 -31.27 -9.13 -8.50
CA ALA I 158 -30.16 -8.18 -8.38
C ALA I 158 -30.66 -6.80 -7.98
N GLN I 159 -31.85 -6.43 -8.45
CA GLN I 159 -32.44 -5.16 -8.03
C GLN I 159 -32.72 -5.14 -6.54
N LEU I 160 -33.26 -6.26 -6.01
CA LEU I 160 -33.55 -6.36 -4.59
C LEU I 160 -32.28 -6.50 -3.76
N GLN I 161 -31.26 -7.19 -4.29
CA GLN I 161 -30.03 -7.40 -3.54
C GLN I 161 -29.35 -6.08 -3.20
N ARG I 162 -29.51 -5.06 -4.04
CA ARG I 162 -28.94 -3.75 -3.76
C ARG I 162 -29.76 -2.94 -2.77
N GLY I 163 -30.93 -3.44 -2.37
CA GLY I 163 -31.78 -2.72 -1.44
C GLY I 163 -31.67 -3.20 -0.01
N LEU I 164 -30.81 -4.20 0.23
CA LEU I 164 -30.62 -4.71 1.58
C LEU I 164 -29.83 -3.76 2.47
N HIS I 165 -29.30 -2.67 1.90
CA HIS I 165 -28.62 -1.67 2.71
C HIS I 165 -29.54 -1.10 3.78
N LEU I 166 -30.79 -0.84 3.42
CA LEU I 166 -31.71 -0.13 4.32
C LEU I 166 -32.08 -0.97 5.54
N LEU I 167 -32.31 -2.27 5.37
CA LEU I 167 -32.80 -3.09 6.46
C LEU I 167 -31.78 -3.19 7.60
N THR I 168 -30.54 -3.53 7.27
CA THR I 168 -29.50 -3.80 8.26
C THR I 168 -28.48 -2.67 8.17
N ASP I 169 -28.73 -1.60 8.90
CA ASP I 169 -27.81 -0.49 8.97
C ASP I 169 -28.12 0.32 10.22
N LYS I 170 -27.12 1.08 10.68
CA LYS I 170 -27.25 1.83 11.92
C LYS I 170 -27.21 3.34 11.75
N GLU I 171 -26.72 3.84 10.61
CA GLU I 171 -26.70 5.28 10.36
C GLU I 171 -26.79 5.51 8.86
N TYR I 172 -27.28 6.68 8.49
CA TYR I 172 -27.40 7.03 7.08
C TYR I 172 -26.02 7.31 6.49
N LYS I 173 -25.93 7.16 5.17
CA LYS I 173 -24.67 7.42 4.46
C LYS I 173 -24.95 8.22 3.20
N PRO I 174 -24.34 9.40 3.06
CA PRO I 174 -24.57 10.21 1.85
C PRO I 174 -24.12 9.55 0.56
N GLU I 175 -23.24 8.54 0.64
CA GLU I 175 -22.77 7.86 -0.56
C GLU I 175 -23.89 7.18 -1.32
N TYR I 176 -24.99 6.83 -0.65
CA TYR I 176 -26.12 6.19 -1.28
C TYR I 176 -27.24 7.17 -1.63
N PHE I 177 -27.05 8.46 -1.38
CA PHE I 177 -28.07 9.44 -1.73
C PHE I 177 -28.28 9.49 -3.24
N SER I 178 -27.19 9.46 -4.01
CA SER I 178 -27.31 9.52 -5.46
C SER I 178 -27.99 8.28 -6.01
N ASP I 179 -27.85 7.13 -5.34
CA ASP I 179 -28.52 5.93 -5.79
C ASP I 179 -30.03 6.02 -5.64
N ALA I 180 -30.51 6.69 -4.58
CA ALA I 180 -31.94 6.87 -4.40
C ALA I 180 -32.52 7.75 -5.51
N LEU I 181 -31.81 8.81 -5.90
CA LEU I 181 -32.26 9.71 -6.95
C LEU I 181 -31.79 9.16 -8.31
N LYS I 182 -32.44 8.08 -8.73
CA LYS I 182 -32.10 7.42 -9.99
C LYS I 182 -33.38 7.10 -10.74
N LEU I 183 -33.40 7.45 -12.03
CA LEU I 183 -34.51 7.09 -12.91
C LEU I 183 -34.30 5.68 -13.44
N ASP I 184 -35.37 4.90 -13.50
CA ASP I 184 -35.32 3.52 -13.94
C ASP I 184 -36.32 3.28 -15.05
N ALA I 185 -35.95 2.39 -15.98
CA ALA I 185 -36.83 1.95 -17.04
C ALA I 185 -37.71 0.78 -16.63
N GLN I 186 -37.56 0.28 -15.40
CA GLN I 186 -38.33 -0.84 -14.90
C GLN I 186 -39.57 -0.30 -14.19
N LEU I 187 -40.73 -0.40 -14.85
CA LEU I 187 -42.03 -0.08 -14.28
C LEU I 187 -42.20 1.42 -14.05
N ASP I 188 -41.15 2.20 -14.26
CA ASP I 188 -41.17 3.65 -14.05
C ASP I 188 -41.75 3.99 -12.67
N TYR I 189 -41.01 3.56 -11.63
CA TYR I 189 -41.47 3.64 -10.25
C TYR I 189 -42.05 5.00 -9.92
N SER I 190 -43.33 5.01 -9.55
CA SER I 190 -44.00 6.27 -9.22
C SER I 190 -43.37 6.92 -7.99
N ILE I 191 -43.07 6.13 -6.97
CA ILE I 191 -42.48 6.63 -5.74
C ILE I 191 -40.96 6.66 -5.90
N GLY I 192 -40.36 7.81 -5.60
CA GLY I 192 -38.93 7.97 -5.73
C GLY I 192 -38.17 7.26 -4.63
N GLY I 193 -36.85 7.34 -4.73
CA GLY I 193 -35.99 6.68 -3.78
C GLY I 193 -35.96 5.18 -3.99
N GLN I 194 -35.46 4.48 -2.98
CA GLN I 194 -35.41 3.02 -3.04
C GLN I 194 -36.78 2.41 -2.80
N ASP I 195 -37.36 2.63 -1.62
CA ASP I 195 -38.68 2.15 -1.27
C ASP I 195 -38.76 0.62 -1.44
N LEU I 196 -37.99 -0.05 -0.59
CA LEU I 196 -37.82 -1.51 -0.67
C LEU I 196 -39.15 -2.26 -0.74
N SER I 197 -40.22 -1.68 -0.20
CA SER I 197 -41.52 -2.34 -0.27
C SER I 197 -41.97 -2.55 -1.71
N GLU I 198 -41.94 -1.49 -2.52
CA GLU I 198 -42.40 -1.60 -3.90
C GLU I 198 -41.51 -2.51 -4.73
N ILE I 199 -40.23 -2.64 -4.36
CA ILE I 199 -39.36 -3.57 -5.05
C ILE I 199 -39.82 -5.00 -4.82
N PHE I 200 -40.27 -5.30 -3.61
CA PHE I 200 -40.77 -6.64 -3.31
C PHE I 200 -42.17 -6.86 -3.87
N GLU I 201 -42.98 -5.81 -3.99
CA GLU I 201 -44.34 -5.97 -4.49
C GLU I 201 -44.34 -6.49 -5.92
N GLU I 202 -43.47 -5.94 -6.77
CA GLU I 202 -43.38 -6.42 -8.14
C GLU I 202 -42.67 -7.76 -8.25
N LEU I 203 -41.85 -8.12 -7.28
CA LEU I 203 -41.18 -9.42 -7.31
C LEU I 203 -42.18 -10.56 -7.18
N VAL I 204 -43.20 -10.39 -6.33
CA VAL I 204 -44.22 -11.42 -6.19
C VAL I 204 -45.03 -11.55 -7.47
N LYS I 205 -45.28 -10.43 -8.15
CA LYS I 205 -46.03 -10.47 -9.40
C LYS I 205 -45.30 -11.31 -10.44
N ARG I 206 -43.98 -11.15 -10.55
CA ARG I 206 -43.21 -11.96 -11.49
C ARG I 206 -43.24 -13.44 -11.10
N ALA I 207 -43.15 -13.72 -9.79
CA ALA I 207 -43.13 -15.10 -9.34
C ALA I 207 -44.44 -15.81 -9.63
N CYS I 208 -45.56 -15.07 -9.58
CA CYS I 208 -46.85 -15.69 -9.88
C CYS I 208 -46.94 -16.08 -11.35
N GLU I 209 -46.39 -15.27 -12.25
CA GLU I 209 -46.42 -15.61 -13.67
C GLU I 209 -45.62 -16.88 -13.95
N ILE I 210 -44.42 -16.99 -13.36
CA ILE I 210 -43.60 -18.18 -13.56
C ILE I 210 -44.26 -19.41 -12.96
N LEU I 211 -44.80 -19.27 -11.74
CA LEU I 211 -45.42 -20.40 -11.06
C LEU I 211 -46.85 -20.65 -11.52
N ASP I 212 -47.46 -19.71 -12.23
CA ASP I 212 -48.81 -19.85 -12.78
C ASP I 212 -49.83 -20.11 -11.67
N CYS I 213 -49.93 -19.13 -10.76
CA CYS I 213 -50.88 -19.20 -9.66
C CYS I 213 -51.37 -17.80 -9.32
N LYS I 214 -52.58 -17.75 -8.76
CA LYS I 214 -53.20 -16.45 -8.47
C LYS I 214 -52.51 -15.75 -7.31
N ALA I 215 -52.11 -16.50 -6.28
CA ALA I 215 -51.49 -15.90 -5.11
C ALA I 215 -50.62 -16.93 -4.40
N ILE I 216 -49.71 -16.43 -3.57
CA ILE I 216 -48.74 -17.24 -2.86
C ILE I 216 -48.88 -16.96 -1.37
N LEU I 217 -48.97 -18.00 -0.56
CA LEU I 217 -49.16 -17.86 0.87
C LEU I 217 -47.84 -18.03 1.62
N ILE I 218 -47.63 -17.18 2.61
CA ILE I 218 -46.49 -17.29 3.53
C ILE I 218 -47.06 -17.69 4.89
N THR I 219 -46.57 -18.79 5.44
CA THR I 219 -47.05 -19.31 6.70
C THR I 219 -45.94 -19.26 7.74
N PHE I 220 -46.21 -18.61 8.87
CA PHE I 220 -45.27 -18.47 9.96
C PHE I 220 -45.67 -19.39 11.10
N ASP I 221 -44.68 -20.01 11.74
CA ASP I 221 -44.94 -20.85 12.89
C ASP I 221 -44.92 -20.01 14.17
N ASP I 222 -45.18 -20.65 15.30
CA ASP I 222 -45.34 -19.93 16.55
C ASP I 222 -44.00 -19.40 17.06
N ILE I 223 -44.09 -18.38 17.90
CA ILE I 223 -42.96 -17.81 18.60
C ILE I 223 -42.99 -18.17 20.09
N ASP I 224 -43.67 -19.27 20.44
CA ASP I 224 -44.00 -19.58 21.83
C ASP I 224 -42.76 -19.82 22.70
N THR I 225 -41.56 -19.71 22.12
CA THR I 225 -40.32 -19.87 22.86
C THR I 225 -39.54 -18.58 23.01
N GLN I 226 -39.64 -17.65 22.06
CA GLN I 226 -38.83 -16.43 22.06
C GLN I 226 -39.73 -15.21 22.00
N PHE I 227 -39.14 -14.06 22.32
CA PHE I 227 -39.83 -12.77 22.26
C PHE I 227 -39.16 -11.79 21.31
N ASP I 228 -38.11 -12.20 20.60
CA ASP I 228 -37.51 -11.37 19.57
C ASP I 228 -37.80 -11.85 18.17
N ALA I 229 -38.10 -13.14 17.99
CA ALA I 229 -38.55 -13.63 16.70
C ALA I 229 -39.92 -13.09 16.35
N GLY I 230 -40.76 -12.85 17.36
CA GLY I 230 -42.08 -12.32 17.10
C GLY I 230 -42.07 -10.89 16.57
N TRP I 231 -41.18 -10.05 17.12
CA TRP I 231 -41.20 -8.64 16.73
C TRP I 231 -40.81 -8.46 15.27
N ASP I 232 -39.84 -9.21 14.79
CA ASP I 232 -39.48 -9.11 13.38
C ASP I 232 -40.56 -9.67 12.47
N VAL I 233 -41.26 -10.71 12.92
CA VAL I 233 -42.38 -11.24 12.15
C VAL I 233 -43.50 -10.21 12.08
N LEU I 234 -43.82 -9.57 13.21
CA LEU I 234 -44.89 -8.59 13.24
C LEU I 234 -44.57 -7.38 12.38
N GLU I 235 -43.33 -6.90 12.43
CA GLU I 235 -42.97 -5.70 11.68
C GLU I 235 -42.97 -5.96 10.18
N SER I 236 -42.48 -7.13 9.76
CA SER I 236 -42.41 -7.44 8.33
C SER I 236 -43.81 -7.51 7.72
N ILE I 237 -44.75 -8.13 8.44
CA ILE I 237 -46.12 -8.23 7.93
C ILE I 237 -46.73 -6.84 7.75
N ARG I 238 -46.44 -5.93 8.68
CA ARG I 238 -47.03 -4.60 8.62
C ARG I 238 -46.54 -3.82 7.40
N LYS I 239 -45.26 -3.94 7.07
CA LYS I 239 -44.64 -3.07 6.08
C LYS I 239 -44.62 -3.67 4.68
N PHE I 240 -44.23 -4.93 4.54
CA PHE I 240 -43.91 -5.50 3.23
C PHE I 240 -45.06 -6.31 2.63
N PHE I 241 -45.55 -7.32 3.36
CA PHE I 241 -46.55 -8.24 2.82
C PHE I 241 -47.91 -7.54 2.83
N ASN I 242 -48.12 -6.69 1.82
CA ASN I 242 -49.37 -5.94 1.69
C ASN I 242 -50.10 -6.15 0.37
N SER I 243 -49.45 -6.72 -0.64
CA SER I 243 -50.08 -6.88 -1.94
C SER I 243 -51.20 -7.91 -1.87
N ARG I 244 -52.04 -7.91 -2.92
CA ARG I 244 -53.15 -8.84 -3.01
C ARG I 244 -52.71 -10.25 -3.39
N LYS I 245 -51.45 -10.43 -3.78
CA LYS I 245 -50.95 -11.74 -4.18
C LYS I 245 -50.39 -12.54 -3.02
N LEU I 246 -50.48 -12.04 -1.80
CA LEU I 246 -49.94 -12.71 -0.63
C LEU I 246 -51.02 -12.86 0.44
N VAL I 247 -51.07 -14.05 1.04
CA VAL I 247 -51.93 -14.31 2.19
C VAL I 247 -51.08 -14.96 3.27
N VAL I 248 -51.10 -14.38 4.47
CA VAL I 248 -50.23 -14.78 5.56
C VAL I 248 -51.06 -15.44 6.64
N VAL I 249 -50.58 -16.56 7.16
CA VAL I 249 -51.29 -17.33 8.18
C VAL I 249 -50.34 -17.46 9.37
N ALA I 250 -50.50 -16.57 10.35
CA ALA I 250 -49.65 -16.61 11.53
C ALA I 250 -50.09 -17.75 12.45
N THR I 251 -49.45 -17.84 13.60
CA THR I 251 -49.75 -18.90 14.56
C THR I 251 -49.19 -18.52 15.92
N GLY I 252 -50.00 -18.70 16.96
CA GLY I 252 -49.57 -18.42 18.31
C GLY I 252 -50.77 -18.14 19.20
N ASP I 253 -50.52 -17.41 20.28
CA ASP I 253 -51.55 -16.98 21.21
C ASP I 253 -51.38 -15.50 21.50
N LEU I 254 -52.51 -14.82 21.69
CA LEU I 254 -52.48 -13.36 21.81
C LEU I 254 -51.75 -12.90 23.06
N ARG I 255 -51.67 -13.75 24.09
CA ARG I 255 -51.08 -13.32 25.35
C ARG I 255 -49.60 -12.97 25.18
N LEU I 256 -48.85 -13.76 24.42
CA LEU I 256 -47.47 -13.37 24.11
C LEU I 256 -47.42 -12.13 23.25
N TYR I 257 -48.24 -12.09 22.19
CA TYR I 257 -48.19 -10.98 21.26
C TYR I 257 -48.59 -9.67 21.94
N SER I 258 -49.65 -9.71 22.76
CA SER I 258 -50.05 -8.51 23.49
C SER I 258 -48.95 -8.05 24.45
N GLN I 259 -48.37 -8.99 25.20
CA GLN I 259 -47.29 -8.63 26.12
C GLN I 259 -46.09 -8.08 25.37
N LEU I 260 -45.84 -8.59 24.17
CA LEU I 260 -44.68 -8.13 23.40
C LEU I 260 -44.89 -6.71 22.88
N ILE I 261 -46.08 -6.42 22.36
CA ILE I 261 -46.32 -5.10 21.78
C ILE I 261 -46.32 -4.02 22.85
N ARG I 262 -46.97 -4.28 23.99
CA ARG I 262 -47.03 -3.28 25.04
C ARG I 262 -45.63 -2.93 25.55
N GLY I 263 -44.73 -3.90 25.56
CA GLY I 263 -43.36 -3.62 25.94
C GLY I 263 -42.67 -2.71 24.94
N LYS I 264 -42.96 -2.88 23.65
CA LYS I 264 -42.31 -2.08 22.62
C LYS I 264 -42.85 -0.65 22.58
N GLN I 265 -44.05 -0.41 23.08
CA GLN I 265 -44.59 0.95 23.06
C GLN I 265 -43.95 1.83 24.12
N TYR I 266 -43.60 1.27 25.27
CA TYR I 266 -42.89 2.05 26.29
C TYR I 266 -41.52 2.52 25.81
N GLU I 267 -40.93 1.83 24.84
CA GLU I 267 -39.62 2.23 24.34
C GLU I 267 -39.67 3.61 23.68
N ASN I 268 -40.82 3.98 23.11
CA ASN I 268 -40.93 5.26 22.43
C ASN I 268 -40.89 6.43 23.40
N TYR I 269 -41.39 6.24 24.63
CA TYR I 269 -41.32 7.30 25.62
C TYR I 269 -39.87 7.63 25.93
N SER I 270 -39.55 8.92 25.96
CA SER I 270 -38.21 9.34 26.32
C SER I 270 -37.90 8.91 27.74
N LYS I 271 -36.70 8.35 27.95
CA LYS I 271 -36.36 7.76 29.23
C LYS I 271 -36.40 8.80 30.35
N THR I 272 -35.84 9.99 30.11
CA THR I 272 -35.80 11.00 31.14
C THR I 272 -37.19 11.45 31.57
N LEU I 273 -38.18 11.29 30.69
CA LEU I 273 -39.55 11.66 31.03
C LEU I 273 -40.13 10.73 32.09
N LEU I 274 -39.64 9.50 32.17
CA LEU I 274 -40.22 8.51 33.06
C LEU I 274 -39.70 8.59 34.49
N GLU I 275 -38.58 9.27 34.74
CA GLU I 275 -38.13 9.47 36.11
C GLU I 275 -38.94 10.57 36.78
N GLN I 276 -38.88 11.79 36.24
CA GLN I 276 -39.77 12.84 36.68
C GLN I 276 -41.18 12.52 36.22
N GLU I 277 -42.16 13.24 36.80
CA GLU I 277 -43.56 13.10 36.41
C GLU I 277 -44.01 11.64 36.54
N LYS I 278 -43.95 11.15 37.78
CA LYS I 278 -44.33 9.76 38.11
C LYS I 278 -45.37 9.76 39.23
N GLU I 279 -46.29 10.75 39.22
CA GLU I 279 -47.38 10.75 40.18
C GLU I 279 -48.45 9.74 39.78
N SER I 280 -49.36 9.46 40.72
CA SER I 280 -50.41 8.49 40.46
C SER I 280 -51.34 8.95 39.34
N VAL I 281 -51.69 10.24 39.32
CA VAL I 281 -52.56 10.75 38.27
C VAL I 281 -51.83 10.75 36.93
N ARG I 282 -50.53 11.06 36.92
CA ARG I 282 -49.79 11.08 35.67
C ARG I 282 -49.51 9.66 35.17
N LEU I 283 -49.18 8.74 36.07
CA LEU I 283 -48.92 7.36 35.68
C LEU I 283 -50.16 6.70 35.10
N ALA I 284 -51.36 7.13 35.51
CA ALA I 284 -52.58 6.49 35.04
C ALA I 284 -52.91 6.90 33.61
N GLU I 285 -52.66 8.15 33.25
CA GLU I 285 -53.06 8.62 31.92
C GLU I 285 -52.23 7.97 30.83
N ARG I 286 -50.94 7.74 31.06
CA ARG I 286 -50.11 7.09 30.07
C ARG I 286 -50.26 5.57 30.11
N GLY I 287 -50.65 5.01 31.26
CA GLY I 287 -50.91 3.59 31.33
C GLY I 287 -52.12 3.18 30.51
N TYR I 288 -53.06 4.11 30.31
CA TYR I 288 -54.23 3.83 29.48
C TYR I 288 -53.93 4.00 28.00
N MET I 289 -53.17 5.04 27.64
CA MET I 289 -52.90 5.31 26.22
C MET I 289 -52.12 4.17 25.58
N VAL I 290 -51.13 3.63 26.30
CA VAL I 290 -50.35 2.53 25.76
C VAL I 290 -51.24 1.31 25.53
N GLU I 291 -52.12 1.01 26.49
CA GLU I 291 -53.08 -0.07 26.29
C GLU I 291 -54.03 0.25 25.15
N HIS I 292 -54.27 1.53 24.87
CA HIS I 292 -55.07 1.90 23.71
C HIS I 292 -54.30 1.68 22.42
N LEU I 293 -53.03 2.06 22.38
CA LEU I 293 -52.20 1.80 21.21
C LEU I 293 -51.94 0.31 21.05
N GLU I 294 -51.88 -0.44 22.15
CA GLU I 294 -51.70 -1.88 22.09
C GLU I 294 -52.84 -2.55 21.34
N GLN I 295 -54.08 -2.18 21.66
CA GLN I 295 -55.23 -2.83 21.05
C GLN I 295 -55.42 -2.38 19.61
N GLN I 296 -55.18 -1.09 19.33
CA GLN I 296 -55.38 -0.58 17.98
C GLN I 296 -54.39 -1.20 17.00
N TYR I 297 -53.12 -1.25 17.38
CA TYR I 297 -52.09 -1.84 16.51
C TYR I 297 -52.37 -3.31 16.28
N LEU I 298 -52.71 -4.04 17.35
CA LEU I 298 -52.96 -5.47 17.23
C LEU I 298 -54.18 -5.75 16.37
N LEU I 299 -55.25 -4.97 16.54
CA LEU I 299 -56.46 -5.18 15.74
C LEU I 299 -56.22 -4.82 14.28
N LYS I 300 -55.43 -3.77 14.03
CA LYS I 300 -55.14 -3.37 12.65
C LYS I 300 -54.35 -4.45 11.92
N LEU I 301 -53.39 -5.08 12.61
CA LEU I 301 -52.58 -6.12 11.98
C LEU I 301 -53.42 -7.36 11.69
N PHE I 302 -53.95 -8.00 12.73
CA PHE I 302 -54.79 -9.18 12.56
C PHE I 302 -56.25 -8.77 12.66
N PRO I 303 -57.03 -8.83 11.59
CA PRO I 303 -58.44 -8.45 11.67
C PRO I 303 -59.22 -9.39 12.56
N VAL I 304 -60.27 -8.84 13.19
CA VAL I 304 -61.06 -9.63 14.13
C VAL I 304 -61.84 -10.71 13.41
N GLN I 305 -62.34 -10.42 12.22
CA GLN I 305 -63.18 -11.35 11.48
C GLN I 305 -62.41 -12.50 10.86
N LYS I 306 -61.13 -12.67 11.19
CA LYS I 306 -60.33 -13.77 10.66
C LYS I 306 -59.65 -14.62 11.72
N ARG I 307 -59.54 -14.16 12.96
CA ARG I 307 -58.91 -14.96 14.00
C ARG I 307 -59.71 -16.23 14.26
N ILE I 308 -58.98 -17.32 14.51
CA ILE I 308 -59.58 -18.62 14.79
C ILE I 308 -59.02 -19.13 16.11
N GLN I 309 -59.91 -19.45 17.05
CA GLN I 309 -59.51 -20.06 18.30
C GLN I 309 -59.57 -21.57 18.17
N LEU I 310 -58.54 -22.24 18.67
CA LEU I 310 -58.44 -23.69 18.57
C LEU I 310 -59.08 -24.33 19.79
N LYS I 311 -59.99 -25.27 19.55
CA LYS I 311 -60.76 -25.86 20.63
C LYS I 311 -59.91 -26.79 21.49
N THR I 312 -60.19 -26.78 22.80
CA THR I 312 -59.53 -27.69 23.72
C THR I 312 -60.29 -29.02 23.78
N MET I 313 -59.80 -29.94 24.61
CA MET I 313 -60.41 -31.27 24.67
C MET I 313 -61.83 -31.22 25.22
N LEU I 314 -62.15 -30.22 26.05
CA LEU I 314 -63.49 -30.16 26.63
C LEU I 314 -64.55 -29.87 25.57
N GLN I 315 -64.30 -28.88 24.71
CA GLN I 315 -65.27 -28.55 23.66
C GLN I 315 -65.39 -29.69 22.66
N LEU I 316 -64.28 -30.36 22.35
CA LEU I 316 -64.32 -31.48 21.42
C LEU I 316 -65.18 -32.62 21.96
N VAL I 317 -65.06 -32.92 23.24
CA VAL I 317 -65.76 -34.05 23.84
C VAL I 317 -67.10 -33.64 24.43
N GLY I 318 -67.12 -32.59 25.24
CA GLY I 318 -68.33 -32.19 25.91
C GLY I 318 -68.59 -33.02 27.16
N GLU I 319 -69.66 -32.66 27.86
CA GLU I 319 -70.02 -33.37 29.08
C GLU I 319 -70.62 -34.72 28.76
N LYS I 320 -70.72 -35.56 29.78
CA LYS I 320 -71.29 -36.90 29.61
C LYS I 320 -72.75 -36.83 29.20
N GLY I 321 -73.50 -35.88 29.76
CA GLY I 321 -74.90 -35.72 29.41
C GLY I 321 -75.12 -34.74 28.27
N LYS I 322 -74.25 -33.73 28.19
CA LYS I 322 -74.36 -32.74 27.13
C LYS I 322 -73.90 -33.34 25.79
N ALA I 323 -74.03 -32.54 24.75
CA ALA I 323 -73.68 -32.95 23.39
C ALA I 323 -72.44 -32.18 22.93
N GLY I 324 -71.42 -32.92 22.51
CA GLY I 324 -70.23 -32.34 21.91
C GLY I 324 -70.16 -32.75 20.44
N LYS I 325 -69.69 -31.83 19.60
CA LYS I 325 -69.76 -32.05 18.15
C LYS I 325 -68.50 -32.72 17.61
N GLU I 326 -68.09 -33.81 18.26
CA GLU I 326 -67.03 -34.71 17.81
C GLU I 326 -67.19 -36.02 18.58
N GLU I 327 -66.25 -36.94 18.34
CA GLU I 327 -66.21 -38.21 19.07
C GLU I 327 -64.82 -38.79 18.93
N ILE I 328 -64.15 -39.03 20.05
CA ILE I 328 -62.77 -39.48 20.07
C ILE I 328 -62.69 -40.78 20.87
N LYS I 329 -61.98 -41.76 20.34
CA LYS I 329 -61.72 -43.02 21.03
C LYS I 329 -60.23 -43.29 21.03
N VAL I 330 -59.75 -43.96 22.08
CA VAL I 330 -58.32 -44.18 22.28
C VAL I 330 -57.99 -45.65 22.15
N LYS I 331 -56.70 -45.98 22.22
CA LYS I 331 -56.20 -47.34 22.16
C LYS I 331 -55.43 -47.66 23.43
N THR I 332 -55.64 -48.86 23.97
CA THR I 332 -54.92 -49.34 25.14
C THR I 332 -54.31 -50.71 24.88
N GLU I 333 -54.02 -51.02 23.62
CA GLU I 333 -53.52 -52.32 23.21
C GLU I 333 -52.97 -52.25 21.79
N PRO I 334 -51.83 -52.88 21.51
CA PRO I 334 -51.36 -52.93 20.12
C PRO I 334 -52.28 -53.79 19.27
N GLY I 335 -52.56 -53.30 18.06
CA GLY I 335 -53.49 -53.99 17.19
C GLY I 335 -54.89 -54.12 17.75
N MET I 336 -55.27 -53.24 18.67
CA MET I 336 -56.59 -53.30 19.27
C MET I 336 -57.66 -52.95 18.24
N GLN I 337 -58.72 -53.74 18.21
CA GLN I 337 -59.78 -53.52 17.23
C GLN I 337 -60.51 -52.22 17.52
N ASP I 338 -60.89 -51.51 16.45
CA ASP I 338 -61.54 -50.21 16.59
C ASP I 338 -62.86 -50.30 17.33
N ILE I 339 -63.53 -51.46 17.30
CA ILE I 339 -64.75 -51.63 18.08
C ILE I 339 -64.43 -51.62 19.57
N ASP I 340 -63.27 -52.16 19.95
CA ASP I 340 -62.90 -52.21 21.37
C ASP I 340 -62.55 -50.84 21.93
N ALA I 341 -62.30 -49.85 21.07
CA ALA I 341 -61.92 -48.53 21.55
C ALA I 341 -63.05 -47.90 22.35
N ILE I 342 -62.68 -47.14 23.38
CA ILE I 342 -63.63 -46.55 24.31
C ILE I 342 -63.42 -45.04 24.34
N ASP I 343 -64.45 -44.32 24.78
CA ASP I 343 -64.40 -42.88 24.83
C ASP I 343 -63.31 -42.39 25.78
N VAL I 344 -62.80 -41.18 25.51
CA VAL I 344 -61.73 -40.64 26.33
C VAL I 344 -62.18 -40.40 27.76
N ARG I 345 -63.47 -40.15 27.97
CA ARG I 345 -63.97 -39.97 29.33
C ARG I 345 -63.80 -41.24 30.15
N GLN I 346 -64.10 -42.39 29.55
CA GLN I 346 -63.81 -43.66 30.22
C GLN I 346 -62.32 -43.96 30.28
N ALA I 347 -61.54 -43.39 29.36
CA ALA I 347 -60.09 -43.61 29.36
C ALA I 347 -59.41 -42.88 30.52
N ILE I 348 -60.00 -41.80 31.03
CA ILE I 348 -59.46 -41.09 32.17
C ILE I 348 -60.32 -41.40 33.39
N GLY I 349 -61.59 -41.69 33.14
CA GLY I 349 -62.48 -42.04 34.25
C GLY I 349 -62.06 -43.32 34.94
N ASP I 350 -61.68 -44.34 34.17
CA ASP I 350 -61.20 -45.57 34.79
C ASP I 350 -59.86 -45.36 35.49
N ALA I 351 -59.00 -44.51 34.91
CA ALA I 351 -57.70 -44.25 35.54
C ALA I 351 -57.85 -43.51 36.85
N VAL I 352 -58.70 -42.48 36.88
CA VAL I 352 -58.89 -41.71 38.12
C VAL I 352 -59.63 -42.54 39.16
N ARG I 353 -60.65 -43.27 38.74
CA ARG I 353 -61.41 -44.09 39.69
C ARG I 353 -60.53 -45.18 40.30
N GLU I 354 -59.84 -45.96 39.46
CA GLU I 354 -59.01 -47.04 39.97
C GLU I 354 -57.72 -46.51 40.59
N GLY I 355 -57.11 -45.51 39.96
CA GLY I 355 -55.84 -45.00 40.47
C GLY I 355 -55.96 -44.34 41.82
N LEU I 356 -56.97 -43.51 42.00
CA LEU I 356 -57.18 -42.81 43.27
C LEU I 356 -58.11 -43.56 44.21
N ASN I 357 -58.66 -44.70 43.78
CA ASN I 357 -59.58 -45.50 44.59
C ASN I 357 -60.79 -44.66 45.04
N LEU I 358 -61.38 -43.95 44.08
CA LEU I 358 -62.53 -43.10 44.34
C LEU I 358 -63.78 -43.72 43.72
N ARG I 359 -64.93 -43.38 44.32
CA ARG I 359 -66.19 -43.93 43.86
C ARG I 359 -66.59 -43.35 42.51
N GLU I 360 -67.46 -44.06 41.82
CA GLU I 360 -68.08 -43.56 40.60
C GLU I 360 -69.13 -42.52 40.99
N GLY I 361 -68.73 -41.26 41.02
CA GLY I 361 -69.64 -40.23 41.46
C GLY I 361 -69.12 -38.85 41.08
N SER I 362 -69.78 -37.83 41.67
CA SER I 362 -69.43 -36.45 41.35
C SER I 362 -68.01 -36.12 41.77
N ASP I 363 -67.54 -36.71 42.88
CA ASP I 363 -66.20 -36.43 43.36
C ASP I 363 -65.14 -36.86 42.35
N ALA I 364 -65.30 -38.03 41.74
CA ALA I 364 -64.40 -38.46 40.69
C ALA I 364 -64.71 -37.80 39.35
N ASP I 365 -65.88 -37.19 39.21
CA ASP I 365 -66.19 -36.45 37.99
C ASP I 365 -65.47 -35.11 37.94
N MET I 366 -65.19 -34.52 39.11
CA MET I 366 -64.46 -33.25 39.14
C MET I 366 -63.04 -33.42 38.63
N TYR I 367 -62.39 -34.55 38.96
CA TYR I 367 -61.01 -34.75 38.57
C TYR I 367 -60.88 -34.92 37.06
N VAL I 368 -61.72 -35.76 36.46
CA VAL I 368 -61.63 -35.98 35.02
C VAL I 368 -62.05 -34.71 34.26
N ASN I 369 -63.05 -33.99 34.78
CA ASN I 369 -63.46 -32.75 34.14
C ASN I 369 -62.34 -31.72 34.18
N GLU I 370 -61.70 -31.56 35.33
CA GLU I 370 -60.58 -30.63 35.42
C GLU I 370 -59.40 -31.10 34.58
N LEU I 371 -59.12 -32.41 34.58
CA LEU I 371 -57.99 -32.93 33.84
C LEU I 371 -58.14 -32.73 32.34
N LEU I 372 -59.37 -32.61 31.84
CA LEU I 372 -59.57 -32.32 30.43
C LEU I 372 -59.14 -30.89 30.09
N LYS I 373 -59.35 -29.95 31.02
CA LYS I 373 -58.98 -28.56 30.78
C LYS I 373 -57.50 -28.34 30.97
N GLN I 374 -56.68 -29.10 30.25
CA GLN I 374 -55.23 -29.04 30.31
C GLN I 374 -54.69 -29.04 28.89
N PRO I 375 -53.46 -28.57 28.70
CA PRO I 375 -52.87 -28.57 27.35
C PRO I 375 -52.85 -29.97 26.74
N VAL I 376 -53.08 -30.03 25.44
CA VAL I 376 -53.16 -31.31 24.73
C VAL I 376 -51.84 -32.05 24.81
N ARG I 377 -50.72 -31.33 24.87
CA ARG I 377 -49.42 -31.98 25.02
C ARG I 377 -49.34 -32.74 26.33
N LEU I 378 -49.82 -32.13 27.42
CA LEU I 378 -49.72 -32.76 28.73
C LEU I 378 -50.72 -33.90 28.90
N LEU I 379 -51.87 -33.82 28.21
CA LEU I 379 -52.93 -34.81 28.43
C LEU I 379 -52.47 -36.21 28.02
N MET I 380 -51.91 -36.35 26.82
CA MET I 380 -51.46 -37.67 26.38
C MET I 380 -50.29 -38.18 27.20
N GLN I 381 -49.34 -37.30 27.53
CA GLN I 381 -48.16 -37.76 28.26
C GLN I 381 -48.52 -38.31 29.63
N VAL I 382 -49.56 -37.77 30.26
CA VAL I 382 -50.11 -38.43 31.43
C VAL I 382 -50.82 -39.72 31.04
N LEU I 383 -51.61 -39.67 29.97
CA LEU I 383 -52.40 -40.83 29.57
C LEU I 383 -51.54 -41.92 28.96
N GLN I 384 -50.60 -41.55 28.07
CA GLN I 384 -49.77 -42.55 27.43
C GLN I 384 -48.85 -43.24 28.44
N ASP I 385 -48.25 -42.48 29.35
CA ASP I 385 -47.30 -43.06 30.30
C ASP I 385 -47.99 -44.07 31.21
N PHE I 386 -49.19 -43.72 31.71
CA PHE I 386 -49.87 -44.61 32.66
C PHE I 386 -50.21 -45.95 32.01
N TYR I 387 -50.72 -45.93 30.78
CA TYR I 387 -51.14 -47.17 30.14
C TYR I 387 -49.97 -47.99 29.63
N THR I 388 -48.90 -47.35 29.16
CA THR I 388 -47.74 -48.10 28.70
C THR I 388 -47.10 -48.90 29.84
N LYS I 389 -47.01 -48.30 31.03
CA LYS I 389 -46.49 -49.02 32.18
C LYS I 389 -47.42 -50.17 32.57
N LYS I 390 -48.73 -49.97 32.43
CA LYS I 390 -49.68 -51.01 32.81
C LYS I 390 -49.53 -52.25 31.95
N TYR I 391 -49.26 -52.08 30.66
CA TYR I 391 -49.08 -53.22 29.77
C TYR I 391 -47.90 -54.08 30.20
N HIS I 392 -46.77 -53.43 30.52
CA HIS I 392 -45.59 -54.16 30.95
C HIS I 392 -45.63 -54.55 32.42
N ALA I 393 -46.54 -53.97 33.21
CA ALA I 393 -46.71 -54.40 34.58
C ALA I 393 -47.22 -55.84 34.65
N THR I 394 -48.19 -56.18 33.79
CA THR I 394 -48.69 -57.55 33.75
C THR I 394 -47.61 -58.50 33.23
N SER I 395 -46.89 -58.10 32.19
CA SER I 395 -45.83 -58.91 31.59
C SER I 395 -46.35 -60.28 31.16
N LEU I 411 -50.91 -55.60 41.79
CA LEU I 411 -50.31 -54.85 40.70
C LEU I 411 -49.95 -53.43 41.15
N SER I 412 -50.61 -52.98 42.23
CA SER I 412 -50.40 -51.66 42.81
C SER I 412 -50.59 -50.56 41.76
N VAL I 413 -51.81 -50.53 41.22
CA VAL I 413 -52.18 -49.57 40.17
C VAL I 413 -51.90 -48.13 40.60
N PRO I 414 -52.18 -47.70 41.83
CA PRO I 414 -51.90 -46.30 42.18
C PRO I 414 -50.45 -45.90 42.04
N ASN I 415 -49.49 -46.80 42.26
CA ASN I 415 -48.10 -46.40 42.09
C ASN I 415 -47.72 -46.27 40.62
N LEU I 416 -48.44 -46.94 39.73
CA LEU I 416 -48.26 -46.71 38.29
C LEU I 416 -48.62 -45.28 37.94
N LEU I 417 -49.80 -44.82 38.38
CA LEU I 417 -50.20 -43.44 38.14
C LEU I 417 -49.31 -42.46 38.88
N ARG I 418 -48.89 -42.81 40.10
CA ARG I 418 -48.04 -41.94 40.89
C ARG I 418 -46.72 -41.67 40.17
N ASN I 419 -46.09 -42.73 39.63
CA ASN I 419 -44.86 -42.54 38.87
C ASN I 419 -45.11 -41.76 37.59
N ALA I 420 -46.21 -42.05 36.90
CA ALA I 420 -46.49 -41.39 35.63
C ALA I 420 -46.83 -39.92 35.82
N LEU I 421 -47.67 -39.61 36.81
CA LEU I 421 -48.12 -38.24 36.99
C LEU I 421 -47.05 -37.35 37.61
N TYR I 422 -46.13 -37.93 38.39
CA TYR I 422 -45.10 -37.14 39.04
C TYR I 422 -44.22 -36.43 38.02
N GLY I 423 -43.79 -37.16 36.98
CA GLY I 423 -42.96 -36.54 35.96
C GLY I 423 -43.67 -35.45 35.20
N SER I 424 -44.94 -35.68 34.87
CA SER I 424 -45.71 -34.69 34.12
C SER I 424 -45.87 -33.40 34.91
N MET I 425 -46.55 -33.47 36.04
CA MET I 425 -46.77 -32.30 36.88
C MET I 425 -45.61 -32.08 37.85
N LEU I 426 -44.40 -32.03 37.30
CA LEU I 426 -43.20 -31.82 38.11
C LEU I 426 -42.85 -30.35 38.28
N SER I 427 -43.12 -29.52 37.28
CA SER I 427 -42.81 -28.11 37.40
C SER I 427 -43.75 -27.40 38.37
N SER I 428 -45.02 -27.83 38.43
CA SER I 428 -45.96 -27.22 39.36
C SER I 428 -45.64 -27.59 40.80
N ILE I 429 -44.97 -28.72 41.00
CA ILE I 429 -44.60 -29.15 42.36
C ILE I 429 -43.63 -28.15 42.99
N TYR I 430 -42.65 -27.69 42.22
CA TYR I 430 -41.64 -26.78 42.76
C TYR I 430 -42.25 -25.47 43.22
N ARG I 431 -43.28 -24.98 42.54
CA ARG I 431 -43.95 -23.75 42.96
C ARG I 431 -44.66 -23.92 44.29
N ALA I 432 -45.00 -25.15 44.67
CA ALA I 432 -45.60 -25.41 45.97
C ALA I 432 -44.58 -25.81 47.03
N GLY I 433 -43.31 -25.96 46.65
CA GLY I 433 -42.27 -26.32 47.60
C GLY I 433 -42.46 -27.67 48.25
N LEU I 434 -42.79 -28.68 47.45
CA LEU I 434 -43.05 -30.02 47.93
C LEU I 434 -41.79 -30.88 47.81
N ASN I 435 -41.89 -32.11 48.31
CA ASN I 435 -40.77 -33.04 48.25
C ASN I 435 -40.49 -33.45 46.81
N TYR I 436 -39.20 -33.64 46.50
CA TYR I 436 -38.76 -33.99 45.17
C TYR I 436 -38.06 -35.33 45.06
N GLU I 437 -37.56 -35.88 46.17
CA GLU I 437 -36.84 -37.15 46.11
C GLU I 437 -37.82 -38.29 45.83
N GLN I 438 -37.44 -39.15 44.88
CA GLN I 438 -38.31 -40.25 44.46
C GLN I 438 -38.07 -41.53 45.25
N HIS I 439 -36.81 -41.83 45.57
CA HIS I 439 -36.50 -43.05 46.29
C HIS I 439 -36.99 -43.04 47.73
N ARG I 440 -37.42 -41.88 48.24
CA ARG I 440 -37.89 -41.80 49.61
C ARG I 440 -39.33 -41.29 49.68
N PHE I 441 -40.21 -41.84 48.86
CA PHE I 441 -41.64 -41.56 48.95
C PHE I 441 -42.25 -42.25 50.17
N GLY I 442 -41.75 -41.86 51.34
CA GLY I 442 -42.18 -42.47 52.57
C GLY I 442 -43.54 -41.98 53.04
N MET I 443 -44.12 -42.72 53.97
CA MET I 443 -45.40 -42.32 54.55
C MET I 443 -45.26 -41.03 55.36
N ASP I 444 -44.17 -40.89 56.11
CA ASP I 444 -43.98 -39.69 56.91
C ASP I 444 -43.75 -38.47 56.03
N SER I 445 -43.14 -38.67 54.85
CA SER I 445 -42.96 -37.57 53.92
C SER I 445 -44.31 -37.01 53.45
N LEU I 446 -45.27 -37.90 53.21
CA LEU I 446 -46.60 -37.46 52.78
C LEU I 446 -47.25 -36.56 53.81
N CYS I 447 -47.15 -36.91 55.09
CA CYS I 447 -47.78 -36.11 56.14
C CYS I 447 -47.21 -34.70 56.18
N LYS I 448 -45.92 -34.55 55.88
CA LYS I 448 -45.34 -33.22 55.76
C LYS I 448 -45.91 -32.48 54.55
N ASP I 449 -46.14 -33.21 53.45
CA ASP I 449 -46.60 -32.58 52.21
C ASP I 449 -48.00 -32.00 52.36
N ILE I 450 -48.93 -32.76 52.95
CA ILE I 450 -50.30 -32.28 53.06
C ILE I 450 -50.36 -31.03 53.92
N PHE I 451 -49.62 -31.02 55.03
CA PHE I 451 -49.67 -29.88 55.94
C PHE I 451 -49.17 -28.60 55.25
N THR I 452 -48.08 -28.71 54.49
CA THR I 452 -47.56 -27.55 53.79
C THR I 452 -48.39 -27.17 52.58
N TYR I 453 -49.15 -28.11 52.01
CA TYR I 453 -50.02 -27.79 50.89
C TYR I 453 -51.23 -26.98 51.35
N VAL I 454 -51.88 -27.43 52.43
CA VAL I 454 -53.05 -26.72 52.93
C VAL I 454 -52.67 -25.37 53.50
N LYS I 455 -51.46 -25.26 54.06
CA LYS I 455 -50.97 -23.98 54.53
C LYS I 455 -50.84 -22.99 53.38
N GLN I 456 -50.31 -23.45 52.24
CA GLN I 456 -50.21 -22.60 51.07
C GLN I 456 -51.58 -22.30 50.48
N ASP I 457 -52.49 -23.27 50.51
CA ASP I 457 -53.81 -23.11 49.92
C ASP I 457 -54.67 -22.08 50.66
N ARG I 458 -54.28 -21.69 51.87
CA ARG I 458 -55.01 -20.70 52.66
C ARG I 458 -56.47 -21.14 52.92
N ASP I 459 -56.65 -22.42 53.25
CA ASP I 459 -57.97 -22.93 53.57
C ASP I 459 -57.80 -24.18 54.44
N PHE I 460 -58.12 -24.05 55.73
CA PHE I 460 -58.05 -25.18 56.65
C PHE I 460 -59.36 -25.94 56.77
N ASN I 461 -60.48 -25.32 56.39
CA ASN I 461 -61.78 -25.99 56.49
C ASN I 461 -61.99 -27.04 55.40
N THR I 462 -61.47 -26.78 54.19
CA THR I 462 -61.65 -27.67 53.06
C THR I 462 -60.35 -28.26 52.55
N GLY I 463 -59.20 -27.79 53.05
CA GLY I 463 -57.93 -28.18 52.45
C GLY I 463 -57.68 -29.67 52.48
N PHE I 464 -58.00 -30.34 53.60
CA PHE I 464 -57.66 -31.74 53.73
C PHE I 464 -58.50 -32.65 52.86
N TYR I 465 -59.61 -32.15 52.28
CA TYR I 465 -60.34 -32.95 51.29
C TYR I 465 -59.56 -33.11 49.99
N LEU I 466 -58.53 -32.29 49.77
CA LEU I 466 -57.76 -32.30 48.53
C LEU I 466 -58.66 -32.07 47.33
N ARG I 467 -59.49 -31.03 47.41
CA ARG I 467 -60.42 -30.70 46.34
C ARG I 467 -59.76 -29.71 45.39
N PRO I 468 -59.69 -30.00 44.09
CA PRO I 468 -59.05 -29.08 43.15
C PRO I 468 -59.91 -27.85 42.87
N GLN I 469 -60.18 -27.06 43.91
CA GLN I 469 -60.94 -25.83 43.79
C GLN I 469 -60.09 -24.58 44.00
N SER I 470 -58.77 -24.74 44.08
CA SER I 470 -57.89 -23.60 44.26
C SER I 470 -57.96 -22.68 43.05
N GLU I 471 -57.98 -21.37 43.31
CA GLU I 471 -58.07 -20.41 42.22
C GLU I 471 -56.80 -20.39 41.37
N SER I 472 -55.64 -20.63 41.99
CA SER I 472 -54.40 -20.69 41.25
C SER I 472 -54.33 -21.98 40.42
N GLU I 473 -53.53 -21.92 39.36
CA GLU I 473 -53.35 -23.07 38.50
C GLU I 473 -52.27 -24.03 39.01
N ALA I 474 -51.24 -23.50 39.66
CA ALA I 474 -50.19 -24.35 40.21
C ALA I 474 -50.73 -25.23 41.34
N LEU I 475 -51.52 -24.65 42.24
CA LEU I 475 -52.08 -25.43 43.35
C LEU I 475 -53.08 -26.46 42.86
N ARG I 476 -53.81 -26.16 41.79
CA ARG I 476 -54.75 -27.13 41.24
C ARG I 476 -54.02 -28.34 40.67
N ASN I 477 -52.84 -28.14 40.08
CA ASN I 477 -52.09 -29.25 39.50
C ASN I 477 -51.62 -30.22 40.57
N CYS I 478 -51.03 -29.70 41.65
CA CYS I 478 -50.47 -30.57 42.68
C CYS I 478 -51.55 -31.24 43.53
N SER I 479 -52.78 -30.74 43.49
CA SER I 479 -53.84 -31.32 44.30
C SER I 479 -54.13 -32.76 43.88
N ILE I 480 -54.22 -33.00 42.57
CA ILE I 480 -54.50 -34.36 42.09
C ILE I 480 -53.33 -35.29 42.39
N TYR I 481 -52.10 -34.77 42.29
CA TYR I 481 -50.93 -35.59 42.61
C TYR I 481 -50.94 -36.00 44.08
N LEU I 482 -51.29 -35.07 44.97
CA LEU I 482 -51.35 -35.39 46.39
C LEU I 482 -52.41 -36.44 46.67
N ALA I 483 -53.55 -36.35 46.00
CA ALA I 483 -54.57 -37.39 46.14
C ALA I 483 -54.06 -38.74 45.67
N SER I 484 -53.15 -38.75 44.69
CA SER I 484 -52.56 -40.01 44.24
C SER I 484 -51.54 -40.54 45.23
N GLN I 485 -50.82 -39.64 45.90
CA GLN I 485 -49.85 -40.08 46.91
C GLN I 485 -50.54 -40.76 48.08
N VAL I 486 -51.67 -40.20 48.53
CA VAL I 486 -52.36 -40.74 49.71
C VAL I 486 -52.92 -42.12 49.40
N SER I 487 -53.59 -42.27 48.27
CA SER I 487 -54.24 -43.55 47.94
C SER I 487 -53.20 -44.65 47.71
N GLU I 488 -52.02 -44.29 47.21
CA GLU I 488 -51.01 -45.30 46.91
C GLU I 488 -50.40 -45.87 48.18
N ASN I 489 -50.07 -45.02 49.15
CA ASN I 489 -49.37 -45.50 50.34
C ASN I 489 -50.23 -46.44 51.16
N CYS I 490 -51.53 -46.16 51.28
CA CYS I 490 -52.40 -47.04 52.03
C CYS I 490 -52.43 -48.44 51.41
N GLN I 491 -52.98 -48.55 50.20
CA GLN I 491 -53.08 -49.80 49.45
C GLN I 491 -53.39 -50.98 50.38
N GLY I 492 -54.45 -50.81 51.15
CA GLY I 492 -54.78 -51.81 52.15
C GLY I 492 -53.75 -51.92 53.26
N SER I 493 -53.28 -50.78 53.78
CA SER I 493 -52.31 -50.80 54.86
C SER I 493 -52.89 -51.47 56.09
N LEU I 494 -52.09 -52.33 56.72
CA LEU I 494 -52.53 -53.13 57.86
C LEU I 494 -52.63 -52.23 59.08
N SER I 495 -53.73 -51.47 59.13
CA SER I 495 -54.07 -50.51 60.18
C SER I 495 -53.15 -49.30 60.20
N LYS I 496 -52.13 -49.25 59.34
CA LYS I 496 -51.34 -48.04 59.19
C LYS I 496 -52.17 -46.90 58.62
N PHE I 497 -53.29 -47.23 57.95
CA PHE I 497 -54.33 -46.25 57.64
C PHE I 497 -54.66 -45.39 58.86
N LEU I 498 -54.81 -46.03 60.02
CA LEU I 498 -55.14 -45.28 61.24
C LEU I 498 -54.04 -44.27 61.56
N GLN I 499 -52.78 -44.68 61.43
CA GLN I 499 -51.68 -43.77 61.71
C GLN I 499 -51.70 -42.56 60.80
N MET I 500 -51.88 -42.78 59.49
CA MET I 500 -51.91 -41.66 58.56
C MET I 500 -53.17 -40.82 58.72
N LEU I 501 -54.25 -41.42 59.22
CA LEU I 501 -55.45 -40.64 59.51
C LEU I 501 -55.19 -39.60 60.60
N LEU I 502 -54.46 -39.99 61.65
CA LEU I 502 -54.21 -39.08 62.76
C LEU I 502 -53.21 -38.00 62.37
N VAL I 503 -51.99 -38.40 62.02
CA VAL I 503 -50.94 -37.42 61.75
C VAL I 503 -51.11 -36.73 60.40
N GLY I 504 -51.96 -37.27 59.53
CA GLY I 504 -52.21 -36.64 58.25
C GLY I 504 -53.17 -35.47 58.34
N CYS I 505 -54.39 -35.73 58.81
CA CYS I 505 -55.41 -34.70 58.93
C CYS I 505 -55.48 -34.06 60.31
N GLY I 506 -55.21 -34.84 61.36
CA GLY I 506 -55.26 -34.27 62.71
C GLY I 506 -54.22 -33.19 62.92
N SER I 507 -53.01 -33.39 62.39
CA SER I 507 -51.96 -32.39 62.52
C SER I 507 -52.33 -31.07 61.86
N VAL I 508 -53.26 -31.10 60.90
CA VAL I 508 -53.70 -29.89 60.20
C VAL I 508 -54.79 -29.19 61.00
N SER I 509 -55.86 -29.92 61.30
CA SER I 509 -57.04 -29.31 61.92
C SER I 509 -56.80 -28.91 63.36
N ILE I 510 -55.86 -29.55 64.04
CA ILE I 510 -55.54 -29.15 65.41
C ILE I 510 -55.00 -27.72 65.43
N PHE I 511 -54.26 -27.34 64.37
CA PHE I 511 -53.68 -26.00 64.30
C PHE I 511 -54.74 -24.91 64.23
N ASN I 512 -56.00 -25.25 63.92
CA ASN I 512 -57.06 -24.25 63.91
C ASN I 512 -57.24 -23.62 65.27
N GLN I 513 -56.85 -24.31 66.35
CA GLN I 513 -56.93 -23.71 67.68
C GLN I 513 -56.08 -22.45 67.75
N PHE I 514 -54.88 -22.48 67.16
CA PHE I 514 -54.07 -21.27 67.09
C PHE I 514 -54.58 -20.32 66.02
N VAL I 515 -55.21 -20.85 64.96
CA VAL I 515 -55.75 -20.00 63.90
C VAL I 515 -56.88 -19.13 64.41
N THR I 516 -57.67 -19.64 65.37
CA THR I 516 -58.86 -18.92 65.82
C THR I 516 -58.51 -17.56 66.39
N GLU I 517 -57.57 -17.50 67.32
CA GLU I 517 -57.24 -16.26 68.02
C GLU I 517 -55.95 -15.60 67.53
N LEU I 518 -55.36 -16.08 66.44
CA LEU I 518 -54.18 -15.44 65.88
C LEU I 518 -54.46 -14.90 64.49
N ASP I 524 -49.36 -8.73 61.70
CA ASP I 524 -49.52 -10.08 62.24
C ASP I 524 -49.09 -11.13 61.22
N ARG I 525 -47.99 -10.86 60.53
CA ARG I 525 -47.48 -11.74 59.48
C ARG I 525 -46.20 -12.46 59.89
N GLU I 526 -45.33 -11.81 60.65
CA GLU I 526 -44.10 -12.46 61.10
C GLU I 526 -44.37 -13.65 62.01
N LYS I 527 -45.51 -13.65 62.71
CA LYS I 527 -45.82 -14.75 63.63
C LYS I 527 -46.24 -16.02 62.89
N PHE I 528 -46.77 -15.89 61.67
CA PHE I 528 -47.31 -17.06 60.98
C PHE I 528 -46.22 -18.10 60.73
N GLU I 529 -45.12 -17.68 60.11
CA GLU I 529 -44.00 -18.59 59.94
C GLU I 529 -43.27 -18.85 61.25
N GLN I 530 -43.43 -17.97 62.24
CA GLN I 530 -42.84 -18.22 63.55
C GLN I 530 -43.45 -19.45 64.20
N LEU I 531 -44.78 -19.58 64.14
CA LEU I 531 -45.46 -20.73 64.74
C LEU I 531 -45.50 -21.94 63.82
N ILE I 532 -45.88 -21.75 62.55
CA ILE I 532 -46.07 -22.86 61.64
C ILE I 532 -44.80 -23.68 61.46
N SER I 533 -43.64 -23.10 61.78
CA SER I 533 -42.38 -23.82 61.62
C SER I 533 -42.04 -24.66 62.84
N GLU I 534 -41.94 -24.03 64.02
CA GLU I 534 -41.53 -24.76 65.21
C GLU I 534 -42.64 -25.66 65.74
N TYR I 535 -43.90 -25.34 65.42
CA TYR I 535 -44.99 -26.26 65.77
C TYR I 535 -44.82 -27.59 65.07
N VAL I 536 -44.36 -27.57 63.81
CA VAL I 536 -43.99 -28.80 63.13
C VAL I 536 -42.87 -29.51 63.88
N ALA I 537 -41.87 -28.75 64.34
CA ALA I 537 -40.75 -29.35 65.05
C ALA I 537 -41.19 -29.95 66.38
N TYR I 538 -41.99 -29.21 67.16
CA TYR I 538 -42.41 -29.72 68.47
C TYR I 538 -43.31 -30.93 68.32
N MET I 539 -44.32 -30.83 67.47
CA MET I 539 -45.24 -31.96 67.26
C MET I 539 -44.59 -33.07 66.43
N SER I 540 -43.51 -32.76 65.73
CA SER I 540 -42.73 -33.76 65.00
C SER I 540 -43.56 -34.48 63.94
N VAL I 541 -44.03 -33.70 62.97
CA VAL I 541 -44.65 -34.24 61.77
C VAL I 541 -43.60 -34.28 60.66
N GLY I 542 -43.51 -35.41 59.98
CA GLY I 542 -42.42 -35.69 59.08
C GLY I 542 -41.27 -36.44 59.71
N ARG I 543 -41.24 -36.52 61.04
CA ARG I 543 -40.26 -37.31 61.78
C ARG I 543 -40.96 -37.87 63.01
N ILE I 544 -41.22 -39.18 63.01
CA ILE I 544 -41.96 -39.82 64.08
C ILE I 544 -41.76 -41.33 63.96
N GLU I 545 -41.96 -42.05 65.06
CA GLU I 545 -41.83 -43.50 65.07
C GLU I 545 -43.12 -44.22 65.47
N SER I 546 -43.97 -43.59 66.28
CA SER I 546 -45.20 -44.23 66.73
C SER I 546 -46.36 -43.23 66.66
N ALA I 547 -47.56 -43.78 66.48
CA ALA I 547 -48.74 -42.93 66.42
C ALA I 547 -49.06 -42.33 67.79
N SER I 548 -48.94 -43.13 68.85
CA SER I 548 -49.28 -42.64 70.18
C SER I 548 -48.32 -41.55 70.65
N HIS I 549 -47.06 -41.60 70.22
CA HIS I 549 -46.11 -40.56 70.62
C HIS I 549 -46.52 -39.20 70.07
N TRP I 550 -47.19 -39.16 68.91
CA TRP I 550 -47.79 -37.92 68.46
C TRP I 550 -48.93 -37.50 69.39
N ALA I 551 -49.81 -38.44 69.72
CA ALA I 551 -50.93 -38.15 70.61
C ALA I 551 -50.46 -37.76 72.01
N ASN I 552 -49.28 -38.22 72.43
CA ASN I 552 -48.74 -37.81 73.71
C ASN I 552 -48.43 -36.32 73.71
N ARG I 553 -47.88 -35.80 72.61
CA ARG I 553 -47.64 -34.37 72.49
C ARG I 553 -48.90 -33.59 72.14
N CYS I 554 -49.95 -34.28 71.69
CA CYS I 554 -51.21 -33.61 71.43
C CYS I 554 -51.86 -33.12 72.71
N CYS I 555 -51.71 -33.88 73.80
CA CYS I 555 -52.33 -33.51 75.06
C CYS I 555 -51.83 -32.16 75.55
N ALA I 556 -50.52 -31.92 75.46
CA ALA I 556 -49.97 -30.61 75.81
C ALA I 556 -50.51 -29.53 74.88
N VAL I 557 -50.70 -29.87 73.61
CA VAL I 557 -51.27 -28.92 72.65
C VAL I 557 -52.70 -28.56 73.05
N VAL I 558 -53.49 -29.57 73.46
CA VAL I 558 -54.86 -29.31 73.86
C VAL I 558 -54.91 -28.56 75.18
N ALA I 559 -54.05 -28.92 76.13
CA ALA I 559 -54.13 -28.38 77.48
C ALA I 559 -53.44 -27.02 77.63
N ASN I 560 -52.85 -26.48 76.56
CA ASN I 560 -52.19 -25.18 76.67
C ASN I 560 -53.20 -24.08 77.00
N SER I 561 -54.37 -24.12 76.37
CA SER I 561 -55.44 -23.16 76.65
C SER I 561 -56.71 -23.97 76.93
N PRO I 562 -57.26 -23.89 78.14
CA PRO I 562 -58.42 -24.74 78.47
C PRO I 562 -59.74 -24.12 78.08
N ASN I 563 -60.83 -24.83 78.37
CA ASN I 563 -62.15 -24.26 78.17
C ASN I 563 -62.38 -23.11 79.14
N ASP I 564 -63.26 -22.19 78.74
CA ASP I 564 -63.45 -20.96 79.50
C ASP I 564 -63.95 -21.21 80.92
N GLU I 565 -64.56 -22.36 81.18
CA GLU I 565 -65.02 -22.70 82.51
C GLU I 565 -63.99 -23.52 83.30
N LYS I 566 -62.82 -23.77 82.72
CA LYS I 566 -61.72 -24.44 83.42
C LYS I 566 -62.12 -25.83 83.88
N ILE I 567 -62.60 -26.64 82.95
CA ILE I 567 -63.07 -27.99 83.23
C ILE I 567 -62.20 -28.97 82.46
N GLY I 568 -62.05 -30.17 83.01
CA GLY I 568 -61.17 -31.18 82.44
C GLY I 568 -61.64 -31.79 81.14
N VAL I 569 -62.82 -31.44 80.66
CA VAL I 569 -63.29 -31.91 79.36
C VAL I 569 -62.69 -31.02 78.27
N PHE I 570 -62.17 -31.64 77.22
CA PHE I 570 -61.56 -30.90 76.12
C PHE I 570 -61.91 -31.62 74.82
N LEU I 571 -61.21 -31.24 73.75
CA LEU I 571 -61.39 -31.87 72.45
C LEU I 571 -60.79 -33.26 72.50
N GLY I 572 -61.62 -34.25 72.80
CA GLY I 572 -61.14 -35.62 72.92
C GLY I 572 -60.18 -35.83 74.07
N MET I 573 -60.39 -35.12 75.19
CA MET I 573 -59.50 -35.20 76.34
C MET I 573 -60.33 -35.30 77.61
N VAL I 574 -59.89 -36.14 78.54
CA VAL I 574 -60.47 -36.22 79.87
C VAL I 574 -59.33 -36.25 80.88
N GLN I 575 -59.41 -35.39 81.88
CA GLN I 575 -58.37 -35.31 82.91
C GLN I 575 -58.81 -36.10 84.14
N LEU I 576 -57.92 -36.95 84.63
CA LEU I 576 -58.17 -37.78 85.81
C LEU I 576 -57.26 -37.28 86.92
N ASN I 577 -57.85 -36.72 87.97
CA ASN I 577 -57.06 -36.09 89.02
C ASN I 577 -56.21 -37.13 89.75
N ARG I 578 -54.99 -36.72 90.08
CA ARG I 578 -54.06 -37.58 90.81
C ARG I 578 -53.75 -37.08 92.22
N LYS I 579 -53.87 -35.77 92.47
CA LYS I 579 -53.71 -35.22 93.80
C LYS I 579 -55.07 -35.28 94.51
N SER I 580 -55.11 -35.95 95.66
CA SER I 580 -56.36 -36.14 96.38
C SER I 580 -56.95 -34.81 96.83
N ARG I 581 -58.07 -34.41 96.23
CA ARG I 581 -58.75 -33.20 96.66
C ARG I 581 -59.44 -33.43 97.99
N GLN I 582 -59.70 -32.34 98.70
CA GLN I 582 -60.14 -32.37 100.08
C GLN I 582 -61.65 -32.28 100.17
N HIS I 583 -62.25 -33.16 100.98
CA HIS I 583 -63.69 -33.16 101.26
C HIS I 583 -64.51 -33.31 99.98
N MET I 584 -64.36 -34.46 99.36
CA MET I 584 -65.16 -34.79 98.17
C MET I 584 -66.59 -35.09 98.57
N PRO I 585 -67.58 -34.36 98.06
CA PRO I 585 -68.97 -34.74 98.29
C PRO I 585 -69.31 -36.05 97.59
N GLY I 586 -70.22 -36.81 98.18
CA GLY I 586 -70.63 -38.05 97.56
C GLY I 586 -69.57 -39.13 97.67
N GLY I 587 -69.74 -40.16 96.84
CA GLY I 587 -68.86 -41.31 96.82
C GLY I 587 -67.66 -41.20 95.91
N TYR I 588 -67.41 -40.03 95.32
CA TYR I 588 -66.26 -39.85 94.46
C TYR I 588 -64.96 -39.96 95.26
N LYS I 589 -63.97 -40.63 94.68
CA LYS I 589 -62.68 -40.82 95.31
C LYS I 589 -61.58 -40.43 94.31
N LYS I 590 -60.36 -40.26 94.83
CA LYS I 590 -59.23 -39.93 93.98
C LYS I 590 -58.89 -41.09 93.06
N PHE I 591 -58.48 -40.78 91.84
CA PHE I 591 -58.21 -41.79 90.83
C PHE I 591 -56.99 -42.60 91.22
N ASN I 592 -57.21 -43.86 91.59
CA ASN I 592 -56.14 -44.79 91.93
C ASN I 592 -55.95 -45.78 90.79
N ILE I 593 -54.71 -45.95 90.36
CA ILE I 593 -54.41 -46.78 89.19
C ILE I 593 -54.44 -48.27 89.50
N ASP I 594 -54.60 -48.66 90.76
CA ASP I 594 -54.48 -50.06 91.16
C ASP I 594 -55.77 -50.85 91.03
N THR I 595 -56.92 -50.22 91.28
CA THR I 595 -58.18 -50.97 91.37
C THR I 595 -58.52 -51.68 90.06
N GLU I 596 -58.14 -51.10 88.93
CA GLU I 596 -58.41 -51.74 87.64
C GLU I 596 -57.60 -53.03 87.51
N ASN I 597 -58.20 -54.01 86.83
CA ASN I 597 -57.60 -55.33 86.72
C ASN I 597 -58.00 -55.98 85.41
N GLY I 598 -57.24 -57.00 85.03
CA GLY I 598 -57.55 -57.79 83.84
C GLY I 598 -57.26 -57.07 82.54
N LEU I 599 -58.00 -57.47 81.50
CA LEU I 599 -57.86 -56.82 80.20
C LEU I 599 -58.24 -55.34 80.28
N ALA I 600 -59.26 -55.01 81.07
CA ALA I 600 -59.64 -53.62 81.25
C ALA I 600 -58.49 -52.80 81.82
N LYS I 601 -57.63 -53.41 82.63
CA LYS I 601 -56.44 -52.72 83.12
C LYS I 601 -55.47 -52.44 81.97
N ALA I 602 -55.23 -53.44 81.12
CA ALA I 602 -54.32 -53.25 79.99
C ALA I 602 -54.86 -52.20 79.03
N ALA I 603 -56.14 -52.28 78.70
CA ALA I 603 -56.73 -51.30 77.77
C ALA I 603 -56.72 -49.90 78.35
N MET I 604 -57.05 -49.76 79.65
CA MET I 604 -57.02 -48.46 80.29
C MET I 604 -55.61 -47.90 80.36
N ALA I 605 -54.61 -48.76 80.45
CA ALA I 605 -53.23 -48.32 80.56
C ALA I 605 -52.82 -47.47 79.35
N SER I 606 -53.30 -47.85 78.16
CA SER I 606 -52.99 -47.07 76.97
C SER I 606 -53.66 -45.71 76.98
N SER I 607 -54.76 -45.57 77.71
CA SER I 607 -55.51 -44.33 77.76
C SER I 607 -54.89 -43.27 78.67
N LEU I 608 -53.64 -43.45 79.10
CA LEU I 608 -52.98 -42.53 80.01
C LEU I 608 -51.91 -41.74 79.27
N SER I 609 -51.85 -40.44 79.55
CA SER I 609 -50.87 -39.55 78.91
C SER I 609 -50.54 -38.44 79.90
N THR I 610 -49.43 -38.60 80.62
CA THR I 610 -49.01 -37.60 81.60
C THR I 610 -48.29 -36.46 80.89
N VAL I 611 -48.65 -35.23 81.26
CA VAL I 611 -48.06 -34.02 80.67
C VAL I 611 -47.43 -33.20 81.79
N ALA I 612 -46.14 -32.94 81.66
CA ALA I 612 -45.40 -32.14 82.64
C ALA I 612 -45.55 -30.68 82.25
N SER I 613 -46.42 -29.96 82.95
CA SER I 613 -46.71 -28.56 82.72
C SER I 613 -46.72 -27.80 84.04
N ASN I 614 -45.65 -27.98 84.82
CA ASN I 614 -45.43 -27.52 86.20
C ASN I 614 -46.16 -28.43 87.19
N ASN I 615 -46.94 -29.40 86.71
CA ASN I 615 -47.63 -30.34 87.59
C ASN I 615 -48.00 -31.56 86.75
N LEU I 616 -47.47 -32.71 87.13
CA LEU I 616 -47.72 -33.95 86.39
C LEU I 616 -49.20 -34.29 86.48
N MET I 617 -49.93 -34.10 85.38
CA MET I 617 -51.36 -34.36 85.32
C MET I 617 -51.65 -35.35 84.20
N ASP I 618 -52.42 -36.38 84.50
CA ASP I 618 -52.76 -37.40 83.52
C ASP I 618 -53.99 -36.98 82.72
N PHE I 619 -53.99 -37.38 81.45
CA PHE I 619 -55.08 -37.08 80.54
C PHE I 619 -55.56 -38.36 79.88
N CYS I 620 -56.86 -38.64 79.99
CA CYS I 620 -57.46 -39.74 79.25
C CYS I 620 -57.82 -39.26 77.86
N SER I 621 -57.29 -39.95 76.84
CA SER I 621 -57.42 -39.50 75.46
C SER I 621 -57.81 -40.66 74.56
N VAL I 622 -58.79 -40.41 73.68
CA VAL I 622 -59.07 -41.37 72.62
C VAL I 622 -57.92 -41.41 71.62
N PHE I 623 -57.17 -40.31 71.50
CA PHE I 623 -56.05 -40.28 70.56
C PHE I 623 -54.99 -41.30 70.95
N ASN I 624 -54.69 -41.43 72.24
CA ASN I 624 -53.79 -42.48 72.69
C ASN I 624 -54.36 -43.85 72.41
N LEU I 625 -55.67 -44.02 72.56
CA LEU I 625 -56.28 -45.32 72.28
C LEU I 625 -56.10 -45.70 70.82
N ILE I 626 -56.49 -44.81 69.90
CA ILE I 626 -56.39 -45.12 68.48
C ILE I 626 -54.94 -45.16 68.03
N GLY I 627 -54.11 -44.29 68.59
CA GLY I 627 -52.69 -44.33 68.28
C GLY I 627 -52.06 -45.64 68.69
N ALA I 628 -52.51 -46.21 69.81
CA ALA I 628 -52.01 -47.50 70.25
C ALA I 628 -52.42 -48.62 69.30
N ILE I 629 -53.57 -48.49 68.63
CA ILE I 629 -54.00 -49.51 67.68
C ILE I 629 -53.02 -49.64 66.53
N ALA I 630 -52.45 -48.51 66.10
CA ALA I 630 -51.44 -48.56 65.03
C ALA I 630 -50.22 -49.35 65.47
N ASP I 631 -49.79 -49.17 66.71
CA ASP I 631 -48.60 -49.86 67.19
C ASP I 631 -48.82 -51.37 67.30
N ILE I 632 -49.97 -51.78 67.84
CA ILE I 632 -50.22 -53.21 68.04
C ILE I 632 -50.30 -53.94 66.71
N SER I 633 -51.03 -53.37 65.75
CA SER I 633 -51.31 -54.02 64.48
C SER I 633 -50.37 -53.57 63.37
N ALA I 634 -49.14 -53.20 63.71
CA ALA I 634 -48.18 -52.81 62.69
C ALA I 634 -47.76 -53.99 61.84
N CYS I 635 -47.14 -54.99 62.45
CA CYS I 635 -46.67 -56.18 61.73
C CYS I 635 -46.77 -57.38 62.66
N ARG I 636 -47.47 -58.42 62.23
CA ARG I 636 -47.62 -59.64 63.02
C ARG I 636 -46.50 -60.60 62.65
N CYS I 637 -45.45 -60.62 63.44
CA CYS I 637 -44.35 -61.57 63.27
C CYS I 637 -43.90 -62.22 64.57
N GLU I 638 -44.36 -61.75 65.71
CA GLU I 638 -43.93 -62.29 67.00
C GLU I 638 -45.03 -62.05 68.03
N ARG I 639 -44.95 -62.79 69.13
CA ARG I 639 -45.90 -62.68 70.23
C ARG I 639 -45.31 -61.95 71.44
N SER I 640 -44.18 -61.27 71.25
CA SER I 640 -43.53 -60.53 72.33
C SER I 640 -43.74 -59.03 72.23
N ALA I 641 -43.65 -58.46 71.03
CA ALA I 641 -43.89 -57.04 70.85
C ALA I 641 -45.35 -56.66 70.99
N ILE I 642 -46.26 -57.63 71.03
CA ILE I 642 -47.68 -57.34 71.15
C ILE I 642 -47.98 -56.67 72.49
N THR I 643 -47.28 -57.08 73.54
CA THR I 643 -47.44 -56.48 74.86
C THR I 643 -46.53 -55.29 75.10
N ASN I 644 -45.56 -55.06 74.21
CA ASN I 644 -44.63 -53.96 74.41
C ASN I 644 -45.33 -52.61 74.35
N ALA I 645 -46.20 -52.43 73.35
CA ALA I 645 -46.87 -51.15 73.16
C ALA I 645 -47.82 -50.81 74.30
N PHE I 646 -48.23 -51.81 75.09
CA PHE I 646 -49.07 -51.52 76.25
C PHE I 646 -48.36 -50.62 77.26
N ASN I 647 -47.03 -50.71 77.31
CA ASN I 647 -46.24 -49.88 78.23
C ASN I 647 -45.11 -49.16 77.52
N LYS I 648 -45.15 -49.08 76.19
CA LYS I 648 -44.15 -48.29 75.46
C LYS I 648 -44.30 -46.80 75.70
N VAL I 649 -45.42 -46.36 76.27
CA VAL I 649 -45.67 -44.95 76.51
C VAL I 649 -45.82 -44.62 77.98
N ILE I 650 -45.84 -45.61 78.86
CA ILE I 650 -46.03 -45.40 80.29
C ILE I 650 -44.69 -45.41 81.00
N ALA I 651 -44.56 -44.57 82.02
CA ALA I 651 -43.40 -44.47 82.91
C ALA I 651 -42.14 -43.96 82.22
N GLN I 652 -42.21 -43.61 80.93
CA GLN I 652 -41.04 -43.07 80.24
C GLN I 652 -41.34 -41.84 79.39
N THR I 653 -42.57 -41.61 78.96
CA THR I 653 -42.89 -40.49 78.08
C THR I 653 -43.08 -39.23 78.91
N THR I 654 -42.02 -38.43 79.01
CA THR I 654 -42.04 -37.20 79.79
C THR I 654 -42.28 -36.01 78.86
N CYS I 655 -43.55 -35.82 78.48
CA CYS I 655 -43.93 -34.71 77.64
C CYS I 655 -43.72 -33.39 78.39
N ILE I 656 -43.42 -32.33 77.62
CA ILE I 656 -43.01 -31.06 78.18
C ILE I 656 -43.91 -29.96 77.65
N VAL I 657 -44.02 -28.87 78.42
CA VAL I 657 -44.80 -27.70 78.01
C VAL I 657 -44.25 -27.18 76.69
N PRO I 658 -45.08 -26.87 75.69
CA PRO I 658 -44.55 -26.44 74.41
C PRO I 658 -44.19 -24.97 74.40
N PRO I 659 -43.31 -24.55 73.48
CA PRO I 659 -42.78 -23.18 73.53
C PRO I 659 -43.83 -22.09 73.38
N TRP I 660 -44.93 -22.34 72.68
CA TRP I 660 -45.93 -21.30 72.46
C TRP I 660 -46.88 -21.13 73.64
N SER I 661 -46.51 -21.64 74.82
CA SER I 661 -47.38 -21.48 75.99
C SER I 661 -47.57 -20.01 76.34
N GLU I 662 -46.49 -19.24 76.34
CA GLU I 662 -46.52 -17.79 76.60
C GLU I 662 -47.18 -17.44 77.92
N ALA I 663 -47.30 -18.40 78.83
CA ALA I 663 -47.95 -18.17 80.12
C ALA I 663 -47.50 -19.19 81.16
N GLN I 700 -53.17 -64.16 91.86
CA GLN I 700 -52.35 -64.92 90.93
C GLN I 700 -50.94 -64.35 90.86
N ASP I 701 -50.08 -64.98 90.06
CA ASP I 701 -48.72 -64.51 89.87
C ASP I 701 -48.65 -63.23 89.05
N ASP I 702 -49.76 -62.83 88.42
CA ASP I 702 -49.90 -61.63 87.59
C ASP I 702 -49.12 -61.71 86.29
N ALA I 703 -48.35 -62.78 86.06
CA ALA I 703 -47.72 -62.97 84.75
C ALA I 703 -48.74 -63.43 83.72
N THR I 704 -49.74 -64.20 84.12
CA THR I 704 -50.81 -64.64 83.24
C THR I 704 -52.02 -63.70 83.26
N GLU I 705 -51.95 -62.60 84.02
CA GLU I 705 -53.04 -61.65 84.04
C GLU I 705 -53.26 -61.03 82.67
N PHE I 706 -52.18 -60.71 81.97
CA PHE I 706 -52.27 -60.14 80.63
C PHE I 706 -52.39 -61.20 79.55
N SER I 707 -51.97 -62.43 79.82
CA SER I 707 -52.01 -63.47 78.81
C SER I 707 -53.43 -63.80 78.35
N ASP I 708 -54.43 -63.51 79.18
CA ASP I 708 -55.81 -63.68 78.74
C ASP I 708 -56.13 -62.76 77.57
N ALA I 709 -55.64 -61.52 77.63
CA ALA I 709 -55.90 -60.57 76.55
C ALA I 709 -55.02 -60.86 75.33
N ILE I 710 -53.78 -61.28 75.55
CA ILE I 710 -52.83 -61.42 74.46
C ILE I 710 -53.33 -62.43 73.43
N THR I 711 -53.86 -63.56 73.88
CA THR I 711 -54.37 -64.56 72.95
C THR I 711 -55.56 -64.01 72.15
N LYS I 712 -56.35 -63.12 72.75
CA LYS I 712 -57.45 -62.49 72.02
C LYS I 712 -56.93 -61.45 71.05
N VAL I 713 -55.97 -60.62 71.47
CA VAL I 713 -55.40 -59.63 70.56
C VAL I 713 -54.67 -60.30 69.42
N GLU I 714 -53.93 -61.38 69.70
CA GLU I 714 -53.23 -62.10 68.65
C GLU I 714 -54.21 -62.62 67.60
N GLN I 715 -55.33 -63.18 68.05
CA GLN I 715 -56.36 -63.63 67.11
C GLN I 715 -56.99 -62.47 66.37
N TRP I 716 -57.00 -61.27 66.98
CA TRP I 716 -57.52 -60.10 66.28
C TRP I 716 -56.64 -59.72 65.10
N LEU I 717 -55.31 -59.79 65.27
CA LEU I 717 -54.41 -59.54 64.15
C LEU I 717 -54.51 -60.64 63.09
N LYS I 718 -55.00 -61.82 63.44
CA LYS I 718 -55.18 -62.86 62.43
C LYS I 718 -56.20 -62.43 61.38
N ASN I 719 -57.29 -61.79 61.81
CA ASN I 719 -58.24 -61.23 60.86
C ASN I 719 -57.71 -59.96 60.21
N VAL I 720 -56.83 -59.23 60.91
CA VAL I 720 -56.29 -57.98 60.37
C VAL I 720 -55.45 -58.26 59.13
N ASN I 721 -54.60 -59.29 59.19
CA ASN I 721 -53.72 -59.62 58.09
C ASN I 721 -54.38 -60.47 57.02
N GLU I 722 -55.68 -60.76 57.16
CA GLU I 722 -56.41 -61.55 56.17
C GLU I 722 -57.46 -60.75 55.42
N ILE I 723 -58.11 -59.80 56.07
CA ILE I 723 -59.17 -59.02 55.44
C ILE I 723 -58.69 -57.64 55.01
N GLU I 724 -57.92 -56.95 55.86
CA GLU I 724 -57.45 -55.61 55.54
C GLU I 724 -56.53 -55.59 54.32
N ILE I 725 -55.91 -56.72 53.99
CA ILE I 725 -55.04 -56.77 52.83
C ILE I 725 -55.79 -56.48 51.54
N GLY I 726 -57.10 -56.72 51.51
CA GLY I 726 -57.87 -56.55 50.30
C GLY I 726 -58.70 -55.28 50.21
N ILE I 727 -58.40 -54.28 51.04
CA ILE I 727 -59.13 -53.02 51.01
C ILE I 727 -58.33 -52.02 50.20
N ARG I 728 -59.01 -50.97 49.73
CA ARG I 728 -58.40 -49.89 48.95
C ARG I 728 -58.83 -48.56 49.55
N PRO I 729 -58.17 -48.11 50.62
CA PRO I 729 -58.50 -46.82 51.21
C PRO I 729 -58.29 -45.68 50.22
N SER I 730 -59.13 -44.65 50.34
CA SER I 730 -59.17 -43.54 49.40
C SER I 730 -58.54 -42.30 50.04
N ALA I 731 -58.45 -41.25 49.24
CA ALA I 731 -57.91 -39.97 49.67
C ALA I 731 -58.98 -39.02 50.20
N LEU I 732 -60.24 -39.45 50.20
CA LEU I 732 -61.34 -38.63 50.69
C LEU I 732 -61.90 -39.10 52.01
N LEU I 733 -61.73 -40.38 52.35
CA LEU I 733 -62.19 -40.87 53.65
C LEU I 733 -61.50 -40.13 54.79
N ILE I 734 -60.17 -40.04 54.73
CA ILE I 734 -59.41 -39.38 55.79
C ILE I 734 -59.81 -37.92 55.92
N GLY I 735 -60.09 -37.26 54.79
CA GLY I 735 -60.57 -35.89 54.85
C GLY I 735 -62.00 -35.77 55.36
N LYS I 736 -62.78 -36.85 55.29
CA LYS I 736 -64.17 -36.83 55.73
C LYS I 736 -64.41 -37.55 57.05
N VAL I 737 -63.63 -38.59 57.36
CA VAL I 737 -63.75 -39.22 58.67
C VAL I 737 -63.42 -38.23 59.77
N TRP I 738 -62.34 -37.46 59.58
CA TRP I 738 -61.95 -36.49 60.59
C TRP I 738 -62.99 -35.40 60.77
N SER I 739 -63.57 -34.92 59.66
CA SER I 739 -64.50 -33.79 59.74
C SER I 739 -65.71 -34.15 60.60
N ARG I 740 -66.23 -35.36 60.46
CA ARG I 740 -67.26 -35.83 61.39
C ARG I 740 -66.72 -35.90 62.80
N PHE I 741 -65.51 -36.44 62.98
CA PHE I 741 -64.94 -36.61 64.31
C PHE I 741 -64.68 -35.27 64.98
N TYR I 742 -64.13 -34.30 64.25
CA TYR I 742 -63.79 -33.02 64.87
C TYR I 742 -65.04 -32.28 65.35
N PHE I 743 -66.09 -32.29 64.53
CA PHE I 743 -67.33 -31.61 64.94
C PHE I 743 -68.01 -32.36 66.07
N ASN I 744 -67.97 -33.70 66.04
CA ASN I 744 -68.61 -34.51 67.07
C ASN I 744 -68.03 -34.20 68.45
N LEU I 745 -66.70 -34.22 68.56
CA LEU I 745 -66.07 -33.96 69.85
C LEU I 745 -66.31 -32.53 70.31
N ASN I 746 -66.27 -31.57 69.38
CA ASN I 746 -66.50 -30.19 69.75
C ASN I 746 -67.89 -29.97 70.33
N ASN I 747 -68.86 -30.82 69.95
CA ASN I 747 -70.19 -30.73 70.54
C ASN I 747 -70.18 -31.21 71.99
N VAL I 748 -69.43 -32.27 72.27
CA VAL I 748 -69.36 -32.79 73.64
C VAL I 748 -68.66 -31.79 74.56
N ALA I 749 -67.67 -31.06 74.03
CA ALA I 749 -66.89 -30.17 74.87
C ALA I 749 -67.74 -29.06 75.48
N ASP I 750 -68.64 -28.47 74.71
CA ASP I 750 -69.48 -27.39 75.20
C ASP I 750 -70.86 -27.87 75.61
N GLN I 751 -71.08 -29.18 75.67
CA GLN I 751 -72.37 -29.73 76.12
C GLN I 751 -72.30 -30.35 77.51
N HIS I 752 -71.11 -30.65 78.02
CA HIS I 752 -70.95 -31.27 79.33
C HIS I 752 -70.18 -30.36 80.29
N LYS I 753 -70.26 -29.05 80.08
CA LYS I 753 -69.53 -28.12 80.93
C LYS I 753 -70.25 -27.89 82.27
N THR I 754 -71.47 -27.36 82.21
CA THR I 754 -72.20 -27.02 83.42
C THR I 754 -73.03 -28.18 83.97
N ARG I 755 -72.99 -29.35 83.33
CA ARG I 755 -73.79 -30.49 83.74
C ARG I 755 -73.00 -31.49 84.58
N LEU I 756 -72.08 -31.00 85.42
CA LEU I 756 -71.32 -31.83 86.36
C LEU I 756 -71.91 -31.61 87.75
N TYR I 757 -72.59 -32.64 88.25
CA TYR I 757 -73.19 -32.58 89.58
C TYR I 757 -73.24 -33.96 90.19
N ARG I 758 -73.69 -34.00 91.44
CA ARG I 758 -73.71 -35.24 92.22
C ARG I 758 -74.81 -36.16 91.70
N ASN I 759 -75.01 -37.28 92.39
CA ASN I 759 -75.93 -38.35 91.99
C ASN I 759 -75.54 -38.97 90.65
N ALA I 760 -74.36 -38.63 90.12
CA ALA I 760 -73.86 -39.18 88.88
C ALA I 760 -72.89 -40.33 89.09
N GLU I 761 -72.62 -40.70 90.35
CA GLU I 761 -71.72 -41.82 90.62
C GLU I 761 -72.27 -43.15 90.13
N HIS I 762 -73.58 -43.22 89.85
CA HIS I 762 -74.18 -44.43 89.32
C HIS I 762 -74.49 -44.35 87.83
N GLY I 763 -74.59 -43.14 87.28
CA GLY I 763 -74.93 -42.98 85.87
C GLY I 763 -76.27 -43.58 85.52
N ARG I 764 -77.27 -43.42 86.39
CA ARG I 764 -78.56 -44.03 86.17
C ARG I 764 -79.28 -43.42 84.97
N MET I 765 -79.40 -42.10 84.96
CA MET I 765 -80.20 -41.41 83.95
C MET I 765 -79.41 -40.28 83.32
N ALA I 766 -79.86 -39.86 82.15
CA ALA I 766 -79.10 -38.96 81.29
C ALA I 766 -79.07 -37.54 81.87
N SER I 767 -78.37 -36.66 81.16
CA SER I 767 -78.03 -35.29 81.56
C SER I 767 -77.04 -35.26 82.73
N GLN I 768 -76.60 -36.41 83.22
CA GLN I 768 -75.61 -36.49 84.28
C GLN I 768 -74.27 -36.85 83.66
N SER I 769 -73.26 -36.04 83.93
CA SER I 769 -71.97 -36.16 83.28
C SER I 769 -70.94 -36.68 84.28
N ASN I 770 -70.50 -37.91 84.09
CA ASN I 770 -69.40 -38.48 84.84
C ASN I 770 -68.19 -38.66 83.91
N ALA I 771 -67.03 -38.92 84.52
CA ALA I 771 -65.81 -39.04 83.73
C ALA I 771 -65.88 -40.21 82.76
N ALA I 772 -66.46 -41.33 83.19
CA ALA I 772 -66.52 -42.50 82.32
C ALA I 772 -67.50 -42.30 81.17
N LYS I 773 -68.54 -41.48 81.35
CA LYS I 773 -69.48 -41.24 80.27
C LYS I 773 -68.92 -40.29 79.23
N ILE I 774 -68.25 -39.21 79.68
CA ILE I 774 -67.64 -38.28 78.74
C ILE I 774 -66.59 -38.97 77.90
N MET I 775 -65.77 -39.81 78.54
CA MET I 775 -64.81 -40.64 77.81
C MET I 775 -65.53 -41.64 76.92
N ARG I 776 -66.69 -42.16 77.35
CA ARG I 776 -67.42 -43.12 76.54
C ARG I 776 -67.90 -42.49 75.24
N PHE I 777 -68.19 -41.19 75.25
CA PHE I 777 -68.68 -40.53 74.04
C PHE I 777 -67.58 -40.42 73.00
N ASN I 778 -66.38 -40.05 73.42
CA ASN I 778 -65.28 -39.85 72.47
C ASN I 778 -64.91 -41.14 71.77
N VAL I 779 -64.84 -42.25 72.50
CA VAL I 779 -64.58 -43.53 71.85
C VAL I 779 -65.78 -43.93 71.00
N LEU I 780 -66.99 -43.49 71.36
CA LEU I 780 -68.15 -43.74 70.53
C LEU I 780 -68.16 -42.84 69.30
N ALA I 781 -67.69 -41.60 69.46
CA ALA I 781 -67.63 -40.69 68.31
C ALA I 781 -66.67 -41.20 67.24
N PHE I 782 -65.52 -41.74 67.66
CA PHE I 782 -64.60 -42.33 66.71
C PHE I 782 -65.23 -43.53 66.02
N LEU I 783 -65.93 -44.37 66.77
CA LEU I 783 -66.63 -45.50 66.18
C LEU I 783 -67.81 -45.06 65.32
N HIS I 784 -68.28 -43.82 65.49
CA HIS I 784 -69.44 -43.35 64.74
C HIS I 784 -69.01 -42.75 63.40
N ALA I 785 -67.97 -41.92 63.40
CA ALA I 785 -67.53 -41.28 62.17
C ALA I 785 -67.05 -42.30 61.15
N VAL I 786 -66.41 -43.37 61.62
CA VAL I 786 -65.91 -44.40 60.72
C VAL I 786 -67.06 -45.10 60.01
N LEU I 787 -68.17 -45.32 60.71
CA LEU I 787 -69.31 -46.03 60.13
C LEU I 787 -69.91 -45.26 58.97
N VAL I 788 -70.20 -43.98 59.17
CA VAL I 788 -70.92 -43.21 58.16
C VAL I 788 -70.05 -42.98 56.93
N GLU I 789 -68.75 -42.71 57.14
CA GLU I 789 -67.88 -42.38 56.01
C GLU I 789 -67.55 -43.60 55.17
N GLU I 790 -67.27 -44.74 55.83
CA GLU I 790 -66.96 -45.95 55.09
C GLU I 790 -68.13 -46.38 54.21
N SER I 791 -69.35 -46.31 54.75
CA SER I 791 -70.52 -46.64 53.95
C SER I 791 -70.71 -45.65 52.81
N LEU I 792 -70.53 -44.36 53.08
CA LEU I 792 -70.70 -43.34 52.04
C LEU I 792 -69.59 -43.43 51.00
N TYR I 793 -68.34 -43.48 51.45
CA TYR I 793 -67.18 -43.43 50.55
C TYR I 793 -66.31 -44.66 50.80
N HIS I 794 -66.15 -45.47 49.76
CA HIS I 794 -65.26 -46.63 49.80
C HIS I 794 -65.19 -47.21 48.39
N SER I 795 -64.12 -47.95 48.12
CA SER I 795 -63.91 -48.54 46.82
C SER I 795 -64.64 -49.86 46.64
N VAL I 796 -64.55 -50.76 47.62
CA VAL I 796 -65.22 -52.05 47.53
C VAL I 796 -66.72 -51.86 47.53
N SER I 797 -67.24 -50.97 48.38
CA SER I 797 -68.66 -50.69 48.42
C SER I 797 -69.07 -49.86 47.23
N ASP I 798 -69.55 -50.51 46.16
CA ASP I 798 -69.96 -49.78 44.96
C ASP I 798 -71.12 -48.84 45.25
N ARG I 799 -72.10 -49.30 46.02
CA ARG I 799 -73.23 -48.48 46.43
C ARG I 799 -73.33 -48.46 47.94
N GLU I 800 -73.83 -47.34 48.47
CA GLU I 800 -73.99 -47.18 49.90
C GLU I 800 -75.07 -48.13 50.44
N TYR I 801 -74.96 -48.43 51.73
CA TYR I 801 -75.94 -49.23 52.44
C TYR I 801 -76.34 -48.46 53.70
N ILE I 802 -77.32 -47.57 53.55
CA ILE I 802 -77.77 -46.71 54.65
C ILE I 802 -79.13 -46.15 54.27
N GLY I 803 -79.88 -45.70 55.27
CA GLY I 803 -81.19 -45.13 55.01
C GLY I 803 -81.11 -43.74 54.41
N GLU I 804 -82.23 -43.32 53.83
CA GLU I 804 -82.33 -42.01 53.18
C GLU I 804 -82.92 -41.01 54.16
N GLY I 805 -82.23 -40.85 55.29
CA GLY I 805 -82.68 -39.95 56.32
C GLY I 805 -81.58 -39.05 56.85
N LEU I 806 -81.88 -38.26 57.87
CA LEU I 806 -80.90 -37.34 58.42
C LEU I 806 -79.73 -38.11 59.03
N ARG I 807 -78.54 -37.53 58.90
CA ARG I 807 -77.30 -38.11 59.42
C ARG I 807 -76.83 -37.25 60.59
N LEU I 808 -76.93 -37.79 61.80
CA LEU I 808 -76.55 -37.06 63.00
C LEU I 808 -75.51 -37.84 63.79
N ASN I 809 -74.97 -37.18 64.81
CA ASN I 809 -73.91 -37.71 65.64
C ASN I 809 -74.39 -37.87 67.08
N PRO I 810 -74.18 -39.03 67.70
CA PRO I 810 -74.53 -39.17 69.12
C PRO I 810 -73.63 -38.30 69.98
N VAL I 811 -74.24 -37.39 70.75
CA VAL I 811 -73.52 -36.49 71.63
C VAL I 811 -73.85 -36.75 73.10
N THR I 812 -75.12 -37.00 73.41
CA THR I 812 -75.55 -37.29 74.77
C THR I 812 -76.17 -38.68 74.92
N SER I 813 -76.73 -39.25 73.87
CA SER I 813 -77.37 -40.55 73.91
C SER I 813 -76.61 -41.52 73.01
N VAL I 814 -77.19 -42.71 72.82
CA VAL I 814 -76.61 -43.74 71.98
C VAL I 814 -77.56 -44.17 70.87
N ASP I 815 -78.78 -43.62 70.83
CA ASP I 815 -79.77 -44.07 69.86
C ASP I 815 -79.36 -43.75 68.42
N GLU I 816 -78.60 -42.67 68.21
CA GLU I 816 -78.17 -42.33 66.86
C GLU I 816 -77.28 -43.41 66.25
N PHE I 817 -76.39 -43.98 67.06
CA PHE I 817 -75.51 -45.03 66.56
C PHE I 817 -76.28 -46.31 66.23
N GLU I 818 -77.20 -46.71 67.11
CA GLU I 818 -77.84 -48.01 66.96
C GLU I 818 -78.74 -48.06 65.72
N LYS I 819 -79.46 -46.97 65.44
CA LYS I 819 -80.37 -46.97 64.30
C LYS I 819 -79.60 -47.12 62.99
N LYS I 820 -78.42 -46.50 62.90
CA LYS I 820 -77.58 -46.68 61.72
C LYS I 820 -77.14 -48.14 61.60
N ILE I 821 -76.87 -48.79 62.73
CA ILE I 821 -76.56 -50.23 62.69
C ILE I 821 -77.77 -51.01 62.20
N LYS I 822 -78.96 -50.66 62.68
CA LYS I 822 -80.15 -51.41 62.33
C LYS I 822 -80.43 -51.35 60.82
N ILE I 823 -80.43 -50.15 60.24
CA ILE I 823 -80.71 -50.01 58.82
C ILE I 823 -79.62 -50.68 57.99
N ILE I 824 -78.39 -50.70 58.49
CA ILE I 824 -77.32 -51.42 57.80
C ILE I 824 -77.58 -52.92 57.85
N GLY I 825 -78.02 -53.42 59.01
CA GLY I 825 -78.21 -54.83 59.24
C GLY I 825 -79.01 -55.59 58.19
N GLU I 826 -80.30 -55.25 58.06
CA GLU I 826 -81.15 -55.96 57.12
C GLU I 826 -80.72 -55.73 55.67
N LYS I 827 -80.22 -54.52 55.37
CA LYS I 827 -79.88 -54.19 53.98
C LYS I 827 -78.77 -55.09 53.46
N LEU I 828 -77.74 -55.34 54.26
CA LEU I 828 -76.69 -56.27 53.85
C LEU I 828 -77.22 -57.70 53.76
N LYS I 829 -78.07 -58.09 54.72
CA LYS I 829 -78.65 -59.42 54.68
C LYS I 829 -79.64 -59.58 53.53
N ALA I 830 -80.35 -58.50 53.18
CA ALA I 830 -81.28 -58.57 52.05
C ALA I 830 -80.54 -58.85 50.75
N ASP I 831 -79.38 -58.23 50.55
CA ASP I 831 -78.56 -58.47 49.38
C ASP I 831 -77.66 -59.69 49.52
N ASN I 832 -77.76 -60.41 50.65
CA ASN I 832 -76.91 -61.56 50.94
C ASN I 832 -75.43 -61.17 50.91
N LYS I 833 -75.13 -59.98 51.43
CA LYS I 833 -73.77 -59.47 51.49
C LYS I 833 -73.31 -59.45 52.94
N THR I 834 -72.11 -59.97 53.18
CA THR I 834 -71.54 -60.01 54.51
C THR I 834 -71.05 -58.62 54.92
N TRP I 835 -70.62 -58.49 56.17
CA TRP I 835 -70.04 -57.25 56.65
C TRP I 835 -68.55 -57.15 56.40
N LYS I 836 -67.87 -58.28 56.26
CA LYS I 836 -66.41 -58.26 56.13
C LYS I 836 -65.98 -57.66 54.80
N ASN I 837 -66.72 -57.92 53.73
CA ASN I 837 -66.33 -57.42 52.42
C ASN I 837 -66.97 -56.07 52.08
N THR I 838 -68.24 -55.88 52.42
CA THR I 838 -68.91 -54.64 52.08
C THR I 838 -68.46 -53.49 52.99
N HIS I 839 -68.23 -53.77 54.27
CA HIS I 839 -67.81 -52.77 55.25
C HIS I 839 -66.60 -53.29 55.99
N PRO I 840 -65.43 -53.34 55.32
CA PRO I 840 -64.25 -53.95 55.97
C PRO I 840 -63.63 -53.07 57.04
N LEU I 841 -63.54 -51.77 56.81
CA LEU I 841 -62.83 -50.91 57.75
C LEU I 841 -63.50 -50.89 59.12
N PHE I 842 -64.84 -50.89 59.15
CA PHE I 842 -65.54 -50.93 60.43
C PHE I 842 -65.43 -52.30 61.09
N PHE I 843 -65.50 -53.37 60.29
CA PHE I 843 -65.60 -54.72 60.84
C PHE I 843 -64.39 -55.06 61.70
N LEU I 844 -63.18 -54.80 61.19
CA LEU I 844 -61.98 -55.16 61.93
C LEU I 844 -61.86 -54.37 63.22
N LEU I 845 -62.14 -53.06 63.18
CA LEU I 845 -61.95 -52.23 64.35
C LEU I 845 -63.01 -52.45 65.41
N ILE I 846 -64.20 -52.94 65.02
CA ILE I 846 -65.23 -53.26 66.00
C ILE I 846 -64.75 -54.36 66.93
N SER I 847 -64.18 -55.42 66.38
CA SER I 847 -63.68 -56.54 67.19
C SER I 847 -62.28 -56.25 67.68
N CYS I 848 -62.08 -55.09 68.30
CA CYS I 848 -60.77 -54.73 68.84
C CYS I 848 -60.77 -54.95 70.34
N PRO I 849 -59.94 -55.85 70.87
CA PRO I 849 -59.93 -56.07 72.32
C PRO I 849 -59.56 -54.83 73.12
N ILE I 850 -58.85 -53.87 72.53
CA ILE I 850 -58.48 -52.66 73.26
C ILE I 850 -59.71 -51.81 73.54
N LEU I 851 -60.61 -51.69 72.57
CA LEU I 851 -61.77 -50.82 72.69
C LEU I 851 -62.99 -51.51 73.27
N HIS I 852 -62.95 -52.82 73.46
CA HIS I 852 -64.07 -53.51 74.09
C HIS I 852 -64.40 -53.02 75.51
N PRO I 853 -63.43 -52.82 76.42
CA PRO I 853 -63.79 -52.35 77.76
C PRO I 853 -63.97 -50.85 77.85
N PHE I 854 -64.15 -50.17 76.71
CA PHE I 854 -64.44 -48.74 76.70
C PHE I 854 -65.83 -48.41 76.15
N ILE I 855 -66.62 -49.42 75.77
CA ILE I 855 -67.91 -49.15 75.13
C ILE I 855 -69.03 -49.27 76.17
N PHE I 856 -68.83 -50.11 77.19
CA PHE I 856 -69.82 -50.33 78.24
C PHE I 856 -69.19 -50.16 79.61
N PRO I 857 -68.92 -48.92 80.03
CA PRO I 857 -68.53 -48.70 81.43
C PRO I 857 -69.65 -49.13 82.36
N VAL I 858 -69.28 -49.69 83.51
CA VAL I 858 -70.28 -50.28 84.39
C VAL I 858 -71.16 -49.21 85.01
N GLY I 859 -70.58 -48.08 85.41
CA GLY I 859 -71.35 -47.02 86.03
C GLY I 859 -71.68 -45.88 85.09
N GLY I 860 -71.14 -45.92 83.89
CA GLY I 860 -71.37 -44.87 82.92
C GLY I 860 -72.57 -45.13 82.03
N ILE I 861 -73.00 -46.37 81.94
CA ILE I 861 -74.14 -46.71 81.11
C ILE I 861 -75.42 -46.28 81.80
N ASN I 862 -76.28 -45.57 81.06
CA ASN I 862 -77.53 -45.09 81.64
C ASN I 862 -78.45 -46.26 81.94
N CYS I 863 -79.04 -46.26 83.13
CA CYS I 863 -80.09 -47.23 83.44
C CYS I 863 -81.27 -47.03 82.49
N SER I 864 -81.91 -45.87 82.58
CA SER I 864 -82.79 -45.36 81.53
C SER I 864 -83.88 -46.38 81.17
N VAL I 865 -84.77 -46.61 82.16
CA VAL I 865 -85.82 -47.62 82.00
C VAL I 865 -86.59 -47.42 80.70
N LYS I 866 -86.73 -46.17 80.25
CA LYS I 866 -87.31 -45.94 78.93
C LYS I 866 -86.32 -46.30 77.82
N ALA I 867 -85.06 -45.88 77.98
CA ALA I 867 -84.04 -46.07 76.96
C ALA I 867 -83.20 -47.32 77.18
N LEU I 868 -83.52 -48.13 78.20
CA LEU I 868 -82.86 -49.41 78.37
C LEU I 868 -83.10 -50.33 77.18
N ASN I 869 -84.21 -50.11 76.45
CA ASN I 869 -84.44 -50.85 75.21
C ASN I 869 -83.34 -50.57 74.20
N LYS I 870 -82.87 -49.32 74.15
CA LYS I 870 -81.81 -48.96 73.21
C LYS I 870 -80.53 -49.74 73.48
N GLU I 871 -80.07 -49.73 74.73
CA GLU I 871 -78.80 -50.37 75.05
C GLU I 871 -78.90 -51.90 74.93
N THR I 872 -80.05 -52.48 75.22
CA THR I 872 -80.24 -53.91 74.97
C THR I 872 -80.12 -54.22 73.49
N SER I 873 -80.74 -53.38 72.64
CA SER I 873 -80.56 -53.53 71.21
C SER I 873 -79.14 -53.15 70.78
N PHE I 874 -78.55 -52.18 71.47
CA PHE I 874 -77.16 -51.81 71.19
C PHE I 874 -76.21 -52.97 71.46
N ASN I 875 -76.42 -53.68 72.57
CA ASN I 875 -75.54 -54.79 72.92
C ASN I 875 -75.80 -55.99 72.03
N LYS I 876 -77.07 -56.33 71.80
CA LYS I 876 -77.39 -57.54 71.07
C LYS I 876 -77.00 -57.43 69.59
N LEU I 877 -77.05 -56.23 69.02
CA LEU I 877 -76.65 -56.07 67.62
C LEU I 877 -75.15 -56.31 67.45
N ILE I 878 -74.34 -55.83 68.40
CA ILE I 878 -72.90 -56.08 68.36
C ILE I 878 -72.61 -57.58 68.50
N ASP I 879 -73.51 -58.31 69.14
CA ASP I 879 -73.35 -59.76 69.26
C ASP I 879 -73.44 -60.47 67.92
N GLU I 880 -73.92 -59.81 66.87
CA GLU I 880 -73.94 -60.39 65.54
C GLU I 880 -72.78 -59.94 64.67
N ILE I 881 -72.35 -58.68 64.78
CA ILE I 881 -71.18 -58.22 64.05
C ILE I 881 -69.92 -58.95 64.54
N VAL I 882 -69.86 -59.26 65.83
CA VAL I 882 -68.81 -60.09 66.40
C VAL I 882 -69.50 -61.32 67.00
N GLY I 883 -69.08 -62.50 66.54
CA GLY I 883 -69.76 -63.72 66.96
C GLY I 883 -69.40 -64.22 68.34
N ASP I 884 -68.49 -63.53 69.04
CA ASP I 884 -68.05 -64.00 70.35
C ASP I 884 -69.18 -63.93 71.36
N LYS I 885 -69.84 -62.76 71.47
CA LYS I 885 -70.89 -62.51 72.46
C LYS I 885 -70.36 -62.78 73.87
N LEU I 886 -69.38 -61.96 74.26
CA LEU I 886 -68.59 -62.18 75.46
C LEU I 886 -69.22 -61.57 76.72
N LEU I 887 -70.41 -60.96 76.62
CA LEU I 887 -71.01 -60.34 77.80
C LEU I 887 -71.42 -61.38 78.84
N SER I 888 -71.74 -62.59 78.41
CA SER I 888 -72.07 -63.73 79.27
C SER I 888 -73.34 -63.52 80.08
N ASP I 889 -74.10 -62.45 79.81
CA ASP I 889 -75.42 -62.21 80.39
C ASP I 889 -75.37 -61.95 81.90
N GLU I 890 -74.19 -62.03 82.50
CA GLU I 890 -74.01 -61.76 83.92
C GLU I 890 -73.28 -60.47 84.20
N GLU I 891 -72.28 -60.13 83.38
CA GLU I 891 -71.66 -58.81 83.46
C GLU I 891 -72.67 -57.71 83.17
N TRP I 892 -73.69 -58.01 82.37
CA TRP I 892 -74.69 -57.02 81.99
C TRP I 892 -75.51 -56.59 83.21
N ASP I 893 -75.84 -57.53 84.09
CA ASP I 893 -76.79 -57.24 85.17
C ASP I 893 -76.27 -56.19 86.12
N TYR I 894 -74.97 -56.26 86.48
CA TYR I 894 -74.44 -55.32 87.46
C TYR I 894 -74.53 -53.89 86.98
N LEU I 895 -74.36 -53.66 85.67
CA LEU I 895 -74.40 -52.31 85.11
C LEU I 895 -75.81 -51.91 84.65
N THR I 896 -76.80 -52.78 84.79
CA THR I 896 -78.16 -52.47 84.37
C THR I 896 -79.17 -52.49 85.52
N LYS I 897 -78.74 -52.81 86.74
CA LYS I 897 -79.62 -52.78 87.90
C LYS I 897 -79.52 -51.47 88.67
N ASN I 898 -78.73 -50.52 88.19
CA ASN I 898 -78.57 -49.24 88.87
C ASN I 898 -78.13 -48.17 87.88
N GLN I 907 -71.09 -58.48 95.54
CA GLN I 907 -70.18 -57.95 94.53
C GLN I 907 -70.12 -58.86 93.31
N GLN I 908 -69.50 -58.37 92.23
CA GLN I 908 -69.40 -59.09 90.99
C GLN I 908 -67.98 -58.99 90.45
N ILE I 909 -67.63 -59.94 89.58
CA ILE I 909 -66.30 -60.02 88.98
C ILE I 909 -66.39 -59.53 87.53
N PHE I 910 -65.54 -58.57 87.18
CA PHE I 910 -65.52 -57.98 85.85
C PHE I 910 -64.14 -58.15 85.24
N GLN I 911 -64.10 -58.46 83.94
CA GLN I 911 -62.86 -58.59 83.20
C GLN I 911 -62.74 -57.60 82.07
N ASN I 912 -63.78 -57.48 81.24
CA ASN I 912 -63.78 -56.57 80.08
C ASN I 912 -64.56 -55.30 80.37
N THR I 913 -64.53 -54.80 81.60
CA THR I 913 -65.26 -53.60 81.97
C THR I 913 -64.51 -52.87 83.08
N ILE I 914 -64.35 -51.56 82.91
CA ILE I 914 -63.69 -50.74 83.94
C ILE I 914 -64.69 -50.43 85.03
N THR I 915 -64.29 -50.68 86.29
CA THR I 915 -65.14 -50.46 87.45
C THR I 915 -64.54 -49.44 88.40
N SER I 916 -63.71 -48.53 87.88
CA SER I 916 -63.07 -47.54 88.73
C SER I 916 -63.09 -46.12 88.18
N LEU I 917 -63.47 -45.91 86.92
CA LEU I 917 -63.43 -44.58 86.34
C LEU I 917 -64.60 -43.72 86.81
N ASN I 918 -65.73 -44.33 87.19
CA ASN I 918 -66.91 -43.55 87.56
C ASN I 918 -66.63 -42.68 88.78
N SER I 919 -65.93 -43.21 89.78
CA SER I 919 -65.68 -42.48 91.01
C SER I 919 -64.55 -41.46 90.88
N SER I 920 -63.83 -41.46 89.77
CA SER I 920 -62.76 -40.48 89.58
C SER I 920 -63.34 -39.07 89.42
N THR I 921 -62.54 -38.08 89.79
CA THR I 921 -62.96 -36.69 89.77
C THR I 921 -62.25 -35.92 88.66
N ILE I 922 -62.74 -34.73 88.40
CA ILE I 922 -62.26 -33.87 87.32
C ILE I 922 -62.00 -32.49 87.90
N VAL I 923 -60.91 -31.86 87.45
CA VAL I 923 -60.54 -30.55 88.00
C VAL I 923 -61.64 -29.53 87.72
N GLY I 924 -61.81 -28.60 88.66
CA GLY I 924 -62.78 -27.54 88.51
C GLY I 924 -64.22 -27.96 88.69
N ALA I 925 -64.47 -29.17 89.18
CA ALA I 925 -65.83 -29.70 89.30
C ALA I 925 -66.46 -29.18 90.58
N SER I 926 -66.93 -27.93 90.52
CA SER I 926 -67.70 -27.38 91.61
C SER I 926 -69.01 -28.14 91.77
N TYR I 927 -69.48 -28.25 93.00
CA TYR I 927 -70.58 -29.13 93.35
C TYR I 927 -71.69 -28.36 94.08
N ASP I 928 -72.09 -27.23 93.52
CA ASP I 928 -73.12 -26.41 94.15
C ASP I 928 -74.51 -27.05 94.01
N LYS I 929 -74.97 -27.23 92.78
CA LYS I 929 -76.33 -27.67 92.51
C LYS I 929 -76.33 -29.12 92.04
N ASP I 930 -77.41 -29.83 92.39
CA ASP I 930 -77.55 -31.25 92.11
C ASP I 930 -78.40 -31.47 90.86
N THR I 931 -78.76 -32.74 90.61
CA THR I 931 -79.51 -33.09 89.40
C THR I 931 -80.87 -32.41 89.40
N PRO I 932 -81.27 -31.79 88.30
CA PRO I 932 -82.63 -31.24 88.22
C PRO I 932 -83.67 -32.35 88.23
N ALA I 933 -84.84 -32.02 88.76
CA ALA I 933 -85.93 -32.98 88.85
C ALA I 933 -86.53 -33.26 87.48
N ARG I 934 -86.95 -34.51 87.28
CA ARG I 934 -87.58 -34.91 86.02
C ARG I 934 -88.81 -35.78 86.28
N LYS J 13 -30.39 -65.73 40.38
CA LYS J 13 -29.79 -65.07 41.54
C LYS J 13 -28.48 -64.40 41.17
N ILE J 14 -28.32 -63.15 41.60
CA ILE J 14 -27.11 -62.38 41.32
C ILE J 14 -26.03 -62.83 42.29
N ILE J 15 -25.15 -63.72 41.84
CA ILE J 15 -24.03 -64.16 42.66
C ILE J 15 -22.96 -63.09 42.65
N ILE J 16 -22.52 -62.68 43.84
CA ILE J 16 -21.53 -61.64 44.01
C ILE J 16 -20.40 -62.15 44.88
N ASN J 17 -19.17 -62.06 44.36
CA ASN J 17 -17.98 -62.43 45.10
C ASN J 17 -17.41 -61.22 45.84
N LEU J 18 -16.73 -61.48 46.94
CA LEU J 18 -16.10 -60.44 47.75
C LEU J 18 -14.59 -60.53 47.73
N PHE J 19 -14.03 -61.73 47.95
CA PHE J 19 -12.59 -61.93 47.92
C PHE J 19 -12.14 -62.26 46.50
N ALA J 20 -12.19 -61.23 45.65
CA ALA J 20 -11.79 -61.39 44.27
C ALA J 20 -10.29 -61.69 44.18
N PRO J 21 -9.86 -62.43 43.15
CA PRO J 21 -8.43 -62.74 43.04
C PRO J 21 -7.55 -61.51 42.96
N ASN J 22 -8.01 -60.45 42.29
CA ASN J 22 -7.28 -59.18 42.27
C ASN J 22 -7.66 -58.26 43.41
N LEU J 23 -8.78 -58.54 44.08
CA LEU J 23 -9.32 -57.75 45.18
C LEU J 23 -9.41 -56.27 44.82
N PRO J 24 -10.24 -55.89 43.86
CA PRO J 24 -10.40 -54.46 43.55
C PRO J 24 -11.14 -53.73 44.66
N GLY J 25 -10.91 -52.43 44.72
CA GLY J 25 -11.63 -51.58 45.65
C GLY J 25 -13.13 -51.59 45.38
N SER J 26 -13.92 -51.91 46.41
CA SER J 26 -15.38 -52.00 46.39
C SER J 26 -15.87 -53.18 45.56
N THR J 27 -14.98 -53.94 44.92
CA THR J 27 -15.34 -55.09 44.09
C THR J 27 -16.40 -54.74 43.04
N LYS J 28 -16.18 -53.63 42.34
CA LYS J 28 -17.03 -53.23 41.22
C LYS J 28 -16.29 -53.58 39.92
N GLU J 29 -16.81 -54.57 39.20
CA GLU J 29 -16.23 -54.99 37.94
C GLU J 29 -17.13 -54.65 36.75
N ASP J 30 -18.41 -55.06 36.77
CA ASP J 30 -19.28 -54.77 35.60
C ASP J 30 -20.80 -54.71 35.90
N ASP J 31 -21.42 -55.84 36.24
CA ASP J 31 -22.91 -55.90 36.39
C ASP J 31 -23.43 -54.92 37.46
N LEU J 32 -22.73 -54.88 38.60
CA LEU J 32 -22.95 -53.95 39.75
C LEU J 32 -24.44 -53.76 40.10
N ILE J 33 -25.26 -54.81 39.97
CA ILE J 33 -26.71 -54.81 40.35
C ILE J 33 -27.45 -53.61 39.77
N GLN J 34 -27.21 -53.30 38.49
CA GLN J 34 -27.88 -52.20 37.75
C GLN J 34 -28.21 -52.77 36.38
N LYS J 35 -27.93 -54.06 36.24
CA LYS J 35 -28.10 -54.85 35.02
C LYS J 35 -29.54 -54.84 34.55
N SER J 36 -30.49 -55.03 35.48
CA SER J 36 -31.90 -55.01 35.11
C SER J 36 -32.31 -53.64 34.58
N LEU J 37 -31.84 -52.57 35.23
CA LEU J 37 -32.20 -51.23 34.80
C LEU J 37 -31.50 -50.85 33.50
N ARG J 38 -30.21 -51.17 33.39
CA ARG J 38 -29.46 -50.83 32.17
C ARG J 38 -30.00 -51.58 30.97
N ASP J 39 -30.32 -52.88 31.13
CA ASP J 39 -30.86 -53.65 30.02
C ASP J 39 -32.22 -53.09 29.59
N GLN J 40 -33.02 -52.62 30.55
CA GLN J 40 -34.32 -52.04 30.20
C GLN J 40 -34.16 -50.81 29.31
N LEU J 41 -33.19 -49.96 29.61
CA LEU J 41 -32.95 -48.80 28.76
C LEU J 41 -32.49 -49.21 27.37
N VAL J 42 -31.61 -50.22 27.29
CA VAL J 42 -31.08 -50.64 26.00
C VAL J 42 -32.19 -51.14 25.09
N GLU J 43 -33.09 -51.96 25.63
CA GLU J 43 -34.18 -52.51 24.82
C GLU J 43 -35.06 -51.39 24.28
N SER J 44 -35.36 -50.38 25.10
CA SER J 44 -36.18 -49.26 24.64
C SER J 44 -35.51 -48.53 23.49
N ILE J 45 -34.19 -48.35 23.55
CA ILE J 45 -33.46 -47.67 22.48
C ILE J 45 -33.57 -48.47 21.19
N ARG J 46 -33.41 -49.79 21.26
CA ARG J 46 -33.53 -50.63 20.08
C ARG J 46 -34.91 -50.51 19.45
N ASN J 47 -35.96 -50.51 20.29
CA ASN J 47 -37.31 -50.37 19.76
C ASN J 47 -37.57 -48.97 19.25
N SER J 48 -36.94 -47.96 19.85
CA SER J 48 -37.20 -46.58 19.47
C SER J 48 -36.83 -46.32 18.01
N ILE J 49 -35.63 -46.74 17.60
CA ILE J 49 -35.19 -46.48 16.24
C ILE J 49 -35.98 -47.33 15.25
N ALA J 50 -36.27 -48.58 15.61
CA ALA J 50 -36.98 -49.48 14.72
C ALA J 50 -38.43 -49.06 14.54
N GLY J 68 -39.20 -35.82 15.10
CA GLY J 68 -39.23 -37.04 15.87
C GLY J 68 -38.20 -37.06 16.99
N ARG J 69 -38.63 -36.68 18.19
CA ARG J 69 -37.73 -36.64 19.33
C ARG J 69 -37.34 -38.05 19.76
N ASN J 70 -36.07 -38.22 20.11
CA ASN J 70 -35.56 -39.51 20.57
C ASN J 70 -34.67 -39.36 21.80
N VAL J 71 -34.74 -38.21 22.47
CA VAL J 71 -33.87 -37.94 23.61
C VAL J 71 -34.43 -38.61 24.86
N PHE J 72 -33.56 -39.32 25.59
CA PHE J 72 -33.89 -39.91 26.86
C PHE J 72 -33.36 -39.01 27.98
N PHE J 73 -33.49 -39.47 29.22
CA PHE J 73 -33.00 -38.70 30.35
C PHE J 73 -32.69 -39.64 31.51
N VAL J 74 -31.62 -39.33 32.22
CA VAL J 74 -31.21 -40.07 33.42
C VAL J 74 -31.09 -39.05 34.52
N ASP J 75 -32.06 -39.02 35.43
CA ASP J 75 -32.10 -38.00 36.47
C ASP J 75 -31.06 -38.27 37.56
N GLY J 76 -30.63 -37.19 38.21
CA GLY J 76 -29.62 -37.32 39.26
C GLY J 76 -30.20 -37.99 40.48
N THR J 77 -29.45 -38.92 41.06
CA THR J 77 -29.90 -39.71 42.20
C THR J 77 -28.99 -39.47 43.39
N ARG J 78 -29.56 -38.97 44.48
CA ARG J 78 -28.88 -38.81 45.77
C ARG J 78 -27.64 -37.92 45.68
N GLY J 79 -27.43 -37.23 44.57
CA GLY J 79 -26.20 -36.51 44.35
C GLY J 79 -25.05 -37.35 43.87
N ALA J 80 -25.33 -38.57 43.40
CA ALA J 80 -24.28 -39.46 42.94
C ALA J 80 -23.62 -38.90 41.68
N GLY J 81 -22.35 -39.30 41.47
CA GLY J 81 -21.62 -38.83 40.31
C GLY J 81 -22.27 -39.22 39.00
N LYS J 82 -22.83 -40.44 38.95
CA LYS J 82 -23.69 -40.96 37.87
C LYS J 82 -23.02 -40.92 36.50
N THR J 83 -21.75 -40.51 36.44
CA THR J 83 -21.03 -40.59 35.18
C THR J 83 -20.69 -42.02 34.83
N THR J 84 -20.54 -42.88 35.84
CA THR J 84 -20.23 -44.28 35.59
C THR J 84 -21.38 -45.03 34.94
N PHE J 85 -22.61 -44.51 35.03
CA PHE J 85 -23.73 -45.17 34.37
C PHE J 85 -23.66 -45.00 32.86
N ILE J 86 -23.36 -43.79 32.39
CA ILE J 86 -23.23 -43.56 30.96
C ILE J 86 -22.16 -44.45 30.36
N ASN J 87 -20.99 -44.50 31.02
CA ASN J 87 -19.90 -45.35 30.54
C ASN J 87 -20.32 -46.81 30.51
N SER J 88 -21.11 -47.24 31.49
CA SER J 88 -21.62 -48.61 31.48
C SER J 88 -22.55 -48.84 30.30
N VAL J 89 -23.41 -47.86 30.00
CA VAL J 89 -24.37 -48.02 28.90
C VAL J 89 -23.66 -48.05 27.56
N VAL J 90 -22.73 -47.12 27.34
CA VAL J 90 -22.09 -47.00 26.02
C VAL J 90 -21.28 -48.25 25.70
N LYS J 91 -20.54 -48.78 26.68
CA LYS J 91 -19.77 -50.00 26.44
C LYS J 91 -20.68 -51.19 26.17
N SER J 92 -21.78 -51.30 26.92
CA SER J 92 -22.68 -52.44 26.75
C SER J 92 -23.38 -52.41 25.40
N LEU J 93 -23.50 -51.24 24.79
CA LEU J 93 -24.17 -51.12 23.50
C LEU J 93 -23.20 -51.06 22.33
N ASN J 94 -21.99 -50.57 22.55
CA ASN J 94 -21.00 -50.51 21.47
C ASN J 94 -20.37 -51.87 21.20
N SER J 95 -20.16 -52.67 22.25
CA SER J 95 -19.48 -53.95 22.08
C SER J 95 -20.33 -54.95 21.29
N ASP J 96 -21.62 -55.04 21.61
CA ASP J 96 -22.50 -56.02 20.99
C ASP J 96 -22.93 -55.54 19.61
N GLN J 97 -22.26 -56.04 18.57
CA GLN J 97 -22.52 -55.59 17.21
C GLN J 97 -22.96 -56.70 16.26
N ASP J 98 -22.57 -57.95 16.48
CA ASP J 98 -22.90 -59.01 15.53
C ASP J 98 -24.18 -59.75 15.91
N ASP J 99 -24.36 -60.06 17.19
CA ASP J 99 -25.51 -60.86 17.61
C ASP J 99 -26.81 -60.13 17.31
N VAL J 100 -26.86 -58.83 17.59
CA VAL J 100 -28.07 -58.04 17.35
C VAL J 100 -28.17 -57.70 15.87
N LYS J 101 -29.37 -57.83 15.31
CA LYS J 101 -29.57 -57.53 13.90
C LYS J 101 -29.37 -56.05 13.59
N VAL J 102 -29.84 -55.17 14.47
CA VAL J 102 -29.72 -53.73 14.29
C VAL J 102 -28.80 -53.19 15.36
N ASN J 103 -27.76 -52.47 14.92
CA ASN J 103 -26.76 -51.92 15.83
C ASN J 103 -26.61 -50.43 15.57
N ILE J 104 -26.15 -49.72 16.60
CA ILE J 104 -25.95 -48.28 16.53
C ILE J 104 -24.57 -47.96 17.08
N LYS J 105 -23.80 -47.19 16.32
CA LYS J 105 -22.51 -46.72 16.80
C LYS J 105 -22.70 -45.61 17.83
N CYS J 106 -21.75 -45.53 18.76
CA CYS J 106 -21.83 -44.60 19.88
C CYS J 106 -20.63 -43.67 19.87
N LEU J 107 -20.89 -42.37 19.92
CA LEU J 107 -19.83 -41.39 20.01
C LEU J 107 -19.25 -41.36 21.42
N PRO J 108 -18.02 -40.89 21.58
CA PRO J 108 -17.46 -40.69 22.92
C PRO J 108 -18.30 -39.69 23.72
N THR J 109 -18.39 -39.94 25.02
CA THR J 109 -19.18 -39.08 25.89
C THR J 109 -18.61 -37.66 25.92
N ILE J 110 -19.49 -36.68 25.77
CA ILE J 110 -19.11 -35.27 25.73
C ILE J 110 -19.35 -34.64 27.09
N ASP J 111 -18.37 -33.88 27.57
CA ASP J 111 -18.51 -33.17 28.84
C ASP J 111 -18.57 -31.65 28.66
N PRO J 112 -19.75 -31.04 28.77
CA PRO J 112 -19.88 -29.60 28.49
C PRO J 112 -19.08 -28.72 29.44
N THR J 113 -18.73 -29.22 30.64
CA THR J 113 -18.06 -28.37 31.62
C THR J 113 -16.62 -28.05 31.20
N LYS J 114 -15.90 -29.03 30.68
CA LYS J 114 -14.49 -28.86 30.37
C LYS J 114 -14.23 -28.41 28.93
N LEU J 115 -15.28 -28.18 28.14
CA LEU J 115 -15.09 -27.75 26.77
C LEU J 115 -14.55 -26.32 26.75
N PRO J 116 -13.80 -25.96 25.69
CA PRO J 116 -13.27 -24.60 25.61
C PRO J 116 -14.39 -23.56 25.52
N ARG J 117 -14.13 -22.38 26.09
CA ARG J 117 -15.11 -21.31 26.06
C ARG J 117 -15.30 -20.81 24.63
N HIS J 118 -16.55 -20.43 24.33
CA HIS J 118 -16.94 -19.95 23.00
C HIS J 118 -16.63 -20.99 21.93
N GLU J 119 -17.32 -22.13 22.04
CA GLU J 119 -17.22 -23.17 21.03
C GLU J 119 -18.57 -23.86 20.88
N PRO J 120 -19.20 -23.77 19.70
CA PRO J 120 -20.50 -24.42 19.52
C PRO J 120 -20.42 -25.93 19.69
N ILE J 121 -21.49 -26.50 20.26
CA ILE J 121 -21.56 -27.95 20.43
C ILE J 121 -21.57 -28.64 19.08
N LEU J 122 -22.07 -27.96 18.04
CA LEU J 122 -22.09 -28.56 16.71
C LEU J 122 -20.68 -28.85 16.21
N VAL J 123 -19.74 -27.95 16.46
CA VAL J 123 -18.36 -28.17 16.02
C VAL J 123 -17.76 -29.37 16.72
N THR J 124 -17.96 -29.47 18.04
CA THR J 124 -17.40 -30.58 18.80
C THR J 124 -17.98 -31.91 18.36
N VAL J 125 -19.29 -31.96 18.15
CA VAL J 125 -19.93 -33.21 17.73
C VAL J 125 -19.41 -33.64 16.36
N THR J 126 -19.30 -32.68 15.43
CA THR J 126 -18.81 -33.00 14.10
C THR J 126 -17.36 -33.47 14.14
N ALA J 127 -16.53 -32.85 14.96
CA ALA J 127 -15.12 -33.23 15.04
C ALA J 127 -14.96 -34.67 15.49
N ARG J 128 -15.75 -35.09 16.48
CA ARG J 128 -15.69 -36.49 16.92
C ARG J 128 -16.32 -37.42 15.89
N LEU J 129 -17.35 -36.95 15.17
CA LEU J 129 -17.92 -37.74 14.10
C LEU J 129 -16.93 -37.94 12.96
N ASN J 130 -16.16 -36.91 12.65
CA ASN J 130 -15.14 -37.02 11.59
C ASN J 130 -14.11 -38.09 11.94
N LYS J 131 -13.65 -38.10 13.20
CA LYS J 131 -12.60 -39.04 13.58
C LYS J 131 -13.05 -40.49 13.45
N MET J 132 -14.29 -40.78 13.85
CA MET J 132 -14.77 -42.16 13.73
C MET J 132 -14.89 -42.59 12.28
N VAL J 133 -15.39 -41.72 11.41
CA VAL J 133 -15.56 -42.08 10.00
C VAL J 133 -14.20 -42.19 9.32
N SER J 134 -13.27 -41.29 9.64
CA SER J 134 -11.96 -41.33 9.01
C SER J 134 -11.24 -42.63 9.29
N ASP J 135 -11.33 -43.13 10.52
CA ASP J 135 -10.75 -44.43 10.83
C ASP J 135 -11.46 -45.55 10.08
N LYS J 136 -12.76 -45.38 9.80
CA LYS J 136 -13.46 -46.37 8.99
C LYS J 136 -13.02 -46.31 7.53
N LEU J 137 -12.55 -45.15 7.07
CA LEU J 137 -12.11 -45.03 5.70
C LEU J 137 -10.84 -45.84 5.45
N LYS J 138 -9.96 -45.96 6.45
CA LYS J 138 -8.76 -46.77 6.29
C LYS J 138 -9.11 -48.23 6.08
N GLY J 139 -10.11 -48.73 6.79
CA GLY J 139 -10.44 -50.14 6.74
C GLY J 139 -11.34 -50.55 5.60
N TYR J 140 -10.93 -50.22 4.37
CA TYR J 140 -11.63 -50.66 3.17
C TYR J 140 -10.67 -51.43 2.27
N TRP J 141 -11.26 -52.23 1.37
CA TRP J 141 -10.50 -53.07 0.45
C TRP J 141 -10.68 -52.65 -1.00
N ALA J 142 -11.92 -52.48 -1.45
CA ALA J 142 -12.17 -52.10 -2.84
C ALA J 142 -11.70 -50.67 -3.09
N SER J 143 -10.91 -50.49 -4.15
CA SER J 143 -10.39 -49.17 -4.47
C SER J 143 -11.52 -48.19 -4.82
N ASN J 144 -12.49 -48.65 -5.61
CA ASN J 144 -13.60 -47.77 -5.98
C ASN J 144 -14.47 -47.43 -4.78
N ASP J 145 -14.60 -48.35 -3.82
CA ASP J 145 -15.36 -48.07 -2.62
C ASP J 145 -14.73 -46.96 -1.80
N TYR J 146 -13.40 -46.99 -1.67
CA TYR J 146 -12.71 -45.97 -0.87
C TYR J 146 -12.83 -44.59 -1.49
N ARG J 147 -12.53 -44.47 -2.79
CA ARG J 147 -12.51 -43.17 -3.43
C ARG J 147 -13.90 -42.54 -3.49
N LYS J 148 -14.92 -43.35 -3.77
CA LYS J 148 -16.26 -42.81 -3.94
C LYS J 148 -16.78 -42.18 -2.65
N GLN J 149 -16.56 -42.84 -1.52
CA GLN J 149 -17.10 -42.33 -0.26
C GLN J 149 -16.29 -41.13 0.25
N LYS J 150 -14.96 -41.18 0.11
CA LYS J 150 -14.14 -40.12 0.68
C LYS J 150 -14.43 -38.77 0.05
N GLU J 151 -14.58 -38.72 -1.28
CA GLU J 151 -14.82 -37.45 -1.94
C GLU J 151 -16.21 -36.89 -1.62
N GLN J 152 -17.19 -37.77 -1.40
CA GLN J 152 -18.51 -37.30 -0.99
C GLN J 152 -18.49 -36.76 0.44
N TRP J 153 -17.87 -37.51 1.35
CA TRP J 153 -17.79 -37.07 2.73
C TRP J 153 -16.97 -35.80 2.86
N GLN J 154 -15.87 -35.71 2.12
CA GLN J 154 -15.07 -34.48 2.14
C GLN J 154 -15.85 -33.30 1.60
N ASN J 155 -16.79 -33.55 0.68
CA ASN J 155 -17.61 -32.47 0.14
C ASN J 155 -18.52 -31.87 1.21
N HIS J 156 -19.10 -32.72 2.06
CA HIS J 156 -20.06 -32.23 3.04
C HIS J 156 -19.41 -31.34 4.09
N LEU J 157 -18.19 -31.68 4.52
CA LEU J 157 -17.49 -30.84 5.50
C LEU J 157 -17.23 -29.45 4.95
N ALA J 158 -16.86 -29.34 3.68
CA ALA J 158 -16.66 -28.03 3.08
C ALA J 158 -17.95 -27.23 3.06
N GLN J 159 -19.07 -27.89 2.74
CA GLN J 159 -20.35 -27.19 2.75
C GLN J 159 -20.74 -26.72 4.15
N LEU J 160 -20.54 -27.58 5.15
CA LEU J 160 -20.84 -27.18 6.53
C LEU J 160 -19.92 -26.06 6.98
N GLN J 161 -18.62 -26.17 6.70
CA GLN J 161 -17.70 -25.10 7.04
C GLN J 161 -18.02 -23.82 6.28
N ARG J 162 -18.65 -23.94 5.12
CA ARG J 162 -19.03 -22.77 4.35
C ARG J 162 -20.06 -21.92 5.09
N GLY J 163 -21.04 -22.57 5.72
CA GLY J 163 -22.11 -21.85 6.38
C GLY J 163 -22.11 -22.00 7.89
N LEU J 164 -20.93 -21.98 8.50
CA LEU J 164 -20.82 -22.07 9.95
C LEU J 164 -20.74 -20.69 10.62
N HIS J 165 -20.48 -19.64 9.85
CA HIS J 165 -20.40 -18.30 10.43
C HIS J 165 -21.73 -17.83 11.00
N LEU J 166 -22.84 -18.45 10.60
CA LEU J 166 -24.15 -18.03 11.10
C LEU J 166 -24.27 -18.27 12.60
N LEU J 167 -23.65 -19.34 13.10
CA LEU J 167 -23.80 -19.69 14.51
C LEU J 167 -23.28 -18.61 15.43
N THR J 168 -22.11 -18.06 15.13
CA THR J 168 -21.44 -17.08 15.99
C THR J 168 -21.07 -15.85 15.15
N ASP J 169 -22.01 -14.91 15.03
CA ASP J 169 -21.73 -13.67 14.33
C ASP J 169 -22.76 -12.62 14.74
N LYS J 170 -22.40 -11.35 14.52
CA LYS J 170 -23.29 -10.24 14.72
C LYS J 170 -23.27 -9.36 13.47
N GLU J 171 -24.24 -8.44 13.38
CA GLU J 171 -24.30 -7.44 12.33
C GLU J 171 -24.26 -8.11 10.94
N TYR J 172 -25.36 -8.81 10.65
CA TYR J 172 -25.57 -9.43 9.35
C TYR J 172 -25.16 -8.51 8.22
N LYS J 173 -24.45 -9.07 7.24
CA LYS J 173 -23.87 -8.30 6.15
C LYS J 173 -24.46 -8.73 4.82
N PRO J 174 -24.60 -7.80 3.86
CA PRO J 174 -25.24 -8.14 2.58
C PRO J 174 -24.47 -9.15 1.75
N GLU J 175 -23.17 -9.34 2.00
CA GLU J 175 -22.39 -10.26 1.19
C GLU J 175 -22.88 -11.69 1.35
N TYR J 176 -23.40 -12.04 2.53
CA TYR J 176 -23.89 -13.39 2.76
C TYR J 176 -25.15 -13.71 1.96
N PHE J 177 -25.90 -12.69 1.53
CA PHE J 177 -27.11 -12.94 0.76
C PHE J 177 -26.78 -13.57 -0.59
N SER J 178 -25.68 -13.16 -1.22
CA SER J 178 -25.30 -13.73 -2.50
C SER J 178 -25.08 -15.23 -2.38
N ASP J 179 -24.50 -15.68 -1.26
CA ASP J 179 -24.34 -17.12 -1.05
C ASP J 179 -25.63 -17.80 -0.66
N ALA J 180 -26.51 -17.09 0.07
CA ALA J 180 -27.78 -17.69 0.49
C ALA J 180 -28.64 -18.05 -0.71
N LEU J 181 -28.74 -17.13 -1.67
CA LEU J 181 -29.50 -17.40 -2.90
C LEU J 181 -28.72 -18.23 -3.90
N LYS J 182 -27.44 -18.49 -3.65
CA LYS J 182 -26.63 -19.27 -4.58
C LYS J 182 -27.07 -20.72 -4.55
N LEU J 183 -27.99 -21.09 -5.44
CA LEU J 183 -28.54 -22.43 -5.44
C LEU J 183 -27.52 -23.44 -5.92
N ASP J 184 -27.61 -24.65 -5.35
CA ASP J 184 -26.78 -25.77 -5.76
C ASP J 184 -27.70 -26.93 -6.14
N ALA J 185 -27.66 -27.32 -7.42
CA ALA J 185 -28.53 -28.38 -7.91
C ALA J 185 -28.18 -29.74 -7.30
N GLN J 186 -27.00 -29.89 -6.72
CA GLN J 186 -26.58 -31.15 -6.12
C GLN J 186 -27.05 -31.26 -4.69
N LEU J 187 -27.04 -32.49 -4.17
CA LEU J 187 -27.38 -32.83 -2.79
C LEU J 187 -28.83 -32.52 -2.43
N ASP J 188 -29.66 -32.22 -3.43
CA ASP J 188 -31.13 -32.12 -3.34
C ASP J 188 -31.60 -31.53 -2.00
N TYR J 189 -30.99 -30.40 -1.63
CA TYR J 189 -31.47 -29.66 -0.47
C TYR J 189 -32.89 -29.17 -0.71
N SER J 190 -33.81 -29.60 0.16
CA SER J 190 -35.24 -29.38 -0.08
C SER J 190 -35.64 -27.93 0.19
N ILE J 191 -35.45 -27.47 1.44
CA ILE J 191 -35.97 -26.18 1.85
C ILE J 191 -35.30 -25.05 1.08
N GLY J 192 -33.98 -25.10 0.95
CA GLY J 192 -33.24 -24.06 0.28
C GLY J 192 -32.66 -23.06 1.27
N GLY J 193 -31.68 -22.30 0.79
CA GLY J 193 -30.96 -21.38 1.65
C GLY J 193 -29.77 -22.05 2.32
N GLN J 194 -29.29 -21.42 3.38
CA GLN J 194 -28.20 -22.02 4.15
C GLN J 194 -28.75 -23.09 5.10
N ASP J 195 -29.56 -22.68 6.07
CA ASP J 195 -30.40 -23.57 6.86
C ASP J 195 -29.59 -24.74 7.43
N LEU J 196 -28.68 -24.39 8.35
CA LEU J 196 -27.81 -25.38 8.97
C LEU J 196 -28.56 -26.57 9.56
N SER J 197 -29.88 -26.45 9.76
CA SER J 197 -30.65 -27.57 10.28
C SER J 197 -30.66 -28.76 9.31
N GLU J 198 -30.47 -28.50 8.01
CA GLU J 198 -30.47 -29.57 7.02
C GLU J 198 -29.09 -29.91 6.50
N ILE J 199 -28.14 -28.98 6.55
CA ILE J 199 -26.76 -29.29 6.15
C ILE J 199 -26.19 -30.36 7.06
N PHE J 200 -26.40 -30.23 8.36
CA PHE J 200 -25.98 -31.27 9.30
C PHE J 200 -26.84 -32.52 9.17
N GLU J 201 -28.06 -32.40 8.63
CA GLU J 201 -28.92 -33.56 8.48
C GLU J 201 -28.34 -34.56 7.50
N GLU J 202 -27.94 -34.09 6.31
CA GLU J 202 -27.36 -34.99 5.31
C GLU J 202 -26.01 -35.52 5.76
N LEU J 203 -25.26 -34.73 6.54
CA LEU J 203 -23.95 -35.17 7.00
C LEU J 203 -24.08 -36.42 7.87
N VAL J 204 -25.09 -36.47 8.73
CA VAL J 204 -25.32 -37.66 9.54
C VAL J 204 -25.80 -38.82 8.67
N LYS J 205 -26.67 -38.54 7.70
CA LYS J 205 -27.20 -39.59 6.84
C LYS J 205 -26.08 -40.25 6.04
N ARG J 206 -25.14 -39.46 5.52
CA ARG J 206 -24.01 -40.03 4.79
C ARG J 206 -23.14 -40.88 5.71
N ALA J 207 -22.89 -40.39 6.93
CA ALA J 207 -22.05 -41.13 7.86
C ALA J 207 -22.69 -42.45 8.28
N CYS J 208 -24.02 -42.51 8.28
CA CYS J 208 -24.71 -43.75 8.66
C CYS J 208 -24.41 -44.86 7.67
N GLU J 209 -24.43 -44.56 6.37
CA GLU J 209 -24.19 -45.60 5.37
C GLU J 209 -22.71 -45.98 5.30
N ILE J 210 -21.81 -45.05 5.59
CA ILE J 210 -20.38 -45.36 5.60
C ILE J 210 -20.07 -46.35 6.72
N LEU J 211 -20.59 -46.07 7.92
CA LEU J 211 -20.34 -46.93 9.07
C LEU J 211 -21.24 -48.15 9.11
N ASP J 212 -22.23 -48.23 8.22
CA ASP J 212 -23.15 -49.36 8.14
C ASP J 212 -23.85 -49.60 9.48
N CYS J 213 -24.66 -48.62 9.86
CA CYS J 213 -25.45 -48.69 11.08
C CYS J 213 -26.86 -48.18 10.76
N LYS J 214 -27.67 -48.00 11.80
CA LYS J 214 -29.01 -47.48 11.65
C LYS J 214 -29.25 -46.16 12.37
N ALA J 215 -28.46 -45.83 13.40
CA ALA J 215 -28.58 -44.56 14.08
C ALA J 215 -27.28 -44.26 14.81
N ILE J 216 -27.09 -42.98 15.13
CA ILE J 216 -25.92 -42.49 15.84
C ILE J 216 -26.35 -42.07 17.24
N LEU J 217 -25.62 -42.54 18.25
CA LEU J 217 -25.97 -42.29 19.64
C LEU J 217 -24.99 -41.29 20.23
N ILE J 218 -25.53 -40.26 20.89
CA ILE J 218 -24.74 -39.21 21.52
C ILE J 218 -25.04 -39.21 23.01
N THR J 219 -24.01 -39.05 23.82
CA THR J 219 -24.14 -39.01 25.27
C THR J 219 -23.57 -37.72 25.81
N PHE J 220 -24.32 -37.02 26.64
CA PHE J 220 -23.89 -35.79 27.27
C PHE J 220 -23.71 -36.02 28.77
N ASP J 221 -22.60 -35.52 29.31
CA ASP J 221 -22.32 -35.67 30.72
C ASP J 221 -23.10 -34.62 31.52
N ASP J 222 -23.13 -34.82 32.84
CA ASP J 222 -23.85 -33.91 33.71
C ASP J 222 -23.10 -32.58 33.84
N ILE J 223 -23.81 -31.58 34.36
CA ILE J 223 -23.26 -30.23 34.55
C ILE J 223 -23.57 -29.79 35.98
N ASP J 224 -22.55 -29.76 36.83
CA ASP J 224 -22.71 -29.21 38.17
C ASP J 224 -21.59 -28.21 38.47
N THR J 225 -20.39 -28.50 37.97
CA THR J 225 -19.27 -27.58 38.17
C THR J 225 -19.49 -26.27 37.44
N GLN J 226 -19.97 -26.35 36.19
CA GLN J 226 -20.27 -25.17 35.38
C GLN J 226 -21.77 -25.19 35.11
N PHE J 227 -22.51 -24.39 35.88
CA PHE J 227 -23.97 -24.35 35.81
C PHE J 227 -24.49 -23.80 34.48
N ASP J 228 -23.69 -23.04 33.74
CA ASP J 228 -24.16 -22.37 32.53
C ASP J 228 -23.96 -23.21 31.27
N ALA J 229 -23.28 -24.36 31.37
CA ALA J 229 -22.95 -25.12 30.17
C ALA J 229 -24.16 -25.76 29.52
N GLY J 230 -25.32 -25.77 30.18
CA GLY J 230 -26.48 -26.46 29.63
C GLY J 230 -27.26 -25.68 28.60
N TRP J 231 -27.05 -24.37 28.51
CA TRP J 231 -27.84 -23.57 27.56
C TRP J 231 -27.51 -23.95 26.13
N ASP J 232 -26.24 -24.18 25.83
CA ASP J 232 -25.87 -24.61 24.47
C ASP J 232 -26.34 -26.03 24.19
N VAL J 233 -26.36 -26.89 25.21
CA VAL J 233 -26.81 -28.27 25.01
C VAL J 233 -28.29 -28.30 24.65
N LEU J 234 -29.11 -27.55 25.38
CA LEU J 234 -30.54 -27.55 25.12
C LEU J 234 -30.88 -26.93 23.77
N GLU J 235 -30.22 -25.83 23.42
CA GLU J 235 -30.48 -25.19 22.14
C GLU J 235 -30.12 -26.11 20.98
N SER J 236 -28.97 -26.78 21.06
CA SER J 236 -28.54 -27.64 19.95
C SER J 236 -29.45 -28.85 19.82
N ILE J 237 -29.95 -29.37 20.93
CA ILE J 237 -30.76 -30.59 20.88
C ILE J 237 -32.05 -30.35 20.10
N ARG J 238 -32.72 -29.23 20.36
CA ARG J 238 -33.97 -28.95 19.67
C ARG J 238 -33.75 -28.44 18.25
N LYS J 239 -32.60 -27.82 17.99
CA LYS J 239 -32.37 -27.21 16.68
C LYS J 239 -31.82 -28.23 15.69
N PHE J 240 -30.73 -28.90 16.04
CA PHE J 240 -29.98 -29.72 15.08
C PHE J 240 -30.24 -31.21 15.24
N PHE J 241 -30.11 -31.75 16.45
CA PHE J 241 -30.31 -33.18 16.68
C PHE J 241 -31.80 -33.52 16.73
N ASN J 242 -32.48 -33.23 15.62
CA ASN J 242 -33.91 -33.48 15.50
C ASN J 242 -34.18 -34.40 14.32
N SER J 243 -33.40 -35.46 14.19
CA SER J 243 -33.48 -36.37 13.07
C SER J 243 -34.06 -37.71 13.52
N ARG J 244 -34.40 -38.54 12.53
CA ARG J 244 -34.85 -39.90 12.78
C ARG J 244 -33.70 -40.89 12.81
N LYS J 245 -32.46 -40.43 12.62
CA LYS J 245 -31.28 -41.29 12.67
C LYS J 245 -30.38 -40.96 13.85
N LEU J 246 -30.87 -40.21 14.82
CA LEU J 246 -30.07 -39.80 15.97
C LEU J 246 -30.84 -40.08 17.26
N VAL J 247 -30.12 -40.57 18.27
CA VAL J 247 -30.64 -40.71 19.62
C VAL J 247 -29.62 -40.12 20.58
N VAL J 248 -30.09 -39.32 21.53
CA VAL J 248 -29.21 -38.64 22.47
C VAL J 248 -29.67 -38.93 23.89
N VAL J 249 -28.71 -39.16 24.79
CA VAL J 249 -28.97 -39.43 26.19
C VAL J 249 -28.21 -38.42 27.02
N ALA J 250 -28.92 -37.75 27.93
CA ALA J 250 -28.33 -36.73 28.79
C ALA J 250 -28.66 -37.03 30.24
N THR J 251 -27.82 -36.52 31.14
CA THR J 251 -27.97 -36.76 32.56
C THR J 251 -27.89 -35.45 33.32
N GLY J 252 -28.49 -35.45 34.50
CA GLY J 252 -28.51 -34.27 35.35
C GLY J 252 -29.69 -34.35 36.31
N ASP J 253 -30.02 -33.20 36.89
CA ASP J 253 -31.21 -33.06 37.72
C ASP J 253 -32.03 -31.87 37.24
N LEU J 254 -33.34 -32.04 37.25
CA LEU J 254 -34.23 -31.05 36.63
C LEU J 254 -34.24 -29.72 37.39
N ARG J 255 -33.88 -29.74 38.68
CA ARG J 255 -33.97 -28.52 39.47
C ARG J 255 -33.05 -27.42 38.93
N LEU J 256 -31.80 -27.76 38.62
CA LEU J 256 -30.89 -26.78 38.05
C LEU J 256 -31.36 -26.33 36.68
N TYR J 257 -31.90 -27.24 35.88
CA TYR J 257 -32.44 -26.86 34.58
C TYR J 257 -33.62 -25.91 34.74
N SER J 258 -34.39 -26.07 35.82
CA SER J 258 -35.55 -25.21 36.03
C SER J 258 -35.13 -23.76 36.25
N GLN J 259 -34.09 -23.53 37.04
CA GLN J 259 -33.59 -22.17 37.21
C GLN J 259 -32.72 -21.71 36.05
N LEU J 260 -32.44 -22.59 35.10
CA LEU J 260 -31.68 -22.21 33.92
C LEU J 260 -32.59 -21.77 32.78
N ILE J 261 -33.63 -22.55 32.49
CA ILE J 261 -34.59 -22.17 31.47
C ILE J 261 -35.34 -20.91 31.89
N ARG J 262 -35.77 -20.86 33.15
CA ARG J 262 -36.54 -19.71 33.63
C ARG J 262 -35.71 -18.43 33.58
N GLY J 263 -34.41 -18.53 33.88
CA GLY J 263 -33.56 -17.35 33.84
C GLY J 263 -33.49 -16.74 32.45
N LYS J 264 -33.52 -17.57 31.42
CA LYS J 264 -33.49 -17.07 30.05
C LYS J 264 -34.82 -16.46 29.63
N GLN J 265 -35.93 -16.96 30.18
CA GLN J 265 -37.24 -16.44 29.81
C GLN J 265 -37.41 -14.98 30.24
N TYR J 266 -36.91 -14.64 31.43
CA TYR J 266 -37.02 -13.26 31.91
C TYR J 266 -36.23 -12.29 31.05
N GLU J 267 -35.21 -12.76 30.35
CA GLU J 267 -34.46 -11.89 29.45
C GLU J 267 -35.22 -11.57 28.18
N ASN J 268 -36.32 -12.27 27.90
CA ASN J 268 -37.12 -11.97 26.73
C ASN J 268 -37.98 -10.73 26.92
N TYR J 269 -38.34 -10.41 28.16
CA TYR J 269 -39.18 -9.24 28.42
C TYR J 269 -38.39 -7.96 28.19
N SER J 270 -39.13 -6.89 27.88
CA SER J 270 -38.51 -5.59 27.71
C SER J 270 -37.99 -5.06 29.03
N LYS J 271 -36.87 -4.34 28.97
CA LYS J 271 -36.28 -3.78 30.18
C LYS J 271 -37.14 -2.67 30.76
N THR J 272 -37.72 -1.83 29.89
CA THR J 272 -38.56 -0.73 30.36
C THR J 272 -39.91 -1.22 30.88
N LEU J 273 -40.48 -2.25 30.26
CA LEU J 273 -41.77 -2.75 30.71
C LEU J 273 -41.68 -3.30 32.14
N LEU J 274 -40.60 -4.02 32.45
CA LEU J 274 -40.45 -4.55 33.80
C LEU J 274 -40.31 -3.45 34.83
N GLU J 275 -39.73 -2.31 34.46
CA GLU J 275 -39.56 -1.23 35.41
C GLU J 275 -40.87 -0.51 35.70
N GLN J 276 -41.70 -0.29 34.67
CA GLN J 276 -42.92 0.49 34.85
C GLN J 276 -44.03 -0.34 35.49
N GLU J 277 -44.42 -1.44 34.85
CA GLU J 277 -45.52 -2.26 35.34
C GLU J 277 -45.01 -3.22 36.42
N LYS J 278 -44.67 -2.62 37.56
CA LYS J 278 -44.14 -3.39 38.73
C LYS J 278 -45.22 -3.55 39.80
N GLU J 279 -46.47 -3.17 39.51
CA GLU J 279 -47.55 -3.34 40.47
C GLU J 279 -47.88 -4.82 40.64
N SER J 280 -48.42 -5.16 41.81
CA SER J 280 -48.64 -6.55 42.17
C SER J 280 -49.76 -7.21 41.36
N VAL J 281 -50.73 -6.42 40.87
CA VAL J 281 -51.79 -7.01 40.06
C VAL J 281 -51.23 -7.52 38.74
N ARG J 282 -50.24 -6.83 38.18
CA ARG J 282 -49.59 -7.26 36.94
C ARG J 282 -48.34 -8.09 37.17
N LEU J 283 -47.66 -7.91 38.30
CA LEU J 283 -46.48 -8.71 38.59
C LEU J 283 -46.83 -10.19 38.73
N ALA J 284 -47.98 -10.49 39.34
CA ALA J 284 -48.41 -11.87 39.46
C ALA J 284 -48.77 -12.47 38.10
N GLU J 285 -49.17 -11.63 37.15
CA GLU J 285 -49.47 -12.13 35.81
C GLU J 285 -48.23 -12.70 35.15
N ARG J 286 -47.09 -11.99 35.28
CA ARG J 286 -45.84 -12.51 34.73
C ARG J 286 -45.42 -13.80 35.42
N GLY J 287 -45.61 -13.87 36.74
CA GLY J 287 -45.29 -15.08 37.46
C GLY J 287 -46.13 -16.28 37.04
N TYR J 288 -47.39 -16.04 36.68
CA TYR J 288 -48.26 -17.11 36.24
C TYR J 288 -48.03 -17.51 34.79
N MET J 289 -47.16 -16.80 34.07
CA MET J 289 -46.96 -17.06 32.65
C MET J 289 -45.60 -17.63 32.32
N VAL J 290 -44.54 -17.17 32.98
CA VAL J 290 -43.20 -17.69 32.71
C VAL J 290 -43.12 -19.15 33.11
N GLU J 291 -43.69 -19.51 34.26
CA GLU J 291 -43.75 -20.92 34.65
C GLU J 291 -44.52 -21.74 33.63
N HIS J 292 -45.58 -21.16 33.05
CA HIS J 292 -46.29 -21.84 31.98
C HIS J 292 -45.42 -22.00 30.74
N LEU J 293 -44.60 -20.98 30.43
CA LEU J 293 -43.67 -21.09 29.32
C LEU J 293 -42.61 -22.15 29.60
N GLU J 294 -42.04 -22.13 30.80
CA GLU J 294 -40.98 -23.08 31.14
C GLU J 294 -41.50 -24.51 31.15
N GLN J 295 -42.70 -24.72 31.69
CA GLN J 295 -43.24 -26.07 31.79
C GLN J 295 -43.39 -26.71 30.42
N GLN J 296 -43.93 -25.96 29.46
CA GLN J 296 -44.10 -26.50 28.11
C GLN J 296 -42.75 -26.72 27.43
N TYR J 297 -41.76 -25.87 27.72
CA TYR J 297 -40.42 -26.07 27.16
C TYR J 297 -39.84 -27.41 27.62
N LEU J 298 -39.99 -27.73 28.90
CA LEU J 298 -39.39 -28.96 29.43
C LEU J 298 -40.05 -30.20 28.85
N LEU J 299 -41.38 -30.19 28.73
CA LEU J 299 -42.09 -31.35 28.21
C LEU J 299 -41.73 -31.61 26.75
N LYS J 300 -41.57 -30.55 25.96
CA LYS J 300 -41.23 -30.73 24.55
C LYS J 300 -39.86 -31.37 24.38
N LEU J 301 -38.88 -30.95 25.18
CA LEU J 301 -37.54 -31.50 25.06
C LEU J 301 -37.47 -32.91 25.62
N PHE J 302 -37.68 -33.06 26.93
CA PHE J 302 -37.58 -34.36 27.57
C PHE J 302 -38.98 -34.89 27.87
N PRO J 303 -39.51 -35.82 27.08
CA PRO J 303 -40.82 -36.38 27.39
C PRO J 303 -40.78 -37.18 28.68
N VAL J 304 -41.93 -37.20 29.37
CA VAL J 304 -42.02 -37.92 30.64
C VAL J 304 -41.90 -39.41 30.42
N GLN J 305 -42.46 -39.92 29.32
CA GLN J 305 -42.43 -41.35 29.02
C GLN J 305 -41.03 -41.85 28.70
N LYS J 306 -40.01 -40.99 28.70
CA LYS J 306 -38.65 -41.39 28.37
C LYS J 306 -37.69 -41.31 29.56
N ARG J 307 -37.93 -40.41 30.51
CA ARG J 307 -37.03 -40.28 31.65
C ARG J 307 -37.07 -41.54 32.51
N ILE J 308 -35.94 -41.83 33.16
CA ILE J 308 -35.81 -43.02 33.99
C ILE J 308 -35.27 -42.63 35.36
N GLN J 309 -35.47 -43.53 36.32
CA GLN J 309 -35.05 -43.34 37.70
C GLN J 309 -34.14 -44.49 38.10
N LEU J 310 -33.00 -44.16 38.71
CA LEU J 310 -32.05 -45.19 39.14
C LEU J 310 -32.48 -45.74 40.49
N LYS J 311 -32.70 -47.05 40.55
CA LYS J 311 -33.24 -47.67 41.74
C LYS J 311 -32.13 -48.01 42.74
N THR J 312 -32.40 -47.74 44.01
CA THR J 312 -31.49 -48.15 45.08
C THR J 312 -31.54 -49.66 45.27
N MET J 313 -30.57 -50.17 46.03
CA MET J 313 -30.52 -51.61 46.28
C MET J 313 -31.75 -52.09 47.04
N LEU J 314 -32.30 -51.24 47.92
CA LEU J 314 -33.46 -51.64 48.71
C LEU J 314 -34.67 -51.94 47.82
N GLN J 315 -34.90 -51.11 46.80
CA GLN J 315 -36.05 -51.29 45.94
C GLN J 315 -35.94 -52.51 45.03
N LEU J 316 -34.77 -53.15 44.97
CA LEU J 316 -34.59 -54.37 44.18
C LEU J 316 -34.50 -55.62 45.04
N VAL J 317 -33.83 -55.55 46.20
CA VAL J 317 -33.77 -56.71 47.07
C VAL J 317 -35.14 -57.01 47.68
N GLY J 318 -35.94 -55.98 47.94
CA GLY J 318 -37.25 -56.15 48.54
C GLY J 318 -37.22 -55.99 50.05
N GLU J 319 -38.39 -55.73 50.61
CA GLU J 319 -38.51 -55.54 52.05
C GLU J 319 -38.38 -56.88 52.77
N LYS J 320 -38.16 -56.80 54.09
CA LYS J 320 -38.04 -58.00 54.90
C LYS J 320 -39.32 -58.83 54.83
N GLY J 321 -39.16 -60.13 54.61
CA GLY J 321 -40.30 -61.02 54.48
C GLY J 321 -41.03 -60.93 53.17
N LYS J 322 -40.51 -60.18 52.20
CA LYS J 322 -41.12 -60.03 50.89
C LYS J 322 -40.19 -60.61 49.83
N ALA J 323 -40.75 -61.43 48.94
CA ALA J 323 -39.94 -62.04 47.89
C ALA J 323 -39.34 -60.99 46.97
N GLY J 324 -40.15 -60.02 46.55
CA GLY J 324 -39.68 -58.95 45.69
C GLY J 324 -39.20 -59.48 44.35
N LYS J 325 -38.17 -58.82 43.82
CA LYS J 325 -37.55 -59.22 42.56
C LYS J 325 -36.50 -60.28 42.84
N GLU J 326 -35.64 -60.54 41.85
CA GLU J 326 -34.60 -61.55 41.99
C GLU J 326 -33.72 -61.26 43.19
N GLU J 327 -33.55 -62.25 44.06
CA GLU J 327 -32.75 -62.08 45.26
C GLU J 327 -31.28 -61.94 44.92
N ILE J 328 -30.57 -61.24 45.80
CA ILE J 328 -29.15 -60.94 45.60
C ILE J 328 -28.35 -61.65 46.69
N LYS J 329 -27.37 -62.45 46.28
CA LYS J 329 -26.50 -63.15 47.20
C LYS J 329 -25.17 -62.42 47.35
N VAL J 330 -24.35 -62.92 48.27
CA VAL J 330 -23.03 -62.34 48.52
C VAL J 330 -22.17 -63.43 49.13
N LYS J 331 -20.85 -63.34 48.88
CA LYS J 331 -19.90 -64.33 49.35
C LYS J 331 -19.13 -63.74 50.53
N THR J 332 -19.43 -64.24 51.73
CA THR J 332 -18.82 -63.70 52.93
C THR J 332 -17.37 -64.12 53.12
N GLU J 333 -16.99 -65.28 52.61
CA GLU J 333 -15.67 -65.86 52.82
C GLU J 333 -15.07 -66.29 51.50
N PRO J 334 -13.75 -66.35 51.40
CA PRO J 334 -13.12 -66.77 50.14
C PRO J 334 -13.15 -68.29 49.96
N GLY J 335 -13.38 -68.70 48.72
CA GLY J 335 -13.31 -70.09 48.34
C GLY J 335 -14.55 -70.91 48.59
N MET J 336 -15.57 -70.35 49.22
CA MET J 336 -16.78 -71.11 49.47
C MET J 336 -17.61 -71.24 48.19
N GLN J 337 -18.45 -72.27 48.17
CA GLN J 337 -19.23 -72.59 46.99
C GLN J 337 -20.32 -71.54 46.76
N ASP J 338 -20.86 -71.54 45.53
CA ASP J 338 -21.90 -70.58 45.18
C ASP J 338 -23.17 -70.80 45.98
N ILE J 339 -23.46 -72.06 46.33
CA ILE J 339 -24.64 -72.33 47.15
C ILE J 339 -24.46 -71.75 48.55
N ASP J 340 -23.22 -71.76 49.07
CA ASP J 340 -22.96 -71.26 50.41
C ASP J 340 -23.17 -69.76 50.53
N ALA J 341 -23.25 -69.04 49.40
CA ALA J 341 -23.46 -67.59 49.45
C ALA J 341 -24.75 -67.27 50.18
N ILE J 342 -24.69 -66.28 51.07
CA ILE J 342 -25.81 -65.92 51.92
C ILE J 342 -26.54 -64.74 51.32
N ASP J 343 -27.77 -64.51 51.79
CA ASP J 343 -28.56 -63.39 51.32
C ASP J 343 -27.96 -62.07 51.78
N VAL J 344 -28.02 -61.05 50.92
CA VAL J 344 -27.40 -59.78 51.24
C VAL J 344 -28.09 -59.11 52.43
N ARG J 345 -29.43 -59.20 52.48
CA ARG J 345 -30.15 -58.62 53.61
C ARG J 345 -29.74 -59.29 54.93
N GLN J 346 -29.59 -60.61 54.91
CA GLN J 346 -29.09 -61.31 56.09
C GLN J 346 -27.64 -60.99 56.36
N ALA J 347 -26.83 -60.80 55.31
CA ALA J 347 -25.41 -60.55 55.50
C ALA J 347 -25.16 -59.21 56.20
N ILE J 348 -25.85 -58.16 55.74
CA ILE J 348 -25.67 -56.86 56.36
C ILE J 348 -26.22 -56.86 57.79
N GLY J 349 -27.31 -57.59 58.01
CA GLY J 349 -27.85 -57.69 59.36
C GLY J 349 -26.87 -58.29 60.35
N ASP J 350 -26.09 -59.28 59.91
CA ASP J 350 -25.06 -59.85 60.76
C ASP J 350 -24.00 -58.81 61.11
N ALA J 351 -23.62 -57.97 60.14
CA ALA J 351 -22.61 -56.95 60.39
C ALA J 351 -23.10 -55.94 61.42
N VAL J 352 -24.36 -55.53 61.33
CA VAL J 352 -24.85 -54.45 62.18
C VAL J 352 -25.31 -54.96 63.54
N ARG J 353 -25.95 -56.13 63.60
CA ARG J 353 -26.40 -56.65 64.90
C ARG J 353 -25.21 -56.98 65.79
N GLU J 354 -24.17 -57.61 65.23
CA GLU J 354 -22.98 -57.92 66.01
C GLU J 354 -22.19 -56.65 66.33
N GLY J 355 -22.10 -55.73 65.37
CA GLY J 355 -21.31 -54.54 65.59
C GLY J 355 -21.97 -53.49 66.47
N LEU J 356 -23.29 -53.41 66.45
CA LEU J 356 -24.02 -52.41 67.22
C LEU J 356 -24.76 -52.99 68.42
N ASN J 357 -24.61 -54.30 68.68
CA ASN J 357 -25.19 -54.95 69.85
C ASN J 357 -26.71 -54.79 69.88
N LEU J 358 -27.35 -55.38 68.87
CA LEU J 358 -28.80 -55.36 68.76
C LEU J 358 -29.31 -56.78 68.56
N ARG J 359 -30.54 -57.01 69.04
CA ARG J 359 -31.17 -58.32 68.94
C ARG J 359 -31.93 -58.43 67.62
N GLU J 360 -32.33 -59.65 67.27
CA GLU J 360 -33.06 -59.93 66.04
C GLU J 360 -34.52 -59.56 66.28
N GLY J 361 -34.86 -58.30 66.04
CA GLY J 361 -36.20 -57.81 66.26
C GLY J 361 -36.66 -56.81 65.22
N SER J 362 -37.21 -55.69 65.67
CA SER J 362 -37.72 -54.65 64.77
C SER J 362 -36.83 -53.42 64.69
N ASP J 363 -36.23 -52.99 65.80
CA ASP J 363 -35.37 -51.82 65.76
C ASP J 363 -34.06 -52.10 65.03
N ALA J 364 -33.59 -53.35 65.06
CA ALA J 364 -32.37 -53.70 64.33
C ALA J 364 -32.56 -53.50 62.84
N ASP J 365 -33.71 -53.92 62.30
CA ASP J 365 -33.98 -53.74 60.88
C ASP J 365 -34.19 -52.27 60.53
N MET J 366 -34.47 -51.42 61.51
CA MET J 366 -34.64 -50.00 61.23
C MET J 366 -33.31 -49.34 60.86
N TYR J 367 -32.19 -49.87 61.36
CA TYR J 367 -30.89 -49.35 60.96
C TYR J 367 -30.49 -49.81 59.56
N VAL J 368 -30.83 -51.05 59.19
CA VAL J 368 -30.45 -51.54 57.88
C VAL J 368 -31.37 -50.98 56.80
N ASN J 369 -32.63 -50.68 57.14
CA ASN J 369 -33.51 -50.03 56.18
C ASN J 369 -32.99 -48.65 55.79
N GLU J 370 -32.33 -47.96 56.71
CA GLU J 370 -31.66 -46.71 56.41
C GLU J 370 -30.27 -46.93 55.82
N LEU J 371 -29.83 -48.18 55.70
CA LEU J 371 -28.52 -48.51 55.17
C LEU J 371 -28.58 -48.97 53.70
N LEU J 372 -29.70 -49.51 53.25
CA LEU J 372 -29.83 -49.98 51.88
C LEU J 372 -30.20 -48.88 50.90
N LYS J 373 -30.55 -47.69 51.38
CA LYS J 373 -30.89 -46.58 50.50
C LYS J 373 -29.66 -45.82 50.02
N GLN J 374 -28.48 -46.08 50.59
CA GLN J 374 -27.28 -45.36 50.22
C GLN J 374 -26.82 -45.77 48.82
N PRO J 375 -25.98 -44.94 48.19
CA PRO J 375 -25.46 -45.29 46.86
C PRO J 375 -24.85 -46.68 46.85
N VAL J 376 -25.11 -47.41 45.76
CA VAL J 376 -24.64 -48.78 45.65
C VAL J 376 -23.16 -48.86 45.32
N ARG J 377 -22.59 -47.82 44.71
CA ARG J 377 -21.16 -47.82 44.39
C ARG J 377 -20.30 -47.84 45.64
N LEU J 378 -20.80 -47.33 46.76
CA LEU J 378 -20.06 -47.28 48.01
C LEU J 378 -20.46 -48.35 49.00
N LEU J 379 -21.67 -48.90 48.88
CA LEU J 379 -22.13 -49.91 49.83
C LEU J 379 -21.28 -51.17 49.79
N MET J 380 -20.95 -51.65 48.59
CA MET J 380 -20.24 -52.91 48.48
C MET J 380 -18.83 -52.82 49.03
N GLN J 381 -18.24 -51.63 49.02
CA GLN J 381 -16.94 -51.44 49.68
C GLN J 381 -17.06 -51.69 51.17
N VAL J 382 -18.14 -51.21 51.79
CA VAL J 382 -18.39 -51.49 53.20
C VAL J 382 -18.55 -52.98 53.43
N LEU J 383 -19.28 -53.65 52.53
CA LEU J 383 -19.43 -55.10 52.62
C LEU J 383 -18.07 -55.79 52.47
N GLN J 384 -17.22 -55.26 51.58
CA GLN J 384 -15.91 -55.88 51.35
C GLN J 384 -14.98 -55.67 52.54
N ASP J 385 -14.73 -54.40 52.91
CA ASP J 385 -13.70 -54.09 53.89
C ASP J 385 -14.02 -54.72 55.24
N PHE J 386 -15.28 -54.66 55.67
CA PHE J 386 -15.65 -55.24 56.95
C PHE J 386 -15.43 -56.74 56.98
N TYR J 387 -15.80 -57.43 55.90
CA TYR J 387 -15.66 -58.88 55.87
C TYR J 387 -14.22 -59.31 55.63
N THR J 388 -13.49 -58.58 54.79
CA THR J 388 -12.12 -58.99 54.49
C THR J 388 -11.17 -58.71 55.64
N LYS J 389 -11.47 -57.71 56.47
CA LYS J 389 -10.62 -57.43 57.62
C LYS J 389 -10.87 -58.42 58.75
N LYS J 390 -12.12 -58.85 58.93
CA LYS J 390 -12.43 -59.80 59.98
C LYS J 390 -11.79 -61.16 59.70
N TYR J 391 -11.88 -61.64 58.47
CA TYR J 391 -11.30 -62.94 58.13
C TYR J 391 -9.79 -62.93 58.26
N HIS J 392 -9.15 -61.84 57.84
CA HIS J 392 -7.69 -61.74 57.95
C HIS J 392 -7.25 -61.76 59.41
N ALA J 393 -7.97 -61.07 60.28
CA ALA J 393 -7.63 -61.02 61.69
C ALA J 393 -8.12 -62.23 62.47
N THR J 394 -8.88 -63.12 61.84
CA THR J 394 -9.37 -64.32 62.51
C THR J 394 -8.94 -65.58 61.76
N VAL J 413 -15.40 -56.65 67.70
CA VAL J 413 -15.84 -56.22 66.38
C VAL J 413 -16.15 -54.71 66.21
N PRO J 414 -16.60 -53.99 67.26
CA PRO J 414 -16.87 -52.57 67.04
C PRO J 414 -15.64 -51.77 66.63
N ASN J 415 -14.46 -52.18 67.08
CA ASN J 415 -13.22 -51.54 66.63
C ASN J 415 -13.05 -51.69 65.12
N LEU J 416 -13.37 -52.87 64.59
CA LEU J 416 -13.22 -53.12 63.17
C LEU J 416 -14.29 -52.42 62.34
N LEU J 417 -15.54 -52.44 62.83
CA LEU J 417 -16.65 -51.91 62.03
C LEU J 417 -16.50 -50.42 61.78
N ARG J 418 -16.10 -49.65 62.79
CA ARG J 418 -15.93 -48.21 62.61
C ARG J 418 -14.84 -47.92 61.59
N ASN J 419 -13.73 -48.67 61.66
CA ASN J 419 -12.68 -48.52 60.65
C ASN J 419 -13.21 -48.84 59.26
N ALA J 420 -14.07 -49.85 59.15
CA ALA J 420 -14.70 -50.15 57.87
C ALA J 420 -15.58 -49.00 57.41
N LEU J 421 -16.34 -48.40 58.33
CA LEU J 421 -17.19 -47.28 57.98
C LEU J 421 -16.45 -45.95 57.91
N TYR J 422 -15.29 -45.84 58.55
CA TYR J 422 -14.54 -44.59 58.55
C TYR J 422 -14.11 -44.19 57.14
N GLY J 423 -13.25 -45.00 56.53
CA GLY J 423 -12.80 -44.72 55.18
C GLY J 423 -13.89 -44.81 54.14
N SER J 424 -15.04 -45.38 54.50
CA SER J 424 -16.16 -45.49 53.56
C SER J 424 -16.68 -44.11 53.17
N MET J 425 -17.20 -43.36 54.14
CA MET J 425 -17.86 -42.08 53.86
C MET J 425 -17.40 -41.07 54.90
N LEU J 426 -16.35 -40.32 54.57
CA LEU J 426 -15.78 -39.33 55.46
C LEU J 426 -16.40 -37.95 55.27
N SER J 427 -17.34 -37.79 54.33
CA SER J 427 -17.90 -36.47 54.06
C SER J 427 -18.73 -35.98 55.25
N SER J 428 -19.65 -36.81 55.74
CA SER J 428 -20.57 -36.37 56.78
C SER J 428 -19.82 -36.04 58.08
N ILE J 429 -18.92 -36.94 58.51
CA ILE J 429 -18.17 -36.70 59.74
C ILE J 429 -17.30 -35.45 59.64
N TYR J 430 -17.05 -34.96 58.43
CA TYR J 430 -16.31 -33.72 58.21
C TYR J 430 -17.22 -32.54 57.92
N ARG J 431 -18.34 -32.77 57.23
CA ARG J 431 -19.26 -31.71 56.84
C ARG J 431 -20.44 -31.57 57.78
N ALA J 432 -20.40 -32.20 58.96
CA ALA J 432 -21.46 -32.04 59.94
C ALA J 432 -20.99 -31.56 61.30
N GLY J 433 -19.70 -31.31 61.49
CA GLY J 433 -19.19 -30.80 62.73
C GLY J 433 -18.66 -31.83 63.71
N LEU J 434 -18.68 -33.11 63.35
CA LEU J 434 -18.19 -34.15 64.24
C LEU J 434 -16.66 -34.17 64.23
N ASN J 435 -16.08 -35.20 64.83
CA ASN J 435 -14.64 -35.35 64.93
C ASN J 435 -14.18 -36.37 63.90
N TYR J 436 -13.24 -35.96 63.04
CA TYR J 436 -12.98 -36.67 61.79
C TYR J 436 -11.53 -37.13 61.63
N GLU J 437 -10.89 -37.56 62.72
CA GLU J 437 -9.60 -38.22 62.61
C GLU J 437 -9.78 -39.74 62.68
N GLN J 438 -8.68 -40.47 62.50
CA GLN J 438 -8.70 -41.92 62.58
C GLN J 438 -8.40 -42.41 63.99
N HIS J 439 -7.38 -41.84 64.62
CA HIS J 439 -6.97 -42.21 65.97
C HIS J 439 -7.52 -41.19 66.97
N ARG J 440 -7.08 -41.31 68.22
CA ARG J 440 -7.46 -40.40 69.30
C ARG J 440 -8.98 -40.41 69.51
N PHE J 441 -9.49 -41.59 69.84
CA PHE J 441 -10.90 -41.78 70.12
C PHE J 441 -11.05 -42.39 71.51
N GLY J 442 -11.91 -41.77 72.32
CA GLY J 442 -12.06 -42.16 73.70
C GLY J 442 -13.31 -41.57 74.33
N MET J 443 -13.18 -41.07 75.56
CA MET J 443 -14.33 -40.55 76.28
C MET J 443 -14.49 -39.04 76.17
N ASP J 444 -13.39 -38.32 75.88
CA ASP J 444 -13.49 -36.87 75.73
C ASP J 444 -14.13 -36.50 74.40
N SER J 445 -13.90 -37.30 73.36
CA SER J 445 -14.39 -36.96 72.03
C SER J 445 -15.85 -37.39 71.82
N LEU J 446 -16.19 -38.60 72.26
CA LEU J 446 -17.55 -39.11 72.05
C LEU J 446 -18.57 -38.25 72.79
N CYS J 447 -18.24 -37.82 74.01
CA CYS J 447 -19.15 -36.99 74.77
C CYS J 447 -19.39 -35.64 74.10
N LYS J 448 -18.37 -35.11 73.41
CA LYS J 448 -18.56 -33.88 72.67
C LYS J 448 -19.31 -34.11 71.36
N ASP J 449 -19.07 -35.25 70.70
CA ASP J 449 -19.68 -35.50 69.40
C ASP J 449 -21.17 -35.71 69.49
N ILE J 450 -21.66 -36.26 70.60
CA ILE J 450 -23.10 -36.44 70.76
C ILE J 450 -23.79 -35.09 70.90
N PHE J 451 -23.15 -34.14 71.58
CA PHE J 451 -23.76 -32.82 71.76
C PHE J 451 -23.82 -32.05 70.44
N THR J 452 -22.75 -32.10 69.65
CA THR J 452 -22.74 -31.38 68.39
C THR J 452 -23.60 -32.05 67.32
N TYR J 453 -24.11 -33.26 67.58
CA TYR J 453 -24.99 -33.95 66.67
C TYR J 453 -26.46 -33.84 67.06
N VAL J 454 -26.76 -33.78 68.36
CA VAL J 454 -28.15 -33.65 68.79
C VAL J 454 -28.69 -32.26 68.44
N LYS J 455 -27.87 -31.21 68.61
CA LYS J 455 -28.31 -29.87 68.26
C LYS J 455 -28.39 -29.70 66.75
N GLN J 456 -27.46 -30.30 66.03
CA GLN J 456 -27.50 -30.25 64.56
C GLN J 456 -28.76 -30.93 64.04
N ASP J 457 -29.16 -32.04 64.66
CA ASP J 457 -30.42 -32.69 64.34
C ASP J 457 -31.62 -31.97 64.92
N ARG J 458 -31.40 -31.04 65.85
CA ARG J 458 -32.46 -30.21 66.42
C ARG J 458 -33.56 -31.03 67.10
N ASP J 459 -33.17 -32.13 67.77
CA ASP J 459 -34.10 -32.95 68.55
C ASP J 459 -33.48 -33.16 69.93
N PHE J 460 -33.69 -32.20 70.82
CA PHE J 460 -33.08 -32.26 72.14
C PHE J 460 -33.71 -33.29 73.06
N ASN J 461 -34.87 -33.84 72.70
CA ASN J 461 -35.55 -34.81 73.55
C ASN J 461 -35.10 -36.24 73.23
N THR J 462 -35.23 -36.65 71.96
CA THR J 462 -34.89 -37.99 71.53
C THR J 462 -33.50 -38.09 70.93
N GLY J 463 -32.68 -37.05 71.08
CA GLY J 463 -31.37 -37.05 70.45
C GLY J 463 -30.43 -38.10 71.02
N PHE J 464 -30.45 -38.29 72.33
CA PHE J 464 -29.50 -39.19 72.96
C PHE J 464 -29.81 -40.66 72.70
N TYR J 465 -30.92 -40.97 72.04
CA TYR J 465 -31.19 -42.34 71.62
C TYR J 465 -30.40 -42.74 70.37
N LEU J 466 -29.77 -41.79 69.70
CA LEU J 466 -28.98 -42.05 68.48
C LEU J 466 -29.84 -42.73 67.41
N ARG J 467 -30.92 -42.04 67.03
CA ARG J 467 -31.82 -42.51 65.99
C ARG J 467 -31.47 -41.89 64.66
N PRO J 468 -31.38 -42.68 63.58
CA PRO J 468 -30.94 -42.12 62.29
C PRO J 468 -32.00 -41.30 61.56
N GLN J 469 -33.20 -41.16 62.12
CA GLN J 469 -34.24 -40.39 61.44
C GLN J 469 -33.86 -38.92 61.39
N SER J 470 -33.88 -38.36 60.19
CA SER J 470 -33.51 -36.96 59.95
C SER J 470 -33.98 -36.58 58.55
N GLU J 471 -33.55 -35.41 58.09
CA GLU J 471 -33.97 -34.89 56.79
C GLU J 471 -32.81 -34.58 55.86
N SER J 472 -31.57 -34.84 56.26
CA SER J 472 -30.42 -34.55 55.41
C SER J 472 -29.45 -35.73 55.43
N GLU J 473 -28.79 -35.95 54.30
CA GLU J 473 -27.83 -37.04 54.21
C GLU J 473 -26.59 -36.79 55.07
N ALA J 474 -26.24 -35.52 55.26
CA ALA J 474 -25.12 -35.19 56.13
C ALA J 474 -25.41 -35.45 57.60
N LEU J 475 -26.68 -35.66 57.96
CA LEU J 475 -27.08 -35.93 59.32
C LEU J 475 -27.60 -37.34 59.54
N ARG J 476 -27.87 -38.09 58.47
CA ARG J 476 -28.41 -39.43 58.58
C ARG J 476 -27.35 -40.51 58.55
N ASN J 477 -26.08 -40.14 58.39
CA ASN J 477 -24.98 -41.09 58.49
C ASN J 477 -24.12 -40.87 59.72
N CYS J 478 -24.33 -39.76 60.45
CA CYS J 478 -23.61 -39.53 61.69
C CYS J 478 -24.08 -40.47 62.79
N SER J 479 -25.37 -40.82 62.80
CA SER J 479 -25.91 -41.64 63.88
C SER J 479 -25.26 -43.01 63.93
N ILE J 480 -25.10 -43.66 62.78
CA ILE J 480 -24.48 -44.98 62.76
C ILE J 480 -23.03 -44.90 63.21
N TYR J 481 -22.33 -43.84 62.81
CA TYR J 481 -20.95 -43.66 63.24
C TYR J 481 -20.85 -43.49 64.75
N LEU J 482 -21.75 -42.67 65.33
CA LEU J 482 -21.75 -42.49 66.78
C LEU J 482 -22.22 -43.76 67.48
N ALA J 483 -23.24 -44.44 66.93
CA ALA J 483 -23.72 -45.67 67.53
C ALA J 483 -22.63 -46.73 67.55
N SER J 484 -21.87 -46.85 66.46
CA SER J 484 -20.75 -47.78 66.44
C SER J 484 -19.64 -47.31 67.38
N GLN J 485 -19.43 -46.00 67.49
CA GLN J 485 -18.39 -45.49 68.39
C GLN J 485 -18.78 -45.68 69.86
N VAL J 486 -20.06 -45.56 70.17
CA VAL J 486 -20.50 -45.73 71.56
C VAL J 486 -20.22 -47.16 72.03
N SER J 487 -20.48 -48.15 71.18
CA SER J 487 -20.21 -49.53 71.55
C SER J 487 -18.72 -49.81 71.69
N GLU J 488 -17.88 -49.02 71.01
CA GLU J 488 -16.44 -49.24 71.08
C GLU J 488 -15.89 -48.94 72.47
N ASN J 489 -16.23 -47.77 73.01
CA ASN J 489 -15.51 -47.26 74.18
C ASN J 489 -15.92 -47.97 75.47
N CYS J 490 -17.20 -48.31 75.62
CA CYS J 490 -17.74 -48.76 76.90
C CYS J 490 -17.95 -50.26 76.96
N GLN J 491 -17.09 -51.05 76.33
CA GLN J 491 -17.18 -52.50 76.38
C GLN J 491 -16.26 -53.03 77.49
N GLY J 492 -16.82 -53.86 78.37
CA GLY J 492 -16.06 -54.49 79.42
C GLY J 492 -15.64 -53.59 80.56
N SER J 493 -16.24 -52.42 80.70
CA SER J 493 -15.88 -51.49 81.75
C SER J 493 -17.13 -50.84 82.33
N LEU J 494 -17.16 -50.72 83.66
CA LEU J 494 -18.28 -50.05 84.33
C LEU J 494 -18.05 -48.56 84.52
N SER J 495 -16.80 -48.12 84.61
CA SER J 495 -16.54 -46.69 84.74
C SER J 495 -16.93 -45.94 83.49
N LYS J 496 -16.60 -46.47 82.31
CA LYS J 496 -16.97 -45.82 81.07
C LYS J 496 -18.45 -45.98 80.76
N PHE J 497 -19.05 -47.09 81.18
CA PHE J 497 -20.48 -47.29 80.98
C PHE J 497 -21.29 -46.22 81.72
N LEU J 498 -20.93 -45.94 82.97
CA LEU J 498 -21.62 -44.91 83.74
C LEU J 498 -21.20 -43.50 83.31
N GLN J 499 -20.08 -43.36 82.61
CA GLN J 499 -19.65 -42.06 82.11
C GLN J 499 -20.41 -41.63 80.86
N MET J 500 -21.24 -42.51 80.30
CA MET J 500 -22.19 -42.14 79.25
C MET J 500 -23.62 -42.05 79.77
N LEU J 501 -23.87 -42.46 81.02
CA LEU J 501 -25.21 -42.40 81.58
C LEU J 501 -25.49 -41.08 82.29
N LEU J 502 -24.46 -40.43 82.83
CA LEU J 502 -24.63 -39.18 83.55
C LEU J 502 -23.84 -38.02 82.96
N VAL J 503 -23.10 -38.24 81.88
CA VAL J 503 -22.34 -37.20 81.21
C VAL J 503 -22.84 -36.95 79.79
N GLY J 504 -22.84 -38.00 78.96
CA GLY J 504 -23.32 -37.87 77.60
C GLY J 504 -24.82 -37.68 77.51
N CYS J 505 -25.59 -38.72 77.85
CA CYS J 505 -27.04 -38.61 77.82
C CYS J 505 -27.57 -37.75 78.94
N GLY J 506 -26.85 -37.62 80.05
CA GLY J 506 -27.33 -36.87 81.18
C GLY J 506 -27.29 -35.36 80.99
N SER J 507 -26.47 -34.88 80.06
CA SER J 507 -26.35 -33.45 79.83
C SER J 507 -27.25 -32.95 78.71
N VAL J 508 -28.05 -33.82 78.10
CA VAL J 508 -28.99 -33.41 77.07
C VAL J 508 -30.43 -33.43 77.54
N SER J 509 -30.76 -34.20 78.59
CA SER J 509 -32.10 -34.14 79.16
C SER J 509 -32.23 -33.02 80.19
N ILE J 510 -31.13 -32.67 80.85
CA ILE J 510 -31.16 -31.54 81.79
C ILE J 510 -31.29 -30.22 81.03
N PHE J 511 -30.55 -30.08 79.93
CA PHE J 511 -30.54 -28.82 79.19
C PHE J 511 -31.90 -28.51 78.59
N ASN J 512 -32.57 -29.51 78.03
CA ASN J 512 -33.83 -29.29 77.32
C ASN J 512 -34.97 -28.89 78.23
N GLN J 513 -34.80 -28.98 79.55
CA GLN J 513 -35.90 -28.76 80.49
C GLN J 513 -35.64 -27.65 81.50
N PHE J 514 -34.38 -27.38 81.86
CA PHE J 514 -34.06 -26.45 82.91
C PHE J 514 -33.19 -25.28 82.47
N VAL J 515 -32.75 -25.26 81.21
CA VAL J 515 -31.90 -24.20 80.69
C VAL J 515 -32.52 -23.49 79.50
N THR J 516 -33.09 -24.26 78.56
CA THR J 516 -33.65 -23.69 77.34
C THR J 516 -34.86 -22.80 77.60
N GLU J 517 -35.44 -22.85 78.80
CA GLU J 517 -36.58 -21.99 79.11
C GLU J 517 -36.18 -20.51 79.12
N LEU J 518 -34.89 -20.21 79.24
CA LEU J 518 -34.44 -18.83 79.32
C LEU J 518 -34.25 -18.19 77.96
N ALA J 519 -33.77 -18.94 76.96
CA ALA J 519 -33.55 -18.39 75.63
C ALA J 519 -33.79 -19.51 74.61
N ARG J 520 -34.99 -19.56 74.05
CA ARG J 520 -35.30 -20.55 73.03
C ARG J 520 -34.65 -20.16 71.71
N ALA J 521 -34.25 -21.18 70.94
CA ALA J 521 -33.50 -20.94 69.71
C ALA J 521 -34.33 -20.19 68.67
N GLU J 522 -35.55 -20.67 68.41
CA GLU J 522 -36.34 -20.16 67.31
C GLU J 522 -36.79 -18.72 67.51
N ASN J 523 -36.68 -18.18 68.72
CA ASN J 523 -37.11 -16.81 69.01
C ASN J 523 -35.95 -15.82 68.91
N ASP J 524 -34.88 -16.06 69.66
CA ASP J 524 -33.71 -15.16 69.70
C ASP J 524 -32.47 -16.04 69.50
N ARG J 525 -31.99 -16.12 68.25
CA ARG J 525 -30.94 -17.08 67.92
C ARG J 525 -29.55 -16.66 68.40
N GLU J 526 -29.30 -15.35 68.54
CA GLU J 526 -27.95 -14.90 68.89
C GLU J 526 -27.54 -15.39 70.27
N LYS J 527 -28.45 -15.32 71.25
CA LYS J 527 -28.13 -15.77 72.59
C LYS J 527 -28.19 -17.29 72.71
N PHE J 528 -28.92 -17.96 71.81
CA PHE J 528 -29.06 -19.42 71.90
C PHE J 528 -27.71 -20.12 71.75
N GLU J 529 -26.94 -19.73 70.73
CA GLU J 529 -25.62 -20.33 70.54
C GLU J 529 -24.67 -19.93 71.67
N GLN J 530 -24.81 -18.71 72.20
CA GLN J 530 -24.00 -18.33 73.35
C GLN J 530 -24.29 -19.22 74.55
N LEU J 531 -25.51 -19.75 74.64
CA LEU J 531 -25.82 -20.71 75.69
C LEU J 531 -25.40 -22.13 75.32
N ILE J 532 -25.11 -22.39 74.04
CA ILE J 532 -24.58 -23.70 73.67
C ILE J 532 -23.16 -23.86 74.18
N SER J 533 -22.33 -22.84 74.00
CA SER J 533 -20.93 -22.93 74.41
C SER J 533 -20.79 -22.79 75.93
N GLU J 534 -21.58 -21.92 76.55
CA GLU J 534 -21.46 -21.70 77.99
C GLU J 534 -21.97 -22.90 78.78
N TYR J 535 -23.01 -23.58 78.29
CA TYR J 535 -23.47 -24.80 78.94
C TYR J 535 -22.38 -25.87 78.88
N VAL J 536 -21.69 -25.98 77.75
CA VAL J 536 -20.59 -26.92 77.63
C VAL J 536 -19.47 -26.57 78.60
N ALA J 537 -19.14 -25.28 78.70
CA ALA J 537 -18.05 -24.84 79.56
C ALA J 537 -18.35 -25.06 81.03
N TYR J 538 -19.61 -25.25 81.41
CA TYR J 538 -19.99 -25.45 82.80
C TYR J 538 -20.12 -26.93 83.15
N MET J 539 -20.85 -27.70 82.35
CA MET J 539 -20.98 -29.14 82.58
C MET J 539 -19.71 -29.89 82.24
N SER J 540 -18.73 -29.24 81.61
CA SER J 540 -17.45 -29.85 81.26
C SER J 540 -17.63 -31.04 80.31
N VAL J 541 -18.71 -31.03 79.53
CA VAL J 541 -18.96 -32.12 78.59
C VAL J 541 -17.89 -32.12 77.51
N GLY J 542 -17.38 -33.31 77.18
CA GLY J 542 -16.32 -33.44 76.22
C GLY J 542 -14.93 -33.20 76.76
N ARG J 543 -14.81 -32.68 77.99
CA ARG J 543 -13.54 -32.46 78.66
C ARG J 543 -13.65 -33.16 80.01
N ILE J 544 -13.39 -34.46 80.03
CA ILE J 544 -13.68 -35.30 81.20
C ILE J 544 -12.60 -35.03 82.25
N GLU J 545 -12.93 -34.18 83.22
CA GLU J 545 -12.10 -33.97 84.39
C GLU J 545 -12.82 -34.62 85.57
N SER J 546 -12.36 -35.80 85.97
CA SER J 546 -13.01 -36.62 86.99
C SER J 546 -14.45 -36.95 86.61
N ALA J 547 -15.18 -37.56 87.53
CA ALA J 547 -16.59 -37.88 87.31
C ALA J 547 -17.51 -37.39 88.41
N SER J 548 -17.00 -37.05 89.59
CA SER J 548 -17.80 -36.45 90.63
C SER J 548 -17.87 -34.93 90.51
N HIS J 549 -17.08 -34.34 89.62
CA HIS J 549 -17.23 -32.91 89.34
C HIS J 549 -18.48 -32.61 88.54
N TRP J 550 -19.03 -33.59 87.84
CA TRP J 550 -20.31 -33.41 87.15
C TRP J 550 -21.43 -33.17 88.16
N ALA J 551 -21.53 -34.04 89.16
CA ALA J 551 -22.60 -33.92 90.14
C ALA J 551 -22.48 -32.63 90.94
N ASN J 552 -21.25 -32.26 91.32
CA ASN J 552 -21.06 -31.03 92.09
C ASN J 552 -21.58 -29.82 91.32
N ARG J 553 -21.29 -29.74 90.03
CA ARG J 553 -21.82 -28.66 89.21
C ARG J 553 -23.29 -28.88 88.89
N CYS J 554 -23.74 -30.13 88.79
CA CYS J 554 -25.13 -30.40 88.46
C CYS J 554 -26.07 -30.02 89.60
N CYS J 555 -25.58 -30.02 90.83
CA CYS J 555 -26.43 -29.64 91.96
C CYS J 555 -26.84 -28.18 91.90
N ALA J 556 -26.02 -27.33 91.25
CA ALA J 556 -26.32 -25.90 91.23
C ALA J 556 -27.46 -25.58 90.27
N VAL J 557 -27.48 -26.21 89.09
CA VAL J 557 -28.43 -25.80 88.06
C VAL J 557 -29.86 -26.14 88.47
N VAL J 558 -30.07 -27.31 89.08
CA VAL J 558 -31.41 -27.72 89.46
C VAL J 558 -31.97 -26.85 90.58
N ALA J 559 -31.10 -26.28 91.40
CA ALA J 559 -31.53 -25.53 92.58
C ALA J 559 -31.81 -24.05 92.28
N ASN J 560 -32.16 -23.70 91.04
CA ASN J 560 -32.54 -22.32 90.76
C ASN J 560 -33.97 -22.05 91.21
N SER J 561 -34.94 -22.79 90.66
CA SER J 561 -36.32 -22.74 91.11
C SER J 561 -36.66 -24.06 91.78
N PRO J 562 -36.71 -24.12 93.11
CA PRO J 562 -36.89 -25.42 93.79
C PRO J 562 -38.18 -26.14 93.43
N ASN J 563 -39.32 -25.51 93.70
CA ASN J 563 -40.62 -26.10 93.46
C ASN J 563 -41.65 -24.98 93.42
N ASP J 564 -42.91 -25.35 93.19
CA ASP J 564 -43.98 -24.37 93.17
C ASP J 564 -44.36 -23.86 94.55
N GLU J 565 -43.85 -24.48 95.63
CA GLU J 565 -44.14 -24.04 96.98
C GLU J 565 -42.90 -23.75 97.81
N LYS J 566 -41.73 -23.66 97.17
CA LYS J 566 -40.44 -23.23 97.73
C LYS J 566 -39.77 -24.31 98.58
N ILE J 567 -40.41 -25.45 98.86
CA ILE J 567 -39.77 -26.49 99.63
C ILE J 567 -38.60 -27.07 98.86
N GLY J 568 -37.48 -27.27 99.56
CA GLY J 568 -36.26 -27.75 98.93
C GLY J 568 -36.23 -29.24 98.66
N VAL J 569 -37.10 -29.70 97.76
CA VAL J 569 -37.11 -31.08 97.30
C VAL J 569 -37.12 -31.02 95.77
N PHE J 570 -35.97 -31.29 95.16
CA PHE J 570 -35.81 -31.11 93.72
C PHE J 570 -36.18 -32.40 92.98
N LEU J 571 -36.13 -32.33 91.65
CA LEU J 571 -36.63 -33.42 90.80
C LEU J 571 -35.75 -34.66 90.82
N GLY J 572 -34.54 -34.58 91.38
CA GLY J 572 -33.70 -35.75 91.48
C GLY J 572 -32.89 -35.76 92.76
N MET J 573 -33.26 -34.90 93.71
CA MET J 573 -32.46 -34.70 94.91
C MET J 573 -33.30 -33.96 95.94
N VAL J 574 -32.77 -33.90 97.16
CA VAL J 574 -33.41 -33.18 98.26
C VAL J 574 -32.39 -32.21 98.84
N GLN J 575 -32.90 -31.13 99.43
CA GLN J 575 -32.07 -30.10 100.04
C GLN J 575 -32.15 -30.22 101.54
N LEU J 576 -31.00 -30.16 102.21
CA LEU J 576 -30.89 -30.32 103.65
C LEU J 576 -30.49 -29.01 104.29
N ASN J 577 -31.18 -28.63 105.36
CA ASN J 577 -30.90 -27.39 106.07
C ASN J 577 -29.53 -27.47 106.72
N ARG J 578 -28.59 -26.66 106.23
CA ARG J 578 -27.22 -26.73 106.74
C ARG J 578 -27.16 -26.34 108.21
N LYS J 579 -27.89 -25.29 108.59
CA LYS J 579 -27.97 -24.84 109.98
C LYS J 579 -29.38 -25.07 110.50
N SER J 580 -29.49 -25.69 111.68
CA SER J 580 -30.78 -26.04 112.24
C SER J 580 -31.61 -24.79 112.51
N ARG J 581 -32.92 -24.92 112.32
CA ARG J 581 -33.82 -23.79 112.50
C ARG J 581 -33.93 -23.42 113.97
N GLN J 582 -34.36 -22.17 114.21
CA GLN J 582 -34.54 -21.64 115.57
C GLN J 582 -35.96 -21.83 116.06
N HIS J 583 -36.95 -21.28 115.35
CA HIS J 583 -38.36 -21.44 115.70
C HIS J 583 -38.82 -22.79 115.17
N MET J 584 -38.53 -23.84 115.94
CA MET J 584 -38.76 -25.22 115.51
C MET J 584 -39.70 -25.91 116.50
N PRO J 585 -41.01 -25.86 116.25
CA PRO J 585 -41.94 -26.63 117.10
C PRO J 585 -41.70 -28.13 117.05
N GLY J 586 -41.27 -28.66 115.90
CA GLY J 586 -41.06 -30.08 115.77
C GLY J 586 -39.77 -30.56 116.41
N GLY J 587 -39.62 -31.88 116.46
CA GLY J 587 -38.48 -32.52 117.06
C GLY J 587 -37.31 -32.80 116.13
N TYR J 588 -37.37 -32.36 114.88
CA TYR J 588 -36.27 -32.58 113.96
C TYR J 588 -35.05 -31.75 114.36
N LYS J 589 -33.88 -32.20 113.91
CA LYS J 589 -32.65 -31.50 114.21
C LYS J 589 -31.75 -31.37 112.98
N LYS J 590 -30.51 -30.93 113.18
CA LYS J 590 -29.63 -30.58 112.08
C LYS J 590 -29.12 -31.84 111.37
N PHE J 591 -28.38 -31.61 110.28
CA PHE J 591 -27.83 -32.71 109.50
C PHE J 591 -26.88 -33.57 110.33
N ASN J 592 -25.76 -32.99 110.76
CA ASN J 592 -24.82 -33.59 111.71
C ASN J 592 -24.37 -34.97 111.23
N ILE J 593 -23.60 -34.95 110.13
CA ILE J 593 -23.06 -36.18 109.56
C ILE J 593 -22.18 -36.93 110.55
N ASP J 594 -21.65 -36.24 111.57
CA ASP J 594 -20.77 -36.89 112.53
C ASP J 594 -21.51 -37.97 113.32
N THR J 595 -22.78 -37.73 113.65
CA THR J 595 -23.54 -38.65 114.49
C THR J 595 -23.86 -39.97 113.80
N GLU J 596 -23.60 -40.09 112.50
CA GLU J 596 -23.86 -41.33 111.79
C GLU J 596 -22.90 -42.42 112.25
N ASN J 597 -23.06 -43.62 111.68
CA ASN J 597 -22.25 -44.76 112.03
C ASN J 597 -20.94 -44.73 111.23
N GLY J 598 -20.23 -45.86 111.22
CA GLY J 598 -18.96 -45.92 110.50
C GLY J 598 -19.06 -46.12 109.01
N LEU J 599 -19.58 -47.27 108.57
CA LEU J 599 -19.56 -47.59 107.15
C LEU J 599 -20.55 -46.73 106.36
N ALA J 600 -21.78 -46.60 106.86
CA ALA J 600 -22.80 -45.85 106.13
C ALA J 600 -22.45 -44.37 106.05
N LYS J 601 -21.54 -43.87 106.88
CA LYS J 601 -21.13 -42.48 106.78
C LYS J 601 -20.30 -42.24 105.53
N ALA J 602 -19.56 -43.25 105.07
CA ALA J 602 -18.73 -43.08 103.88
C ALA J 602 -19.57 -42.75 102.66
N ALA J 603 -20.64 -43.52 102.43
CA ALA J 603 -21.53 -43.25 101.30
C ALA J 603 -22.24 -41.91 101.46
N MET J 604 -22.67 -41.58 102.68
CA MET J 604 -23.45 -40.37 102.89
C MET J 604 -22.57 -39.13 102.83
N ALA J 605 -21.34 -39.22 103.35
CA ALA J 605 -20.44 -38.06 103.30
C ALA J 605 -19.94 -37.82 101.88
N SER J 606 -19.60 -38.90 101.15
CA SER J 606 -19.17 -38.75 99.77
C SER J 606 -20.28 -38.20 98.88
N SER J 607 -21.53 -38.29 99.32
CA SER J 607 -22.67 -37.76 98.59
C SER J 607 -23.08 -36.39 99.12
N LEU J 608 -22.12 -35.59 99.58
CA LEU J 608 -22.38 -34.25 100.08
C LEU J 608 -21.82 -33.24 99.07
N SER J 609 -22.67 -32.31 98.65
CA SER J 609 -22.29 -31.29 97.68
C SER J 609 -22.80 -29.94 98.12
N THR J 610 -21.91 -28.94 98.14
CA THR J 610 -22.26 -27.57 98.43
C THR J 610 -21.87 -26.68 97.27
N VAL J 611 -22.69 -25.69 96.97
CA VAL J 611 -22.47 -24.76 95.87
C VAL J 611 -22.56 -23.35 96.40
N ALA J 612 -21.50 -22.56 96.18
CA ALA J 612 -21.50 -21.17 96.59
C ALA J 612 -22.53 -20.39 95.78
N SER J 613 -23.35 -19.60 96.47
CA SER J 613 -24.41 -18.83 95.83
C SER J 613 -24.64 -17.59 96.69
N ASN J 614 -25.81 -16.95 96.50
CA ASN J 614 -26.21 -15.89 97.41
C ASN J 614 -26.23 -16.38 98.85
N ASN J 615 -26.53 -17.66 99.05
CA ASN J 615 -26.39 -18.32 100.34
C ASN J 615 -25.84 -19.72 100.11
N LEU J 616 -24.95 -20.14 101.00
CA LEU J 616 -24.42 -21.51 100.91
C LEU J 616 -25.54 -22.51 101.15
N MET J 617 -25.57 -23.56 100.33
CA MET J 617 -26.63 -24.55 100.38
C MET J 617 -26.03 -25.95 100.28
N ASP J 618 -26.75 -26.92 100.84
CA ASP J 618 -26.34 -28.32 100.85
C ASP J 618 -27.44 -29.17 100.23
N PHE J 619 -27.07 -30.03 99.30
CA PHE J 619 -28.00 -30.93 98.64
C PHE J 619 -27.48 -32.36 98.73
N CYS J 620 -28.41 -33.31 98.65
CA CYS J 620 -28.09 -34.72 98.60
C CYS J 620 -28.75 -35.31 97.36
N SER J 621 -27.96 -35.91 96.48
CA SER J 621 -28.46 -36.36 95.19
C SER J 621 -27.94 -37.76 94.90
N VAL J 622 -28.67 -38.45 94.02
CA VAL J 622 -28.20 -39.75 93.51
C VAL J 622 -26.95 -39.55 92.67
N PHE J 623 -26.82 -38.40 92.01
CA PHE J 623 -25.70 -38.18 91.11
C PHE J 623 -24.37 -38.19 91.86
N ASN J 624 -24.33 -37.57 93.04
CA ASN J 624 -23.10 -37.61 93.84
C ASN J 624 -22.76 -39.04 94.24
N LEU J 625 -23.77 -39.83 94.62
CA LEU J 625 -23.52 -41.20 95.03
C LEU J 625 -23.04 -42.05 93.85
N ILE J 626 -23.74 -41.97 92.71
CA ILE J 626 -23.29 -42.71 91.53
C ILE J 626 -21.99 -42.13 91.00
N GLY J 627 -21.76 -40.83 91.21
CA GLY J 627 -20.50 -40.23 90.77
C GLY J 627 -19.30 -40.83 91.48
N ALA J 628 -19.45 -41.13 92.78
CA ALA J 628 -18.37 -41.79 93.50
C ALA J 628 -18.18 -43.23 93.04
N ILE J 629 -19.25 -43.86 92.55
CA ILE J 629 -19.16 -45.24 92.09
C ILE J 629 -18.31 -45.33 90.82
N ALA J 630 -18.43 -44.35 89.93
CA ALA J 630 -17.75 -44.43 88.63
C ALA J 630 -16.24 -44.40 88.80
N ASP J 631 -15.72 -43.47 89.61
CA ASP J 631 -14.28 -43.36 89.76
C ASP J 631 -13.69 -44.59 90.45
N ILE J 632 -14.41 -45.14 91.43
CA ILE J 632 -13.91 -46.30 92.16
C ILE J 632 -13.75 -47.49 91.23
N SER J 633 -14.73 -47.72 90.35
CA SER J 633 -14.65 -48.83 89.40
C SER J 633 -13.49 -48.66 88.42
N ALA J 634 -12.97 -47.44 88.27
CA ALA J 634 -11.86 -47.18 87.36
C ALA J 634 -10.51 -47.35 88.03
N CYS J 635 -10.48 -47.68 89.33
CA CYS J 635 -9.22 -47.80 90.05
C CYS J 635 -8.35 -48.92 89.50
N ARG J 636 -8.83 -50.17 89.61
CA ARG J 636 -8.07 -51.35 89.21
C ARG J 636 -6.66 -51.33 89.81
N CYS J 637 -6.60 -51.23 91.13
CA CYS J 637 -5.33 -51.17 91.85
C CYS J 637 -5.48 -51.87 93.19
N GLU J 638 -4.34 -52.21 93.79
CA GLU J 638 -4.33 -52.88 95.07
C GLU J 638 -4.68 -51.90 96.19
N ARG J 639 -4.61 -52.38 97.43
CA ARG J 639 -5.03 -51.58 98.58
C ARG J 639 -4.12 -50.38 98.83
N SER J 640 -2.95 -50.33 98.19
CA SER J 640 -2.03 -49.23 98.42
C SER J 640 -2.63 -47.90 97.98
N ALA J 641 -3.30 -47.87 96.82
CA ALA J 641 -3.93 -46.67 96.32
C ALA J 641 -5.44 -46.64 96.52
N ILE J 642 -6.04 -47.75 96.94
CA ILE J 642 -7.49 -47.76 97.21
C ILE J 642 -7.82 -46.80 98.33
N THR J 643 -7.01 -46.81 99.40
CA THR J 643 -7.24 -45.88 100.50
C THR J 643 -7.12 -44.42 100.04
N ASN J 644 -6.28 -44.16 99.05
CA ASN J 644 -6.19 -42.81 98.50
C ASN J 644 -7.46 -42.46 97.73
N ALA J 645 -7.91 -43.36 96.85
CA ALA J 645 -9.14 -43.12 96.09
C ALA J 645 -10.35 -43.07 97.01
N PHE J 646 -10.39 -43.96 98.02
CA PHE J 646 -11.50 -43.95 98.96
C PHE J 646 -11.56 -42.63 99.73
N ASN J 647 -10.40 -42.13 100.15
CA ASN J 647 -10.34 -40.82 100.81
C ASN J 647 -10.45 -39.67 99.83
N LYS J 648 -10.27 -39.93 98.53
CA LYS J 648 -10.43 -38.87 97.54
C LYS J 648 -11.90 -38.52 97.35
N VAL J 649 -12.78 -39.52 97.29
CA VAL J 649 -14.19 -39.26 97.05
C VAL J 649 -14.89 -38.63 98.24
N ILE J 650 -14.23 -38.56 99.40
CA ILE J 650 -14.83 -37.98 100.59
C ILE J 650 -14.15 -36.65 100.96
N ALA J 651 -13.57 -35.97 99.97
CA ALA J 651 -12.91 -34.69 100.21
C ALA J 651 -13.95 -33.57 100.17
N GLN J 652 -13.48 -32.32 100.24
CA GLN J 652 -14.35 -31.16 100.21
C GLN J 652 -13.88 -30.21 99.11
N THR J 653 -14.80 -29.83 98.23
CA THR J 653 -14.52 -28.87 97.17
C THR J 653 -15.84 -28.25 96.73
N THR J 654 -15.79 -26.96 96.42
CA THR J 654 -16.97 -26.20 96.04
C THR J 654 -16.91 -25.84 94.56
N CYS J 655 -18.04 -25.37 94.04
CA CYS J 655 -18.15 -24.95 92.66
C CYS J 655 -18.91 -23.63 92.60
N ILE J 656 -18.68 -22.88 91.51
CA ILE J 656 -19.31 -21.59 91.33
C ILE J 656 -20.74 -21.78 90.86
N VAL J 657 -21.56 -20.75 91.01
CA VAL J 657 -22.95 -20.75 90.54
C VAL J 657 -22.90 -20.57 89.02
N PRO J 658 -23.86 -21.12 88.27
CA PRO J 658 -23.85 -20.92 86.84
C PRO J 658 -23.96 -19.45 86.48
N PRO J 659 -23.36 -19.04 85.36
CA PRO J 659 -23.44 -17.63 84.95
C PRO J 659 -24.86 -17.13 84.71
N TRP J 660 -25.77 -17.98 84.25
CA TRP J 660 -27.11 -17.54 83.92
C TRP J 660 -28.02 -17.44 85.14
N SER J 661 -27.53 -17.77 86.33
CA SER J 661 -28.31 -17.57 87.54
C SER J 661 -28.39 -16.08 87.88
N GLU J 662 -29.33 -15.74 88.75
CA GLU J 662 -29.50 -14.35 89.16
C GLU J 662 -28.38 -13.85 90.05
N ALA J 663 -27.56 -14.75 90.59
CA ALA J 663 -26.53 -14.35 91.56
C ALA J 663 -25.15 -14.84 91.14
N ALA J 664 -24.79 -14.63 89.88
CA ALA J 664 -23.45 -15.00 89.43
C ALA J 664 -22.39 -14.17 90.14
N VAL J 665 -22.62 -12.86 90.25
CA VAL J 665 -21.65 -11.98 90.91
C VAL J 665 -21.60 -12.26 92.40
N ARG J 666 -22.75 -12.57 93.01
CA ARG J 666 -22.83 -12.78 94.45
C ARG J 666 -22.05 -14.00 94.93
N ALA J 667 -21.71 -14.94 94.03
CA ALA J 667 -21.01 -16.13 94.44
C ALA J 667 -19.60 -15.83 94.92
N GLU J 668 -18.86 -15.01 94.16
CA GLU J 668 -17.46 -14.76 94.46
C GLU J 668 -17.25 -13.60 95.43
N MET J 669 -18.32 -12.89 95.80
CA MET J 669 -18.18 -11.83 96.80
C MET J 669 -18.17 -12.36 98.22
N LYS J 670 -18.57 -13.62 98.42
CA LYS J 670 -18.51 -14.26 99.72
C LYS J 670 -17.55 -15.45 99.75
N GLY J 671 -17.45 -16.21 98.67
CA GLY J 671 -16.50 -17.30 98.59
C GLY J 671 -16.84 -18.44 99.54
N SER J 672 -15.82 -19.22 99.86
CA SER J 672 -15.94 -20.34 100.78
C SER J 672 -14.75 -20.34 101.72
N SER J 673 -15.00 -20.61 103.00
CA SER J 673 -13.95 -20.59 104.00
C SER J 673 -14.29 -21.63 105.07
N LYS J 674 -13.45 -22.65 105.19
CA LYS J 674 -13.66 -23.72 106.16
C LYS J 674 -13.35 -23.23 107.58
N ASP J 702 -9.96 -39.61 109.18
CA ASP J 702 -11.29 -40.13 108.83
C ASP J 702 -11.26 -41.64 108.67
N ALA J 703 -10.18 -42.15 108.06
CA ALA J 703 -10.07 -43.57 107.73
C ALA J 703 -9.67 -44.43 108.93
N THR J 704 -9.75 -43.91 110.14
CA THR J 704 -9.45 -44.73 111.32
C THR J 704 -10.42 -45.89 111.45
N GLU J 705 -11.70 -45.64 111.23
CA GLU J 705 -12.73 -46.68 111.28
C GLU J 705 -13.08 -47.21 109.90
N PHE J 706 -12.41 -46.76 108.85
CA PHE J 706 -12.71 -47.18 107.48
C PHE J 706 -11.81 -48.32 107.02
N SER J 707 -11.02 -48.92 107.92
CA SER J 707 -10.17 -50.04 107.52
C SER J 707 -11.00 -51.20 107.00
N ASP J 708 -12.10 -51.52 107.68
CA ASP J 708 -13.02 -52.53 107.15
C ASP J 708 -13.77 -52.02 105.94
N ALA J 709 -14.16 -50.74 105.95
CA ALA J 709 -14.88 -50.17 104.82
C ALA J 709 -14.01 -50.15 103.57
N ILE J 710 -12.73 -49.82 103.72
CA ILE J 710 -11.81 -49.90 102.58
C ILE J 710 -11.70 -51.35 102.11
N THR J 711 -11.65 -52.30 103.05
CA THR J 711 -11.66 -53.70 102.68
C THR J 711 -13.00 -54.13 102.08
N LYS J 712 -14.09 -53.45 102.47
CA LYS J 712 -15.40 -53.80 101.92
C LYS J 712 -15.44 -53.59 100.42
N VAL J 713 -15.04 -52.40 99.95
CA VAL J 713 -15.00 -52.16 98.51
C VAL J 713 -13.90 -52.99 97.85
N GLU J 714 -12.76 -53.15 98.54
CA GLU J 714 -11.67 -53.95 97.99
C GLU J 714 -12.11 -55.38 97.75
N GLN J 715 -12.95 -55.93 98.64
CA GLN J 715 -13.52 -57.25 98.42
C GLN J 715 -14.56 -57.26 97.30
N TRP J 716 -14.96 -56.10 96.80
CA TRP J 716 -15.91 -56.00 95.70
C TRP J 716 -15.26 -55.65 94.37
N LEU J 717 -14.26 -54.75 94.37
CA LEU J 717 -13.57 -54.40 93.14
C LEU J 717 -12.79 -55.58 92.56
N LYS J 718 -12.49 -56.60 93.37
CA LYS J 718 -11.91 -57.81 92.82
C LYS J 718 -12.94 -58.66 92.08
N ASN J 719 -14.23 -58.35 92.23
CA ASN J 719 -15.30 -59.07 91.55
C ASN J 719 -15.81 -58.36 90.32
N VAL J 720 -15.67 -57.03 90.25
CA VAL J 720 -16.19 -56.29 89.10
C VAL J 720 -15.47 -56.69 87.82
N ASN J 721 -14.13 -56.82 87.89
CA ASN J 721 -13.38 -57.23 86.70
C ASN J 721 -13.68 -58.66 86.29
N GLU J 722 -14.15 -59.49 87.22
CA GLU J 722 -14.52 -60.85 86.88
C GLU J 722 -15.86 -60.92 86.16
N ILE J 723 -16.75 -59.97 86.41
CA ILE J 723 -18.09 -59.98 85.85
C ILE J 723 -18.24 -58.96 84.73
N GLU J 724 -17.69 -57.75 84.90
CA GLU J 724 -17.87 -56.71 83.90
C GLU J 724 -17.22 -57.05 82.56
N ILE J 725 -16.31 -58.03 82.54
CA ILE J 725 -15.75 -58.51 81.27
C ILE J 725 -16.79 -59.43 80.66
N GLY J 726 -17.58 -58.91 79.72
CA GLY J 726 -18.64 -59.69 79.11
C GLY J 726 -19.89 -58.89 78.82
N ILE J 727 -19.94 -57.64 79.27
CA ILE J 727 -21.12 -56.80 79.07
C ILE J 727 -21.07 -56.19 77.68
N ARG J 728 -22.20 -56.24 76.97
CA ARG J 728 -22.32 -55.63 75.66
C ARG J 728 -23.35 -54.50 75.70
N PRO J 729 -22.92 -53.24 75.79
CA PRO J 729 -23.86 -52.13 75.72
C PRO J 729 -24.21 -51.78 74.27
N SER J 730 -25.24 -50.95 74.12
CA SER J 730 -25.69 -50.48 72.83
C SER J 730 -25.85 -48.97 72.87
N ALA J 731 -26.04 -48.37 71.69
CA ALA J 731 -26.26 -46.94 71.63
C ALA J 731 -27.58 -46.55 72.29
N LEU J 732 -28.64 -47.34 72.06
CA LEU J 732 -29.92 -47.08 72.69
C LEU J 732 -30.01 -47.63 74.10
N LEU J 733 -29.13 -48.57 74.47
CA LEU J 733 -29.17 -49.13 75.81
C LEU J 733 -28.91 -48.05 76.86
N ILE J 734 -27.90 -47.20 76.64
CA ILE J 734 -27.62 -46.13 77.57
C ILE J 734 -28.76 -45.13 77.61
N GLY J 735 -29.31 -44.80 76.45
CA GLY J 735 -30.39 -43.83 76.40
C GLY J 735 -31.67 -44.32 77.05
N LYS J 736 -32.00 -45.60 76.83
CA LYS J 736 -33.22 -46.14 77.42
C LYS J 736 -33.14 -46.20 78.93
N VAL J 737 -31.97 -46.56 79.47
CA VAL J 737 -31.81 -46.64 80.93
C VAL J 737 -32.03 -45.27 81.56
N TRP J 738 -31.41 -44.24 81.00
CA TRP J 738 -31.60 -42.88 81.50
C TRP J 738 -33.01 -42.38 81.28
N SER J 739 -33.76 -42.98 80.35
CA SER J 739 -35.14 -42.54 80.10
C SER J 739 -36.03 -42.86 81.29
N ARG J 740 -36.18 -44.15 81.61
CA ARG J 740 -37.01 -44.54 82.74
C ARG J 740 -36.39 -44.06 84.06
N PHE J 741 -35.06 -44.02 84.13
CA PHE J 741 -34.39 -43.55 85.34
C PHE J 741 -34.68 -42.09 85.63
N TYR J 742 -35.11 -41.31 84.65
CA TYR J 742 -35.43 -39.91 84.89
C TYR J 742 -36.90 -39.66 85.22
N PHE J 743 -37.82 -40.30 84.50
CA PHE J 743 -39.23 -40.10 84.81
C PHE J 743 -39.56 -40.61 86.20
N ASN J 744 -38.96 -41.73 86.60
CA ASN J 744 -39.18 -42.27 87.94
C ASN J 744 -38.72 -41.28 89.00
N LEU J 745 -37.54 -40.68 88.81
CA LEU J 745 -37.07 -39.66 89.75
C LEU J 745 -37.96 -38.42 89.72
N ASN J 746 -38.63 -38.17 88.59
CA ASN J 746 -39.57 -37.05 88.55
C ASN J 746 -40.86 -37.37 89.31
N ASN J 747 -41.23 -38.65 89.40
CA ASN J 747 -42.41 -39.01 90.18
C ASN J 747 -42.16 -38.86 91.67
N VAL J 748 -40.99 -39.29 92.16
CA VAL J 748 -40.73 -39.28 93.59
C VAL J 748 -40.70 -37.86 94.12
N ALA J 749 -40.20 -36.90 93.34
CA ALA J 749 -40.24 -35.51 93.76
C ALA J 749 -41.65 -34.96 93.75
N ASP J 750 -42.51 -35.49 92.89
CA ASP J 750 -43.90 -35.04 92.85
C ASP J 750 -44.72 -35.61 94.01
N GLN J 751 -44.42 -36.85 94.41
CA GLN J 751 -45.21 -37.52 95.44
C GLN J 751 -44.63 -37.34 96.83
N HIS J 752 -43.39 -37.78 97.04
CA HIS J 752 -42.82 -37.80 98.39
C HIS J 752 -42.60 -36.41 98.95
N LYS J 753 -42.60 -35.37 98.11
CA LYS J 753 -42.48 -34.01 98.63
C LYS J 753 -43.74 -33.60 99.36
N THR J 754 -44.92 -33.84 98.77
CA THR J 754 -46.16 -33.45 99.40
C THR J 754 -46.61 -34.42 100.50
N ARG J 755 -46.08 -35.65 100.50
CA ARG J 755 -46.39 -36.57 101.60
C ARG J 755 -45.74 -36.14 102.90
N LEU J 756 -44.76 -35.24 102.86
CA LEU J 756 -44.17 -34.69 104.07
C LEU J 756 -45.18 -33.71 104.66
N TYR J 757 -46.27 -34.23 105.21
CA TYR J 757 -47.34 -33.39 105.71
C TYR J 757 -46.85 -32.53 106.88
N ARG J 758 -46.48 -33.18 107.97
CA ARG J 758 -46.07 -32.51 109.19
C ARG J 758 -45.07 -33.39 109.92
N ASN J 759 -44.89 -33.14 111.22
CA ASN J 759 -43.92 -33.89 112.02
C ASN J 759 -44.13 -35.38 111.91
N ALA J 760 -43.17 -36.07 111.29
CA ALA J 760 -43.19 -37.54 111.18
C ALA J 760 -41.74 -37.99 111.12
N GLU J 761 -41.19 -38.33 112.29
CA GLU J 761 -39.79 -38.74 112.39
C GLU J 761 -39.60 -40.24 112.22
N HIS J 762 -40.68 -40.99 112.00
CA HIS J 762 -40.61 -42.44 111.86
C HIS J 762 -41.31 -42.98 110.61
N GLY J 763 -42.19 -42.21 109.98
CA GLY J 763 -42.92 -42.71 108.84
C GLY J 763 -43.90 -43.81 109.22
N ARG J 764 -43.59 -45.04 108.80
CA ARG J 764 -44.39 -46.22 109.15
C ARG J 764 -45.83 -46.09 108.69
N MET J 765 -46.05 -45.33 107.61
CA MET J 765 -47.38 -45.17 107.05
C MET J 765 -47.24 -44.77 105.60
N ALA J 766 -48.13 -45.32 104.75
CA ALA J 766 -48.02 -45.08 103.31
C ALA J 766 -48.24 -43.61 102.97
N SER J 767 -49.20 -42.96 103.62
CA SER J 767 -49.59 -41.59 103.28
C SER J 767 -48.77 -40.53 104.01
N GLN J 768 -47.57 -40.88 104.47
CA GLN J 768 -46.68 -39.90 105.08
C GLN J 768 -45.25 -40.31 104.81
N SER J 769 -44.36 -39.32 104.77
CA SER J 769 -42.95 -39.58 104.49
C SER J 769 -42.11 -38.41 104.96
N ASN J 770 -40.82 -38.67 105.13
CA ASN J 770 -39.82 -37.68 105.48
C ASN J 770 -38.67 -37.77 104.47
N ALA J 771 -37.56 -37.09 104.78
CA ALA J 771 -36.40 -37.13 103.91
C ALA J 771 -35.79 -38.51 103.78
N ALA J 772 -36.12 -39.43 104.71
CA ALA J 772 -35.56 -40.78 104.65
C ALA J 772 -36.15 -41.58 103.50
N LYS J 773 -37.47 -41.55 103.33
CA LYS J 773 -38.12 -42.37 102.32
C LYS J 773 -37.82 -41.88 100.90
N ILE J 774 -37.47 -40.61 100.74
CA ILE J 774 -37.13 -40.10 99.41
C ILE J 774 -35.87 -40.79 98.89
N MET J 775 -34.89 -41.00 99.77
CA MET J 775 -33.61 -41.52 99.34
C MET J 775 -33.70 -42.97 98.87
N ARG J 776 -34.61 -43.76 99.43
CA ARG J 776 -34.74 -45.15 99.01
C ARG J 776 -35.12 -45.23 97.54
N PHE J 777 -36.19 -44.55 97.15
CA PHE J 777 -36.61 -44.56 95.76
C PHE J 777 -35.75 -43.65 94.89
N ASN J 778 -34.99 -42.74 95.50
CA ASN J 778 -33.92 -42.05 94.78
C ASN J 778 -32.84 -43.03 94.35
N VAL J 779 -32.75 -44.18 95.01
CA VAL J 779 -31.84 -45.24 94.61
C VAL J 779 -32.58 -46.48 94.11
N LEU J 780 -33.80 -46.74 94.60
CA LEU J 780 -34.56 -47.88 94.10
C LEU J 780 -34.88 -47.72 92.62
N ALA J 781 -35.25 -46.52 92.20
CA ALA J 781 -35.54 -46.28 90.78
C ALA J 781 -34.32 -46.50 89.92
N PHE J 782 -33.12 -46.26 90.45
CA PHE J 782 -31.90 -46.53 89.70
C PHE J 782 -31.77 -48.01 89.40
N LEU J 783 -31.89 -48.86 90.41
CA LEU J 783 -31.73 -50.30 90.21
C LEU J 783 -32.92 -50.89 89.47
N HIS J 784 -34.12 -50.38 89.74
CA HIS J 784 -35.31 -50.92 89.09
C HIS J 784 -35.28 -50.69 87.59
N ALA J 785 -34.85 -49.50 87.15
CA ALA J 785 -34.82 -49.20 85.73
C ALA J 785 -33.85 -50.11 84.98
N VAL J 786 -32.68 -50.36 85.56
CA VAL J 786 -31.68 -51.20 84.90
C VAL J 786 -32.19 -52.62 84.74
N LEU J 787 -32.79 -53.17 85.79
CA LEU J 787 -33.28 -54.55 85.74
C LEU J 787 -34.40 -54.70 84.72
N VAL J 788 -35.29 -53.70 84.64
CA VAL J 788 -36.43 -53.79 83.73
C VAL J 788 -35.95 -53.88 82.29
N GLU J 789 -34.95 -53.09 81.92
CA GLU J 789 -34.57 -52.96 80.52
C GLU J 789 -33.44 -53.90 80.10
N GLU J 790 -32.60 -54.35 81.04
CA GLU J 790 -31.48 -55.21 80.64
C GLU J 790 -31.97 -56.55 80.11
N SER J 791 -33.05 -57.08 80.67
CA SER J 791 -33.63 -58.30 80.10
C SER J 791 -34.12 -58.06 78.69
N LEU J 792 -34.80 -56.93 78.45
CA LEU J 792 -35.29 -56.60 77.12
C LEU J 792 -34.14 -56.18 76.19
N TYR J 793 -33.26 -55.32 76.67
CA TYR J 793 -32.20 -54.72 75.85
C TYR J 793 -30.85 -54.98 76.48
N HIS J 794 -30.22 -56.10 76.11
CA HIS J 794 -28.82 -56.37 76.39
C HIS J 794 -28.43 -57.61 75.61
N SER J 795 -27.20 -57.63 75.09
CA SER J 795 -26.84 -58.62 74.09
C SER J 795 -26.47 -59.98 74.67
N VAL J 796 -26.23 -60.09 75.99
CA VAL J 796 -25.82 -61.39 76.52
C VAL J 796 -27.01 -62.32 76.67
N SER J 797 -28.20 -61.79 76.91
CA SER J 797 -29.42 -62.59 77.06
C SER J 797 -30.16 -62.61 75.74
N ASP J 798 -30.42 -63.83 75.23
CA ASP J 798 -31.10 -63.95 73.94
C ASP J 798 -32.53 -63.43 74.01
N ARG J 799 -33.24 -63.74 75.10
CA ARG J 799 -34.64 -63.32 75.26
C ARG J 799 -34.80 -62.62 76.59
N GLU J 800 -36.04 -62.25 76.91
CA GLU J 800 -36.38 -61.52 78.12
C GLU J 800 -37.01 -62.44 79.15
N TYR J 801 -37.10 -61.94 80.38
CA TYR J 801 -37.68 -62.71 81.47
C TYR J 801 -38.64 -61.91 82.35
N ILE J 802 -38.93 -60.66 82.01
CA ILE J 802 -39.82 -59.85 82.86
C ILE J 802 -41.21 -60.46 82.90
N GLY J 803 -41.74 -60.87 81.76
CA GLY J 803 -43.04 -61.48 81.70
C GLY J 803 -44.10 -60.57 81.11
N GLU J 804 -45.22 -61.17 80.73
CA GLU J 804 -46.32 -60.47 80.09
C GLU J 804 -47.13 -59.74 81.16
N GLY J 805 -46.73 -58.50 81.47
CA GLY J 805 -47.42 -57.72 82.47
C GLY J 805 -47.03 -56.27 82.41
N LEU J 806 -47.91 -55.42 82.93
CA LEU J 806 -47.62 -53.99 82.99
C LEU J 806 -46.47 -53.73 83.95
N ARG J 807 -45.63 -52.75 83.60
CA ARG J 807 -44.48 -52.39 84.41
C ARG J 807 -44.53 -50.89 84.69
N LEU J 808 -44.36 -50.52 85.96
CA LEU J 808 -44.48 -49.12 86.38
C LEU J 808 -43.31 -48.70 87.26
N ASN J 809 -43.42 -47.50 87.85
CA ASN J 809 -42.35 -46.89 88.65
C ASN J 809 -42.58 -47.14 90.13
N PRO J 810 -41.61 -47.70 90.86
CA PRO J 810 -41.71 -47.77 92.33
C PRO J 810 -41.42 -46.41 92.98
N VAL J 811 -42.46 -45.57 93.01
CA VAL J 811 -42.31 -44.19 93.46
C VAL J 811 -42.48 -44.08 94.98
N THR J 812 -43.48 -44.73 95.55
CA THR J 812 -43.79 -44.60 96.97
C THR J 812 -43.78 -45.93 97.72
N SER J 813 -43.56 -47.05 97.03
CA SER J 813 -43.56 -48.35 97.68
C SER J 813 -42.73 -49.31 96.85
N VAL J 814 -42.35 -50.43 97.48
CA VAL J 814 -41.59 -51.48 96.82
C VAL J 814 -42.47 -52.59 96.30
N ASP J 815 -43.79 -52.46 96.40
CA ASP J 815 -44.69 -53.54 96.00
C ASP J 815 -44.52 -53.88 94.52
N GLU J 816 -44.43 -52.87 93.65
CA GLU J 816 -44.29 -53.13 92.23
C GLU J 816 -42.91 -53.69 91.87
N PHE J 817 -41.88 -53.36 92.65
CA PHE J 817 -40.55 -53.89 92.36
C PHE J 817 -40.43 -55.35 92.80
N GLU J 818 -41.08 -55.71 93.92
CA GLU J 818 -40.97 -57.08 94.41
C GLU J 818 -41.50 -58.09 93.41
N LYS J 819 -42.55 -57.71 92.67
CA LYS J 819 -43.08 -58.59 91.63
C LYS J 819 -42.05 -58.84 90.54
N LYS J 820 -41.25 -57.82 90.21
CA LYS J 820 -40.26 -57.97 89.14
C LYS J 820 -39.09 -58.84 89.58
N ILE J 821 -38.65 -58.70 90.83
CA ILE J 821 -37.56 -59.54 91.32
C ILE J 821 -38.00 -61.00 91.39
N LYS J 822 -39.23 -61.24 91.84
CA LYS J 822 -39.75 -62.61 91.92
C LYS J 822 -39.82 -63.27 90.54
N ILE J 823 -40.37 -62.56 89.56
CA ILE J 823 -40.64 -63.18 88.27
C ILE J 823 -39.34 -63.48 87.53
N ILE J 824 -38.33 -62.61 87.65
CA ILE J 824 -37.06 -62.84 86.98
C ILE J 824 -36.41 -64.11 87.51
N GLY J 825 -36.39 -64.28 88.84
CA GLY J 825 -35.74 -65.44 89.43
C GLY J 825 -36.42 -66.74 89.07
N GLU J 826 -37.75 -66.74 88.99
CA GLU J 826 -38.49 -67.97 88.72
C GLU J 826 -38.13 -68.54 87.35
N LYS J 827 -38.19 -67.70 86.31
CA LYS J 827 -37.85 -68.18 84.97
C LYS J 827 -36.35 -68.46 84.86
N LEU J 828 -35.52 -67.61 85.47
CA LEU J 828 -34.08 -67.84 85.42
C LEU J 828 -33.71 -69.14 86.11
N LYS J 829 -34.34 -69.44 87.26
CA LYS J 829 -34.13 -70.73 87.89
C LYS J 829 -34.64 -71.86 87.01
N ALA J 830 -35.80 -71.66 86.37
CA ALA J 830 -36.35 -72.70 85.51
C ALA J 830 -35.51 -72.89 84.25
N ASP J 831 -34.81 -71.85 83.81
CA ASP J 831 -33.97 -71.93 82.62
C ASP J 831 -32.58 -72.46 82.94
N ASN J 832 -32.25 -72.66 84.21
CA ASN J 832 -30.95 -73.18 84.65
C ASN J 832 -29.85 -72.25 84.14
N LYS J 833 -29.87 -71.04 84.71
CA LYS J 833 -28.86 -70.03 84.43
C LYS J 833 -28.45 -69.40 85.75
N THR J 834 -27.71 -68.29 85.68
CA THR J 834 -27.29 -67.56 86.86
C THR J 834 -27.68 -66.09 86.72
N TRP J 835 -27.89 -65.44 87.87
CA TRP J 835 -28.08 -63.99 87.88
C TRP J 835 -26.83 -63.23 87.51
N LYS J 836 -25.67 -63.89 87.47
CA LYS J 836 -24.41 -63.22 87.20
C LYS J 836 -24.10 -63.15 85.71
N ASN J 837 -24.62 -64.07 84.91
CA ASN J 837 -24.29 -64.18 83.49
C ASN J 837 -25.34 -63.50 82.61
N THR J 838 -26.61 -63.91 82.73
CA THR J 838 -27.66 -63.36 81.89
C THR J 838 -27.94 -61.90 82.21
N HIS J 839 -27.78 -61.50 83.47
CA HIS J 839 -28.02 -60.12 83.91
C HIS J 839 -26.79 -59.62 84.64
N PRO J 840 -25.71 -59.31 83.91
CA PRO J 840 -24.44 -58.95 84.56
C PRO J 840 -24.51 -57.65 85.35
N LEU J 841 -24.98 -56.58 84.72
CA LEU J 841 -24.94 -55.27 85.38
C LEU J 841 -25.91 -55.16 86.55
N PHE J 842 -26.92 -56.05 86.64
CA PHE J 842 -27.75 -56.07 87.83
C PHE J 842 -26.94 -56.53 89.04
N PHE J 843 -26.17 -57.60 88.89
CA PHE J 843 -25.34 -58.08 89.98
C PHE J 843 -24.28 -57.06 90.38
N LEU J 844 -23.65 -56.43 89.38
CA LEU J 844 -22.56 -55.50 89.66
C LEU J 844 -23.01 -54.22 90.34
N LEU J 845 -24.32 -53.98 90.44
CA LEU J 845 -24.85 -52.80 91.11
C LEU J 845 -25.54 -53.12 92.42
N ILE J 846 -26.29 -54.22 92.50
CA ILE J 846 -26.93 -54.58 93.77
C ILE J 846 -25.89 -55.01 94.78
N SER J 847 -24.77 -55.57 94.34
CA SER J 847 -23.73 -56.07 95.23
C SER J 847 -22.79 -54.98 95.71
N CYS J 848 -22.97 -53.75 95.27
CA CYS J 848 -22.07 -52.67 95.66
C CYS J 848 -22.25 -52.36 97.14
N PRO J 849 -21.20 -52.47 97.95
CA PRO J 849 -21.34 -52.16 99.38
C PRO J 849 -21.70 -50.71 99.65
N ILE J 850 -21.44 -49.80 98.70
CA ILE J 850 -21.78 -48.40 98.89
C ILE J 850 -23.28 -48.21 98.99
N LEU J 851 -24.04 -48.88 98.13
CA LEU J 851 -25.47 -48.66 98.04
C LEU J 851 -26.28 -49.43 99.08
N HIS J 852 -25.68 -50.42 99.74
CA HIS J 852 -26.44 -51.25 100.66
C HIS J 852 -27.09 -50.47 101.80
N PRO J 853 -26.41 -49.54 102.49
CA PRO J 853 -27.10 -48.81 103.55
C PRO J 853 -28.32 -48.03 103.07
N PHE J 854 -28.28 -47.48 101.85
CA PHE J 854 -29.39 -46.70 101.34
C PHE J 854 -30.61 -47.56 101.02
N ILE J 855 -30.42 -48.86 100.76
CA ILE J 855 -31.55 -49.73 100.43
C ILE J 855 -32.45 -49.91 101.64
N PHE J 856 -31.86 -50.04 102.84
CA PHE J 856 -32.60 -50.29 104.06
C PHE J 856 -32.19 -49.29 105.14
N PRO J 857 -32.65 -48.04 105.05
CA PRO J 857 -32.41 -47.08 106.13
C PRO J 857 -33.37 -47.28 107.30
N VAL J 858 -33.31 -46.39 108.28
CA VAL J 858 -34.17 -46.52 109.45
C VAL J 858 -35.58 -46.00 109.17
N GLY J 859 -35.68 -44.78 108.65
CA GLY J 859 -36.99 -44.17 108.43
C GLY J 859 -37.63 -44.52 107.11
N GLY J 860 -36.84 -44.91 106.11
CA GLY J 860 -37.38 -45.18 104.79
C GLY J 860 -38.19 -46.44 104.71
N ILE J 861 -37.99 -47.39 105.62
CA ILE J 861 -38.69 -48.66 105.60
C ILE J 861 -40.05 -48.46 106.26
N ASN J 862 -41.11 -48.51 105.46
CA ASN J 862 -42.46 -48.36 106.00
C ASN J 862 -42.82 -49.56 106.84
N CYS J 863 -43.46 -49.30 107.98
CA CYS J 863 -43.83 -50.34 108.93
C CYS J 863 -45.34 -50.54 108.98
N SER J 864 -46.00 -50.45 107.83
CA SER J 864 -47.43 -50.71 107.77
C SER J 864 -47.70 -52.20 107.92
N VAL J 865 -48.94 -52.52 108.31
CA VAL J 865 -49.31 -53.91 108.53
C VAL J 865 -49.26 -54.70 107.22
N LYS J 866 -49.72 -54.11 106.13
CA LYS J 866 -49.73 -54.75 104.83
C LYS J 866 -48.46 -54.50 104.03
N ALA J 867 -47.50 -53.78 104.58
CA ALA J 867 -46.25 -53.47 103.89
C ALA J 867 -45.06 -54.29 104.37
N LEU J 868 -44.99 -54.58 105.68
CA LEU J 868 -43.83 -55.31 106.21
C LEU J 868 -43.75 -56.73 105.67
N ASN J 869 -44.86 -57.31 105.22
CA ASN J 869 -44.82 -58.66 104.67
C ASN J 869 -43.93 -58.72 103.43
N LYS J 870 -44.03 -57.72 102.55
CA LYS J 870 -43.17 -57.65 101.38
C LYS J 870 -41.80 -57.04 101.69
N GLU J 871 -41.69 -56.29 102.79
CA GLU J 871 -40.39 -55.74 103.18
C GLU J 871 -39.40 -56.85 103.51
N THR J 872 -39.87 -57.89 104.20
CA THR J 872 -39.01 -59.05 104.47
C THR J 872 -38.60 -59.73 103.19
N SER J 873 -39.53 -59.84 102.23
CA SER J 873 -39.22 -60.49 100.96
C SER J 873 -38.13 -59.74 100.20
N PHE J 874 -38.16 -58.41 100.26
CA PHE J 874 -37.12 -57.63 99.60
C PHE J 874 -35.74 -57.92 100.20
N ASN J 875 -35.67 -58.04 101.52
CA ASN J 875 -34.39 -58.32 102.16
C ASN J 875 -33.89 -59.72 101.84
N LYS J 876 -34.80 -60.69 101.76
CA LYS J 876 -34.38 -62.07 101.51
C LYS J 876 -34.03 -62.32 100.04
N LEU J 877 -34.67 -61.60 99.11
CA LEU J 877 -34.32 -61.76 97.70
C LEU J 877 -32.99 -61.09 97.39
N ILE J 878 -32.76 -59.88 97.93
CA ILE J 878 -31.48 -59.21 97.69
C ILE J 878 -30.34 -59.99 98.34
N ASP J 879 -30.64 -60.77 99.38
CA ASP J 879 -29.60 -61.54 100.06
C ASP J 879 -29.12 -62.71 99.21
N GLU J 880 -30.07 -63.45 98.60
CA GLU J 880 -29.69 -64.67 97.89
C GLU J 880 -28.96 -64.36 96.58
N ILE J 881 -29.34 -63.29 95.89
CA ILE J 881 -28.69 -62.95 94.63
C ILE J 881 -27.25 -62.52 94.88
N VAL J 882 -27.04 -61.64 95.87
CA VAL J 882 -25.68 -61.20 96.17
C VAL J 882 -24.87 -62.35 96.79
N GLY J 883 -25.53 -63.27 97.47
CA GLY J 883 -24.85 -64.40 98.07
C GLY J 883 -24.23 -64.14 99.43
N ASP J 884 -24.31 -62.91 99.94
CA ASP J 884 -23.73 -62.56 101.22
C ASP J 884 -24.79 -61.87 102.09
N LYS J 885 -24.65 -62.04 103.40
CA LYS J 885 -25.58 -61.41 104.34
C LYS J 885 -25.47 -59.90 104.27
N LEU J 886 -26.61 -59.23 104.33
CA LEU J 886 -26.67 -57.78 104.24
C LEU J 886 -27.13 -57.14 105.54
N LEU J 887 -28.29 -57.54 106.07
CA LEU J 887 -28.79 -57.03 107.33
C LEU J 887 -29.08 -58.21 108.26
N SER J 888 -28.58 -58.13 109.49
CA SER J 888 -28.87 -59.16 110.48
C SER J 888 -30.30 -59.03 110.99
N ASP J 889 -30.84 -60.15 111.47
CA ASP J 889 -32.23 -60.16 111.93
C ASP J 889 -32.42 -59.25 113.14
N GLU J 890 -31.47 -59.26 114.07
CA GLU J 890 -31.58 -58.39 115.24
C GLU J 890 -31.51 -56.92 114.84
N GLU J 891 -30.66 -56.58 113.87
CA GLU J 891 -30.67 -55.22 113.33
C GLU J 891 -31.96 -54.94 112.56
N TRP J 892 -32.47 -55.94 111.83
CA TRP J 892 -33.70 -55.77 111.08
C TRP J 892 -34.90 -55.53 112.01
N ASP J 893 -34.95 -56.25 113.13
CA ASP J 893 -36.08 -56.12 114.04
C ASP J 893 -36.18 -54.71 114.61
N TYR J 894 -35.05 -54.03 114.80
CA TYR J 894 -35.08 -52.66 115.28
C TYR J 894 -35.81 -51.74 114.29
N LEU J 895 -35.58 -51.95 113.00
CA LEU J 895 -36.22 -51.12 111.98
C LEU J 895 -37.73 -51.29 112.01
N THR J 896 -38.20 -52.53 112.17
CA THR J 896 -39.64 -52.77 112.24
C THR J 896 -40.25 -52.12 113.48
N LYS J 897 -39.56 -52.20 114.61
CA LYS J 897 -40.06 -51.61 115.85
C LYS J 897 -39.40 -50.26 116.11
N GLN J 907 -30.50 -47.21 122.78
CA GLN J 907 -29.85 -46.86 121.53
C GLN J 907 -28.96 -47.98 121.02
N GLN J 908 -29.04 -48.26 119.72
CA GLN J 908 -28.22 -49.31 119.10
C GLN J 908 -27.93 -48.86 117.67
N ILE J 909 -26.76 -48.26 117.47
CA ILE J 909 -26.36 -47.81 116.14
C ILE J 909 -25.94 -49.01 115.30
N PHE J 910 -26.15 -48.92 114.00
CA PHE J 910 -25.81 -49.99 113.05
C PHE J 910 -24.81 -49.44 112.05
N GLN J 911 -23.65 -50.08 111.95
CA GLN J 911 -22.63 -49.64 110.99
C GLN J 911 -23.06 -49.86 109.55
N ASN J 912 -24.02 -50.75 109.31
CA ASN J 912 -24.45 -51.08 107.95
C ASN J 912 -25.80 -50.45 107.62
N THR J 913 -26.14 -49.35 108.28
CA THR J 913 -27.42 -48.68 108.06
C THR J 913 -27.40 -47.27 108.62
N ILE J 914 -27.82 -46.28 107.83
CA ILE J 914 -27.92 -44.92 108.31
C ILE J 914 -29.01 -44.84 109.38
N THR J 915 -28.67 -44.22 110.52
CA THR J 915 -29.52 -44.26 111.70
C THR J 915 -30.17 -42.93 112.04
N SER J 916 -29.49 -41.81 111.83
CA SER J 916 -29.96 -40.51 112.29
C SER J 916 -30.37 -39.59 111.16
N LEU J 917 -30.67 -40.14 109.97
CA LEU J 917 -31.09 -39.31 108.85
C LEU J 917 -32.53 -38.84 108.97
N ASN J 918 -33.36 -39.55 109.75
CA ASN J 918 -34.78 -39.20 109.84
C ASN J 918 -34.99 -37.82 110.45
N SER J 919 -34.22 -37.49 111.49
CA SER J 919 -34.43 -36.25 112.25
C SER J 919 -33.88 -35.02 111.55
N SER J 920 -33.51 -35.12 110.28
CA SER J 920 -32.97 -33.97 109.55
C SER J 920 -34.07 -32.94 109.29
N THR J 921 -33.65 -31.78 108.79
CA THR J 921 -34.56 -30.69 108.49
C THR J 921 -34.42 -30.27 107.02
N ILE J 922 -35.55 -30.00 106.39
CA ILE J 922 -35.60 -29.57 104.99
C ILE J 922 -35.96 -28.09 104.95
N VAL J 923 -35.25 -27.33 104.13
CA VAL J 923 -35.48 -25.90 104.04
C VAL J 923 -36.87 -25.63 103.44
N GLY J 924 -37.44 -24.49 103.81
CA GLY J 924 -38.68 -24.03 103.22
C GLY J 924 -39.92 -24.76 103.65
N ALA J 925 -39.82 -25.74 104.54
CA ALA J 925 -40.97 -26.50 104.97
C ALA J 925 -41.79 -25.72 106.00
N SER J 926 -43.00 -26.21 106.25
CA SER J 926 -43.92 -25.60 107.21
C SER J 926 -44.38 -26.65 108.20
N TYR J 927 -44.71 -26.22 109.41
CA TYR J 927 -45.14 -27.11 110.47
C TYR J 927 -46.33 -26.50 111.22
N ASP J 928 -47.30 -25.98 110.47
CA ASP J 928 -48.47 -25.34 111.07
C ASP J 928 -49.64 -26.30 111.24
N LYS J 929 -49.99 -27.03 110.19
CA LYS J 929 -51.15 -27.94 110.22
C LYS J 929 -50.79 -29.26 110.90
N ASP J 930 -51.62 -30.27 110.71
CA ASP J 930 -51.31 -31.61 111.21
C ASP J 930 -51.74 -32.64 110.17
N THR J 931 -51.16 -33.83 110.28
CA THR J 931 -51.47 -34.90 109.34
C THR J 931 -52.93 -35.35 109.50
N PRO J 932 -53.57 -35.76 108.40
CA PRO J 932 -54.95 -36.23 108.49
C PRO J 932 -55.06 -37.51 109.31
N ALA J 933 -56.20 -37.66 109.99
CA ALA J 933 -56.43 -38.84 110.80
C ALA J 933 -56.74 -40.04 109.91
N ARG J 934 -55.96 -41.11 110.09
CA ARG J 934 -56.09 -42.33 109.29
C ARG J 934 -55.99 -42.04 107.79
N LYS K 13 0.25 60.98 52.89
CA LYS K 13 -0.73 61.94 52.40
C LYS K 13 -1.13 61.62 50.96
N ILE K 14 -2.34 61.11 50.78
CA ILE K 14 -2.91 60.84 49.47
C ILE K 14 -3.97 61.91 49.22
N ILE K 15 -3.73 62.76 48.23
CA ILE K 15 -4.65 63.83 47.85
C ILE K 15 -5.23 63.47 46.49
N ILE K 16 -6.55 63.29 46.45
CA ILE K 16 -7.24 62.79 45.26
C ILE K 16 -8.14 63.90 44.74
N ASN K 17 -7.99 64.22 43.45
CA ASN K 17 -8.82 65.21 42.79
C ASN K 17 -9.91 64.50 42.01
N LEU K 18 -11.17 64.70 42.41
CA LEU K 18 -12.29 64.03 41.76
C LEU K 18 -12.48 64.53 40.33
N PHE K 19 -12.32 65.84 40.11
CA PHE K 19 -12.44 66.42 38.78
C PHE K 19 -11.09 66.30 38.06
N ALA K 20 -11.04 65.47 37.03
CA ALA K 20 -9.83 65.27 36.26
C ALA K 20 -10.15 65.36 34.77
N PRO K 21 -9.19 65.82 33.96
CA PRO K 21 -9.43 65.90 32.51
C PRO K 21 -9.72 64.55 31.87
N ASN K 22 -9.10 63.48 32.38
CA ASN K 22 -9.31 62.15 31.82
C ASN K 22 -10.62 61.52 32.25
N LEU K 23 -11.27 62.04 33.29
CA LEU K 23 -12.46 61.43 33.88
C LEU K 23 -12.22 59.95 34.16
N PRO K 24 -11.26 59.62 35.03
CA PRO K 24 -10.86 58.22 35.18
C PRO K 24 -12.00 57.34 35.69
N GLY K 25 -12.05 56.12 35.16
CA GLY K 25 -12.99 55.13 35.66
C GLY K 25 -12.69 54.81 37.12
N SER K 26 -13.72 54.91 37.97
CA SER K 26 -13.65 54.73 39.42
C SER K 26 -12.85 55.84 40.10
N THR K 27 -12.32 56.80 39.34
CA THR K 27 -11.59 57.96 39.88
C THR K 27 -10.46 57.49 40.79
N LYS K 28 -9.73 56.47 40.35
CA LYS K 28 -8.62 55.92 41.12
C LYS K 28 -7.31 56.65 40.89
N GLU K 29 -7.26 57.57 39.93
CA GLU K 29 -6.03 58.27 39.55
C GLU K 29 -5.01 57.23 39.09
N ASP K 30 -3.72 57.54 39.23
CA ASP K 30 -2.67 56.56 38.95
C ASP K 30 -2.14 55.91 40.22
N ASP K 31 -2.15 56.63 41.34
CA ASP K 31 -1.70 56.09 42.62
C ASP K 31 -2.88 55.45 43.32
N LEU K 32 -2.91 54.11 43.35
CA LEU K 32 -3.96 53.41 44.06
C LEU K 32 -3.76 53.56 45.56
N ILE K 33 -4.88 53.55 46.30
CA ILE K 33 -4.86 53.82 47.73
C ILE K 33 -4.01 52.82 48.50
N GLN K 34 -3.85 51.60 47.98
CA GLN K 34 -3.09 50.56 48.64
C GLN K 34 -1.62 50.56 48.25
N LYS K 35 -1.06 51.72 47.91
CA LYS K 35 0.34 51.79 47.51
C LYS K 35 1.27 51.24 48.58
N SER K 36 0.93 51.47 49.85
CA SER K 36 1.72 50.91 50.94
C SER K 36 1.69 49.39 50.93
N LEU K 37 0.50 48.82 50.67
CA LEU K 37 0.40 47.37 50.57
C LEU K 37 1.21 46.83 49.40
N ARG K 38 1.16 47.52 48.25
CA ARG K 38 1.99 47.12 47.12
C ARG K 38 3.47 47.27 47.46
N ASP K 39 3.82 48.30 48.23
CA ASP K 39 5.21 48.51 48.61
C ASP K 39 5.73 47.35 49.45
N GLN K 40 5.02 47.01 50.52
CA GLN K 40 5.48 45.95 51.42
C GLN K 40 5.52 44.59 50.74
N LEU K 41 4.83 44.43 49.61
CA LEU K 41 4.89 43.17 48.87
C LEU K 41 6.18 43.06 48.07
N VAL K 42 6.70 44.17 47.54
CA VAL K 42 7.84 44.12 46.62
C VAL K 42 9.08 43.60 47.34
N GLU K 43 9.42 44.20 48.49
CA GLU K 43 10.60 43.75 49.22
C GLU K 43 10.40 42.36 49.80
N SER K 44 9.16 41.95 50.08
CA SER K 44 8.94 40.57 50.50
C SER K 44 9.32 39.60 49.39
N ILE K 45 8.99 39.92 48.14
CA ILE K 45 9.40 39.09 47.02
C ILE K 45 10.92 39.16 46.86
N ARG K 46 11.49 40.35 46.92
CA ARG K 46 12.92 40.52 46.67
C ARG K 46 13.75 39.82 47.74
N ASN K 47 13.32 39.89 49.01
CA ASN K 47 14.02 39.19 50.07
C ASN K 47 13.85 37.68 49.97
N SER K 48 12.84 37.20 49.23
CA SER K 48 12.64 35.77 49.09
C SER K 48 13.65 35.15 48.14
N ILE K 49 14.20 35.94 47.21
CA ILE K 49 15.16 35.43 46.24
C ILE K 49 16.58 35.89 46.51
N ALA K 50 16.83 36.55 47.65
CA ALA K 50 18.16 37.01 47.99
C ALA K 50 18.45 36.82 49.47
N ASN K 70 8.34 29.53 47.02
CA ASN K 70 7.71 30.83 47.19
C ASN K 70 6.40 30.92 46.40
N VAL K 71 5.28 30.82 47.11
CA VAL K 71 3.95 30.92 46.51
C VAL K 71 3.17 31.95 47.30
N PHE K 72 3.09 33.17 46.80
CA PHE K 72 2.34 34.21 47.47
C PHE K 72 0.84 34.00 47.23
N PHE K 73 0.03 34.91 47.78
CA PHE K 73 -1.41 34.79 47.66
C PHE K 73 -2.05 36.13 47.95
N VAL K 74 -3.10 36.45 47.20
CA VAL K 74 -3.89 37.66 47.39
C VAL K 74 -5.35 37.23 47.32
N ASP K 75 -6.00 37.11 48.47
CA ASP K 75 -7.36 36.62 48.51
C ASP K 75 -8.31 37.59 47.81
N GLY K 76 -9.20 37.04 46.98
CA GLY K 76 -10.10 37.84 46.20
C GLY K 76 -11.56 37.43 46.35
N THR K 77 -11.96 37.06 47.56
CA THR K 77 -13.36 36.71 47.80
C THR K 77 -14.28 37.86 47.49
N ARG K 78 -13.85 39.10 47.78
CA ARG K 78 -14.59 40.31 47.45
C ARG K 78 -13.99 40.98 46.21
N GLY K 79 -13.65 40.18 45.21
CA GLY K 79 -12.90 40.64 44.06
C GLY K 79 -13.48 41.81 43.32
N ALA K 80 -12.81 42.95 43.42
CA ALA K 80 -13.11 44.16 42.67
C ALA K 80 -11.88 44.74 41.99
N GLY K 81 -10.73 44.70 42.65
CA GLY K 81 -9.50 45.18 42.06
C GLY K 81 -8.36 44.21 42.25
N LYS K 82 -8.68 42.98 42.69
CA LYS K 82 -7.65 41.96 42.86
C LYS K 82 -6.99 41.62 41.54
N THR K 83 -7.78 41.49 40.47
CA THR K 83 -7.22 41.32 39.14
C THR K 83 -6.48 42.56 38.66
N THR K 84 -6.72 43.71 39.29
CA THR K 84 -6.01 44.93 38.99
C THR K 84 -4.82 45.16 39.93
N PHE K 85 -4.93 44.71 41.18
CA PHE K 85 -3.82 44.86 42.12
C PHE K 85 -2.59 44.10 41.64
N ILE K 86 -2.79 42.88 41.15
CA ILE K 86 -1.67 42.13 40.59
C ILE K 86 -1.09 42.84 39.37
N ASN K 87 -1.96 43.47 38.57
CA ASN K 87 -1.49 44.25 37.43
C ASN K 87 -0.63 45.43 37.89
N SER K 88 -0.93 46.00 39.05
CA SER K 88 -0.08 47.03 39.61
C SER K 88 1.27 46.48 40.05
N VAL K 89 1.29 45.23 40.54
CA VAL K 89 2.54 44.62 40.98
C VAL K 89 3.46 44.36 39.80
N VAL K 90 2.92 43.77 38.72
CA VAL K 90 3.75 43.44 37.57
C VAL K 90 4.26 44.70 36.88
N LYS K 91 3.43 45.74 36.82
CA LYS K 91 3.86 46.99 36.20
C LYS K 91 5.00 47.63 36.98
N SER K 92 4.90 47.63 38.32
CA SER K 92 5.93 48.25 39.13
C SER K 92 7.26 47.50 39.05
N LEU K 93 7.20 46.17 38.96
CA LEU K 93 8.42 45.37 38.90
C LEU K 93 9.22 45.64 37.62
N ASN K 94 8.52 45.79 36.49
CA ASN K 94 9.22 45.97 35.22
C ASN K 94 9.90 47.33 35.14
N SER K 95 9.37 48.34 35.83
CA SER K 95 9.87 49.70 35.66
C SER K 95 11.32 49.83 36.10
N ASP K 96 11.68 49.22 37.24
CA ASP K 96 13.04 49.29 37.77
C ASP K 96 13.77 48.00 37.44
N GLN K 97 14.83 48.12 36.64
CA GLN K 97 15.61 46.95 36.22
C GLN K 97 17.04 46.99 36.76
N ASP K 98 17.79 48.06 36.48
CA ASP K 98 19.18 48.16 36.87
C ASP K 98 19.40 49.08 38.07
N ASP K 99 18.35 49.72 38.57
CA ASP K 99 18.45 50.60 39.73
C ASP K 99 18.34 49.86 41.05
N VAL K 100 18.15 48.54 41.02
CA VAL K 100 17.95 47.73 42.21
C VAL K 100 19.03 46.65 42.24
N LYS K 101 19.37 46.21 43.46
CA LYS K 101 20.35 45.14 43.63
C LYS K 101 19.90 43.82 42.99
N VAL K 102 18.59 43.63 42.82
CA VAL K 102 18.06 42.42 42.22
C VAL K 102 17.12 42.81 41.09
N ASN K 103 17.01 41.94 40.10
CA ASN K 103 16.20 42.18 38.92
C ASN K 103 15.17 41.08 38.75
N ILE K 104 13.96 41.45 38.35
CA ILE K 104 12.86 40.51 38.19
C ILE K 104 12.15 40.81 36.88
N LYS K 105 11.91 39.78 36.07
CA LYS K 105 11.10 39.88 34.86
C LYS K 105 9.82 39.08 35.08
N CYS K 106 8.71 39.61 34.57
CA CYS K 106 7.40 39.04 34.84
C CYS K 106 6.68 38.71 33.55
N LEU K 107 6.13 37.50 33.48
CA LEU K 107 5.34 37.09 32.33
C LEU K 107 3.99 37.81 32.33
N PRO K 108 3.33 37.86 31.17
CA PRO K 108 1.95 38.35 31.15
C PRO K 108 1.06 37.48 32.02
N THR K 109 0.03 38.11 32.59
CA THR K 109 -0.88 37.41 33.49
C THR K 109 -1.60 36.29 32.75
N ILE K 110 -1.69 35.13 33.40
CA ILE K 110 -2.33 33.96 32.84
C ILE K 110 -3.73 33.83 33.41
N ASP K 111 -4.73 33.68 32.54
CA ASP K 111 -6.10 33.51 32.97
C ASP K 111 -6.48 32.04 32.78
N PRO K 112 -6.64 31.27 33.87
CA PRO K 112 -6.88 29.83 33.71
C PRO K 112 -8.15 29.49 32.95
N THR K 113 -9.20 30.29 33.08
CA THR K 113 -10.48 29.93 32.46
C THR K 113 -10.42 30.07 30.95
N LYS K 114 -9.84 31.15 30.45
CA LYS K 114 -9.84 31.42 29.01
C LYS K 114 -8.89 30.51 28.24
N LEU K 115 -8.03 29.76 28.91
CA LEU K 115 -7.09 28.89 28.22
C LEU K 115 -7.83 27.79 27.47
N PRO K 116 -7.30 27.35 26.33
CA PRO K 116 -7.96 26.30 25.56
C PRO K 116 -8.06 25.01 26.36
N ARG K 117 -9.16 24.28 26.16
CA ARG K 117 -9.36 23.01 26.83
C ARG K 117 -8.36 21.98 26.29
N HIS K 118 -7.98 21.05 27.16
CA HIS K 118 -6.99 20.02 26.85
C HIS K 118 -5.65 20.67 26.44
N GLU K 119 -5.14 21.49 27.34
CA GLU K 119 -3.84 22.15 27.15
C GLU K 119 -3.23 22.35 28.52
N PRO K 120 -2.21 21.58 28.88
CA PRO K 120 -1.62 21.70 30.21
C PRO K 120 -0.99 23.08 30.42
N ILE K 121 -1.01 23.51 31.69
CA ILE K 121 -0.49 24.83 32.03
C ILE K 121 1.00 24.93 31.70
N LEU K 122 1.71 23.79 31.72
CA LEU K 122 3.14 23.82 31.40
C LEU K 122 3.38 24.29 29.97
N VAL K 123 2.54 23.85 29.04
CA VAL K 123 2.69 24.28 27.65
C VAL K 123 2.46 25.78 27.53
N THR K 124 1.43 26.28 28.19
CA THR K 124 1.13 27.71 28.11
C THR K 124 2.26 28.56 28.68
N VAL K 125 2.82 28.14 29.82
CA VAL K 125 3.89 28.91 30.44
C VAL K 125 5.12 28.96 29.52
N THR K 126 5.46 27.82 28.92
CA THR K 126 6.63 27.78 28.04
C THR K 126 6.44 28.66 26.82
N ALA K 127 5.23 28.68 26.25
CA ALA K 127 4.98 29.50 25.08
C ALA K 127 5.16 30.99 25.39
N ARG K 128 4.64 31.44 26.54
CA ARG K 128 4.84 32.83 26.93
C ARG K 128 6.31 33.10 27.24
N LEU K 129 6.99 32.13 27.84
CA LEU K 129 8.41 32.31 28.15
C LEU K 129 9.25 32.42 26.89
N ASN K 130 8.89 31.65 25.85
CA ASN K 130 9.66 31.68 24.61
C ASN K 130 9.58 33.05 23.94
N LYS K 131 8.42 33.69 23.99
CA LYS K 131 8.26 34.99 23.34
C LYS K 131 9.17 36.04 23.97
N MET K 132 9.30 36.04 25.29
CA MET K 132 10.15 37.01 25.96
C MET K 132 11.62 36.81 25.57
N VAL K 133 12.06 35.56 25.50
CA VAL K 133 13.44 35.29 25.12
C VAL K 133 13.68 35.64 23.66
N SER K 134 12.73 35.31 22.79
CA SER K 134 12.89 35.57 21.36
C SER K 134 13.04 37.06 21.08
N ASP K 135 12.24 37.89 21.76
CA ASP K 135 12.32 39.32 21.56
C ASP K 135 13.50 39.96 22.28
N LYS K 136 14.23 39.20 23.10
CA LYS K 136 15.45 39.70 23.71
C LYS K 136 16.69 39.36 22.90
N LEU K 137 16.70 38.19 22.25
CA LEU K 137 17.84 37.83 21.40
C LEU K 137 18.00 38.80 20.24
N LYS K 138 16.89 39.23 19.65
CA LYS K 138 16.96 40.22 18.58
C LYS K 138 17.53 41.55 19.06
N GLY K 139 17.45 41.83 20.36
CA GLY K 139 18.04 43.04 20.91
C GLY K 139 19.52 42.98 21.14
N TYR K 140 20.13 41.81 20.93
CA TYR K 140 21.58 41.69 21.07
C TYR K 140 22.28 42.48 19.99
N TRP K 141 23.36 43.17 20.38
CA TRP K 141 24.19 43.91 19.43
C TRP K 141 25.44 43.15 19.02
N ALA K 142 26.00 42.34 19.91
CA ALA K 142 27.18 41.55 19.58
C ALA K 142 26.73 40.25 18.90
N SER K 143 27.24 40.02 17.69
CA SER K 143 26.90 38.80 16.97
C SER K 143 27.62 37.59 17.53
N ASN K 144 28.72 37.78 18.25
CA ASN K 144 29.52 36.65 18.71
C ASN K 144 28.74 35.78 19.68
N ASP K 145 28.03 36.39 20.63
CA ASP K 145 27.27 35.63 21.62
C ASP K 145 25.80 35.43 21.23
N TYR K 146 25.32 36.16 20.22
CA TYR K 146 23.92 36.02 19.82
C TYR K 146 23.66 34.63 19.24
N ARG K 147 24.58 34.10 18.46
CA ARG K 147 24.38 32.83 17.77
C ARG K 147 24.76 31.62 18.61
N LYS K 148 25.33 31.82 19.79
CA LYS K 148 25.67 30.71 20.67
C LYS K 148 24.67 30.52 21.80
N GLN K 149 24.12 31.62 22.34
CA GLN K 149 23.05 31.49 23.33
C GLN K 149 21.79 30.93 22.69
N LYS K 150 21.51 31.32 21.44
CA LYS K 150 20.33 30.81 20.76
C LYS K 150 20.39 29.30 20.58
N GLU K 151 21.57 28.78 20.23
CA GLU K 151 21.71 27.34 20.03
C GLU K 151 21.33 26.56 21.28
N GLN K 152 21.65 27.11 22.46
CA GLN K 152 21.23 26.48 23.70
C GLN K 152 19.71 26.46 23.83
N TRP K 153 19.05 27.55 23.41
CA TRP K 153 17.61 27.68 23.61
C TRP K 153 16.84 26.58 22.89
N GLN K 154 17.09 26.41 21.58
CA GLN K 154 16.39 25.35 20.85
C GLN K 154 16.82 23.97 21.31
N ASN K 155 18.06 23.83 21.81
CA ASN K 155 18.50 22.55 22.34
C ASN K 155 17.69 22.18 23.59
N HIS K 156 17.46 23.14 24.49
CA HIS K 156 16.64 22.87 25.67
C HIS K 156 15.20 22.57 25.28
N LEU K 157 14.65 23.34 24.33
CA LEU K 157 13.27 23.13 23.92
C LEU K 157 13.08 21.78 23.25
N ALA K 158 14.07 21.31 22.51
CA ALA K 158 13.96 20.02 21.84
C ALA K 158 13.81 18.89 22.86
N GLN K 159 14.58 18.95 23.95
CA GLN K 159 14.45 17.95 25.00
C GLN K 159 13.07 18.02 25.66
N LEU K 160 12.58 19.24 25.91
CA LEU K 160 11.26 19.39 26.51
C LEU K 160 10.18 18.85 25.58
N GLN K 161 10.28 19.13 24.29
CA GLN K 161 9.23 18.72 23.35
C GLN K 161 9.05 17.20 23.36
N ARG K 162 10.14 16.45 23.52
CA ARG K 162 10.03 15.00 23.62
C ARG K 162 9.46 14.56 24.97
N GLY K 163 9.39 15.46 25.94
CA GLY K 163 8.92 15.09 27.27
C GLY K 163 7.46 15.36 27.53
N LEU K 164 6.80 16.13 26.67
CA LEU K 164 5.38 16.39 26.85
C LEU K 164 4.52 15.15 26.68
N HIS K 165 5.05 14.10 26.05
CA HIS K 165 4.29 12.87 25.93
C HIS K 165 4.00 12.26 27.30
N LEU K 166 5.00 12.27 28.19
CA LEU K 166 4.82 11.67 29.50
C LEU K 166 3.84 12.45 30.36
N LEU K 167 3.71 13.76 30.12
CA LEU K 167 2.85 14.59 30.96
C LEU K 167 1.39 14.16 30.85
N THR K 168 0.93 13.85 29.63
CA THR K 168 -0.42 13.39 29.40
C THR K 168 -0.38 12.14 28.52
N ASP K 169 -0.89 11.03 29.05
CA ASP K 169 -0.87 9.77 28.33
C ASP K 169 -1.88 8.83 28.97
N LYS K 170 -2.22 7.78 28.24
CA LYS K 170 -3.21 6.81 28.70
C LYS K 170 -2.58 5.49 29.14
N GLU K 171 -1.75 4.87 28.30
CA GLU K 171 -1.17 3.58 28.59
C GLU K 171 0.33 3.62 28.33
N TYR K 172 1.11 3.11 29.28
CA TYR K 172 2.55 3.01 29.10
C TYR K 172 2.86 1.98 28.01
N LYS K 173 3.92 2.26 27.24
CA LYS K 173 4.36 1.32 26.22
C LYS K 173 5.85 1.02 26.42
N PRO K 174 6.29 -0.18 26.07
CA PRO K 174 7.70 -0.55 26.30
C PRO K 174 8.69 0.27 25.49
N GLU K 175 8.24 0.96 24.44
CA GLU K 175 9.18 1.68 23.59
C GLU K 175 9.91 2.79 24.34
N TYR K 176 9.21 3.50 25.23
CA TYR K 176 9.83 4.62 25.94
C TYR K 176 10.93 4.18 26.89
N PHE K 177 11.03 2.88 27.21
CA PHE K 177 12.09 2.45 28.13
C PHE K 177 13.47 2.73 27.56
N SER K 178 13.63 2.58 26.25
CA SER K 178 14.89 2.93 25.61
C SER K 178 15.15 4.43 25.69
N ASP K 179 14.08 5.24 25.64
CA ASP K 179 14.25 6.69 25.76
C ASP K 179 14.80 7.08 27.13
N ALA K 180 14.36 6.40 28.18
CA ALA K 180 14.86 6.68 29.51
C ALA K 180 16.27 6.14 29.73
N LEU K 181 16.68 5.13 28.97
CA LEU K 181 17.98 4.50 29.15
C LEU K 181 19.06 5.09 28.25
N LYS K 182 18.73 6.10 27.45
CA LYS K 182 19.74 6.82 26.68
C LYS K 182 20.12 8.08 27.46
N LEU K 183 21.41 8.29 27.64
CA LEU K 183 21.93 9.39 28.45
C LEU K 183 22.54 10.44 27.54
N ASP K 184 21.85 11.58 27.42
CA ASP K 184 22.40 12.70 26.67
C ASP K 184 23.68 13.20 27.35
N ALA K 185 24.63 13.64 26.53
CA ALA K 185 25.93 14.07 27.02
C ALA K 185 26.00 15.55 27.35
N GLN K 186 24.87 16.26 27.28
CA GLN K 186 24.84 17.69 27.47
C GLN K 186 23.97 18.08 28.67
N LEU K 187 24.38 19.15 29.34
CA LEU K 187 23.71 19.85 30.43
C LEU K 187 23.80 19.11 31.76
N ASP K 188 24.29 17.86 31.79
CA ASP K 188 24.61 17.14 33.02
C ASP K 188 23.44 17.15 34.01
N TYR K 189 22.35 16.51 33.60
CA TYR K 189 21.21 16.34 34.50
C TYR K 189 21.60 15.50 35.70
N SER K 190 21.15 15.94 36.88
CA SER K 190 21.62 15.33 38.12
C SER K 190 21.18 13.87 38.24
N ILE K 191 19.95 13.57 37.85
CA ILE K 191 19.37 12.25 38.06
C ILE K 191 18.88 11.70 36.73
N GLY K 192 18.86 10.37 36.62
CA GLY K 192 18.47 9.71 35.40
C GLY K 192 16.97 9.75 35.16
N GLY K 193 16.57 9.13 34.05
CA GLY K 193 15.18 9.12 33.66
C GLY K 193 14.78 10.38 32.94
N GLN K 194 13.49 10.45 32.60
CA GLN K 194 12.97 11.64 31.93
C GLN K 194 12.92 12.83 32.88
N ASP K 195 12.12 12.72 33.95
CA ASP K 195 12.07 13.71 35.01
C ASP K 195 11.77 15.11 34.45
N LEU K 196 10.56 15.24 33.91
CA LEU K 196 10.14 16.50 33.32
C LEU K 196 10.19 17.65 34.34
N SER K 197 10.11 17.34 35.63
CA SER K 197 10.13 18.37 36.65
C SER K 197 11.47 19.09 36.73
N GLU K 198 12.56 18.47 36.27
CA GLU K 198 13.86 19.14 36.26
C GLU K 198 14.34 19.50 34.87
N ILE K 199 13.75 18.94 33.81
CA ILE K 199 14.02 19.43 32.46
C ILE K 199 13.56 20.87 32.33
N PHE K 200 12.38 21.17 32.86
CA PHE K 200 11.91 22.55 32.92
C PHE K 200 12.82 23.40 33.80
N GLU K 201 13.36 22.81 34.87
CA GLU K 201 14.22 23.57 35.77
C GLU K 201 15.47 24.06 35.06
N GLU K 202 16.07 23.22 34.21
CA GLU K 202 17.20 23.67 33.41
C GLU K 202 16.78 24.71 32.38
N LEU K 203 15.55 24.61 31.87
CA LEU K 203 15.07 25.57 30.88
C LEU K 203 14.99 26.97 31.46
N VAL K 204 14.49 27.10 32.69
CA VAL K 204 14.37 28.43 33.29
C VAL K 204 15.73 28.94 33.76
N LYS K 205 16.67 28.05 34.05
CA LYS K 205 18.01 28.48 34.41
C LYS K 205 18.69 29.17 33.24
N ARG K 206 18.52 28.64 32.04
CA ARG K 206 19.07 29.30 30.86
C ARG K 206 18.29 30.57 30.53
N ALA K 207 16.98 30.58 30.79
CA ALA K 207 16.15 31.71 30.43
C ALA K 207 16.50 32.97 31.23
N CYS K 208 17.00 32.80 32.46
CA CYS K 208 17.37 33.96 33.25
C CYS K 208 18.69 34.57 32.79
N GLU K 209 19.61 33.74 32.30
CA GLU K 209 20.88 34.26 31.80
C GLU K 209 20.67 35.18 30.60
N ILE K 210 19.78 34.78 29.68
CA ILE K 210 19.51 35.61 28.51
C ILE K 210 18.91 36.96 28.93
N LEU K 211 17.99 36.93 29.89
CA LEU K 211 17.35 38.15 30.36
C LEU K 211 18.07 38.80 31.53
N ASP K 212 19.23 38.26 31.93
CA ASP K 212 20.06 38.75 33.01
C ASP K 212 19.24 39.15 34.24
N CYS K 213 18.22 38.38 34.57
CA CYS K 213 17.40 38.60 35.75
C CYS K 213 17.62 37.48 36.75
N LYS K 214 17.54 37.82 38.04
CA LYS K 214 17.80 36.84 39.08
C LYS K 214 16.63 35.86 39.22
N ALA K 215 15.40 36.33 39.05
CA ALA K 215 14.23 35.46 39.17
C ALA K 215 13.14 35.94 38.23
N ILE K 216 12.25 35.03 37.87
CA ILE K 216 11.15 35.30 36.95
C ILE K 216 9.84 35.10 37.69
N LEU K 217 8.88 35.99 37.44
CA LEU K 217 7.64 36.05 38.20
C LEU K 217 6.47 35.61 37.32
N ILE K 218 5.69 34.65 37.80
CA ILE K 218 4.48 34.20 37.13
C ILE K 218 3.29 34.78 37.89
N THR K 219 2.16 34.93 37.19
CA THR K 219 0.96 35.50 37.79
C THR K 219 -0.25 34.74 37.26
N PHE K 220 -1.02 34.14 38.17
CA PHE K 220 -2.25 33.46 37.83
C PHE K 220 -3.42 34.41 38.07
N ASP K 221 -4.64 33.89 37.95
CA ASP K 221 -5.83 34.73 38.05
C ASP K 221 -6.94 33.93 38.70
N ASP K 222 -8.14 34.52 38.70
CA ASP K 222 -9.30 33.93 39.38
C ASP K 222 -9.84 32.75 38.59
N ILE K 223 -10.51 31.84 39.29
CA ILE K 223 -11.12 30.66 38.67
C ILE K 223 -12.60 30.60 39.05
N ASP K 224 -13.20 31.76 39.33
CA ASP K 224 -14.59 31.79 39.75
C ASP K 224 -15.52 31.30 38.64
N THR K 225 -15.25 31.69 37.39
CA THR K 225 -16.12 31.31 36.29
C THR K 225 -16.18 29.79 36.13
N GLN K 226 -15.06 29.17 35.83
CA GLN K 226 -14.96 27.71 35.75
C GLN K 226 -14.33 27.21 37.05
N PHE K 227 -15.15 26.62 37.90
CA PHE K 227 -14.70 26.25 39.24
C PHE K 227 -13.66 25.15 39.20
N ASP K 228 -13.79 24.21 38.27
CA ASP K 228 -12.93 23.04 38.24
C ASP K 228 -11.64 23.26 37.44
N ALA K 229 -11.50 24.39 36.76
CA ALA K 229 -10.29 24.63 35.98
C ALA K 229 -9.05 24.85 36.84
N GLY K 230 -9.22 25.08 38.14
CA GLY K 230 -8.09 25.36 39.01
C GLY K 230 -7.34 24.15 39.51
N TRP K 231 -7.85 22.94 39.27
CA TRP K 231 -7.14 21.75 39.74
C TRP K 231 -5.83 21.55 39.00
N ASP K 232 -5.77 21.92 37.72
CA ASP K 232 -4.54 21.81 36.98
C ASP K 232 -3.51 22.86 37.42
N VAL K 233 -3.98 24.00 37.91
CA VAL K 233 -3.07 25.02 38.40
C VAL K 233 -2.43 24.57 39.71
N LEU K 234 -3.23 24.01 40.62
CA LEU K 234 -2.69 23.57 41.90
C LEU K 234 -1.70 22.42 41.73
N GLU K 235 -2.01 21.48 40.83
CA GLU K 235 -1.10 20.36 40.61
C GLU K 235 0.21 20.83 39.98
N SER K 236 0.13 21.75 39.01
CA SER K 236 1.32 22.21 38.32
C SER K 236 2.18 23.11 39.21
N ILE K 237 1.57 23.84 40.14
CA ILE K 237 2.31 24.80 40.93
C ILE K 237 3.20 24.10 41.96
N ARG K 238 2.96 22.82 42.24
CA ARG K 238 3.81 22.06 43.14
C ARG K 238 4.67 21.01 42.45
N LYS K 239 4.20 20.45 41.34
CA LYS K 239 4.99 19.44 40.64
C LYS K 239 6.18 20.07 39.91
N PHE K 240 5.99 21.24 39.34
CA PHE K 240 6.99 21.85 38.46
C PHE K 240 7.62 23.10 39.04
N PHE K 241 6.82 24.08 39.44
CA PHE K 241 7.35 25.36 39.93
C PHE K 241 7.80 25.25 41.38
N ASN K 242 8.83 24.43 41.58
CA ASN K 242 9.40 24.24 42.91
C ASN K 242 10.89 24.59 42.90
N SER K 243 11.24 25.70 42.27
CA SER K 243 12.64 26.11 42.12
C SER K 243 12.85 27.46 42.82
N ARG K 244 14.13 27.77 43.04
CA ARG K 244 14.52 29.01 43.71
C ARG K 244 14.46 30.22 42.80
N LYS K 245 14.40 30.04 41.49
CA LYS K 245 14.39 31.14 40.55
C LYS K 245 12.99 31.51 40.07
N LEU K 246 11.96 30.84 40.56
CA LEU K 246 10.58 31.09 40.14
C LEU K 246 9.77 31.56 41.33
N VAL K 247 9.07 32.67 41.17
CA VAL K 247 8.14 33.19 42.17
C VAL K 247 6.77 33.33 41.51
N VAL K 248 5.75 32.78 42.16
CA VAL K 248 4.41 32.70 41.59
C VAL K 248 3.44 33.42 42.52
N VAL K 249 2.56 34.23 41.93
CA VAL K 249 1.52 34.94 42.67
C VAL K 249 0.18 34.44 42.16
N ALA K 250 -0.64 33.92 43.07
CA ALA K 250 -1.94 33.36 42.73
C ALA K 250 -3.03 34.04 43.54
N THR K 251 -4.18 34.22 42.92
CA THR K 251 -5.32 34.85 43.54
C THR K 251 -6.58 34.05 43.26
N GLY K 252 -7.55 34.18 44.14
CA GLY K 252 -8.81 33.47 44.00
C GLY K 252 -9.58 33.44 45.30
N ASP K 253 -10.41 32.42 45.44
CA ASP K 253 -11.26 32.23 46.61
C ASP K 253 -10.84 30.97 47.34
N LEU K 254 -10.58 31.08 48.64
CA LEU K 254 -10.07 29.95 49.39
C LEU K 254 -11.14 28.91 49.66
N ARG K 255 -12.42 29.32 49.70
CA ARG K 255 -13.50 28.35 49.85
C ARG K 255 -13.58 27.43 48.64
N LEU K 256 -13.45 28.00 47.44
CA LEU K 256 -13.50 27.19 46.23
C LEU K 256 -12.29 26.25 46.16
N TYR K 257 -11.11 26.76 46.53
CA TYR K 257 -9.92 25.91 46.51
C TYR K 257 -10.06 24.74 47.46
N SER K 258 -10.60 24.98 48.67
CA SER K 258 -10.82 23.90 49.61
C SER K 258 -11.86 22.91 49.09
N GLN K 259 -12.82 23.39 48.29
CA GLN K 259 -13.81 22.50 47.71
C GLN K 259 -13.19 21.53 46.71
N LEU K 260 -12.23 22.01 45.92
CA LEU K 260 -11.56 21.14 44.95
C LEU K 260 -10.76 20.06 45.65
N ILE K 261 -9.94 20.46 46.63
CA ILE K 261 -9.05 19.50 47.29
C ILE K 261 -9.86 18.43 48.02
N ARG K 262 -10.91 18.84 48.73
CA ARG K 262 -11.75 17.87 49.41
C ARG K 262 -12.43 16.93 48.43
N GLY K 263 -12.87 17.46 47.29
CA GLY K 263 -13.51 16.63 46.29
C GLY K 263 -12.55 15.63 45.67
N LYS K 264 -11.30 16.04 45.42
CA LYS K 264 -10.34 15.15 44.78
C LYS K 264 -9.88 14.04 45.71
N GLN K 265 -9.88 14.30 47.03
CA GLN K 265 -9.40 13.29 47.97
C GLN K 265 -10.31 12.07 48.00
N TYR K 266 -11.62 12.28 47.90
CA TYR K 266 -12.56 11.16 47.96
C TYR K 266 -12.37 10.19 46.81
N GLU K 267 -11.81 10.64 45.69
CA GLU K 267 -11.58 9.74 44.56
C GLU K 267 -10.58 8.65 44.87
N ASN K 268 -9.70 8.87 45.85
CA ASN K 268 -8.68 7.88 46.17
C ASN K 268 -9.28 6.59 46.73
N TYR K 269 -10.32 6.71 47.56
CA TYR K 269 -10.97 5.54 48.11
C TYR K 269 -11.61 4.72 47.00
N SER K 270 -11.48 3.41 47.10
CA SER K 270 -12.05 2.52 46.10
C SER K 270 -13.57 2.52 46.19
N LYS K 271 -14.21 2.27 45.05
CA LYS K 271 -15.67 2.29 45.00
C LYS K 271 -16.28 1.22 45.89
N THR K 272 -15.72 0.01 45.86
CA THR K 272 -16.28 -1.09 46.63
C THR K 272 -16.20 -0.82 48.12
N LEU K 273 -15.07 -0.27 48.58
CA LEU K 273 -14.93 0.05 50.00
C LEU K 273 -15.91 1.15 50.41
N LEU K 274 -16.10 2.15 49.55
CA LEU K 274 -17.01 3.25 49.85
C LEU K 274 -18.46 2.81 49.89
N GLU K 275 -18.78 1.60 49.43
CA GLU K 275 -20.15 1.10 49.42
C GLU K 275 -20.38 -0.02 50.42
N GLN K 276 -19.41 -0.91 50.61
CA GLN K 276 -19.56 -2.02 51.54
C GLN K 276 -19.22 -1.65 52.98
N GLU K 277 -18.80 -0.42 53.24
CA GLU K 277 -18.35 -0.01 54.56
C GLU K 277 -19.09 1.23 55.02
N LYS K 278 -20.42 1.19 54.93
CA LYS K 278 -21.27 2.31 55.41
C LYS K 278 -22.04 1.84 56.65
N GLU K 279 -21.63 2.31 57.84
CA GLU K 279 -22.24 1.90 59.08
C GLU K 279 -22.48 3.07 60.03
N SER K 280 -22.38 4.31 59.55
CA SER K 280 -22.53 5.56 60.30
C SER K 280 -21.39 5.77 61.30
N VAL K 281 -20.50 4.80 61.47
CA VAL K 281 -19.30 5.00 62.26
C VAL K 281 -18.04 5.05 61.38
N ARG K 282 -18.00 4.28 60.30
CA ARG K 282 -16.92 4.42 59.33
C ARG K 282 -16.95 5.78 58.66
N LEU K 283 -18.16 6.28 58.34
CA LEU K 283 -18.29 7.61 57.77
C LEU K 283 -17.73 8.69 58.68
N ALA K 284 -17.74 8.46 60.00
CA ALA K 284 -17.16 9.44 60.92
C ALA K 284 -15.64 9.42 60.88
N GLU K 285 -15.04 8.22 60.84
CA GLU K 285 -13.58 8.14 60.76
C GLU K 285 -13.07 8.50 59.37
N ARG K 286 -13.88 8.28 58.33
CA ARG K 286 -13.47 8.65 56.99
C ARG K 286 -13.51 10.16 56.79
N GLY K 287 -14.51 10.83 57.37
CA GLY K 287 -14.61 12.28 57.22
C GLY K 287 -13.47 13.01 57.89
N TYR K 288 -12.95 12.48 58.99
CA TYR K 288 -11.82 13.12 59.65
C TYR K 288 -10.54 12.95 58.83
N MET K 289 -10.37 11.79 58.20
CA MET K 289 -9.18 11.54 57.40
C MET K 289 -9.07 12.53 56.24
N VAL K 290 -10.19 12.77 55.54
CA VAL K 290 -10.19 13.69 54.41
C VAL K 290 -9.91 15.11 54.88
N GLU K 291 -10.57 15.53 55.97
CA GLU K 291 -10.37 16.89 56.48
C GLU K 291 -8.93 17.11 56.88
N HIS K 292 -8.30 16.12 57.52
CA HIS K 292 -6.90 16.27 57.90
C HIS K 292 -6.01 16.36 56.66
N LEU K 293 -6.43 15.77 55.55
CA LEU K 293 -5.61 15.81 54.34
C LEU K 293 -5.69 17.16 53.65
N GLU K 294 -6.86 17.81 53.65
CA GLU K 294 -7.00 19.05 52.90
C GLU K 294 -6.28 20.20 53.58
N GLN K 295 -6.23 20.22 54.91
CA GLN K 295 -5.59 21.34 55.59
C GLN K 295 -4.07 21.26 55.49
N GLN K 296 -3.52 20.04 55.46
CA GLN K 296 -2.09 19.91 55.23
C GLN K 296 -1.72 20.27 53.81
N TYR K 297 -2.62 20.01 52.85
CA TYR K 297 -2.36 20.37 51.47
C TYR K 297 -2.36 21.89 51.29
N LEU K 298 -3.28 22.58 51.98
CA LEU K 298 -3.38 24.03 51.82
C LEU K 298 -2.15 24.74 52.35
N LEU K 299 -1.70 24.37 53.56
CA LEU K 299 -0.51 24.99 54.12
C LEU K 299 0.73 24.70 53.29
N LYS K 300 0.75 23.56 52.61
CA LYS K 300 1.89 23.22 51.76
C LYS K 300 2.02 24.20 50.60
N LEU K 301 0.91 24.54 49.96
CA LEU K 301 0.96 25.39 48.77
C LEU K 301 1.02 26.87 49.14
N PHE K 302 0.13 27.33 50.02
CA PHE K 302 0.02 28.73 50.40
C PHE K 302 0.39 28.86 51.87
N PRO K 303 1.64 29.19 52.18
CA PRO K 303 2.04 29.34 53.59
C PRO K 303 1.28 30.50 54.23
N VAL K 304 1.07 30.36 55.55
CA VAL K 304 0.29 31.36 56.28
C VAL K 304 0.98 32.71 56.26
N GLN K 305 2.29 32.73 56.47
CA GLN K 305 3.02 33.99 56.49
C GLN K 305 3.19 34.62 55.12
N LYS K 306 2.57 34.08 54.07
CA LYS K 306 2.66 34.65 52.74
C LYS K 306 1.35 35.22 52.23
N ARG K 307 0.22 34.84 52.81
CA ARG K 307 -1.07 35.34 52.36
C ARG K 307 -1.18 36.84 52.61
N ILE K 308 -1.60 37.57 51.60
CA ILE K 308 -1.74 39.03 51.67
C ILE K 308 -3.20 39.39 51.40
N GLN K 309 -3.77 40.19 52.29
CA GLN K 309 -5.15 40.63 52.17
C GLN K 309 -5.21 42.15 52.13
N LEU K 310 -6.01 42.68 51.21
CA LEU K 310 -6.20 44.12 51.13
C LEU K 310 -6.98 44.63 52.34
N LYS K 311 -6.98 45.94 52.50
CA LYS K 311 -7.65 46.60 53.62
C LYS K 311 -8.72 47.54 53.10
N THR K 312 -9.86 47.55 53.78
CA THR K 312 -10.96 48.41 53.38
C THR K 312 -10.63 49.88 53.65
N MET K 313 -11.45 50.76 53.08
CA MET K 313 -11.21 52.19 53.22
C MET K 313 -11.28 52.64 54.68
N LEU K 314 -12.12 51.97 55.49
CA LEU K 314 -12.26 52.36 56.89
C LEU K 314 -10.97 52.14 57.67
N GLN K 315 -10.28 51.03 57.42
CA GLN K 315 -9.08 50.71 58.19
C GLN K 315 -7.98 51.76 57.97
N LEU K 316 -7.79 52.19 56.71
CA LEU K 316 -6.75 53.17 56.42
C LEU K 316 -7.06 54.51 57.08
N VAL K 317 -8.31 54.98 56.98
CA VAL K 317 -8.66 56.30 57.49
C VAL K 317 -8.92 56.31 58.98
N GLY K 318 -8.98 55.15 59.63
CA GLY K 318 -9.31 55.09 61.04
C GLY K 318 -10.80 55.25 61.27
N GLU K 319 -11.18 55.19 62.54
CA GLU K 319 -12.59 55.25 62.91
C GLU K 319 -12.71 55.66 64.37
N LYS K 320 -13.93 56.07 64.74
CA LYS K 320 -14.25 56.48 66.11
C LYS K 320 -13.37 57.63 66.57
N GLY K 321 -13.07 58.56 65.66
CA GLY K 321 -12.26 59.70 66.02
C GLY K 321 -10.82 59.38 66.35
N LYS K 322 -10.30 58.24 65.87
CA LYS K 322 -8.93 57.84 66.11
C LYS K 322 -8.10 58.06 64.85
N ALA K 323 -6.81 58.38 65.06
CA ALA K 323 -5.91 58.55 63.92
C ALA K 323 -5.76 57.25 63.14
N GLY K 324 -5.62 56.13 63.84
CA GLY K 324 -5.55 54.84 63.16
C GLY K 324 -4.38 54.76 62.21
N LYS K 325 -4.68 54.39 60.97
CA LYS K 325 -3.67 54.22 59.94
C LYS K 325 -3.44 55.57 59.26
N GLU K 326 -2.70 55.59 58.16
CA GLU K 326 -2.35 56.84 57.49
C GLU K 326 -3.59 57.54 56.95
N GLU K 327 -3.61 58.87 57.07
CA GLU K 327 -4.76 59.69 56.74
C GLU K 327 -4.93 59.83 55.23
N ILE K 328 -6.17 60.10 54.82
CA ILE K 328 -6.53 60.28 53.42
C ILE K 328 -7.38 61.54 53.29
N LYS K 329 -7.05 62.38 52.31
CA LYS K 329 -7.78 63.62 52.07
C LYS K 329 -8.36 63.61 50.66
N VAL K 330 -9.42 64.39 50.47
CA VAL K 330 -10.20 64.40 49.24
C VAL K 330 -10.40 65.83 48.77
N LYS K 331 -10.20 66.06 47.47
CA LYS K 331 -10.46 67.36 46.86
C LYS K 331 -11.87 67.39 46.30
N THR K 332 -12.66 68.37 46.74
CA THR K 332 -14.06 68.44 46.36
C THR K 332 -14.25 69.09 44.99
N GLU K 333 -13.88 70.36 44.88
CA GLU K 333 -14.11 71.12 43.66
C GLU K 333 -12.82 71.20 42.85
N PRO K 334 -12.91 71.39 41.53
CA PRO K 334 -11.71 71.28 40.69
C PRO K 334 -10.70 72.38 40.97
N GLY K 335 -9.43 71.98 40.99
CA GLY K 335 -8.32 72.92 41.01
C GLY K 335 -8.23 73.86 42.19
N MET K 336 -8.36 73.34 43.41
CA MET K 336 -8.15 74.17 44.59
C MET K 336 -6.81 73.84 45.23
N GLN K 337 -6.47 74.60 46.27
CA GLN K 337 -5.20 74.43 46.95
C GLN K 337 -5.15 73.09 47.69
N ASP K 338 -3.95 72.52 47.75
CA ASP K 338 -3.77 71.24 48.44
C ASP K 338 -4.08 71.35 49.92
N ILE K 339 -3.84 72.52 50.51
CA ILE K 339 -4.16 72.72 51.92
C ILE K 339 -5.67 72.71 52.15
N ASP K 340 -6.47 72.90 51.09
CA ASP K 340 -7.91 72.88 51.20
C ASP K 340 -8.50 71.49 51.00
N ALA K 341 -7.67 70.48 50.73
CA ALA K 341 -8.14 69.11 50.59
C ALA K 341 -8.71 68.62 51.92
N ILE K 342 -10.02 68.39 51.96
CA ILE K 342 -10.69 68.05 53.20
C ILE K 342 -10.72 66.53 53.35
N ASP K 343 -10.86 66.07 54.59
CA ASP K 343 -10.81 64.65 54.89
C ASP K 343 -11.95 63.91 54.22
N VAL K 344 -11.71 62.64 53.91
CA VAL K 344 -12.72 61.82 53.24
C VAL K 344 -13.91 61.57 54.16
N ARG K 345 -13.65 61.40 55.47
CA ARG K 345 -14.75 61.18 56.40
C ARG K 345 -15.66 62.38 56.47
N GLN K 346 -15.09 63.59 56.51
CA GLN K 346 -15.93 64.79 56.44
C GLN K 346 -16.60 64.91 55.09
N ALA K 347 -15.89 64.60 54.01
CA ALA K 347 -16.49 64.65 52.68
C ALA K 347 -17.60 63.63 52.53
N ILE K 348 -17.38 62.41 53.03
CA ILE K 348 -18.43 61.40 53.00
C ILE K 348 -19.46 61.61 54.10
N GLY K 349 -19.11 62.35 55.15
CA GLY K 349 -20.02 62.68 56.22
C GLY K 349 -20.82 63.93 56.01
N ASP K 350 -20.66 64.60 54.88
CA ASP K 350 -21.45 65.77 54.52
C ASP K 350 -22.52 65.46 53.49
N ALA K 351 -22.17 64.71 52.44
CA ALA K 351 -23.18 64.30 51.47
C ALA K 351 -24.21 63.39 52.11
N VAL K 352 -23.78 62.45 52.95
CA VAL K 352 -24.71 61.55 53.62
C VAL K 352 -25.57 62.33 54.61
N ARG K 353 -24.96 63.25 55.37
CA ARG K 353 -25.70 63.98 56.39
C ARG K 353 -26.78 64.86 55.79
N GLU K 354 -26.44 65.65 54.78
CA GLU K 354 -27.39 66.60 54.22
C GLU K 354 -28.27 65.94 53.16
N GLY K 355 -27.69 65.02 52.38
CA GLY K 355 -28.47 64.36 51.34
C GLY K 355 -29.61 63.53 51.92
N LEU K 356 -29.37 62.87 53.05
CA LEU K 356 -30.41 62.10 53.72
C LEU K 356 -31.20 62.93 54.73
N ASN K 357 -30.81 64.18 54.95
CA ASN K 357 -31.48 65.06 55.91
C ASN K 357 -31.52 64.42 57.30
N LEU K 358 -30.38 63.89 57.73
CA LEU K 358 -30.27 63.23 59.02
C LEU K 358 -29.57 64.14 60.03
N ARG K 359 -29.73 63.81 61.31
CA ARG K 359 -29.13 64.58 62.37
C ARG K 359 -27.62 64.43 62.35
N GLU K 360 -26.93 65.40 62.96
CA GLU K 360 -25.47 65.43 62.90
C GLU K 360 -24.85 64.22 63.57
N GLY K 361 -25.33 63.84 64.75
CA GLY K 361 -24.68 62.84 65.57
C GLY K 361 -25.55 61.63 65.84
N SER K 362 -24.89 60.50 66.09
CA SER K 362 -25.50 59.27 66.62
C SER K 362 -26.36 58.55 65.60
N ASP K 363 -26.59 59.15 64.45
CA ASP K 363 -27.39 58.48 63.43
C ASP K 363 -26.73 58.46 62.06
N ALA K 364 -26.05 59.54 61.68
CA ALA K 364 -25.39 59.57 60.37
C ALA K 364 -24.13 58.73 60.37
N ASP K 365 -23.50 58.55 61.55
CA ASP K 365 -22.26 57.79 61.61
C ASP K 365 -22.45 56.35 61.18
N MET K 366 -23.65 55.79 61.39
CA MET K 366 -23.90 54.40 61.02
C MET K 366 -23.78 54.20 59.52
N TYR K 367 -24.31 55.14 58.73
CA TYR K 367 -24.25 55.01 57.28
C TYR K 367 -22.82 55.14 56.76
N VAL K 368 -22.10 56.18 57.20
CA VAL K 368 -20.75 56.39 56.69
C VAL K 368 -19.81 55.28 57.14
N ASN K 369 -20.01 54.75 58.35
CA ASN K 369 -19.20 53.62 58.80
C ASN K 369 -19.40 52.41 57.89
N GLU K 370 -20.65 52.15 57.50
CA GLU K 370 -20.89 51.08 56.54
C GLU K 370 -20.46 51.49 55.14
N LEU K 371 -20.65 52.76 54.78
CA LEU K 371 -20.29 53.24 53.45
C LEU K 371 -18.79 53.19 53.20
N LEU K 372 -17.98 53.20 54.26
CA LEU K 372 -16.54 53.08 54.10
C LEU K 372 -16.09 51.64 53.92
N LYS K 373 -16.95 50.67 54.16
CA LYS K 373 -16.61 49.27 53.91
C LYS K 373 -16.58 48.93 52.43
N GLN K 374 -17.18 49.75 51.59
CA GLN K 374 -17.18 49.50 50.16
C GLN K 374 -15.76 49.57 49.61
N PRO K 375 -15.45 48.80 48.57
CA PRO K 375 -14.12 48.90 47.96
C PRO K 375 -13.87 50.28 47.41
N VAL K 376 -12.61 50.72 47.47
CA VAL K 376 -12.24 52.05 47.03
C VAL K 376 -12.56 52.26 45.55
N ARG K 377 -12.78 51.17 44.80
CA ARG K 377 -13.16 51.29 43.40
C ARG K 377 -14.58 51.85 43.25
N LEU K 378 -15.46 51.60 44.21
CA LEU K 378 -16.87 51.94 44.06
C LEU K 378 -17.19 53.31 44.64
N LEU K 379 -16.94 53.51 45.93
CA LEU K 379 -17.38 54.73 46.60
C LEU K 379 -16.70 55.97 46.04
N MET K 380 -15.49 55.82 45.51
CA MET K 380 -14.79 56.97 44.93
C MET K 380 -15.53 57.49 43.72
N GLN K 381 -16.04 56.60 42.87
CA GLN K 381 -16.84 57.03 41.73
C GLN K 381 -18.16 57.65 42.18
N VAL K 382 -18.73 57.14 43.28
CA VAL K 382 -19.95 57.73 43.83
C VAL K 382 -19.71 59.19 44.21
N LEU K 383 -18.57 59.47 44.85
CA LEU K 383 -18.26 60.84 45.23
C LEU K 383 -18.09 61.73 44.01
N GLN K 384 -17.41 61.24 42.97
CA GLN K 384 -17.14 62.07 41.81
C GLN K 384 -18.43 62.49 41.12
N ASP K 385 -19.30 61.52 40.83
CA ASP K 385 -20.55 61.85 40.15
C ASP K 385 -21.46 62.70 41.02
N PHE K 386 -21.41 62.50 42.34
CA PHE K 386 -22.23 63.33 43.24
C PHE K 386 -21.81 64.79 43.16
N TYR K 387 -20.50 65.05 43.26
CA TYR K 387 -20.04 66.44 43.26
C TYR K 387 -20.09 67.04 41.86
N THR K 388 -19.90 66.23 40.82
CA THR K 388 -19.97 66.75 39.45
C THR K 388 -21.36 67.29 39.14
N LYS K 389 -22.40 66.53 39.50
CA LYS K 389 -23.76 67.03 39.33
C LYS K 389 -24.03 68.22 40.25
N LYS K 390 -23.53 68.15 41.49
CA LYS K 390 -23.75 69.24 42.43
C LYS K 390 -23.04 70.52 42.00
N TYR K 391 -21.79 70.40 41.53
CA TYR K 391 -21.05 71.58 41.10
C TYR K 391 -21.64 72.18 39.84
N HIS K 392 -22.04 71.33 38.89
CA HIS K 392 -22.59 71.83 37.62
C HIS K 392 -23.95 72.50 37.83
N ALA K 393 -24.75 72.01 38.78
CA ALA K 393 -26.05 72.59 39.03
C ALA K 393 -25.97 74.00 39.60
N THR K 394 -24.82 74.40 40.13
CA THR K 394 -24.65 75.74 40.67
C THR K 394 -24.62 76.79 39.56
N SER K 412 -33.09 70.07 46.47
CA SER K 412 -32.97 69.15 45.36
C SER K 412 -31.74 68.26 45.52
N VAL K 413 -30.98 68.52 46.58
CA VAL K 413 -29.77 67.72 46.84
C VAL K 413 -30.09 66.25 47.04
N PRO K 414 -31.12 65.85 47.81
CA PRO K 414 -31.40 64.41 47.94
C PRO K 414 -31.70 63.73 46.61
N ASN K 415 -32.20 64.47 45.62
CA ASN K 415 -32.36 63.90 44.29
C ASN K 415 -31.01 63.57 43.68
N LEU K 416 -30.01 64.40 43.92
CA LEU K 416 -28.67 64.13 43.40
C LEU K 416 -28.07 62.88 44.02
N LEU K 417 -28.31 62.67 45.32
CA LEU K 417 -27.72 61.52 46.00
C LEU K 417 -28.23 60.20 45.42
N ARG K 418 -29.53 60.10 45.16
CA ARG K 418 -30.07 58.88 44.59
C ARG K 418 -29.48 58.61 43.20
N ASN K 419 -29.40 59.64 42.37
CA ASN K 419 -28.82 59.47 41.04
C ASN K 419 -27.36 59.01 41.13
N ALA K 420 -26.61 59.58 42.07
CA ALA K 420 -25.25 59.10 42.31
C ALA K 420 -25.25 57.65 42.79
N LEU K 421 -26.16 57.31 43.71
CA LEU K 421 -26.23 55.96 44.23
C LEU K 421 -26.88 54.98 43.25
N TYR K 422 -27.65 55.47 42.28
CA TYR K 422 -28.39 54.57 41.40
C TYR K 422 -27.47 53.77 40.49
N GLY K 423 -26.68 54.47 39.66
CA GLY K 423 -25.84 53.79 38.69
C GLY K 423 -24.71 52.98 39.28
N SER K 424 -24.44 53.12 40.58
CA SER K 424 -23.37 52.39 41.23
C SER K 424 -23.86 51.06 41.82
N MET K 425 -24.91 51.10 42.64
CA MET K 425 -25.45 49.92 43.29
C MET K 425 -26.64 49.33 42.55
N LEU K 426 -26.68 49.48 41.22
CA LEU K 426 -27.82 48.96 40.46
C LEU K 426 -27.88 47.44 40.49
N SER K 427 -26.74 46.77 40.65
CA SER K 427 -26.74 45.32 40.70
C SER K 427 -27.52 44.79 41.89
N SER K 428 -27.36 45.42 43.05
CA SER K 428 -28.06 44.97 44.25
C SER K 428 -29.53 45.33 44.19
N ILE K 429 -29.86 46.50 43.63
CA ILE K 429 -31.27 46.92 43.53
C ILE K 429 -32.03 45.96 42.63
N TYR K 430 -31.44 45.58 41.49
CA TYR K 430 -32.09 44.61 40.61
C TYR K 430 -32.25 43.26 41.28
N ARG K 431 -31.23 42.83 42.02
CA ARG K 431 -31.26 41.50 42.65
C ARG K 431 -32.25 41.46 43.81
N ALA K 432 -32.45 42.58 44.51
CA ALA K 432 -33.29 42.60 45.69
C ALA K 432 -34.78 42.64 45.37
N GLY K 433 -35.16 42.75 44.11
CA GLY K 433 -36.57 42.81 43.75
C GLY K 433 -37.20 44.17 43.87
N LEU K 434 -36.41 45.22 44.01
CA LEU K 434 -36.93 46.58 44.13
C LEU K 434 -37.20 47.17 42.75
N ASN K 435 -37.61 48.43 42.72
CA ASN K 435 -37.84 49.13 41.47
C ASN K 435 -36.50 49.61 40.91
N TYR K 436 -36.11 49.08 39.76
CA TYR K 436 -34.78 49.30 39.21
C TYR K 436 -34.75 50.18 37.97
N GLU K 437 -35.90 50.58 37.44
CA GLU K 437 -35.91 51.53 36.32
C GLU K 437 -35.35 52.87 36.79
N GLN K 438 -34.62 53.52 35.89
CA GLN K 438 -33.86 54.72 36.29
C GLN K 438 -34.76 55.84 36.76
N HIS K 439 -35.86 56.08 36.05
CA HIS K 439 -36.75 57.19 36.36
C HIS K 439 -38.14 56.66 36.70
N ARG K 440 -39.08 57.59 36.81
CA ARG K 440 -40.46 57.29 37.18
C ARG K 440 -40.55 56.60 38.54
N PHE K 441 -39.99 57.27 39.55
CA PHE K 441 -40.23 56.96 40.95
C PHE K 441 -41.25 57.94 41.51
N GLY K 442 -42.29 57.40 42.16
CA GLY K 442 -43.36 58.22 42.68
C GLY K 442 -43.69 57.83 44.11
N MET K 443 -44.61 58.60 44.71
CA MET K 443 -45.17 58.23 46.00
C MET K 443 -45.85 56.87 45.96
N ASP K 444 -46.46 56.53 44.82
CA ASP K 444 -47.16 55.25 44.73
C ASP K 444 -46.19 54.07 44.82
N SER K 445 -45.07 54.15 44.09
CA SER K 445 -44.16 53.01 44.00
C SER K 445 -43.34 52.83 45.28
N LEU K 446 -43.00 53.95 45.94
CA LEU K 446 -42.06 53.88 47.06
C LEU K 446 -42.60 53.02 48.20
N CYS K 447 -43.90 53.13 48.47
CA CYS K 447 -44.51 52.34 49.53
C CYS K 447 -44.38 50.84 49.24
N LYS K 448 -44.50 50.46 47.98
CA LYS K 448 -44.36 49.05 47.61
C LYS K 448 -42.94 48.56 47.84
N ASP K 449 -41.93 49.39 47.53
CA ASP K 449 -40.55 48.97 47.68
C ASP K 449 -40.19 48.72 49.14
N ILE K 450 -40.68 49.56 50.04
CA ILE K 450 -40.38 49.37 51.46
C ILE K 450 -40.95 48.06 51.97
N PHE K 451 -42.19 47.74 51.59
CA PHE K 451 -42.80 46.50 52.07
C PHE K 451 -42.07 45.28 51.52
N THR K 452 -41.66 45.32 50.25
CA THR K 452 -40.96 44.18 49.68
C THR K 452 -39.52 44.09 50.16
N TYR K 453 -39.00 45.14 50.79
CA TYR K 453 -37.67 45.08 51.40
C TYR K 453 -37.76 44.58 52.84
N VAL K 454 -38.81 44.96 53.56
CA VAL K 454 -38.98 44.52 54.94
C VAL K 454 -39.19 43.01 55.00
N LYS K 455 -39.95 42.46 54.05
CA LYS K 455 -40.22 41.03 54.07
C LYS K 455 -38.94 40.22 53.94
N GLN K 456 -38.04 40.62 53.04
CA GLN K 456 -36.77 39.92 52.90
C GLN K 456 -35.91 40.08 54.15
N ASP K 457 -35.92 41.27 54.75
CA ASP K 457 -35.19 41.47 56.00
C ASP K 457 -35.78 40.65 57.14
N ARG K 458 -37.07 40.30 57.06
CA ARG K 458 -37.74 39.47 58.05
C ARG K 458 -37.74 40.09 59.44
N ASP K 459 -37.66 41.42 59.50
CA ASP K 459 -37.69 42.15 60.77
C ASP K 459 -38.77 43.23 60.64
N PHE K 460 -39.94 42.97 61.20
CA PHE K 460 -41.09 43.86 61.11
C PHE K 460 -41.04 45.00 62.12
N ASN K 461 -39.90 45.24 62.75
CA ASN K 461 -39.76 46.33 63.70
C ASN K 461 -38.72 47.37 63.32
N THR K 462 -37.61 46.96 62.72
CA THR K 462 -36.61 47.90 62.23
C THR K 462 -36.82 48.31 60.79
N GLY K 463 -37.83 47.76 60.13
CA GLY K 463 -38.10 48.05 58.73
C GLY K 463 -38.27 49.52 58.43
N PHE K 464 -39.30 50.14 59.00
CA PHE K 464 -39.55 51.55 58.75
C PHE K 464 -38.43 52.43 59.30
N TYR K 465 -37.68 51.95 60.29
CA TYR K 465 -36.52 52.70 60.76
C TYR K 465 -35.47 52.82 59.66
N LEU K 466 -35.32 51.77 58.86
CA LEU K 466 -34.50 51.78 57.65
C LEU K 466 -33.02 52.05 57.97
N ARG K 467 -32.46 51.16 58.79
CA ARG K 467 -31.04 51.09 59.10
C ARG K 467 -30.40 49.98 58.28
N PRO K 468 -29.07 50.01 58.07
CA PRO K 468 -28.44 48.96 57.26
C PRO K 468 -28.67 47.58 57.86
N GLN K 469 -28.15 47.35 59.07
CA GLN K 469 -28.58 46.30 59.99
C GLN K 469 -29.01 45.02 59.27
N SER K 470 -28.08 44.44 58.52
CA SER K 470 -28.38 43.23 57.77
C SER K 470 -27.12 42.41 57.57
N GLU K 471 -27.32 41.14 57.23
CA GLU K 471 -26.25 40.19 56.99
C GLU K 471 -26.24 39.74 55.54
N SER K 472 -26.48 40.67 54.62
CA SER K 472 -26.46 40.37 53.19
C SER K 472 -26.08 41.66 52.47
N GLU K 473 -24.98 41.63 51.71
CA GLU K 473 -24.50 42.84 51.07
C GLU K 473 -25.50 43.39 50.05
N ALA K 474 -26.37 42.55 49.50
CA ALA K 474 -27.43 43.05 48.65
C ALA K 474 -28.44 43.87 49.46
N LEU K 475 -28.91 43.32 50.58
CA LEU K 475 -29.86 44.04 51.40
C LEU K 475 -29.23 45.25 52.08
N ARG K 476 -27.97 45.12 52.50
CA ARG K 476 -27.30 46.23 53.16
C ARG K 476 -27.09 47.41 52.21
N ASN K 477 -26.72 47.13 50.95
CA ASN K 477 -26.44 48.20 50.02
C ASN K 477 -27.69 48.97 49.62
N CYS K 478 -28.84 48.29 49.53
CA CYS K 478 -30.07 48.96 49.14
C CYS K 478 -30.74 49.70 50.29
N SER K 479 -30.30 49.46 51.54
CA SER K 479 -30.92 50.12 52.68
C SER K 479 -30.74 51.63 52.61
N ILE K 480 -29.54 52.09 52.26
CA ILE K 480 -29.31 53.52 52.11
C ILE K 480 -30.08 54.08 50.93
N TYR K 481 -30.26 53.28 49.87
CA TYR K 481 -30.97 53.74 48.69
C TYR K 481 -32.41 54.09 49.02
N LEU K 482 -33.08 53.27 49.81
CA LEU K 482 -34.47 53.55 50.17
C LEU K 482 -34.57 54.83 50.99
N ALA K 483 -33.63 55.06 51.90
CA ALA K 483 -33.66 56.27 52.72
C ALA K 483 -33.41 57.52 51.90
N SER K 484 -32.74 57.40 50.75
CA SER K 484 -32.58 58.56 49.87
C SER K 484 -33.89 58.88 49.15
N GLN K 485 -34.63 57.85 48.74
CA GLN K 485 -35.91 58.08 48.07
C GLN K 485 -36.92 58.72 49.02
N VAL K 486 -36.97 58.25 50.26
CA VAL K 486 -37.93 58.80 51.22
C VAL K 486 -37.65 60.28 51.48
N SER K 487 -36.37 60.63 51.64
CA SER K 487 -36.02 62.02 51.89
C SER K 487 -36.28 62.89 50.68
N GLU K 488 -35.99 62.38 49.48
CA GLU K 488 -36.12 63.20 48.27
C GLU K 488 -37.56 63.37 47.83
N ASN K 489 -38.43 62.39 48.11
CA ASN K 489 -39.81 62.48 47.63
C ASN K 489 -40.68 63.27 48.60
N CYS K 490 -40.67 62.91 49.87
CA CYS K 490 -41.54 63.54 50.87
C CYS K 490 -40.86 64.73 51.53
N GLN K 491 -40.36 65.64 50.72
CA GLN K 491 -39.74 66.88 51.18
C GLN K 491 -40.51 68.05 50.61
N GLY K 492 -40.91 68.98 51.47
CA GLY K 492 -41.62 70.17 51.04
C GLY K 492 -43.11 69.99 50.83
N SER K 493 -43.66 68.82 51.13
CA SER K 493 -45.09 68.56 50.93
C SER K 493 -45.60 67.74 52.10
N LEU K 494 -46.49 68.32 52.90
CA LEU K 494 -47.06 67.59 54.03
C LEU K 494 -47.96 66.45 53.57
N SER K 495 -48.53 66.57 52.36
CA SER K 495 -49.42 65.53 51.87
C SER K 495 -48.70 64.20 51.68
N LYS K 496 -47.49 64.24 51.09
CA LYS K 496 -46.73 63.02 50.89
C LYS K 496 -46.12 62.53 52.21
N PHE K 497 -45.64 63.46 53.03
CA PHE K 497 -45.08 63.08 54.33
C PHE K 497 -46.11 62.35 55.18
N LEU K 498 -47.29 62.94 55.34
CA LEU K 498 -48.32 62.32 56.15
C LEU K 498 -48.80 61.01 55.54
N GLN K 499 -48.57 60.81 54.24
CA GLN K 499 -48.95 59.55 53.60
C GLN K 499 -48.00 58.42 53.99
N MET K 500 -46.70 58.70 54.05
CA MET K 500 -45.76 57.70 54.58
C MET K 500 -46.08 57.36 56.03
N LEU K 501 -46.40 58.36 56.84
CA LEU K 501 -46.63 58.13 58.27
C LEU K 501 -47.81 57.20 58.49
N LEU K 502 -48.69 57.05 57.50
CA LEU K 502 -49.88 56.21 57.63
C LEU K 502 -49.86 54.98 56.74
N VAL K 503 -49.22 55.05 55.57
CA VAL K 503 -49.22 53.96 54.60
C VAL K 503 -47.83 53.33 54.49
N GLY K 504 -46.79 54.15 54.39
CA GLY K 504 -45.44 53.61 54.24
C GLY K 504 -45.00 52.80 55.44
N CYS K 505 -45.29 53.29 56.64
CA CYS K 505 -44.93 52.60 57.88
C CYS K 505 -46.12 51.94 58.57
N GLY K 506 -47.32 52.51 58.41
CA GLY K 506 -48.47 51.95 59.09
C GLY K 506 -48.83 50.56 58.61
N SER K 507 -48.65 50.29 57.31
CA SER K 507 -49.02 49.00 56.77
C SER K 507 -48.22 47.85 57.36
N VAL K 508 -47.05 48.14 57.93
CA VAL K 508 -46.23 47.07 58.51
C VAL K 508 -46.67 46.77 59.93
N SER K 509 -46.81 47.81 60.76
CA SER K 509 -47.16 47.60 62.17
C SER K 509 -48.53 46.97 62.31
N ILE K 510 -49.50 47.38 61.49
CA ILE K 510 -50.82 46.78 61.52
C ILE K 510 -50.75 45.31 61.14
N PHE K 511 -49.97 44.99 60.10
CA PHE K 511 -49.86 43.61 59.65
C PHE K 511 -49.22 42.72 60.71
N ASN K 512 -48.19 43.23 61.38
CA ASN K 512 -47.45 42.40 62.33
C ASN K 512 -48.32 41.99 63.52
N GLN K 513 -49.00 42.97 64.14
CA GLN K 513 -49.73 42.68 65.37
C GLN K 513 -51.01 41.90 65.09
N PHE K 514 -51.65 42.12 63.95
CA PHE K 514 -53.01 41.63 63.71
C PHE K 514 -53.10 40.45 62.77
N VAL K 515 -52.15 40.28 61.84
CA VAL K 515 -52.27 39.29 60.80
C VAL K 515 -51.24 38.17 60.91
N THR K 516 -50.05 38.44 61.46
CA THR K 516 -48.98 37.45 61.45
C THR K 516 -49.36 36.21 62.25
N GLU K 517 -50.03 36.39 63.39
CA GLU K 517 -50.35 35.24 64.24
C GLU K 517 -51.31 34.26 63.58
N LEU K 518 -51.96 34.67 62.48
CA LEU K 518 -52.86 33.76 61.79
C LEU K 518 -52.11 32.54 61.26
N ALA K 519 -50.94 32.75 60.67
CA ALA K 519 -50.11 31.66 60.17
C ALA K 519 -48.66 32.06 60.37
N ARG K 520 -47.95 31.33 61.22
CA ARG K 520 -46.56 31.66 61.52
C ARG K 520 -45.67 31.34 60.33
N ALA K 521 -44.45 31.90 60.37
CA ALA K 521 -43.55 31.80 59.23
C ALA K 521 -43.00 30.38 59.07
N GLU K 522 -42.33 29.88 60.11
CA GLU K 522 -41.66 28.58 60.01
C GLU K 522 -42.65 27.43 59.90
N ASN K 523 -43.92 27.63 60.27
CA ASN K 523 -44.91 26.58 60.09
C ASN K 523 -45.12 26.27 58.61
N ASP K 524 -45.18 27.30 57.78
CA ASP K 524 -45.33 27.14 56.34
C ASP K 524 -44.77 28.38 55.67
N ARG K 525 -43.73 28.20 54.84
CA ARG K 525 -43.15 29.31 54.10
C ARG K 525 -43.90 29.63 52.81
N GLU K 526 -44.89 28.82 52.44
CA GLU K 526 -45.73 29.10 51.29
C GLU K 526 -47.08 29.70 51.68
N LYS K 527 -47.57 29.41 52.87
CA LYS K 527 -48.80 30.04 53.36
C LYS K 527 -48.53 31.47 53.81
N PHE K 528 -47.37 31.71 54.43
CA PHE K 528 -47.03 33.05 54.89
C PHE K 528 -46.90 34.02 53.71
N GLU K 529 -46.17 33.62 52.67
CA GLU K 529 -46.01 34.48 51.51
C GLU K 529 -47.33 34.72 50.80
N GLN K 530 -48.16 33.68 50.68
CA GLN K 530 -49.45 33.83 50.02
C GLN K 530 -50.33 34.83 50.75
N LEU K 531 -50.24 34.87 52.08
CA LEU K 531 -50.99 35.86 52.84
C LEU K 531 -50.56 37.28 52.48
N ILE K 532 -49.26 37.48 52.26
CA ILE K 532 -48.76 38.80 51.88
C ILE K 532 -49.34 39.21 50.52
N SER K 533 -49.49 38.23 49.62
CA SER K 533 -50.08 38.52 48.32
C SER K 533 -51.52 39.00 48.44
N GLU K 534 -52.29 38.39 49.35
CA GLU K 534 -53.67 38.82 49.55
C GLU K 534 -53.73 40.14 50.32
N TYR K 535 -52.83 40.33 51.28
CA TYR K 535 -52.87 41.52 52.13
C TYR K 535 -52.63 42.78 51.32
N VAL K 536 -51.66 42.75 50.40
CA VAL K 536 -51.34 43.96 49.63
C VAL K 536 -52.49 44.33 48.71
N ALA K 537 -53.20 43.33 48.17
CA ALA K 537 -54.33 43.61 47.29
C ALA K 537 -55.50 44.21 48.07
N TYR K 538 -55.83 43.62 49.22
CA TYR K 538 -56.98 44.09 49.99
C TYR K 538 -56.75 45.50 50.52
N MET K 539 -55.57 45.75 51.09
CA MET K 539 -55.28 47.08 51.62
C MET K 539 -54.86 48.06 50.55
N SER K 540 -54.67 47.60 49.32
CA SER K 540 -54.32 48.45 48.18
C SER K 540 -53.02 49.21 48.43
N VAL K 541 -52.06 48.55 49.06
CA VAL K 541 -50.73 49.15 49.23
C VAL K 541 -49.88 48.82 48.02
N GLY K 542 -49.19 49.84 47.50
CA GLY K 542 -48.50 49.74 46.24
C GLY K 542 -49.31 50.26 45.06
N ARG K 543 -50.60 50.51 45.26
CA ARG K 543 -51.46 51.12 44.25
C ARG K 543 -52.47 52.07 44.88
N ILE K 544 -52.08 52.74 45.96
CA ILE K 544 -53.01 53.59 46.70
C ILE K 544 -53.49 54.74 45.83
N GLU K 545 -54.69 55.22 46.12
CA GLU K 545 -55.27 56.37 45.44
C GLU K 545 -55.63 57.52 46.35
N SER K 546 -55.89 57.24 47.63
CA SER K 546 -56.27 58.27 48.58
C SER K 546 -55.98 57.78 49.99
N ALA K 547 -55.41 58.66 50.82
CA ALA K 547 -55.11 58.28 52.19
C ALA K 547 -56.37 57.97 52.98
N SER K 548 -57.47 58.67 52.69
CA SER K 548 -58.72 58.44 53.41
C SER K 548 -59.23 57.03 53.18
N HIS K 549 -59.13 56.53 51.94
CA HIS K 549 -59.58 55.17 51.66
C HIS K 549 -58.77 54.15 52.43
N TRP K 550 -57.46 54.37 52.55
CA TRP K 550 -56.63 53.47 53.35
C TRP K 550 -57.07 53.48 54.80
N ALA K 551 -57.35 54.67 55.35
CA ALA K 551 -57.79 54.77 56.74
C ALA K 551 -59.11 54.05 56.95
N ASN K 552 -59.96 54.04 55.92
CA ASN K 552 -61.20 53.25 56.01
C ASN K 552 -60.91 51.76 56.03
N ARG K 553 -59.86 51.32 55.32
CA ARG K 553 -59.56 49.90 55.24
C ARG K 553 -58.95 49.38 56.55
N CYS K 554 -58.05 50.16 57.15
CA CYS K 554 -57.38 49.70 58.36
C CYS K 554 -58.38 49.54 59.51
N CYS K 555 -59.49 50.28 59.47
CA CYS K 555 -60.52 50.09 60.47
C CYS K 555 -61.10 48.68 60.39
N ALA K 556 -61.36 48.19 59.18
CA ALA K 556 -61.97 46.87 59.02
C ALA K 556 -61.05 45.76 59.51
N VAL K 557 -59.76 45.84 59.16
CA VAL K 557 -58.85 44.74 59.48
C VAL K 557 -58.64 44.61 60.98
N VAL K 558 -58.75 45.71 61.72
CA VAL K 558 -58.55 45.67 63.17
C VAL K 558 -59.62 44.81 63.83
N ALA K 559 -60.86 44.93 63.38
CA ALA K 559 -62.00 44.28 64.04
C ALA K 559 -62.01 42.77 63.86
N ASN K 560 -61.16 42.20 63.00
CA ASN K 560 -61.18 40.75 62.76
C ASN K 560 -60.76 39.94 63.98
N SER K 561 -60.10 40.56 64.96
CA SER K 561 -59.64 39.86 66.16
C SER K 561 -60.13 40.61 67.39
N PRO K 562 -61.40 40.44 67.75
CA PRO K 562 -61.92 41.11 68.95
C PRO K 562 -61.23 40.60 70.21
N ASN K 563 -61.03 41.50 71.16
CA ASN K 563 -60.43 41.13 72.43
C ASN K 563 -61.34 40.20 73.21
N ASP K 564 -60.73 39.38 74.08
CA ASP K 564 -61.50 38.39 74.83
C ASP K 564 -62.56 39.04 75.70
N GLU K 565 -62.32 40.28 76.15
CA GLU K 565 -63.31 40.99 76.96
C GLU K 565 -64.57 41.33 76.18
N LYS K 566 -64.52 41.31 74.84
CA LYS K 566 -65.65 41.61 73.98
C LYS K 566 -66.22 43.00 74.29
N ILE K 567 -65.38 44.01 74.04
CA ILE K 567 -65.74 45.40 74.22
C ILE K 567 -65.56 46.11 72.89
N GLY K 568 -66.31 47.20 72.71
CA GLY K 568 -66.26 47.95 71.47
C GLY K 568 -65.10 48.91 71.32
N VAL K 569 -64.23 48.98 72.32
CA VAL K 569 -63.03 49.82 72.25
C VAL K 569 -61.89 49.01 71.65
N PHE K 570 -61.06 49.66 70.85
CA PHE K 570 -59.99 48.99 70.13
C PHE K 570 -58.76 49.88 70.16
N LEU K 571 -57.79 49.55 69.30
CA LEU K 571 -56.48 50.23 69.31
C LEU K 571 -56.63 51.74 69.23
N GLY K 572 -57.21 52.24 68.14
CA GLY K 572 -57.39 53.67 67.99
C GLY K 572 -58.81 54.04 67.63
N MET K 573 -59.73 53.11 67.88
CA MET K 573 -61.12 53.29 67.47
C MET K 573 -62.04 52.79 68.57
N VAL K 574 -63.25 53.35 68.60
CA VAL K 574 -64.33 52.84 69.45
C VAL K 574 -65.56 52.65 68.58
N GLN K 575 -66.25 51.53 68.76
CA GLN K 575 -67.38 51.18 67.92
C GLN K 575 -68.66 51.70 68.55
N LEU K 576 -69.24 52.74 67.97
CA LEU K 576 -70.54 53.22 68.41
C LEU K 576 -71.64 52.23 68.04
N ASN K 577 -72.78 52.36 68.70
CA ASN K 577 -73.90 51.47 68.47
C ASN K 577 -74.84 52.12 67.45
N ARG K 578 -75.04 51.44 66.32
CA ARG K 578 -75.87 51.98 65.26
C ARG K 578 -77.35 51.93 65.60
N LYS K 579 -77.79 50.91 66.34
CA LYS K 579 -79.17 50.73 66.71
C LYS K 579 -79.32 50.94 68.21
N SER K 580 -80.34 51.71 68.60
CA SER K 580 -80.57 51.99 70.02
C SER K 580 -80.91 50.71 70.77
N ARG K 581 -80.35 50.57 71.97
CA ARG K 581 -80.60 49.41 72.80
C ARG K 581 -81.88 49.60 73.60
N GLN K 582 -82.19 48.60 74.43
CA GLN K 582 -83.47 48.60 75.15
C GLN K 582 -83.43 49.51 76.38
N HIS K 583 -82.55 49.20 77.34
CA HIS K 583 -82.53 49.89 78.62
C HIS K 583 -81.16 50.53 78.83
N MET K 584 -81.13 51.86 78.89
CA MET K 584 -79.91 52.59 79.18
C MET K 584 -79.94 53.05 80.63
N PRO K 585 -79.07 52.55 81.50
CA PRO K 585 -79.10 52.99 82.90
C PRO K 585 -78.87 54.48 83.07
N GLY K 586 -78.10 55.10 82.18
CA GLY K 586 -77.88 56.53 82.21
C GLY K 586 -78.56 57.24 81.05
N GLY K 587 -78.20 58.51 80.90
CA GLY K 587 -78.75 59.32 79.82
C GLY K 587 -78.07 59.08 78.50
N TYR K 588 -78.02 57.83 78.06
CA TYR K 588 -77.36 57.45 76.82
C TYR K 588 -78.40 57.22 75.72
N LYS K 589 -77.92 57.29 74.48
CA LYS K 589 -78.80 57.22 73.31
C LYS K 589 -77.97 56.83 72.11
N LYS K 590 -78.63 56.74 70.95
CA LYS K 590 -77.95 56.47 69.70
C LYS K 590 -77.15 57.70 69.27
N PHE K 591 -76.24 57.48 68.31
CA PHE K 591 -75.26 58.52 67.97
C PHE K 591 -75.91 59.76 67.40
N ASN K 592 -76.76 59.59 66.37
CA ASN K 592 -77.50 60.70 65.76
C ASN K 592 -76.55 61.76 65.20
N ILE K 593 -75.90 61.38 64.10
CA ILE K 593 -74.87 62.19 63.44
C ILE K 593 -75.29 63.65 63.23
N ASP K 594 -76.57 63.90 62.98
CA ASP K 594 -77.02 65.25 62.65
C ASP K 594 -77.12 66.18 63.85
N THR K 595 -76.91 65.66 65.07
CA THR K 595 -77.11 66.49 66.26
C THR K 595 -76.11 67.65 66.34
N GLU K 596 -74.89 67.44 65.86
CA GLU K 596 -73.82 68.41 66.04
C GLU K 596 -74.03 69.63 65.13
N ASN K 597 -73.07 70.53 65.13
CA ASN K 597 -73.13 71.78 64.36
C ASN K 597 -72.17 71.69 63.18
N GLY K 598 -72.23 72.71 62.32
CA GLY K 598 -71.46 72.76 61.09
C GLY K 598 -70.01 72.34 61.17
N LEU K 599 -69.19 73.11 61.91
CA LEU K 599 -67.79 72.73 62.08
C LEU K 599 -67.68 71.42 62.84
N ALA K 600 -68.55 71.22 63.84
CA ALA K 600 -68.55 69.96 64.57
C ALA K 600 -68.89 68.79 63.64
N LYS K 601 -69.86 68.98 62.75
CA LYS K 601 -70.24 67.92 61.82
C LYS K 601 -69.13 67.65 60.81
N ALA K 602 -68.39 68.69 60.42
CA ALA K 602 -67.35 68.52 59.41
C ALA K 602 -66.27 67.54 59.89
N ALA K 603 -65.83 67.71 61.13
CA ALA K 603 -64.83 66.78 61.67
C ALA K 603 -65.43 65.42 61.96
N MET K 604 -66.64 65.39 62.53
CA MET K 604 -67.24 64.12 62.91
C MET K 604 -67.56 63.25 61.69
N ALA K 605 -68.08 63.87 60.62
CA ALA K 605 -68.47 63.10 59.44
C ALA K 605 -67.28 62.34 58.85
N SER K 606 -66.10 62.98 58.85
CA SER K 606 -64.90 62.30 58.39
C SER K 606 -64.56 61.09 59.25
N SER K 607 -64.72 61.23 60.57
CA SER K 607 -64.36 60.15 61.48
C SER K 607 -65.23 58.91 61.25
N LEU K 608 -66.52 59.11 61.02
CA LEU K 608 -67.44 57.98 60.88
C LEU K 608 -67.06 57.11 59.69
N SER K 609 -67.12 55.80 59.90
CA SER K 609 -66.87 54.82 58.84
C SER K 609 -67.70 53.59 59.13
N THR K 610 -67.95 52.81 58.08
CA THR K 610 -68.82 51.64 58.18
C THR K 610 -68.14 50.44 57.54
N VAL K 611 -68.21 49.29 58.21
CA VAL K 611 -67.63 48.04 57.73
C VAL K 611 -68.75 47.03 57.54
N ALA K 612 -68.80 46.44 56.35
CA ALA K 612 -69.86 45.48 56.02
C ALA K 612 -69.47 44.10 56.53
N SER K 613 -70.11 43.67 57.61
CA SER K 613 -69.87 42.37 58.24
C SER K 613 -71.18 41.57 58.22
N ASN K 614 -71.21 40.50 59.02
CA ASN K 614 -72.43 39.74 59.22
C ASN K 614 -73.58 40.67 59.54
N ASN K 615 -73.32 41.67 60.38
CA ASN K 615 -74.23 42.78 60.62
C ASN K 615 -73.44 44.08 60.53
N LEU K 616 -74.07 45.10 59.97
CA LEU K 616 -73.38 46.38 59.78
C LEU K 616 -72.92 46.93 61.12
N MET K 617 -71.65 47.33 61.18
CA MET K 617 -71.08 47.95 62.37
C MET K 617 -70.41 49.26 61.99
N ASP K 618 -70.41 50.19 62.93
CA ASP K 618 -69.85 51.51 62.73
C ASP K 618 -68.56 51.66 63.53
N PHE K 619 -67.67 52.52 63.04
CA PHE K 619 -66.39 52.76 63.69
C PHE K 619 -66.07 54.24 63.64
N CYS K 620 -65.29 54.69 64.63
CA CYS K 620 -64.77 56.05 64.68
C CYS K 620 -63.32 55.97 65.10
N SER K 621 -62.41 56.22 64.16
CA SER K 621 -60.98 56.06 64.39
C SER K 621 -60.26 57.36 64.10
N VAL K 622 -59.14 57.56 64.81
CA VAL K 622 -58.31 58.73 64.57
C VAL K 622 -57.69 58.68 63.19
N PHE K 623 -57.48 57.48 62.63
CA PHE K 623 -56.82 57.35 61.33
C PHE K 623 -57.56 58.14 60.25
N ASN K 624 -58.89 58.18 60.33
CA ASN K 624 -59.67 58.98 59.40
C ASN K 624 -59.33 60.46 59.52
N LEU K 625 -59.11 60.94 60.76
CA LEU K 625 -58.71 62.32 60.94
C LEU K 625 -57.36 62.58 60.27
N ILE K 626 -56.40 61.66 60.42
CA ILE K 626 -55.18 61.75 59.61
C ILE K 626 -55.51 61.65 58.13
N GLY K 627 -56.41 60.73 57.77
CA GLY K 627 -56.83 60.63 56.39
C GLY K 627 -57.51 61.89 55.87
N ALA K 628 -58.27 62.56 56.74
CA ALA K 628 -58.96 63.78 56.32
C ALA K 628 -57.96 64.88 55.99
N ILE K 629 -56.92 65.05 56.82
CA ILE K 629 -55.96 66.14 56.60
C ILE K 629 -55.16 65.89 55.33
N ALA K 630 -54.82 64.64 55.05
CA ALA K 630 -54.00 64.34 53.87
C ALA K 630 -54.72 64.71 52.59
N ASP K 631 -56.02 64.37 52.49
CA ASP K 631 -56.77 64.67 51.28
C ASP K 631 -56.97 66.16 51.10
N ILE K 632 -57.21 66.89 52.19
CA ILE K 632 -57.43 68.33 52.09
C ILE K 632 -56.19 69.03 51.57
N SER K 633 -55.01 68.56 51.97
CA SER K 633 -53.75 69.17 51.55
C SER K 633 -53.59 69.09 50.03
N ALA K 634 -53.62 70.24 49.39
CA ALA K 634 -53.53 70.33 47.93
C ALA K 634 -52.80 71.63 47.59
N CYS K 635 -52.90 72.06 46.33
CA CYS K 635 -52.20 73.26 45.87
C CYS K 635 -53.17 74.20 45.18
N ARG K 636 -52.81 75.48 45.17
CA ARG K 636 -53.50 76.57 44.48
C ARG K 636 -54.81 76.96 45.15
N CYS K 637 -55.22 76.18 46.17
CA CYS K 637 -56.33 76.49 47.06
C CYS K 637 -57.50 77.18 46.35
N GLU K 638 -57.90 76.60 45.22
CA GLU K 638 -59.02 77.15 44.47
C GLU K 638 -60.32 76.98 45.23
N ARG K 639 -61.14 78.04 45.26
CA ARG K 639 -62.35 78.03 46.08
C ARG K 639 -63.30 76.91 45.67
N SER K 640 -63.50 76.73 44.36
CA SER K 640 -64.33 75.62 43.90
C SER K 640 -63.68 74.28 44.23
N ALA K 641 -62.35 74.19 44.12
CA ALA K 641 -61.65 72.96 44.47
C ALA K 641 -61.80 72.65 45.95
N ILE K 642 -61.71 73.66 46.81
CA ILE K 642 -61.84 73.45 48.25
C ILE K 642 -63.22 72.91 48.58
N THR K 643 -64.26 73.51 48.00
CA THR K 643 -65.63 73.08 48.29
C THR K 643 -65.85 71.63 47.84
N ASN K 644 -65.42 71.30 46.62
CA ASN K 644 -65.61 69.95 46.11
C ASN K 644 -64.80 68.94 46.90
N ALA K 645 -63.53 69.27 47.20
CA ALA K 645 -62.70 68.36 47.96
C ALA K 645 -63.25 68.16 49.37
N PHE K 646 -63.69 69.23 50.03
CA PHE K 646 -64.22 69.12 51.38
C PHE K 646 -65.47 68.25 51.40
N ASN K 647 -66.38 68.47 50.44
CA ASN K 647 -67.57 67.65 50.36
C ASN K 647 -67.24 66.18 50.09
N LYS K 648 -66.16 65.93 49.36
CA LYS K 648 -65.69 64.56 49.19
C LYS K 648 -65.16 63.99 50.49
N VAL K 649 -64.52 64.84 51.31
CA VAL K 649 -64.01 64.38 52.61
C VAL K 649 -65.16 63.97 53.52
N ILE K 650 -66.21 64.80 53.58
CA ILE K 650 -67.38 64.48 54.42
C ILE K 650 -68.28 63.61 53.58
N ALA K 651 -67.99 62.31 53.58
CA ALA K 651 -68.75 61.35 52.82
C ALA K 651 -68.81 60.03 53.59
N GLN K 652 -69.78 59.20 53.24
CA GLN K 652 -69.99 57.93 53.90
C GLN K 652 -69.59 56.81 52.94
N THR K 653 -68.61 56.02 53.33
CA THR K 653 -68.11 54.92 52.51
C THR K 653 -68.16 53.62 53.30
N THR K 654 -68.41 52.53 52.59
CA THR K 654 -68.48 51.19 53.17
C THR K 654 -67.32 50.35 52.65
N CYS K 655 -66.75 49.55 53.53
CA CYS K 655 -65.62 48.69 53.19
C CYS K 655 -65.94 47.25 53.55
N ILE K 656 -65.72 46.34 52.60
CA ILE K 656 -65.95 44.92 52.85
C ILE K 656 -64.84 44.37 53.75
N VAL K 657 -65.18 43.36 54.53
CA VAL K 657 -64.23 42.70 55.42
C VAL K 657 -63.17 41.99 54.58
N PRO K 658 -61.98 41.72 55.12
CA PRO K 658 -60.94 41.09 54.31
C PRO K 658 -61.34 39.71 53.88
N PRO K 659 -60.84 39.23 52.73
CA PRO K 659 -61.22 37.89 52.25
C PRO K 659 -60.79 36.77 53.18
N TRP K 660 -59.80 37.00 54.04
CA TRP K 660 -59.37 35.98 55.00
C TRP K 660 -60.19 36.00 56.28
N SER K 661 -61.18 36.86 56.39
CA SER K 661 -62.04 36.89 57.56
C SER K 661 -62.97 35.69 57.58
N GLU K 662 -63.44 35.34 58.77
CA GLU K 662 -64.37 34.23 58.93
C GLU K 662 -65.76 34.54 58.39
N ALA K 663 -66.03 35.81 58.05
CA ALA K 663 -67.34 36.23 57.56
C ALA K 663 -67.18 37.10 56.31
N ALA K 664 -66.35 36.64 55.38
CA ALA K 664 -66.12 37.35 54.13
C ALA K 664 -67.08 36.93 53.03
N VAL K 665 -68.02 36.03 53.31
CA VAL K 665 -68.98 35.57 52.31
C VAL K 665 -70.39 36.04 52.65
N ARG K 666 -70.76 36.05 53.93
CA ARG K 666 -72.10 36.49 54.31
C ARG K 666 -72.31 37.97 54.01
N ALA K 667 -71.30 38.79 54.25
CA ALA K 667 -71.41 40.21 53.95
C ALA K 667 -71.51 40.48 52.45
N GLU K 668 -71.11 39.53 51.62
CA GLU K 668 -71.26 39.68 50.18
C GLU K 668 -72.71 39.47 49.73
N MET K 669 -73.44 38.58 50.40
CA MET K 669 -74.83 38.32 50.04
C MET K 669 -75.72 39.51 50.35
N LYS K 670 -75.61 40.04 51.58
CA LYS K 670 -76.47 41.14 52.00
C LYS K 670 -76.22 42.40 51.19
N GLY K 671 -74.95 42.72 50.93
CA GLY K 671 -74.59 43.88 50.16
C GLY K 671 -74.55 45.15 50.98
N SER K 672 -74.08 46.21 50.34
CA SER K 672 -73.94 47.52 50.99
C SER K 672 -75.28 48.24 51.08
N ASP K 701 -78.44 78.43 57.19
CA ASP K 701 -78.44 77.34 56.22
C ASP K 701 -77.16 76.52 56.33
N ASP K 702 -77.24 75.25 55.89
CA ASP K 702 -76.09 74.37 55.98
C ASP K 702 -74.90 74.89 55.18
N ALA K 703 -75.18 75.51 54.02
CA ALA K 703 -74.11 76.12 53.24
C ALA K 703 -73.44 77.24 54.03
N THR K 704 -74.23 78.05 54.73
CA THR K 704 -73.66 79.09 55.59
C THR K 704 -72.83 78.48 56.70
N GLU K 705 -73.29 77.38 57.28
CA GLU K 705 -72.49 76.68 58.29
C GLU K 705 -71.19 76.17 57.70
N PHE K 706 -71.24 75.57 56.51
CA PHE K 706 -70.03 75.09 55.86
C PHE K 706 -69.20 76.21 55.25
N SER K 707 -69.79 77.38 55.01
CA SER K 707 -69.01 78.53 54.59
C SER K 707 -68.01 78.93 55.68
N ASP K 708 -68.45 78.89 56.93
CA ASP K 708 -67.53 79.11 58.04
C ASP K 708 -66.44 78.05 58.06
N ALA K 709 -66.81 76.79 57.85
CA ALA K 709 -65.82 75.72 57.82
C ALA K 709 -64.84 75.89 56.66
N ILE K 710 -65.35 76.27 55.49
CA ILE K 710 -64.47 76.46 54.33
C ILE K 710 -63.52 77.63 54.55
N THR K 711 -64.03 78.73 55.11
CA THR K 711 -63.17 79.89 55.35
C THR K 711 -62.05 79.56 56.31
N LYS K 712 -62.35 78.79 57.37
CA LYS K 712 -61.29 78.33 58.27
C LYS K 712 -60.29 77.44 57.54
N VAL K 713 -60.79 76.51 56.71
CA VAL K 713 -59.91 75.62 55.97
C VAL K 713 -59.08 76.40 54.96
N GLU K 714 -59.72 77.33 54.24
CA GLU K 714 -58.98 78.13 53.27
C GLU K 714 -57.95 79.02 53.94
N GLN K 715 -58.26 79.59 55.11
CA GLN K 715 -57.28 80.38 55.83
C GLN K 715 -56.11 79.52 56.28
N TRP K 716 -56.38 78.30 56.76
CA TRP K 716 -55.31 77.41 57.17
C TRP K 716 -54.42 77.02 56.00
N LEU K 717 -55.04 76.69 54.85
CA LEU K 717 -54.27 76.27 53.69
C LEU K 717 -53.48 77.42 53.08
N LYS K 718 -53.92 78.66 53.29
CA LYS K 718 -53.13 79.80 52.81
C LYS K 718 -51.78 79.86 53.51
N ASN K 719 -51.76 79.61 54.82
CA ASN K 719 -50.51 79.59 55.56
C ASN K 719 -49.70 78.33 55.27
N VAL K 720 -50.39 77.23 54.94
CA VAL K 720 -49.70 75.96 54.69
C VAL K 720 -48.77 76.08 53.49
N ASN K 721 -49.23 76.73 52.42
CA ASN K 721 -48.43 76.82 51.20
C ASN K 721 -47.17 77.66 51.39
N GLU K 722 -47.11 78.51 52.42
CA GLU K 722 -45.93 79.31 52.68
C GLU K 722 -45.01 78.71 53.73
N ILE K 723 -45.44 77.65 54.42
CA ILE K 723 -44.62 77.00 55.42
C ILE K 723 -44.08 75.65 54.94
N GLU K 724 -44.82 74.92 54.10
CA GLU K 724 -44.38 73.62 53.62
C GLU K 724 -43.08 73.70 52.83
N ILE K 725 -42.72 74.88 52.34
CA ILE K 725 -41.47 75.02 51.59
C ILE K 725 -40.27 74.69 52.46
N GLY K 726 -40.39 74.86 53.78
CA GLY K 726 -39.25 74.69 54.66
C GLY K 726 -39.16 73.35 55.37
N ILE K 727 -40.19 72.52 55.27
CA ILE K 727 -40.18 71.24 55.97
C ILE K 727 -39.19 70.30 55.29
N ARG K 728 -38.37 69.65 56.10
CA ARG K 728 -37.33 68.73 55.60
C ARG K 728 -37.39 67.42 56.39
N PRO K 729 -38.36 66.57 56.09
CA PRO K 729 -38.45 65.28 56.80
C PRO K 729 -37.34 64.33 56.42
N SER K 730 -37.35 63.13 57.01
CA SER K 730 -36.33 62.14 56.74
C SER K 730 -36.89 60.75 57.00
N ALA K 731 -36.19 59.73 56.48
CA ALA K 731 -36.60 58.35 56.68
C ALA K 731 -36.52 57.92 58.13
N LEU K 732 -35.83 58.67 58.98
CA LEU K 732 -35.74 58.36 60.39
C LEU K 732 -36.83 59.05 61.20
N LEU K 733 -37.20 60.27 60.81
CA LEU K 733 -38.24 61.00 61.53
C LEU K 733 -39.57 60.25 61.49
N ILE K 734 -39.93 59.74 60.32
CA ILE K 734 -41.22 59.07 60.17
C ILE K 734 -41.25 57.79 60.99
N GLY K 735 -40.14 57.07 61.05
CA GLY K 735 -40.10 55.85 61.84
C GLY K 735 -40.24 56.11 63.33
N LYS K 736 -39.62 57.20 63.81
CA LYS K 736 -39.71 57.52 65.23
C LYS K 736 -41.09 58.04 65.62
N VAL K 737 -41.69 58.87 64.77
CA VAL K 737 -42.98 59.46 65.08
C VAL K 737 -44.06 58.38 65.18
N TRP K 738 -44.07 57.45 64.21
CA TRP K 738 -45.09 56.41 64.20
C TRP K 738 -44.94 55.47 65.39
N SER K 739 -43.71 55.10 65.74
CA SER K 739 -43.51 54.13 66.81
C SER K 739 -44.00 54.67 68.15
N ARG K 740 -43.71 55.93 68.45
CA ARG K 740 -44.26 56.54 69.66
C ARG K 740 -45.77 56.66 69.58
N PHE K 741 -46.29 57.06 68.40
CA PHE K 741 -47.74 57.14 68.22
C PHE K 741 -48.40 55.77 68.30
N TYR K 742 -47.68 54.72 67.87
CA TYR K 742 -48.24 53.38 67.96
C TYR K 742 -48.35 52.90 69.40
N PHE K 743 -47.34 53.20 70.22
CA PHE K 743 -47.38 52.77 71.61
C PHE K 743 -48.44 53.52 72.40
N ASN K 744 -48.63 54.81 72.10
CA ASN K 744 -49.60 55.61 72.83
C ASN K 744 -51.01 55.09 72.64
N LEU K 745 -51.38 54.77 71.41
CA LEU K 745 -52.72 54.27 71.13
C LEU K 745 -52.98 52.94 71.83
N ASN K 746 -52.00 52.04 71.79
CA ASN K 746 -52.14 50.77 72.50
C ASN K 746 -52.20 50.99 74.01
N ASN K 747 -51.43 51.95 74.52
CA ASN K 747 -51.44 52.24 75.95
C ASN K 747 -52.78 52.81 76.39
N VAL K 748 -53.35 53.73 75.61
CA VAL K 748 -54.60 54.38 75.99
C VAL K 748 -55.75 53.37 76.00
N ALA K 749 -55.79 52.49 75.01
CA ALA K 749 -56.90 51.56 74.88
C ALA K 749 -57.01 50.64 76.09
N ASP K 750 -55.87 50.16 76.59
CA ASP K 750 -55.91 49.20 77.70
C ASP K 750 -56.34 49.83 79.01
N GLN K 751 -56.10 51.14 79.18
CA GLN K 751 -56.56 51.81 80.40
C GLN K 751 -58.07 52.03 80.37
N HIS K 752 -58.61 52.36 79.20
CA HIS K 752 -60.03 52.66 79.05
C HIS K 752 -60.85 51.46 78.62
N LYS K 753 -60.25 50.27 78.61
CA LYS K 753 -61.05 49.05 78.48
C LYS K 753 -62.02 48.94 79.64
N THR K 754 -61.53 49.16 80.85
CA THR K 754 -62.34 49.29 82.05
C THR K 754 -62.67 50.77 82.25
N ARG K 755 -63.16 51.13 83.44
CA ARG K 755 -63.48 52.50 83.83
C ARG K 755 -64.67 53.06 83.07
N LEU K 756 -65.53 52.20 82.52
CA LEU K 756 -66.77 52.62 81.90
C LEU K 756 -67.90 52.37 82.91
N TYR K 757 -67.96 53.25 83.90
CA TYR K 757 -68.93 53.12 84.98
C TYR K 757 -70.31 53.56 84.51
N ARG K 758 -71.31 53.26 85.35
CA ARG K 758 -72.69 53.60 85.01
C ARG K 758 -72.89 55.11 84.90
N ASN K 759 -72.29 55.86 85.83
CA ASN K 759 -72.39 57.32 85.84
C ASN K 759 -71.13 57.97 85.29
N ALA K 760 -70.40 57.27 84.42
CA ALA K 760 -69.14 57.79 83.89
C ALA K 760 -69.32 58.97 82.94
N GLU K 761 -70.56 59.26 82.53
CA GLU K 761 -70.79 60.36 81.61
C GLU K 761 -70.40 61.69 82.27
N HIS K 762 -70.35 62.73 81.45
CA HIS K 762 -69.94 64.09 81.79
C HIS K 762 -68.47 64.20 82.13
N GLY K 763 -67.72 63.11 82.16
CA GLY K 763 -66.32 63.17 82.55
C GLY K 763 -66.18 63.68 83.96
N ARG K 764 -65.35 64.71 84.14
CA ARG K 764 -65.14 65.44 85.38
C ARG K 764 -64.44 64.62 86.46
N MET K 765 -64.14 63.35 86.20
CA MET K 765 -63.43 62.50 87.14
C MET K 765 -62.29 61.79 86.41
N ALA K 766 -61.15 61.69 87.08
CA ALA K 766 -59.98 61.06 86.46
C ALA K 766 -60.25 59.60 86.13
N SER K 767 -60.90 58.87 87.03
CA SER K 767 -61.21 57.47 86.77
C SER K 767 -62.35 57.32 85.77
N GLN K 768 -63.26 58.28 85.73
CA GLN K 768 -64.40 58.18 84.82
C GLN K 768 -63.97 58.45 83.39
N SER K 769 -64.40 57.58 82.48
CA SER K 769 -64.04 57.71 81.07
C SER K 769 -65.28 57.45 80.22
N ASN K 770 -65.34 58.12 79.07
CA ASN K 770 -66.44 57.97 78.13
C ASN K 770 -65.87 58.01 76.71
N ALA K 771 -66.77 58.00 75.72
CA ALA K 771 -66.33 58.02 74.33
C ALA K 771 -65.64 59.33 74.00
N ALA K 772 -66.15 60.45 74.51
CA ALA K 772 -65.55 61.74 74.20
C ALA K 772 -64.13 61.84 74.73
N LYS K 773 -63.90 61.36 75.96
CA LYS K 773 -62.55 61.40 76.51
C LYS K 773 -61.59 60.50 75.74
N ILE K 774 -62.07 59.32 75.31
CA ILE K 774 -61.23 58.41 74.56
C ILE K 774 -60.81 59.04 73.23
N MET K 775 -61.75 59.69 72.54
CA MET K 775 -61.41 60.38 71.31
C MET K 775 -60.44 61.53 71.56
N ARG K 776 -60.64 62.26 72.66
CA ARG K 776 -59.78 63.40 72.94
C ARG K 776 -58.33 62.96 73.15
N PHE K 777 -58.12 61.88 73.90
CA PHE K 777 -56.76 61.40 74.15
C PHE K 777 -56.12 60.87 72.87
N ASN K 778 -56.89 60.15 72.05
CA ASN K 778 -56.33 59.58 70.83
C ASN K 778 -55.85 60.66 69.88
N VAL K 779 -56.62 61.73 69.73
CA VAL K 779 -56.16 62.87 68.92
C VAL K 779 -55.01 63.57 69.62
N LEU K 780 -55.06 63.68 70.95
CA LEU K 780 -53.98 64.31 71.69
C LEU K 780 -52.68 63.52 71.55
N ALA K 781 -52.78 62.19 71.47
CA ALA K 781 -51.59 61.37 71.33
C ALA K 781 -50.87 61.66 70.02
N PHE K 782 -51.62 61.81 68.92
CA PHE K 782 -51.00 62.09 67.64
C PHE K 782 -50.28 63.44 67.65
N LEU K 783 -50.90 64.46 68.26
CA LEU K 783 -50.26 65.77 68.30
C LEU K 783 -49.01 65.75 69.17
N HIS K 784 -49.05 65.01 70.28
CA HIS K 784 -47.88 64.95 71.17
C HIS K 784 -46.73 64.20 70.52
N ALA K 785 -47.02 63.08 69.87
CA ALA K 785 -45.95 62.26 69.28
C ALA K 785 -45.16 63.03 68.24
N VAL K 786 -45.82 63.96 67.52
CA VAL K 786 -45.10 64.76 66.54
C VAL K 786 -44.17 65.75 67.24
N LEU K 787 -44.64 66.39 68.30
CA LEU K 787 -43.87 67.48 68.92
C LEU K 787 -42.55 66.98 69.48
N VAL K 788 -42.55 65.84 70.16
CA VAL K 788 -41.32 65.35 70.79
C VAL K 788 -40.29 65.00 69.74
N GLU K 789 -40.69 64.25 68.71
CA GLU K 789 -39.74 63.75 67.73
C GLU K 789 -39.28 64.82 66.76
N GLU K 790 -40.14 65.77 66.39
CA GLU K 790 -39.74 66.81 65.45
C GLU K 790 -38.65 67.70 66.04
N SER K 791 -38.61 67.83 67.37
CA SER K 791 -37.55 68.61 67.99
C SER K 791 -36.23 67.84 68.05
N LEU K 792 -36.30 66.51 68.11
CA LEU K 792 -35.08 65.71 68.23
C LEU K 792 -34.42 65.49 66.88
N TYR K 793 -35.13 64.83 65.96
CA TYR K 793 -34.59 64.46 64.65
C TYR K 793 -35.21 65.37 63.60
N HIS K 794 -34.56 66.49 63.33
CA HIS K 794 -34.98 67.37 62.25
C HIS K 794 -33.77 68.17 61.78
N SER K 795 -33.76 68.48 60.48
CA SER K 795 -32.63 69.16 59.86
C SER K 795 -32.80 70.68 59.82
N VAL K 796 -33.60 71.24 60.72
CA VAL K 796 -33.79 72.68 60.80
C VAL K 796 -33.11 73.28 62.02
N SER K 797 -33.13 72.57 63.15
CA SER K 797 -32.50 73.01 64.39
C SER K 797 -31.49 71.98 64.83
N ASP K 798 -30.26 72.43 65.08
CA ASP K 798 -29.18 71.53 65.48
C ASP K 798 -29.22 71.21 66.97
N ARG K 799 -30.09 71.84 67.74
CA ARG K 799 -30.20 71.61 69.18
C ARG K 799 -31.61 71.15 69.51
N GLU K 800 -31.77 70.67 70.74
CA GLU K 800 -33.06 70.21 71.25
C GLU K 800 -33.53 71.15 72.36
N TYR K 801 -34.76 71.60 72.26
CA TYR K 801 -35.34 72.52 73.24
C TYR K 801 -36.14 71.80 74.31
N ILE K 802 -36.19 70.47 74.29
CA ILE K 802 -36.93 69.72 75.29
C ILE K 802 -36.30 69.89 76.66
N GLY K 803 -34.97 69.83 76.74
CA GLY K 803 -34.28 69.91 78.00
C GLY K 803 -33.91 68.54 78.55
N GLU K 804 -33.91 68.40 79.87
CA GLU K 804 -33.60 67.15 80.53
C GLU K 804 -34.83 66.68 81.31
N GLY K 805 -35.23 65.43 81.07
CA GLY K 805 -36.36 64.88 81.77
C GLY K 805 -36.70 63.49 81.24
N LEU K 806 -37.52 62.80 82.00
CA LEU K 806 -38.01 61.48 81.62
C LEU K 806 -39.32 61.66 80.85
N ARG K 807 -39.30 61.31 79.57
CA ARG K 807 -40.43 61.57 78.69
C ARG K 807 -41.47 60.46 78.82
N LEU K 808 -42.73 60.85 79.00
CA LEU K 808 -43.83 59.89 79.13
C LEU K 808 -44.94 60.21 78.14
N ASN K 809 -46.07 59.52 78.25
CA ASN K 809 -47.17 59.70 77.33
C ASN K 809 -48.41 60.20 78.07
N PRO K 810 -49.10 61.21 77.55
CA PRO K 810 -50.36 61.63 78.18
C PRO K 810 -51.47 60.61 77.95
N VAL K 811 -51.43 59.51 78.69
CA VAL K 811 -52.38 58.43 78.49
C VAL K 811 -53.74 58.78 79.08
N THR K 812 -53.77 59.10 80.37
CA THR K 812 -55.02 59.39 81.07
C THR K 812 -55.00 60.76 81.74
N SER K 813 -54.24 61.70 81.17
CA SER K 813 -54.14 63.04 81.73
C SER K 813 -53.72 64.00 80.64
N VAL K 814 -53.59 65.27 81.00
CA VAL K 814 -53.13 66.31 80.09
C VAL K 814 -51.83 66.94 80.54
N ASP K 815 -51.36 66.63 81.75
CA ASP K 815 -50.17 67.29 82.29
C ASP K 815 -48.95 67.07 81.41
N GLU K 816 -48.76 65.84 80.92
CA GLU K 816 -47.53 65.51 80.19
C GLU K 816 -47.37 66.37 78.95
N PHE K 817 -48.46 66.59 78.20
CA PHE K 817 -48.35 67.36 76.97
C PHE K 817 -48.13 68.83 77.26
N GLU K 818 -48.86 69.40 78.22
CA GLU K 818 -48.81 70.85 78.41
C GLU K 818 -47.49 71.29 79.05
N LYS K 819 -46.91 70.47 79.91
CA LYS K 819 -45.65 70.85 80.54
C LYS K 819 -44.53 70.94 79.51
N LYS K 820 -44.51 70.01 78.55
CA LYS K 820 -43.49 70.07 77.50
C LYS K 820 -43.63 71.32 76.66
N ILE K 821 -44.85 71.68 76.29
CA ILE K 821 -45.08 72.88 75.50
C ILE K 821 -44.63 74.12 76.27
N LYS K 822 -44.85 74.13 77.59
CA LYS K 822 -44.43 75.25 78.41
C LYS K 822 -42.91 75.40 78.41
N ILE K 823 -42.19 74.28 78.46
CA ILE K 823 -40.73 74.33 78.48
C ILE K 823 -40.19 74.94 77.19
N ILE K 824 -40.78 74.57 76.05
CA ILE K 824 -40.30 75.07 74.77
C ILE K 824 -40.43 76.59 74.68
N GLY K 825 -41.47 77.15 75.31
CA GLY K 825 -41.72 78.58 75.17
C GLY K 825 -40.58 79.43 75.70
N GLU K 826 -40.05 79.08 76.89
CA GLU K 826 -38.99 79.88 77.47
C GLU K 826 -37.71 79.81 76.66
N LYS K 827 -37.36 78.62 76.15
CA LYS K 827 -36.13 78.47 75.38
C LYS K 827 -36.17 79.32 74.11
N LEU K 828 -37.31 79.31 73.42
CA LEU K 828 -37.45 80.14 72.22
C LEU K 828 -37.38 81.62 72.56
N LYS K 829 -38.05 82.03 73.64
CA LYS K 829 -38.03 83.44 74.03
C LYS K 829 -36.62 83.88 74.44
N ALA K 830 -35.91 83.03 75.19
CA ALA K 830 -34.54 83.37 75.58
C ALA K 830 -33.62 83.45 74.37
N ASP K 831 -33.83 82.57 73.39
CA ASP K 831 -33.01 82.53 72.18
C ASP K 831 -33.69 83.23 71.01
N ASN K 832 -34.69 84.08 71.29
CA ASN K 832 -35.42 84.95 70.36
C ASN K 832 -35.61 84.34 68.98
N LYS K 833 -36.06 83.09 68.91
CA LYS K 833 -36.46 82.46 67.67
C LYS K 833 -37.98 82.37 67.61
N THR K 834 -38.48 81.72 66.56
CA THR K 834 -39.92 81.60 66.35
C THR K 834 -40.34 80.12 66.35
N TRP K 835 -41.58 79.88 66.74
CA TRP K 835 -42.12 78.53 66.74
C TRP K 835 -42.15 77.95 65.32
N LYS K 836 -42.59 78.75 64.34
CA LYS K 836 -42.77 78.24 63.00
C LYS K 836 -41.45 77.85 62.34
N ASN K 837 -40.41 78.68 62.50
CA ASN K 837 -39.15 78.39 61.85
C ASN K 837 -38.39 77.26 62.52
N THR K 838 -38.64 77.02 63.80
CA THR K 838 -37.96 75.95 64.52
C THR K 838 -38.77 74.66 64.56
N HIS K 839 -40.09 74.77 64.67
CA HIS K 839 -40.98 73.60 64.74
C HIS K 839 -42.11 73.80 63.73
N PRO K 840 -41.81 73.66 62.44
CA PRO K 840 -42.87 73.90 61.44
C PRO K 840 -43.88 72.78 61.35
N LEU K 841 -43.45 71.52 61.48
CA LEU K 841 -44.36 70.39 61.31
C LEU K 841 -45.46 70.40 62.37
N PHE K 842 -45.09 70.63 63.63
CA PHE K 842 -46.09 70.64 64.70
C PHE K 842 -46.98 71.87 64.62
N PHE K 843 -46.44 72.99 64.14
CA PHE K 843 -47.22 74.23 64.10
C PHE K 843 -48.43 74.09 63.17
N LEU K 844 -48.24 73.48 61.99
CA LEU K 844 -49.36 73.30 61.08
C LEU K 844 -50.36 72.28 61.61
N LEU K 845 -49.88 71.21 62.24
CA LEU K 845 -50.77 70.19 62.75
C LEU K 845 -51.56 70.66 63.97
N ILE K 846 -51.15 71.75 64.62
CA ILE K 846 -51.91 72.30 65.73
C ILE K 846 -52.82 73.44 65.29
N SER K 847 -52.57 74.05 64.13
CA SER K 847 -53.44 75.08 63.58
C SER K 847 -54.51 74.51 62.66
N CYS K 848 -54.60 73.20 62.53
CA CYS K 848 -55.59 72.59 61.66
C CYS K 848 -56.97 72.75 62.28
N PRO K 849 -57.94 73.32 61.56
CA PRO K 849 -59.26 73.56 62.17
C PRO K 849 -60.07 72.30 62.39
N ILE K 850 -59.88 71.27 61.56
CA ILE K 850 -60.70 70.07 61.70
C ILE K 850 -60.38 69.33 62.99
N LEU K 851 -59.16 69.45 63.50
CA LEU K 851 -58.76 68.79 64.73
C LEU K 851 -59.15 69.57 65.98
N HIS K 852 -59.54 70.83 65.85
CA HIS K 852 -59.87 71.64 67.02
C HIS K 852 -61.04 71.09 67.83
N PRO K 853 -62.17 70.69 67.24
CA PRO K 853 -63.28 70.20 68.07
C PRO K 853 -62.93 68.99 68.92
N PHE K 854 -62.06 68.10 68.43
CA PHE K 854 -61.71 66.92 69.20
C PHE K 854 -60.81 67.24 70.39
N ILE K 855 -60.22 68.44 70.44
CA ILE K 855 -59.31 68.78 71.52
C ILE K 855 -60.05 68.94 72.83
N PHE K 856 -61.22 69.57 72.81
CA PHE K 856 -61.98 69.88 74.03
C PHE K 856 -63.43 69.43 73.87
N PRO K 857 -63.70 68.13 74.01
CA PRO K 857 -65.08 67.67 74.09
C PRO K 857 -65.72 68.06 75.42
N VAL K 858 -67.05 68.16 75.40
CA VAL K 858 -67.77 68.58 76.60
C VAL K 858 -67.64 67.54 77.72
N GLY K 859 -67.61 66.26 77.35
CA GLY K 859 -67.53 65.21 78.35
C GLY K 859 -66.16 64.60 78.50
N GLY K 860 -65.14 65.28 77.99
CA GLY K 860 -63.79 64.76 78.03
C GLY K 860 -62.83 65.58 78.85
N ILE K 861 -63.33 66.66 79.47
CA ILE K 861 -62.51 67.56 80.26
C ILE K 861 -62.87 67.37 81.73
N ASN K 862 -61.85 67.09 82.55
CA ASN K 862 -62.06 66.92 83.97
C ASN K 862 -62.12 68.28 84.67
N CYS K 863 -63.03 68.41 85.63
CA CYS K 863 -63.21 69.64 86.38
C CYS K 863 -62.59 69.58 87.77
N SER K 864 -61.75 68.58 88.04
CA SER K 864 -61.10 68.48 89.34
C SER K 864 -60.24 69.71 89.60
N VAL K 865 -60.24 70.15 90.86
CA VAL K 865 -59.62 71.43 91.21
C VAL K 865 -58.13 71.43 90.89
N LYS K 866 -57.44 70.33 91.20
CA LYS K 866 -56.01 70.26 90.90
C LYS K 866 -55.77 70.09 89.40
N ALA K 867 -56.60 69.26 88.74
CA ALA K 867 -56.38 68.98 87.33
C ALA K 867 -56.79 70.14 86.43
N LEU K 868 -57.78 70.93 86.85
CA LEU K 868 -58.29 71.98 85.99
C LEU K 868 -57.24 73.07 85.73
N ASN K 869 -56.34 73.29 86.68
CA ASN K 869 -55.31 74.32 86.50
C ASN K 869 -54.42 74.00 85.31
N LYS K 870 -54.05 72.73 85.14
CA LYS K 870 -53.28 72.34 83.96
C LYS K 870 -54.10 72.52 82.69
N GLU K 871 -55.40 72.21 82.75
CA GLU K 871 -56.26 72.40 81.59
C GLU K 871 -56.34 73.86 81.19
N THR K 872 -56.43 74.77 82.17
CA THR K 872 -56.44 76.19 81.87
C THR K 872 -55.14 76.62 81.19
N SER K 873 -54.01 76.14 81.69
CA SER K 873 -52.73 76.42 81.05
C SER K 873 -52.68 75.82 79.65
N PHE K 874 -53.17 74.59 79.50
CA PHE K 874 -53.16 73.96 78.18
C PHE K 874 -53.95 74.77 77.18
N ASN K 875 -55.12 75.30 77.59
CA ASN K 875 -55.87 76.20 76.73
C ASN K 875 -55.10 77.49 76.48
N LYS K 876 -54.42 78.02 77.50
CA LYS K 876 -53.76 79.31 77.38
C LYS K 876 -52.56 79.25 76.43
N LEU K 877 -51.70 78.24 76.59
CA LEU K 877 -50.48 78.19 75.80
C LEU K 877 -50.77 78.01 74.32
N ILE K 878 -51.74 77.15 73.98
CA ILE K 878 -52.05 76.92 72.57
C ILE K 878 -52.57 78.19 71.92
N ASP K 879 -53.21 79.07 72.69
CA ASP K 879 -53.72 80.32 72.13
C ASP K 879 -52.59 81.18 71.57
N GLU K 880 -51.48 81.27 72.29
CA GLU K 880 -50.34 82.04 71.79
C GLU K 880 -49.62 81.34 70.65
N ILE K 881 -49.88 80.06 70.43
CA ILE K 881 -49.24 79.35 69.31
C ILE K 881 -49.96 79.64 68.00
N VAL K 882 -51.25 79.31 67.93
CA VAL K 882 -52.02 79.57 66.72
C VAL K 882 -52.23 81.06 66.53
N GLY K 883 -52.55 81.78 67.61
CA GLY K 883 -52.83 83.20 67.55
C GLY K 883 -54.29 83.56 67.60
N ASP K 884 -55.19 82.58 67.49
CA ASP K 884 -56.63 82.81 67.54
C ASP K 884 -57.23 81.97 68.66
N LYS K 885 -58.15 82.57 69.41
CA LYS K 885 -58.80 81.89 70.52
C LYS K 885 -59.70 80.79 69.99
N LEU K 886 -59.33 79.53 70.25
CA LEU K 886 -60.16 78.41 69.80
C LEU K 886 -61.45 78.29 70.59
N LEU K 887 -61.51 78.86 71.80
CA LEU K 887 -62.73 78.92 72.58
C LEU K 887 -62.86 80.29 73.21
N SER K 888 -64.10 80.75 73.35
CA SER K 888 -64.36 82.03 73.99
C SER K 888 -64.33 81.88 75.50
N ASP K 889 -64.21 83.02 76.19
CA ASP K 889 -64.17 83.01 77.65
C ASP K 889 -65.48 82.47 78.24
N GLU K 890 -66.62 82.87 77.67
CA GLU K 890 -67.90 82.35 78.13
C GLU K 890 -68.03 80.86 77.84
N GLU K 891 -67.54 80.42 76.68
CA GLU K 891 -67.68 79.01 76.30
C GLU K 891 -66.94 78.11 77.28
N TRP K 892 -65.74 78.50 77.69
CA TRP K 892 -64.94 77.68 78.58
C TRP K 892 -65.60 77.48 79.93
N ASP K 893 -66.47 78.41 80.35
CA ASP K 893 -67.08 78.31 81.67
C ASP K 893 -67.97 77.08 81.79
N TYR K 894 -68.81 76.83 80.76
CA TYR K 894 -69.78 75.74 80.85
C TYR K 894 -69.10 74.37 80.91
N LEU K 895 -67.95 74.22 80.26
CA LEU K 895 -67.30 72.92 80.15
C LEU K 895 -66.79 72.39 81.48
N THR K 896 -66.70 73.23 82.53
CA THR K 896 -66.20 72.80 83.82
C THR K 896 -67.18 73.06 84.96
N LYS K 897 -68.43 73.39 84.66
CA LYS K 897 -69.43 73.61 85.70
C LYS K 897 -69.91 72.29 86.29
N GLN K 907 -80.10 75.90 75.00
CA GLN K 907 -79.34 76.97 75.65
C GLN K 907 -78.19 77.44 74.78
N GLN K 908 -76.97 77.27 75.27
CA GLN K 908 -75.79 77.70 74.53
C GLN K 908 -75.59 76.80 73.31
N ILE K 909 -75.34 77.42 72.16
CA ILE K 909 -75.06 76.71 70.92
C ILE K 909 -73.55 76.65 70.74
N PHE K 910 -73.05 75.53 70.23
CA PHE K 910 -71.63 75.30 70.07
C PHE K 910 -71.28 75.33 68.59
N GLN K 911 -70.33 76.18 68.21
CA GLN K 911 -69.90 76.29 66.83
C GLN K 911 -68.57 75.62 66.55
N ASN K 912 -67.72 75.46 67.56
CA ASN K 912 -66.39 74.88 67.40
C ASN K 912 -66.15 73.82 68.46
N THR K 913 -67.16 73.02 68.78
CA THR K 913 -67.05 72.03 69.83
C THR K 913 -67.99 70.87 69.54
N ILE K 914 -67.67 69.71 70.11
CA ILE K 914 -68.50 68.51 70.02
C ILE K 914 -69.36 68.45 71.28
N THR K 915 -70.66 68.21 71.12
CA THR K 915 -71.60 68.25 72.23
C THR K 915 -72.15 66.87 72.59
N SER K 916 -72.69 66.14 71.63
CA SER K 916 -73.41 64.89 71.90
C SER K 916 -72.60 63.66 71.54
N LEU K 917 -71.30 63.67 71.81
CA LEU K 917 -70.47 62.50 71.54
C LEU K 917 -70.43 61.53 72.72
N ASN K 918 -70.25 62.06 73.94
CA ASN K 918 -70.14 61.19 75.10
C ASN K 918 -71.46 60.48 75.41
N SER K 919 -72.59 61.06 75.02
CA SER K 919 -73.88 60.43 75.28
C SER K 919 -74.01 59.10 74.54
N SER K 920 -73.30 58.94 73.43
CA SER K 920 -73.38 57.71 72.66
C SER K 920 -72.84 56.52 73.44
N THR K 921 -73.38 55.35 73.15
CA THR K 921 -73.01 54.13 73.85
C THR K 921 -72.04 53.30 73.02
N ILE K 922 -71.21 52.52 73.71
CA ILE K 922 -70.20 51.66 73.09
C ILE K 922 -70.70 50.22 73.19
N VAL K 923 -70.64 49.50 72.07
CA VAL K 923 -71.17 48.15 72.04
C VAL K 923 -70.41 47.25 73.00
N GLY K 924 -71.12 46.29 73.60
CA GLY K 924 -70.53 45.34 74.50
C GLY K 924 -70.18 45.87 75.87
N ALA K 925 -70.66 47.06 76.22
CA ALA K 925 -70.36 47.69 77.50
C ALA K 925 -71.64 47.75 78.33
N SER K 926 -71.72 46.93 79.37
CA SER K 926 -72.81 46.97 80.33
C SER K 926 -72.39 47.79 81.53
N TYR K 927 -73.22 48.76 81.91
CA TYR K 927 -72.86 49.73 82.93
C TYR K 927 -73.43 49.30 84.29
N ASP K 928 -72.76 48.31 84.88
CA ASP K 928 -73.13 47.76 86.18
C ASP K 928 -72.01 47.96 87.19
N LYS K 929 -71.39 49.14 87.18
CA LYS K 929 -70.31 49.45 88.10
C LYS K 929 -70.23 50.95 88.29
N ASP K 930 -69.53 51.35 89.36
CA ASP K 930 -69.40 52.76 89.69
C ASP K 930 -68.06 53.00 90.36
N THR K 931 -67.64 54.25 90.36
CA THR K 931 -66.36 54.60 90.96
C THR K 931 -66.39 54.33 92.47
N PRO K 932 -65.35 53.72 93.02
CA PRO K 932 -65.33 53.46 94.46
C PRO K 932 -65.30 54.75 95.26
N ALA K 933 -65.86 54.69 96.46
CA ALA K 933 -65.88 55.84 97.35
C ALA K 933 -64.49 56.09 97.91
N ARG K 934 -63.90 57.21 97.54
CA ARG K 934 -62.55 57.59 97.99
C ARG K 934 -61.52 56.52 97.64
N LYS L 13 -49.64 55.84 17.04
CA LYS L 13 -50.73 55.25 16.28
C LYS L 13 -50.36 53.86 15.78
N ILE L 14 -51.04 52.84 16.31
CA ILE L 14 -50.81 51.45 15.93
C ILE L 14 -52.14 50.84 15.52
N ILE L 15 -52.18 50.24 14.33
CA ILE L 15 -53.37 49.57 13.82
C ILE L 15 -52.97 48.15 13.43
N ILE L 16 -53.58 47.17 14.10
CA ILE L 16 -53.24 45.77 13.92
C ILE L 16 -54.41 45.08 13.25
N ASN L 17 -54.30 44.85 11.94
CA ASN L 17 -55.33 44.14 11.22
C ASN L 17 -55.23 42.64 11.51
N LEU L 18 -56.40 41.98 11.50
CA LEU L 18 -56.49 40.57 11.83
C LEU L 18 -56.58 39.68 10.59
N PHE L 19 -56.35 40.24 9.40
CA PHE L 19 -56.47 39.46 8.17
C PHE L 19 -55.16 39.47 7.40
N ALA L 20 -54.07 39.24 8.10
CA ALA L 20 -52.73 39.14 7.55
C ALA L 20 -52.05 37.94 8.18
N PRO L 21 -50.99 37.42 7.55
CA PRO L 21 -50.26 36.30 8.18
C PRO L 21 -49.73 36.65 9.56
N ASN L 22 -49.40 37.92 9.82
CA ASN L 22 -48.97 38.41 11.12
C ASN L 22 -47.70 37.72 11.61
N LEU L 23 -46.95 37.09 10.72
CA LEU L 23 -45.69 36.49 11.09
C LEU L 23 -44.65 37.58 11.34
N PRO L 24 -43.57 37.25 12.06
CA PRO L 24 -42.52 38.25 12.29
C PRO L 24 -41.90 38.79 11.01
N GLY L 25 -41.90 38.00 9.94
CA GLY L 25 -41.38 38.46 8.66
C GLY L 25 -42.48 38.99 7.75
N SER L 26 -43.64 39.32 8.33
CA SER L 26 -44.78 39.79 7.56
C SER L 26 -45.39 41.06 8.17
N THR L 27 -44.62 41.80 8.96
CA THR L 27 -45.11 43.01 9.60
C THR L 27 -44.49 44.25 8.96
N LYS L 28 -45.23 45.35 9.01
CA LYS L 28 -44.80 46.62 8.45
C LYS L 28 -44.39 47.57 9.57
N GLU L 29 -44.05 48.80 9.19
CA GLU L 29 -43.63 49.80 10.16
C GLU L 29 -44.77 50.21 11.09
N ASP L 30 -46.02 50.02 10.68
CA ASP L 30 -47.16 50.42 11.50
C ASP L 30 -47.62 49.31 12.45
N ASP L 31 -47.44 48.05 12.07
CA ASP L 31 -47.87 46.94 12.92
C ASP L 31 -46.97 46.74 14.13
N LEU L 32 -45.82 47.42 14.19
CA LEU L 32 -44.92 47.26 15.32
C LEU L 32 -45.57 47.77 16.60
N ILE L 33 -45.35 47.04 17.69
CA ILE L 33 -45.99 47.37 18.96
C ILE L 33 -45.10 48.22 19.84
N GLN L 34 -43.84 47.82 20.03
CA GLN L 34 -42.93 48.53 20.92
C GLN L 34 -42.11 49.52 20.12
N LYS L 35 -42.80 50.52 19.58
CA LYS L 35 -42.14 51.56 18.79
C LYS L 35 -41.29 52.48 19.64
N SER L 36 -41.77 52.87 20.82
CA SER L 36 -41.00 53.75 21.70
C SER L 36 -39.73 53.07 22.20
N LEU L 37 -39.84 51.79 22.56
CA LEU L 37 -38.68 51.04 23.05
C LEU L 37 -37.62 50.89 21.95
N ARG L 38 -38.06 50.63 20.72
CA ARG L 38 -37.12 50.42 19.62
C ARG L 38 -36.30 51.68 19.35
N ASP L 39 -36.95 52.84 19.38
CA ASP L 39 -36.21 54.09 19.15
C ASP L 39 -35.24 54.40 20.27
N GLN L 40 -35.53 53.94 21.49
CA GLN L 40 -34.62 54.19 22.60
C GLN L 40 -33.39 53.30 22.51
N LEU L 41 -33.57 52.02 22.19
CA LEU L 41 -32.43 51.10 22.12
C LEU L 41 -31.50 51.47 20.97
N VAL L 42 -32.06 51.79 19.81
CA VAL L 42 -31.23 52.12 18.65
C VAL L 42 -30.39 53.35 18.93
N GLU L 43 -30.98 54.37 19.55
CA GLU L 43 -30.22 55.54 19.95
C GLU L 43 -29.16 55.17 20.99
N SER L 44 -29.48 54.26 21.89
CA SER L 44 -28.54 53.87 22.94
C SER L 44 -27.31 53.17 22.37
N ILE L 45 -27.49 52.33 21.34
CA ILE L 45 -26.35 51.61 20.76
C ILE L 45 -25.34 52.60 20.17
N ARG L 46 -25.84 53.59 19.42
CA ARG L 46 -24.93 54.53 18.76
C ARG L 46 -24.17 55.38 19.77
N ASN L 47 -24.74 55.62 20.95
CA ASN L 47 -24.03 56.39 21.96
C ASN L 47 -22.80 55.65 22.46
N SER L 48 -22.90 54.35 22.68
CA SER L 48 -21.79 53.59 23.24
C SER L 48 -20.61 53.54 22.28
N ILE L 49 -20.87 53.30 20.99
CA ILE L 49 -19.79 53.16 20.02
C ILE L 49 -19.06 54.49 19.85
N ALA L 50 -19.81 55.58 19.71
CA ALA L 50 -19.19 56.87 19.44
C ALA L 50 -18.31 57.33 20.60
N TYR L 51 -18.84 57.29 21.82
CA TYR L 51 -18.10 57.74 22.99
C TYR L 51 -17.76 56.60 23.92
N ASN L 70 -19.70 45.19 26.77
CA ASN L 70 -20.42 45.85 25.69
C ASN L 70 -21.44 44.91 25.05
N VAL L 71 -22.30 44.34 25.88
CA VAL L 71 -23.34 43.41 25.42
C VAL L 71 -24.69 43.91 25.93
N PHE L 72 -25.65 44.00 25.03
CA PHE L 72 -27.01 44.39 25.38
C PHE L 72 -27.89 43.15 25.56
N PHE L 73 -29.10 43.37 26.06
CA PHE L 73 -30.02 42.27 26.30
C PHE L 73 -31.45 42.79 26.25
N VAL L 74 -32.30 42.08 25.51
CA VAL L 74 -33.74 42.33 25.51
C VAL L 74 -34.42 41.03 25.92
N ASP L 75 -35.21 41.08 26.99
CA ASP L 75 -35.78 39.89 27.59
C ASP L 75 -37.28 40.01 27.73
N GLY L 76 -37.92 38.87 27.92
CA GLY L 76 -39.36 38.83 28.09
C GLY L 76 -39.83 37.39 28.09
N THR L 77 -41.11 37.22 28.44
CA THR L 77 -41.68 35.88 28.46
C THR L 77 -41.75 35.31 27.06
N ARG L 78 -42.00 34.00 26.98
CA ARG L 78 -42.08 33.34 25.69
C ARG L 78 -43.27 33.85 24.89
N GLY L 79 -43.05 34.10 23.61
CA GLY L 79 -44.09 34.62 22.76
C GLY L 79 -44.45 36.07 23.01
N ALA L 80 -43.56 36.85 23.60
CA ALA L 80 -43.80 38.26 23.85
C ALA L 80 -43.36 39.16 22.71
N GLY L 81 -42.90 38.59 21.60
CA GLY L 81 -42.46 39.38 20.47
C GLY L 81 -40.96 39.59 20.45
N LYS L 82 -40.20 38.51 20.61
CA LYS L 82 -38.75 38.61 20.62
C LYS L 82 -38.18 38.70 19.21
N THR L 83 -38.54 37.73 18.34
CA THR L 83 -38.03 37.74 16.98
C THR L 83 -38.51 38.97 16.22
N THR L 84 -39.76 39.36 16.41
CA THR L 84 -40.28 40.54 15.71
C THR L 84 -39.53 41.79 16.13
N PHE L 85 -39.25 41.94 17.42
CA PHE L 85 -38.55 43.14 17.89
C PHE L 85 -37.13 43.21 17.35
N ILE L 86 -36.42 42.09 17.39
CA ILE L 86 -35.01 42.10 16.97
C ILE L 86 -34.90 42.33 15.47
N ASN L 87 -35.87 41.87 14.69
CA ASN L 87 -35.87 42.14 13.26
C ASN L 87 -36.14 43.61 12.98
N SER L 88 -36.87 44.29 13.86
CA SER L 88 -37.09 45.73 13.70
C SER L 88 -35.79 46.51 13.90
N VAL L 89 -34.97 46.08 14.86
CA VAL L 89 -33.73 46.80 15.15
C VAL L 89 -32.75 46.69 13.98
N VAL L 90 -32.59 45.48 13.43
CA VAL L 90 -31.60 45.27 12.38
C VAL L 90 -31.97 46.04 11.12
N LYS L 91 -33.27 46.12 10.82
CA LYS L 91 -33.71 46.88 9.64
C LYS L 91 -33.48 48.37 9.84
N SER L 92 -33.70 48.88 11.06
CA SER L 92 -33.57 50.30 11.30
C SER L 92 -32.11 50.77 11.16
N LEU L 93 -31.17 49.94 11.59
CA LEU L 93 -29.76 50.33 11.52
C LEU L 93 -29.27 50.44 10.09
N ASN L 94 -29.83 49.65 9.17
CA ASN L 94 -29.38 49.67 7.79
C ASN L 94 -29.82 50.93 7.04
N SER L 95 -30.76 51.70 7.59
CA SER L 95 -31.22 52.92 6.93
C SER L 95 -30.25 54.07 7.18
N VAL L 102 -21.53 58.22 12.72
CA VAL L 102 -21.17 56.85 13.05
C VAL L 102 -21.93 55.87 12.17
N ASN L 103 -21.20 54.91 11.59
CA ASN L 103 -21.77 53.88 10.73
C ASN L 103 -21.55 52.53 11.37
N ILE L 104 -22.64 51.74 11.49
CA ILE L 104 -22.58 50.41 12.08
C ILE L 104 -23.15 49.42 11.08
N LYS L 105 -22.37 48.39 10.77
CA LYS L 105 -22.80 47.34 9.85
C LYS L 105 -23.27 46.14 10.67
N CYS L 106 -24.40 45.57 10.26
CA CYS L 106 -25.06 44.52 11.02
C CYS L 106 -25.06 43.22 10.22
N LEU L 107 -24.63 42.14 10.86
CA LEU L 107 -24.66 40.84 10.23
C LEU L 107 -26.09 40.30 10.23
N PRO L 108 -26.39 39.36 9.33
CA PRO L 108 -27.70 38.71 9.37
C PRO L 108 -27.94 38.01 10.70
N THR L 109 -29.18 38.07 11.17
CA THR L 109 -29.54 37.50 12.46
C THR L 109 -29.38 35.98 12.42
N ILE L 110 -28.83 35.42 13.49
CA ILE L 110 -28.60 33.99 13.60
C ILE L 110 -29.25 33.47 14.87
N ASP L 111 -29.63 32.19 14.84
CA ASP L 111 -30.13 31.51 16.02
C ASP L 111 -29.44 30.17 16.19
N PRO L 112 -29.22 29.75 17.45
CA PRO L 112 -28.57 28.45 17.67
C PRO L 112 -29.44 27.26 17.33
N THR L 113 -30.76 27.42 17.27
CA THR L 113 -31.63 26.28 17.06
C THR L 113 -31.54 25.74 15.63
N LYS L 114 -31.56 26.64 14.65
CA LYS L 114 -31.52 26.23 13.24
C LYS L 114 -30.08 26.14 12.73
N LEU L 115 -29.25 25.40 13.46
CA LEU L 115 -27.85 25.23 13.13
C LEU L 115 -27.47 23.78 13.34
N PRO L 116 -26.39 23.31 12.71
CA PRO L 116 -25.91 21.96 12.97
C PRO L 116 -25.56 21.78 14.44
N ARG L 117 -25.81 20.57 14.95
CA ARG L 117 -25.66 20.31 16.37
C ARG L 117 -24.22 20.35 16.85
N HIS L 118 -23.24 20.37 15.93
CA HIS L 118 -21.84 20.38 16.31
C HIS L 118 -21.05 21.55 15.75
N GLU L 119 -21.65 22.38 14.92
CA GLU L 119 -20.92 23.49 14.31
C GLU L 119 -20.65 24.59 15.34
N PRO L 120 -19.39 24.97 15.55
CA PRO L 120 -19.11 26.05 16.51
C PRO L 120 -19.64 27.38 16.02
N ILE L 121 -19.92 28.26 16.97
CA ILE L 121 -20.44 29.59 16.64
C ILE L 121 -19.39 30.40 15.89
N LEU L 122 -18.12 30.24 16.25
CA LEU L 122 -17.06 31.02 15.60
C LEU L 122 -17.02 30.75 14.09
N VAL L 123 -17.25 29.50 13.69
CA VAL L 123 -17.31 29.19 12.27
C VAL L 123 -18.51 29.89 11.63
N THR L 124 -19.66 29.88 12.29
CA THR L 124 -20.86 30.49 11.73
C THR L 124 -20.70 31.99 11.56
N VAL L 125 -20.13 32.67 12.56
CA VAL L 125 -19.96 34.12 12.47
C VAL L 125 -18.94 34.46 11.38
N THR L 126 -17.85 33.71 11.31
CA THR L 126 -16.81 33.99 10.32
C THR L 126 -17.35 33.82 8.90
N ALA L 127 -18.14 32.77 8.67
CA ALA L 127 -18.66 32.51 7.32
C ALA L 127 -19.53 33.66 6.84
N ARG L 128 -20.38 34.19 7.71
CA ARG L 128 -21.23 35.31 7.31
C ARG L 128 -20.41 36.58 7.11
N LEU L 129 -19.38 36.77 7.94
CA LEU L 129 -18.51 37.93 7.78
C LEU L 129 -17.72 37.85 6.48
N ASN L 130 -17.38 36.64 6.03
CA ASN L 130 -16.69 36.48 4.76
C ASN L 130 -17.56 36.94 3.60
N LYS L 131 -18.86 36.62 3.63
CA LYS L 131 -19.75 36.98 2.54
C LYS L 131 -19.87 38.49 2.40
N MET L 132 -19.97 39.21 3.52
CA MET L 132 -20.08 40.66 3.46
C MET L 132 -18.80 41.28 2.91
N VAL L 133 -17.64 40.79 3.32
CA VAL L 133 -16.38 41.36 2.85
C VAL L 133 -16.17 41.05 1.37
N SER L 134 -16.52 39.83 0.95
CA SER L 134 -16.33 39.45 -0.45
C SER L 134 -17.14 40.35 -1.38
N ASP L 135 -18.36 40.70 -0.98
CA ASP L 135 -19.17 41.57 -1.81
C ASP L 135 -18.61 42.98 -1.88
N LYS L 136 -18.01 43.47 -0.81
CA LYS L 136 -17.41 44.81 -0.83
C LYS L 136 -16.20 44.86 -1.74
N LEU L 137 -15.43 43.77 -1.81
CA LEU L 137 -14.25 43.76 -2.68
C LEU L 137 -14.65 43.85 -4.14
N LYS L 138 -15.72 43.18 -4.54
CA LYS L 138 -16.19 43.27 -5.92
C LYS L 138 -16.70 44.65 -6.28
N GLY L 139 -17.05 45.46 -5.30
CA GLY L 139 -17.52 46.82 -5.53
C GLY L 139 -16.43 47.88 -5.58
N TYR L 140 -15.16 47.48 -5.48
CA TYR L 140 -14.08 48.44 -5.54
C TYR L 140 -13.89 48.93 -6.97
N TRP L 141 -13.03 49.94 -7.12
CA TRP L 141 -12.73 50.50 -8.41
C TRP L 141 -11.22 50.52 -8.68
N ALA L 142 -10.45 50.74 -7.62
CA ALA L 142 -8.99 50.81 -7.75
C ALA L 142 -8.41 49.41 -7.86
N SER L 143 -7.71 49.15 -8.96
CA SER L 143 -7.11 47.83 -9.15
C SER L 143 -6.04 47.54 -8.11
N ASN L 144 -5.21 48.54 -7.79
CA ASN L 144 -4.16 48.32 -6.81
C ASN L 144 -4.72 48.03 -5.42
N ASP L 145 -5.79 48.73 -5.04
CA ASP L 145 -6.39 48.51 -3.72
C ASP L 145 -7.03 47.13 -3.63
N TYR L 146 -7.81 46.74 -4.64
CA TYR L 146 -8.48 45.45 -4.62
C TYR L 146 -7.46 44.30 -4.63
N ARG L 147 -6.39 44.45 -5.41
CA ARG L 147 -5.35 43.43 -5.44
C ARG L 147 -4.65 43.29 -4.09
N LYS L 148 -4.49 44.40 -3.36
CA LYS L 148 -3.77 44.40 -2.11
C LYS L 148 -4.64 44.01 -0.92
N GLN L 149 -5.86 44.54 -0.86
CA GLN L 149 -6.74 44.24 0.28
C GLN L 149 -7.16 42.78 0.28
N LYS L 150 -7.42 42.21 -0.91
CA LYS L 150 -7.91 40.83 -0.99
C LYS L 150 -6.90 39.85 -0.42
N GLU L 151 -5.62 40.01 -0.76
CA GLU L 151 -4.60 39.10 -0.24
C GLU L 151 -4.37 39.33 1.24
N GLN L 152 -4.48 40.57 1.70
CA GLN L 152 -4.33 40.85 3.13
C GLN L 152 -5.44 40.21 3.94
N TRP L 153 -6.68 40.32 3.46
CA TRP L 153 -7.80 39.67 4.14
C TRP L 153 -7.69 38.15 4.06
N GLN L 154 -7.29 37.62 2.89
CA GLN L 154 -7.16 36.19 2.74
C GLN L 154 -6.08 35.62 3.65
N ASN L 155 -5.03 36.39 3.92
CA ASN L 155 -3.97 35.92 4.80
C ASN L 155 -4.46 35.71 6.22
N HIS L 156 -5.26 36.66 6.74
CA HIS L 156 -5.82 36.50 8.07
C HIS L 156 -6.80 35.34 8.13
N LEU L 157 -7.64 35.21 7.10
CA LEU L 157 -8.65 34.17 7.09
C LEU L 157 -8.03 32.77 7.05
N ALA L 158 -6.93 32.61 6.30
CA ALA L 158 -6.27 31.31 6.25
C ALA L 158 -5.55 30.98 7.55
N GLN L 159 -5.18 31.99 8.33
CA GLN L 159 -4.51 31.75 9.60
C GLN L 159 -5.49 31.21 10.65
N LEU L 160 -6.72 31.71 10.65
CA LEU L 160 -7.72 31.22 11.59
C LEU L 160 -8.04 29.75 11.34
N GLN L 161 -8.06 29.33 10.07
CA GLN L 161 -8.36 27.95 9.75
C GLN L 161 -7.34 26.98 10.36
N ARG L 162 -6.10 27.43 10.51
CA ARG L 162 -5.07 26.56 11.09
C ARG L 162 -5.37 26.23 12.55
N GLY L 163 -5.76 27.24 13.33
CA GLY L 163 -6.02 27.07 14.74
C GLY L 163 -7.39 26.56 15.09
N LEU L 164 -8.23 26.29 14.10
CA LEU L 164 -9.58 25.82 14.38
C LEU L 164 -9.61 24.45 15.04
N HIS L 165 -8.60 23.63 14.80
CA HIS L 165 -8.55 22.30 15.42
C HIS L 165 -8.48 22.38 16.93
N LEU L 166 -8.08 23.53 17.48
CA LEU L 166 -7.98 23.71 18.92
C LEU L 166 -9.34 23.76 19.60
N LEU L 167 -10.43 23.95 18.85
CA LEU L 167 -11.77 24.04 19.40
C LEU L 167 -12.52 22.71 19.36
N THR L 168 -12.46 22.00 18.24
CA THR L 168 -13.17 20.74 18.06
C THR L 168 -12.32 19.53 18.44
N ASP L 169 -11.34 19.71 19.31
CA ASP L 169 -10.43 18.63 19.66
C ASP L 169 -10.97 17.84 20.86
N LYS L 170 -10.36 16.68 21.09
CA LYS L 170 -10.73 15.80 22.19
C LYS L 170 -9.62 15.59 23.20
N GLU L 171 -8.36 15.52 22.75
CA GLU L 171 -7.23 15.34 23.65
C GLU L 171 -6.03 16.05 23.07
N TYR L 172 -5.13 16.49 23.94
CA TYR L 172 -3.94 17.20 23.49
C TYR L 172 -3.01 16.25 22.76
N LYS L 173 -2.79 16.50 21.47
CA LYS L 173 -1.81 15.76 20.70
C LYS L 173 -0.52 16.57 20.62
N PRO L 174 0.59 16.09 21.19
CA PRO L 174 1.76 16.96 21.37
C PRO L 174 2.50 17.31 20.09
N GLU L 175 2.11 16.76 18.93
CA GLU L 175 2.79 17.13 17.70
C GLU L 175 2.50 18.56 17.26
N TYR L 176 1.52 19.21 17.87
CA TYR L 176 1.23 20.62 17.59
C TYR L 176 2.04 21.57 18.45
N PHE L 177 2.75 21.08 19.46
CA PHE L 177 3.58 21.96 20.27
C PHE L 177 4.68 22.60 19.44
N SER L 178 5.29 21.82 18.53
CA SER L 178 6.31 22.38 17.65
C SER L 178 5.74 23.47 16.76
N ASP L 179 4.55 23.23 16.20
CA ASP L 179 3.91 24.22 15.34
C ASP L 179 3.28 25.37 16.12
N ALA L 180 3.19 25.26 17.44
CA ALA L 180 2.69 26.34 18.28
C ALA L 180 3.80 27.24 18.81
N LEU L 181 5.05 26.96 18.45
CA LEU L 181 6.18 27.75 18.91
C LEU L 181 6.86 28.53 17.79
N LYS L 182 6.38 28.41 16.55
CA LYS L 182 6.90 29.21 15.44
C LYS L 182 6.19 30.56 15.47
N LEU L 183 6.72 31.47 16.26
CA LEU L 183 6.16 32.81 16.38
C LEU L 183 6.52 33.62 15.13
N ASP L 184 5.50 34.23 14.51
CA ASP L 184 5.71 35.06 13.34
C ASP L 184 5.94 36.51 13.76
N ALA L 185 6.98 37.13 13.19
CA ALA L 185 7.28 38.51 13.52
C ALA L 185 6.21 39.48 13.03
N GLN L 186 5.40 39.09 12.05
CA GLN L 186 4.39 39.97 11.49
C GLN L 186 3.09 39.86 12.29
N LEU L 187 2.15 40.75 11.95
CA LEU L 187 0.80 40.79 12.51
C LEU L 187 0.78 41.29 13.95
N ASP L 188 1.96 41.48 14.54
CA ASP L 188 2.11 42.01 15.89
C ASP L 188 1.27 41.23 16.90
N TYR L 189 1.62 39.96 17.06
CA TYR L 189 0.97 39.10 18.06
C TYR L 189 1.65 39.33 19.41
N SER L 190 0.95 40.01 20.31
CA SER L 190 1.55 40.40 21.59
C SER L 190 1.91 39.18 22.42
N ILE L 191 1.04 38.17 22.46
CA ILE L 191 1.28 36.97 23.24
C ILE L 191 1.40 35.78 22.29
N GLY L 192 2.21 34.81 22.68
CA GLY L 192 2.44 33.64 21.89
C GLY L 192 1.32 32.62 22.00
N GLY L 193 1.51 31.51 21.30
CA GLY L 193 0.53 30.43 21.29
C GLY L 193 -0.57 30.65 20.26
N GLN L 194 -1.38 29.60 20.08
CA GLN L 194 -2.46 29.67 19.12
C GLN L 194 -3.54 30.65 19.57
N ASP L 195 -4.12 30.42 20.75
CA ASP L 195 -4.96 31.37 21.50
C ASP L 195 -5.84 32.23 20.60
N LEU L 196 -6.80 31.59 19.92
CA LEU L 196 -7.67 32.25 18.94
C LEU L 196 -8.41 33.46 19.51
N SER L 197 -8.27 33.71 20.81
CA SER L 197 -8.94 34.83 21.45
C SER L 197 -8.59 36.16 20.77
N GLU L 198 -7.40 36.29 20.19
CA GLU L 198 -7.09 37.50 19.44
C GLU L 198 -6.95 37.29 17.94
N ILE L 199 -6.89 36.04 17.47
CA ILE L 199 -6.89 35.83 16.02
C ILE L 199 -8.16 36.39 15.41
N PHE L 200 -9.26 36.37 16.17
CA PHE L 200 -10.47 37.06 15.78
C PHE L 200 -10.36 38.58 15.92
N GLU L 201 -9.42 39.07 16.72
CA GLU L 201 -9.33 40.50 16.99
C GLU L 201 -8.77 41.27 15.80
N GLU L 202 -7.65 40.82 15.23
CA GLU L 202 -7.18 41.46 14.01
C GLU L 202 -8.07 41.11 12.82
N LEU L 203 -8.70 39.95 12.83
CA LEU L 203 -9.60 39.59 11.73
C LEU L 203 -10.75 40.58 11.62
N VAL L 204 -11.36 40.93 12.75
CA VAL L 204 -12.44 41.90 12.71
C VAL L 204 -11.91 43.30 12.44
N LYS L 205 -10.68 43.60 12.88
CA LYS L 205 -10.10 44.90 12.60
C LYS L 205 -9.89 45.09 11.10
N ARG L 206 -9.42 44.05 10.41
CA ARG L 206 -9.23 44.14 8.97
C ARG L 206 -10.57 44.27 8.25
N ALA L 207 -11.60 43.57 8.74
CA ALA L 207 -12.91 43.63 8.08
C ALA L 207 -13.54 45.00 8.24
N CYS L 208 -13.33 45.66 9.38
CA CYS L 208 -13.88 47.00 9.57
C CYS L 208 -13.20 48.01 8.66
N GLU L 209 -11.90 47.84 8.41
CA GLU L 209 -11.19 48.75 7.52
C GLU L 209 -11.71 48.66 6.10
N ILE L 210 -12.02 47.44 5.64
CA ILE L 210 -12.54 47.27 4.29
C ILE L 210 -13.92 47.91 4.17
N LEU L 211 -14.81 47.62 5.11
CA LEU L 211 -16.17 48.14 5.07
C LEU L 211 -16.26 49.59 5.49
N ASP L 212 -15.21 50.15 6.08
CA ASP L 212 -15.17 51.55 6.53
C ASP L 212 -16.31 51.85 7.51
N CYS L 213 -16.47 50.98 8.50
CA CYS L 213 -17.45 51.15 9.55
C CYS L 213 -16.77 51.12 10.90
N LYS L 214 -17.27 51.94 11.83
CA LYS L 214 -16.64 52.03 13.15
C LYS L 214 -16.89 50.80 14.01
N ALA L 215 -17.95 50.06 13.75
CA ALA L 215 -18.28 48.91 14.59
C ALA L 215 -19.08 47.90 13.79
N ILE L 216 -19.16 46.69 14.33
CA ILE L 216 -19.89 45.59 13.73
C ILE L 216 -20.89 45.06 14.76
N LEU L 217 -22.13 44.89 14.35
CA LEU L 217 -23.21 44.51 15.25
C LEU L 217 -23.64 43.08 14.95
N ILE L 218 -23.77 42.26 15.98
CA ILE L 218 -24.15 40.86 15.86
C ILE L 218 -25.42 40.64 16.64
N THR L 219 -26.40 39.99 16.02
CA THR L 219 -27.69 39.70 16.65
C THR L 219 -27.88 38.21 16.79
N PHE L 220 -28.16 37.76 18.00
CA PHE L 220 -28.55 36.38 18.27
C PHE L 220 -30.07 36.32 18.44
N ASP L 221 -30.56 35.14 18.81
CA ASP L 221 -31.99 34.95 19.01
C ASP L 221 -32.22 34.05 20.23
N ASP L 222 -33.49 33.75 20.49
CA ASP L 222 -33.86 33.02 21.69
C ASP L 222 -33.45 31.55 21.59
N ILE L 223 -33.11 30.98 22.74
CA ILE L 223 -32.82 29.56 22.86
C ILE L 223 -34.01 28.80 23.45
N ASP L 224 -35.20 29.38 23.37
CA ASP L 224 -36.36 28.79 24.03
C ASP L 224 -36.73 27.43 23.43
N THR L 225 -36.44 27.23 22.15
CA THR L 225 -36.67 25.94 21.53
C THR L 225 -35.63 24.92 21.98
N GLN L 226 -34.35 25.19 21.71
CA GLN L 226 -33.25 24.33 22.12
C GLN L 226 -32.61 24.94 23.36
N PHE L 227 -32.99 24.42 24.52
CA PHE L 227 -32.50 24.95 25.79
C PHE L 227 -30.98 24.77 25.92
N ASP L 228 -30.47 23.62 25.48
CA ASP L 228 -29.04 23.33 25.64
C ASP L 228 -28.17 24.25 24.78
N ALA L 229 -28.68 24.68 23.63
CA ALA L 229 -27.83 25.38 22.65
C ALA L 229 -27.29 26.69 23.18
N GLY L 230 -27.88 27.24 24.25
CA GLY L 230 -27.45 28.53 24.75
C GLY L 230 -26.10 28.53 25.43
N TRP L 231 -25.63 27.37 25.90
CA TRP L 231 -24.36 27.34 26.61
C TRP L 231 -23.19 27.69 25.69
N ASP L 232 -23.20 27.17 24.46
CA ASP L 232 -22.11 27.46 23.53
C ASP L 232 -22.09 28.94 23.15
N VAL L 233 -23.26 29.54 22.98
CA VAL L 233 -23.33 30.97 22.66
C VAL L 233 -22.77 31.78 23.81
N LEU L 234 -23.15 31.44 25.05
CA LEU L 234 -22.71 32.22 26.20
C LEU L 234 -21.19 32.14 26.39
N GLU L 235 -20.62 30.95 26.23
CA GLU L 235 -19.19 30.78 26.43
C GLU L 235 -18.39 31.51 25.35
N SER L 236 -18.87 31.50 24.12
CA SER L 236 -18.17 32.19 23.05
C SER L 236 -18.18 33.70 23.26
N ILE L 237 -19.27 34.23 23.82
CA ILE L 237 -19.41 35.67 23.97
C ILE L 237 -18.34 36.21 24.92
N ARG L 238 -18.14 35.53 26.05
CA ARG L 238 -17.19 36.02 27.05
C ARG L 238 -15.73 35.78 26.64
N LYS L 239 -15.48 34.80 25.78
CA LYS L 239 -14.10 34.45 25.42
C LYS L 239 -13.60 35.24 24.22
N PHE L 240 -14.34 35.22 23.12
CA PHE L 240 -13.87 35.78 21.85
C PHE L 240 -14.36 37.20 21.60
N PHE L 241 -15.66 37.44 21.72
CA PHE L 241 -16.24 38.74 21.39
C PHE L 241 -16.04 39.72 22.55
N ASN L 242 -14.78 40.13 22.72
CA ASN L 242 -14.41 41.13 23.72
C ASN L 242 -13.79 42.36 23.11
N SER L 243 -13.85 42.52 21.79
CA SER L 243 -13.23 43.65 21.13
C SER L 243 -14.01 44.93 21.36
N ARG L 244 -13.35 46.06 21.11
CA ARG L 244 -14.01 47.35 21.14
C ARG L 244 -14.77 47.63 19.84
N LYS L 245 -14.49 46.88 18.79
CA LYS L 245 -15.14 47.06 17.49
C LYS L 245 -16.42 46.25 17.35
N LEU L 246 -16.79 45.47 18.35
CA LEU L 246 -17.95 44.60 18.29
C LEU L 246 -19.00 45.03 19.30
N VAL L 247 -20.26 44.91 18.90
CA VAL L 247 -21.40 45.09 19.80
C VAL L 247 -22.36 43.93 19.58
N VAL L 248 -22.84 43.35 20.67
CA VAL L 248 -23.63 42.13 20.63
C VAL L 248 -24.99 42.39 21.29
N VAL L 249 -26.05 41.90 20.66
CA VAL L 249 -27.39 41.99 21.19
C VAL L 249 -27.95 40.58 21.29
N ALA L 250 -28.37 40.18 22.49
CA ALA L 250 -28.89 38.84 22.74
C ALA L 250 -30.34 38.94 23.22
N THR L 251 -31.13 37.93 22.88
CA THR L 251 -32.54 37.89 23.21
C THR L 251 -32.89 36.57 23.86
N GLY L 252 -33.74 36.64 24.89
CA GLY L 252 -34.17 35.46 25.61
C GLY L 252 -34.95 35.80 26.85
N ASP L 253 -34.73 35.06 27.94
CA ASP L 253 -35.35 35.36 29.21
C ASP L 253 -34.43 34.89 30.32
N LEU L 254 -34.12 35.80 31.25
CA LEU L 254 -33.19 35.48 32.33
C LEU L 254 -33.72 34.38 33.22
N ARG L 255 -35.02 34.12 33.19
CA ARG L 255 -35.60 33.03 33.98
C ARG L 255 -35.14 31.66 33.49
N LEU L 256 -34.60 31.58 32.27
CA LEU L 256 -34.07 30.33 31.74
C LEU L 256 -32.55 30.28 31.70
N TYR L 257 -31.88 31.40 31.45
CA TYR L 257 -30.42 31.41 31.44
C TYR L 257 -29.87 31.06 32.83
N SER L 258 -30.47 31.61 33.88
CA SER L 258 -30.01 31.30 35.23
C SER L 258 -30.16 29.83 35.54
N GLN L 259 -31.30 29.23 35.16
CA GLN L 259 -31.52 27.82 35.41
C GLN L 259 -30.68 26.93 34.51
N LEU L 260 -30.05 27.50 33.49
CA LEU L 260 -29.09 26.79 32.66
C LEU L 260 -27.67 26.90 33.23
N ILE L 261 -27.24 28.12 33.57
CA ILE L 261 -25.91 28.33 34.11
C ILE L 261 -25.75 27.60 35.44
N ARG L 262 -26.75 27.72 36.31
CA ARG L 262 -26.71 27.01 37.59
C ARG L 262 -26.65 25.51 37.39
N GLY L 263 -27.31 25.01 36.33
CA GLY L 263 -27.20 23.59 36.03
C GLY L 263 -25.81 23.17 35.63
N LYS L 264 -25.06 24.07 34.98
CA LYS L 264 -23.70 23.75 34.55
C LYS L 264 -22.68 23.88 35.67
N GLN L 265 -23.03 24.53 36.78
CA GLN L 265 -22.09 24.68 37.89
C GLN L 265 -21.93 23.39 38.68
N TYR L 266 -22.93 22.51 38.64
CA TYR L 266 -22.88 21.30 39.45
C TYR L 266 -21.89 20.28 38.90
N GLU L 267 -21.65 20.28 37.58
CA GLU L 267 -20.66 19.37 37.02
C GLU L 267 -19.24 19.72 37.47
N ASN L 268 -19.02 20.94 37.95
CA ASN L 268 -17.72 21.32 38.47
C ASN L 268 -17.39 20.66 39.80
N TYR L 269 -18.36 20.04 40.45
CA TYR L 269 -18.13 19.27 41.67
C TYR L 269 -17.86 17.82 41.33
N SER L 270 -16.92 17.21 42.05
CA SER L 270 -16.64 15.80 41.84
C SER L 270 -17.86 14.96 42.19
N LYS L 271 -18.09 13.91 41.40
CA LYS L 271 -19.28 13.09 41.61
C LYS L 271 -19.23 12.37 42.95
N THR L 272 -18.06 11.90 43.37
CA THR L 272 -17.95 11.16 44.62
C THR L 272 -18.27 12.06 45.81
N LEU L 273 -17.79 13.29 45.80
CA LEU L 273 -18.08 14.21 46.90
C LEU L 273 -19.57 14.51 47.00
N LEU L 274 -20.22 14.69 45.85
CA LEU L 274 -21.66 14.99 45.85
C LEU L 274 -22.48 13.85 46.44
N GLU L 275 -21.98 12.62 46.34
CA GLU L 275 -22.74 11.46 46.79
C GLU L 275 -22.40 11.09 48.22
N GLN L 276 -21.19 11.41 48.69
CA GLN L 276 -20.79 11.03 50.04
C GLN L 276 -21.36 11.99 51.08
N GLU L 277 -20.95 13.26 51.01
CA GLU L 277 -21.48 14.28 51.96
C GLU L 277 -22.97 14.48 51.64
N LYS L 278 -23.85 14.08 52.56
CA LYS L 278 -25.31 14.17 52.26
C LYS L 278 -26.07 14.84 53.41
N GLU L 279 -25.40 15.20 54.52
CA GLU L 279 -26.11 15.86 55.61
C GLU L 279 -26.63 17.22 55.15
N SER L 280 -27.81 17.59 55.67
CA SER L 280 -28.50 18.78 55.19
C SER L 280 -27.72 20.06 55.46
N VAL L 281 -26.79 20.04 56.41
CA VAL L 281 -26.01 21.25 56.68
C VAL L 281 -25.06 21.55 55.53
N ARG L 282 -24.40 20.53 54.98
CA ARG L 282 -23.49 20.74 53.87
C ARG L 282 -24.25 20.93 52.56
N LEU L 283 -25.35 20.21 52.38
CA LEU L 283 -26.15 20.37 51.17
C LEU L 283 -26.71 21.79 51.06
N ALA L 284 -26.99 22.42 52.19
CA ALA L 284 -27.45 23.81 52.17
C ALA L 284 -26.30 24.75 51.85
N GLU L 285 -25.13 24.52 52.46
CA GLU L 285 -23.97 25.35 52.16
C GLU L 285 -23.53 25.18 50.72
N ARG L 286 -23.51 23.94 50.23
CA ARG L 286 -23.19 23.70 48.83
C ARG L 286 -24.25 24.30 47.92
N GLY L 287 -25.52 24.21 48.31
CA GLY L 287 -26.60 24.78 47.54
C GLY L 287 -26.59 26.29 47.46
N TYR L 288 -25.76 26.96 48.26
CA TYR L 288 -25.60 28.41 48.18
C TYR L 288 -24.37 28.83 47.39
N MET L 289 -23.31 28.03 47.42
CA MET L 289 -22.13 28.36 46.62
C MET L 289 -22.46 28.33 45.13
N VAL L 290 -23.25 27.34 44.70
CA VAL L 290 -23.66 27.26 43.30
C VAL L 290 -24.50 28.48 42.93
N GLU L 291 -25.46 28.83 43.79
CA GLU L 291 -26.36 29.94 43.49
C GLU L 291 -25.60 31.25 43.39
N HIS L 292 -24.63 31.48 44.27
CA HIS L 292 -23.88 32.73 44.23
C HIS L 292 -23.01 32.83 42.99
N LEU L 293 -22.43 31.71 42.54
CA LEU L 293 -21.55 31.76 41.38
C LEU L 293 -22.31 32.11 40.10
N GLU L 294 -23.50 31.53 39.92
CA GLU L 294 -24.22 31.75 38.67
C GLU L 294 -24.66 33.20 38.52
N GLN L 295 -24.94 33.89 39.63
CA GLN L 295 -25.25 35.30 39.54
C GLN L 295 -24.03 36.13 39.19
N GLN L 296 -22.89 35.82 39.79
CA GLN L 296 -21.66 36.53 39.47
C GLN L 296 -21.26 36.30 38.02
N TYR L 297 -21.37 35.07 37.55
CA TYR L 297 -21.06 34.77 36.14
C TYR L 297 -22.00 35.51 35.21
N LEU L 298 -23.30 35.52 35.54
CA LEU L 298 -24.28 36.19 34.69
C LEU L 298 -24.12 37.70 34.75
N LEU L 299 -23.83 38.25 35.93
CA LEU L 299 -23.73 39.69 36.08
C LEU L 299 -22.52 40.25 35.35
N LYS L 300 -21.46 39.47 35.21
CA LYS L 300 -20.29 39.92 34.47
C LYS L 300 -20.48 39.83 32.96
N LEU L 301 -21.46 39.06 32.49
CA LEU L 301 -21.67 38.89 31.06
C LEU L 301 -22.66 39.93 30.52
N PHE L 302 -23.88 39.96 31.08
CA PHE L 302 -24.88 40.95 30.68
C PHE L 302 -24.96 42.02 31.75
N PRO L 303 -24.40 43.21 31.52
CA PRO L 303 -24.48 44.26 32.55
C PRO L 303 -25.93 44.65 32.81
N VAL L 304 -26.22 44.97 34.07
CA VAL L 304 -27.59 45.28 34.47
C VAL L 304 -28.06 46.59 33.83
N GLN L 305 -27.16 47.57 33.69
CA GLN L 305 -27.53 48.85 33.11
C GLN L 305 -27.67 48.81 31.60
N LYS L 306 -27.62 47.62 30.99
CA LYS L 306 -27.80 47.46 29.56
C LYS L 306 -29.07 46.71 29.19
N ARG L 307 -29.70 46.01 30.13
CA ARG L 307 -30.85 45.18 29.83
C ARG L 307 -32.06 46.03 29.45
N ILE L 308 -32.91 45.47 28.60
CA ILE L 308 -34.16 46.08 28.17
C ILE L 308 -35.26 45.04 28.32
N GLN L 309 -36.40 45.45 28.89
CA GLN L 309 -37.49 44.53 29.17
C GLN L 309 -38.66 44.79 28.23
N LEU L 310 -39.26 43.72 27.73
CA LEU L 310 -40.42 43.80 26.85
C LEU L 310 -41.68 43.76 27.70
N LYS L 311 -42.45 44.85 27.68
CA LYS L 311 -43.68 44.93 28.45
C LYS L 311 -44.83 44.28 27.69
N THR L 312 -45.65 43.52 28.40
CA THR L 312 -46.81 42.88 27.80
C THR L 312 -47.94 43.90 27.63
N MET L 313 -49.05 43.44 27.07
CA MET L 313 -50.13 44.35 26.69
C MET L 313 -50.69 45.10 27.89
N LEU L 314 -50.83 44.42 29.03
CA LEU L 314 -51.47 45.05 30.18
C LEU L 314 -50.75 46.31 30.63
N GLN L 315 -49.41 46.34 30.51
CA GLN L 315 -48.68 47.54 30.88
C GLN L 315 -48.81 48.64 29.83
N LEU L 316 -49.00 48.27 28.56
CA LEU L 316 -49.10 49.28 27.50
C LEU L 316 -50.46 49.94 27.50
N VAL L 317 -51.53 49.17 27.31
CA VAL L 317 -52.87 49.74 27.26
C VAL L 317 -53.30 50.28 28.63
N GLY L 318 -52.67 49.83 29.70
CA GLY L 318 -53.02 50.30 31.02
C GLY L 318 -54.28 49.65 31.56
N GLU L 319 -54.89 50.32 32.52
CA GLU L 319 -56.11 49.84 33.16
C GLU L 319 -57.33 50.51 32.53
N LYS L 320 -58.52 50.02 32.92
CA LYS L 320 -59.76 50.58 32.39
C LYS L 320 -59.89 52.06 32.71
N GLY L 321 -59.61 52.44 33.96
CA GLY L 321 -59.75 53.81 34.39
C GLY L 321 -58.56 54.69 34.03
N LYS L 322 -57.38 54.31 34.49
CA LYS L 322 -56.16 55.09 34.24
C LYS L 322 -55.75 54.89 32.79
N ALA L 323 -56.03 55.90 31.96
CA ALA L 323 -55.62 55.83 30.56
C ALA L 323 -54.10 55.83 30.44
N GLY L 324 -53.60 54.95 29.59
CA GLY L 324 -52.16 54.79 29.43
C GLY L 324 -51.53 55.90 28.61
N LYS L 325 -50.21 55.81 28.46
CA LYS L 325 -49.45 56.77 27.68
C LYS L 325 -49.46 56.45 26.19
N GLU L 326 -50.06 55.33 25.78
CA GLU L 326 -50.12 54.96 24.38
C GLU L 326 -51.39 54.16 24.15
N GLU L 327 -51.82 54.11 22.89
CA GLU L 327 -53.08 53.47 22.52
C GLU L 327 -52.85 52.50 21.37
N ILE L 328 -53.58 51.40 21.39
CA ILE L 328 -53.52 50.37 20.35
C ILE L 328 -54.94 50.10 19.88
N LYS L 329 -55.11 50.00 18.56
CA LYS L 329 -56.40 49.69 17.96
C LYS L 329 -56.22 48.58 16.94
N VAL L 330 -57.29 47.81 16.72
CA VAL L 330 -57.25 46.66 15.82
C VAL L 330 -58.41 46.75 14.84
N LYS L 331 -58.25 46.04 13.72
CA LYS L 331 -59.30 45.90 12.73
C LYS L 331 -60.09 44.62 13.01
N THR L 332 -61.34 44.62 12.58
CA THR L 332 -62.24 43.51 12.88
C THR L 332 -62.71 42.75 11.64
N GLU L 333 -63.07 43.46 10.57
CA GLU L 333 -63.55 42.84 9.35
C GLU L 333 -62.81 43.43 8.16
N PRO L 334 -62.71 42.70 7.05
CA PRO L 334 -61.97 43.22 5.89
C PRO L 334 -62.63 44.47 5.34
N GLY L 335 -61.79 45.37 4.81
CA GLY L 335 -62.25 46.62 4.28
C GLY L 335 -62.44 47.72 5.31
N MET L 336 -62.17 47.45 6.58
CA MET L 336 -62.29 48.46 7.61
C MET L 336 -61.24 49.55 7.45
N GLN L 337 -61.64 50.72 6.96
CA GLN L 337 -60.69 51.81 6.81
C GLN L 337 -60.29 52.31 8.20
N ASP L 338 -59.06 52.84 8.28
CA ASP L 338 -58.35 52.89 9.55
C ASP L 338 -59.00 53.78 10.60
N ILE L 339 -59.93 54.65 10.22
CA ILE L 339 -60.41 55.66 11.18
C ILE L 339 -61.26 55.01 12.27
N ASP L 340 -62.12 54.06 11.92
CA ASP L 340 -63.05 53.47 12.88
C ASP L 340 -62.51 52.18 13.49
N ALA L 341 -61.28 52.21 13.99
CA ALA L 341 -60.68 51.04 14.61
C ALA L 341 -60.94 51.06 16.11
N ILE L 342 -61.44 49.95 16.63
CA ILE L 342 -61.83 49.86 18.04
C ILE L 342 -60.61 49.52 18.88
N ASP L 343 -60.66 49.92 20.15
CA ASP L 343 -59.56 49.66 21.07
C ASP L 343 -59.45 48.18 21.37
N VAL L 344 -58.22 47.74 21.65
CA VAL L 344 -57.98 46.33 21.92
C VAL L 344 -58.73 45.89 23.17
N ARG L 345 -58.70 46.69 24.23
CA ARG L 345 -59.43 46.35 25.44
C ARG L 345 -60.92 46.25 25.16
N GLN L 346 -61.45 47.19 24.38
CA GLN L 346 -62.86 47.11 24.00
C GLN L 346 -63.12 45.92 23.09
N ALA L 347 -62.16 45.58 22.23
CA ALA L 347 -62.34 44.43 21.34
C ALA L 347 -62.42 43.13 22.14
N ILE L 348 -61.59 43.00 23.18
CA ILE L 348 -61.67 41.82 24.04
C ILE L 348 -62.99 41.79 24.78
N GLY L 349 -63.44 42.94 25.28
CA GLY L 349 -64.69 42.97 26.04
C GLY L 349 -65.89 42.57 25.22
N ASP L 350 -65.95 43.02 23.96
CA ASP L 350 -67.06 42.65 23.09
C ASP L 350 -67.07 41.16 22.80
N ALA L 351 -65.90 40.52 22.83
CA ALA L 351 -65.81 39.08 22.64
C ALA L 351 -65.97 38.29 23.93
N VAL L 352 -66.02 38.97 25.07
CA VAL L 352 -66.19 38.32 26.36
C VAL L 352 -67.59 38.56 26.92
N ARG L 353 -68.06 39.82 26.89
CA ARG L 353 -69.40 40.13 27.37
C ARG L 353 -70.45 39.36 26.58
N GLU L 354 -70.33 39.39 25.24
CA GLU L 354 -71.27 38.65 24.40
C GLU L 354 -70.97 37.16 24.41
N GLY L 355 -69.70 36.78 24.47
CA GLY L 355 -69.35 35.37 24.42
C GLY L 355 -69.82 34.60 25.62
N LEU L 356 -69.65 35.15 26.82
CA LEU L 356 -70.05 34.49 28.05
C LEU L 356 -71.42 34.93 28.55
N ASN L 357 -72.13 35.78 27.78
CA ASN L 357 -73.42 36.32 28.17
C ASN L 357 -73.33 37.02 29.52
N LEU L 358 -72.24 37.73 29.73
CA LEU L 358 -71.95 38.39 31.00
C LEU L 358 -72.17 39.89 30.87
N ARG L 359 -72.95 40.46 31.77
CA ARG L 359 -73.21 41.88 31.74
C ARG L 359 -71.93 42.66 32.03
N GLU L 360 -71.81 43.82 31.40
CA GLU L 360 -70.66 44.69 31.64
C GLU L 360 -70.59 45.09 33.10
N GLY L 361 -69.40 44.97 33.69
CA GLY L 361 -69.23 45.31 35.08
C GLY L 361 -67.84 44.93 35.56
N SER L 362 -67.70 44.81 36.89
CA SER L 362 -66.40 44.49 37.47
C SER L 362 -65.95 43.10 37.04
N ASP L 363 -66.86 42.13 37.00
CA ASP L 363 -66.48 40.77 36.64
C ASP L 363 -66.00 40.70 35.20
N ALA L 364 -66.67 41.42 34.29
CA ALA L 364 -66.23 41.44 32.90
C ALA L 364 -64.82 42.01 32.77
N ASP L 365 -64.52 43.06 33.53
CA ASP L 365 -63.17 43.63 33.53
C ASP L 365 -62.14 42.64 34.06
N MET L 366 -62.56 41.66 34.86
CA MET L 366 -61.61 40.68 35.39
C MET L 366 -61.17 39.69 34.32
N TYR L 367 -62.11 39.21 33.50
CA TYR L 367 -61.75 38.26 32.46
C TYR L 367 -60.85 38.90 31.40
N VAL L 368 -61.15 40.13 31.00
CA VAL L 368 -60.36 40.77 29.96
C VAL L 368 -58.96 41.09 30.49
N ASN L 369 -58.86 41.49 31.76
CA ASN L 369 -57.55 41.76 32.34
C ASN L 369 -56.70 40.50 32.42
N GLU L 370 -57.33 39.36 32.70
CA GLU L 370 -56.59 38.10 32.73
C GLU L 370 -56.07 37.74 31.34
N LEU L 371 -56.88 37.95 30.30
CA LEU L 371 -56.45 37.62 28.95
C LEU L 371 -55.31 38.50 28.47
N LEU L 372 -55.25 39.75 28.94
CA LEU L 372 -54.16 40.63 28.55
C LEU L 372 -52.82 40.12 29.08
N LYS L 373 -52.82 39.52 30.27
CA LYS L 373 -51.58 38.98 30.83
C LYS L 373 -51.05 37.77 30.07
N GLN L 374 -51.85 37.18 29.18
CA GLN L 374 -51.38 36.08 28.37
C GLN L 374 -50.34 36.57 27.37
N PRO L 375 -49.46 35.68 26.91
CA PRO L 375 -48.45 36.10 25.92
C PRO L 375 -49.09 36.60 24.65
N VAL L 376 -48.40 37.54 23.99
CA VAL L 376 -48.93 38.14 22.76
C VAL L 376 -49.16 37.09 21.70
N ARG L 377 -48.35 36.02 21.73
CA ARG L 377 -48.50 34.92 20.73
C ARG L 377 -49.84 34.21 20.91
N LEU L 378 -50.45 34.34 22.09
CA LEU L 378 -51.74 33.72 22.37
C LEU L 378 -52.89 34.71 22.40
N LEU L 379 -52.64 35.95 22.80
CA LEU L 379 -53.70 36.97 22.77
C LEU L 379 -54.11 37.25 21.33
N MET L 380 -53.14 37.43 20.43
CA MET L 380 -53.40 37.61 19.01
C MET L 380 -53.65 36.30 18.29
N GLN L 381 -53.92 35.24 19.04
CA GLN L 381 -54.26 33.94 18.48
C GLN L 381 -55.72 33.58 18.65
N VAL L 382 -56.34 33.98 19.77
CA VAL L 382 -57.78 33.84 19.92
C VAL L 382 -58.52 34.82 19.02
N LEU L 383 -58.01 36.06 18.94
CA LEU L 383 -58.69 37.10 18.16
C LEU L 383 -58.76 36.74 16.68
N GLN L 384 -57.65 36.21 16.13
CA GLN L 384 -57.63 35.85 14.72
C GLN L 384 -58.57 34.70 14.39
N ASP L 385 -59.08 33.97 15.39
CA ASP L 385 -60.02 32.89 15.17
C ASP L 385 -61.46 33.28 15.46
N PHE L 386 -61.70 34.05 16.52
CA PHE L 386 -63.07 34.45 16.84
C PHE L 386 -63.63 35.39 15.79
N TYR L 387 -62.89 36.44 15.44
CA TYR L 387 -63.41 37.44 14.52
C TYR L 387 -63.52 36.89 13.09
N THR L 388 -62.54 36.09 12.68
CA THR L 388 -62.58 35.50 11.34
C THR L 388 -63.78 34.58 11.19
N LYS L 389 -64.03 33.73 12.19
CA LYS L 389 -65.22 32.89 12.13
C LYS L 389 -66.50 33.70 12.30
N LYS L 390 -66.42 34.82 13.01
CA LYS L 390 -67.59 35.70 13.14
C LYS L 390 -67.97 36.31 11.80
N TYR L 391 -66.97 36.74 11.03
CA TYR L 391 -67.25 37.37 9.73
C TYR L 391 -67.87 36.38 8.75
N HIS L 392 -67.32 35.16 8.70
CA HIS L 392 -67.85 34.17 7.76
C HIS L 392 -69.22 33.67 8.17
N ALA L 393 -69.48 33.56 9.47
CA ALA L 393 -70.82 33.19 9.92
C ALA L 393 -71.83 34.26 9.55
N THR L 394 -71.48 35.54 9.73
CA THR L 394 -72.35 36.62 9.31
C THR L 394 -72.43 36.69 7.79
N SER L 395 -71.28 36.66 7.13
CA SER L 395 -71.17 36.74 5.66
C SER L 395 -71.92 37.95 5.11
N LEU L 411 -77.16 32.54 15.62
CA LEU L 411 -75.72 32.63 15.43
C LEU L 411 -74.96 31.84 16.49
N SER L 412 -75.43 31.93 17.73
CA SER L 412 -74.82 31.25 18.88
C SER L 412 -73.35 31.64 19.02
N VAL L 413 -73.15 32.92 19.33
CA VAL L 413 -71.82 33.51 19.52
C VAL L 413 -71.00 32.70 20.53
N PRO L 414 -71.57 32.24 21.66
CA PRO L 414 -70.75 31.38 22.55
C PRO L 414 -70.21 30.14 21.87
N ASN L 415 -70.91 29.60 20.87
CA ASN L 415 -70.34 28.50 20.10
C ASN L 415 -69.10 28.94 19.33
N LEU L 416 -69.05 30.20 18.89
CA LEU L 416 -67.86 30.70 18.24
C LEU L 416 -66.73 30.90 19.24
N LEU L 417 -67.03 31.47 20.41
CA LEU L 417 -66.01 31.73 21.41
C LEU L 417 -65.43 30.44 21.98
N ARG L 418 -66.29 29.43 22.21
CA ARG L 418 -65.79 28.18 22.74
C ARG L 418 -64.79 27.53 21.79
N ASN L 419 -65.09 27.54 20.50
CA ASN L 419 -64.19 26.94 19.51
C ASN L 419 -62.85 27.68 19.44
N ALA L 420 -62.82 28.94 19.86
CA ALA L 420 -61.56 29.68 19.87
C ALA L 420 -60.74 29.37 21.12
N LEU L 421 -61.36 29.49 22.30
CA LEU L 421 -60.65 29.27 23.54
C LEU L 421 -60.19 27.82 23.67
N TYR L 422 -61.02 26.87 23.24
CA TYR L 422 -60.67 25.46 23.40
C TYR L 422 -59.41 25.12 22.62
N GLY L 423 -59.29 25.60 21.39
CA GLY L 423 -58.09 25.35 20.61
C GLY L 423 -56.87 26.06 21.16
N SER L 424 -57.03 27.31 21.59
CA SER L 424 -55.89 28.10 22.03
C SER L 424 -55.34 27.59 23.36
N MET L 425 -56.21 27.37 24.34
CA MET L 425 -55.80 26.90 25.66
C MET L 425 -55.64 25.39 25.72
N LEU L 426 -55.54 24.72 24.56
CA LEU L 426 -55.73 23.27 24.51
C LEU L 426 -54.77 22.53 25.42
N SER L 427 -53.53 23.02 25.55
CA SER L 427 -52.55 22.33 26.37
C SER L 427 -52.97 22.28 27.84
N SER L 428 -53.61 23.35 28.32
CA SER L 428 -53.98 23.40 29.73
C SER L 428 -55.05 22.38 30.10
N ILE L 429 -55.92 22.02 29.16
CA ILE L 429 -56.96 21.04 29.45
C ILE L 429 -56.36 19.67 29.75
N TYR L 430 -55.36 19.26 28.98
CA TYR L 430 -54.76 17.94 29.21
C TYR L 430 -54.14 17.85 30.59
N ARG L 431 -53.43 18.89 31.03
CA ARG L 431 -52.87 18.89 32.36
C ARG L 431 -53.96 18.85 33.43
N ALA L 432 -55.01 19.65 33.24
CA ALA L 432 -56.09 19.72 34.22
C ALA L 432 -56.94 18.45 34.27
N GLY L 433 -56.83 17.58 33.28
CA GLY L 433 -57.59 16.35 33.31
C GLY L 433 -59.05 16.49 32.94
N LEU L 434 -59.44 17.60 32.32
CA LEU L 434 -60.83 17.82 31.93
C LEU L 434 -61.15 16.93 30.73
N ASN L 435 -62.34 17.12 30.15
CA ASN L 435 -62.75 16.36 28.99
C ASN L 435 -62.19 16.98 27.72
N TYR L 436 -62.05 16.15 26.69
CA TYR L 436 -61.37 16.55 25.47
C TYR L 436 -62.06 16.09 24.18
N GLU L 437 -63.14 15.32 24.25
CA GLU L 437 -63.76 14.82 23.05
C GLU L 437 -64.48 15.93 22.31
N GLN L 438 -64.49 15.84 20.98
CA GLN L 438 -65.16 16.84 20.15
C GLN L 438 -66.60 16.44 19.81
N HIS L 439 -66.88 15.15 19.69
CA HIS L 439 -68.23 14.67 19.39
C HIS L 439 -68.95 14.16 20.62
N ARG L 440 -68.52 14.58 21.81
CA ARG L 440 -69.19 14.23 23.05
C ARG L 440 -69.57 15.46 23.86
N PHE L 441 -69.43 16.66 23.31
CA PHE L 441 -69.85 17.86 23.99
C PHE L 441 -71.36 17.85 24.19
N GLY L 442 -71.81 18.47 25.28
CA GLY L 442 -73.21 18.48 25.61
C GLY L 442 -73.48 18.90 27.04
N MET L 443 -74.29 18.13 27.75
CA MET L 443 -74.68 18.45 29.11
C MET L 443 -74.15 17.46 30.14
N ASP L 444 -74.03 16.19 29.77
CA ASP L 444 -73.49 15.20 30.71
C ASP L 444 -72.03 15.48 31.03
N SER L 445 -71.23 15.84 30.02
CA SER L 445 -69.81 16.09 30.25
C SER L 445 -69.60 17.30 31.15
N LEU L 446 -70.40 18.37 30.96
CA LEU L 446 -70.19 19.59 31.73
C LEU L 446 -70.41 19.35 33.22
N CYS L 447 -71.39 18.51 33.57
CA CYS L 447 -71.60 18.19 34.98
C CYS L 447 -70.40 17.45 35.55
N LYS L 448 -69.87 16.48 34.81
CA LYS L 448 -68.67 15.78 35.26
C LYS L 448 -67.46 16.70 35.25
N ASP L 449 -67.35 17.56 34.23
CA ASP L 449 -66.21 18.46 34.13
C ASP L 449 -66.19 19.46 35.28
N ILE L 450 -67.35 20.01 35.64
CA ILE L 450 -67.40 21.01 36.69
C ILE L 450 -66.99 20.44 38.04
N PHE L 451 -67.13 19.12 38.23
CA PHE L 451 -66.67 18.49 39.47
C PHE L 451 -65.16 18.33 39.51
N THR L 452 -64.53 18.20 38.35
CA THR L 452 -63.08 18.01 38.32
C THR L 452 -62.35 19.32 38.62
N TYR L 453 -62.82 20.43 38.06
CA TYR L 453 -62.12 21.70 38.26
C TYR L 453 -62.12 22.12 39.72
N VAL L 454 -63.26 21.97 40.41
CA VAL L 454 -63.31 22.29 41.83
C VAL L 454 -62.48 21.30 42.63
N LYS L 455 -62.42 20.05 42.19
CA LYS L 455 -61.61 19.04 42.87
C LYS L 455 -60.14 19.44 42.90
N GLN L 456 -59.62 19.92 41.78
CA GLN L 456 -58.21 20.29 41.69
C GLN L 456 -57.92 21.66 42.29
N ASP L 457 -58.94 22.47 42.51
CA ASP L 457 -58.74 23.80 43.08
C ASP L 457 -58.79 23.81 44.60
N ARG L 458 -59.09 22.67 45.23
CA ARG L 458 -59.18 22.54 46.69
C ARG L 458 -60.18 23.52 47.29
N ASP L 459 -61.21 23.89 46.55
CA ASP L 459 -62.23 24.82 47.02
C ASP L 459 -63.61 24.30 46.67
N PHE L 460 -64.57 24.52 47.57
CA PHE L 460 -65.94 24.10 47.35
C PHE L 460 -66.96 25.21 47.52
N ASN L 461 -66.67 26.22 48.36
CA ASN L 461 -67.63 27.29 48.59
C ASN L 461 -67.77 28.17 47.36
N THR L 462 -66.69 28.81 46.94
CA THR L 462 -66.69 29.70 45.79
C THR L 462 -66.18 29.02 44.53
N GLY L 463 -65.88 27.72 44.62
CA GLY L 463 -65.25 27.03 43.50
C GLY L 463 -66.10 27.01 42.24
N PHE L 464 -67.41 26.79 42.39
CA PHE L 464 -68.28 26.64 41.24
C PHE L 464 -68.72 27.97 40.64
N TYR L 465 -68.06 29.07 40.97
CA TYR L 465 -68.31 30.34 40.28
C TYR L 465 -67.47 30.49 39.02
N LEU L 466 -66.52 29.58 38.78
CA LEU L 466 -65.64 29.64 37.63
C LEU L 466 -64.91 30.98 37.55
N ARG L 467 -64.46 31.47 38.70
CA ARG L 467 -63.67 32.69 38.73
C ARG L 467 -62.26 32.41 38.23
N PRO L 468 -61.60 33.42 37.64
CA PRO L 468 -60.21 33.23 37.21
C PRO L 468 -59.21 33.53 38.31
N GLN L 469 -59.69 33.58 39.56
CA GLN L 469 -58.88 34.02 40.70
C GLN L 469 -58.12 32.87 41.36
N SER L 470 -57.78 31.84 40.60
CA SER L 470 -56.98 30.73 41.14
C SER L 470 -55.52 31.16 41.19
N GLU L 471 -54.63 30.22 41.53
CA GLU L 471 -53.20 30.50 41.65
C GLU L 471 -52.40 29.94 40.49
N SER L 472 -52.52 28.64 40.20
CA SER L 472 -51.75 28.03 39.14
C SER L 472 -52.21 28.53 37.77
N GLU L 473 -51.25 28.64 36.85
CA GLU L 473 -51.58 29.04 35.48
C GLU L 473 -52.41 27.98 34.76
N ALA L 474 -52.16 26.70 35.05
CA ALA L 474 -52.90 25.64 34.41
C ALA L 474 -54.37 25.62 34.78
N LEU L 475 -54.77 26.35 35.82
CA LEU L 475 -56.16 26.45 36.20
C LEU L 475 -56.76 27.81 35.92
N ARG L 476 -55.94 28.82 35.60
CA ARG L 476 -56.46 30.09 35.12
C ARG L 476 -56.81 30.05 33.64
N ASN L 477 -56.33 29.04 32.91
CA ASN L 477 -56.73 28.83 31.53
C ASN L 477 -57.98 27.95 31.42
N CYS L 478 -58.22 27.11 32.42
CA CYS L 478 -59.42 26.27 32.45
C CYS L 478 -60.56 26.90 33.24
N SER L 479 -60.39 28.12 33.73
CA SER L 479 -61.49 28.83 34.38
C SER L 479 -62.35 29.56 33.36
N ILE L 480 -61.71 30.35 32.48
CA ILE L 480 -62.45 31.09 31.47
C ILE L 480 -63.08 30.15 30.45
N TYR L 481 -62.35 29.10 30.05
CA TYR L 481 -62.86 28.19 29.03
C TYR L 481 -64.13 27.49 29.49
N LEU L 482 -64.16 27.03 30.74
CA LEU L 482 -65.39 26.45 31.29
C LEU L 482 -66.51 27.49 31.34
N ALA L 483 -66.18 28.73 31.71
CA ALA L 483 -67.18 29.78 31.69
C ALA L 483 -67.75 29.99 30.30
N SER L 484 -66.95 29.73 29.26
CA SER L 484 -67.46 29.79 27.89
C SER L 484 -68.26 28.54 27.55
N GLN L 485 -67.86 27.39 28.07
CA GLN L 485 -68.57 26.15 27.76
C GLN L 485 -69.98 26.16 28.33
N VAL L 486 -70.14 26.65 29.56
CA VAL L 486 -71.46 26.70 30.18
C VAL L 486 -72.37 27.70 29.47
N SER L 487 -71.82 28.85 29.06
CA SER L 487 -72.64 29.89 28.46
C SER L 487 -73.29 29.41 27.16
N GLU L 488 -72.58 28.59 26.39
CA GLU L 488 -73.15 28.06 25.15
C GLU L 488 -74.28 27.08 25.44
N ASN L 489 -74.05 26.13 26.35
CA ASN L 489 -75.04 25.09 26.60
C ASN L 489 -76.31 25.68 27.20
N CYS L 490 -76.18 26.46 28.27
CA CYS L 490 -77.34 27.09 28.91
C CYS L 490 -77.63 28.40 28.19
N GLN L 491 -78.27 28.27 27.04
CA GLN L 491 -78.63 29.44 26.23
C GLN L 491 -79.89 29.12 25.45
N GLY L 492 -80.92 29.95 25.61
CA GLY L 492 -82.17 29.74 24.89
C GLY L 492 -82.91 28.48 25.28
N SER L 493 -82.84 28.08 26.54
CA SER L 493 -83.55 26.91 27.01
C SER L 493 -83.70 26.99 28.52
N LEU L 494 -84.73 26.33 29.03
CA LEU L 494 -85.01 26.32 30.46
C LEU L 494 -84.75 24.97 31.12
N SER L 495 -84.96 23.86 30.40
CA SER L 495 -84.67 22.56 30.97
C SER L 495 -83.18 22.40 31.27
N LYS L 496 -82.32 22.92 30.40
CA LYS L 496 -80.88 22.84 30.64
C LYS L 496 -80.42 23.80 31.73
N PHE L 497 -81.07 24.96 31.86
CA PHE L 497 -80.70 25.91 32.91
C PHE L 497 -80.94 25.32 34.29
N LEU L 498 -82.07 24.63 34.48
CA LEU L 498 -82.37 24.06 35.78
C LEU L 498 -81.54 22.81 36.05
N GLN L 499 -81.14 22.10 34.98
CA GLN L 499 -80.39 20.86 35.16
C GLN L 499 -79.03 21.14 35.79
N MET L 500 -78.33 22.18 35.35
CA MET L 500 -77.00 22.46 35.91
C MET L 500 -77.11 23.02 37.32
N LEU L 501 -78.06 23.92 37.55
CA LEU L 501 -78.21 24.54 38.88
C LEU L 501 -78.45 23.47 39.94
N LEU L 502 -79.29 22.49 39.63
CA LEU L 502 -79.57 21.42 40.58
C LEU L 502 -78.48 20.35 40.60
N VAL L 503 -77.73 20.19 39.51
CA VAL L 503 -76.71 19.14 39.44
C VAL L 503 -75.31 19.72 39.41
N GLY L 504 -75.02 20.56 38.41
CA GLY L 504 -73.65 21.03 38.23
C GLY L 504 -73.17 21.90 39.39
N CYS L 505 -73.98 22.84 39.83
CA CYS L 505 -73.64 23.70 40.95
C CYS L 505 -74.16 23.17 42.28
N GLY L 506 -74.84 22.03 42.27
CA GLY L 506 -75.39 21.48 43.49
C GLY L 506 -74.57 20.36 44.08
N SER L 507 -74.04 19.49 43.21
CA SER L 507 -73.25 18.35 43.67
C SER L 507 -71.97 18.77 44.36
N VAL L 508 -71.49 19.99 44.11
CA VAL L 508 -70.27 20.46 44.78
C VAL L 508 -70.53 20.68 46.26
N SER L 509 -71.63 21.36 46.59
CA SER L 509 -71.90 21.68 47.99
C SER L 509 -72.38 20.48 48.80
N ILE L 510 -73.12 19.56 48.17
CA ILE L 510 -73.61 18.40 48.89
C ILE L 510 -72.45 17.55 49.39
N PHE L 511 -71.45 17.32 48.53
CA PHE L 511 -70.27 16.57 48.95
C PHE L 511 -69.52 17.28 50.07
N ASN L 512 -69.39 18.61 49.97
CA ASN L 512 -68.64 19.38 50.94
C ASN L 512 -69.32 19.45 52.31
N GLN L 513 -70.59 19.07 52.40
CA GLN L 513 -71.32 19.23 53.65
C GLN L 513 -71.80 17.92 54.26
N PHE L 514 -72.01 16.88 53.47
CA PHE L 514 -72.65 15.66 53.98
C PHE L 514 -71.84 14.40 53.81
N VAL L 515 -70.76 14.41 53.03
CA VAL L 515 -69.99 13.19 52.81
C VAL L 515 -68.53 13.40 53.18
N THR L 516 -68.05 14.64 53.11
CA THR L 516 -66.63 14.91 53.31
C THR L 516 -66.21 14.81 54.76
N GLU L 517 -67.14 14.69 55.70
CA GLU L 517 -66.81 14.59 57.11
C GLU L 517 -66.49 13.17 57.56
N LEU L 518 -66.12 12.29 56.63
CA LEU L 518 -65.77 10.92 56.97
C LEU L 518 -64.26 10.79 57.17
N ASP L 524 -54.47 10.61 55.10
CA ASP L 524 -55.62 9.86 54.62
C ASP L 524 -56.06 10.33 53.25
N ARG L 525 -55.09 10.80 52.46
CA ARG L 525 -55.40 11.32 51.13
C ARG L 525 -55.88 10.23 50.18
N GLU L 526 -55.57 8.96 50.47
CA GLU L 526 -56.09 7.87 49.64
C GLU L 526 -57.55 7.58 49.94
N LYS L 527 -57.99 7.80 51.19
CA LYS L 527 -59.39 7.62 51.51
C LYS L 527 -60.23 8.76 50.94
N PHE L 528 -59.69 9.98 50.94
CA PHE L 528 -60.39 11.10 50.36
C PHE L 528 -60.63 10.89 48.87
N GLU L 529 -59.64 10.34 48.17
CA GLU L 529 -59.85 9.96 46.78
C GLU L 529 -60.74 8.73 46.66
N GLN L 530 -60.64 7.81 47.62
CA GLN L 530 -61.55 6.67 47.64
C GLN L 530 -62.99 7.12 47.84
N LEU L 531 -63.20 8.11 48.71
CA LEU L 531 -64.54 8.62 48.94
C LEU L 531 -65.11 9.27 47.69
N ILE L 532 -64.29 10.04 46.96
CA ILE L 532 -64.76 10.69 45.75
C ILE L 532 -65.12 9.67 44.68
N SER L 533 -64.33 8.60 44.58
CA SER L 533 -64.62 7.55 43.59
C SER L 533 -65.92 6.82 43.86
N GLU L 534 -66.49 6.94 45.07
CA GLU L 534 -67.78 6.36 45.41
C GLU L 534 -68.93 7.35 45.26
N TYR L 535 -68.69 8.63 45.60
CA TYR L 535 -69.74 9.63 45.47
C TYR L 535 -70.12 9.84 44.00
N VAL L 536 -69.13 9.87 43.11
CA VAL L 536 -69.41 10.03 41.69
C VAL L 536 -70.17 8.82 41.17
N ALA L 537 -69.75 7.62 41.55
CA ALA L 537 -70.41 6.41 41.06
C ALA L 537 -71.81 6.23 41.63
N TYR L 538 -72.13 6.94 42.72
CA TYR L 538 -73.47 6.87 43.30
C TYR L 538 -74.37 7.96 42.75
N MET L 539 -73.95 9.21 42.86
CA MET L 539 -74.74 10.32 42.31
C MET L 539 -74.85 10.25 40.80
N SER L 540 -73.95 9.52 40.14
CA SER L 540 -73.92 9.44 38.68
C SER L 540 -73.86 10.83 38.06
N VAL L 541 -72.78 11.55 38.39
CA VAL L 541 -72.58 12.89 37.85
C VAL L 541 -72.49 12.82 36.32
N GLY L 542 -71.68 11.89 35.82
CA GLY L 542 -71.82 11.46 34.44
C GLY L 542 -72.77 10.28 34.35
N ARG L 543 -73.11 9.92 33.11
CA ARG L 543 -74.05 8.83 32.86
C ARG L 543 -75.41 9.09 33.52
N ILE L 544 -75.79 10.36 33.61
CA ILE L 544 -77.00 10.73 34.32
C ILE L 544 -78.23 10.24 33.57
N GLU L 545 -79.28 9.92 34.30
CA GLU L 545 -80.55 9.49 33.73
C GLU L 545 -81.53 10.63 33.55
N SER L 546 -81.81 11.38 34.62
CA SER L 546 -82.76 12.49 34.55
C SER L 546 -82.55 13.36 35.78
N ALA L 547 -83.04 14.61 35.69
CA ALA L 547 -82.96 15.52 36.82
C ALA L 547 -83.86 15.08 37.97
N SER L 548 -84.78 14.15 37.74
CA SER L 548 -85.62 13.62 38.81
C SER L 548 -84.98 12.42 39.50
N HIS L 549 -84.40 11.50 38.72
CA HIS L 549 -83.71 10.36 39.31
C HIS L 549 -82.52 10.79 40.14
N TRP L 550 -81.91 11.93 39.80
CA TRP L 550 -80.81 12.46 40.61
C TRP L 550 -81.30 12.88 41.99
N ALA L 551 -82.48 13.48 42.06
CA ALA L 551 -83.00 13.94 43.35
C ALA L 551 -83.35 12.77 44.26
N ASN L 552 -83.84 11.67 43.69
CA ASN L 552 -84.15 10.50 44.52
C ASN L 552 -82.89 9.94 45.17
N ARG L 553 -81.79 9.91 44.44
CA ARG L 553 -80.53 9.46 45.02
C ARG L 553 -79.94 10.52 45.94
N CYS L 554 -80.11 11.80 45.61
CA CYS L 554 -79.64 12.86 46.49
C CYS L 554 -80.36 12.84 47.83
N CYS L 555 -81.60 12.34 47.85
CA CYS L 555 -82.34 12.27 49.10
C CYS L 555 -81.70 11.29 50.07
N ALA L 556 -81.19 10.16 49.56
CA ALA L 556 -80.56 9.18 50.43
C ALA L 556 -79.27 9.71 51.03
N VAL L 557 -78.47 10.43 50.23
CA VAL L 557 -77.18 10.94 50.73
C VAL L 557 -77.40 11.97 51.83
N VAL L 558 -78.32 12.91 51.62
CA VAL L 558 -78.54 13.97 52.60
C VAL L 558 -79.16 13.41 53.87
N ALA L 559 -79.92 12.31 53.76
CA ALA L 559 -80.55 11.70 54.92
C ALA L 559 -79.62 10.79 55.71
N ASN L 560 -78.47 10.43 55.15
CA ASN L 560 -77.55 9.53 55.86
C ASN L 560 -76.95 10.21 57.08
N SER L 561 -76.60 11.49 56.95
CA SER L 561 -76.00 12.22 58.07
C SER L 561 -77.02 12.40 59.19
N PRO L 562 -76.68 12.09 60.44
CA PRO L 562 -77.65 12.20 61.52
C PRO L 562 -77.99 13.65 61.84
N ASN L 563 -79.19 13.85 62.36
CA ASN L 563 -79.67 15.15 62.81
C ASN L 563 -79.89 15.12 64.32
N ASP L 564 -79.63 16.25 64.97
CA ASP L 564 -79.66 16.30 66.42
C ASP L 564 -81.10 16.15 66.92
N GLU L 565 -81.23 15.59 68.13
CA GLU L 565 -82.48 15.12 68.74
C GLU L 565 -83.34 14.30 67.77
N LYS L 566 -82.71 13.71 66.76
CA LYS L 566 -83.35 12.76 65.85
C LYS L 566 -84.67 13.30 65.29
N ILE L 567 -84.63 14.53 64.79
CA ILE L 567 -85.81 15.14 64.17
C ILE L 567 -85.76 14.87 62.67
N GLY L 568 -86.88 14.42 62.12
CA GLY L 568 -86.94 13.98 60.74
C GLY L 568 -87.03 15.08 59.71
N VAL L 569 -86.43 16.24 59.99
CA VAL L 569 -86.31 17.31 59.01
C VAL L 569 -84.84 17.49 58.67
N PHE L 570 -84.56 17.79 57.41
CA PHE L 570 -83.19 17.96 56.92
C PHE L 570 -83.15 19.18 56.02
N LEU L 571 -82.03 19.35 55.31
CA LEU L 571 -81.86 20.48 54.42
C LEU L 571 -82.73 20.29 53.17
N GLY L 572 -83.73 21.14 53.01
CA GLY L 572 -84.57 21.10 51.82
C GLY L 572 -85.38 19.83 51.66
N MET L 573 -85.95 19.34 52.74
CA MET L 573 -86.73 18.10 52.71
C MET L 573 -87.39 17.89 54.06
N VAL L 574 -88.46 17.11 54.06
CA VAL L 574 -89.17 16.72 55.28
C VAL L 574 -89.51 15.25 55.18
N GLN L 575 -89.27 14.51 56.25
CA GLN L 575 -89.59 13.09 56.31
C GLN L 575 -90.92 12.91 57.03
N LEU L 576 -91.85 12.22 56.38
CA LEU L 576 -93.17 11.97 56.92
C LEU L 576 -93.29 10.54 57.40
N ASN L 577 -94.12 10.34 58.41
CA ASN L 577 -94.29 9.01 58.99
C ASN L 577 -94.92 8.06 57.98
N ARG L 578 -94.54 6.79 58.08
CA ARG L 578 -95.07 5.74 57.21
C ARG L 578 -96.13 4.90 57.91
N LYS L 579 -95.86 4.46 59.14
CA LYS L 579 -96.83 3.74 59.94
C LYS L 579 -97.65 4.72 60.78
N SER L 580 -98.51 4.19 61.63
CA SER L 580 -99.35 4.98 62.51
C SER L 580 -98.98 4.71 63.96
N ARG L 581 -98.96 5.77 64.77
CA ARG L 581 -98.57 5.69 66.17
C ARG L 581 -99.80 5.89 67.04
N GLN L 582 -99.97 5.01 68.03
CA GLN L 582 -101.13 5.06 68.90
C GLN L 582 -101.09 6.30 69.80
N HIS L 583 -102.29 6.79 70.14
CA HIS L 583 -102.45 7.91 71.07
C HIS L 583 -101.73 9.17 70.56
N MET L 584 -102.18 9.63 69.40
CA MET L 584 -101.59 10.82 68.79
C MET L 584 -102.05 12.07 69.53
N PRO L 585 -101.15 12.87 70.10
CA PRO L 585 -101.58 14.12 70.74
C PRO L 585 -102.00 15.16 69.73
N GLY L 586 -103.30 15.37 69.60
CA GLY L 586 -103.85 16.32 68.65
C GLY L 586 -104.60 15.62 67.53
N GLY L 587 -104.70 16.34 66.41
CA GLY L 587 -105.42 15.81 65.26
C GLY L 587 -104.50 15.27 64.17
N TYR L 588 -103.26 14.97 64.53
CA TYR L 588 -102.31 14.43 63.56
C TYR L 588 -102.70 13.00 63.18
N LYS L 589 -102.27 12.59 61.99
CA LYS L 589 -102.60 11.27 61.48
C LYS L 589 -101.58 10.87 60.42
N LYS L 590 -101.72 9.64 59.95
CA LYS L 590 -100.86 9.12 58.89
C LYS L 590 -101.09 9.89 57.60
N PHE L 591 -99.99 10.18 56.89
CA PHE L 591 -100.10 10.83 55.59
C PHE L 591 -100.66 9.86 54.56
N ASN L 592 -101.64 10.32 53.79
CA ASN L 592 -102.26 9.52 52.74
C ASN L 592 -102.34 10.34 51.47
N ILE L 593 -101.94 9.72 50.36
CA ILE L 593 -101.97 10.41 49.07
C ILE L 593 -103.39 10.52 48.51
N ASP L 594 -104.32 9.70 49.01
CA ASP L 594 -105.68 9.69 48.48
C ASP L 594 -106.50 10.90 48.92
N THR L 595 -106.10 11.59 49.99
CA THR L 595 -106.85 12.73 50.46
C THR L 595 -106.89 13.85 49.42
N GLU L 596 -105.75 14.15 48.82
CA GLU L 596 -105.68 15.22 47.83
C GLU L 596 -106.20 14.75 46.48
N ASN L 597 -106.84 15.66 45.75
CA ASN L 597 -107.35 15.37 44.41
C ASN L 597 -107.18 16.60 43.54
N GLY L 598 -106.99 16.39 42.25
CA GLY L 598 -106.81 17.47 41.32
C GLY L 598 -105.35 17.82 41.09
N LEU L 599 -105.05 19.13 41.01
CA LEU L 599 -103.67 19.55 40.85
C LEU L 599 -102.86 19.27 42.11
N ALA L 600 -103.49 19.39 43.28
CA ALA L 600 -102.79 19.09 44.53
C ALA L 600 -102.35 17.64 44.62
N LYS L 601 -102.98 16.75 43.85
CA LYS L 601 -102.56 15.36 43.78
C LYS L 601 -101.46 15.14 42.75
N ALA L 602 -101.02 16.19 42.06
CA ALA L 602 -99.93 16.11 41.10
C ALA L 602 -98.70 16.89 41.54
N ALA L 603 -98.87 18.15 41.94
CA ALA L 603 -97.76 18.97 42.39
C ALA L 603 -97.18 18.51 43.72
N MET L 604 -97.88 17.63 44.44
CA MET L 604 -97.38 17.11 45.71
C MET L 604 -97.03 15.63 45.64
N ALA L 605 -97.68 14.87 44.77
CA ALA L 605 -97.30 13.48 44.55
C ALA L 605 -96.03 13.32 43.73
N SER L 606 -95.58 14.39 43.07
CA SER L 606 -94.33 14.36 42.33
C SER L 606 -93.14 14.78 43.18
N SER L 607 -93.34 15.04 44.46
CA SER L 607 -92.30 15.46 45.38
C SER L 607 -92.08 14.43 46.48
N LEU L 608 -92.12 13.15 46.13
CA LEU L 608 -91.95 12.08 47.08
C LEU L 608 -90.65 11.33 46.80
N SER L 609 -90.24 10.52 47.78
CA SER L 609 -89.03 9.72 47.66
C SER L 609 -89.21 8.44 48.46
N THR L 610 -88.42 7.43 48.11
CA THR L 610 -88.50 6.14 48.78
C THR L 610 -87.13 5.47 48.75
N VAL L 611 -86.54 5.28 49.91
CA VAL L 611 -85.26 4.62 50.03
C VAL L 611 -85.51 3.16 50.42
N ALA L 612 -84.46 2.34 50.33
CA ALA L 612 -84.61 0.90 50.49
C ALA L 612 -83.77 0.35 51.65
N SER L 613 -83.85 0.98 52.81
CA SER L 613 -83.13 0.51 53.99
C SER L 613 -83.85 -0.73 54.55
N ASN L 614 -83.46 -1.15 55.76
CA ASN L 614 -84.12 -2.26 56.42
C ASN L 614 -85.63 -2.03 56.49
N ASN L 615 -86.01 -0.82 56.90
CA ASN L 615 -87.37 -0.34 56.75
C ASN L 615 -87.34 0.89 55.84
N LEU L 616 -88.40 1.06 55.06
CA LEU L 616 -88.44 2.13 54.07
C LEU L 616 -88.82 3.46 54.72
N MET L 617 -88.11 4.52 54.35
CA MET L 617 -88.45 5.87 54.75
C MET L 617 -89.12 6.58 53.58
N ASP L 618 -90.27 7.21 53.85
CA ASP L 618 -91.00 7.97 52.85
C ASP L 618 -90.67 9.45 53.05
N PHE L 619 -89.89 10.00 52.13
CA PHE L 619 -89.43 11.38 52.23
C PHE L 619 -90.30 12.30 51.39
N CYS L 620 -90.07 13.60 51.56
CA CYS L 620 -90.69 14.63 50.75
C CYS L 620 -89.67 15.73 50.55
N SER L 621 -89.24 15.93 49.31
CA SER L 621 -88.07 16.76 49.01
C SER L 621 -88.44 17.86 48.02
N VAL L 622 -88.01 19.09 48.31
CA VAL L 622 -88.18 20.18 47.36
C VAL L 622 -87.31 19.97 46.13
N PHE L 623 -86.18 19.27 46.29
CA PHE L 623 -85.30 19.02 45.15
C PHE L 623 -86.01 18.17 44.10
N ASN L 624 -86.81 17.20 44.53
CA ASN L 624 -87.57 16.39 43.59
C ASN L 624 -88.59 17.23 42.83
N LEU L 625 -89.04 18.34 43.43
CA LEU L 625 -89.95 19.23 42.74
C LEU L 625 -89.25 19.97 41.60
N ILE L 626 -87.99 20.40 41.83
CA ILE L 626 -87.27 21.11 40.79
C ILE L 626 -86.96 20.20 39.61
N GLY L 627 -86.70 18.92 39.87
CA GLY L 627 -86.46 17.98 38.78
C GLY L 627 -87.66 17.81 37.88
N ALA L 628 -88.86 17.89 38.44
CA ALA L 628 -90.07 17.77 37.63
C ALA L 628 -90.21 18.93 36.65
N ILE L 629 -89.84 20.14 37.08
CA ILE L 629 -89.95 21.30 36.19
C ILE L 629 -89.00 21.16 35.01
N ALA L 630 -87.74 20.79 35.27
CA ALA L 630 -86.78 20.63 34.20
C ALA L 630 -87.09 19.43 33.31
N ASP L 631 -87.78 18.42 33.85
CA ASP L 631 -88.17 17.27 33.04
C ASP L 631 -89.33 17.61 32.11
N ILE L 632 -90.29 18.40 32.60
CA ILE L 632 -91.46 18.74 31.79
C ILE L 632 -91.08 19.65 30.64
N SER L 633 -90.27 20.69 30.92
CA SER L 633 -89.94 21.68 29.91
C SER L 633 -89.04 21.14 28.80
N ALA L 634 -88.47 19.95 28.97
CA ALA L 634 -87.57 19.39 27.96
C ALA L 634 -88.33 19.05 26.68
N CYS L 635 -89.47 18.39 26.80
CA CYS L 635 -90.23 17.91 25.66
C CYS L 635 -91.58 18.61 25.58
N ARG L 636 -92.02 18.84 24.35
CA ARG L 636 -93.27 19.56 24.09
C ARG L 636 -94.18 18.89 23.07
N CYS L 637 -93.64 18.02 22.20
CA CYS L 637 -94.39 17.54 21.04
C CYS L 637 -95.67 16.83 21.45
N GLU L 638 -95.61 15.97 22.46
CA GLU L 638 -96.74 15.15 22.85
C GLU L 638 -97.30 15.62 24.19
N ARG L 639 -98.63 15.63 24.29
CA ARG L 639 -99.29 15.99 25.54
C ARG L 639 -99.20 14.88 26.58
N SER L 640 -99.10 13.62 26.13
CA SER L 640 -99.01 12.50 27.07
C SER L 640 -97.71 12.52 27.87
N ALA L 641 -96.68 13.20 27.36
CA ALA L 641 -95.41 13.25 28.08
C ALA L 641 -95.53 13.97 29.41
N ILE L 642 -96.48 14.91 29.52
CA ILE L 642 -96.66 15.64 30.77
C ILE L 642 -97.13 14.68 31.87
N THR L 643 -97.99 13.72 31.52
CA THR L 643 -98.42 12.72 32.49
C THR L 643 -97.25 11.88 32.98
N ASN L 644 -96.37 11.48 32.07
CA ASN L 644 -95.25 10.62 32.44
C ASN L 644 -94.34 11.30 33.46
N ALA L 645 -94.06 12.59 33.26
CA ALA L 645 -93.17 13.30 34.17
C ALA L 645 -93.74 13.39 35.59
N PHE L 646 -95.05 13.18 35.75
CA PHE L 646 -95.66 13.20 37.07
C PHE L 646 -95.61 11.85 37.76
N ASN L 647 -95.55 10.76 37.00
CA ASN L 647 -95.56 9.42 37.59
C ASN L 647 -94.50 8.54 36.92
N LYS L 648 -93.29 9.07 36.77
CA LYS L 648 -92.18 8.30 36.23
C LYS L 648 -91.38 7.60 37.33
N VAL L 649 -91.21 8.25 38.47
CA VAL L 649 -90.32 7.77 39.52
C VAL L 649 -91.06 7.44 40.80
N ILE L 650 -92.34 7.83 40.94
CA ILE L 650 -93.01 7.76 42.24
C ILE L 650 -93.11 6.32 42.74
N ALA L 651 -93.51 5.39 41.87
CA ALA L 651 -93.76 4.02 42.30
C ALA L 651 -93.16 3.02 41.31
N GLN L 652 -91.95 3.27 40.85
CA GLN L 652 -91.29 2.36 39.93
C GLN L 652 -89.87 2.06 40.34
N THR L 653 -89.23 2.99 41.05
CA THR L 653 -87.81 2.93 41.34
C THR L 653 -87.55 2.71 42.82
N THR L 654 -86.54 1.90 43.14
CA THR L 654 -86.06 1.72 44.49
C THR L 654 -84.65 2.28 44.60
N CYS L 655 -84.36 2.93 45.73
CA CYS L 655 -83.07 3.58 45.96
C CYS L 655 -82.37 2.89 47.12
N ILE L 656 -81.40 2.03 46.80
CA ILE L 656 -80.60 1.37 47.82
C ILE L 656 -79.75 2.40 48.54
N VAL L 657 -79.49 2.16 49.82
CA VAL L 657 -78.70 3.05 50.67
C VAL L 657 -77.28 3.14 50.12
N PRO L 658 -76.58 4.25 50.36
CA PRO L 658 -75.24 4.39 49.78
C PRO L 658 -74.30 3.36 50.37
N PRO L 659 -73.26 2.96 49.61
CA PRO L 659 -72.36 1.92 50.10
C PRO L 659 -71.64 2.27 51.39
N TRP L 660 -71.32 3.54 51.60
CA TRP L 660 -70.62 3.97 52.82
C TRP L 660 -71.58 4.31 53.95
N SER L 661 -72.80 3.78 53.91
CA SER L 661 -73.77 4.01 54.98
C SER L 661 -73.30 3.33 56.26
N GLU L 662 -72.89 4.14 57.24
CA GLU L 662 -72.44 3.58 58.51
C GLU L 662 -73.57 2.84 59.22
N ALA L 663 -74.77 3.40 59.20
CA ALA L 663 -75.93 2.79 59.84
C ALA L 663 -76.37 1.53 59.11
N GLN L 700 -116.46 10.34 40.61
CA GLN L 700 -115.29 10.99 40.03
C GLN L 700 -114.79 10.23 38.80
N ASP L 701 -114.18 10.94 37.87
CA ASP L 701 -113.64 10.38 36.64
C ASP L 701 -112.12 10.41 36.68
N ASP L 702 -111.50 9.27 36.37
CA ASP L 702 -110.04 9.19 36.40
C ASP L 702 -109.41 10.13 35.37
N ALA L 703 -110.02 10.24 34.19
CA ALA L 703 -109.47 11.10 33.15
C ALA L 703 -109.51 12.57 33.55
N THR L 704 -110.51 12.97 34.34
CA THR L 704 -110.65 14.34 34.79
C THR L 704 -109.81 14.65 36.03
N GLU L 705 -109.10 13.66 36.57
CA GLU L 705 -108.25 13.92 37.72
C GLU L 705 -107.13 14.89 37.38
N PHE L 706 -106.53 14.74 36.20
CA PHE L 706 -105.44 15.60 35.75
C PHE L 706 -105.78 16.40 34.50
N SER L 707 -106.96 16.20 33.91
CA SER L 707 -107.26 16.86 32.64
C SER L 707 -107.20 18.38 32.77
N ASP L 708 -107.78 18.92 33.85
CA ASP L 708 -107.62 20.34 34.12
C ASP L 708 -106.16 20.69 34.43
N ALA L 709 -105.48 19.81 35.18
CA ALA L 709 -104.09 20.07 35.53
C ALA L 709 -103.17 19.96 34.30
N ILE L 710 -103.40 18.95 33.46
CA ILE L 710 -102.54 18.75 32.30
C ILE L 710 -102.65 19.93 31.35
N THR L 711 -103.87 20.43 31.13
CA THR L 711 -104.06 21.57 30.24
C THR L 711 -103.31 22.79 30.75
N LYS L 712 -103.38 23.05 32.05
CA LYS L 712 -102.70 24.21 32.63
C LYS L 712 -101.21 24.20 32.31
N VAL L 713 -100.59 23.02 32.37
CA VAL L 713 -99.17 22.90 32.01
C VAL L 713 -98.97 23.23 30.53
N GLU L 714 -99.88 22.72 29.68
CA GLU L 714 -99.72 22.92 28.24
C GLU L 714 -99.78 24.40 27.87
N GLN L 715 -100.73 25.14 28.45
CA GLN L 715 -100.79 26.57 28.20
C GLN L 715 -99.58 27.28 28.79
N TRP L 716 -99.07 26.79 29.93
CA TRP L 716 -97.86 27.36 30.50
C TRP L 716 -96.66 27.12 29.58
N LEU L 717 -96.60 25.94 28.94
CA LEU L 717 -95.47 25.61 28.09
C LEU L 717 -95.37 26.57 26.90
N LYS L 718 -96.51 26.99 26.36
CA LYS L 718 -96.49 27.91 25.23
C LYS L 718 -95.82 29.24 25.61
N ASN L 719 -96.06 29.71 26.84
CA ASN L 719 -95.37 30.91 27.30
C ASN L 719 -93.88 30.67 27.42
N VAL L 720 -93.48 29.48 27.87
CA VAL L 720 -92.06 29.17 28.03
C VAL L 720 -91.38 29.12 26.66
N ASN L 721 -91.98 28.42 25.71
CA ASN L 721 -91.36 28.24 24.40
C ASN L 721 -91.28 29.53 23.59
N GLU L 722 -91.99 30.58 24.01
CA GLU L 722 -91.94 31.86 23.31
C GLU L 722 -91.01 32.87 23.97
N ILE L 723 -90.66 32.67 25.24
CA ILE L 723 -89.82 33.62 25.96
C ILE L 723 -88.46 33.03 26.33
N GLU L 724 -88.33 31.71 26.44
CA GLU L 724 -87.06 31.11 26.83
C GLU L 724 -85.95 31.39 25.82
N ILE L 725 -86.30 31.79 24.60
CA ILE L 725 -85.29 32.12 23.60
C ILE L 725 -84.51 33.36 24.04
N GLY L 726 -85.19 34.30 24.70
CA GLY L 726 -84.58 35.55 25.10
C GLY L 726 -83.77 35.53 26.37
N ILE L 727 -83.67 34.40 27.06
CA ILE L 727 -82.90 34.33 28.29
C ILE L 727 -81.44 34.09 27.95
N ARG L 728 -80.55 34.68 28.74
CA ARG L 728 -79.09 34.59 28.53
C ARG L 728 -78.42 34.25 29.85
N PRO L 729 -78.44 32.98 30.25
CA PRO L 729 -77.76 32.58 31.48
C PRO L 729 -76.24 32.73 31.35
N SER L 730 -75.56 32.56 32.47
CA SER L 730 -74.11 32.70 32.52
C SER L 730 -73.58 31.86 33.66
N ALA L 731 -72.26 31.67 33.67
CA ALA L 731 -71.62 30.90 34.73
C ALA L 731 -71.82 31.55 36.09
N LEU L 732 -71.71 32.88 36.14
CA LEU L 732 -71.94 33.59 37.40
C LEU L 732 -73.38 33.43 37.87
N LEU L 733 -74.33 33.52 36.95
CA LEU L 733 -75.74 33.49 37.34
C LEU L 733 -76.12 32.14 37.95
N ILE L 734 -75.80 31.04 37.27
CA ILE L 734 -76.17 29.73 37.77
C ILE L 734 -75.46 29.40 39.07
N GLY L 735 -74.36 30.09 39.38
CA GLY L 735 -73.65 29.84 40.62
C GLY L 735 -74.12 30.73 41.75
N LYS L 736 -74.39 32.00 41.45
CA LYS L 736 -74.82 32.92 42.51
C LYS L 736 -76.20 32.56 43.04
N VAL L 737 -77.11 32.11 42.16
CA VAL L 737 -78.44 31.73 42.62
C VAL L 737 -78.37 30.51 43.54
N TRP L 738 -77.36 29.65 43.35
CA TRP L 738 -77.25 28.48 44.22
C TRP L 738 -76.70 28.83 45.59
N SER L 739 -75.87 29.87 45.69
CA SER L 739 -75.38 30.30 46.99
C SER L 739 -76.53 30.80 47.86
N ARG L 740 -77.36 31.69 47.30
CA ARG L 740 -78.50 32.19 48.06
C ARG L 740 -79.51 31.09 48.35
N PHE L 741 -79.76 30.21 47.38
CA PHE L 741 -80.71 29.13 47.58
C PHE L 741 -80.21 28.10 48.59
N TYR L 742 -78.92 28.10 48.90
CA TYR L 742 -78.37 27.12 49.84
C TYR L 742 -78.42 27.62 51.27
N PHE L 743 -77.83 28.78 51.53
CA PHE L 743 -77.80 29.32 52.89
C PHE L 743 -79.20 29.65 53.39
N ASN L 744 -80.05 30.19 52.50
CA ASN L 744 -81.44 30.43 52.87
C ASN L 744 -82.14 29.14 53.24
N LEU L 745 -81.93 28.09 52.44
CA LEU L 745 -82.52 26.80 52.74
C LEU L 745 -81.90 26.16 53.97
N ASN L 746 -80.67 26.55 54.33
CA ASN L 746 -80.05 26.01 55.52
C ASN L 746 -80.71 26.54 56.79
N ASN L 747 -81.02 27.84 56.82
CA ASN L 747 -81.62 28.43 58.01
C ASN L 747 -83.03 27.90 58.25
N VAL L 748 -83.77 27.62 57.17
CA VAL L 748 -85.14 27.12 57.31
C VAL L 748 -85.15 25.77 58.03
N ALA L 749 -84.24 24.87 57.65
CA ALA L 749 -84.17 23.57 58.29
C ALA L 749 -83.69 23.65 59.74
N ASP L 750 -83.15 24.79 60.17
CA ASP L 750 -82.64 24.94 61.53
C ASP L 750 -83.58 25.74 62.43
N GLN L 751 -84.03 26.91 61.97
CA GLN L 751 -84.91 27.74 62.79
C GLN L 751 -86.25 27.06 63.03
N HIS L 752 -86.81 26.41 62.02
CA HIS L 752 -88.11 25.76 62.12
C HIS L 752 -88.03 24.36 62.71
N LYS L 753 -86.96 24.03 63.41
CA LYS L 753 -86.82 22.71 64.03
C LYS L 753 -87.19 22.70 65.51
N THR L 754 -87.15 23.84 66.18
CA THR L 754 -87.53 23.94 67.58
C THR L 754 -88.97 24.41 67.78
N ARG L 755 -89.72 24.62 66.70
CA ARG L 755 -91.07 25.15 66.77
C ARG L 755 -92.11 24.09 66.40
N LEU L 756 -91.93 22.88 66.91
CA LEU L 756 -92.80 21.75 66.64
C LEU L 756 -93.77 21.46 67.78
N TYR L 757 -94.31 22.51 68.39
CA TYR L 757 -95.21 22.37 69.54
C TYR L 757 -96.44 21.54 69.17
N ARG L 758 -97.19 21.16 70.20
CA ARG L 758 -98.41 20.38 70.03
C ARG L 758 -99.55 21.16 69.39
N ASN L 759 -99.41 22.47 69.26
CA ASN L 759 -100.39 23.32 68.57
C ASN L 759 -99.98 23.63 67.15
N ALA L 760 -99.31 22.69 66.48
CA ALA L 760 -98.84 22.93 65.12
C ALA L 760 -99.93 22.73 64.09
N GLU L 761 -100.76 21.69 64.26
CA GLU L 761 -101.83 21.42 63.30
C GLU L 761 -102.78 22.62 63.26
N HIS L 762 -103.13 23.03 62.04
CA HIS L 762 -103.90 24.24 61.78
C HIS L 762 -103.24 25.49 62.35
N GLY L 763 -101.97 25.40 62.72
CA GLY L 763 -101.31 26.52 63.36
C GLY L 763 -101.05 27.65 62.38
N ARG L 764 -101.35 28.87 62.83
CA ARG L 764 -101.12 30.05 62.01
C ARG L 764 -100.45 31.17 62.80
N MET L 765 -99.79 30.85 63.91
CA MET L 765 -99.04 31.83 64.67
C MET L 765 -97.59 31.86 64.18
N ALA L 766 -96.94 33.01 64.34
CA ALA L 766 -95.57 33.17 63.86
C ALA L 766 -94.63 32.18 64.52
N SER L 767 -94.77 31.99 65.83
CA SER L 767 -93.92 31.05 66.54
C SER L 767 -94.30 29.60 66.26
N GLN L 768 -95.51 29.36 65.74
CA GLN L 768 -95.93 28.02 65.38
C GLN L 768 -95.27 27.59 64.07
N SER L 769 -95.09 26.27 63.92
CA SER L 769 -94.50 25.73 62.71
C SER L 769 -94.89 24.27 62.56
N ASN L 770 -95.10 23.85 61.32
CA ASN L 770 -95.42 22.46 61.01
C ASN L 770 -94.83 22.14 59.64
N ALA L 771 -95.28 21.02 59.06
CA ALA L 771 -94.79 20.63 57.74
C ALA L 771 -95.19 21.64 56.68
N ALA L 772 -96.42 22.16 56.76
CA ALA L 772 -96.90 23.09 55.74
C ALA L 772 -96.09 24.38 55.76
N LYS L 773 -95.79 24.90 56.95
CA LYS L 773 -95.02 26.14 57.03
C LYS L 773 -93.59 25.92 56.55
N ILE L 774 -93.01 24.76 56.86
CA ILE L 774 -91.62 24.49 56.45
C ILE L 774 -91.52 24.39 54.93
N MET L 775 -92.41 23.60 54.32
CA MET L 775 -92.34 23.39 52.87
C MET L 775 -92.74 24.64 52.09
N ARG L 776 -93.61 25.46 52.66
CA ARG L 776 -94.00 26.69 51.97
C ARG L 776 -92.81 27.60 51.76
N PHE L 777 -91.92 27.68 52.75
CA PHE L 777 -90.75 28.54 52.62
C PHE L 777 -89.68 27.94 51.72
N ASN L 778 -89.59 26.61 51.67
CA ASN L 778 -88.57 25.97 50.84
C ASN L 778 -88.76 26.31 49.37
N VAL L 779 -89.98 26.10 48.85
CA VAL L 779 -90.25 26.45 47.46
C VAL L 779 -90.29 27.96 47.27
N LEU L 780 -90.57 28.72 48.32
CA LEU L 780 -90.51 30.18 48.23
C LEU L 780 -89.08 30.68 48.26
N ALA L 781 -88.20 29.99 48.98
CA ALA L 781 -86.79 30.38 48.96
C ALA L 781 -86.20 30.24 47.57
N PHE L 782 -86.58 29.17 46.85
CA PHE L 782 -86.11 29.00 45.48
C PHE L 782 -86.60 30.15 44.60
N LEU L 783 -87.88 30.51 44.71
CA LEU L 783 -88.41 31.62 43.91
C LEU L 783 -87.76 32.93 44.30
N HIS L 784 -87.53 33.15 45.60
CA HIS L 784 -86.89 34.37 46.05
C HIS L 784 -85.46 34.49 45.53
N ALA L 785 -84.73 33.37 45.52
CA ALA L 785 -83.34 33.41 45.09
C ALA L 785 -83.21 33.82 43.63
N VAL L 786 -84.08 33.30 42.77
CA VAL L 786 -84.03 33.66 41.35
C VAL L 786 -84.33 35.13 41.16
N LEU L 787 -85.28 35.67 41.92
CA LEU L 787 -85.70 37.05 41.74
C LEU L 787 -84.56 38.02 42.06
N VAL L 788 -83.85 37.78 43.16
CA VAL L 788 -82.80 38.72 43.59
C VAL L 788 -81.67 38.74 42.57
N GLU L 789 -81.20 37.57 42.15
CA GLU L 789 -80.05 37.51 41.26
C GLU L 789 -80.39 37.91 39.84
N GLU L 790 -81.65 37.75 39.43
CA GLU L 790 -82.05 38.11 38.07
C GLU L 790 -81.81 39.59 37.80
N SER L 791 -82.16 40.44 38.75
CA SER L 791 -81.95 41.87 38.59
C SER L 791 -80.48 42.26 38.73
N LEU L 792 -79.61 41.35 39.14
CA LEU L 792 -78.22 41.66 39.40
C LEU L 792 -77.27 41.26 38.27
N TYR L 793 -77.37 40.01 37.78
CA TYR L 793 -76.37 39.48 36.87
C TYR L 793 -76.96 38.84 35.62
N HIS L 794 -78.13 39.27 35.16
CA HIS L 794 -78.66 38.76 33.91
C HIS L 794 -78.24 39.67 32.75
N SER L 795 -78.03 39.06 31.59
CA SER L 795 -77.46 39.78 30.45
C SER L 795 -78.46 40.74 29.82
N VAL L 796 -79.72 40.32 29.68
CA VAL L 796 -80.69 41.11 28.92
C VAL L 796 -80.96 42.44 29.62
N SER L 797 -80.96 42.46 30.94
CA SER L 797 -81.22 43.69 31.67
C SER L 797 -80.11 44.71 31.45
N ASP L 798 -80.49 45.98 31.32
CA ASP L 798 -79.51 47.04 31.16
C ASP L 798 -78.83 47.39 32.48
N ARG L 799 -79.56 47.31 33.59
CA ARG L 799 -79.04 47.67 34.90
C ARG L 799 -79.85 46.92 35.96
N GLU L 800 -79.69 47.32 37.22
CA GLU L 800 -80.39 46.70 38.33
C GLU L 800 -81.57 47.54 38.76
N TYR L 801 -82.65 46.88 39.18
CA TYR L 801 -83.86 47.54 39.62
C TYR L 801 -84.14 47.34 41.10
N ILE L 802 -83.26 46.63 41.82
CA ILE L 802 -83.44 46.47 43.26
C ILE L 802 -83.35 47.82 43.97
N GLY L 803 -82.38 48.63 43.57
CA GLY L 803 -82.15 49.89 44.25
C GLY L 803 -81.28 49.71 45.48
N GLU L 804 -80.97 50.84 46.12
CA GLU L 804 -80.15 50.82 47.32
C GLU L 804 -80.93 50.24 48.49
N GLY L 805 -80.35 49.27 49.17
CA GLY L 805 -81.01 48.63 50.28
C GLY L 805 -80.24 47.41 50.74
N LEU L 806 -80.90 46.63 51.59
CA LEU L 806 -80.33 45.42 52.15
C LEU L 806 -81.11 44.21 51.66
N ARG L 807 -80.39 43.23 51.10
CA ARG L 807 -81.00 42.02 50.56
C ARG L 807 -80.99 40.95 51.64
N LEU L 808 -82.17 40.54 52.08
CA LEU L 808 -82.33 39.58 53.16
C LEU L 808 -83.02 38.32 52.62
N ASN L 809 -83.34 37.40 53.53
CA ASN L 809 -83.86 36.09 53.17
C ASN L 809 -85.13 35.79 53.95
N PRO L 810 -86.22 35.37 53.28
CA PRO L 810 -87.44 35.03 54.02
C PRO L 810 -87.37 33.67 54.68
N VAL L 811 -86.80 33.60 55.88
CA VAL L 811 -86.64 32.32 56.56
C VAL L 811 -87.84 32.00 57.45
N THR L 812 -88.41 32.99 58.13
CA THR L 812 -89.54 32.76 59.03
C THR L 812 -90.82 33.45 58.59
N SER L 813 -90.72 34.56 57.88
CA SER L 813 -91.90 35.23 57.34
C SER L 813 -91.73 35.49 55.84
N VAL L 814 -92.61 36.30 55.26
CA VAL L 814 -92.51 36.63 53.84
C VAL L 814 -92.61 38.14 53.67
N ASP L 815 -92.59 38.88 54.78
CA ASP L 815 -92.90 40.31 54.73
C ASP L 815 -91.93 41.07 53.84
N GLU L 816 -90.64 40.77 53.94
CA GLU L 816 -89.66 41.48 53.11
C GLU L 816 -89.61 40.95 51.69
N PHE L 817 -90.16 39.76 51.44
CA PHE L 817 -90.25 39.27 50.07
C PHE L 817 -91.16 40.15 49.24
N GLU L 818 -92.34 40.48 49.76
CA GLU L 818 -93.23 41.40 49.06
C GLU L 818 -92.60 42.78 48.93
N LYS L 819 -91.80 43.19 49.91
CA LYS L 819 -91.07 44.44 49.78
C LYS L 819 -90.19 44.43 48.55
N LYS L 820 -89.57 43.28 48.25
CA LYS L 820 -88.75 43.18 47.05
C LYS L 820 -89.61 43.29 45.79
N ILE L 821 -90.68 42.51 45.71
CA ILE L 821 -91.49 42.47 44.50
C ILE L 821 -92.17 43.81 44.26
N LYS L 822 -92.71 44.43 45.32
CA LYS L 822 -93.44 45.68 45.15
C LYS L 822 -92.50 46.81 44.70
N ILE L 823 -91.31 46.89 45.28
CA ILE L 823 -90.38 47.95 44.91
C ILE L 823 -89.91 47.79 43.48
N ILE L 824 -89.63 46.54 43.07
CA ILE L 824 -89.21 46.31 41.68
C ILE L 824 -90.33 46.70 40.72
N GLY L 825 -91.57 46.38 41.07
CA GLY L 825 -92.69 46.74 40.21
C GLY L 825 -92.81 48.23 39.97
N GLU L 826 -92.49 49.04 40.98
CA GLU L 826 -92.53 50.48 40.82
C GLU L 826 -91.50 50.95 39.78
N LYS L 827 -90.32 50.35 39.79
CA LYS L 827 -89.24 50.81 38.90
C LYS L 827 -89.62 50.62 37.44
N LEU L 828 -90.18 49.46 37.09
CA LEU L 828 -90.53 49.22 35.69
C LEU L 828 -91.69 50.10 35.24
N LYS L 829 -92.60 50.45 36.15
CA LYS L 829 -93.68 51.36 35.81
C LYS L 829 -93.14 52.75 35.46
N ALA L 830 -92.18 53.24 36.24
CA ALA L 830 -91.60 54.56 35.97
C ALA L 830 -90.81 54.56 34.67
N ASP L 831 -90.06 53.49 34.40
CA ASP L 831 -89.21 53.40 33.22
C ASP L 831 -89.97 52.93 31.99
N ASN L 832 -91.26 52.65 32.10
CA ASN L 832 -92.07 52.17 30.97
C ASN L 832 -91.49 50.89 30.39
N LYS L 833 -91.04 49.99 31.27
CA LYS L 833 -90.47 48.71 30.87
C LYS L 833 -91.43 47.59 31.23
N THR L 834 -91.69 46.71 30.27
CA THR L 834 -92.56 45.57 30.52
C THR L 834 -91.89 44.59 31.47
N TRP L 835 -92.72 43.90 32.26
CA TRP L 835 -92.21 43.01 33.30
C TRP L 835 -91.62 41.73 32.74
N LYS L 836 -92.29 41.12 31.77
CA LYS L 836 -91.87 39.81 31.27
C LYS L 836 -90.51 39.87 30.59
N ASN L 837 -90.27 40.91 29.78
CA ASN L 837 -89.03 40.96 29.01
C ASN L 837 -87.82 41.16 29.90
N THR L 838 -87.92 42.00 30.93
CA THR L 838 -86.76 42.34 31.73
C THR L 838 -86.34 41.19 32.65
N HIS L 839 -87.29 40.40 33.13
CA HIS L 839 -87.01 39.28 34.04
C HIS L 839 -87.62 38.00 33.48
N PRO L 840 -87.11 37.50 32.36
CA PRO L 840 -87.75 36.34 31.72
C PRO L 840 -87.73 35.08 32.57
N LEU L 841 -86.62 34.82 33.29
CA LEU L 841 -86.54 33.60 34.08
C LEU L 841 -87.47 33.63 35.27
N PHE L 842 -87.60 34.80 35.91
CA PHE L 842 -88.53 34.93 37.02
C PHE L 842 -89.97 34.75 36.56
N PHE L 843 -90.32 35.32 35.40
CA PHE L 843 -91.69 35.24 34.91
C PHE L 843 -92.10 33.79 34.64
N LEU L 844 -91.21 33.00 34.04
CA LEU L 844 -91.56 31.62 33.69
C LEU L 844 -91.60 30.70 34.90
N LEU L 845 -91.02 31.12 36.03
CA LEU L 845 -91.05 30.29 37.24
C LEU L 845 -92.22 30.63 38.15
N ILE L 846 -92.50 31.93 38.35
CA ILE L 846 -93.63 32.33 39.17
C ILE L 846 -94.95 31.95 38.52
N SER L 847 -94.96 31.72 37.20
CA SER L 847 -96.16 31.32 36.48
C SER L 847 -96.29 29.80 36.39
N CYS L 848 -95.39 29.05 37.01
CA CYS L 848 -95.42 27.60 36.91
C CYS L 848 -96.64 27.06 37.65
N PRO L 849 -97.50 26.28 37.00
CA PRO L 849 -98.65 25.70 37.71
C PRO L 849 -98.26 24.79 38.85
N ILE L 850 -97.13 24.08 38.75
CA ILE L 850 -96.75 23.12 39.77
C ILE L 850 -96.48 23.81 41.10
N LEU L 851 -95.78 24.95 41.07
CA LEU L 851 -95.44 25.66 42.29
C LEU L 851 -96.62 26.40 42.90
N HIS L 852 -97.70 26.60 42.15
CA HIS L 852 -98.83 27.37 42.67
C HIS L 852 -99.47 26.75 43.91
N PRO L 853 -99.76 25.45 43.97
CA PRO L 853 -100.35 24.90 45.21
C PRO L 853 -99.47 25.07 46.43
N PHE L 854 -98.15 25.08 46.27
CA PHE L 854 -97.25 25.18 47.40
C PHE L 854 -97.02 26.62 47.85
N ILE L 855 -97.54 27.60 47.12
CA ILE L 855 -97.41 29.00 47.55
C ILE L 855 -98.28 29.26 48.78
N PHE L 856 -99.51 28.73 48.79
CA PHE L 856 -100.47 28.95 49.87
C PHE L 856 -101.02 27.61 50.35
N PRO L 857 -100.24 26.86 51.12
CA PRO L 857 -100.78 25.65 51.76
C PRO L 857 -101.72 26.01 52.90
N VAL L 858 -102.41 25.02 53.46
CA VAL L 858 -103.38 25.30 54.52
C VAL L 858 -102.67 25.76 55.79
N GLY L 859 -101.76 24.92 56.30
CA GLY L 859 -101.10 25.24 57.55
C GLY L 859 -100.08 26.36 57.46
N GLY L 860 -99.57 26.64 56.26
CA GLY L 860 -98.55 27.67 56.11
C GLY L 860 -99.07 29.08 56.30
N ILE L 861 -100.37 29.30 56.12
CA ILE L 861 -100.93 30.63 56.27
C ILE L 861 -100.79 31.07 57.73
N ASN L 862 -100.58 32.37 57.94
CA ASN L 862 -100.46 32.96 59.26
C ASN L 862 -101.67 33.86 59.54
N CYS L 863 -102.24 33.72 60.73
CA CYS L 863 -103.39 34.52 61.15
C CYS L 863 -102.92 35.56 62.17
N SER L 864 -102.81 36.80 61.71
CA SER L 864 -102.50 37.93 62.57
C SER L 864 -102.91 39.21 61.85
N VAL L 865 -103.24 40.24 62.61
CA VAL L 865 -103.67 41.49 62.02
C VAL L 865 -102.56 42.09 61.16
N LYS L 866 -101.31 42.04 61.65
CA LYS L 866 -100.19 42.52 60.86
C LYS L 866 -99.82 41.53 59.77
N ALA L 867 -99.85 40.22 60.09
CA ALA L 867 -99.47 39.21 59.10
C ALA L 867 -100.46 39.18 57.94
N LEU L 868 -101.74 39.38 58.22
CA LEU L 868 -102.74 39.35 57.15
C LEU L 868 -102.52 40.48 56.16
N ASN L 869 -102.03 41.63 56.62
CA ASN L 869 -101.75 42.74 55.71
C ASN L 869 -100.65 42.35 54.71
N LYS L 870 -99.61 41.67 55.19
CA LYS L 870 -98.55 41.23 54.29
C LYS L 870 -99.01 40.06 53.43
N GLU L 871 -99.74 39.10 54.02
CA GLU L 871 -100.20 37.96 53.25
C GLU L 871 -101.17 38.37 52.15
N THR L 872 -102.06 39.33 52.45
CA THR L 872 -102.97 39.83 51.43
C THR L 872 -102.22 40.48 50.28
N SER L 873 -101.22 41.30 50.58
CA SER L 873 -100.45 41.96 49.54
C SER L 873 -99.68 40.95 48.70
N PHE L 874 -99.18 39.88 49.33
CA PHE L 874 -98.47 38.85 48.57
C PHE L 874 -99.40 38.19 47.55
N ASN L 875 -100.64 37.93 47.94
CA ASN L 875 -101.61 37.39 46.99
C ASN L 875 -101.92 38.39 45.89
N LYS L 876 -102.05 39.68 46.23
CA LYS L 876 -102.43 40.68 45.25
C LYS L 876 -101.36 40.86 44.18
N LEU L 877 -100.09 40.91 44.58
CA LEU L 877 -99.02 41.20 43.62
C LEU L 877 -98.81 40.05 42.65
N ILE L 878 -98.92 38.81 43.13
CA ILE L 878 -98.76 37.66 42.25
C ILE L 878 -99.90 37.60 41.23
N ASP L 879 -101.08 38.11 41.59
CA ASP L 879 -102.18 38.17 40.64
C ASP L 879 -101.81 38.98 39.41
N GLU L 880 -101.18 40.14 39.61
CA GLU L 880 -100.82 41.01 38.49
C GLU L 880 -99.70 40.42 37.66
N ILE L 881 -98.69 39.83 38.31
CA ILE L 881 -97.52 39.34 37.58
C ILE L 881 -97.91 38.16 36.70
N VAL L 882 -98.60 37.17 37.27
CA VAL L 882 -98.99 35.99 36.50
C VAL L 882 -100.04 36.34 35.46
N GLY L 883 -101.00 37.20 35.82
CA GLY L 883 -102.11 37.51 34.96
C GLY L 883 -103.32 36.63 35.13
N ASP L 884 -103.21 35.57 35.93
CA ASP L 884 -104.32 34.68 36.24
C ASP L 884 -104.49 34.59 37.74
N LYS L 885 -105.74 34.60 38.21
CA LYS L 885 -106.02 34.54 39.63
C LYS L 885 -105.68 33.14 40.16
N LEU L 886 -104.75 33.09 41.12
CA LEU L 886 -104.35 31.80 41.69
C LEU L 886 -105.52 31.13 42.39
N LEU L 887 -106.05 31.77 43.44
CA LEU L 887 -107.14 31.23 44.22
C LEU L 887 -108.29 32.23 44.26
N SER L 888 -109.51 31.71 44.29
CA SER L 888 -110.68 32.57 44.28
C SER L 888 -110.83 33.31 45.60
N ASP L 889 -111.62 34.37 45.58
CA ASP L 889 -111.81 35.20 46.77
C ASP L 889 -112.53 34.43 47.87
N GLU L 890 -113.51 33.60 47.50
CA GLU L 890 -114.24 32.85 48.51
C GLU L 890 -113.39 31.74 49.11
N GLU L 891 -112.52 31.11 48.31
CA GLU L 891 -111.61 30.10 48.84
C GLU L 891 -110.57 30.72 49.76
N TRP L 892 -110.10 31.93 49.41
CA TRP L 892 -109.08 32.58 50.21
C TRP L 892 -109.61 32.94 51.61
N ASP L 893 -110.86 33.37 51.68
CA ASP L 893 -111.43 33.76 52.98
C ASP L 893 -111.53 32.58 53.93
N TYR L 894 -111.81 31.39 53.41
CA TYR L 894 -111.88 30.21 54.27
C TYR L 894 -110.53 29.90 54.90
N LEU L 895 -109.44 30.01 54.11
CA LEU L 895 -108.12 29.68 54.62
C LEU L 895 -107.70 30.64 55.74
N THR L 896 -107.95 31.93 55.56
CA THR L 896 -107.44 32.92 56.51
C THR L 896 -108.20 32.86 57.84
N LYS L 897 -109.52 32.77 57.79
CA LYS L 897 -110.36 32.81 58.98
C LYS L 897 -111.01 31.44 59.16
N ASN L 898 -110.33 30.55 59.88
CA ASN L 898 -110.81 29.21 60.18
C ASN L 898 -111.18 28.44 58.92
N GLN L 907 -117.26 19.19 54.01
CA GLN L 907 -116.67 20.51 53.85
C GLN L 907 -116.48 20.87 52.38
N GLN L 908 -115.42 21.60 52.07
CA GLN L 908 -115.14 22.07 50.73
C GLN L 908 -113.91 21.39 50.16
N ILE L 909 -114.00 20.96 48.91
CA ILE L 909 -112.88 20.33 48.21
C ILE L 909 -112.08 21.41 47.48
N PHE L 910 -110.78 21.19 47.38
CA PHE L 910 -109.87 22.13 46.75
C PHE L 910 -109.21 21.51 45.53
N GLN L 911 -108.84 22.37 44.57
CA GLN L 911 -108.17 21.93 43.36
C GLN L 911 -106.81 22.58 43.14
N ASN L 912 -106.47 23.63 43.90
CA ASN L 912 -105.22 24.35 43.72
C ASN L 912 -104.55 24.63 45.06
N THR L 913 -104.67 23.69 46.00
CA THR L 913 -104.08 23.87 47.32
C THR L 913 -104.01 22.52 48.02
N ILE L 914 -102.86 22.22 48.62
CA ILE L 914 -102.73 21.00 49.42
C ILE L 914 -103.46 21.20 50.74
N THR L 915 -104.28 20.23 51.11
CA THR L 915 -105.15 20.35 52.28
C THR L 915 -104.60 19.64 53.51
N SER L 916 -104.33 18.34 53.41
CA SER L 916 -103.99 17.52 54.58
C SER L 916 -102.51 17.20 54.67
N LEU L 917 -101.65 18.16 54.34
CA LEU L 917 -100.21 17.94 54.52
C LEU L 917 -99.73 18.40 55.90
N ASN L 918 -100.31 19.49 56.41
CA ASN L 918 -99.96 19.94 57.76
C ASN L 918 -100.35 18.90 58.80
N SER L 919 -101.51 18.26 58.63
CA SER L 919 -101.95 17.25 59.57
C SER L 919 -101.02 16.06 59.61
N SER L 920 -100.19 15.86 58.59
CA SER L 920 -99.22 14.78 58.61
C SER L 920 -98.15 15.04 59.65
N THR L 921 -97.59 13.96 60.19
CA THR L 921 -96.64 14.04 61.30
C THR L 921 -95.25 13.65 60.83
N ILE L 922 -94.25 14.37 61.34
CA ILE L 922 -92.86 14.05 61.07
C ILE L 922 -92.43 12.88 61.94
N VAL L 923 -91.88 11.84 61.33
CA VAL L 923 -91.44 10.68 62.09
C VAL L 923 -90.21 11.05 62.91
N GLY L 924 -90.07 10.42 64.08
CA GLY L 924 -88.99 10.72 64.97
C GLY L 924 -89.22 11.92 65.87
N ALA L 925 -90.43 12.49 65.87
CA ALA L 925 -90.76 13.64 66.68
C ALA L 925 -91.90 13.31 67.62
N SER L 926 -91.78 13.74 68.88
CA SER L 926 -92.81 13.57 69.88
C SER L 926 -93.37 14.94 70.26
N TYR L 927 -94.69 15.02 70.38
CA TYR L 927 -95.39 16.28 70.56
C TYR L 927 -95.83 16.49 72.01
N ASP L 928 -95.02 16.05 72.97
CA ASP L 928 -95.37 16.27 74.38
C ASP L 928 -95.39 17.76 74.72
N LYS L 929 -94.40 18.51 74.23
CA LYS L 929 -94.32 19.93 74.53
C LYS L 929 -95.43 20.69 73.81
N ASP L 930 -95.89 21.77 74.43
CA ASP L 930 -96.94 22.63 73.89
C ASP L 930 -96.36 24.01 73.57
N THR L 931 -97.20 24.85 73.01
CA THR L 931 -96.76 26.19 72.59
C THR L 931 -96.58 27.10 73.79
N PRO L 932 -95.41 27.69 73.99
CA PRO L 932 -95.26 28.70 75.05
C PRO L 932 -96.10 29.93 74.75
N ALA L 933 -96.58 30.56 75.81
CA ALA L 933 -97.44 31.74 75.70
C ALA L 933 -96.61 32.99 75.95
N ARG L 934 -96.65 33.92 75.00
CA ARG L 934 -95.92 35.18 75.13
C ARG L 934 -96.51 36.24 74.21
N LYS M 13 22.01 20.27 71.53
CA LYS M 13 21.46 21.62 71.46
C LYS M 13 20.84 21.90 70.10
N ILE M 14 19.63 22.45 70.11
CA ILE M 14 18.91 22.80 68.89
C ILE M 14 18.59 24.28 68.93
N ILE M 15 18.97 25.00 67.88
CA ILE M 15 18.69 26.42 67.73
C ILE M 15 17.86 26.59 66.48
N ILE M 16 16.61 27.00 66.64
CA ILE M 16 15.67 27.14 65.53
C ILE M 16 15.61 28.62 65.14
N ASN M 17 15.91 28.91 63.88
CA ASN M 17 15.82 30.27 63.36
C ASN M 17 14.45 30.46 62.74
N LEU M 18 13.64 31.34 63.34
CA LEU M 18 12.31 31.61 62.80
C LEU M 18 12.35 32.40 61.51
N PHE M 19 13.43 33.14 61.27
CA PHE M 19 13.58 33.90 60.03
C PHE M 19 14.32 33.10 58.96
N ALA M 20 13.86 31.88 58.73
CA ALA M 20 14.43 30.96 57.75
C ALA M 20 13.30 30.27 57.03
N PRO M 21 13.51 29.85 55.77
CA PRO M 21 12.44 29.15 55.04
C PRO M 21 12.04 27.82 55.68
N ASN M 22 12.92 27.21 56.47
CA ASN M 22 12.64 25.95 57.16
C ASN M 22 12.25 24.82 56.21
N LEU M 23 12.58 24.95 54.93
CA LEU M 23 12.29 23.92 53.96
C LEU M 23 13.22 22.73 54.16
N PRO M 24 12.83 21.55 53.65
CA PRO M 24 13.73 20.38 53.76
C PRO M 24 15.10 20.62 53.14
N GLY M 25 15.17 21.39 52.06
CA GLY M 25 16.46 21.67 51.45
C GLY M 25 17.32 22.66 52.21
N SER M 26 16.68 23.51 53.03
CA SER M 26 17.39 24.55 53.78
C SER M 26 17.61 24.16 55.24
N THR M 27 17.80 22.88 55.51
CA THR M 27 18.08 22.42 56.86
C THR M 27 19.59 22.41 57.12
N LYS M 28 19.95 22.15 58.38
CA LYS M 28 21.34 22.15 58.81
C LYS M 28 21.60 20.92 59.67
N GLU M 29 22.82 20.82 60.19
CA GLU M 29 23.22 19.71 61.04
C GLU M 29 22.81 19.90 62.49
N ASP M 30 22.43 21.12 62.89
CA ASP M 30 22.04 21.41 64.26
C ASP M 30 20.58 21.80 64.41
N ASP M 31 19.92 22.24 63.35
CA ASP M 31 18.52 22.65 63.41
C ASP M 31 17.56 21.48 63.32
N LEU M 32 18.05 20.26 63.12
CA LEU M 32 17.17 19.10 63.08
C LEU M 32 16.53 18.88 64.44
N ILE M 33 15.20 18.84 64.47
CA ILE M 33 14.49 18.61 65.72
C ILE M 33 14.75 17.20 66.23
N GLN M 34 14.67 16.21 65.33
CA GLN M 34 14.87 14.81 65.69
C GLN M 34 16.25 14.37 65.23
N LYS M 35 17.12 14.04 66.17
CA LYS M 35 18.45 13.54 65.87
C LYS M 35 18.75 12.18 66.44
N SER M 36 18.19 11.84 67.62
CA SER M 36 18.44 10.53 68.21
C SER M 36 17.92 9.41 67.31
N LEU M 37 16.71 9.59 66.75
CA LEU M 37 16.17 8.59 65.84
C LEU M 37 17.03 8.46 64.59
N ARG M 38 17.52 9.59 64.06
CA ARG M 38 18.38 9.55 62.88
C ARG M 38 19.64 8.74 63.16
N ASP M 39 20.31 9.03 64.27
CA ASP M 39 21.52 8.27 64.61
C ASP M 39 21.19 6.82 64.90
N GLN M 40 20.14 6.56 65.67
CA GLN M 40 19.83 5.19 66.10
C GLN M 40 19.52 4.30 64.91
N LEU M 41 18.75 4.79 63.95
CA LEU M 41 18.36 3.98 62.81
C LEU M 41 19.56 3.62 61.93
N VAL M 42 20.57 4.48 61.87
CA VAL M 42 21.68 4.30 60.95
C VAL M 42 22.43 3.00 61.25
N GLU M 43 22.73 2.73 62.52
CA GLU M 43 23.45 1.51 62.84
C GLU M 43 22.60 0.28 62.61
N SER M 44 21.27 0.40 62.74
CA SER M 44 20.41 -0.77 62.62
C SER M 44 20.49 -1.39 61.23
N ILE M 45 20.48 -0.56 60.19
CA ILE M 45 20.58 -1.09 58.83
C ILE M 45 21.95 -1.68 58.58
N ARG M 46 23.00 -1.03 59.12
CA ARG M 46 24.36 -1.57 58.94
C ARG M 46 24.51 -2.93 59.61
N ASN M 47 23.97 -3.09 60.81
CA ASN M 47 24.03 -4.39 61.48
C ASN M 47 23.21 -5.42 60.75
N SER M 48 22.10 -5.02 60.13
CA SER M 48 21.29 -5.96 59.36
C SER M 48 22.05 -6.50 58.16
N ILE M 49 22.84 -5.63 57.50
CA ILE M 49 23.61 -6.06 56.33
C ILE M 49 24.99 -6.60 56.70
N ALA M 50 25.43 -6.41 57.94
CA ALA M 50 26.73 -6.95 58.35
C ALA M 50 26.73 -8.47 58.26
N TYR M 51 25.65 -9.11 58.69
CA TYR M 51 25.54 -10.57 58.61
C TYR M 51 24.08 -10.99 58.45
N ARG M 69 13.83 -10.60 53.91
CA ARG M 69 12.97 -9.49 53.50
C ARG M 69 13.71 -8.17 53.63
N ASN M 70 14.01 -7.79 54.87
CA ASN M 70 14.82 -6.60 55.17
C ASN M 70 14.18 -5.34 54.59
N VAL M 71 12.99 -5.02 55.09
CA VAL M 71 12.24 -3.83 54.69
C VAL M 71 11.98 -3.00 55.93
N PHE M 72 12.64 -1.84 56.02
CA PHE M 72 12.40 -0.93 57.13
C PHE M 72 11.17 -0.08 56.84
N PHE M 73 10.69 0.62 57.87
CA PHE M 73 9.51 1.46 57.72
C PHE M 73 9.49 2.47 58.87
N VAL M 74 9.58 3.75 58.54
CA VAL M 74 9.36 4.80 59.52
C VAL M 74 7.89 5.14 59.53
N ASP M 75 7.36 5.41 60.73
CA ASP M 75 5.95 5.75 60.91
C ASP M 75 5.87 7.18 61.43
N GLY M 76 5.15 8.03 60.70
CA GLY M 76 5.08 9.42 61.08
C GLY M 76 3.68 9.96 61.19
N THR M 77 3.37 10.63 62.30
CA THR M 77 2.13 11.37 62.40
C THR M 77 2.09 12.43 61.32
N ARG M 78 0.90 12.64 60.75
CA ARG M 78 0.78 13.48 59.57
C ARG M 78 1.25 14.90 59.86
N GLY M 79 2.12 15.41 58.99
CA GLY M 79 2.65 16.75 59.14
C GLY M 79 3.79 16.89 60.12
N ALA M 80 4.26 15.80 60.73
CA ALA M 80 5.36 15.88 61.68
C ALA M 80 6.70 16.07 61.01
N GLY M 81 6.79 15.89 59.69
CA GLY M 81 8.04 16.08 58.98
C GLY M 81 8.74 14.77 58.70
N LYS M 82 8.58 14.26 57.48
CA LYS M 82 9.19 13.00 57.10
C LYS M 82 10.12 13.12 55.90
N THR M 83 9.83 14.01 54.95
CA THR M 83 10.75 14.23 53.85
C THR M 83 12.07 14.82 54.34
N THR M 84 12.01 15.74 55.31
CA THR M 84 13.23 16.28 55.89
C THR M 84 14.01 15.20 56.63
N PHE M 85 13.32 14.33 57.37
CA PHE M 85 14.00 13.28 58.11
C PHE M 85 14.59 12.25 57.17
N ILE M 86 13.83 11.80 56.17
CA ILE M 86 14.30 10.76 55.26
C ILE M 86 15.46 11.26 54.40
N ASN M 87 15.63 12.58 54.27
CA ASN M 87 16.80 13.10 53.57
C ASN M 87 18.04 13.04 54.44
N SER M 88 17.90 13.23 55.75
CA SER M 88 19.05 13.21 56.64
C SER M 88 19.70 11.84 56.69
N VAL M 89 18.90 10.78 56.73
CA VAL M 89 19.46 9.43 56.82
C VAL M 89 20.24 9.10 55.56
N VAL M 90 19.77 9.55 54.40
CA VAL M 90 20.52 9.37 53.17
C VAL M 90 21.84 10.12 53.23
N LYS M 91 21.81 11.31 53.81
CA LYS M 91 23.04 12.09 53.98
C LYS M 91 24.04 11.35 54.86
N SER M 92 23.56 10.71 55.93
CA SER M 92 24.44 9.93 56.80
C SER M 92 25.05 8.75 56.06
N LEU M 93 24.25 8.05 55.25
CA LEU M 93 24.75 6.92 54.49
C LEU M 93 25.56 7.33 53.28
N ASN M 94 25.57 8.63 52.93
CA ASN M 94 26.28 9.08 51.74
C ASN M 94 27.79 9.18 52.01
N SER M 95 28.17 9.86 53.08
CA SER M 95 29.58 10.03 53.41
C SER M 95 30.15 8.77 54.07
N VAL M 102 32.01 -1.89 56.26
CA VAL M 102 30.83 -2.01 55.43
C VAL M 102 30.60 -0.71 54.66
N ASN M 103 30.04 -0.82 53.45
CA ASN M 103 29.77 0.34 52.62
C ASN M 103 28.45 0.12 51.90
N ILE M 104 27.52 1.05 52.08
CA ILE M 104 26.20 0.98 51.47
C ILE M 104 26.05 2.18 50.53
N LYS M 105 25.62 1.91 49.30
CA LYS M 105 25.37 2.96 48.32
C LYS M 105 23.89 3.33 48.32
N CYS M 106 23.61 4.63 48.31
CA CYS M 106 22.27 5.14 48.49
C CYS M 106 21.74 5.73 47.19
N LEU M 107 20.58 5.26 46.75
CA LEU M 107 19.90 5.83 45.60
C LEU M 107 19.21 7.14 45.99
N PRO M 108 19.00 8.05 45.03
CA PRO M 108 18.24 9.26 45.33
C PRO M 108 16.80 8.93 45.70
N THR M 109 16.23 9.76 46.57
CA THR M 109 14.87 9.56 47.04
C THR M 109 13.88 9.72 45.90
N ILE M 110 12.91 8.81 45.82
CA ILE M 110 11.89 8.83 44.79
C ILE M 110 10.55 9.18 45.43
N ASP M 111 9.80 10.06 44.76
CA ASP M 111 8.52 10.51 45.28
C ASP M 111 7.39 9.88 44.45
N PRO M 112 6.59 8.98 45.03
CA PRO M 112 5.52 8.35 44.23
C PRO M 112 4.52 9.34 43.69
N THR M 113 4.22 10.42 44.42
CA THR M 113 3.23 11.38 43.95
C THR M 113 3.72 12.14 42.73
N LYS M 114 4.95 12.65 42.77
CA LYS M 114 5.49 13.45 41.68
C LYS M 114 6.07 12.55 40.58
N LEU M 115 5.29 11.60 40.11
CA LEU M 115 5.72 10.70 39.05
C LEU M 115 4.65 10.64 37.96
N PRO M 116 5.05 10.37 36.72
CA PRO M 116 4.07 10.24 35.64
C PRO M 116 3.17 9.03 35.88
N ARG M 117 1.86 9.26 35.82
CA ARG M 117 0.91 8.17 35.99
C ARG M 117 1.03 7.18 34.83
N HIS M 118 0.62 5.94 35.08
CA HIS M 118 0.80 4.83 34.16
C HIS M 118 2.28 4.64 33.84
N GLU M 119 3.06 4.35 34.88
CA GLU M 119 4.48 4.09 34.76
C GLU M 119 4.91 3.11 35.84
N PRO M 120 5.35 1.91 35.46
CA PRO M 120 5.81 0.94 36.46
C PRO M 120 6.98 1.51 37.27
N ILE M 121 6.93 1.32 38.58
CA ILE M 121 7.97 1.85 39.45
C ILE M 121 9.27 1.05 39.32
N LEU M 122 9.21 -0.15 38.75
CA LEU M 122 10.44 -0.87 38.45
C LEU M 122 11.28 -0.13 37.42
N VAL M 123 10.64 0.61 36.51
CA VAL M 123 11.37 1.33 35.48
C VAL M 123 12.15 2.48 36.10
N THR M 124 11.51 3.27 36.97
CA THR M 124 12.16 4.46 37.51
C THR M 124 13.30 4.09 38.45
N VAL M 125 13.23 2.93 39.09
CA VAL M 125 14.35 2.47 39.91
C VAL M 125 15.52 2.08 39.02
N THR M 126 15.24 1.35 37.94
CA THR M 126 16.32 0.93 37.03
C THR M 126 16.99 2.12 36.38
N ALA M 127 16.21 3.11 35.95
CA ALA M 127 16.79 4.28 35.31
C ALA M 127 17.69 5.03 36.27
N ARG M 128 17.27 5.20 37.52
CA ARG M 128 18.11 5.86 38.51
C ARG M 128 19.35 5.02 38.83
N LEU M 129 19.17 3.69 38.91
CA LEU M 129 20.32 2.82 39.15
C LEU M 129 21.32 2.88 38.01
N ASN M 130 20.83 2.96 36.78
CA ASN M 130 21.71 3.00 35.62
C ASN M 130 22.60 4.24 35.62
N LYS M 131 22.11 5.36 36.16
CA LYS M 131 22.88 6.60 36.13
C LYS M 131 24.16 6.47 36.95
N MET M 132 24.07 5.88 38.15
CA MET M 132 25.25 5.72 38.98
C MET M 132 26.23 4.73 38.36
N VAL M 133 25.71 3.63 37.79
CA VAL M 133 26.57 2.66 37.14
C VAL M 133 27.26 3.28 35.93
N SER M 134 26.52 4.05 35.13
CA SER M 134 27.11 4.72 33.98
C SER M 134 28.17 5.72 34.42
N ASP M 135 27.90 6.45 35.51
CA ASP M 135 28.91 7.37 36.03
C ASP M 135 30.13 6.63 36.56
N LYS M 136 29.94 5.41 37.05
CA LYS M 136 31.08 4.64 37.56
C LYS M 136 32.04 4.25 36.43
N LEU M 137 31.50 3.89 35.26
CA LEU M 137 32.35 3.43 34.18
C LEU M 137 33.26 4.54 33.66
N LYS M 138 32.85 5.81 33.81
CA LYS M 138 33.69 6.91 33.37
C LYS M 138 34.86 7.18 34.32
N GLY M 139 34.89 6.54 35.49
CA GLY M 139 35.95 6.78 36.45
C GLY M 139 37.06 5.75 36.39
N TYR M 140 36.86 4.68 35.63
CA TYR M 140 37.88 3.66 35.50
C TYR M 140 39.12 4.21 34.81
N TRP M 141 40.27 3.66 35.16
CA TRP M 141 41.52 3.94 34.48
C TRP M 141 41.94 2.81 33.55
N ALA M 142 41.86 1.56 34.02
CA ALA M 142 42.18 0.42 33.16
C ALA M 142 41.16 0.29 32.04
N SER M 143 41.63 -0.08 30.85
CA SER M 143 40.76 -0.20 29.69
C SER M 143 40.28 -1.62 29.44
N ASN M 144 40.96 -2.63 30.00
CA ASN M 144 40.53 -4.01 29.76
C ASN M 144 39.27 -4.35 30.54
N ASP M 145 39.20 -3.93 31.81
CA ASP M 145 38.03 -4.23 32.63
C ASP M 145 36.84 -3.36 32.25
N TYR M 146 37.08 -2.09 31.94
CA TYR M 146 35.99 -1.18 31.60
C TYR M 146 35.27 -1.65 30.34
N ARG M 147 36.02 -2.08 29.32
CA ARG M 147 35.40 -2.58 28.11
C ARG M 147 34.67 -3.90 28.37
N LYS M 148 35.24 -4.75 29.24
CA LYS M 148 34.61 -6.03 29.51
C LYS M 148 33.37 -5.87 30.39
N GLN M 149 33.45 -5.01 31.41
CA GLN M 149 32.34 -4.88 32.35
C GLN M 149 31.17 -4.12 31.76
N LYS M 150 31.42 -3.14 30.89
CA LYS M 150 30.32 -2.40 30.28
C LYS M 150 29.42 -3.32 29.47
N GLU M 151 30.03 -4.25 28.71
CA GLU M 151 29.24 -5.19 27.92
C GLU M 151 28.41 -6.09 28.83
N GLN M 152 28.94 -6.46 29.99
CA GLN M 152 28.19 -7.28 30.92
C GLN M 152 26.98 -6.52 31.46
N TRP M 153 27.14 -5.24 31.75
CA TRP M 153 26.02 -4.45 32.26
C TRP M 153 24.90 -4.32 31.24
N GLN M 154 25.27 -4.11 29.97
CA GLN M 154 24.26 -3.95 28.92
C GLN M 154 23.60 -5.26 28.54
N ASN M 155 24.20 -6.40 28.87
CA ASN M 155 23.57 -7.68 28.58
C ASN M 155 22.28 -7.87 29.38
N HIS M 156 22.30 -7.49 30.65
CA HIS M 156 21.11 -7.63 31.49
C HIS M 156 20.06 -6.58 31.15
N LEU M 157 20.48 -5.38 30.77
CA LEU M 157 19.53 -4.32 30.44
C LEU M 157 18.66 -4.73 29.26
N ALA M 158 19.26 -5.35 28.24
CA ALA M 158 18.47 -5.84 27.12
C ALA M 158 17.49 -6.91 27.55
N GLN M 159 17.91 -7.78 28.48
CA GLN M 159 17.00 -8.81 28.99
C GLN M 159 15.81 -8.19 29.72
N LEU M 160 16.06 -7.17 30.53
CA LEU M 160 14.96 -6.53 31.26
C LEU M 160 14.01 -5.82 30.31
N GLN M 161 14.55 -5.14 29.29
CA GLN M 161 13.70 -4.39 28.37
C GLN M 161 12.78 -5.31 27.58
N ARG M 162 13.28 -6.48 27.18
CA ARG M 162 12.47 -7.40 26.39
C ARG M 162 11.29 -7.93 27.18
N GLY M 163 11.49 -8.22 28.46
CA GLY M 163 10.45 -8.76 29.32
C GLY M 163 9.60 -7.72 30.04
N LEU M 164 9.78 -6.44 29.73
CA LEU M 164 9.03 -5.39 30.41
C LEU M 164 7.57 -5.34 29.99
N HIS M 165 7.20 -6.00 28.90
CA HIS M 165 5.82 -5.94 28.42
C HIS M 165 4.83 -6.62 29.36
N LEU M 166 5.31 -7.53 30.23
CA LEU M 166 4.39 -8.22 31.13
C LEU M 166 3.80 -7.29 32.17
N LEU M 167 4.50 -6.21 32.51
CA LEU M 167 4.02 -5.29 33.54
C LEU M 167 2.91 -4.37 33.06
N THR M 168 2.74 -4.20 31.75
CA THR M 168 1.78 -3.26 31.21
C THR M 168 0.68 -3.90 30.37
N ASP M 169 0.90 -5.08 29.81
CA ASP M 169 -0.10 -5.68 28.94
C ASP M 169 -1.36 -6.03 29.72
N LYS M 170 -2.49 -5.97 29.04
CA LYS M 170 -3.79 -6.29 29.63
C LYS M 170 -4.25 -7.70 29.32
N GLU M 171 -3.82 -8.27 28.20
CA GLU M 171 -4.24 -9.61 27.81
C GLU M 171 -3.03 -10.40 27.35
N TYR M 172 -3.14 -11.72 27.45
CA TYR M 172 -2.03 -12.59 27.08
C TYR M 172 -1.92 -12.71 25.56
N LYS M 173 -0.68 -12.74 25.08
CA LYS M 173 -0.39 -12.92 23.67
C LYS M 173 0.15 -14.32 23.44
N PRO M 174 -0.53 -15.17 22.66
CA PRO M 174 -0.02 -16.53 22.42
C PRO M 174 1.31 -16.55 21.70
N GLU M 175 1.70 -15.47 21.04
CA GLU M 175 3.00 -15.42 20.37
C GLU M 175 4.14 -15.54 21.37
N TYR M 176 4.00 -14.90 22.53
CA TYR M 176 5.09 -14.82 23.50
C TYR M 176 5.41 -16.17 24.14
N PHE M 177 4.58 -17.19 23.94
CA PHE M 177 4.90 -18.51 24.47
C PHE M 177 6.20 -19.05 23.89
N SER M 178 6.39 -18.87 22.58
CA SER M 178 7.64 -19.29 21.94
C SER M 178 8.83 -18.46 22.37
N ASP M 179 8.60 -17.31 23.02
CA ASP M 179 9.70 -16.49 23.52
C ASP M 179 10.15 -16.90 24.90
N ALA M 180 9.21 -17.31 25.77
CA ALA M 180 9.59 -17.81 27.08
C ALA M 180 10.32 -19.14 26.98
N LEU M 181 9.96 -19.97 26.00
CA LEU M 181 10.65 -21.24 25.82
C LEU M 181 12.10 -21.06 25.43
N LYS M 182 12.43 -19.96 24.75
CA LYS M 182 13.79 -19.73 24.27
C LYS M 182 14.70 -19.38 25.44
N LEU M 183 15.62 -20.28 25.76
CA LEU M 183 16.59 -20.06 26.82
C LEU M 183 17.81 -19.31 26.27
N ASP M 184 18.32 -18.38 27.07
CA ASP M 184 19.47 -17.59 26.67
C ASP M 184 20.76 -18.40 26.89
N ALA M 185 21.90 -17.73 26.77
CA ALA M 185 23.20 -18.37 26.95
C ALA M 185 24.06 -17.53 27.87
N GLN M 186 25.06 -18.17 28.46
CA GLN M 186 26.08 -17.59 29.33
C GLN M 186 25.50 -17.17 30.68
N LEU M 187 24.19 -17.26 30.88
CA LEU M 187 23.55 -16.85 32.11
C LEU M 187 22.69 -18.01 32.63
N ASP M 188 22.80 -18.28 33.93
CA ASP M 188 22.04 -19.35 34.55
C ASP M 188 20.75 -18.83 35.18
N TYR M 189 19.63 -19.45 34.80
CA TYR M 189 18.32 -19.15 35.36
C TYR M 189 17.76 -20.42 35.98
N SER M 190 17.70 -20.45 37.30
CA SER M 190 17.18 -21.63 38.00
C SER M 190 15.69 -21.85 37.70
N ILE M 191 14.99 -20.84 37.22
CA ILE M 191 13.56 -20.93 36.93
C ILE M 191 13.34 -20.51 35.48
N GLY M 192 12.62 -21.35 34.73
CA GLY M 192 12.31 -21.04 33.36
C GLY M 192 11.25 -19.95 33.24
N GLY M 193 11.10 -19.45 32.02
CA GLY M 193 10.15 -18.39 31.75
C GLY M 193 10.77 -17.01 31.90
N GLN M 194 9.89 -16.00 31.83
CA GLN M 194 10.36 -14.62 31.93
C GLN M 194 10.72 -14.28 33.37
N ASP M 195 9.76 -14.41 34.29
CA ASP M 195 9.94 -14.27 35.73
C ASP M 195 10.90 -13.12 36.07
N LEU M 196 10.45 -11.90 35.75
CA LEU M 196 11.26 -10.69 35.91
C LEU M 196 11.91 -10.57 37.27
N SER M 197 11.38 -11.25 38.30
CA SER M 197 12.00 -11.19 39.61
C SER M 197 13.43 -11.71 39.57
N GLU M 198 13.67 -12.80 38.83
CA GLU M 198 15.03 -13.31 38.69
C GLU M 198 15.90 -12.35 37.91
N ILE M 199 15.35 -11.72 36.88
CA ILE M 199 16.15 -10.82 36.03
C ILE M 199 16.64 -9.63 36.84
N PHE M 200 15.74 -9.04 37.64
CA PHE M 200 16.13 -7.86 38.41
C PHE M 200 17.16 -8.20 39.48
N GLU M 201 17.00 -9.32 40.18
CA GLU M 201 17.94 -9.66 41.23
C GLU M 201 19.32 -9.97 40.66
N GLU M 202 19.38 -10.53 39.45
CA GLU M 202 20.66 -10.66 38.76
C GLU M 202 21.18 -9.31 38.32
N LEU M 203 20.29 -8.39 37.94
CA LEU M 203 20.72 -7.06 37.52
C LEU M 203 21.37 -6.29 38.67
N VAL M 204 20.75 -6.36 39.86
CA VAL M 204 21.33 -5.64 41.00
C VAL M 204 22.62 -6.29 41.47
N LYS M 205 22.74 -7.62 41.34
CA LYS M 205 23.96 -8.29 41.74
C LYS M 205 25.14 -7.82 40.91
N ARG M 206 24.98 -7.76 39.59
CA ARG M 206 26.03 -7.23 38.73
C ARG M 206 26.25 -5.74 38.99
N ALA M 207 25.19 -5.01 39.34
CA ALA M 207 25.33 -3.60 39.66
C ALA M 207 26.15 -3.37 40.92
N CYS M 208 26.21 -4.35 41.82
CA CYS M 208 27.00 -4.20 43.04
C CYS M 208 28.49 -4.37 42.76
N GLU M 209 28.85 -5.27 41.84
CA GLU M 209 30.26 -5.48 41.51
C GLU M 209 30.88 -4.22 40.91
N ILE M 210 30.16 -3.56 39.99
CA ILE M 210 30.66 -2.34 39.39
C ILE M 210 30.79 -1.23 40.43
N LEU M 211 29.93 -1.25 41.44
CA LEU M 211 29.92 -0.24 42.48
C LEU M 211 30.59 -0.68 43.77
N ASP M 212 31.33 -1.81 43.72
CA ASP M 212 32.12 -2.39 44.81
C ASP M 212 31.49 -2.14 46.18
N CYS M 213 30.21 -2.42 46.30
CA CYS M 213 29.45 -2.17 47.52
C CYS M 213 28.89 -3.49 48.06
N LYS M 214 28.37 -3.42 49.29
CA LYS M 214 27.78 -4.58 49.92
C LYS M 214 26.28 -4.68 49.67
N ALA M 215 25.58 -3.55 49.64
CA ALA M 215 24.15 -3.55 49.41
C ALA M 215 23.72 -2.19 48.89
N ILE M 216 22.60 -2.17 48.17
CA ILE M 216 22.05 -0.95 47.60
C ILE M 216 20.86 -0.50 48.44
N LEU M 217 20.83 0.78 48.80
CA LEU M 217 19.79 1.34 49.64
C LEU M 217 18.75 2.03 48.77
N ILE M 218 17.50 1.56 48.85
CA ILE M 218 16.38 2.15 48.13
C ILE M 218 15.48 2.83 49.14
N THR M 219 15.23 4.12 48.94
CA THR M 219 14.40 4.90 49.85
C THR M 219 13.22 5.49 49.11
N PHE M 220 12.07 5.50 49.76
CA PHE M 220 10.84 6.06 49.23
C PHE M 220 10.50 7.34 49.97
N ASP M 221 9.33 7.91 49.65
CA ASP M 221 8.90 9.16 50.25
C ASP M 221 7.42 9.04 50.59
N ASP M 222 6.94 10.02 51.36
CA ASP M 222 5.56 9.98 51.85
C ASP M 222 4.58 10.21 50.70
N ILE M 223 3.34 9.75 50.92
CA ILE M 223 2.30 9.81 49.91
C ILE M 223 1.07 10.55 50.44
N ASP M 224 1.31 11.60 51.23
CA ASP M 224 0.20 12.37 51.79
C ASP M 224 -0.64 13.02 50.70
N THR M 225 0.00 13.56 49.67
CA THR M 225 -0.71 14.32 48.66
C THR M 225 -1.70 13.45 47.90
N GLN M 226 -1.29 12.23 47.54
CA GLN M 226 -2.16 11.32 46.79
C GLN M 226 -1.79 9.90 47.20
N PHE M 227 -2.54 9.36 48.17
CA PHE M 227 -2.18 8.07 48.75
C PHE M 227 -2.65 6.89 47.92
N ASP M 228 -3.37 7.11 46.82
CA ASP M 228 -3.66 6.03 45.90
C ASP M 228 -2.45 5.64 45.07
N ALA M 229 -1.49 6.55 44.91
CA ALA M 229 -0.27 6.24 44.17
C ALA M 229 0.60 5.23 44.91
N GLY M 230 0.39 5.06 46.21
CA GLY M 230 1.19 4.13 47.00
C GLY M 230 0.83 2.68 46.87
N TRP M 231 -0.23 2.35 46.11
CA TRP M 231 -0.57 0.94 45.92
C TRP M 231 0.44 0.22 45.06
N ASP M 232 1.02 0.89 44.06
CA ASP M 232 2.03 0.26 43.24
C ASP M 232 3.35 0.09 43.98
N VAL M 233 3.61 0.97 44.96
CA VAL M 233 4.81 0.82 45.78
C VAL M 233 4.73 -0.47 46.59
N LEU M 234 3.60 -0.70 47.25
CA LEU M 234 3.44 -1.90 48.07
C LEU M 234 3.47 -3.16 47.21
N GLU M 235 2.82 -3.11 46.04
CA GLU M 235 2.78 -4.30 45.18
C GLU M 235 4.17 -4.66 44.67
N SER M 236 4.97 -3.65 44.31
CA SER M 236 6.28 -3.94 43.74
C SER M 236 7.28 -4.40 44.80
N ILE M 237 7.19 -3.86 46.02
CA ILE M 237 8.17 -4.20 47.04
C ILE M 237 8.09 -5.67 47.40
N ARG M 238 6.88 -6.19 47.58
CA ARG M 238 6.72 -7.60 47.97
C ARG M 238 7.03 -8.57 46.83
N LYS M 239 7.16 -8.08 45.60
CA LYS M 239 7.34 -8.95 44.45
C LYS M 239 8.77 -8.97 43.92
N PHE M 240 9.38 -7.81 43.72
CA PHE M 240 10.66 -7.73 43.04
C PHE M 240 11.84 -7.43 43.94
N PHE M 241 11.64 -6.72 45.05
CA PHE M 241 12.74 -6.39 45.96
C PHE M 241 12.83 -7.43 47.07
N ASN M 242 13.02 -8.68 46.65
CA ASN M 242 13.14 -9.81 47.56
C ASN M 242 14.56 -10.32 47.69
N SER M 243 15.54 -9.56 47.21
CA SER M 243 16.93 -10.00 47.23
C SER M 243 17.53 -9.77 48.61
N ARG M 244 18.85 -9.95 48.72
CA ARG M 244 19.56 -9.75 49.97
C ARG M 244 20.40 -8.48 49.99
N LYS M 245 20.74 -7.93 48.82
CA LYS M 245 21.56 -6.73 48.73
C LYS M 245 20.72 -5.47 48.56
N LEU M 246 19.40 -5.57 48.73
CA LEU M 246 18.50 -4.43 48.64
C LEU M 246 17.88 -4.19 50.01
N VAL M 247 18.04 -2.99 50.54
CA VAL M 247 17.40 -2.56 51.77
C VAL M 247 16.45 -1.42 51.44
N VAL M 248 15.21 -1.53 51.92
CA VAL M 248 14.14 -0.60 51.55
C VAL M 248 13.70 0.15 52.80
N VAL M 249 13.58 1.47 52.67
CA VAL M 249 13.17 2.33 53.78
C VAL M 249 11.94 3.08 53.30
N ALA M 250 10.76 2.56 53.63
CA ALA M 250 9.51 3.20 53.27
C ALA M 250 9.23 4.38 54.19
N THR M 251 8.18 5.13 53.88
CA THR M 251 7.79 6.28 54.69
C THR M 251 6.34 6.63 54.37
N GLY M 252 5.56 6.85 55.42
CA GLY M 252 4.17 7.22 55.22
C GLY M 252 3.43 7.18 56.54
N ASP M 253 2.11 7.33 56.44
CA ASP M 253 1.21 7.29 57.60
C ASP M 253 0.58 5.91 57.66
N LEU M 254 0.83 5.19 58.75
CA LEU M 254 0.40 3.80 58.83
C LEU M 254 -1.12 3.67 58.87
N ARG M 255 -1.80 4.59 59.55
CA ARG M 255 -3.26 4.55 59.62
C ARG M 255 -3.92 4.84 58.29
N LEU M 256 -3.17 5.34 57.31
CA LEU M 256 -3.70 5.58 55.97
C LEU M 256 -3.46 4.40 55.04
N TYR M 257 -2.37 3.66 55.23
CA TYR M 257 -2.13 2.46 54.43
C TYR M 257 -3.22 1.42 54.65
N SER M 258 -3.72 1.30 55.88
CA SER M 258 -4.72 0.29 56.18
C SER M 258 -5.99 0.50 55.35
N GLN M 259 -6.44 1.75 55.23
CA GLN M 259 -7.60 2.02 54.39
C GLN M 259 -7.33 1.76 52.92
N LEU M 260 -6.08 1.84 52.49
CA LEU M 260 -5.76 1.54 51.10
C LEU M 260 -5.83 0.03 50.83
N ILE M 261 -5.27 -0.78 51.74
CA ILE M 261 -5.25 -2.22 51.53
C ILE M 261 -6.64 -2.81 51.67
N ARG M 262 -7.42 -2.33 52.63
CA ARG M 262 -8.76 -2.86 52.85
C ARG M 262 -9.64 -2.66 51.62
N GLY M 263 -9.52 -1.50 50.97
CA GLY M 263 -10.27 -1.26 49.75
C GLY M 263 -9.90 -2.21 48.64
N LYS M 264 -8.63 -2.59 48.56
CA LYS M 264 -8.18 -3.52 47.53
C LYS M 264 -8.55 -4.96 47.84
N GLN M 265 -8.87 -5.28 49.09
CA GLN M 265 -9.30 -6.63 49.43
C GLN M 265 -10.72 -6.90 48.95
N TYR M 266 -11.60 -5.91 49.07
CA TYR M 266 -12.99 -6.08 48.65
C TYR M 266 -13.12 -6.32 47.15
N GLU M 267 -12.16 -5.86 46.36
CA GLU M 267 -12.22 -6.04 44.92
C GLU M 267 -12.14 -7.51 44.52
N ASN M 268 -11.68 -8.38 45.42
CA ASN M 268 -11.60 -9.80 45.11
C ASN M 268 -12.96 -10.47 45.09
N TYR M 269 -13.88 -10.05 45.97
CA TYR M 269 -15.21 -10.65 46.00
C TYR M 269 -15.97 -10.31 44.73
N SER M 270 -16.69 -11.32 44.22
CA SER M 270 -17.55 -11.08 43.06
C SER M 270 -18.70 -10.16 43.45
N LYS M 271 -18.99 -9.19 42.56
CA LYS M 271 -20.01 -8.20 42.87
C LYS M 271 -21.38 -8.81 43.06
N THR M 272 -21.64 -9.98 42.47
CA THR M 272 -22.93 -10.64 42.68
C THR M 272 -23.06 -11.18 44.10
N LEU M 273 -21.99 -11.80 44.62
CA LEU M 273 -22.02 -12.32 45.98
C LEU M 273 -22.11 -11.18 46.99
N LEU M 274 -21.40 -10.07 46.74
CA LEU M 274 -21.41 -8.94 47.66
C LEU M 274 -22.79 -8.29 47.76
N GLU M 275 -23.68 -8.57 46.81
CA GLU M 275 -25.03 -8.02 46.82
C GLU M 275 -26.08 -9.05 47.21
N GLN M 276 -25.92 -10.30 46.80
CA GLN M 276 -26.95 -11.30 47.08
C GLN M 276 -27.02 -11.62 48.57
N GLU M 277 -25.87 -11.76 49.23
CA GLU M 277 -25.82 -12.11 50.65
C GLU M 277 -25.62 -10.83 51.46
N LYS M 278 -26.72 -10.17 51.81
CA LYS M 278 -26.63 -8.91 52.58
C LYS M 278 -27.00 -9.14 54.06
N GLU M 279 -27.19 -10.40 54.46
CA GLU M 279 -27.55 -10.69 55.84
C GLU M 279 -26.43 -10.22 56.78
N SER M 280 -26.85 -9.66 57.93
CA SER M 280 -25.87 -9.17 58.89
C SER M 280 -25.01 -10.29 59.46
N VAL M 281 -25.56 -11.51 59.55
CA VAL M 281 -24.76 -12.64 60.01
C VAL M 281 -23.63 -12.93 59.03
N ARG M 282 -23.94 -12.89 57.72
CA ARG M 282 -22.90 -13.09 56.72
C ARG M 282 -22.05 -11.84 56.51
N LEU M 283 -22.67 -10.66 56.64
CA LEU M 283 -21.92 -9.42 56.49
C LEU M 283 -20.86 -9.28 57.58
N ALA M 284 -21.14 -9.80 58.78
CA ALA M 284 -20.16 -9.72 59.85
C ALA M 284 -18.94 -10.57 59.57
N GLU M 285 -19.14 -11.77 59.01
CA GLU M 285 -18.02 -12.68 58.81
C GLU M 285 -17.14 -12.26 57.63
N ARG M 286 -17.71 -11.66 56.59
CA ARG M 286 -16.88 -11.17 55.50
C ARG M 286 -16.07 -9.96 55.93
N GLY M 287 -16.63 -9.13 56.82
CA GLY M 287 -15.88 -8.01 57.35
C GLY M 287 -14.73 -8.45 58.24
N TYR M 288 -14.93 -9.50 59.03
CA TYR M 288 -13.85 -10.02 59.86
C TYR M 288 -12.76 -10.67 59.00
N MET M 289 -13.16 -11.37 57.94
CA MET M 289 -12.17 -12.00 57.07
C MET M 289 -11.28 -10.97 56.40
N VAL M 290 -11.88 -9.86 55.94
CA VAL M 290 -11.09 -8.80 55.31
C VAL M 290 -10.11 -8.20 56.32
N GLU M 291 -10.59 -7.92 57.52
CA GLU M 291 -9.72 -7.38 58.56
C GLU M 291 -8.64 -8.39 58.93
N HIS M 292 -9.01 -9.66 59.05
CA HIS M 292 -8.04 -10.70 59.38
C HIS M 292 -7.02 -10.91 58.27
N LEU M 293 -7.36 -10.55 57.03
CA LEU M 293 -6.43 -10.73 55.92
C LEU M 293 -5.42 -9.60 55.83
N GLU M 294 -5.90 -8.36 55.81
CA GLU M 294 -5.00 -7.22 55.61
C GLU M 294 -4.12 -6.97 56.83
N GLN M 295 -4.54 -7.40 58.02
CA GLN M 295 -3.68 -7.28 59.19
C GLN M 295 -2.41 -8.08 59.03
N GLN M 296 -2.54 -9.32 58.54
CA GLN M 296 -1.37 -10.16 58.31
C GLN M 296 -0.61 -9.75 57.06
N TYR M 297 -1.30 -9.20 56.06
CA TYR M 297 -0.62 -8.76 54.86
C TYR M 297 0.38 -7.66 55.16
N LEU M 298 -0.01 -6.71 56.02
CA LEU M 298 0.90 -5.63 56.39
C LEU M 298 2.11 -6.14 57.17
N LEU M 299 1.96 -7.28 57.85
CA LEU M 299 3.09 -7.83 58.58
C LEU M 299 4.12 -8.46 57.64
N LYS M 300 3.67 -8.99 56.50
CA LYS M 300 4.62 -9.51 55.51
C LYS M 300 5.49 -8.40 54.95
N LEU M 301 4.91 -7.24 54.69
CA LEU M 301 5.67 -6.15 54.08
C LEU M 301 6.59 -5.49 55.11
N PHE M 302 6.01 -4.96 56.18
CA PHE M 302 6.79 -4.22 57.18
C PHE M 302 6.81 -5.02 58.48
N PRO M 303 7.93 -5.62 58.85
CA PRO M 303 7.99 -6.34 60.13
C PRO M 303 7.85 -5.39 61.31
N VAL M 304 7.30 -5.92 62.41
CA VAL M 304 6.99 -5.09 63.56
C VAL M 304 8.27 -4.55 64.19
N GLN M 305 9.30 -5.40 64.34
CA GLN M 305 10.53 -4.97 64.97
C GLN M 305 11.30 -3.94 64.16
N LYS M 306 10.97 -3.77 62.87
CA LYS M 306 11.63 -2.78 62.04
C LYS M 306 10.96 -1.42 62.09
N ARG M 307 9.66 -1.38 62.42
CA ARG M 307 8.94 -0.12 62.44
C ARG M 307 9.49 0.81 63.52
N ILE M 308 9.70 2.08 63.15
CA ILE M 308 10.07 3.12 64.09
C ILE M 308 9.11 4.29 63.87
N GLN M 309 8.96 5.11 64.91
CA GLN M 309 8.03 6.22 64.88
C GLN M 309 8.75 7.54 65.13
N LEU M 310 8.17 8.62 64.61
CA LEU M 310 8.70 9.96 64.81
C LEU M 310 7.92 10.61 65.95
N LYS M 311 8.64 10.96 67.03
CA LYS M 311 7.99 11.54 68.19
C LYS M 311 7.47 12.94 67.88
N THR M 312 6.33 13.27 68.46
CA THR M 312 5.73 14.59 68.28
C THR M 312 6.44 15.61 69.17
N MET M 313 6.04 16.87 69.04
CA MET M 313 6.66 17.93 69.82
C MET M 313 6.45 17.74 71.32
N LEU M 314 5.35 17.07 71.70
CA LEU M 314 5.10 16.83 73.12
C LEU M 314 6.04 15.77 73.68
N GLN M 315 6.24 14.68 72.95
CA GLN M 315 7.08 13.59 73.43
C GLN M 315 8.55 13.96 73.48
N LEU M 316 8.97 15.04 72.82
CA LEU M 316 10.37 15.44 72.80
C LEU M 316 10.66 16.43 73.92
N VAL M 317 9.92 17.55 73.96
CA VAL M 317 10.16 18.55 74.99
C VAL M 317 9.74 18.02 76.36
N GLY M 318 8.62 17.32 76.43
CA GLY M 318 8.13 16.78 77.67
C GLY M 318 7.24 17.77 78.41
N GLU M 319 6.45 17.24 79.35
CA GLU M 319 5.53 18.06 80.12
C GLU M 319 6.29 18.88 81.15
N LYS M 320 5.56 19.70 81.89
CA LYS M 320 6.17 20.55 82.91
C LYS M 320 6.74 19.71 84.04
N GLY M 321 5.98 18.70 84.51
CA GLY M 321 6.42 17.93 85.66
C GLY M 321 7.66 17.10 85.38
N LYS M 322 7.72 16.45 84.22
CA LYS M 322 8.83 15.56 83.93
C LYS M 322 10.01 16.35 83.36
N ALA M 323 11.18 15.73 83.39
CA ALA M 323 12.38 16.34 82.86
C ALA M 323 12.35 16.36 81.33
N GLY M 324 13.10 17.30 80.76
CA GLY M 324 13.14 17.43 79.31
C GLY M 324 14.10 16.41 78.70
N LYS M 325 13.59 15.63 77.74
CA LYS M 325 14.43 14.65 77.07
C LYS M 325 15.43 15.33 76.15
N GLU M 326 14.94 16.08 75.17
CA GLU M 326 15.77 16.81 74.21
C GLU M 326 15.18 18.21 74.06
N GLU M 327 15.79 19.18 74.73
CA GLU M 327 15.26 20.53 74.73
C GLU M 327 15.44 21.18 73.36
N ILE M 328 14.57 22.15 73.06
CA ILE M 328 14.61 22.92 71.83
C ILE M 328 14.61 24.39 72.17
N LYS M 329 15.53 25.15 71.59
CA LYS M 329 15.60 26.59 71.77
C LYS M 329 15.41 27.28 70.42
N VAL M 330 14.65 28.38 70.42
CA VAL M 330 14.27 29.05 69.20
C VAL M 330 14.76 30.49 69.22
N LYS M 331 14.90 31.06 68.04
CA LYS M 331 15.32 32.45 67.85
C LYS M 331 14.07 33.27 67.55
N THR M 332 13.58 33.99 68.56
CA THR M 332 12.36 34.78 68.37
C THR M 332 12.65 36.03 67.55
N GLU M 333 13.50 36.91 68.06
CA GLU M 333 13.87 38.12 67.34
C GLU M 333 14.95 37.80 66.30
N PRO M 334 15.08 38.63 65.28
CA PRO M 334 16.15 38.41 64.29
C PRO M 334 17.46 39.04 64.74
N GLY M 335 18.55 38.41 64.33
CA GLY M 335 19.88 38.91 64.62
C GLY M 335 20.22 38.92 66.11
N MET M 336 19.94 37.83 66.80
CA MET M 336 20.31 37.67 68.20
C MET M 336 21.51 36.74 68.33
N GLN M 337 22.27 36.94 69.39
CA GLN M 337 23.36 36.01 69.72
C GLN M 337 22.78 34.67 70.12
N ASP M 338 23.57 33.62 69.93
CA ASP M 338 23.11 32.27 70.25
C ASP M 338 22.98 32.03 71.75
N ILE M 339 23.52 32.91 72.59
CA ILE M 339 23.47 32.69 74.03
C ILE M 339 22.05 32.82 74.56
N ASP M 340 21.35 33.88 74.15
CA ASP M 340 20.01 34.15 74.67
C ASP M 340 18.93 33.60 73.73
N ALA M 341 18.91 32.28 73.63
CA ALA M 341 17.87 31.56 72.89
C ALA M 341 16.83 31.05 73.87
N ILE M 342 15.56 31.31 73.56
CA ILE M 342 14.47 31.01 74.46
C ILE M 342 13.93 29.62 74.18
N ASP M 343 13.45 28.95 75.22
CA ASP M 343 12.88 27.62 75.10
C ASP M 343 11.60 27.66 74.28
N VAL M 344 11.22 26.48 73.77
CA VAL M 344 10.03 26.40 72.92
C VAL M 344 8.77 26.63 73.73
N ARG M 345 8.70 26.07 74.94
CA ARG M 345 7.51 26.27 75.77
C ARG M 345 7.36 27.72 76.17
N GLN M 346 8.47 28.38 76.55
CA GLN M 346 8.42 29.81 76.85
C GLN M 346 8.15 30.64 75.60
N ALA M 347 8.47 30.12 74.41
CA ALA M 347 8.16 30.85 73.18
C ALA M 347 6.67 30.78 72.87
N ILE M 348 5.98 29.74 73.31
CA ILE M 348 4.54 29.64 73.12
C ILE M 348 3.79 30.28 74.28
N GLY M 349 4.28 30.08 75.50
CA GLY M 349 3.72 30.78 76.66
C GLY M 349 3.85 32.28 76.57
N ASP M 350 4.83 32.77 75.80
CA ASP M 350 4.91 34.20 75.54
C ASP M 350 3.71 34.68 74.73
N ALA M 351 3.24 33.84 73.80
CA ALA M 351 2.11 34.22 72.96
C ALA M 351 0.78 33.94 73.63
N VAL M 352 0.62 32.74 74.19
CA VAL M 352 -0.67 32.34 74.74
C VAL M 352 -1.04 33.22 75.94
N ARG M 353 -0.11 33.38 76.88
CA ARG M 353 -0.41 34.14 78.09
C ARG M 353 -0.66 35.61 77.77
N GLU M 354 0.11 36.19 76.84
CA GLU M 354 -0.01 37.60 76.54
C GLU M 354 -1.04 37.87 75.44
N GLY M 355 -1.10 37.01 74.43
CA GLY M 355 -2.05 37.21 73.35
C GLY M 355 -3.50 37.01 73.74
N LEU M 356 -3.75 36.24 74.80
CA LEU M 356 -5.10 36.02 75.30
C LEU M 356 -5.34 36.73 76.63
N ASN M 357 -4.33 37.41 77.18
CA ASN M 357 -4.43 38.06 78.49
C ASN M 357 -4.87 37.08 79.57
N LEU M 358 -4.34 35.86 79.50
CA LEU M 358 -4.67 34.80 80.44
C LEU M 358 -3.60 34.76 81.52
N ARG M 359 -4.03 34.77 82.78
CA ARG M 359 -3.10 34.83 83.90
C ARG M 359 -2.26 33.56 83.98
N GLU M 360 -1.03 33.72 84.46
CA GLU M 360 -0.09 32.62 84.64
C GLU M 360 -0.66 31.57 85.59
N GLY M 361 -0.93 30.37 85.07
CA GLY M 361 -1.48 29.31 85.88
C GLY M 361 -1.66 28.02 85.11
N SER M 362 -2.39 27.06 85.69
CA SER M 362 -2.61 25.79 85.04
C SER M 362 -3.56 25.88 83.86
N ASP M 363 -4.51 26.81 83.89
CA ASP M 363 -5.43 26.98 82.76
C ASP M 363 -4.69 27.47 81.53
N ALA M 364 -3.76 28.40 81.70
CA ALA M 364 -2.94 28.85 80.57
C ALA M 364 -2.05 27.73 80.04
N ASP M 365 -1.67 26.80 80.91
CA ASP M 365 -0.88 25.66 80.47
C ASP M 365 -1.68 24.72 79.58
N MET M 366 -3.01 24.84 79.58
CA MET M 366 -3.84 23.96 78.76
C MET M 366 -3.69 24.29 77.28
N TYR M 367 -3.66 25.57 76.94
CA TYR M 367 -3.54 25.96 75.53
C TYR M 367 -2.18 25.61 74.97
N VAL M 368 -1.11 25.84 75.72
CA VAL M 368 0.22 25.53 75.23
C VAL M 368 0.40 24.03 75.06
N ASN M 369 -0.18 23.24 75.96
CA ASN M 369 -0.10 21.79 75.83
C ASN M 369 -0.83 21.31 74.57
N GLU M 370 -2.02 21.86 74.31
CA GLU M 370 -2.75 21.47 73.11
C GLU M 370 -2.01 21.87 71.84
N LEU M 371 -1.40 23.07 71.84
CA LEU M 371 -0.66 23.51 70.67
C LEU M 371 0.54 22.62 70.38
N LEU M 372 1.16 22.06 71.41
CA LEU M 372 2.27 21.14 71.20
C LEU M 372 1.83 19.88 70.47
N LYS M 373 0.65 19.36 70.81
CA LYS M 373 0.16 18.14 70.18
C LYS M 373 -0.16 18.31 68.71
N GLN M 374 -0.28 19.54 68.22
CA GLN M 374 -0.53 19.77 66.81
C GLN M 374 0.69 19.40 65.99
N PRO M 375 0.52 19.08 64.71
CA PRO M 375 1.67 18.77 63.85
C PRO M 375 2.63 19.94 63.79
N VAL M 376 3.93 19.62 63.69
CA VAL M 376 4.96 20.63 63.75
C VAL M 376 4.84 21.63 62.60
N ARG M 377 4.34 21.19 61.45
CA ARG M 377 4.17 22.10 60.32
C ARG M 377 3.20 23.22 60.66
N LEU M 378 2.08 22.87 61.31
CA LEU M 378 1.14 23.90 61.74
C LEU M 378 1.73 24.76 62.85
N LEU M 379 2.40 24.13 63.82
CA LEU M 379 2.93 24.88 64.96
C LEU M 379 4.00 25.87 64.51
N MET M 380 4.88 25.46 63.60
CA MET M 380 5.93 26.37 63.13
C MET M 380 5.34 27.57 62.40
N GLN M 381 4.32 27.34 61.56
CA GLN M 381 3.74 28.44 60.79
C GLN M 381 3.01 29.42 61.67
N VAL M 382 2.36 28.94 62.74
CA VAL M 382 1.78 29.86 63.71
C VAL M 382 2.88 30.65 64.40
N LEU M 383 3.95 29.96 64.81
CA LEU M 383 5.04 30.65 65.49
C LEU M 383 5.77 31.60 64.56
N GLN M 384 5.97 31.20 63.31
CA GLN M 384 6.69 32.05 62.36
C GLN M 384 5.96 33.37 62.12
N ASP M 385 4.64 33.32 61.94
CA ASP M 385 3.91 34.52 61.56
C ASP M 385 3.79 35.48 62.74
N PHE M 386 3.47 34.98 63.93
CA PHE M 386 3.24 35.86 65.07
C PHE M 386 4.49 36.64 65.44
N TYR M 387 5.63 35.95 65.50
CA TYR M 387 6.86 36.63 65.92
C TYR M 387 7.41 37.54 64.84
N THR M 388 7.20 37.20 63.57
CA THR M 388 7.63 38.08 62.49
C THR M 388 6.88 39.41 62.52
N LYS M 389 5.57 39.35 62.77
CA LYS M 389 4.78 40.59 62.79
C LYS M 389 5.07 41.41 64.03
N LYS M 390 5.27 40.75 65.18
CA LYS M 390 5.55 41.48 66.41
C LYS M 390 6.85 42.28 66.31
N TYR M 391 7.90 41.66 65.74
CA TYR M 391 9.13 42.39 65.51
C TYR M 391 8.93 43.52 64.50
N HIS M 392 8.16 43.26 63.45
CA HIS M 392 7.90 44.29 62.45
C HIS M 392 7.13 45.46 63.06
N ALA M 393 6.14 45.17 63.90
CA ALA M 393 5.38 46.23 64.55
C ALA M 393 6.28 47.04 65.49
N THR M 394 7.15 46.36 66.23
CA THR M 394 8.07 47.07 67.11
C THR M 394 9.03 47.94 66.31
N SER M 395 9.56 47.42 65.21
CA SER M 395 10.51 48.13 64.35
C SER M 395 11.70 48.64 65.13
N LEU M 411 -0.03 47.90 67.70
CA LEU M 411 0.79 47.61 68.87
C LEU M 411 0.02 46.77 69.89
N SER M 412 -1.05 46.13 69.42
CA SER M 412 -1.87 45.26 70.26
C SER M 412 -1.46 43.82 70.01
N VAL M 413 -0.94 43.16 71.06
CA VAL M 413 -0.51 41.77 70.92
C VAL M 413 -1.64 40.85 70.49
N PRO M 414 -2.84 40.88 71.09
CA PRO M 414 -3.90 40.00 70.61
C PRO M 414 -4.30 40.24 69.16
N ASN M 415 -4.12 41.47 68.66
CA ASN M 415 -4.42 41.74 67.27
C ASN M 415 -3.50 40.95 66.35
N LEU M 416 -2.21 40.88 66.68
CA LEU M 416 -1.27 40.12 65.85
C LEU M 416 -1.50 38.62 65.96
N LEU M 417 -1.91 38.14 67.14
CA LEU M 417 -2.13 36.70 67.31
C LEU M 417 -3.38 36.24 66.56
N ARG M 418 -4.41 37.08 66.53
CA ARG M 418 -5.65 36.68 65.86
C ARG M 418 -5.44 36.47 64.37
N ASN M 419 -4.64 37.32 63.73
CA ASN M 419 -4.35 37.15 62.31
C ASN M 419 -3.62 35.85 62.06
N ALA M 420 -2.69 35.48 62.94
CA ALA M 420 -1.96 34.22 62.79
C ALA M 420 -2.89 33.02 62.93
N LEU M 421 -3.82 33.08 63.88
CA LEU M 421 -4.70 31.93 64.11
C LEU M 421 -5.75 31.80 63.02
N TYR M 422 -6.19 32.91 62.43
CA TYR M 422 -7.22 32.84 61.41
C TYR M 422 -6.77 32.02 60.22
N GLY M 423 -5.57 32.29 59.71
CA GLY M 423 -5.06 31.55 58.57
C GLY M 423 -4.75 30.10 58.89
N SER M 424 -4.24 29.83 60.09
CA SER M 424 -3.75 28.49 60.42
C SER M 424 -4.89 27.49 60.46
N MET M 425 -5.95 27.78 61.20
CA MET M 425 -7.11 26.90 61.30
C MET M 425 -8.29 27.39 60.47
N LEU M 426 -8.00 27.92 59.27
CA LEU M 426 -9.07 28.31 58.36
C LEU M 426 -9.90 27.10 57.95
N SER M 427 -9.26 25.94 57.80
CA SER M 427 -9.98 24.74 57.39
C SER M 427 -11.02 24.33 58.43
N SER M 428 -10.68 24.41 59.71
CA SER M 428 -11.63 24.06 60.76
C SER M 428 -12.73 25.10 60.92
N ILE M 429 -12.47 26.35 60.51
CA ILE M 429 -13.50 27.37 60.56
C ILE M 429 -14.60 27.05 59.56
N TYR M 430 -14.23 26.69 58.33
CA TYR M 430 -15.22 26.34 57.32
C TYR M 430 -15.95 25.06 57.68
N ARG M 431 -15.28 24.10 58.32
CA ARG M 431 -15.93 22.86 58.71
C ARG M 431 -17.04 23.12 59.72
N ALA M 432 -16.82 24.02 60.66
CA ALA M 432 -17.82 24.37 61.67
C ALA M 432 -18.76 25.48 61.22
N GLY M 433 -18.51 26.10 60.08
CA GLY M 433 -19.42 27.10 59.55
C GLY M 433 -19.43 28.43 60.27
N LEU M 434 -18.35 28.78 60.96
CA LEU M 434 -18.30 30.06 61.65
C LEU M 434 -18.17 31.19 60.63
N ASN M 435 -18.40 32.41 61.11
CA ASN M 435 -18.24 33.59 60.26
C ASN M 435 -16.78 33.71 59.81
N TYR M 436 -16.58 34.03 58.54
CA TYR M 436 -15.24 33.98 57.96
C TYR M 436 -14.89 35.19 57.11
N GLU M 437 -15.72 36.24 57.08
CA GLU M 437 -15.39 37.41 56.29
C GLU M 437 -14.49 38.32 57.11
N GLN M 438 -13.42 38.82 56.49
CA GLN M 438 -12.36 39.51 57.23
C GLN M 438 -12.88 40.79 57.87
N HIS M 439 -13.31 41.75 57.04
CA HIS M 439 -13.61 43.09 57.55
C HIS M 439 -14.93 43.16 58.31
N ARG M 440 -15.72 42.09 58.33
CA ARG M 440 -16.98 42.10 59.07
C ARG M 440 -16.81 41.71 60.53
N PHE M 441 -15.61 41.87 61.09
CA PHE M 441 -15.39 41.56 62.48
C PHE M 441 -16.11 42.56 63.39
N GLY M 442 -16.50 42.09 64.56
CA GLY M 442 -17.18 42.92 65.53
C GLY M 442 -17.99 42.06 66.48
N MET M 443 -18.60 42.74 67.45
CA MET M 443 -19.37 42.02 68.47
C MET M 443 -20.60 41.35 67.86
N ASP M 444 -21.24 41.98 66.87
CA ASP M 444 -22.39 41.36 66.23
C ASP M 444 -22.01 40.02 65.60
N SER M 445 -20.84 39.95 64.95
CA SER M 445 -20.35 38.68 64.45
C SER M 445 -19.87 37.78 65.58
N LEU M 446 -19.11 38.34 66.53
CA LEU M 446 -18.50 37.52 67.56
C LEU M 446 -19.54 36.88 68.48
N CYS M 447 -20.57 37.64 68.84
CA CYS M 447 -21.63 37.07 69.68
C CYS M 447 -22.39 35.98 68.95
N LYS M 448 -22.60 36.15 67.64
CA LYS M 448 -23.23 35.09 66.86
C LYS M 448 -22.32 33.87 66.75
N ASP M 449 -21.01 34.09 66.64
CA ASP M 449 -20.08 32.98 66.50
C ASP M 449 -20.10 32.08 67.72
N ILE M 450 -20.14 32.67 68.92
CA ILE M 450 -20.13 31.87 70.14
C ILE M 450 -21.40 31.04 70.27
N PHE M 451 -22.50 31.44 69.61
CA PHE M 451 -23.71 30.63 69.62
C PHE M 451 -23.57 29.41 68.72
N THR M 452 -22.95 29.59 67.54
CA THR M 452 -22.76 28.47 66.64
C THR M 452 -21.86 27.40 67.26
N TYR M 453 -20.81 27.83 67.95
CA TYR M 453 -19.89 26.87 68.56
C TYR M 453 -20.58 26.04 69.63
N VAL M 454 -21.41 26.67 70.46
CA VAL M 454 -22.03 25.97 71.58
C VAL M 454 -22.97 24.87 71.07
N LYS M 455 -23.79 25.19 70.07
CA LYS M 455 -24.69 24.19 69.52
C LYS M 455 -23.91 23.02 68.93
N GLN M 456 -22.79 23.31 68.26
CA GLN M 456 -21.94 22.25 67.73
C GLN M 456 -21.35 21.41 68.87
N ASP M 457 -20.93 22.06 69.96
CA ASP M 457 -20.31 21.34 71.07
C ASP M 457 -21.33 20.63 71.94
N ARG M 458 -22.61 21.01 71.85
CA ARG M 458 -23.68 20.37 72.63
C ARG M 458 -23.40 20.41 74.13
N ASP M 459 -22.93 21.56 74.61
CA ASP M 459 -22.67 21.76 76.03
C ASP M 459 -23.06 23.18 76.39
N PHE M 460 -24.17 23.35 77.11
CA PHE M 460 -24.65 24.66 77.50
C PHE M 460 -24.16 25.09 78.88
N ASN M 461 -23.41 24.24 79.58
CA ASN M 461 -22.90 24.58 80.90
C ASN M 461 -21.54 25.28 80.82
N THR M 462 -20.56 24.61 80.23
CA THR M 462 -19.22 25.17 80.04
C THR M 462 -18.98 25.62 78.61
N GLY M 463 -20.04 25.78 77.81
CA GLY M 463 -19.87 26.14 76.41
C GLY M 463 -19.19 27.47 76.22
N PHE M 464 -19.58 28.47 77.01
CA PHE M 464 -19.01 29.81 76.87
C PHE M 464 -17.68 29.96 77.60
N TYR M 465 -17.21 28.91 78.30
CA TYR M 465 -15.84 28.95 78.82
C TYR M 465 -14.82 28.83 77.69
N LEU M 466 -15.22 28.24 76.56
CA LEU M 466 -14.32 27.97 75.44
C LEU M 466 -13.13 27.12 75.88
N ARG M 467 -13.46 25.95 76.42
CA ARG M 467 -12.45 25.00 76.89
C ARG M 467 -12.12 24.02 75.77
N PRO M 468 -10.86 23.91 75.37
CA PRO M 468 -10.51 23.00 74.27
C PRO M 468 -10.53 21.54 74.68
N GLN M 469 -11.72 21.00 74.98
CA GLN M 469 -11.86 19.61 75.40
C GLN M 469 -12.84 18.84 74.53
N SER M 470 -13.14 19.34 73.33
CA SER M 470 -14.10 18.67 72.48
C SER M 470 -13.53 17.37 71.92
N GLU M 471 -14.45 16.47 71.53
CA GLU M 471 -14.04 15.18 71.00
C GLU M 471 -13.50 15.29 69.58
N SER M 472 -14.08 16.16 68.76
CA SER M 472 -13.68 16.32 67.38
C SER M 472 -12.56 17.34 67.26
N GLU M 473 -11.60 17.04 66.38
CA GLU M 473 -10.44 17.92 66.22
C GLU M 473 -10.84 19.29 65.71
N ALA M 474 -11.86 19.37 64.86
CA ALA M 474 -12.27 20.65 64.30
C ALA M 474 -12.75 21.61 65.37
N LEU M 475 -13.53 21.12 66.33
CA LEU M 475 -14.05 21.99 67.39
C LEU M 475 -12.96 22.49 68.32
N ARG M 476 -11.93 21.66 68.55
CA ARG M 476 -10.82 22.11 69.38
C ARG M 476 -10.10 23.29 68.75
N ASN M 477 -9.89 23.25 67.43
CA ASN M 477 -9.27 24.37 66.74
C ASN M 477 -10.16 25.62 66.78
N CYS M 478 -11.47 25.43 66.67
CA CYS M 478 -12.39 26.57 66.73
C CYS M 478 -12.39 27.19 68.12
N SER M 479 -12.30 26.37 69.16
CA SER M 479 -12.37 26.87 70.53
C SER M 479 -11.20 27.82 70.83
N ILE M 480 -9.98 27.41 70.47
CA ILE M 480 -8.82 28.25 70.73
C ILE M 480 -8.86 29.50 69.87
N TYR M 481 -9.36 29.38 68.63
CA TYR M 481 -9.44 30.55 67.76
C TYR M 481 -10.42 31.58 68.30
N LEU M 482 -11.58 31.12 68.78
CA LEU M 482 -12.59 32.04 69.29
C LEU M 482 -12.08 32.79 70.52
N ALA M 483 -11.36 32.10 71.41
CA ALA M 483 -10.82 32.76 72.59
C ALA M 483 -9.86 33.88 72.21
N SER M 484 -9.14 33.72 71.10
CA SER M 484 -8.25 34.79 70.63
C SER M 484 -9.05 36.02 70.23
N GLN M 485 -10.19 35.83 69.55
CA GLN M 485 -10.99 36.96 69.12
C GLN M 485 -11.69 37.64 70.28
N VAL M 486 -12.06 36.87 71.31
CA VAL M 486 -12.75 37.45 72.46
C VAL M 486 -11.85 38.48 73.15
N SER M 487 -10.59 38.13 73.35
CA SER M 487 -9.67 39.03 74.01
C SER M 487 -9.13 40.11 73.09
N GLU M 488 -9.27 39.95 71.77
CA GLU M 488 -8.77 40.95 70.84
C GLU M 488 -9.63 42.20 70.82
N ASN M 489 -10.95 42.03 70.87
CA ASN M 489 -11.87 43.15 70.76
C ASN M 489 -12.28 43.70 72.12
N CYS M 490 -12.53 42.82 73.10
CA CYS M 490 -12.92 43.27 74.43
C CYS M 490 -11.80 44.01 75.15
N GLN M 491 -10.57 43.91 74.67
CA GLN M 491 -9.44 44.54 75.33
C GLN M 491 -9.58 46.05 75.35
N GLY M 492 -9.34 46.64 76.51
CA GLY M 492 -9.32 48.09 76.66
C GLY M 492 -10.63 48.80 76.43
N SER M 493 -11.73 48.25 76.94
CA SER M 493 -13.02 48.90 76.84
C SER M 493 -13.98 48.30 77.87
N LEU M 494 -14.71 49.17 78.56
CA LEU M 494 -15.69 48.74 79.55
C LEU M 494 -17.06 48.49 78.93
N SER M 495 -17.50 49.39 78.05
CA SER M 495 -18.79 49.19 77.38
C SER M 495 -18.79 47.90 76.58
N LYS M 496 -17.69 47.61 75.89
CA LYS M 496 -17.59 46.37 75.12
C LYS M 496 -17.57 45.14 76.03
N PHE M 497 -16.96 45.26 77.22
CA PHE M 497 -16.88 44.12 78.12
C PHE M 497 -18.26 43.63 78.54
N LEU M 498 -19.15 44.57 78.88
CA LEU M 498 -20.49 44.18 79.32
C LEU M 498 -21.31 43.60 78.18
N GLN M 499 -21.15 44.14 76.97
CA GLN M 499 -21.92 43.63 75.84
C GLN M 499 -21.58 42.16 75.56
N MET M 500 -20.29 41.83 75.59
CA MET M 500 -19.89 40.43 75.41
C MET M 500 -20.46 39.56 76.52
N LEU M 501 -20.43 40.05 77.76
CA LEU M 501 -20.99 39.30 78.87
C LEU M 501 -22.50 39.12 78.72
N LEU M 502 -23.21 40.19 78.41
CA LEU M 502 -24.67 40.16 78.45
C LEU M 502 -25.26 39.40 77.27
N VAL M 503 -25.02 39.88 76.05
CA VAL M 503 -25.69 39.28 74.90
C VAL M 503 -24.93 38.10 74.32
N GLY M 504 -23.66 37.92 74.68
CA GLY M 504 -22.91 36.78 74.19
C GLY M 504 -22.98 35.59 75.10
N CYS M 505 -22.61 35.77 76.37
CA CYS M 505 -22.69 34.68 77.34
C CYS M 505 -24.12 34.42 77.78
N GLY M 506 -24.89 35.48 78.01
CA GLY M 506 -26.24 35.31 78.52
C GLY M 506 -27.17 34.60 77.55
N SER M 507 -26.99 34.86 76.26
CA SER M 507 -27.90 34.30 75.26
C SER M 507 -27.90 32.78 75.24
N VAL M 508 -26.86 32.14 75.79
CA VAL M 508 -26.81 30.69 75.82
C VAL M 508 -27.47 30.13 77.07
N SER M 509 -27.27 30.79 78.22
CA SER M 509 -27.84 30.29 79.46
C SER M 509 -29.36 30.32 79.44
N ILE M 510 -29.94 31.39 78.88
CA ILE M 510 -31.39 31.51 78.85
C ILE M 510 -32.02 30.38 78.05
N PHE M 511 -31.45 30.07 76.89
CA PHE M 511 -31.98 29.00 76.06
C PHE M 511 -31.84 27.63 76.73
N ASN M 512 -30.87 27.50 77.64
CA ASN M 512 -30.55 26.19 78.20
C ASN M 512 -31.71 25.63 79.02
N GLN M 513 -32.33 26.46 79.86
CA GLN M 513 -33.31 25.98 80.82
C GLN M 513 -34.73 26.44 80.52
N PHE M 514 -34.92 27.48 79.70
CA PHE M 514 -36.24 28.04 79.47
C PHE M 514 -36.86 27.67 78.14
N VAL M 515 -36.06 27.33 77.13
CA VAL M 515 -36.58 27.05 75.81
C VAL M 515 -36.24 25.63 75.38
N THR M 516 -35.14 25.08 75.91
CA THR M 516 -34.71 23.75 75.51
C THR M 516 -35.72 22.68 75.93
N GLU M 517 -36.37 22.84 77.07
CA GLU M 517 -37.32 21.86 77.55
C GLU M 517 -38.55 21.73 76.67
N LEU M 518 -38.78 22.67 75.76
CA LEU M 518 -39.90 22.59 74.83
C LEU M 518 -39.73 21.39 73.89
N ASP M 524 -36.56 13.69 67.11
CA ASP M 524 -36.96 14.69 68.11
C ASP M 524 -36.09 15.95 68.03
N ARG M 525 -34.82 15.76 67.65
CA ARG M 525 -33.93 16.90 67.52
C ARG M 525 -34.29 17.78 66.34
N GLU M 526 -34.97 17.23 65.34
CA GLU M 526 -35.36 18.03 64.18
C GLU M 526 -36.33 19.14 64.58
N LYS M 527 -37.24 18.84 65.52
CA LYS M 527 -38.11 19.88 66.06
C LYS M 527 -37.31 20.90 66.86
N PHE M 528 -36.26 20.44 67.55
CA PHE M 528 -35.39 21.34 68.27
C PHE M 528 -34.60 22.25 67.34
N GLU M 529 -34.46 21.88 66.07
CA GLU M 529 -33.63 22.66 65.15
C GLU M 529 -34.25 24.01 64.83
N GLN M 530 -35.54 24.03 64.47
CA GLN M 530 -36.15 25.30 64.09
C GLN M 530 -36.36 26.22 65.29
N LEU M 531 -36.37 25.68 66.51
CA LEU M 531 -36.47 26.53 67.68
C LEU M 531 -35.29 27.49 67.77
N ILE M 532 -34.09 26.97 67.52
CA ILE M 532 -32.91 27.83 67.47
C ILE M 532 -33.04 28.85 66.34
N SER M 533 -33.56 28.40 65.19
CA SER M 533 -33.62 29.26 64.01
C SER M 533 -34.50 30.48 64.25
N GLU M 534 -35.64 30.30 64.91
CA GLU M 534 -36.53 31.43 65.15
C GLU M 534 -36.12 32.21 66.40
N TYR M 535 -35.51 31.54 67.38
CA TYR M 535 -35.08 32.23 68.58
C TYR M 535 -33.99 33.25 68.28
N VAL M 536 -33.02 32.86 67.44
CA VAL M 536 -31.96 33.81 67.07
C VAL M 536 -32.53 34.96 66.27
N ALA M 537 -33.61 34.71 65.52
CA ALA M 537 -34.27 35.79 64.79
C ALA M 537 -35.07 36.67 65.74
N TYR M 538 -35.76 36.07 66.72
CA TYR M 538 -36.61 36.83 67.62
C TYR M 538 -35.78 37.78 68.49
N MET M 539 -34.74 37.25 69.13
CA MET M 539 -33.89 38.08 69.97
C MET M 539 -32.82 38.82 69.17
N SER M 540 -32.61 38.44 67.90
CA SER M 540 -31.71 39.14 67.00
C SER M 540 -30.26 39.13 67.52
N VAL M 541 -29.75 37.91 67.72
CA VAL M 541 -28.36 37.78 68.16
C VAL M 541 -27.40 38.22 67.07
N GLY M 542 -27.78 38.06 65.80
CA GLY M 542 -26.91 38.48 64.71
C GLY M 542 -26.69 39.98 64.67
N ARG M 543 -27.71 40.76 65.02
CA ARG M 543 -27.60 42.21 65.03
C ARG M 543 -28.43 42.75 66.17
N ILE M 544 -27.77 43.45 67.11
CA ILE M 544 -28.43 43.99 68.29
C ILE M 544 -28.33 45.51 68.22
N GLU M 545 -29.49 46.17 68.28
CA GLU M 545 -29.51 47.63 68.18
C GLU M 545 -28.98 48.29 69.45
N SER M 546 -29.21 47.68 70.61
CA SER M 546 -28.74 48.25 71.87
C SER M 546 -28.74 47.17 72.94
N ALA M 547 -27.85 47.33 73.92
CA ALA M 547 -27.77 46.37 75.01
C ALA M 547 -29.06 46.33 75.82
N SER M 548 -29.66 47.50 76.05
CA SER M 548 -30.92 47.54 76.80
C SER M 548 -32.03 46.82 76.05
N HIS M 549 -32.03 46.90 74.72
CA HIS M 549 -33.07 46.26 73.94
C HIS M 549 -33.00 44.74 74.05
N TRP M 550 -31.81 44.17 74.20
CA TRP M 550 -31.70 42.73 74.42
C TRP M 550 -32.36 42.34 75.73
N ALA M 551 -32.08 43.09 76.81
CA ALA M 551 -32.73 42.83 78.08
C ALA M 551 -34.23 43.03 77.98
N ASN M 552 -34.65 44.07 77.26
CA ASN M 552 -36.08 44.28 76.99
C ASN M 552 -36.69 43.11 76.22
N ARG M 553 -35.87 42.34 75.49
CA ARG M 553 -36.32 41.13 74.86
C ARG M 553 -36.09 39.90 75.73
N CYS M 554 -35.10 39.96 76.64
CA CYS M 554 -34.85 38.84 77.52
C CYS M 554 -36.01 38.60 78.47
N CYS M 555 -36.60 39.67 78.99
CA CYS M 555 -37.72 39.52 79.92
C CYS M 555 -38.92 38.86 79.24
N ALA M 556 -39.18 39.22 77.98
CA ALA M 556 -40.30 38.61 77.26
C ALA M 556 -40.09 37.11 77.09
N VAL M 557 -38.86 36.69 76.84
CA VAL M 557 -38.58 35.26 76.66
C VAL M 557 -38.87 34.49 77.94
N VAL M 558 -38.43 35.03 79.08
CA VAL M 558 -38.58 34.31 80.34
C VAL M 558 -39.95 34.50 80.97
N ALA M 559 -40.66 35.59 80.63
CA ALA M 559 -41.97 35.84 81.23
C ALA M 559 -42.97 34.74 80.87
N ASN M 560 -42.85 34.20 79.66
CA ASN M 560 -43.77 33.16 79.20
C ASN M 560 -43.34 31.79 79.72
N SER M 561 -43.11 31.69 81.03
CA SER M 561 -42.72 30.44 81.68
C SER M 561 -43.13 30.52 83.13
N PRO M 562 -44.38 30.19 83.44
CA PRO M 562 -44.89 30.38 84.81
C PRO M 562 -44.27 29.43 85.82
N ASN M 563 -44.68 29.55 87.07
CA ASN M 563 -44.16 28.75 88.16
C ASN M 563 -45.30 28.35 89.08
N ASP M 564 -44.99 27.53 90.07
CA ASP M 564 -45.99 27.11 91.04
C ASP M 564 -46.46 28.30 91.87
N GLU M 565 -47.77 28.37 92.10
CA GLU M 565 -48.44 29.45 92.81
C GLU M 565 -48.32 30.79 92.09
N LYS M 566 -47.70 30.82 90.91
CA LYS M 566 -47.73 31.95 89.97
C LYS M 566 -47.32 33.28 90.63
N ILE M 567 -46.31 33.22 91.48
CA ILE M 567 -45.78 34.43 92.09
C ILE M 567 -45.07 35.24 91.00
N GLY M 568 -45.29 36.55 91.00
CA GLY M 568 -44.76 37.40 89.96
C GLY M 568 -43.30 37.79 90.11
N VAL M 569 -42.50 36.92 90.72
CA VAL M 569 -41.05 37.12 90.82
C VAL M 569 -40.36 36.07 89.95
N PHE M 570 -39.42 36.52 89.13
CA PHE M 570 -38.75 35.63 88.19
C PHE M 570 -37.24 35.72 88.37
N LEU M 571 -36.49 35.10 87.46
CA LEU M 571 -35.03 35.07 87.56
C LEU M 571 -34.50 36.47 87.31
N GLY M 572 -34.21 37.18 88.40
CA GLY M 572 -33.66 38.52 88.32
C GLY M 572 -34.66 39.63 88.13
N MET M 573 -35.95 39.33 88.09
CA MET M 573 -36.96 40.35 87.83
C MET M 573 -38.19 40.11 88.68
N VAL M 574 -38.93 41.19 88.96
CA VAL M 574 -40.20 41.13 89.64
C VAL M 574 -41.23 41.83 88.76
N GLN M 575 -42.50 41.48 88.97
CA GLN M 575 -43.60 41.98 88.16
C GLN M 575 -44.42 42.96 89.00
N LEU M 576 -44.05 44.23 88.94
CA LEU M 576 -44.84 45.27 89.58
C LEU M 576 -46.22 45.34 88.95
N ASN M 577 -47.24 45.42 89.79
CA ASN M 577 -48.62 45.46 89.30
C ASN M 577 -48.92 46.83 88.70
N ARG M 578 -49.45 46.84 87.48
CA ARG M 578 -49.77 48.11 86.82
C ARG M 578 -51.12 48.67 87.26
N LYS M 579 -51.97 47.87 87.90
CA LYS M 579 -53.26 48.33 88.37
C LYS M 579 -53.33 48.18 89.89
N SER M 580 -54.49 48.51 90.45
CA SER M 580 -54.72 48.45 91.89
C SER M 580 -55.75 47.38 92.19
N ARG M 581 -55.40 46.47 93.09
CA ARG M 581 -56.32 45.41 93.53
C ARG M 581 -57.11 45.90 94.72
N GLN M 582 -58.39 45.53 94.76
CA GLN M 582 -59.30 46.03 95.80
C GLN M 582 -58.91 45.49 97.17
N HIS M 583 -58.96 46.37 98.16
CA HIS M 583 -58.76 46.02 99.58
C HIS M 583 -57.38 45.41 99.82
N MET M 584 -56.35 46.21 99.56
CA MET M 584 -55.01 45.74 99.87
C MET M 584 -54.63 46.11 101.29
N PRO M 585 -54.05 45.17 102.05
CA PRO M 585 -53.69 45.45 103.44
C PRO M 585 -52.47 46.37 103.53
N GLY M 586 -52.36 47.03 104.67
CA GLY M 586 -51.23 47.88 104.96
C GLY M 586 -51.14 49.06 104.01
N GLY M 587 -49.91 49.52 103.79
CA GLY M 587 -49.62 50.63 102.90
C GLY M 587 -49.32 50.25 101.47
N TYR M 588 -49.55 49.00 101.09
CA TYR M 588 -49.30 48.57 99.72
C TYR M 588 -50.22 49.30 98.75
N LYS M 589 -49.70 49.61 97.57
CA LYS M 589 -50.45 50.38 96.59
C LYS M 589 -49.89 50.06 95.20
N LYS M 590 -50.28 50.86 94.21
CA LYS M 590 -49.82 50.72 92.85
C LYS M 590 -48.54 51.53 92.64
N PHE M 591 -47.59 50.94 91.93
CA PHE M 591 -46.32 51.61 91.69
C PHE M 591 -46.52 52.88 90.88
N ASN M 592 -45.83 53.95 91.28
CA ASN M 592 -45.90 55.23 90.59
C ASN M 592 -44.50 55.80 90.48
N ILE M 593 -44.08 56.10 89.25
CA ILE M 593 -42.72 56.61 89.02
C ILE M 593 -42.56 58.01 89.61
N ASP M 594 -43.61 58.84 89.52
CA ASP M 594 -43.51 60.24 89.89
C ASP M 594 -43.26 60.46 91.37
N THR M 595 -43.42 59.43 92.21
CA THR M 595 -43.18 59.60 93.64
C THR M 595 -41.72 59.92 93.93
N GLU M 596 -40.80 59.26 93.24
CA GLU M 596 -39.38 59.46 93.47
C GLU M 596 -38.90 60.77 92.84
N ASN M 597 -37.68 61.16 93.20
CA ASN M 597 -37.10 62.40 92.70
C ASN M 597 -35.63 62.19 92.41
N GLY M 598 -35.11 63.01 91.49
CA GLY M 598 -33.69 63.01 91.19
C GLY M 598 -33.21 61.67 90.66
N LEU M 599 -32.08 61.21 91.20
CA LEU M 599 -31.44 59.99 90.71
C LEU M 599 -32.34 58.78 90.89
N ALA M 600 -33.22 58.79 91.89
CA ALA M 600 -34.10 57.65 92.11
C ALA M 600 -35.01 57.41 90.91
N LYS M 601 -35.58 58.48 90.35
CA LYS M 601 -36.39 58.34 89.15
C LYS M 601 -35.56 57.89 87.96
N ALA M 602 -34.37 58.45 87.79
CA ALA M 602 -33.51 58.09 86.66
C ALA M 602 -33.10 56.63 86.72
N ALA M 603 -32.72 56.16 87.92
CA ALA M 603 -32.37 54.74 88.06
C ALA M 603 -33.59 53.85 87.84
N MET M 604 -34.75 54.28 88.34
CA MET M 604 -35.96 53.48 88.15
C MET M 604 -36.43 53.52 86.70
N ALA M 605 -36.18 54.62 85.99
CA ALA M 605 -36.55 54.69 84.58
C ALA M 605 -35.80 53.65 83.76
N SER M 606 -34.50 53.48 84.02
CA SER M 606 -33.72 52.50 83.28
C SER M 606 -34.19 51.09 83.55
N SER M 607 -34.50 50.78 84.81
CA SER M 607 -34.88 49.42 85.20
C SER M 607 -36.38 49.21 85.03
N LEU M 608 -36.82 49.30 83.78
CA LEU M 608 -38.22 49.08 83.44
C LEU M 608 -38.31 48.44 82.06
N SER M 609 -39.39 47.69 81.85
CA SER M 609 -39.63 47.00 80.59
C SER M 609 -41.07 46.52 80.56
N THR M 610 -41.69 46.58 79.39
CA THR M 610 -43.09 46.20 79.24
C THR M 610 -43.25 45.18 78.12
N VAL M 611 -44.24 44.30 78.28
CA VAL M 611 -44.53 43.23 77.33
C VAL M 611 -46.01 43.26 77.02
N ALA M 612 -46.35 43.26 75.73
CA ALA M 612 -47.74 43.28 75.28
C ALA M 612 -48.21 41.84 75.07
N SER M 613 -49.13 41.38 75.90
CA SER M 613 -49.64 40.02 75.84
C SER M 613 -51.16 40.00 76.02
N ASN M 614 -51.85 40.84 75.24
CA ASN M 614 -53.27 41.15 75.34
C ASN M 614 -53.61 41.94 76.60
N ASN M 615 -52.63 42.15 77.47
CA ASN M 615 -52.74 43.06 78.61
C ASN M 615 -51.34 43.46 79.01
N LEU M 616 -51.02 44.75 78.88
CA LEU M 616 -49.64 45.19 78.98
C LEU M 616 -49.11 44.94 80.38
N MET M 617 -47.99 44.22 80.47
CA MET M 617 -47.37 43.87 81.73
C MET M 617 -46.14 44.75 81.95
N ASP M 618 -45.93 45.15 83.20
CA ASP M 618 -44.79 45.97 83.57
C ASP M 618 -43.79 45.10 84.31
N PHE M 619 -42.51 45.40 84.11
CA PHE M 619 -41.43 44.59 84.68
C PHE M 619 -40.35 45.50 85.26
N CYS M 620 -39.85 45.12 86.44
CA CYS M 620 -38.67 45.72 87.02
C CYS M 620 -37.52 44.72 86.91
N SER M 621 -36.40 45.17 86.37
CA SER M 621 -35.35 44.26 85.95
C SER M 621 -33.98 44.73 86.39
N VAL M 622 -33.04 43.79 86.44
CA VAL M 622 -31.64 44.08 86.71
C VAL M 622 -30.88 44.07 85.39
N PHE M 623 -31.38 43.28 84.43
CA PHE M 623 -30.73 43.19 83.12
C PHE M 623 -30.74 44.54 82.41
N ASN M 624 -31.86 45.26 82.50
CA ASN M 624 -31.91 46.60 81.93
C ASN M 624 -30.88 47.51 82.60
N LEU M 625 -30.75 47.42 83.92
CA LEU M 625 -29.77 48.23 84.62
C LEU M 625 -28.34 47.87 84.19
N ILE M 626 -28.08 46.57 84.01
CA ILE M 626 -26.76 46.14 83.54
C ILE M 626 -26.51 46.65 82.12
N GLY M 627 -27.50 46.50 81.25
CA GLY M 627 -27.33 46.93 79.87
C GLY M 627 -27.20 48.43 79.71
N ALA M 628 -27.93 49.18 80.54
CA ALA M 628 -27.94 50.63 80.41
C ALA M 628 -26.55 51.23 80.62
N ILE M 629 -25.78 50.66 81.55
CA ILE M 629 -24.42 51.15 81.79
C ILE M 629 -23.55 50.92 80.57
N ALA M 630 -23.77 49.81 79.86
CA ALA M 630 -23.00 49.54 78.65
C ALA M 630 -23.28 50.57 77.56
N ASP M 631 -24.50 51.12 77.54
CA ASP M 631 -24.84 52.12 76.54
C ASP M 631 -24.30 53.50 76.92
N ILE M 632 -24.35 53.84 78.21
CA ILE M 632 -23.91 55.16 78.65
C ILE M 632 -22.40 55.30 78.51
N SER M 633 -21.65 54.26 78.89
CA SER M 633 -20.19 54.35 78.90
C SER M 633 -19.58 54.49 77.51
N ALA M 634 -20.31 54.11 76.46
CA ALA M 634 -19.78 54.22 75.11
C ALA M 634 -20.02 55.58 74.49
N CYS M 635 -21.23 56.14 74.67
CA CYS M 635 -21.59 57.43 74.08
C CYS M 635 -20.98 58.56 74.91
N ARG M 636 -19.70 58.83 74.64
CA ARG M 636 -18.95 59.85 75.36
C ARG M 636 -18.85 61.17 74.61
N CYS M 637 -19.06 61.14 73.29
CA CYS M 637 -18.84 62.34 72.48
C CYS M 637 -19.77 63.48 72.87
N GLU M 638 -21.05 63.18 73.10
CA GLU M 638 -22.04 64.22 73.34
C GLU M 638 -22.60 64.10 74.75
N ARG M 639 -23.13 65.22 75.25
CA ARG M 639 -23.71 65.26 76.59
C ARG M 639 -25.14 64.73 76.59
N SER M 640 -25.96 65.17 75.63
CA SER M 640 -27.36 64.78 75.59
C SER M 640 -27.56 63.29 75.29
N ALA M 641 -26.51 62.59 74.85
CA ALA M 641 -26.65 61.18 74.54
C ALA M 641 -27.04 60.36 75.77
N ILE M 642 -26.43 60.67 76.92
CA ILE M 642 -26.75 59.94 78.14
C ILE M 642 -28.19 60.21 78.57
N THR M 643 -28.69 61.43 78.35
CA THR M 643 -30.10 61.71 78.63
C THR M 643 -30.99 60.86 77.76
N ASN M 644 -30.64 60.70 76.48
CA ASN M 644 -31.39 59.81 75.61
C ASN M 644 -31.29 58.37 76.10
N ALA M 645 -30.12 57.96 76.58
CA ALA M 645 -29.95 56.61 77.10
C ALA M 645 -30.82 56.38 78.33
N PHE M 646 -31.14 57.44 79.08
CA PHE M 646 -32.00 57.29 80.24
C PHE M 646 -33.41 56.88 79.84
N ASN M 647 -33.93 57.45 78.75
CA ASN M 647 -35.29 57.19 78.29
C ASN M 647 -35.29 56.61 76.89
N LYS M 648 -34.35 55.71 76.60
CA LYS M 648 -34.25 55.11 75.28
C LYS M 648 -35.37 54.10 75.04
N VAL M 649 -35.72 53.34 76.06
CA VAL M 649 -36.69 52.25 75.91
C VAL M 649 -38.02 52.54 76.61
N ILE M 650 -38.07 53.51 77.53
CA ILE M 650 -39.28 53.73 78.30
C ILE M 650 -40.41 54.24 77.42
N ALA M 651 -40.09 54.94 76.33
CA ALA M 651 -41.12 55.56 75.50
C ALA M 651 -41.59 54.65 74.38
N GLN M 652 -40.67 54.09 73.60
CA GLN M 652 -41.01 53.22 72.47
C GLN M 652 -40.52 51.81 72.79
N THR M 653 -41.35 51.06 73.52
CA THR M 653 -41.03 49.69 73.88
C THR M 653 -41.73 48.68 72.97
N THR M 654 -43.07 48.73 72.93
CA THR M 654 -43.94 47.92 72.09
C THR M 654 -43.45 46.48 71.90
N CYS M 655 -42.95 45.88 72.98
CA CYS M 655 -42.47 44.50 72.90
C CYS M 655 -43.61 43.54 72.62
N ILE M 656 -43.29 42.44 71.97
CA ILE M 656 -44.27 41.43 71.55
C ILE M 656 -43.83 40.08 72.07
N VAL M 657 -44.80 39.25 72.45
CA VAL M 657 -44.53 37.91 72.95
C VAL M 657 -43.89 37.08 71.84
N PRO M 658 -43.00 36.15 72.17
CA PRO M 658 -42.32 35.38 71.12
C PRO M 658 -43.26 34.40 70.46
N PRO M 659 -42.99 34.02 69.21
CA PRO M 659 -43.91 33.10 68.50
C PRO M 659 -44.07 31.74 69.16
N TRP M 660 -43.01 31.21 69.78
CA TRP M 660 -43.10 29.86 70.33
C TRP M 660 -44.07 29.78 71.50
N SER M 661 -44.34 30.89 72.15
CA SER M 661 -45.29 30.93 73.26
C SER M 661 -46.66 31.34 72.77
N GLU M 662 -47.69 30.59 73.15
CA GLU M 662 -49.05 30.91 72.72
C GLU M 662 -49.51 32.25 73.25
N ALA M 663 -49.20 32.54 74.52
CA ALA M 663 -49.61 33.79 75.15
C ALA M 663 -48.78 34.07 76.38
N GLN M 700 -37.88 69.64 92.41
CA GLN M 700 -37.56 70.97 91.93
C GLN M 700 -38.22 71.24 90.59
N ASP M 701 -37.67 72.20 89.84
CA ASP M 701 -38.21 72.54 88.53
C ASP M 701 -38.01 71.39 87.55
N ASP M 702 -39.00 71.19 86.68
CA ASP M 702 -38.93 70.11 85.70
C ASP M 702 -37.92 70.40 84.60
N ALA M 703 -37.53 71.66 84.42
CA ALA M 703 -36.52 71.98 83.40
C ALA M 703 -35.17 71.39 83.75
N THR M 704 -34.79 71.46 85.02
CA THR M 704 -33.50 70.96 85.50
C THR M 704 -33.69 69.82 86.48
N GLU M 705 -34.69 68.96 86.23
CA GLU M 705 -34.97 67.85 87.12
C GLU M 705 -33.82 66.85 87.16
N PHE M 706 -33.25 66.52 86.00
CA PHE M 706 -32.13 65.59 85.91
C PHE M 706 -30.80 66.30 85.74
N SER M 707 -30.74 67.62 85.91
CA SER M 707 -29.50 68.35 85.70
C SER M 707 -28.41 67.88 86.66
N ASP M 708 -28.76 67.68 87.92
CA ASP M 708 -27.78 67.18 88.88
C ASP M 708 -27.37 65.73 88.56
N ALA M 709 -28.31 64.93 88.06
CA ALA M 709 -28.01 63.56 87.72
C ALA M 709 -26.98 63.48 86.59
N ILE M 710 -27.08 64.37 85.61
CA ILE M 710 -26.15 64.37 84.49
C ILE M 710 -24.74 64.67 84.96
N THR M 711 -24.60 65.62 85.89
CA THR M 711 -23.27 65.99 86.38
C THR M 711 -22.58 64.80 87.03
N LYS M 712 -23.30 64.03 87.86
CA LYS M 712 -22.70 62.86 88.49
C LYS M 712 -22.28 61.83 87.46
N VAL M 713 -23.10 61.61 86.43
CA VAL M 713 -22.73 60.69 85.37
C VAL M 713 -21.56 61.25 84.57
N GLU M 714 -21.59 62.55 84.29
CA GLU M 714 -20.51 63.17 83.53
C GLU M 714 -19.18 63.07 84.27
N GLN M 715 -19.21 63.26 85.59
CA GLN M 715 -17.99 63.06 86.38
C GLN M 715 -17.51 61.62 86.32
N TRP M 716 -18.43 60.66 86.25
CA TRP M 716 -18.06 59.26 86.11
C TRP M 716 -17.41 58.98 84.75
N LEU M 717 -17.68 59.80 83.74
CA LEU M 717 -17.08 59.59 82.44
C LEU M 717 -15.57 59.84 82.47
N LYS M 718 -15.13 60.87 83.18
CA LYS M 718 -13.70 61.14 83.29
C LYS M 718 -12.99 60.02 84.05
N ASN M 719 -13.65 59.47 85.07
CA ASN M 719 -13.04 58.41 85.86
C ASN M 719 -12.82 57.15 85.03
N VAL M 720 -13.84 56.74 84.26
CA VAL M 720 -13.72 55.51 83.48
C VAL M 720 -12.76 55.70 82.32
N ASN M 721 -12.79 56.86 81.66
CA ASN M 721 -11.99 57.06 80.46
C ASN M 721 -10.50 57.00 80.75
N GLU M 722 -10.07 57.35 81.96
CA GLU M 722 -8.67 57.27 82.32
C GLU M 722 -8.24 55.88 82.73
N ILE M 723 -9.18 54.97 82.98
CA ILE M 723 -8.85 53.59 83.37
C ILE M 723 -9.26 52.57 82.31
N GLU M 724 -9.88 53.01 81.21
CA GLU M 724 -10.27 52.07 80.16
C GLU M 724 -9.07 51.36 79.55
N ILE M 725 -7.89 51.98 79.61
CA ILE M 725 -6.70 51.34 79.08
C ILE M 725 -6.30 50.14 79.91
N GLY M 726 -6.47 50.22 81.24
CA GLY M 726 -5.97 49.17 82.11
C GLY M 726 -6.66 47.84 81.94
N ILE M 727 -7.97 47.85 81.69
CA ILE M 727 -8.73 46.60 81.68
C ILE M 727 -8.26 45.70 80.55
N ARG M 728 -8.03 44.43 80.88
CA ARG M 728 -7.58 43.42 79.91
C ARG M 728 -8.38 42.15 80.13
N PRO M 729 -9.65 42.13 79.73
CA PRO M 729 -10.46 40.94 79.97
C PRO M 729 -9.99 39.75 79.14
N SER M 730 -10.19 38.56 79.69
CA SER M 730 -9.82 37.31 79.04
C SER M 730 -11.07 36.58 78.58
N ALA M 731 -10.86 35.47 77.88
CA ALA M 731 -11.98 34.65 77.43
C ALA M 731 -12.51 33.74 78.53
N LEU M 732 -11.78 33.56 79.62
CA LEU M 732 -12.23 32.76 80.75
C LEU M 732 -12.82 33.61 81.87
N LEU M 733 -12.42 34.88 81.97
CA LEU M 733 -13.00 35.75 82.99
C LEU M 733 -14.49 35.97 82.75
N ILE M 734 -14.87 36.31 81.52
CA ILE M 734 -16.26 36.61 81.24
C ILE M 734 -17.13 35.38 81.45
N GLY M 735 -16.63 34.21 81.03
CA GLY M 735 -17.38 32.98 81.25
C GLY M 735 -17.54 32.64 82.72
N LYS M 736 -16.46 32.79 83.50
CA LYS M 736 -16.52 32.45 84.92
C LYS M 736 -17.40 33.42 85.69
N VAL M 737 -17.35 34.70 85.34
CA VAL M 737 -18.17 35.69 86.04
C VAL M 737 -19.65 35.40 85.85
N TRP M 738 -20.06 35.08 84.62
CA TRP M 738 -21.47 34.83 84.35
C TRP M 738 -21.98 33.61 85.10
N SER M 739 -21.18 32.54 85.16
CA SER M 739 -21.63 31.32 85.81
C SER M 739 -21.92 31.56 87.29
N ARG M 740 -21.06 32.32 87.96
CA ARG M 740 -21.33 32.70 89.35
C ARG M 740 -22.57 33.58 89.44
N PHE M 741 -22.76 34.48 88.47
CA PHE M 741 -23.96 35.30 88.44
C PHE M 741 -25.22 34.45 88.29
N TYR M 742 -25.17 33.44 87.42
CA TYR M 742 -26.35 32.63 87.18
C TYR M 742 -26.79 31.87 88.43
N PHE M 743 -25.82 31.31 89.17
CA PHE M 743 -26.17 30.57 90.38
C PHE M 743 -26.62 31.51 91.49
N ASN M 744 -25.90 32.62 91.69
CA ASN M 744 -26.27 33.57 92.72
C ASN M 744 -27.65 34.16 92.47
N LEU M 745 -27.93 34.53 91.22
CA LEU M 745 -29.23 35.12 90.90
C LEU M 745 -30.36 34.11 91.00
N ASN M 746 -30.08 32.84 90.69
CA ASN M 746 -31.11 31.82 90.80
C ASN M 746 -31.50 31.55 92.24
N ASN M 747 -30.56 31.69 93.17
CA ASN M 747 -30.87 31.47 94.58
C ASN M 747 -31.78 32.55 95.13
N VAL M 748 -31.50 33.82 94.80
CA VAL M 748 -32.28 34.93 95.34
C VAL M 748 -33.72 34.85 94.86
N ALA M 749 -33.91 34.58 93.57
CA ALA M 749 -35.26 34.51 93.01
C ALA M 749 -36.07 33.35 93.55
N ASP M 750 -35.44 32.38 94.22
CA ASP M 750 -36.14 31.21 94.74
C ASP M 750 -36.44 31.31 96.23
N GLN M 751 -35.49 31.78 97.03
CA GLN M 751 -35.70 31.88 98.47
C GLN M 751 -36.71 32.97 98.80
N HIS M 752 -36.55 34.16 98.21
CA HIS M 752 -37.47 35.27 98.48
C HIS M 752 -38.72 35.17 97.62
N LYS M 753 -39.37 34.01 97.64
CA LYS M 753 -40.61 33.79 96.90
C LYS M 753 -41.80 33.58 97.82
N THR M 754 -41.65 32.76 98.85
CA THR M 754 -42.67 32.56 99.85
C THR M 754 -42.55 33.51 101.03
N ARG M 755 -41.54 34.39 101.03
CA ARG M 755 -41.30 35.30 102.14
C ARG M 755 -42.01 36.62 101.88
N LEU M 756 -43.34 36.53 101.86
CA LEU M 756 -44.21 37.71 101.73
C LEU M 756 -45.42 37.46 102.64
N TYR M 757 -45.34 37.97 103.86
CA TYR M 757 -46.30 37.62 104.92
C TYR M 757 -46.95 38.86 105.50
N ARG M 758 -47.36 39.81 104.65
CA ARG M 758 -48.08 41.02 105.00
C ARG M 758 -47.27 42.01 105.83
N ASN M 759 -46.04 41.67 106.23
CA ASN M 759 -45.16 42.59 106.93
C ASN M 759 -43.92 42.93 106.11
N ALA M 760 -43.96 42.68 104.80
CA ALA M 760 -42.81 42.98 103.96
C ALA M 760 -42.51 44.47 103.93
N GLU M 761 -43.56 45.29 103.91
CA GLU M 761 -43.39 46.74 103.95
C GLU M 761 -42.69 47.15 105.24
N HIS M 762 -41.78 48.11 105.14
CA HIS M 762 -40.97 48.56 106.26
C HIS M 762 -40.17 47.42 106.87
N GLY M 763 -39.68 46.52 106.02
CA GLY M 763 -38.90 45.39 106.47
C GLY M 763 -37.59 45.78 107.14
N ARG M 764 -37.35 45.23 108.32
CA ARG M 764 -36.10 45.48 109.04
C ARG M 764 -35.38 44.20 109.43
N MET M 765 -36.11 43.14 109.78
CA MET M 765 -35.46 41.88 110.10
C MET M 765 -35.17 41.12 108.81
N ALA M 766 -34.21 40.19 108.90
CA ALA M 766 -33.82 39.41 107.73
C ALA M 766 -34.96 38.55 107.22
N SER M 767 -35.88 38.14 108.10
CA SER M 767 -37.02 37.34 107.65
C SER M 767 -37.96 38.15 106.77
N GLN M 768 -38.11 39.44 107.04
CA GLN M 768 -38.94 40.29 106.20
C GLN M 768 -38.30 40.44 104.82
N SER M 769 -39.14 40.45 103.78
CA SER M 769 -38.64 40.56 102.41
C SER M 769 -39.74 41.13 101.53
N ASN M 770 -39.53 42.33 101.02
CA ASN M 770 -40.43 42.98 100.09
C ASN M 770 -39.80 42.99 98.70
N ALA M 771 -40.49 43.65 97.76
CA ALA M 771 -40.00 43.70 96.38
C ALA M 771 -38.66 44.43 96.31
N ALA M 772 -38.52 45.54 97.04
CA ALA M 772 -37.28 46.30 97.01
C ALA M 772 -36.12 45.54 97.63
N LYS M 773 -36.40 44.59 98.53
CA LYS M 773 -35.32 43.80 99.11
C LYS M 773 -34.66 42.91 98.06
N ILE M 774 -35.46 42.32 97.17
CA ILE M 774 -34.91 41.46 96.13
C ILE M 774 -34.02 42.27 95.20
N MET M 775 -34.47 43.46 94.80
CA MET M 775 -33.71 44.26 93.85
C MET M 775 -32.39 44.75 94.44
N ARG M 776 -32.36 45.04 95.75
CA ARG M 776 -31.11 45.42 96.39
C ARG M 776 -30.11 44.27 96.35
N PHE M 777 -30.57 43.04 96.54
CA PHE M 777 -29.68 41.89 96.55
C PHE M 777 -29.22 41.50 95.15
N ASN M 778 -30.08 41.66 94.14
CA ASN M 778 -29.69 41.33 92.77
C ASN M 778 -28.54 42.21 92.30
N VAL M 779 -28.59 43.51 92.61
CA VAL M 779 -27.47 44.38 92.30
C VAL M 779 -26.23 43.96 93.08
N LEU M 780 -26.41 43.58 94.35
CA LEU M 780 -25.30 43.05 95.12
C LEU M 780 -24.81 41.73 94.54
N ALA M 781 -25.73 40.90 94.04
CA ALA M 781 -25.34 39.65 93.42
C ALA M 781 -24.49 39.88 92.18
N PHE M 782 -24.72 40.98 91.46
CA PHE M 782 -23.89 41.30 90.31
C PHE M 782 -22.48 41.69 90.73
N LEU M 783 -22.38 42.60 91.71
CA LEU M 783 -21.07 43.12 92.11
C LEU M 783 -20.28 42.08 92.88
N HIS M 784 -20.95 41.27 93.70
CA HIS M 784 -20.24 40.21 94.43
C HIS M 784 -19.67 39.17 93.47
N ALA M 785 -20.43 38.81 92.44
CA ALA M 785 -19.94 37.83 91.46
C ALA M 785 -18.71 38.37 90.74
N VAL M 786 -18.70 39.66 90.42
CA VAL M 786 -17.51 40.26 89.81
C VAL M 786 -16.33 40.22 90.78
N LEU M 787 -16.59 40.49 92.06
CA LEU M 787 -15.50 40.60 93.03
C LEU M 787 -14.72 39.29 93.15
N VAL M 788 -15.42 38.15 93.15
CA VAL M 788 -14.76 36.87 93.36
C VAL M 788 -13.92 36.49 92.15
N GLU M 789 -14.55 36.44 90.97
CA GLU M 789 -13.86 35.91 89.79
C GLU M 789 -12.84 36.87 89.22
N GLU M 790 -13.08 38.18 89.28
CA GLU M 790 -12.11 39.13 88.76
C GLU M 790 -10.80 39.05 89.56
N SER M 791 -10.90 38.92 90.88
CA SER M 791 -9.70 38.74 91.69
C SER M 791 -9.05 37.39 91.41
N LEU M 792 -9.85 36.35 91.22
CA LEU M 792 -9.31 35.01 91.00
C LEU M 792 -8.58 34.92 89.66
N TYR M 793 -9.18 35.47 88.60
CA TYR M 793 -8.60 35.43 87.26
C TYR M 793 -8.53 36.84 86.71
N HIS M 794 -7.32 37.30 86.41
CA HIS M 794 -7.11 38.58 85.75
C HIS M 794 -5.65 38.70 85.38
N SER M 795 -5.38 39.44 84.29
CA SER M 795 -4.02 39.56 83.78
C SER M 795 -3.19 40.62 84.49
N VAL M 796 -3.83 41.51 85.26
CA VAL M 796 -3.08 42.59 85.92
C VAL M 796 -2.57 42.20 87.29
N SER M 797 -2.95 41.03 87.81
CA SER M 797 -2.56 40.60 89.15
C SER M 797 -1.92 39.23 89.07
N ASP M 798 -0.72 39.10 89.64
CA ASP M 798 -0.04 37.81 89.64
C ASP M 798 -0.70 36.83 90.61
N ARG M 799 -1.14 37.33 91.77
CA ARG M 799 -1.77 36.49 92.78
C ARG M 799 -3.05 37.14 93.25
N GLU M 800 -4.03 36.30 93.60
CA GLU M 800 -5.31 36.81 94.08
C GLU M 800 -5.15 37.36 95.50
N TYR M 801 -6.15 38.14 95.92
CA TYR M 801 -6.16 38.72 97.26
C TYR M 801 -7.40 38.32 98.05
N ILE M 802 -8.19 37.38 97.54
CA ILE M 802 -9.29 36.83 98.32
C ILE M 802 -8.75 36.10 99.54
N GLY M 803 -7.68 35.33 99.36
CA GLY M 803 -7.08 34.57 100.43
C GLY M 803 -7.72 33.21 100.62
N GLU M 804 -7.06 32.40 101.45
CA GLU M 804 -7.54 31.05 101.73
C GLU M 804 -8.81 31.12 102.57
N GLY M 805 -9.94 30.82 101.95
CA GLY M 805 -11.20 30.84 102.65
C GLY M 805 -12.38 30.47 101.77
N LEU M 806 -13.40 29.86 102.36
CA LEU M 806 -14.57 29.46 101.60
C LEU M 806 -15.35 30.70 101.15
N ARG M 807 -15.95 30.60 99.97
CA ARG M 807 -16.71 31.69 99.37
C ARG M 807 -18.15 31.23 99.13
N LEU M 808 -19.10 32.11 99.44
CA LEU M 808 -20.51 31.85 99.17
C LEU M 808 -21.15 33.06 98.51
N ASN M 809 -22.47 33.03 98.35
CA ASN M 809 -23.19 34.11 97.70
C ASN M 809 -24.23 34.70 98.64
N PRO M 810 -24.38 36.03 98.66
CA PRO M 810 -25.30 36.68 99.61
C PRO M 810 -26.76 36.54 99.19
N VAL M 811 -27.32 35.36 99.45
CA VAL M 811 -28.72 35.12 99.12
C VAL M 811 -29.64 35.95 100.03
N THR M 812 -29.33 36.00 101.31
CA THR M 812 -30.16 36.72 102.26
C THR M 812 -29.34 37.64 103.16
N SER M 813 -28.08 37.30 103.39
CA SER M 813 -27.23 38.00 104.32
C SER M 813 -26.06 38.66 103.59
N VAL M 814 -25.88 39.95 103.82
CA VAL M 814 -24.75 40.68 103.25
C VAL M 814 -23.49 40.54 104.09
N ASP M 815 -23.55 39.81 105.20
CA ASP M 815 -22.42 39.75 106.11
C ASP M 815 -21.20 39.12 105.46
N GLU M 816 -21.39 38.03 104.72
CA GLU M 816 -20.26 37.36 104.10
C GLU M 816 -19.67 38.20 102.97
N PHE M 817 -20.50 38.97 102.27
CA PHE M 817 -19.98 39.92 101.29
C PHE M 817 -19.22 41.05 101.94
N GLU M 818 -19.55 41.37 103.20
CA GLU M 818 -18.86 42.44 103.91
C GLU M 818 -17.43 42.05 104.25
N LYS M 819 -17.23 40.81 104.72
CA LYS M 819 -15.90 40.40 105.16
C LYS M 819 -14.93 40.28 103.99
N LYS M 820 -15.42 39.93 102.80
CA LYS M 820 -14.54 39.81 101.64
C LYS M 820 -13.91 41.16 101.30
N ILE M 821 -14.69 42.24 101.32
CA ILE M 821 -14.15 43.55 101.06
C ILE M 821 -13.20 43.97 102.19
N LYS M 822 -13.54 43.60 103.43
CA LYS M 822 -12.69 43.95 104.56
C LYS M 822 -11.34 43.25 104.49
N ILE M 823 -11.35 41.95 104.19
CA ILE M 823 -10.09 41.20 104.12
C ILE M 823 -9.22 41.71 102.98
N ILE M 824 -9.82 41.95 101.82
CA ILE M 824 -9.06 42.49 100.69
C ILE M 824 -8.48 43.85 101.04
N GLY M 825 -9.24 44.67 101.76
CA GLY M 825 -8.72 45.97 102.17
C GLY M 825 -7.50 45.84 103.06
N GLU M 826 -7.47 44.81 103.90
CA GLU M 826 -6.30 44.58 104.75
C GLU M 826 -5.10 44.16 103.93
N LYS M 827 -5.27 43.20 103.02
CA LYS M 827 -4.14 42.65 102.29
C LYS M 827 -3.51 43.70 101.38
N LEU M 828 -4.32 44.49 100.69
CA LEU M 828 -3.77 45.52 99.81
C LEU M 828 -3.02 46.59 100.59
N LYS M 829 -3.43 46.84 101.83
CA LYS M 829 -2.72 47.83 102.64
C LYS M 829 -1.31 47.38 102.95
N ALA M 830 -1.11 46.10 103.26
CA ALA M 830 0.22 45.59 103.56
C ALA M 830 1.15 45.71 102.37
N ASP M 831 0.66 45.38 101.17
CA ASP M 831 1.48 45.46 99.97
C ASP M 831 1.69 46.89 99.50
N ASN M 832 1.02 47.87 100.11
CA ASN M 832 1.08 49.27 99.70
C ASN M 832 0.67 49.43 98.23
N LYS M 833 -0.58 49.03 97.97
CA LYS M 833 -1.15 49.10 96.63
C LYS M 833 -2.48 49.86 96.69
N THR M 834 -2.80 50.52 95.59
CA THR M 834 -4.06 51.27 95.49
C THR M 834 -5.19 50.30 95.13
N TRP M 835 -6.36 50.84 94.83
CA TRP M 835 -7.52 50.04 94.44
C TRP M 835 -7.72 49.97 92.94
N LYS M 836 -7.31 51.01 92.21
CA LYS M 836 -7.55 51.04 90.77
C LYS M 836 -6.69 50.02 90.04
N ASN M 837 -5.41 49.93 90.41
CA ASN M 837 -4.46 49.11 89.67
C ASN M 837 -4.54 47.63 90.00
N THR M 838 -5.52 47.20 90.80
CA THR M 838 -5.67 45.81 91.17
C THR M 838 -6.98 45.21 90.70
N HIS M 839 -8.11 45.90 90.94
CA HIS M 839 -9.44 45.40 90.59
C HIS M 839 -10.16 46.49 89.79
N PRO M 840 -9.74 46.71 88.54
CA PRO M 840 -10.36 47.80 87.76
C PRO M 840 -11.83 47.62 87.50
N LEU M 841 -12.30 46.37 87.32
CA LEU M 841 -13.71 46.16 87.02
C LEU M 841 -14.59 46.46 88.23
N PHE M 842 -14.20 45.95 89.41
CA PHE M 842 -15.01 46.17 90.61
C PHE M 842 -15.05 47.64 91.00
N PHE M 843 -13.93 48.35 90.86
CA PHE M 843 -13.88 49.74 91.27
C PHE M 843 -14.78 50.62 90.40
N LEU M 844 -14.75 50.41 89.08
CA LEU M 844 -15.51 51.26 88.18
C LEU M 844 -17.02 51.05 88.36
N LEU M 845 -17.46 49.81 88.47
CA LEU M 845 -18.89 49.54 88.62
C LEU M 845 -19.44 50.10 89.93
N ILE M 846 -18.68 49.96 91.02
CA ILE M 846 -19.16 50.40 92.32
C ILE M 846 -19.20 51.92 92.42
N SER M 847 -18.50 52.63 91.53
CA SER M 847 -18.50 54.08 91.53
C SER M 847 -19.52 54.68 90.56
N CYS M 848 -20.30 53.84 89.88
CA CYS M 848 -21.28 54.35 88.92
C CYS M 848 -22.45 54.98 89.67
N PRO M 849 -22.80 56.23 89.37
CA PRO M 849 -23.93 56.86 90.08
C PRO M 849 -25.25 56.15 89.88
N ILE M 850 -25.42 55.42 88.77
CA ILE M 850 -26.70 54.77 88.51
C ILE M 850 -26.94 53.63 89.49
N LEU M 851 -25.88 52.89 89.85
CA LEU M 851 -26.02 51.78 90.76
C LEU M 851 -26.05 52.20 92.23
N HIS M 852 -25.74 53.45 92.54
CA HIS M 852 -25.71 53.89 93.93
C HIS M 852 -27.06 53.79 94.63
N PRO M 853 -28.16 54.31 94.08
CA PRO M 853 -29.43 54.24 94.83
C PRO M 853 -29.92 52.83 95.08
N PHE M 854 -29.62 51.88 94.20
CA PHE M 854 -30.13 50.52 94.35
C PHE M 854 -29.46 49.77 95.49
N ILE M 855 -28.30 50.24 95.97
CA ILE M 855 -27.59 49.53 97.03
C ILE M 855 -28.33 49.66 98.35
N PHE M 856 -28.85 50.85 98.66
CA PHE M 856 -29.48 51.14 99.95
C PHE M 856 -30.88 51.69 99.72
N PRO M 857 -31.86 50.83 99.49
CA PRO M 857 -33.26 51.27 99.39
C PRO M 857 -33.84 51.51 100.77
N VAL M 858 -35.06 52.04 100.80
CA VAL M 858 -35.71 52.34 102.07
C VAL M 858 -36.23 51.08 102.73
N GLY M 859 -37.01 50.29 102.02
CA GLY M 859 -37.66 49.12 102.58
C GLY M 859 -36.87 47.82 102.47
N GLY M 860 -35.62 47.87 102.00
CA GLY M 860 -34.85 46.66 101.84
C GLY M 860 -33.68 46.52 102.79
N ILE M 861 -33.40 47.58 103.55
CA ILE M 861 -32.26 47.57 104.45
C ILE M 861 -32.60 46.75 105.69
N ASN M 862 -31.75 45.77 106.00
CA ASN M 862 -31.93 44.96 107.19
C ASN M 862 -31.53 45.75 108.43
N CYS M 863 -32.40 45.72 109.45
CA CYS M 863 -32.15 46.42 110.71
C CYS M 863 -32.46 45.47 111.86
N SER M 864 -31.45 45.12 112.64
CA SER M 864 -31.59 44.24 113.78
C SER M 864 -30.41 44.46 114.71
N VAL M 865 -30.33 43.65 115.77
CA VAL M 865 -29.25 43.81 116.74
C VAL M 865 -27.91 43.46 116.12
N LYS M 866 -27.84 42.38 115.34
CA LYS M 866 -26.62 42.00 114.67
C LYS M 866 -26.59 42.40 113.20
N ALA M 867 -27.74 42.70 112.61
CA ALA M 867 -27.77 43.17 111.23
C ALA M 867 -27.00 44.49 111.09
N LEU M 868 -27.20 45.41 112.04
CA LEU M 868 -26.48 46.67 112.00
C LEU M 868 -24.98 46.47 112.12
N ASN M 869 -24.56 45.53 112.98
CA ASN M 869 -23.14 45.33 113.25
C ASN M 869 -22.36 45.10 111.95
N LYS M 870 -22.85 44.20 111.10
CA LYS M 870 -22.22 44.00 109.80
C LYS M 870 -22.55 45.15 108.85
N GLU M 871 -23.79 45.62 108.86
CA GLU M 871 -24.20 46.65 107.90
C GLU M 871 -23.47 47.97 108.16
N THR M 872 -23.32 48.36 109.42
CA THR M 872 -22.66 49.63 109.71
C THR M 872 -21.21 49.62 109.25
N SER M 873 -20.55 48.46 109.30
CA SER M 873 -19.22 48.34 108.73
C SER M 873 -19.27 48.25 107.22
N PHE M 874 -20.31 47.60 106.68
CA PHE M 874 -20.44 47.47 105.23
C PHE M 874 -20.62 48.82 104.57
N ASN M 875 -21.40 49.71 105.18
CA ASN M 875 -21.57 51.05 104.63
C ASN M 875 -20.24 51.81 104.61
N LYS M 876 -19.44 51.66 105.66
CA LYS M 876 -18.13 52.31 105.68
C LYS M 876 -17.21 51.74 104.62
N LEU M 877 -17.28 50.42 104.40
CA LEU M 877 -16.40 49.80 103.40
C LEU M 877 -16.68 50.33 102.00
N ILE M 878 -17.96 50.45 101.64
CA ILE M 878 -18.30 51.00 100.33
C ILE M 878 -17.82 52.45 100.22
N ASP M 879 -17.93 53.20 101.32
CA ASP M 879 -17.42 54.57 101.32
C ASP M 879 -15.91 54.60 101.11
N GLU M 880 -15.21 53.60 101.63
CA GLU M 880 -13.75 53.58 101.52
C GLU M 880 -13.30 53.47 100.07
N ILE M 881 -14.00 52.63 99.28
CA ILE M 881 -13.60 52.43 97.89
C ILE M 881 -13.77 53.72 97.09
N VAL M 882 -14.95 54.33 97.21
CA VAL M 882 -15.21 55.59 96.51
C VAL M 882 -14.36 56.70 97.15
N GLY M 883 -13.92 57.65 96.32
CA GLY M 883 -13.09 58.72 96.82
C GLY M 883 -13.80 59.59 97.84
N ASP M 884 -15.06 59.92 97.59
CA ASP M 884 -15.84 60.80 98.45
C ASP M 884 -16.90 60.00 99.21
N LYS M 885 -17.62 60.70 100.08
CA LYS M 885 -18.67 60.07 100.87
C LYS M 885 -19.85 59.70 99.98
N LEU M 886 -20.45 58.54 100.27
CA LEU M 886 -21.55 58.05 99.45
C LEU M 886 -22.81 58.89 99.65
N LEU M 887 -23.32 58.92 100.88
CA LEU M 887 -24.54 59.65 101.20
C LEU M 887 -24.33 60.45 102.48
N SER M 888 -25.26 61.37 102.73
CA SER M 888 -25.23 62.15 103.96
C SER M 888 -25.50 61.24 105.15
N ASP M 889 -24.90 61.61 106.29
CA ASP M 889 -25.03 60.78 107.49
C ASP M 889 -26.47 60.74 107.99
N GLU M 890 -27.18 61.87 107.90
CA GLU M 890 -28.56 61.90 108.36
C GLU M 890 -29.45 60.97 107.56
N GLU M 891 -29.25 60.92 106.23
CA GLU M 891 -30.06 60.04 105.40
C GLU M 891 -29.86 58.58 105.79
N TRP M 892 -28.61 58.17 106.03
CA TRP M 892 -28.35 56.81 106.47
C TRP M 892 -28.92 56.56 107.86
N ASP M 893 -28.96 57.60 108.71
CA ASP M 893 -29.52 57.45 110.05
C ASP M 893 -30.99 57.12 110.01
N TYR M 894 -31.74 57.76 109.10
CA TYR M 894 -33.18 57.51 109.00
C TYR M 894 -33.46 56.06 108.63
N LEU M 895 -32.65 55.49 107.74
CA LEU M 895 -32.82 54.10 107.35
C LEU M 895 -32.58 53.15 108.52
N THR M 896 -31.63 53.50 109.39
CA THR M 896 -31.32 52.64 110.54
C THR M 896 -32.49 52.58 111.51
N LYS M 897 -33.03 53.74 111.89
CA LYS M 897 -34.08 53.77 112.91
C LYS M 897 -35.39 53.21 112.35
N ASN M 898 -35.92 53.85 111.31
CA ASN M 898 -37.18 53.42 110.71
C ASN M 898 -37.14 53.59 109.19
N GLN M 907 -39.79 63.90 108.40
CA GLN M 907 -39.84 63.69 106.96
C GLN M 907 -38.65 64.34 106.27
N GLN M 908 -38.19 63.72 105.19
CA GLN M 908 -37.06 64.24 104.43
C GLN M 908 -37.08 63.62 103.04
N ILE M 909 -36.66 64.40 102.05
CA ILE M 909 -36.69 63.98 100.66
C ILE M 909 -35.39 63.24 100.33
N PHE M 910 -35.52 62.10 99.66
CA PHE M 910 -34.38 61.24 99.34
C PHE M 910 -34.04 61.42 97.86
N GLN M 911 -32.82 61.87 97.59
CA GLN M 911 -32.35 62.07 96.22
C GLN M 911 -31.77 60.78 95.64
N ASN M 912 -30.78 60.21 96.32
CA ASN M 912 -30.07 59.01 95.85
C ASN M 912 -30.60 57.75 96.53
N THR M 913 -31.90 57.67 96.79
CA THR M 913 -32.47 56.50 97.42
C THR M 913 -33.89 56.30 96.92
N ILE M 914 -34.23 55.08 96.54
CA ILE M 914 -35.59 54.75 96.11
C ILE M 914 -36.51 54.82 97.32
N THR M 915 -37.65 55.51 97.16
CA THR M 915 -38.53 55.80 98.28
C THR M 915 -39.86 55.05 98.26
N SER M 916 -40.25 54.45 97.13
CA SER M 916 -41.59 53.90 97.01
C SER M 916 -41.66 52.51 96.41
N LEU M 917 -40.57 51.95 95.88
CA LEU M 917 -40.63 50.62 95.30
C LEU M 917 -40.93 49.56 96.34
N ASN M 918 -40.57 49.82 97.60
CA ASN M 918 -40.79 48.83 98.66
C ASN M 918 -42.28 48.55 98.86
N SER M 919 -43.11 49.59 98.84
CA SER M 919 -44.53 49.43 99.09
C SER M 919 -45.29 48.85 97.90
N SER M 920 -44.67 48.76 96.73
CA SER M 920 -45.36 48.25 95.55
C SER M 920 -45.66 46.76 95.70
N THR M 921 -46.76 46.33 95.11
CA THR M 921 -47.20 44.95 95.20
C THR M 921 -46.61 44.12 94.07
N ILE M 922 -46.96 42.84 94.04
CA ILE M 922 -46.49 41.90 93.03
C ILE M 922 -47.67 41.07 92.56
N VAL M 923 -47.77 40.89 91.23
CA VAL M 923 -48.87 40.11 90.67
C VAL M 923 -48.77 38.66 91.16
N GLY M 924 -49.88 38.16 91.71
CA GLY M 924 -49.92 36.83 92.28
C GLY M 924 -49.47 36.75 93.72
N ALA M 925 -48.97 37.84 94.29
CA ALA M 925 -48.52 37.85 95.68
C ALA M 925 -49.62 38.39 96.59
N SER M 926 -50.71 37.61 96.68
CA SER M 926 -51.82 37.96 97.55
C SER M 926 -51.37 37.86 99.01
N TYR M 927 -51.29 39.02 99.67
CA TYR M 927 -50.79 39.08 101.04
C TYR M 927 -51.83 38.48 101.98
N ASP M 928 -51.62 37.23 102.37
CA ASP M 928 -52.57 36.50 103.20
C ASP M 928 -51.99 36.09 104.54
N LYS M 929 -50.83 35.44 104.56
CA LYS M 929 -50.27 34.91 105.79
C LYS M 929 -49.57 36.01 106.60
N ASP M 930 -49.05 35.63 107.75
CA ASP M 930 -48.39 36.54 108.66
C ASP M 930 -47.01 36.00 109.00
N THR M 931 -46.09 36.92 109.34
CA THR M 931 -44.71 36.54 109.61
C THR M 931 -44.63 35.70 110.88
N PRO M 932 -44.11 34.47 110.81
CA PRO M 932 -43.90 33.67 112.03
C PRO M 932 -42.59 34.06 112.70
N ALA M 933 -42.69 34.49 113.96
CA ALA M 933 -41.52 34.94 114.72
C ALA M 933 -41.44 34.19 116.03
N ARG M 934 -40.21 33.97 116.50
CA ARG M 934 -39.98 33.27 117.74
C ARG M 934 -38.89 33.95 118.57
N LYS N 13 14.96 -30.88 71.15
CA LYS N 13 15.97 -30.04 70.50
C LYS N 13 15.32 -28.96 69.64
N ILE N 14 14.04 -28.68 69.91
CA ILE N 14 13.30 -27.65 69.18
C ILE N 14 13.52 -26.34 69.91
N ILE N 15 14.45 -25.53 69.41
CA ILE N 15 14.81 -24.25 70.01
C ILE N 15 14.41 -23.14 69.03
N ILE N 16 13.59 -22.21 69.51
CA ILE N 16 13.12 -21.09 68.70
C ILE N 16 14.14 -19.96 68.85
N ASN N 17 14.86 -19.67 67.77
CA ASN N 17 15.88 -18.62 67.77
C ASN N 17 15.21 -17.30 67.45
N LEU N 18 14.84 -16.56 68.50
CA LEU N 18 14.20 -15.27 68.31
C LEU N 18 15.14 -14.27 67.65
N PHE N 19 16.41 -14.26 68.06
CA PHE N 19 17.35 -13.26 67.56
C PHE N 19 17.66 -13.48 66.09
N ALA N 20 17.72 -14.73 65.66
CA ALA N 20 17.88 -15.02 64.24
C ALA N 20 16.63 -14.56 63.49
N PRO N 21 16.78 -14.18 62.21
CA PRO N 21 15.60 -13.73 61.45
C PRO N 21 14.49 -14.77 61.38
N ASN N 22 14.85 -16.06 61.38
CA ASN N 22 13.88 -17.15 61.39
C ASN N 22 12.96 -17.08 60.17
N LEU N 23 13.48 -16.54 59.07
CA LEU N 23 12.70 -16.34 57.86
C LEU N 23 12.51 -17.65 57.11
N PRO N 24 11.48 -17.72 56.25
CA PRO N 24 11.32 -18.93 55.41
C PRO N 24 12.52 -19.21 54.53
N GLY N 25 13.23 -18.17 54.08
CA GLY N 25 14.41 -18.35 53.28
C GLY N 25 15.68 -18.66 54.04
N SER N 26 15.60 -18.76 55.37
CA SER N 26 16.76 -19.07 56.20
C SER N 26 16.51 -20.14 57.24
N THR N 27 15.25 -20.56 57.46
CA THR N 27 14.97 -21.57 58.46
C THR N 27 15.50 -22.93 58.01
N LYS N 28 16.04 -23.68 58.96
CA LYS N 28 16.55 -25.02 58.72
C LYS N 28 15.51 -26.06 59.14
N GLU N 29 15.73 -27.30 58.69
CA GLU N 29 14.81 -28.38 59.05
C GLU N 29 14.83 -28.67 60.54
N ASP N 30 16.00 -28.52 61.18
CA ASP N 30 16.08 -28.71 62.63
C ASP N 30 15.40 -27.59 63.41
N ASP N 31 15.04 -26.49 62.76
CA ASP N 31 14.38 -25.37 63.43
C ASP N 31 12.88 -25.33 63.23
N LEU N 32 12.36 -25.99 62.20
CA LEU N 32 10.92 -25.97 61.97
C LEU N 32 10.21 -26.80 63.04
N ILE N 33 9.16 -26.22 63.63
CA ILE N 33 8.53 -26.82 64.79
C ILE N 33 7.78 -28.10 64.43
N GLN N 34 7.10 -28.09 63.28
CA GLN N 34 6.16 -29.15 62.93
C GLN N 34 6.90 -30.26 62.16
N LYS N 35 7.80 -30.92 62.88
CA LYS N 35 8.63 -31.96 62.29
C LYS N 35 7.90 -33.28 62.09
N SER N 36 6.99 -33.63 63.00
CA SER N 36 6.43 -34.97 63.04
C SER N 36 5.35 -35.21 61.99
N LEU N 37 4.94 -34.20 61.24
CA LEU N 37 3.92 -34.39 60.22
C LEU N 37 4.48 -34.36 58.79
N ARG N 38 5.64 -33.76 58.59
CA ARG N 38 6.25 -33.73 57.26
C ARG N 38 6.55 -35.14 56.78
N ASP N 39 7.10 -35.99 57.65
CA ASP N 39 7.45 -37.35 57.25
C ASP N 39 6.22 -38.17 56.92
N GLN N 40 5.06 -37.84 57.51
CA GLN N 40 3.85 -38.59 57.23
C GLN N 40 3.44 -38.44 55.77
N LEU N 41 3.54 -37.22 55.22
CA LEU N 41 3.10 -36.98 53.86
C LEU N 41 4.05 -37.61 52.84
N VAL N 42 5.35 -37.49 53.06
CA VAL N 42 6.33 -37.93 52.06
C VAL N 42 6.27 -39.44 51.87
N GLU N 43 5.96 -40.20 52.93
CA GLU N 43 5.81 -41.64 52.77
C GLU N 43 4.48 -42.01 52.12
N SER N 44 3.41 -41.26 52.43
CA SER N 44 2.10 -41.57 51.87
C SER N 44 2.01 -41.22 50.40
N ILE N 45 2.68 -40.13 49.99
CA ILE N 45 2.66 -39.72 48.59
C ILE N 45 3.35 -40.76 47.72
N ARG N 46 4.45 -41.35 48.23
CA ARG N 46 5.11 -42.42 47.50
C ARG N 46 4.23 -43.65 47.40
N ASN N 47 3.55 -44.00 48.49
CA ASN N 47 2.63 -45.14 48.46
C ASN N 47 1.44 -44.86 47.56
N SER N 48 1.08 -43.59 47.39
CA SER N 48 -0.06 -43.25 46.54
C SER N 48 0.19 -43.63 45.08
N ILE N 49 1.41 -43.39 44.59
CA ILE N 49 1.74 -43.71 43.22
C ILE N 49 2.38 -45.09 43.06
N ALA N 50 2.82 -45.70 44.16
CA ALA N 50 3.42 -47.03 44.09
C ALA N 50 2.44 -48.11 43.66
N TYR N 51 1.14 -47.83 43.72
CA TYR N 51 0.13 -48.81 43.34
C TYR N 51 -0.72 -48.30 42.17
N ARG N 69 -8.45 -38.62 42.32
CA ARG N 69 -7.89 -37.52 41.54
C ARG N 69 -6.40 -37.35 41.84
N ASN N 70 -5.94 -37.99 42.92
CA ASN N 70 -4.55 -37.95 43.34
C ASN N 70 -4.10 -36.52 43.63
N VAL N 71 -4.81 -35.89 44.58
CA VAL N 71 -4.52 -34.53 45.02
C VAL N 71 -4.43 -34.52 46.53
N PHE N 72 -3.42 -33.84 47.06
CA PHE N 72 -3.25 -33.66 48.50
C PHE N 72 -3.32 -32.18 48.82
N PHE N 73 -4.04 -31.85 49.89
CA PHE N 73 -4.27 -30.47 50.31
C PHE N 73 -3.81 -30.30 51.75
N VAL N 74 -2.67 -29.65 51.94
CA VAL N 74 -2.15 -29.38 53.29
C VAL N 74 -2.83 -28.11 53.79
N ASP N 75 -3.74 -28.26 54.75
CA ASP N 75 -4.45 -27.13 55.31
C ASP N 75 -3.57 -26.40 56.33
N GLY N 76 -4.09 -25.30 56.84
CA GLY N 76 -3.38 -24.54 57.85
C GLY N 76 -4.14 -23.28 58.20
N THR N 77 -3.65 -22.61 59.23
CA THR N 77 -4.21 -21.33 59.65
C THR N 77 -3.53 -20.21 58.87
N ARG N 78 -3.72 -18.97 59.30
CA ARG N 78 -3.13 -17.81 58.65
C ARG N 78 -1.81 -17.47 59.30
N GLY N 79 -0.76 -17.37 58.50
CA GLY N 79 0.57 -17.10 59.04
C GLY N 79 1.09 -18.19 59.95
N ALA N 80 0.92 -19.45 59.53
CA ALA N 80 1.32 -20.59 60.34
C ALA N 80 2.66 -21.19 59.91
N GLY N 81 3.42 -20.47 59.09
CA GLY N 81 4.67 -21.00 58.57
C GLY N 81 4.49 -22.15 57.61
N LYS N 82 3.47 -22.09 56.76
CA LYS N 82 3.24 -23.15 55.79
C LYS N 82 4.29 -23.14 54.69
N THR N 83 4.80 -21.96 54.33
CA THR N 83 5.81 -21.88 53.28
C THR N 83 7.09 -22.62 53.68
N THR N 84 7.47 -22.53 54.95
CA THR N 84 8.58 -23.34 55.44
C THR N 84 8.25 -24.83 55.38
N PHE N 85 7.01 -25.18 55.69
CA PHE N 85 6.60 -26.59 55.65
C PHE N 85 6.66 -27.15 54.24
N ILE N 86 6.07 -26.44 53.28
CA ILE N 86 6.00 -26.96 51.92
C ILE N 86 7.39 -27.02 51.29
N ASN N 87 8.24 -26.05 51.60
CA ASN N 87 9.61 -26.08 51.10
C ASN N 87 10.38 -27.26 51.68
N SER N 88 10.14 -27.57 52.97
CA SER N 88 10.81 -28.71 53.58
C SER N 88 10.36 -30.02 52.95
N VAL N 89 9.09 -30.10 52.54
CA VAL N 89 8.57 -31.33 51.96
C VAL N 89 9.31 -31.66 50.66
N VAL N 90 9.49 -30.66 49.80
CA VAL N 90 10.11 -30.93 48.50
C VAL N 90 11.60 -31.25 48.67
N LYS N 91 12.24 -30.70 49.70
CA LYS N 91 13.64 -31.03 49.95
C LYS N 91 13.81 -32.48 50.33
N SER N 92 12.90 -33.00 51.16
CA SER N 92 12.97 -34.40 51.57
C SER N 92 12.75 -35.35 50.39
N LEU N 93 11.93 -34.94 49.42
CA LEU N 93 11.72 -35.77 48.24
C LEU N 93 12.99 -35.94 47.43
N ASN N 94 13.76 -34.86 47.27
CA ASN N 94 14.95 -34.88 46.43
C ASN N 94 16.13 -35.61 47.06
N SER N 95 16.08 -35.91 48.36
CA SER N 95 17.18 -36.58 49.04
C SER N 95 17.34 -38.01 48.54
N VAL N 102 10.30 -45.78 43.82
CA VAL N 102 10.08 -45.13 42.53
C VAL N 102 10.46 -43.66 42.63
N ASN N 103 11.33 -43.22 41.72
CA ASN N 103 11.75 -41.83 41.71
C ASN N 103 10.60 -40.92 41.27
N ILE N 104 10.44 -39.81 41.97
CA ILE N 104 9.38 -38.83 41.70
C ILE N 104 10.06 -37.48 41.54
N LYS N 105 10.32 -37.09 40.30
CA LYS N 105 10.91 -35.78 40.05
C LYS N 105 9.92 -34.69 40.38
N CYS N 106 10.38 -33.67 41.11
CA CYS N 106 9.51 -32.62 41.64
C CYS N 106 9.90 -31.28 41.01
N LEU N 107 8.89 -30.58 40.48
CA LEU N 107 9.10 -29.26 39.91
C LEU N 107 9.32 -28.23 41.01
N PRO N 108 9.99 -27.12 40.68
CA PRO N 108 10.10 -26.02 41.67
C PRO N 108 8.72 -25.48 42.04
N THR N 109 8.59 -25.09 43.30
CA THR N 109 7.33 -24.56 43.79
C THR N 109 7.02 -23.22 43.13
N ILE N 110 5.74 -22.97 42.88
CA ILE N 110 5.29 -21.75 42.22
C ILE N 110 4.41 -20.97 43.20
N ASP N 111 4.52 -19.64 43.12
CA ASP N 111 3.69 -18.75 43.93
C ASP N 111 2.68 -18.08 43.03
N PRO N 112 1.40 -18.44 43.09
CA PRO N 112 0.42 -17.89 42.15
C PRO N 112 0.00 -16.47 42.47
N THR N 113 0.72 -15.80 43.38
CA THR N 113 0.47 -14.40 43.69
C THR N 113 1.42 -13.45 42.97
N LYS N 114 2.70 -13.80 42.90
CA LYS N 114 3.69 -12.99 42.19
C LYS N 114 3.91 -13.60 40.80
N LEU N 115 2.92 -13.41 39.94
CA LEU N 115 2.90 -13.93 38.58
C LEU N 115 2.45 -12.81 37.65
N PRO N 116 2.72 -12.96 36.34
CA PRO N 116 2.18 -11.99 35.38
C PRO N 116 0.67 -11.93 35.46
N ARG N 117 0.12 -10.73 35.25
CA ARG N 117 -1.29 -10.47 35.50
C ARG N 117 -2.22 -11.35 34.69
N HIS N 118 -1.76 -11.87 33.54
CA HIS N 118 -2.63 -12.67 32.69
C HIS N 118 -1.91 -13.89 32.13
N GLU N 119 -0.95 -14.43 32.86
CA GLU N 119 -0.26 -15.64 32.42
C GLU N 119 -1.02 -16.87 32.91
N PRO N 120 -1.49 -17.73 32.01
CA PRO N 120 -2.18 -18.94 32.46
C PRO N 120 -1.23 -19.87 33.22
N ILE N 121 -1.82 -20.63 34.15
CA ILE N 121 -1.02 -21.58 34.93
C ILE N 121 -0.43 -22.65 34.01
N LEU N 122 -1.19 -23.09 33.01
CA LEU N 122 -0.71 -24.14 32.12
C LEU N 122 0.56 -23.72 31.38
N VAL N 123 0.67 -22.44 31.02
CA VAL N 123 1.89 -21.97 30.37
C VAL N 123 3.06 -21.99 31.34
N THR N 124 2.84 -21.52 32.57
CA THR N 124 3.92 -21.46 33.55
C THR N 124 4.45 -22.85 33.89
N VAL N 125 3.56 -23.82 34.08
CA VAL N 125 3.99 -25.18 34.42
C VAL N 125 4.85 -25.76 33.31
N THR N 126 4.44 -25.59 32.06
CA THR N 126 5.22 -26.12 30.94
C THR N 126 6.60 -25.47 30.87
N ALA N 127 6.67 -24.17 31.14
CA ALA N 127 7.97 -23.49 31.16
C ALA N 127 8.88 -24.06 32.24
N ARG N 128 8.33 -24.32 33.44
CA ARG N 128 9.13 -24.95 34.49
C ARG N 128 9.56 -26.34 34.07
N LEU N 129 8.65 -27.11 33.45
CA LEU N 129 8.97 -28.48 33.07
C LEU N 129 9.99 -28.52 31.95
N ASN N 130 9.95 -27.56 31.04
CA ASN N 130 10.89 -27.55 29.92
C ASN N 130 12.33 -27.38 30.40
N LYS N 131 12.57 -26.41 31.29
CA LYS N 131 13.91 -26.19 31.80
C LYS N 131 14.43 -27.39 32.56
N MET N 132 13.55 -28.11 33.26
CA MET N 132 13.97 -29.31 33.99
C MET N 132 14.23 -30.47 33.04
N VAL N 133 13.56 -30.50 31.90
CA VAL N 133 13.77 -31.55 30.92
C VAL N 133 14.90 -31.21 29.96
N SER N 134 14.94 -29.97 29.47
CA SER N 134 15.99 -29.55 28.56
C SER N 134 17.37 -29.60 29.20
N ASP N 135 17.45 -29.53 30.53
CA ASP N 135 18.74 -29.67 31.19
C ASP N 135 19.20 -31.12 31.20
N LYS N 136 18.25 -32.07 31.25
CA LYS N 136 18.62 -33.48 31.17
C LYS N 136 19.20 -33.83 29.80
N LEU N 137 18.65 -33.24 28.74
CA LEU N 137 19.17 -33.50 27.41
C LEU N 137 20.61 -33.02 27.26
N LYS N 138 21.03 -32.06 28.08
CA LYS N 138 22.42 -31.65 28.09
C LYS N 138 23.33 -32.73 28.65
N GLY N 139 22.78 -33.71 29.36
CA GLY N 139 23.58 -34.79 29.88
C GLY N 139 23.23 -36.14 29.29
N TYR N 140 24.11 -36.66 28.44
CA TYR N 140 23.96 -37.97 27.82
C TYR N 140 25.35 -38.46 27.43
N TRP N 141 25.41 -39.61 26.78
CA TRP N 141 26.69 -40.12 26.29
C TRP N 141 26.61 -40.55 24.83
N ALA N 142 25.42 -40.92 24.38
CA ALA N 142 25.22 -41.44 23.03
C ALA N 142 24.37 -40.47 22.23
N SER N 143 24.87 -40.08 21.05
CA SER N 143 24.16 -39.10 20.23
C SER N 143 22.93 -39.71 19.56
N ASN N 144 22.93 -41.02 19.32
CA ASN N 144 21.82 -41.64 18.62
C ASN N 144 20.52 -41.54 19.42
N ASP N 145 20.58 -41.78 20.73
CA ASP N 145 19.39 -41.61 21.55
C ASP N 145 19.10 -40.15 21.85
N TYR N 146 20.13 -39.30 21.84
CA TYR N 146 19.90 -37.88 22.07
C TYR N 146 19.03 -37.28 20.98
N ARG N 147 19.28 -37.64 19.72
CA ARG N 147 18.51 -37.05 18.63
C ARG N 147 17.10 -37.66 18.56
N LYS N 148 16.96 -38.95 18.84
CA LYS N 148 15.66 -39.60 18.74
C LYS N 148 14.69 -39.12 19.82
N GLN N 149 15.19 -38.54 20.91
CA GLN N 149 14.33 -38.01 21.97
C GLN N 149 14.10 -36.52 21.86
N LYS N 150 15.15 -35.74 21.54
CA LYS N 150 14.99 -34.29 21.43
C LYS N 150 14.02 -33.91 20.33
N GLU N 151 14.10 -34.59 19.18
CA GLU N 151 13.16 -34.29 18.10
C GLU N 151 11.74 -34.70 18.47
N GLN N 152 11.59 -35.73 19.30
CA GLN N 152 10.26 -36.08 19.80
C GLN N 152 9.76 -35.04 20.80
N TRP N 153 10.64 -34.58 21.69
CA TRP N 153 10.25 -33.58 22.67
C TRP N 153 9.87 -32.26 22.02
N GLN N 154 10.63 -31.84 21.01
CA GLN N 154 10.34 -30.58 20.34
C GLN N 154 9.00 -30.63 19.61
N ASN N 155 8.61 -31.81 19.12
CA ASN N 155 7.33 -31.92 18.42
C ASN N 155 6.16 -31.64 19.33
N HIS N 156 6.21 -32.14 20.58
CA HIS N 156 5.10 -31.95 21.50
C HIS N 156 4.89 -30.50 21.85
N LEU N 157 5.97 -29.75 22.06
CA LEU N 157 5.84 -28.33 22.38
C LEU N 157 5.22 -27.55 21.23
N ALA N 158 5.54 -27.93 19.99
CA ALA N 158 4.94 -27.25 18.84
C ALA N 158 3.43 -27.49 18.80
N GLN N 159 3.00 -28.70 19.13
CA GLN N 159 1.57 -29.00 19.14
C GLN N 159 0.84 -28.15 20.16
N LEU N 160 1.40 -28.00 21.36
CA LEU N 160 0.76 -27.22 22.40
C LEU N 160 0.66 -25.75 22.00
N GLN N 161 1.71 -25.22 21.36
CA GLN N 161 1.71 -23.80 21.00
C GLN N 161 0.61 -23.46 20.02
N ARG N 162 0.27 -24.37 19.10
CA ARG N 162 -0.81 -24.12 18.16
C ARG N 162 -2.15 -24.01 18.86
N GLY N 163 -2.42 -24.88 19.83
CA GLY N 163 -3.66 -24.92 20.54
C GLY N 163 -3.73 -24.08 21.80
N LEU N 164 -2.73 -23.22 22.03
CA LEU N 164 -2.72 -22.39 23.22
C LEU N 164 -3.72 -21.24 23.15
N HIS N 165 -4.10 -20.83 21.94
CA HIS N 165 -4.97 -19.68 21.78
C HIS N 165 -6.38 -19.92 22.32
N LEU N 166 -6.79 -21.20 22.45
CA LEU N 166 -8.15 -21.48 22.90
C LEU N 166 -8.37 -20.98 24.32
N LEU N 167 -7.37 -21.13 25.20
CA LEU N 167 -7.52 -20.68 26.57
C LEU N 167 -7.69 -19.18 26.66
N THR N 168 -6.95 -18.43 25.85
CA THR N 168 -6.93 -16.97 25.93
C THR N 168 -7.94 -16.30 25.02
N ASP N 169 -8.61 -17.05 24.14
CA ASP N 169 -9.57 -16.44 23.23
C ASP N 169 -10.86 -16.10 23.96
N LYS N 170 -11.59 -15.13 23.40
CA LYS N 170 -12.87 -14.71 23.95
C LYS N 170 -14.01 -14.77 22.94
N GLU N 171 -13.73 -15.09 21.68
CA GLU N 171 -14.77 -15.20 20.66
C GLU N 171 -14.30 -16.18 19.59
N TYR N 172 -15.20 -17.06 19.17
CA TYR N 172 -14.85 -18.09 18.21
C TYR N 172 -14.68 -17.50 16.81
N LYS N 173 -13.61 -17.89 16.13
CA LYS N 173 -13.40 -17.53 14.74
C LYS N 173 -13.56 -18.76 13.87
N PRO N 174 -14.45 -18.75 12.88
CA PRO N 174 -14.77 -19.99 12.16
C PRO N 174 -13.60 -20.62 11.42
N GLU N 175 -12.55 -19.85 11.11
CA GLU N 175 -11.44 -20.42 10.35
C GLU N 175 -10.61 -21.40 11.17
N TYR N 176 -10.80 -21.45 12.49
CA TYR N 176 -10.15 -22.48 13.29
C TYR N 176 -10.67 -23.88 12.98
N PHE N 177 -11.83 -23.97 12.31
CA PHE N 177 -12.39 -25.27 12.00
C PHE N 177 -11.47 -26.05 11.06
N SER N 178 -10.93 -25.39 10.04
CA SER N 178 -9.98 -26.05 9.15
C SER N 178 -8.73 -26.45 9.90
N ASP N 179 -8.25 -25.60 10.80
CA ASP N 179 -7.11 -25.96 11.65
C ASP N 179 -7.48 -27.12 12.58
N ALA N 180 -8.74 -27.21 12.99
CA ALA N 180 -9.21 -28.35 13.74
C ALA N 180 -9.46 -29.52 12.80
N LEU N 181 -9.91 -30.64 13.37
CA LEU N 181 -10.17 -31.90 12.65
C LEU N 181 -9.01 -32.30 11.74
N LYS N 182 -7.80 -31.84 12.05
CA LYS N 182 -6.61 -32.23 11.33
C LYS N 182 -6.03 -33.47 12.01
N LEU N 183 -6.22 -34.63 11.38
CA LEU N 183 -5.80 -35.88 12.00
C LEU N 183 -4.29 -35.96 12.07
N ASP N 184 -3.77 -36.26 13.26
CA ASP N 184 -2.34 -36.38 13.50
C ASP N 184 -2.01 -37.83 13.81
N ALA N 185 -1.04 -38.38 13.06
CA ALA N 185 -0.70 -39.79 13.22
C ALA N 185 0.10 -40.04 14.49
N GLN N 186 0.82 -39.04 14.98
CA GLN N 186 1.68 -39.23 16.13
C GLN N 186 0.85 -39.33 17.41
N LEU N 187 1.30 -40.21 18.31
CA LEU N 187 0.78 -40.44 19.65
C LEU N 187 -0.62 -41.07 19.67
N ASP N 188 -1.25 -41.27 18.52
CA ASP N 188 -2.53 -41.98 18.41
C ASP N 188 -3.60 -41.30 19.28
N TYR N 189 -3.93 -40.08 18.87
CA TYR N 189 -4.95 -39.30 19.57
C TYR N 189 -6.30 -40.01 19.51
N SER N 190 -6.78 -40.49 20.66
CA SER N 190 -7.98 -41.31 20.69
C SER N 190 -9.22 -40.50 20.26
N ILE N 191 -9.33 -39.27 20.75
CA ILE N 191 -10.48 -38.41 20.47
C ILE N 191 -10.01 -37.25 19.61
N GLY N 192 -10.68 -37.03 18.48
CA GLY N 192 -10.33 -35.94 17.62
C GLY N 192 -10.69 -34.59 18.21
N GLY N 193 -10.05 -33.56 17.70
CA GLY N 193 -10.24 -32.19 18.14
C GLY N 193 -8.93 -31.56 18.51
N GLN N 194 -9.02 -30.35 19.07
CA GLN N 194 -7.86 -29.58 19.49
C GLN N 194 -7.92 -29.27 20.98
N ASP N 195 -8.30 -30.26 21.77
CA ASP N 195 -8.41 -30.08 23.22
C ASP N 195 -7.09 -30.40 23.91
N LEU N 196 -6.77 -29.59 24.92
CA LEU N 196 -5.48 -29.69 25.61
C LEU N 196 -5.45 -30.77 26.67
N SER N 197 -6.59 -31.39 26.99
CA SER N 197 -6.61 -32.45 27.99
C SER N 197 -5.77 -33.65 27.54
N GLU N 198 -5.88 -34.02 26.26
CA GLU N 198 -5.13 -35.15 25.76
C GLU N 198 -3.74 -34.77 25.28
N ILE N 199 -3.55 -33.53 24.83
CA ILE N 199 -2.23 -33.09 24.38
C ILE N 199 -1.28 -33.02 25.55
N PHE N 200 -1.72 -32.41 26.67
CA PHE N 200 -0.87 -32.33 27.85
C PHE N 200 -0.60 -33.71 28.45
N GLU N 201 -1.54 -34.64 28.27
CA GLU N 201 -1.31 -36.00 28.75
C GLU N 201 -0.14 -36.64 28.03
N GLU N 202 -0.05 -36.42 26.71
CA GLU N 202 1.09 -36.95 25.96
C GLU N 202 2.39 -36.26 26.38
N LEU N 203 2.34 -34.95 26.61
CA LEU N 203 3.55 -34.22 26.95
C LEU N 203 4.15 -34.69 28.26
N VAL N 204 3.33 -34.90 29.28
CA VAL N 204 3.84 -35.37 30.56
C VAL N 204 4.34 -36.81 30.45
N LYS N 205 3.73 -37.61 29.57
CA LYS N 205 4.21 -38.98 29.36
C LYS N 205 5.61 -38.98 28.77
N ARG N 206 5.87 -38.09 27.80
CA ARG N 206 7.20 -38.01 27.21
C ARG N 206 8.23 -37.56 28.24
N ALA N 207 7.88 -36.59 29.09
CA ALA N 207 8.81 -36.13 30.10
C ALA N 207 9.11 -37.22 31.12
N CYS N 208 8.16 -38.13 31.35
CA CYS N 208 8.41 -39.25 32.25
C CYS N 208 9.51 -40.15 31.72
N GLU N 209 9.50 -40.42 30.41
CA GLU N 209 10.50 -41.32 29.83
C GLU N 209 11.88 -40.66 29.79
N ILE N 210 11.92 -39.36 29.53
CA ILE N 210 13.21 -38.67 29.45
C ILE N 210 13.87 -38.60 30.83
N LEU N 211 13.10 -38.26 31.86
CA LEU N 211 13.64 -38.22 33.21
C LEU N 211 13.68 -39.59 33.88
N ASP N 212 13.01 -40.59 33.30
CA ASP N 212 12.93 -41.94 33.86
C ASP N 212 12.36 -41.90 35.28
N CYS N 213 11.14 -41.40 35.39
CA CYS N 213 10.41 -41.36 36.65
C CYS N 213 8.93 -41.53 36.36
N LYS N 214 8.23 -42.20 37.27
CA LYS N 214 6.84 -42.56 37.05
C LYS N 214 5.85 -41.49 37.49
N ALA N 215 6.30 -40.42 38.12
CA ALA N 215 5.38 -39.37 38.56
C ALA N 215 6.14 -38.06 38.68
N ILE N 216 5.40 -36.97 38.50
CA ILE N 216 5.92 -35.61 38.64
C ILE N 216 5.09 -34.88 39.69
N LEU N 217 5.77 -34.19 40.59
CA LEU N 217 5.12 -33.49 41.69
C LEU N 217 5.03 -32.01 41.39
N ILE N 218 3.80 -31.48 41.38
CA ILE N 218 3.55 -30.06 41.20
C ILE N 218 3.07 -29.50 42.52
N THR N 219 3.77 -28.49 43.03
CA THR N 219 3.47 -27.91 44.33
C THR N 219 3.02 -26.46 44.16
N PHE N 220 1.85 -26.14 44.69
CA PHE N 220 1.33 -24.78 44.69
C PHE N 220 1.55 -24.13 46.05
N ASP N 221 1.29 -22.83 46.12
CA ASP N 221 1.56 -22.05 47.31
C ASP N 221 0.29 -21.39 47.82
N ASP N 222 0.42 -20.73 48.98
CA ASP N 222 -0.71 -20.11 49.64
C ASP N 222 -1.19 -18.91 48.84
N ILE N 223 -2.50 -18.64 48.92
CA ILE N 223 -3.11 -17.57 48.14
C ILE N 223 -3.89 -16.62 49.04
N ASP N 224 -3.50 -16.50 50.30
CA ASP N 224 -4.22 -15.61 51.20
C ASP N 224 -4.10 -14.14 50.80
N THR N 225 -3.15 -13.80 49.94
CA THR N 225 -3.00 -12.41 49.52
C THR N 225 -4.11 -11.99 48.56
N GLN N 226 -4.45 -12.87 47.61
CA GLN N 226 -5.41 -12.52 46.57
C GLN N 226 -6.36 -13.70 46.32
N PHE N 227 -7.63 -13.39 46.10
CA PHE N 227 -8.62 -14.43 45.84
C PHE N 227 -8.59 -14.89 44.39
N ASP N 228 -8.77 -13.94 43.45
CA ASP N 228 -8.98 -14.30 42.06
C ASP N 228 -7.80 -15.07 41.48
N ALA N 229 -6.60 -14.90 42.06
CA ALA N 229 -5.46 -15.69 41.62
C ALA N 229 -5.63 -17.17 41.91
N GLY N 230 -6.55 -17.53 42.81
CA GLY N 230 -6.77 -18.92 43.13
C GLY N 230 -7.79 -19.60 42.23
N TRP N 231 -8.62 -18.82 41.54
CA TRP N 231 -9.63 -19.41 40.67
C TRP N 231 -8.99 -20.13 39.50
N ASP N 232 -7.94 -19.53 38.91
CA ASP N 232 -7.25 -20.22 37.82
C ASP N 232 -6.52 -21.46 38.30
N VAL N 233 -6.04 -21.45 39.55
CA VAL N 233 -5.43 -22.65 40.11
C VAL N 233 -6.46 -23.76 40.24
N LEU N 234 -7.65 -23.44 40.71
CA LEU N 234 -8.68 -24.45 40.92
C LEU N 234 -9.22 -24.98 39.59
N GLU N 235 -9.47 -24.10 38.63
CA GLU N 235 -10.04 -24.54 37.36
C GLU N 235 -9.07 -25.39 36.58
N SER N 236 -7.78 -25.03 36.58
CA SER N 236 -6.80 -25.78 35.82
C SER N 236 -6.60 -27.18 36.39
N ILE N 237 -6.67 -27.33 37.71
CA ILE N 237 -6.41 -28.61 38.33
C ILE N 237 -7.42 -29.65 37.86
N ARG N 238 -8.70 -29.29 37.84
CA ARG N 238 -9.74 -30.26 37.52
C ARG N 238 -9.88 -30.53 36.03
N LYS N 239 -9.23 -29.75 35.17
CA LYS N 239 -9.34 -29.91 33.73
C LYS N 239 -8.11 -30.54 33.09
N PHE N 240 -6.92 -30.19 33.56
CA PHE N 240 -5.68 -30.64 32.94
C PHE N 240 -5.01 -31.79 33.69
N PHE N 241 -4.81 -31.63 35.00
CA PHE N 241 -4.06 -32.62 35.79
C PHE N 241 -5.01 -33.75 36.20
N ASN N 242 -5.37 -34.57 35.21
CA ASN N 242 -6.25 -35.71 35.42
C ASN N 242 -5.64 -37.02 34.92
N SER N 243 -4.31 -37.08 34.80
CA SER N 243 -3.64 -38.29 34.37
C SER N 243 -3.21 -39.10 35.59
N ARG N 244 -2.51 -40.20 35.33
CA ARG N 244 -2.00 -41.07 36.38
C ARG N 244 -0.54 -40.81 36.72
N LYS N 245 0.08 -39.80 36.11
CA LYS N 245 1.50 -39.54 36.31
C LYS N 245 1.75 -38.18 36.97
N LEU N 246 0.72 -37.47 37.39
CA LEU N 246 0.86 -36.16 38.00
C LEU N 246 0.27 -36.18 39.40
N VAL N 247 1.01 -35.63 40.35
CA VAL N 247 0.57 -35.52 41.74
C VAL N 247 0.71 -34.06 42.16
N VAL N 248 -0.36 -33.52 42.74
CA VAL N 248 -0.45 -32.10 43.07
C VAL N 248 -0.55 -31.93 44.58
N VAL N 249 0.20 -30.97 45.11
CA VAL N 249 0.16 -30.62 46.52
C VAL N 249 -0.24 -29.15 46.61
N ALA N 250 -1.32 -28.87 47.35
CA ALA N 250 -1.84 -27.52 47.49
C ALA N 250 -1.80 -27.10 48.95
N THR N 251 -1.74 -25.78 49.15
CA THR N 251 -1.64 -25.21 50.49
C THR N 251 -2.40 -23.90 50.53
N GLY N 252 -3.30 -23.76 51.49
CA GLY N 252 -4.06 -22.53 51.63
C GLY N 252 -5.14 -22.70 52.67
N ASP N 253 -5.78 -21.56 52.98
CA ASP N 253 -6.87 -21.54 53.94
C ASP N 253 -8.13 -22.08 53.27
N LEU N 254 -8.64 -23.21 53.76
CA LEU N 254 -9.76 -23.87 53.09
C LEU N 254 -11.04 -23.04 53.16
N ARG N 255 -11.17 -22.18 54.17
CA ARG N 255 -12.35 -21.33 54.26
C ARG N 255 -12.38 -20.31 53.13
N LEU N 256 -11.21 -19.80 52.73
CA LEU N 256 -11.16 -18.85 51.62
C LEU N 256 -11.63 -19.49 50.32
N TYR N 257 -11.22 -20.74 50.08
CA TYR N 257 -11.59 -21.40 48.83
C TYR N 257 -13.10 -21.58 48.74
N SER N 258 -13.75 -21.86 49.87
CA SER N 258 -15.21 -21.94 49.87
C SER N 258 -15.83 -20.57 49.58
N GLN N 259 -15.23 -19.50 50.10
CA GLN N 259 -15.73 -18.17 49.80
C GLN N 259 -15.54 -17.82 48.33
N LEU N 260 -14.44 -18.28 47.72
CA LEU N 260 -14.20 -18.01 46.31
C LEU N 260 -15.16 -18.79 45.41
N ILE N 261 -15.39 -20.06 45.74
CA ILE N 261 -16.31 -20.87 44.94
C ILE N 261 -17.73 -20.32 45.01
N ARG N 262 -18.15 -19.89 46.20
CA ARG N 262 -19.49 -19.32 46.34
C ARG N 262 -19.67 -18.11 45.45
N GLY N 263 -18.64 -17.26 45.37
CA GLY N 263 -18.73 -16.09 44.50
C GLY N 263 -18.87 -16.45 43.04
N LYS N 264 -18.23 -17.53 42.61
CA LYS N 264 -18.27 -17.95 41.22
C LYS N 264 -19.51 -18.79 40.88
N GLN N 265 -20.33 -19.14 41.87
CA GLN N 265 -21.59 -19.83 41.62
C GLN N 265 -22.77 -18.86 41.59
N TYR N 266 -22.76 -17.84 42.44
CA TYR N 266 -23.78 -16.80 42.36
C TYR N 266 -23.64 -16.00 41.07
N GLU N 267 -22.41 -15.82 40.59
CA GLU N 267 -22.18 -15.11 39.34
C GLU N 267 -22.83 -15.80 38.16
N ASN N 268 -23.15 -17.09 38.29
CA ASN N 268 -23.59 -17.89 37.17
C ASN N 268 -25.12 -17.95 37.08
N TYR N 269 -25.83 -17.17 37.89
CA TYR N 269 -27.27 -17.02 37.74
C TYR N 269 -27.58 -15.89 36.77
N SER N 270 -28.76 -15.95 36.17
CA SER N 270 -29.20 -14.89 35.29
C SER N 270 -29.35 -13.59 36.07
N LYS N 271 -28.79 -12.51 35.53
CA LYS N 271 -28.81 -11.24 36.24
C LYS N 271 -30.23 -10.70 36.39
N THR N 272 -31.05 -10.87 35.36
CA THR N 272 -32.44 -10.41 35.45
C THR N 272 -33.26 -11.25 36.42
N LEU N 273 -32.91 -12.52 36.58
CA LEU N 273 -33.62 -13.37 37.53
C LEU N 273 -33.36 -12.92 38.97
N LEU N 274 -32.12 -12.52 39.26
CA LEU N 274 -31.76 -12.10 40.61
C LEU N 274 -32.48 -10.84 41.06
N GLU N 275 -33.06 -10.08 40.14
CA GLU N 275 -33.72 -8.82 40.48
C GLU N 275 -35.24 -8.91 40.49
N GLN N 276 -35.83 -9.83 39.73
CA GLN N 276 -37.28 -9.94 39.66
C GLN N 276 -37.86 -10.91 40.69
N GLU N 277 -37.03 -11.62 41.43
CA GLU N 277 -37.49 -12.59 42.43
C GLU N 277 -36.82 -12.27 43.76
N LYS N 278 -37.50 -11.44 44.55
CA LYS N 278 -36.98 -11.05 45.89
C LYS N 278 -37.83 -11.71 46.98
N GLU N 279 -38.66 -12.69 46.61
CA GLU N 279 -39.50 -13.36 47.59
C GLU N 279 -38.65 -14.20 48.52
N SER N 280 -39.07 -14.28 49.79
CA SER N 280 -38.30 -14.99 50.80
C SER N 280 -38.19 -16.48 50.48
N VAL N 281 -39.27 -17.09 50.02
CA VAL N 281 -39.24 -18.51 49.68
C VAL N 281 -38.35 -18.75 48.47
N ARG N 282 -38.25 -17.77 47.56
CA ARG N 282 -37.39 -17.94 46.39
C ARG N 282 -35.91 -17.90 46.76
N LEU N 283 -35.53 -17.00 47.68
CA LEU N 283 -34.14 -16.93 48.10
C LEU N 283 -33.71 -18.18 48.84
N ALA N 284 -34.63 -18.82 49.57
CA ALA N 284 -34.29 -20.05 50.27
C ALA N 284 -33.93 -21.16 49.30
N GLU N 285 -34.67 -21.29 48.20
CA GLU N 285 -34.37 -22.32 47.22
C GLU N 285 -33.02 -22.07 46.55
N ARG N 286 -32.74 -20.82 46.18
CA ARG N 286 -31.47 -20.51 45.54
C ARG N 286 -30.33 -20.50 46.55
N GLY N 287 -30.61 -20.07 47.78
CA GLY N 287 -29.58 -20.10 48.81
C GLY N 287 -29.19 -21.53 49.20
N TYR N 288 -30.06 -22.49 48.91
CA TYR N 288 -29.73 -23.89 49.14
C TYR N 288 -29.02 -24.53 47.96
N MET N 289 -29.34 -24.07 46.74
CA MET N 289 -28.73 -24.67 45.55
C MET N 289 -27.23 -24.43 45.50
N VAL N 290 -26.78 -23.27 45.99
CA VAL N 290 -25.35 -22.97 45.99
C VAL N 290 -24.59 -23.93 46.91
N GLU N 291 -25.12 -24.15 48.12
CA GLU N 291 -24.43 -25.00 49.08
C GLU N 291 -24.32 -26.44 48.58
N HIS N 292 -25.39 -26.98 48.01
CA HIS N 292 -25.33 -28.33 47.48
C HIS N 292 -24.36 -28.45 46.30
N LEU N 293 -24.05 -27.34 45.64
CA LEU N 293 -23.05 -27.32 44.59
C LEU N 293 -21.66 -26.97 45.09
N GLU N 294 -21.57 -26.15 46.14
CA GLU N 294 -20.28 -25.77 46.69
C GLU N 294 -19.56 -26.96 47.30
N GLN N 295 -20.26 -27.70 48.17
CA GLN N 295 -19.61 -28.81 48.88
C GLN N 295 -19.19 -29.91 47.92
N GLN N 296 -20.03 -30.22 46.93
CA GLN N 296 -19.67 -31.25 45.96
C GLN N 296 -18.45 -30.85 45.14
N TYR N 297 -18.34 -29.56 44.81
CA TYR N 297 -17.19 -29.10 44.06
C TYR N 297 -15.90 -29.21 44.89
N LEU N 298 -15.94 -28.71 46.12
CA LEU N 298 -14.75 -28.75 46.96
C LEU N 298 -14.36 -30.19 47.31
N LEU N 299 -15.35 -31.03 47.60
CA LEU N 299 -15.05 -32.43 47.92
C LEU N 299 -14.46 -33.15 46.71
N LYS N 300 -14.98 -32.86 45.52
CA LYS N 300 -14.47 -33.51 44.31
C LYS N 300 -13.05 -33.09 44.00
N LEU N 301 -12.70 -31.83 44.31
CA LEU N 301 -11.36 -31.34 43.99
C LEU N 301 -10.32 -31.92 44.95
N PHE N 302 -10.49 -31.67 46.25
CA PHE N 302 -9.59 -32.22 47.26
C PHE N 302 -10.29 -33.36 47.99
N PRO N 303 -9.88 -34.61 47.78
CA PRO N 303 -10.53 -35.72 48.49
C PRO N 303 -10.33 -35.59 49.99
N VAL N 304 -11.31 -36.09 50.74
CA VAL N 304 -11.33 -35.90 52.19
C VAL N 304 -10.16 -36.61 52.85
N GLN N 305 -9.93 -37.87 52.50
CA GLN N 305 -8.89 -38.64 53.16
C GLN N 305 -7.49 -38.12 52.87
N LYS N 306 -7.29 -37.41 51.77
CA LYS N 306 -5.97 -36.90 51.42
C LYS N 306 -5.62 -35.62 52.17
N ARG N 307 -6.60 -34.95 52.76
CA ARG N 307 -6.34 -33.67 53.42
C ARG N 307 -5.44 -33.84 54.63
N ILE N 308 -4.63 -32.81 54.89
CA ILE N 308 -3.72 -32.78 56.03
C ILE N 308 -3.97 -31.48 56.78
N GLN N 309 -4.12 -31.58 58.10
CA GLN N 309 -4.44 -30.43 58.95
C GLN N 309 -3.19 -29.98 59.68
N LEU N 310 -2.98 -28.66 59.70
CA LEU N 310 -1.87 -28.06 60.43
C LEU N 310 -2.39 -27.61 61.79
N LYS N 311 -1.88 -28.22 62.85
CA LYS N 311 -2.35 -27.93 64.20
C LYS N 311 -1.80 -26.59 64.68
N THR N 312 -2.53 -25.98 65.62
CA THR N 312 -2.16 -24.67 66.15
C THR N 312 -1.01 -24.79 67.14
N MET N 313 -0.56 -23.64 67.64
CA MET N 313 0.55 -23.64 68.59
C MET N 313 0.18 -24.32 69.89
N LEU N 314 -1.05 -24.11 70.37
CA LEU N 314 -1.48 -24.74 71.61
C LEU N 314 -1.51 -26.25 71.47
N GLN N 315 -1.94 -26.76 70.31
CA GLN N 315 -1.99 -28.20 70.08
C GLN N 315 -0.60 -28.80 69.91
N LEU N 316 0.47 -27.99 69.97
CA LEU N 316 1.84 -28.49 69.99
C LEU N 316 2.44 -28.43 71.39
N VAL N 317 2.25 -27.31 72.10
CA VAL N 317 2.78 -27.17 73.45
C VAL N 317 2.05 -28.10 74.41
N GLY N 318 0.72 -28.10 74.36
CA GLY N 318 -0.08 -28.79 75.35
C GLY N 318 -0.41 -27.89 76.53
N GLU N 319 -1.32 -28.37 77.36
CA GLU N 319 -1.82 -27.61 78.50
C GLU N 319 -0.98 -27.93 79.73
N LYS N 320 -1.26 -27.22 80.84
CA LYS N 320 -0.51 -27.44 82.07
C LYS N 320 -0.70 -28.86 82.60
N GLY N 321 -1.92 -29.38 82.53
CA GLY N 321 -2.21 -30.72 83.03
C GLY N 321 -1.57 -31.82 82.21
N LYS N 322 -2.02 -31.97 80.96
CA LYS N 322 -1.51 -33.00 80.07
C LYS N 322 -0.49 -32.40 79.10
N ALA N 323 0.58 -33.14 78.84
CA ALA N 323 1.63 -32.70 77.94
C ALA N 323 2.06 -33.90 77.10
N GLY N 324 3.19 -33.76 76.42
CA GLY N 324 3.73 -34.82 75.59
C GLY N 324 3.51 -34.63 74.10
N LYS N 325 2.73 -33.63 73.69
CA LYS N 325 2.52 -33.36 72.27
C LYS N 325 3.83 -33.00 71.60
N GLU N 326 4.41 -31.87 71.99
CA GLU N 326 5.71 -31.43 71.48
C GLU N 326 6.39 -30.60 72.56
N GLU N 327 7.72 -30.52 72.46
CA GLU N 327 8.52 -29.70 73.35
C GLU N 327 9.05 -28.49 72.59
N ILE N 328 8.83 -27.31 73.13
CA ILE N 328 9.26 -26.06 72.51
C ILE N 328 10.00 -25.24 73.56
N LYS N 329 11.20 -24.78 73.23
CA LYS N 329 12.00 -23.93 74.11
C LYS N 329 12.61 -22.82 73.27
N VAL N 330 12.97 -21.73 73.95
CA VAL N 330 13.49 -20.55 73.29
C VAL N 330 14.81 -20.14 73.94
N LYS N 331 15.61 -19.40 73.19
CA LYS N 331 16.86 -18.84 73.69
C LYS N 331 16.59 -17.43 74.22
N THR N 332 16.72 -17.27 75.54
CA THR N 332 16.31 -16.00 76.16
C THR N 332 17.27 -14.86 75.80
N GLU N 333 18.57 -15.14 75.77
CA GLU N 333 19.57 -14.11 75.54
C GLU N 333 20.49 -14.54 74.40
N PRO N 334 21.11 -13.58 73.70
CA PRO N 334 21.99 -13.96 72.59
C PRO N 334 23.15 -14.85 73.01
N GLY N 335 23.66 -14.69 74.22
CA GLY N 335 24.75 -15.51 74.70
C GLY N 335 24.28 -16.70 75.52
N MET N 336 22.99 -17.05 75.40
CA MET N 336 22.44 -18.16 76.16
C MET N 336 23.10 -19.48 75.77
N GLN N 337 23.49 -20.26 76.77
CA GLN N 337 24.04 -21.58 76.51
C GLN N 337 22.97 -22.48 75.90
N ASP N 338 23.41 -23.37 75.02
CA ASP N 338 22.49 -24.25 74.31
C ASP N 338 21.95 -25.37 75.17
N ILE N 339 22.15 -25.30 76.49
CA ILE N 339 21.61 -26.30 77.41
C ILE N 339 20.70 -25.70 78.47
N ASP N 340 20.68 -24.37 78.63
CA ASP N 340 19.90 -23.72 79.67
C ASP N 340 18.61 -23.09 79.15
N ALA N 341 17.98 -23.71 78.16
CA ALA N 341 16.73 -23.19 77.64
C ALA N 341 15.60 -23.42 78.63
N ILE N 342 14.66 -22.47 78.66
CA ILE N 342 13.54 -22.52 79.58
C ILE N 342 12.28 -22.91 78.82
N ASP N 343 11.21 -23.17 79.57
CA ASP N 343 9.98 -23.69 78.99
C ASP N 343 9.30 -22.63 78.12
N VAL N 344 8.24 -23.04 77.43
CA VAL N 344 7.54 -22.16 76.51
C VAL N 344 6.39 -21.42 77.18
N ARG N 345 5.64 -22.09 78.07
CA ARG N 345 4.70 -21.38 78.91
C ARG N 345 5.43 -20.42 79.84
N GLN N 346 6.60 -20.83 80.33
CA GLN N 346 7.46 -19.92 81.08
C GLN N 346 8.01 -18.80 80.22
N ALA N 347 8.01 -18.98 78.89
CA ALA N 347 8.44 -17.92 77.99
C ALA N 347 7.34 -16.91 77.71
N ILE N 348 6.10 -17.22 78.09
CA ILE N 348 5.00 -16.26 78.01
C ILE N 348 4.68 -15.82 79.43
N GLY N 349 5.07 -16.65 80.41
CA GLY N 349 4.93 -16.25 81.80
C GLY N 349 5.78 -15.03 82.14
N ASP N 350 6.99 -14.97 81.60
CA ASP N 350 7.82 -13.78 81.72
C ASP N 350 7.47 -12.73 80.67
N ALA N 351 6.27 -12.81 80.10
CA ALA N 351 5.81 -11.85 79.11
C ALA N 351 4.44 -11.26 79.39
N VAL N 352 3.61 -11.89 80.21
CA VAL N 352 2.26 -11.37 80.47
C VAL N 352 2.02 -11.21 81.96
N ARG N 353 2.76 -11.94 82.79
CA ARG N 353 2.58 -11.82 84.24
C ARG N 353 2.99 -10.44 84.72
N GLU N 354 4.27 -10.09 84.55
CA GLU N 354 4.74 -8.77 84.91
C GLU N 354 4.39 -7.74 83.83
N GLY N 355 4.17 -8.20 82.60
CA GLY N 355 3.74 -7.29 81.55
C GLY N 355 2.35 -6.74 81.79
N LEU N 356 1.54 -7.44 82.59
CA LEU N 356 0.21 -6.98 82.95
C LEU N 356 0.03 -6.86 84.46
N ASN N 357 1.10 -7.00 85.24
CA ASN N 357 1.06 -6.97 86.70
C ASN N 357 0.06 -7.98 87.23
N LEU N 358 0.30 -9.25 86.89
CA LEU N 358 -0.55 -10.36 87.29
C LEU N 358 0.25 -11.36 88.11
N ARG N 359 -0.35 -11.87 89.17
CA ARG N 359 0.25 -12.91 89.98
C ARG N 359 -0.16 -14.28 89.44
N GLU N 360 0.45 -15.33 90.00
CA GLU N 360 0.12 -16.69 89.61
C GLU N 360 -1.36 -16.98 89.85
N GLY N 361 -2.10 -17.19 88.77
CA GLY N 361 -3.52 -17.42 88.89
C GLY N 361 -4.14 -17.64 87.53
N SER N 362 -5.48 -17.65 87.51
CA SER N 362 -6.20 -17.90 86.27
C SER N 362 -5.95 -16.80 85.25
N ASP N 363 -5.93 -15.54 85.69
CA ASP N 363 -5.77 -14.42 84.75
C ASP N 363 -4.43 -14.50 84.03
N ALA N 364 -3.36 -14.78 84.77
CA ALA N 364 -2.05 -14.95 84.12
C ALA N 364 -2.03 -16.17 83.21
N ASP N 365 -2.72 -17.24 83.60
CA ASP N 365 -2.78 -18.42 82.76
C ASP N 365 -3.73 -18.24 81.58
N MET N 366 -4.83 -17.51 81.78
CA MET N 366 -5.73 -17.23 80.67
C MET N 366 -5.04 -16.36 79.63
N TYR N 367 -4.30 -15.35 80.08
CA TYR N 367 -3.62 -14.44 79.15
C TYR N 367 -2.53 -15.16 78.36
N VAL N 368 -1.87 -16.14 78.98
CA VAL N 368 -0.96 -17.00 78.23
C VAL N 368 -1.73 -17.79 77.18
N ASN N 369 -2.90 -18.32 77.56
CA ASN N 369 -3.72 -19.07 76.61
C ASN N 369 -4.20 -18.17 75.47
N GLU N 370 -4.66 -16.96 75.79
CA GLU N 370 -5.10 -16.05 74.75
C GLU N 370 -3.95 -15.47 73.94
N LEU N 371 -2.72 -15.51 74.48
CA LEU N 371 -1.54 -15.27 73.68
C LEU N 371 -1.06 -16.51 72.95
N LEU N 372 -1.63 -17.67 73.26
CA LEU N 372 -1.34 -18.91 72.55
C LEU N 372 -2.33 -19.19 71.42
N LYS N 373 -3.58 -18.75 71.56
CA LYS N 373 -4.53 -18.87 70.47
C LYS N 373 -4.16 -17.97 69.29
N GLN N 374 -3.25 -17.02 69.50
CA GLN N 374 -2.80 -16.16 68.41
C GLN N 374 -2.02 -16.98 67.38
N PRO N 375 -2.02 -16.54 66.12
CA PRO N 375 -1.19 -17.22 65.12
C PRO N 375 0.28 -17.13 65.46
N VAL N 376 1.03 -18.14 65.03
CA VAL N 376 2.45 -18.22 65.39
C VAL N 376 3.22 -17.03 64.83
N ARG N 377 2.80 -16.50 63.68
CA ARG N 377 3.46 -15.31 63.14
C ARG N 377 3.29 -14.12 64.08
N LEU N 378 2.08 -13.94 64.61
CA LEU N 378 1.83 -12.85 65.56
C LEU N 378 2.40 -13.15 66.94
N LEU N 379 2.60 -14.42 67.28
CA LEU N 379 3.14 -14.76 68.61
C LEU N 379 4.63 -14.50 68.68
N MET N 380 5.36 -14.74 67.58
CA MET N 380 6.79 -14.45 67.55
C MET N 380 7.06 -12.97 67.76
N GLN N 381 6.39 -12.11 66.98
CA GLN N 381 6.75 -10.69 66.96
C GLN N 381 6.55 -10.04 68.32
N VAL N 382 5.45 -10.37 69.01
CA VAL N 382 5.22 -9.78 70.32
C VAL N 382 6.24 -10.30 71.33
N LEU N 383 6.59 -11.58 71.24
CA LEU N 383 7.62 -12.13 72.11
C LEU N 383 9.01 -11.62 71.72
N GLN N 384 9.29 -11.57 70.42
CA GLN N 384 10.59 -11.10 69.96
C GLN N 384 10.82 -9.65 70.34
N ASP N 385 9.75 -8.85 70.40
CA ASP N 385 9.89 -7.46 70.80
C ASP N 385 10.38 -7.34 72.24
N PHE N 386 9.90 -8.21 73.12
CA PHE N 386 10.32 -8.18 74.52
C PHE N 386 11.83 -8.40 74.67
N TYR N 387 12.31 -9.59 74.34
CA TYR N 387 13.68 -9.96 74.63
C TYR N 387 14.69 -9.11 73.86
N THR N 388 14.31 -8.60 72.69
CA THR N 388 15.19 -7.69 71.97
C THR N 388 15.27 -6.34 72.66
N LYS N 389 14.12 -5.78 73.04
CA LYS N 389 14.13 -4.45 73.66
C LYS N 389 14.62 -4.51 75.10
N LYS N 390 14.21 -5.52 75.87
CA LYS N 390 14.62 -5.59 77.27
C LYS N 390 16.11 -5.89 77.40
N TYR N 391 16.72 -6.56 76.41
CA TYR N 391 18.16 -6.70 76.41
C TYR N 391 18.85 -5.35 76.25
N HIS N 392 18.31 -4.49 75.38
CA HIS N 392 18.82 -3.13 75.27
C HIS N 392 18.60 -2.36 76.56
N ALA N 393 17.43 -2.53 77.19
CA ALA N 393 17.16 -1.85 78.45
C ALA N 393 18.11 -2.32 79.54
N THR N 394 18.32 -3.64 79.64
CA THR N 394 19.24 -4.17 80.65
C THR N 394 20.70 -3.96 80.26
N SER N 395 20.99 -3.86 78.96
CA SER N 395 22.34 -3.66 78.45
C SER N 395 23.29 -4.74 78.94
N LEU N 411 12.55 1.04 83.23
CA LEU N 411 12.21 -0.30 82.79
C LEU N 411 10.90 -0.30 82.00
N SER N 412 9.82 0.03 82.70
CA SER N 412 8.49 0.13 82.09
C SER N 412 8.10 -1.15 81.37
N VAL N 413 8.28 -2.28 82.06
CA VAL N 413 7.94 -3.57 81.46
C VAL N 413 6.45 -3.68 81.12
N PRO N 414 5.53 -3.25 81.98
CA PRO N 414 4.13 -3.13 81.52
C PRO N 414 3.99 -2.28 80.27
N ASN N 415 4.76 -1.19 80.14
CA ASN N 415 4.71 -0.39 78.92
C ASN N 415 5.43 -1.09 77.77
N LEU N 416 6.42 -1.92 78.09
CA LEU N 416 7.12 -2.68 77.05
C LEU N 416 6.15 -3.64 76.36
N LEU N 417 5.18 -4.19 77.10
CA LEU N 417 4.10 -4.93 76.47
C LEU N 417 3.27 -4.02 75.56
N ARG N 418 2.94 -2.82 76.05
CA ARG N 418 2.16 -1.89 75.24
C ARG N 418 2.89 -1.53 73.95
N ASN N 419 4.22 -1.44 74.02
CA ASN N 419 5.01 -1.22 72.80
C ASN N 419 4.86 -2.41 71.85
N ALA N 420 4.85 -3.63 72.39
CA ALA N 420 4.73 -4.81 71.54
C ALA N 420 3.32 -4.98 71.01
N LEU N 421 2.31 -4.77 71.86
CA LEU N 421 0.93 -4.96 71.42
C LEU N 421 0.53 -3.94 70.36
N TYR N 422 1.03 -2.70 70.46
CA TYR N 422 0.63 -1.67 69.51
C TYR N 422 0.97 -2.09 68.09
N GLY N 423 2.14 -2.69 67.90
CA GLY N 423 2.51 -3.24 66.61
C GLY N 423 2.03 -4.64 66.36
N SER N 424 1.25 -5.22 67.28
CA SER N 424 0.79 -6.59 67.18
C SER N 424 -0.63 -6.69 66.61
N MET N 425 -1.60 -6.05 67.26
CA MET N 425 -2.98 -6.03 66.80
C MET N 425 -3.46 -4.61 66.52
N LEU N 426 -2.62 -3.85 65.80
CA LEU N 426 -2.95 -2.46 65.49
C LEU N 426 -4.21 -2.36 64.64
N SER N 427 -4.34 -3.23 63.63
CA SER N 427 -5.40 -3.06 62.64
C SER N 427 -6.79 -3.31 63.23
N SER N 428 -6.90 -4.21 64.20
CA SER N 428 -8.20 -4.51 64.80
C SER N 428 -8.76 -3.34 65.60
N ILE N 429 -7.93 -2.36 65.95
CA ILE N 429 -8.43 -1.18 66.68
C ILE N 429 -9.41 -0.41 65.81
N TYR N 430 -9.14 -0.31 64.51
CA TYR N 430 -10.03 0.42 63.61
C TYR N 430 -11.41 -0.23 63.52
N ARG N 431 -11.49 -1.54 63.73
CA ARG N 431 -12.78 -2.22 63.68
C ARG N 431 -13.70 -1.73 64.80
N ALA N 432 -13.17 -1.58 66.01
CA ALA N 432 -13.97 -1.18 67.16
C ALA N 432 -14.07 0.33 67.33
N GLY N 433 -13.34 1.12 66.55
CA GLY N 433 -13.45 2.55 66.58
C GLY N 433 -12.71 3.25 67.70
N LEU N 434 -11.79 2.56 68.37
CA LEU N 434 -11.02 3.21 69.44
C LEU N 434 -10.03 4.21 68.87
N ASN N 435 -9.53 5.07 69.75
CA ASN N 435 -8.51 6.04 69.36
C ASN N 435 -7.22 5.33 68.99
N TYR N 436 -6.65 5.71 67.85
CA TYR N 436 -5.40 5.14 67.37
C TYR N 436 -4.28 6.17 67.27
N GLU N 437 -4.46 7.34 67.88
CA GLU N 437 -3.50 8.43 67.79
C GLU N 437 -2.65 8.47 69.06
N GLN N 438 -1.33 8.49 68.88
CA GLN N 438 -0.42 8.44 70.02
C GLN N 438 -0.50 9.70 70.88
N HIS N 439 -0.71 10.86 70.25
CA HIS N 439 -0.62 12.12 71.00
C HIS N 439 -1.77 12.27 72.00
N ARG N 440 -2.95 11.75 71.67
CA ARG N 440 -4.13 11.95 72.51
C ARG N 440 -4.27 10.90 73.61
N PHE N 441 -3.20 10.20 73.99
CA PHE N 441 -3.27 9.27 75.11
C PHE N 441 -3.30 10.05 76.42
N GLY N 442 -4.34 9.81 77.22
CA GLY N 442 -4.49 10.53 78.46
C GLY N 442 -5.62 9.97 79.29
N MET N 443 -6.13 10.81 80.20
CA MET N 443 -7.22 10.41 81.09
C MET N 443 -8.51 10.03 80.38
N ASP N 444 -9.17 11.01 79.76
CA ASP N 444 -10.50 10.76 79.24
C ASP N 444 -10.46 9.88 78.00
N SER N 445 -9.35 9.91 77.25
CA SER N 445 -9.23 9.07 76.08
C SER N 445 -9.38 7.59 76.45
N LEU N 446 -8.70 7.16 77.51
CA LEU N 446 -8.82 5.78 77.95
C LEU N 446 -10.21 5.49 78.50
N CYS N 447 -10.83 6.47 79.16
CA CYS N 447 -12.13 6.25 79.78
C CYS N 447 -13.18 5.88 78.74
N LYS N 448 -13.19 6.58 77.60
CA LYS N 448 -14.10 6.22 76.53
C LYS N 448 -13.73 4.91 75.86
N ASP N 449 -12.43 4.57 75.82
CA ASP N 449 -12.05 3.24 75.35
C ASP N 449 -12.67 2.16 76.20
N ILE N 450 -12.72 2.37 77.52
CA ILE N 450 -13.49 1.49 78.39
C ILE N 450 -14.96 1.55 78.02
N PHE N 451 -15.47 2.77 77.81
CA PHE N 451 -16.89 2.94 77.49
C PHE N 451 -17.20 2.43 76.08
N THR N 452 -16.26 2.58 75.15
CA THR N 452 -16.47 2.07 73.79
C THR N 452 -16.61 0.55 73.80
N TYR N 453 -15.73 -0.14 74.54
CA TYR N 453 -15.85 -1.59 74.64
C TYR N 453 -17.18 -1.98 75.26
N VAL N 454 -17.64 -1.22 76.26
CA VAL N 454 -18.95 -1.46 76.83
C VAL N 454 -20.04 -1.24 75.79
N LYS N 455 -19.84 -0.27 74.89
CA LYS N 455 -20.79 -0.07 73.82
C LYS N 455 -20.79 -1.22 72.82
N GLN N 456 -19.64 -1.88 72.65
CA GLN N 456 -19.51 -2.92 71.63
C GLN N 456 -19.67 -4.34 72.16
N ASP N 457 -19.56 -4.56 73.46
CA ASP N 457 -19.58 -5.91 74.00
C ASP N 457 -20.97 -6.42 74.31
N ARG N 458 -22.00 -5.60 74.15
CA ARG N 458 -23.40 -5.97 74.33
C ARG N 458 -23.76 -6.30 75.78
N ASP N 459 -22.79 -6.24 76.69
CA ASP N 459 -23.02 -6.56 78.09
C ASP N 459 -22.37 -5.51 78.97
N PHE N 460 -23.16 -4.86 79.81
CA PHE N 460 -22.70 -3.79 80.69
C PHE N 460 -22.34 -4.29 82.09
N ASN N 461 -22.46 -5.59 82.35
CA ASN N 461 -22.29 -6.10 83.71
C ASN N 461 -20.83 -6.13 84.14
N THR N 462 -20.01 -6.91 83.43
CA THR N 462 -18.62 -7.12 83.80
C THR N 462 -17.66 -6.48 82.80
N GLY N 463 -18.03 -5.32 82.26
CA GLY N 463 -17.18 -4.66 81.28
C GLY N 463 -15.87 -4.17 81.87
N PHE N 464 -15.91 -3.61 83.08
CA PHE N 464 -14.72 -3.02 83.67
C PHE N 464 -13.66 -4.04 84.05
N TYR N 465 -13.99 -5.33 84.05
CA TYR N 465 -12.99 -6.36 84.32
C TYR N 465 -11.95 -6.45 83.21
N LEU N 466 -12.32 -6.06 81.99
CA LEU N 466 -11.46 -6.21 80.80
C LEU N 466 -11.06 -7.67 80.62
N ARG N 467 -12.01 -8.57 80.80
CA ARG N 467 -11.75 -10.00 80.63
C ARG N 467 -11.59 -10.33 79.15
N PRO N 468 -10.49 -10.95 78.74
CA PRO N 468 -10.31 -11.36 77.34
C PRO N 468 -11.12 -12.61 77.00
N GLN N 469 -12.44 -12.51 77.12
CA GLN N 469 -13.31 -13.66 76.87
C GLN N 469 -14.51 -13.28 76.01
N SER N 470 -14.40 -12.23 75.21
CA SER N 470 -15.46 -11.89 74.28
C SER N 470 -15.51 -12.88 73.13
N GLU N 471 -16.71 -13.13 72.61
CA GLU N 471 -16.86 -14.06 71.50
C GLU N 471 -16.18 -13.54 70.25
N SER N 472 -16.33 -12.25 69.96
CA SER N 472 -15.67 -11.67 68.79
C SER N 472 -14.17 -11.63 69.00
N GLU N 473 -13.42 -12.01 67.96
CA GLU N 473 -11.97 -12.02 68.06
C GLU N 473 -11.39 -10.61 68.03
N ALA N 474 -12.11 -9.67 67.39
CA ALA N 474 -11.60 -8.30 67.32
C ALA N 474 -11.53 -7.66 68.71
N LEU N 475 -12.55 -7.86 69.53
CA LEU N 475 -12.54 -7.29 70.87
C LEU N 475 -11.60 -8.04 71.80
N ARG N 476 -11.34 -9.32 71.52
CA ARG N 476 -10.40 -10.08 72.35
C ARG N 476 -9.02 -9.45 72.32
N ASN N 477 -8.54 -9.08 71.13
CA ASN N 477 -7.29 -8.35 71.02
C ASN N 477 -7.39 -6.98 71.68
N CYS N 478 -8.51 -6.29 71.48
CA CYS N 478 -8.70 -4.97 72.06
C CYS N 478 -8.69 -5.03 73.59
N SER N 479 -9.42 -6.00 74.15
CA SER N 479 -9.45 -6.14 75.61
C SER N 479 -8.08 -6.48 76.17
N ILE N 480 -7.34 -7.33 75.46
CA ILE N 480 -5.96 -7.62 75.86
C ILE N 480 -5.12 -6.35 75.79
N TYR N 481 -5.29 -5.58 74.71
CA TYR N 481 -4.51 -4.37 74.52
C TYR N 481 -4.86 -3.31 75.57
N LEU N 482 -6.15 -3.15 75.87
CA LEU N 482 -6.56 -2.20 76.90
C LEU N 482 -6.06 -2.59 78.28
N ALA N 483 -5.84 -3.89 78.51
CA ALA N 483 -5.35 -4.34 79.81
C ALA N 483 -3.97 -3.76 80.11
N SER N 484 -3.11 -3.65 79.09
CA SER N 484 -1.82 -3.02 79.28
C SER N 484 -1.97 -1.52 79.57
N GLN N 485 -2.98 -0.89 78.98
CA GLN N 485 -3.19 0.54 79.21
C GLN N 485 -3.49 0.83 80.67
N VAL N 486 -4.47 0.12 81.24
CA VAL N 486 -4.84 0.36 82.64
C VAL N 486 -3.70 -0.02 83.56
N SER N 487 -2.95 -1.07 83.24
CA SER N 487 -1.75 -1.39 84.00
C SER N 487 -0.67 -0.33 83.85
N GLU N 488 -0.74 0.51 82.81
CA GLU N 488 0.18 1.62 82.63
C GLU N 488 -0.43 2.98 82.95
N ASN N 489 -1.76 3.12 82.90
CA ASN N 489 -2.42 4.35 83.26
C ASN N 489 -2.94 4.33 84.69
N CYS N 490 -2.48 3.38 85.50
CA CYS N 490 -2.81 3.36 86.92
C CYS N 490 -1.59 3.00 87.78
N GLN N 491 -0.41 2.87 87.20
CA GLN N 491 0.79 2.50 87.94
C GLN N 491 1.49 3.73 88.48
N GLY N 492 2.08 3.60 89.66
CA GLY N 492 2.87 4.66 90.24
C GLY N 492 2.11 5.94 90.54
N SER N 493 0.79 5.87 90.66
CA SER N 493 -0.01 7.04 90.94
C SER N 493 -1.22 6.65 91.76
N LEU N 494 -1.76 7.62 92.49
CA LEU N 494 -2.96 7.43 93.28
C LEU N 494 -4.10 8.33 92.84
N SER N 495 -3.82 9.59 92.49
CA SER N 495 -4.85 10.48 91.99
C SER N 495 -5.38 10.00 90.64
N LYS N 496 -4.48 9.72 89.70
CA LYS N 496 -4.89 9.17 88.41
C LYS N 496 -5.50 7.78 88.60
N PHE N 497 -4.96 7.00 89.54
CA PHE N 497 -5.52 5.70 89.87
C PHE N 497 -7.01 5.79 90.18
N LEU N 498 -7.37 6.54 91.22
CA LEU N 498 -8.74 6.50 91.71
C LEU N 498 -9.72 7.09 90.71
N GLN N 499 -9.34 8.17 90.03
CA GLN N 499 -10.23 8.74 89.01
C GLN N 499 -10.38 7.80 87.82
N MET N 500 -9.36 7.00 87.51
CA MET N 500 -9.52 5.93 86.54
C MET N 500 -10.54 4.90 87.04
N LEU N 501 -10.48 4.57 88.33
CA LEU N 501 -11.42 3.62 88.90
C LEU N 501 -12.84 4.15 88.84
N LEU N 502 -13.05 5.39 89.31
CA LEU N 502 -14.39 5.95 89.40
C LEU N 502 -15.00 6.15 88.01
N VAL N 503 -14.27 6.83 87.12
CA VAL N 503 -14.81 7.10 85.79
C VAL N 503 -14.86 5.82 84.95
N GLY N 504 -13.82 4.99 85.03
CA GLY N 504 -13.76 3.79 84.23
C GLY N 504 -14.75 2.73 84.62
N CYS N 505 -15.22 2.75 85.87
CA CYS N 505 -16.18 1.77 86.35
C CYS N 505 -17.52 2.36 86.75
N GLY N 506 -17.57 3.64 87.13
CA GLY N 506 -18.85 4.25 87.45
C GLY N 506 -19.75 4.38 86.24
N SER N 507 -19.18 4.83 85.11
CA SER N 507 -20.01 5.10 83.94
C SER N 507 -20.68 3.84 83.42
N VAL N 508 -19.94 2.73 83.36
CA VAL N 508 -20.55 1.49 82.90
C VAL N 508 -21.61 1.00 83.89
N SER N 509 -21.37 1.18 85.18
CA SER N 509 -22.32 0.72 86.18
C SER N 509 -23.57 1.59 86.20
N ILE N 510 -23.40 2.91 86.17
CA ILE N 510 -24.54 3.82 86.19
C ILE N 510 -25.39 3.66 84.94
N PHE N 511 -24.75 3.52 83.78
CA PHE N 511 -25.51 3.37 82.53
C PHE N 511 -26.33 2.09 82.54
N ASN N 512 -25.78 1.00 83.09
CA ASN N 512 -26.51 -0.25 83.15
C ASN N 512 -27.75 -0.15 84.03
N GLN N 513 -27.82 0.83 84.93
CA GLN N 513 -28.99 0.99 85.77
C GLN N 513 -30.22 1.31 84.94
N PHE N 514 -30.09 2.18 83.94
CA PHE N 514 -31.22 2.62 83.15
C PHE N 514 -31.44 1.77 81.89
N VAL N 515 -30.40 1.13 81.37
CA VAL N 515 -30.56 0.27 80.20
C VAL N 515 -31.34 -0.98 80.56
N THR N 516 -31.03 -1.59 81.71
CA THR N 516 -31.73 -2.80 82.11
C THR N 516 -33.20 -2.54 82.38
N GLU N 517 -33.52 -1.41 83.01
CA GLU N 517 -34.91 -1.07 83.31
C GLU N 517 -35.67 -0.69 82.04
N ASP N 524 -37.98 -1.42 70.31
CA ASP N 524 -37.32 -0.30 69.65
C ASP N 524 -35.84 -0.25 70.03
N ARG N 525 -34.99 -0.80 69.18
CA ARG N 525 -33.56 -0.80 69.46
C ARG N 525 -32.95 0.58 69.26
N GLU N 526 -33.51 1.38 68.35
CA GLU N 526 -32.99 2.73 68.14
C GLU N 526 -33.18 3.61 69.37
N LYS N 527 -34.26 3.38 70.14
CA LYS N 527 -34.47 4.15 71.36
C LYS N 527 -33.34 3.93 72.35
N PHE N 528 -32.90 2.68 72.52
CA PHE N 528 -31.75 2.41 73.37
C PHE N 528 -30.47 3.02 72.79
N GLU N 529 -30.30 2.93 71.46
CA GLU N 529 -29.09 3.46 70.84
C GLU N 529 -28.98 4.96 71.01
N GLN N 530 -30.09 5.68 70.86
CA GLN N 530 -30.06 7.14 70.97
C GLN N 530 -29.62 7.58 72.35
N LEU N 531 -30.14 6.93 73.40
CA LEU N 531 -29.78 7.32 74.76
C LEU N 531 -28.29 7.13 75.01
N ILE N 532 -27.70 6.07 74.45
CA ILE N 532 -26.26 5.88 74.56
C ILE N 532 -25.52 7.04 73.91
N SER N 533 -25.98 7.48 72.74
CA SER N 533 -25.37 8.60 72.04
C SER N 533 -25.79 9.95 72.61
N GLU N 534 -26.78 10.00 73.49
CA GLU N 534 -27.27 11.24 74.05
C GLU N 534 -26.87 11.45 75.51
N TYR N 535 -26.84 10.40 76.32
CA TYR N 535 -26.50 10.56 77.73
C TYR N 535 -25.06 10.98 77.94
N VAL N 536 -24.18 10.76 76.95
CA VAL N 536 -22.77 11.11 77.12
C VAL N 536 -22.59 12.62 77.22
N ALA N 537 -23.40 13.40 76.50
CA ALA N 537 -23.21 14.84 76.46
C ALA N 537 -23.69 15.53 77.74
N TYR N 538 -24.73 15.00 78.38
CA TYR N 538 -25.31 15.69 79.52
C TYR N 538 -24.35 15.73 80.70
N MET N 539 -23.79 14.59 81.08
CA MET N 539 -22.86 14.52 82.21
C MET N 539 -21.47 15.01 81.86
N SER N 540 -21.28 15.54 80.65
CA SER N 540 -19.98 15.95 80.11
C SER N 540 -18.98 14.79 80.06
N VAL N 541 -19.45 13.56 80.25
CA VAL N 541 -18.57 12.41 80.13
C VAL N 541 -18.16 12.24 78.67
N GLY N 542 -16.91 11.86 78.46
CA GLY N 542 -16.28 12.00 77.17
C GLY N 542 -15.42 13.23 77.04
N ARG N 543 -15.32 14.04 78.09
CA ARG N 543 -14.43 15.19 78.18
C ARG N 543 -13.42 14.98 79.29
N ILE N 544 -12.41 15.84 79.32
CA ILE N 544 -11.37 15.81 80.35
C ILE N 544 -11.83 16.70 81.49
N GLU N 545 -12.66 16.14 82.36
CA GLU N 545 -13.17 16.86 83.52
C GLU N 545 -12.68 16.18 84.81
N SER N 546 -13.13 16.72 85.94
CA SER N 546 -12.80 16.20 87.26
C SER N 546 -13.85 15.19 87.71
N ALA N 547 -13.42 14.28 88.57
CA ALA N 547 -14.36 13.30 89.13
C ALA N 547 -15.43 13.99 89.97
N SER N 548 -15.03 14.99 90.76
CA SER N 548 -15.99 15.72 91.58
C SER N 548 -17.03 16.44 90.73
N HIS N 549 -16.59 17.10 89.65
CA HIS N 549 -17.53 17.75 88.74
C HIS N 549 -18.44 16.72 88.09
N TRP N 550 -17.90 15.59 87.66
CA TRP N 550 -18.73 14.51 87.12
C TRP N 550 -19.60 13.89 88.22
N ALA N 551 -19.12 13.91 89.46
CA ALA N 551 -19.93 13.42 90.57
C ALA N 551 -21.19 14.27 90.75
N ASN N 552 -21.07 15.58 90.57
CA ASN N 552 -22.24 16.44 90.64
C ASN N 552 -23.26 16.05 89.58
N ARG N 553 -22.79 15.68 88.39
CA ARG N 553 -23.69 15.13 87.38
C ARG N 553 -24.29 13.81 87.84
N CYS N 554 -23.49 12.97 88.50
CA CYS N 554 -24.00 11.70 89.01
C CYS N 554 -25.13 11.92 90.00
N CYS N 555 -24.99 12.92 90.88
CA CYS N 555 -26.06 13.24 91.80
C CYS N 555 -27.30 13.71 91.06
N ALA N 556 -27.13 14.53 90.02
CA ALA N 556 -28.27 15.05 89.27
C ALA N 556 -28.97 13.94 88.49
N VAL N 557 -28.20 13.01 87.92
CA VAL N 557 -28.80 11.95 87.10
C VAL N 557 -29.67 11.05 87.97
N VAL N 558 -29.14 10.59 89.10
CA VAL N 558 -29.91 9.74 90.00
C VAL N 558 -31.03 10.52 90.68
N ALA N 559 -30.92 11.85 90.74
CA ALA N 559 -32.01 12.65 91.28
C ALA N 559 -33.28 12.50 90.46
N ASN N 560 -33.15 12.41 89.13
CA ASN N 560 -34.31 12.19 88.29
C ASN N 560 -34.90 10.81 88.44
N SER N 561 -34.12 9.85 88.97
CA SER N 561 -34.64 8.50 89.15
C SER N 561 -35.68 8.50 90.26
N PRO N 562 -36.89 7.96 90.01
CA PRO N 562 -37.94 7.96 91.04
C PRO N 562 -37.67 6.90 92.10
N ASN N 563 -37.40 7.35 93.32
CA ASN N 563 -37.16 6.46 94.44
C ASN N 563 -38.50 5.95 94.97
N ASP N 564 -38.47 5.30 96.13
CA ASP N 564 -39.67 4.76 96.75
C ASP N 564 -40.12 5.63 97.91
N GLU N 565 -41.43 5.88 97.99
CA GLU N 565 -42.11 6.64 99.03
C GLU N 565 -41.35 7.89 99.47
N LYS N 566 -40.82 8.64 98.52
CA LYS N 566 -40.32 10.01 98.72
C LYS N 566 -39.11 10.08 99.66
N ILE N 567 -38.58 8.94 100.11
CA ILE N 567 -37.48 8.96 101.06
C ILE N 567 -36.25 9.57 100.40
N GLY N 568 -35.65 10.55 101.07
CA GLY N 568 -34.53 11.29 100.52
C GLY N 568 -33.20 10.61 100.70
N VAL N 569 -33.10 9.34 100.30
CA VAL N 569 -31.85 8.60 100.30
C VAL N 569 -31.68 7.93 98.94
N PHE N 570 -30.45 7.91 98.45
CA PHE N 570 -30.14 7.31 97.16
C PHE N 570 -28.90 6.45 97.32
N LEU N 571 -28.37 5.97 96.21
CA LEU N 571 -27.18 5.11 96.23
C LEU N 571 -25.99 5.95 96.64
N GLY N 572 -25.64 5.89 97.92
CA GLY N 572 -24.56 6.71 98.44
C GLY N 572 -24.89 8.18 98.60
N MET N 573 -26.16 8.56 98.44
CA MET N 573 -26.56 9.96 98.52
C MET N 573 -27.74 10.10 99.47
N VAL N 574 -27.80 11.26 100.12
CA VAL N 574 -28.92 11.64 100.97
C VAL N 574 -29.39 13.04 100.56
N GLN N 575 -30.69 13.17 100.33
CA GLN N 575 -31.25 14.44 99.89
C GLN N 575 -31.47 15.37 101.08
N LEU N 576 -31.11 16.64 100.90
CA LEU N 576 -31.21 17.65 101.94
C LEU N 576 -32.24 18.71 101.52
N ASN N 577 -33.01 19.18 102.49
CA ASN N 577 -34.01 20.21 102.26
C ASN N 577 -33.45 21.57 102.67
N ARG N 578 -33.59 22.55 101.78
CA ARG N 578 -33.09 23.89 102.06
C ARG N 578 -33.96 24.65 103.05
N LYS N 579 -35.20 24.23 103.26
CA LYS N 579 -36.13 24.89 104.16
C LYS N 579 -36.32 24.06 105.41
N SER N 580 -36.21 24.71 106.58
CA SER N 580 -36.47 24.03 107.84
C SER N 580 -37.95 23.68 107.93
N ARG N 581 -38.25 22.41 108.09
CA ARG N 581 -39.64 21.95 108.11
C ARG N 581 -40.30 22.36 109.42
N GLN N 582 -41.63 22.29 109.46
CA GLN N 582 -42.42 22.75 110.59
C GLN N 582 -42.71 21.59 111.54
N HIS N 583 -42.63 21.89 112.84
CA HIS N 583 -42.96 20.94 113.90
C HIS N 583 -42.07 19.70 113.85
N MET N 584 -40.76 19.93 113.98
CA MET N 584 -39.81 18.83 113.99
C MET N 584 -39.46 18.46 115.43
N PRO N 585 -39.68 17.22 115.84
CA PRO N 585 -39.33 16.82 117.21
C PRO N 585 -37.82 16.75 117.40
N GLY N 586 -37.42 16.86 118.66
CA GLY N 586 -36.00 16.78 118.98
C GLY N 586 -35.25 18.03 118.53
N GLY N 587 -33.97 17.83 118.23
CA GLY N 587 -33.09 18.92 117.84
C GLY N 587 -32.96 19.11 116.35
N TYR N 588 -33.92 18.56 115.59
CA TYR N 588 -33.88 18.68 114.14
C TYR N 588 -34.03 20.14 113.73
N LYS N 589 -33.25 20.54 112.73
CA LYS N 589 -33.23 21.91 112.24
C LYS N 589 -32.71 21.91 110.81
N LYS N 590 -32.61 23.10 110.23
CA LYS N 590 -32.10 23.24 108.87
C LYS N 590 -30.64 22.80 108.81
N PHE N 591 -30.27 22.18 107.70
CA PHE N 591 -28.90 21.70 107.50
C PHE N 591 -27.98 22.90 107.29
N ASN N 592 -27.27 23.29 108.34
CA ASN N 592 -26.32 24.38 108.28
C ASN N 592 -24.90 23.83 108.34
N ILE N 593 -23.96 24.56 107.74
CA ILE N 593 -22.60 24.07 107.58
C ILE N 593 -21.60 25.02 108.21
N ASP N 594 -21.95 26.32 108.28
CA ASP N 594 -21.00 27.30 108.79
C ASP N 594 -20.83 27.21 110.30
N THR N 595 -21.74 26.52 110.99
CA THR N 595 -21.60 26.35 112.44
C THR N 595 -20.37 25.52 112.78
N GLU N 596 -20.10 24.48 112.00
CA GLU N 596 -18.99 23.58 112.29
C GLU N 596 -17.65 24.30 112.11
N ASN N 597 -16.58 23.61 112.51
CA ASN N 597 -15.24 24.19 112.50
C ASN N 597 -14.26 23.16 111.97
N GLY N 598 -13.15 23.65 111.41
CA GLY N 598 -12.06 22.79 110.99
C GLY N 598 -12.27 22.17 109.63
N LEU N 599 -11.46 21.15 109.35
CA LEU N 599 -11.47 20.48 108.06
C LEU N 599 -12.79 19.74 107.83
N ALA N 600 -13.49 19.37 108.90
CA ALA N 600 -14.73 18.61 108.75
C ALA N 600 -15.79 19.41 108.00
N LYS N 601 -15.84 20.73 108.24
CA LYS N 601 -16.78 21.57 107.50
C LYS N 601 -16.46 21.58 106.01
N ALA N 602 -15.18 21.71 105.67
CA ALA N 602 -14.79 21.80 104.26
C ALA N 602 -14.83 20.44 103.58
N ALA N 603 -14.49 19.37 104.33
CA ALA N 603 -14.48 18.04 103.73
C ALA N 603 -15.85 17.64 103.22
N MET N 604 -16.91 18.02 103.93
CA MET N 604 -18.26 17.77 103.46
C MET N 604 -18.79 18.89 102.58
N ALA N 605 -18.14 20.05 102.58
CA ALA N 605 -18.57 21.15 101.73
C ALA N 605 -18.41 20.80 100.25
N SER N 606 -17.30 20.14 99.90
CA SER N 606 -17.13 19.66 98.53
C SER N 606 -18.22 18.67 98.16
N SER N 607 -18.56 17.77 99.10
CA SER N 607 -19.65 16.82 98.85
C SER N 607 -20.98 17.54 98.69
N LEU N 608 -21.14 18.70 99.31
CA LEU N 608 -22.38 19.46 99.19
C LEU N 608 -22.51 20.00 97.78
N SER N 609 -23.36 19.38 96.97
CA SER N 609 -23.58 19.78 95.59
C SER N 609 -25.03 20.21 95.42
N THR N 610 -25.22 21.36 94.78
CA THR N 610 -26.54 21.94 94.58
C THR N 610 -26.91 21.86 93.11
N VAL N 611 -28.08 21.31 92.82
CA VAL N 611 -28.58 21.20 91.45
C VAL N 611 -29.43 22.43 91.17
N ALA N 612 -29.06 23.18 90.13
CA ALA N 612 -29.74 24.42 89.77
C ALA N 612 -30.90 24.07 88.84
N SER N 613 -32.12 24.27 89.33
CA SER N 613 -33.33 23.98 88.55
C SER N 613 -34.41 24.96 89.02
N ASN N 614 -35.66 24.65 88.70
CA ASN N 614 -36.77 25.47 89.17
C ASN N 614 -36.79 25.55 90.69
N ASN N 615 -36.30 24.51 91.37
CA ASN N 615 -36.12 24.52 92.80
C ASN N 615 -34.66 24.17 93.11
N LEU N 616 -34.11 24.83 94.13
CA LEU N 616 -32.72 24.60 94.52
C LEU N 616 -32.65 23.27 95.26
N MET N 617 -32.03 22.28 94.64
CA MET N 617 -31.94 20.93 95.18
C MET N 617 -30.48 20.63 95.49
N ASP N 618 -30.22 20.12 96.69
CA ASP N 618 -28.87 19.89 97.17
C ASP N 618 -28.70 18.43 97.56
N PHE N 619 -27.52 17.88 97.27
CA PHE N 619 -27.19 16.49 97.58
C PHE N 619 -25.83 16.40 98.25
N CYS N 620 -25.67 15.34 99.04
CA CYS N 620 -24.38 14.94 99.59
C CYS N 620 -24.14 13.49 99.22
N SER N 621 -23.01 13.21 98.58
CA SER N 621 -22.73 11.90 98.02
C SER N 621 -21.33 11.43 98.41
N VAL N 622 -21.16 10.11 98.47
CA VAL N 622 -19.86 9.53 98.75
C VAL N 622 -18.92 9.72 97.56
N PHE N 623 -19.45 9.78 96.34
CA PHE N 623 -18.62 9.92 95.16
C PHE N 623 -17.82 11.23 95.18
N ASN N 624 -18.44 12.30 95.67
CA ASN N 624 -17.71 13.57 95.79
C ASN N 624 -16.58 13.45 96.80
N LEU N 625 -16.75 12.63 97.84
CA LEU N 625 -15.62 12.29 98.71
C LEU N 625 -14.57 11.52 97.93
N ILE N 626 -15.00 10.58 97.09
CA ILE N 626 -14.06 9.86 96.23
C ILE N 626 -13.38 10.82 95.26
N GLY N 627 -14.15 11.74 94.68
CA GLY N 627 -13.59 12.70 93.74
C GLY N 627 -12.71 13.74 94.40
N ALA N 628 -12.86 13.98 95.70
CA ALA N 628 -12.04 14.98 96.38
C ALA N 628 -10.60 14.50 96.51
N ILE N 629 -10.41 13.29 97.01
CA ILE N 629 -9.06 12.75 97.15
C ILE N 629 -8.45 12.44 95.79
N ALA N 630 -9.27 11.98 94.83
CA ALA N 630 -8.77 11.62 93.52
C ALA N 630 -8.22 12.81 92.74
N ASP N 631 -8.60 14.03 93.13
CA ASP N 631 -8.14 15.24 92.45
C ASP N 631 -7.11 16.02 93.25
N ILE N 632 -7.20 16.01 94.57
CA ILE N 632 -6.23 16.73 95.40
C ILE N 632 -4.84 16.13 95.24
N SER N 633 -4.74 14.81 95.21
CA SER N 633 -3.46 14.12 95.13
C SER N 633 -2.78 14.23 93.77
N ALA N 634 -3.27 15.06 92.85
CA ALA N 634 -2.68 15.15 91.52
C ALA N 634 -1.59 16.23 91.43
N CYS N 635 -1.96 17.49 91.67
CA CYS N 635 -0.97 18.56 91.60
C CYS N 635 0.06 18.43 92.71
N ARG N 636 -0.37 18.10 93.93
CA ARG N 636 0.50 17.70 95.02
C ARG N 636 1.33 18.87 95.55
N CYS N 637 1.23 20.04 94.92
CA CYS N 637 2.07 21.16 95.30
C CYS N 637 1.32 22.47 95.01
N GLU N 638 2.04 23.58 95.18
CA GLU N 638 1.62 24.94 94.81
C GLU N 638 0.58 25.52 95.75
N ARG N 639 0.05 24.71 96.67
CA ARG N 639 -0.90 25.12 97.70
C ARG N 639 -2.15 25.80 97.14
N SER N 640 -2.34 25.76 95.82
CA SER N 640 -3.47 26.42 95.18
C SER N 640 -4.52 25.44 94.68
N ALA N 641 -4.09 24.39 93.97
CA ALA N 641 -5.03 23.38 93.51
C ALA N 641 -5.69 22.67 94.69
N ILE N 642 -4.91 22.38 95.74
CA ILE N 642 -5.47 21.73 96.92
C ILE N 642 -6.46 22.66 97.62
N THR N 643 -6.10 23.94 97.75
CA THR N 643 -6.98 24.90 98.42
C THR N 643 -8.24 25.16 97.61
N ASN N 644 -8.09 25.39 96.30
CA ASN N 644 -9.24 25.59 95.44
C ASN N 644 -10.07 24.32 95.28
N ALA N 645 -9.51 23.16 95.62
CA ALA N 645 -10.29 21.93 95.58
C ALA N 645 -11.37 21.92 96.66
N PHE N 646 -11.12 22.58 97.79
CA PHE N 646 -12.12 22.64 98.85
C PHE N 646 -13.39 23.35 98.40
N ASN N 647 -13.30 24.20 97.36
CA ASN N 647 -14.46 24.92 96.82
C ASN N 647 -14.52 24.79 95.29
N LYS N 648 -15.04 23.66 94.81
CA LYS N 648 -15.16 23.41 93.39
C LYS N 648 -16.60 23.21 92.93
N VAL N 649 -17.57 23.24 93.86
CA VAL N 649 -18.97 23.11 93.53
C VAL N 649 -19.80 24.25 94.12
N ILE N 650 -19.19 25.12 94.93
CA ILE N 650 -19.94 26.15 95.65
C ILE N 650 -20.72 27.03 94.68
N ALA N 651 -20.05 27.53 93.65
CA ALA N 651 -20.72 28.35 92.65
C ALA N 651 -20.26 28.07 91.22
N GLN N 652 -19.39 27.10 91.01
CA GLN N 652 -18.83 26.82 89.69
C GLN N 652 -19.35 25.54 89.08
N THR N 653 -20.34 24.90 89.72
CA THR N 653 -20.93 23.67 89.18
C THR N 653 -22.43 23.73 89.48
N THR N 654 -23.21 24.15 88.48
CA THR N 654 -24.66 24.29 88.61
C THR N 654 -25.30 23.31 87.62
N CYS N 655 -25.51 22.08 88.06
CA CYS N 655 -26.11 21.07 87.22
C CYS N 655 -27.61 21.29 87.12
N ILE N 656 -28.15 21.08 85.92
CA ILE N 656 -29.58 21.17 85.67
C ILE N 656 -30.09 19.77 85.35
N VAL N 657 -31.38 19.54 85.60
CA VAL N 657 -31.95 18.24 85.27
C VAL N 657 -31.86 18.02 83.77
N PRO N 658 -31.65 16.79 83.30
CA PRO N 658 -31.45 16.58 81.87
C PRO N 658 -32.71 16.89 81.08
N PRO N 659 -32.58 17.32 79.82
CA PRO N 659 -33.78 17.60 79.01
C PRO N 659 -34.66 16.38 78.80
N TRP N 660 -34.09 15.18 78.83
CA TRP N 660 -34.89 13.97 78.62
C TRP N 660 -35.73 13.62 79.84
N SER N 661 -35.43 14.21 81.01
CA SER N 661 -36.18 13.93 82.21
C SER N 661 -37.51 14.68 82.22
N GLU N 662 -38.28 14.49 83.29
CA GLU N 662 -39.60 15.11 83.44
C GLU N 662 -39.54 16.35 84.31
N ALA N 663 -38.45 17.11 84.25
CA ALA N 663 -38.31 18.33 85.03
C ALA N 663 -37.61 19.41 84.23
N GLN N 700 -16.94 33.51 115.83
CA GLN N 700 -15.79 32.66 115.53
C GLN N 700 -15.11 33.10 114.24
N ASP N 701 -13.84 32.75 114.11
CA ASP N 701 -13.03 33.09 112.94
C ASP N 701 -12.61 31.83 112.21
N ASP N 702 -12.85 31.79 110.91
CA ASP N 702 -12.47 30.66 110.07
C ASP N 702 -11.13 30.88 109.38
N ALA N 703 -10.44 32.00 109.63
CA ALA N 703 -9.20 32.29 108.94
C ALA N 703 -8.08 31.34 109.38
N THR N 704 -7.94 31.13 110.70
CA THR N 704 -6.87 30.28 111.20
C THR N 704 -7.18 28.81 110.96
N GLU N 705 -8.46 28.43 110.91
CA GLU N 705 -8.83 27.04 110.66
C GLU N 705 -8.71 26.66 109.20
N PHE N 706 -8.76 27.62 108.27
CA PHE N 706 -8.61 27.30 106.86
C PHE N 706 -7.16 26.98 106.53
N SER N 707 -6.21 27.75 107.07
CA SER N 707 -4.81 27.48 106.81
C SER N 707 -4.33 26.26 107.58
N ASP N 708 -4.92 25.98 108.73
CA ASP N 708 -4.52 24.81 109.51
C ASP N 708 -5.06 23.51 108.92
N ALA N 709 -6.18 23.57 108.20
CA ALA N 709 -6.74 22.37 107.59
C ALA N 709 -5.97 21.95 106.34
N ILE N 710 -5.39 22.91 105.63
CA ILE N 710 -4.70 22.60 104.38
C ILE N 710 -3.47 21.73 104.64
N THR N 711 -2.70 22.05 105.68
CA THR N 711 -1.47 21.33 105.94
C THR N 711 -1.71 19.86 106.30
N LYS N 712 -2.91 19.51 106.76
CA LYS N 712 -3.19 18.12 107.11
C LYS N 712 -3.16 17.23 105.87
N VAL N 713 -3.75 17.69 104.77
CA VAL N 713 -3.67 16.93 103.53
C VAL N 713 -2.31 17.14 102.87
N GLU N 714 -1.67 18.29 103.13
CA GLU N 714 -0.30 18.49 102.65
C GLU N 714 0.65 17.52 103.34
N GLN N 715 0.48 17.30 104.64
CA GLN N 715 1.26 16.27 105.32
C GLN N 715 0.85 14.88 104.89
N TRP N 716 -0.43 14.70 104.50
CA TRP N 716 -0.88 13.42 104.00
C TRP N 716 -0.12 13.01 102.74
N LEU N 717 0.04 13.94 101.79
CA LEU N 717 0.76 13.62 100.57
C LEU N 717 2.23 13.36 100.85
N LYS N 718 2.79 14.04 101.85
CA LYS N 718 4.19 13.81 102.22
C LYS N 718 4.40 12.38 102.68
N ASN N 719 3.46 11.83 103.46
CA ASN N 719 3.57 10.46 103.94
C ASN N 719 3.23 9.44 102.86
N VAL N 720 2.27 9.74 101.98
CA VAL N 720 1.84 8.77 101.00
C VAL N 720 2.92 8.55 99.93
N ASN N 721 3.54 9.64 99.47
CA ASN N 721 4.42 9.56 98.30
C ASN N 721 5.66 8.69 98.54
N GLU N 722 5.98 8.36 99.79
CA GLU N 722 7.13 7.49 100.04
C GLU N 722 6.81 6.02 99.84
N ILE N 723 5.53 5.65 99.72
CA ILE N 723 5.15 4.26 99.52
C ILE N 723 4.33 4.04 98.26
N GLU N 724 3.71 5.08 97.69
CA GLU N 724 2.76 4.91 96.59
C GLU N 724 3.40 4.41 95.30
N ILE N 725 4.73 4.39 95.20
CA ILE N 725 5.38 3.91 93.99
C ILE N 725 5.51 2.39 93.99
N GLY N 726 5.79 1.79 95.15
CA GLY N 726 6.02 0.36 95.22
C GLY N 726 4.81 -0.50 94.90
N ILE N 727 3.61 0.07 94.95
CA ILE N 727 2.39 -0.67 94.66
C ILE N 727 2.12 -0.63 93.16
N ARG N 728 1.62 -1.74 92.62
CA ARG N 728 1.38 -1.86 91.19
C ARG N 728 0.03 -2.53 90.93
N PRO N 729 -0.97 -1.79 90.44
CA PRO N 729 -2.28 -2.40 90.16
C PRO N 729 -2.38 -2.95 88.74
N SER N 730 -3.55 -3.45 88.36
CA SER N 730 -3.77 -3.97 87.03
C SER N 730 -5.27 -3.97 86.74
N ALA N 731 -5.66 -4.59 85.62
CA ALA N 731 -7.04 -4.53 85.16
C ALA N 731 -7.98 -5.33 86.06
N LEU N 732 -7.61 -6.58 86.36
CA LEU N 732 -8.53 -7.49 87.03
C LEU N 732 -8.87 -7.01 88.44
N LEU N 733 -7.85 -6.64 89.22
CA LEU N 733 -8.02 -6.37 90.63
C LEU N 733 -8.38 -4.92 90.93
N ILE N 734 -8.57 -4.09 89.92
CA ILE N 734 -9.08 -2.73 90.14
C ILE N 734 -10.51 -2.70 89.64
N GLY N 735 -10.83 -3.57 88.68
CA GLY N 735 -12.21 -3.75 88.29
C GLY N 735 -13.04 -4.41 89.38
N LYS N 736 -12.45 -5.39 90.08
CA LYS N 736 -13.20 -6.16 91.07
C LYS N 736 -13.60 -5.31 92.26
N VAL N 737 -12.75 -4.35 92.66
CA VAL N 737 -13.03 -3.57 93.87
C VAL N 737 -14.26 -2.70 93.68
N TRP N 738 -14.49 -2.18 92.46
CA TRP N 738 -15.67 -1.36 92.24
C TRP N 738 -16.95 -2.17 92.41
N SER N 739 -16.97 -3.41 91.91
CA SER N 739 -18.12 -4.27 92.15
C SER N 739 -18.33 -4.53 93.63
N ARG N 740 -17.23 -4.69 94.38
CA ARG N 740 -17.32 -4.73 95.83
C ARG N 740 -17.86 -3.42 96.37
N PHE N 741 -17.39 -2.29 95.82
CA PHE N 741 -17.82 -0.98 96.31
C PHE N 741 -19.24 -0.65 95.88
N TYR N 742 -19.59 -0.96 94.64
CA TYR N 742 -20.92 -0.58 94.12
C TYR N 742 -22.02 -1.30 94.88
N PHE N 743 -21.83 -2.60 95.15
CA PHE N 743 -22.87 -3.36 95.83
C PHE N 743 -22.99 -2.97 97.30
N ASN N 744 -21.89 -2.53 97.91
CA ASN N 744 -21.96 -2.08 99.30
C ASN N 744 -22.83 -0.85 99.44
N LEU N 745 -22.75 0.08 98.48
CA LEU N 745 -23.59 1.27 98.53
C LEU N 745 -25.06 0.91 98.40
N ASN N 746 -25.39 -0.03 97.52
CA ASN N 746 -26.78 -0.41 97.32
C ASN N 746 -27.38 -1.01 98.58
N ASN N 747 -26.64 -1.88 99.27
CA ASN N 747 -27.16 -2.51 100.47
C ASN N 747 -27.28 -1.51 101.62
N VAL N 748 -26.31 -0.61 101.74
CA VAL N 748 -26.37 0.41 102.80
C VAL N 748 -27.56 1.33 102.59
N ALA N 749 -27.76 1.78 101.34
CA ALA N 749 -28.87 2.68 101.06
C ALA N 749 -30.22 1.99 101.26
N ASP N 750 -30.31 0.72 100.85
CA ASP N 750 -31.60 0.02 100.93
C ASP N 750 -32.00 -0.22 102.39
N GLN N 751 -31.07 -0.69 103.22
CA GLN N 751 -31.40 -1.03 104.59
C GLN N 751 -31.71 0.22 105.42
N HIS N 752 -30.93 1.28 105.23
CA HIS N 752 -31.10 2.50 106.02
C HIS N 752 -32.19 3.42 105.49
N LYS N 753 -32.82 3.06 104.37
CA LYS N 753 -33.88 3.91 103.81
C LYS N 753 -35.08 3.98 104.75
N THR N 754 -35.49 2.85 105.32
CA THR N 754 -36.62 2.79 106.24
C THR N 754 -36.18 2.55 107.67
N ARG N 755 -34.95 2.94 108.02
CA ARG N 755 -34.35 2.67 109.32
C ARG N 755 -34.33 3.95 110.16
N LEU N 756 -35.35 4.79 110.00
CA LEU N 756 -35.41 6.11 110.63
C LEU N 756 -36.66 6.23 111.48
N TYR N 757 -36.54 6.95 112.60
CA TYR N 757 -37.64 7.14 113.54
C TYR N 757 -37.61 8.58 114.03
N ARG N 758 -38.58 8.92 114.89
CA ARG N 758 -38.69 10.29 115.40
C ARG N 758 -37.63 10.60 116.45
N ASN N 759 -37.22 9.60 117.23
CA ASN N 759 -36.26 9.79 118.31
C ASN N 759 -34.90 9.20 118.00
N ALA N 760 -34.61 8.90 116.74
CA ALA N 760 -33.37 8.25 116.36
C ALA N 760 -32.20 9.22 116.19
N GLU N 761 -32.43 10.52 116.36
CA GLU N 761 -31.34 11.49 116.28
C GLU N 761 -30.30 11.18 117.34
N HIS N 762 -29.04 11.09 116.90
CA HIS N 762 -27.93 10.56 117.71
C HIS N 762 -28.38 9.37 118.55
N GLY N 763 -29.09 8.45 117.90
CA GLY N 763 -29.68 7.32 118.60
C GLY N 763 -28.61 6.34 119.02
N ARG N 764 -28.67 5.90 120.28
CA ARG N 764 -27.73 4.91 120.81
C ARG N 764 -28.24 3.48 120.65
N MET N 765 -29.48 3.29 120.21
CA MET N 765 -29.99 1.95 119.97
C MET N 765 -29.35 1.35 118.71
N ALA N 766 -29.15 0.04 118.74
CA ALA N 766 -28.63 -0.67 117.58
C ALA N 766 -29.59 -0.67 116.41
N SER N 767 -30.86 -0.31 116.63
CA SER N 767 -31.84 -0.22 115.56
C SER N 767 -32.04 1.19 115.05
N GLN N 768 -31.89 2.20 115.90
CA GLN N 768 -32.08 3.58 115.48
C GLN N 768 -30.96 4.03 114.54
N SER N 769 -31.32 4.90 113.59
CA SER N 769 -30.34 5.46 112.68
C SER N 769 -30.82 6.83 112.23
N ASN N 770 -29.88 7.64 111.73
CA ASN N 770 -30.18 8.95 111.21
C ASN N 770 -29.38 9.16 109.93
N ALA N 771 -29.33 10.40 109.45
CA ALA N 771 -28.54 10.70 108.26
C ALA N 771 -27.06 10.43 108.51
N ALA N 772 -26.58 10.73 109.72
CA ALA N 772 -25.19 10.48 110.05
C ALA N 772 -24.85 9.00 109.99
N LYS N 773 -25.79 8.13 110.39
CA LYS N 773 -25.53 6.70 110.33
C LYS N 773 -25.48 6.20 108.89
N ILE N 774 -26.19 6.86 107.97
CA ILE N 774 -26.06 6.51 106.57
C ILE N 774 -24.66 6.81 106.07
N MET N 775 -24.13 7.99 106.41
CA MET N 775 -22.77 8.34 106.05
C MET N 775 -21.72 7.59 106.87
N ARG N 776 -22.13 6.86 107.90
CA ARG N 776 -21.19 6.05 108.66
C ARG N 776 -20.51 5.02 107.77
N PHE N 777 -21.28 4.34 106.92
CA PHE N 777 -20.82 3.12 106.26
C PHE N 777 -20.26 3.36 104.87
N ASN N 778 -20.53 4.51 104.26
CA ASN N 778 -20.00 4.76 102.92
C ASN N 778 -18.47 4.82 102.92
N VAL N 779 -17.88 5.48 103.92
CA VAL N 779 -16.42 5.54 104.01
C VAL N 779 -15.86 4.17 104.36
N LEU N 780 -16.52 3.43 105.24
CA LEU N 780 -16.04 2.10 105.59
C LEU N 780 -16.17 1.13 104.42
N ALA N 781 -17.26 1.25 103.65
CA ALA N 781 -17.41 0.43 102.46
C ALA N 781 -16.27 0.66 101.48
N PHE N 782 -15.88 1.93 101.31
CA PHE N 782 -14.69 2.23 100.51
C PHE N 782 -13.44 1.63 101.14
N LEU N 783 -13.34 1.67 102.46
CA LEU N 783 -12.14 1.18 103.14
C LEU N 783 -12.11 -0.35 103.15
N HIS N 784 -13.27 -1.00 103.30
CA HIS N 784 -13.28 -2.45 103.35
C HIS N 784 -13.07 -3.07 101.96
N ALA N 785 -13.69 -2.48 100.93
CA ALA N 785 -13.65 -3.09 99.61
C ALA N 785 -12.23 -3.19 99.05
N VAL N 786 -11.34 -2.30 99.48
CA VAL N 786 -9.98 -2.31 98.97
C VAL N 786 -9.06 -3.26 99.74
N LEU N 787 -9.41 -3.62 100.97
CA LEU N 787 -8.51 -4.45 101.78
C LEU N 787 -8.51 -5.90 101.33
N VAL N 788 -9.67 -6.43 100.93
CA VAL N 788 -9.81 -7.86 100.71
C VAL N 788 -8.88 -8.33 99.59
N GLU N 789 -8.84 -7.58 98.48
CA GLU N 789 -8.07 -7.99 97.31
C GLU N 789 -6.57 -7.78 97.49
N GLU N 790 -6.13 -7.15 98.59
CA GLU N 790 -4.71 -6.86 98.76
C GLU N 790 -3.86 -8.13 98.75
N SER N 791 -4.43 -9.25 99.19
CA SER N 791 -3.76 -10.54 99.06
C SER N 791 -4.40 -11.43 98.00
N LEU N 792 -5.61 -11.09 97.55
CA LEU N 792 -6.30 -11.94 96.59
C LEU N 792 -5.64 -11.91 95.21
N TYR N 793 -5.20 -10.73 94.75
CA TYR N 793 -4.79 -10.61 93.37
C TYR N 793 -3.47 -9.90 93.14
N HIS N 794 -3.06 -9.02 94.06
CA HIS N 794 -1.81 -8.28 93.88
C HIS N 794 -0.62 -9.23 93.75
N SER N 795 0.48 -8.68 93.21
CA SER N 795 1.71 -9.42 93.00
C SER N 795 2.79 -9.09 94.02
N VAL N 796 2.57 -8.09 94.88
CA VAL N 796 3.56 -7.78 95.90
C VAL N 796 3.69 -8.94 96.89
N SER N 797 2.58 -9.61 97.17
CA SER N 797 2.55 -10.80 98.01
C SER N 797 2.17 -12.01 97.17
N ASP N 798 2.24 -13.18 97.80
CA ASP N 798 1.84 -14.42 97.13
C ASP N 798 1.09 -15.37 98.05
N ARG N 799 0.53 -14.87 99.15
CA ARG N 799 -0.15 -15.72 100.13
C ARG N 799 -1.42 -15.00 100.56
N GLU N 800 -2.06 -15.51 101.60
CA GLU N 800 -3.30 -14.95 102.13
C GLU N 800 -3.02 -14.30 103.48
N TYR N 801 -3.78 -13.23 103.77
CA TYR N 801 -3.53 -12.38 104.92
C TYR N 801 -4.71 -12.23 105.86
N ILE N 802 -5.88 -12.79 105.52
CA ILE N 802 -7.08 -12.59 106.31
C ILE N 802 -7.53 -13.85 107.04
N GLY N 803 -7.18 -15.03 106.54
CA GLY N 803 -7.59 -16.27 107.16
C GLY N 803 -8.86 -16.83 106.51
N GLU N 804 -9.20 -18.05 106.92
CA GLU N 804 -10.36 -18.76 106.37
C GLU N 804 -11.66 -18.24 106.98
N GLY N 805 -11.91 -16.96 106.74
CA GLY N 805 -13.16 -16.33 107.14
C GLY N 805 -13.90 -15.83 105.92
N LEU N 806 -15.23 -15.98 105.94
CA LEU N 806 -16.04 -15.53 104.82
C LEU N 806 -15.97 -14.02 104.67
N ARG N 807 -15.88 -13.56 103.43
CA ARG N 807 -15.74 -12.14 103.12
C ARG N 807 -17.14 -11.52 103.02
N LEU N 808 -17.56 -10.84 104.07
CA LEU N 808 -18.88 -10.21 104.12
C LEU N 808 -18.71 -8.70 104.27
N ASN N 809 -19.42 -7.95 103.44
CA ASN N 809 -19.34 -6.50 103.49
C ASN N 809 -20.15 -5.98 104.67
N PRO N 810 -19.57 -5.13 105.52
CA PRO N 810 -20.31 -4.60 106.66
C PRO N 810 -21.38 -3.61 106.23
N VAL N 811 -22.66 -4.02 106.33
CA VAL N 811 -23.76 -3.20 105.86
C VAL N 811 -24.44 -2.50 107.03
N THR N 812 -24.50 -3.16 108.19
CA THR N 812 -25.15 -2.61 109.37
C THR N 812 -24.22 -2.41 110.55
N SER N 813 -23.07 -3.10 110.58
CA SER N 813 -22.14 -2.97 111.69
C SER N 813 -20.71 -2.80 111.18
N VAL N 814 -19.74 -2.92 112.07
CA VAL N 814 -18.34 -2.97 111.70
C VAL N 814 -17.71 -4.30 112.13
N ASP N 815 -18.54 -5.32 112.36
CA ASP N 815 -18.05 -6.59 112.89
C ASP N 815 -17.14 -7.30 111.88
N GLU N 816 -17.62 -7.46 110.64
CA GLU N 816 -16.84 -8.19 109.64
C GLU N 816 -15.57 -7.45 109.27
N PHE N 817 -15.65 -6.13 109.09
CA PHE N 817 -14.45 -5.34 108.85
C PHE N 817 -13.50 -5.40 110.04
N GLU N 818 -14.04 -5.55 111.26
CA GLU N 818 -13.20 -5.73 112.42
C GLU N 818 -12.44 -7.05 112.36
N LYS N 819 -13.08 -8.10 111.86
CA LYS N 819 -12.44 -9.41 111.79
C LYS N 819 -11.24 -9.40 110.85
N LYS N 820 -11.37 -8.76 109.69
CA LYS N 820 -10.31 -8.81 108.70
C LYS N 820 -9.05 -8.09 109.17
N ILE N 821 -9.21 -6.91 109.77
CA ILE N 821 -8.06 -6.22 110.35
C ILE N 821 -7.51 -6.99 111.54
N LYS N 822 -8.38 -7.67 112.28
CA LYS N 822 -7.95 -8.38 113.48
C LYS N 822 -6.95 -9.49 113.16
N ILE N 823 -7.20 -10.25 112.10
CA ILE N 823 -6.39 -11.42 111.79
C ILE N 823 -5.12 -11.06 111.01
N ILE N 824 -5.06 -9.86 110.42
CA ILE N 824 -3.84 -9.43 109.73
C ILE N 824 -2.70 -9.31 110.74
N GLY N 825 -2.99 -8.85 111.95
CA GLY N 825 -1.94 -8.67 112.94
C GLY N 825 -1.20 -9.94 113.29
N GLU N 826 -1.92 -11.07 113.39
CA GLU N 826 -1.26 -12.34 113.66
C GLU N 826 -0.35 -12.75 112.53
N LYS N 827 -0.68 -12.37 111.29
CA LYS N 827 0.21 -12.61 110.17
C LYS N 827 1.40 -11.64 110.16
N LEU N 828 1.39 -10.64 111.04
CA LEU N 828 2.52 -9.72 111.18
C LEU N 828 3.57 -10.24 112.14
N LYS N 829 3.17 -10.93 113.20
CA LYS N 829 4.12 -11.42 114.20
C LYS N 829 4.65 -12.81 113.87
N ALA N 830 3.75 -13.75 113.58
CA ALA N 830 4.19 -15.11 113.25
C ALA N 830 4.98 -15.13 111.95
N ASP N 831 4.53 -14.39 110.94
CA ASP N 831 5.23 -14.27 109.66
C ASP N 831 6.05 -12.99 109.68
N ASN N 832 7.35 -13.12 109.52
CA ASN N 832 8.28 -11.99 109.63
C ASN N 832 8.22 -11.11 108.37
N LYS N 833 7.05 -10.54 108.13
CA LYS N 833 6.82 -9.62 107.03
C LYS N 833 6.32 -8.30 107.58
N THR N 834 6.96 -7.20 107.17
CA THR N 834 6.61 -5.89 107.70
C THR N 834 5.19 -5.50 107.27
N TRP N 835 4.47 -4.82 108.16
CA TRP N 835 3.08 -4.49 107.89
C TRP N 835 2.95 -3.48 106.76
N LYS N 836 3.93 -2.58 106.60
CA LYS N 836 3.83 -1.56 105.56
C LYS N 836 3.85 -2.17 104.17
N ASN N 837 4.72 -3.15 103.94
CA ASN N 837 4.82 -3.76 102.62
C ASN N 837 3.68 -4.74 102.35
N THR N 838 2.98 -5.19 103.38
CA THR N 838 1.90 -6.15 103.18
C THR N 838 0.72 -5.52 102.43
N HIS N 839 0.29 -4.34 102.88
CA HIS N 839 -0.84 -3.62 102.27
C HIS N 839 -0.41 -2.20 102.00
N PRO N 840 0.45 -1.98 100.98
CA PRO N 840 0.94 -0.61 100.72
C PRO N 840 -0.18 0.38 100.43
N LEU N 841 -1.24 -0.06 99.77
CA LEU N 841 -2.35 0.84 99.46
C LEU N 841 -3.13 1.21 100.71
N PHE N 842 -3.47 0.22 101.54
CA PHE N 842 -4.47 0.44 102.57
C PHE N 842 -3.90 1.26 103.72
N PHE N 843 -2.67 1.00 104.14
CA PHE N 843 -2.14 1.70 105.31
C PHE N 843 -1.91 3.18 105.03
N LEU N 844 -1.96 3.60 103.77
CA LEU N 844 -1.99 5.01 103.45
C LEU N 844 -3.40 5.53 103.23
N LEU N 845 -4.36 4.64 102.98
CA LEU N 845 -5.75 5.06 102.82
C LEU N 845 -6.40 5.41 104.15
N ILE N 846 -5.96 4.77 105.24
CA ILE N 846 -6.59 4.99 106.54
C ILE N 846 -6.40 6.42 107.00
N SER N 847 -5.18 6.96 106.85
CA SER N 847 -4.88 8.31 107.30
C SER N 847 -5.27 9.36 106.27
N CYS N 848 -6.51 9.29 105.81
CA CYS N 848 -7.02 10.25 104.82
C CYS N 848 -7.71 11.40 105.54
N PRO N 849 -7.18 12.64 105.44
CA PRO N 849 -7.78 13.74 106.19
C PRO N 849 -9.25 13.99 105.89
N ILE N 850 -9.65 13.83 104.64
CA ILE N 850 -11.04 14.11 104.27
C ILE N 850 -11.98 13.05 104.83
N LEU N 851 -11.57 11.79 104.80
CA LEU N 851 -12.46 10.69 105.17
C LEU N 851 -12.56 10.46 106.68
N HIS N 852 -11.73 11.14 107.49
CA HIS N 852 -11.75 10.89 108.92
C HIS N 852 -13.08 11.27 109.59
N PRO N 853 -13.65 12.46 109.39
CA PRO N 853 -14.89 12.79 110.11
C PRO N 853 -16.05 11.88 109.81
N PHE N 854 -16.16 11.37 108.57
CA PHE N 854 -17.27 10.51 108.19
C PHE N 854 -17.14 9.09 108.70
N ILE N 855 -16.00 8.73 109.30
CA ILE N 855 -15.85 7.40 109.88
C ILE N 855 -16.74 7.25 111.11
N PHE N 856 -16.71 8.24 112.01
CA PHE N 856 -17.46 8.20 113.26
C PHE N 856 -18.23 9.50 113.48
N PRO N 857 -19.33 9.70 112.77
CA PRO N 857 -20.25 10.78 113.14
C PRO N 857 -20.90 10.52 114.48
N VAL N 858 -21.48 11.58 115.05
CA VAL N 858 -22.07 11.50 116.38
C VAL N 858 -23.30 10.59 116.36
N GLY N 859 -24.05 10.59 115.26
CA GLY N 859 -25.32 9.89 115.23
C GLY N 859 -25.22 8.38 115.04
N GLY N 860 -24.07 7.88 114.64
CA GLY N 860 -23.93 6.46 114.33
C GLY N 860 -23.38 5.62 115.47
N ILE N 861 -23.47 6.13 116.69
CA ILE N 861 -22.89 5.47 117.85
C ILE N 861 -23.98 4.67 118.57
N ASN N 862 -23.75 3.37 118.74
CA ASN N 862 -24.65 2.49 119.47
C ASN N 862 -23.89 1.90 120.65
N CYS N 863 -24.26 2.31 121.87
CA CYS N 863 -23.59 1.84 123.08
C CYS N 863 -24.37 0.65 123.64
N SER N 864 -23.84 -0.55 123.42
CA SER N 864 -24.35 -1.76 124.03
C SER N 864 -23.17 -2.60 124.50
N VAL N 865 -23.41 -3.43 125.52
CA VAL N 865 -22.31 -4.18 126.14
C VAL N 865 -21.60 -5.04 125.12
N LYS N 866 -22.34 -5.68 124.22
CA LYS N 866 -21.71 -6.41 123.13
C LYS N 866 -21.22 -5.46 122.04
N ALA N 867 -21.99 -4.39 121.77
CA ALA N 867 -21.62 -3.47 120.70
C ALA N 867 -20.41 -2.63 121.07
N LEU N 868 -20.32 -2.20 122.34
CA LEU N 868 -19.19 -1.36 122.75
C LEU N 868 -17.87 -2.13 122.69
N ASN N 869 -17.91 -3.44 122.91
CA ASN N 869 -16.70 -4.25 122.77
C ASN N 869 -16.23 -4.28 121.32
N LYS N 870 -17.17 -4.38 120.37
CA LYS N 870 -16.80 -4.44 118.96
C LYS N 870 -16.23 -3.11 118.48
N GLU N 871 -16.92 -2.01 118.78
CA GLU N 871 -16.49 -0.70 118.29
C GLU N 871 -15.13 -0.32 118.87
N THR N 872 -14.93 -0.55 120.17
CA THR N 872 -13.71 -0.10 120.83
C THR N 872 -12.50 -0.93 120.38
N SER N 873 -12.64 -2.26 120.35
CA SER N 873 -11.51 -3.12 120.02
C SER N 873 -11.02 -2.92 118.59
N PHE N 874 -11.87 -2.41 117.70
CA PHE N 874 -11.44 -2.17 116.32
C PHE N 874 -10.56 -0.93 116.23
N ASN N 875 -10.89 0.12 117.00
CA ASN N 875 -10.17 1.38 116.86
C ASN N 875 -8.80 1.32 117.50
N LYS N 876 -8.62 0.52 118.55
CA LYS N 876 -7.32 0.41 119.18
C LYS N 876 -6.29 -0.21 118.25
N LEU N 877 -6.71 -1.22 117.47
CA LEU N 877 -5.81 -1.82 116.49
C LEU N 877 -5.53 -0.87 115.33
N ILE N 878 -6.53 -0.08 114.93
CA ILE N 878 -6.33 0.89 113.86
C ILE N 878 -5.28 1.92 114.26
N ASP N 879 -5.37 2.43 115.49
CA ASP N 879 -4.41 3.41 115.97
C ASP N 879 -3.02 2.80 116.17
N GLU N 880 -2.92 1.47 116.21
CA GLU N 880 -1.61 0.83 116.36
C GLU N 880 -0.79 0.94 115.09
N ILE N 881 -1.41 0.69 113.93
CA ILE N 881 -0.68 0.72 112.67
C ILE N 881 -0.21 2.13 112.35
N VAL N 882 -1.11 3.11 112.43
CA VAL N 882 -0.74 4.49 112.13
C VAL N 882 0.18 5.05 113.22
N GLY N 883 -0.07 4.70 114.48
CA GLY N 883 0.70 5.19 115.60
C GLY N 883 0.12 6.41 116.29
N ASP N 884 -0.77 7.13 115.62
CA ASP N 884 -1.43 8.30 116.18
C ASP N 884 -2.82 7.92 116.68
N LYS N 885 -3.54 8.93 117.17
CA LYS N 885 -4.94 8.79 117.57
C LYS N 885 -5.70 9.95 116.93
N LEU N 886 -6.34 9.68 115.79
CA LEU N 886 -7.02 10.74 115.05
C LEU N 886 -8.17 11.35 115.85
N LEU N 887 -8.77 10.58 116.74
CA LEU N 887 -9.84 11.06 117.61
C LEU N 887 -9.35 11.05 119.04
N SER N 888 -9.40 12.22 119.69
CA SER N 888 -9.05 12.29 121.10
C SER N 888 -10.07 11.53 121.94
N ASP N 889 -9.59 10.84 122.97
CA ASP N 889 -10.46 10.03 123.80
C ASP N 889 -11.44 10.84 124.64
N GLU N 890 -11.22 12.15 124.76
CA GLU N 890 -12.17 13.00 125.47
C GLU N 890 -13.51 13.05 124.75
N GLU N 891 -13.49 13.14 123.43
CA GLU N 891 -14.72 13.23 122.64
C GLU N 891 -15.21 11.89 122.13
N TRP N 892 -14.32 10.92 121.92
CA TRP N 892 -14.74 9.59 121.50
C TRP N 892 -15.62 8.93 122.56
N ASP N 893 -15.24 9.08 123.83
CA ASP N 893 -16.09 8.60 124.91
C ASP N 893 -17.36 9.43 125.06
N TYR N 894 -17.36 10.67 124.57
CA TYR N 894 -18.55 11.49 124.65
C TYR N 894 -19.63 11.00 123.70
N LEU N 895 -19.24 10.51 122.53
CA LEU N 895 -20.21 9.98 121.57
C LEU N 895 -20.92 8.75 122.15
N THR N 896 -20.18 7.90 122.87
CA THR N 896 -20.78 6.73 123.49
C THR N 896 -21.78 7.14 124.58
N LYS N 897 -21.47 8.20 125.33
CA LYS N 897 -22.34 8.62 126.42
C LYS N 897 -23.72 9.03 125.92
N ASN N 898 -23.78 9.77 124.83
CA ASN N 898 -25.05 10.22 124.28
C ASN N 898 -24.95 10.51 122.78
N GLN N 907 -20.99 23.99 124.84
CA GLN N 907 -20.73 22.61 124.47
C GLN N 907 -19.23 22.36 124.33
N GLN N 908 -18.89 21.19 123.80
CA GLN N 908 -17.50 20.81 123.58
C GLN N 908 -17.17 20.95 122.10
N ILE N 909 -16.10 21.69 121.79
CA ILE N 909 -15.71 21.90 120.41
C ILE N 909 -15.19 20.60 119.81
N PHE N 910 -15.71 20.23 118.65
CA PHE N 910 -15.29 19.03 117.94
C PHE N 910 -14.46 19.46 116.74
N GLN N 911 -13.16 19.18 116.79
CA GLN N 911 -12.26 19.52 115.69
C GLN N 911 -12.13 18.41 114.66
N ASN N 912 -12.53 17.18 114.99
CA ASN N 912 -12.45 16.06 114.08
C ASN N 912 -13.70 15.21 114.16
N THR N 913 -14.87 15.85 114.21
CA THR N 913 -16.13 15.13 114.35
C THR N 913 -17.23 15.90 113.63
N ILE N 914 -17.87 15.27 112.65
CA ILE N 914 -19.05 15.84 112.02
C ILE N 914 -20.23 15.76 112.98
N THR N 915 -20.92 16.88 113.16
CA THR N 915 -22.00 16.97 114.14
C THR N 915 -23.34 17.30 113.52
N SER N 916 -23.43 18.37 112.72
CA SER N 916 -24.72 18.92 112.34
C SER N 916 -25.49 18.04 111.37
N LEU N 917 -24.81 17.14 110.66
CA LEU N 917 -25.49 16.34 109.64
C LEU N 917 -26.53 15.40 110.24
N ASN N 918 -26.39 15.04 111.52
CA ASN N 918 -27.38 14.18 112.16
C ASN N 918 -28.75 14.82 112.24
N SER N 919 -28.81 16.16 112.28
CA SER N 919 -30.07 16.91 112.31
C SER N 919 -30.49 17.37 110.93
N SER N 920 -30.19 16.59 109.90
CA SER N 920 -30.49 16.99 108.53
C SER N 920 -31.99 17.06 108.29
N THR N 921 -32.37 17.97 107.38
CA THR N 921 -33.76 18.08 106.93
C THR N 921 -34.00 17.06 105.82
N ILE N 922 -34.04 15.79 106.21
CA ILE N 922 -34.22 14.71 105.24
C ILE N 922 -35.61 14.80 104.65
N VAL N 923 -35.70 14.81 103.33
CA VAL N 923 -36.96 14.98 102.64
C VAL N 923 -37.69 13.63 102.59
N GLY N 924 -38.93 13.62 103.04
CA GLY N 924 -39.76 12.42 103.02
C GLY N 924 -39.79 11.64 104.31
N ALA N 925 -38.86 11.90 105.23
CA ALA N 925 -38.85 11.17 106.50
C ALA N 925 -40.07 11.52 107.34
N SER N 926 -40.33 12.81 107.53
CA SER N 926 -41.49 13.35 108.24
C SER N 926 -41.42 13.10 109.74
N TYR N 927 -40.45 12.29 110.18
CA TYR N 927 -40.16 12.04 111.59
C TYR N 927 -41.43 11.86 112.42
N ASP N 928 -42.24 10.90 112.01
CA ASP N 928 -43.53 10.64 112.66
C ASP N 928 -43.52 9.39 113.53
N LYS N 929 -43.11 8.25 112.98
CA LYS N 929 -43.15 7.00 113.74
C LYS N 929 -41.93 6.90 114.65
N ASP N 930 -41.97 5.93 115.55
CA ASP N 930 -40.92 5.69 116.52
C ASP N 930 -40.41 4.26 116.41
N THR N 931 -39.24 4.03 117.02
CA THR N 931 -38.63 2.71 116.97
C THR N 931 -39.43 1.70 117.79
N PRO N 932 -39.52 0.46 117.34
CA PRO N 932 -40.09 -0.59 118.18
C PRO N 932 -39.18 -0.88 119.37
N ALA N 933 -39.80 -1.33 120.46
CA ALA N 933 -39.07 -1.62 121.68
C ALA N 933 -38.70 -3.10 121.71
N ARG N 934 -37.42 -3.39 121.97
CA ARG N 934 -36.94 -4.76 122.04
C ARG N 934 -35.62 -4.83 122.80
PG ATP U . 50.05 19.24 -15.18
O1G ATP U . 50.24 18.46 -13.93
O2G ATP U . 49.83 18.37 -16.42
O3G ATP U . 48.92 20.28 -15.09
PB ATP U . 52.75 19.93 -16.24
O1B ATP U . 52.83 20.74 -17.47
O2B ATP U . 53.01 18.44 -16.40
O3B ATP U . 51.35 20.10 -15.52
PA ATP U . 53.72 20.65 -13.55
O1A ATP U . 53.40 22.03 -13.16
O2A ATP U . 52.78 19.58 -12.99
O3A ATP U . 53.75 20.46 -15.12
O5' ATP U . 55.21 20.27 -13.14
C5' ATP U . 55.75 18.97 -13.45
C4' ATP U . 57.25 19.00 -13.25
O4' ATP U . 57.82 20.12 -13.95
C3' ATP U . 57.70 19.19 -11.80
O3' ATP U . 57.69 17.96 -11.10
C2' ATP U . 59.12 19.74 -11.98
O2' ATP U . 60.07 18.69 -12.14
C1' ATP U . 59.00 20.56 -13.28
N9 ATP U . 58.90 22.00 -13.09
C8 ATP U . 57.96 22.84 -13.61
N7 ATP U . 58.11 24.10 -13.28
C5 ATP U . 59.24 24.08 -12.47
C6 ATP U . 59.93 25.11 -11.79
N6 ATP U . 59.58 26.38 -11.82
N1 ATP U . 61.02 24.75 -11.08
C2 ATP U . 61.39 23.47 -11.05
N3 ATP U . 60.82 22.43 -11.65
C4 ATP U . 59.75 22.80 -12.35
PG ATP V . 1.93 22.46 -49.25
O1G ATP V . 0.80 21.77 -48.56
O2G ATP V . 3.25 21.71 -49.15
O3G ATP V . 2.11 23.91 -48.80
PB ATP V . 2.39 22.38 -52.22
O1B ATP V . 1.94 21.16 -52.91
O2B ATP V . 3.90 22.45 -51.95
O3B ATP V . 1.64 22.58 -50.83
PA ATP V . 1.10 24.99 -52.72
O1A ATP V . -0.28 24.83 -53.20
O2A ATP V . 1.24 25.31 -51.24
O3A ATP V . 1.99 23.70 -53.01
O5' ATP V . 1.84 26.13 -53.53
C5' ATP V . 1.34 27.48 -53.54
C4' ATP V . 2.43 28.41 -54.02
O4' ATP V . 2.32 28.56 -55.45
C3' ATP V . 2.34 29.83 -53.48
O3' ATP V . 3.58 30.49 -53.57
C2' ATP V . 1.30 30.46 -54.42
O2' ATP V . 1.52 31.85 -54.58
C1' ATP V . 1.56 29.72 -55.75
N9 ATP V . 0.34 29.30 -56.43
C8 ATP V . -0.10 28.02 -56.62
N7 ATP V . -1.23 27.93 -57.28
C5 ATP V . -1.57 29.25 -57.52
C6 ATP V . -2.66 29.83 -58.18
N6 ATP V . -3.66 29.14 -58.72
N1 ATP V . -2.70 31.19 -58.26
C2 ATP V . -1.69 31.89 -57.71
N3 ATP V . -0.62 31.44 -57.07
C4 ATP V . -0.61 30.11 -57.01
PG ATP W . 6.83 -35.50 -40.12
O1G ATP W . 5.75 -34.93 -40.98
O2G ATP W . 7.87 -34.46 -39.68
O3G ATP W . 6.30 -36.23 -38.89
PB ATP W . 8.10 -36.95 -42.40
O1B ATP W . 9.56 -36.92 -42.58
O2B ATP W . 7.30 -36.04 -43.34
O3B ATP W . 7.66 -36.59 -40.91
PA ATP W . 7.49 -39.54 -43.69
O1A ATP W . 8.77 -39.58 -44.44
O2A ATP W . 7.11 -40.85 -43.01
O3A ATP W . 7.51 -38.42 -42.57
O5' ATP W . 6.30 -39.09 -44.62
C5' ATP W . 5.19 -39.99 -44.90
C4' ATP W . 5.02 -40.12 -46.39
O4' ATP W . 5.83 -41.21 -46.86
C3' ATP W . 3.60 -40.43 -46.85
O3' ATP W . 2.87 -39.23 -47.08
C2' ATP W . 3.84 -41.21 -48.14
O2' ATP W . 4.11 -40.34 -49.24
C1' ATP W . 5.09 -42.01 -47.78
N9 ATP W . 4.81 -43.29 -47.15
C8 ATP W . 5.06 -43.64 -45.85
N7 ATP W . 4.71 -44.87 -45.55
C5 ATP W . 4.20 -45.37 -46.74
C6 ATP W . 3.66 -46.61 -47.09
N6 ATP W . 3.53 -47.64 -46.24
N1 ATP W . 3.23 -46.78 -48.36
C2 ATP W . 3.36 -45.77 -49.22
N3 ATP W . 3.86 -44.54 -49.00
C4 ATP W . 4.26 -44.41 -47.73
PG ATP X . 36.05 -38.05 -23.67
O1G ATP X . 37.46 -37.70 -24.05
O2G ATP X . 35.15 -38.35 -24.88
O3G ATP X . 35.37 -37.00 -22.79
PB ATP X . 37.03 -40.39 -22.09
O1B ATP X . 37.27 -40.00 -20.69
O2B ATP X . 38.26 -40.50 -22.98
O3B ATP X . 36.03 -39.39 -22.80
PA ATP X . 35.10 -42.39 -23.11
O1A ATP X . 33.81 -42.48 -22.38
O2A ATP X . 35.05 -41.56 -24.38
O3A ATP X . 36.25 -41.77 -22.20
O5' ATP X . 35.64 -43.82 -23.47
C5' ATP X . 36.08 -44.14 -24.81
C4' ATP X . 35.58 -45.51 -25.19
O4' ATP X . 36.70 -46.33 -25.62
C3' ATP X . 34.89 -46.29 -24.07
O3' ATP X . 33.49 -46.07 -24.10
C2' ATP X . 35.23 -47.74 -24.41
O2' ATP X . 34.37 -48.27 -25.41
C1' ATP X . 36.66 -47.59 -24.96
N9 ATP X . 37.70 -47.61 -23.93
C8 ATP X . 38.41 -46.53 -23.46
N7 ATP X . 39.28 -46.82 -22.54
C5 ATP X . 39.16 -48.20 -22.39
C6 ATP X . 39.80 -49.14 -21.57
N6 ATP X . 40.77 -48.82 -20.70
N1 ATP X . 39.44 -50.43 -21.68
C2 ATP X . 38.48 -50.76 -22.55
N3 ATP X . 37.80 -49.97 -23.37
C4 ATP X . 38.18 -48.69 -23.26
PG ATP Y . -45.47 -25.98 18.95
O1G ATP Y . -44.36 -26.96 18.86
O2G ATP Y . -45.43 -25.12 20.22
O3G ATP Y . -45.59 -25.07 17.73
PB ATP Y . -47.96 -27.18 20.11
O1B ATP Y . -49.22 -26.41 20.00
O2B ATP Y . -47.27 -27.15 21.47
O3B ATP Y . -46.88 -26.72 19.04
PA ATP Y . -47.61 -29.72 18.64
O1A ATP Y . -48.32 -29.58 17.35
O2A ATP Y . -46.10 -29.52 18.59
O3A ATP Y . -48.18 -28.71 19.72
O5' ATP Y . -47.90 -31.12 19.31
C5' ATP Y . -47.39 -31.45 20.62
C4' ATP Y . -48.02 -32.72 21.09
O4' ATP Y . -49.46 -32.59 21.08
C3' ATP Y . -47.76 -33.95 20.24
O3' ATP Y . -46.51 -34.55 20.57
C2' ATP Y . -48.93 -34.86 20.58
O2' ATP Y . -48.68 -35.62 21.76
C1' ATP Y . -50.06 -33.84 20.83
N9 ATP Y . -50.99 -33.69 19.71
C8 ATP Y . -51.34 -32.53 19.09
N7 ATP Y . -52.20 -32.68 18.11
C5 ATP Y . -52.43 -34.05 18.09
C6 ATP Y . -53.26 -34.86 17.28
N6 ATP Y . -54.03 -34.41 16.30
N1 ATP Y . -53.26 -36.20 17.54
C2 ATP Y . -52.49 -36.67 18.52
N3 ATP Y . -51.68 -35.99 19.34
C4 ATP Y . -51.69 -34.69 19.07
PG ATP Z . -39.23 32.75 17.95
O1G ATP Z . -37.87 33.08 17.47
O2G ATP Z . -39.26 31.59 18.93
O3G ATP Z . -40.23 32.49 16.82
PB ATP Z . -40.67 34.27 20.11
O1B ATP Z . -39.83 34.91 21.13
O2B ATP Z . -41.35 32.97 20.52
O3B ATP Z . -39.85 33.98 18.76
PA ATP Z . -42.25 35.90 18.20
O1A ATP Z . -41.66 37.24 18.02
O2A ATP Z . -41.92 34.89 17.11
O3A ATP Z . -41.82 35.25 19.58
O5' ATP Z . -43.82 35.99 18.32
C5' ATP Z . -44.60 36.55 17.24
C4' ATP Z . -46.05 36.16 17.42
O4' ATP Z . -46.73 37.17 18.19
C3' ATP Z . -46.86 36.05 16.14
O3' ATP Z . -48.01 35.25 16.31
C2' ATP Z . -47.23 37.52 15.88
O2' ATP Z . -48.47 37.62 15.18
C1' ATP Z . -47.37 38.08 17.31
N9 ATP Z . -46.75 39.39 17.49
C8 ATP Z . -45.65 39.68 18.25
N7 ATP Z . -45.31 40.95 18.22
C5 ATP Z . -46.26 41.52 17.40
C6 ATP Z . -46.45 42.85 16.97
N6 ATP Z . -45.68 43.87 17.33
N1 ATP Z . -47.50 43.09 16.14
C2 ATP Z . -48.28 42.08 15.78
N3 ATP Z . -48.19 40.79 16.12
C4 ATP Z . -47.15 40.58 16.94
PG ATP AA . 6.37 15.97 51.19
O1G ATP AA . 6.10 17.40 50.92
O2G ATP AA . 5.27 15.03 50.70
O3G ATP AA . 7.72 15.48 50.65
PB ATP AA . 5.88 16.28 54.13
O1B ATP AA . 5.06 15.28 54.85
O2B ATP AA . 5.17 17.58 53.80
O3B ATP AA . 6.46 15.70 52.77
PA ATP AA . 7.58 17.23 56.34
O1A ATP AA . 6.67 16.73 57.39
O2A ATP AA . 9.06 16.93 56.57
O3A ATP AA . 7.21 16.64 54.91
O5' ATP AA . 7.43 18.79 56.14
C5' ATP AA . 8.52 19.69 56.40
C4' ATP AA . 8.07 20.76 57.37
O4' ATP AA . 8.30 20.31 58.72
C3' ATP AA . 8.80 22.09 57.24
O3' ATP AA . 8.14 22.95 56.31
C2' ATP AA . 8.71 22.63 58.67
O2' ATP AA . 7.45 23.25 58.93
C1' ATP AA . 8.87 21.36 59.49
N9 ATP AA . 10.25 21.01 59.79
C8 ATP AA . 10.96 19.95 59.28
N7 ATP AA . 12.19 19.87 59.72
C5 ATP AA . 12.30 20.95 60.58
C6 ATP AA . 13.37 21.44 61.36
N6 ATP AA . 14.57 20.85 61.42
N1 ATP AA . 13.14 22.55 62.10
C2 ATP AA . 11.94 23.12 62.05
N3 ATP AA . 10.86 22.75 61.35
C4 ATP AA . 11.11 21.66 60.63
PG ATP BA . 1.16 -17.01 54.92
O1G ATP BA . 0.06 -17.76 55.57
O2G ATP BA . 1.34 -15.59 55.46
O3G ATP BA . 1.06 -16.96 53.39
PB ATP BA . 3.14 -19.08 55.81
O1B ATP BA . 3.34 -20.10 54.78
O2B ATP BA . 2.22 -19.47 56.97
O3B ATP BA . 2.57 -17.73 55.20
PA ATP BA . 5.18 -17.21 56.88
O1A ATP BA . 6.17 -16.75 55.88
O2A ATP BA . 4.04 -16.24 57.15
O3A ATP BA . 4.52 -18.59 56.46
O5' ATP BA . 5.89 -17.56 58.26
C5' ATP BA . 5.33 -17.11 59.51
C4' ATP BA . 6.44 -16.67 60.43
O4' ATP BA . 6.33 -17.35 61.69
C3' ATP BA . 7.86 -16.95 59.93
O3' ATP BA . 8.37 -15.84 59.21
C2' ATP BA . 8.63 -17.18 61.22
O2' ATP BA . 9.02 -15.96 61.84
C1' ATP BA . 7.57 -17.89 62.08
N9 ATP BA . 7.52 -19.34 61.89
C8 ATP BA . 6.57 -20.04 61.21
N7 ATP BA . 6.77 -21.34 61.19
C5 ATP BA . 7.94 -21.49 61.92
C6 ATP BA . 8.69 -22.64 62.27
N6 ATP BA . 8.37 -23.88 61.93
N1 ATP BA . 9.81 -22.44 63.01
C2 ATP BA . 10.14 -21.20 63.36
N3 ATP BA . 9.52 -20.05 63.08
C4 ATP BA . 8.42 -20.27 62.35
#